data_7PEQ
#
_entry.id   7PEQ
#
loop_
_entity.id
_entity.type
_entity.pdbx_description
1 polymer 'Nuclear pore complex protein Nup133'
2 polymer 'Nuclear pore complex protein Nup107'
3 polymer 'Nuclear pore complex protein Nup96'
4 polymer 'Protein SEC13 homolog'
5 polymer 'Nucleoporin SEH1'
6 polymer 'Nuclear pore complex protein Nup85'
7 polymer 'Nucleoporin Nup43'
8 polymer 'Nuclear pore complex protein Nup160'
9 polymer 'Nucleoporin Nup37'
#
loop_
_entity_poly.entity_id
_entity_poly.type
_entity_poly.pdbx_seq_one_letter_code
_entity_poly.pdbx_strand_id
1 'polypeptide(L)'
;MFPAAPSPRTPGTGSRRGPLAGLGPGSTPRTASRKGLPLGSAVSSPVLFSPVGRRSSLSSRGTPTRMFPHHSITESVNYD
VKTFGSSLPVKVMEALTLAEVDDQLTINIDEGGWACLVCKEKLIIWKIALSPITKLSVCKELQLPPSDFHWSADLVALSY
SSPSGEAHSTQAVAVMVATREGSIRYWPSLAGEDTYTEAFVDSGGDKTYSFLTAVQGGSFILSSSGSQLIRLIPESSGKI
HQHILPQGQGMLSGIGRKVSSLFGILSPSSDLTLSSVLWDRERSSFYSLTSSNISKWELDDSSEKHAYSWDINRALKENI
TDAIWGSESNYEAIKEGVNIRYLDLKQNCDGLVILAAAWHSADNPCLIYYSLITIEDNGCQMSDAVTVEVTQYNPPFQSE
DLILCQLTVPNFSNQTAYLYNESAVYVCSTGTGKFSLPQEKIVFNAQGDSVLGAGACGGVPIIFSRNSGLVSITSRENVS
ILAEDLEGSLASSVAGPNSESMIFETTTKNETIAQEDKIKLLKAAFLQYCRKDLGHAQMVVDELFSSHSDLDSDSELDRA
VTQISVDLMDDYPASDPRWAESVPEEAPGFSNTSLIILHQLEDKMKAHSFLMDFIHQVGLFGRLGSFPVRGTPMATRLLL
CEHAEKLSAAIVLKNHHSRLSDLVNTAILIALNKREYEIPSNLTPADVFFREVSQVDTICECLLEHEEQVLRDAPMDSIE
WAEVVINVNNILKDMLQAASHYRQNRNSLYRREESLEKEPEYVPWTATSGPGGIRTVIIRQHEIVLKVAYPQADSNLRNI
VTEQLVALIDCFLDGYVSQLKSVDKSSNRERYDNLEMEYLQKRSDLLSPLLSLGQYLWAASLAEKYCDFDILVQMCEQTD
NQSRLQRYMTQFADQNFSDFLFRWYLEKGKRGKLLSQPISQHGQLANFLQAHEHLSWLHEINSQELEKAHATLLGLANME
TRYFAKKKTLLGLSKLAALASDFSEDMLQEKIEEMAEQERFLLHQETLPEQLLAEKQLNLSAMPVLTAPQLIGLYICEEN
RRANEYDFKKALDLLEYIDEEEDININDLKLEILCKALQRDNWSSSDGKDDPIEVSKDSIFVKILQKLLKDGIQLSEYLP
EVKDLLQADQLGSLKSNPYFEFVLKANYEYYVQGQI
;
AC,BC,CC,DC
2 'polypeptide(L)'
;MDRSGFGEISSPVIREAEVTRTARKQSAQKRVLLQASQDENFGNTTPRNQVIPRTPSSFRQPFTPTSRSLLRQPDISCIL
GTGGKSPRLTQSSGFFGNLSMVTNLDDSNWAAAFSSQRSGLFTNTEPHSITEDVTISAVMLREDDPGEAASMSMFSDFLQ
SFLKHSSSTVFDLVEEYENICGSQVNILSKIVSRATPGLQKFSKTASMLWLLQQEMVTWRLLASLYRDRIQSALEEESVF
AVTAVNASEKTVVEALFQRDSLVRQSQLVVDWLESIAKDEIGEFSDNIEFYAKSVYWENTLHTLKQRQLTSYVGSVRPLV
TELDPDAPIRQKMPLDDLDREDEVRLLKYLFTLIRAGMTEEAQRLCKRCGQAWRAATLEGWKLYHDPNVNGGTELEPVEG
NPYRRIWKISCWRMAEDELFNRYERAIYAALSGNLKQLLPVCDTWEDTVWAYFRVMVDSLVEQEIQTSVATLDETEELPR
EYLGANWTLEKVFEELQATDKKRVLEENQEHYHIVQKFLILGDIDGLMDEFSKWLSKSRNNLPGHLLRFMTHLILFFRTL
GLQTKEEVSIEVLKTYIQLLIREKHTNLIAFYTCHLPQDLAVAQYALFLESVTEFEQRHHCLELAKEADLDVATITKTVV
ENIRKKDNGEFSHHDLAPALDTGTTEEDRLKIDVIDWLVFDPAQRAEALKQGNAIMRKFLASKKHEAAKEVFVKIPQDSI
AEIYNQCEEQGMESPLPAEDDNAIREHLCIRAYLEAHETFNEWFKHMNSVPQKPALIPQPTFTEKVAHEHKEKKYEMDFG
IWKGHLDALTADVKEKMYNVLLFVDGGWMVDVREDAKEDHERTHQMVLLRKLCLPMLCFLLHTILHSTGQYQECLQLADM
VSSERHKLYLVFSKEELRKLLQKLRESSLMLLDQGLDPLGYEIQL
;
AD,BD,CD,DD
3 'polypeptide(L)'
;SKYGLQDSDEEEEEHPSKTSTKKLKTAPLPPASQTTPLQMALNGKPAPPPQSQSPEVEQLGRVVELDSDMVDITQEPVLD
TMLEESMPEDQEPVSASTHIASSLGINPHVLQIMKASLLTDEEDVDMALDQRFSRLPSKADTSQEICSPRLPISASHSSK
TRSLVGGLLQSKFTSGAFLSPSVSVQECRTPRAASLMNIPSTSSWSVPPPLTSVFTMPSPAPEVPLKTVGTRRQLGLVPR
EKSVTYGKGKLLMDMALFMGRSFRVGWGPNWTLANSGEQLNGSHELENHQIADSMEFGFLPNPVAVKPLTESPFKVHLEK
LSLRQRKPDEDMKLYQTPLELKLKHSTVHVDELCPLIVPNLGVAVIHDYADWVKEASGDLPEAQIVKHWSLTWTLCEALW
GHLKELDSQLNEPREYIQILERRRAFSRWLSCTATPQIEEEVSLTQKNSPVEAVFSYLTGKRISEACSLAQQSGDHRLAL
LLSQFVGSQSVRELLTMQLVDWHQLQADSFIQDERLRIFALLAGKPVWQLSEKKQINVCSQLDWKRSLAIHLWYLLPPTA
SISRALSMYEEAFQNTSDSDRYACSPLPSYLEGSGCVIAEEQNSQTPLRDVCFHLLKLYSDRHYDLNQLLEPRSITADPL
DYRLSWHLWEVLRALNYTHLSAQCEGVLQASYAGQLESEGLWEWAIFVLLHIDNSGIREKAVRELLTRHCQLLETPESWA
KETFLTQKLRVPAKWIHEAKAVRAHMESDKHLEALCLFKAEHWNRCHKLIIRHLASDAIINENYDYLKGFLEDLAPPERS
SLIQDWETSGLVYLDYIRVIEMLRHIQQVDCSGNDLEQLHIKVTSLCSRIEQIQCYSAKDRLAQSDMAKRVANLLRVVLS
LHHPPDRTSDSTPDPQRVPLRLLAPHIGRLPMPEDYAMDELRSLTQSYLRELAVGSL
;
AE,BE,CE,DE
4 'polypeptide(L)'
;MVSVINTVDTSHEDMIHDAQMDYYGTRLATCSSDRSVKIFDVRNGGQILIADLRGHEGPVWQVAWAHPMYGNILASCSYD
RKVIIWREENGTWEKSHEHAGHDSSVNSVCWAPHDYGLILACGSSDGAISLLTYTGEGQWEVKKINNAHTIGCNAVSWAP
AVVPGSLIDHPSGQKPNYIKRFASGGCDNLIKLWKEEEDGQWKEEQKLEAHSDWVRDVAWAPSIGLPTSTIASCSQDGRV
FIWTCDDASSNTWSPKLLHKFNDVVWHVSWSITANILAVSGGDNKVTLWKESVDGQWVCISDVNKGQGSVSASVTEGQQN
EQ
;
AF,BF,CF,DF
5 'polypeptide(L)'
;MFVARSIAADHKDLIHDVSFDFHGRRMATCSSDQSVKVWDKSESGDWHCTASWKTHSGSVWRVTWAHPEFGQVLASCSFD
RTAAVWEEIVGESNDKLRGQSHWVKRTTLVDSRTSVTDVKFAPKHMGLMLATCSADGIVRIYEAPDVMNLSQWSLQHEIS
CKLSCSCISWNPSSSRAHSPMIAVGSDDSSPNAMAKVQIFEYNENTRKYAKAETLMTVTDPVHDIAFAPNLGRSFHILAI
ATKDVRIFTLKPVRKELTSSGGPTKFEIHIVAQFDNHNSQVWRVSWNITGTVLASSGDDGCVRLWKANYMDNWKCTGILK
GNGSPVNGSSQQGTSNPSLGSTIPSLQNSLNGSSAGRKHS
;
AG,BG,CG,DG
6 'polypeptide(L)'
;MEELDGEPTVTLIPGVNSKKNQMYFDWGPGEMLVCETSFNKKEKSEMVPSCPFIYIIRKDVDVYSQILRKLFNESHGIFL
GLQRIDEELTGKSRKSQLVRVSKNYRSVIRACMEEMHQVAIAAKDPANGRQFSSQVSILSAMELIWNLCEILFIEVAPAG
PLLLHLLDWVRLHVCEVDSLSADVLGSENPSKHDSFWNLVTILVLQGRLDEARQMLSKEADASPASAGICRIMGDLMRTM
PILSPGNTQTLTELELKWQHWHEECERYLQDSTFATSPHLESLLKIMLGDEAALLEQKELLSNWYHFLVTRLLYSNPTVK
PIDLHYYAQSSLDLFLGGESSPEPLDNILLAAFEFDIHQVIKECSIALSNWWFVAHLTDLLDHCKLLQSHNLYFGSNMRE
FLLLEYASGLFAHPSLWQLGVDYFDYCPELGRVSLELHIERIPLNTEQKALKVLRICEQRQMTEQVRSICKILAMKAVRN
NRLGSALSWSIRAKDAAFATLVSDRFLRDYCERGCFSDLDLIDNLGPAMMLSDRLTFLGKYREFHRMYGEKRFADAASLL
LSLMTSRIAPRSFWMTLLTDALPLLEQKQVIFSAEQTYELMRCLEDLTSRRPVHGESDTEQLQDDDIETTKVEMLRLSLA
RNLARAIIREGSLEGS
;
AH,BH,CH,DH
7 'polypeptide(L)'
;MEEIYAKFVSQKISKTRWRPLPPGSLQTAETFATGSWDNEENYISLWSIGDFGNLDSDGGFEGDHQLLCDIRHHGDVMDL
QFFDQERIVAASSTGCVTVFLHHPNNQTLSVNQQWTTAHYHTGPGSPSYSSAPCTGVVCNNPEIVTVGEDGRINLFRADH
KEAVRTIDNADSSTLHAVTFLRTPEILTVNSIGQLKIWDFRQQGNEPSQILSLTGDRVPLHCVDRHPNQQHVVATGGQDG
MLSIWDVRQGTMPVSLLKAHEAEMWEVHFHPSNPEHLFTCSEDGSLWHWDASTDVPEKSSLFHQGGRSSTFLSHSISNQA
NVHQSVISSWLSTDPAKDRIEITSLLPSRSLSVNTLDVLGPCLVCGTDAEAIYVTRHLFS
;
AI,BI,CI,DI
8 'polypeptide(L)'
;MLHLSAAPPAPPPEVTATARPCLCSVGRRGDGGKMAAAGALERSFVELSGAERERPRHFREFTVCSIGTANAVAGAVKYS
ESAGGFYYVESGKLFSVTRNRFIHWKTSGDTLELMEESLDINLLNNAIRLKFQNCSVLPGGVYVSETQNRVIILMLTNQT
VHRLLLPHPSRMYRSELVVDSQMQSIFTDIGKVDFTDPCNYQLIPAVPGISPNSTASTAWLSSDGEALFALPCASGGIFV
LKLPPYDIPGMVSVVELKQSSVMQRLLTGWMPTAIRGDQSPSDRPLSLAVHCVEHDAFIFALCQDHKLRMWSYKEQMCLM
VADMLEYVPVKKDLRLTAGTGHKLRLAYSPTMGLYLGIYMHAPKRGQFCIFQLVSTESNRYSLDHISSLFTSQETLIDFA
LTSTDIWALWHDAENQTVVKYINFEHNVAGQWNPVFMQPLPEEEIVIRDDQDPREMYLQSLFTPGQFTNEALCKALQIFC
RGTERNLDLSWSELKKEVTLAVENELQGSVTEYEFSQEEFRNLQQEFWCKFYACCLQYQEALSHPLALHLNPHTNMVCLL
KKGYLSFLIPSSLVDHLYLLPYENLLTEDETTISDDVDIARDVICLIKCLRLIEESVTVDMSVIMEMSCYNLQSPEKAAE
QILEDMITIDVENVMEDICSKLQEIRNPIHAIGLLIREMDYETEVEMEKGFNPAQPLNIRMNLTQLYGSNTAGYIVCRGV
HKIASTRFLICRDLLILQQLLMRLGDAVIWGTGQLFQAQQDLLHRTAPLLLSYYLIKWGSECLATDVPLDTLESNLQHLS
VLELTDSGALMANRFVSSPQTIVELFFQEVARKHIISHLFSQPKAPLSQTGLNWPEMITAITSYLLQLLWPSNPGCLFLE
CLMGNCQYVQLQDYIQLLHPWCQVNVGSCRFMLGRCYLVTGEGQKALECFCQAASEVGKEEFLDRLIRSEDGEIVSTPRL
QYYDKVLRLLDVIGLPELVIQLATSAITEAGDDWKSQATLRTCIFKHHLDLGHNSQAYEALTQIPDSSRQLDCLRQLVVV
LCERSQLQDLVEFPYVNLHNEVVGIIESRARAVDLMTHNYYELLYAFHIYRHNYRKAGTVMFEYGMRLGREVRTLRGLEK
QGNCYLAALNCLRLIRPEYAWIVQPVSGAVYDRPGASPKRNHDGECTAAPTNRQIEILELEDLEKECSLARIRLTLAQHD
PSAVAVAGSSSAEEMVTLLVQAGLFDTAISLCQTFKLPLTPVFEGLAFKCIKLQFGGEAAQAEAWAWLAANQLSSVITTK
ESSATDEAWRLLSTYLERYKVQNNLYHHCVINKLLSHGVPLPNWLINSYKKVDAAELLRLYLNYDLLEEAVDLVSEYVDA
VLGKGHQYFGIEFPLSATAPMVWLPYSSIDQLLQALGENSANSHNIALSQKILDKLEDYQQKVDKATRDLLYRRTL
;
AJ,BJ,CJ,DJ
9 'polypeptide(L)'
;MKQDASRNAAYTVDCEDYVHVVEFNPFENGDSGNLIAYGGNNYVVIGTCTFQEEEADVEGIQYKTLRTFHHGVRVDGIAW
SPETRLDSLPPVIKFCTSAADMKIRLFTSDLQDKNEYKVLEGHTDFINGLVFDPKEGQEIASVSDDHTCRIWNLEGVQTA
HFVLHSPGMSVCWHPEETFKLMVAEKNGTIRFYDLLAQQAILSLESEQVPLMSAHWCLKNTFKVGAVAGNDWLIWDITRS
SYPQNKRPVHMDRACLFRWSTISENLFATTGYPGKMASQFQIHHLGHPQPILMGSVAVGSGLSWHRTLPLCVIGGDHKLL
FWVTEV
;
AK,BK,CK,DK
#
# COMPACT_ATOMS: atom_id res chain seq x y z
N LYS A 518 0.97 -275.14 -176.72
CA LYS A 518 1.13 -275.89 -177.96
C LYS A 518 1.79 -275.03 -179.04
N ILE A 519 1.56 -275.39 -180.31
CA ILE A 519 2.15 -274.64 -181.41
C ILE A 519 1.40 -273.34 -181.68
N LYS A 520 0.15 -273.22 -181.24
CA LYS A 520 -0.62 -272.01 -181.47
C LYS A 520 -0.18 -270.87 -180.56
N LEU A 521 0.31 -271.18 -179.36
CA LEU A 521 0.75 -270.13 -178.45
C LEU A 521 2.10 -269.57 -178.85
N LEU A 522 3.00 -270.45 -179.32
CA LEU A 522 4.32 -269.98 -179.73
C LEU A 522 4.26 -269.14 -181.01
N LYS A 523 3.33 -269.47 -181.92
CA LYS A 523 3.19 -268.69 -183.15
C LYS A 523 2.51 -267.36 -182.88
N ALA A 524 1.73 -267.25 -181.81
CA ALA A 524 1.05 -266.02 -181.47
C ALA A 524 1.90 -265.09 -180.61
N ALA A 525 2.70 -265.65 -179.69
CA ALA A 525 3.55 -264.81 -178.84
C ALA A 525 4.74 -264.25 -179.60
N PHE A 526 5.20 -264.95 -180.64
CA PHE A 526 6.34 -264.45 -181.41
C PHE A 526 5.92 -263.37 -182.40
N LEU A 527 4.65 -263.32 -182.78
CA LEU A 527 4.19 -262.31 -183.71
C LEU A 527 4.02 -260.95 -183.04
N GLN A 528 3.68 -260.94 -181.75
CA GLN A 528 3.51 -259.69 -181.03
C GLN A 528 4.83 -259.03 -180.66
N TYR A 529 5.92 -259.79 -180.59
CA TYR A 529 7.21 -259.21 -180.25
C TYR A 529 7.81 -258.43 -181.41
N CYS A 530 7.50 -258.80 -182.66
CA CYS A 530 8.03 -258.09 -183.81
C CYS A 530 7.37 -256.74 -184.01
N ARG A 531 6.09 -256.63 -183.66
CA ARG A 531 5.36 -255.37 -183.81
C ARG A 531 5.47 -254.46 -182.59
N LYS A 532 6.11 -254.93 -181.52
CA LYS A 532 6.26 -254.13 -180.31
C LYS A 532 7.37 -253.09 -180.42
N ASP A 533 8.24 -253.20 -181.43
CA ASP A 533 9.33 -252.24 -181.60
C ASP A 533 8.85 -250.92 -182.18
N LEU A 534 7.70 -250.89 -182.84
CA LEU A 534 7.16 -249.67 -183.42
C LEU A 534 5.93 -249.14 -182.70
N GLY A 535 5.13 -250.01 -182.09
CA GLY A 535 3.94 -249.60 -181.38
C GLY A 535 3.82 -250.31 -180.03
N HIS A 536 2.81 -249.88 -179.27
CA HIS A 536 2.57 -250.45 -177.96
C HIS A 536 1.10 -250.73 -177.66
N ALA A 537 0.16 -250.22 -178.47
CA ALA A 537 -1.25 -250.47 -178.20
C ALA A 537 -1.69 -251.85 -178.68
N GLN A 538 -1.06 -252.38 -179.74
CA GLN A 538 -1.44 -253.69 -180.25
C GLN A 538 -0.82 -254.82 -179.44
N MET A 539 0.36 -254.59 -178.85
CA MET A 539 1.02 -255.62 -178.06
C MET A 539 0.47 -255.72 -176.64
N VAL A 540 -0.17 -254.65 -176.14
CA VAL A 540 -0.72 -254.69 -174.79
C VAL A 540 -2.05 -255.43 -174.77
N VAL A 541 -2.77 -255.47 -175.89
CA VAL A 541 -4.04 -256.17 -175.95
C VAL A 541 -3.88 -257.67 -176.08
N ASP A 542 -2.73 -258.14 -176.56
CA ASP A 542 -2.51 -259.57 -176.70
C ASP A 542 -2.16 -260.24 -175.38
N GLU A 543 -1.46 -259.52 -174.49
CA GLU A 543 -1.10 -260.11 -173.20
C GLU A 543 -2.27 -260.15 -172.25
N LEU A 544 -3.11 -259.10 -172.25
CA LEU A 544 -4.26 -259.06 -171.35
C LEU A 544 -5.26 -260.15 -171.68
N PHE A 545 -5.48 -260.43 -172.97
CA PHE A 545 -6.39 -261.50 -173.35
C PHE A 545 -5.80 -262.87 -173.07
N SER A 546 -4.49 -263.02 -173.27
CA SER A 546 -3.85 -264.32 -173.01
C SER A 546 -3.85 -264.63 -171.52
N SER A 547 -3.64 -263.62 -170.67
CA SER A 547 -3.64 -263.85 -169.23
C SER A 547 -5.03 -264.27 -168.73
N HIS A 548 -6.09 -263.82 -169.40
CA HIS A 548 -7.44 -264.21 -169.03
C HIS A 548 -7.84 -265.55 -169.62
N SER A 549 -7.35 -265.88 -170.82
CA SER A 549 -7.67 -267.15 -171.45
C SER A 549 -6.84 -268.31 -170.89
N ASP A 550 -5.70 -268.02 -170.27
CA ASP A 550 -4.87 -269.07 -169.71
C ASP A 550 -5.51 -269.63 -168.44
N LEU A 551 -4.99 -270.79 -168.00
CA LEU A 551 -5.51 -271.43 -166.81
C LEU A 551 -5.11 -270.71 -165.53
N ASP A 552 -4.00 -269.97 -165.55
CA ASP A 552 -3.48 -269.22 -164.40
C ASP A 552 -3.25 -270.17 -163.22
N SER A 553 -2.22 -271.00 -163.38
CA SER A 553 -1.83 -271.96 -162.36
C SER A 553 -0.31 -272.08 -162.32
N ASP A 554 0.23 -272.16 -161.11
CA ASP A 554 1.66 -272.26 -160.90
C ASP A 554 2.16 -273.71 -160.87
N SER A 555 1.29 -274.67 -161.19
CA SER A 555 1.67 -276.08 -161.19
C SER A 555 2.10 -276.53 -162.58
N GLU A 556 1.13 -276.62 -163.50
CA GLU A 556 1.40 -277.02 -164.88
C GLU A 556 1.18 -275.92 -165.90
N LEU A 557 0.33 -274.95 -165.60
CA LEU A 557 0.07 -273.86 -166.54
C LEU A 557 1.21 -272.85 -166.61
N ASP A 558 2.01 -272.74 -165.55
CA ASP A 558 3.12 -271.80 -165.55
C ASP A 558 4.29 -272.29 -166.39
N ARG A 559 4.40 -273.60 -166.61
CA ARG A 559 5.49 -274.16 -167.40
C ARG A 559 5.25 -274.01 -168.90
N ALA A 560 4.02 -273.71 -169.32
CA ALA A 560 3.75 -273.55 -170.74
C ALA A 560 4.25 -272.22 -171.27
N VAL A 561 4.25 -271.17 -170.44
CA VAL A 561 4.74 -269.87 -170.88
C VAL A 561 6.26 -269.86 -170.92
N THR A 562 6.91 -270.53 -169.96
CA THR A 562 8.36 -270.56 -169.93
C THR A 562 8.92 -271.36 -171.11
N GLN A 563 8.26 -272.45 -171.48
CA GLN A 563 8.71 -273.24 -172.62
C GLN A 563 8.60 -272.46 -173.92
N ILE A 564 7.59 -271.59 -174.04
CA ILE A 564 7.45 -270.77 -175.24
C ILE A 564 8.45 -269.63 -175.22
N SER A 565 8.70 -269.05 -174.04
CA SER A 565 9.67 -267.96 -173.95
C SER A 565 11.08 -268.44 -174.25
N VAL A 566 11.44 -269.63 -173.79
CA VAL A 566 12.77 -270.16 -174.07
C VAL A 566 12.92 -270.45 -175.57
N ASP A 567 11.86 -270.97 -176.20
CA ASP A 567 11.93 -271.24 -177.63
C ASP A 567 12.00 -269.95 -178.43
N LEU A 568 11.32 -268.89 -177.98
CA LEU A 568 11.40 -267.62 -178.67
C LEU A 568 12.75 -266.94 -178.49
N MET A 569 13.36 -267.10 -177.31
CA MET A 569 14.67 -266.51 -177.07
C MET A 569 15.79 -267.28 -177.77
N ASP A 570 15.64 -268.60 -177.90
CA ASP A 570 16.68 -269.39 -178.58
C ASP A 570 16.63 -269.21 -180.09
N ASP A 571 15.46 -268.88 -180.64
CA ASP A 571 15.33 -268.68 -182.07
C ASP A 571 15.90 -267.35 -182.55
N TYR A 572 15.98 -266.35 -181.68
CA TYR A 572 16.53 -265.06 -182.04
C TYR A 572 18.04 -265.14 -182.17
N PRO A 573 18.71 -265.96 -181.34
CA PRO A 573 20.17 -266.06 -181.43
C PRO A 573 20.66 -266.92 -182.59
N ALA A 574 19.78 -267.68 -183.23
CA ALA A 574 20.15 -268.54 -184.35
C ALA A 574 19.61 -268.01 -185.68
N SER A 575 19.41 -266.70 -185.79
CA SER A 575 18.90 -266.07 -187.01
C SER A 575 17.57 -266.67 -187.44
N ILE A 596 29.58 -261.37 -193.57
CA ILE A 596 29.41 -260.53 -192.38
C ILE A 596 29.16 -261.40 -191.16
N ILE A 597 30.23 -262.00 -190.63
CA ILE A 597 30.11 -262.85 -189.46
C ILE A 597 29.95 -262.00 -188.19
N LEU A 598 30.62 -260.85 -188.14
CA LEU A 598 30.53 -259.99 -186.97
C LEU A 598 29.20 -259.24 -186.93
N HIS A 599 28.73 -258.77 -188.08
CA HIS A 599 27.47 -258.04 -188.13
C HIS A 599 26.29 -258.94 -187.78
N GLN A 600 26.30 -260.18 -188.27
CA GLN A 600 25.22 -261.11 -187.96
C GLN A 600 25.22 -261.48 -186.48
N LEU A 601 26.39 -261.56 -185.86
CA LEU A 601 26.46 -261.85 -184.42
C LEU A 601 26.09 -260.65 -183.58
N GLU A 602 26.35 -259.43 -184.08
CA GLU A 602 25.98 -258.23 -183.34
C GLU A 602 24.49 -257.95 -183.44
N ASP A 603 23.87 -258.23 -184.59
CA ASP A 603 22.44 -257.99 -184.75
C ASP A 603 21.63 -258.89 -183.84
N LYS A 604 22.03 -260.16 -183.71
CA LYS A 604 21.32 -261.07 -182.83
C LYS A 604 21.45 -260.66 -181.38
N MET A 605 22.64 -260.21 -180.97
CA MET A 605 22.83 -259.74 -179.60
C MET A 605 22.05 -258.47 -179.33
N LYS A 606 21.92 -257.59 -180.31
CA LYS A 606 21.14 -256.37 -180.13
C LYS A 606 19.65 -256.66 -180.09
N ALA A 607 19.18 -257.64 -180.87
CA ALA A 607 17.77 -257.98 -180.87
C ALA A 607 17.38 -258.80 -179.64
N HIS A 608 18.32 -259.55 -179.06
CA HIS A 608 18.02 -260.33 -177.87
C HIS A 608 17.83 -259.43 -176.65
N SER A 609 18.52 -258.30 -176.60
CA SER A 609 18.37 -257.39 -175.47
C SER A 609 17.07 -256.63 -175.51
N PHE A 610 16.55 -256.33 -176.71
CA PHE A 610 15.28 -255.62 -176.82
C PHE A 610 14.09 -256.52 -176.50
N LEU A 611 14.25 -257.84 -176.64
CA LEU A 611 13.16 -258.75 -176.34
C LEU A 611 12.93 -258.88 -174.84
N MET A 612 13.97 -258.67 -174.04
CA MET A 612 13.83 -258.78 -172.59
C MET A 612 13.08 -257.58 -172.02
N ASP A 613 13.22 -256.41 -172.64
CA ASP A 613 12.52 -255.22 -172.15
C ASP A 613 11.03 -255.26 -172.50
N PHE A 614 10.69 -255.74 -173.69
CA PHE A 614 9.29 -255.82 -174.09
C PHE A 614 8.54 -256.86 -173.26
N ILE A 615 9.20 -257.94 -172.86
CA ILE A 615 8.55 -258.95 -172.04
C ILE A 615 8.42 -258.46 -170.59
N HIS A 616 9.37 -257.65 -170.12
CA HIS A 616 9.30 -257.14 -168.76
C HIS A 616 8.31 -255.99 -168.63
N GLN A 617 8.12 -255.21 -169.68
CA GLN A 617 7.17 -254.11 -169.63
C GLN A 617 5.72 -254.58 -169.66
N VAL A 618 5.46 -255.77 -170.19
CA VAL A 618 4.11 -256.32 -170.24
C VAL A 618 3.93 -257.31 -169.11
N GLY A 619 4.77 -258.33 -169.06
CA GLY A 619 4.70 -259.33 -168.02
C GLY A 619 3.70 -260.43 -168.30
N LEU A 620 4.09 -261.72 -168.31
CA LEU A 620 5.44 -262.25 -168.07
C LEU A 620 6.09 -261.81 -166.76
N PHE A 621 5.39 -262.04 -165.65
CA PHE A 621 5.86 -261.67 -164.32
C PHE A 621 6.53 -262.84 -163.61
N GLY A 622 7.02 -263.83 -164.35
CA GLY A 622 7.68 -264.97 -163.75
C GLY A 622 7.97 -266.08 -164.73
N ARG A 623 7.27 -267.21 -164.59
CA ARG A 623 7.43 -268.38 -165.45
C ARG A 623 8.89 -268.87 -165.45
N LEU A 624 9.24 -269.52 -164.34
CA LEU A 624 10.58 -270.06 -164.14
C LEU A 624 10.55 -271.57 -164.38
N GLY A 625 11.26 -272.01 -165.42
CA GLY A 625 11.32 -273.42 -165.75
C GLY A 625 12.73 -273.91 -166.02
N SER A 626 13.60 -273.82 -165.01
CA SER A 626 14.98 -274.26 -165.18
C SER A 626 15.11 -275.76 -164.91
N PHE A 627 14.89 -276.16 -163.65
CA PHE A 627 14.97 -277.55 -163.21
C PHE A 627 16.34 -278.14 -163.54
N PRO A 628 16.41 -279.13 -164.43
CA PRO A 628 17.71 -279.71 -164.78
C PRO A 628 18.00 -279.66 -166.26
N VAL A 629 19.28 -279.57 -166.62
CA VAL A 629 19.73 -279.51 -168.01
C VAL A 629 19.08 -278.33 -168.71
N ARG A 630 17.96 -278.58 -169.38
CA ARG A 630 17.24 -277.53 -170.10
C ARG A 630 16.13 -276.95 -169.23
N LEU A 638 13.97 -267.73 -165.47
CA LEU A 638 14.76 -266.50 -165.33
C LEU A 638 16.22 -266.76 -165.71
N LEU A 639 16.69 -267.97 -165.43
CA LEU A 639 18.07 -268.33 -165.74
C LEU A 639 18.28 -268.64 -167.22
N LEU A 640 17.21 -268.96 -167.96
CA LEU A 640 17.36 -269.27 -169.37
C LEU A 640 17.79 -268.04 -170.16
N CYS A 641 17.21 -266.87 -169.87
CA CYS A 641 17.60 -265.65 -170.56
C CYS A 641 19.05 -265.28 -170.24
N GLU A 642 19.46 -265.45 -168.98
CA GLU A 642 20.84 -265.15 -168.61
C GLU A 642 21.80 -266.10 -169.31
N HIS A 643 21.46 -267.39 -169.39
CA HIS A 643 22.31 -268.35 -170.08
C HIS A 643 22.40 -268.03 -171.57
N ALA A 644 21.28 -267.64 -172.19
CA ALA A 644 21.30 -267.27 -173.60
C ALA A 644 22.15 -266.03 -173.83
N GLU A 645 22.04 -265.04 -172.94
CA GLU A 645 22.86 -263.84 -173.08
C GLU A 645 24.34 -264.15 -172.91
N LYS A 646 24.68 -265.03 -171.95
CA LYS A 646 26.07 -265.41 -171.77
C LYS A 646 26.60 -266.16 -172.99
N LEU A 647 25.79 -267.04 -173.56
CA LEU A 647 26.22 -267.76 -174.76
C LEU A 647 26.40 -266.82 -175.94
N SER A 648 25.50 -265.85 -176.10
CA SER A 648 25.64 -264.89 -177.18
C SER A 648 26.85 -263.99 -177.00
N ALA A 649 27.18 -263.65 -175.75
CA ALA A 649 28.36 -262.84 -175.49
C ALA A 649 29.65 -263.63 -175.70
N ALA A 650 29.64 -264.91 -175.36
CA ALA A 650 30.82 -265.74 -175.56
C ALA A 650 31.03 -266.13 -177.01
N ILE A 651 29.95 -266.21 -177.79
CA ILE A 651 30.07 -266.56 -179.20
C ILE A 651 30.59 -265.39 -180.03
N VAL A 652 30.32 -264.16 -179.62
CA VAL A 652 30.79 -263.00 -180.38
C VAL A 652 32.27 -262.73 -180.17
N LEU A 653 32.82 -263.11 -179.01
CA LEU A 653 34.24 -262.87 -178.75
C LEU A 653 35.13 -263.82 -179.53
N LYS A 654 34.67 -265.05 -179.80
CA LYS A 654 35.46 -266.02 -180.53
C LYS A 654 35.51 -265.71 -182.03
N ASN A 655 34.52 -265.00 -182.56
CA ASN A 655 34.51 -264.67 -183.99
C ASN A 655 35.48 -263.55 -184.34
N HIS A 656 35.79 -262.67 -183.39
CA HIS A 656 36.72 -261.57 -183.66
C HIS A 656 38.17 -262.03 -183.73
N HIS A 657 38.51 -263.14 -183.09
CA HIS A 657 39.88 -263.65 -183.12
C HIS A 657 39.97 -264.93 -183.95
N SER A 658 39.52 -264.86 -185.20
CA SER A 658 39.55 -266.01 -186.09
C SER A 658 40.99 -266.22 -186.60
N ARG A 659 41.53 -267.41 -186.36
CA ARG A 659 42.88 -267.73 -186.79
C ARG A 659 42.90 -269.02 -187.61
N LEU A 660 44.09 -269.57 -187.83
CA LEU A 660 44.21 -270.80 -188.61
C LEU A 660 43.84 -272.03 -187.77
N SER A 661 44.20 -272.03 -186.49
CA SER A 661 43.89 -273.16 -185.63
C SER A 661 42.45 -273.11 -185.14
N ASP A 662 41.92 -271.91 -184.89
CA ASP A 662 40.54 -271.79 -184.41
C ASP A 662 39.55 -272.24 -185.47
N LEU A 663 39.77 -271.85 -186.73
CA LEU A 663 38.88 -272.28 -187.81
C LEU A 663 38.94 -273.79 -188.01
N VAL A 664 40.13 -274.37 -187.93
CA VAL A 664 40.26 -275.82 -188.07
C VAL A 664 39.57 -276.54 -186.93
N ASN A 665 39.70 -276.02 -185.70
CA ASN A 665 39.02 -276.64 -184.57
C ASN A 665 37.51 -276.53 -184.71
N THR A 666 37.01 -275.38 -185.17
CA THR A 666 35.57 -275.23 -185.37
C THR A 666 35.06 -276.17 -186.45
N ALA A 667 35.83 -276.33 -187.53
CA ALA A 667 35.42 -277.26 -188.59
C ALA A 667 35.42 -278.70 -188.09
N ILE A 668 36.42 -279.08 -187.29
CA ILE A 668 36.48 -280.44 -186.77
C ILE A 668 35.34 -280.68 -185.79
N LEU A 669 34.95 -279.66 -185.02
CA LEU A 669 33.83 -279.81 -184.10
C LEU A 669 32.50 -279.87 -184.83
N ILE A 670 32.39 -279.15 -185.96
CA ILE A 670 31.15 -279.18 -186.72
C ILE A 670 31.00 -280.50 -187.47
N ALA A 671 32.12 -281.04 -187.97
CA ALA A 671 32.07 -282.31 -188.69
C ALA A 671 31.88 -283.51 -187.77
N LEU A 672 32.22 -283.38 -186.49
CA LEU A 672 32.07 -284.50 -185.56
C LEU A 672 30.63 -284.64 -185.07
N ASN A 673 29.87 -283.55 -185.07
CA ASN A 673 28.48 -283.61 -184.61
C ASN A 673 27.56 -284.13 -185.72
N LYS A 674 27.52 -283.42 -186.84
CA LYS A 674 26.68 -283.81 -187.97
C LYS A 674 27.43 -283.48 -189.25
N ARG A 675 26.72 -283.47 -190.37
CA ARG A 675 27.30 -283.18 -191.67
C ARG A 675 26.94 -281.76 -192.11
N GLU A 676 27.84 -281.15 -192.86
CA GLU A 676 27.66 -279.79 -193.37
C GLU A 676 27.21 -279.83 -194.83
N TYR A 677 26.63 -278.71 -195.26
CA TYR A 677 26.15 -278.60 -196.64
C TYR A 677 27.30 -278.34 -197.59
N GLU A 678 27.25 -278.97 -198.75
CA GLU A 678 28.29 -278.80 -199.77
C GLU A 678 28.09 -277.58 -200.63
N ILE A 679 26.93 -276.93 -200.57
CA ILE A 679 26.66 -275.73 -201.36
C ILE A 679 27.26 -274.53 -200.67
N PRO A 680 28.56 -274.22 -200.91
CA PRO A 680 29.20 -273.07 -200.27
C PRO A 680 29.00 -273.00 -198.77
N SER A 681 28.82 -271.79 -198.24
CA SER A 681 28.62 -271.56 -196.80
C SER A 681 29.77 -272.14 -195.99
N ASN A 682 30.98 -271.86 -196.42
CA ASN A 682 32.19 -272.34 -195.75
C ASN A 682 32.43 -271.48 -194.51
N LEU A 683 31.82 -271.87 -193.40
CA LEU A 683 31.95 -271.15 -192.14
C LEU A 683 32.44 -272.02 -190.99
N THR A 684 31.85 -273.19 -190.70
CA THR A 684 30.71 -273.78 -191.41
C THR A 684 29.45 -273.73 -190.55
N PRO A 685 29.62 -273.44 -189.26
CA PRO A 685 28.44 -273.37 -188.36
C PRO A 685 28.49 -272.16 -187.45
N ALA A 686 27.57 -271.22 -187.65
CA ALA A 686 27.49 -270.01 -186.84
C ALA A 686 26.18 -269.92 -186.07
N ASP A 687 25.04 -269.90 -186.76
CA ASP A 687 23.76 -269.82 -186.07
C ASP A 687 23.46 -271.11 -185.31
N VAL A 688 23.87 -272.25 -185.86
CA VAL A 688 23.66 -273.54 -185.19
C VAL A 688 24.67 -273.80 -184.08
N PHE A 689 25.74 -273.01 -184.01
CA PHE A 689 26.76 -273.19 -182.98
C PHE A 689 26.70 -272.14 -181.88
N PHE A 690 26.10 -270.98 -182.16
CA PHE A 690 26.01 -269.94 -181.14
C PHE A 690 25.02 -270.32 -180.04
N ARG A 691 23.98 -271.08 -180.38
CA ARG A 691 22.99 -271.49 -179.38
C ARG A 691 23.52 -272.58 -178.47
N GLU A 692 24.48 -273.36 -178.93
CA GLU A 692 25.08 -274.45 -178.16
C GLU A 692 26.58 -274.20 -178.03
N VAL A 693 26.95 -273.25 -177.16
CA VAL A 693 28.36 -272.92 -176.95
C VAL A 693 29.09 -273.95 -176.11
N SER A 694 28.35 -274.84 -175.43
CA SER A 694 29.01 -275.85 -174.61
C SER A 694 29.66 -276.93 -175.46
N GLN A 695 29.15 -277.16 -176.67
CA GLN A 695 29.73 -278.17 -177.54
C GLN A 695 31.02 -277.70 -178.19
N VAL A 696 31.14 -276.40 -178.47
CA VAL A 696 32.36 -275.89 -179.09
C VAL A 696 33.48 -275.77 -178.07
N ASP A 697 33.15 -275.48 -176.81
CA ASP A 697 34.18 -275.35 -175.79
C ASP A 697 34.70 -276.72 -175.35
N THR A 698 33.84 -277.74 -175.34
CA THR A 698 34.28 -279.07 -174.94
C THR A 698 35.09 -279.75 -176.05
N ILE A 699 34.76 -279.48 -177.31
CA ILE A 699 35.48 -280.09 -178.42
C ILE A 699 36.78 -279.36 -178.75
N CYS A 700 37.03 -278.20 -178.14
CA CYS A 700 38.27 -277.48 -178.41
C CYS A 700 39.47 -278.14 -177.75
N GLU A 701 39.25 -278.84 -176.64
CA GLU A 701 40.34 -279.52 -175.96
C GLU A 701 40.80 -280.78 -176.67
N CYS A 702 39.93 -281.41 -177.45
CA CYS A 702 40.32 -282.62 -178.19
C CYS A 702 41.20 -282.29 -179.39
N LEU A 703 41.01 -281.12 -180.01
CA LEU A 703 41.83 -280.74 -181.15
C LEU A 703 43.25 -280.39 -180.74
N LEU A 704 43.41 -279.71 -179.61
CA LEU A 704 44.75 -279.34 -179.14
C LEU A 704 45.49 -280.53 -178.55
N GLU A 705 44.77 -281.51 -178.02
CA GLU A 705 45.42 -282.69 -177.44
C GLU A 705 45.91 -283.65 -178.52
N HIS A 706 45.28 -283.64 -179.70
CA HIS A 706 45.72 -284.52 -180.78
C HIS A 706 46.99 -284.01 -181.43
N GLU A 707 47.16 -282.69 -181.55
CA GLU A 707 48.36 -282.13 -182.15
C GLU A 707 49.54 -282.12 -181.19
N GLU A 708 49.29 -282.25 -179.88
CA GLU A 708 50.37 -282.24 -178.90
C GLU A 708 51.12 -283.57 -178.85
N GLN A 709 50.55 -284.64 -179.41
CA GLN A 709 51.23 -285.93 -179.41
C GLN A 709 52.30 -286.01 -180.48
N VAL A 710 52.05 -285.42 -181.66
CA VAL A 710 53.00 -285.45 -182.76
C VAL A 710 53.88 -284.20 -182.81
N LEU A 711 53.82 -283.35 -181.79
CA LEU A 711 54.63 -282.14 -181.78
C LEU A 711 56.02 -282.37 -181.20
N ARG A 712 56.27 -283.54 -180.60
CA ARG A 712 57.56 -283.87 -180.02
C ARG A 712 57.98 -282.84 -178.98
N ASP A 713 57.17 -282.71 -177.93
CA ASP A 713 57.44 -281.76 -176.86
C ASP A 713 57.89 -282.49 -175.58
N SER A 718 59.62 -278.01 -180.67
CA SER A 718 59.24 -278.01 -179.28
C SER A 718 59.08 -276.58 -178.75
N ILE A 719 59.83 -275.66 -179.33
CA ILE A 719 59.77 -274.27 -178.91
C ILE A 719 58.52 -273.59 -179.47
N GLU A 720 58.31 -273.70 -180.78
CA GLU A 720 57.13 -273.09 -181.40
C GLU A 720 55.86 -273.89 -181.16
N TRP A 721 55.98 -275.15 -180.74
CA TRP A 721 54.80 -275.97 -180.48
C TRP A 721 54.12 -275.64 -179.17
N ALA A 722 54.85 -275.02 -178.23
CA ALA A 722 54.26 -274.66 -176.95
C ALA A 722 53.33 -273.45 -177.04
N GLU A 723 53.40 -272.67 -178.12
CA GLU A 723 52.53 -271.51 -178.26
C GLU A 723 51.12 -271.93 -178.66
N VAL A 724 50.97 -273.08 -179.30
CA VAL A 724 49.64 -273.53 -179.71
C VAL A 724 48.81 -273.93 -178.50
N VAL A 725 49.45 -274.48 -177.46
CA VAL A 725 48.71 -274.86 -176.27
C VAL A 725 48.35 -273.64 -175.43
N ILE A 726 49.09 -272.54 -175.60
CA ILE A 726 48.79 -271.33 -174.84
C ILE A 726 47.76 -270.46 -175.57
N ASN A 727 47.76 -270.50 -176.91
CA ASN A 727 46.80 -269.70 -177.65
C ASN A 727 45.37 -270.18 -177.45
N VAL A 728 45.18 -271.49 -177.27
CA VAL A 728 43.84 -272.02 -177.00
C VAL A 728 43.42 -271.68 -175.58
N ASN A 729 44.35 -271.75 -174.62
CA ASN A 729 44.02 -271.42 -173.24
C ASN A 729 43.68 -269.94 -173.09
N ASN A 730 44.39 -269.07 -173.80
CA ASN A 730 44.08 -267.64 -173.74
C ASN A 730 42.70 -267.36 -174.33
N ILE A 731 42.36 -268.03 -175.44
CA ILE A 731 41.04 -267.84 -176.04
C ILE A 731 39.95 -268.35 -175.11
N LEU A 732 40.19 -269.49 -174.46
CA LEU A 732 39.21 -270.03 -173.51
C LEU A 732 39.02 -269.09 -172.34
N LYS A 733 40.11 -268.52 -171.82
CA LYS A 733 40.00 -267.57 -170.71
C LYS A 733 39.25 -266.31 -171.14
N ASP A 734 39.53 -265.81 -172.35
CA ASP A 734 38.84 -264.62 -172.82
C ASP A 734 37.36 -264.89 -173.05
N MET A 735 37.00 -266.11 -173.48
CA MET A 735 35.60 -266.46 -173.66
C MET A 735 34.89 -266.64 -172.33
N LEU A 736 35.60 -267.18 -171.33
CA LEU A 736 34.99 -267.37 -170.02
C LEU A 736 34.84 -266.05 -169.28
N GLN A 737 35.75 -265.10 -169.50
CA GLN A 737 35.64 -263.80 -168.83
C GLN A 737 34.50 -262.98 -169.40
N ALA A 738 34.16 -263.17 -170.69
CA ALA A 738 33.07 -262.42 -171.29
C ALA A 738 31.72 -262.82 -170.71
N ALA A 739 31.55 -264.10 -170.39
CA ALA A 739 30.30 -264.55 -169.79
C ALA A 739 30.15 -264.11 -168.34
N SER A 740 31.26 -263.83 -167.65
CA SER A 740 31.22 -263.38 -166.27
C SER A 740 31.13 -261.86 -166.15
N HIS A 741 31.71 -261.13 -167.11
CA HIS A 741 31.65 -259.68 -167.06
C HIS A 741 30.29 -259.13 -167.49
N TYR A 742 29.54 -259.89 -168.29
CA TYR A 742 28.22 -259.43 -168.74
C TYR A 742 27.13 -259.68 -167.71
N ARG A 743 27.36 -260.59 -166.76
CA ARG A 743 26.36 -260.87 -165.74
C ARG A 743 26.27 -259.79 -164.67
N GLN A 744 27.33 -259.01 -164.50
CA GLN A 744 27.32 -257.93 -163.51
C GLN A 744 26.54 -256.72 -163.95
N ASN A 745 26.27 -256.58 -165.24
CA ASN A 745 25.52 -255.45 -165.79
C ASN A 745 24.05 -255.78 -166.00
N ARG A 746 23.56 -256.87 -165.42
CA ARG A 746 22.17 -257.26 -165.58
C ARG A 746 21.27 -256.46 -164.65
N ARG A 775 28.79 -280.82 -166.11
CA ARG A 775 29.63 -282.00 -166.19
C ARG A 775 30.57 -281.93 -167.38
N THR A 776 30.12 -281.30 -168.46
CA THR A 776 30.92 -281.16 -169.67
C THR A 776 31.76 -279.89 -169.67
N VAL A 777 31.28 -278.82 -169.05
CA VAL A 777 32.04 -277.59 -169.03
C VAL A 777 33.16 -277.64 -167.99
N ILE A 778 32.96 -278.38 -166.90
CA ILE A 778 33.99 -278.48 -165.87
C ILE A 778 35.09 -279.46 -166.28
N ILE A 779 34.75 -280.45 -167.11
CA ILE A 779 35.75 -281.43 -167.52
C ILE A 779 36.78 -280.79 -168.44
N ARG A 780 36.34 -279.89 -169.32
CA ARG A 780 37.26 -279.21 -170.22
C ARG A 780 38.23 -278.31 -169.46
N GLN A 781 37.79 -277.73 -168.35
CA GLN A 781 38.69 -276.92 -167.53
C GLN A 781 39.61 -277.79 -166.69
N HIS A 782 39.09 -278.90 -166.15
CA HIS A 782 39.92 -279.80 -165.35
C HIS A 782 41.01 -280.46 -166.19
N GLU A 783 40.71 -280.76 -167.46
CA GLU A 783 41.73 -281.34 -168.33
C GLU A 783 42.77 -280.30 -168.75
N ILE A 784 42.32 -279.06 -168.96
CA ILE A 784 43.25 -277.99 -169.35
C ILE A 784 44.18 -277.65 -168.18
N VAL A 785 43.65 -277.66 -166.96
CA VAL A 785 44.49 -277.35 -165.81
C VAL A 785 45.53 -278.43 -165.59
N LEU A 786 45.23 -279.67 -165.97
CA LEU A 786 46.20 -280.75 -165.83
C LEU A 786 47.20 -280.77 -166.98
N LYS A 787 46.77 -280.40 -168.19
CA LYS A 787 47.67 -280.37 -169.33
C LYS A 787 48.62 -279.18 -169.29
N VAL A 788 48.19 -278.07 -168.68
CA VAL A 788 49.05 -276.89 -168.61
C VAL A 788 50.13 -277.08 -167.55
N ALA A 789 49.90 -277.97 -166.57
CA ALA A 789 50.91 -278.19 -165.54
C ALA A 789 52.04 -279.09 -166.02
N TYR A 790 51.77 -279.94 -167.01
CA TYR A 790 52.80 -280.82 -167.54
C TYR A 790 53.69 -280.07 -168.53
N PRO A 791 53.17 -279.04 -169.20
CA PRO A 791 54.00 -278.29 -170.15
C PRO A 791 54.89 -277.25 -169.49
N GLN A 792 54.68 -276.94 -168.21
CA GLN A 792 55.50 -275.95 -167.52
C GLN A 792 56.82 -276.50 -167.01
N ALA A 793 56.99 -277.83 -167.05
CA ALA A 793 58.22 -278.45 -166.59
C ALA A 793 59.30 -278.52 -167.68
N ASP A 794 58.98 -278.13 -168.90
CA ASP A 794 59.94 -278.15 -170.01
C ASP A 794 59.74 -276.93 -170.89
N SER A 795 59.67 -275.76 -170.28
CA SER A 795 59.49 -274.51 -171.01
C SER A 795 60.31 -273.42 -170.34
N ASN A 796 60.23 -272.21 -170.88
CA ASN A 796 60.96 -271.09 -170.35
C ASN A 796 60.24 -270.49 -169.14
N LEU A 797 60.97 -269.65 -168.39
CA LEU A 797 60.38 -269.03 -167.21
C LEU A 797 59.26 -268.08 -167.58
N ARG A 798 59.44 -267.28 -168.63
CA ARG A 798 58.39 -266.37 -169.07
C ARG A 798 57.16 -267.14 -169.54
N ASN A 799 57.37 -268.23 -170.28
CA ASN A 799 56.23 -269.03 -170.75
C ASN A 799 55.51 -269.68 -169.58
N ILE A 800 56.25 -270.16 -168.57
CA ILE A 800 55.62 -270.77 -167.42
C ILE A 800 54.86 -269.75 -166.59
N VAL A 801 55.37 -268.50 -166.54
CA VAL A 801 54.67 -267.47 -165.79
C VAL A 801 53.42 -267.01 -166.54
N THR A 802 53.47 -266.99 -167.88
CA THR A 802 52.31 -266.59 -168.66
C THR A 802 51.24 -267.66 -168.68
N GLU A 803 51.62 -268.94 -168.73
CA GLU A 803 50.64 -270.01 -168.76
C GLU A 803 49.96 -270.22 -167.41
N GLN A 804 50.60 -269.82 -166.31
CA GLN A 804 50.01 -269.98 -164.99
C GLN A 804 48.93 -268.94 -164.69
N LEU A 805 48.88 -267.85 -165.46
CA LEU A 805 47.88 -266.82 -165.22
C LEU A 805 46.50 -267.24 -165.75
N VAL A 806 46.47 -267.89 -166.91
CA VAL A 806 45.19 -268.33 -167.47
C VAL A 806 44.55 -269.40 -166.59
N ALA A 807 45.36 -270.33 -166.09
CA ALA A 807 44.83 -271.38 -165.22
C ALA A 807 44.30 -270.79 -163.92
N LEU A 808 45.01 -269.81 -163.35
CA LEU A 808 44.54 -269.17 -162.13
C LEU A 808 43.26 -268.39 -162.37
N ILE A 809 43.17 -267.69 -163.50
CA ILE A 809 41.96 -266.94 -163.82
C ILE A 809 40.78 -267.87 -164.06
N ASP A 810 41.03 -269.05 -164.62
CA ASP A 810 39.96 -270.02 -164.82
C ASP A 810 39.53 -270.63 -163.50
N CYS A 811 40.48 -270.91 -162.61
CA CYS A 811 40.14 -271.48 -161.31
C CYS A 811 39.37 -270.49 -160.45
N PHE A 812 39.74 -269.21 -160.52
CA PHE A 812 39.02 -268.19 -159.75
C PHE A 812 37.60 -268.02 -160.25
N LEU A 813 37.37 -268.21 -161.56
CA LEU A 813 36.01 -268.13 -162.08
C LEU A 813 35.22 -269.38 -161.73
N ASP A 814 35.86 -270.55 -161.78
CA ASP A 814 35.17 -271.79 -161.43
C ASP A 814 34.77 -271.80 -159.96
N GLY A 815 35.65 -271.33 -159.07
CA GLY A 815 35.30 -271.26 -157.67
C GLY A 815 34.16 -270.29 -157.40
N TYR A 816 34.18 -269.14 -158.09
CA TYR A 816 33.09 -268.18 -157.93
C TYR A 816 31.77 -268.74 -158.43
N VAL A 817 31.80 -269.46 -159.56
CA VAL A 817 30.58 -270.06 -160.08
C VAL A 817 30.06 -271.14 -159.13
N SER A 818 30.97 -271.93 -158.55
CA SER A 818 30.55 -272.95 -157.60
C SER A 818 29.94 -272.33 -156.35
N GLN A 819 30.55 -271.24 -155.85
CA GLN A 819 30.01 -270.55 -154.69
C GLN A 819 28.63 -269.95 -154.99
N LEU A 820 28.46 -269.38 -156.19
CA LEU A 820 27.17 -268.81 -156.55
C LEU A 820 26.11 -269.89 -156.73
N LYS A 821 26.49 -271.07 -157.23
CA LYS A 821 25.54 -272.15 -157.38
C LYS A 821 25.18 -272.78 -156.03
N SER A 822 26.13 -272.81 -155.09
CA SER A 822 25.85 -273.37 -153.78
C SER A 822 25.09 -272.41 -152.87
N VAL A 823 25.27 -271.09 -153.05
CA VAL A 823 24.58 -270.10 -152.23
C VAL A 823 23.16 -269.83 -152.71
N ASP A 824 22.74 -270.43 -153.82
CA ASP A 824 21.40 -270.23 -154.35
C ASP A 824 20.42 -271.30 -153.89
N LYS A 825 20.85 -272.24 -153.05
CA LYS A 825 19.98 -273.31 -152.56
C LYS A 825 20.40 -273.66 -151.15
N SER A 826 19.49 -273.48 -150.19
CA SER A 826 19.78 -273.79 -148.79
C SER A 826 18.51 -274.17 -148.05
N SER A 827 18.48 -273.94 -146.74
CA SER A 827 17.34 -274.25 -145.89
C SER A 827 16.95 -275.73 -146.00
N ASN A 828 16.02 -276.03 -146.88
CA ASN A 828 15.58 -277.41 -147.06
C ASN A 828 16.61 -278.21 -147.84
N ARG A 829 16.50 -279.54 -147.73
CA ARG A 829 17.39 -280.48 -148.40
C ARG A 829 18.85 -280.21 -148.02
N GLU A 830 19.16 -280.53 -146.77
CA GLU A 830 20.52 -280.34 -146.25
C GLU A 830 21.49 -281.39 -146.77
N ARG A 831 20.99 -282.55 -147.21
CA ARG A 831 21.87 -283.59 -147.71
C ARG A 831 22.59 -283.15 -148.98
N TYR A 832 21.85 -282.49 -149.89
CA TYR A 832 22.47 -282.01 -151.12
C TYR A 832 23.50 -280.93 -150.83
N ASP A 833 23.21 -280.04 -149.89
CA ASP A 833 24.16 -278.99 -149.54
C ASP A 833 25.41 -279.56 -148.88
N ASN A 834 25.25 -280.62 -148.08
CA ASN A 834 26.40 -281.27 -147.46
C ASN A 834 27.22 -282.06 -148.47
N LEU A 835 26.57 -282.64 -149.48
CA LEU A 835 27.29 -283.39 -150.50
C LEU A 835 28.01 -282.47 -151.46
N GLU A 836 27.43 -281.31 -151.79
CA GLU A 836 28.09 -280.38 -152.69
C GLU A 836 29.26 -279.67 -152.03
N MET A 837 29.18 -279.46 -150.72
CA MET A 837 30.26 -278.78 -150.01
C MET A 837 31.54 -279.61 -150.04
N GLU A 838 31.43 -280.93 -149.86
CA GLU A 838 32.60 -281.78 -149.91
C GLU A 838 33.22 -281.79 -151.30
N TYR A 839 32.38 -281.83 -152.35
CA TYR A 839 32.89 -281.81 -153.71
C TYR A 839 33.55 -280.47 -154.04
N LEU A 840 33.01 -279.37 -153.51
CA LEU A 840 33.63 -278.06 -153.75
C LEU A 840 34.94 -277.90 -152.97
N GLN A 841 35.02 -278.49 -151.78
CA GLN A 841 36.25 -278.40 -151.00
C GLN A 841 37.34 -279.32 -151.54
N LYS A 842 36.95 -280.46 -152.12
CA LYS A 842 37.93 -281.38 -152.69
C LYS A 842 38.52 -280.84 -153.99
N ARG A 843 37.76 -280.02 -154.72
CA ARG A 843 38.28 -279.47 -155.97
C ARG A 843 39.26 -278.33 -155.72
N SER A 844 39.07 -277.57 -154.64
CA SER A 844 39.97 -276.48 -154.33
C SER A 844 41.28 -276.97 -153.73
N ASP A 845 41.26 -278.11 -153.03
CA ASP A 845 42.48 -278.65 -152.44
C ASP A 845 43.39 -279.28 -153.48
N LEU A 846 42.82 -279.84 -154.55
CA LEU A 846 43.64 -280.45 -155.59
C LEU A 846 44.33 -279.41 -156.46
N LEU A 847 43.68 -278.26 -156.70
CA LEU A 847 44.30 -277.22 -157.51
C LEU A 847 45.38 -276.46 -156.74
N SER A 848 45.27 -276.41 -155.41
CA SER A 848 46.26 -275.72 -154.59
C SER A 848 47.51 -276.58 -154.44
N PRO A 849 47.40 -277.89 -154.58
CA PRO A 849 48.58 -278.75 -154.46
C PRO A 849 49.47 -278.68 -155.69
N LEU A 850 48.86 -278.56 -156.86
CA LEU A 850 49.61 -278.47 -158.10
C LEU A 850 50.24 -277.12 -158.32
N LEU A 851 49.68 -276.06 -157.72
CA LEU A 851 50.22 -274.71 -157.87
C LEU A 851 51.22 -274.35 -156.77
N SER A 852 51.39 -275.22 -155.76
CA SER A 852 52.33 -274.93 -154.68
C SER A 852 53.78 -275.12 -155.11
N LEU A 853 54.04 -275.89 -156.17
CA LEU A 853 55.40 -276.11 -156.63
C LEU A 853 55.91 -275.01 -157.55
N GLY A 854 55.06 -274.08 -157.96
CA GLY A 854 55.47 -273.00 -158.82
C GLY A 854 55.64 -271.68 -158.09
N GLN A 855 54.97 -270.64 -158.57
CA GLN A 855 55.05 -269.32 -157.95
C GLN A 855 54.10 -269.24 -156.75
N TYR A 856 54.55 -268.56 -155.71
CA TYR A 856 53.75 -268.38 -154.49
C TYR A 856 52.86 -267.15 -154.55
N LEU A 857 52.90 -266.38 -155.63
CA LEU A 857 52.06 -265.19 -155.74
C LEU A 857 50.61 -265.52 -156.10
N TRP A 858 50.36 -266.72 -156.62
CA TRP A 858 49.00 -267.10 -156.98
C TRP A 858 48.16 -267.49 -155.78
N ALA A 859 48.78 -267.84 -154.65
CA ALA A 859 48.02 -268.21 -153.47
C ALA A 859 47.23 -267.03 -152.91
N ALA A 860 47.84 -265.84 -152.88
CA ALA A 860 47.13 -264.66 -152.40
C ALA A 860 45.97 -264.31 -153.32
N SER A 861 46.18 -264.42 -154.64
CA SER A 861 45.10 -264.14 -155.58
C SER A 861 43.96 -265.14 -155.42
N LEU A 862 44.28 -266.41 -155.23
CA LEU A 862 43.25 -267.42 -155.04
C LEU A 862 42.48 -267.18 -153.74
N ALA A 863 43.19 -266.79 -152.67
CA ALA A 863 42.52 -266.51 -151.41
C ALA A 863 41.64 -265.27 -151.50
N GLU A 864 42.07 -264.26 -152.27
CA GLU A 864 41.24 -263.07 -152.44
C GLU A 864 40.04 -263.36 -153.33
N LYS A 865 40.18 -264.25 -154.30
CA LYS A 865 39.05 -264.59 -155.17
C LYS A 865 38.03 -265.44 -154.43
N TYR A 866 38.49 -266.50 -153.77
CA TYR A 866 37.62 -267.40 -153.01
C TYR A 866 38.06 -267.40 -151.55
N CYS A 867 37.17 -266.95 -150.67
CA CYS A 867 37.45 -266.89 -149.24
C CYS A 867 37.11 -268.23 -148.59
N ASP A 868 37.90 -269.24 -148.94
CA ASP A 868 37.71 -270.58 -148.41
C ASP A 868 39.06 -271.32 -148.50
N PHE A 869 39.07 -272.54 -147.98
CA PHE A 869 40.26 -273.39 -147.98
C PHE A 869 41.45 -272.69 -147.33
N ASP A 870 41.42 -272.56 -146.01
CA ASP A 870 42.51 -271.92 -145.29
C ASP A 870 43.68 -272.85 -145.04
N ILE A 871 43.53 -274.16 -145.28
CA ILE A 871 44.63 -275.09 -145.07
C ILE A 871 45.75 -274.84 -146.07
N LEU A 872 45.42 -274.39 -147.27
CA LEU A 872 46.46 -274.06 -148.25
C LEU A 872 47.23 -272.82 -147.84
N VAL A 873 46.53 -271.80 -147.33
CA VAL A 873 47.20 -270.59 -146.89
C VAL A 873 48.06 -270.86 -145.67
N GLN A 874 47.58 -271.71 -144.76
CA GLN A 874 48.36 -272.05 -143.58
C GLN A 874 49.62 -272.83 -143.94
N MET A 875 49.57 -273.63 -145.00
CA MET A 875 50.76 -274.36 -145.43
C MET A 875 51.71 -273.44 -146.20
N CYS A 876 51.17 -272.50 -146.98
CA CYS A 876 52.02 -271.57 -147.71
C CYS A 876 52.73 -270.62 -146.78
N GLU A 877 52.08 -270.21 -145.68
CA GLU A 877 52.70 -269.33 -144.70
C GLU A 877 53.64 -270.07 -143.75
N GLN A 878 53.67 -271.40 -143.81
CA GLN A 878 54.55 -272.18 -142.95
C GLN A 878 55.71 -272.83 -143.68
N THR A 879 55.57 -273.11 -144.98
CA THR A 879 56.65 -273.71 -145.73
C THR A 879 57.80 -272.73 -145.99
N ASP A 880 57.53 -271.44 -145.97
CA ASP A 880 58.54 -270.41 -146.21
C ASP A 880 58.81 -269.66 -144.91
N ASN A 881 59.72 -268.68 -144.99
CA ASN A 881 60.10 -267.86 -143.84
C ASN A 881 59.35 -266.54 -143.78
N GLN A 882 58.06 -266.54 -144.11
CA GLN A 882 57.23 -265.34 -144.08
C GLN A 882 56.40 -265.38 -142.80
N SER A 883 56.95 -264.82 -141.72
CA SER A 883 56.26 -264.80 -140.44
C SER A 883 55.13 -263.79 -140.39
N ARG A 884 55.23 -262.69 -141.13
CA ARG A 884 54.19 -261.67 -141.12
C ARG A 884 52.98 -262.06 -141.94
N LEU A 885 53.11 -263.03 -142.84
CA LEU A 885 51.97 -263.44 -143.67
C LEU A 885 50.88 -264.10 -142.83
N GLN A 886 51.28 -264.94 -141.86
CA GLN A 886 50.29 -265.60 -141.02
C GLN A 886 49.52 -264.60 -140.17
N ARG A 887 50.17 -263.54 -139.70
CA ARG A 887 49.47 -262.51 -138.93
C ARG A 887 48.63 -261.61 -139.82
N TYR A 888 49.09 -261.34 -141.05
CA TYR A 888 48.32 -260.49 -141.96
C TYR A 888 47.06 -261.22 -142.43
N MET A 889 47.14 -262.53 -142.64
CA MET A 889 45.97 -263.30 -143.05
C MET A 889 45.02 -263.58 -141.90
N THR A 890 45.43 -263.33 -140.66
CA THR A 890 44.59 -263.56 -139.49
C THR A 890 43.97 -262.29 -138.94
N GLN A 891 44.67 -261.15 -139.02
CA GLN A 891 44.13 -259.91 -138.52
C GLN A 891 43.05 -259.32 -139.42
N PHE A 892 43.00 -259.73 -140.68
CA PHE A 892 41.99 -259.23 -141.61
C PHE A 892 41.03 -260.34 -142.02
N ALA A 893 40.53 -261.09 -141.05
CA ALA A 893 39.59 -262.19 -141.31
C ALA A 893 38.60 -262.26 -140.15
N ASP A 894 37.86 -263.35 -140.09
CA ASP A 894 36.86 -263.57 -139.05
C ASP A 894 37.11 -264.95 -138.42
N GLN A 895 37.59 -264.96 -137.18
CA GLN A 895 37.89 -266.18 -136.43
C GLN A 895 38.89 -267.05 -137.20
N ASN A 896 40.04 -266.46 -137.50
CA ASN A 896 41.09 -267.17 -138.23
C ASN A 896 42.09 -267.84 -137.31
N PHE A 897 42.30 -267.31 -136.11
CA PHE A 897 43.25 -267.92 -135.19
C PHE A 897 42.75 -269.26 -134.68
N SER A 898 41.44 -269.40 -134.45
CA SER A 898 40.90 -270.67 -134.00
C SER A 898 41.04 -271.74 -135.07
N ASP A 899 40.92 -271.37 -136.34
CA ASP A 899 41.12 -272.34 -137.41
C ASP A 899 42.60 -272.65 -137.61
N PHE A 900 43.47 -271.64 -137.48
CA PHE A 900 44.90 -271.88 -137.63
C PHE A 900 45.43 -272.80 -136.54
N LEU A 901 44.98 -272.61 -135.30
CA LEU A 901 45.42 -273.48 -134.21
C LEU A 901 44.94 -274.90 -134.43
N PHE A 902 43.70 -275.07 -134.90
CA PHE A 902 43.18 -276.41 -135.15
C PHE A 902 43.92 -277.09 -136.30
N ARG A 903 44.30 -276.32 -137.31
CA ARG A 903 45.05 -276.90 -138.43
C ARG A 903 46.47 -277.23 -138.02
N TRP A 904 47.07 -276.45 -137.11
CA TRP A 904 48.43 -276.73 -136.65
C TRP A 904 48.47 -277.91 -135.68
N TYR A 905 47.46 -278.06 -134.82
CA TYR A 905 47.44 -279.16 -133.87
C TYR A 905 47.13 -280.49 -134.53
N LEU A 906 46.47 -280.47 -135.69
CA LEU A 906 46.12 -281.70 -136.41
C LEU A 906 47.18 -282.14 -137.40
N GLU A 907 48.22 -281.33 -137.62
CA GLU A 907 49.27 -281.68 -138.56
C GLU A 907 50.48 -282.26 -137.84
N GLN A 921 63.70 -270.53 -137.01
CA GLN A 921 62.94 -269.56 -137.77
C GLN A 921 61.58 -270.11 -138.17
N HIS A 922 61.46 -270.55 -139.43
CA HIS A 922 60.19 -271.09 -139.92
C HIS A 922 59.84 -272.39 -139.20
N GLY A 923 60.83 -273.27 -139.02
CA GLY A 923 60.57 -274.51 -138.30
C GLY A 923 60.20 -274.28 -136.86
N GLN A 924 60.88 -273.35 -136.20
CA GLN A 924 60.55 -273.03 -134.81
C GLN A 924 59.16 -272.44 -134.70
N LEU A 925 58.78 -271.56 -135.64
CA LEU A 925 57.44 -270.98 -135.62
C LEU A 925 56.38 -272.05 -135.86
N ALA A 926 56.64 -272.98 -136.78
CA ALA A 926 55.69 -274.06 -137.03
C ALA A 926 55.55 -274.96 -135.82
N ASN A 927 56.67 -275.26 -135.14
CA ASN A 927 56.61 -276.09 -133.94
C ASN A 927 55.84 -275.38 -132.82
N PHE A 928 56.06 -274.08 -132.66
CA PHE A 928 55.34 -273.33 -131.63
C PHE A 928 53.86 -273.23 -131.95
N LEU A 929 53.50 -273.14 -133.24
CA LEU A 929 52.10 -273.08 -133.60
C LEU A 929 51.42 -274.44 -133.42
N GLN A 930 52.14 -275.52 -133.69
CA GLN A 930 51.57 -276.86 -133.54
C GLN A 930 51.52 -277.29 -132.08
N ALA A 931 52.40 -276.76 -131.23
CA ALA A 931 52.43 -277.13 -129.82
C ALA A 931 51.27 -276.48 -129.07
N HIS A 932 50.13 -277.18 -128.99
CA HIS A 932 48.98 -276.65 -128.28
C HIS A 932 48.45 -277.70 -127.29
N GLU A 933 48.55 -278.97 -127.67
CA GLU A 933 48.10 -280.07 -126.82
C GLU A 933 49.29 -280.91 -126.38
N HIS A 934 49.07 -281.68 -125.32
CA HIS A 934 50.10 -282.55 -124.75
C HIS A 934 51.35 -281.77 -124.37
N LEU A 935 52.29 -281.67 -125.32
CA LEU A 935 53.54 -280.95 -125.10
C LEU A 935 53.29 -279.47 -125.35
N SER A 936 52.73 -278.80 -124.33
CA SER A 936 52.42 -277.38 -124.40
C SER A 936 53.09 -276.57 -123.30
N TRP A 937 53.82 -277.21 -122.39
CA TRP A 937 54.47 -276.47 -121.32
C TRP A 937 55.55 -275.53 -121.86
N LEU A 938 56.32 -276.01 -122.84
CA LEU A 938 57.35 -275.15 -123.44
C LEU A 938 56.73 -273.97 -124.15
N HIS A 939 55.62 -274.20 -124.88
CA HIS A 939 54.95 -273.09 -125.56
C HIS A 939 54.38 -272.10 -124.57
N GLU A 940 53.81 -272.58 -123.46
CA GLU A 940 53.26 -271.68 -122.46
C GLU A 940 54.37 -270.89 -121.76
N ILE A 941 55.54 -271.50 -121.58
CA ILE A 941 56.64 -270.79 -120.95
C ILE A 941 57.23 -269.76 -121.91
N ASN A 942 57.23 -270.06 -123.21
CA ASN A 942 57.76 -269.12 -124.19
C ASN A 942 56.80 -267.97 -124.43
N SER A 943 55.49 -268.22 -124.35
CA SER A 943 54.48 -267.19 -124.57
C SER A 943 54.09 -266.47 -123.29
N GLN A 944 54.91 -266.58 -122.24
CA GLN A 944 54.67 -265.92 -120.95
C GLN A 944 53.31 -266.35 -120.37
N GLU A 945 53.31 -267.57 -119.84
CA GLU A 945 52.11 -268.16 -119.23
C GLU A 945 52.58 -269.21 -118.22
N LEU A 946 53.07 -268.73 -117.08
CA LEU A 946 53.57 -269.64 -116.05
C LEU A 946 52.44 -270.47 -115.45
N GLU A 947 51.28 -269.85 -115.21
CA GLU A 947 50.15 -270.60 -114.66
C GLU A 947 49.66 -271.66 -115.65
N LYS A 948 49.59 -271.31 -116.94
CA LYS A 948 49.17 -272.27 -117.94
C LYS A 948 50.18 -273.41 -118.06
N ALA A 949 51.47 -273.10 -117.99
CA ALA A 949 52.49 -274.15 -118.05
C ALA A 949 52.40 -275.07 -116.85
N HIS A 950 52.17 -274.50 -115.66
CA HIS A 950 52.03 -275.33 -114.46
C HIS A 950 50.79 -276.22 -114.55
N ALA A 951 49.68 -275.67 -115.06
CA ALA A 951 48.47 -276.47 -115.21
C ALA A 951 48.68 -277.60 -116.21
N THR A 952 49.36 -277.31 -117.33
CA THR A 952 49.63 -278.35 -118.31
C THR A 952 50.55 -279.43 -117.74
N LEU A 953 51.57 -279.03 -116.97
CA LEU A 953 52.46 -280.01 -116.37
C LEU A 953 51.71 -280.87 -115.34
N LEU A 954 50.82 -280.26 -114.55
CA LEU A 954 50.04 -281.04 -113.60
C LEU A 954 49.11 -282.00 -114.30
N GLY A 955 48.47 -281.56 -115.38
CA GLY A 955 47.62 -282.46 -116.14
C GLY A 955 48.39 -283.62 -116.76
N LEU A 956 49.58 -283.33 -117.29
CA LEU A 956 50.40 -284.40 -117.86
C LEU A 956 50.85 -285.39 -116.79
N ALA A 957 51.22 -284.89 -115.61
CA ALA A 957 51.62 -285.78 -114.52
C ALA A 957 50.46 -286.60 -114.01
N ASN A 958 49.24 -286.05 -114.02
CA ASN A 958 48.08 -286.81 -113.58
C ASN A 958 47.66 -287.84 -114.62
N MET A 959 47.84 -287.53 -115.91
CA MET A 959 47.47 -288.47 -116.96
C MET A 959 48.51 -289.56 -117.14
N GLU A 960 49.78 -289.28 -116.83
CA GLU A 960 50.84 -290.27 -116.99
C GLU A 960 50.79 -291.27 -115.84
N THR A 961 51.00 -292.55 -116.18
CA THR A 961 50.99 -293.60 -115.17
C THR A 961 51.84 -294.80 -115.59
N ARG A 962 52.92 -294.56 -116.33
CA ARG A 962 53.79 -295.65 -116.78
C ARG A 962 55.27 -295.28 -116.71
N TYR A 963 55.64 -294.20 -116.03
CA TYR A 963 57.04 -293.81 -115.92
C TYR A 963 57.19 -292.98 -114.66
N PHE A 964 57.82 -293.56 -113.64
CA PHE A 964 58.00 -292.84 -112.37
C PHE A 964 58.93 -291.64 -112.55
N ALA A 965 59.99 -291.80 -113.34
CA ALA A 965 60.92 -290.68 -113.58
C ALA A 965 60.21 -289.54 -114.30
N LYS A 966 59.41 -289.85 -115.32
CA LYS A 966 58.67 -288.81 -116.03
C LYS A 966 57.63 -288.16 -115.13
N LYS A 967 56.96 -288.94 -114.29
CA LYS A 967 55.97 -288.38 -113.37
C LYS A 967 56.62 -287.46 -112.35
N LYS A 968 57.84 -287.80 -111.90
CA LYS A 968 58.55 -286.94 -110.97
C LYS A 968 59.05 -285.68 -111.65
N THR A 969 59.53 -285.80 -112.90
CA THR A 969 60.00 -284.63 -113.63
C THR A 969 58.87 -283.66 -113.92
N LEU A 970 57.69 -284.18 -114.29
CA LEU A 970 56.55 -283.31 -114.55
C LEU A 970 56.10 -282.61 -113.28
N LEU A 971 56.10 -283.31 -112.15
CA LEU A 971 55.74 -282.68 -110.88
C LEU A 971 56.74 -281.60 -110.50
N GLY A 972 58.03 -281.87 -110.69
CA GLY A 972 59.04 -280.86 -110.40
C GLY A 972 58.90 -279.64 -111.30
N LEU A 973 58.63 -279.84 -112.58
CA LEU A 973 58.42 -278.73 -113.49
C LEU A 973 57.19 -277.92 -113.11
N SER A 974 56.11 -278.60 -112.71
CA SER A 974 54.91 -277.89 -112.28
C SER A 974 55.17 -277.09 -111.01
N LYS A 975 55.93 -277.66 -110.07
CA LYS A 975 56.25 -276.93 -108.84
C LYS A 975 57.12 -275.72 -109.15
N LEU A 976 58.09 -275.87 -110.05
CA LEU A 976 58.94 -274.74 -110.42
C LEU A 976 58.13 -273.65 -111.10
N ALA A 977 57.20 -274.03 -111.98
CA ALA A 977 56.36 -273.04 -112.65
C ALA A 977 55.46 -272.32 -111.65
N ALA A 978 54.90 -273.06 -110.69
CA ALA A 978 54.05 -272.44 -109.68
C ALA A 978 54.85 -271.51 -108.78
N LEU A 979 56.10 -271.86 -108.47
CA LEU A 979 56.94 -270.98 -107.66
C LEU A 979 57.36 -269.74 -108.44
N ALA A 980 57.61 -269.87 -109.74
CA ALA A 980 57.99 -268.72 -110.55
C ALA A 980 56.82 -267.83 -110.92
N SER A 981 55.60 -268.35 -110.90
CA SER A 981 54.42 -267.54 -111.22
C SER A 981 54.16 -266.54 -110.12
N ASP A 982 53.77 -265.32 -110.52
CA ASP A 982 53.47 -264.24 -109.58
C ASP A 982 51.96 -264.14 -109.43
N PHE A 983 51.41 -265.03 -108.62
CA PHE A 983 49.98 -265.08 -108.35
C PHE A 983 49.69 -264.60 -106.93
N SER A 984 48.48 -264.89 -106.45
CA SER A 984 48.09 -264.50 -105.11
C SER A 984 48.73 -265.41 -104.06
N GLU A 985 48.78 -264.91 -102.83
CA GLU A 985 49.38 -265.68 -101.75
C GLU A 985 48.57 -266.94 -101.45
N ASP A 986 47.25 -266.84 -101.45
CA ASP A 986 46.42 -268.02 -101.20
C ASP A 986 46.58 -269.06 -102.31
N MET A 987 46.63 -268.60 -103.56
CA MET A 987 46.83 -269.52 -104.67
C MET A 987 48.21 -270.19 -104.60
N LEU A 988 49.23 -269.42 -104.24
CA LEU A 988 50.57 -269.99 -104.11
C LEU A 988 50.61 -271.02 -102.98
N GLN A 989 49.97 -270.73 -101.86
CA GLN A 989 49.92 -271.69 -100.76
C GLN A 989 49.17 -272.95 -101.15
N GLU A 990 48.06 -272.80 -101.88
CA GLU A 990 47.31 -273.97 -102.33
C GLU A 990 48.12 -274.81 -103.29
N LYS A 991 48.86 -274.16 -104.20
CA LYS A 991 49.71 -274.90 -105.13
C LYS A 991 50.84 -275.62 -104.40
N ILE A 992 51.42 -274.96 -103.40
CA ILE A 992 52.49 -275.60 -102.63
C ILE A 992 51.96 -276.80 -101.86
N GLU A 993 50.76 -276.67 -101.30
CA GLU A 993 50.16 -277.80 -100.58
C GLU A 993 49.84 -278.95 -101.52
N GLU A 994 49.31 -278.64 -102.70
CA GLU A 994 49.00 -279.69 -103.68
C GLU A 994 50.27 -280.38 -104.17
N MET A 995 51.37 -279.63 -104.30
CA MET A 995 52.63 -280.25 -104.71
C MET A 995 53.21 -281.11 -103.58
N ALA A 996 53.11 -280.63 -102.34
CA ALA A 996 53.63 -281.41 -101.22
C ALA A 996 52.82 -282.70 -101.02
N GLU A 997 51.51 -282.64 -101.24
CA GLU A 997 50.70 -283.85 -101.14
C GLU A 997 51.10 -284.89 -102.17
N GLN A 998 51.31 -284.44 -103.42
CA GLN A 998 51.74 -285.36 -104.47
C GLN A 998 53.13 -285.92 -104.18
N GLU A 999 54.03 -285.08 -103.65
CA GLU A 999 55.36 -285.55 -103.31
C GLU A 999 55.31 -286.60 -102.20
N ARG A 1000 54.48 -286.37 -101.18
CA ARG A 1000 54.35 -287.35 -100.10
C ARG A 1000 53.69 -288.62 -100.57
N PHE A 1001 52.77 -288.52 -101.53
CA PHE A 1001 52.13 -289.72 -102.08
C PHE A 1001 53.08 -290.52 -102.96
N LEU A 1002 53.98 -289.83 -103.67
CA LEU A 1002 54.92 -290.51 -104.55
C LEU A 1002 56.15 -291.04 -103.81
N LEU A 1003 56.47 -290.45 -102.65
CA LEU A 1003 57.64 -290.91 -101.90
C LEU A 1003 57.45 -292.32 -101.36
N HIS A 1004 56.21 -292.71 -101.04
CA HIS A 1004 55.95 -294.04 -100.53
C HIS A 1004 56.33 -295.12 -101.55
N GLN A 1005 56.24 -294.81 -102.84
CA GLN A 1005 56.64 -295.72 -103.89
C GLN A 1005 58.07 -295.48 -104.39
N GLU A 1006 58.58 -294.26 -104.25
CA GLU A 1006 59.94 -293.97 -104.70
C GLU A 1006 60.98 -294.42 -103.70
N THR A 1007 60.63 -294.55 -102.42
CA THR A 1007 61.55 -294.97 -101.39
C THR A 1007 61.54 -296.48 -101.20
N LEU A 1008 61.80 -297.21 -102.29
CA LEU A 1008 61.82 -298.66 -102.24
C LEU A 1008 63.19 -299.17 -101.77
N PRO A 1009 63.24 -300.39 -101.26
CA PRO A 1009 64.52 -300.93 -100.80
C PRO A 1009 65.40 -301.37 -101.95
N GLU A 1010 66.72 -301.25 -101.74
CA GLU A 1010 67.68 -301.62 -102.77
C GLU A 1010 67.78 -303.14 -102.94
N GLN A 1011 67.45 -303.91 -101.90
CA GLN A 1011 67.52 -305.36 -102.01
C GLN A 1011 66.32 -305.94 -102.75
N LEU A 1012 65.12 -305.40 -102.49
CA LEU A 1012 63.93 -305.91 -103.15
C LEU A 1012 63.95 -305.59 -104.65
N LEU A 1013 64.41 -304.38 -105.01
CA LEU A 1013 64.48 -304.01 -106.42
C LEU A 1013 65.50 -304.84 -107.17
N ALA A 1014 66.57 -305.27 -106.49
CA ALA A 1014 67.57 -306.12 -107.14
C ALA A 1014 67.15 -307.58 -107.17
N GLU A 1015 66.33 -308.01 -106.21
CA GLU A 1015 65.87 -309.41 -106.19
C GLU A 1015 64.70 -309.63 -107.14
N LYS A 1016 63.86 -308.61 -107.35
CA LYS A 1016 62.72 -308.72 -108.24
C LYS A 1016 63.06 -308.40 -109.69
N GLN A 1017 64.33 -308.09 -109.99
CA GLN A 1017 64.77 -307.78 -111.34
C GLN A 1017 63.98 -306.62 -111.94
N LEU A 1018 63.85 -305.55 -111.16
CA LEU A 1018 63.12 -304.36 -111.57
C LEU A 1018 64.09 -303.26 -111.99
N ASN A 1019 63.61 -302.38 -112.87
CA ASN A 1019 64.43 -301.28 -113.36
C ASN A 1019 64.51 -300.16 -112.31
N LEU A 1020 65.55 -299.34 -112.46
CA LEU A 1020 65.74 -298.23 -111.53
C LEU A 1020 64.80 -297.07 -111.84
N SER A 1021 64.91 -296.51 -113.05
CA SER A 1021 64.07 -295.39 -113.47
C SER A 1021 63.13 -295.74 -114.61
N ALA A 1022 63.25 -296.94 -115.20
CA ALA A 1022 62.40 -297.37 -116.31
C ALA A 1022 61.24 -298.24 -115.83
N MET A 1023 60.65 -297.90 -114.69
CA MET A 1023 59.54 -298.64 -114.12
C MET A 1023 58.24 -297.83 -114.22
N PRO A 1024 57.10 -298.51 -114.14
CA PRO A 1024 55.81 -297.80 -114.22
C PRO A 1024 55.37 -297.29 -112.85
N VAL A 1025 54.33 -296.46 -112.89
CA VAL A 1025 53.77 -295.87 -111.67
C VAL A 1025 52.98 -296.94 -110.95
N LEU A 1026 53.51 -297.43 -109.84
CA LEU A 1026 52.83 -298.45 -109.06
C LEU A 1026 51.74 -297.83 -108.19
N THR A 1027 50.64 -298.57 -108.02
CA THR A 1027 49.52 -298.11 -107.22
C THR A 1027 49.80 -298.33 -105.73
N ALA A 1028 48.88 -297.85 -104.89
CA ALA A 1028 49.00 -298.00 -103.45
C ALA A 1028 48.95 -299.47 -103.06
N PRO A 1029 48.04 -300.24 -103.66
CA PRO A 1029 48.01 -301.68 -103.33
C PRO A 1029 49.26 -302.41 -103.78
N GLN A 1030 49.79 -302.09 -104.96
CA GLN A 1030 51.03 -302.71 -105.42
C GLN A 1030 52.19 -302.34 -104.50
N LEU A 1031 52.25 -301.09 -104.05
CA LEU A 1031 53.30 -300.68 -103.13
C LEU A 1031 53.18 -301.38 -101.79
N ILE A 1032 51.95 -301.54 -101.30
CA ILE A 1032 51.76 -302.24 -100.03
C ILE A 1032 52.12 -303.71 -100.15
N GLY A 1033 51.85 -304.30 -101.32
CA GLY A 1033 52.21 -305.70 -101.52
C GLY A 1033 53.71 -305.90 -101.69
N LEU A 1034 54.38 -304.93 -102.30
CA LEU A 1034 55.82 -305.04 -102.51
C LEU A 1034 56.60 -304.73 -101.23
N TYR A 1035 56.09 -303.83 -100.39
CA TYR A 1035 56.78 -303.49 -99.15
C TYR A 1035 56.64 -304.55 -98.08
N ILE A 1036 55.66 -305.45 -98.20
CA ILE A 1036 55.45 -306.50 -97.22
C ILE A 1036 55.57 -307.86 -97.91
N CYS A 1037 56.44 -307.94 -98.91
CA CYS A 1037 56.66 -309.18 -99.64
C CYS A 1037 57.76 -310.00 -98.97
N GLU A 1038 58.03 -311.19 -99.52
CA GLU A 1038 59.06 -312.07 -98.98
C GLU A 1038 60.45 -311.72 -99.48
N GLU A 1039 60.56 -310.88 -100.52
CA GLU A 1039 61.87 -310.51 -101.04
C GLU A 1039 62.54 -309.44 -100.19
N ASN A 1040 61.76 -308.63 -99.48
CA ASN A 1040 62.31 -307.58 -98.61
C ASN A 1040 62.72 -308.20 -97.29
N ARG A 1041 63.99 -308.61 -97.21
CA ARG A 1041 64.50 -309.22 -95.99
C ARG A 1041 64.79 -308.19 -94.90
N ARG A 1042 65.14 -306.97 -95.29
CA ARG A 1042 65.44 -305.91 -94.33
C ARG A 1042 64.23 -304.98 -94.15
N ALA A 1043 63.12 -305.58 -93.75
CA ALA A 1043 61.87 -304.87 -93.53
C ALA A 1043 61.76 -304.55 -92.04
N ASN A 1044 62.08 -303.31 -91.68
CA ASN A 1044 62.03 -302.90 -90.29
C ASN A 1044 60.70 -302.22 -89.98
N GLU A 1045 60.72 -301.22 -89.09
CA GLU A 1045 59.50 -300.51 -88.74
C GLU A 1045 59.06 -299.52 -89.81
N TYR A 1046 60.01 -298.99 -90.57
CA TYR A 1046 59.66 -298.03 -91.63
C TYR A 1046 58.87 -298.71 -92.74
N ASP A 1047 59.25 -299.93 -93.10
CA ASP A 1047 58.54 -300.65 -94.15
C ASP A 1047 57.12 -301.00 -93.72
N PHE A 1048 56.90 -301.23 -92.42
CA PHE A 1048 55.57 -301.53 -91.93
C PHE A 1048 54.73 -300.26 -91.76
N LYS A 1049 55.36 -299.14 -91.41
CA LYS A 1049 54.62 -297.89 -91.25
C LYS A 1049 54.28 -297.26 -92.60
N LYS A 1050 55.11 -297.47 -93.62
CA LYS A 1050 54.83 -296.90 -94.93
C LYS A 1050 53.73 -297.66 -95.66
N ALA A 1051 53.56 -298.94 -95.37
CA ALA A 1051 52.52 -299.72 -96.04
C ALA A 1051 51.14 -299.44 -95.47
N LEU A 1052 51.05 -299.16 -94.16
CA LEU A 1052 49.76 -298.88 -93.55
C LEU A 1052 49.27 -297.47 -93.83
N ASP A 1053 50.16 -296.54 -94.16
CA ASP A 1053 49.76 -295.17 -94.45
C ASP A 1053 49.27 -294.98 -95.87
N LEU A 1054 49.44 -295.97 -96.74
CA LEU A 1054 48.99 -295.89 -98.12
C LEU A 1054 47.60 -296.45 -98.33
N LEU A 1055 46.85 -296.69 -97.26
CA LEU A 1055 45.50 -297.24 -97.37
C LEU A 1055 44.47 -296.18 -97.74
N GLU A 1056 44.79 -294.90 -97.62
CA GLU A 1056 43.88 -293.82 -97.96
C GLU A 1056 43.89 -293.47 -99.44
N TYR A 1057 44.79 -294.07 -100.23
CA TYR A 1057 44.89 -293.82 -101.66
C TYR A 1057 44.44 -295.01 -102.49
N ILE A 1058 43.57 -295.85 -101.93
CA ILE A 1058 43.10 -297.03 -102.65
C ILE A 1058 41.93 -296.66 -103.56
N ASP A 1059 40.97 -295.90 -103.04
CA ASP A 1059 39.79 -295.47 -103.79
C ASP A 1059 39.03 -296.65 -104.40
N ILE A 1064 39.76 -302.01 -102.84
CA ILE A 1064 38.90 -303.17 -102.72
C ILE A 1064 38.45 -303.35 -101.27
N ASN A 1065 39.20 -304.17 -100.53
CA ASN A 1065 38.93 -304.45 -99.13
C ASN A 1065 40.19 -304.18 -98.32
N ILE A 1066 40.20 -303.08 -97.56
CA ILE A 1066 41.35 -302.75 -96.74
C ILE A 1066 41.40 -303.55 -95.45
N ASN A 1067 40.27 -304.13 -95.03
CA ASN A 1067 40.25 -304.90 -93.79
C ASN A 1067 41.10 -306.16 -93.92
N ASP A 1068 41.11 -306.77 -95.11
CA ASP A 1068 41.94 -307.96 -95.32
C ASP A 1068 43.42 -307.57 -95.40
N LEU A 1069 43.72 -306.44 -96.03
CA LEU A 1069 45.11 -306.00 -96.13
C LEU A 1069 45.68 -305.62 -94.77
N LYS A 1070 44.86 -305.01 -93.92
CA LYS A 1070 45.32 -304.65 -92.58
C LYS A 1070 45.62 -305.89 -91.75
N LEU A 1071 44.87 -306.97 -91.95
CA LEU A 1071 45.16 -308.21 -91.23
C LEU A 1071 46.37 -308.91 -91.81
N GLU A 1072 46.51 -308.88 -93.14
CA GLU A 1072 47.67 -309.52 -93.77
C GLU A 1072 48.97 -308.84 -93.38
N ILE A 1073 48.97 -307.50 -93.33
CA ILE A 1073 50.17 -306.78 -92.93
C ILE A 1073 50.51 -307.06 -91.47
N LEU A 1074 49.49 -307.12 -90.61
CA LEU A 1074 49.73 -307.41 -89.20
C LEU A 1074 50.25 -308.83 -89.00
N CYS A 1075 49.78 -309.78 -89.82
CA CYS A 1075 50.29 -311.14 -89.72
C CYS A 1075 51.72 -311.24 -90.24
N LYS A 1076 52.02 -310.51 -91.32
CA LYS A 1076 53.39 -310.52 -91.86
C LYS A 1076 54.37 -309.88 -90.90
N ALA A 1077 53.97 -308.79 -90.24
CA ALA A 1077 54.85 -308.14 -89.27
C ALA A 1077 55.11 -309.02 -88.06
N LEU A 1078 54.15 -309.87 -87.71
CA LEU A 1078 54.36 -310.79 -86.58
C LEU A 1078 55.15 -312.02 -86.99
N GLN A 1079 54.99 -312.49 -88.22
CA GLN A 1079 55.74 -313.64 -88.69
C GLN A 1079 57.19 -313.30 -89.01
N ARG A 1080 57.46 -312.05 -89.43
CA ARG A 1080 58.82 -311.65 -89.75
C ARG A 1080 59.68 -311.43 -88.51
N ASP A 1081 59.05 -311.25 -87.34
CA ASP A 1081 59.80 -311.03 -86.10
C ASP A 1081 60.34 -312.31 -85.50
N ASN A 1082 59.82 -313.47 -85.90
CA ASN A 1082 60.25 -314.77 -85.39
C ASN A 1082 60.10 -314.84 -83.86
N TRP A 1083 58.86 -314.99 -83.43
CA TRP A 1083 58.54 -315.08 -82.01
C TRP A 1083 58.87 -316.46 -81.46
N VAL A 1095 59.14 -307.35 -81.42
CA VAL A 1095 60.05 -306.22 -81.57
C VAL A 1095 59.53 -305.26 -82.62
N SER A 1096 58.98 -305.82 -83.71
CA SER A 1096 58.45 -304.98 -84.78
C SER A 1096 57.04 -304.51 -84.50
N LYS A 1097 56.21 -305.38 -83.89
CA LYS A 1097 54.83 -304.99 -83.59
C LYS A 1097 54.79 -303.89 -82.54
N ASP A 1098 55.62 -303.99 -81.50
CA ASP A 1098 55.67 -302.95 -80.47
C ASP A 1098 56.16 -301.62 -81.05
N SER A 1099 57.17 -301.68 -81.93
CA SER A 1099 57.66 -300.46 -82.55
C SER A 1099 56.60 -299.83 -83.45
N ILE A 1100 55.86 -300.66 -84.19
CA ILE A 1100 54.81 -300.13 -85.06
C ILE A 1100 53.70 -299.51 -84.22
N PHE A 1101 53.34 -300.14 -83.11
CA PHE A 1101 52.31 -299.59 -82.24
C PHE A 1101 52.76 -298.30 -81.57
N VAL A 1102 54.05 -298.19 -81.25
CA VAL A 1102 54.55 -296.95 -80.64
C VAL A 1102 54.62 -295.84 -81.67
N LYS A 1103 54.95 -296.18 -82.92
CA LYS A 1103 55.02 -295.16 -83.97
C LYS A 1103 53.64 -294.72 -84.45
N ILE A 1104 52.65 -295.61 -84.38
CA ILE A 1104 51.30 -295.25 -84.81
C ILE A 1104 50.61 -294.32 -83.82
N LEU A 1105 51.03 -294.32 -82.56
CA LEU A 1105 50.44 -293.46 -81.55
C LEU A 1105 51.07 -292.07 -81.57
N LEU A 1119 42.89 -296.83 -82.09
CA LEU A 1119 43.59 -298.09 -81.93
C LEU A 1119 42.66 -299.26 -82.21
N PRO A 1120 41.45 -298.97 -82.69
CA PRO A 1120 40.48 -300.04 -82.98
C PRO A 1120 40.52 -300.57 -84.40
N GLU A 1121 41.55 -300.25 -85.18
CA GLU A 1121 41.62 -300.72 -86.55
C GLU A 1121 42.09 -302.18 -86.63
N VAL A 1122 42.87 -302.63 -85.65
CA VAL A 1122 43.36 -304.00 -85.66
C VAL A 1122 42.28 -304.94 -85.11
N LYS A 1123 42.46 -306.22 -85.35
CA LYS A 1123 41.55 -307.26 -84.92
C LYS A 1123 42.26 -308.22 -83.98
N ASP A 1124 41.51 -309.16 -83.43
CA ASP A 1124 42.06 -310.15 -82.51
C ASP A 1124 41.71 -311.57 -82.96
N LEU A 1125 40.42 -311.93 -82.89
CA LEU A 1125 40.01 -313.26 -83.30
C LEU A 1125 40.18 -313.46 -84.81
N LEU A 1126 39.88 -312.43 -85.60
CA LEU A 1126 40.04 -312.53 -87.04
C LEU A 1126 41.51 -312.65 -87.44
N GLN A 1127 42.41 -312.03 -86.67
CA GLN A 1127 43.83 -312.14 -86.96
C GLN A 1127 44.42 -313.43 -86.43
N ALA A 1128 43.84 -314.00 -85.38
CA ALA A 1128 44.34 -315.26 -84.83
C ALA A 1128 43.85 -316.47 -85.61
N ASP A 1129 42.63 -316.41 -86.15
CA ASP A 1129 42.07 -317.51 -86.92
C ASP A 1129 42.66 -317.55 -88.32
N GLU A 1141 50.75 -317.14 -79.90
CA GLU A 1141 49.54 -316.98 -79.12
C GLU A 1141 49.84 -316.45 -77.72
N PHE A 1142 51.00 -316.83 -77.18
CA PHE A 1142 51.39 -316.37 -75.85
C PHE A 1142 51.90 -314.94 -75.87
N VAL A 1143 52.59 -314.55 -76.95
CA VAL A 1143 53.10 -313.18 -77.04
C VAL A 1143 52.01 -312.21 -77.45
N LEU A 1144 51.05 -312.64 -78.28
CA LEU A 1144 49.98 -311.75 -78.70
C LEU A 1144 49.06 -311.40 -77.54
N LYS A 1145 48.76 -312.38 -76.67
CA LYS A 1145 47.91 -312.12 -75.53
C LYS A 1145 48.57 -311.17 -74.54
N ALA A 1146 49.89 -311.21 -74.44
CA ALA A 1146 50.60 -310.30 -73.54
C ALA A 1146 50.81 -308.93 -74.16
N ASN A 1147 50.88 -308.84 -75.49
CA ASN A 1147 51.05 -307.56 -76.16
C ASN A 1147 49.73 -306.81 -76.32
N TYR A 1148 48.61 -307.54 -76.42
CA TYR A 1148 47.32 -306.89 -76.57
C TYR A 1148 46.82 -306.27 -75.26
N GLU A 1149 47.31 -306.76 -74.12
CA GLU A 1149 46.88 -306.20 -72.84
C GLU A 1149 47.52 -304.85 -72.55
N TYR A 1150 48.77 -304.66 -72.97
CA TYR A 1150 49.47 -303.41 -72.73
C TYR A 1150 49.03 -302.29 -73.69
N TYR A 1151 48.49 -302.65 -74.85
CA TYR A 1151 48.05 -301.64 -75.82
C TYR A 1151 46.73 -301.00 -75.43
N VAL A 1152 45.92 -301.67 -74.62
CA VAL A 1152 44.64 -301.10 -74.22
C VAL A 1152 44.82 -300.06 -73.13
N GLN A 1153 45.85 -300.19 -72.30
CA GLN A 1153 46.08 -299.23 -71.23
C GLN A 1153 46.76 -297.96 -71.74
N GLY A 1154 47.63 -298.07 -72.75
CA GLY A 1154 48.30 -296.90 -73.29
C GLY A 1154 47.47 -296.07 -74.22
N GLN A 1155 46.42 -296.64 -74.81
CA GLN A 1155 45.55 -295.91 -75.72
C GLN A 1155 44.32 -295.32 -75.05
N ILE A 1156 44.14 -295.56 -73.75
CA ILE A 1156 42.99 -295.03 -73.03
C ILE A 1156 43.45 -293.99 -72.01
N ALA B 150 127.05 -260.76 -77.10
CA ALA B 150 127.59 -261.56 -76.03
C ALA B 150 126.67 -261.60 -74.81
N SER B 151 125.81 -260.59 -74.63
CA SER B 151 124.89 -260.48 -73.49
C SER B 151 123.51 -261.11 -73.72
N MET B 152 123.18 -261.52 -74.95
CA MET B 152 121.84 -262.03 -75.28
C MET B 152 121.49 -263.35 -74.58
N SER B 153 122.47 -264.19 -74.22
CA SER B 153 122.20 -265.43 -73.47
C SER B 153 121.68 -265.16 -72.05
N MET B 154 122.01 -263.98 -71.48
CA MET B 154 121.63 -263.66 -70.10
C MET B 154 120.11 -263.68 -69.88
N PHE B 155 119.30 -263.36 -70.90
CA PHE B 155 117.84 -263.41 -70.80
C PHE B 155 117.33 -264.83 -70.51
N SER B 156 117.91 -265.84 -71.16
CA SER B 156 117.59 -267.24 -70.86
C SER B 156 118.22 -267.73 -69.56
N ASP B 157 119.45 -267.32 -69.27
CA ASP B 157 120.19 -267.78 -68.10
C ASP B 157 119.49 -267.32 -66.80
N PHE B 158 118.98 -266.09 -66.78
CA PHE B 158 118.20 -265.58 -65.65
C PHE B 158 116.89 -266.33 -65.43
N LEU B 159 116.19 -266.70 -66.51
CA LEU B 159 114.96 -267.50 -66.38
C LEU B 159 115.28 -268.91 -65.85
N GLN B 160 116.31 -269.57 -66.39
CA GLN B 160 116.73 -270.89 -65.93
C GLN B 160 117.13 -270.88 -64.45
N SER B 161 117.87 -269.86 -64.03
CA SER B 161 118.25 -269.66 -62.63
C SER B 161 117.01 -269.44 -61.74
N PHE B 162 116.03 -268.64 -62.19
CA PHE B 162 114.76 -268.45 -61.48
C PHE B 162 114.01 -269.76 -61.29
N LEU B 163 113.82 -270.54 -62.35
CA LEU B 163 113.07 -271.80 -62.32
C LEU B 163 113.75 -272.89 -61.48
N LYS B 164 115.08 -272.83 -61.34
CA LYS B 164 115.87 -273.76 -60.53
C LYS B 164 115.69 -273.53 -59.02
N HIS B 165 115.31 -272.33 -58.60
CA HIS B 165 115.21 -271.95 -57.19
C HIS B 165 113.76 -271.90 -56.72
N SER B 166 113.53 -272.33 -55.47
CA SER B 166 112.22 -272.18 -54.82
C SER B 166 112.18 -270.91 -53.97
N SER B 167 111.01 -270.56 -53.44
CA SER B 167 110.86 -269.41 -52.54
C SER B 167 111.76 -269.49 -51.30
N SER B 168 112.10 -270.70 -50.82
CA SER B 168 113.02 -270.89 -49.68
C SER B 168 114.50 -270.64 -50.00
N THR B 169 114.88 -270.60 -51.28
CA THR B 169 116.26 -270.41 -51.75
C THR B 169 116.43 -269.13 -52.56
N VAL B 170 115.56 -268.14 -52.34
CA VAL B 170 115.52 -266.87 -53.06
C VAL B 170 116.83 -266.07 -52.97
N PHE B 171 117.61 -266.21 -51.89
CA PHE B 171 118.91 -265.55 -51.79
C PHE B 171 120.01 -266.27 -52.55
N ASP B 172 119.92 -267.59 -52.71
CA ASP B 172 120.83 -268.36 -53.56
C ASP B 172 120.59 -267.99 -55.04
N LEU B 173 119.33 -267.71 -55.40
CA LEU B 173 118.95 -267.16 -56.71
C LEU B 173 119.63 -265.82 -56.98
N VAL B 174 119.57 -264.87 -56.04
CA VAL B 174 120.22 -263.56 -56.22
C VAL B 174 121.75 -263.69 -56.32
N GLU B 175 122.35 -264.61 -55.55
CA GLU B 175 123.78 -264.92 -55.68
C GLU B 175 124.09 -265.52 -57.07
N GLU B 176 123.24 -266.37 -57.63
CA GLU B 176 123.40 -266.89 -59.00
C GLU B 176 123.24 -265.78 -60.05
N TYR B 177 122.31 -264.83 -59.87
CA TYR B 177 122.19 -263.64 -60.72
C TYR B 177 123.44 -262.75 -60.68
N GLU B 178 124.01 -262.52 -59.51
CA GLU B 178 125.29 -261.82 -59.37
C GLU B 178 126.39 -262.54 -60.16
N ASN B 179 126.49 -263.86 -60.05
CA ASN B 179 127.49 -264.66 -60.75
C ASN B 179 127.32 -264.65 -62.28
N ILE B 180 126.08 -264.69 -62.78
CA ILE B 180 125.78 -264.57 -64.21
C ILE B 180 126.26 -263.20 -64.72
N CYS B 181 125.91 -262.12 -64.01
CA CYS B 181 126.37 -260.78 -64.36
C CYS B 181 127.90 -260.67 -64.30
N GLY B 182 128.54 -261.19 -63.25
CA GLY B 182 130.00 -261.16 -63.09
C GLY B 182 130.74 -261.92 -64.18
N SER B 183 130.21 -263.08 -64.59
CA SER B 183 130.76 -263.84 -65.72
C SER B 183 130.71 -263.01 -67.01
N GLN B 184 129.59 -262.33 -67.27
CA GLN B 184 129.44 -261.50 -68.45
C GLN B 184 130.30 -260.22 -68.41
N VAL B 185 130.39 -259.56 -67.25
CA VAL B 185 131.26 -258.40 -67.02
C VAL B 185 132.72 -258.75 -67.30
N ASN B 186 133.18 -259.93 -66.87
CA ASN B 186 134.53 -260.41 -67.17
C ASN B 186 134.77 -260.59 -68.67
N ILE B 187 133.79 -261.14 -69.40
CA ILE B 187 133.88 -261.29 -70.87
C ILE B 187 133.93 -259.92 -71.55
N LEU B 188 133.02 -259.01 -71.20
CA LEU B 188 132.95 -257.67 -71.78
C LEU B 188 134.21 -256.83 -71.45
N SER B 189 134.76 -256.95 -70.24
CA SER B 189 136.00 -256.28 -69.84
C SER B 189 137.20 -256.77 -70.67
N LYS B 190 137.29 -258.08 -70.95
CA LYS B 190 138.29 -258.63 -71.88
C LYS B 190 138.12 -258.09 -73.30
N ILE B 191 136.88 -257.92 -73.78
CA ILE B 191 136.59 -257.34 -75.10
C ILE B 191 137.02 -255.87 -75.17
N VAL B 192 136.65 -255.07 -74.16
CA VAL B 192 136.97 -253.65 -74.09
C VAL B 192 138.48 -253.41 -73.94
N SER B 193 139.18 -254.20 -73.13
CA SER B 193 140.64 -254.06 -72.95
C SER B 193 141.47 -254.43 -74.18
N ARG B 194 140.96 -255.32 -75.05
CA ARG B 194 141.58 -255.68 -76.33
C ARG B 194 141.28 -254.69 -77.46
N ALA B 195 140.29 -253.82 -77.28
CA ALA B 195 139.93 -252.82 -78.27
C ALA B 195 140.99 -251.71 -78.37
N THR B 196 141.36 -251.33 -79.59
CA THR B 196 142.28 -250.20 -79.79
C THR B 196 141.62 -248.90 -79.32
N PRO B 197 142.27 -248.09 -78.45
CA PRO B 197 141.70 -246.84 -77.97
C PRO B 197 141.29 -245.91 -79.13
N GLY B 198 140.02 -245.48 -79.16
CA GLY B 198 139.51 -244.51 -80.14
C GLY B 198 138.58 -245.06 -81.23
N LEU B 199 138.35 -246.36 -81.31
CA LEU B 199 137.32 -246.92 -82.20
C LEU B 199 135.93 -246.75 -81.59
N GLN B 200 135.10 -245.90 -82.21
CA GLN B 200 133.70 -245.65 -81.80
C GLN B 200 132.86 -246.94 -81.70
N LYS B 201 133.24 -248.02 -82.40
CA LYS B 201 132.54 -249.32 -82.36
C LYS B 201 132.39 -249.90 -80.95
N PHE B 202 133.29 -249.56 -80.02
CA PHE B 202 133.26 -250.12 -78.66
C PHE B 202 132.56 -249.22 -77.63
N SER B 203 132.00 -248.06 -78.03
CA SER B 203 131.32 -247.19 -77.07
C SER B 203 130.09 -247.86 -76.47
N LYS B 204 129.31 -248.57 -77.30
CA LYS B 204 128.14 -249.33 -76.84
C LYS B 204 128.52 -250.51 -75.95
N THR B 205 129.56 -251.25 -76.34
CA THR B 205 130.11 -252.36 -75.52
C THR B 205 130.60 -251.85 -74.15
N ALA B 206 131.25 -250.68 -74.10
CA ALA B 206 131.66 -250.07 -72.84
C ALA B 206 130.47 -249.60 -72.00
N SER B 207 129.43 -249.02 -72.62
CA SER B 207 128.18 -248.69 -71.93
C SER B 207 127.48 -249.94 -71.38
N MET B 208 127.48 -251.04 -72.13
CA MET B 208 126.93 -252.33 -71.69
C MET B 208 127.73 -252.92 -70.52
N LEU B 209 129.05 -252.86 -70.59
CA LEU B 209 129.93 -253.27 -69.49
C LEU B 209 129.59 -252.52 -68.20
N TRP B 210 129.47 -251.19 -68.29
CA TRP B 210 129.09 -250.38 -67.14
C TRP B 210 127.69 -250.75 -66.62
N LEU B 211 126.71 -250.91 -67.52
CA LEU B 211 125.33 -251.28 -67.16
C LEU B 211 125.29 -252.61 -66.39
N LEU B 212 125.95 -253.65 -66.89
CA LEU B 212 125.98 -254.98 -66.25
C LEU B 212 126.82 -255.00 -64.97
N GLN B 213 127.86 -254.18 -64.89
CA GLN B 213 128.62 -254.01 -63.64
C GLN B 213 127.74 -253.38 -62.55
N GLN B 214 126.94 -252.36 -62.91
CA GLN B 214 125.98 -251.75 -62.00
C GLN B 214 124.87 -252.73 -61.60
N GLU B 215 124.40 -253.57 -62.52
CA GLU B 215 123.44 -254.63 -62.21
C GLU B 215 124.01 -255.63 -61.19
N MET B 216 125.22 -256.13 -61.44
CA MET B 216 125.91 -257.09 -60.56
C MET B 216 125.99 -256.58 -59.12
N VAL B 217 126.49 -255.34 -58.94
CA VAL B 217 126.65 -254.77 -57.61
C VAL B 217 125.30 -254.45 -56.96
N THR B 218 124.26 -254.18 -57.74
CA THR B 218 122.90 -253.97 -57.22
C THR B 218 122.30 -255.26 -56.67
N TRP B 219 122.50 -256.41 -57.35
CA TRP B 219 122.11 -257.72 -56.82
C TRP B 219 122.84 -258.05 -55.50
N ARG B 220 124.14 -257.76 -55.42
CA ARG B 220 124.95 -257.92 -54.19
C ARG B 220 124.40 -257.11 -53.02
N LEU B 221 124.04 -255.84 -53.27
CA LEU B 221 123.41 -254.96 -52.29
C LEU B 221 122.06 -255.52 -51.82
N LEU B 222 121.21 -255.90 -52.77
CA LEU B 222 119.89 -256.45 -52.52
C LEU B 222 119.97 -257.69 -51.62
N ALA B 223 120.85 -258.63 -51.94
CA ALA B 223 121.05 -259.86 -51.17
C ALA B 223 121.47 -259.55 -49.72
N SER B 224 122.36 -258.57 -49.53
CA SER B 224 122.88 -258.20 -48.21
C SER B 224 121.80 -257.55 -47.34
N LEU B 225 121.11 -256.52 -47.86
CA LEU B 225 120.10 -255.78 -47.12
C LEU B 225 118.84 -256.59 -46.84
N TYR B 226 118.29 -257.30 -47.84
CA TYR B 226 117.03 -258.02 -47.63
C TYR B 226 117.21 -259.28 -46.79
N ARG B 227 118.40 -259.91 -46.82
CA ARG B 227 118.72 -261.00 -45.89
C ARG B 227 118.69 -260.50 -44.45
N ASP B 228 119.31 -259.35 -44.19
CA ASP B 228 119.28 -258.72 -42.86
C ASP B 228 117.88 -258.33 -42.42
N ARG B 229 117.10 -257.67 -43.29
CA ARG B 229 115.73 -257.22 -42.98
C ARG B 229 114.81 -258.39 -42.64
N ILE B 230 114.88 -259.47 -43.43
CA ILE B 230 114.07 -260.66 -43.20
C ILE B 230 114.51 -261.38 -41.92
N GLN B 231 115.81 -261.50 -41.67
CA GLN B 231 116.30 -262.11 -40.44
C GLN B 231 115.90 -261.30 -39.20
N SER B 232 116.04 -259.98 -39.26
CA SER B 232 115.68 -259.06 -38.17
C SER B 232 114.20 -259.16 -37.82
N ALA B 233 113.32 -259.19 -38.84
CA ALA B 233 111.88 -259.33 -38.63
C ALA B 233 111.48 -260.65 -37.95
N LEU B 234 112.31 -261.69 -38.05
CA LEU B 234 112.09 -262.99 -37.37
C LEU B 234 112.65 -263.02 -35.93
N GLU B 235 113.62 -262.17 -35.61
CA GLU B 235 114.35 -262.18 -34.33
C GLU B 235 113.79 -261.20 -33.28
N GLU B 236 113.06 -260.16 -33.71
CA GLU B 236 112.43 -259.14 -32.84
C GLU B 236 111.53 -259.74 -31.73
N GLU B 237 111.08 -260.99 -31.87
CA GLU B 237 110.28 -261.68 -30.84
C GLU B 237 111.09 -262.20 -29.62
N SER B 238 112.44 -262.18 -29.62
CA SER B 238 113.19 -263.04 -28.69
C SER B 238 114.26 -262.43 -27.75
N VAL B 239 114.57 -261.13 -27.79
CA VAL B 239 115.79 -260.64 -27.10
C VAL B 239 115.55 -259.56 -26.03
N PHE B 240 115.69 -259.95 -24.76
CA PHE B 240 116.07 -259.07 -23.65
C PHE B 240 117.57 -259.30 -23.35
N ALA B 241 118.43 -258.35 -23.74
CA ALA B 241 119.85 -258.39 -23.40
C ALA B 241 120.14 -257.43 -22.22
N VAL B 242 120.70 -257.97 -21.14
CA VAL B 242 121.17 -257.21 -19.97
C VAL B 242 122.58 -256.72 -20.26
N THR B 243 122.79 -255.40 -20.36
CA THR B 243 124.11 -254.79 -20.47
C THR B 243 124.90 -254.99 -19.18
N ALA B 244 126.07 -255.64 -19.28
CA ALA B 244 126.96 -255.86 -18.14
C ALA B 244 127.60 -254.53 -17.71
N VAL B 245 127.63 -254.27 -16.40
CA VAL B 245 128.10 -253.01 -15.78
C VAL B 245 129.58 -252.68 -16.07
N ASN B 246 130.37 -253.64 -16.54
CA ASN B 246 131.79 -253.49 -16.89
C ASN B 246 132.10 -253.91 -18.34
N ALA B 247 131.17 -253.67 -19.28
CA ALA B 247 131.37 -254.04 -20.68
C ALA B 247 132.52 -253.25 -21.33
N SER B 248 133.39 -253.95 -22.04
CA SER B 248 134.43 -253.33 -22.89
C SER B 248 133.81 -252.59 -24.08
N GLU B 249 134.55 -251.67 -24.72
CA GLU B 249 134.07 -250.99 -25.94
C GLU B 249 133.62 -251.99 -27.00
N LYS B 250 134.41 -253.05 -27.24
CA LYS B 250 134.08 -254.10 -28.20
C LYS B 250 132.73 -254.75 -27.90
N THR B 251 132.48 -255.13 -26.64
CA THR B 251 131.22 -255.76 -26.21
C THR B 251 130.01 -254.83 -26.36
N VAL B 252 130.19 -253.53 -26.05
CA VAL B 252 129.14 -252.51 -26.22
C VAL B 252 128.78 -252.39 -27.70
N VAL B 253 129.78 -252.31 -28.57
CA VAL B 253 129.57 -252.19 -30.01
C VAL B 253 128.94 -253.46 -30.60
N GLU B 254 129.39 -254.64 -30.20
CA GLU B 254 128.76 -255.91 -30.60
C GLU B 254 127.27 -255.96 -30.22
N ALA B 255 126.92 -255.51 -29.01
CA ALA B 255 125.54 -255.41 -28.58
C ALA B 255 124.73 -254.37 -29.39
N LEU B 256 125.34 -253.24 -29.75
CA LEU B 256 124.73 -252.25 -30.64
C LEU B 256 124.37 -252.85 -31.99
N PHE B 257 125.32 -253.54 -32.64
CA PHE B 257 125.09 -254.16 -33.95
C PHE B 257 124.04 -255.27 -33.93
N GLN B 258 123.84 -255.94 -32.81
CA GLN B 258 122.75 -256.91 -32.64
C GLN B 258 121.40 -256.21 -32.48
N ARG B 259 121.34 -255.16 -31.65
CA ARG B 259 120.10 -254.46 -31.29
C ARG B 259 119.60 -253.49 -32.35
N ASP B 260 120.50 -252.77 -33.00
CA ASP B 260 120.17 -251.62 -33.86
C ASP B 260 120.28 -251.98 -35.35
N SER B 261 119.13 -252.06 -36.01
CA SER B 261 119.04 -252.38 -37.44
C SER B 261 119.58 -251.26 -38.34
N LEU B 262 119.49 -249.99 -37.93
CA LEU B 262 120.01 -248.86 -38.69
C LEU B 262 121.53 -248.93 -38.78
N VAL B 263 122.20 -249.13 -37.65
CA VAL B 263 123.67 -249.24 -37.60
C VAL B 263 124.14 -250.45 -38.41
N ARG B 264 123.49 -251.60 -38.24
CA ARG B 264 123.82 -252.83 -38.95
C ARG B 264 123.62 -252.70 -40.47
N GLN B 265 122.47 -252.20 -40.92
CA GLN B 265 122.22 -252.00 -42.36
C GLN B 265 123.13 -250.94 -42.96
N SER B 266 123.45 -249.87 -42.22
CA SER B 266 124.41 -248.85 -42.67
C SER B 266 125.80 -249.44 -42.88
N GLN B 267 126.24 -250.34 -41.99
CA GLN B 267 127.51 -251.06 -42.17
C GLN B 267 127.47 -251.99 -43.37
N LEU B 268 126.35 -252.68 -43.64
CA LEU B 268 126.21 -253.50 -44.86
C LEU B 268 126.36 -252.65 -46.14
N VAL B 269 125.87 -251.40 -46.14
CA VAL B 269 126.09 -250.46 -47.25
C VAL B 269 127.56 -250.09 -47.39
N VAL B 270 128.27 -249.85 -46.27
CA VAL B 270 129.72 -249.61 -46.28
C VAL B 270 130.47 -250.82 -46.86
N ASP B 271 130.19 -252.02 -46.36
CA ASP B 271 130.84 -253.26 -46.81
C ASP B 271 130.60 -253.50 -48.30
N TRP B 272 129.38 -253.23 -48.77
CA TRP B 272 129.03 -253.29 -50.18
C TRP B 272 129.88 -252.32 -51.01
N LEU B 273 129.95 -251.05 -50.63
CA LEU B 273 130.74 -250.04 -51.34
C LEU B 273 132.25 -250.31 -51.29
N GLU B 274 132.74 -250.88 -50.19
CA GLU B 274 134.14 -251.33 -50.06
C GLU B 274 134.41 -252.53 -50.98
N SER B 275 133.44 -253.44 -51.15
CA SER B 275 133.55 -254.56 -52.09
C SER B 275 133.66 -254.10 -53.55
N ILE B 276 132.91 -253.06 -53.95
CA ILE B 276 133.00 -252.49 -55.30
C ILE B 276 134.40 -251.92 -55.53
N ALA B 277 134.89 -251.09 -54.61
CA ALA B 277 136.23 -250.52 -54.71
C ALA B 277 137.33 -251.61 -54.73
N LYS B 278 137.12 -252.72 -54.00
CA LYS B 278 138.02 -253.87 -54.04
C LYS B 278 138.04 -254.55 -55.40
N ASP B 279 136.87 -254.75 -56.02
CA ASP B 279 136.75 -255.34 -57.35
C ASP B 279 137.48 -254.48 -58.40
N GLU B 280 137.43 -253.15 -58.28
CA GLU B 280 138.11 -252.21 -59.17
C GLU B 280 139.65 -252.20 -59.03
N ILE B 281 140.18 -252.43 -57.82
CA ILE B 281 141.63 -252.51 -57.58
C ILE B 281 142.24 -253.73 -58.30
N GLY B 282 141.51 -254.86 -58.32
CA GLY B 282 141.98 -256.12 -58.89
C GLY B 282 143.27 -256.65 -58.24
N GLU B 283 144.07 -257.41 -59.01
CA GLU B 283 145.34 -258.00 -58.54
C GLU B 283 146.53 -257.03 -58.57
N PHE B 284 146.32 -255.74 -58.89
CA PHE B 284 147.41 -254.83 -59.26
C PHE B 284 148.25 -254.28 -58.09
N SER B 285 147.97 -254.70 -56.84
CA SER B 285 148.64 -254.20 -55.62
C SER B 285 150.16 -254.40 -55.59
N ASP B 286 150.69 -255.38 -56.35
CA ASP B 286 152.12 -255.75 -56.30
C ASP B 286 153.00 -255.08 -57.36
N ASN B 287 152.43 -254.36 -58.33
CA ASN B 287 153.19 -253.75 -59.44
C ASN B 287 153.57 -252.28 -59.21
N ILE B 288 153.46 -251.76 -57.98
CA ILE B 288 153.74 -250.35 -57.71
C ILE B 288 155.26 -250.13 -57.66
N GLU B 289 155.82 -249.58 -58.74
CA GLU B 289 157.22 -249.17 -58.81
C GLU B 289 157.42 -247.84 -58.07
N PHE B 290 158.23 -247.87 -57.01
CA PHE B 290 158.73 -246.68 -56.31
C PHE B 290 160.16 -246.37 -56.74
N TYR B 291 160.59 -245.11 -56.65
CA TYR B 291 161.98 -244.73 -56.90
C TYR B 291 162.90 -245.20 -55.77
N ALA B 292 162.41 -245.16 -54.52
CA ALA B 292 163.10 -245.72 -53.37
C ALA B 292 162.98 -247.26 -53.34
N LYS B 293 164.11 -247.96 -53.20
CA LYS B 293 164.15 -249.44 -53.18
C LYS B 293 164.46 -250.03 -51.82
N SER B 294 165.02 -249.24 -50.90
CA SER B 294 165.64 -249.79 -49.69
C SER B 294 165.25 -249.10 -48.39
N VAL B 295 165.10 -247.76 -48.39
CA VAL B 295 164.89 -246.97 -47.17
C VAL B 295 163.90 -245.84 -47.42
N TYR B 296 163.13 -245.49 -46.39
CA TYR B 296 162.25 -244.32 -46.40
C TYR B 296 163.03 -243.03 -46.69
N TRP B 297 162.51 -242.20 -47.60
CA TRP B 297 163.13 -240.96 -48.09
C TRP B 297 164.61 -241.11 -48.49
N GLU B 298 164.89 -242.14 -49.29
CA GLU B 298 166.25 -242.51 -49.72
C GLU B 298 166.98 -241.34 -50.38
N ASN B 299 166.29 -240.54 -51.20
CA ASN B 299 166.89 -239.43 -51.95
C ASN B 299 167.20 -238.23 -51.04
N THR B 300 166.30 -237.90 -50.11
CA THR B 300 166.47 -236.84 -49.11
C THR B 300 167.61 -237.21 -48.16
N LEU B 301 167.66 -238.46 -47.70
CA LEU B 301 168.77 -238.98 -46.90
C LEU B 301 170.10 -238.88 -47.66
N HIS B 302 170.13 -239.25 -48.94
CA HIS B 302 171.31 -239.15 -49.77
C HIS B 302 171.78 -237.69 -49.90
N THR B 303 170.88 -236.77 -50.21
CA THR B 303 171.18 -235.34 -50.33
C THR B 303 171.68 -234.75 -49.00
N PRO B 318 173.19 -234.89 -45.35
CA PRO B 318 172.40 -234.99 -44.12
C PRO B 318 171.79 -233.66 -43.70
N LEU B 319 170.47 -233.61 -43.59
CA LEU B 319 169.78 -232.38 -43.20
C LEU B 319 168.66 -232.58 -42.20
N VAL B 320 168.12 -233.79 -42.04
CA VAL B 320 167.04 -234.04 -41.09
C VAL B 320 167.65 -234.30 -39.72
N THR B 321 167.28 -233.48 -38.74
CA THR B 321 167.81 -233.65 -37.39
C THR B 321 167.12 -234.81 -36.67
N GLU B 322 165.79 -234.84 -36.69
CA GLU B 322 165.01 -235.89 -36.06
C GLU B 322 164.70 -236.97 -37.08
N LEU B 323 165.08 -238.21 -36.78
CA LEU B 323 164.83 -239.33 -37.68
C LEU B 323 163.41 -239.86 -37.59
N ASP B 324 162.64 -239.44 -36.59
CA ASP B 324 161.26 -239.91 -36.44
C ASP B 324 160.33 -239.07 -37.29
N PRO B 325 159.30 -238.45 -36.70
CA PRO B 325 158.39 -237.63 -37.49
C PRO B 325 157.89 -236.41 -36.73
N ASP B 326 158.79 -235.46 -36.48
CA ASP B 326 158.44 -234.25 -35.74
C ASP B 326 159.34 -233.09 -36.13
N ALA B 327 160.20 -233.30 -37.12
CA ALA B 327 161.12 -232.25 -37.52
C ALA B 327 160.41 -231.05 -38.14
N PRO B 328 159.33 -231.21 -38.92
CA PRO B 328 158.66 -230.03 -39.47
C PRO B 328 158.06 -229.13 -38.40
N ILE B 329 157.57 -229.72 -37.30
CA ILE B 329 157.07 -228.92 -36.19
C ILE B 329 158.19 -228.42 -35.30
N ARG B 330 159.33 -229.12 -35.27
CA ARG B 330 160.46 -228.69 -34.46
C ARG B 330 161.20 -227.53 -35.12
N GLN B 331 161.95 -227.82 -36.19
CA GLN B 331 162.75 -226.79 -36.85
C GLN B 331 163.16 -227.27 -38.23
N LYS B 332 163.46 -226.32 -39.11
CA LYS B 332 163.92 -226.56 -40.47
C LYS B 332 162.86 -227.24 -41.32
N MET B 333 163.09 -227.29 -42.63
CA MET B 333 162.14 -227.89 -43.56
C MET B 333 162.85 -228.30 -44.84
N PRO B 334 163.83 -229.19 -44.77
CA PRO B 334 164.54 -229.62 -45.98
C PRO B 334 165.10 -231.02 -45.86
N LEU B 335 164.82 -231.89 -46.84
CA LEU B 335 165.32 -233.25 -46.80
C LEU B 335 165.53 -233.79 -48.20
N ASP B 336 164.49 -234.36 -48.82
CA ASP B 336 164.61 -234.95 -50.15
C ASP B 336 163.25 -234.91 -50.84
N ASP B 337 163.23 -234.30 -52.03
CA ASP B 337 161.99 -234.28 -52.81
C ASP B 337 161.58 -235.68 -53.24
N LEU B 338 162.55 -236.55 -53.53
CA LEU B 338 162.22 -237.93 -53.87
C LEU B 338 161.59 -238.64 -52.68
N ASP B 339 162.12 -238.41 -51.47
CA ASP B 339 161.52 -239.00 -50.28
C ASP B 339 160.13 -238.44 -50.03
N ARG B 340 159.92 -237.14 -50.29
CA ARG B 340 158.60 -236.57 -50.14
C ARG B 340 157.60 -237.20 -51.12
N GLU B 341 158.03 -237.39 -52.38
CA GLU B 341 157.16 -238.02 -53.37
C GLU B 341 156.86 -239.46 -53.00
N ASP B 342 157.85 -240.19 -52.48
CA ASP B 342 157.63 -241.57 -52.05
C ASP B 342 156.64 -241.62 -50.89
N GLU B 343 156.77 -240.70 -49.93
CA GLU B 343 155.84 -240.66 -48.81
C GLU B 343 154.43 -240.31 -49.27
N VAL B 344 154.31 -239.39 -50.23
CA VAL B 344 153.00 -239.03 -50.76
C VAL B 344 152.37 -240.21 -51.49
N ARG B 345 153.18 -240.95 -52.25
CA ARG B 345 152.65 -242.12 -52.94
C ARG B 345 152.23 -243.20 -51.96
N LEU B 346 153.00 -243.40 -50.88
CA LEU B 346 152.63 -244.38 -49.87
C LEU B 346 151.34 -243.97 -49.18
N LEU B 347 151.18 -242.68 -48.87
CA LEU B 347 149.95 -242.21 -48.24
C LEU B 347 148.75 -242.39 -49.17
N LYS B 348 148.94 -242.11 -50.47
CA LYS B 348 147.85 -242.30 -51.43
C LYS B 348 147.48 -243.78 -51.54
N TYR B 349 148.48 -244.66 -51.55
CA TYR B 349 148.19 -246.09 -51.61
C TYR B 349 147.47 -246.56 -50.36
N LEU B 350 147.87 -246.06 -49.19
CA LEU B 350 147.19 -246.42 -47.96
C LEU B 350 145.76 -245.93 -47.95
N PHE B 351 145.53 -244.70 -48.43
CA PHE B 351 144.16 -244.18 -48.51
C PHE B 351 143.31 -245.01 -49.48
N THR B 352 143.88 -245.40 -50.62
CA THR B 352 143.15 -246.22 -51.57
C THR B 352 142.82 -247.58 -50.97
N LEU B 353 143.76 -248.18 -50.23
CA LEU B 353 143.49 -249.46 -49.60
C LEU B 353 142.42 -249.34 -48.52
N ILE B 354 142.45 -248.25 -47.75
CA ILE B 354 141.44 -248.04 -46.72
C ILE B 354 140.06 -247.83 -47.34
N ARG B 355 140.01 -247.14 -48.48
CA ARG B 355 138.74 -246.93 -49.16
C ARG B 355 138.23 -248.23 -49.78
N ALA B 356 139.13 -249.09 -50.26
CA ALA B 356 138.70 -250.36 -50.84
C ALA B 356 138.24 -251.34 -49.76
N GLY B 357 138.90 -251.34 -48.60
CA GLY B 357 138.51 -252.22 -47.52
C GLY B 357 139.51 -253.31 -47.25
N MET B 358 140.78 -252.92 -47.02
CA MET B 358 141.87 -253.86 -46.75
C MET B 358 142.78 -253.22 -45.69
N THR B 359 142.27 -253.13 -44.47
CA THR B 359 143.04 -252.52 -43.38
C THR B 359 144.26 -253.36 -43.04
N GLU B 360 144.11 -254.68 -42.99
CA GLU B 360 145.24 -255.55 -42.70
C GLU B 360 146.30 -255.46 -43.80
N GLU B 361 145.86 -255.42 -45.06
CA GLU B 361 146.80 -255.29 -46.17
C GLU B 361 147.53 -253.95 -46.13
N ALA B 362 146.81 -252.88 -45.79
CA ALA B 362 147.45 -251.57 -45.68
C ALA B 362 148.46 -251.55 -44.53
N GLN B 363 148.12 -252.16 -43.40
CA GLN B 363 149.05 -252.22 -42.28
C GLN B 363 150.28 -253.03 -42.63
N ARG B 364 150.10 -254.15 -43.34
CA ARG B 364 151.24 -254.96 -43.75
C ARG B 364 152.13 -254.19 -44.73
N LEU B 365 151.52 -253.47 -45.67
CA LEU B 365 152.31 -252.67 -46.61
C LEU B 365 153.08 -251.57 -45.90
N CYS B 366 152.45 -250.91 -44.92
CA CYS B 366 153.13 -249.87 -44.16
C CYS B 366 154.28 -250.45 -43.34
N LYS B 367 154.08 -251.63 -42.74
CA LYS B 367 155.15 -252.25 -41.97
C LYS B 367 156.30 -252.69 -42.87
N ARG B 368 155.99 -253.14 -44.08
CA ARG B 368 157.05 -253.52 -45.02
C ARG B 368 157.79 -252.31 -45.55
N CYS B 369 157.09 -251.18 -45.72
CA CYS B 369 157.75 -249.97 -46.19
C CYS B 369 158.61 -249.34 -45.11
N GLY B 370 158.16 -249.38 -43.86
CA GLY B 370 158.92 -248.81 -42.77
C GLY B 370 158.14 -247.77 -41.99
N GLN B 371 156.83 -247.73 -42.17
CA GLN B 371 155.97 -246.78 -41.49
C GLN B 371 155.33 -247.44 -40.27
N ALA B 372 156.18 -247.77 -39.30
CA ALA B 372 155.71 -248.43 -38.08
C ALA B 372 154.79 -247.51 -37.28
N TRP B 373 155.16 -246.23 -37.17
CA TRP B 373 154.30 -245.29 -36.44
C TRP B 373 152.96 -245.10 -37.14
N ARG B 374 152.98 -245.01 -38.48
CA ARG B 374 151.73 -244.88 -39.22
C ARG B 374 150.85 -246.11 -39.06
N ALA B 375 151.46 -247.29 -39.08
CA ALA B 375 150.68 -248.52 -38.89
C ALA B 375 150.11 -248.59 -37.48
N ALA B 376 150.88 -248.19 -36.48
CA ALA B 376 150.38 -248.20 -35.11
C ALA B 376 149.26 -247.18 -34.92
N THR B 377 149.34 -246.03 -35.60
CA THR B 377 148.27 -245.05 -35.51
C THR B 377 147.03 -245.50 -36.25
N LEU B 378 147.19 -246.23 -37.36
CA LEU B 378 146.04 -246.72 -38.11
C LEU B 378 145.36 -247.89 -37.40
N GLU B 379 146.12 -248.73 -36.71
CA GLU B 379 145.56 -249.86 -36.00
C GLU B 379 144.79 -249.46 -34.75
N GLY B 380 144.94 -248.23 -34.28
CA GLY B 380 144.27 -247.74 -33.10
C GLY B 380 142.83 -247.32 -33.31
N TRP B 381 142.18 -247.77 -34.38
CA TRP B 381 140.78 -247.40 -34.60
C TRP B 381 139.83 -248.27 -33.79
N LYS B 382 140.25 -249.47 -33.43
CA LYS B 382 139.41 -250.36 -32.63
C LYS B 382 139.43 -249.95 -31.17
N LEU B 383 138.27 -250.09 -30.52
CA LEU B 383 138.15 -249.73 -29.12
C LEU B 383 138.74 -250.81 -28.22
N TYR B 384 138.80 -250.52 -26.93
CA TYR B 384 139.35 -251.46 -25.96
C TYR B 384 138.34 -252.58 -25.69
N HIS B 385 138.83 -253.82 -25.71
CA HIS B 385 138.00 -254.99 -25.48
C HIS B 385 138.79 -255.98 -24.62
N ASP B 386 138.45 -256.06 -23.34
CA ASP B 386 139.16 -256.98 -22.46
C ASP B 386 138.48 -258.34 -22.43
N PRO B 387 139.25 -259.43 -22.48
CA PRO B 387 138.62 -260.76 -22.45
C PRO B 387 138.19 -261.21 -21.06
N ASN B 388 138.77 -260.65 -20.00
CA ASN B 388 138.39 -261.04 -18.65
C ASN B 388 137.19 -260.25 -18.13
N VAL B 389 137.04 -259.00 -18.56
CA VAL B 389 135.92 -258.19 -18.12
C VAL B 389 134.68 -258.47 -18.96
N ASN B 390 134.80 -258.35 -20.28
CA ASN B 390 133.68 -258.61 -21.18
C ASN B 390 133.54 -260.12 -21.38
N GLY B 391 132.49 -260.70 -20.82
CA GLY B 391 132.26 -262.13 -20.94
C GLY B 391 131.61 -262.57 -22.22
N GLY B 392 131.10 -261.64 -23.02
CA GLY B 392 130.46 -261.97 -24.28
C GLY B 392 131.44 -262.34 -25.37
N THR B 393 132.36 -261.44 -25.67
CA THR B 393 133.38 -261.65 -26.69
C THR B 393 134.72 -261.94 -26.03
N GLU B 394 134.79 -263.10 -25.37
CA GLU B 394 136.00 -263.52 -24.68
C GLU B 394 136.99 -264.07 -25.71
N LEU B 395 138.13 -263.40 -25.85
CA LEU B 395 139.15 -263.84 -26.80
C LEU B 395 140.41 -264.28 -26.08
N GLU B 396 141.58 -263.98 -26.67
CA GLU B 396 142.85 -264.36 -26.08
C GLU B 396 143.43 -263.20 -25.28
N PRO B 397 143.94 -262.16 -25.94
CA PRO B 397 144.51 -261.03 -25.20
C PRO B 397 143.69 -259.77 -25.34
N VAL B 398 143.99 -258.75 -24.54
CA VAL B 398 143.25 -257.49 -24.58
C VAL B 398 143.79 -256.63 -25.71
N GLU B 399 142.90 -256.17 -26.58
CA GLU B 399 143.27 -255.33 -27.70
C GLU B 399 142.45 -254.04 -27.66
N GLY B 400 143.07 -252.97 -28.13
CA GLY B 400 142.45 -251.66 -28.16
C GLY B 400 143.30 -250.62 -27.45
N ASN B 401 142.72 -249.44 -27.26
CA ASN B 401 143.38 -248.32 -26.60
C ASN B 401 142.34 -247.44 -25.95
N PRO B 402 142.66 -246.83 -24.80
CA PRO B 402 141.71 -245.94 -24.13
C PRO B 402 141.73 -244.51 -24.61
N TYR B 403 142.74 -244.11 -25.39
CA TYR B 403 142.83 -242.74 -25.92
C TYR B 403 142.19 -242.60 -27.29
N ARG B 404 141.01 -243.21 -27.48
CA ARG B 404 140.34 -243.13 -28.78
C ARG B 404 139.91 -241.69 -29.07
N ARG B 405 139.35 -241.01 -28.06
CA ARG B 405 138.94 -239.62 -28.25
C ARG B 405 140.15 -238.72 -28.50
N ILE B 406 141.27 -238.97 -27.82
CA ILE B 406 142.47 -238.18 -28.04
C ILE B 406 143.00 -238.40 -29.45
N TRP B 407 142.98 -239.65 -29.93
CA TRP B 407 143.43 -239.92 -31.29
C TRP B 407 142.51 -239.28 -32.31
N LYS B 408 141.20 -239.29 -32.06
CA LYS B 408 140.26 -238.64 -32.97
C LYS B 408 140.48 -237.14 -33.00
N ILE B 409 140.73 -236.53 -31.85
CA ILE B 409 140.99 -235.09 -31.81
C ILE B 409 142.29 -234.76 -32.53
N SER B 410 143.31 -235.60 -32.38
CA SER B 410 144.57 -235.37 -33.08
C SER B 410 144.38 -235.49 -34.58
N CYS B 411 143.61 -236.49 -35.03
CA CYS B 411 143.34 -236.63 -36.45
C CYS B 411 142.53 -235.46 -36.99
N TRP B 412 141.58 -234.96 -36.20
CA TRP B 412 140.81 -233.80 -36.63
C TRP B 412 141.69 -232.56 -36.75
N ARG B 413 142.61 -232.38 -35.80
CA ARG B 413 143.54 -231.25 -35.87
C ARG B 413 144.46 -231.37 -37.08
N MET B 414 144.94 -232.59 -37.37
CA MET B 414 145.79 -232.80 -38.53
C MET B 414 145.04 -232.53 -39.82
N ALA B 415 143.76 -232.93 -39.88
CA ALA B 415 142.95 -232.66 -41.07
C ALA B 415 142.65 -231.17 -41.20
N GLU B 416 142.54 -230.46 -40.07
CA GLU B 416 142.30 -229.02 -40.13
C GLU B 416 143.54 -228.27 -40.59
N ASP B 417 144.71 -228.72 -40.16
CA ASP B 417 145.96 -228.10 -40.62
C ASP B 417 146.15 -228.32 -42.11
N GLU B 418 146.76 -227.34 -42.77
CA GLU B 418 146.89 -227.34 -44.22
C GLU B 418 148.31 -226.99 -44.64
N LEU B 419 148.54 -227.02 -45.95
CA LEU B 419 149.81 -226.67 -46.58
C LEU B 419 150.94 -227.63 -46.20
N PHE B 420 150.80 -228.90 -46.58
CA PHE B 420 151.86 -229.88 -46.38
C PHE B 420 151.60 -231.14 -47.19
N ASN B 421 150.96 -232.14 -46.56
CA ASN B 421 150.71 -233.45 -47.18
C ASN B 421 149.20 -233.66 -47.32
N ARG B 422 148.67 -233.32 -48.49
CA ARG B 422 147.23 -233.46 -48.72
C ARG B 422 146.82 -234.93 -48.73
N TYR B 423 147.65 -235.81 -49.28
CA TYR B 423 147.32 -237.23 -49.28
C TYR B 423 147.34 -237.82 -47.88
N GLU B 424 148.35 -237.46 -47.08
CA GLU B 424 148.42 -237.96 -45.71
C GLU B 424 147.28 -237.44 -44.86
N ARG B 425 146.93 -236.16 -45.02
CA ARG B 425 145.80 -235.61 -44.28
C ARG B 425 144.50 -236.28 -44.67
N ALA B 426 144.30 -236.54 -45.97
CA ALA B 426 143.11 -237.22 -46.42
C ALA B 426 143.03 -238.65 -45.89
N ILE B 427 144.17 -239.35 -45.87
CA ILE B 427 144.19 -240.71 -45.34
C ILE B 427 143.88 -240.70 -43.84
N TYR B 428 144.42 -239.72 -43.10
CA TYR B 428 144.14 -239.63 -41.68
C TYR B 428 142.67 -239.33 -41.43
N ALA B 429 142.09 -238.43 -42.22
CA ALA B 429 140.67 -238.12 -42.06
C ALA B 429 139.79 -239.32 -42.39
N ALA B 430 140.16 -240.08 -43.42
CA ALA B 430 139.39 -241.28 -43.76
C ALA B 430 139.52 -242.36 -42.70
N LEU B 431 140.69 -242.48 -42.09
CA LEU B 431 140.86 -243.46 -41.01
C LEU B 431 140.13 -243.03 -39.75
N SER B 432 140.05 -241.73 -39.48
CA SER B 432 139.33 -241.24 -38.31
C SER B 432 137.82 -241.34 -38.48
N GLY B 433 137.27 -240.66 -39.48
CA GLY B 433 135.85 -240.69 -39.72
C GLY B 433 135.27 -239.33 -40.07
N ASN B 434 136.07 -238.49 -40.74
CA ASN B 434 135.68 -237.17 -41.15
C ASN B 434 135.45 -237.16 -42.67
N LEU B 435 135.64 -236.02 -43.31
CA LEU B 435 135.45 -235.87 -44.75
C LEU B 435 136.70 -235.23 -45.35
N LYS B 436 136.60 -234.88 -46.64
CA LYS B 436 137.71 -234.26 -47.36
C LYS B 436 137.15 -233.06 -48.13
N GLN B 437 137.90 -232.61 -49.13
CA GLN B 437 137.48 -231.47 -49.95
C GLN B 437 137.87 -231.69 -51.41
N LEU B 438 139.18 -231.61 -51.71
CA LEU B 438 139.63 -231.80 -53.07
C LEU B 438 139.59 -233.28 -53.48
N LEU B 439 139.64 -234.18 -52.50
CA LEU B 439 139.61 -235.62 -52.78
C LEU B 439 138.19 -236.04 -53.13
N PRO B 440 137.17 -235.29 -52.68
CA PRO B 440 135.79 -235.67 -53.01
C PRO B 440 135.34 -235.22 -54.39
N VAL B 441 136.08 -234.33 -55.04
CA VAL B 441 135.69 -233.87 -56.38
C VAL B 441 135.96 -234.95 -57.42
N CYS B 442 137.03 -235.72 -57.25
CA CYS B 442 137.37 -236.80 -58.18
C CYS B 442 136.90 -238.16 -57.71
N ASP B 443 136.15 -238.23 -56.62
CA ASP B 443 135.65 -239.49 -56.10
C ASP B 443 134.39 -239.91 -56.85
N THR B 444 133.79 -241.00 -56.41
CA THR B 444 132.58 -241.54 -57.02
C THR B 444 131.39 -241.37 -56.08
N TRP B 445 130.19 -241.50 -56.65
CA TRP B 445 128.97 -241.36 -55.86
C TRP B 445 128.85 -242.46 -54.83
N GLU B 446 129.20 -243.70 -55.21
CA GLU B 446 129.14 -244.81 -54.26
C GLU B 446 130.14 -244.61 -53.13
N ASP B 447 131.35 -244.15 -53.46
CA ASP B 447 132.36 -243.89 -52.43
C ASP B 447 131.91 -242.77 -51.50
N THR B 448 131.30 -241.72 -52.05
CA THR B 448 130.81 -240.63 -51.21
C THR B 448 129.69 -241.11 -50.30
N VAL B 449 128.79 -241.94 -50.81
CA VAL B 449 127.70 -242.47 -50.00
C VAL B 449 128.25 -243.36 -48.89
N TRP B 450 129.25 -244.18 -49.21
CA TRP B 450 129.86 -245.03 -48.19
C TRP B 450 130.56 -244.21 -47.12
N ALA B 451 131.25 -243.14 -47.53
CA ALA B 451 131.91 -242.28 -46.55
C ALA B 451 130.89 -241.57 -45.66
N TYR B 452 129.78 -241.12 -46.25
CA TYR B 452 128.73 -240.48 -45.46
C TYR B 452 128.10 -241.46 -44.47
N PHE B 453 127.87 -242.70 -44.92
CA PHE B 453 127.31 -243.70 -44.02
C PHE B 453 128.27 -244.03 -42.89
N ARG B 454 129.57 -244.12 -43.20
CA ARG B 454 130.55 -244.38 -42.15
C ARG B 454 130.63 -243.24 -41.16
N VAL B 455 130.55 -241.99 -41.65
CA VAL B 455 130.58 -240.84 -40.75
C VAL B 455 129.34 -240.83 -39.87
N MET B 456 128.18 -241.16 -40.44
CA MET B 456 126.95 -241.20 -39.65
C MET B 456 127.01 -242.30 -38.59
N VAL B 457 127.56 -243.46 -38.96
CA VAL B 457 127.69 -244.56 -37.99
C VAL B 457 128.65 -244.17 -36.87
N ASP B 458 129.75 -243.50 -37.21
CA ASP B 458 130.69 -243.06 -36.19
C ASP B 458 130.06 -242.02 -35.26
N SER B 459 129.29 -241.09 -35.83
CA SER B 459 128.61 -240.10 -35.00
C SER B 459 127.58 -240.75 -34.08
N LEU B 460 126.84 -241.73 -34.59
CA LEU B 460 125.87 -242.44 -33.76
C LEU B 460 126.56 -243.21 -32.64
N VAL B 461 127.70 -243.85 -32.94
CA VAL B 461 128.43 -244.59 -31.92
C VAL B 461 128.97 -243.63 -30.86
N GLU B 462 129.46 -242.46 -31.28
CA GLU B 462 129.94 -241.49 -30.32
C GLU B 462 128.82 -240.96 -29.44
N GLN B 463 127.65 -240.71 -30.03
CA GLN B 463 126.51 -240.24 -29.25
C GLN B 463 126.06 -241.30 -28.26
N GLU B 464 126.06 -242.57 -28.68
CA GLU B 464 125.66 -243.66 -27.77
C GLU B 464 126.67 -243.80 -26.64
N ILE B 465 127.97 -243.68 -26.94
CA ILE B 465 128.99 -243.77 -25.89
C ILE B 465 128.89 -242.60 -24.93
N GLN B 466 128.53 -241.41 -25.43
CA GLN B 466 128.39 -240.26 -24.55
C GLN B 466 127.13 -240.36 -23.69
N THR B 467 126.06 -240.95 -24.23
CA THR B 467 124.83 -241.09 -23.46
C THR B 467 124.91 -242.24 -22.46
N SER B 468 125.70 -243.27 -22.75
CA SER B 468 125.86 -244.40 -21.85
C SER B 468 126.94 -244.18 -20.80
N VAL B 469 127.48 -242.97 -20.69
CA VAL B 469 128.50 -242.62 -19.72
C VAL B 469 129.71 -243.54 -19.90
N ALA B 470 130.18 -243.69 -21.14
CA ALA B 470 131.32 -244.54 -21.46
C ALA B 470 132.61 -243.75 -21.60
N THR B 471 132.54 -242.51 -22.07
CA THR B 471 133.71 -241.67 -22.25
C THR B 471 133.83 -240.68 -21.10
N LEU B 472 135.07 -240.35 -20.75
CA LEU B 472 135.34 -239.42 -19.66
C LEU B 472 135.12 -237.98 -20.13
N ASP B 473 135.06 -237.07 -19.15
CA ASP B 473 134.85 -235.66 -19.45
C ASP B 473 136.11 -235.01 -20.03
N GLU B 474 137.29 -235.45 -19.59
CA GLU B 474 138.54 -234.90 -20.10
C GLU B 474 138.92 -235.43 -21.47
N THR B 475 138.26 -236.48 -21.95
CA THR B 475 138.58 -237.03 -23.26
C THR B 475 138.09 -236.14 -24.40
N GLU B 476 137.06 -235.32 -24.16
CA GLU B 476 136.53 -234.42 -25.19
C GLU B 476 137.38 -233.15 -25.21
N GLU B 477 138.50 -233.23 -25.93
CA GLU B 477 139.40 -232.09 -26.03
C GLU B 477 138.93 -231.09 -27.09
N LEU B 478 138.65 -231.59 -28.29
CA LEU B 478 138.20 -230.75 -29.39
C LEU B 478 136.71 -230.90 -29.61
N PRO B 479 136.06 -229.91 -30.22
CA PRO B 479 134.61 -230.01 -30.47
C PRO B 479 134.34 -230.83 -31.72
N ARG B 480 133.44 -231.81 -31.58
CA ARG B 480 133.06 -232.70 -32.67
C ARG B 480 131.61 -232.43 -33.08
N LEU B 483 131.30 -232.82 -34.30
CA LEU B 483 129.96 -232.65 -34.86
C LEU B 483 129.05 -233.73 -34.27
N GLY B 484 128.23 -233.35 -33.29
CA GLY B 484 127.32 -234.30 -32.67
C GLY B 484 126.09 -234.63 -33.48
N ALA B 485 125.72 -233.77 -34.43
CA ALA B 485 124.56 -234.00 -35.26
C ALA B 485 124.87 -235.02 -36.35
N ASN B 486 124.08 -236.08 -36.41
CA ASN B 486 124.26 -237.15 -37.39
C ASN B 486 123.20 -237.02 -38.48
N TRP B 487 123.57 -237.36 -39.70
CA TRP B 487 122.66 -237.28 -40.83
C TRP B 487 121.73 -238.49 -40.84
N THR B 488 120.65 -238.37 -41.61
CA THR B 488 119.66 -239.42 -41.75
C THR B 488 119.62 -239.90 -43.20
N LEU B 489 118.63 -240.75 -43.52
CA LEU B 489 118.51 -241.28 -44.87
C LEU B 489 118.17 -240.16 -45.86
N GLU B 490 117.23 -239.29 -45.51
CA GLU B 490 116.88 -238.19 -46.41
C GLU B 490 118.05 -237.23 -46.58
N LYS B 491 118.79 -236.96 -45.51
CA LYS B 491 119.95 -236.09 -45.61
C LYS B 491 121.03 -236.70 -46.50
N VAL B 492 121.27 -238.01 -46.36
CA VAL B 492 122.26 -238.66 -47.21
C VAL B 492 121.80 -238.66 -48.67
N PHE B 493 120.50 -238.84 -48.90
CA PHE B 493 119.99 -238.80 -50.27
C PHE B 493 120.15 -237.42 -50.87
N GLU B 494 119.84 -236.37 -50.11
CA GLU B 494 120.01 -235.01 -50.60
C GLU B 494 121.47 -234.70 -50.87
N GLU B 495 122.37 -235.18 -50.01
CA GLU B 495 123.79 -234.96 -50.23
C GLU B 495 124.27 -235.67 -51.49
N LEU B 496 123.85 -236.92 -51.70
CA LEU B 496 124.21 -237.64 -52.91
C LEU B 496 123.65 -236.97 -54.14
N GLN B 497 122.44 -236.41 -54.04
CA GLN B 497 121.86 -235.67 -55.17
C GLN B 497 122.69 -234.44 -55.50
N ALA B 498 122.96 -233.60 -54.50
CA ALA B 498 123.76 -232.40 -54.73
C ALA B 498 125.16 -232.74 -55.19
N THR B 499 125.65 -233.94 -54.88
CA THR B 499 126.99 -234.35 -55.33
C THR B 499 126.97 -234.79 -56.78
N ASP B 500 126.07 -235.73 -57.14
CA ASP B 500 126.01 -236.27 -58.50
C ASP B 500 124.54 -236.56 -58.85
N LEU B 505 123.81 -235.50 -59.17
CA LEU B 505 122.48 -235.66 -59.75
C LEU B 505 122.48 -236.60 -60.95
N GLU B 506 123.58 -236.66 -61.71
CA GLU B 506 123.67 -237.58 -62.83
C GLU B 506 123.56 -239.03 -62.35
N GLU B 507 124.39 -239.41 -61.38
CA GLU B 507 124.31 -240.76 -60.83
C GLU B 507 122.98 -241.00 -60.13
N ASN B 508 122.41 -239.95 -59.53
CA ASN B 508 121.11 -240.10 -58.86
C ASN B 508 120.01 -240.42 -59.87
N GLN B 509 120.03 -239.76 -61.03
CA GLN B 509 119.06 -240.03 -62.07
C GLN B 509 119.37 -241.32 -62.84
N GLU B 510 120.60 -241.80 -62.76
CA GLU B 510 120.94 -243.10 -63.35
C GLU B 510 120.03 -244.19 -62.80
N HIS B 511 119.52 -245.03 -63.70
CA HIS B 511 118.48 -245.97 -63.33
C HIS B 511 118.98 -247.03 -62.34
N TYR B 512 120.15 -247.60 -62.62
CA TYR B 512 120.68 -248.64 -61.72
C TYR B 512 120.99 -248.07 -60.34
N HIS B 513 121.60 -246.89 -60.29
CA HIS B 513 121.92 -246.29 -59.00
C HIS B 513 120.66 -245.88 -58.24
N ILE B 514 119.62 -245.45 -58.95
CA ILE B 514 118.37 -245.11 -58.28
C ILE B 514 117.73 -246.34 -57.68
N VAL B 515 117.75 -247.47 -58.41
CA VAL B 515 117.19 -248.71 -57.89
C VAL B 515 118.01 -249.19 -56.70
N GLN B 516 119.33 -249.04 -56.76
CA GLN B 516 120.18 -249.43 -55.63
C GLN B 516 119.88 -248.59 -54.40
N LYS B 517 119.73 -247.27 -54.58
CA LYS B 517 119.41 -246.40 -53.46
C LYS B 517 118.04 -246.71 -52.88
N PHE B 518 117.06 -247.01 -53.74
CA PHE B 518 115.73 -247.37 -53.26
C PHE B 518 115.76 -248.68 -52.47
N LEU B 519 116.52 -249.66 -52.96
CA LEU B 519 116.62 -250.93 -52.23
C LEU B 519 117.37 -250.77 -50.92
N ILE B 520 118.35 -249.87 -50.87
CA ILE B 520 119.07 -249.64 -49.62
C ILE B 520 118.21 -248.88 -48.62
N LEU B 521 117.35 -247.98 -49.10
CA LEU B 521 116.49 -247.23 -48.20
C LEU B 521 115.33 -248.06 -47.69
N GLY B 522 114.71 -248.86 -48.56
CA GLY B 522 113.59 -249.71 -48.19
C GLY B 522 112.29 -249.39 -48.90
N ASP B 523 112.26 -248.39 -49.78
CA ASP B 523 111.04 -248.03 -50.50
C ASP B 523 111.10 -248.59 -51.92
N ILE B 524 111.11 -249.91 -51.99
CA ILE B 524 111.18 -250.61 -53.28
C ILE B 524 109.80 -250.74 -53.90
N ASP B 525 108.77 -250.92 -53.08
CA ASP B 525 107.41 -251.05 -53.61
C ASP B 525 106.94 -249.77 -54.30
N GLY B 526 107.20 -248.62 -53.67
CA GLY B 526 106.82 -247.36 -54.28
C GLY B 526 107.58 -247.09 -55.57
N LEU B 527 108.87 -247.41 -55.59
CA LEU B 527 109.65 -247.24 -56.81
C LEU B 527 109.15 -248.15 -57.92
N MET B 528 108.81 -249.40 -57.59
CA MET B 528 108.28 -250.31 -58.60
C MET B 528 106.93 -249.83 -59.12
N ASP B 529 106.08 -249.32 -58.23
CA ASP B 529 104.79 -248.79 -58.66
C ASP B 529 104.96 -247.58 -59.57
N GLU B 530 105.90 -246.69 -59.23
CA GLU B 530 106.16 -245.53 -60.07
C GLU B 530 106.70 -245.94 -61.43
N PHE B 531 107.61 -246.92 -61.46
CA PHE B 531 108.14 -247.39 -62.73
C PHE B 531 107.09 -248.07 -63.58
N SER B 532 106.15 -248.78 -62.95
CA SER B 532 105.07 -249.41 -63.71
C SER B 532 104.07 -248.39 -64.20
N LYS B 533 103.83 -247.32 -63.44
CA LYS B 533 102.90 -246.28 -63.87
C LYS B 533 103.49 -245.38 -64.95
N TRP B 534 104.81 -245.17 -64.93
CA TRP B 534 105.44 -244.32 -65.94
C TRP B 534 105.48 -245.00 -67.31
N LEU B 535 105.38 -246.33 -67.36
CA LEU B 535 105.41 -247.06 -68.62
C LEU B 535 104.05 -247.11 -69.31
N SER B 536 103.02 -246.53 -68.71
CA SER B 536 101.68 -246.52 -69.31
C SER B 536 101.20 -245.10 -69.57
N ARG B 539 110.72 -241.81 -69.50
CA ARG B 539 111.16 -242.54 -70.68
C ARG B 539 111.76 -243.89 -70.28
N ASN B 540 110.88 -244.82 -69.89
CA ASN B 540 111.32 -246.15 -69.49
C ASN B 540 111.48 -247.11 -70.66
N ASN B 541 111.06 -246.71 -71.86
CA ASN B 541 111.17 -247.57 -73.03
C ASN B 541 112.53 -247.48 -73.71
N LEU B 542 113.40 -246.57 -73.28
CA LEU B 542 114.71 -246.41 -73.88
C LEU B 542 115.65 -247.50 -73.37
N PRO B 543 115.72 -247.71 -72.06
CA PRO B 543 116.62 -248.74 -71.51
C PRO B 543 115.97 -250.12 -71.60
N GLY B 544 116.57 -250.99 -72.41
CA GLY B 544 116.04 -252.33 -72.59
C GLY B 544 116.30 -253.27 -71.42
N HIS B 545 117.33 -252.99 -70.62
CA HIS B 545 117.66 -253.83 -69.48
C HIS B 545 116.96 -253.40 -68.20
N LEU B 546 116.55 -252.14 -68.09
CA LEU B 546 115.88 -251.67 -66.88
C LEU B 546 114.51 -252.32 -66.72
N LEU B 547 113.79 -252.52 -67.82
CA LEU B 547 112.48 -253.16 -67.75
C LEU B 547 112.60 -254.61 -67.28
N ARG B 548 113.68 -255.28 -67.67
CA ARG B 548 113.90 -256.65 -67.20
C ARG B 548 114.38 -256.68 -65.76
N PHE B 549 115.22 -255.72 -65.36
CA PHE B 549 115.71 -255.68 -63.99
C PHE B 549 114.58 -255.39 -63.02
N MET B 550 113.67 -254.47 -63.38
CA MET B 550 112.54 -254.17 -62.51
C MET B 550 111.62 -255.39 -62.36
N THR B 551 111.38 -256.11 -63.46
CA THR B 551 110.55 -257.31 -63.38
C THR B 551 111.22 -258.39 -62.53
N HIS B 552 112.54 -258.55 -62.67
CA HIS B 552 113.24 -259.53 -61.85
C HIS B 552 113.19 -259.16 -60.38
N LEU B 553 113.35 -257.88 -60.07
CA LEU B 553 113.27 -257.44 -58.68
C LEU B 553 111.88 -257.65 -58.11
N ILE B 554 110.84 -257.36 -58.92
CA ILE B 554 109.47 -257.57 -58.45
C ILE B 554 109.20 -259.05 -58.23
N LEU B 555 109.70 -259.91 -59.11
CA LEU B 555 109.52 -261.35 -58.93
C LEU B 555 110.24 -261.85 -57.68
N PHE B 556 111.46 -261.33 -57.44
CA PHE B 556 112.20 -261.73 -56.24
C PHE B 556 111.47 -261.27 -54.98
N PHE B 557 110.93 -260.06 -54.99
CA PHE B 557 110.19 -259.56 -53.83
C PHE B 557 108.93 -260.37 -53.59
N ARG B 558 108.23 -260.75 -54.67
CA ARG B 558 107.02 -261.56 -54.52
C ARG B 558 107.35 -262.97 -54.04
N THR B 559 108.50 -263.51 -54.44
CA THR B 559 108.88 -264.83 -53.96
C THR B 559 109.35 -264.78 -52.52
N LEU B 560 109.95 -263.67 -52.10
CA LEU B 560 110.40 -263.53 -50.71
C LEU B 560 109.24 -263.29 -49.77
N GLY B 561 108.48 -262.22 -50.00
CA GLY B 561 107.35 -261.90 -49.15
C GLY B 561 106.13 -261.58 -49.99
N LEU B 562 105.03 -261.28 -49.29
CA LEU B 562 103.76 -260.95 -49.94
C LEU B 562 103.50 -259.46 -49.76
N GLN B 563 104.27 -258.65 -50.49
CA GLN B 563 104.13 -257.21 -50.41
C GLN B 563 104.05 -256.52 -51.77
N THR B 564 104.25 -257.23 -52.87
CA THR B 564 104.18 -256.62 -54.19
C THR B 564 102.73 -256.45 -54.63
N LYS B 565 102.50 -255.47 -55.50
CA LYS B 565 101.16 -255.20 -56.00
C LYS B 565 100.79 -256.18 -57.10
N GLU B 566 99.55 -256.67 -57.06
CA GLU B 566 99.09 -257.61 -58.07
C GLU B 566 99.03 -256.97 -59.45
N GLU B 567 98.55 -255.72 -59.52
CA GLU B 567 98.51 -255.03 -60.81
C GLU B 567 99.90 -254.77 -61.36
N VAL B 568 100.84 -254.39 -60.48
CA VAL B 568 102.21 -254.16 -60.93
C VAL B 568 102.84 -255.46 -61.41
N SER B 569 102.58 -256.56 -60.71
CA SER B 569 103.12 -257.85 -61.15
C SER B 569 102.52 -258.27 -62.49
N ILE B 570 101.23 -258.05 -62.68
CA ILE B 570 100.59 -258.39 -63.95
C ILE B 570 101.16 -257.54 -65.08
N GLU B 571 101.39 -256.24 -64.81
CA GLU B 571 101.97 -255.37 -65.83
C GLU B 571 103.39 -255.80 -66.17
N VAL B 572 104.18 -256.18 -65.16
CA VAL B 572 105.54 -256.64 -65.42
C VAL B 572 105.53 -257.93 -66.22
N LEU B 573 104.62 -258.85 -65.91
CA LEU B 573 104.52 -260.08 -66.66
C LEU B 573 104.10 -259.82 -68.11
N LYS B 574 103.17 -258.90 -68.32
CA LYS B 574 102.75 -258.55 -69.67
C LYS B 574 103.90 -257.92 -70.45
N THR B 575 104.67 -257.04 -69.80
CA THR B 575 105.81 -256.43 -70.47
C THR B 575 106.87 -257.46 -70.82
N TYR B 576 107.12 -258.42 -69.92
CA TYR B 576 108.08 -259.48 -70.20
C TYR B 576 107.61 -260.36 -71.36
N ILE B 577 106.31 -260.67 -71.39
CA ILE B 577 105.77 -261.48 -72.48
C ILE B 577 105.88 -260.74 -73.81
N GLN B 578 105.61 -259.44 -73.80
CA GLN B 578 105.74 -258.64 -75.02
C GLN B 578 107.18 -258.58 -75.49
N LEU B 579 108.12 -258.40 -74.56
CA LEU B 579 109.54 -258.38 -74.92
C LEU B 579 109.98 -259.72 -75.49
N LEU B 580 109.50 -260.82 -74.90
CA LEU B 580 109.85 -262.15 -75.41
C LEU B 580 109.27 -262.37 -76.80
N ILE B 581 108.02 -261.93 -77.03
CA ILE B 581 107.41 -262.08 -78.34
C ILE B 581 108.12 -261.22 -79.38
N ARG B 582 108.63 -260.06 -78.96
CA ARG B 582 109.35 -259.21 -79.90
C ARG B 582 110.74 -259.77 -80.21
N GLU B 583 111.40 -260.36 -79.23
CA GLU B 583 112.72 -260.93 -79.42
C GLU B 583 112.68 -262.37 -79.96
N LYS B 584 111.49 -262.94 -80.13
CA LYS B 584 111.32 -264.30 -80.65
C LYS B 584 112.03 -265.32 -79.77
N HIS B 585 111.62 -265.37 -78.51
CA HIS B 585 112.19 -266.30 -77.54
C HIS B 585 111.16 -266.65 -76.47
N THR B 586 109.95 -267.03 -76.90
CA THR B 586 108.88 -267.39 -75.98
C THR B 586 108.85 -268.89 -75.66
N ASN B 587 110.00 -269.56 -75.75
CA ASN B 587 110.08 -270.98 -75.45
C ASN B 587 110.18 -271.28 -73.96
N LEU B 588 110.32 -270.24 -73.12
CA LEU B 588 110.41 -270.44 -71.68
C LEU B 588 109.60 -269.40 -70.92
N ILE B 589 108.50 -268.92 -71.52
CA ILE B 589 107.65 -267.92 -70.88
C ILE B 589 106.61 -268.54 -69.96
N ALA B 590 106.59 -269.87 -69.83
CA ALA B 590 105.61 -270.51 -68.96
C ALA B 590 105.89 -270.19 -67.49
N PHE B 591 107.16 -270.09 -67.11
CA PHE B 591 107.50 -269.77 -65.73
C PHE B 591 107.03 -268.37 -65.35
N TYR B 592 107.03 -267.44 -66.31
CA TYR B 592 106.55 -266.09 -66.04
C TYR B 592 105.03 -266.00 -66.16
N THR B 593 104.42 -266.84 -67.00
CA THR B 593 102.96 -266.82 -67.14
C THR B 593 102.27 -267.49 -65.95
N CYS B 594 102.92 -268.48 -65.33
CA CYS B 594 102.35 -269.16 -64.18
C CYS B 594 102.45 -268.37 -62.88
N HIS B 595 103.08 -267.19 -62.92
CA HIS B 595 103.19 -266.38 -61.71
C HIS B 595 101.87 -265.73 -61.32
N LEU B 596 100.95 -265.59 -62.28
CA LEU B 596 99.65 -264.98 -62.01
C LEU B 596 98.54 -265.89 -62.52
N PRO B 597 97.30 -265.43 -62.51
CA PRO B 597 96.19 -266.28 -63.01
C PRO B 597 95.74 -265.89 -64.40
N GLN B 598 96.57 -265.15 -65.12
CA GLN B 598 96.26 -264.69 -66.47
C GLN B 598 96.99 -265.51 -67.54
N ASP B 599 97.28 -266.77 -67.25
CA ASP B 599 97.98 -267.64 -68.20
C ASP B 599 97.04 -268.35 -69.16
N LEU B 600 95.72 -268.29 -68.93
CA LEU B 600 94.77 -268.95 -69.80
C LEU B 600 94.55 -268.21 -71.11
N ALA B 601 94.80 -266.90 -71.14
CA ALA B 601 94.61 -266.10 -72.34
C ALA B 601 95.86 -266.05 -73.21
N VAL B 602 97.00 -266.53 -72.73
CA VAL B 602 98.23 -266.51 -73.50
C VAL B 602 98.50 -267.88 -74.11
N GLU B 667 93.07 -254.41 -99.58
CA GLU B 667 92.81 -254.76 -98.19
C GLU B 667 92.89 -256.27 -97.97
N ASP B 668 93.01 -257.01 -99.07
CA ASP B 668 93.09 -258.46 -98.98
C ASP B 668 94.47 -258.94 -98.53
N ARG B 669 95.51 -258.13 -98.73
CA ARG B 669 96.85 -258.53 -98.32
C ARG B 669 96.94 -258.66 -96.79
N LEU B 670 96.37 -257.69 -96.07
CA LEU B 670 96.39 -257.76 -94.61
C LEU B 670 95.59 -258.95 -94.10
N LYS B 671 94.43 -259.22 -94.72
CA LYS B 671 93.62 -260.36 -94.30
C LYS B 671 94.31 -261.68 -94.61
N ILE B 672 95.09 -261.74 -95.68
CA ILE B 672 95.82 -262.97 -95.99
C ILE B 672 97.04 -263.13 -95.08
N ASP B 673 97.67 -262.03 -94.67
CA ASP B 673 98.82 -262.11 -93.79
C ASP B 673 98.41 -262.40 -92.35
N VAL B 674 97.22 -261.97 -91.93
CA VAL B 674 96.77 -262.22 -90.57
C VAL B 674 96.45 -263.69 -90.34
N ILE B 675 96.14 -264.44 -91.41
CA ILE B 675 95.83 -265.85 -91.25
C ILE B 675 97.09 -266.67 -90.99
N ASP B 676 98.25 -266.19 -91.45
CA ASP B 676 99.49 -266.93 -91.24
C ASP B 676 99.88 -266.94 -89.76
N TRP B 677 99.66 -265.82 -89.06
CA TRP B 677 99.98 -265.77 -87.64
C TRP B 677 99.11 -266.71 -86.83
N LEU B 678 97.87 -266.93 -87.26
CA LEU B 678 96.98 -267.87 -86.57
C LEU B 678 97.26 -269.31 -86.96
N VAL B 679 97.71 -269.54 -88.20
CA VAL B 679 98.02 -270.90 -88.63
C VAL B 679 99.35 -271.38 -88.04
N PHE B 680 100.28 -270.46 -87.78
CA PHE B 680 101.57 -270.85 -87.21
C PHE B 680 101.46 -271.27 -85.75
N ASP B 681 100.42 -270.80 -85.05
CA ASP B 681 100.25 -271.15 -83.65
C ASP B 681 99.36 -272.39 -83.54
N PRO B 682 99.84 -273.48 -82.93
CA PRO B 682 98.99 -274.68 -82.82
C PRO B 682 98.00 -274.63 -81.67
N ALA B 683 98.05 -273.61 -80.82
CA ALA B 683 97.11 -273.53 -79.70
C ALA B 683 95.77 -272.94 -80.13
N GLN B 684 95.79 -272.01 -81.08
CA GLN B 684 94.56 -271.37 -81.58
C GLN B 684 94.10 -272.00 -82.88
N ARG B 685 93.94 -273.33 -82.88
CA ARG B 685 93.49 -274.03 -84.08
C ARG B 685 92.08 -273.65 -84.45
N ALA B 686 91.18 -273.54 -83.45
CA ALA B 686 89.81 -273.14 -83.73
C ALA B 686 89.74 -271.71 -84.25
N GLU B 687 90.55 -270.82 -83.69
CA GLU B 687 90.59 -269.44 -84.16
C GLU B 687 91.12 -269.36 -85.58
N ALA B 688 92.15 -270.14 -85.89
CA ALA B 688 92.69 -270.16 -87.25
C ALA B 688 91.67 -270.71 -88.24
N LEU B 689 90.94 -271.75 -87.85
CA LEU B 689 89.91 -272.31 -88.73
C LEU B 689 88.79 -271.30 -88.96
N LYS B 690 88.38 -270.59 -87.90
CA LYS B 690 87.34 -269.58 -88.04
C LYS B 690 87.80 -268.44 -88.94
N GLN B 691 89.06 -268.01 -88.80
CA GLN B 691 89.58 -266.96 -89.66
C GLN B 691 89.64 -267.41 -91.11
N GLY B 692 90.06 -268.65 -91.34
CA GLY B 692 90.09 -269.17 -92.70
C GLY B 692 88.70 -269.27 -93.31
N ASN B 693 87.73 -269.72 -92.53
CA ASN B 693 86.35 -269.79 -93.02
C ASN B 693 85.81 -268.41 -93.33
N ALA B 694 86.10 -267.42 -92.48
CA ALA B 694 85.65 -266.06 -92.75
C ALA B 694 86.31 -265.50 -94.01
N ILE B 695 87.60 -265.77 -94.20
CA ILE B 695 88.29 -265.30 -95.40
C ILE B 695 87.71 -265.96 -96.65
N MET B 696 87.41 -267.26 -96.56
CA MET B 696 86.82 -267.95 -97.70
C MET B 696 85.43 -267.39 -98.02
N ARG B 697 84.63 -267.10 -96.98
CA ARG B 697 83.31 -266.53 -97.20
C ARG B 697 83.40 -265.14 -97.81
N LYS B 698 84.35 -264.33 -97.34
CA LYS B 698 84.52 -263.00 -97.91
C LYS B 698 85.01 -263.05 -99.36
N PHE B 699 85.84 -264.05 -99.69
CA PHE B 699 86.31 -264.19 -101.06
C PHE B 699 85.20 -264.70 -101.98
N LEU B 700 84.33 -265.58 -101.46
CA LEU B 700 83.25 -266.10 -102.27
C LEU B 700 82.13 -265.07 -102.44
N ALA B 701 81.97 -264.16 -101.47
CA ALA B 701 80.93 -263.15 -101.58
C ALA B 701 81.26 -262.09 -102.63
N SER B 702 82.53 -261.94 -102.99
CA SER B 702 82.95 -260.97 -104.00
C SER B 702 83.60 -261.64 -105.20
N LYS B 703 83.39 -262.94 -105.37
CA LYS B 703 83.96 -263.71 -106.48
C LYS B 703 85.47 -263.57 -106.54
N LYS B 704 86.18 -264.24 -105.63
CA LYS B 704 87.64 -264.20 -105.55
C LYS B 704 88.13 -265.65 -105.49
N HIS B 705 88.13 -266.33 -106.64
CA HIS B 705 88.57 -267.72 -106.68
C HIS B 705 90.06 -267.83 -106.36
N GLU B 706 90.87 -266.89 -106.87
CA GLU B 706 92.30 -266.93 -106.57
C GLU B 706 92.56 -266.71 -105.09
N ALA B 707 91.85 -265.76 -104.47
CA ALA B 707 92.02 -265.53 -103.04
C ALA B 707 91.55 -266.73 -102.23
N ALA B 708 90.46 -267.36 -102.64
CA ALA B 708 89.98 -268.56 -101.93
C ALA B 708 91.00 -269.69 -102.03
N LYS B 709 91.59 -269.88 -103.22
CA LYS B 709 92.59 -270.93 -103.39
C LYS B 709 93.84 -270.62 -102.57
N GLU B 710 94.26 -269.36 -102.53
CA GLU B 710 95.42 -268.98 -101.74
C GLU B 710 95.16 -269.16 -100.24
N VAL B 711 93.93 -268.92 -99.79
CA VAL B 711 93.60 -269.12 -98.39
C VAL B 711 93.54 -270.61 -98.06
N PHE B 712 92.99 -271.42 -98.97
CA PHE B 712 92.93 -272.85 -98.74
C PHE B 712 94.31 -273.49 -98.75
N VAL B 713 95.23 -272.99 -99.59
CA VAL B 713 96.57 -273.53 -99.62
C VAL B 713 97.37 -273.07 -98.40
N LYS B 714 97.00 -271.93 -97.81
CA LYS B 714 97.70 -271.43 -96.65
C LYS B 714 97.18 -272.04 -95.35
N ILE B 715 95.91 -272.43 -95.32
CA ILE B 715 95.31 -273.05 -94.14
C ILE B 715 95.89 -274.45 -93.98
N PRO B 716 95.92 -275.00 -92.75
CA PRO B 716 96.48 -276.34 -92.57
C PRO B 716 95.49 -277.41 -93.05
N GLN B 717 96.01 -278.37 -93.82
CA GLN B 717 95.17 -279.44 -94.33
C GLN B 717 94.89 -280.50 -93.28
N ASP B 718 95.80 -280.70 -92.33
CA ASP B 718 95.64 -281.68 -91.27
C ASP B 718 95.13 -281.08 -89.97
N SER B 719 94.48 -279.92 -90.05
CA SER B 719 93.97 -279.28 -88.84
C SER B 719 92.67 -279.91 -88.36
N ILE B 720 91.90 -280.52 -89.27
CA ILE B 720 90.65 -281.16 -88.88
C ILE B 720 90.93 -282.40 -88.04
N ALA B 721 92.05 -283.08 -88.29
CA ALA B 721 92.43 -284.25 -87.52
C ALA B 721 93.21 -283.90 -86.25
N GLU B 722 93.50 -282.63 -86.02
CA GLU B 722 94.23 -282.19 -84.84
C GLU B 722 93.39 -281.36 -83.87
N ILE B 723 92.41 -280.62 -84.37
CA ILE B 723 91.58 -279.81 -83.49
C ILE B 723 90.51 -280.64 -82.77
N TYR B 724 90.22 -281.84 -83.26
CA TYR B 724 89.22 -282.69 -82.63
C TYR B 724 89.80 -283.41 -81.41
N LEU B 736 84.17 -281.90 -79.28
CA LEU B 736 83.72 -281.00 -80.34
C LEU B 736 82.78 -279.94 -79.80
N PRO B 737 82.68 -278.80 -80.49
CA PRO B 737 81.79 -277.73 -80.03
C PRO B 737 80.95 -277.16 -81.16
N ALA B 738 80.01 -276.28 -80.82
CA ALA B 738 79.16 -275.67 -81.83
C ALA B 738 79.95 -274.70 -82.70
N GLU B 739 80.91 -273.99 -82.11
CA GLU B 739 81.73 -273.06 -82.88
C GLU B 739 82.79 -273.78 -83.71
N ASP B 740 83.08 -275.05 -83.41
CA ASP B 740 84.06 -275.81 -84.16
C ASP B 740 83.43 -276.64 -85.28
N ASP B 741 82.30 -277.29 -84.99
CA ASP B 741 81.64 -278.11 -86.01
C ASP B 741 81.12 -277.24 -87.15
N ASN B 742 80.54 -276.08 -86.83
CA ASN B 742 80.05 -275.19 -87.87
C ASN B 742 81.20 -274.65 -88.72
N ALA B 743 82.33 -274.32 -88.09
CA ALA B 743 83.49 -273.85 -88.84
C ALA B 743 84.04 -274.94 -89.74
N ILE B 744 84.08 -276.18 -89.25
CA ILE B 744 84.57 -277.29 -90.06
C ILE B 744 83.64 -277.53 -91.25
N ARG B 745 82.33 -277.45 -91.02
CA ARG B 745 81.38 -277.63 -92.11
C ARG B 745 81.51 -276.52 -93.14
N GLU B 746 81.69 -275.27 -92.68
CA GLU B 746 81.88 -274.17 -93.62
C GLU B 746 83.16 -274.33 -94.43
N HIS B 747 84.24 -274.78 -93.78
CA HIS B 747 85.48 -275.01 -94.50
C HIS B 747 85.34 -276.13 -95.52
N LEU B 748 84.64 -277.20 -95.16
CA LEU B 748 84.41 -278.29 -96.10
C LEU B 748 83.57 -277.84 -97.28
N CYS B 749 82.54 -277.02 -97.03
CA CYS B 749 81.71 -276.51 -98.11
C CYS B 749 82.52 -275.59 -99.03
N ILE B 750 83.38 -274.75 -98.45
CA ILE B 750 84.20 -273.86 -99.26
C ILE B 750 85.18 -274.67 -100.10
N ARG B 751 85.77 -275.72 -99.53
CA ARG B 751 86.68 -276.57 -100.29
C ARG B 751 85.96 -277.29 -101.42
N ALA B 752 84.75 -277.78 -101.16
CA ALA B 752 83.97 -278.44 -102.20
C ALA B 752 83.61 -277.47 -103.32
N TYR B 753 83.24 -276.24 -102.96
CA TYR B 753 82.92 -275.23 -103.97
C TYR B 753 84.15 -274.88 -104.80
N LEU B 754 85.30 -274.75 -104.15
CA LEU B 754 86.53 -274.45 -104.88
C LEU B 754 86.90 -275.60 -105.82
N GLU B 755 86.73 -276.84 -105.37
CA GLU B 755 87.02 -277.98 -106.23
C GLU B 755 86.06 -278.04 -107.41
N ALA B 756 84.77 -277.77 -107.18
CA ALA B 756 83.81 -277.78 -108.27
C ALA B 756 84.08 -276.64 -109.26
N HIS B 757 84.56 -275.50 -108.77
CA HIS B 757 84.91 -274.40 -109.68
C HIS B 757 86.15 -274.73 -110.49
N GLU B 758 87.16 -275.33 -109.85
CA GLU B 758 88.38 -275.71 -110.56
C GLU B 758 88.12 -276.80 -111.59
N THR B 759 87.20 -277.72 -111.30
CA THR B 759 86.86 -278.74 -112.27
C THR B 759 86.06 -278.16 -113.43
N PHE B 760 85.14 -277.23 -113.13
CA PHE B 760 84.35 -276.60 -114.18
C PHE B 760 85.23 -275.76 -115.10
N ASN B 761 86.20 -275.04 -114.54
CA ASN B 761 87.11 -274.25 -115.36
C ASN B 761 87.95 -275.14 -116.26
N GLU B 762 88.44 -276.27 -115.73
CA GLU B 762 89.21 -277.19 -116.55
C GLU B 762 88.36 -277.81 -117.65
N TRP B 763 87.10 -278.15 -117.34
CA TRP B 763 86.22 -278.70 -118.36
C TRP B 763 85.93 -277.67 -119.45
N PHE B 764 85.72 -276.41 -119.07
CA PHE B 764 85.49 -275.35 -120.06
C PHE B 764 86.72 -275.13 -120.92
N LYS B 765 87.91 -275.15 -120.31
CA LYS B 765 89.13 -274.98 -121.09
C LYS B 765 89.39 -276.14 -122.03
N HIS B 766 89.01 -277.36 -121.62
CA HIS B 766 89.17 -278.51 -122.51
C HIS B 766 88.14 -278.52 -123.62
N MET B 767 86.93 -278.03 -123.36
CA MET B 767 85.90 -277.99 -124.40
C MET B 767 86.13 -276.83 -125.37
N ASN B 768 86.76 -275.75 -124.93
CA ASN B 768 87.03 -274.60 -125.78
C ASN B 768 88.30 -274.75 -126.60
N SER B 769 88.91 -275.94 -126.60
CA SER B 769 90.13 -276.19 -127.35
C SER B 769 90.00 -277.53 -128.08
N VAL B 770 88.94 -277.66 -128.88
CA VAL B 770 88.69 -278.87 -129.64
C VAL B 770 89.56 -278.86 -130.90
N PRO B 771 89.72 -280.01 -131.56
CA PRO B 771 90.57 -280.04 -132.77
C PRO B 771 89.80 -279.53 -133.98
N GLN B 772 90.45 -278.68 -134.77
CA GLN B 772 89.83 -278.12 -135.96
C GLN B 772 89.83 -279.14 -137.10
N LYS B 773 89.05 -278.84 -138.13
CA LYS B 773 88.94 -279.72 -139.28
C LYS B 773 90.09 -279.46 -140.25
N PRO B 774 90.19 -280.24 -141.32
CA PRO B 774 91.28 -280.04 -142.29
C PRO B 774 90.99 -278.87 -143.22
N ALA B 775 92.07 -278.21 -143.62
CA ALA B 775 91.98 -277.06 -144.53
C ALA B 775 91.76 -277.56 -145.95
N LEU B 776 90.53 -277.43 -146.44
CA LEU B 776 90.21 -277.87 -147.79
C LEU B 776 90.70 -276.85 -148.81
N ILE B 777 91.25 -277.35 -149.90
CA ILE B 777 91.78 -276.50 -150.97
C ILE B 777 91.28 -277.02 -152.31
N PRO B 778 90.74 -276.16 -153.18
CA PRO B 778 90.27 -276.63 -154.49
C PRO B 778 91.41 -276.85 -155.46
N GLN B 779 91.19 -277.79 -156.38
CA GLN B 779 92.16 -278.17 -157.40
C GLN B 779 93.49 -278.57 -156.77
N PRO B 780 93.54 -279.69 -156.05
CA PRO B 780 94.79 -280.11 -155.42
C PRO B 780 95.64 -280.96 -156.35
N THR B 781 96.87 -281.21 -155.92
CA THR B 781 97.83 -282.00 -156.68
C THR B 781 97.96 -283.38 -156.05
N PHE B 782 98.91 -284.17 -156.55
CA PHE B 782 99.11 -285.52 -156.02
C PHE B 782 99.60 -285.49 -154.58
N THR B 783 100.55 -284.60 -154.27
CA THR B 783 101.03 -284.50 -152.89
C THR B 783 99.98 -283.83 -152.00
N GLU B 784 99.23 -282.88 -152.55
CA GLU B 784 98.18 -282.22 -151.76
C GLU B 784 97.08 -283.19 -151.38
N LYS B 785 96.72 -284.11 -152.28
CA LYS B 785 95.71 -285.10 -151.97
C LYS B 785 96.18 -286.03 -150.85
N VAL B 786 97.44 -286.46 -150.90
CA VAL B 786 97.98 -287.32 -149.85
C VAL B 786 98.03 -286.57 -148.52
N ALA B 787 98.40 -285.29 -148.55
CA ALA B 787 98.44 -284.51 -147.32
C ALA B 787 97.04 -284.35 -146.74
N HIS B 788 96.04 -284.09 -147.58
CA HIS B 788 94.67 -283.97 -147.10
C HIS B 788 94.17 -285.30 -146.54
N GLU B 789 94.53 -286.42 -147.18
CA GLU B 789 94.13 -287.72 -146.67
C GLU B 789 94.77 -288.00 -145.32
N HIS B 790 96.05 -287.68 -145.16
CA HIS B 790 96.72 -287.87 -143.88
C HIS B 790 96.10 -286.98 -142.80
N LYS B 791 95.76 -285.74 -143.15
CA LYS B 791 95.13 -284.84 -142.19
C LYS B 791 93.76 -285.37 -141.76
N GLU B 792 92.98 -285.88 -142.72
CA GLU B 792 91.66 -286.43 -142.39
C GLU B 792 91.80 -287.70 -141.56
N LYS B 793 92.83 -288.50 -141.80
CA LYS B 793 93.04 -289.70 -141.00
C LYS B 793 93.46 -289.36 -139.58
N LYS B 794 94.29 -288.33 -139.41
CA LYS B 794 94.68 -287.90 -138.08
C LYS B 794 93.53 -287.25 -137.34
N TYR B 795 92.65 -286.54 -138.07
CA TYR B 795 91.50 -285.91 -137.43
C TYR B 795 90.51 -286.93 -136.89
N GLU B 796 90.42 -288.10 -137.55
CA GLU B 796 89.51 -289.14 -137.08
C GLU B 796 89.86 -289.59 -135.66
N MET B 797 91.14 -289.54 -135.30
CA MET B 797 91.55 -289.86 -133.94
C MET B 797 91.60 -288.64 -133.04
N ASP B 798 91.95 -287.47 -133.59
CA ASP B 798 92.00 -286.26 -132.78
C ASP B 798 90.62 -285.88 -132.25
N PHE B 799 89.60 -285.94 -133.12
CA PHE B 799 88.25 -285.61 -132.68
C PHE B 799 87.75 -286.63 -131.66
N GLY B 800 88.09 -287.91 -131.85
CA GLY B 800 87.69 -288.91 -130.88
C GLY B 800 88.32 -288.69 -129.52
N ILE B 801 89.62 -288.36 -129.50
CA ILE B 801 90.29 -288.10 -128.24
C ILE B 801 89.72 -286.85 -127.57
N TRP B 802 89.41 -285.82 -128.37
CA TRP B 802 88.84 -284.60 -127.80
C TRP B 802 87.44 -284.85 -127.26
N LYS B 803 86.67 -285.72 -127.90
CA LYS B 803 85.34 -286.06 -127.40
C LYS B 803 85.44 -286.88 -126.12
N GLY B 804 86.38 -287.83 -126.07
CA GLY B 804 86.56 -288.61 -124.85
C GLY B 804 86.99 -287.76 -123.67
N HIS B 805 87.97 -286.86 -123.89
CA HIS B 805 88.41 -285.98 -122.82
C HIS B 805 87.30 -285.03 -122.39
N LEU B 806 86.52 -284.53 -123.35
CA LEU B 806 85.41 -283.65 -123.00
C LEU B 806 84.35 -284.39 -122.19
N ASP B 807 84.05 -285.63 -122.56
CA ASP B 807 83.07 -286.42 -121.80
C ASP B 807 83.59 -286.72 -120.40
N ALA B 808 84.88 -287.03 -120.27
CA ALA B 808 85.44 -287.27 -118.95
C ALA B 808 85.38 -286.01 -118.08
N LEU B 809 85.73 -284.86 -118.66
CA LEU B 809 85.67 -283.60 -117.92
C LEU B 809 84.24 -283.26 -117.51
N THR B 810 83.27 -283.52 -118.40
CA THR B 810 81.88 -283.26 -118.07
C THR B 810 81.39 -284.18 -116.96
N ALA B 811 81.77 -285.46 -117.03
CA ALA B 811 81.37 -286.39 -115.98
C ALA B 811 82.01 -286.04 -114.63
N ASP B 812 83.23 -285.51 -114.66
CA ASP B 812 83.86 -285.09 -113.41
C ASP B 812 83.20 -283.82 -112.86
N VAL B 813 82.88 -282.88 -113.74
CA VAL B 813 82.25 -281.63 -113.30
C VAL B 813 80.85 -281.89 -112.76
N LYS B 814 80.13 -282.84 -113.36
CA LYS B 814 78.80 -283.17 -112.86
C LYS B 814 78.87 -283.77 -111.46
N GLU B 815 79.82 -284.68 -111.24
CA GLU B 815 79.99 -285.27 -109.91
C GLU B 815 80.42 -284.21 -108.90
N LYS B 816 81.30 -283.29 -109.30
CA LYS B 816 81.71 -282.22 -108.39
C LYS B 816 80.54 -281.32 -108.02
N MET B 817 79.73 -280.96 -109.00
CA MET B 817 78.56 -280.11 -108.72
C MET B 817 77.56 -280.85 -107.84
N TYR B 818 77.37 -282.15 -108.07
CA TYR B 818 76.45 -282.91 -107.23
C TYR B 818 76.95 -283.00 -105.80
N ASN B 819 78.25 -283.22 -105.61
CA ASN B 819 78.82 -283.26 -104.27
C ASN B 819 78.77 -281.91 -103.59
N VAL B 820 78.89 -280.82 -104.36
CA VAL B 820 78.83 -279.49 -103.76
C VAL B 820 77.39 -279.12 -103.39
N LEU B 821 76.42 -279.54 -104.19
CA LEU B 821 75.00 -279.22 -103.91
C LEU B 821 74.44 -280.16 -102.85
N LEU B 822 74.25 -281.43 -103.21
CA LEU B 822 73.67 -282.41 -102.30
C LEU B 822 74.74 -282.78 -101.26
N PHE B 823 74.72 -282.04 -100.16
CA PHE B 823 75.66 -282.28 -99.06
C PHE B 823 74.96 -282.97 -97.90
N VAL B 824 75.65 -283.94 -97.31
CA VAL B 824 75.09 -284.69 -96.19
C VAL B 824 75.04 -283.80 -94.95
N ASP B 825 74.07 -284.09 -94.08
CA ASP B 825 73.85 -283.36 -92.84
C ASP B 825 73.63 -281.87 -93.11
N GLY B 826 72.42 -281.57 -93.56
CA GLY B 826 72.03 -280.20 -93.86
C GLY B 826 72.08 -279.90 -95.34
N GLY B 827 73.17 -279.27 -95.78
CA GLY B 827 73.31 -278.92 -97.18
C GLY B 827 74.50 -277.97 -97.37
N TRP B 828 74.44 -277.23 -98.46
CA TRP B 828 75.50 -276.27 -98.79
C TRP B 828 75.36 -275.04 -97.91
N MET B 829 76.41 -274.73 -97.15
CA MET B 829 76.44 -273.58 -96.26
C MET B 829 75.28 -273.62 -95.26
N VAL B 830 75.12 -274.78 -94.62
CA VAL B 830 74.07 -274.99 -93.63
C VAL B 830 74.71 -275.58 -92.38
N ASP B 831 74.58 -274.87 -91.25
CA ASP B 831 75.15 -275.33 -90.00
C ASP B 831 74.29 -276.45 -89.41
N VAL B 832 74.94 -277.56 -89.06
CA VAL B 832 74.20 -278.67 -88.48
C VAL B 832 73.92 -278.44 -87.00
N ARG B 833 74.79 -277.72 -86.31
CA ARG B 833 74.61 -277.44 -84.89
C ARG B 833 73.84 -276.14 -84.71
N GLU B 834 72.83 -276.17 -83.85
CA GLU B 834 71.98 -275.02 -83.55
C GLU B 834 72.12 -274.60 -82.09
N ASP B 835 73.35 -274.50 -81.61
CA ASP B 835 73.62 -274.10 -80.23
C ASP B 835 74.89 -273.26 -80.16
N ALA B 836 75.09 -272.41 -81.16
CA ALA B 836 76.27 -271.54 -81.21
C ALA B 836 75.93 -270.21 -80.55
N LYS B 837 76.71 -269.16 -80.83
CA LYS B 837 76.49 -267.85 -80.26
C LYS B 837 75.57 -267.04 -81.16
N GLU B 838 75.54 -265.72 -80.96
CA GLU B 838 74.71 -264.82 -81.76
C GLU B 838 75.54 -264.30 -82.92
N ASP B 839 75.53 -265.02 -84.03
CA ASP B 839 76.27 -264.66 -85.23
C ASP B 839 75.28 -264.38 -86.36
N HIS B 840 74.49 -263.31 -86.18
CA HIS B 840 73.49 -262.95 -87.17
C HIS B 840 74.15 -262.50 -88.48
N GLU B 841 75.22 -261.70 -88.38
CA GLU B 841 75.91 -261.26 -89.59
C GLU B 841 76.55 -262.44 -90.32
N ARG B 842 77.16 -263.36 -89.56
CA ARG B 842 77.76 -264.54 -90.18
C ARG B 842 76.70 -265.41 -90.86
N THR B 843 75.55 -265.57 -90.21
CA THR B 843 74.47 -266.36 -90.81
C THR B 843 73.94 -265.69 -92.08
N HIS B 844 73.80 -264.37 -92.06
CA HIS B 844 73.34 -263.65 -93.24
C HIS B 844 74.35 -263.77 -94.38
N GLN B 845 75.65 -263.68 -94.06
CA GLN B 845 76.67 -263.82 -95.09
C GLN B 845 76.68 -265.23 -95.67
N MET B 846 76.54 -266.25 -94.81
CA MET B 846 76.50 -267.63 -95.30
C MET B 846 75.27 -267.90 -96.14
N VAL B 847 74.14 -267.26 -95.81
CA VAL B 847 72.93 -267.42 -96.62
C VAL B 847 73.09 -266.73 -97.96
N LEU B 848 73.67 -265.53 -97.96
CA LEU B 848 73.87 -264.81 -99.22
C LEU B 848 74.85 -265.54 -100.13
N LEU B 849 75.94 -266.07 -99.57
CA LEU B 849 76.90 -266.83 -100.38
C LEU B 849 76.26 -268.09 -100.94
N ARG B 850 75.44 -268.77 -100.15
CA ARG B 850 74.77 -269.98 -100.63
C ARG B 850 73.78 -269.63 -101.74
N LYS B 851 73.03 -268.54 -101.59
CA LYS B 851 72.08 -268.14 -102.62
C LYS B 851 72.78 -267.71 -103.89
N LEU B 852 73.96 -267.08 -103.78
CA LEU B 852 74.70 -266.68 -104.96
C LEU B 852 75.40 -267.85 -105.64
N CYS B 853 75.76 -268.88 -104.87
CA CYS B 853 76.43 -270.05 -105.44
C CYS B 853 75.47 -271.08 -106.01
N LEU B 854 74.23 -271.14 -105.50
CA LEU B 854 73.28 -272.12 -106.02
C LEU B 854 72.86 -271.80 -107.44
N PRO B 855 72.48 -270.56 -107.78
CA PRO B 855 72.09 -270.29 -109.18
C PRO B 855 73.25 -270.41 -110.15
N MET B 856 74.45 -269.98 -109.76
CA MET B 856 75.60 -270.12 -110.63
C MET B 856 75.94 -271.58 -110.87
N LEU B 857 75.89 -272.40 -109.82
CA LEU B 857 76.16 -273.83 -109.98
C LEU B 857 75.09 -274.49 -110.83
N CYS B 858 73.83 -274.11 -110.66
CA CYS B 858 72.76 -274.67 -111.48
C CYS B 858 72.95 -274.30 -112.95
N PHE B 859 73.31 -273.04 -113.23
CA PHE B 859 73.54 -272.62 -114.61
C PHE B 859 74.74 -273.34 -115.21
N LEU B 860 75.80 -273.53 -114.43
CA LEU B 860 76.97 -274.26 -114.92
C LEU B 860 76.62 -275.71 -115.23
N LEU B 861 75.84 -276.35 -114.35
CA LEU B 861 75.44 -277.73 -114.59
C LEU B 861 74.55 -277.83 -115.82
N HIS B 862 73.64 -276.87 -116.01
CA HIS B 862 72.79 -276.89 -117.19
C HIS B 862 73.60 -276.70 -118.46
N THR B 863 74.58 -275.79 -118.43
CA THR B 863 75.42 -275.58 -119.60
C THR B 863 76.27 -276.81 -119.90
N ILE B 864 76.79 -277.48 -118.86
CA ILE B 864 77.57 -278.69 -119.08
C ILE B 864 76.71 -279.80 -119.66
N LEU B 865 75.48 -279.94 -119.17
CA LEU B 865 74.58 -280.96 -119.69
C LEU B 865 74.16 -280.66 -121.12
N HIS B 866 74.01 -279.38 -121.47
CA HIS B 866 73.65 -279.02 -122.84
C HIS B 866 74.83 -279.21 -123.78
N SER B 867 76.05 -278.97 -123.32
CA SER B 867 77.23 -279.14 -124.16
C SER B 867 77.59 -280.61 -124.34
N THR B 868 77.41 -281.42 -123.31
CA THR B 868 77.74 -282.84 -123.38
C THR B 868 76.63 -283.68 -124.01
N GLY B 869 75.51 -283.07 -124.38
CA GLY B 869 74.41 -283.80 -124.97
C GLY B 869 73.64 -284.68 -124.00
N GLN B 870 73.36 -284.18 -122.80
CA GLN B 870 72.63 -284.91 -121.77
C GLN B 870 71.31 -284.19 -121.54
N TYR B 871 70.38 -284.35 -122.48
CA TYR B 871 69.07 -283.71 -122.34
C TYR B 871 68.28 -284.29 -121.18
N GLN B 872 68.37 -285.62 -120.98
CA GLN B 872 67.67 -286.24 -119.86
C GLN B 872 68.23 -285.78 -118.52
N GLU B 873 69.54 -285.55 -118.44
CA GLU B 873 70.13 -285.04 -117.21
C GLU B 873 69.87 -283.55 -117.01
N CYS B 874 69.70 -282.81 -118.10
CA CYS B 874 69.40 -281.38 -117.97
C CYS B 874 67.96 -281.15 -117.58
N LEU B 875 67.03 -281.97 -118.10
CA LEU B 875 65.62 -281.82 -117.77
C LEU B 875 65.27 -282.39 -116.40
N GLN B 876 66.16 -283.17 -115.79
CA GLN B 876 65.91 -283.76 -114.48
C GLN B 876 66.29 -282.84 -113.33
N LEU B 877 66.87 -281.66 -113.61
CA LEU B 877 67.25 -280.74 -112.56
C LEU B 877 66.06 -280.01 -111.96
N ALA B 878 64.93 -279.97 -112.66
CA ALA B 878 63.75 -279.28 -112.14
C ALA B 878 63.21 -279.97 -110.89
N ASP B 879 63.24 -281.30 -110.84
CA ASP B 879 62.79 -282.02 -109.67
C ASP B 879 63.78 -281.87 -108.51
N MET B 880 65.07 -281.85 -108.81
CA MET B 880 66.07 -281.69 -107.76
C MET B 880 66.05 -280.30 -107.16
N VAL B 881 65.75 -279.28 -107.97
CA VAL B 881 65.68 -277.90 -107.48
C VAL B 881 64.32 -277.55 -106.91
N SER B 882 63.39 -278.51 -106.83
CA SER B 882 62.06 -278.26 -106.29
C SER B 882 61.62 -279.24 -105.21
N SER B 883 62.33 -280.35 -105.03
CA SER B 883 61.96 -281.32 -104.01
C SER B 883 62.23 -280.74 -102.62
N GLU B 884 61.53 -281.31 -101.62
CA GLU B 884 61.67 -280.88 -100.24
C GLU B 884 62.88 -281.48 -99.54
N ARG B 885 63.67 -282.31 -100.23
CA ARG B 885 64.84 -282.92 -99.61
C ARG B 885 65.99 -281.94 -99.46
N HIS B 886 66.03 -280.88 -100.28
CA HIS B 886 67.10 -279.90 -100.21
C HIS B 886 66.60 -278.45 -100.16
N LYS B 887 65.37 -278.17 -100.57
CA LYS B 887 64.81 -276.82 -100.55
C LYS B 887 65.66 -275.85 -101.36
N LEU B 888 65.94 -276.23 -102.61
CA LEU B 888 66.74 -275.41 -103.50
C LEU B 888 65.94 -274.31 -104.19
N TYR B 889 64.61 -274.37 -104.12
CA TYR B 889 63.78 -273.37 -104.77
C TYR B 889 63.72 -272.06 -103.98
N LEU B 890 64.02 -272.09 -102.68
CA LEU B 890 63.97 -270.88 -101.88
C LEU B 890 65.19 -270.00 -102.11
N VAL B 891 66.33 -270.59 -102.50
CA VAL B 891 67.53 -269.79 -102.73
C VAL B 891 67.50 -269.09 -104.09
N PHE B 892 66.73 -269.61 -105.04
CA PHE B 892 66.65 -268.98 -106.36
C PHE B 892 65.65 -267.84 -106.35
N SER B 893 65.83 -266.93 -107.31
CA SER B 893 64.96 -265.76 -107.46
C SER B 893 64.10 -265.92 -108.70
N LYS B 894 63.34 -264.87 -109.03
CA LYS B 894 62.48 -264.91 -110.21
C LYS B 894 63.29 -265.03 -111.49
N GLU B 895 64.40 -264.28 -111.58
CA GLU B 895 65.24 -264.36 -112.77
C GLU B 895 65.87 -265.73 -112.91
N GLU B 896 66.32 -266.32 -111.79
CA GLU B 896 66.89 -267.66 -111.84
C GLU B 896 65.85 -268.69 -112.26
N LEU B 897 64.63 -268.56 -111.74
CA LEU B 897 63.56 -269.49 -112.13
C LEU B 897 63.21 -269.34 -113.60
N ARG B 898 63.18 -268.11 -114.11
CA ARG B 898 62.89 -267.90 -115.52
C ARG B 898 64.00 -268.47 -116.40
N LYS B 899 65.26 -268.30 -115.98
CA LYS B 899 66.37 -268.87 -116.74
C LYS B 899 66.32 -270.40 -116.73
N LEU B 900 65.97 -270.99 -115.58
CA LEU B 900 65.86 -272.45 -115.51
C LEU B 900 64.72 -272.95 -116.39
N LEU B 901 63.59 -272.25 -116.39
CA LEU B 901 62.48 -272.65 -117.24
C LEU B 901 62.80 -272.49 -118.73
N GLN B 902 63.57 -271.46 -119.08
CA GLN B 902 63.96 -271.29 -120.47
C GLN B 902 64.98 -272.35 -120.90
N LYS B 903 65.86 -272.77 -119.98
CA LYS B 903 66.83 -273.81 -120.31
C LYS B 903 66.15 -275.18 -120.42
N LEU B 904 65.17 -275.44 -119.56
CA LEU B 904 64.46 -276.72 -119.62
C LEU B 904 63.69 -276.86 -120.92
N ARG B 905 63.04 -275.79 -121.37
CA ARG B 905 62.31 -275.84 -122.64
C ARG B 905 63.27 -276.04 -123.82
N GLU B 906 64.42 -275.36 -123.79
CA GLU B 906 65.39 -275.54 -124.87
C GLU B 906 65.96 -276.94 -124.88
N SER B 907 66.14 -277.55 -123.70
CA SER B 907 66.63 -278.93 -123.66
C SER B 907 65.56 -279.90 -124.14
N SER B 908 64.30 -279.67 -123.77
CA SER B 908 63.22 -280.54 -124.23
C SER B 908 63.03 -280.44 -125.74
N LEU B 909 63.18 -279.24 -126.30
CA LEU B 909 63.06 -279.08 -127.75
C LEU B 909 64.16 -279.85 -128.46
N MET B 910 65.40 -279.79 -127.95
CA MET B 910 66.49 -280.53 -128.56
C MET B 910 66.29 -282.04 -128.42
N LEU B 911 65.78 -282.47 -127.28
CA LEU B 911 65.53 -283.90 -127.08
C LEU B 911 64.42 -284.39 -128.02
N LEU B 912 63.41 -283.57 -128.28
CA LEU B 912 62.35 -283.96 -129.19
C LEU B 912 62.82 -283.93 -130.64
N ASP B 913 63.70 -282.99 -130.99
CA ASP B 913 64.21 -282.93 -132.35
C ASP B 913 65.23 -284.03 -132.63
N GLN B 914 65.92 -284.50 -131.59
CA GLN B 914 66.91 -285.57 -131.79
C GLN B 914 66.23 -286.91 -132.08
N GLY B 915 65.05 -287.14 -131.51
CA GLY B 915 64.34 -288.38 -131.74
C GLY B 915 63.47 -288.79 -130.56
N LEU B 916 63.71 -288.20 -129.40
CA LEU B 916 62.94 -288.52 -128.21
C LEU B 916 61.73 -287.59 -128.08
N ASP B 917 61.37 -287.25 -126.86
CA ASP B 917 60.23 -286.36 -126.61
C ASP B 917 60.65 -285.18 -125.75
N PRO B 918 59.80 -284.72 -124.84
CA PRO B 918 60.18 -283.58 -123.99
C PRO B 918 61.08 -283.99 -122.82
N LEU B 919 60.64 -285.00 -122.07
CA LEU B 919 61.41 -285.49 -120.93
C LEU B 919 62.50 -286.49 -121.32
N GLY B 920 62.58 -286.87 -122.60
CA GLY B 920 63.57 -287.81 -123.07
C GLY B 920 63.08 -289.24 -123.22
N TYR B 921 61.83 -289.52 -122.89
CA TYR B 921 61.30 -290.86 -123.02
C TYR B 921 60.93 -291.16 -124.47
N GLU B 922 60.81 -292.46 -124.77
CA GLU B 922 60.47 -292.89 -126.11
C GLU B 922 58.97 -292.73 -126.35
N ILE B 923 58.61 -292.17 -127.49
CA ILE B 923 57.21 -291.96 -127.85
C ILE B 923 56.65 -293.28 -128.38
N GLN B 924 55.84 -293.95 -127.57
CA GLN B 924 55.25 -295.22 -127.95
C GLN B 924 53.97 -295.01 -128.75
N LYS C 333 148.72 -238.75 33.97
CA LYS C 333 149.10 -239.85 34.84
C LYS C 333 149.07 -239.43 36.30
N LEU C 334 148.94 -238.12 36.54
CA LEU C 334 148.89 -237.56 37.88
C LEU C 334 147.46 -237.31 38.36
N TYR C 335 146.48 -237.87 37.66
CA TYR C 335 145.08 -237.70 38.01
C TYR C 335 144.51 -239.02 38.51
N GLN C 336 143.50 -238.92 39.38
CA GLN C 336 142.86 -240.12 39.92
C GLN C 336 141.74 -240.63 39.02
N THR C 337 141.19 -239.77 38.16
CA THR C 337 140.13 -240.17 37.25
C THR C 337 140.67 -241.21 36.26
N PRO C 338 141.89 -241.03 35.76
CA PRO C 338 142.45 -242.06 34.86
C PRO C 338 142.66 -243.39 35.56
N LEU C 339 143.13 -243.39 36.81
CA LEU C 339 143.29 -244.63 37.55
C LEU C 339 141.95 -245.30 37.82
N GLU C 340 140.93 -244.50 38.13
CA GLU C 340 139.60 -245.06 38.36
C GLU C 340 139.00 -245.63 37.08
N LEU C 341 139.29 -245.01 35.92
CA LEU C 341 138.78 -245.53 34.66
C LEU C 341 139.53 -246.78 34.23
N LYS C 342 140.82 -246.86 34.55
CA LYS C 342 141.61 -248.03 34.18
C LYS C 342 141.36 -249.22 35.10
N LEU C 343 141.04 -248.96 36.37
CA LEU C 343 140.78 -250.05 37.30
C LEU C 343 139.45 -250.74 37.04
N LYS C 344 138.51 -250.04 36.40
CA LYS C 344 137.19 -250.62 36.10
C LYS C 344 137.17 -251.42 34.81
N HIS C 345 138.25 -251.38 34.02
CA HIS C 345 138.32 -252.12 32.76
C HIS C 345 139.16 -253.38 32.88
N SER C 346 139.24 -253.96 34.08
CA SER C 346 140.02 -255.17 34.30
C SER C 346 139.30 -256.03 35.32
N THR C 347 139.55 -257.34 35.25
CA THR C 347 138.96 -258.32 36.17
C THR C 347 140.09 -259.01 36.92
N VAL C 348 140.28 -258.63 38.19
CA VAL C 348 141.33 -259.19 39.03
C VAL C 348 140.68 -260.12 40.04
N HIS C 349 141.48 -261.05 40.54
CA HIS C 349 141.03 -262.02 41.53
C HIS C 349 142.16 -262.30 42.53
N VAL C 350 141.78 -262.62 43.75
CA VAL C 350 142.75 -262.92 44.81
C VAL C 350 143.22 -264.35 44.65
N ASP C 351 144.52 -264.52 44.40
CA ASP C 351 145.13 -265.83 44.22
C ASP C 351 146.38 -265.90 45.09
N GLU C 352 146.35 -266.74 46.12
CA GLU C 352 147.47 -266.91 47.04
C GLU C 352 147.88 -265.58 47.68
N LEU C 353 146.88 -264.79 48.08
CA LEU C 353 147.09 -263.48 48.70
C LEU C 353 147.93 -262.57 47.81
N CYS C 354 147.58 -262.52 46.51
CA CYS C 354 148.30 -261.70 45.56
C CYS C 354 147.35 -261.36 44.42
N PRO C 355 147.24 -260.08 44.05
CA PRO C 355 146.34 -259.71 42.95
C PRO C 355 147.02 -259.83 41.59
N LEU C 356 146.35 -260.47 40.64
CA LEU C 356 146.88 -260.66 39.30
C LEU C 356 145.84 -260.25 38.27
N ILE C 357 146.33 -259.73 37.15
CA ILE C 357 145.46 -259.27 36.06
C ILE C 357 145.13 -260.48 35.19
N VAL C 358 143.91 -260.98 35.30
CA VAL C 358 143.47 -262.13 34.52
C VAL C 358 142.87 -261.64 33.21
N PRO C 359 141.67 -261.05 33.21
CA PRO C 359 141.08 -260.57 31.96
C PRO C 359 141.10 -259.05 31.88
N ASN C 360 141.65 -258.52 30.78
CA ASN C 360 141.72 -257.08 30.57
C ASN C 360 141.42 -256.76 29.12
N LEU C 361 140.64 -255.71 28.90
CA LEU C 361 140.27 -255.29 27.56
C LEU C 361 140.62 -253.83 27.27
N GLY C 362 141.19 -253.11 28.24
CA GLY C 362 141.53 -251.73 28.02
C GLY C 362 142.25 -251.17 29.23
N VAL C 363 142.97 -250.08 28.99
CA VAL C 363 143.73 -249.40 30.04
C VAL C 363 143.78 -247.92 29.71
N ALA C 364 143.60 -247.09 30.74
CA ALA C 364 143.62 -245.63 30.60
C ALA C 364 144.94 -245.04 31.06
N VAL C 365 146.06 -245.68 30.73
CA VAL C 365 147.37 -245.18 31.12
C VAL C 365 147.90 -244.24 30.06
N ILE C 366 149.17 -243.85 30.18
CA ILE C 366 149.79 -242.95 29.21
C ILE C 366 150.31 -243.77 28.03
N HIS C 367 149.97 -243.32 26.82
CA HIS C 367 150.39 -243.98 25.58
C HIS C 367 149.93 -245.44 25.57
N ASP C 368 148.62 -245.62 25.66
CA ASP C 368 148.02 -246.95 25.69
C ASP C 368 147.35 -247.28 24.36
N TYR C 369 146.04 -247.56 24.39
CA TYR C 369 145.32 -247.93 23.19
C TYR C 369 144.36 -246.82 22.77
N ALA C 370 143.08 -247.16 22.63
CA ALA C 370 142.08 -246.18 22.21
C ALA C 370 141.55 -245.33 23.36
N ASP C 371 141.80 -245.73 24.61
CA ASP C 371 141.32 -244.98 25.76
C ASP C 371 142.28 -243.88 26.20
N TRP C 372 143.48 -243.82 25.62
CA TRP C 372 144.47 -242.81 25.97
C TRP C 372 144.42 -241.58 25.07
N VAL C 373 143.59 -241.60 24.02
CA VAL C 373 143.50 -240.46 23.12
C VAL C 373 142.69 -239.32 23.71
N LYS C 374 141.79 -239.60 24.66
CA LYS C 374 140.97 -238.56 25.27
C LYS C 374 141.69 -237.83 26.41
N GLU C 375 142.79 -238.38 26.91
CA GLU C 375 143.54 -237.77 28.00
C GLU C 375 144.72 -236.93 27.51
N ALA C 376 144.79 -236.66 26.20
CA ALA C 376 145.86 -235.86 25.62
C ALA C 376 145.25 -234.63 24.99
N SER C 377 145.24 -233.52 25.73
CA SER C 377 144.67 -232.27 25.26
C SER C 377 145.73 -231.17 25.42
N GLY C 378 145.27 -229.93 25.51
CA GLY C 378 146.17 -228.80 25.69
C GLY C 378 146.44 -228.46 27.13
N ASP C 379 145.64 -229.05 28.04
CA ASP C 379 145.78 -228.81 29.47
C ASP C 379 146.29 -230.03 30.22
N LEU C 380 146.76 -231.06 29.50
CA LEU C 380 147.25 -232.27 30.13
C LEU C 380 148.70 -232.52 29.70
N PRO C 381 149.03 -232.35 28.42
CA PRO C 381 150.42 -232.59 27.99
C PRO C 381 151.04 -231.35 27.36
N GLU C 382 150.76 -230.19 27.93
CA GLU C 382 151.26 -228.89 27.44
C GLU C 382 150.77 -228.71 26.01
N ALA C 383 151.59 -228.17 25.10
CA ALA C 383 151.18 -227.99 23.71
C ALA C 383 152.36 -228.25 22.78
N GLN C 384 153.58 -228.09 23.28
CA GLN C 384 154.77 -228.31 22.49
C GLN C 384 155.12 -229.79 22.31
N ILE C 385 154.54 -230.67 23.12
CA ILE C 385 154.82 -232.10 23.02
C ILE C 385 153.53 -232.89 23.30
N VAL C 386 152.51 -232.66 22.48
CA VAL C 386 151.24 -233.36 22.63
C VAL C 386 150.82 -233.95 21.29
N LYS C 387 151.17 -233.25 20.20
CA LYS C 387 150.80 -233.73 18.87
C LYS C 387 151.53 -235.03 18.53
N HIS C 388 152.82 -235.11 18.88
CA HIS C 388 153.57 -236.34 18.62
C HIS C 388 153.02 -237.51 19.41
N TRP C 389 152.66 -237.28 20.67
CA TRP C 389 152.09 -238.35 21.49
C TRP C 389 150.72 -238.77 20.94
N SER C 390 149.91 -237.81 20.50
CA SER C 390 148.61 -238.15 19.92
C SER C 390 148.78 -238.96 18.65
N LEU C 391 149.74 -238.58 17.80
CA LEU C 391 149.98 -239.33 16.57
C LEU C 391 150.49 -240.74 16.87
N THR C 392 151.37 -240.87 17.85
CA THR C 392 151.87 -242.20 18.23
C THR C 392 150.77 -243.07 18.81
N TRP C 393 149.84 -242.47 19.55
CA TRP C 393 148.72 -243.24 20.08
C TRP C 393 147.76 -243.65 18.97
N THR C 394 147.49 -242.74 18.04
CA THR C 394 146.59 -243.07 16.93
C THR C 394 147.18 -244.16 16.04
N LEU C 395 148.49 -244.11 15.77
CA LEU C 395 149.12 -245.14 14.96
C LEU C 395 149.06 -246.49 15.65
N CYS C 396 149.28 -246.53 16.96
CA CYS C 396 149.21 -247.79 17.70
C CYS C 396 147.79 -248.31 17.77
N GLU C 397 146.80 -247.42 17.84
CA GLU C 397 145.41 -247.86 17.87
C GLU C 397 144.94 -248.35 16.50
N ALA C 398 145.48 -247.79 15.42
CA ALA C 398 145.11 -248.20 14.08
C ALA C 398 145.87 -249.42 13.59
N LEU C 399 147.07 -249.67 14.12
CA LEU C 399 147.86 -250.82 13.70
C LEU C 399 147.66 -252.03 14.62
N TRP C 400 148.00 -251.88 15.89
CA TRP C 400 147.87 -252.96 16.87
C TRP C 400 146.49 -253.02 17.50
N GLY C 401 145.50 -252.33 16.94
CA GLY C 401 144.16 -252.34 17.48
C GLY C 401 143.26 -253.34 16.75
N HIS C 402 142.48 -254.07 17.52
CA HIS C 402 141.57 -255.08 16.97
C HIS C 402 140.30 -254.38 16.49
N LEU C 403 140.14 -254.29 15.18
CA LEU C 403 138.96 -253.65 14.61
C LEU C 403 137.76 -254.58 14.68
N LYS C 404 136.59 -254.01 14.98
CA LYS C 404 135.35 -254.76 15.09
C LYS C 404 134.32 -254.19 14.13
N GLU C 405 133.60 -255.07 13.46
CA GLU C 405 132.57 -254.67 12.50
C GLU C 405 131.21 -254.60 13.18
N LEU C 406 130.34 -253.74 12.64
CA LEU C 406 129.00 -253.58 13.21
C LEU C 406 128.08 -254.73 12.77
N ASP C 407 127.68 -254.73 11.51
CA ASP C 407 126.81 -255.78 11.00
C ASP C 407 127.62 -257.00 10.61
N SER C 408 127.20 -258.17 11.10
CA SER C 408 127.90 -259.41 10.80
C SER C 408 127.53 -259.91 9.42
N GLN C 409 128.47 -260.62 8.79
CA GLN C 409 128.28 -261.19 7.47
C GLN C 409 127.97 -262.67 7.56
N LEU C 410 127.89 -263.34 6.41
CA LEU C 410 127.61 -264.77 6.40
C LEU C 410 128.85 -265.59 6.70
N ASN C 411 129.96 -265.29 6.03
CA ASN C 411 131.22 -266.00 6.23
C ASN C 411 131.99 -265.31 7.34
N GLU C 412 132.17 -266.01 8.46
CA GLU C 412 132.89 -265.46 9.60
C GLU C 412 134.26 -266.13 9.72
N PRO C 413 134.72 -266.82 8.68
CA PRO C 413 136.03 -267.47 8.76
C PRO C 413 137.15 -266.62 8.19
N ARG C 414 136.83 -265.80 7.19
CA ARG C 414 137.78 -264.93 6.52
C ARG C 414 137.43 -263.48 6.86
N GLU C 415 138.37 -262.78 7.50
CA GLU C 415 138.19 -261.38 7.89
C GLU C 415 138.55 -260.51 6.70
N TYR C 416 137.52 -260.02 5.99
CA TYR C 416 137.72 -259.15 4.84
C TYR C 416 137.26 -257.72 5.05
N ILE C 417 136.26 -257.50 5.90
CA ILE C 417 135.77 -256.14 6.14
C ILE C 417 136.69 -255.41 7.12
N GLN C 418 137.12 -256.10 8.17
CA GLN C 418 138.00 -255.48 9.16
C GLN C 418 139.37 -255.17 8.57
N ILE C 419 139.89 -256.08 7.74
CA ILE C 419 141.19 -255.85 7.12
C ILE C 419 141.12 -254.67 6.16
N LEU C 420 139.99 -254.47 5.50
CA LEU C 420 139.84 -253.31 4.62
C LEU C 420 139.65 -252.03 5.41
N GLU C 421 138.90 -252.09 6.51
CA GLU C 421 138.70 -250.90 7.33
C GLU C 421 139.99 -250.45 7.98
N ARG C 422 140.81 -251.39 8.46
CA ARG C 422 142.10 -251.02 9.06
C ARG C 422 143.02 -250.39 8.01
N ARG C 423 143.03 -250.94 6.79
CA ARG C 423 143.86 -250.37 5.74
C ARG C 423 143.38 -248.98 5.36
N ARG C 424 142.06 -248.77 5.29
CA ARG C 424 141.53 -247.46 4.98
C ARG C 424 141.88 -246.45 6.07
N ALA C 425 141.79 -246.86 7.33
CA ALA C 425 142.15 -245.98 8.43
C ALA C 425 143.64 -245.63 8.40
N PHE C 426 144.49 -246.62 8.11
CA PHE C 426 145.92 -246.36 8.03
C PHE C 426 146.23 -245.41 6.88
N SER C 427 145.56 -245.58 5.73
CA SER C 427 145.78 -244.69 4.60
C SER C 427 145.31 -243.27 4.91
N ARG C 428 144.16 -243.14 5.59
CA ARG C 428 143.67 -241.82 5.97
C ARG C 428 144.59 -241.15 6.98
N TRP C 429 145.19 -241.92 7.89
CA TRP C 429 146.13 -241.35 8.84
C TRP C 429 147.42 -240.93 8.14
N LEU C 430 147.92 -241.75 7.21
CA LEU C 430 149.14 -241.41 6.49
C LEU C 430 148.93 -240.16 5.62
N SER C 431 147.76 -240.05 4.99
CA SER C 431 147.49 -238.87 4.18
C SER C 431 147.41 -237.61 5.04
N CYS C 432 146.76 -237.71 6.21
CA CYS C 432 146.68 -236.56 7.10
C CYS C 432 148.04 -236.18 7.67
N THR C 433 148.92 -237.17 7.87
CA THR C 433 150.26 -236.86 8.37
C THR C 433 151.16 -236.30 7.28
N ALA C 434 150.96 -236.70 6.02
CA ALA C 434 151.77 -236.21 4.92
C ALA C 434 151.26 -234.92 4.31
N THR C 435 150.02 -234.54 4.58
CA THR C 435 149.50 -233.28 4.03
C THR C 435 150.27 -232.06 4.51
N PRO C 436 150.80 -232.02 5.74
CA PRO C 436 151.56 -230.83 6.16
C PRO C 436 152.85 -230.65 5.37
N GLN C 437 153.41 -231.71 4.82
CA GLN C 437 154.61 -231.63 3.99
C GLN C 437 154.31 -231.66 2.49
N ILE C 438 153.04 -231.83 2.12
CA ILE C 438 152.65 -231.87 0.71
C ILE C 438 151.96 -230.56 0.35
N GLU C 439 151.47 -229.84 1.35
CA GLU C 439 150.81 -228.56 1.09
C GLU C 439 151.81 -227.50 0.67
N GLU C 440 153.04 -227.56 1.16
CA GLU C 440 154.06 -226.58 0.79
C GLU C 440 154.79 -226.96 -0.49
N GLU C 441 154.89 -228.26 -0.79
CA GLU C 441 155.57 -228.71 -1.99
C GLU C 441 154.72 -228.59 -3.24
N VAL C 442 153.39 -228.48 -3.09
CA VAL C 442 152.52 -228.35 -4.24
C VAL C 442 152.57 -226.96 -4.86
N SER C 443 152.85 -225.93 -4.06
CA SER C 443 152.92 -224.58 -4.60
C SER C 443 154.19 -224.34 -5.40
N LEU C 444 155.30 -225.00 -5.04
CA LEU C 444 156.54 -224.82 -5.76
C LEU C 444 156.61 -225.68 -7.01
N THR C 445 155.88 -226.79 -7.04
CA THR C 445 155.89 -227.68 -8.20
C THR C 445 155.02 -227.15 -9.33
N GLN C 446 154.09 -226.25 -9.04
CA GLN C 446 153.22 -225.70 -10.09
C GLN C 446 153.94 -224.67 -10.95
N LYS C 447 155.00 -224.06 -10.44
CA LYS C 447 155.75 -223.06 -11.18
C LYS C 447 156.82 -223.66 -12.08
N ASN C 448 156.99 -224.98 -12.07
CA ASN C 448 157.99 -225.67 -12.88
C ASN C 448 157.37 -226.52 -13.98
N SER C 449 156.36 -227.33 -13.65
CA SER C 449 155.71 -228.18 -14.61
C SER C 449 154.27 -228.41 -14.16
N PRO C 450 153.30 -228.28 -15.07
CA PRO C 450 151.89 -228.50 -14.68
C PRO C 450 151.52 -229.97 -14.51
N VAL C 451 152.35 -230.90 -14.99
CA VAL C 451 152.03 -232.32 -14.87
C VAL C 451 152.42 -232.89 -13.52
N GLU C 452 153.22 -232.17 -12.73
CA GLU C 452 153.62 -232.66 -11.42
C GLU C 452 152.54 -232.47 -10.36
N ALA C 453 151.54 -231.63 -10.62
CA ALA C 453 150.49 -231.40 -9.64
C ALA C 453 149.66 -232.65 -9.41
N VAL C 454 149.35 -233.39 -10.47
CA VAL C 454 148.58 -234.63 -10.33
C VAL C 454 149.39 -235.67 -9.56
N PHE C 455 150.69 -235.76 -9.86
CA PHE C 455 151.53 -236.72 -9.15
C PHE C 455 151.70 -236.35 -7.69
N SER C 456 151.70 -235.05 -7.36
CA SER C 456 151.81 -234.63 -5.98
C SER C 456 150.50 -234.82 -5.21
N TYR C 457 149.36 -234.65 -5.89
CA TYR C 457 148.07 -234.82 -5.24
C TYR C 457 147.66 -236.28 -5.14
N LEU C 458 148.20 -237.16 -5.99
CA LEU C 458 147.85 -238.57 -5.94
C LEU C 458 148.48 -239.28 -4.74
N THR C 459 149.51 -238.68 -4.13
CA THR C 459 150.17 -239.30 -2.98
C THR C 459 149.37 -239.15 -1.69
N GLY C 460 148.37 -238.28 -1.65
CA GLY C 460 147.57 -238.08 -0.46
C GLY C 460 146.26 -238.84 -0.49
N LYS C 461 146.20 -239.89 -1.31
CA LYS C 461 145.02 -240.73 -1.45
C LYS C 461 143.79 -239.90 -1.85
N ARG C 462 143.84 -239.39 -3.08
CA ARG C 462 142.76 -238.58 -3.63
C ARG C 462 142.70 -238.83 -5.13
N ILE C 463 141.70 -239.60 -5.56
CA ILE C 463 141.55 -239.91 -6.98
C ILE C 463 140.88 -238.75 -7.72
N SER C 464 139.88 -238.12 -7.10
CA SER C 464 139.19 -237.01 -7.74
C SER C 464 140.10 -235.80 -7.90
N GLU C 465 140.93 -235.53 -6.88
CA GLU C 465 141.86 -234.41 -6.96
C GLU C 465 142.90 -234.62 -8.04
N ALA C 466 143.33 -235.87 -8.26
CA ALA C 466 144.28 -236.15 -9.33
C ALA C 466 143.61 -236.09 -10.70
N CYS C 467 142.36 -236.57 -10.79
CA CYS C 467 141.64 -236.51 -12.06
C CYS C 467 141.37 -235.07 -12.47
N SER C 468 141.00 -234.22 -11.52
CA SER C 468 140.76 -232.81 -11.84
C SER C 468 142.05 -232.11 -12.26
N LEU C 469 143.17 -232.44 -11.61
CA LEU C 469 144.44 -231.84 -11.98
C LEU C 469 144.89 -232.31 -13.36
N ALA C 470 144.61 -233.57 -13.70
CA ALA C 470 144.97 -234.07 -15.02
C ALA C 470 144.07 -233.48 -16.10
N GLN C 471 142.79 -233.24 -15.79
CA GLN C 471 141.88 -232.65 -16.76
C GLN C 471 142.13 -231.16 -16.96
N GLN C 472 142.56 -230.46 -15.91
CA GLN C 472 142.83 -229.02 -16.04
C GLN C 472 144.12 -228.74 -16.81
N SER C 473 144.99 -229.72 -16.94
CA SER C 473 146.25 -229.56 -17.66
C SER C 473 146.12 -229.79 -19.16
N GLY C 474 144.92 -230.12 -19.65
CA GLY C 474 144.70 -230.36 -21.06
C GLY C 474 144.89 -231.79 -21.50
N ASP C 475 145.16 -232.71 -20.58
CA ASP C 475 145.35 -234.10 -20.94
C ASP C 475 144.00 -234.80 -21.12
N HIS C 476 144.05 -236.02 -21.65
CA HIS C 476 142.84 -236.80 -21.88
C HIS C 476 143.05 -238.25 -21.44
N ARG C 477 144.23 -238.80 -21.72
CA ARG C 477 144.51 -240.19 -21.35
C ARG C 477 144.94 -240.31 -19.89
N LEU C 478 145.58 -239.27 -19.34
CA LEU C 478 146.02 -239.33 -17.95
C LEU C 478 144.84 -239.35 -16.99
N ALA C 479 143.79 -238.58 -17.29
CA ALA C 479 142.61 -238.58 -16.44
C ALA C 479 141.89 -239.92 -16.46
N LEU C 480 141.91 -240.62 -17.59
CA LEU C 480 141.28 -241.94 -17.67
C LEU C 480 142.18 -243.03 -17.07
N LEU C 481 143.50 -242.81 -17.06
CA LEU C 481 144.41 -243.80 -16.48
C LEU C 481 144.48 -243.67 -14.97
N LEU C 482 144.35 -242.47 -14.43
CA LEU C 482 144.41 -242.28 -12.99
C LEU C 482 143.14 -242.70 -12.28
N SER C 483 142.04 -242.90 -13.02
CA SER C 483 140.79 -243.32 -12.41
C SER C 483 140.79 -244.79 -12.02
N GLN C 484 141.63 -245.60 -12.65
CA GLN C 484 141.72 -247.04 -12.36
C GLN C 484 142.90 -247.35 -11.45
N PHE C 485 143.04 -246.60 -10.36
CA PHE C 485 144.12 -246.78 -9.40
C PHE C 485 143.69 -247.62 -8.21
N VAL C 486 142.88 -248.65 -8.44
CA VAL C 486 142.43 -249.49 -7.34
C VAL C 486 143.50 -250.50 -6.93
N GLY C 487 144.23 -251.05 -7.90
CA GLY C 487 145.27 -252.01 -7.61
C GLY C 487 144.90 -253.42 -7.97
N SER C 488 144.27 -253.61 -9.12
CA SER C 488 143.86 -254.91 -9.60
C SER C 488 144.77 -255.36 -10.74
N GLN C 489 144.36 -256.37 -11.49
CA GLN C 489 145.14 -256.88 -12.61
C GLN C 489 144.84 -256.10 -13.88
N SER C 490 144.83 -256.80 -15.03
CA SER C 490 144.54 -256.20 -16.33
C SER C 490 145.49 -255.05 -16.64
N VAL C 491 145.27 -253.89 -16.01
CA VAL C 491 146.12 -252.73 -16.26
C VAL C 491 147.52 -252.92 -15.68
N ARG C 492 147.69 -253.83 -14.72
CA ARG C 492 149.01 -254.04 -14.12
C ARG C 492 150.00 -254.57 -15.16
N GLU C 493 149.58 -255.52 -15.99
CA GLU C 493 150.44 -256.02 -17.05
C GLU C 493 150.48 -255.06 -18.24
N LEU C 494 149.40 -254.33 -18.48
CA LEU C 494 149.37 -253.39 -19.59
C LEU C 494 150.37 -252.25 -19.38
N LEU C 495 150.49 -251.77 -18.13
CA LEU C 495 151.47 -250.72 -17.85
C LEU C 495 152.90 -251.21 -18.06
N THR C 496 153.19 -252.44 -17.63
CA THR C 496 154.51 -253.00 -17.85
C THR C 496 154.80 -253.19 -19.33
N MET C 497 153.80 -253.65 -20.09
CA MET C 497 153.99 -253.81 -21.53
C MET C 497 154.23 -252.47 -22.21
N GLN C 498 153.49 -251.44 -21.81
CA GLN C 498 153.69 -250.11 -22.39
C GLN C 498 155.07 -249.56 -22.04
N LEU C 499 155.52 -249.79 -20.80
CA LEU C 499 156.86 -249.35 -20.40
C LEU C 499 157.94 -250.07 -21.19
N VAL C 500 157.77 -251.39 -21.40
CA VAL C 500 158.76 -252.14 -22.16
C VAL C 500 158.75 -251.72 -23.62
N ASP C 501 157.59 -251.34 -24.16
CA ASP C 501 157.54 -250.88 -25.54
C ASP C 501 158.15 -249.49 -25.70
N TRP C 502 157.96 -248.63 -24.70
CA TRP C 502 158.51 -247.28 -24.76
C TRP C 502 159.99 -247.24 -24.42
N HIS C 503 160.50 -248.25 -23.72
CA HIS C 503 161.93 -248.28 -23.38
C HIS C 503 162.82 -248.48 -24.60
N GLN C 504 162.28 -249.08 -25.68
CA GLN C 504 163.06 -249.28 -26.89
C GLN C 504 162.75 -248.21 -27.92
N LEU C 505 162.12 -248.62 -29.03
CA LEU C 505 161.75 -247.71 -30.11
C LEU C 505 162.95 -246.93 -30.63
N GLN C 506 163.10 -245.69 -30.18
CA GLN C 506 164.21 -244.85 -30.61
C GLN C 506 164.64 -243.99 -29.42
N ALA C 507 165.79 -244.32 -28.85
CA ALA C 507 166.34 -243.58 -27.70
C ALA C 507 165.36 -243.54 -26.53
N ASP C 508 164.68 -244.67 -26.30
CA ASP C 508 163.70 -244.80 -25.22
C ASP C 508 162.60 -243.76 -25.32
N SER C 509 162.20 -243.42 -26.55
CA SER C 509 161.15 -242.42 -26.82
C SER C 509 161.56 -241.10 -26.19
N PHE C 510 160.59 -240.33 -25.70
CA PHE C 510 160.86 -239.04 -25.07
C PHE C 510 159.75 -238.66 -24.10
N ILE C 511 159.42 -239.58 -23.18
CA ILE C 511 158.36 -239.31 -22.22
C ILE C 511 158.90 -238.41 -21.10
N GLN C 512 157.98 -237.77 -20.39
CA GLN C 512 158.35 -236.88 -19.29
C GLN C 512 158.56 -237.68 -18.00
N ASP C 513 159.01 -236.97 -16.97
CA ASP C 513 159.27 -237.59 -15.67
C ASP C 513 158.04 -237.66 -14.79
N GLU C 514 157.06 -236.77 -15.01
CA GLU C 514 155.86 -236.80 -14.18
C GLU C 514 154.88 -237.88 -14.64
N ARG C 515 154.75 -238.08 -15.94
CA ARG C 515 153.84 -239.10 -16.44
C ARG C 515 154.40 -240.50 -16.27
N LEU C 516 155.72 -240.66 -16.29
CA LEU C 516 156.32 -241.97 -16.14
C LEU C 516 156.04 -242.55 -14.76
N ARG C 517 156.13 -241.73 -13.72
CA ARG C 517 155.84 -242.20 -12.37
C ARG C 517 154.37 -242.60 -12.23
N ILE C 518 153.47 -241.82 -12.82
CA ILE C 518 152.05 -242.14 -12.74
C ILE C 518 151.74 -243.41 -13.51
N PHE C 519 152.44 -243.65 -14.62
CA PHE C 519 152.23 -244.87 -15.39
C PHE C 519 152.81 -246.10 -14.68
N ALA C 520 153.94 -245.93 -13.99
CA ALA C 520 154.56 -247.04 -13.28
C ALA C 520 153.88 -247.34 -11.95
N LEU C 521 153.20 -246.36 -11.35
CA LEU C 521 152.51 -246.60 -10.09
C LEU C 521 151.27 -247.45 -10.24
N LEU C 522 150.72 -247.54 -11.45
CA LEU C 522 149.52 -248.33 -11.71
C LEU C 522 149.84 -249.77 -12.10
N ALA C 523 151.09 -250.19 -11.97
CA ALA C 523 151.50 -251.54 -12.31
C ALA C 523 151.67 -252.44 -11.10
N GLY C 524 151.41 -251.93 -9.89
CA GLY C 524 151.54 -252.71 -8.68
C GLY C 524 152.89 -252.65 -8.01
N LYS C 525 153.89 -252.06 -8.66
CA LYS C 525 155.23 -251.97 -8.09
C LYS C 525 155.91 -250.69 -8.57
N PRO C 526 156.35 -249.83 -7.65
CA PRO C 526 157.02 -248.59 -8.07
C PRO C 526 158.49 -248.56 -7.70
N VAL C 527 158.84 -249.24 -6.61
CA VAL C 527 160.22 -249.30 -6.13
C VAL C 527 160.91 -250.60 -6.52
N TRP C 528 160.34 -251.34 -7.48
CA TRP C 528 160.93 -252.59 -7.93
C TRP C 528 160.86 -252.72 -9.44
N GLN C 529 159.88 -253.46 -9.95
CA GLN C 529 159.73 -253.65 -11.38
C GLN C 529 158.99 -252.45 -11.99
N LEU C 530 159.58 -251.87 -13.03
CA LEU C 530 160.85 -252.33 -13.57
C LEU C 530 161.97 -251.37 -13.22
N SER C 531 163.20 -251.74 -13.58
CA SER C 531 164.37 -250.91 -13.29
C SER C 531 164.47 -249.70 -14.20
N GLU C 532 163.80 -249.72 -15.36
CA GLU C 532 163.86 -248.59 -16.28
C GLU C 532 163.00 -247.42 -15.83
N LYS C 533 162.00 -247.66 -14.99
CA LYS C 533 161.12 -246.60 -14.50
C LYS C 533 160.86 -246.80 -13.01
N LYS C 534 161.90 -247.12 -12.25
CA LYS C 534 161.76 -247.32 -10.82
C LYS C 534 161.73 -246.00 -10.08
N GLN C 535 161.00 -245.98 -8.96
CA GLN C 535 160.86 -244.79 -8.12
C GLN C 535 161.79 -244.83 -6.92
N ILE C 536 163.00 -245.37 -7.10
CA ILE C 536 163.96 -245.45 -5.99
C ILE C 536 164.69 -244.14 -5.76
N ASN C 537 164.65 -243.22 -6.71
CA ASN C 537 165.34 -241.93 -6.59
C ASN C 537 164.42 -240.83 -6.09
N VAL C 538 163.33 -241.17 -5.42
CA VAL C 538 162.40 -240.17 -4.88
C VAL C 538 162.62 -240.05 -3.38
N CYS C 539 163.70 -240.66 -2.89
CA CYS C 539 164.01 -240.61 -1.46
C CYS C 539 164.75 -239.35 -1.05
N SER C 540 165.19 -238.53 -2.01
CA SER C 540 165.89 -237.29 -1.67
C SER C 540 164.91 -236.16 -1.37
N GLN C 541 163.83 -236.07 -2.13
CA GLN C 541 162.83 -235.02 -1.93
C GLN C 541 161.74 -235.44 -0.96
N LEU C 542 161.16 -236.62 -1.17
CA LEU C 542 160.09 -237.12 -0.31
C LEU C 542 160.67 -237.91 0.86
N ASP C 543 159.90 -238.00 1.93
CA ASP C 543 160.30 -238.73 3.12
C ASP C 543 159.90 -240.20 2.99
N TRP C 544 160.08 -240.98 4.06
CA TRP C 544 159.74 -242.38 4.02
C TRP C 544 158.25 -242.62 4.19
N LYS C 545 157.53 -241.69 4.82
CA LYS C 545 156.10 -241.85 5.01
C LYS C 545 155.35 -241.83 3.69
N ARG C 546 155.69 -240.90 2.80
CA ARG C 546 155.05 -240.85 1.50
C ARG C 546 155.38 -242.07 0.66
N SER C 547 156.63 -242.55 0.74
CA SER C 547 157.02 -243.75 0.02
C SER C 547 156.30 -244.99 0.53
N LEU C 548 156.05 -245.06 1.83
CA LEU C 548 155.30 -246.19 2.37
C LEU C 548 153.82 -246.09 2.01
N ALA C 549 153.28 -244.87 2.00
CA ALA C 549 151.87 -244.70 1.63
C ALA C 549 151.63 -245.04 0.17
N ILE C 550 152.55 -244.63 -0.72
CA ILE C 550 152.40 -244.92 -2.14
C ILE C 550 152.53 -246.41 -2.42
N HIS C 551 153.14 -247.18 -1.52
CA HIS C 551 153.26 -248.62 -1.69
C HIS C 551 152.12 -249.37 -1.02
N LEU C 552 151.56 -248.84 0.07
CA LEU C 552 150.47 -249.49 0.77
C LEU C 552 149.10 -249.14 0.21
N TRP C 553 148.97 -248.03 -0.51
CA TRP C 553 147.69 -247.61 -1.07
C TRP C 553 147.68 -247.61 -2.58
N TYR C 554 148.66 -248.26 -3.23
CA TYR C 554 148.70 -248.32 -4.69
C TYR C 554 149.42 -249.55 -5.20
N LEU C 555 149.08 -250.73 -4.68
CA LEU C 555 149.73 -251.97 -5.11
C LEU C 555 148.78 -253.14 -5.00
N LEU C 556 149.32 -254.34 -4.82
CA LEU C 556 148.50 -255.54 -4.69
C LEU C 556 147.97 -255.67 -3.27
N PRO C 557 146.82 -255.08 -2.96
CA PRO C 557 146.28 -255.17 -1.61
C PRO C 557 145.39 -256.39 -1.45
N PRO C 558 145.05 -257.05 -2.56
CA PRO C 558 144.19 -258.23 -2.46
C PRO C 558 144.99 -259.53 -2.53
N THR C 559 146.14 -259.48 -3.20
CA THR C 559 146.97 -260.68 -3.31
C THR C 559 147.73 -260.99 -2.01
N ALA C 560 148.00 -259.96 -1.21
CA ALA C 560 148.71 -260.13 0.05
C ALA C 560 148.00 -259.34 1.14
N SER C 561 148.40 -259.60 2.39
CA SER C 561 147.81 -258.93 3.53
C SER C 561 148.47 -257.57 3.74
N ILE C 562 148.06 -256.88 4.81
CA ILE C 562 148.63 -255.57 5.11
C ILE C 562 150.02 -255.70 5.71
N SER C 563 150.24 -256.71 6.55
CA SER C 563 151.54 -256.90 7.16
C SER C 563 152.59 -257.27 6.12
N ARG C 564 152.23 -258.15 5.18
CA ARG C 564 153.18 -258.53 4.12
C ARG C 564 153.53 -257.32 3.25
N ALA C 565 152.55 -256.49 2.92
CA ALA C 565 152.82 -255.30 2.12
C ALA C 565 153.68 -254.31 2.88
N LEU C 566 153.43 -254.13 4.17
CA LEU C 566 154.24 -253.22 4.98
C LEU C 566 155.67 -253.73 5.13
N SER C 567 155.85 -255.06 5.20
CA SER C 567 157.19 -255.62 5.28
C SER C 567 157.92 -255.48 3.95
N MET C 568 157.20 -255.68 2.84
CA MET C 568 157.83 -255.54 1.52
C MET C 568 158.20 -254.10 1.23
N TYR C 569 157.38 -253.13 1.67
CA TYR C 569 157.69 -251.72 1.48
C TYR C 569 158.76 -251.22 2.43
N GLU C 570 159.11 -251.99 3.46
CA GLU C 570 160.14 -251.59 4.42
C GLU C 570 161.47 -252.29 4.18
N GLU C 571 161.46 -253.51 3.65
CA GLU C 571 162.70 -254.22 3.38
C GLU C 571 163.45 -253.68 2.17
N ALA C 572 162.81 -252.89 1.33
CA ALA C 572 163.46 -252.34 0.14
C ALA C 572 164.28 -251.10 0.46
N PHE C 573 163.87 -250.30 1.44
CA PHE C 573 164.59 -249.09 1.81
C PHE C 573 164.53 -248.91 3.32
N GLN C 574 165.69 -248.67 3.93
CA GLN C 574 165.74 -248.49 5.38
C GLN C 574 165.18 -247.14 5.77
N ASN C 575 164.49 -247.11 6.92
CA ASN C 575 163.88 -245.88 7.42
C ASN C 575 164.73 -245.30 8.54
N PRO C 607 164.15 -244.51 9.43
CA PRO C 607 164.94 -243.93 10.52
C PRO C 607 165.14 -244.92 11.66
N LEU C 608 166.30 -244.80 12.31
CA LEU C 608 166.67 -245.66 13.41
C LEU C 608 166.38 -245.03 14.77
N ARG C 609 165.89 -243.79 14.81
CA ARG C 609 165.59 -243.11 16.06
C ARG C 609 164.26 -242.36 15.91
N ASP C 610 163.18 -243.12 15.70
CA ASP C 610 161.85 -242.55 15.54
C ASP C 610 160.82 -243.56 15.98
N VAL C 611 159.74 -243.08 16.59
CA VAL C 611 158.68 -243.97 17.04
C VAL C 611 157.80 -244.39 15.87
N CYS C 612 157.60 -243.51 14.89
CA CYS C 612 156.78 -243.85 13.73
C CYS C 612 157.50 -244.86 12.84
N PHE C 613 158.83 -244.81 12.79
CA PHE C 613 159.56 -245.77 11.99
C PHE C 613 159.66 -247.13 12.67
N HIS C 614 159.43 -247.18 13.98
CA HIS C 614 159.49 -248.43 14.72
C HIS C 614 158.12 -249.08 14.87
N LEU C 615 157.05 -248.28 14.96
CA LEU C 615 155.71 -248.85 15.08
C LEU C 615 155.29 -249.55 13.79
N LEU C 616 155.71 -249.02 12.65
CA LEU C 616 155.40 -249.65 11.37
C LEU C 616 156.24 -250.90 11.09
N LYS C 617 157.37 -251.05 11.80
CA LYS C 617 158.22 -252.22 11.61
C LYS C 617 157.95 -253.31 12.64
N LEU C 618 157.46 -252.95 13.83
CA LEU C 618 157.16 -253.93 14.86
C LEU C 618 155.86 -254.67 14.61
N TYR C 619 155.04 -254.22 13.66
CA TYR C 619 153.77 -254.87 13.34
C TYR C 619 153.70 -255.38 11.92
N SER C 620 154.80 -255.32 11.16
CA SER C 620 154.80 -255.81 9.78
C SER C 620 155.30 -257.23 9.70
N ASP C 621 156.63 -257.40 9.62
CA ASP C 621 157.22 -258.73 9.55
C ASP C 621 157.41 -259.38 10.92
N ARG C 622 157.09 -258.67 12.01
CA ARG C 622 157.22 -259.20 13.36
C ARG C 622 155.92 -259.82 13.88
N HIS C 623 155.07 -260.30 12.98
CA HIS C 623 153.81 -260.91 13.40
C HIS C 623 154.02 -262.28 14.04
N TYR C 624 155.04 -263.02 13.61
CA TYR C 624 155.34 -264.34 14.14
C TYR C 624 156.55 -264.35 15.07
N ASP C 625 157.24 -263.22 15.22
CA ASP C 625 158.42 -263.12 16.07
C ASP C 625 158.51 -261.71 16.64
N LEU C 626 157.52 -261.34 17.47
CA LEU C 626 157.52 -260.03 18.08
C LEU C 626 158.50 -259.93 19.23
N ASN C 627 158.72 -261.03 19.97
CA ASN C 627 159.66 -261.00 21.07
C ASN C 627 161.09 -260.86 20.58
N GLN C 628 161.40 -261.44 19.41
CA GLN C 628 162.74 -261.32 18.84
C GLN C 628 162.95 -259.96 18.18
N LEU C 629 161.89 -259.24 17.87
CA LEU C 629 161.98 -257.93 17.23
C LEU C 629 161.96 -256.78 18.22
N LEU C 630 161.24 -256.92 19.33
CA LEU C 630 161.16 -255.85 20.32
C LEU C 630 162.42 -255.75 21.17
N GLU C 631 163.15 -256.85 21.36
CA GLU C 631 164.35 -256.84 22.18
C GLU C 631 165.52 -256.24 21.39
N PRO C 632 165.54 -256.40 20.06
CA PRO C 632 166.65 -255.82 19.28
C PRO C 632 166.53 -254.33 19.05
N ARG C 633 165.32 -253.78 18.99
CA ARG C 633 165.14 -252.35 18.77
C ARG C 633 165.39 -251.53 20.02
N SER C 634 165.07 -252.06 21.21
CA SER C 634 165.28 -251.33 22.45
C SER C 634 166.73 -251.35 22.91
N ILE C 635 167.54 -252.31 22.45
CA ILE C 635 168.94 -252.40 22.84
C ILE C 635 169.83 -251.50 21.99
N THR C 636 169.29 -250.92 20.92
CA THR C 636 170.04 -250.05 20.03
C THR C 636 169.57 -248.61 20.04
N ALA C 637 168.29 -248.35 20.34
CA ALA C 637 167.77 -247.00 20.36
C ALA C 637 166.69 -246.90 21.43
N ASP C 638 166.63 -245.74 22.09
CA ASP C 638 165.65 -245.50 23.14
C ASP C 638 164.53 -244.61 22.62
N PRO C 639 163.88 -244.99 21.52
CA PRO C 639 162.80 -244.15 20.98
C PRO C 639 161.50 -244.32 21.75
N LEU C 640 161.24 -245.53 22.24
CA LEU C 640 160.02 -245.82 22.97
C LEU C 640 160.17 -245.38 24.43
N ASP C 641 159.05 -245.06 25.05
CA ASP C 641 159.02 -244.64 26.44
C ASP C 641 159.03 -245.86 27.36
N TYR C 642 159.08 -245.60 28.66
CA TYR C 642 159.09 -246.69 29.64
C TYR C 642 157.71 -247.29 29.82
N ARG C 643 156.66 -246.46 29.80
CA ARG C 643 155.31 -246.94 29.96
C ARG C 643 154.64 -247.34 28.65
N LEU C 644 155.07 -246.72 27.54
CA LEU C 644 154.48 -247.05 26.24
C LEU C 644 154.77 -248.49 25.85
N SER C 645 156.01 -248.96 26.08
CA SER C 645 156.35 -250.33 25.76
C SER C 645 155.56 -251.32 26.62
N TRP C 646 155.39 -251.00 27.91
CA TRP C 646 154.60 -251.87 28.78
C TRP C 646 153.15 -251.91 28.34
N HIS C 647 152.59 -250.75 27.95
CA HIS C 647 151.21 -250.73 27.48
C HIS C 647 151.05 -251.52 26.19
N LEU C 648 152.01 -251.40 25.27
CA LEU C 648 151.95 -252.15 24.02
C LEU C 648 152.10 -253.65 24.26
N TRP C 649 152.91 -254.05 25.25
CA TRP C 649 153.06 -255.47 25.55
C TRP C 649 151.83 -256.02 26.25
N GLU C 650 151.17 -255.20 27.08
CA GLU C 650 149.97 -255.67 27.78
C GLU C 650 148.75 -255.70 26.86
N VAL C 651 148.67 -254.79 25.90
CA VAL C 651 147.53 -254.77 24.99
C VAL C 651 147.64 -255.88 23.95
N LEU C 652 148.85 -256.24 23.55
CA LEU C 652 149.04 -257.30 22.56
C LEU C 652 148.89 -258.69 23.16
N ARG C 653 149.08 -258.84 24.47
CA ARG C 653 148.96 -260.14 25.12
C ARG C 653 147.56 -260.42 25.63
N ALA C 654 146.74 -259.38 25.83
CA ALA C 654 145.37 -259.54 26.32
C ALA C 654 144.34 -259.52 25.20
N LEU C 655 144.76 -259.34 23.96
CA LEU C 655 143.85 -259.29 22.81
C LEU C 655 144.18 -260.34 21.76
N ASN C 656 145.10 -261.26 22.05
CA ASN C 656 145.50 -262.31 21.12
C ASN C 656 146.00 -261.72 19.80
N TYR C 657 146.90 -260.76 19.90
CA TYR C 657 147.47 -260.10 18.73
C TYR C 657 148.76 -260.77 18.26
N THR C 658 149.74 -260.90 19.15
CA THR C 658 151.01 -261.52 18.82
C THR C 658 151.54 -262.24 20.05
N HIS C 659 152.63 -262.98 19.85
CA HIS C 659 153.27 -263.74 20.92
C HIS C 659 154.23 -262.84 21.68
N LEU C 660 154.13 -262.85 23.00
CA LEU C 660 154.99 -262.04 23.86
C LEU C 660 155.55 -262.91 24.99
N SER C 661 156.80 -262.65 25.36
CA SER C 661 157.43 -263.41 26.42
C SER C 661 156.96 -262.93 27.79
N ALA C 662 157.19 -263.78 28.80
CA ALA C 662 156.79 -263.45 30.17
C ALA C 662 157.84 -262.63 30.89
N GLN C 663 159.11 -262.92 30.67
CA GLN C 663 160.17 -262.17 31.35
C GLN C 663 160.20 -260.70 30.89
N CYS C 664 160.05 -260.48 29.57
CA CYS C 664 160.03 -259.10 29.07
C CYS C 664 158.81 -258.34 29.59
N GLU C 665 157.65 -259.00 29.64
CA GLU C 665 156.46 -258.35 30.16
C GLU C 665 156.62 -258.02 31.64
N GLY C 666 157.20 -258.93 32.41
CA GLY C 666 157.45 -258.65 33.82
C GLY C 666 158.42 -257.52 34.03
N VAL C 667 159.48 -257.47 33.22
CA VAL C 667 160.45 -256.39 33.31
C VAL C 667 159.81 -255.05 32.96
N LEU C 668 158.96 -255.04 31.93
CA LEU C 668 158.27 -253.81 31.56
C LEU C 668 157.31 -253.37 32.66
N GLN C 669 156.59 -254.31 33.27
CA GLN C 669 155.69 -253.96 34.36
C GLN C 669 156.45 -253.41 35.56
N ALA C 670 157.60 -254.02 35.88
CA ALA C 670 158.42 -253.52 36.98
C ALA C 670 158.96 -252.13 36.69
N SER C 671 159.39 -251.88 35.45
CA SER C 671 159.88 -250.56 35.09
C SER C 671 158.77 -249.53 35.16
N TYR C 672 157.56 -249.89 34.72
CA TYR C 672 156.44 -248.96 34.80
C TYR C 672 156.07 -248.66 36.25
N ALA C 673 156.05 -249.69 37.10
CA ALA C 673 155.75 -249.48 38.51
C ALA C 673 156.83 -248.63 39.19
N GLY C 674 158.08 -248.78 38.80
CA GLY C 674 159.12 -247.94 39.36
C GLY C 674 159.04 -246.50 38.89
N GLN C 675 158.72 -246.31 37.61
CA GLN C 675 158.57 -244.95 37.09
C GLN C 675 157.36 -244.25 37.68
N LEU C 676 156.28 -244.99 37.95
CA LEU C 676 155.11 -244.38 38.57
C LEU C 676 155.32 -244.09 40.05
N GLU C 677 156.17 -244.87 40.71
CA GLU C 677 156.45 -244.66 42.13
C GLU C 677 157.53 -243.61 42.37
N SER C 678 158.42 -243.39 41.39
CA SER C 678 159.47 -242.40 41.57
C SER C 678 158.93 -240.97 41.54
N GLU C 679 157.76 -240.75 40.95
CA GLU C 679 157.16 -239.42 40.89
C GLU C 679 156.30 -239.11 42.11
N GLY C 680 155.58 -240.10 42.63
CA GLY C 680 154.73 -239.88 43.78
C GLY C 680 153.39 -240.58 43.68
N LEU C 681 153.13 -241.22 42.55
CA LEU C 681 151.87 -241.93 42.33
C LEU C 681 151.95 -243.31 42.95
N TRP C 682 151.07 -243.60 43.90
CA TRP C 682 151.05 -244.90 44.56
C TRP C 682 150.03 -245.85 43.94
N GLU C 683 148.84 -245.36 43.60
CA GLU C 683 147.82 -246.21 43.01
C GLU C 683 148.25 -246.71 41.64
N TRP C 684 148.81 -245.82 40.82
CA TRP C 684 149.29 -246.24 39.50
C TRP C 684 150.43 -247.24 39.61
N ALA C 685 151.34 -247.01 40.55
CA ALA C 685 152.45 -247.96 40.75
C ALA C 685 151.93 -249.32 41.20
N ILE C 686 150.96 -249.33 42.10
CA ILE C 686 150.39 -250.60 42.57
C ILE C 686 149.67 -251.32 41.43
N PHE C 687 148.95 -250.57 40.59
CA PHE C 687 148.25 -251.18 39.47
C PHE C 687 149.23 -251.72 38.43
N VAL C 688 150.36 -251.05 38.25
CA VAL C 688 151.36 -251.53 37.30
C VAL C 688 152.09 -252.75 37.86
N LEU C 689 152.30 -252.80 39.17
CA LEU C 689 152.98 -253.93 39.78
C LEU C 689 152.08 -255.15 39.89
N LEU C 690 150.77 -254.96 40.02
CA LEU C 690 149.85 -256.08 40.13
C LEU C 690 149.74 -256.85 38.82
N HIS C 691 150.03 -256.23 37.69
CA HIS C 691 149.95 -256.90 36.39
C HIS C 691 151.31 -257.50 36.00
N ILE C 692 151.75 -258.46 36.82
CA ILE C 692 153.01 -259.13 36.60
C ILE C 692 152.76 -260.60 36.30
N ASP C 693 153.84 -261.38 36.19
CA ASP C 693 153.74 -262.82 35.92
C ASP C 693 154.01 -263.66 37.15
N ASN C 694 155.14 -263.45 37.80
CA ASN C 694 155.49 -264.20 39.00
C ASN C 694 154.70 -263.68 40.20
N SER C 695 154.14 -264.61 40.98
CA SER C 695 153.36 -264.21 42.14
C SER C 695 154.26 -263.80 43.29
N GLY C 696 155.39 -264.49 43.47
CA GLY C 696 156.30 -264.15 44.55
C GLY C 696 156.93 -262.79 44.38
N ILE C 697 157.21 -262.40 43.13
CA ILE C 697 157.78 -261.08 42.89
C ILE C 697 156.70 -260.01 42.99
N ARG C 698 155.48 -260.30 42.51
CA ARG C 698 154.40 -259.32 42.58
C ARG C 698 154.01 -259.04 44.03
N GLU C 699 153.95 -260.07 44.87
CA GLU C 699 153.63 -259.86 46.28
C GLU C 699 154.70 -259.04 46.97
N LYS C 700 155.97 -259.30 46.67
CA LYS C 700 157.05 -258.52 47.27
C LYS C 700 157.00 -257.07 46.81
N ALA C 701 156.70 -256.84 45.52
CA ALA C 701 156.59 -255.48 45.03
C ALA C 701 155.42 -254.74 45.66
N VAL C 702 154.29 -255.43 45.86
CA VAL C 702 153.14 -254.81 46.50
C VAL C 702 153.45 -254.49 47.95
N ARG C 703 154.15 -255.38 48.65
CA ARG C 703 154.53 -255.12 50.03
C ARG C 703 155.49 -253.94 50.12
N GLU C 704 156.44 -253.85 49.20
CA GLU C 704 157.38 -252.73 49.21
C GLU C 704 156.66 -251.41 48.91
N LEU C 705 155.71 -251.42 47.97
CA LEU C 705 154.96 -250.22 47.66
C LEU C 705 154.06 -249.80 48.82
N LEU C 706 153.52 -250.77 49.57
CA LEU C 706 152.70 -250.44 50.72
C LEU C 706 153.54 -249.91 51.87
N THR C 707 154.75 -250.45 52.06
CA THR C 707 155.61 -249.99 53.13
C THR C 707 156.24 -248.63 52.80
N ARG C 708 156.40 -248.32 51.51
CA ARG C 708 156.99 -247.04 51.14
C ARG C 708 156.01 -245.91 51.36
N HIS C 709 154.74 -246.10 50.99
CA HIS C 709 153.72 -245.07 51.15
C HIS C 709 152.37 -245.75 51.31
N CYS C 710 151.68 -245.47 52.42
CA CYS C 710 150.37 -246.04 52.69
C CYS C 710 149.35 -245.05 53.22
N GLN C 711 149.77 -243.95 53.85
CA GLN C 711 148.83 -242.98 54.38
C GLN C 711 148.23 -242.08 53.29
N LEU C 712 148.90 -241.96 52.14
CA LEU C 712 148.39 -241.13 51.06
C LEU C 712 147.28 -241.82 50.29
N LEU C 713 147.23 -243.14 50.30
CA LEU C 713 146.20 -243.88 49.58
C LEU C 713 145.56 -244.92 50.49
N GLU C 714 144.84 -244.48 51.51
CA GLU C 714 144.17 -245.36 52.45
C GLU C 714 142.67 -245.35 52.21
N THR C 715 142.05 -246.51 52.34
CA THR C 715 140.60 -246.63 52.12
C THR C 715 139.87 -246.53 53.45
N PRO C 716 140.18 -247.40 54.42
CA PRO C 716 139.49 -247.32 55.72
C PRO C 716 140.02 -246.15 56.55
N GLU C 717 139.28 -245.84 57.61
CA GLU C 717 139.60 -244.74 58.51
C GLU C 717 139.70 -243.42 57.76
N SER C 718 138.56 -242.75 57.58
CA SER C 718 138.49 -241.50 56.83
C SER C 718 139.00 -241.68 55.41
N TRP C 719 138.13 -242.09 54.50
CA TRP C 719 138.52 -242.36 53.13
C TRP C 719 138.94 -241.08 52.43
N ALA C 720 140.09 -241.13 51.74
CA ALA C 720 140.58 -239.98 50.99
C ALA C 720 141.35 -240.40 49.75
N LYS C 721 141.13 -241.61 49.26
CA LYS C 721 141.81 -242.14 48.08
C LYS C 721 140.81 -242.48 46.99
N GLU C 722 139.97 -241.50 46.65
CA GLU C 722 138.95 -241.64 45.61
C GLU C 722 138.01 -242.81 45.89
N THR C 723 137.62 -242.95 47.16
CA THR C 723 136.68 -243.98 47.60
C THR C 723 137.16 -245.39 47.25
N PHE C 724 137.98 -245.97 48.14
CA PHE C 724 138.49 -247.33 47.98
C PHE C 724 139.27 -247.50 46.68
N LEU C 725 140.56 -247.19 46.72
CA LEU C 725 141.42 -247.34 45.55
C LEU C 725 142.17 -248.67 45.54
N THR C 726 142.66 -249.14 46.68
CA THR C 726 143.39 -250.38 46.76
C THR C 726 142.49 -251.59 47.01
N GLN C 727 141.31 -251.37 47.58
CA GLN C 727 140.39 -252.48 47.83
C GLN C 727 139.65 -252.92 46.58
N LYS C 728 139.61 -252.07 45.54
CA LYS C 728 138.92 -252.43 44.31
C LYS C 728 139.79 -253.24 43.36
N LEU C 729 141.08 -253.36 43.64
CA LEU C 729 141.99 -254.12 42.80
C LEU C 729 142.22 -255.54 43.30
N ARG C 730 141.25 -256.10 44.03
CA ARG C 730 141.34 -257.46 44.56
C ARG C 730 142.58 -257.64 45.43
N VAL C 731 142.84 -256.68 46.31
CA VAL C 731 144.00 -256.72 47.21
C VAL C 731 143.51 -256.83 48.65
N PRO C 732 144.27 -257.46 49.54
CA PRO C 732 143.83 -257.57 50.93
C PRO C 732 144.06 -256.29 51.70
N ALA C 733 143.11 -255.96 52.57
CA ALA C 733 143.19 -254.76 53.38
C ALA C 733 144.00 -254.96 54.66
N LYS C 734 144.42 -256.19 54.96
CA LYS C 734 145.20 -256.43 56.17
C LYS C 734 146.65 -255.99 56.01
N TRP C 735 147.20 -256.04 54.79
CA TRP C 735 148.57 -255.63 54.58
C TRP C 735 148.70 -254.11 54.51
N ILE C 736 147.75 -253.44 53.87
CA ILE C 736 147.81 -251.98 53.75
C ILE C 736 147.65 -251.34 55.12
N HIS C 737 146.72 -251.85 55.94
CA HIS C 737 146.54 -251.30 57.27
C HIS C 737 147.76 -251.53 58.14
N GLU C 738 148.38 -252.71 58.04
CA GLU C 738 149.58 -252.98 58.81
C GLU C 738 150.72 -252.07 58.38
N ALA C 739 150.87 -251.84 57.07
CA ALA C 739 151.91 -250.94 56.58
C ALA C 739 151.66 -249.51 57.05
N LYS C 740 150.41 -249.07 57.03
CA LYS C 740 150.09 -247.73 57.50
C LYS C 740 150.38 -247.58 58.99
N ALA C 741 150.06 -248.61 59.77
CA ALA C 741 150.34 -248.57 61.20
C ALA C 741 151.85 -248.56 61.47
N VAL C 742 152.62 -249.35 60.71
CA VAL C 742 154.06 -249.37 60.90
C VAL C 742 154.68 -248.04 60.48
N ARG C 743 154.11 -247.38 59.47
CA ARG C 743 154.63 -246.08 59.06
C ARG C 743 154.27 -245.00 60.08
N ALA C 744 153.07 -245.08 60.67
CA ALA C 744 152.67 -244.10 61.66
C ALA C 744 153.44 -244.28 62.97
N HIS C 745 153.82 -245.52 63.30
CA HIS C 745 154.59 -245.77 64.51
C HIS C 745 156.02 -245.23 64.40
N MET C 746 156.51 -245.02 63.19
CA MET C 746 157.86 -244.49 62.97
C MET C 746 157.89 -243.01 62.63
N GLU C 747 156.82 -242.49 62.02
CA GLU C 747 156.76 -241.07 61.66
C GLU C 747 156.02 -240.25 62.71
N SER C 748 154.83 -240.69 63.10
CA SER C 748 154.03 -239.98 64.08
C SER C 748 154.39 -240.49 65.49
N ASP C 749 153.60 -240.07 66.48
CA ASP C 749 153.84 -240.49 67.85
C ASP C 749 153.32 -241.90 68.08
N LYS C 750 153.79 -242.51 69.18
CA LYS C 750 153.38 -243.87 69.53
C LYS C 750 152.02 -243.91 70.21
N HIS C 751 151.56 -242.79 70.78
CA HIS C 751 150.27 -242.78 71.46
C HIS C 751 149.10 -242.72 70.47
N LEU C 752 149.32 -242.15 69.28
CA LEU C 752 148.27 -242.07 68.27
C LEU C 752 148.33 -243.17 67.24
N GLU C 753 149.48 -243.83 67.08
CA GLU C 753 149.61 -244.91 66.11
C GLU C 753 149.13 -246.25 66.65
N ALA C 754 148.90 -246.36 67.96
CA ALA C 754 148.44 -247.62 68.53
C ALA C 754 146.94 -247.82 68.30
N LEU C 755 146.18 -246.73 68.16
CA LEU C 755 144.75 -246.86 67.93
C LEU C 755 144.42 -247.25 66.50
N CYS C 756 145.32 -246.98 65.56
CA CYS C 756 145.10 -247.33 64.16
C CYS C 756 145.51 -248.75 63.83
N LEU C 757 146.20 -249.44 64.74
CA LEU C 757 146.64 -250.81 64.52
C LEU C 757 145.72 -251.85 65.15
N PHE C 758 145.15 -251.56 66.32
CA PHE C 758 144.25 -252.50 66.98
C PHE C 758 142.84 -252.43 66.43
N LYS C 759 142.43 -251.27 65.92
CA LYS C 759 141.10 -251.08 65.38
C LYS C 759 141.02 -251.42 63.89
N ALA C 760 142.13 -251.81 63.27
CA ALA C 760 142.15 -252.16 61.85
C ALA C 760 141.84 -253.63 61.60
N GLU C 761 141.63 -254.42 62.64
CA GLU C 761 141.32 -255.84 62.52
C GLU C 761 142.40 -256.58 61.75
N HIS C 762 143.66 -256.29 62.07
CA HIS C 762 144.79 -256.93 61.39
C HIS C 762 146.00 -256.95 62.31
N TRP C 763 145.78 -257.22 63.60
CA TRP C 763 146.88 -257.25 64.56
C TRP C 763 147.61 -258.59 64.50
N ASN C 764 146.87 -259.70 64.66
CA ASN C 764 147.42 -261.06 64.63
C ASN C 764 148.53 -261.21 65.68
N ARG C 765 148.08 -261.29 66.93
CA ARG C 765 148.96 -261.44 68.10
C ARG C 765 149.98 -260.30 68.16
N CYS C 766 149.46 -259.08 68.22
CA CYS C 766 150.27 -257.87 68.29
C CYS C 766 149.93 -257.06 69.53
N HIS C 767 149.67 -257.74 70.65
CA HIS C 767 149.33 -257.06 71.88
C HIS C 767 150.56 -256.45 72.55
N LYS C 768 151.73 -257.07 72.38
CA LYS C 768 152.95 -256.53 73.00
C LYS C 768 153.32 -255.18 72.40
N LEU C 769 153.22 -255.05 71.07
CA LEU C 769 153.54 -253.77 70.44
C LEU C 769 152.55 -252.69 70.87
N ILE C 770 151.27 -253.04 70.98
CA ILE C 770 150.28 -252.06 71.41
C ILE C 770 150.51 -251.64 72.86
N ILE C 771 150.90 -252.59 73.71
CA ILE C 771 151.17 -252.26 75.11
C ILE C 771 152.42 -251.42 75.22
N ARG C 772 153.41 -251.64 74.36
CA ARG C 772 154.63 -250.83 74.40
C ARG C 772 154.38 -249.44 73.86
N HIS C 773 153.49 -249.30 72.87
CA HIS C 773 153.18 -247.99 72.32
C HIS C 773 152.27 -247.18 73.24
N LEU C 774 151.37 -247.85 73.96
CA LEU C 774 150.46 -247.15 74.87
C LEU C 774 151.14 -246.69 76.15
N ALA C 775 152.36 -247.15 76.41
CA ALA C 775 153.09 -246.75 77.62
C ALA C 775 153.66 -245.34 77.53
N SER C 776 153.69 -244.74 76.33
CA SER C 776 154.24 -243.40 76.17
C SER C 776 153.30 -242.32 76.72
N ASP C 777 152.00 -242.60 76.80
CA ASP C 777 151.01 -241.65 77.31
C ASP C 777 150.73 -241.85 78.79
N ALA C 778 151.77 -242.11 79.59
CA ALA C 778 151.60 -242.32 81.02
C ALA C 778 151.41 -241.03 81.80
N ILE C 779 151.69 -239.88 81.19
CA ILE C 779 151.54 -238.59 81.87
C ILE C 779 150.09 -238.15 81.79
N ILE C 780 149.78 -236.98 82.36
CA ILE C 780 148.45 -236.41 82.39
C ILE C 780 147.49 -237.39 83.06
N ASN C 781 147.46 -237.37 84.39
CA ASN C 781 146.58 -238.26 85.14
C ASN C 781 145.10 -237.92 84.96
N GLU C 782 144.79 -236.68 84.58
CA GLU C 782 143.42 -236.26 84.38
C GLU C 782 142.83 -236.75 83.06
N ASN C 783 143.66 -237.31 82.16
CA ASN C 783 143.17 -237.81 80.89
C ASN C 783 143.24 -239.33 80.83
N TYR C 784 142.56 -240.00 81.75
CA TYR C 784 142.54 -241.45 81.80
C TYR C 784 141.50 -242.06 80.86
N ASP C 785 140.71 -241.24 80.17
CA ASP C 785 139.71 -241.78 79.26
C ASP C 785 140.35 -242.50 78.08
N TYR C 786 141.44 -241.94 77.54
CA TYR C 786 142.12 -242.60 76.44
C TYR C 786 142.74 -243.93 76.88
N LEU C 787 143.33 -243.96 78.09
CA LEU C 787 143.89 -245.20 78.60
C LEU C 787 142.80 -246.24 78.82
N LYS C 788 141.65 -245.83 79.36
CA LYS C 788 140.55 -246.76 79.56
C LYS C 788 140.03 -247.30 78.23
N GLY C 789 139.92 -246.43 77.22
CA GLY C 789 139.48 -246.88 75.91
C GLY C 789 140.47 -247.85 75.28
N PHE C 790 141.76 -247.57 75.43
CA PHE C 790 142.77 -248.48 74.89
C PHE C 790 142.74 -249.83 75.61
N LEU C 791 142.57 -249.82 76.93
CA LEU C 791 142.49 -251.08 77.67
C LEU C 791 141.23 -251.86 77.32
N GLU C 792 140.13 -251.16 77.01
CA GLU C 792 138.91 -251.86 76.62
C GLU C 792 139.01 -252.41 75.20
N ASP C 793 139.71 -251.70 74.31
CA ASP C 793 139.86 -252.16 72.93
C ASP C 793 140.92 -253.25 72.79
N LEU C 794 141.89 -253.31 73.70
CA LEU C 794 142.91 -254.35 73.63
C LEU C 794 142.34 -255.74 73.87
N ALA C 795 141.22 -255.86 74.56
CA ALA C 795 140.60 -257.15 74.82
C ALA C 795 139.95 -257.69 73.55
N PRO C 796 139.36 -256.82 72.73
CA PRO C 796 138.72 -257.28 71.49
C PRO C 796 139.76 -257.83 70.53
N PRO C 797 140.90 -257.17 70.40
CA PRO C 797 141.94 -257.72 69.51
C PRO C 797 142.51 -259.04 70.01
N GLU C 798 142.71 -259.17 71.33
CA GLU C 798 143.20 -260.42 71.89
C GLU C 798 142.18 -261.54 71.73
N ARG C 799 140.89 -261.21 71.80
CA ARG C 799 139.85 -262.23 71.61
C ARG C 799 139.70 -262.61 70.14
N SER C 800 139.92 -261.67 69.22
CA SER C 800 139.82 -261.98 67.80
C SER C 800 141.05 -262.71 67.28
N SER C 801 142.22 -262.47 67.89
CA SER C 801 143.45 -263.11 67.48
C SER C 801 143.66 -264.47 68.14
N LEU C 802 142.66 -264.97 68.87
CA LEU C 802 142.73 -266.27 69.55
C LEU C 802 143.91 -266.31 70.52
N ILE C 803 143.82 -265.50 71.56
CA ILE C 803 144.84 -265.41 72.59
C ILE C 803 144.19 -265.70 73.94
N GLN C 804 144.71 -266.72 74.63
CA GLN C 804 144.17 -267.11 75.92
C GLN C 804 145.30 -267.63 76.81
N ASP C 805 146.40 -266.87 76.87
CA ASP C 805 147.54 -267.25 77.68
C ASP C 805 148.27 -266.01 78.21
N TRP C 806 149.03 -265.36 77.35
CA TRP C 806 149.77 -264.15 77.73
C TRP C 806 148.83 -262.96 77.68
N GLU C 807 148.31 -262.57 78.86
CA GLU C 807 147.38 -261.45 78.98
C GLU C 807 147.53 -260.87 80.39
N THR C 808 148.68 -260.27 80.66
CA THR C 808 148.99 -259.68 81.95
C THR C 808 149.22 -258.18 81.89
N SER C 809 149.90 -257.69 80.84
CA SER C 809 150.16 -256.25 80.75
C SER C 809 148.88 -255.47 80.55
N GLY C 810 148.00 -255.94 79.66
CA GLY C 810 146.72 -255.26 79.46
C GLY C 810 145.85 -255.29 80.70
N LEU C 811 145.83 -256.42 81.39
CA LEU C 811 145.05 -256.53 82.64
C LEU C 811 145.59 -255.58 83.70
N VAL C 812 146.92 -255.48 83.82
CA VAL C 812 147.51 -254.57 84.80
C VAL C 812 147.20 -253.12 84.42
N TYR C 813 147.27 -252.78 83.14
CA TYR C 813 146.97 -251.42 82.71
C TYR C 813 145.50 -251.08 82.92
N LEU C 814 144.61 -252.05 82.77
CA LEU C 814 143.18 -251.80 83.02
C LEU C 814 142.88 -251.71 84.51
N ASP C 815 143.61 -252.46 85.34
CA ASP C 815 143.37 -252.42 86.77
C ASP C 815 144.00 -251.19 87.42
N TYR C 816 145.06 -250.64 86.82
CA TYR C 816 145.69 -249.45 87.38
C TYR C 816 144.77 -248.23 87.28
N ILE C 817 144.13 -248.06 86.13
CA ILE C 817 143.23 -246.92 85.95
C ILE C 817 142.03 -247.04 86.87
N ARG C 818 141.48 -248.24 87.02
CA ARG C 818 140.34 -248.44 87.92
C ARG C 818 140.74 -248.19 89.37
N VAL C 819 141.93 -248.62 89.76
CA VAL C 819 142.39 -248.38 91.13
C VAL C 819 142.60 -246.89 91.37
N ILE C 820 143.15 -246.18 90.38
CA ILE C 820 143.36 -244.75 90.52
C ILE C 820 142.02 -244.03 90.62
N GLU C 821 141.03 -244.45 89.83
CA GLU C 821 139.71 -243.84 89.90
C GLU C 821 139.05 -244.10 91.24
N MET C 822 139.18 -245.33 91.76
CA MET C 822 138.59 -245.64 93.06
C MET C 822 139.29 -244.88 94.19
N LEU C 823 140.59 -244.65 94.07
CA LEU C 823 141.31 -243.87 95.08
C LEU C 823 140.96 -242.39 95.00
N ARG C 824 140.72 -241.88 93.80
CA ARG C 824 140.37 -240.47 93.66
C ARG C 824 138.93 -240.21 94.07
N HIS C 825 138.04 -241.20 93.88
CA HIS C 825 136.65 -241.03 94.25
C HIS C 825 136.42 -241.34 95.73
N ILE C 826 136.93 -242.48 96.19
CA ILE C 826 136.79 -242.92 97.58
C ILE C 826 138.14 -242.76 98.26
N GLN C 827 138.18 -242.01 99.35
CA GLN C 827 139.41 -241.78 100.10
C GLN C 827 139.40 -242.43 101.48
N GLN C 828 138.34 -243.13 101.84
CA GLN C 828 138.25 -243.79 103.14
C GLN C 828 138.36 -245.30 103.07
N VAL C 829 138.30 -245.89 101.88
CA VAL C 829 138.39 -247.33 101.73
C VAL C 829 139.85 -247.75 101.78
N ASP C 830 140.12 -248.91 102.41
CA ASP C 830 141.47 -249.41 102.52
C ASP C 830 141.51 -250.93 102.59
N CYS C 831 140.58 -251.62 101.93
CA CYS C 831 140.51 -253.06 101.93
C CYS C 831 141.08 -253.62 100.63
N SER C 832 141.20 -254.95 100.59
CA SER C 832 141.73 -255.62 99.41
C SER C 832 140.69 -255.64 98.30
N GLY C 833 141.15 -255.44 97.07
CA GLY C 833 140.26 -255.43 95.92
C GLY C 833 140.34 -256.69 95.08
N ASN C 834 140.57 -257.83 95.73
CA ASN C 834 140.66 -259.13 95.07
C ASN C 834 141.73 -259.13 93.99
N ASP C 835 141.43 -258.52 92.85
CA ASP C 835 142.37 -258.48 91.73
C ASP C 835 143.53 -257.51 91.96
N LEU C 836 143.55 -256.80 93.09
CA LEU C 836 144.65 -255.87 93.35
C LEU C 836 145.97 -256.61 93.52
N GLU C 837 145.95 -257.74 94.22
CA GLU C 837 147.18 -258.52 94.41
C GLU C 837 147.68 -259.07 93.08
N GLN C 838 146.76 -259.56 92.23
CA GLN C 838 147.16 -260.06 90.93
C GLN C 838 147.73 -258.94 90.05
N LEU C 839 147.11 -257.77 90.10
CA LEU C 839 147.62 -256.64 89.32
C LEU C 839 149.00 -256.21 89.81
N HIS C 840 149.22 -256.21 91.13
CA HIS C 840 150.52 -255.86 91.67
C HIS C 840 151.57 -256.89 91.28
N ILE C 841 151.21 -258.18 91.31
CA ILE C 841 152.15 -259.22 90.91
C ILE C 841 152.49 -259.10 89.43
N LYS C 842 151.51 -258.79 88.59
CA LYS C 842 151.76 -258.61 87.16
C LYS C 842 152.66 -257.40 86.92
N VAL C 843 152.42 -256.30 87.63
CA VAL C 843 153.24 -255.11 87.48
C VAL C 843 154.68 -255.40 87.92
N THR C 844 154.84 -256.15 89.01
CA THR C 844 156.18 -256.50 89.47
C THR C 844 156.89 -257.40 88.47
N SER C 845 156.17 -258.37 87.90
CA SER C 845 156.79 -259.27 86.91
C SER C 845 157.15 -258.50 85.65
N LEU C 846 156.36 -257.51 85.28
CA LEU C 846 156.68 -256.71 84.10
C LEU C 846 157.84 -255.75 84.35
N CYS C 847 157.96 -255.24 85.58
CA CYS C 847 159.04 -254.33 85.90
C CYS C 847 160.36 -255.05 86.15
N SER C 848 160.31 -256.33 86.55
CA SER C 848 161.52 -257.09 86.80
C SER C 848 162.02 -257.74 85.51
N ARG C 849 161.87 -257.06 84.39
CA ARG C 849 162.35 -257.59 83.12
C ARG C 849 163.86 -257.64 83.08
N ILE C 850 164.53 -256.66 83.71
CA ILE C 850 165.98 -256.64 83.71
C ILE C 850 166.55 -257.80 84.50
N GLU C 851 165.78 -258.36 85.43
CA GLU C 851 166.20 -259.54 86.18
C GLU C 851 165.72 -260.83 85.56
N GLN C 852 164.60 -260.79 84.83
CA GLN C 852 164.08 -262.00 84.20
C GLN C 852 164.82 -262.30 82.89
N ILE C 853 164.72 -261.39 81.91
CA ILE C 853 165.32 -261.59 80.60
C ILE C 853 166.32 -260.50 80.26
N GLN C 854 166.73 -259.69 81.24
CA GLN C 854 167.68 -258.61 81.03
C GLN C 854 167.23 -257.64 79.95
N CYS C 855 166.22 -256.83 80.26
CA CYS C 855 165.67 -255.86 79.32
C CYS C 855 166.05 -254.45 79.77
N TYR C 856 166.41 -253.61 78.80
CA TYR C 856 166.80 -252.23 79.07
C TYR C 856 165.69 -251.25 78.69
N SER C 857 164.47 -251.54 79.13
CA SER C 857 163.33 -250.69 78.83
C SER C 857 163.39 -249.41 79.67
N ALA C 858 162.88 -248.32 79.10
CA ALA C 858 162.88 -247.03 79.78
C ALA C 858 161.47 -246.45 79.89
N LYS C 859 160.81 -246.17 78.77
CA LYS C 859 159.46 -245.61 78.83
C LYS C 859 158.47 -246.61 79.40
N ASP C 860 158.57 -247.89 79.02
CA ASP C 860 157.68 -248.91 79.57
C ASP C 860 157.90 -249.09 81.06
N ARG C 861 159.16 -249.08 81.50
CA ARG C 861 159.45 -249.20 82.92
C ARG C 861 158.92 -248.01 83.70
N LEU C 862 159.06 -246.80 83.13
CA LEU C 862 158.54 -245.61 83.78
C LEU C 862 157.02 -245.66 83.89
N ALA C 863 156.35 -246.10 82.82
CA ALA C 863 154.89 -246.20 82.86
C ALA C 863 154.44 -247.24 83.88
N GLN C 864 155.16 -248.37 83.95
CA GLN C 864 154.81 -249.39 84.95
C GLN C 864 155.02 -248.88 86.36
N SER C 865 156.12 -248.15 86.60
CA SER C 865 156.35 -247.58 87.93
C SER C 865 155.28 -246.56 88.29
N ASP C 866 154.87 -245.73 87.32
CA ASP C 866 153.82 -244.75 87.59
C ASP C 866 152.50 -245.44 87.89
N MET C 867 152.15 -246.48 87.13
CA MET C 867 150.91 -247.19 87.38
C MET C 867 150.93 -247.93 88.71
N ALA C 868 152.10 -248.41 89.14
CA ALA C 868 152.20 -249.09 90.42
C ALA C 868 152.20 -248.13 91.60
N LYS C 869 152.71 -246.90 91.40
CA LYS C 869 152.76 -245.93 92.47
C LYS C 869 151.50 -245.09 92.58
N ARG C 870 150.71 -244.99 91.51
CA ARG C 870 149.48 -244.20 91.58
C ARG C 870 148.40 -244.88 92.42
N VAL C 871 148.51 -246.19 92.65
CA VAL C 871 147.54 -246.92 93.45
C VAL C 871 148.07 -247.26 94.83
N ALA C 872 149.29 -246.83 95.16
CA ALA C 872 149.89 -247.13 96.46
C ALA C 872 149.42 -246.18 97.55
N ASN C 873 148.70 -245.10 97.21
CA ASN C 873 148.22 -244.13 98.18
C ASN C 873 146.80 -244.45 98.65
N LEU C 874 146.40 -245.72 98.66
CA LEU C 874 145.07 -246.09 99.09
C LEU C 874 145.05 -247.50 99.65
N SER C 891 145.68 -248.44 98.94
CA SER C 891 145.73 -249.84 99.37
C SER C 891 146.87 -250.05 100.35
N THR C 892 147.80 -250.95 100.01
CA THR C 892 148.93 -251.26 100.87
C THR C 892 150.22 -251.18 100.07
N PRO C 893 150.37 -252.01 99.01
CA PRO C 893 151.60 -252.00 98.19
C PRO C 893 152.87 -252.10 99.02
N ASP C 894 153.17 -253.30 99.52
CA ASP C 894 154.35 -253.51 100.33
C ASP C 894 155.62 -253.42 99.48
N PRO C 895 155.60 -253.99 98.28
CA PRO C 895 156.80 -253.92 97.43
C PRO C 895 156.85 -252.64 96.61
N GLN C 896 157.17 -252.77 95.32
CA GLN C 896 157.26 -251.65 94.40
C GLN C 896 158.25 -250.59 94.89
N ARG C 897 159.53 -250.80 94.62
CA ARG C 897 160.55 -249.84 95.05
C ARG C 897 161.59 -249.64 93.95
N VAL C 898 162.87 -249.57 94.34
CA VAL C 898 163.95 -249.35 93.38
C VAL C 898 164.87 -250.56 93.38
N PRO C 899 166.18 -250.38 93.49
CA PRO C 899 167.09 -251.53 93.46
C PRO C 899 168.35 -251.30 94.28
N LEU C 900 168.19 -251.05 95.57
CA LEU C 900 169.30 -250.83 96.50
C LEU C 900 170.19 -249.67 96.05
N ARG C 901 171.43 -249.64 96.54
CA ARG C 901 172.37 -248.59 96.19
C ARG C 901 173.35 -249.03 95.10
N LEU C 902 173.05 -250.12 94.39
CA LEU C 902 173.93 -250.59 93.34
C LEU C 902 173.84 -249.75 92.07
N LEU C 903 172.78 -248.96 91.92
CA LEU C 903 172.61 -248.10 90.76
C LEU C 903 172.39 -246.64 91.08
N ALA C 904 172.28 -246.28 92.37
CA ALA C 904 172.06 -244.90 92.75
C ALA C 904 173.39 -244.22 93.07
N PRO C 905 174.32 -244.92 93.72
CA PRO C 905 175.62 -244.30 94.03
C PRO C 905 176.70 -244.71 93.06
N HIS C 906 176.30 -245.08 91.83
CA HIS C 906 177.29 -245.49 90.84
C HIS C 906 176.86 -245.18 89.41
N ILE C 907 175.91 -244.28 89.20
CA ILE C 907 175.46 -243.94 87.84
C ILE C 907 175.30 -242.45 87.61
N GLY C 908 175.09 -241.64 88.64
CA GLY C 908 174.92 -240.21 88.46
C GLY C 908 174.00 -239.58 89.47
N ARG C 909 173.88 -240.21 90.64
CA ARG C 909 173.03 -239.72 91.74
C ARG C 909 171.57 -239.58 91.29
N LEU C 910 171.13 -240.53 90.45
CA LEU C 910 169.77 -240.52 89.94
C LEU C 910 169.38 -241.91 89.47
N PRO C 911 168.47 -242.60 90.17
CA PRO C 911 168.09 -243.95 89.74
C PRO C 911 166.65 -244.28 90.07
N MET C 912 165.73 -243.36 89.72
CA MET C 912 164.29 -243.48 89.90
C MET C 912 163.93 -243.55 91.38
N PRO C 913 163.32 -242.50 91.93
CA PRO C 913 162.91 -242.53 93.33
C PRO C 913 161.77 -243.52 93.58
N GLU C 914 161.60 -243.88 94.84
CA GLU C 914 160.57 -244.85 95.21
C GLU C 914 160.19 -244.73 96.68
N ASP C 915 161.04 -245.25 97.57
CA ASP C 915 160.75 -245.28 99.00
C ASP C 915 161.37 -244.05 99.68
N TYR C 916 160.95 -242.87 99.23
CA TYR C 916 161.41 -241.64 99.83
C TYR C 916 160.96 -241.52 101.28
N ALA C 917 159.75 -242.03 101.59
CA ALA C 917 159.27 -242.00 102.96
C ALA C 917 160.18 -242.82 103.87
N MET C 918 160.52 -244.04 103.45
CA MET C 918 161.42 -244.87 104.24
C MET C 918 162.84 -244.32 104.28
N ASP C 919 163.26 -243.58 103.24
CA ASP C 919 164.61 -243.04 103.21
C ASP C 919 164.73 -241.82 104.12
N GLU C 920 163.67 -241.01 104.23
CA GLU C 920 163.69 -239.79 105.01
C GLU C 920 162.97 -239.93 106.35
N LEU C 921 162.54 -241.14 106.68
CA LEU C 921 161.87 -241.40 107.95
C LEU C 921 162.34 -242.73 108.51
N ARG C 922 161.73 -243.15 109.61
CA ARG C 922 162.10 -244.40 110.26
C ARG C 922 160.88 -245.05 110.91
N ASP D 14 180.79 -229.43 61.76
CA ASP D 14 181.57 -228.95 60.63
C ASP D 14 181.30 -229.79 59.38
N MET D 15 181.89 -230.98 59.34
CA MET D 15 181.74 -231.91 58.22
C MET D 15 181.05 -233.17 58.71
N ILE D 16 179.96 -233.54 58.03
CA ILE D 16 179.21 -234.72 58.40
C ILE D 16 179.82 -235.94 57.70
N HIS D 17 179.55 -237.12 58.26
CA HIS D 17 180.07 -238.36 57.71
C HIS D 17 178.99 -239.10 56.94
N ASP D 18 178.06 -239.72 57.66
CA ASP D 18 176.96 -240.47 57.06
C ASP D 18 175.65 -240.05 57.71
N ALA D 19 174.63 -239.82 56.89
CA ALA D 19 173.31 -239.41 57.36
C ALA D 19 172.27 -240.20 56.58
N GLN D 20 171.65 -241.18 57.23
CA GLN D 20 170.62 -242.01 56.62
C GLN D 20 169.25 -241.63 57.16
N MET D 21 168.22 -241.93 56.37
CA MET D 21 166.85 -241.62 56.76
C MET D 21 166.31 -242.71 57.69
N ASP D 22 165.08 -242.49 58.17
CA ASP D 22 164.43 -243.44 59.07
C ASP D 22 163.60 -244.44 58.29
N TYR D 23 162.29 -244.47 58.57
CA TYR D 23 161.38 -245.40 57.91
C TYR D 23 160.32 -244.59 57.17
N TYR D 24 160.21 -244.84 55.86
CA TYR D 24 159.23 -244.17 55.00
C TYR D 24 159.39 -242.65 55.04
N GLY D 25 160.64 -242.20 55.13
CA GLY D 25 160.93 -240.78 55.15
C GLY D 25 160.45 -240.10 56.42
N THR D 26 160.92 -240.58 57.58
CA THR D 26 160.53 -240.01 58.86
C THR D 26 161.67 -239.10 59.31
N ARG D 27 162.42 -239.45 60.34
CA ARG D 27 163.52 -238.62 60.81
C ARG D 27 164.77 -238.86 59.96
N LEU D 28 165.83 -238.10 60.27
CA LEU D 28 167.10 -238.21 59.55
C LEU D 28 168.21 -238.16 60.59
N ALA D 29 168.79 -239.32 60.89
CA ALA D 29 169.87 -239.40 61.88
C ALA D 29 171.20 -239.06 61.22
N THR D 30 171.74 -237.88 61.56
CA THR D 30 173.01 -237.42 61.03
C THR D 30 174.14 -237.72 62.00
N CYS D 31 175.36 -237.76 61.47
CA CYS D 31 176.55 -238.04 62.26
C CYS D 31 177.72 -237.29 61.69
N SER D 32 178.36 -236.47 62.51
CA SER D 32 179.52 -235.67 62.11
C SER D 32 180.76 -236.18 62.84
N SER D 33 181.85 -235.41 62.73
CA SER D 33 183.11 -235.76 63.36
C SER D 33 183.27 -235.14 64.75
N ASP D 34 182.22 -234.50 65.28
CA ASP D 34 182.27 -233.88 66.59
C ASP D 34 181.64 -234.76 67.67
N ARG D 35 181.50 -236.06 67.41
CA ARG D 35 180.92 -237.01 68.35
C ARG D 35 179.51 -236.58 68.77
N SER D 36 178.69 -236.26 67.77
CA SER D 36 177.31 -235.84 68.00
C SER D 36 176.41 -236.57 67.01
N VAL D 37 175.50 -237.37 67.55
CA VAL D 37 174.55 -238.14 66.72
C VAL D 37 173.22 -237.40 66.80
N LYS D 38 173.05 -236.43 65.90
CA LYS D 38 171.81 -235.65 65.87
C LYS D 38 170.74 -236.39 65.09
N ILE D 39 169.51 -236.34 65.59
CA ILE D 39 168.36 -236.98 64.96
C ILE D 39 167.41 -235.88 64.54
N PHE D 40 167.55 -235.41 63.30
CA PHE D 40 166.70 -234.34 62.79
C PHE D 40 165.46 -234.92 62.12
N ASP D 41 164.35 -234.22 62.28
CA ASP D 41 163.08 -234.63 61.71
C ASP D 41 162.81 -233.86 60.41
N VAL D 42 162.27 -234.55 59.42
CA VAL D 42 161.96 -233.97 58.11
C VAL D 42 160.46 -234.04 57.94
N ARG D 43 159.77 -232.93 58.16
CA ARG D 43 158.33 -232.84 58.03
C ARG D 43 158.02 -231.92 56.85
N ASN D 44 157.56 -232.52 55.75
CA ASN D 44 157.23 -231.79 54.52
C ASN D 44 158.42 -230.98 54.01
N GLY D 45 159.61 -231.58 54.05
CA GLY D 45 160.81 -230.93 53.60
C GLY D 45 161.44 -229.97 54.58
N GLY D 46 160.91 -229.87 55.80
CA GLY D 46 161.44 -228.96 56.79
C GLY D 46 162.30 -229.70 57.79
N GLN D 47 163.58 -229.33 57.85
CA GLN D 47 164.54 -229.95 58.76
C GLN D 47 164.37 -229.35 60.15
N ILE D 48 164.23 -230.22 61.14
CA ILE D 48 164.06 -229.79 62.53
C ILE D 48 164.70 -230.82 63.45
N LEU D 49 165.63 -230.37 64.30
CA LEU D 49 166.30 -231.27 65.22
C LEU D 49 165.40 -231.59 66.40
N ILE D 50 165.57 -232.80 66.94
CA ILE D 50 164.79 -233.28 68.08
C ILE D 50 165.69 -233.54 69.28
N ALA D 51 166.76 -234.30 69.10
CA ALA D 51 167.67 -234.61 70.18
C ALA D 51 169.09 -234.75 69.62
N ASP D 52 170.07 -234.62 70.51
CA ASP D 52 171.48 -234.72 70.15
C ASP D 52 172.13 -235.76 71.07
N LEU D 53 172.22 -237.00 70.59
CA LEU D 53 172.80 -238.08 71.35
C LEU D 53 174.32 -237.98 71.33
N ARG D 54 174.93 -237.73 72.49
CA ARG D 54 176.37 -237.60 72.62
C ARG D 54 176.86 -238.53 73.71
N GLY D 55 177.93 -239.26 73.42
CA GLY D 55 178.49 -240.19 74.40
C GLY D 55 179.59 -241.06 73.81
N HIS D 56 180.42 -240.48 72.96
CA HIS D 56 181.53 -241.18 72.34
C HIS D 56 182.80 -240.35 72.43
N GLU D 57 183.93 -241.03 72.51
CA GLU D 57 185.23 -240.36 72.62
C GLU D 57 185.85 -240.08 71.25
N GLY D 58 185.38 -240.73 70.19
CA GLY D 58 185.91 -240.52 68.87
C GLY D 58 184.87 -239.98 67.91
N PRO D 59 185.25 -239.84 66.64
CA PRO D 59 184.30 -239.33 65.65
C PRO D 59 183.35 -240.43 65.18
N VAL D 60 182.10 -240.03 64.95
CA VAL D 60 181.07 -240.98 64.50
C VAL D 60 181.30 -241.28 63.02
N TRP D 61 181.10 -242.55 62.65
CA TRP D 61 181.27 -242.97 61.27
C TRP D 61 179.93 -243.11 60.56
N GLN D 62 179.43 -244.33 60.47
CA GLN D 62 178.15 -244.60 59.82
C GLN D 62 177.05 -244.79 60.87
N VAL D 63 175.81 -244.77 60.39
CA VAL D 63 174.64 -244.94 61.25
C VAL D 63 173.53 -245.61 60.44
N ALA D 64 172.87 -246.57 61.06
CA ALA D 64 171.79 -247.30 60.42
C ALA D 64 170.64 -247.46 61.39
N TRP D 65 169.42 -247.25 60.91
CA TRP D 65 168.22 -247.37 61.72
C TRP D 65 167.64 -248.77 61.63
N ALA D 66 166.95 -249.18 62.69
CA ALA D 66 166.34 -250.49 62.74
C ALA D 66 164.96 -250.46 62.08
N HIS D 67 164.30 -251.62 62.06
CA HIS D 67 162.98 -251.74 61.46
C HIS D 67 161.93 -251.20 62.42
N PRO D 68 160.71 -250.97 61.93
CA PRO D 68 159.64 -250.46 62.80
C PRO D 68 158.90 -251.53 63.57
N MET D 69 159.21 -252.81 63.36
CA MET D 69 158.52 -253.86 64.09
C MET D 69 159.05 -254.02 65.50
N TYR D 70 160.29 -253.63 65.76
CA TYR D 70 160.90 -253.74 67.07
C TYR D 70 160.98 -252.37 67.77
N GLY D 71 159.96 -251.55 67.61
CA GLY D 71 159.95 -250.24 68.25
C GLY D 71 160.59 -249.20 67.35
N ASN D 72 161.56 -248.45 67.90
CA ASN D 72 162.26 -247.41 67.14
C ASN D 72 163.69 -247.35 67.67
N ILE D 73 164.56 -248.19 67.11
CA ILE D 73 165.96 -248.25 67.51
C ILE D 73 166.81 -247.66 66.40
N LEU D 74 167.97 -247.14 66.77
CA LEU D 74 168.90 -246.53 65.80
C LEU D 74 170.31 -246.71 66.34
N ALA D 75 171.10 -247.54 65.67
CA ALA D 75 172.49 -247.79 66.06
C ALA D 75 173.43 -246.93 65.25
N SER D 76 174.47 -246.42 65.92
CA SER D 76 175.46 -245.57 65.27
C SER D 76 176.85 -245.93 65.79
N CYS D 77 177.79 -246.10 64.88
CA CYS D 77 179.16 -246.45 65.24
C CYS D 77 180.02 -245.19 65.37
N SER D 78 181.10 -245.31 66.14
CA SER D 78 182.02 -244.21 66.37
C SER D 78 183.44 -244.75 66.31
N TYR D 79 184.40 -243.86 66.57
CA TYR D 79 185.82 -244.22 66.55
C TYR D 79 186.37 -244.50 67.95
N ASP D 80 185.50 -244.65 68.94
CA ASP D 80 185.92 -244.92 70.31
C ASP D 80 185.86 -246.40 70.66
N ARG D 81 185.88 -247.28 69.65
CA ARG D 81 185.83 -248.72 69.84
C ARG D 81 184.60 -249.14 70.65
N LYS D 82 183.45 -248.56 70.31
CA LYS D 82 182.21 -248.87 71.00
C LYS D 82 181.04 -248.56 70.05
N VAL D 83 179.96 -249.34 70.22
CA VAL D 83 178.75 -249.18 69.42
C VAL D 83 177.59 -248.92 70.36
N ILE D 84 176.89 -247.81 70.13
CA ILE D 84 175.75 -247.40 70.95
C ILE D 84 174.47 -247.70 70.18
N ILE D 85 173.47 -248.20 70.90
CA ILE D 85 172.16 -248.54 70.32
C ILE D 85 171.11 -247.87 71.20
N TRP D 86 170.73 -246.65 70.83
CA TRP D 86 169.73 -245.91 71.58
C TRP D 86 168.34 -246.12 71.00
N ARG D 87 167.35 -246.19 71.87
CA ARG D 87 165.96 -246.38 71.48
C ARG D 87 165.26 -245.03 71.37
N GLU D 88 163.95 -245.06 71.16
CA GLU D 88 163.15 -243.85 71.05
C GLU D 88 161.72 -244.18 71.45
N GLU D 89 161.34 -243.78 72.66
CA GLU D 89 160.00 -244.04 73.18
C GLU D 89 159.65 -242.96 74.17
N ASN D 90 158.46 -242.36 74.00
CA ASN D 90 157.97 -241.30 74.89
C ASN D 90 158.94 -240.13 74.94
N GLY D 91 159.58 -239.83 73.81
CA GLY D 91 160.51 -238.73 73.74
C GLY D 91 161.79 -238.92 74.54
N THR D 92 162.14 -240.16 74.86
CA THR D 92 163.34 -240.47 75.64
C THR D 92 164.29 -241.26 74.74
N TRP D 93 165.34 -240.59 74.27
CA TRP D 93 166.33 -241.22 73.40
C TRP D 93 167.54 -241.68 74.22
N GLU D 94 167.27 -242.56 75.18
CA GLU D 94 168.29 -243.11 76.05
C GLU D 94 168.96 -244.31 75.40
N LYS D 95 170.20 -244.58 75.82
CA LYS D 95 170.94 -245.71 75.28
C LYS D 95 170.49 -247.01 75.93
N SER D 96 170.13 -247.99 75.11
CA SER D 96 169.67 -249.28 75.60
C SER D 96 170.83 -250.26 75.78
N HIS D 97 171.53 -250.58 74.69
CA HIS D 97 172.65 -251.50 74.72
C HIS D 97 173.91 -250.79 74.26
N GLU D 98 175.06 -251.25 74.76
CA GLU D 98 176.36 -250.68 74.42
C GLU D 98 177.35 -251.82 74.24
N HIS D 99 177.77 -252.04 72.99
CA HIS D 99 178.71 -253.10 72.67
C HIS D 99 180.08 -252.47 72.41
N ALA D 100 181.09 -252.93 73.14
CA ALA D 100 182.46 -252.44 73.01
C ALA D 100 183.43 -253.61 72.95
N GLY D 101 183.11 -254.61 72.14
CA GLY D 101 183.93 -255.78 71.98
C GLY D 101 185.02 -255.68 70.93
N HIS D 102 185.15 -254.54 70.28
CA HIS D 102 186.16 -254.33 69.24
C HIS D 102 187.39 -253.65 69.83
N ASP D 103 188.56 -253.99 69.29
CA ASP D 103 189.81 -253.41 69.75
C ASP D 103 190.15 -252.10 69.04
N SER D 104 189.82 -252.00 67.75
CA SER D 104 190.09 -250.81 66.96
C SER D 104 188.79 -250.02 66.77
N SER D 105 188.85 -249.02 65.90
CA SER D 105 187.69 -248.19 65.63
C SER D 105 186.73 -248.88 64.66
N VAL D 106 185.45 -248.60 64.83
CA VAL D 106 184.42 -249.19 63.97
C VAL D 106 184.30 -248.36 62.71
N ASN D 107 184.22 -249.04 61.56
CA ASN D 107 184.11 -248.35 60.27
C ASN D 107 182.66 -248.32 59.79
N SER D 108 182.03 -249.48 59.64
CA SER D 108 180.66 -249.59 59.19
C SER D 108 179.85 -250.42 60.17
N VAL D 109 178.56 -250.12 60.26
CA VAL D 109 177.65 -250.83 61.17
C VAL D 109 176.25 -250.83 60.58
N CYS D 110 175.81 -251.99 60.10
CA CYS D 110 174.49 -252.14 59.50
C CYS D 110 173.70 -253.19 60.27
N TRP D 111 172.43 -253.32 59.90
CA TRP D 111 171.52 -254.27 60.52
C TRP D 111 171.10 -255.34 59.51
N ALA D 112 170.49 -256.40 60.03
CA ALA D 112 170.02 -257.51 59.20
C ALA D 112 168.58 -257.27 58.78
N PRO D 113 167.94 -258.26 58.16
CA PRO D 113 166.54 -258.09 57.73
C PRO D 113 165.58 -258.28 58.89
N HIS D 114 164.32 -257.92 58.63
CA HIS D 114 163.28 -258.04 59.64
C HIS D 114 162.80 -259.48 59.82
N ASP D 115 162.97 -260.33 58.80
CA ASP D 115 162.55 -261.72 58.89
C ASP D 115 163.48 -262.56 59.74
N TYR D 116 164.75 -262.18 59.87
CA TYR D 116 165.71 -262.93 60.65
C TYR D 116 165.80 -262.47 62.09
N GLY D 117 165.16 -261.35 62.44
CA GLY D 117 165.19 -260.85 63.80
C GLY D 117 165.78 -259.46 63.92
N LEU D 118 166.54 -259.21 64.99
CA LEU D 118 167.16 -257.91 65.20
C LEU D 118 168.66 -258.05 65.35
N ILE D 119 169.33 -258.51 64.30
CA ILE D 119 170.78 -258.68 64.32
C ILE D 119 171.43 -257.45 63.71
N LEU D 120 172.60 -257.09 64.24
CA LEU D 120 173.35 -255.93 63.78
C LEU D 120 174.80 -256.34 63.55
N ALA D 121 175.30 -256.14 62.34
CA ALA D 121 176.67 -256.48 61.98
C ALA D 121 177.51 -255.20 61.97
N CYS D 122 178.62 -255.23 62.71
CA CYS D 122 179.53 -254.10 62.81
C CYS D 122 180.95 -254.54 62.49
N GLY D 123 181.59 -253.82 61.59
CA GLY D 123 182.96 -254.11 61.18
C GLY D 123 183.93 -253.14 61.84
N SER D 124 185.03 -253.68 62.34
CA SER D 124 186.06 -252.89 63.00
C SER D 124 187.28 -252.75 62.10
N SER D 125 188.29 -252.05 62.60
CA SER D 125 189.53 -251.81 61.87
C SER D 125 190.65 -252.75 62.29
N ASP D 126 190.34 -253.80 63.04
CA ASP D 126 191.33 -254.76 63.50
C ASP D 126 191.15 -256.14 62.88
N GLY D 127 190.27 -256.27 61.89
CA GLY D 127 190.04 -257.55 61.25
C GLY D 127 189.00 -258.42 61.90
N ALA D 128 187.96 -257.82 62.49
CA ALA D 128 186.90 -258.57 63.15
C ALA D 128 185.54 -258.03 62.71
N ILE D 129 184.51 -258.84 62.94
CA ILE D 129 183.14 -258.46 62.58
C ILE D 129 182.18 -258.95 63.65
N SER D 130 181.72 -258.04 64.50
CA SER D 130 180.79 -258.39 65.56
C SER D 130 179.37 -258.52 65.02
N LEU D 131 178.60 -259.39 65.65
CA LEU D 131 177.21 -259.65 65.26
C LEU D 131 176.36 -259.66 66.53
N LEU D 132 175.80 -258.50 66.87
CA LEU D 132 174.96 -258.37 68.06
C LEU D 132 173.56 -258.85 67.70
N THR D 133 173.19 -260.04 68.18
CA THR D 133 171.89 -260.63 67.91
C THR D 133 171.02 -260.49 69.16
N TYR D 134 169.95 -259.72 69.04
CA TYR D 134 169.03 -259.51 70.15
C TYR D 134 168.16 -260.74 70.36
N THR D 135 168.04 -261.18 71.60
CA THR D 135 167.23 -262.35 71.93
C THR D 135 165.80 -261.95 72.26
N GLY D 136 165.29 -262.42 73.40
CA GLY D 136 163.94 -262.10 73.81
C GLY D 136 163.75 -260.74 74.44
N GLU D 137 164.84 -260.04 74.75
CA GLU D 137 164.75 -258.72 75.35
C GLU D 137 165.95 -257.86 74.96
N GLY D 138 166.51 -257.13 75.92
CA GLY D 138 167.66 -256.27 75.67
C GLY D 138 169.00 -256.97 75.67
N GLN D 139 169.04 -258.26 75.99
CA GLN D 139 170.30 -259.00 76.01
C GLN D 139 170.70 -259.37 74.58
N TRP D 140 171.89 -258.94 74.17
CA TRP D 140 172.41 -259.22 72.84
C TRP D 140 173.63 -260.13 72.96
N GLU D 141 173.66 -261.19 72.15
CA GLU D 141 174.75 -262.15 72.15
C GLU D 141 175.85 -261.64 71.24
N VAL D 142 177.07 -261.52 71.77
CA VAL D 142 178.23 -261.06 71.01
C VAL D 142 178.79 -262.26 70.26
N LYS D 143 178.55 -262.31 68.95
CA LYS D 143 179.02 -263.39 68.10
C LYS D 143 179.98 -262.82 67.06
N LYS D 144 181.15 -262.40 67.54
CA LYS D 144 182.17 -261.84 66.67
C LYS D 144 183.03 -262.94 66.06
N ILE D 145 183.62 -262.64 64.91
CA ILE D 145 184.48 -263.56 64.18
C ILE D 145 185.80 -262.86 63.91
N ASN D 146 186.86 -263.31 64.56
CA ASN D 146 188.17 -262.72 64.37
C ASN D 146 188.82 -263.23 63.09
N ASN D 147 189.94 -262.60 62.73
CA ASN D 147 190.70 -262.95 61.53
C ASN D 147 189.83 -262.85 60.27
N ALA D 148 189.11 -261.74 60.17
CA ALA D 148 188.24 -261.51 59.02
C ALA D 148 188.88 -260.68 57.93
N HIS D 149 189.91 -259.89 58.26
CA HIS D 149 190.59 -259.06 57.27
C HIS D 149 192.04 -258.88 57.70
N THR D 150 192.85 -258.43 56.75
CA THR D 150 194.28 -258.21 57.03
C THR D 150 194.48 -256.91 57.82
N ILE D 151 194.23 -255.77 57.17
CA ILE D 151 194.39 -254.47 57.83
C ILE D 151 193.13 -254.01 58.53
N GLY D 152 192.03 -254.74 58.39
CA GLY D 152 190.78 -254.36 59.04
C GLY D 152 189.63 -254.19 58.07
N CYS D 153 188.41 -254.36 58.56
CA CYS D 153 187.24 -254.21 57.72
C CYS D 153 186.90 -252.75 57.52
N ASN D 154 186.18 -252.46 56.42
CA ASN D 154 185.78 -251.10 56.09
C ASN D 154 184.37 -250.98 55.57
N ALA D 155 183.64 -252.09 55.39
CA ALA D 155 182.28 -252.05 54.90
C ALA D 155 181.52 -253.25 55.43
N VAL D 156 180.22 -253.05 55.68
CA VAL D 156 179.36 -254.11 56.20
C VAL D 156 177.95 -253.92 55.66
N SER D 157 177.45 -254.90 54.92
CA SER D 157 176.11 -254.85 54.36
C SER D 157 175.57 -256.26 54.23
N TRP D 158 174.29 -256.42 54.55
CA TRP D 158 173.63 -257.71 54.49
C TRP D 158 172.93 -257.89 53.14
N ALA D 159 172.64 -259.14 52.81
CA ALA D 159 171.98 -259.47 51.55
C ALA D 159 170.46 -259.41 51.74
N PRO D 160 169.69 -259.68 50.69
CA PRO D 160 168.23 -259.63 50.82
C PRO D 160 167.68 -260.89 51.46
N ALA D 161 166.49 -260.74 52.05
CA ALA D 161 165.82 -261.85 52.72
C ALA D 161 165.18 -262.74 51.66
N VAL D 162 165.86 -263.84 51.32
CA VAL D 162 165.38 -264.79 50.32
C VAL D 162 164.80 -265.99 51.05
N VAL D 163 163.50 -266.23 50.84
CA VAL D 163 162.82 -267.36 51.47
C VAL D 163 163.17 -268.64 50.73
N PRO D 164 163.46 -269.74 51.44
CA PRO D 164 163.81 -271.02 50.80
C PRO D 164 162.59 -271.75 50.27
N PRO D 171 155.54 -276.86 53.73
CA PRO D 171 154.56 -277.87 54.14
C PRO D 171 154.54 -278.10 55.65
N SER D 172 154.95 -277.08 56.40
CA SER D 172 154.98 -277.15 57.86
C SER D 172 154.60 -275.81 58.44
N GLY D 173 154.43 -275.77 59.75
CA GLY D 173 154.07 -274.55 60.44
C GLY D 173 155.21 -273.94 61.21
N GLN D 174 156.24 -273.50 60.50
CA GLN D 174 157.41 -272.89 61.12
C GLN D 174 158.00 -271.85 60.17
N LYS D 175 158.92 -271.05 60.69
CA LYS D 175 159.55 -270.02 59.90
C LYS D 175 160.65 -270.63 59.01
N PRO D 176 160.79 -270.16 57.77
CA PRO D 176 161.83 -270.71 56.89
C PRO D 176 163.19 -270.12 57.22
N ASN D 177 164.18 -271.00 57.40
CA ASN D 177 165.54 -270.58 57.72
C ASN D 177 166.22 -270.08 56.45
N TYR D 178 166.63 -268.82 56.46
CA TYR D 178 167.30 -268.23 55.30
C TYR D 178 168.79 -268.56 55.35
N ILE D 179 169.51 -268.11 54.31
CA ILE D 179 170.95 -268.36 54.25
C ILE D 179 171.72 -267.41 55.13
N LYS D 180 171.15 -266.23 55.40
CA LYS D 180 171.78 -265.19 56.24
C LYS D 180 173.16 -264.81 55.69
N ARG D 181 173.15 -264.27 54.48
CA ARG D 181 174.38 -263.84 53.82
C ARG D 181 174.63 -262.36 54.06
N PHE D 182 175.90 -262.01 54.16
CA PHE D 182 176.31 -260.63 54.40
C PHE D 182 177.70 -260.42 53.80
N ALA D 183 177.81 -259.50 52.85
CA ALA D 183 179.06 -259.21 52.19
C ALA D 183 179.76 -258.05 52.90
N SER D 184 181.00 -258.27 53.30
CA SER D 184 181.79 -257.26 54.00
C SER D 184 183.05 -256.95 53.21
N GLY D 185 183.46 -255.69 53.26
CA GLY D 185 184.65 -255.23 52.55
C GLY D 185 185.72 -254.78 53.52
N GLY D 186 186.97 -255.04 53.18
CA GLY D 186 188.09 -254.65 54.03
C GLY D 186 189.17 -253.90 53.27
N CYS D 187 190.32 -253.70 53.92
CA CYS D 187 191.44 -253.00 53.32
C CYS D 187 192.44 -253.93 52.65
N ASP D 188 192.11 -255.22 52.52
CA ASP D 188 192.98 -256.19 51.90
C ASP D 188 192.63 -256.45 50.44
N ASN D 189 191.85 -255.56 49.81
CA ASN D 189 191.44 -255.70 48.41
C ASN D 189 190.71 -257.02 48.19
N LEU D 190 189.80 -257.36 49.09
CA LEU D 190 189.03 -258.59 48.99
C LEU D 190 187.68 -258.38 49.66
N ILE D 191 186.61 -258.52 48.88
CA ILE D 191 185.24 -258.36 49.42
C ILE D 191 184.77 -259.77 49.77
N LYS D 192 185.08 -260.20 50.98
CA LYS D 192 184.71 -261.53 51.44
C LYS D 192 183.29 -261.54 51.99
N LEU D 193 182.45 -262.40 51.43
CA LEU D 193 181.07 -262.55 51.86
C LEU D 193 180.97 -263.63 52.93
N TRP D 194 180.10 -263.40 53.91
CA TRP D 194 179.90 -264.33 55.01
C TRP D 194 178.58 -265.05 54.86
N LYS D 195 178.50 -266.22 55.51
CA LYS D 195 177.28 -267.03 55.48
C LYS D 195 177.17 -267.77 56.81
N GLU D 196 175.98 -267.76 57.40
CA GLU D 196 175.77 -268.43 58.68
C GLU D 196 175.45 -269.91 58.45
N GLU D 197 176.23 -270.78 59.08
CA GLU D 197 176.03 -272.22 58.97
C GLU D 197 174.90 -272.66 59.90
N GLU D 198 174.61 -273.97 59.87
CA GLU D 198 173.54 -274.51 60.70
C GLU D 198 173.98 -274.73 62.14
N ASP D 199 175.28 -274.66 62.42
CA ASP D 199 175.76 -274.86 63.79
C ASP D 199 175.53 -273.62 64.64
N GLY D 200 175.84 -272.44 64.10
CA GLY D 200 175.66 -271.21 64.82
C GLY D 200 176.76 -270.21 64.58
N GLN D 201 177.86 -270.66 63.98
CA GLN D 201 179.00 -269.81 63.68
C GLN D 201 179.03 -269.46 62.21
N TRP D 202 179.56 -268.29 61.90
CA TRP D 202 179.66 -267.80 60.53
C TRP D 202 181.03 -268.12 59.94
N LYS D 203 181.08 -268.30 58.63
CA LYS D 203 182.30 -268.61 57.92
C LYS D 203 182.32 -267.88 56.58
N GLU D 204 183.51 -267.74 56.02
CA GLU D 204 183.67 -267.06 54.74
C GLU D 204 183.30 -268.00 53.61
N GLU D 205 182.31 -267.62 52.81
CA GLU D 205 181.88 -268.46 51.69
C GLU D 205 182.83 -268.34 50.52
N GLN D 206 183.01 -267.13 50.00
CA GLN D 206 183.90 -266.89 48.87
C GLN D 206 184.50 -265.50 49.00
N LYS D 207 185.56 -265.26 48.22
CA LYS D 207 186.25 -263.99 48.20
C LYS D 207 186.18 -263.36 46.82
N LEU D 208 186.26 -262.04 46.78
CA LEU D 208 186.20 -261.26 45.54
C LEU D 208 187.41 -260.31 45.52
N GLU D 209 188.53 -260.80 45.02
CA GLU D 209 189.77 -260.01 44.94
C GLU D 209 189.85 -259.42 43.54
N ALA D 210 189.20 -258.27 43.35
CA ALA D 210 189.20 -257.59 42.07
C ALA D 210 189.67 -256.14 42.15
N HIS D 211 189.96 -255.63 43.34
CA HIS D 211 190.41 -254.26 43.52
C HIS D 211 191.92 -254.20 43.69
N SER D 212 192.47 -253.00 43.50
CA SER D 212 193.91 -252.79 43.63
C SER D 212 194.29 -252.08 44.92
N ASP D 213 193.35 -251.38 45.57
CA ASP D 213 193.64 -250.68 46.82
C ASP D 213 192.66 -251.11 47.91
N TRP D 214 192.46 -250.25 48.90
CA TRP D 214 191.55 -250.57 49.99
C TRP D 214 190.11 -250.27 49.57
N VAL D 215 189.21 -251.21 49.85
CA VAL D 215 187.81 -251.06 49.51
C VAL D 215 187.16 -250.11 50.51
N ARG D 216 186.52 -249.05 49.99
CA ARG D 216 185.86 -248.07 50.84
C ARG D 216 184.52 -248.60 51.33
N ASP D 217 183.50 -248.55 50.48
CA ASP D 217 182.16 -249.01 50.82
C ASP D 217 181.73 -250.10 49.85
N VAL D 218 180.88 -250.99 50.34
CA VAL D 218 180.38 -252.10 49.53
C VAL D 218 178.97 -252.46 50.00
N ALA D 219 177.96 -251.89 49.36
CA ALA D 219 176.56 -252.13 49.69
C ALA D 219 175.95 -253.11 48.70
N TRP D 220 175.15 -254.04 49.21
CA TRP D 220 174.49 -255.04 48.39
C TRP D 220 173.21 -254.48 47.80
N ALA D 221 172.93 -254.82 46.55
CA ALA D 221 171.72 -254.34 45.89
C ALA D 221 170.52 -255.16 46.34
N PRO D 222 169.38 -254.51 46.65
CA PRO D 222 168.21 -255.27 47.08
C PRO D 222 167.47 -255.88 45.89
N SER D 223 167.17 -257.17 46.00
CA SER D 223 166.48 -257.88 44.93
C SER D 223 165.00 -257.54 44.96
N ILE D 224 164.42 -257.27 43.78
CA ILE D 224 163.02 -256.94 43.67
C ILE D 224 162.25 -258.14 43.13
N GLY D 225 162.52 -259.31 43.70
CA GLY D 225 161.88 -260.54 43.28
C GLY D 225 162.70 -261.40 42.33
N LEU D 226 163.66 -260.79 41.62
CA LEU D 226 164.48 -261.55 40.70
C LEU D 226 165.58 -262.30 41.44
N PRO D 227 166.01 -263.45 40.92
CA PRO D 227 167.07 -264.22 41.59
C PRO D 227 168.48 -263.72 41.30
N THR D 228 168.66 -262.84 40.32
CA THR D 228 169.97 -262.31 39.97
C THR D 228 170.34 -261.24 40.99
N SER D 229 170.98 -261.66 42.07
CA SER D 229 171.39 -260.72 43.12
C SER D 229 172.73 -260.09 42.76
N THR D 230 172.78 -258.77 42.84
CA THR D 230 173.98 -258.00 42.53
C THR D 230 174.53 -257.35 43.79
N ILE D 231 175.79 -256.93 43.72
CA ILE D 231 176.46 -256.28 44.83
C ILE D 231 177.51 -255.31 44.30
N ALA D 232 177.37 -254.03 44.65
CA ALA D 232 178.30 -253.01 44.21
C ALA D 232 179.40 -252.81 45.25
N SER D 233 180.57 -252.38 44.78
CA SER D 233 181.71 -252.13 45.66
C SER D 233 182.53 -250.98 45.09
N CYS D 234 183.19 -250.26 46.00
CA CYS D 234 184.02 -249.12 45.63
C CYS D 234 185.33 -249.18 46.40
N SER D 235 186.43 -248.99 45.70
CA SER D 235 187.76 -249.02 46.29
C SER D 235 188.39 -247.63 46.20
N GLN D 236 189.63 -247.54 46.69
CA GLN D 236 190.37 -246.28 46.67
C GLN D 236 191.07 -246.02 45.35
N ASP D 237 191.10 -246.98 44.44
CA ASP D 237 191.75 -246.81 43.15
C ASP D 237 190.90 -246.04 42.16
N GLY D 238 189.61 -245.87 42.42
CA GLY D 238 188.72 -245.15 41.53
C GLY D 238 187.80 -246.03 40.71
N ARG D 239 187.92 -247.34 40.80
CA ARG D 239 187.09 -248.27 40.05
C ARG D 239 185.87 -248.68 40.88
N VAL D 240 184.76 -248.89 40.19
CA VAL D 240 183.50 -249.29 40.81
C VAL D 240 183.09 -250.62 40.19
N PHE D 241 183.23 -251.69 40.96
CA PHE D 241 182.87 -253.03 40.48
C PHE D 241 181.44 -253.36 40.88
N ILE D 242 180.76 -254.11 40.02
CA ILE D 242 179.37 -254.52 40.24
C ILE D 242 179.32 -256.03 40.06
N TRP D 243 179.62 -256.77 41.13
CA TRP D 243 179.59 -258.22 41.08
C TRP D 243 178.16 -258.73 41.10
N THR D 244 177.82 -259.59 40.15
CA THR D 244 176.49 -260.15 40.04
C THR D 244 176.58 -261.67 39.87
N CYS D 245 175.52 -262.35 40.27
CA CYS D 245 175.44 -263.81 40.18
C CYS D 245 174.57 -264.20 38.99
N ASP D 246 174.92 -265.33 38.37
CA ASP D 246 174.16 -265.82 37.23
C ASP D 246 172.90 -266.54 37.65
N ASP D 247 173.00 -267.39 38.67
CA ASP D 247 171.85 -268.14 39.17
C ASP D 247 172.04 -268.39 40.67
N ALA D 248 171.02 -268.97 41.28
CA ALA D 248 171.08 -269.27 42.70
C ALA D 248 171.84 -270.56 42.96
N SER D 249 172.41 -270.66 44.16
CA SER D 249 173.19 -271.83 44.58
C SER D 249 174.34 -272.10 43.62
N SER D 250 175.09 -271.05 43.31
CA SER D 250 176.24 -271.15 42.39
C SER D 250 177.27 -270.12 42.80
N ASN D 251 178.46 -270.59 43.19
CA ASN D 251 179.55 -269.71 43.61
C ASN D 251 180.25 -269.18 42.36
N THR D 252 179.68 -268.12 41.79
CA THR D 252 180.23 -267.50 40.59
C THR D 252 179.90 -266.00 40.65
N TRP D 253 180.84 -265.22 41.20
CA TRP D 253 180.68 -263.78 41.34
C TRP D 253 181.50 -263.10 40.25
N SER D 254 180.87 -262.84 39.11
CA SER D 254 181.54 -262.21 37.98
C SER D 254 181.52 -260.69 38.15
N PRO D 255 182.67 -260.07 38.38
CA PRO D 255 182.70 -258.62 38.56
C PRO D 255 182.69 -257.89 37.23
N LYS D 256 182.07 -256.72 37.23
CA LYS D 256 181.95 -255.89 36.04
C LYS D 256 182.31 -254.45 36.41
N LEU D 257 183.24 -253.86 35.66
CA LEU D 257 183.66 -252.49 35.91
C LEU D 257 182.62 -251.51 35.37
N LEU D 258 182.18 -250.60 36.23
CA LEU D 258 181.18 -249.60 35.85
C LEU D 258 181.84 -248.30 35.39
N HIS D 259 182.67 -247.71 36.24
CA HIS D 259 183.36 -246.47 35.91
C HIS D 259 184.71 -246.44 36.61
N LYS D 260 185.63 -245.67 36.03
CA LYS D 260 186.98 -245.52 36.56
C LYS D 260 187.30 -244.03 36.66
N PHE D 261 187.42 -243.54 37.89
CA PHE D 261 187.73 -242.14 38.14
C PHE D 261 189.18 -241.98 38.60
N ASN D 262 189.66 -240.75 38.57
CA ASN D 262 191.03 -240.47 38.98
C ASN D 262 191.18 -240.40 40.49
N ASP D 263 190.14 -239.95 41.20
CA ASP D 263 190.17 -239.85 42.65
C ASP D 263 189.51 -241.08 43.28
N VAL D 264 189.55 -241.13 44.61
CA VAL D 264 188.95 -242.24 45.33
C VAL D 264 187.46 -242.00 45.54
N VAL D 265 186.73 -243.07 45.80
CA VAL D 265 185.29 -243.01 46.02
C VAL D 265 185.01 -243.14 47.51
N TRP D 266 183.89 -242.55 47.94
CA TRP D 266 183.50 -242.60 49.35
C TRP D 266 182.49 -243.71 49.60
N HIS D 267 181.21 -243.40 49.44
CA HIS D 267 180.14 -244.36 49.63
C HIS D 267 179.48 -244.70 48.30
N VAL D 268 178.67 -245.75 48.32
CA VAL D 268 177.97 -246.21 47.13
C VAL D 268 176.64 -246.84 47.53
N SER D 269 175.55 -246.12 47.30
CA SER D 269 174.21 -246.59 47.64
C SER D 269 173.47 -247.01 46.36
N TRP D 270 172.40 -247.79 46.56
CA TRP D 270 171.58 -248.28 45.47
C TRP D 270 170.12 -248.01 45.77
N SER D 271 169.34 -247.86 44.70
CA SER D 271 167.91 -247.60 44.83
C SER D 271 167.15 -248.91 45.00
N ILE D 272 165.85 -248.79 45.25
CA ILE D 272 165.00 -249.96 45.43
C ILE D 272 164.10 -250.22 44.23
N THR D 273 163.76 -249.20 43.45
CA THR D 273 162.90 -249.39 42.29
C THR D 273 163.71 -249.88 41.09
N ALA D 274 164.46 -248.97 40.46
CA ALA D 274 165.28 -249.31 39.30
C ALA D 274 166.69 -249.75 39.68
N ASN D 275 167.01 -249.79 40.97
CA ASN D 275 168.33 -250.21 41.45
C ASN D 275 169.43 -249.33 40.85
N ILE D 276 169.23 -248.01 40.92
CA ILE D 276 170.18 -247.05 40.38
C ILE D 276 171.32 -246.89 41.38
N LEU D 277 172.55 -247.12 40.92
CA LEU D 277 173.72 -247.00 41.79
C LEU D 277 174.09 -245.54 41.96
N ALA D 278 174.22 -245.10 43.21
CA ALA D 278 174.56 -243.73 43.54
C ALA D 278 176.05 -243.69 43.92
N VAL D 279 176.89 -243.41 42.93
CA VAL D 279 178.34 -243.34 43.15
C VAL D 279 178.65 -241.99 43.78
N SER D 280 179.06 -242.02 45.05
CA SER D 280 179.41 -240.81 45.80
C SER D 280 180.91 -240.82 46.04
N GLY D 281 181.61 -239.88 45.42
CA GLY D 281 183.05 -239.78 45.57
C GLY D 281 183.67 -239.15 44.33
N GLY D 282 184.97 -238.92 44.43
CA GLY D 282 185.72 -238.32 43.32
C GLY D 282 186.07 -236.87 43.57
N ASP D 283 185.38 -235.97 42.88
CA ASP D 283 185.63 -234.54 43.02
C ASP D 283 184.52 -233.87 43.81
N ASN D 284 184.14 -234.47 44.95
CA ASN D 284 183.08 -233.95 45.81
C ASN D 284 181.77 -233.78 45.06
N LYS D 285 181.38 -234.84 44.35
CA LYS D 285 180.15 -234.84 43.57
C LYS D 285 179.60 -236.25 43.49
N VAL D 286 178.28 -236.35 43.49
CA VAL D 286 177.59 -237.64 43.42
C VAL D 286 177.07 -237.85 42.01
N THR D 287 177.16 -239.09 41.53
CA THR D 287 176.69 -239.46 40.20
C THR D 287 175.76 -240.65 40.29
N LEU D 288 174.73 -240.64 39.45
CA LEU D 288 173.74 -241.71 39.42
C LEU D 288 174.00 -242.60 38.21
N TRP D 289 174.30 -243.87 38.47
CA TRP D 289 174.56 -244.85 37.43
C TRP D 289 173.39 -245.82 37.33
N LYS D 290 172.96 -246.11 36.11
CA LYS D 290 171.85 -247.01 35.85
C LYS D 290 172.21 -247.95 34.71
N GLU D 291 171.80 -249.21 34.84
CA GLU D 291 172.07 -250.21 33.83
C GLU D 291 171.13 -250.03 32.65
N SER D 292 171.69 -250.03 31.44
CA SER D 292 170.90 -249.86 30.22
C SER D 292 170.46 -251.23 29.70
N VAL D 293 169.87 -251.25 28.51
CA VAL D 293 169.41 -252.50 27.93
C VAL D 293 170.55 -253.31 27.31
N ASP D 294 171.67 -252.66 26.97
CA ASP D 294 172.79 -253.35 26.37
C ASP D 294 173.66 -254.06 27.40
N GLY D 295 173.55 -253.70 28.67
CA GLY D 295 174.32 -254.30 29.74
C GLY D 295 175.38 -253.39 30.33
N GLN D 296 175.75 -252.32 29.64
CA GLN D 296 176.76 -251.39 30.13
C GLN D 296 176.11 -250.32 31.00
N TRP D 297 176.82 -249.92 32.05
CA TRP D 297 176.34 -248.90 32.97
C TRP D 297 176.70 -247.51 32.45
N VAL D 298 175.74 -246.61 32.48
CA VAL D 298 175.93 -245.24 32.01
C VAL D 298 175.46 -244.28 33.09
N CYS D 299 176.03 -243.08 33.10
CA CYS D 299 175.68 -242.06 34.07
C CYS D 299 174.37 -241.39 33.68
N ILE D 300 173.44 -241.27 34.63
CA ILE D 300 172.16 -240.64 34.38
C ILE D 300 172.32 -239.13 34.38
N SER D 301 172.62 -238.56 35.54
CA SER D 301 172.80 -237.13 35.68
C SER D 301 173.82 -236.87 36.79
N ASP D 302 174.07 -235.59 37.05
CA ASP D 302 175.01 -235.16 38.08
C ASP D 302 174.25 -234.47 39.19
N VAL D 303 174.60 -234.80 40.43
CA VAL D 303 173.96 -234.21 41.60
C VAL D 303 174.61 -232.87 41.91
N ASN D 304 173.96 -232.08 42.76
CA ASN D 304 174.45 -230.76 43.16
C ASN D 304 174.71 -229.86 41.96
N ARG E 5 249.07 -244.35 97.99
CA ARG E 5 249.79 -245.45 97.34
C ARG E 5 248.86 -246.29 96.47
N SER E 6 249.43 -247.22 95.72
CA SER E 6 248.64 -248.08 94.85
C SER E 6 248.00 -249.21 95.64
N ILE E 7 246.89 -249.71 95.12
CA ILE E 7 246.14 -250.80 95.74
C ILE E 7 245.61 -251.73 94.66
N ALA E 8 245.34 -252.97 95.06
CA ALA E 8 244.83 -253.98 94.15
C ALA E 8 243.31 -253.88 94.04
N ALA E 9 242.80 -254.14 92.84
CA ALA E 9 241.36 -254.09 92.58
C ALA E 9 240.66 -255.43 92.81
N ASP E 10 241.40 -256.45 93.25
CA ASP E 10 240.85 -257.79 93.50
C ASP E 10 240.17 -258.35 92.25
N HIS E 11 240.87 -258.26 91.12
CA HIS E 11 240.37 -258.75 89.84
C HIS E 11 241.37 -259.75 89.26
N LYS E 12 240.86 -260.90 88.84
CA LYS E 12 241.73 -261.92 88.26
C LYS E 12 242.13 -261.59 86.84
N ASP E 13 241.22 -261.00 86.07
CA ASP E 13 241.50 -260.63 84.69
C ASP E 13 242.00 -259.19 84.63
N LEU E 14 242.10 -258.66 83.42
CA LEU E 14 242.56 -257.29 83.22
C LEU E 14 241.40 -256.31 83.33
N ILE E 15 241.69 -255.14 83.90
CA ILE E 15 240.66 -254.11 84.07
C ILE E 15 240.44 -253.40 82.74
N HIS E 16 239.20 -252.95 82.53
CA HIS E 16 238.83 -252.24 81.30
C HIS E 16 238.55 -250.78 81.59
N ASP E 17 237.47 -250.47 82.30
CA ASP E 17 237.11 -249.10 82.63
C ASP E 17 237.05 -248.92 84.14
N VAL E 18 237.22 -247.67 84.57
CA VAL E 18 237.20 -247.34 85.99
C VAL E 18 236.65 -245.93 86.16
N SER E 19 235.32 -245.80 86.21
CA SER E 19 234.66 -244.52 86.36
C SER E 19 234.24 -244.32 87.82
N PHE E 20 234.19 -243.05 88.22
CA PHE E 20 233.81 -242.68 89.57
C PHE E 20 232.37 -242.20 89.61
N ASP E 21 231.91 -241.81 90.79
CA ASP E 21 230.55 -241.33 90.96
C ASP E 21 230.50 -239.80 90.87
N PHE E 22 229.63 -239.19 91.67
CA PHE E 22 229.48 -237.73 91.68
C PHE E 22 229.80 -237.09 93.02
N HIS E 23 229.94 -237.87 94.09
CA HIS E 23 230.25 -237.31 95.40
C HIS E 23 231.76 -237.09 95.55
N GLY E 24 232.51 -238.18 95.62
CA GLY E 24 233.95 -238.09 95.77
C GLY E 24 234.55 -239.24 96.55
N ARG E 25 233.69 -240.06 97.16
CA ARG E 25 234.11 -241.21 97.94
C ARG E 25 233.55 -242.52 97.38
N ARG E 26 233.45 -242.61 96.05
CA ARG E 26 232.93 -243.80 95.41
C ARG E 26 233.59 -243.95 94.04
N MET E 27 233.96 -245.18 93.70
CA MET E 27 234.60 -245.47 92.43
C MET E 27 234.22 -246.87 91.99
N ALA E 28 233.69 -246.99 90.77
CA ALA E 28 233.28 -248.27 90.21
C ALA E 28 234.38 -248.80 89.29
N THR E 29 234.49 -250.12 89.24
CA THR E 29 235.50 -250.78 88.43
C THR E 29 234.90 -252.05 87.82
N CYS E 30 235.30 -252.33 86.58
CA CYS E 30 234.82 -253.51 85.87
C CYS E 30 235.97 -254.12 85.09
N SER E 31 236.17 -255.43 85.25
CA SER E 31 237.25 -256.14 84.58
C SER E 31 236.66 -257.16 83.61
N SER E 32 237.52 -258.03 83.08
CA SER E 32 237.11 -259.07 82.15
C SER E 32 236.78 -260.39 82.83
N ASP E 33 236.72 -260.41 84.16
CA ASP E 33 236.41 -261.62 84.92
C ASP E 33 234.96 -261.65 85.40
N GLN E 34 234.08 -260.88 84.76
CA GLN E 34 232.66 -260.82 85.12
C GLN E 34 232.48 -260.43 86.58
N SER E 35 232.99 -259.26 86.92
CA SER E 35 232.91 -258.74 88.28
C SER E 35 232.82 -257.22 88.23
N VAL E 36 232.00 -256.66 89.12
CA VAL E 36 231.80 -255.21 89.21
C VAL E 36 232.16 -254.81 90.64
N LYS E 37 233.38 -254.33 90.83
CA LYS E 37 233.85 -253.91 92.15
C LYS E 37 233.60 -252.41 92.34
N VAL E 38 233.20 -252.06 93.56
CA VAL E 38 232.91 -250.68 93.93
C VAL E 38 233.84 -250.29 95.08
N TRP E 39 234.57 -249.21 94.91
CA TRP E 39 235.50 -248.72 95.92
C TRP E 39 234.87 -247.61 96.74
N ASP E 40 235.40 -247.41 97.94
CA ASP E 40 234.91 -246.39 98.85
C ASP E 40 236.10 -245.72 99.54
N LYS E 41 236.14 -244.40 99.50
CA LYS E 41 237.22 -243.64 100.11
C LYS E 41 236.87 -243.28 101.55
N SER E 42 237.85 -243.42 102.43
CA SER E 42 237.67 -243.12 103.85
C SER E 42 238.03 -241.66 104.11
N GLU E 43 238.15 -241.29 105.39
CA GLU E 43 238.50 -239.93 105.75
C GLU E 43 239.98 -239.63 105.59
N SER E 44 240.83 -240.65 105.63
CA SER E 44 242.27 -240.46 105.48
C SER E 44 242.74 -240.55 104.03
N GLY E 45 241.83 -240.72 103.09
CA GLY E 45 242.19 -240.81 101.68
C GLY E 45 242.42 -242.21 101.17
N ASP E 46 242.34 -243.23 102.02
CA ASP E 46 242.56 -244.61 101.59
C ASP E 46 241.32 -245.15 100.90
N TRP E 47 241.53 -245.93 99.85
CA TRP E 47 240.45 -246.54 99.08
C TRP E 47 240.20 -247.95 99.59
N HIS E 48 238.97 -248.22 100.00
CA HIS E 48 238.57 -249.52 100.51
C HIS E 48 237.47 -250.11 99.65
N CYS E 49 237.45 -251.44 99.56
CA CYS E 49 236.45 -252.13 98.76
C CYS E 49 235.12 -252.15 99.51
N THR E 50 234.06 -251.75 98.82
CA THR E 50 232.71 -251.71 99.40
C THR E 50 231.88 -252.94 99.00
N ALA E 51 231.76 -253.20 97.71
CA ALA E 51 230.99 -254.35 97.23
C ALA E 51 231.60 -254.85 95.94
N SER E 52 231.58 -256.18 95.76
CA SER E 52 232.13 -256.81 94.56
C SER E 52 231.39 -258.10 94.31
N TRP E 53 230.69 -258.18 93.18
CA TRP E 53 229.93 -259.36 92.83
C TRP E 53 229.87 -259.46 91.30
N LYS E 54 229.27 -260.54 90.82
CA LYS E 54 229.13 -260.77 89.39
C LYS E 54 227.86 -260.13 88.87
N THR E 55 227.95 -259.50 87.70
CA THR E 55 226.82 -258.84 87.07
C THR E 55 226.42 -259.43 85.73
N HIS E 56 227.35 -260.07 85.02
CA HIS E 56 227.06 -260.67 83.72
C HIS E 56 227.87 -261.95 83.58
N SER E 57 227.78 -262.57 82.41
CA SER E 57 228.49 -263.81 82.13
C SER E 57 229.70 -263.62 81.23
N GLY E 58 229.84 -262.46 80.59
CA GLY E 58 230.96 -262.19 79.71
C GLY E 58 231.98 -261.25 80.34
N SER E 59 232.76 -260.61 79.48
CA SER E 59 233.79 -259.67 79.92
C SER E 59 233.22 -258.26 79.91
N VAL E 60 233.21 -257.63 81.08
CA VAL E 60 232.68 -256.27 81.19
C VAL E 60 233.72 -255.29 80.66
N TRP E 61 233.27 -254.38 79.79
CA TRP E 61 234.14 -253.37 79.20
C TRP E 61 233.72 -251.95 79.57
N ARG E 62 232.44 -251.63 79.44
CA ARG E 62 231.92 -250.30 79.75
C ARG E 62 231.28 -250.32 81.13
N VAL E 63 231.54 -249.25 81.91
CA VAL E 63 230.99 -249.12 83.25
C VAL E 63 230.87 -247.65 83.60
N THR E 64 229.64 -247.17 83.76
CA THR E 64 229.38 -245.78 84.09
C THR E 64 228.31 -245.71 85.18
N TRP E 65 228.45 -244.74 86.08
CA TRP E 65 227.52 -244.54 87.16
C TRP E 65 226.58 -243.39 86.85
N ALA E 66 225.35 -243.48 87.34
CA ALA E 66 224.35 -242.44 87.10
C ALA E 66 224.53 -241.30 88.10
N HIS E 67 223.66 -240.30 87.97
CA HIS E 67 223.69 -239.13 88.84
C HIS E 67 222.93 -239.44 90.13
N PRO E 68 222.81 -238.46 91.02
CA PRO E 68 222.08 -238.70 92.27
C PRO E 68 220.62 -238.27 92.18
N GLU E 69 220.16 -237.98 90.96
CA GLU E 69 218.78 -237.55 90.76
C GLU E 69 217.78 -238.69 90.92
N PHE E 70 218.21 -239.95 90.72
CA PHE E 70 217.35 -241.10 90.84
C PHE E 70 217.92 -242.16 91.78
N GLY E 71 218.82 -241.77 92.67
CA GLY E 71 219.43 -242.68 93.60
C GLY E 71 220.82 -243.10 93.15
N GLN E 72 221.35 -244.12 93.85
CA GLN E 72 222.67 -244.65 93.56
C GLN E 72 222.52 -245.81 92.57
N VAL E 73 222.45 -245.45 91.29
CA VAL E 73 222.32 -246.43 90.21
C VAL E 73 223.64 -246.50 89.46
N LEU E 74 223.89 -247.66 88.86
CA LEU E 74 225.12 -247.88 88.10
C LEU E 74 224.84 -248.81 86.93
N ALA E 75 225.25 -248.41 85.74
CA ALA E 75 225.07 -249.19 84.53
C ALA E 75 226.37 -249.89 84.16
N SER E 76 226.24 -251.00 83.44
CA SER E 76 227.40 -251.79 83.03
C SER E 76 227.04 -252.58 81.78
N CYS E 77 227.99 -252.63 80.84
CA CYS E 77 227.83 -253.36 79.59
C CYS E 77 228.96 -254.37 79.46
N SER E 78 228.63 -255.58 79.06
CA SER E 78 229.59 -256.66 78.89
C SER E 78 229.59 -257.14 77.44
N PHE E 79 230.37 -258.19 77.19
CA PHE E 79 230.49 -258.78 75.86
C PHE E 79 229.49 -259.91 75.63
N ASP E 80 228.57 -260.13 76.56
CA ASP E 80 227.57 -261.19 76.42
C ASP E 80 226.24 -260.66 75.91
N ARG E 81 226.24 -259.51 75.23
CA ARG E 81 225.03 -258.90 74.68
C ARG E 81 224.00 -258.64 75.78
N THR E 82 224.41 -257.86 76.77
CA THR E 82 223.55 -257.52 77.89
C THR E 82 223.93 -256.15 78.43
N ALA E 83 222.95 -255.47 79.04
CA ALA E 83 223.17 -254.14 79.60
C ALA E 83 222.26 -254.01 80.83
N ALA E 84 222.75 -254.51 81.96
CA ALA E 84 222.01 -254.48 83.21
C ALA E 84 222.37 -253.23 84.02
N VAL E 85 221.46 -252.85 84.91
CA VAL E 85 221.65 -251.69 85.77
C VAL E 85 221.47 -252.14 87.20
N TRP E 86 222.48 -251.87 88.03
CA TRP E 86 222.46 -252.24 89.43
C TRP E 86 222.05 -251.06 90.31
N GLU E 87 221.48 -251.36 91.46
CA GLU E 87 221.03 -250.35 92.41
C GLU E 87 221.63 -250.64 93.78
N GLU E 88 222.28 -249.64 94.36
CA GLU E 88 222.90 -249.80 95.67
C GLU E 88 221.84 -249.75 96.76
N ILE E 89 221.92 -250.70 97.69
CA ILE E 89 220.97 -250.81 98.80
C ILE E 89 221.74 -250.54 100.10
N VAL E 90 221.13 -249.74 100.98
CA VAL E 90 221.76 -249.41 102.26
C VAL E 90 221.43 -250.41 103.35
N GLY E 91 220.60 -251.40 103.06
CA GLY E 91 220.24 -252.40 104.06
C GLY E 91 221.01 -253.68 103.93
N GLU E 92 222.24 -253.60 103.41
CA GLU E 92 223.09 -254.77 103.22
C GLU E 92 224.47 -254.46 103.77
N SER E 93 225.20 -255.53 104.10
CA SER E 93 226.55 -255.39 104.64
C SER E 93 227.55 -255.17 103.51
N ASN E 94 228.70 -254.64 103.88
CA ASN E 94 229.76 -254.35 102.92
C ASN E 94 230.53 -255.63 102.58
N ASP E 95 230.91 -255.75 101.31
CA ASP E 95 231.66 -256.91 100.81
C ASP E 95 230.90 -258.21 101.07
N LYS E 96 229.61 -258.20 100.75
CA LYS E 96 228.75 -259.36 100.95
C LYS E 96 228.13 -259.88 99.66
N LEU E 97 228.45 -259.27 98.52
CA LEU E 97 227.92 -259.68 97.21
C LEU E 97 226.39 -259.67 97.21
N ARG E 98 225.80 -258.66 97.84
CA ARG E 98 224.36 -258.54 97.91
C ARG E 98 223.93 -257.09 98.03
N GLY E 99 224.91 -256.19 98.06
CA GLY E 99 224.61 -254.76 98.17
C GLY E 99 224.16 -254.09 96.90
N GLN E 100 224.33 -254.73 95.75
CA GLN E 100 223.93 -254.19 94.46
C GLN E 100 222.90 -255.13 93.85
N SER E 101 221.64 -254.70 93.83
CA SER E 101 220.56 -255.50 93.27
C SER E 101 220.29 -255.09 91.83
N HIS E 102 220.07 -256.08 90.97
CA HIS E 102 219.78 -255.81 89.56
C HIS E 102 218.35 -255.34 89.40
N TRP E 103 218.19 -254.24 88.66
CA TRP E 103 216.87 -253.64 88.42
C TRP E 103 216.28 -254.07 87.08
N VAL E 104 217.04 -253.92 86.00
CA VAL E 104 216.59 -254.28 84.66
C VAL E 104 217.74 -254.98 83.93
N LYS E 105 217.44 -255.47 82.73
CA LYS E 105 218.43 -256.16 81.91
C LYS E 105 218.03 -255.99 80.46
N ARG E 106 218.89 -255.33 79.68
CA ARG E 106 218.65 -255.09 78.26
C ARG E 106 219.50 -256.08 77.46
N THR E 107 218.96 -257.29 77.27
CA THR E 107 219.65 -258.33 76.54
C THR E 107 219.10 -258.54 75.14
N THR E 108 217.93 -257.97 74.82
CA THR E 108 217.31 -258.09 73.50
C THR E 108 216.54 -256.80 73.22
N LEU E 109 217.27 -255.72 73.02
CA LEU E 109 216.71 -254.40 72.74
C LEU E 109 217.26 -253.90 71.41
N VAL E 110 216.86 -254.56 70.32
CA VAL E 110 217.27 -254.20 68.96
C VAL E 110 218.79 -254.24 68.85
N ASP E 111 219.44 -253.16 69.26
CA ASP E 111 220.90 -253.06 69.16
C ASP E 111 221.62 -253.81 70.28
N SER E 112 220.89 -254.47 71.18
CA SER E 112 221.49 -255.22 72.28
C SER E 112 221.74 -256.67 71.94
N ARG E 113 221.95 -256.98 70.65
CA ARG E 113 222.20 -258.36 70.23
C ARG E 113 223.69 -258.67 70.07
N THR E 114 224.51 -257.65 69.82
CA THR E 114 225.94 -257.82 69.66
C THR E 114 226.67 -257.48 70.96
N SER E 115 228.00 -257.52 70.90
CA SER E 115 228.80 -257.22 72.07
C SER E 115 228.92 -255.71 72.26
N VAL E 116 228.53 -255.23 73.45
CA VAL E 116 228.60 -253.82 73.76
C VAL E 116 230.00 -253.48 74.28
N THR E 117 230.39 -252.23 74.08
CA THR E 117 231.72 -251.77 74.51
C THR E 117 231.66 -250.32 74.98
N ASP E 118 230.54 -249.65 74.74
CA ASP E 118 230.36 -248.26 75.12
C ASP E 118 228.98 -248.11 75.76
N VAL E 119 228.94 -247.54 76.97
CA VAL E 119 227.70 -247.35 77.69
C VAL E 119 227.85 -246.18 78.66
N LYS E 120 227.20 -245.06 78.37
CA LYS E 120 227.27 -243.89 79.22
C LYS E 120 225.87 -243.30 79.39
N PHE E 121 225.62 -242.74 80.58
CA PHE E 121 224.33 -242.16 80.89
C PHE E 121 224.29 -240.69 80.46
N ALA E 122 223.07 -240.18 80.32
CA ALA E 122 222.86 -238.79 79.91
C ALA E 122 222.84 -237.89 81.14
N PRO E 123 222.54 -236.60 80.96
CA PRO E 123 222.50 -235.68 82.11
C PRO E 123 221.20 -235.82 82.88
N LYS E 124 221.16 -235.17 84.05
CA LYS E 124 220.00 -235.20 84.91
C LYS E 124 218.92 -234.21 84.47
N HIS E 125 219.22 -233.31 83.54
CA HIS E 125 218.23 -232.34 83.09
C HIS E 125 217.23 -232.94 82.11
N MET E 126 217.54 -234.08 81.49
CA MET E 126 216.66 -234.73 80.55
C MET E 126 216.09 -236.05 81.10
N GLY E 127 216.20 -236.26 82.41
CA GLY E 127 215.68 -237.48 83.01
C GLY E 127 216.73 -238.57 83.10
N LEU E 128 216.26 -239.75 83.51
CA LEU E 128 217.12 -240.93 83.65
C LEU E 128 217.24 -241.61 82.29
N MET E 129 218.14 -241.08 81.47
CA MET E 129 218.39 -241.59 80.13
C MET E 129 219.82 -242.10 80.04
N LEU E 130 220.03 -243.07 79.15
CA LEU E 130 221.35 -243.65 78.95
C LEU E 130 221.46 -244.15 77.52
N ALA E 131 222.69 -244.16 77.01
CA ALA E 131 222.97 -244.59 75.64
C ALA E 131 223.91 -245.78 75.67
N THR E 132 223.81 -246.63 74.65
CA THR E 132 224.63 -247.82 74.54
C THR E 132 224.97 -248.06 73.07
N CYS E 133 226.22 -248.45 72.82
CA CYS E 133 226.69 -248.72 71.46
C CYS E 133 227.35 -250.09 71.45
N SER E 134 226.84 -250.99 70.61
CA SER E 134 227.35 -252.34 70.48
C SER E 134 228.11 -252.47 69.16
N ALA E 135 228.41 -253.72 68.79
CA ALA E 135 229.13 -254.01 67.56
C ALA E 135 228.22 -254.15 66.35
N ASP E 136 226.90 -254.00 66.52
CA ASP E 136 225.96 -254.12 65.42
C ASP E 136 225.87 -252.86 64.57
N GLY E 137 226.43 -251.74 65.04
CA GLY E 137 226.38 -250.50 64.30
C GLY E 137 225.23 -249.59 64.64
N ILE E 138 224.35 -249.98 65.56
CA ILE E 138 223.20 -249.19 65.96
C ILE E 138 223.40 -248.76 67.41
N VAL E 139 223.07 -247.50 67.71
CA VAL E 139 223.20 -246.94 69.03
C VAL E 139 221.81 -246.86 69.65
N ARG E 140 221.57 -247.69 70.66
CA ARG E 140 220.28 -247.73 71.34
C ARG E 140 220.26 -246.73 72.50
N ILE E 141 219.14 -246.04 72.64
CA ILE E 141 218.96 -245.04 73.69
C ILE E 141 217.81 -245.50 74.59
N TYR E 142 218.13 -245.78 75.84
CA TYR E 142 217.16 -246.23 76.83
C TYR E 142 216.85 -245.09 77.80
N GLU E 143 215.58 -244.92 78.12
CA GLU E 143 215.14 -243.86 79.02
C GLU E 143 213.96 -244.35 79.84
N ALA E 144 214.01 -244.12 81.15
CA ALA E 144 212.94 -244.55 82.04
C ALA E 144 211.88 -243.45 82.15
N PRO E 145 210.61 -243.76 81.91
CA PRO E 145 209.58 -242.73 81.99
C PRO E 145 209.15 -242.47 83.43
N ASP E 146 209.11 -243.52 84.24
CA ASP E 146 208.70 -243.40 85.64
C ASP E 146 209.95 -243.26 86.52
N VAL E 147 209.95 -242.21 87.36
CA VAL E 147 211.09 -241.99 88.25
C VAL E 147 211.04 -242.92 89.45
N MET E 148 209.84 -243.34 89.86
CA MET E 148 209.72 -244.23 91.01
C MET E 148 210.02 -245.69 90.65
N ASN E 149 209.80 -246.08 89.40
CA ASN E 149 210.06 -247.43 88.93
C ASN E 149 211.42 -247.46 88.26
N LEU E 150 212.37 -248.17 88.85
CA LEU E 150 213.72 -248.29 88.32
C LEU E 150 213.87 -249.43 87.32
N SER E 151 212.82 -250.24 87.13
CA SER E 151 212.85 -251.36 86.20
C SER E 151 212.08 -251.09 84.92
N GLN E 152 211.40 -249.95 84.82
CA GLN E 152 210.63 -249.61 83.62
C GLN E 152 211.52 -248.83 82.67
N TRP E 153 212.42 -249.56 82.00
CA TRP E 153 213.36 -248.99 81.05
C TRP E 153 212.88 -249.32 79.64
N SER E 154 212.39 -248.30 78.93
CA SER E 154 211.89 -248.44 77.57
C SER E 154 212.88 -247.87 76.58
N LEU E 155 212.80 -248.35 75.34
CA LEU E 155 213.68 -247.88 74.27
C LEU E 155 213.15 -246.57 73.72
N GLN E 156 213.98 -245.52 73.78
CA GLN E 156 213.59 -244.21 73.29
C GLN E 156 213.88 -244.05 71.79
N HIS E 157 215.13 -244.29 71.38
CA HIS E 157 215.51 -244.18 69.99
C HIS E 157 216.47 -245.30 69.64
N GLU E 158 216.70 -245.49 68.33
CA GLU E 158 217.59 -246.54 67.84
C GLU E 158 218.21 -246.03 66.53
N ILE E 159 219.25 -245.22 66.67
CA ILE E 159 219.95 -244.65 65.52
C ILE E 159 221.12 -245.54 65.14
N SER E 160 221.34 -245.70 63.84
CA SER E 160 222.41 -246.52 63.30
C SER E 160 223.41 -245.61 62.62
N CYS E 161 224.62 -245.52 63.18
CA CYS E 161 225.66 -244.66 62.63
C CYS E 161 226.57 -245.37 61.64
N LYS E 162 226.66 -246.71 61.74
CA LYS E 162 227.51 -247.49 60.85
C LYS E 162 226.88 -248.87 60.70
N LEU E 163 227.67 -249.82 60.20
CA LEU E 163 227.19 -251.18 60.00
C LEU E 163 228.26 -252.25 60.25
N SER E 164 229.50 -251.85 60.53
CA SER E 164 230.58 -252.81 60.76
C SER E 164 230.67 -253.11 62.25
N CYS E 165 231.71 -253.85 62.66
CA CYS E 165 231.93 -254.22 64.05
C CYS E 165 233.34 -253.80 64.43
N SER E 166 233.44 -252.74 65.24
CA SER E 166 234.73 -252.23 65.68
C SER E 166 234.63 -251.61 67.07
N CYS E 167 235.50 -250.66 67.37
CA CYS E 167 235.48 -249.99 68.66
C CYS E 167 234.37 -248.95 68.72
N ILE E 168 233.78 -248.81 69.91
CA ILE E 168 232.70 -247.85 70.13
C ILE E 168 233.05 -246.99 71.33
N SER E 169 232.60 -245.73 71.30
CA SER E 169 232.87 -244.79 72.37
C SER E 169 231.72 -243.79 72.41
N TRP E 170 230.96 -243.79 73.50
CA TRP E 170 229.84 -242.90 73.68
C TRP E 170 230.24 -241.74 74.59
N ASN E 171 229.77 -240.54 74.23
CA ASN E 171 230.07 -239.34 75.01
C ASN E 171 228.93 -238.34 74.88
N PRO E 172 228.18 -238.08 75.96
CA PRO E 172 227.08 -237.12 75.87
C PRO E 172 227.48 -235.73 76.33
N SER E 173 226.74 -234.71 75.89
CA SER E 173 227.03 -233.34 76.26
C SER E 173 226.53 -233.06 77.67
N SER E 174 227.41 -232.54 78.52
CA SER E 174 227.07 -232.22 79.91
C SER E 174 226.58 -230.79 80.09
N SER E 175 226.40 -230.05 79.00
CA SER E 175 225.93 -228.67 79.08
C SER E 175 224.42 -228.66 79.30
N ARG E 176 223.98 -228.05 80.39
CA ARG E 176 222.55 -227.98 80.69
C ARG E 176 221.85 -226.84 79.96
N ALA E 177 222.60 -225.83 79.52
CA ALA E 177 222.04 -224.70 78.81
C ALA E 177 222.17 -224.82 77.29
N HIS E 178 222.29 -226.04 76.78
CA HIS E 178 222.42 -226.30 75.36
C HIS E 178 221.40 -227.36 74.94
N SER E 179 221.44 -227.72 73.66
CA SER E 179 220.53 -228.71 73.12
C SER E 179 221.01 -230.11 73.46
N PRO E 180 220.16 -231.12 73.28
CA PRO E 180 220.57 -232.50 73.60
C PRO E 180 221.42 -233.11 72.50
N MET E 181 222.73 -233.18 72.72
CA MET E 181 223.65 -233.75 71.75
C MET E 181 224.50 -234.82 72.42
N ILE E 182 225.00 -235.74 71.60
CA ILE E 182 225.84 -236.83 72.08
C ILE E 182 226.78 -237.25 70.97
N ALA E 183 228.04 -237.51 71.33
CA ALA E 183 229.06 -237.91 70.39
C ALA E 183 229.24 -239.42 70.42
N VAL E 184 229.42 -240.01 69.24
CA VAL E 184 229.60 -241.46 69.09
C VAL E 184 230.69 -241.70 68.07
N GLY E 185 231.62 -242.58 68.40
CA GLY E 185 232.73 -242.91 67.51
C GLY E 185 232.69 -244.38 67.12
N SER E 186 233.00 -244.65 65.85
CA SER E 186 233.01 -246.00 65.33
C SER E 186 234.18 -246.13 64.35
N ASP E 187 235.21 -246.86 64.76
CA ASP E 187 236.42 -247.09 63.95
C ASP E 187 237.03 -245.72 63.64
N ASP E 188 237.28 -245.38 62.38
CA ASP E 188 237.86 -244.09 62.04
C ASP E 188 236.84 -242.96 62.00
N SER E 189 235.54 -243.28 61.99
CA SER E 189 234.51 -242.26 61.97
C SER E 189 234.21 -241.76 63.38
N SER E 190 233.78 -240.50 63.45
CA SER E 190 233.44 -239.87 64.73
C SER E 190 232.34 -238.86 64.51
N PRO E 191 231.10 -239.31 64.39
CA PRO E 191 229.98 -238.39 64.18
C PRO E 191 229.47 -237.82 65.50
N ASN E 192 228.57 -236.84 65.38
CA ASN E 192 227.97 -236.18 66.53
C ASN E 192 226.48 -236.01 66.26
N ALA E 193 225.66 -236.80 66.94
CA ALA E 193 224.21 -236.74 66.76
C ALA E 193 223.62 -235.69 67.69
N MET E 194 222.58 -235.02 67.21
CA MET E 194 221.90 -233.97 67.97
C MET E 194 220.39 -234.14 67.83
N ALA E 195 219.67 -233.84 68.90
CA ALA E 195 218.21 -233.95 68.89
C ALA E 195 217.62 -232.78 68.11
N LYS E 196 216.62 -233.08 67.27
CA LYS E 196 215.97 -232.06 66.47
C LYS E 196 214.76 -231.50 67.24
N VAL E 197 213.79 -230.95 66.51
CA VAL E 197 212.59 -230.41 67.11
C VAL E 197 211.44 -231.39 66.92
N GLN E 198 211.76 -232.59 66.44
CA GLN E 198 210.75 -233.62 66.22
C GLN E 198 210.87 -234.73 67.26
N ILE E 199 210.80 -234.36 68.54
CA ILE E 199 210.90 -235.35 69.61
C ILE E 199 209.71 -236.29 69.60
N PHE E 200 208.51 -235.75 69.35
CA PHE E 200 207.32 -236.59 69.31
C PHE E 200 207.35 -237.56 68.14
N GLU E 201 207.96 -237.16 67.02
CA GLU E 201 208.08 -238.05 65.88
C GLU E 201 209.19 -239.07 66.06
N TYR E 202 210.27 -238.70 66.75
CA TYR E 202 211.35 -239.65 66.99
C TYR E 202 210.99 -240.66 68.07
N ASN E 203 210.15 -240.29 69.02
CA ASN E 203 209.73 -241.21 70.07
C ASN E 203 208.62 -242.15 69.63
N GLU E 204 208.04 -241.95 68.44
CA GLU E 204 206.97 -242.80 67.93
C GLU E 204 207.45 -243.71 66.81
N ASN E 205 208.76 -243.94 66.71
CA ASN E 205 209.36 -244.80 65.68
C ASN E 205 208.99 -244.31 64.28
N THR E 206 209.67 -243.24 63.87
CA THR E 206 209.44 -242.65 62.56
C THR E 206 210.71 -241.95 62.07
N ARG E 207 211.64 -241.69 62.97
CA ARG E 207 212.89 -241.02 62.63
C ARG E 207 213.96 -242.07 62.36
N LYS E 208 214.51 -242.06 61.14
CA LYS E 208 215.55 -243.01 60.77
C LYS E 208 216.88 -242.64 61.38
N TYR E 209 217.71 -241.91 60.62
CA TYR E 209 219.01 -241.47 61.09
C TYR E 209 218.98 -239.99 61.46
N ALA E 210 219.96 -239.59 62.25
CA ALA E 210 220.06 -238.20 62.69
C ALA E 210 221.52 -237.89 62.96
N LYS E 211 222.08 -236.96 62.18
CA LYS E 211 223.47 -236.55 62.33
C LYS E 211 223.59 -235.05 62.13
N ALA E 212 224.40 -234.41 62.97
CA ALA E 212 224.62 -232.97 62.90
C ALA E 212 226.00 -232.62 62.36
N GLU E 213 227.05 -233.11 62.99
CA GLU E 213 228.42 -232.84 62.57
C GLU E 213 229.23 -234.12 62.67
N THR E 214 230.49 -234.06 62.23
CA THR E 214 231.37 -235.21 62.26
C THR E 214 232.80 -234.71 62.44
N LEU E 215 233.56 -235.38 63.31
CA LEU E 215 234.94 -235.03 63.57
C LEU E 215 235.85 -235.82 62.65
N MET E 216 236.50 -235.13 61.72
CA MET E 216 237.40 -235.78 60.76
C MET E 216 238.83 -235.77 61.27
N THR E 217 239.79 -235.79 60.35
CA THR E 217 241.22 -235.79 60.68
C THR E 217 241.57 -236.96 61.61
N VAL E 218 241.13 -238.15 61.23
CA VAL E 218 241.37 -239.37 61.99
C VAL E 218 241.80 -240.45 61.00
N THR E 219 243.06 -240.87 61.09
CA THR E 219 243.61 -241.90 60.21
C THR E 219 243.65 -243.27 60.87
N ASP E 220 243.08 -243.41 62.06
CA ASP E 220 243.08 -244.69 62.76
C ASP E 220 241.81 -244.82 63.58
N PRO E 221 241.66 -245.92 64.34
CA PRO E 221 240.44 -246.09 65.13
C PRO E 221 240.52 -245.30 66.43
N VAL E 222 239.38 -244.71 66.81
CA VAL E 222 239.29 -243.92 68.03
C VAL E 222 239.14 -244.87 69.21
N HIS E 223 240.01 -244.72 70.20
CA HIS E 223 239.96 -245.57 71.40
C HIS E 223 239.09 -244.97 72.49
N ASP E 224 239.11 -243.66 72.65
CA ASP E 224 238.32 -242.99 73.68
C ASP E 224 237.85 -241.64 73.15
N ILE E 225 236.71 -241.19 73.65
CA ILE E 225 236.14 -239.90 73.26
C ILE E 225 235.30 -239.37 74.41
N ALA E 226 235.52 -238.12 74.78
CA ALA E 226 234.78 -237.49 75.86
C ALA E 226 234.58 -236.02 75.54
N PHE E 227 233.43 -235.50 75.95
CA PHE E 227 233.08 -234.09 75.73
C PHE E 227 233.30 -233.31 77.02
N ALA E 228 234.00 -232.18 76.90
CA ALA E 228 234.27 -231.34 78.06
C ALA E 228 233.04 -230.52 78.43
N PRO E 229 232.89 -230.16 79.70
CA PRO E 229 231.73 -229.37 80.12
C PRO E 229 231.92 -227.90 79.79
N ASN E 230 230.95 -227.34 79.06
CA ASN E 230 231.00 -225.93 78.66
C ASN E 230 230.49 -225.08 79.82
N LEU E 231 231.40 -224.78 80.74
CA LEU E 231 231.10 -223.97 81.92
C LEU E 231 231.62 -222.56 81.67
N GLY E 232 230.70 -221.64 81.39
CA GLY E 232 231.04 -220.26 81.13
C GLY E 232 231.26 -219.91 79.68
N ARG E 233 231.63 -220.89 78.85
CA ARG E 233 231.87 -220.67 77.44
C ARG E 233 230.64 -221.05 76.62
N SER E 234 230.47 -220.36 75.49
CA SER E 234 229.34 -220.61 74.60
C SER E 234 229.64 -221.65 73.53
N PHE E 235 230.82 -222.26 73.56
CA PHE E 235 231.20 -223.27 72.59
C PHE E 235 231.45 -224.60 73.29
N HIS E 236 231.41 -225.68 72.51
CA HIS E 236 231.61 -227.02 73.01
C HIS E 236 233.04 -227.48 72.74
N ILE E 237 233.48 -228.47 73.52
CA ILE E 237 234.83 -229.03 73.39
C ILE E 237 234.73 -230.54 73.58
N LEU E 238 235.25 -231.29 72.61
CA LEU E 238 235.23 -232.75 72.65
C LEU E 238 236.61 -233.26 72.26
N ALA E 239 237.26 -233.97 73.18
CA ALA E 239 238.58 -234.52 72.94
C ALA E 239 238.47 -235.93 72.37
N ILE E 240 239.36 -236.25 71.44
CA ILE E 240 239.38 -237.56 70.79
C ILE E 240 240.74 -238.21 71.06
N ALA E 241 240.72 -239.54 71.14
CA ALA E 241 241.92 -240.34 71.39
C ALA E 241 242.02 -241.39 70.29
N THR E 242 242.71 -241.06 69.20
CA THR E 242 242.87 -241.96 68.09
C THR E 242 244.13 -242.82 68.27
N LYS E 243 244.24 -243.85 67.43
CA LYS E 243 245.38 -244.76 67.47
C LYS E 243 246.51 -244.33 66.54
N ASP E 244 246.42 -243.14 65.95
CA ASP E 244 247.45 -242.64 65.04
C ASP E 244 248.41 -241.67 65.72
N VAL E 245 248.55 -241.77 67.05
CA VAL E 245 249.42 -240.92 67.84
C VAL E 245 249.08 -239.45 67.61
N ARG E 246 247.80 -239.11 67.80
CA ARG E 246 247.35 -237.74 67.60
C ARG E 246 246.15 -237.49 68.51
N ILE E 247 246.25 -236.49 69.38
CA ILE E 247 245.18 -236.15 70.31
C ILE E 247 244.49 -234.89 69.82
N PHE E 248 243.51 -235.03 68.95
CA PHE E 248 242.78 -233.89 68.42
C PHE E 248 241.73 -233.41 69.42
N THR E 249 241.28 -232.17 69.22
CA THR E 249 240.27 -231.56 70.09
C THR E 249 239.36 -230.71 69.22
N LEU E 250 238.10 -231.11 69.11
CA LEU E 250 237.13 -230.38 68.31
C LEU E 250 236.61 -229.17 69.07
N LYS E 251 236.07 -228.21 68.33
CA LYS E 251 235.51 -226.98 68.90
C LYS E 251 234.25 -226.61 68.13
N PRO E 252 233.07 -226.87 68.69
CA PRO E 252 231.83 -226.54 67.98
C PRO E 252 231.10 -225.36 68.61
N VAL E 253 230.64 -224.43 67.78
CA VAL E 253 229.92 -223.26 68.26
C VAL E 253 228.79 -222.92 67.28
N ARG E 254 227.59 -223.40 67.58
CA ARG E 254 226.44 -223.14 66.72
C ARG E 254 225.15 -223.10 67.54
N LYS E 255 225.24 -223.50 68.80
CA LYS E 255 224.07 -223.51 69.68
C LYS E 255 223.78 -222.09 70.16
N GLU E 256 222.60 -221.58 69.81
CA GLU E 256 222.21 -220.23 70.22
C GLU E 256 220.70 -220.13 70.40
N LEU E 257 220.14 -218.96 70.15
CA LEU E 257 218.71 -218.72 70.28
C LEU E 257 218.08 -218.66 68.89
N THR E 258 217.16 -219.57 68.61
CA THR E 258 216.48 -219.64 67.34
C THR E 258 214.97 -219.61 67.55
N SER E 259 214.25 -219.26 66.49
CA SER E 259 212.80 -219.20 66.55
C SER E 259 212.18 -220.57 66.36
N SER E 260 210.86 -220.65 66.51
CA SER E 260 210.14 -221.89 66.35
C SER E 260 209.95 -222.19 64.87
N GLY E 261 210.55 -223.28 64.39
CA GLY E 261 210.46 -223.68 63.00
C GLY E 261 211.71 -223.45 62.18
N GLY E 262 212.75 -222.87 62.77
CA GLY E 262 213.98 -222.62 62.05
C GLY E 262 214.96 -223.77 62.17
N PRO E 263 216.19 -223.56 61.68
CA PRO E 263 217.20 -224.63 61.75
C PRO E 263 218.57 -224.10 62.08
N THR E 264 219.53 -224.99 62.32
CA THR E 264 220.90 -224.61 62.64
C THR E 264 221.87 -225.57 61.97
N LYS E 265 223.08 -225.08 61.72
CA LYS E 265 224.13 -225.85 61.08
C LYS E 265 225.33 -225.92 62.03
N PHE E 266 225.63 -227.12 62.51
CA PHE E 266 226.76 -227.31 63.42
C PHE E 266 228.07 -227.26 62.65
N GLU E 267 229.01 -226.45 63.14
CA GLU E 267 230.32 -226.29 62.53
C GLU E 267 231.37 -227.01 63.35
N ILE E 268 232.45 -227.42 62.69
CA ILE E 268 233.55 -228.12 63.32
C ILE E 268 234.82 -227.32 63.09
N HIS E 269 235.69 -227.29 64.10
CA HIS E 269 236.96 -226.56 64.00
C HIS E 269 237.99 -227.26 64.87
N ILE E 270 239.14 -227.58 64.28
CA ILE E 270 240.22 -228.25 65.00
C ILE E 270 240.97 -227.20 65.83
N VAL E 271 241.05 -227.44 67.14
CA VAL E 271 241.75 -226.52 68.04
C VAL E 271 243.24 -226.79 67.99
N ALA E 272 243.66 -227.95 68.48
CA ALA E 272 245.07 -228.33 68.49
C ALA E 272 245.18 -229.83 68.33
N GLN E 273 246.41 -230.30 68.11
CA GLN E 273 246.70 -231.72 67.94
C GLN E 273 248.02 -232.02 68.61
N PHE E 274 247.98 -232.74 69.72
CA PHE E 274 249.18 -233.09 70.47
C PHE E 274 249.67 -234.47 70.06
N ASP E 275 251.00 -234.63 70.08
CA ASP E 275 251.62 -235.90 69.71
C ASP E 275 252.94 -236.07 70.46
N ASN E 276 252.96 -235.69 71.73
CA ASN E 276 254.17 -235.82 72.54
C ASN E 276 254.37 -237.23 73.08
N HIS E 277 253.31 -238.04 73.13
CA HIS E 277 253.43 -239.40 73.64
C HIS E 277 254.03 -240.35 72.62
N ASN E 278 253.83 -240.07 71.33
CA ASN E 278 254.36 -240.91 70.25
C ASN E 278 253.89 -242.36 70.38
N SER E 279 252.63 -242.54 70.78
CA SER E 279 252.08 -243.87 70.96
C SER E 279 250.56 -243.77 70.80
N GLN E 280 249.91 -244.93 70.81
CA GLN E 280 248.46 -244.99 70.67
C GLN E 280 247.79 -244.62 71.99
N VAL E 281 246.93 -243.61 71.94
CA VAL E 281 246.22 -243.16 73.14
C VAL E 281 245.13 -244.15 73.48
N TRP E 282 244.86 -244.29 74.77
CA TRP E 282 243.85 -245.21 75.28
C TRP E 282 242.77 -244.52 76.10
N ARG E 283 243.13 -243.56 76.92
CA ARG E 283 242.18 -242.84 77.76
C ARG E 283 242.33 -241.33 77.55
N VAL E 284 241.19 -240.65 77.53
CA VAL E 284 241.17 -239.20 77.34
C VAL E 284 240.01 -238.60 78.11
N SER E 285 240.26 -238.22 79.36
CA SER E 285 239.24 -237.64 80.23
C SER E 285 239.37 -236.13 80.26
N TRP E 286 238.35 -235.48 80.84
CA TRP E 286 238.32 -234.04 80.95
C TRP E 286 238.19 -233.60 82.40
N ASN E 287 237.69 -232.39 82.63
CA ASN E 287 237.50 -231.84 83.95
C ASN E 287 236.02 -231.69 84.25
N ILE E 288 235.71 -231.16 85.44
CA ILE E 288 234.31 -230.96 85.82
C ILE E 288 233.75 -229.69 85.20
N THR E 289 234.60 -228.74 84.84
CA THR E 289 234.16 -227.49 84.24
C THR E 289 234.83 -227.21 82.90
N GLY E 290 235.60 -228.16 82.37
CA GLY E 290 236.26 -227.96 81.10
C GLY E 290 237.51 -227.11 81.17
N THR E 291 238.32 -227.29 82.22
CA THR E 291 239.54 -226.52 82.38
C THR E 291 240.81 -227.36 82.29
N VAL E 292 240.71 -228.68 82.33
CA VAL E 292 241.87 -229.56 82.25
C VAL E 292 241.49 -230.78 81.43
N LEU E 293 242.45 -231.29 80.66
CA LEU E 293 242.24 -232.46 79.82
C LEU E 293 243.41 -233.41 79.97
N ALA E 294 243.12 -234.67 80.24
CA ALA E 294 244.14 -235.70 80.42
C ALA E 294 244.23 -236.57 79.17
N SER E 295 245.41 -237.16 78.96
CA SER E 295 245.64 -238.02 77.82
C SER E 295 246.72 -239.04 78.19
N SER E 296 246.39 -240.32 78.08
CA SER E 296 247.31 -241.40 78.40
C SER E 296 247.47 -242.30 77.19
N GLY E 297 248.73 -242.67 76.90
CA GLY E 297 249.02 -243.53 75.77
C GLY E 297 249.71 -244.82 76.16
N ASP E 298 250.44 -245.42 75.23
CA ASP E 298 251.16 -246.66 75.47
C ASP E 298 252.59 -246.43 75.94
N ASP E 299 252.99 -245.19 76.16
CA ASP E 299 254.34 -244.87 76.62
C ASP E 299 254.48 -244.85 78.13
N GLY E 300 253.37 -245.00 78.86
CA GLY E 300 253.43 -244.98 80.31
C GLY E 300 253.50 -243.61 80.92
N CYS E 301 252.85 -242.62 80.29
CA CYS E 301 252.86 -241.26 80.79
C CYS E 301 251.47 -240.66 80.61
N VAL E 302 251.07 -239.81 81.56
CA VAL E 302 249.78 -239.15 81.53
C VAL E 302 250.04 -237.65 81.48
N ARG E 303 249.67 -237.02 80.36
CA ARG E 303 249.88 -235.60 80.16
C ARG E 303 248.58 -234.85 80.46
N LEU E 304 248.69 -233.77 81.23
CA LEU E 304 247.56 -232.95 81.61
C LEU E 304 247.59 -231.66 80.79
N TRP E 305 246.64 -231.53 79.87
CA TRP E 305 246.57 -230.35 79.01
C TRP E 305 245.59 -229.33 79.56
N LYS E 306 245.90 -228.06 79.36
CA LYS E 306 245.06 -226.97 79.83
C LYS E 306 244.92 -225.94 78.71
N ALA E 307 243.86 -225.14 78.81
CA ALA E 307 243.60 -224.11 77.81
C ALA E 307 244.44 -222.87 78.08
N ASN E 308 245.04 -222.34 77.02
CA ASN E 308 245.88 -221.14 77.13
C ASN E 308 245.03 -219.88 77.03
N TYR E 309 245.42 -218.97 76.15
CA TYR E 309 244.71 -217.71 75.94
C TYR E 309 243.90 -217.67 74.65
N MET E 310 244.50 -218.08 73.53
CA MET E 310 243.82 -218.08 72.24
C MET E 310 243.29 -219.46 71.88
N ASP E 311 242.65 -220.14 72.84
CA ASP E 311 242.08 -221.47 72.64
C ASP E 311 243.15 -222.46 72.17
N ASN E 312 244.27 -222.48 72.89
CA ASN E 312 245.39 -223.35 72.58
C ASN E 312 245.55 -224.40 73.68
N TRP E 313 246.00 -225.58 73.28
CA TRP E 313 246.22 -226.70 74.19
C TRP E 313 247.70 -226.77 74.56
N LYS E 314 248.00 -226.53 75.83
CA LYS E 314 249.38 -226.57 76.34
C LYS E 314 249.47 -227.61 77.44
N CYS E 315 250.53 -228.42 77.39
CA CYS E 315 250.75 -229.46 78.40
C CYS E 315 251.31 -228.82 79.66
N THR E 316 250.50 -228.77 80.71
CA THR E 316 250.93 -228.18 81.98
C THR E 316 251.59 -229.17 82.91
N GLY E 317 251.63 -230.45 82.56
CA GLY E 317 252.25 -231.45 83.40
C GLY E 317 252.33 -232.78 82.69
N ILE E 318 253.22 -233.64 83.21
CA ILE E 318 253.43 -234.97 82.64
C ILE E 318 253.78 -235.93 83.76
N LEU E 319 252.78 -236.67 84.25
CA LEU E 319 252.99 -237.64 85.31
C LEU E 319 253.22 -239.03 84.73
N LYS E 320 254.10 -239.78 85.38
CA LYS E 320 254.41 -241.14 84.93
C LYS E 320 254.21 -242.15 86.06
N LYS F 20 255.01 -252.28 75.16
CA LYS F 20 254.21 -251.11 75.49
C LYS F 20 252.83 -251.51 76.03
N ASN F 21 252.61 -251.23 77.31
CA ASN F 21 251.35 -251.56 77.95
C ASN F 21 250.33 -250.46 77.71
N GLN F 22 249.06 -250.84 77.59
CA GLN F 22 247.97 -249.90 77.36
C GLN F 22 247.61 -249.23 78.68
N MET F 23 248.20 -248.07 78.93
CA MET F 23 247.94 -247.32 80.16
C MET F 23 246.68 -246.48 80.00
N TYR F 24 245.78 -246.57 80.98
CA TYR F 24 244.52 -245.84 80.99
C TYR F 24 244.47 -244.99 82.25
N PHE F 25 244.57 -243.67 82.09
CA PHE F 25 244.53 -242.73 83.21
C PHE F 25 243.22 -241.94 83.11
N ASP F 26 242.21 -242.39 83.83
CA ASP F 26 240.90 -241.74 83.85
C ASP F 26 240.91 -240.64 84.91
N TRP F 27 240.97 -239.39 84.46
CA TRP F 27 240.99 -238.25 85.38
C TRP F 27 239.56 -237.97 85.81
N GLY F 28 239.19 -238.45 86.99
CA GLY F 28 237.87 -238.25 87.52
C GLY F 28 237.75 -236.95 88.31
N PRO F 29 237.78 -235.83 87.61
CA PRO F 29 237.67 -234.53 88.30
C PRO F 29 236.25 -234.12 88.65
N GLY F 30 235.24 -234.85 88.17
CA GLY F 30 233.86 -234.51 88.49
C GLY F 30 233.43 -234.85 89.89
N GLU F 31 234.11 -235.79 90.55
CA GLU F 31 233.78 -236.18 91.91
C GLU F 31 234.83 -235.72 92.91
N MET F 32 236.08 -236.16 92.74
CA MET F 32 237.18 -235.77 93.64
C MET F 32 238.38 -235.43 92.78
N LEU F 33 238.78 -234.15 92.81
CA LEU F 33 239.92 -233.69 92.01
C LEU F 33 241.24 -233.84 92.75
N VAL F 34 241.25 -234.40 93.95
CA VAL F 34 242.48 -234.60 94.71
C VAL F 34 242.93 -236.05 94.55
N CYS F 35 242.23 -236.80 93.71
CA CYS F 35 242.56 -238.20 93.46
C CYS F 35 242.24 -238.53 92.01
N GLU F 36 243.25 -239.00 91.28
CA GLU F 36 243.10 -239.38 89.88
C GLU F 36 243.45 -240.86 89.73
N THR F 37 242.49 -241.62 89.20
CA THR F 37 242.69 -243.05 89.03
C THR F 37 243.45 -243.34 87.73
N SER F 38 244.33 -244.34 87.79
CA SER F 38 245.13 -244.73 86.63
C SER F 38 245.38 -246.22 86.69
N PHE F 39 244.97 -246.94 85.66
CA PHE F 39 245.16 -248.39 85.60
C PHE F 39 245.80 -248.80 84.27
N ASN F 40 245.88 -250.10 84.03
CA ASN F 40 246.47 -250.61 82.80
C ASN F 40 245.71 -251.86 82.38
N LYS F 41 245.37 -251.94 81.09
CA LYS F 41 244.64 -253.08 80.55
C LYS F 41 245.64 -254.08 79.97
N LYS F 42 246.27 -254.83 80.87
CA LYS F 42 247.25 -255.83 80.48
C LYS F 42 247.21 -256.98 81.48
N GLU F 43 247.91 -258.06 81.13
CA GLU F 43 247.96 -259.23 81.99
C GLU F 43 248.90 -259.00 83.17
N LYS F 44 248.51 -259.52 84.33
CA LYS F 44 249.29 -259.39 85.56
C LYS F 44 249.54 -257.91 85.91
N SER F 45 248.49 -257.12 85.81
CA SER F 45 248.55 -255.69 86.10
C SER F 45 247.18 -255.22 86.59
N GLU F 46 246.74 -255.76 87.72
CA GLU F 46 245.45 -255.42 88.31
C GLU F 46 245.60 -254.45 89.48
N MET F 47 246.56 -253.54 89.42
CA MET F 47 246.79 -252.57 90.47
C MET F 47 246.21 -251.22 90.07
N VAL F 48 245.53 -250.58 91.02
CA VAL F 48 244.91 -249.28 90.80
C VAL F 48 245.81 -248.21 91.45
N PRO F 49 246.39 -247.31 90.67
CA PRO F 49 247.25 -246.28 91.28
C PRO F 49 246.57 -244.93 91.38
N SER F 50 246.17 -244.55 92.58
CA SER F 50 245.50 -243.26 92.80
C SER F 50 246.55 -242.17 92.94
N CYS F 51 246.66 -241.32 91.92
CA CYS F 51 247.64 -240.24 91.93
C CYS F 51 246.91 -238.90 92.01
N PRO F 52 247.65 -237.78 91.97
CA PRO F 52 246.99 -236.47 92.04
C PRO F 52 247.41 -235.54 90.91
N PHE F 53 247.11 -234.26 91.04
CA PHE F 53 247.47 -233.27 90.02
C PHE F 53 248.80 -232.61 90.36
N ILE F 54 248.94 -231.33 90.00
CA ILE F 54 250.16 -230.60 90.29
C ILE F 54 250.17 -230.15 91.74
N TYR F 55 251.37 -229.87 92.24
CA TYR F 55 251.52 -229.43 93.63
C TYR F 55 251.15 -227.96 93.83
N ILE F 56 251.19 -227.16 92.76
CA ILE F 56 250.87 -225.74 92.85
C ILE F 56 249.47 -225.44 92.32
N ILE F 57 248.64 -226.47 92.15
CA ILE F 57 247.28 -226.28 91.65
C ILE F 57 246.30 -227.01 92.57
N ARG F 58 246.72 -228.16 93.09
CA ARG F 58 245.89 -228.96 93.98
C ARG F 58 246.37 -228.84 95.43
N LYS F 59 246.33 -227.61 95.93
CA LYS F 59 246.76 -227.30 97.29
C LYS F 59 245.63 -227.68 98.26
N ASP F 60 245.78 -228.82 98.93
CA ASP F 60 244.79 -229.30 99.88
C ASP F 60 245.07 -228.85 101.31
N VAL F 61 246.03 -227.96 101.51
CA VAL F 61 246.37 -227.47 102.84
C VAL F 61 245.36 -226.43 103.27
N ASP F 62 245.13 -226.33 104.58
CA ASP F 62 244.16 -225.36 105.10
C ASP F 62 244.74 -223.96 105.10
N VAL F 63 246.06 -223.82 105.27
CA VAL F 63 246.69 -222.50 105.28
C VAL F 63 246.56 -221.84 103.93
N TYR F 64 246.79 -222.60 102.85
CA TYR F 64 246.66 -222.05 101.50
C TYR F 64 245.22 -221.64 101.21
N SER F 65 244.25 -222.45 101.65
CA SER F 65 242.85 -222.10 101.44
C SER F 65 242.47 -220.84 102.22
N GLN F 66 242.97 -220.72 103.45
CA GLN F 66 242.69 -219.52 104.24
C GLN F 66 243.32 -218.29 103.60
N ILE F 67 244.54 -218.43 103.10
CA ILE F 67 245.21 -217.30 102.45
C ILE F 67 244.45 -216.89 101.19
N LEU F 68 243.98 -217.88 100.41
CA LEU F 68 243.22 -217.56 99.20
C LEU F 68 241.90 -216.89 99.55
N ARG F 69 241.22 -217.35 100.61
CA ARG F 69 239.97 -216.73 101.02
C ARG F 69 240.21 -215.29 101.49
N LYS F 70 241.28 -215.06 102.25
CA LYS F 70 241.60 -213.71 102.70
C LYS F 70 241.93 -212.80 101.51
N LEU F 71 242.69 -213.31 100.54
CA LEU F 71 243.01 -212.50 99.36
C LEU F 71 241.76 -212.18 98.56
N PHE F 72 240.84 -213.14 98.42
CA PHE F 72 239.60 -212.88 97.70
C PHE F 72 238.74 -211.86 98.43
N ASN F 73 238.66 -211.97 99.76
CA ASN F 73 237.87 -211.01 100.53
C ASN F 73 238.48 -209.62 100.50
N GLU F 74 239.80 -209.53 100.40
CA GLU F 74 240.45 -208.22 100.31
C GLU F 74 240.36 -207.63 98.91
N SER F 75 240.29 -208.47 97.89
CA SER F 75 240.22 -207.99 96.50
C SER F 75 238.78 -207.69 96.10
N HIS F 76 237.95 -208.72 95.98
CA HIS F 76 236.58 -208.56 95.53
C HIS F 76 235.58 -208.52 96.68
N GLY F 77 235.95 -207.91 97.80
CA GLY F 77 235.05 -207.81 98.94
C GLY F 77 235.25 -206.54 99.73
N ILE F 78 236.46 -205.99 99.66
CA ILE F 78 236.80 -204.75 100.36
C ILE F 78 236.82 -203.55 99.42
N PHE F 79 236.99 -203.79 98.11
CA PHE F 79 237.00 -202.69 97.16
C PHE F 79 235.61 -202.44 96.58
N LEU F 80 234.89 -203.52 96.23
CA LEU F 80 233.54 -203.44 95.71
C LEU F 80 233.47 -202.57 94.45
N GLY F 81 233.34 -201.26 94.63
CA GLY F 81 233.21 -200.35 93.51
C GLY F 81 234.50 -199.93 92.84
N LEU F 82 235.63 -200.06 93.53
CA LEU F 82 236.92 -199.68 92.99
C LEU F 82 237.63 -200.81 92.27
N GLN F 83 237.00 -201.97 92.15
CA GLN F 83 237.60 -203.12 91.48
C GLN F 83 237.66 -202.98 89.96
N ARG F 84 236.94 -202.01 89.40
CA ARG F 84 236.92 -201.79 87.96
C ARG F 84 237.61 -200.47 87.62
N ILE F 85 238.13 -200.38 86.40
CA ILE F 85 238.81 -199.18 85.94
C ILE F 85 237.75 -198.14 85.59
N ASP F 86 237.75 -197.03 86.32
CA ASP F 86 236.80 -195.94 86.11
C ASP F 86 237.54 -194.70 85.63
N GLU F 87 237.08 -194.15 84.51
CA GLU F 87 237.67 -192.96 83.92
C GLU F 87 236.88 -191.74 84.37
N GLU F 88 237.57 -190.77 84.97
CA GLU F 88 236.95 -189.55 85.46
C GLU F 88 237.26 -188.38 84.54
N LEU F 89 236.49 -187.32 84.69
CA LEU F 89 236.67 -186.12 83.88
C LEU F 89 237.85 -185.31 84.38
N THR F 90 238.51 -184.62 83.45
CA THR F 90 239.67 -183.80 83.80
C THR F 90 239.23 -182.46 84.37
N GLY F 91 238.50 -181.67 83.59
CA GLY F 91 238.04 -180.37 84.04
C GLY F 91 236.66 -180.41 84.67
N LYS F 92 236.57 -180.96 85.87
CA LYS F 92 235.30 -181.06 86.58
C LYS F 92 235.56 -180.95 88.08
N SER F 93 234.49 -180.99 88.85
CA SER F 93 234.59 -180.89 90.31
C SER F 93 234.92 -182.23 90.96
N ARG F 94 234.83 -183.33 90.24
CA ARG F 94 235.12 -184.66 90.77
C ARG F 94 236.55 -185.09 90.47
N LYS F 95 237.52 -184.23 90.79
CA LYS F 95 238.92 -184.53 90.54
C LYS F 95 239.51 -185.47 91.59
N SER F 96 238.85 -185.63 92.74
CA SER F 96 239.34 -186.49 93.79
C SER F 96 238.99 -187.97 93.57
N GLN F 97 238.16 -188.26 92.56
CA GLN F 97 237.80 -189.66 92.31
C GLN F 97 239.00 -190.49 91.88
N LEU F 98 239.85 -189.92 91.02
CA LEU F 98 241.04 -190.63 90.58
C LEU F 98 242.00 -190.86 91.74
N VAL F 99 242.15 -189.87 92.62
CA VAL F 99 243.02 -190.02 93.78
C VAL F 99 242.47 -191.09 94.72
N ARG F 100 241.15 -191.11 94.92
CA ARG F 100 240.55 -192.12 95.77
C ARG F 100 240.71 -193.52 95.18
N VAL F 101 240.56 -193.64 93.86
CA VAL F 101 240.74 -194.94 93.21
C VAL F 101 242.18 -195.40 93.33
N SER F 102 243.14 -194.48 93.16
CA SER F 102 244.55 -194.84 93.30
C SER F 102 244.88 -195.25 94.72
N LYS F 103 244.32 -194.55 95.72
CA LYS F 103 244.54 -194.92 97.11
C LYS F 103 243.94 -196.30 97.41
N ASN F 104 242.75 -196.57 96.88
CA ASN F 104 242.13 -197.88 97.10
C ASN F 104 242.95 -198.98 96.44
N TYR F 105 243.47 -198.72 95.24
CA TYR F 105 244.31 -199.72 94.56
C TYR F 105 245.59 -199.96 95.34
N ARG F 106 246.21 -198.90 95.87
CA ARG F 106 247.42 -199.07 96.65
C ARG F 106 247.15 -199.85 97.93
N SER F 107 246.01 -199.57 98.59
CA SER F 107 245.66 -200.31 99.80
C SER F 107 245.40 -201.77 99.49
N VAL F 108 244.74 -202.06 98.37
CA VAL F 108 244.49 -203.45 97.99
C VAL F 108 245.80 -204.16 97.68
N ILE F 109 246.73 -203.48 97.01
CA ILE F 109 248.02 -204.08 96.70
C ILE F 109 248.80 -204.35 97.98
N ARG F 110 248.76 -203.42 98.94
CA ARG F 110 249.44 -203.62 100.21
C ARG F 110 248.84 -204.79 100.98
N ALA F 111 247.50 -204.90 100.98
CA ALA F 111 246.85 -206.01 101.66
C ALA F 111 247.20 -207.34 101.00
N CYS F 112 247.26 -207.38 99.67
CA CYS F 112 247.64 -208.60 98.97
C CYS F 112 249.08 -208.98 99.27
N MET F 113 249.97 -207.98 99.32
CA MET F 113 251.37 -208.27 99.64
C MET F 113 251.50 -208.79 101.07
N GLU F 114 250.76 -208.20 102.01
CA GLU F 114 250.80 -208.68 103.39
C GLU F 114 250.26 -210.10 103.50
N GLU F 115 249.18 -210.41 102.78
CA GLU F 115 248.63 -211.75 102.79
C GLU F 115 249.61 -212.76 102.20
N MET F 116 250.29 -212.37 101.12
CA MET F 116 251.28 -213.25 100.51
C MET F 116 252.45 -213.49 101.45
N HIS F 117 252.90 -212.44 102.14
CA HIS F 117 254.00 -212.59 103.09
C HIS F 117 253.58 -213.49 104.25
N GLN F 118 252.35 -213.33 104.74
CA GLN F 118 251.88 -214.20 105.82
C GLN F 118 251.78 -215.65 105.37
N VAL F 119 251.30 -215.87 104.14
CA VAL F 119 251.20 -217.23 103.63
C VAL F 119 252.59 -217.85 103.47
N ALA F 120 253.56 -217.06 103.02
CA ALA F 120 254.92 -217.55 102.88
C ALA F 120 255.53 -217.88 104.24
N ILE F 121 255.29 -217.02 105.24
CA ILE F 121 255.82 -217.28 106.57
C ILE F 121 255.16 -218.52 107.20
N ALA F 122 253.88 -218.75 106.87
CA ALA F 122 253.20 -219.93 107.41
C ALA F 122 253.66 -221.20 106.71
N ALA F 123 253.94 -221.14 105.42
CA ALA F 123 254.38 -222.30 104.66
C ALA F 123 255.86 -222.58 104.82
N LYS F 124 256.64 -221.62 105.32
CA LYS F 124 258.07 -221.83 105.50
C LYS F 124 258.37 -222.78 106.66
N ASP F 125 257.40 -223.01 107.55
CA ASP F 125 257.61 -223.90 108.68
C ASP F 125 257.18 -225.33 108.31
N PRO F 126 256.72 -225.55 107.08
CA PRO F 126 256.29 -226.89 106.67
C PRO F 126 257.39 -227.74 106.02
N ALA F 127 258.65 -227.35 106.13
CA ALA F 127 259.78 -228.09 105.56
C ALA F 127 259.60 -228.28 104.05
N ASN F 128 259.14 -227.23 103.38
CA ASN F 128 258.93 -227.25 101.94
C ASN F 128 259.87 -226.26 101.28
N GLY F 129 260.62 -226.72 100.28
CA GLY F 129 261.56 -225.87 99.58
C GLY F 129 260.99 -225.24 98.32
N ARG F 130 260.34 -226.06 97.49
CA ARG F 130 259.79 -225.55 96.24
C ARG F 130 258.63 -224.58 96.51
N GLN F 131 257.77 -224.90 97.47
CA GLN F 131 256.67 -224.01 97.81
C GLN F 131 257.18 -222.70 98.38
N PHE F 132 258.19 -222.76 99.25
CA PHE F 132 258.76 -221.54 99.80
C PHE F 132 259.42 -220.69 98.72
N SER F 133 260.13 -221.33 97.78
CA SER F 133 260.75 -220.59 96.69
C SER F 133 259.70 -219.94 95.80
N SER F 134 258.60 -220.65 95.51
CA SER F 134 257.54 -220.08 94.70
C SER F 134 256.88 -218.91 95.41
N GLN F 135 256.66 -219.03 96.72
CA GLN F 135 256.06 -217.94 97.48
C GLN F 135 256.98 -216.72 97.50
N VAL F 136 258.29 -216.95 97.67
CA VAL F 136 259.24 -215.83 97.67
C VAL F 136 259.27 -215.16 96.31
N SER F 137 259.23 -215.94 95.23
CA SER F 137 259.22 -215.37 93.90
C SER F 137 257.95 -214.57 93.65
N ILE F 138 256.80 -215.08 94.11
CA ILE F 138 255.55 -214.36 93.94
C ILE F 138 255.58 -213.06 94.74
N LEU F 139 256.13 -213.09 95.95
CA LEU F 139 256.23 -211.87 96.75
C LEU F 139 257.16 -210.85 96.10
N SER F 140 258.28 -211.31 95.55
CA SER F 140 259.19 -210.39 94.86
C SER F 140 258.53 -209.79 93.63
N ALA F 141 257.80 -210.59 92.87
CA ALA F 141 257.10 -210.08 91.69
C ALA F 141 256.04 -209.06 92.09
N MET F 142 255.30 -209.33 93.16
CA MET F 142 254.29 -208.39 93.63
C MET F 142 254.93 -207.08 94.10
N GLU F 143 256.05 -207.18 94.81
CA GLU F 143 256.75 -205.97 95.25
C GLU F 143 257.26 -205.16 94.06
N LEU F 144 257.81 -205.84 93.05
CA LEU F 144 258.29 -205.14 91.86
C LEU F 144 257.13 -204.47 91.12
N ILE F 145 255.99 -205.15 91.02
CA ILE F 145 254.84 -204.57 90.35
C ILE F 145 254.32 -203.36 91.11
N TRP F 146 254.31 -203.44 92.45
CA TRP F 146 253.86 -202.31 93.25
C TRP F 146 254.82 -201.13 93.15
N ASN F 147 256.13 -201.42 93.05
CA ASN F 147 257.10 -200.35 92.92
C ASN F 147 257.07 -199.70 91.55
N LEU F 148 256.75 -200.48 90.51
CA LEU F 148 256.71 -199.96 89.15
C LEU F 148 255.38 -199.36 88.77
N CYS F 149 254.31 -199.66 89.52
CA CYS F 149 252.99 -199.12 89.19
C CYS F 149 252.44 -198.26 90.32
N GLU F 150 251.75 -198.88 91.28
CA GLU F 150 251.13 -198.16 92.40
C GLU F 150 252.23 -197.71 93.37
N ILE F 151 252.91 -196.63 92.99
CA ILE F 151 253.97 -196.06 93.81
C ILE F 151 254.05 -194.56 93.58
N LEU F 152 253.85 -194.14 92.33
CA LEU F 152 253.89 -192.73 91.95
C LEU F 152 252.65 -192.31 91.16
N PHE F 153 251.61 -193.14 91.17
CA PHE F 153 250.39 -192.81 90.43
C PHE F 153 249.59 -191.73 91.15
N ILE F 154 249.34 -191.92 92.44
CA ILE F 154 248.59 -190.92 93.20
C ILE F 154 249.44 -189.69 93.49
N GLU F 155 250.70 -189.90 93.86
CA GLU F 155 251.60 -188.78 94.15
C GLU F 155 253.01 -189.20 93.74
N VAL F 156 253.58 -188.50 92.75
CA VAL F 156 254.92 -188.81 92.27
C VAL F 156 256.00 -188.07 93.03
N ALA F 157 255.64 -187.32 94.08
CA ALA F 157 256.61 -186.59 94.87
C ALA F 157 257.14 -187.45 96.00
N PRO F 158 256.52 -188.61 96.26
CA PRO F 158 256.99 -189.48 97.35
C PRO F 158 258.23 -190.28 96.96
N ALA F 159 259.41 -189.74 97.25
CA ALA F 159 260.64 -190.43 96.91
C ALA F 159 261.05 -191.43 97.99
N GLY F 160 260.79 -191.11 99.26
CA GLY F 160 261.14 -191.99 100.36
C GLY F 160 260.40 -193.30 100.30
N PRO F 161 259.10 -193.26 100.03
CA PRO F 161 258.34 -194.52 99.91
C PRO F 161 258.79 -195.37 98.73
N LEU F 162 259.06 -194.75 97.58
CA LEU F 162 259.56 -195.50 96.44
C LEU F 162 260.91 -196.11 96.72
N LEU F 163 261.80 -195.38 97.40
CA LEU F 163 263.10 -195.92 97.75
C LEU F 163 262.98 -197.08 98.73
N LEU F 164 262.07 -196.96 99.71
CA LEU F 164 261.85 -198.05 100.65
C LEU F 164 261.30 -199.28 99.96
N HIS F 165 260.37 -199.08 99.02
CA HIS F 165 259.82 -200.21 98.27
C HIS F 165 260.88 -200.88 97.41
N LEU F 166 261.74 -200.08 96.77
CA LEU F 166 262.81 -200.65 95.96
C LEU F 166 263.80 -201.42 96.83
N LEU F 167 264.13 -200.89 98.00
CA LEU F 167 265.03 -201.59 98.91
C LEU F 167 264.41 -202.91 99.38
N ASP F 168 263.12 -202.89 99.72
CA ASP F 168 262.46 -204.11 100.15
C ASP F 168 262.42 -205.14 99.02
N TRP F 169 262.17 -204.70 97.79
CA TRP F 169 262.15 -205.62 96.67
C TRP F 169 263.53 -206.20 96.41
N VAL F 170 264.58 -205.39 96.52
CA VAL F 170 265.93 -205.88 96.31
C VAL F 170 266.34 -206.84 97.42
N ARG F 171 265.84 -206.62 98.64
CA ARG F 171 266.17 -207.52 99.73
C ARG F 171 265.41 -208.83 99.62
N LEU F 172 264.18 -208.79 99.12
CA LEU F 172 263.37 -210.00 98.98
C LEU F 172 263.70 -210.78 97.71
N HIS F 173 264.35 -210.15 96.73
CA HIS F 173 264.71 -210.83 95.50
C HIS F 173 265.78 -211.87 95.73
N VAL F 174 267.04 -211.46 95.69
CA VAL F 174 268.17 -212.37 95.88
C VAL F 174 268.65 -212.26 97.32
N CYS F 175 269.33 -213.30 97.79
CA CYS F 175 269.87 -213.34 99.13
C CYS F 175 271.27 -212.75 99.23
N GLU F 176 271.81 -212.22 98.14
CA GLU F 176 273.15 -211.64 98.16
C GLU F 176 273.12 -210.26 98.82
N VAL F 177 274.03 -210.04 99.77
CA VAL F 177 275.00 -211.06 100.17
C VAL F 177 274.59 -211.70 101.49
N ASP F 178 274.66 -213.02 101.54
CA ASP F 178 274.29 -213.74 102.76
C ASP F 178 275.45 -213.75 103.76
N SER F 179 276.47 -214.56 103.49
CA SER F 179 277.64 -214.67 104.36
C SER F 179 278.91 -214.43 103.54
N LEU F 180 279.06 -213.19 103.05
CA LEU F 180 280.23 -212.82 102.27
C LEU F 180 281.34 -212.21 103.11
N SER F 181 280.99 -211.48 104.18
CA SER F 181 282.01 -210.88 105.03
C SER F 181 282.77 -211.94 105.82
N ALA F 182 282.10 -213.02 106.22
CA ALA F 182 282.78 -214.08 106.96
C ALA F 182 283.63 -214.96 106.06
N ASP F 183 283.44 -214.88 104.75
CA ASP F 183 284.22 -215.68 103.80
C ASP F 183 285.33 -214.89 103.13
N VAL F 184 285.16 -213.58 102.96
CA VAL F 184 286.20 -212.77 102.33
C VAL F 184 287.21 -212.29 103.37
N LEU F 185 286.71 -211.77 104.50
CA LEU F 185 287.57 -211.26 105.56
C LEU F 185 287.85 -212.38 106.56
N GLY F 186 289.13 -212.62 106.81
CA GLY F 186 289.53 -213.66 107.75
C GLY F 186 290.44 -213.15 108.85
N SER F 187 290.29 -211.87 109.20
CA SER F 187 291.08 -211.21 110.25
C SER F 187 292.58 -211.33 109.95
N GLU F 188 292.99 -210.62 108.90
CA GLU F 188 294.37 -210.61 108.48
C GLU F 188 294.94 -209.19 108.47
N ASN F 189 296.04 -208.99 107.76
CA ASN F 189 296.69 -207.67 107.68
C ASN F 189 297.16 -207.45 106.25
N PRO F 190 296.34 -206.77 105.42
CA PRO F 190 295.03 -206.24 105.80
C PRO F 190 293.93 -206.67 104.84
N SER F 191 292.93 -205.80 104.65
CA SER F 191 291.79 -206.07 103.77
C SER F 191 291.80 -205.03 102.65
N LYS F 192 292.85 -205.06 101.84
CA LYS F 192 293.00 -204.13 100.71
C LYS F 192 292.87 -204.83 99.37
N HIS F 193 292.26 -206.01 99.33
CA HIS F 193 292.09 -206.76 98.10
C HIS F 193 290.81 -206.33 97.39
N ASP F 194 290.56 -206.92 96.22
CA ASP F 194 289.37 -206.59 95.45
C ASP F 194 288.11 -207.21 96.01
N SER F 195 288.23 -208.28 96.81
CA SER F 195 287.05 -208.91 97.39
C SER F 195 286.34 -207.99 98.37
N PHE F 196 287.10 -207.30 99.23
CA PHE F 196 286.48 -206.37 100.16
C PHE F 196 285.83 -205.21 99.44
N TRP F 197 286.46 -204.70 98.39
CA TRP F 197 285.87 -203.61 97.62
C TRP F 197 284.58 -204.06 96.95
N ASN F 198 284.58 -205.27 96.39
CA ASN F 198 283.36 -205.79 95.75
C ASN F 198 282.25 -205.99 96.77
N LEU F 199 282.60 -206.51 97.96
CA LEU F 199 281.59 -206.70 98.99
C LEU F 199 281.03 -205.37 99.50
N VAL F 200 281.88 -204.33 99.56
CA VAL F 200 281.39 -203.02 99.98
C VAL F 200 280.51 -202.41 98.90
N THR F 201 280.87 -202.60 97.63
CA THR F 201 280.07 -202.04 96.54
C THR F 201 278.71 -202.74 96.45
N ILE F 202 278.69 -204.07 96.65
CA ILE F 202 277.43 -204.79 96.59
C ILE F 202 276.53 -204.41 97.76
N LEU F 203 277.11 -204.03 98.90
CA LEU F 203 276.32 -203.61 100.04
C LEU F 203 275.83 -202.17 99.90
N VAL F 204 276.64 -201.29 99.30
CA VAL F 204 276.22 -199.91 99.10
C VAL F 204 275.27 -199.75 97.93
N LEU F 205 275.27 -200.70 96.98
CA LEU F 205 274.38 -200.61 95.83
C LEU F 205 272.94 -200.96 96.19
N GLN F 206 272.74 -201.84 97.16
CA GLN F 206 271.40 -202.25 97.58
C GLN F 206 270.82 -201.35 98.65
N GLY F 207 271.47 -200.24 98.98
CA GLY F 207 270.98 -199.33 99.99
C GLY F 207 271.28 -199.73 101.41
N ARG F 208 272.02 -200.83 101.62
CA ARG F 208 272.36 -201.28 102.97
C ARG F 208 273.53 -200.46 103.49
N LEU F 209 273.19 -199.31 104.08
CA LEU F 209 274.23 -198.43 104.63
C LEU F 209 274.80 -198.96 105.93
N ASP F 210 273.98 -199.64 106.73
CA ASP F 210 274.47 -200.18 108.00
C ASP F 210 275.52 -201.27 107.77
N GLU F 211 275.27 -202.16 106.82
CA GLU F 211 276.24 -203.22 106.52
C GLU F 211 277.52 -202.63 105.96
N ALA F 212 277.41 -201.61 105.10
CA ALA F 212 278.60 -200.98 104.55
C ALA F 212 279.40 -200.25 105.61
N ARG F 213 278.72 -199.66 106.60
CA ARG F 213 279.43 -198.99 107.68
C ARG F 213 280.05 -199.99 108.65
N GLN F 214 279.42 -201.14 108.84
CA GLN F 214 279.96 -202.15 109.75
C GLN F 214 281.14 -202.89 109.11
N MET F 215 281.11 -203.10 107.80
CA MET F 215 282.22 -203.80 107.14
C MET F 215 283.45 -202.91 107.01
N LEU F 216 283.26 -201.59 106.99
CA LEU F 216 284.38 -200.68 106.86
C LEU F 216 285.04 -200.36 108.20
N SER F 217 284.37 -200.65 109.32
CA SER F 217 284.90 -200.40 110.65
C SER F 217 285.53 -201.64 111.29
N LYS F 218 285.60 -202.75 110.56
CA LYS F 218 286.19 -203.97 111.09
C LYS F 218 287.70 -204.00 110.90
N GLU F 219 288.17 -203.78 109.68
CA GLU F 219 289.60 -203.79 109.39
C GLU F 219 289.86 -202.85 108.22
N ALA F 220 290.42 -201.68 108.50
CA ALA F 220 290.72 -200.70 107.47
C ALA F 220 291.91 -199.86 107.90
N ASP F 221 292.94 -199.81 107.04
CA ASP F 221 294.14 -199.04 107.34
C ASP F 221 293.84 -197.56 107.16
N ALA F 222 293.58 -196.87 108.27
CA ALA F 222 293.26 -195.44 108.24
C ALA F 222 294.57 -194.66 108.33
N SER F 223 295.06 -194.21 107.18
CA SER F 223 296.29 -193.45 107.12
C SER F 223 295.99 -191.96 107.20
N PRO F 224 296.78 -191.12 106.56
CA PRO F 224 296.53 -189.67 106.59
C PRO F 224 295.86 -189.20 105.30
N ALA F 225 295.63 -187.88 105.23
CA ALA F 225 295.04 -187.24 104.07
C ALA F 225 293.67 -187.82 103.74
N SER F 226 293.63 -189.06 103.25
CA SER F 226 292.37 -189.69 102.88
C SER F 226 291.50 -190.06 104.07
N ALA F 227 291.99 -189.88 105.30
CA ALA F 227 291.18 -190.19 106.48
C ALA F 227 289.96 -189.28 106.57
N GLY F 228 290.15 -187.98 106.31
CA GLY F 228 289.02 -187.07 106.34
C GLY F 228 287.99 -187.38 105.26
N ILE F 229 288.46 -187.74 104.07
CA ILE F 229 287.53 -188.09 102.99
C ILE F 229 286.77 -189.36 103.34
N CYS F 230 287.46 -190.36 103.91
CA CYS F 230 286.80 -191.59 104.31
C CYS F 230 285.79 -191.37 105.43
N ARG F 231 286.09 -190.43 106.34
CA ARG F 231 285.13 -190.12 107.40
C ARG F 231 283.92 -189.38 106.84
N ILE F 232 284.14 -188.45 105.91
CA ILE F 232 283.04 -187.71 105.31
C ILE F 232 282.14 -188.64 104.50
N MET F 233 282.74 -189.59 103.78
CA MET F 233 281.95 -190.55 103.02
C MET F 233 281.11 -191.43 103.95
N GLY F 234 281.69 -191.88 105.05
CA GLY F 234 280.94 -192.66 106.01
C GLY F 234 279.81 -191.88 106.65
N ASP F 235 280.06 -190.61 106.97
CA ASP F 235 279.01 -189.78 107.55
C ASP F 235 277.89 -189.54 106.55
N LEU F 236 278.23 -189.31 105.28
CA LEU F 236 277.20 -189.12 104.27
C LEU F 236 276.41 -190.40 104.01
N MET F 237 277.06 -191.56 104.10
CA MET F 237 276.35 -192.82 103.92
C MET F 237 275.46 -193.13 105.11
N ARG F 238 275.87 -192.76 106.32
CA ARG F 238 275.06 -192.99 107.50
C ARG F 238 273.87 -192.03 107.57
N THR F 239 274.07 -190.78 107.17
CA THR F 239 273.01 -189.77 107.19
C THR F 239 272.52 -189.53 105.77
N MET F 240 271.75 -190.50 105.26
CA MET F 240 271.21 -190.40 103.92
C MET F 240 269.76 -189.93 103.94
N PRO F 241 269.30 -189.25 102.90
CA PRO F 241 267.91 -188.77 102.88
C PRO F 241 266.96 -189.85 102.41
N ILE F 242 265.72 -189.76 102.91
CA ILE F 242 264.68 -190.72 102.55
C ILE F 242 263.33 -190.01 102.59
N LEU F 243 263.24 -188.87 101.93
CA LEU F 243 261.99 -188.10 101.89
C LEU F 243 261.88 -187.35 100.57
N SER F 244 262.42 -186.12 100.53
CA SER F 244 262.41 -185.26 99.35
C SER F 244 260.99 -185.03 98.86
N PRO F 245 260.18 -184.29 99.60
CA PRO F 245 258.80 -184.04 99.16
C PRO F 245 258.74 -182.94 98.10
N GLY F 246 257.64 -182.92 97.37
CA GLY F 246 257.40 -181.95 96.33
C GLY F 246 256.53 -180.78 96.71
N ASN F 247 256.06 -180.70 97.95
CA ASN F 247 255.23 -179.59 98.39
C ASN F 247 256.02 -178.32 98.66
N THR F 248 257.34 -178.42 98.85
CA THR F 248 258.16 -177.26 99.11
C THR F 248 259.56 -177.51 98.56
N GLN F 249 260.26 -176.42 98.26
CA GLN F 249 261.61 -176.51 97.72
C GLN F 249 262.66 -176.79 98.80
N THR F 250 262.30 -176.71 100.07
CA THR F 250 263.27 -176.97 101.14
C THR F 250 263.71 -178.43 101.12
N LEU F 251 262.79 -179.36 100.90
CA LEU F 251 263.15 -180.77 100.84
C LEU F 251 264.05 -181.06 99.65
N THR F 252 263.76 -180.45 98.49
CA THR F 252 264.60 -180.64 97.32
C THR F 252 266.00 -180.06 97.56
N GLU F 253 266.07 -178.90 98.21
CA GLU F 253 267.37 -178.31 98.51
C GLU F 253 268.16 -179.17 99.48
N LEU F 254 267.50 -179.72 100.50
CA LEU F 254 268.19 -180.59 101.46
C LEU F 254 268.63 -181.88 100.80
N GLU F 255 267.87 -182.38 99.82
CA GLU F 255 268.28 -183.59 99.12
C GLU F 255 269.45 -183.33 98.19
N LEU F 256 269.46 -182.16 97.52
CA LEU F 256 270.56 -181.82 96.62
C LEU F 256 271.82 -181.42 97.38
N LYS F 257 271.70 -180.96 98.62
CA LYS F 257 272.88 -180.59 99.40
C LYS F 257 273.74 -181.82 99.68
N TRP F 258 273.11 -182.97 99.92
CA TRP F 258 273.89 -184.19 100.15
C TRP F 258 274.66 -184.59 98.91
N GLN F 259 274.04 -184.52 97.74
CA GLN F 259 274.72 -184.84 96.50
C GLN F 259 275.85 -183.84 96.22
N HIS F 260 275.63 -182.57 96.52
CA HIS F 260 276.67 -181.57 96.32
C HIS F 260 277.86 -181.82 97.24
N TRP F 261 277.59 -182.16 98.50
CA TRP F 261 278.67 -182.48 99.43
C TRP F 261 279.42 -183.74 99.01
N HIS F 262 278.70 -184.74 98.51
CA HIS F 262 279.36 -185.95 98.03
C HIS F 262 280.25 -185.65 96.83
N GLU F 263 279.77 -184.82 95.90
CA GLU F 263 280.58 -184.46 94.74
C GLU F 263 281.80 -183.64 95.17
N GLU F 264 281.64 -182.75 96.14
CA GLU F 264 282.78 -181.97 96.62
C GLU F 264 283.81 -182.86 97.29
N CYS F 265 283.35 -183.84 98.09
CA CYS F 265 284.27 -184.78 98.72
C CYS F 265 284.99 -185.64 97.69
N GLU F 266 284.27 -186.07 96.65
CA GLU F 266 284.90 -186.85 95.60
C GLU F 266 285.96 -186.03 94.86
N ARG F 267 285.65 -184.77 94.57
CA ARG F 267 286.62 -183.91 93.89
C ARG F 267 287.84 -183.65 94.77
N TYR F 268 287.63 -183.47 96.09
CA TYR F 268 288.75 -183.24 96.99
C TYR F 268 289.62 -184.49 97.12
N LEU F 269 288.99 -185.67 97.09
CA LEU F 269 289.76 -186.91 97.16
C LEU F 269 290.51 -187.18 95.86
N GLN F 270 289.93 -186.79 94.73
CA GLN F 270 290.60 -187.00 93.45
C GLN F 270 291.75 -186.00 93.26
N ASP F 271 291.59 -184.78 93.74
CA ASP F 271 292.63 -183.76 93.63
C ASP F 271 293.29 -183.55 94.99
N SER F 272 294.12 -184.53 95.37
CA SER F 272 294.82 -184.47 96.65
C SER F 272 296.21 -185.08 96.52
N THR F 273 296.65 -185.80 97.55
CA THR F 273 297.97 -186.43 97.54
C THR F 273 297.92 -187.71 98.38
N PHE F 274 297.06 -188.64 98.00
CA PHE F 274 296.90 -189.90 98.70
C PHE F 274 297.51 -191.03 97.88
N ALA F 275 297.92 -192.09 98.59
CA ALA F 275 298.52 -193.24 97.93
C ALA F 275 297.45 -194.08 97.22
N THR F 276 296.66 -194.82 98.00
CA THR F 276 295.60 -195.66 97.45
C THR F 276 294.46 -194.76 96.98
N SER F 277 294.38 -194.55 95.66
CA SER F 277 293.34 -193.71 95.09
C SER F 277 292.44 -194.53 94.17
N PRO F 278 292.91 -195.66 93.67
CA PRO F 278 292.06 -196.45 92.74
C PRO F 278 290.79 -196.97 93.40
N HIS F 279 290.83 -197.28 94.69
CA HIS F 279 289.63 -197.73 95.39
C HIS F 279 288.85 -196.55 95.97
N LEU F 280 289.55 -195.51 96.43
CA LEU F 280 288.86 -194.36 97.00
C LEU F 280 288.03 -193.62 95.96
N GLU F 281 288.59 -193.45 94.75
CA GLU F 281 287.85 -192.79 93.68
C GLU F 281 286.64 -193.61 93.27
N SER F 282 286.79 -194.93 93.21
CA SER F 282 285.66 -195.79 92.86
C SER F 282 284.56 -195.72 93.92
N LEU F 283 284.95 -195.73 95.20
CA LEU F 283 283.96 -195.62 96.27
C LEU F 283 283.26 -194.28 96.23
N LEU F 284 284.01 -193.20 95.97
CA LEU F 284 283.40 -191.87 95.87
C LEU F 284 282.43 -191.78 94.70
N LYS F 285 282.81 -192.38 93.56
CA LYS F 285 281.91 -192.35 92.41
C LYS F 285 280.67 -193.21 92.63
N ILE F 286 280.80 -194.31 93.38
CA ILE F 286 279.65 -195.15 93.66
C ILE F 286 278.73 -194.48 94.68
N MET F 287 279.30 -193.71 95.61
CA MET F 287 278.48 -193.04 96.60
C MET F 287 277.82 -191.77 96.06
N LEU F 288 278.48 -191.06 95.15
CA LEU F 288 277.92 -189.83 94.59
C LEU F 288 276.88 -190.16 93.51
N GLY F 289 277.28 -190.05 92.25
CA GLY F 289 276.37 -190.32 91.15
C GLY F 289 277.06 -190.41 89.81
N ASP F 290 277.91 -191.41 89.63
CA ASP F 290 278.65 -191.62 88.39
C ASP F 290 278.16 -192.84 87.63
N GLU F 291 276.98 -193.37 87.96
CA GLU F 291 276.45 -194.55 87.29
C GLU F 291 275.75 -194.20 85.98
N ALA F 292 275.55 -192.92 85.67
CA ALA F 292 274.88 -192.55 84.43
C ALA F 292 275.79 -192.74 83.22
N ALA F 293 277.10 -192.67 83.42
CA ALA F 293 278.07 -192.84 82.34
C ALA F 293 278.55 -194.28 82.19
N LEU F 294 278.15 -195.17 83.10
CA LEU F 294 278.53 -196.58 83.08
C LEU F 294 280.06 -196.74 83.09
N LEU F 295 280.62 -196.48 84.27
CA LEU F 295 282.06 -196.57 84.46
C LEU F 295 282.40 -196.85 85.92
N GLU F 296 281.40 -196.72 86.80
CA GLU F 296 281.60 -196.94 88.23
C GLU F 296 280.71 -198.08 88.72
N GLN F 297 279.39 -197.86 88.82
CA GLN F 297 278.49 -198.90 89.29
C GLN F 297 278.20 -199.97 88.25
N LYS F 298 278.55 -199.73 86.98
CA LYS F 298 278.30 -200.71 85.94
C LYS F 298 279.26 -201.89 86.01
N GLU F 299 280.46 -201.67 86.55
CA GLU F 299 281.46 -202.73 86.67
C GLU F 299 281.51 -203.35 88.06
N LEU F 300 280.88 -202.72 89.06
CA LEU F 300 280.87 -203.22 90.42
C LEU F 300 279.54 -203.89 90.79
N LEU F 301 278.75 -204.27 89.79
CA LEU F 301 277.47 -204.91 90.02
C LEU F 301 277.49 -206.33 89.47
N SER F 302 276.60 -207.17 90.01
CA SER F 302 276.49 -208.56 89.58
C SER F 302 275.18 -208.88 88.87
N ASN F 303 274.25 -207.94 88.82
CA ASN F 303 272.96 -208.15 88.15
C ASN F 303 272.50 -206.85 87.53
N TRP F 304 271.36 -206.89 86.85
CA TRP F 304 270.81 -205.71 86.19
C TRP F 304 269.90 -204.91 87.12
N TYR F 305 269.07 -205.59 87.90
CA TYR F 305 268.16 -204.89 88.81
C TYR F 305 268.93 -204.15 89.90
N HIS F 306 269.95 -204.78 90.46
CA HIS F 306 270.76 -204.12 91.49
C HIS F 306 271.49 -202.92 90.91
N PHE F 307 272.03 -203.05 89.69
CA PHE F 307 272.71 -201.93 89.06
C PHE F 307 271.75 -200.78 88.78
N LEU F 308 270.53 -201.10 88.32
CA LEU F 308 269.54 -200.06 88.07
C LEU F 308 269.13 -199.37 89.37
N VAL F 309 268.97 -200.13 90.45
CA VAL F 309 268.61 -199.54 91.73
C VAL F 309 269.73 -198.63 92.23
N THR F 310 270.98 -199.07 92.07
CA THR F 310 272.11 -198.25 92.49
C THR F 310 272.20 -196.97 91.68
N ARG F 311 271.96 -197.07 90.36
CA ARG F 311 271.98 -195.88 89.52
C ARG F 311 270.86 -194.91 89.89
N LEU F 312 269.67 -195.44 90.18
CA LEU F 312 268.56 -194.58 90.58
C LEU F 312 268.81 -193.94 91.94
N LEU F 313 269.48 -194.64 92.85
CA LEU F 313 269.79 -194.07 94.16
C LEU F 313 270.92 -193.05 94.09
N TYR F 314 271.86 -193.22 93.16
CA TYR F 314 272.98 -192.32 93.04
C TYR F 314 272.62 -191.08 92.21
N SER F 315 272.32 -191.27 90.93
CA SER F 315 272.01 -190.16 90.04
C SER F 315 270.56 -189.72 90.21
N ASN F 316 269.84 -189.62 89.10
CA ASN F 316 268.45 -189.17 89.17
C ASN F 316 267.56 -190.29 89.72
N PRO F 317 266.59 -189.97 90.57
CA PRO F 317 265.71 -191.01 91.11
C PRO F 317 264.32 -190.97 90.51
N THR F 318 264.20 -190.38 89.33
CA THR F 318 262.91 -190.28 88.65
C THR F 318 262.66 -191.51 87.80
N VAL F 319 261.40 -191.68 87.38
CA VAL F 319 261.01 -192.82 86.56
C VAL F 319 261.14 -192.55 85.07
N LYS F 320 261.62 -191.36 84.69
CA LYS F 320 261.79 -191.02 83.28
C LYS F 320 263.06 -191.64 82.74
N PRO F 321 264.04 -191.94 83.60
CA PRO F 321 265.29 -192.55 83.11
C PRO F 321 265.36 -194.04 83.37
N ILE F 322 264.20 -194.71 83.33
CA ILE F 322 264.17 -196.15 83.57
C ILE F 322 264.60 -196.91 82.32
N ASP F 323 264.23 -196.42 81.14
CA ASP F 323 264.60 -197.10 79.91
C ASP F 323 266.10 -196.95 79.64
N LEU F 324 266.69 -195.84 80.06
CA LEU F 324 268.13 -195.62 79.89
C LEU F 324 268.95 -196.37 80.92
N HIS F 325 268.34 -196.84 82.00
CA HIS F 325 269.04 -197.58 83.04
C HIS F 325 268.83 -199.08 82.96
N TYR F 326 267.71 -199.54 82.41
CA TYR F 326 267.45 -200.96 82.28
C TYR F 326 268.29 -201.62 81.21
N TYR F 327 268.74 -200.87 80.21
CA TYR F 327 269.57 -201.39 79.13
C TYR F 327 271.02 -201.03 79.36
N ALA F 328 271.91 -202.00 79.12
CA ALA F 328 273.34 -201.79 79.32
C ALA F 328 274.11 -202.18 78.06
N GLN F 329 275.25 -202.85 78.25
CA GLN F 329 276.09 -203.28 77.14
C GLN F 329 275.68 -204.70 76.73
N SER F 330 276.60 -205.44 76.11
CA SER F 330 276.28 -206.80 75.69
C SER F 330 276.64 -207.82 76.77
N SER F 331 277.78 -207.63 77.44
CA SER F 331 278.17 -208.56 78.50
C SER F 331 277.21 -208.51 79.68
N LEU F 332 276.78 -207.31 80.07
CA LEU F 332 275.84 -207.18 81.18
C LEU F 332 274.49 -207.79 80.82
N ASP F 333 274.03 -207.59 79.57
CA ASP F 333 272.77 -208.17 79.14
C ASP F 333 272.86 -209.69 79.11
N LEU F 334 273.99 -210.24 78.64
CA LEU F 334 274.16 -211.69 78.63
C LEU F 334 274.20 -212.25 80.05
N PHE F 335 274.87 -211.55 80.97
CA PHE F 335 274.90 -212.01 82.36
C PHE F 335 273.51 -211.96 82.99
N LEU F 336 272.74 -210.91 82.70
CA LEU F 336 271.38 -210.83 83.23
C LEU F 336 270.50 -211.93 82.67
N GLY F 337 270.63 -212.21 81.36
CA GLY F 337 269.85 -213.30 80.76
C GLY F 337 270.23 -214.66 81.29
N GLY F 338 271.52 -214.86 81.59
CA GLY F 338 271.94 -216.13 82.18
C GLY F 338 271.53 -216.29 83.62
N GLU F 339 271.50 -215.20 84.38
CA GLU F 339 271.09 -215.27 85.77
C GLU F 339 269.57 -215.37 85.93
N SER F 340 268.82 -214.81 84.98
CA SER F 340 267.36 -214.86 85.03
C SER F 340 266.79 -216.17 84.48
N SER F 341 267.63 -217.11 84.08
CA SER F 341 267.16 -218.38 83.54
C SER F 341 266.92 -219.38 84.67
N PRO F 342 267.44 -219.09 85.87
CA PRO F 342 267.23 -220.03 86.99
C PRO F 342 265.99 -219.71 87.80
N GLU F 343 265.75 -218.43 88.05
CA GLU F 343 264.61 -217.98 88.82
C GLU F 343 263.53 -217.45 87.89
N PRO F 344 262.27 -217.43 88.34
CA PRO F 344 261.19 -216.93 87.49
C PRO F 344 260.66 -215.58 87.95
N LEU F 345 261.53 -214.77 88.55
CA LEU F 345 261.16 -213.46 89.04
C LEU F 345 261.94 -212.32 88.40
N ASP F 346 263.21 -212.53 88.05
CA ASP F 346 263.99 -211.47 87.43
C ASP F 346 263.45 -211.10 86.06
N ASN F 347 263.06 -212.11 85.27
CA ASN F 347 262.49 -211.83 83.95
C ASN F 347 261.15 -211.10 84.08
N ILE F 348 260.33 -211.49 85.05
CA ILE F 348 259.05 -210.81 85.27
C ILE F 348 259.28 -209.37 85.69
N LEU F 349 260.25 -209.13 86.57
CA LEU F 349 260.55 -207.77 86.99
C LEU F 349 261.07 -206.93 85.83
N LEU F 350 261.92 -207.51 84.98
CA LEU F 350 262.43 -206.78 83.83
C LEU F 350 261.34 -206.49 82.81
N ALA F 351 260.38 -207.40 82.66
CA ALA F 351 259.27 -207.15 81.74
C ALA F 351 258.30 -206.11 82.30
N ALA F 352 258.12 -206.09 83.62
CA ALA F 352 257.22 -205.10 84.22
C ALA F 352 257.85 -203.72 84.28
N PHE F 353 259.18 -203.66 84.40
CA PHE F 353 259.87 -202.37 84.48
C PHE F 353 259.93 -201.66 83.13
N GLU F 354 259.73 -202.36 82.02
CA GLU F 354 259.77 -201.78 80.69
C GLU F 354 258.38 -201.51 80.14
N PHE F 355 257.40 -201.24 81.01
CA PHE F 355 256.02 -200.97 80.61
C PHE F 355 255.45 -202.12 79.79
N ASP F 356 255.45 -203.32 80.37
CA ASP F 356 254.93 -204.52 79.74
C ASP F 356 254.57 -205.52 80.84
N ILE F 357 253.59 -205.15 81.68
CA ILE F 357 253.16 -206.01 82.77
C ILE F 357 252.27 -207.15 82.31
N HIS F 358 251.84 -207.14 81.04
CA HIS F 358 250.98 -208.20 80.53
C HIS F 358 251.75 -209.47 80.21
N GLN F 359 253.08 -209.40 80.08
CA GLN F 359 253.88 -210.57 79.77
C GLN F 359 254.20 -211.41 81.00
N VAL F 360 254.06 -210.86 82.20
CA VAL F 360 254.35 -211.61 83.42
C VAL F 360 253.19 -212.47 83.88
N ILE F 361 251.97 -212.21 83.39
CA ILE F 361 250.83 -213.00 83.82
C ILE F 361 250.93 -214.43 83.30
N LYS F 362 251.40 -214.60 82.07
CA LYS F 362 251.55 -215.94 81.51
C LYS F 362 252.61 -216.75 82.26
N GLU F 363 253.62 -216.08 82.80
CA GLU F 363 254.64 -216.78 83.57
C GLU F 363 254.19 -217.05 85.01
N CYS F 364 253.39 -216.15 85.58
CA CYS F 364 252.91 -216.35 86.94
C CYS F 364 251.75 -217.33 87.01
N SER F 365 251.01 -217.54 85.91
CA SER F 365 249.90 -218.47 85.89
C SER F 365 250.35 -219.92 85.74
N ILE F 366 251.65 -220.17 85.57
CA ILE F 366 252.17 -221.52 85.41
C ILE F 366 252.45 -222.12 86.78
N ALA F 367 253.52 -222.92 86.87
CA ALA F 367 253.91 -223.56 88.11
C ALA F 367 255.01 -222.81 88.84
N LEU F 368 254.97 -221.48 88.85
CA LEU F 368 255.96 -220.66 89.52
C LEU F 368 255.39 -219.77 90.61
N SER F 369 254.11 -219.42 90.54
CA SER F 369 253.48 -218.57 91.54
C SER F 369 252.06 -219.02 91.83
N ASN F 370 251.80 -220.32 91.77
CA ASN F 370 250.48 -220.91 92.02
C ASN F 370 249.50 -220.31 91.00
N TRP F 371 248.26 -220.03 91.40
CA TRP F 371 247.28 -219.45 90.49
C TRP F 371 246.55 -218.29 91.16
N TRP F 372 246.33 -218.40 92.48
CA TRP F 372 245.64 -217.33 93.20
C TRP F 372 246.45 -216.05 93.19
N PHE F 373 247.77 -216.14 93.34
CA PHE F 373 248.61 -214.94 93.32
C PHE F 373 248.57 -214.29 91.94
N VAL F 374 248.63 -215.08 90.88
CA VAL F 374 248.58 -214.52 89.53
C VAL F 374 247.23 -213.88 89.28
N ALA F 375 246.15 -214.51 89.75
CA ALA F 375 244.82 -213.94 89.58
C ALA F 375 244.68 -212.62 90.34
N HIS F 376 245.21 -212.56 91.57
CA HIS F 376 245.16 -211.32 92.33
C HIS F 376 245.99 -210.23 91.67
N LEU F 377 247.15 -210.58 91.12
CA LEU F 377 247.97 -209.60 90.42
C LEU F 377 247.26 -209.07 89.18
N THR F 378 246.61 -209.96 88.42
CA THR F 378 245.87 -209.52 87.25
C THR F 378 244.70 -208.63 87.62
N ASP F 379 244.00 -208.97 88.71
CA ASP F 379 242.89 -208.14 89.16
C ASP F 379 243.37 -206.77 89.60
N LEU F 380 244.50 -206.71 90.32
CA LEU F 380 245.05 -205.43 90.75
C LEU F 380 245.49 -204.60 89.55
N LEU F 381 246.11 -205.24 88.54
CA LEU F 381 246.52 -204.52 87.34
C LEU F 381 245.31 -204.00 86.56
N ASP F 382 244.23 -204.77 86.53
CA ASP F 382 243.02 -204.31 85.84
C ASP F 382 242.33 -203.19 86.60
N HIS F 383 242.36 -203.23 87.93
CA HIS F 383 241.73 -202.18 88.74
C HIS F 383 242.56 -200.91 88.81
N CYS F 384 243.88 -201.01 88.63
CA CYS F 384 244.77 -199.85 88.67
C CYS F 384 244.89 -199.15 87.33
N LYS F 385 243.94 -199.37 86.41
CA LYS F 385 243.93 -198.76 85.09
C LYS F 385 245.23 -199.08 84.33
N LEU F 386 245.56 -200.36 84.25
CA LEU F 386 246.75 -200.82 83.56
C LEU F 386 246.50 -201.96 82.58
N LEU F 387 245.36 -202.65 82.65
CA LEU F 387 245.05 -203.76 81.74
C LEU F 387 243.53 -203.87 81.65
N GLN F 388 242.92 -202.94 80.90
CA GLN F 388 241.48 -202.91 80.73
C GLN F 388 241.06 -203.74 79.53
N SER F 389 239.89 -203.44 78.98
CA SER F 389 239.39 -204.18 77.82
C SER F 389 240.12 -203.75 76.55
N HIS F 390 239.99 -204.57 75.52
CA HIS F 390 240.64 -204.30 74.23
C HIS F 390 239.84 -204.79 73.03
N ASN F 391 239.40 -206.05 72.98
CA ASN F 391 239.59 -207.10 73.99
C ASN F 391 240.58 -208.15 73.52
N LEU F 392 240.83 -209.16 74.36
CA LEU F 392 241.76 -210.22 74.02
C LEU F 392 241.07 -211.31 73.21
N TYR F 393 241.10 -212.54 73.71
CA TYR F 393 240.46 -213.66 73.03
C TYR F 393 239.38 -214.36 73.85
N PHE F 394 239.23 -214.00 75.12
CA PHE F 394 238.21 -214.63 75.97
C PHE F 394 236.86 -213.95 75.86
N GLY F 395 236.82 -212.66 75.51
CA GLY F 395 235.60 -211.91 75.37
C GLY F 395 235.49 -210.74 76.34
N SER F 396 236.02 -210.90 77.55
CA SER F 396 235.96 -209.85 78.56
C SER F 396 237.37 -209.30 78.73
N ASN F 397 238.13 -209.78 79.72
CA ASN F 397 239.49 -209.29 79.94
C ASN F 397 240.34 -210.45 80.44
N MET F 398 241.59 -210.14 80.77
CA MET F 398 242.51 -211.17 81.25
C MET F 398 242.26 -211.48 82.73
N ARG F 399 241.97 -210.47 83.54
CA ARG F 399 241.74 -210.70 84.96
C ARG F 399 240.47 -211.52 85.18
N GLU F 400 239.40 -211.21 84.44
CA GLU F 400 238.16 -211.97 84.57
C GLU F 400 238.36 -213.42 84.12
N PHE F 401 239.11 -213.63 83.04
CA PHE F 401 239.38 -214.98 82.57
C PHE F 401 240.21 -215.76 83.59
N LEU F 402 241.21 -215.11 84.19
CA LEU F 402 242.01 -215.77 85.21
C LEU F 402 241.18 -216.12 86.44
N LEU F 403 240.29 -215.20 86.85
CA LEU F 403 239.42 -215.49 87.99
C LEU F 403 238.48 -216.64 87.69
N LEU F 404 237.92 -216.68 86.47
CA LEU F 404 237.04 -217.78 86.11
C LEU F 404 237.79 -219.11 86.08
N GLU F 405 239.03 -219.10 85.55
CA GLU F 405 239.82 -220.32 85.53
C GLU F 405 240.16 -220.79 86.94
N TYR F 406 240.49 -219.85 87.84
CA TYR F 406 240.78 -220.22 89.22
C TYR F 406 239.55 -220.77 89.92
N ALA F 407 238.38 -220.17 89.67
CA ALA F 407 237.16 -220.67 90.28
C ALA F 407 236.77 -222.04 89.73
N SER F 408 237.03 -222.30 88.45
CA SER F 408 236.74 -223.61 87.88
C SER F 408 237.72 -224.66 88.38
N GLY F 409 238.99 -224.29 88.61
CA GLY F 409 239.96 -225.24 89.11
C GLY F 409 239.83 -225.54 90.58
N LEU F 410 239.39 -224.55 91.37
CA LEU F 410 239.23 -224.74 92.81
C LEU F 410 237.87 -225.38 93.09
N PHE F 411 237.80 -226.68 92.81
CA PHE F 411 236.58 -227.45 93.01
C PHE F 411 236.97 -228.92 93.21
N ALA F 412 236.80 -229.42 94.42
CA ALA F 412 237.13 -230.80 94.73
C ALA F 412 236.19 -231.30 95.82
N HIS F 413 236.34 -232.57 96.19
CA HIS F 413 235.52 -233.17 97.22
C HIS F 413 236.01 -232.77 98.60
N PRO F 414 237.33 -232.67 98.80
CA PRO F 414 237.84 -232.27 100.13
C PRO F 414 237.71 -230.79 100.41
N SER F 415 237.60 -229.95 99.39
CA SER F 415 237.47 -228.52 99.58
C SER F 415 236.00 -228.10 99.62
N LEU F 416 235.73 -227.02 100.34
CA LEU F 416 234.37 -226.52 100.46
C LEU F 416 233.96 -225.76 99.20
N TRP F 417 232.65 -225.77 98.93
CA TRP F 417 232.11 -225.09 97.76
C TRP F 417 231.87 -223.61 98.00
N GLN F 418 231.99 -223.13 99.23
CA GLN F 418 231.78 -221.71 99.50
C GLN F 418 232.84 -220.85 98.84
N LEU F 419 234.10 -221.28 98.91
CA LEU F 419 235.17 -220.53 98.27
C LEU F 419 234.99 -220.48 96.75
N GLY F 420 234.59 -221.60 96.16
CA GLY F 420 234.35 -221.63 94.73
C GLY F 420 233.18 -220.75 94.32
N VAL F 421 232.11 -220.76 95.12
CA VAL F 421 230.96 -219.92 94.81
C VAL F 421 231.31 -218.44 94.98
N ASP F 422 232.18 -218.11 95.93
CA ASP F 422 232.59 -216.73 96.10
C ASP F 422 233.53 -216.27 95.00
N TYR F 423 234.39 -217.17 94.51
CA TYR F 423 235.33 -216.83 93.44
C TYR F 423 234.68 -216.82 92.06
N PHE F 424 233.58 -217.55 91.88
CA PHE F 424 232.89 -217.60 90.61
C PHE F 424 231.96 -216.40 90.38
N ASP F 425 231.90 -215.46 91.32
CA ASP F 425 231.06 -214.29 91.20
C ASP F 425 231.79 -213.08 90.60
N TYR F 426 232.84 -213.32 89.81
CA TYR F 426 233.61 -212.25 89.20
C TYR F 426 233.39 -212.17 87.69
N CYS F 427 232.50 -212.98 87.13
CA CYS F 427 232.24 -212.96 85.70
C CYS F 427 230.74 -213.01 85.44
N PRO F 428 230.32 -213.18 84.18
CA PRO F 428 228.88 -213.24 83.90
C PRO F 428 228.27 -214.57 84.29
N GLU F 429 228.38 -215.57 83.43
CA GLU F 429 227.86 -216.89 83.71
C GLU F 429 228.77 -217.64 84.66
N LEU F 430 229.52 -218.61 84.13
CA LEU F 430 230.48 -219.40 84.90
C LEU F 430 229.82 -220.12 86.07
N GLY F 431 229.42 -219.35 87.09
CA GLY F 431 228.81 -219.95 88.28
C GLY F 431 227.47 -220.61 88.01
N ARG F 432 226.79 -220.21 86.94
CA ARG F 432 225.48 -220.81 86.63
C ARG F 432 225.63 -222.28 86.27
N VAL F 433 226.62 -222.61 85.43
CA VAL F 433 226.85 -223.99 85.05
C VAL F 433 227.27 -224.82 86.26
N SER F 434 228.09 -224.24 87.14
CA SER F 434 228.50 -224.96 88.34
C SER F 434 227.31 -225.22 89.26
N LEU F 435 226.43 -224.22 89.42
CA LEU F 435 225.24 -224.42 90.25
C LEU F 435 224.32 -225.47 89.64
N GLU F 436 224.18 -225.47 88.31
CA GLU F 436 223.34 -226.46 87.66
C GLU F 436 223.92 -227.87 87.84
N LEU F 437 225.24 -228.01 87.70
CA LEU F 437 225.87 -229.31 87.89
C LEU F 437 225.79 -229.78 89.33
N HIS F 438 225.83 -228.84 90.29
CA HIS F 438 225.71 -229.22 91.69
C HIS F 438 224.28 -229.62 92.03
N ILE F 439 223.29 -228.93 91.46
CA ILE F 439 221.90 -229.26 91.73
C ILE F 439 221.45 -230.52 90.97
N GLU F 440 222.12 -230.87 89.87
CA GLU F 440 221.75 -232.06 89.13
C GLU F 440 222.18 -233.35 89.82
N ARG F 441 223.01 -233.27 90.87
CA ARG F 441 223.47 -234.44 91.62
C ARG F 441 223.49 -234.09 93.10
N ILE F 442 222.30 -233.81 93.65
CA ILE F 442 222.16 -233.46 95.06
C ILE F 442 220.79 -233.91 95.54
N PRO F 443 220.02 -234.63 94.71
CA PRO F 443 218.68 -235.09 95.14
C PRO F 443 218.75 -236.26 96.13
N LEU F 444 219.01 -235.93 97.39
CA LEU F 444 219.11 -236.93 98.44
C LEU F 444 218.70 -236.26 99.76
N ASN F 445 218.95 -236.97 100.87
CA ASN F 445 218.61 -236.46 102.20
C ASN F 445 219.80 -235.70 102.75
N THR F 446 219.95 -234.46 102.26
CA THR F 446 221.05 -233.60 102.69
C THR F 446 220.56 -232.16 102.64
N GLU F 447 220.29 -231.57 103.80
CA GLU F 447 219.83 -230.19 103.88
C GLU F 447 220.94 -229.19 104.12
N GLN F 448 222.08 -229.62 104.67
CA GLN F 448 223.17 -228.69 104.91
C GLN F 448 223.76 -228.15 103.62
N LYS F 449 223.92 -229.02 102.62
CA LYS F 449 224.45 -228.57 101.33
C LYS F 449 223.48 -227.62 100.65
N ALA F 450 222.18 -227.90 100.72
CA ALA F 450 221.20 -227.02 100.13
C ALA F 450 221.18 -225.67 100.83
N LEU F 451 221.29 -225.66 102.17
CA LEU F 451 221.33 -224.41 102.90
C LEU F 451 222.58 -223.61 102.55
N LYS F 452 223.73 -224.28 102.42
CA LYS F 452 224.96 -223.59 102.05
C LYS F 452 224.86 -223.01 100.64
N VAL F 453 224.25 -223.75 99.71
CA VAL F 453 224.09 -223.25 98.35
C VAL F 453 223.16 -222.06 98.33
N LEU F 454 222.08 -222.11 99.12
CA LEU F 454 221.15 -220.98 99.16
C LEU F 454 221.79 -219.75 99.80
N ARG F 455 222.66 -219.96 100.80
CA ARG F 455 223.34 -218.84 101.43
C ARG F 455 224.41 -218.24 100.51
N ILE F 456 225.06 -219.09 99.70
CA ILE F 456 226.08 -218.58 98.79
C ILE F 456 225.45 -217.88 97.59
N CYS F 457 224.29 -218.36 97.14
CA CYS F 457 223.63 -217.75 95.99
C CYS F 457 222.93 -216.44 96.35
N GLU F 458 222.66 -216.20 97.63
CA GLU F 458 222.00 -214.98 98.07
C GLU F 458 222.98 -213.85 98.38
N GLN F 459 224.27 -214.05 98.14
CA GLN F 459 225.28 -213.03 98.40
C GLN F 459 225.48 -212.08 97.24
N ARG F 460 224.78 -212.28 96.13
CA ARG F 460 224.92 -211.41 94.97
C ARG F 460 223.55 -211.07 94.38
N GLN F 461 223.50 -210.84 93.07
CA GLN F 461 222.27 -210.52 92.36
C GLN F 461 221.77 -211.70 91.53
N MET F 462 221.80 -212.90 92.10
CA MET F 462 221.37 -214.12 91.43
C MET F 462 220.20 -214.69 92.22
N THR F 463 218.99 -214.24 91.88
CA THR F 463 217.78 -214.71 92.55
C THR F 463 217.14 -215.91 91.87
N GLU F 464 217.44 -216.15 90.60
CA GLU F 464 216.86 -217.28 89.89
C GLU F 464 217.54 -218.60 90.26
N GLN F 465 218.85 -218.56 90.53
CA GLN F 465 219.56 -219.79 90.88
C GLN F 465 219.08 -220.33 92.23
N VAL F 466 218.87 -219.45 93.20
CA VAL F 466 218.38 -219.90 94.51
C VAL F 466 216.97 -220.47 94.39
N ARG F 467 216.13 -219.85 93.57
CA ARG F 467 214.78 -220.36 93.37
C ARG F 467 214.80 -221.71 92.68
N SER F 468 215.68 -221.89 91.68
CA SER F 468 215.79 -223.17 91.02
C SER F 468 216.30 -224.25 91.96
N ILE F 469 217.27 -223.90 92.82
CA ILE F 469 217.79 -224.87 93.78
C ILE F 469 216.70 -225.26 94.79
N CYS F 470 215.91 -224.28 95.24
CA CYS F 470 214.83 -224.59 96.17
C CYS F 470 213.76 -225.46 95.52
N LYS F 471 213.44 -225.19 94.24
CA LYS F 471 212.46 -226.02 93.54
C LYS F 471 212.99 -227.44 93.36
N ILE F 472 214.27 -227.60 93.03
CA ILE F 472 214.85 -228.92 92.87
C ILE F 472 214.85 -229.67 94.20
N LEU F 473 215.17 -228.97 95.30
CA LEU F 473 215.14 -229.61 96.61
C LEU F 473 213.73 -230.03 96.99
N ALA F 474 212.74 -229.19 96.70
CA ALA F 474 211.36 -229.54 97.00
C ALA F 474 210.91 -230.74 96.17
N MET F 475 211.27 -230.77 94.88
CA MET F 475 210.90 -231.90 94.05
C MET F 475 211.60 -233.19 94.48
N LYS F 476 212.82 -233.09 94.99
CA LYS F 476 213.51 -234.28 95.48
C LYS F 476 212.95 -234.75 96.81
N ALA F 477 212.50 -233.83 97.67
CA ALA F 477 211.93 -234.20 98.95
C ALA F 477 210.49 -234.69 98.85
N VAL F 478 209.75 -234.26 97.82
CA VAL F 478 208.38 -234.72 97.67
C VAL F 478 208.31 -236.19 97.27
N ARG F 479 209.41 -236.74 96.72
CA ARG F 479 209.42 -238.14 96.32
C ARG F 479 209.49 -239.09 97.51
N ASN F 480 209.91 -238.60 98.67
CA ASN F 480 210.02 -239.41 99.87
C ASN F 480 208.93 -239.12 100.89
N ASN F 481 208.03 -238.19 100.59
CA ASN F 481 206.91 -237.80 101.47
C ASN F 481 207.45 -237.34 102.83
N ARG F 482 207.96 -236.11 102.83
CA ARG F 482 208.51 -235.47 104.02
C ARG F 482 207.56 -234.35 104.44
N LEU F 483 206.63 -234.68 105.33
CA LEU F 483 205.64 -233.72 105.83
C LEU F 483 206.32 -232.84 106.87
N GLY F 484 206.89 -231.73 106.40
CA GLY F 484 207.57 -230.80 107.28
C GLY F 484 208.72 -230.06 106.60
N SER F 485 209.56 -230.80 105.89
CA SER F 485 210.69 -230.21 105.19
C SER F 485 210.39 -229.89 103.73
N ALA F 486 209.45 -230.59 103.11
CA ALA F 486 209.12 -230.32 101.71
C ALA F 486 208.26 -229.08 101.55
N LEU F 487 207.38 -228.79 102.52
CA LEU F 487 206.53 -227.62 102.42
C LEU F 487 207.34 -226.34 102.53
N SER F 488 208.32 -226.31 103.43
CA SER F 488 209.16 -225.12 103.58
C SER F 488 210.03 -224.88 102.34
N TRP F 489 210.41 -225.95 101.64
CA TRP F 489 211.20 -225.80 100.43
C TRP F 489 210.34 -225.44 99.22
N SER F 490 209.07 -225.88 99.21
CA SER F 490 208.18 -225.57 98.10
C SER F 490 207.57 -224.18 98.24
N ILE F 491 207.45 -223.67 99.46
CA ILE F 491 206.86 -222.35 99.66
C ILE F 491 207.85 -221.26 99.26
N ARG F 492 209.15 -221.51 99.41
CA ARG F 492 210.19 -220.55 99.07
C ARG F 492 210.87 -220.89 97.75
N ALA F 493 210.22 -221.66 96.88
CA ALA F 493 210.79 -222.03 95.60
C ALA F 493 210.54 -220.96 94.56
N LYS F 494 209.71 -221.27 93.55
CA LYS F 494 209.40 -220.30 92.51
C LYS F 494 208.37 -219.29 92.97
N ASP F 495 207.18 -219.76 93.33
CA ASP F 495 206.10 -218.89 93.80
C ASP F 495 205.27 -219.67 94.80
N ALA F 496 204.03 -219.23 95.02
CA ALA F 496 203.12 -219.89 95.95
C ALA F 496 202.29 -220.98 95.31
N ALA F 497 202.49 -221.25 94.02
CA ALA F 497 201.71 -222.29 93.35
C ALA F 497 202.03 -223.67 93.91
N PHE F 498 203.30 -223.90 94.26
CA PHE F 498 203.68 -225.19 94.84
C PHE F 498 203.17 -225.31 96.28
N ALA F 499 203.24 -224.21 97.04
CA ALA F 499 202.77 -224.25 98.41
C ALA F 499 201.27 -224.47 98.48
N THR F 500 200.51 -223.82 97.60
CA THR F 500 199.06 -224.02 97.57
C THR F 500 198.71 -225.45 97.19
N LEU F 501 199.43 -226.02 96.22
CA LEU F 501 199.19 -227.40 95.83
C LEU F 501 199.53 -228.37 96.96
N VAL F 502 200.62 -228.11 97.69
CA VAL F 502 200.98 -228.96 98.81
C VAL F 502 199.93 -228.87 99.91
N SER F 503 199.44 -227.66 100.18
CA SER F 503 198.40 -227.49 101.20
C SER F 503 197.11 -228.19 100.79
N ASP F 504 196.74 -228.11 99.52
CA ASP F 504 195.55 -228.80 99.04
C ASP F 504 195.70 -230.31 99.14
N ARG F 505 196.88 -230.83 98.79
CA ARG F 505 197.12 -232.26 98.90
C ARG F 505 197.07 -232.72 100.37
N PHE F 506 197.64 -231.92 101.27
CA PHE F 506 197.59 -232.28 102.69
C PHE F 506 196.16 -232.25 103.22
N LEU F 507 195.37 -231.26 102.81
CA LEU F 507 193.98 -231.18 103.25
C LEU F 507 193.15 -232.33 102.67
N ARG F 508 193.46 -232.77 101.45
CA ARG F 508 192.74 -233.90 100.87
C ARG F 508 193.14 -235.21 101.51
N ASP F 509 194.41 -235.36 101.90
CA ASP F 509 194.86 -236.60 102.53
C ASP F 509 194.45 -236.68 103.98
N TYR F 510 194.29 -235.54 104.66
CA TYR F 510 193.89 -235.56 106.06
C TYR F 510 192.42 -235.92 106.20
N CYS F 511 191.57 -235.43 105.30
CA CYS F 511 190.14 -235.71 105.34
C CYS F 511 189.88 -237.01 104.59
N GLU F 512 189.71 -238.10 105.34
CA GLU F 512 189.47 -239.40 104.73
C GLU F 512 188.61 -240.28 105.65
N ARG F 513 188.52 -239.90 106.92
CA ARG F 513 187.74 -240.65 107.89
C ARG F 513 187.01 -239.64 108.78
N GLY F 514 186.61 -240.09 109.97
CA GLY F 514 185.90 -239.20 110.88
C GLY F 514 186.83 -238.21 111.56
N CYS F 515 188.03 -238.65 111.92
CA CYS F 515 189.02 -237.81 112.58
C CYS F 515 190.13 -237.49 111.58
N PHE F 516 190.32 -236.20 111.30
CA PHE F 516 191.33 -235.74 110.36
C PHE F 516 192.71 -235.90 111.01
N SER F 517 193.28 -237.10 110.84
CA SER F 517 194.59 -237.40 111.41
C SER F 517 195.67 -237.34 110.33
N ASP F 518 196.21 -238.51 109.98
CA ASP F 518 197.25 -238.63 108.95
C ASP F 518 198.44 -237.74 109.28
N LEU F 519 198.38 -236.48 108.87
CA LEU F 519 199.45 -235.51 109.10
C LEU F 519 199.14 -234.59 110.29
N ASP F 520 198.69 -235.16 111.40
CA ASP F 520 198.36 -234.35 112.57
C ASP F 520 199.63 -233.96 113.32
N LEU F 521 199.78 -232.67 113.61
CA LEU F 521 200.95 -232.14 114.32
C LEU F 521 202.24 -232.49 113.60
N ILE F 522 202.22 -232.39 112.27
CA ILE F 522 203.39 -232.69 111.45
C ILE F 522 203.29 -231.92 110.14
N ASP F 523 202.86 -230.66 110.22
CA ASP F 523 202.72 -229.80 109.05
C ASP F 523 203.76 -228.71 109.01
N ASN F 524 203.91 -227.94 110.10
CA ASN F 524 204.87 -226.84 110.17
C ASN F 524 204.67 -225.83 109.05
N LEU F 525 205.46 -225.97 107.98
CA LEU F 525 205.40 -225.09 106.81
C LEU F 525 205.61 -223.64 107.22
N GLY F 526 206.87 -223.34 107.53
CA GLY F 526 207.26 -222.01 107.94
C GLY F 526 208.29 -221.40 107.02
N PRO F 527 207.87 -220.40 106.23
CA PRO F 527 208.81 -219.75 105.31
C PRO F 527 208.55 -218.27 105.16
N ALA F 528 209.47 -217.44 105.65
CA ALA F 528 209.38 -215.98 105.59
C ALA F 528 208.10 -215.56 106.31
N MET F 529 207.26 -214.72 105.72
CA MET F 529 206.02 -214.30 106.37
C MET F 529 204.82 -214.52 105.46
N MET F 530 204.94 -214.06 104.21
CA MET F 530 203.83 -214.22 103.27
C MET F 530 203.61 -215.69 102.92
N LEU F 531 204.69 -216.46 102.79
CA LEU F 531 204.58 -217.88 102.49
C LEU F 531 204.32 -218.72 103.74
N SER F 532 204.33 -218.13 104.92
CA SER F 532 204.09 -218.86 106.16
C SER F 532 202.72 -218.58 106.76
N ASP F 533 202.16 -217.38 106.54
CA ASP F 533 200.85 -217.06 107.09
C ASP F 533 199.72 -217.74 106.31
N ARG F 534 200.00 -218.25 105.12
CA ARG F 534 198.97 -218.90 104.33
C ARG F 534 198.67 -220.32 104.81
N LEU F 535 199.56 -220.89 105.64
CA LEU F 535 199.37 -222.23 106.18
C LEU F 535 198.66 -222.24 107.52
N THR F 536 198.01 -221.14 107.89
CA THR F 536 197.31 -221.07 109.17
C THR F 536 196.00 -221.87 109.14
N PHE F 537 195.38 -221.98 107.96
CA PHE F 537 194.12 -222.73 107.87
C PHE F 537 194.33 -224.21 108.16
N LEU F 538 195.40 -224.80 107.61
CA LEU F 538 195.68 -226.20 107.88
C LEU F 538 195.99 -226.44 109.35
N GLY F 539 196.75 -225.54 109.96
CA GLY F 539 197.04 -225.67 111.38
C GLY F 539 195.80 -225.55 112.25
N LYS F 540 194.91 -224.61 111.89
CA LYS F 540 193.66 -224.47 112.64
C LYS F 540 192.78 -225.70 112.48
N TYR F 541 192.72 -226.26 111.27
CA TYR F 541 191.94 -227.47 111.05
C TYR F 541 192.51 -228.64 111.83
N ARG F 542 193.85 -228.77 111.86
CA ARG F 542 194.47 -229.84 112.63
C ARG F 542 194.21 -229.68 114.12
N GLU F 543 194.28 -228.44 114.63
CA GLU F 543 194.02 -228.20 116.04
C GLU F 543 192.56 -228.47 116.38
N PHE F 544 191.64 -228.17 115.47
CA PHE F 544 190.22 -228.43 115.73
C PHE F 544 189.91 -229.92 115.65
N HIS F 545 190.61 -230.66 114.78
CA HIS F 545 190.38 -232.09 114.66
C HIS F 545 191.02 -232.87 115.81
N ARG F 546 192.17 -232.42 116.30
CA ARG F 546 192.84 -233.11 117.40
C ARG F 546 192.17 -232.82 118.73
N MET F 547 192.32 -231.59 119.22
CA MET F 547 191.71 -231.19 120.49
C MET F 547 190.37 -230.49 120.25
N TYR F 548 189.59 -230.39 121.31
CA TYR F 548 188.28 -229.75 121.26
C TYR F 548 188.02 -229.04 122.57
N GLY F 549 187.56 -227.79 122.48
CA GLY F 549 187.26 -227.01 123.68
C GLY F 549 185.91 -226.34 123.62
N GLU F 550 184.87 -227.07 124.02
CA GLU F 550 183.49 -226.57 124.03
C GLU F 550 183.13 -226.18 122.60
N LYS F 551 182.51 -225.01 122.37
CA LYS F 551 182.15 -224.57 121.04
C LYS F 551 183.25 -223.77 120.35
N ARG F 552 184.37 -223.52 121.03
CA ARG F 552 185.45 -222.76 120.42
C ARG F 552 186.07 -223.51 119.25
N PHE F 553 186.26 -224.82 119.40
CA PHE F 553 186.82 -225.62 118.31
C PHE F 553 185.87 -225.65 117.11
N ALA F 554 184.56 -225.78 117.38
CA ALA F 554 183.59 -225.77 116.29
C ALA F 554 183.56 -224.43 115.59
N ASP F 555 183.64 -223.33 116.35
CA ASP F 555 183.67 -222.01 115.73
C ASP F 555 184.92 -221.81 114.89
N ALA F 556 186.07 -222.29 115.39
CA ALA F 556 187.30 -222.18 114.63
C ALA F 556 187.23 -223.00 113.34
N ALA F 557 186.65 -224.20 113.42
CA ALA F 557 186.52 -225.03 112.22
C ALA F 557 185.57 -224.39 111.22
N SER F 558 184.48 -223.78 111.69
CA SER F 558 183.56 -223.10 110.79
C SER F 558 184.23 -221.90 110.13
N LEU F 559 185.01 -221.14 110.90
CA LEU F 559 185.72 -220.00 110.33
C LEU F 559 186.75 -220.46 109.29
N LEU F 560 187.47 -221.54 109.57
CA LEU F 560 188.45 -222.06 108.62
C LEU F 560 187.75 -222.53 107.34
N LEU F 561 186.60 -223.19 107.48
CA LEU F 561 185.86 -223.65 106.31
C LEU F 561 185.35 -222.47 105.49
N SER F 562 184.84 -221.44 106.15
CA SER F 562 184.36 -220.25 105.45
C SER F 562 185.50 -219.51 104.75
N LEU F 563 186.70 -219.51 105.36
CA LEU F 563 187.84 -218.87 104.72
C LEU F 563 188.36 -219.67 103.55
N MET F 564 188.33 -221.00 103.65
CA MET F 564 188.80 -221.85 102.55
C MET F 564 187.80 -221.89 101.39
N THR F 565 186.52 -221.72 101.68
CA THR F 565 185.49 -221.73 100.64
C THR F 565 185.39 -220.41 99.88
N SER F 566 186.17 -219.40 100.27
CA SER F 566 186.15 -218.09 99.62
C SER F 566 187.23 -217.96 98.56
N ARG F 567 187.42 -218.99 97.73
CA ARG F 567 188.42 -218.98 96.67
C ARG F 567 189.82 -218.73 97.22
N ILE F 568 190.16 -219.47 98.28
CA ILE F 568 191.48 -219.35 98.91
C ILE F 568 192.24 -220.66 98.73
N ALA F 569 191.89 -221.66 99.55
CA ALA F 569 192.53 -222.97 99.48
C ALA F 569 191.83 -223.83 98.43
N PRO F 570 191.96 -223.47 97.13
CA PRO F 570 191.31 -224.25 96.06
C PRO F 570 189.83 -224.52 96.30
N ARG F 571 189.33 -225.63 95.75
CA ARG F 571 187.90 -225.95 95.94
C ARG F 571 187.61 -227.43 95.78
N SER F 572 188.59 -228.33 95.95
CA SER F 572 188.36 -229.75 95.79
C SER F 572 187.80 -230.39 97.06
N PHE F 573 188.47 -230.20 98.18
CA PHE F 573 188.05 -230.77 99.45
C PHE F 573 187.21 -229.81 100.29
N TRP F 574 186.91 -228.62 99.78
CA TRP F 574 186.11 -227.66 100.54
C TRP F 574 184.70 -228.17 100.76
N MET F 575 184.08 -228.74 99.72
CA MET F 575 182.73 -229.28 99.87
C MET F 575 182.71 -230.45 100.84
N THR F 576 183.74 -231.31 100.79
CA THR F 576 183.81 -232.43 101.72
C THR F 576 183.97 -231.96 103.15
N LEU F 577 184.82 -230.94 103.37
CA LEU F 577 184.99 -230.40 104.70
C LEU F 577 183.71 -229.75 105.22
N LEU F 578 182.99 -229.04 104.34
CA LEU F 578 181.73 -228.44 104.74
C LEU F 578 180.70 -229.50 105.09
N THR F 579 180.62 -230.57 104.30
CA THR F 579 179.68 -231.64 104.60
C THR F 579 180.04 -232.38 105.89
N ASP F 580 181.34 -232.52 106.17
CA ASP F 580 181.75 -233.16 107.41
C ASP F 580 181.49 -232.28 108.62
N ALA F 581 181.62 -230.96 108.46
CA ALA F 581 181.37 -230.05 109.56
C ALA F 581 179.87 -229.86 109.82
N LEU F 582 179.05 -229.94 108.78
CA LEU F 582 177.61 -229.79 108.95
C LEU F 582 177.02 -231.03 109.60
N PRO F 583 177.70 -232.19 109.50
CA PRO F 583 177.16 -233.41 110.12
C PRO F 583 177.27 -233.43 111.64
N LEU F 584 178.13 -232.59 112.22
CA LEU F 584 178.30 -232.53 113.67
C LEU F 584 177.61 -231.33 114.31
N LEU F 585 176.87 -230.54 113.53
CA LEU F 585 176.18 -229.38 114.05
C LEU F 585 174.91 -229.79 114.78
N GLU F 586 173.79 -229.82 114.06
CA GLU F 586 172.50 -230.20 114.64
C GLU F 586 171.64 -230.84 113.54
N GLN F 587 172.13 -231.96 112.99
CA GLN F 587 171.39 -232.65 111.94
C GLN F 587 170.20 -233.43 112.48
N LYS F 588 170.22 -233.79 113.76
CA LYS F 588 169.15 -234.54 114.38
C LYS F 588 168.40 -233.74 115.45
N GLN F 589 168.84 -232.52 115.75
CA GLN F 589 168.18 -231.71 116.76
C GLN F 589 168.31 -230.23 116.41
N VAL F 590 168.56 -229.39 117.43
CA VAL F 590 168.70 -227.95 117.24
C VAL F 590 169.81 -227.45 118.14
N ILE F 591 170.64 -226.56 117.61
CA ILE F 591 171.77 -226.00 118.36
C ILE F 591 171.80 -224.50 118.16
N PHE F 592 173.00 -223.92 118.17
CA PHE F 592 173.17 -222.49 118.00
C PHE F 592 174.51 -222.23 117.33
N SER F 593 174.58 -221.13 116.58
CA SER F 593 175.81 -220.75 115.87
C SER F 593 175.89 -219.23 115.85
N ALA F 594 176.82 -218.68 116.63
CA ALA F 594 177.03 -217.24 116.68
C ALA F 594 177.99 -216.84 115.56
N GLU F 595 177.51 -216.00 114.64
CA GLU F 595 178.30 -215.54 113.50
C GLU F 595 178.83 -216.72 112.68
N GLN F 596 177.94 -217.67 112.39
CA GLN F 596 178.33 -218.86 111.62
C GLN F 596 177.19 -219.46 110.79
N THR F 597 175.93 -219.39 111.23
CA THR F 597 174.85 -219.98 110.45
C THR F 597 174.64 -219.22 109.15
N TYR F 598 174.67 -217.89 109.19
CA TYR F 598 174.50 -217.10 107.97
C TYR F 598 175.67 -217.33 107.02
N GLU F 599 176.89 -217.46 107.57
CA GLU F 599 178.05 -217.73 106.73
C GLU F 599 177.95 -219.08 106.07
N LEU F 600 177.51 -220.11 106.82
CA LEU F 600 177.34 -221.42 106.23
C LEU F 600 176.25 -221.42 105.17
N MET F 601 175.16 -220.69 105.40
CA MET F 601 174.11 -220.59 104.39
C MET F 601 174.61 -219.90 103.13
N ARG F 602 175.38 -218.83 103.29
CA ARG F 602 175.94 -218.14 102.11
C ARG F 602 176.91 -219.03 101.36
N CYS F 603 177.73 -219.80 102.09
CA CYS F 603 178.66 -220.72 101.44
C CYS F 603 177.93 -221.81 100.68
N LEU F 604 176.85 -222.35 101.27
CA LEU F 604 176.07 -223.38 100.58
C LEU F 604 175.35 -222.82 99.37
N GLU F 605 174.91 -221.55 99.44
CA GLU F 605 174.26 -220.94 98.29
C GLU F 605 175.25 -220.63 97.18
N ASP F 606 176.47 -220.24 97.52
CA ASP F 606 177.48 -219.95 96.51
C ASP F 606 178.05 -221.23 95.90
N LEU F 607 178.13 -222.31 96.68
CA LEU F 607 178.66 -223.56 96.14
C LEU F 607 177.65 -224.28 95.26
N THR F 608 176.36 -224.01 95.47
CA THR F 608 175.33 -224.65 94.67
C THR F 608 175.14 -223.99 93.31
N SER F 609 175.48 -222.71 93.17
CA SER F 609 175.36 -221.98 91.91
C SER F 609 176.66 -221.93 91.14
N ARG F 610 177.70 -222.61 91.62
CA ARG F 610 179.00 -222.60 90.94
C ARG F 610 179.43 -224.03 90.61
N ARG F 611 180.16 -224.67 91.51
CA ARG F 611 180.64 -226.02 91.31
C ARG F 611 180.83 -226.69 92.67
N PRO F 612 180.45 -227.95 92.81
CA PRO F 612 180.62 -228.63 94.11
C PRO F 612 180.96 -230.10 93.96
N VAL F 613 182.13 -230.49 94.46
CA VAL F 613 182.60 -231.87 94.39
C VAL F 613 182.95 -232.31 95.81
N HIS F 614 182.19 -233.26 96.34
CA HIS F 614 182.41 -233.78 97.69
C HIS F 614 182.74 -235.25 97.60
N GLY F 615 183.88 -235.65 98.16
CA GLY F 615 184.30 -237.03 98.13
C GLY F 615 185.17 -237.42 99.32
N GLU F 616 184.52 -237.74 100.43
CA GLU F 616 185.23 -238.15 101.65
C GLU F 616 184.33 -239.04 102.48
N SER F 617 184.82 -240.22 102.83
CA SER F 617 184.07 -241.17 103.64
C SER F 617 184.12 -240.72 105.09
N ASP F 618 183.06 -240.06 105.54
CA ASP F 618 182.98 -239.57 106.91
C ASP F 618 182.67 -240.71 107.88
N THR F 619 181.38 -240.91 108.18
CA THR F 619 180.96 -241.96 109.09
C THR F 619 179.67 -242.62 108.62
N GLU F 620 178.77 -242.92 109.54
CA GLU F 620 177.50 -243.55 109.19
C GLU F 620 176.52 -242.58 108.55
N GLN F 621 176.72 -241.28 108.71
CA GLN F 621 175.83 -240.30 108.11
C GLN F 621 176.11 -240.12 106.62
N LEU F 622 177.38 -240.15 106.23
CA LEU F 622 177.74 -239.99 104.83
C LEU F 622 177.46 -241.23 103.99
N GLN F 623 177.45 -242.41 104.61
CA GLN F 623 177.20 -243.64 103.88
C GLN F 623 175.72 -243.82 103.54
N ASP F 624 174.82 -243.17 104.26
CA ASP F 624 173.39 -243.28 104.01
C ASP F 624 172.90 -242.27 102.99
N ASP F 625 173.76 -241.39 102.50
CA ASP F 625 173.37 -240.39 101.51
C ASP F 625 173.55 -240.96 100.10
N ASP F 626 173.41 -240.11 99.09
CA ASP F 626 173.56 -240.55 97.70
C ASP F 626 174.06 -239.40 96.83
N ILE F 627 173.29 -238.33 96.75
CA ILE F 627 173.65 -237.18 95.95
C ILE F 627 174.42 -236.19 96.81
N GLU F 628 175.05 -235.21 96.16
CA GLU F 628 175.81 -234.19 96.88
C GLU F 628 174.93 -233.11 97.48
N THR F 629 173.73 -232.91 96.93
CA THR F 629 172.81 -231.90 97.46
C THR F 629 172.16 -232.31 98.76
N THR F 630 172.23 -233.59 99.14
CA THR F 630 171.63 -234.02 100.40
C THR F 630 172.34 -233.39 101.59
N LYS F 631 173.68 -233.29 101.53
CA LYS F 631 174.42 -232.65 102.61
C LYS F 631 174.07 -231.17 102.72
N VAL F 632 173.92 -230.49 101.57
CA VAL F 632 173.56 -229.08 101.60
C VAL F 632 172.15 -228.89 102.16
N GLU F 633 171.23 -229.78 101.80
CA GLU F 633 169.87 -229.70 102.33
C GLU F 633 169.86 -229.95 103.83
N MET F 634 170.64 -230.92 104.31
CA MET F 634 170.71 -231.17 105.74
C MET F 634 171.32 -230.00 106.48
N LEU F 635 172.36 -229.38 105.90
CA LEU F 635 172.96 -228.20 106.53
C LEU F 635 171.98 -227.04 106.59
N ARG F 636 171.21 -226.83 105.52
CA ARG F 636 170.22 -225.76 105.51
C ARG F 636 169.12 -226.02 106.54
N LEU F 637 168.69 -227.28 106.66
CA LEU F 637 167.67 -227.62 107.66
C LEU F 637 168.20 -227.41 109.07
N SER F 638 169.46 -227.80 109.32
CA SER F 638 170.04 -227.59 110.64
C SER F 638 170.19 -226.12 110.96
N LEU F 639 170.60 -225.31 109.98
CA LEU F 639 170.72 -223.87 110.19
C LEU F 639 169.35 -223.24 110.47
N ALA F 640 168.32 -223.68 109.75
CA ALA F 640 166.98 -223.16 110.00
C ALA F 640 166.49 -223.54 111.38
N ARG F 641 166.73 -224.79 111.80
CA ARG F 641 166.32 -225.22 113.13
C ARG F 641 167.05 -224.44 114.21
N ASN F 642 168.35 -224.19 114.01
CA ASN F 642 169.12 -223.41 114.98
C ASN F 642 168.63 -221.98 115.06
N LEU F 643 168.33 -221.37 113.91
CA LEU F 643 167.83 -220.00 113.91
C LEU F 643 166.43 -219.90 114.49
N ALA F 644 165.65 -220.98 114.41
CA ALA F 644 164.31 -220.96 114.96
C ALA F 644 164.29 -221.26 116.45
N ARG F 645 165.25 -222.04 116.95
CA ARG F 645 165.29 -222.43 118.35
C ARG F 645 166.35 -221.68 119.15
N ALA F 646 167.03 -220.71 118.54
CA ALA F 646 168.06 -219.95 119.25
C ALA F 646 167.93 -218.44 119.14
N ILE F 647 167.26 -217.91 118.11
CA ILE F 647 167.14 -216.45 117.98
C ILE F 647 166.10 -215.85 118.91
N ILE F 648 165.31 -216.67 119.59
CA ILE F 648 164.29 -216.18 120.50
C ILE F 648 164.83 -216.07 121.94
N ARG F 649 166.15 -216.06 122.10
CA ARG F 649 166.77 -215.96 123.42
C ARG F 649 167.10 -214.49 123.70
N GLU F 650 166.05 -213.74 124.03
CA GLU F 650 166.20 -212.33 124.34
C GLU F 650 166.55 -212.13 125.81
N GLY F 651 167.23 -211.03 126.09
CA GLY F 651 167.62 -210.71 127.46
C GLY F 651 166.74 -209.67 128.12
N ILE G 4 214.33 -208.86 123.88
CA ILE G 4 214.63 -210.08 124.61
C ILE G 4 213.65 -210.25 125.77
N TYR G 5 213.36 -211.50 126.11
CA TYR G 5 212.44 -211.81 127.19
C TYR G 5 212.86 -213.12 127.84
N ALA G 6 212.62 -213.22 129.14
CA ALA G 6 212.95 -214.40 129.92
C ALA G 6 211.69 -215.17 130.28
N LYS G 7 211.86 -216.47 130.52
CA LYS G 7 210.76 -217.35 130.89
C LYS G 7 211.21 -218.30 131.99
N PHE G 8 210.36 -218.46 133.00
CA PHE G 8 210.65 -219.33 134.13
C PHE G 8 210.14 -220.73 133.86
N VAL G 9 210.91 -221.74 134.28
CA VAL G 9 210.55 -223.14 134.11
C VAL G 9 210.81 -223.97 135.35
N SER G 10 211.33 -223.38 136.42
CA SER G 10 211.62 -224.08 137.67
C SER G 10 212.55 -225.27 137.44
N GLN G 11 213.56 -225.07 136.59
CA GLN G 11 214.52 -226.13 136.28
CA GLN G 11 214.52 -226.13 136.28
C GLN G 11 215.82 -225.49 135.83
N LYS G 12 216.93 -225.99 136.34
CA LYS G 12 218.26 -225.47 135.98
C LYS G 12 218.62 -225.96 134.59
N ILE G 13 218.52 -225.09 133.59
CA ILE G 13 218.84 -225.46 132.22
C ILE G 13 220.34 -225.55 132.06
N SER G 14 220.83 -226.70 131.58
CA SER G 14 222.25 -226.91 131.37
C SER G 14 222.67 -226.82 129.91
N LYS G 15 221.71 -226.87 128.98
CA LYS G 15 222.02 -226.78 127.56
C LYS G 15 220.84 -226.17 126.83
N THR G 16 221.13 -225.53 125.69
CA THR G 16 220.10 -224.89 124.89
C THR G 16 220.57 -224.89 123.44
N ARG G 17 219.87 -225.65 122.59
CA ARG G 17 220.20 -225.76 121.18
C ARG G 17 218.93 -225.59 120.36
N TRP G 18 218.96 -224.68 119.39
CA TRP G 18 217.81 -224.45 118.54
C TRP G 18 217.67 -225.54 117.49
N ARG G 19 216.44 -225.75 117.02
CA ARG G 19 216.18 -226.78 116.02
C ARG G 19 216.63 -226.29 114.64
N PRO G 20 217.10 -227.21 113.80
CA PRO G 20 217.55 -226.81 112.46
C PRO G 20 216.37 -226.61 111.52
N LEU G 21 216.53 -225.64 110.62
CA LEU G 21 215.50 -225.33 109.65
C LEU G 21 215.56 -226.30 108.48
N PRO G 22 214.60 -226.21 107.56
CA PRO G 22 214.59 -227.12 106.41
C PRO G 22 215.52 -226.62 105.31
N PRO G 23 215.66 -227.37 104.22
CA PRO G 23 216.54 -226.94 103.13
C PRO G 23 215.88 -225.85 102.30
N GLY G 24 216.49 -224.67 102.31
CA GLY G 24 215.94 -223.55 101.56
C GLY G 24 214.86 -222.77 102.26
N SER G 25 214.78 -222.87 103.58
CA SER G 25 213.76 -222.15 104.33
C SER G 25 214.15 -220.68 104.50
N LEU G 26 213.15 -219.81 104.49
CA LEU G 26 213.34 -218.37 104.64
C LEU G 26 212.87 -217.84 105.98
N GLN G 27 212.41 -218.71 106.88
CA GLN G 27 211.94 -218.30 108.19
C GLN G 27 213.03 -218.47 109.24
N THR G 28 212.80 -217.88 110.41
CA THR G 28 213.76 -217.95 111.50
C THR G 28 213.52 -219.21 112.33
N ALA G 29 214.34 -219.40 113.36
CA ALA G 29 214.22 -220.55 114.24
C ALA G 29 213.10 -220.33 115.24
N GLU G 30 212.14 -221.26 115.27
CA GLU G 30 211.01 -221.19 116.18
C GLU G 30 211.06 -222.23 117.30
N THR G 31 211.59 -223.42 117.04
CA THR G 31 211.68 -224.48 118.03
C THR G 31 213.10 -224.58 118.57
N PHE G 32 213.20 -224.93 119.84
CA PHE G 32 214.49 -225.07 120.49
C PHE G 32 214.38 -226.08 121.62
N ALA G 33 215.46 -226.83 121.84
CA ALA G 33 215.52 -227.85 122.87
C ALA G 33 216.26 -227.32 124.10
N THR G 34 216.01 -227.96 125.23
CA THR G 34 216.63 -227.60 126.50
C THR G 34 216.96 -228.85 127.29
N GLY G 35 217.87 -228.70 128.25
CA GLY G 35 218.28 -229.82 129.08
C GLY G 35 218.43 -229.45 130.54
N SER G 36 217.64 -230.08 131.40
CA SER G 36 217.68 -229.81 132.83
C SER G 36 218.75 -230.66 133.49
N TRP G 37 219.32 -230.12 134.57
CA TRP G 37 220.37 -230.81 135.32
C TRP G 37 220.34 -230.31 136.75
N ASP G 38 221.24 -230.85 137.58
CA ASP G 38 221.36 -230.47 138.99
C ASP G 38 220.04 -230.69 139.73
N ASN G 39 219.38 -231.81 139.46
CA ASN G 39 218.11 -232.14 140.11
CA ASN G 39 218.11 -232.14 140.11
C ASN G 39 217.98 -233.65 140.20
N GLU G 40 216.94 -234.08 140.92
CA GLU G 40 216.68 -235.50 141.10
C GLU G 40 215.89 -236.12 139.95
N GLU G 41 215.34 -235.30 139.05
CA GLU G 41 214.57 -235.81 137.92
C GLU G 41 214.79 -234.85 136.75
N ASN G 42 215.86 -235.10 135.99
CA ASN G 42 216.18 -234.28 134.84
C ASN G 42 215.26 -234.58 133.67
N TYR G 43 214.89 -233.54 132.93
CA TYR G 43 214.01 -233.66 131.78
C TYR G 43 214.59 -232.87 130.61
N ILE G 44 214.25 -233.30 129.40
CA ILE G 44 214.71 -232.65 128.19
C ILE G 44 213.52 -232.21 127.36
N SER G 45 212.92 -231.08 127.73
CA SER G 45 211.77 -230.56 127.01
C SER G 45 212.22 -229.80 125.76
N LEU G 46 211.24 -229.43 124.93
CA LEU G 46 211.50 -228.71 123.69
C LEU G 46 210.43 -227.62 123.56
N TRP G 47 210.85 -226.36 123.65
CA TRP G 47 209.94 -225.24 123.52
C TRP G 47 209.68 -224.91 122.06
N SER G 48 208.65 -224.09 121.83
CA SER G 48 208.29 -223.69 120.48
C SER G 48 207.63 -222.32 120.54
N ILE G 49 208.20 -221.36 119.82
CA ILE G 49 207.66 -220.00 119.80
C ILE G 49 206.44 -219.93 118.91
N GLU G 62 205.72 -208.35 123.81
CA GLU G 62 206.63 -209.29 124.46
C GLU G 62 206.46 -210.70 123.88
N GLY G 63 207.59 -211.37 123.64
CA GLY G 63 207.54 -212.71 123.10
C GLY G 63 207.24 -213.76 124.15
N ASP G 64 206.78 -214.91 123.68
CA ASP G 64 206.44 -216.02 124.56
C ASP G 64 206.74 -217.34 123.85
N HIS G 65 206.79 -218.41 124.64
CA HIS G 65 207.07 -219.74 124.10
C HIS G 65 206.38 -220.77 124.97
N GLN G 66 205.82 -221.79 124.33
CA GLN G 66 205.11 -222.86 125.01
C GLN G 66 205.86 -224.19 124.82
N LEU G 67 205.65 -225.10 125.76
CA LEU G 67 206.30 -226.40 125.71
C LEU G 67 205.50 -227.37 124.84
N LEU G 68 206.21 -228.10 123.99
CA LEU G 68 205.57 -229.06 123.10
C LEU G 68 205.59 -230.46 123.71
N CYS G 69 206.77 -231.06 123.81
CA CYS G 69 206.93 -232.39 124.37
C CYS G 69 208.09 -232.39 125.36
N ASP G 70 208.09 -233.40 126.23
CA ASP G 70 209.14 -233.54 127.23
C ASP G 70 209.31 -235.01 127.56
N ILE G 71 210.52 -235.37 127.98
CA ILE G 71 210.86 -236.75 128.33
C ILE G 71 211.89 -236.72 129.45
N ARG G 72 211.78 -237.69 130.36
CA ARG G 72 212.69 -237.79 131.48
C ARG G 72 214.04 -238.34 131.02
N HIS G 73 215.11 -237.73 131.52
CA HIS G 73 216.47 -238.13 131.19
C HIS G 73 217.23 -238.46 132.47
N HIS G 74 217.83 -239.65 132.52
CA HIS G 74 218.58 -240.08 133.68
CA HIS G 74 218.58 -240.08 133.68
C HIS G 74 219.97 -239.44 133.67
N GLY G 75 220.29 -238.71 134.73
CA GLY G 75 221.57 -238.04 134.84
C GLY G 75 221.52 -236.61 134.34
N ASP G 76 222.57 -235.86 134.68
CA ASP G 76 222.67 -234.46 134.28
C ASP G 76 223.07 -234.37 132.80
N VAL G 77 222.29 -233.62 132.04
CA VAL G 77 222.55 -233.43 130.61
C VAL G 77 223.71 -232.45 130.49
N MET G 78 224.92 -232.98 130.29
CA MET G 78 226.10 -232.12 130.18
C MET G 78 226.24 -231.50 128.80
N ASP G 79 225.65 -232.11 127.78
CA ASP G 79 225.73 -231.59 126.43
C ASP G 79 224.51 -232.07 125.64
N LEU G 80 224.05 -231.21 124.73
CA LEU G 80 222.90 -231.53 123.90
C LEU G 80 223.12 -230.91 122.52
N GLN G 81 222.92 -231.71 121.48
CA GLN G 81 223.11 -231.25 120.11
C GLN G 81 222.14 -231.99 119.19
N PHE G 82 221.57 -231.24 118.24
CA PHE G 82 220.62 -231.80 117.28
C PHE G 82 221.39 -232.33 116.07
N PHE G 83 221.19 -233.61 115.77
CA PHE G 83 221.88 -234.22 114.62
C PHE G 83 221.17 -233.89 113.32
N ASP G 84 219.85 -233.82 113.33
CA ASP G 84 219.07 -233.51 112.14
C ASP G 84 217.82 -232.75 112.57
N GLN G 85 216.77 -232.80 111.74
CA GLN G 85 215.53 -232.11 112.06
C GLN G 85 214.70 -232.85 113.09
N GLU G 86 214.91 -234.17 113.26
CA GLU G 86 214.17 -234.96 114.22
C GLU G 86 215.05 -235.74 115.19
N ARG G 87 216.36 -235.61 115.09
CA ARG G 87 217.28 -236.31 115.97
C ARG G 87 218.01 -235.32 116.87
N ILE G 88 218.20 -235.70 118.13
CA ILE G 88 218.87 -234.85 119.10
CA ILE G 88 218.87 -234.85 119.10
C ILE G 88 219.73 -235.71 120.02
N VAL G 89 221.04 -235.58 119.91
CA VAL G 89 221.98 -236.34 120.73
C VAL G 89 222.15 -235.64 122.06
N ALA G 90 222.20 -236.42 123.14
CA ALA G 90 222.35 -235.89 124.49
C ALA G 90 223.42 -236.68 125.23
N ALA G 91 224.21 -235.96 126.02
CA ALA G 91 225.28 -236.56 126.82
C ALA G 91 224.87 -236.48 128.29
N SER G 92 224.71 -237.64 128.92
CA SER G 92 224.32 -237.70 130.31
C SER G 92 225.54 -237.68 131.22
N SER G 93 225.29 -237.65 132.52
CA SER G 93 226.35 -237.63 133.52
C SER G 93 226.80 -239.03 133.94
N THR G 94 226.12 -240.07 133.46
CA THR G 94 226.46 -241.44 133.79
C THR G 94 227.17 -242.16 132.66
N GLY G 95 227.56 -241.44 131.61
CA GLY G 95 228.24 -242.04 130.47
C GLY G 95 227.34 -242.64 129.42
N CYS G 96 226.02 -242.46 129.54
CA CYS G 96 225.07 -243.01 128.57
C CYS G 96 224.79 -241.96 127.51
N VAL G 97 225.30 -242.20 126.30
CA VAL G 97 225.09 -241.26 125.18
C VAL G 97 223.80 -241.69 124.50
N THR G 98 222.69 -241.26 125.09
CA THR G 98 221.36 -241.58 124.56
C THR G 98 220.92 -240.50 123.58
N VAL G 99 220.59 -240.90 122.36
CA VAL G 99 220.15 -239.98 121.33
C VAL G 99 218.63 -239.86 121.42
N PHE G 100 218.16 -238.71 121.90
CA PHE G 100 216.72 -238.46 122.04
C PHE G 100 216.13 -238.19 120.65
N LEU G 101 215.77 -239.25 119.95
CA LEU G 101 215.20 -239.14 118.62
C LEU G 101 213.74 -238.71 118.74
N HIS G 102 213.46 -237.45 118.42
CA HIS G 102 212.11 -236.93 118.50
C HIS G 102 211.28 -237.44 117.34
N HIS G 103 210.06 -237.87 117.64
CA HIS G 103 209.17 -238.41 116.62
C HIS G 103 208.61 -237.27 115.78
N PRO G 104 208.79 -237.27 114.46
CA PRO G 104 208.27 -236.20 113.61
C PRO G 104 206.85 -236.40 113.13
N ASN G 105 206.13 -237.40 113.66
CA ASN G 105 204.75 -237.64 113.25
C ASN G 105 203.77 -237.10 114.28
N ASN G 106 203.70 -237.73 115.44
CA ASN G 106 202.80 -237.31 116.51
C ASN G 106 203.44 -236.31 117.46
N GLN G 107 204.65 -235.85 117.16
CA GLN G 107 205.38 -234.88 117.98
C GLN G 107 205.56 -235.41 119.42
N THR G 108 206.37 -236.46 119.51
CA THR G 108 206.66 -237.11 120.78
C THR G 108 208.17 -237.23 120.96
N LEU G 109 208.61 -237.27 122.21
CA LEU G 109 210.02 -237.39 122.55
C LEU G 109 210.26 -238.80 123.06
N SER G 110 210.88 -239.64 122.24
CA SER G 110 211.20 -241.02 122.56
C SER G 110 212.69 -241.25 122.45
N VAL G 111 213.11 -242.50 122.69
CA VAL G 111 214.51 -242.90 122.63
C VAL G 111 214.61 -244.08 121.68
N ASN G 112 215.39 -243.90 120.60
CA ASN G 112 215.58 -244.96 119.61
C ASN G 112 216.88 -245.71 119.83
N GLN G 113 218.01 -245.02 119.76
CA GLN G 113 219.32 -245.63 119.96
C GLN G 113 220.02 -244.96 121.14
N GLN G 114 220.72 -245.77 121.93
CA GLN G 114 221.44 -245.28 123.09
C GLN G 114 222.67 -246.15 123.33
N TRP G 115 223.75 -245.53 123.77
CA TRP G 115 225.01 -246.20 124.05
C TRP G 115 225.37 -245.95 125.51
N THR G 116 225.07 -246.93 126.37
CA THR G 116 225.37 -246.80 127.79
C THR G 116 226.84 -247.01 128.10
N THR G 117 227.58 -247.71 127.25
CA THR G 117 229.00 -247.97 127.44
C THR G 117 229.87 -247.02 126.62
N ALA G 118 229.46 -245.75 126.50
CA ALA G 118 230.24 -244.79 125.74
C ALA G 118 231.37 -244.20 126.57
N HIS G 119 231.14 -243.99 127.87
CA HIS G 119 232.15 -243.42 128.76
C HIS G 119 232.01 -244.09 130.12
N TYR G 120 233.00 -244.90 130.48
CA TYR G 120 232.97 -245.61 131.77
C TYR G 120 234.41 -245.82 132.23
N HIS G 121 234.55 -246.02 133.54
CA HIS G 121 235.84 -246.24 134.17
C HIS G 121 235.95 -247.68 134.62
N THR G 122 237.01 -248.36 134.19
CA THR G 122 237.23 -249.75 134.55
C THR G 122 238.58 -249.94 135.24
N SER G 130 233.66 -247.69 137.83
CA SER G 130 232.94 -246.44 138.09
C SER G 130 232.17 -245.99 136.86
N SER G 131 231.63 -244.77 136.91
CA SER G 131 230.86 -244.19 135.82
C SER G 131 231.46 -242.84 135.47
N ALA G 132 232.05 -242.74 134.28
CA ALA G 132 232.65 -241.48 133.84
C ALA G 132 231.61 -240.61 133.15
N PRO G 133 231.55 -239.32 133.48
CA PRO G 133 230.55 -238.46 132.85
C PRO G 133 231.00 -238.01 131.47
N CYS G 134 230.03 -237.98 130.54
CA CYS G 134 230.32 -237.56 129.18
C CYS G 134 230.47 -236.04 129.09
N THR G 135 231.53 -235.59 128.45
CA THR G 135 231.79 -234.16 128.32
C THR G 135 230.97 -233.57 127.17
N GLY G 136 231.63 -233.36 126.02
CA GLY G 136 230.97 -232.79 124.86
C GLY G 136 230.52 -233.86 123.88
N VAL G 137 229.68 -233.43 122.94
CA VAL G 137 229.14 -234.31 121.91
CA VAL G 137 229.14 -234.31 121.91
C VAL G 137 228.92 -233.53 120.63
N VAL G 138 229.56 -233.96 119.55
CA VAL G 138 229.43 -233.29 118.27
C VAL G 138 228.21 -233.83 117.53
N CYS G 139 227.75 -233.08 116.52
CA CYS G 139 226.60 -233.46 115.73
C CYS G 139 226.96 -233.29 114.25
N ASN G 140 227.11 -234.42 113.56
CA ASN G 140 227.46 -234.41 112.14
CA ASN G 140 227.46 -234.41 112.14
C ASN G 140 226.83 -235.62 111.47
N ASN G 141 226.01 -235.36 110.45
CA ASN G 141 225.35 -236.45 109.74
C ASN G 141 226.33 -237.12 108.78
N PRO G 142 226.48 -238.44 108.81
CA PRO G 142 225.74 -239.33 109.73
C PRO G 142 226.67 -240.06 110.70
N GLU G 143 227.15 -239.35 111.72
CA GLU G 143 228.05 -239.93 112.72
C GLU G 143 227.70 -239.34 114.08
N ILE G 144 228.47 -239.75 115.09
CA ILE G 144 228.25 -239.28 116.45
C ILE G 144 229.58 -239.28 117.20
N VAL G 145 230.20 -238.10 117.31
CA VAL G 145 231.48 -237.95 118.00
C VAL G 145 231.23 -237.36 119.38
N THR G 146 231.73 -238.03 120.41
CA THR G 146 231.57 -237.58 121.78
C THR G 146 232.85 -237.86 122.56
N VAL G 147 232.91 -237.33 123.77
CA VAL G 147 234.08 -237.51 124.64
C VAL G 147 233.60 -237.50 126.08
N GLY G 148 234.37 -238.16 126.94
CA GLY G 148 234.04 -238.23 128.35
C GLY G 148 235.19 -237.87 129.26
N GLU G 149 235.03 -238.11 130.56
CA GLU G 149 236.07 -237.80 131.52
C GLU G 149 237.14 -238.90 131.63
N ASP G 150 236.90 -240.07 131.03
CA ASP G 150 237.85 -241.16 131.07
C ASP G 150 238.85 -241.13 129.92
N GLY G 151 238.78 -240.12 129.06
CA GLY G 151 239.72 -240.03 127.95
C GLY G 151 239.43 -240.97 126.80
N ARG G 152 238.15 -241.18 126.48
CA ARG G 152 237.76 -242.07 125.38
C ARG G 152 237.00 -241.26 124.34
N ILE G 153 237.54 -241.22 123.12
CA ILE G 153 236.92 -240.47 122.03
C ILE G 153 236.22 -241.44 121.10
N ASN G 154 234.98 -241.78 121.42
CA ASN G 154 234.19 -242.69 120.60
C ASN G 154 233.63 -241.97 119.38
N LEU G 155 233.36 -242.75 118.32
CA LEU G 155 232.82 -242.22 117.06
C LEU G 155 231.70 -243.16 116.61
N PHE G 156 230.52 -242.98 117.19
CA PHE G 156 229.37 -243.80 116.85
C PHE G 156 228.72 -243.29 115.57
N ARG G 157 227.71 -244.01 115.09
CA ARG G 157 226.99 -243.66 113.87
C ARG G 157 225.51 -243.97 114.07
N ALA G 158 224.73 -243.71 113.04
CA ALA G 158 223.29 -243.96 113.09
C ALA G 158 222.99 -245.43 112.81
N ASP G 159 222.05 -245.98 113.56
CA ASP G 159 221.63 -247.39 113.44
C ASP G 159 222.83 -248.33 113.60
N HIS G 160 223.58 -248.11 114.68
CA HIS G 160 224.75 -248.92 114.99
C HIS G 160 224.77 -249.21 116.48
N LYS G 161 224.98 -250.48 116.83
CA LYS G 161 225.03 -250.87 118.24
C LYS G 161 226.37 -250.50 118.88
N GLU G 162 227.46 -250.78 118.18
CA GLU G 162 228.80 -250.47 118.68
C GLU G 162 229.38 -249.28 117.94
N ALA G 163 230.43 -248.70 118.52
CA ALA G 163 231.09 -247.55 117.93
C ALA G 163 232.00 -247.98 116.79
N VAL G 164 232.17 -247.08 115.81
CA VAL G 164 233.02 -247.39 114.66
C VAL G 164 234.49 -247.21 115.02
N ARG G 165 234.81 -246.21 115.85
CA ARG G 165 236.19 -245.96 116.25
C ARG G 165 236.20 -245.38 117.66
N THR G 166 237.07 -245.91 118.51
CA THR G 166 237.20 -245.45 119.88
C THR G 166 238.68 -245.21 120.18
N ILE G 167 239.03 -243.96 120.41
CA ILE G 167 240.41 -243.57 120.71
C ILE G 167 240.54 -243.45 122.22
N ASP G 168 241.25 -244.40 122.84
CA ASP G 168 241.45 -244.41 124.28
C ASP G 168 242.71 -243.61 124.59
N ASN G 169 242.54 -242.34 124.92
CA ASN G 169 243.66 -241.47 125.25
C ASN G 169 244.16 -241.76 126.66
N ALA G 170 245.49 -241.81 126.82
CA ALA G 170 246.12 -242.07 128.10
C ALA G 170 246.59 -240.80 128.79
N ASP G 171 245.88 -239.69 128.58
CA ASP G 171 246.26 -238.43 129.19
C ASP G 171 245.78 -238.36 130.64
N SER G 172 246.51 -237.61 131.47
CA SER G 172 246.15 -237.47 132.87
C SER G 172 245.01 -236.49 133.09
N SER G 173 244.72 -235.62 132.13
CA SER G 173 243.65 -234.65 132.26
C SER G 173 242.34 -235.24 131.77
N THR G 174 241.29 -234.43 131.80
CA THR G 174 239.96 -234.85 131.36
C THR G 174 239.44 -233.87 130.31
N LEU G 175 238.69 -234.38 129.35
CA LEU G 175 238.14 -233.55 128.30
C LEU G 175 236.92 -232.79 128.79
N HIS G 176 236.64 -231.67 128.14
CA HIS G 176 235.50 -230.83 128.51
C HIS G 176 234.67 -230.49 127.28
N ALA G 177 235.32 -230.37 126.12
CA ALA G 177 234.63 -230.04 124.89
C ALA G 177 235.34 -230.71 123.73
N VAL G 178 234.66 -230.78 122.59
CA VAL G 178 235.20 -231.40 121.39
C VAL G 178 234.59 -230.73 120.15
N THR G 179 235.44 -230.14 119.32
CA THR G 179 235.02 -229.47 118.11
C THR G 179 235.51 -230.24 116.89
N PHE G 180 234.66 -230.31 115.85
CA PHE G 180 234.99 -231.02 114.63
C PHE G 180 235.22 -229.99 113.52
N LEU G 181 236.44 -230.00 112.96
CA LEU G 181 236.79 -229.08 111.89
C LEU G 181 236.50 -229.68 110.51
N ARG G 182 237.16 -230.79 110.18
CA ARG G 182 236.98 -231.46 108.91
C ARG G 182 236.60 -232.91 109.14
N THR G 183 235.90 -233.49 108.18
CA THR G 183 235.46 -234.88 108.28
C THR G 183 236.60 -235.80 107.87
N PRO G 184 237.05 -236.72 108.74
CA PRO G 184 236.50 -236.90 110.08
C PRO G 184 237.55 -236.70 111.18
N GLU G 185 238.16 -235.53 111.21
CA GLU G 185 239.19 -235.18 112.19
C GLU G 185 238.64 -234.11 113.12
N ILE G 186 238.43 -234.47 114.38
CA ILE G 186 237.90 -233.55 115.36
C ILE G 186 239.04 -233.10 116.27
N LEU G 187 238.78 -232.06 117.08
CA LEU G 187 239.77 -231.52 117.99
C LEU G 187 239.11 -231.29 119.34
N THR G 188 239.62 -231.94 120.38
CA THR G 188 239.09 -231.83 121.73
C THR G 188 240.03 -230.99 122.58
N VAL G 189 239.50 -230.54 123.72
CA VAL G 189 240.25 -229.72 124.68
C VAL G 189 240.22 -230.41 126.02
N ASN G 190 241.39 -230.54 126.65
CA ASN G 190 241.51 -231.19 127.94
C ASN G 190 241.33 -230.14 129.04
N SER G 191 241.61 -230.54 130.29
CA SER G 191 241.49 -229.66 131.44
C SER G 191 242.79 -228.94 131.77
N ILE G 192 243.80 -229.05 130.92
CA ILE G 192 245.09 -228.41 131.14
C ILE G 192 245.34 -227.29 130.14
N GLY G 193 244.32 -226.87 129.41
CA GLY G 193 244.48 -225.81 128.44
C GLY G 193 245.11 -226.21 127.13
N GLN G 194 245.15 -227.52 126.84
CA GLN G 194 245.74 -228.03 125.61
C GLN G 194 244.64 -228.47 124.65
N LEU G 195 244.92 -228.32 123.36
CA LEU G 195 243.98 -228.70 122.30
C LEU G 195 244.66 -229.73 121.40
N LYS G 196 244.20 -230.98 121.50
CA LYS G 196 244.76 -232.07 120.71
C LYS G 196 243.82 -232.41 119.55
N ILE G 197 244.42 -232.68 118.39
CA ILE G 197 243.67 -233.02 117.18
C ILE G 197 243.92 -234.48 116.87
N TRP G 198 242.83 -235.24 116.72
CA TRP G 198 242.90 -236.66 116.42
C TRP G 198 242.09 -236.96 115.17
N ASP G 199 242.20 -238.22 114.70
CA ASP G 199 241.49 -238.67 113.52
C ASP G 199 240.91 -240.05 113.78
N PHE G 200 239.74 -240.29 113.19
CA PHE G 200 239.06 -241.57 113.35
C PHE G 200 239.67 -242.68 112.50
N ARG G 201 240.33 -242.32 111.40
CA ARG G 201 240.96 -243.30 110.51
C ARG G 201 242.47 -243.41 110.72
N GLN G 202 242.97 -242.88 111.85
CA GLN G 202 244.39 -242.92 112.16
C GLN G 202 244.70 -244.11 113.05
N GLN G 203 245.94 -244.58 112.98
CA GLN G 203 246.39 -245.70 113.79
C GLN G 203 246.96 -245.22 115.12
N GLY G 204 246.74 -246.00 116.16
CA GLY G 204 247.23 -245.65 117.48
C GLY G 204 246.23 -244.83 118.28
N ASN G 205 246.70 -244.37 119.44
CA ASN G 205 245.89 -243.56 120.34
C ASN G 205 246.53 -242.20 120.65
N GLU G 206 247.45 -241.75 119.79
CA GLU G 206 248.12 -240.48 119.99
C GLU G 206 247.58 -239.42 119.03
N PRO G 207 247.66 -238.15 119.39
CA PRO G 207 247.16 -237.09 118.53
C PRO G 207 248.21 -236.62 117.52
N SER G 208 247.71 -236.05 116.42
CA SER G 208 248.58 -235.57 115.37
C SER G 208 249.22 -234.23 115.75
N GLN G 209 248.45 -233.32 116.34
CA GLN G 209 248.93 -232.02 116.75
C GLN G 209 248.51 -231.74 118.19
N ILE G 210 249.28 -230.88 118.84
CA ILE G 210 249.03 -230.49 120.23
C ILE G 210 249.31 -229.00 120.37
N LEU G 211 248.29 -228.24 120.76
CA LEU G 211 248.41 -226.80 120.94
C LEU G 211 247.90 -226.43 122.33
N SER G 212 248.79 -225.94 123.18
CA SER G 212 248.47 -225.54 124.53
C SER G 212 248.72 -224.04 124.70
N LEU G 213 248.42 -223.54 125.90
CA LEU G 213 248.60 -222.12 126.20
C LEU G 213 249.92 -221.89 126.93
N THR G 214 249.89 -221.06 127.98
CA THR G 214 251.10 -220.78 128.74
C THR G 214 251.44 -221.94 129.69
N GLY G 215 250.56 -222.18 130.66
CA GLY G 215 250.78 -223.25 131.62
C GLY G 215 249.65 -224.26 131.64
N ASP G 216 249.66 -225.12 132.67
CA ASP G 216 248.63 -226.15 132.83
C ASP G 216 247.61 -225.80 133.91
N ARG G 217 247.59 -224.55 134.37
CA ARG G 217 246.65 -224.13 135.40
C ARG G 217 245.31 -223.70 134.84
N VAL G 218 245.28 -223.19 133.61
CA VAL G 218 244.03 -222.76 132.99
C VAL G 218 243.30 -223.98 132.44
N PRO G 219 241.97 -224.03 132.53
CA PRO G 219 241.25 -225.19 132.01
C PRO G 219 240.20 -224.81 130.99
N LEU G 220 240.34 -225.31 129.76
CA LEU G 220 239.40 -225.01 128.70
C LEU G 220 238.11 -225.80 128.89
N HIS G 221 236.98 -225.14 128.63
CA HIS G 221 235.67 -225.77 128.76
C HIS G 221 234.84 -225.74 127.49
N CYS G 222 235.12 -224.84 126.56
CA CYS G 222 234.38 -224.74 125.32
C CYS G 222 235.34 -224.76 124.13
N VAL G 223 234.87 -225.30 123.02
CA VAL G 223 235.67 -225.40 121.80
C VAL G 223 234.73 -225.40 120.61
N ASP G 224 234.97 -224.49 119.67
CA ASP G 224 234.15 -224.38 118.47
C ASP G 224 234.98 -223.78 117.35
N ARG G 225 234.78 -224.29 116.14
CA ARG G 225 235.49 -223.83 114.96
C ARG G 225 234.62 -222.91 114.12
N HIS G 226 235.25 -222.24 113.16
CA HIS G 226 234.54 -221.34 112.28
C HIS G 226 233.80 -222.10 111.19
N PRO G 227 232.80 -221.47 110.58
CA PRO G 227 232.03 -222.17 109.52
C PRO G 227 232.72 -222.08 108.17
N ASN G 228 233.44 -220.98 107.94
CA ASN G 228 234.14 -220.75 106.68
C ASN G 228 235.59 -221.21 106.72
N GLN G 229 236.28 -220.99 107.83
CA GLN G 229 237.68 -221.38 107.98
C GLN G 229 237.75 -222.67 108.80
N GLN G 230 238.33 -223.71 108.20
CA GLN G 230 238.45 -225.00 108.88
C GLN G 230 239.67 -225.07 109.80
N HIS G 231 240.58 -224.09 109.72
CA HIS G 231 241.77 -224.08 110.56
CA HIS G 231 241.77 -224.08 110.56
C HIS G 231 241.64 -223.18 111.78
N VAL G 232 240.76 -222.20 111.73
CA VAL G 232 240.56 -221.27 112.84
C VAL G 232 239.51 -221.84 113.78
N VAL G 233 239.77 -221.74 115.08
CA VAL G 233 238.86 -222.25 116.10
C VAL G 233 239.01 -221.40 117.36
N ALA G 234 237.90 -221.12 118.01
CA ALA G 234 237.87 -220.33 119.23
C ALA G 234 237.59 -221.22 120.43
N THR G 235 238.26 -220.92 121.54
CA THR G 235 238.10 -221.69 122.77
C THR G 235 238.10 -220.75 123.96
N GLY G 236 237.58 -221.24 125.08
CA GLY G 236 237.52 -220.46 126.30
C GLY G 236 238.03 -221.20 127.51
N GLY G 237 238.99 -220.60 128.22
CA GLY G 237 239.57 -221.21 129.40
C GLY G 237 238.72 -220.98 130.64
N GLN G 238 239.35 -221.20 131.80
CA GLN G 238 238.71 -221.02 133.09
CA GLN G 238 238.71 -221.02 133.09
C GLN G 238 238.90 -219.62 133.65
N ASP G 239 239.46 -218.70 132.88
CA ASP G 239 239.68 -217.33 133.33
C ASP G 239 238.82 -216.31 132.60
N GLY G 240 238.08 -216.71 131.57
CA GLY G 240 237.25 -215.78 130.83
C GLY G 240 237.91 -215.12 129.65
N MET G 241 239.07 -215.59 129.23
CA MET G 241 239.79 -215.02 128.09
C MET G 241 239.51 -215.85 126.85
N LEU G 242 238.97 -215.20 125.82
CA LEU G 242 238.65 -215.89 124.57
C LEU G 242 239.92 -216.04 123.73
N SER G 243 240.39 -217.27 123.60
CA SER G 243 241.59 -217.57 122.83
C SER G 243 241.21 -218.09 121.46
N ILE G 244 241.75 -217.45 120.42
CA ILE G 244 241.49 -217.84 119.03
C ILE G 244 242.82 -218.33 118.46
N TRP G 245 242.96 -219.65 118.37
CA TRP G 245 244.17 -220.28 117.86
C TRP G 245 243.90 -220.90 116.49
N ASP G 246 244.98 -221.29 115.82
CA ASP G 246 244.92 -221.90 114.51
C ASP G 246 245.59 -223.26 114.53
N VAL G 247 245.25 -224.09 113.55
CA VAL G 247 245.82 -225.44 113.45
C VAL G 247 247.08 -225.50 112.61
N ARG G 248 247.46 -224.39 111.99
CA ARG G 248 248.66 -224.33 111.15
C ARG G 248 249.40 -223.03 111.39
N GLN G 249 249.61 -222.68 112.66
CA GLN G 249 250.30 -221.46 113.04
C GLN G 249 251.00 -221.70 114.39
N GLY G 250 251.87 -222.69 114.43
CA GLY G 250 252.59 -223.02 115.65
C GLY G 250 251.80 -223.88 116.61
N THR G 251 252.04 -223.73 117.91
CA THR G 251 251.35 -224.51 118.92
C THR G 251 250.81 -223.62 120.04
N MET G 252 250.62 -222.34 119.80
CA MET G 252 250.12 -221.42 120.81
C MET G 252 248.92 -220.65 120.26
N PRO G 253 248.37 -219.71 121.03
CA PRO G 253 247.21 -218.95 120.54
C PRO G 253 247.62 -217.71 119.76
N VAL G 254 246.86 -217.43 118.70
CA VAL G 254 247.17 -216.26 117.87
C VAL G 254 246.66 -214.98 118.52
N SER G 255 245.59 -215.07 119.31
CA SER G 255 245.02 -213.89 119.97
C SER G 255 244.40 -214.32 121.29
N LEU G 256 244.80 -213.67 122.37
CA LEU G 256 244.29 -213.95 123.71
C LEU G 256 243.78 -212.65 124.31
N LEU G 257 242.46 -212.43 124.24
CA LEU G 257 241.83 -211.24 124.76
C LEU G 257 240.88 -211.61 125.89
N LYS G 258 240.99 -210.90 127.01
CA LYS G 258 240.14 -211.16 128.15
C LYS G 258 238.74 -210.58 127.92
N ALA G 259 237.77 -211.10 128.67
CA ALA G 259 236.39 -210.64 128.55
C ALA G 259 235.72 -210.60 129.92
N HIS G 260 235.36 -211.76 130.46
CA HIS G 260 234.70 -211.84 131.75
C HIS G 260 235.74 -212.12 132.84
N GLU G 261 235.26 -212.45 134.04
CA GLU G 261 236.15 -212.74 135.17
C GLU G 261 236.06 -214.18 135.66
N ALA G 262 234.97 -214.87 135.39
CA ALA G 262 234.80 -216.25 135.82
C ALA G 262 235.21 -217.20 134.69
N GLU G 263 234.85 -218.47 134.81
CA GLU G 263 235.19 -219.45 133.79
C GLU G 263 234.23 -219.35 132.61
N MET G 264 234.76 -219.62 131.42
CA MET G 264 233.96 -219.55 130.19
C MET G 264 233.12 -220.81 130.06
N TRP G 265 231.80 -220.64 129.99
CA TRP G 265 230.90 -221.78 129.87
C TRP G 265 230.88 -222.30 128.43
N GLU G 266 230.08 -221.67 127.57
CA GLU G 266 229.97 -222.07 126.18
C GLU G 266 230.33 -220.90 125.28
N VAL G 267 230.86 -221.22 124.10
CA VAL G 267 231.26 -220.20 123.13
C VAL G 267 231.12 -220.77 121.73
N HIS G 268 230.29 -220.14 120.90
CA HIS G 268 230.08 -220.57 119.53
C HIS G 268 229.73 -219.37 118.67
N PHE G 269 230.20 -219.38 117.43
CA PHE G 269 229.95 -218.30 116.49
C PHE G 269 228.70 -218.59 115.66
N HIS G 270 228.32 -217.59 114.86
CA HIS G 270 227.15 -217.74 114.01
C HIS G 270 227.49 -218.51 112.74
N PRO G 271 226.54 -219.26 112.18
CA PRO G 271 226.82 -220.02 110.95
C PRO G 271 226.63 -219.18 109.70
N SER G 272 225.80 -218.14 109.80
CA SER G 272 225.55 -217.27 108.65
C SER G 272 226.70 -216.29 108.43
N ASN G 273 227.04 -215.53 109.47
CA ASN G 273 228.11 -214.55 109.39
C ASN G 273 229.23 -214.95 110.35
N PRO G 274 230.48 -215.00 109.88
CA PRO G 274 231.59 -215.37 110.78
C PRO G 274 232.14 -214.22 111.60
N GLU G 275 231.66 -213.00 111.40
CA GLU G 275 232.17 -211.86 112.16
C GLU G 275 231.55 -211.81 113.56
N HIS G 276 230.27 -212.14 113.67
CA HIS G 276 229.57 -212.12 114.96
C HIS G 276 229.79 -213.45 115.68
N LEU G 277 230.05 -213.37 116.98
CA LEU G 277 230.27 -214.56 117.79
C LEU G 277 229.85 -214.26 119.22
N PHE G 278 229.14 -215.22 119.82
CA PHE G 278 228.66 -215.11 121.19
C PHE G 278 229.43 -216.06 122.09
N THR G 279 229.50 -215.71 123.37
CA THR G 279 230.19 -216.52 124.36
C THR G 279 229.53 -216.34 125.71
N CYS G 280 229.43 -217.43 126.47
CA CYS G 280 228.82 -217.42 127.79
C CYS G 280 229.88 -217.74 128.83
N SER G 281 229.78 -217.09 129.99
CA SER G 281 230.71 -217.28 131.09
C SER G 281 229.94 -217.70 132.35
N GLU G 282 230.69 -217.91 133.44
CA GLU G 282 230.12 -218.33 134.71
C GLU G 282 229.87 -217.15 135.64
N ASP G 283 229.81 -215.93 135.10
CA ASP G 283 229.56 -214.74 135.90
C ASP G 283 228.20 -214.10 135.65
N GLY G 284 227.48 -214.52 134.61
CA GLY G 284 226.18 -213.95 134.32
C GLY G 284 226.24 -212.83 133.32
N SER G 285 226.87 -213.06 132.17
CA SER G 285 227.00 -212.05 131.12
CA SER G 285 227.00 -212.05 131.12
C SER G 285 227.10 -212.75 129.78
N LEU G 286 226.18 -212.46 128.88
CA LEU G 286 226.14 -213.04 127.55
CA LEU G 286 226.14 -213.04 127.55
C LEU G 286 226.62 -211.99 126.55
N TRP G 287 227.94 -211.86 126.45
CA TRP G 287 228.54 -210.89 125.54
C TRP G 287 228.50 -211.41 124.11
N HIS G 288 228.26 -210.51 123.16
CA HIS G 288 228.19 -210.84 121.74
C HIS G 288 229.21 -209.99 121.01
N TRP G 289 230.35 -210.58 120.69
CA TRP G 289 231.41 -209.87 119.98
C TRP G 289 231.06 -209.72 118.51
N ASP G 290 231.44 -208.58 117.93
CA ASP G 290 231.18 -208.27 116.52
C ASP G 290 232.46 -207.70 115.92
N ALA G 291 233.14 -208.51 115.11
CA ALA G 291 234.37 -208.10 114.45
C ALA G 291 234.14 -207.58 113.04
N SER G 292 232.90 -207.20 112.71
CA SER G 292 232.58 -206.70 111.38
C SER G 292 233.01 -205.24 111.24
N SER G 329 238.31 -209.77 111.01
CA SER G 329 238.83 -211.12 111.13
C SER G 329 239.32 -211.41 112.55
N TRP G 330 239.18 -212.65 112.99
CA TRP G 330 239.60 -213.05 114.33
C TRP G 330 241.09 -213.38 114.41
N LEU G 331 241.76 -213.54 113.26
CA LEU G 331 243.18 -213.86 113.24
C LEU G 331 244.07 -212.62 113.13
N SER G 332 243.48 -211.42 113.04
CA SER G 332 244.25 -210.19 112.93
C SER G 332 244.78 -209.76 114.29
N ARG G 339 239.26 -203.33 115.96
CA ARG G 339 238.39 -202.89 117.03
C ARG G 339 237.11 -203.71 117.07
N ILE G 340 237.08 -204.70 117.96
CA ILE G 340 235.92 -205.58 118.12
C ILE G 340 234.93 -204.92 119.07
N GLU G 341 233.66 -204.93 118.70
CA GLU G 341 232.60 -204.35 119.51
C GLU G 341 231.89 -205.45 120.29
N ILE G 342 231.87 -205.32 121.61
CA ILE G 342 231.22 -206.29 122.49
C ILE G 342 229.99 -205.66 123.09
N THR G 343 228.90 -206.44 123.14
CA THR G 343 227.63 -205.98 123.69
C THR G 343 227.01 -207.12 124.48
N SER G 344 226.76 -206.88 125.77
CA SER G 344 226.17 -207.89 126.64
C SER G 344 224.65 -207.89 126.45
N LEU G 345 224.11 -209.06 126.09
CA LEU G 345 222.67 -209.17 125.89
C LEU G 345 221.91 -209.21 127.21
N LEU G 346 222.51 -209.80 128.25
CA LEU G 346 221.87 -209.88 129.55
C LEU G 346 222.62 -209.01 130.57
N PRO G 347 221.95 -208.60 131.65
CA PRO G 347 222.61 -207.77 132.66
C PRO G 347 223.16 -208.58 133.82
N SER G 348 223.15 -208.00 135.01
CA SER G 348 223.65 -208.68 136.20
C SER G 348 222.50 -209.42 136.86
C SER G 348 222.58 -209.43 136.96
N ARG G 349 222.41 -209.34 138.19
N ARG G 349 221.34 -208.95 136.96
CA ARG G 349 221.29 -209.92 138.94
CA ARG G 349 220.29 -209.51 137.81
C ARG G 349 221.15 -211.42 138.73
C ARG G 349 219.94 -210.95 137.42
N SER G 350 220.88 -211.83 137.48
N SER G 350 220.93 -211.84 137.50
CA SER G 350 220.74 -213.25 137.17
CA SER G 350 220.75 -213.25 137.17
C SER G 350 222.02 -214.00 137.50
N LEU G 351 221.88 -215.31 137.67
CA LEU G 351 223.01 -216.17 138.01
C LEU G 351 223.83 -216.45 136.75
N SER G 352 224.70 -217.46 136.82
CA SER G 352 225.54 -217.81 135.69
C SER G 352 224.72 -218.50 134.60
N VAL G 353 225.26 -218.48 133.38
CA VAL G 353 224.62 -219.10 132.23
C VAL G 353 225.33 -220.41 131.92
N ASN G 354 224.62 -221.31 131.23
CA ASN G 354 225.17 -222.61 130.85
C ASN G 354 225.57 -222.66 129.39
N THR G 355 224.61 -222.49 128.48
CA THR G 355 224.88 -222.52 127.05
C THR G 355 224.05 -221.45 126.36
N LEU G 356 224.35 -221.24 125.08
CA LEU G 356 223.65 -220.25 124.29
C LEU G 356 223.66 -220.68 122.82
N ASP G 357 222.51 -220.58 122.17
CA ASP G 357 222.35 -220.98 120.78
C ASP G 357 222.10 -219.74 119.92
N VAL G 358 222.59 -219.82 118.67
CA VAL G 358 222.42 -218.74 117.71
CA VAL G 358 222.42 -218.74 117.71
C VAL G 358 222.17 -219.33 116.33
N LEU G 359 221.04 -218.95 115.71
CA LEU G 359 220.67 -219.44 114.38
C LEU G 359 220.21 -218.23 113.55
N GLY G 360 221.17 -217.38 113.20
CA GLY G 360 220.90 -216.22 112.38
C GLY G 360 220.30 -215.08 113.16
N PRO G 361 218.96 -214.96 113.12
CA PRO G 361 218.30 -213.85 113.81
C PRO G 361 217.80 -214.17 115.21
N CYS G 362 217.68 -215.44 115.57
CA CYS G 362 217.20 -215.81 116.88
C CYS G 362 218.36 -216.14 117.81
N LEU G 363 218.12 -216.02 119.12
CA LEU G 363 219.13 -216.30 120.12
CA LEU G 363 219.13 -216.30 120.12
C LEU G 363 218.45 -216.86 121.36
N VAL G 364 218.82 -218.07 121.76
CA VAL G 364 218.26 -218.73 122.93
C VAL G 364 219.40 -219.12 123.85
N CYS G 365 219.20 -218.91 125.14
CA CYS G 365 220.22 -219.24 126.14
C CYS G 365 219.54 -219.72 127.42
N GLY G 366 220.32 -220.36 128.27
CA GLY G 366 219.80 -220.87 129.53
C GLY G 366 220.68 -220.44 130.69
N THR G 367 220.03 -220.03 131.77
CA THR G 367 220.71 -219.59 132.98
C THR G 367 220.52 -220.62 134.09
N ASP G 368 221.27 -220.43 135.18
CA ASP G 368 221.21 -221.32 136.33
C ASP G 368 220.12 -220.93 137.32
N ALA G 369 219.43 -219.81 137.11
CA ALA G 369 218.36 -219.35 138.00
C ALA G 369 216.98 -219.73 137.48
N GLU G 370 216.88 -220.89 136.82
CA GLU G 370 215.61 -221.38 136.27
C GLU G 370 215.00 -220.37 135.29
N ALA G 371 215.84 -219.87 134.38
CA ALA G 371 215.42 -218.90 133.39
C ALA G 371 215.93 -219.32 132.01
N ILE G 372 215.24 -218.84 130.98
CA ILE G 372 215.59 -219.15 129.60
C ILE G 372 215.30 -217.90 128.77
N TYR G 373 216.35 -217.19 128.37
CA TYR G 373 216.20 -215.98 127.58
C TYR G 373 216.07 -216.31 126.10
N VAL G 374 215.13 -215.66 125.44
CA VAL G 374 214.88 -215.87 124.01
C VAL G 374 214.71 -214.51 123.35
N THR G 375 215.31 -214.36 122.17
CA THR G 375 215.23 -213.10 121.43
C THR G 375 215.31 -213.43 119.94
N ARG G 376 214.20 -213.25 119.23
CA ARG G 376 214.12 -213.54 117.80
C ARG G 376 214.42 -212.32 116.94
N HIS G 377 214.98 -211.25 117.52
CA HIS G 377 215.33 -210.03 116.79
C HIS G 377 216.66 -209.51 117.32
N LEU G 378 217.74 -210.18 116.94
CA LEU G 378 219.08 -209.77 117.39
CA LEU G 378 219.08 -209.77 117.39
C LEU G 378 219.63 -208.63 116.55
N PHE G 379 219.21 -208.52 115.29
CA PHE G 379 219.69 -207.47 114.38
C PHE G 379 218.53 -206.59 113.91
N SER G 380 217.47 -206.50 114.70
CA SER G 380 216.31 -205.69 114.34
C SER G 380 215.65 -205.11 115.58
N LYS H 78 100.57 -179.22 165.19
CA LYS H 78 100.49 -179.28 163.74
C LYS H 78 100.33 -180.72 163.25
N TYR H 79 100.59 -181.67 164.14
CA TYR H 79 100.47 -183.08 163.78
C TYR H 79 99.02 -183.53 163.81
N SER H 80 98.23 -183.05 164.78
CA SER H 80 96.84 -183.43 164.87
C SER H 80 95.95 -182.69 163.89
N GLU H 81 96.39 -181.53 163.40
CA GLU H 81 95.62 -180.73 162.45
C GLU H 81 96.13 -180.88 161.01
N SER H 82 97.00 -181.86 160.76
CA SER H 82 97.52 -182.05 159.41
C SER H 82 96.53 -182.80 158.53
N ALA H 83 96.07 -183.96 158.97
CA ALA H 83 95.12 -184.77 158.24
C ALA H 83 93.87 -185.01 159.08
N GLY H 84 92.73 -185.13 158.41
CA GLY H 84 91.47 -185.37 159.09
C GLY H 84 90.27 -185.28 158.17
N GLY H 85 90.10 -184.14 157.52
CA GLY H 85 88.99 -183.94 156.61
C GLY H 85 87.75 -183.42 157.30
N PHE H 86 87.14 -182.38 156.73
CA PHE H 86 85.94 -181.81 157.32
C PHE H 86 84.70 -182.64 157.01
N TYR H 87 84.60 -183.16 155.78
CA TYR H 87 83.47 -183.97 155.38
C TYR H 87 83.95 -185.01 154.36
N TYR H 88 82.99 -185.73 153.79
CA TYR H 88 83.31 -186.76 152.80
C TYR H 88 82.12 -186.89 151.85
N VAL H 89 82.41 -186.82 150.55
CA VAL H 89 81.40 -186.93 149.51
C VAL H 89 81.83 -188.01 148.52
N GLU H 90 80.87 -188.84 148.11
CA GLU H 90 81.13 -189.92 147.16
C GLU H 90 79.97 -189.96 146.16
N SER H 91 80.26 -189.66 144.90
CA SER H 91 79.25 -189.67 143.86
C SER H 91 79.25 -191.01 143.12
N GLY H 92 78.40 -191.11 142.11
CA GLY H 92 78.30 -192.32 141.32
C GLY H 92 77.02 -192.41 140.51
N LYS H 93 77.13 -192.20 139.20
CA LYS H 93 75.99 -192.24 138.30
C LYS H 93 75.97 -193.56 137.52
N LEU H 94 74.80 -193.86 136.97
CA LEU H 94 74.62 -195.09 136.19
C LEU H 94 73.58 -194.83 135.12
N PHE H 95 73.94 -195.07 133.86
CA PHE H 95 73.04 -194.86 132.75
C PHE H 95 72.09 -196.05 132.60
N SER H 96 70.88 -195.75 132.13
CA SER H 96 69.84 -196.76 131.92
C SER H 96 69.77 -197.21 130.47
N VAL H 97 70.88 -197.13 129.73
CA VAL H 97 70.94 -197.54 128.34
C VAL H 97 71.99 -198.61 128.11
N THR H 98 73.22 -198.36 128.58
CA THR H 98 74.31 -199.31 128.43
C THR H 98 74.95 -199.69 129.76
N ARG H 99 74.38 -199.26 130.88
CA ARG H 99 74.87 -199.56 132.22
C ARG H 99 76.33 -199.10 132.37
N ASN H 100 76.52 -197.78 132.22
CA ASN H 100 77.84 -197.18 132.33
C ASN H 100 78.11 -196.83 133.80
N ARG H 101 79.15 -197.44 134.37
CA ARG H 101 79.53 -197.20 135.75
C ARG H 101 80.69 -196.22 135.80
N PHE H 102 80.57 -195.20 136.65
CA PHE H 102 81.62 -194.18 136.80
C PHE H 102 81.54 -193.64 138.23
N ILE H 103 82.22 -194.33 139.15
CA ILE H 103 82.23 -193.94 140.55
C ILE H 103 83.60 -193.35 140.88
N HIS H 104 83.60 -192.35 141.77
CA HIS H 104 84.82 -191.68 142.18
C HIS H 104 84.64 -191.16 143.60
N TRP H 105 85.71 -191.22 144.37
CA TRP H 105 85.71 -190.75 145.76
C TRP H 105 86.40 -189.40 145.87
N LYS H 106 86.06 -188.68 146.94
CA LYS H 106 86.63 -187.37 147.20
C LYS H 106 86.85 -187.20 148.70
N THR H 107 87.79 -186.32 149.05
CA THR H 107 88.13 -186.05 150.43
C THR H 107 88.24 -184.54 150.64
N SER H 108 88.11 -184.13 151.90
CA SER H 108 88.18 -182.74 152.30
C SER H 108 89.49 -182.48 153.05
N GLY H 109 89.55 -181.35 153.74
CA GLY H 109 90.72 -180.97 154.51
C GLY H 109 91.32 -179.66 154.00
N ASP H 110 92.65 -179.58 154.01
CA ASP H 110 93.32 -178.36 153.55
C ASP H 110 93.34 -178.27 152.02
N THR H 111 93.26 -179.39 151.32
CA THR H 111 93.27 -179.41 149.88
C THR H 111 92.20 -180.37 149.37
N LEU H 112 91.64 -180.04 148.21
CA LEU H 112 90.59 -180.86 147.60
C LEU H 112 91.24 -182.07 146.94
N GLU H 113 91.05 -183.25 147.54
CA GLU H 113 91.60 -184.49 147.04
C GLU H 113 90.50 -185.33 146.41
N LEU H 114 90.87 -186.09 145.38
CA LEU H 114 89.93 -186.95 144.67
C LEU H 114 90.68 -188.16 144.12
N MET H 115 90.09 -189.33 144.29
CA MET H 115 90.68 -190.58 143.82
C MET H 115 89.61 -191.44 143.20
N GLU H 116 90.02 -192.28 142.25
CA GLU H 116 89.11 -193.18 141.55
C GLU H 116 88.95 -194.46 142.35
N GLU H 117 87.70 -194.78 142.70
CA GLU H 117 87.39 -195.98 143.47
C GLU H 117 86.09 -196.58 142.95
N SER H 118 86.08 -196.95 141.68
CA SER H 118 84.90 -197.54 141.05
C SER H 118 84.95 -199.06 141.19
N LEU H 119 84.11 -199.76 140.43
CA LEU H 119 84.06 -201.21 140.48
C LEU H 119 83.60 -201.75 139.13
N ASP H 120 84.21 -201.26 138.05
CA ASP H 120 83.85 -201.68 136.70
C ASP H 120 84.95 -202.55 136.11
N ASN H 122 89.48 -198.78 133.09
CA ASN H 122 88.95 -198.54 134.43
C ASN H 122 89.84 -199.17 135.49
N LEU H 123 91.08 -199.46 135.12
CA LEU H 123 92.05 -200.07 136.03
C LEU H 123 93.16 -199.11 136.44
N LEU H 124 93.80 -198.47 135.46
CA LEU H 124 94.88 -197.52 135.75
C LEU H 124 94.29 -196.22 136.25
N ASN H 125 94.55 -195.89 137.51
CA ASN H 125 94.04 -194.67 138.12
C ASN H 125 95.20 -193.90 138.76
N ASN H 126 94.92 -192.66 139.16
CA ASN H 126 95.93 -191.82 139.78
C ASN H 126 95.24 -190.88 140.76
N ALA H 127 95.95 -190.53 141.84
CA ALA H 127 95.42 -189.64 142.84
C ALA H 127 95.52 -188.19 142.39
N ILE H 128 94.44 -187.43 142.60
CA ILE H 128 94.37 -186.03 142.22
C ILE H 128 94.27 -185.19 143.49
N ARG H 129 95.00 -184.07 143.50
CA ARG H 129 95.00 -183.16 144.65
C ARG H 129 94.90 -181.74 144.11
N LEU H 130 93.74 -181.11 144.30
CA LEU H 130 93.50 -179.75 143.83
C LEU H 130 93.69 -178.79 145.00
N LYS H 131 94.71 -177.94 144.91
CA LYS H 131 94.98 -176.98 145.97
C LYS H 131 94.01 -175.81 145.89
N PHE H 132 93.60 -175.32 147.05
CA PHE H 132 92.66 -174.21 147.16
C PHE H 132 93.36 -173.01 147.79
N GLN H 133 92.61 -171.91 147.92
CA GLN H 133 93.14 -170.70 148.51
C GLN H 133 92.90 -170.62 150.01
N ASN H 134 91.73 -171.06 150.48
CA ASN H 134 91.38 -171.04 151.89
C ASN H 134 90.78 -172.38 152.31
N CYS H 135 91.42 -173.47 151.88
CA CYS H 135 90.98 -174.83 152.19
C CYS H 135 89.54 -175.05 151.75
N SER H 136 88.61 -175.08 152.72
CA SER H 136 87.18 -175.29 152.45
C SER H 136 86.38 -174.47 153.47
N VAL H 137 86.41 -173.15 153.31
CA VAL H 137 85.69 -172.24 154.20
C VAL H 137 84.24 -172.19 153.75
N LEU H 138 83.34 -172.77 154.55
CA LEU H 138 81.92 -172.78 154.23
C LEU H 138 81.09 -172.73 155.51
N PRO H 139 79.86 -173.24 155.50
CA PRO H 139 79.05 -173.21 156.71
C PRO H 139 79.35 -174.37 157.65
N GLY H 140 79.67 -175.53 157.07
CA GLY H 140 79.99 -176.70 157.88
C GLY H 140 80.27 -177.93 157.03
N GLY H 141 79.21 -178.57 156.54
CA GLY H 141 79.37 -179.75 155.72
C GLY H 141 78.89 -179.57 154.30
N VAL H 142 78.92 -178.33 153.81
CA VAL H 142 78.49 -178.02 152.45
C VAL H 142 79.69 -178.02 151.52
N TYR H 143 79.58 -177.30 150.40
CA TYR H 143 80.64 -177.20 149.40
C TYR H 143 81.05 -178.58 148.89
N VAL H 144 80.07 -179.41 148.59
CA VAL H 144 80.33 -180.76 148.09
C VAL H 144 79.17 -181.19 147.19
N SER H 145 79.28 -180.86 145.90
CA SER H 145 78.25 -181.20 144.92
C SER H 145 78.91 -181.84 143.69
N GLU H 146 78.23 -182.83 143.12
CA GLU H 146 78.75 -183.52 141.94
C GLU H 146 77.58 -183.92 141.06
N THR H 147 77.70 -183.67 139.77
CA THR H 147 76.65 -184.01 138.82
C THR H 147 76.81 -185.46 138.35
N GLN H 148 75.97 -185.86 137.40
CA GLN H 148 76.03 -187.21 136.87
C GLN H 148 77.20 -187.40 135.91
N ASN H 149 77.62 -186.34 135.22
CA ASN H 149 78.73 -186.44 134.30
C ASN H 149 80.06 -186.40 135.04
N ARG H 150 81.09 -186.98 134.41
CA ARG H 150 82.43 -187.04 134.96
C ARG H 150 83.36 -186.18 134.12
N VAL H 151 83.99 -185.19 134.75
CA VAL H 151 83.81 -184.95 136.17
C VAL H 151 83.36 -183.51 136.42
N ILE H 152 82.08 -183.36 136.77
CA ILE H 152 81.49 -182.05 137.04
C ILE H 152 81.35 -181.90 138.55
N ILE H 153 82.21 -181.08 139.14
CA ILE H 153 82.19 -180.84 140.59
C ILE H 153 82.00 -179.35 140.83
N LEU H 154 81.45 -179.03 141.99
CA LEU H 154 81.19 -177.65 142.39
C LEU H 154 81.45 -177.51 143.88
N MET H 155 82.33 -176.58 144.24
CA MET H 155 82.67 -176.33 145.63
C MET H 155 82.54 -174.83 145.92
N LEU H 156 82.74 -174.47 147.19
CA LEU H 156 82.64 -173.07 147.61
C LEU H 156 83.59 -172.87 148.78
N THR H 157 84.65 -172.09 148.57
CA THR H 157 85.64 -171.81 149.60
C THR H 157 85.88 -170.31 149.66
N ASN H 158 85.84 -169.76 150.88
CA ASN H 158 86.06 -168.33 151.11
C ASN H 158 85.07 -167.49 150.31
N GLN H 159 83.81 -167.90 150.31
CA GLN H 159 82.73 -167.21 149.60
C GLN H 159 83.06 -167.06 148.12
N THR H 160 83.41 -168.18 147.49
CA THR H 160 83.75 -168.19 146.07
C THR H 160 83.36 -169.54 145.49
N VAL H 161 82.31 -169.56 144.68
CA VAL H 161 81.83 -170.80 144.08
C VAL H 161 82.76 -171.18 142.93
N HIS H 162 83.17 -172.45 142.90
CA HIS H 162 84.05 -172.97 141.87
C HIS H 162 83.31 -173.99 141.01
N ARG H 163 83.85 -174.21 139.82
CA ARG H 163 83.26 -175.16 138.87
C ARG H 163 84.39 -175.84 138.11
N LEU H 164 84.66 -177.09 138.44
CA LEU H 164 85.71 -177.87 137.80
C LEU H 164 85.08 -178.85 136.80
N LEU H 165 85.51 -178.77 135.55
CA LEU H 165 85.00 -179.63 134.48
C LEU H 165 86.18 -180.28 133.79
N LEU H 166 86.38 -181.57 134.02
CA LEU H 166 87.47 -182.31 133.41
C LEU H 166 87.04 -183.75 133.24
N PRO H 167 87.87 -184.59 132.61
CA PRO H 167 87.50 -186.00 132.43
C PRO H 167 88.32 -186.93 133.31
N HIS H 168 87.88 -187.10 134.56
CA HIS H 168 88.58 -187.97 135.50
C HIS H 168 87.96 -189.36 135.49
N PRO H 169 87.74 -189.95 134.32
CA PRO H 169 87.14 -191.29 134.27
C PRO H 169 87.71 -192.14 133.15
N SER H 170 88.04 -191.51 132.02
CA SER H 170 88.60 -192.24 130.89
C SER H 170 89.57 -191.42 130.06
N ARG H 171 90.21 -190.40 130.64
CA ARG H 171 91.15 -189.57 129.91
C ARG H 171 92.27 -189.10 130.82
N MET H 172 91.94 -188.23 131.78
CA MET H 172 92.96 -187.71 132.70
C MET H 172 93.32 -188.75 133.76
N TYR H 173 92.31 -189.36 134.39
CA TYR H 173 92.55 -190.36 135.42
C TYR H 173 92.97 -191.70 134.84
N ARG H 174 92.61 -192.00 133.59
CA ARG H 174 92.99 -193.28 132.99
C ARG H 174 94.43 -193.29 132.53
N SER H 175 94.98 -192.13 132.15
CA SER H 175 96.34 -192.01 131.68
C SER H 175 97.24 -191.50 132.80
N GLU H 176 98.55 -191.70 132.62
CA GLU H 176 99.55 -191.28 133.59
C GLU H 176 100.12 -189.91 133.28
N LEU H 177 99.56 -189.19 132.30
CA LEU H 177 100.05 -187.87 131.95
C LEU H 177 99.51 -186.83 132.92
N VAL H 178 100.29 -185.76 133.12
CA VAL H 178 99.91 -184.68 134.00
C VAL H 178 99.88 -183.36 133.22
N VAL H 193 99.47 -183.45 131.96
CA VAL H 193 99.39 -182.29 131.08
C VAL H 193 97.94 -182.09 130.66
N ASP H 194 97.49 -180.84 130.68
CA ASP H 194 96.11 -180.50 130.31
C ASP H 194 96.13 -179.20 129.52
N PHE H 195 95.58 -179.23 128.31
CA PHE H 195 95.52 -178.06 127.44
C PHE H 195 94.09 -177.57 127.26
N THR H 196 93.34 -177.52 128.36
CA THR H 196 91.95 -177.07 128.32
C THR H 196 91.61 -176.38 129.63
N ASP H 197 90.63 -175.48 129.58
CA ASP H 197 90.19 -174.74 130.75
C ASP H 197 89.31 -175.62 131.63
N PRO H 198 89.79 -176.07 132.79
CA PRO H 198 88.96 -176.92 133.65
C PRO H 198 88.28 -176.13 134.76
N CYS H 199 89.04 -175.24 135.40
CA CYS H 199 88.51 -174.42 136.48
C CYS H 199 87.85 -173.16 135.92
N ASN H 200 86.68 -172.83 136.48
CA ASN H 200 85.92 -171.64 136.05
C ASN H 200 85.14 -171.14 137.25
N TYR H 201 85.82 -170.39 138.11
CA TYR H 201 85.20 -169.84 139.31
C TYR H 201 84.37 -168.60 138.96
N GLN H 202 83.20 -168.49 139.59
CA GLN H 202 82.31 -167.36 139.35
C GLN H 202 81.54 -167.07 140.62
N LEU H 203 80.86 -165.93 140.63
CA LEU H 203 80.06 -165.48 141.76
C LEU H 203 78.68 -165.08 141.25
N ILE H 204 77.67 -165.90 141.55
CA ILE H 204 76.30 -165.64 141.12
C ILE H 204 75.69 -164.58 142.04
N PRO H 205 75.26 -164.95 143.25
CA PRO H 205 74.66 -163.96 144.15
C PRO H 205 75.66 -163.43 145.16
N ALA H 206 75.25 -162.41 145.93
CA ALA H 206 76.11 -161.80 146.94
C ALA H 206 76.12 -162.70 148.16
N VAL H 207 77.07 -163.63 148.18
CA VAL H 207 77.22 -164.56 149.29
C VAL H 207 78.28 -164.04 150.26
N PRO H 208 77.89 -163.43 151.37
CA PRO H 208 78.88 -162.91 152.32
C PRO H 208 78.45 -163.06 153.76
N GLY H 209 79.23 -162.50 154.68
CA GLY H 209 78.92 -162.58 156.09
C GLY H 209 77.79 -161.65 156.50
N ILE H 210 77.77 -160.45 155.92
CA ILE H 210 76.73 -159.47 156.23
C ILE H 210 75.54 -159.55 155.29
N SER H 211 75.67 -160.22 154.16
CA SER H 211 74.57 -160.34 153.20
C SER H 211 73.85 -161.67 153.39
N PRO H 212 74.15 -162.68 152.58
CA PRO H 212 73.48 -163.98 152.74
C PRO H 212 74.41 -165.15 152.47
N ASN H 213 74.93 -165.75 153.55
CA ASN H 213 75.84 -166.88 153.39
C ASN H 213 75.06 -168.18 153.16
N SER H 214 75.60 -169.02 152.30
CA SER H 214 74.97 -170.30 151.99
C SER H 214 75.14 -171.27 153.15
N THR H 215 74.30 -172.29 153.15
CA THR H 215 74.33 -173.30 154.20
C THR H 215 74.29 -174.72 153.66
N ALA H 216 73.60 -174.95 152.55
CA ALA H 216 73.49 -176.28 151.96
C ALA H 216 73.48 -176.16 150.45
N SER H 217 74.51 -176.71 149.80
CA SER H 217 74.63 -176.70 148.36
C SER H 217 73.99 -177.94 147.78
N THR H 218 73.29 -177.79 146.65
CA THR H 218 72.61 -178.90 145.99
C THR H 218 72.50 -178.57 144.51
N ALA H 219 73.52 -178.94 143.73
CA ALA H 219 73.51 -178.69 142.30
C ALA H 219 72.63 -179.66 141.53
N TRP H 220 72.31 -180.82 142.13
CA TRP H 220 71.46 -181.82 141.49
C TRP H 220 69.98 -181.56 141.70
N LEU H 221 69.62 -180.51 142.43
CA LEU H 221 68.21 -180.21 142.68
C LEU H 221 67.53 -179.56 141.48
N SER H 222 68.29 -178.97 140.56
CA SER H 222 67.73 -178.33 139.39
C SER H 222 67.61 -179.34 138.25
N SER H 223 67.26 -178.88 137.06
CA SER H 223 67.11 -179.75 135.90
C SER H 223 68.47 -180.17 135.37
N ASP H 224 69.17 -179.26 134.69
CA ASP H 224 70.48 -179.54 134.13
C ASP H 224 71.51 -179.51 135.25
N GLY H 225 72.12 -180.68 135.53
CA GLY H 225 73.11 -180.75 136.59
C GLY H 225 74.44 -180.15 136.22
N GLU H 226 74.79 -180.18 134.93
CA GLU H 226 76.06 -179.64 134.45
C GLU H 226 75.97 -178.18 134.07
N ALA H 227 74.81 -177.55 134.21
CA ALA H 227 74.64 -176.14 133.87
C ALA H 227 74.04 -175.36 135.03
N LEU H 228 72.92 -175.83 135.55
CA LEU H 228 72.24 -175.17 136.66
C LEU H 228 72.70 -175.76 137.98
N PHE H 229 72.69 -174.93 139.03
CA PHE H 229 73.11 -175.35 140.36
C PHE H 229 72.36 -174.53 141.38
N ALA H 230 71.60 -175.19 142.26
CA ALA H 230 70.84 -174.53 143.30
C ALA H 230 71.66 -174.40 144.56
N LEU H 231 71.39 -173.34 145.33
CA LEU H 231 72.08 -173.07 146.58
C LEU H 231 71.08 -172.57 147.60
N PRO H 232 71.30 -172.89 148.88
CA PRO H 232 70.36 -172.43 149.91
C PRO H 232 71.04 -171.55 150.97
N CYS H 233 70.53 -170.35 151.17
CA CYS H 233 71.10 -169.44 152.15
C CYS H 233 70.54 -169.72 153.54
N ALA H 234 71.15 -169.08 154.54
CA ALA H 234 70.73 -169.24 155.92
C ALA H 234 69.48 -168.43 156.27
N SER H 235 69.12 -167.45 155.45
CA SER H 235 67.95 -166.62 155.69
C SER H 235 66.71 -167.12 154.98
N GLY H 236 66.74 -168.33 154.41
CA GLY H 236 65.61 -168.87 153.71
C GLY H 236 65.56 -168.58 152.22
N GLY H 237 66.69 -168.28 151.59
CA GLY H 237 66.72 -168.00 150.17
C GLY H 237 67.22 -169.20 149.37
N ILE H 238 66.54 -169.46 148.27
CA ILE H 238 66.88 -170.57 147.37
C ILE H 238 67.28 -169.96 146.04
N PHE H 239 68.57 -169.71 145.85
CA PHE H 239 69.08 -169.13 144.62
C PHE H 239 69.49 -170.23 143.64
N VAL H 240 69.73 -169.81 142.40
CA VAL H 240 70.13 -170.73 141.33
C VAL H 240 71.04 -169.98 140.37
N LEU H 241 71.78 -170.74 139.56
CA LEU H 241 72.69 -170.16 138.58
C LEU H 241 72.76 -171.11 137.39
N LYS H 242 71.96 -170.82 136.36
CA LYS H 242 71.92 -171.65 135.16
C LYS H 242 73.01 -171.18 134.20
N LEU H 243 74.18 -171.82 134.28
CA LEU H 243 75.30 -171.46 133.43
C LEU H 243 75.27 -172.29 132.16
N PRO H 244 74.54 -171.85 131.13
CA PRO H 244 74.47 -172.61 129.88
C PRO H 244 75.67 -172.31 128.99
N PRO H 245 76.30 -173.33 128.43
CA PRO H 245 77.46 -173.09 127.56
C PRO H 245 77.05 -172.58 126.19
N TYR H 246 77.91 -171.73 125.62
CA TYR H 246 77.65 -171.16 124.31
C TYR H 246 78.33 -171.99 123.21
N ASP H 247 78.77 -171.33 122.15
CA ASP H 247 79.43 -172.02 121.04
C ASP H 247 80.91 -172.25 121.31
N ILE H 248 81.55 -171.34 122.04
CA ILE H 248 82.97 -171.46 122.35
C ILE H 248 83.14 -172.29 123.63
N PRO H 249 84.16 -173.12 123.73
CA PRO H 249 84.36 -173.94 124.93
C PRO H 249 85.04 -173.14 126.03
N GLY H 250 84.28 -172.86 127.10
CA GLY H 250 84.80 -172.11 128.21
C GLY H 250 83.85 -171.04 128.71
N MET H 251 83.40 -170.18 127.80
CA MET H 251 82.48 -169.11 128.16
C MET H 251 81.06 -169.66 128.31
N VAL H 252 80.35 -169.16 129.31
CA VAL H 252 78.99 -169.58 129.58
C VAL H 252 78.23 -168.41 130.19
N SER H 253 76.93 -168.34 129.91
CA SER H 253 76.06 -167.28 130.41
C SER H 253 75.31 -167.82 131.62
N VAL H 254 75.65 -167.30 132.81
CA VAL H 254 75.02 -167.72 134.04
C VAL H 254 73.73 -166.91 134.23
N VAL H 255 72.62 -167.62 134.43
CA VAL H 255 71.32 -166.99 134.61
C VAL H 255 71.08 -166.84 136.11
N GLU H 256 71.12 -165.61 136.60
CA GLU H 256 70.89 -165.33 138.01
C GLU H 256 69.40 -165.44 138.32
N LEU H 257 69.06 -166.35 139.24
CA LEU H 257 67.67 -166.58 139.63
C LEU H 257 67.63 -166.93 141.10
N LYS H 258 67.00 -166.07 141.91
CA LYS H 258 66.87 -166.27 143.33
C LYS H 258 65.41 -166.15 143.73
N ARG H 276 65.10 -166.64 144.94
CA ARG H 276 63.73 -166.60 145.47
C ARG H 276 63.82 -166.63 147.00
N GLY H 277 64.17 -165.46 147.57
CA GLY H 277 64.28 -165.33 149.00
C GLY H 277 62.97 -164.95 149.65
N ASP H 278 62.92 -165.12 150.98
CA ASP H 278 61.73 -164.79 151.75
C ASP H 278 61.93 -163.52 152.55
N GLN H 279 61.46 -163.51 153.79
CA GLN H 279 61.61 -162.33 154.64
C GLN H 279 61.63 -162.70 156.14
N SER H 280 61.99 -163.93 156.47
CA SER H 280 62.05 -164.37 157.86
C SER H 280 63.07 -165.48 157.97
N PRO H 281 63.66 -165.68 159.14
CA PRO H 281 64.66 -166.74 159.33
C PRO H 281 64.09 -168.11 159.65
N SER H 282 62.76 -168.25 159.73
CA SER H 282 62.15 -169.53 160.03
C SER H 282 61.98 -170.42 158.80
N ASP H 283 62.22 -169.90 157.60
CA ASP H 283 62.10 -170.65 156.36
C ASP H 283 63.44 -171.14 155.84
N ARG H 284 64.44 -171.27 156.71
CA ARG H 284 65.76 -171.72 156.28
C ARG H 284 65.74 -173.23 156.05
N PRO H 285 66.26 -173.72 154.93
CA PRO H 285 66.26 -175.17 154.68
C PRO H 285 67.38 -175.86 155.45
N LEU H 286 67.04 -176.95 156.12
CA LEU H 286 68.02 -177.70 156.89
C LEU H 286 68.80 -178.67 156.01
N SER H 287 68.09 -179.47 155.23
CA SER H 287 68.72 -180.45 154.34
C SER H 287 67.84 -180.65 153.12
N LEU H 288 68.37 -180.35 151.94
CA LEU H 288 67.63 -180.49 150.70
C LEU H 288 67.99 -181.80 150.01
N ALA H 289 67.01 -182.37 149.31
CA ALA H 289 67.18 -183.61 148.59
C ALA H 289 67.03 -183.37 147.09
N VAL H 290 67.41 -184.39 146.31
CA VAL H 290 67.33 -184.32 144.86
C VAL H 290 67.03 -185.72 144.32
N HIS H 291 66.03 -185.81 143.45
CA HIS H 291 65.66 -187.09 142.86
C HIS H 291 65.03 -186.84 141.50
N CYS H 292 65.08 -187.86 140.65
CA CYS H 292 64.53 -187.80 139.30
C CYS H 292 63.43 -188.85 139.17
N VAL H 293 62.24 -188.41 138.77
CA VAL H 293 61.08 -189.28 138.60
C VAL H 293 60.56 -189.08 137.19
N GLU H 294 60.66 -190.13 136.36
CA GLU H 294 60.21 -190.09 134.96
C GLU H 294 60.88 -188.95 134.20
N HIS H 295 62.20 -188.81 134.40
CA HIS H 295 63.02 -187.79 133.75
C HIS H 295 62.47 -186.40 134.04
N ASP H 296 62.41 -186.07 135.33
CA ASP H 296 61.92 -184.77 135.76
C ASP H 296 62.57 -184.42 137.10
N ALA H 297 63.03 -183.18 137.22
CA ALA H 297 63.68 -182.72 138.44
C ALA H 297 62.63 -182.45 139.51
N PHE H 298 62.69 -183.20 140.61
CA PHE H 298 61.76 -183.06 141.73
C PHE H 298 62.58 -182.89 143.01
N ILE H 299 62.66 -181.65 143.49
CA ILE H 299 63.42 -181.33 144.69
C ILE H 299 62.47 -181.33 145.88
N PHE H 300 62.97 -181.78 147.03
CA PHE H 300 62.19 -181.82 148.26
C PHE H 300 63.08 -181.40 149.41
N ALA H 301 62.76 -180.27 150.03
CA ALA H 301 63.54 -179.74 151.14
C ALA H 301 62.63 -179.49 152.34
N LEU H 302 63.23 -179.46 153.52
CA LEU H 302 62.52 -179.23 154.77
C LEU H 302 63.01 -177.93 155.38
N CYS H 303 62.08 -177.01 155.64
CA CYS H 303 62.42 -175.72 156.22
C CYS H 303 62.59 -175.84 157.74
N GLN H 304 62.99 -174.73 158.36
CA GLN H 304 63.19 -174.71 159.80
C GLN H 304 61.89 -174.65 160.59
N ASP H 305 60.77 -174.31 159.94
CA ASP H 305 59.47 -174.23 160.59
C ASP H 305 58.67 -175.52 160.48
N HIS H 306 59.35 -176.65 160.24
CA HIS H 306 58.71 -177.96 160.12
C HIS H 306 57.65 -177.95 159.01
N LYS H 307 58.11 -177.67 157.79
CA LYS H 307 57.22 -177.62 156.63
C LYS H 307 57.94 -178.27 155.46
N LEU H 308 57.40 -179.39 154.98
CA LEU H 308 57.98 -180.11 153.85
C LEU H 308 57.46 -179.48 152.56
N ARG H 309 58.30 -178.68 151.91
CA ARG H 309 57.94 -178.00 150.68
C ARG H 309 58.61 -178.67 149.48
N MET H 310 57.81 -178.97 148.46
CA MET H 310 58.30 -179.60 147.23
C MET H 310 58.42 -178.53 146.16
N TRP H 311 59.65 -178.27 145.72
CA TRP H 311 59.90 -177.27 144.70
C TRP H 311 60.16 -177.91 143.35
N SER H 312 59.89 -177.15 142.29
CA SER H 312 60.08 -177.60 140.93
C SER H 312 61.14 -176.74 140.25
N TYR H 313 61.85 -177.34 139.29
CA TYR H 313 62.91 -176.66 138.56
C TYR H 313 62.39 -175.91 137.34
N LYS H 314 61.13 -176.12 136.94
CA LYS H 314 60.57 -175.45 135.78
C LYS H 314 60.00 -174.07 136.14
N GLU H 315 59.09 -174.05 137.12
CA GLU H 315 58.47 -172.79 137.54
C GLU H 315 59.29 -172.05 138.60
N GLN H 316 60.30 -172.70 139.18
CA GLN H 316 61.15 -172.09 140.20
C GLN H 316 60.32 -171.61 141.39
N MET H 317 59.38 -172.44 141.85
CA MET H 317 58.53 -172.10 142.97
C MET H 317 58.12 -173.37 143.67
N CYS H 318 57.50 -173.20 144.84
CA CYS H 318 57.04 -174.34 145.63
C CYS H 318 55.74 -174.87 145.06
N LEU H 319 55.76 -176.13 144.62
CA LEU H 319 54.58 -176.76 144.04
C LEU H 319 53.67 -177.37 145.09
N MET H 320 54.24 -178.00 146.12
CA MET H 320 53.47 -178.61 147.18
C MET H 320 53.99 -178.14 148.53
N VAL H 321 53.16 -178.31 149.55
CA VAL H 321 53.50 -177.91 150.91
C VAL H 321 52.76 -178.83 151.88
N ALA H 322 53.48 -179.34 152.87
CA ALA H 322 52.93 -180.24 153.88
C ALA H 322 53.29 -179.74 155.27
N ASP H 323 52.30 -179.71 156.15
CA ASP H 323 52.50 -179.27 157.53
C ASP H 323 52.77 -180.47 158.43
N MET H 324 53.70 -180.29 159.37
CA MET H 324 54.08 -181.34 160.31
C MET H 324 54.25 -180.72 161.68
N LEU H 325 53.40 -181.15 162.63
CA LEU H 325 53.45 -180.64 164.00
C LEU H 325 54.53 -181.40 164.76
N GLU H 326 55.66 -180.74 164.99
CA GLU H 326 56.77 -181.35 165.71
C GLU H 326 57.54 -180.28 166.48
N TYR H 327 56.81 -179.42 167.20
CA TYR H 327 57.45 -178.36 167.96
C TYR H 327 56.73 -178.03 169.26
N VAL H 328 55.72 -178.80 169.67
CA VAL H 328 54.99 -178.54 170.90
C VAL H 328 55.79 -179.10 172.07
N PRO H 329 55.63 -178.55 173.28
CA PRO H 329 56.39 -179.07 174.42
C PRO H 329 55.75 -180.30 175.03
N VAL H 330 56.33 -181.47 174.75
CA VAL H 330 55.81 -182.73 175.27
C VAL H 330 56.49 -183.04 176.59
N LYS H 331 55.75 -183.72 177.47
CA LYS H 331 56.25 -184.10 178.79
C LYS H 331 56.23 -185.61 178.91
N LYS H 332 57.33 -186.18 179.40
CA LYS H 332 57.47 -187.62 179.57
C LYS H 332 57.92 -187.89 181.00
N ASP H 333 57.09 -188.60 181.77
CA ASP H 333 57.38 -188.95 183.15
C ASP H 333 57.67 -187.71 184.00
N LEU H 334 56.80 -186.71 183.84
CA LEU H 334 56.89 -185.44 184.57
C LEU H 334 58.25 -184.77 184.32
N ARG H 335 58.52 -184.51 183.03
CA ARG H 335 59.78 -183.87 182.63
C ARG H 335 59.51 -183.13 181.32
N LEU H 336 59.39 -181.82 181.40
CA LEU H 336 59.14 -180.99 180.22
C LEU H 336 60.43 -180.81 179.44
N THR H 337 60.45 -181.34 178.21
CA THR H 337 61.61 -181.25 177.34
C THR H 337 61.25 -180.44 176.10
N ALA H 338 61.99 -179.36 175.86
CA ALA H 338 61.76 -178.49 174.71
C ALA H 338 62.47 -179.10 173.50
N GLY H 339 61.68 -179.53 172.52
CA GLY H 339 62.23 -180.13 171.32
C GLY H 339 62.80 -179.12 170.34
N THR H 340 64.05 -178.72 170.57
CA THR H 340 64.74 -177.76 169.72
C THR H 340 66.10 -178.32 169.29
N GLY H 341 66.09 -179.56 168.80
CA GLY H 341 67.32 -180.20 168.37
C GLY H 341 67.79 -179.73 167.01
N HIS H 342 69.02 -179.22 166.95
CA HIS H 342 69.62 -178.73 165.71
C HIS H 342 70.92 -179.48 165.47
N LYS H 343 71.01 -180.19 164.35
CA LYS H 343 72.19 -180.96 164.02
C LYS H 343 73.09 -180.17 163.08
N LEU H 344 74.38 -180.49 163.12
CA LEU H 344 75.39 -179.83 162.29
C LEU H 344 75.47 -180.55 160.95
N ARG H 345 74.94 -179.92 159.90
CA ARG H 345 74.93 -180.49 158.55
C ARG H 345 74.27 -181.86 158.52
N LEU H 346 75.07 -182.90 158.35
CA LEU H 346 74.60 -184.30 158.31
C LEU H 346 73.60 -184.41 157.16
N ALA H 347 72.53 -185.20 157.33
CA ALA H 347 71.53 -185.37 156.28
C ALA H 347 70.19 -185.71 156.92
N TYR H 348 69.13 -185.08 156.44
CA TYR H 348 67.79 -185.30 156.97
C TYR H 348 66.80 -185.73 155.89
N SER H 349 67.27 -186.00 154.67
CA SER H 349 66.40 -186.41 153.57
C SER H 349 67.16 -187.32 152.62
N PRO H 350 66.68 -188.53 152.36
CA PRO H 350 67.38 -189.42 151.44
C PRO H 350 66.55 -189.79 150.23
N THR H 351 67.14 -190.51 149.28
CA THR H 351 66.44 -190.93 148.08
C THR H 351 66.98 -192.27 147.62
N MET H 352 66.19 -192.97 146.80
CA MET H 352 66.59 -194.28 146.29
C MET H 352 66.40 -194.34 144.79
N GLY H 353 65.16 -194.20 144.32
CA GLY H 353 64.87 -194.24 142.91
C GLY H 353 63.79 -193.26 142.49
N LEU H 354 62.54 -193.57 142.82
CA LEU H 354 61.41 -192.72 142.49
C LEU H 354 60.75 -192.07 143.70
N TYR H 355 61.09 -192.50 144.91
CA TYR H 355 60.53 -191.95 146.13
C TYR H 355 61.64 -191.45 147.04
N LEU H 356 61.25 -190.68 148.04
CA LEU H 356 62.19 -190.11 149.00
C LEU H 356 61.75 -190.48 150.42
N GLY H 357 62.69 -190.32 151.36
CA GLY H 357 62.42 -190.64 152.75
C GLY H 357 62.89 -189.52 153.66
N ILE H 358 62.28 -189.47 154.83
CA ILE H 358 62.61 -188.45 155.84
C ILE H 358 62.44 -189.07 157.22
N TYR H 359 63.18 -188.52 158.18
CA TYR H 359 63.12 -189.01 159.55
C TYR H 359 63.41 -187.85 160.50
N MET H 360 62.89 -187.96 161.72
CA MET H 360 63.07 -186.94 162.74
C MET H 360 63.67 -187.58 163.99
N HIS H 361 64.64 -186.89 164.60
CA HIS H 361 65.27 -187.42 165.80
C HIS H 361 64.35 -187.36 167.01
N ALA H 362 63.44 -186.38 167.06
CA ALA H 362 62.49 -186.19 168.14
C ALA H 362 63.22 -186.07 169.48
N PRO H 363 63.84 -184.90 169.76
CA PRO H 363 64.55 -184.71 171.03
C PRO H 363 65.52 -185.83 171.37
N LYS H 364 65.50 -186.29 172.62
CA LYS H 364 66.37 -187.35 173.09
C LYS H 364 65.61 -188.67 173.24
N ARG H 365 64.75 -188.99 172.27
CA ARG H 365 64.00 -190.24 172.33
C ARG H 365 64.81 -191.41 171.78
N GLY H 366 65.26 -191.31 170.54
CA GLY H 366 66.05 -192.35 169.92
C GLY H 366 65.27 -193.32 169.05
N GLN H 367 63.97 -193.08 168.85
CA GLN H 367 63.15 -193.96 168.03
C GLN H 367 63.22 -193.63 166.54
N PHE H 368 63.66 -192.41 166.20
CA PHE H 368 63.77 -191.97 164.81
C PHE H 368 62.44 -192.08 164.07
N CYS H 369 62.50 -192.28 162.77
CA CYS H 369 61.29 -192.40 161.95
C CYS H 369 61.63 -193.16 160.68
N ILE H 370 60.61 -193.35 159.84
CA ILE H 370 60.78 -194.06 158.58
C ILE H 370 59.70 -193.58 157.61
N PHE H 371 59.49 -192.27 157.55
CA PHE H 371 58.46 -191.69 156.68
C PHE H 371 58.98 -191.66 155.25
N GLN H 372 58.63 -192.67 154.46
CA GLN H 372 59.01 -192.77 153.06
C GLN H 372 57.81 -192.29 152.22
N LEU H 373 57.94 -191.10 151.64
CA LEU H 373 56.87 -190.53 150.86
C LEU H 373 57.00 -190.90 149.39
N VAL H 374 55.93 -191.45 148.83
CA VAL H 374 55.87 -191.82 147.43
C VAL H 374 55.26 -190.65 146.67
N SER H 375 56.05 -190.03 145.79
CA SER H 375 55.60 -188.88 145.04
C SER H 375 55.33 -189.28 143.59
N THR H 376 54.07 -189.61 143.30
CA THR H 376 53.64 -189.99 141.97
C THR H 376 53.47 -188.73 141.12
N GLU H 377 53.80 -188.85 139.83
CA GLU H 377 53.68 -187.71 138.92
C GLU H 377 52.34 -187.72 138.20
N SER H 378 51.29 -187.26 138.89
CA SER H 378 49.96 -187.21 138.33
C SER H 378 49.33 -185.85 138.66
N ASN H 379 48.06 -185.70 138.31
CA ASN H 379 47.32 -184.46 138.56
C ASN H 379 46.30 -184.62 139.69
N ARG H 380 46.42 -185.66 140.51
CA ARG H 380 45.50 -185.88 141.62
C ARG H 380 46.18 -186.31 142.91
N TYR H 381 47.48 -186.59 142.89
CA TYR H 381 48.19 -187.00 144.11
C TYR H 381 49.64 -186.52 143.97
N SER H 382 49.89 -185.27 144.41
CA SER H 382 51.22 -184.70 144.31
C SER H 382 52.13 -185.20 145.42
N LEU H 383 51.57 -185.50 146.59
CA LEU H 383 52.35 -185.98 147.73
C LEU H 383 51.48 -186.91 148.57
N ASP H 384 51.98 -188.13 148.79
CA ASP H 384 51.26 -189.11 149.58
C ASP H 384 52.27 -189.89 150.41
N HIS H 385 51.98 -190.05 151.70
CA HIS H 385 52.86 -190.76 152.62
C HIS H 385 52.07 -191.87 153.31
N ILE H 386 52.52 -193.12 153.10
CA ILE H 386 51.87 -194.28 153.70
C ILE H 386 52.84 -194.99 154.62
N SER H 387 53.58 -194.21 155.42
CA SER H 387 54.55 -194.75 156.35
C SER H 387 54.55 -193.92 157.63
N SER H 388 54.67 -194.61 158.77
CA SER H 388 54.67 -193.93 160.06
C SER H 388 56.10 -193.74 160.57
N LEU H 389 56.54 -194.62 161.47
CA LEU H 389 57.88 -194.54 162.02
C LEU H 389 58.33 -195.93 162.44
N PHE H 390 59.64 -196.17 162.34
CA PHE H 390 60.22 -197.45 162.70
C PHE H 390 60.76 -197.40 164.13
N THR H 391 61.44 -198.47 164.53
CA THR H 391 62.02 -198.58 165.86
C THR H 391 63.55 -198.58 165.82
N SER H 392 64.14 -198.16 164.71
CA SER H 392 65.59 -198.13 164.59
C SER H 392 66.16 -196.86 165.23
N GLN H 393 67.48 -196.82 165.31
CA GLN H 393 68.16 -195.67 165.89
C GLN H 393 68.24 -194.52 164.89
N GLU H 394 68.58 -193.34 165.40
CA GLU H 394 68.70 -192.16 164.55
C GLU H 394 70.03 -192.16 163.80
N THR H 395 70.01 -191.52 162.64
CA THR H 395 71.20 -191.43 161.78
C THR H 395 71.84 -190.06 162.03
N LEU H 396 72.84 -190.05 162.91
CA LEU H 396 73.53 -188.80 163.24
C LEU H 396 74.56 -188.41 162.18
N ILE H 397 75.03 -189.36 161.38
CA ILE H 397 76.00 -189.07 160.33
C ILE H 397 75.28 -188.90 159.00
N ASP H 398 74.85 -190.00 158.40
CA ASP H 398 74.15 -189.96 157.13
C ASP H 398 73.19 -191.14 157.06
N PHE H 399 72.34 -191.13 156.04
CA PHE H 399 71.35 -192.19 155.85
C PHE H 399 71.13 -192.36 154.36
N ALA H 400 71.34 -193.58 153.86
CA ALA H 400 71.16 -193.90 152.44
C ALA H 400 70.11 -194.98 152.32
N LEU H 401 68.96 -194.61 151.73
CA LEU H 401 67.86 -195.54 151.54
C LEU H 401 67.97 -196.21 150.18
N THR H 402 67.60 -197.49 150.12
CA THR H 402 67.66 -198.27 148.88
C THR H 402 66.44 -199.19 148.85
N SER H 403 65.40 -198.76 148.13
CA SER H 403 64.17 -199.51 147.99
C SER H 403 63.55 -199.83 149.35
N THR H 404 63.94 -200.96 149.93
CA THR H 404 63.43 -201.38 151.23
C THR H 404 64.47 -201.35 152.35
N ASP H 405 65.76 -201.37 152.02
CA ASP H 405 66.82 -201.33 153.01
C ASP H 405 67.28 -199.90 153.24
N ILE H 406 67.41 -199.53 154.51
CA ILE H 406 67.84 -198.20 154.91
C ILE H 406 69.13 -198.35 155.73
N TRP H 407 70.25 -197.94 155.14
CA TRP H 407 71.54 -198.02 155.81
C TRP H 407 71.77 -196.73 156.59
N ALA H 408 71.82 -196.84 157.92
CA ALA H 408 72.03 -195.71 158.81
C ALA H 408 73.39 -195.79 159.47
N LEU H 409 74.01 -194.62 159.66
CA LEU H 409 75.32 -194.52 160.28
C LEU H 409 75.23 -193.58 161.47
N TRP H 410 75.84 -193.97 162.59
CA TRP H 410 75.84 -193.18 163.80
C TRP H 410 77.27 -192.97 164.29
N HIS H 411 77.46 -191.89 165.04
CA HIS H 411 78.77 -191.56 165.59
C HIS H 411 78.57 -190.89 166.93
N ASP H 412 79.33 -191.33 167.93
CA ASP H 412 79.23 -190.78 169.28
C ASP H 412 80.25 -189.65 169.46
N ALA H 413 80.33 -189.13 170.68
CA ALA H 413 81.26 -188.06 170.99
C ALA H 413 82.65 -188.56 171.34
N GLU H 414 82.83 -189.87 171.50
CA GLU H 414 84.13 -190.45 171.83
C GLU H 414 84.84 -191.03 170.61
N ASN H 415 84.56 -190.49 169.43
CA ASN H 415 85.16 -190.94 168.17
C ASN H 415 84.91 -192.42 167.95
N GLN H 416 83.64 -192.83 168.10
CA GLN H 416 83.23 -194.21 167.93
C GLN H 416 82.04 -194.25 166.97
N THR H 417 82.19 -195.01 165.89
CA THR H 417 81.14 -195.15 164.89
C THR H 417 80.34 -196.43 165.12
N VAL H 418 79.11 -196.43 164.61
CA VAL H 418 78.21 -197.57 164.75
C VAL H 418 77.30 -197.65 163.54
N VAL H 419 77.58 -198.57 162.63
CA VAL H 419 76.78 -198.77 161.43
C VAL H 419 75.74 -199.84 161.69
N LYS H 420 74.54 -199.64 161.14
CA LYS H 420 73.45 -200.57 161.31
C LYS H 420 72.52 -200.48 160.11
N TYR H 421 72.10 -201.64 159.60
CA TYR H 421 71.21 -201.74 158.46
C TYR H 421 69.83 -202.20 158.91
N ILE H 422 68.81 -201.62 158.31
CA ILE H 422 67.42 -201.94 158.63
C ILE H 422 66.74 -202.30 157.32
N ASN H 423 66.69 -203.60 157.01
CA ASN H 423 66.08 -204.09 155.78
C ASN H 423 64.61 -204.42 156.07
N PHE H 424 63.71 -203.60 155.55
CA PHE H 424 62.27 -203.78 155.75
C PHE H 424 61.79 -204.85 154.77
N GLU H 425 61.91 -206.11 155.17
CA GLU H 425 61.48 -207.23 154.34
C GLU H 425 60.54 -208.18 155.08
N HIS H 426 60.11 -207.83 156.30
CA HIS H 426 59.19 -208.64 157.09
C HIS H 426 59.76 -210.04 157.34
N ASN H 427 61.07 -210.11 157.57
CA ASN H 427 61.74 -211.38 157.81
C ASN H 427 63.01 -211.18 158.63
N VAL H 428 64.07 -210.72 157.97
CA VAL H 428 65.35 -210.47 158.62
C VAL H 428 65.95 -209.19 158.06
N ALA H 429 66.63 -208.44 158.93
CA ALA H 429 67.26 -207.19 158.59
C ALA H 429 68.79 -207.37 158.59
N GLY H 430 69.53 -206.28 158.71
CA GLY H 430 70.98 -206.34 158.72
C GLY H 430 71.55 -206.48 160.11
N GLN H 431 71.44 -207.66 160.70
CA GLN H 431 71.96 -207.92 162.03
C GLN H 431 73.47 -208.11 161.95
N TRP H 432 74.22 -207.16 162.50
CA TRP H 432 75.68 -207.22 162.50
C TRP H 432 76.21 -206.55 163.75
N ASN H 433 77.27 -207.14 164.32
CA ASN H 433 77.88 -206.61 165.53
C ASN H 433 79.23 -205.97 165.21
N PRO H 434 79.53 -204.80 165.77
CA PRO H 434 80.83 -204.16 165.48
C PRO H 434 81.84 -204.41 166.59
N VAL H 435 83.12 -204.46 166.22
CA VAL H 435 84.20 -204.68 167.17
C VAL H 435 84.85 -203.35 167.52
N PHE H 436 85.44 -203.29 168.70
CA PHE H 436 86.11 -202.10 169.19
C PHE H 436 87.61 -202.20 168.92
N MET H 437 88.39 -201.38 169.61
CA MET H 437 89.85 -201.38 169.45
C MET H 437 90.46 -202.44 170.36
N GLN H 438 91.12 -203.42 169.76
CA GLN H 438 91.75 -204.50 170.52
C GLN H 438 93.24 -204.27 170.56
N PRO H 439 93.82 -203.96 171.72
CA PRO H 439 95.28 -203.74 171.80
C PRO H 439 96.02 -205.06 171.95
N LEU H 440 96.86 -205.38 170.96
CA LEU H 440 97.65 -206.62 170.98
C LEU H 440 99.12 -206.32 170.76
N PRO H 441 99.67 -205.32 171.46
CA PRO H 441 101.09 -205.00 171.29
C PRO H 441 101.82 -204.88 172.62
N GLU H 442 101.14 -205.22 173.71
CA GLU H 442 101.71 -205.16 175.04
C GLU H 442 102.27 -206.49 175.51
N GLU H 443 102.41 -207.46 174.62
CA GLU H 443 102.94 -208.78 174.95
C GLU H 443 104.31 -208.94 174.33
N GLU H 444 105.31 -209.22 175.16
CA GLU H 444 106.68 -209.40 174.70
C GLU H 444 106.89 -210.83 174.21
N ILE H 445 107.74 -210.97 173.19
CA ILE H 445 108.05 -212.27 172.61
C ILE H 445 109.47 -212.22 172.04
N VAL H 446 110.28 -213.21 172.39
CA VAL H 446 111.66 -213.28 171.91
C VAL H 446 112.08 -214.74 171.81
N ILE H 447 111.51 -215.46 170.84
CA ILE H 447 111.84 -216.86 170.64
C ILE H 447 112.63 -217.02 169.34
N ARG H 448 112.33 -218.08 168.59
CA ARG H 448 113.02 -218.33 167.33
C ARG H 448 112.28 -217.68 166.17
N ASP H 449 112.43 -218.25 164.97
CA ASP H 449 111.79 -217.75 163.76
C ASP H 449 112.14 -216.29 163.52
N ASP H 450 111.31 -215.37 164.05
CA ASP H 450 111.54 -213.94 163.89
C ASP H 450 112.48 -213.48 164.99
N GLN H 451 113.76 -213.28 164.63
CA GLN H 451 114.76 -212.85 165.60
C GLN H 451 114.89 -211.33 165.61
N ASP H 452 116.07 -210.84 166.01
CA ASP H 452 116.38 -209.42 166.09
C ASP H 452 115.37 -208.70 166.97
N PRO H 453 115.03 -207.45 166.66
CA PRO H 453 114.06 -206.73 167.50
C PRO H 453 113.19 -205.78 166.69
N ARG H 454 113.80 -205.03 165.78
CA ARG H 454 113.05 -204.10 164.95
C ARG H 454 112.28 -204.81 163.84
N GLU H 455 112.78 -205.96 163.37
CA GLU H 455 112.10 -206.69 162.31
C GLU H 455 110.75 -207.21 162.77
N MET H 456 110.69 -207.77 163.99
CA MET H 456 109.42 -208.26 164.51
C MET H 456 108.43 -207.12 164.71
N TYR H 457 108.90 -205.97 165.20
CA TYR H 457 108.01 -204.82 165.37
C TYR H 457 107.49 -204.32 164.03
N LEU H 458 108.36 -204.28 163.02
CA LEU H 458 107.93 -203.85 161.70
C LEU H 458 106.92 -204.82 161.10
N GLN H 459 107.15 -206.12 161.28
CA GLN H 459 106.21 -207.11 160.76
C GLN H 459 104.87 -207.05 161.49
N SER H 460 104.89 -206.74 162.79
CA SER H 460 103.63 -206.62 163.53
C SER H 460 102.89 -205.35 163.16
N LEU H 461 103.62 -204.26 162.86
CA LEU H 461 102.98 -203.01 162.49
C LEU H 461 102.45 -203.05 161.06
N PHE H 462 103.13 -203.76 160.16
CA PHE H 462 102.70 -203.86 158.77
C PHE H 462 101.63 -204.92 158.55
N THR H 463 101.28 -205.68 159.58
CA THR H 463 100.27 -206.73 159.45
C THR H 463 98.87 -206.13 159.65
N PRO H 464 98.77 -204.90 160.16
CA PRO H 464 97.45 -204.30 160.36
C PRO H 464 96.84 -203.80 159.06
N GLY H 465 97.53 -202.87 158.40
CA GLY H 465 97.03 -202.31 157.16
C GLY H 465 95.91 -201.31 157.32
N GLN H 466 96.01 -200.44 158.31
CA GLN H 466 94.98 -199.42 158.57
C GLN H 466 95.54 -198.01 158.62
N PHE H 467 96.73 -197.82 159.18
CA PHE H 467 97.35 -196.50 159.27
C PHE H 467 98.26 -196.26 158.07
N THR H 468 98.27 -195.03 157.59
CA THR H 468 99.09 -194.66 156.44
C THR H 468 99.97 -193.47 156.77
N ASN H 469 99.37 -192.30 156.95
CA ASN H 469 100.13 -191.09 157.27
C ASN H 469 100.46 -190.98 158.74
N GLU H 470 99.80 -191.77 159.60
CA GLU H 470 100.07 -191.70 161.03
C GLU H 470 101.48 -192.18 161.35
N ALA H 471 101.93 -193.27 160.70
CA ALA H 471 103.27 -193.77 160.92
C ALA H 471 104.32 -192.76 160.45
N LEU H 472 104.08 -192.13 159.30
CA LEU H 472 105.02 -191.12 158.81
C LEU H 472 105.06 -189.91 159.74
N CYS H 473 103.91 -189.48 160.25
CA CYS H 473 103.88 -188.36 161.18
C CYS H 473 104.61 -188.71 162.47
N LYS H 474 104.43 -189.93 162.98
CA LYS H 474 105.13 -190.34 164.19
C LYS H 474 106.63 -190.41 163.96
N ALA H 475 107.05 -190.92 162.80
CA ALA H 475 108.48 -190.99 162.50
C ALA H 475 109.09 -189.59 162.33
N LEU H 476 108.31 -188.64 161.78
CA LEU H 476 108.82 -187.29 161.64
C LEU H 476 108.86 -186.56 162.97
N GLN H 477 107.92 -186.84 163.87
CA GLN H 477 107.91 -186.19 165.18
C GLN H 477 108.94 -186.79 166.12
N ILE H 478 109.27 -188.08 165.94
CA ILE H 478 110.26 -188.70 166.82
C ILE H 478 111.66 -188.22 166.48
N PHE H 479 111.89 -187.80 165.24
CA PHE H 479 113.20 -187.32 164.79
C PHE H 479 113.17 -185.78 164.81
N CYS H 480 113.63 -185.21 165.91
CA CYS H 480 113.65 -183.76 166.05
C CYS H 480 114.81 -183.16 165.25
N ARG H 481 114.73 -181.84 165.05
CA ARG H 481 115.73 -181.08 164.29
C ARG H 481 115.90 -181.65 162.88
N GLY H 482 114.83 -181.48 162.10
CA GLY H 482 114.81 -181.95 160.74
C GLY H 482 113.45 -182.41 160.27
N THR H 483 112.40 -181.83 160.86
CA THR H 483 111.03 -182.18 160.50
C THR H 483 110.65 -181.43 159.23
N GLU H 484 110.69 -182.15 158.11
CA GLU H 484 110.36 -181.56 156.81
C GLU H 484 108.88 -181.84 156.50
N ARG H 485 108.49 -181.74 155.23
CA ARG H 485 107.11 -181.98 154.84
C ARG H 485 106.90 -183.44 154.46
N ASN H 486 106.05 -183.68 153.47
CA ASN H 486 105.77 -185.05 153.01
C ASN H 486 106.68 -185.39 151.83
N LEU H 487 107.97 -185.45 152.13
CA LEU H 487 109.00 -185.76 151.14
C LEU H 487 109.34 -187.24 151.09
N ASP H 488 108.51 -188.10 151.69
CA ASP H 488 108.80 -189.53 151.67
C ASP H 488 108.45 -190.14 150.32
N LEU H 489 107.28 -189.80 149.78
CA LEU H 489 106.81 -190.28 148.49
C LEU H 489 106.78 -191.81 148.45
N SER H 490 107.91 -192.43 148.15
CA SER H 490 107.98 -193.88 148.09
C SER H 490 107.91 -194.49 149.48
N TRP H 491 107.24 -195.64 149.58
CA TRP H 491 107.07 -196.34 150.85
C TRP H 491 108.07 -197.47 151.03
N SER H 492 108.96 -197.69 150.06
CA SER H 492 109.95 -198.77 150.19
C SER H 492 111.07 -198.38 151.15
N GLU H 493 111.53 -197.14 151.08
CA GLU H 493 112.58 -196.65 151.95
C GLU H 493 112.07 -196.11 153.28
N LEU H 494 110.74 -196.07 153.47
CA LEU H 494 110.19 -195.55 154.72
C LEU H 494 110.56 -196.45 155.90
N LYS H 495 110.50 -197.76 155.71
CA LYS H 495 110.87 -198.68 156.78
C LYS H 495 112.36 -198.56 157.12
N LYS H 496 113.20 -198.41 156.10
CA LYS H 496 114.64 -198.23 156.35
C LYS H 496 114.92 -196.93 157.08
N GLU H 497 114.22 -195.86 156.70
CA GLU H 497 114.40 -194.59 157.39
C GLU H 497 113.93 -194.67 158.84
N VAL H 498 112.81 -195.36 159.09
CA VAL H 498 112.31 -195.52 160.45
C VAL H 498 113.30 -196.33 161.28
N THR H 499 113.86 -197.39 160.70
CA THR H 499 114.83 -198.20 161.41
C THR H 499 116.10 -197.40 161.71
N LEU H 500 116.56 -196.59 160.76
CA LEU H 500 117.75 -195.78 160.99
C LEU H 500 117.50 -194.71 162.04
N ALA H 501 116.28 -194.16 162.09
CA ALA H 501 115.96 -193.16 163.11
C ALA H 501 115.80 -193.79 164.49
N VAL H 502 115.30 -195.03 164.55
CA VAL H 502 115.14 -195.69 165.84
C VAL H 502 116.48 -196.19 166.37
N GLU H 503 117.37 -196.62 165.47
CA GLU H 503 118.68 -197.10 165.90
C GLU H 503 119.62 -195.99 166.33
N ASN H 504 119.39 -194.76 165.87
CA ASN H 504 120.22 -193.62 166.22
C ASN H 504 119.69 -192.84 167.43
N GLU H 505 118.64 -193.33 168.07
CA GLU H 505 118.07 -192.66 169.23
C GLU H 505 118.23 -193.43 170.53
N LEU H 506 118.45 -194.74 170.47
CA LEU H 506 118.62 -195.58 171.65
C LEU H 506 120.11 -195.86 171.83
N GLN H 507 120.72 -195.22 172.82
CA GLN H 507 122.14 -195.40 173.09
C GLN H 507 122.37 -196.71 173.84
N GLY H 508 123.33 -197.49 173.37
CA GLY H 508 123.64 -198.77 174.00
C GLY H 508 124.62 -198.65 175.15
N SER H 509 124.19 -199.06 176.34
CA SER H 509 125.05 -198.99 177.52
C SER H 509 126.06 -200.13 177.51
N VAL H 510 127.30 -199.81 177.90
CA VAL H 510 128.36 -200.80 177.94
C VAL H 510 128.69 -201.13 179.40
N THR H 511 129.76 -201.89 179.61
CA THR H 511 130.16 -202.27 180.97
C THR H 511 131.67 -202.42 181.05
N GLU H 512 132.15 -203.66 181.02
CA GLU H 512 133.57 -203.98 181.11
C GLU H 512 133.98 -204.68 179.80
N TYR H 513 134.29 -203.88 178.78
CA TYR H 513 134.70 -204.38 177.48
C TYR H 513 133.66 -205.32 176.88
N GLU H 514 132.38 -204.93 177.00
CA GLU H 514 131.28 -205.74 176.47
C GLU H 514 130.10 -204.81 176.21
N PHE H 515 129.01 -205.41 175.75
CA PHE H 515 127.77 -204.69 175.43
C PHE H 515 126.64 -205.29 176.25
N SER H 516 125.96 -204.46 177.03
CA SER H 516 124.84 -204.90 177.85
C SER H 516 123.62 -205.10 176.96
N GLN H 517 123.32 -206.36 176.63
CA GLN H 517 122.18 -206.65 175.77
C GLN H 517 120.86 -206.59 176.54
N GLU H 518 120.89 -206.83 177.85
CA GLU H 518 119.67 -206.79 178.64
C GLU H 518 119.07 -205.40 178.67
N GLU H 519 119.91 -204.37 178.78
CA GLU H 519 119.41 -203.00 178.77
C GLU H 519 119.00 -202.56 177.36
N PHE H 520 119.74 -203.02 176.35
CA PHE H 520 119.40 -202.65 174.98
C PHE H 520 118.06 -203.24 174.55
N ARG H 521 117.80 -204.50 174.93
CA ARG H 521 116.52 -205.11 174.61
C ARG H 521 115.37 -204.39 175.30
N ASN H 522 115.56 -204.01 176.56
CA ASN H 522 114.52 -203.27 177.28
C ASN H 522 114.27 -201.91 176.65
N LEU H 523 115.35 -201.21 176.25
CA LEU H 523 115.18 -199.92 175.60
C LEU H 523 114.47 -200.06 174.27
N GLN H 524 114.79 -201.10 173.49
CA GLN H 524 114.11 -201.33 172.22
C GLN H 524 112.64 -201.64 172.44
N GLN H 525 112.33 -202.45 173.45
CA GLN H 525 110.93 -202.77 173.74
C GLN H 525 110.17 -201.53 174.17
N GLU H 526 110.79 -200.68 175.00
CA GLU H 526 110.14 -199.44 175.42
C GLU H 526 109.90 -198.51 174.23
N PHE H 527 110.89 -198.40 173.33
CA PHE H 527 110.72 -197.57 172.15
C PHE H 527 109.61 -198.10 171.25
N TRP H 528 109.53 -199.42 171.08
CA TRP H 528 108.47 -200.01 170.27
C TRP H 528 107.11 -199.77 170.90
N CYS H 529 107.01 -199.90 172.23
CA CYS H 529 105.75 -199.65 172.90
C CYS H 529 105.34 -198.19 172.77
N LYS H 530 106.29 -197.27 172.89
CA LYS H 530 105.98 -195.86 172.74
C LYS H 530 105.53 -195.54 171.31
N PHE H 531 106.18 -196.15 170.31
CA PHE H 531 105.78 -195.94 168.93
C PHE H 531 104.39 -196.48 168.67
N TYR H 532 104.08 -197.66 169.23
CA TYR H 532 102.75 -198.24 169.07
C TYR H 532 101.69 -197.37 169.73
N ALA H 533 101.99 -196.84 170.92
CA ALA H 533 101.04 -195.96 171.60
C ALA H 533 100.83 -194.68 170.81
N CYS H 534 101.90 -194.11 170.25
CA CYS H 534 101.75 -192.90 169.45
C CYS H 534 100.95 -193.17 168.18
N CYS H 535 101.16 -194.32 167.54
CA CYS H 535 100.40 -194.66 166.34
C CYS H 535 98.93 -194.91 166.67
N LEU H 536 98.65 -195.49 167.84
CA LEU H 536 97.26 -195.72 168.24
C LEU H 536 96.57 -194.42 168.62
N GLN H 537 97.30 -193.48 169.21
CA GLN H 537 96.71 -192.20 169.59
C GLN H 537 96.52 -191.29 168.39
N TYR H 538 97.42 -191.34 167.41
CA TYR H 538 97.28 -190.50 166.23
C TYR H 538 96.21 -191.00 165.27
N GLN H 539 95.84 -192.28 165.34
CA GLN H 539 94.82 -192.84 164.47
C GLN H 539 93.43 -192.89 165.10
N GLU H 540 93.35 -192.74 166.42
CA GLU H 540 92.04 -192.78 167.08
C GLU H 540 91.26 -191.49 166.88
N ALA H 541 91.96 -190.36 166.72
CA ALA H 541 91.32 -189.07 166.53
C ALA H 541 91.24 -188.66 165.07
N LEU H 542 91.64 -189.53 164.14
CA LEU H 542 91.62 -189.23 162.71
C LEU H 542 90.80 -190.21 161.90
N SER H 543 90.44 -191.36 162.45
CA SER H 543 89.65 -192.38 161.76
C SER H 543 88.26 -192.40 162.38
N HIS H 544 87.31 -191.74 161.72
CA HIS H 544 85.95 -191.69 162.21
C HIS H 544 85.01 -191.62 161.01
N PRO H 545 83.73 -191.89 161.21
CA PRO H 545 82.78 -191.84 160.09
C PRO H 545 82.40 -190.42 159.73
N LEU H 546 81.86 -190.28 158.53
CA LEU H 546 81.43 -188.97 158.03
C LEU H 546 80.09 -189.07 157.32
N ALA H 547 80.07 -189.66 156.13
CA ALA H 547 78.86 -189.82 155.35
C ALA H 547 78.83 -191.23 154.76
N LEU H 548 77.74 -191.54 154.07
CA LEU H 548 77.58 -192.86 153.44
C LEU H 548 76.70 -192.70 152.21
N HIS H 549 77.21 -193.15 151.07
CA HIS H 549 76.48 -193.07 149.80
C HIS H 549 76.54 -194.41 149.09
N LEU H 550 75.44 -194.76 148.44
CA LEU H 550 75.32 -196.01 147.71
C LEU H 550 75.33 -195.74 146.21
N ASN H 551 75.80 -196.74 145.45
CA ASN H 551 75.88 -196.62 144.00
C ASN H 551 74.84 -197.53 143.34
N PRO H 552 74.17 -197.04 142.29
CA PRO H 552 73.17 -197.89 141.62
C PRO H 552 73.75 -198.86 140.62
N HIS H 553 74.99 -198.65 140.17
CA HIS H 553 75.60 -199.56 139.21
C HIS H 553 76.19 -200.78 139.90
N THR H 554 76.94 -200.56 140.98
CA THR H 554 77.54 -201.68 141.71
C THR H 554 76.57 -202.34 142.67
N ASN H 555 75.62 -201.57 143.21
CA ASN H 555 74.61 -202.07 144.14
C ASN H 555 75.27 -202.72 145.36
N MET H 556 76.12 -201.94 146.03
CA MET H 556 76.83 -202.40 147.22
C MET H 556 76.82 -201.30 148.26
N VAL H 557 76.77 -201.71 149.53
CA VAL H 557 76.76 -200.78 150.65
C VAL H 557 78.17 -200.26 150.89
N CYS H 558 78.49 -199.10 150.32
CA CYS H 558 79.80 -198.51 150.46
C CYS H 558 79.82 -197.51 151.61
N LEU H 559 80.95 -197.44 152.31
CA LEU H 559 81.14 -196.53 153.43
C LEU H 559 82.28 -195.57 153.14
N LEU H 560 82.19 -194.38 153.73
CA LEU H 560 83.20 -193.34 153.55
C LEU H 560 83.54 -192.77 154.92
N LYS H 561 84.75 -193.08 155.41
CA LYS H 561 85.19 -192.58 156.70
C LYS H 561 86.02 -191.32 156.54
N LYS H 562 87.08 -191.18 157.33
CA LYS H 562 87.97 -190.03 157.30
C LYS H 562 89.37 -190.52 156.98
N GLY H 563 89.68 -190.63 155.69
CA GLY H 563 90.98 -191.10 155.26
C GLY H 563 91.15 -192.60 155.24
N TYR H 564 90.07 -193.36 155.29
CA TYR H 564 90.15 -194.82 155.27
C TYR H 564 88.89 -195.34 154.59
N LEU H 565 89.01 -195.68 153.31
CA LEU H 565 87.87 -196.18 152.54
C LEU H 565 87.62 -197.64 152.90
N SER H 566 86.45 -197.91 153.47
CA SER H 566 86.05 -199.25 153.88
C SER H 566 84.75 -199.64 153.19
N PHE H 567 84.26 -200.82 153.52
CA PHE H 567 83.02 -201.33 152.93
C PHE H 567 82.32 -202.22 153.95
N LEU H 568 81.02 -202.42 153.73
CA LEU H 568 80.20 -203.24 154.60
C LEU H 568 79.95 -204.60 153.95
N ILE H 569 80.07 -205.66 154.73
CA ILE H 569 79.86 -207.02 154.24
C ILE H 569 79.20 -207.84 155.34
N PRO H 570 78.53 -208.93 154.96
CA PRO H 570 77.86 -209.77 155.95
C PRO H 570 78.85 -210.71 156.63
N SER H 571 78.40 -211.28 157.75
CA SER H 571 79.21 -212.20 158.52
C SER H 571 79.22 -213.57 157.86
N SER H 572 80.41 -214.15 157.73
CA SER H 572 80.58 -215.46 157.11
C SER H 572 80.50 -216.55 158.18
N LEU H 573 80.90 -217.77 157.82
CA LEU H 573 80.86 -218.88 158.77
C LEU H 573 82.05 -218.83 159.72
N VAL H 574 83.23 -218.52 159.22
CA VAL H 574 84.41 -218.46 160.08
C VAL H 574 84.32 -217.29 161.04
N ASP H 575 83.79 -216.15 160.57
CA ASP H 575 83.65 -214.99 161.45
C ASP H 575 82.62 -215.23 162.53
N HIS H 576 81.60 -216.05 162.26
CA HIS H 576 80.61 -216.36 163.28
C HIS H 576 81.08 -217.47 164.21
N LEU H 577 81.95 -218.36 163.74
CA LEU H 577 82.45 -219.43 164.58
C LEU H 577 83.60 -218.97 165.47
N TYR H 578 84.38 -217.98 165.04
CA TYR H 578 85.49 -217.47 165.83
C TYR H 578 85.06 -216.45 166.87
N LEU H 579 83.79 -216.06 166.89
CA LEU H 579 83.31 -215.09 167.86
C LEU H 579 82.95 -215.71 169.20
N LEU H 580 82.97 -217.04 169.31
CA LEU H 580 82.66 -217.78 170.54
C LEU H 580 81.27 -217.41 171.03
N PRO H 581 80.23 -217.57 170.20
CA PRO H 581 78.85 -217.25 170.58
C PRO H 581 78.13 -218.42 171.26
N ALA H 600 71.01 -234.44 166.31
CA ALA H 600 71.80 -234.21 165.10
C ALA H 600 72.37 -232.80 165.09
N ARG H 601 72.44 -232.18 166.27
CA ARG H 601 72.97 -230.84 166.44
C ARG H 601 74.10 -230.89 167.47
N ASP H 602 75.32 -231.06 166.98
CA ASP H 602 76.50 -231.13 167.85
C ASP H 602 77.64 -230.43 167.14
N VAL H 603 78.87 -230.77 167.52
CA VAL H 603 80.08 -230.19 166.95
C VAL H 603 80.07 -228.68 167.11
N ILE H 604 79.76 -228.22 168.31
CA ILE H 604 79.71 -226.78 168.60
C ILE H 604 80.42 -226.51 169.91
N CYS H 605 80.01 -227.20 170.98
CA CYS H 605 80.64 -227.00 172.28
C CYS H 605 82.09 -227.46 172.27
N LEU H 606 82.38 -228.58 171.61
CA LEU H 606 83.76 -229.05 171.53
C LEU H 606 84.63 -228.08 170.73
N ILE H 607 84.10 -227.56 169.63
CA ILE H 607 84.85 -226.60 168.83
C ILE H 607 85.10 -225.32 169.62
N LYS H 608 84.10 -224.86 170.37
CA LYS H 608 84.27 -223.67 171.19
C LYS H 608 85.31 -223.89 172.28
N CYS H 609 85.29 -225.06 172.92
CA CYS H 609 86.29 -225.36 173.94
C CYS H 609 87.68 -225.44 173.34
N LEU H 610 87.82 -226.03 172.15
CA LEU H 610 89.11 -226.10 171.50
C LEU H 610 89.62 -224.70 171.13
N ARG H 611 88.73 -223.84 170.64
CA ARG H 611 89.13 -222.48 170.30
C ARG H 611 89.54 -221.70 171.54
N LEU H 612 88.81 -221.89 172.65
CA LEU H 612 89.18 -221.20 173.89
C LEU H 612 90.48 -221.71 174.46
N ILE H 613 90.78 -223.00 174.29
CA ILE H 613 92.04 -223.54 174.78
C ILE H 613 93.20 -223.10 173.89
N GLU H 614 92.96 -222.95 172.59
CA GLU H 614 94.02 -222.51 171.69
C GLU H 614 94.29 -221.02 171.80
N GLU H 615 93.26 -220.22 172.14
CA GLU H 615 93.43 -218.78 172.27
C GLU H 615 94.17 -218.39 173.54
N SER H 616 94.27 -219.29 174.52
CA SER H 616 94.95 -218.99 175.78
C SER H 616 96.44 -219.32 175.73
N VAL H 617 96.96 -219.67 174.55
CA VAL H 617 98.38 -219.99 174.44
C VAL H 617 99.21 -218.71 174.39
N THR H 618 100.50 -218.85 174.70
CA THR H 618 101.40 -217.72 174.71
C THR H 618 101.93 -217.45 173.30
N VAL H 619 102.75 -216.42 173.17
CA VAL H 619 103.31 -216.08 171.86
C VAL H 619 104.45 -217.01 171.49
N ASP H 620 105.21 -217.49 172.48
CA ASP H 620 106.33 -218.39 172.20
C ASP H 620 105.84 -219.71 171.64
N MET H 621 104.76 -220.27 172.21
CA MET H 621 104.21 -221.52 171.70
C MET H 621 103.68 -221.36 170.28
N SER H 622 103.02 -220.23 170.00
CA SER H 622 102.51 -219.98 168.66
C SER H 622 103.66 -219.82 167.66
N VAL H 623 104.73 -219.14 168.07
CA VAL H 623 105.89 -218.98 167.18
C VAL H 623 106.55 -220.32 166.92
N ILE H 624 106.64 -221.17 167.95
CA ILE H 624 107.24 -222.49 167.77
C ILE H 624 106.38 -223.34 166.84
N MET H 625 105.05 -223.27 166.99
CA MET H 625 104.16 -224.03 166.12
C MET H 625 104.27 -223.54 164.68
N GLU H 626 104.37 -222.22 164.48
CA GLU H 626 104.51 -221.68 163.13
C GLU H 626 105.83 -222.10 162.51
N MET H 627 106.91 -222.09 163.29
CA MET H 627 108.20 -222.51 162.77
C MET H 627 108.22 -224.00 162.46
N SER H 628 107.50 -224.81 163.24
CA SER H 628 107.44 -226.24 162.95
C SER H 628 106.57 -226.54 161.74
N CYS H 629 105.51 -225.77 161.53
CA CYS H 629 104.64 -225.98 160.38
C CYS H 629 105.24 -225.43 159.10
N TYR H 630 106.11 -224.41 159.20
CA TYR H 630 106.73 -223.85 158.01
C TYR H 630 107.77 -224.78 157.41
N ASN H 631 108.37 -225.64 158.23
CA ASN H 631 109.38 -226.58 157.77
C ASN H 631 108.79 -227.94 157.39
N LEU H 632 107.48 -228.11 157.48
CA LEU H 632 106.82 -229.36 157.14
C LEU H 632 106.22 -229.35 155.74
N GLN H 633 106.76 -228.52 154.85
CA GLN H 633 106.23 -228.45 153.48
C GLN H 633 106.77 -229.59 152.63
N SER H 634 108.08 -229.59 152.38
CA SER H 634 108.71 -230.64 151.59
C SER H 634 108.89 -231.90 152.42
N PRO H 635 109.72 -231.87 153.46
CA PRO H 635 109.93 -233.07 154.30
C PRO H 635 109.01 -233.10 155.52
N GLU H 636 107.75 -233.46 155.27
CA GLU H 636 106.76 -233.53 156.32
C GLU H 636 106.92 -234.82 157.13
N LYS H 637 106.41 -234.79 158.36
CA LYS H 637 106.47 -235.93 159.26
C LYS H 637 105.24 -235.90 160.18
N ALA H 638 104.07 -236.03 159.58
CA ALA H 638 102.81 -236.02 160.33
C ALA H 638 102.64 -237.38 161.00
N ALA H 639 102.90 -237.43 162.31
CA ALA H 639 102.77 -238.68 163.06
C ALA H 639 102.37 -238.39 164.50
N GLU H 640 102.88 -239.18 165.44
CA GLU H 640 102.58 -239.01 166.86
C GLU H 640 103.71 -238.25 167.56
N GLN H 641 104.01 -237.06 167.01
CA GLN H 641 105.05 -236.20 167.56
C GLN H 641 104.55 -234.86 168.04
N ILE H 642 103.30 -234.51 167.76
CA ILE H 642 102.78 -233.22 168.20
C ILE H 642 102.40 -233.26 169.68
N LEU H 643 102.00 -234.43 170.19
CA LEU H 643 101.63 -234.53 171.60
C LEU H 643 102.84 -234.39 172.50
N GLU H 644 104.00 -234.88 172.05
CA GLU H 644 105.22 -234.75 172.84
C GLU H 644 105.85 -233.37 172.73
N ASP H 645 105.40 -232.54 171.79
CA ASP H 645 105.92 -231.20 171.62
C ASP H 645 105.00 -230.12 172.16
N MET H 646 103.70 -230.37 172.20
CA MET H 646 102.74 -229.41 172.73
C MET H 646 102.54 -229.53 174.23
N ILE H 647 103.25 -230.45 174.89
CA ILE H 647 103.13 -230.65 176.33
C ILE H 647 104.19 -229.89 177.10
N THR H 648 104.85 -228.91 176.47
CA THR H 648 105.88 -228.11 177.12
C THR H 648 105.33 -226.79 177.66
N ILE H 649 104.01 -226.67 177.79
CA ILE H 649 103.39 -225.44 178.29
C ILE H 649 103.02 -225.57 179.77
N ASP H 650 103.51 -226.61 180.45
CA ASP H 650 103.24 -226.84 181.87
C ASP H 650 101.73 -226.93 182.13
N VAL H 651 101.10 -227.88 181.44
CA VAL H 651 99.66 -228.11 181.57
C VAL H 651 99.44 -229.26 182.56
N GLU H 652 98.52 -229.05 183.49
CA GLU H 652 98.22 -230.07 184.49
C GLU H 652 96.75 -230.48 184.43
N ASN H 653 95.88 -229.70 185.07
CA ASN H 653 94.44 -229.98 185.09
C ASN H 653 93.77 -229.27 183.91
N VAL H 654 94.02 -229.82 182.73
CA VAL H 654 93.47 -229.27 181.49
C VAL H 654 93.28 -230.40 180.48
N MET H 655 94.04 -231.48 180.64
CA MET H 655 93.93 -232.61 179.72
C MET H 655 92.87 -233.61 180.18
N GLU H 656 92.73 -233.80 181.50
CA GLU H 656 91.74 -234.74 182.01
C GLU H 656 90.32 -234.24 181.75
N ASP H 657 90.10 -232.93 181.87
CA ASP H 657 88.77 -232.38 181.62
C ASP H 657 88.38 -232.52 180.16
N ILE H 658 89.35 -232.46 179.24
CA ILE H 658 89.05 -232.64 177.83
C ILE H 658 88.88 -234.12 177.50
N CYS H 659 89.65 -234.99 178.15
CA CYS H 659 89.52 -236.42 177.91
C CYS H 659 88.18 -236.95 178.41
N SER H 660 87.71 -236.45 179.56
CA SER H 660 86.43 -236.89 180.08
C SER H 660 85.28 -236.45 179.19
N LYS H 661 85.42 -235.34 178.47
CA LYS H 661 84.38 -234.89 177.56
C LYS H 661 84.49 -235.59 176.21
N LEU H 662 85.70 -235.94 175.77
CA LEU H 662 85.86 -236.63 174.50
C LEU H 662 85.49 -238.11 174.60
N GLN H 663 85.66 -238.72 175.77
CA GLN H 663 85.34 -240.13 175.95
C GLN H 663 83.84 -240.37 176.11
N GLU H 664 83.06 -239.32 176.35
CA GLU H 664 81.60 -239.44 176.53
C GLU H 664 80.86 -238.94 175.29
N ILE H 665 81.27 -239.40 174.12
CA ILE H 665 80.65 -239.01 172.85
C ILE H 665 80.65 -240.21 171.93
N ARG H 666 79.52 -240.43 171.26
CA ARG H 666 79.39 -241.55 170.32
C ARG H 666 80.07 -241.23 169.01
N ASN H 667 79.30 -240.76 168.03
CA ASN H 667 79.84 -240.42 166.72
C ASN H 667 80.54 -239.07 166.77
N PRO H 668 81.87 -239.03 166.69
CA PRO H 668 82.57 -237.74 166.73
C PRO H 668 83.29 -237.44 165.43
N ILE H 669 84.10 -238.38 164.95
CA ILE H 669 84.83 -238.17 163.70
C ILE H 669 83.87 -238.12 162.52
N HIS H 670 82.83 -238.95 162.54
CA HIS H 670 81.86 -238.95 161.45
C HIS H 670 81.09 -237.63 161.39
N ALA H 671 80.82 -237.03 162.54
CA ALA H 671 80.14 -235.74 162.57
C ALA H 671 81.09 -234.61 162.18
N ILE H 672 82.35 -234.70 162.60
CA ILE H 672 83.33 -233.66 162.26
C ILE H 672 83.58 -233.65 160.75
N GLY H 673 83.66 -234.83 160.14
CA GLY H 673 83.85 -234.90 158.70
C GLY H 673 82.68 -234.31 157.93
N LEU H 674 81.45 -234.61 158.39
CA LEU H 674 80.28 -234.04 157.73
C LEU H 674 80.22 -232.52 157.90
N LEU H 675 80.58 -232.02 159.09
CA LEU H 675 80.59 -230.58 159.31
C LEU H 675 81.67 -229.89 158.48
N ILE H 676 82.81 -230.56 158.27
CA ILE H 676 83.86 -229.96 157.44
C ILE H 676 83.47 -230.01 155.97
N ARG H 677 82.74 -231.04 155.56
CA ARG H 677 82.32 -231.14 154.16
C ARG H 677 81.21 -230.15 153.84
N GLU H 678 80.30 -229.93 154.78
CA GLU H 678 79.20 -228.98 154.57
C GLU H 678 79.66 -227.53 154.65
N MET H 679 80.76 -227.25 155.32
CA MET H 679 81.27 -225.88 155.45
C MET H 679 81.98 -225.45 154.17
N ASN H 698 84.39 -227.49 152.75
CA ASN H 698 84.58 -227.25 151.32
C ASN H 698 83.58 -226.24 150.78
N ILE H 699 84.05 -225.07 150.43
CA ILE H 699 83.21 -223.99 149.90
C ILE H 699 83.06 -224.18 148.40
N ARG H 700 81.88 -223.84 147.89
CA ARG H 700 81.57 -223.95 146.47
C ARG H 700 80.86 -222.69 146.00
N MET H 701 81.23 -222.23 144.81
CA MET H 701 80.65 -221.02 144.23
C MET H 701 79.54 -221.39 143.24
N ASN H 702 78.76 -220.37 142.86
CA ASN H 702 77.66 -220.54 141.93
C ASN H 702 78.02 -219.80 140.66
N LEU H 703 77.44 -218.65 140.37
CA LEU H 703 77.76 -217.87 139.17
C LEU H 703 79.02 -217.06 139.46
N THR H 704 80.13 -217.47 138.86
CA THR H 704 81.40 -216.78 139.06
C THR H 704 81.41 -215.46 138.30
N GLN H 705 82.14 -214.48 138.83
CA GLN H 705 82.26 -213.17 138.20
C GLN H 705 83.69 -212.67 138.25
N LEU H 706 83.90 -211.42 137.85
CA LEU H 706 85.23 -210.82 137.85
C LEU H 706 85.10 -209.34 138.17
N TYR H 707 86.24 -208.66 138.29
CA TYR H 707 86.28 -207.24 138.60
C TYR H 707 87.56 -206.66 138.03
N GLY H 708 87.76 -205.36 138.27
CA GLY H 708 88.95 -204.68 137.79
C GLY H 708 89.04 -203.24 138.22
N SER H 709 89.54 -203.01 139.44
CA SER H 709 89.67 -201.65 139.97
C SER H 709 90.88 -201.55 140.88
N ASN H 710 90.82 -200.65 141.86
CA ASN H 710 91.92 -200.46 142.79
C ASN H 710 91.45 -200.64 144.23
N THR H 711 90.52 -199.80 144.67
CA THR H 711 90.01 -199.90 146.03
C THR H 711 89.23 -201.19 146.23
N ALA H 712 88.41 -201.58 145.25
CA ALA H 712 87.68 -202.83 145.36
C ALA H 712 88.62 -204.03 145.38
N GLY H 713 89.67 -204.00 144.55
CA GLY H 713 90.65 -205.07 144.58
C GLY H 713 91.39 -205.16 145.90
N TYR H 714 91.76 -204.00 146.46
CA TYR H 714 92.42 -204.00 147.76
C TYR H 714 91.51 -204.52 148.85
N ILE H 715 90.23 -204.15 148.82
CA ILE H 715 89.29 -204.65 149.82
C ILE H 715 89.10 -206.16 149.67
N VAL H 716 89.03 -206.66 148.44
CA VAL H 716 88.89 -208.09 148.21
C VAL H 716 90.13 -208.83 148.70
N CYS H 717 91.32 -208.26 148.47
CA CYS H 717 92.54 -208.89 148.95
C CYS H 717 92.60 -208.92 150.47
N ARG H 718 92.18 -207.82 151.11
CA ARG H 718 92.16 -207.80 152.57
C ARG H 718 91.17 -208.81 153.12
N GLY H 719 90.00 -208.93 152.50
CA GLY H 719 89.04 -209.93 152.94
C GLY H 719 89.55 -211.35 152.76
N VAL H 720 90.23 -211.60 151.64
CA VAL H 720 90.78 -212.93 151.40
C VAL H 720 91.88 -213.24 152.42
N HIS H 721 92.70 -212.25 152.76
CA HIS H 721 93.74 -212.45 153.76
C HIS H 721 93.13 -212.71 155.13
N LYS H 722 92.06 -211.99 155.48
CA LYS H 722 91.39 -212.22 156.77
C LYS H 722 90.77 -213.61 156.82
N ILE H 723 90.16 -214.05 155.71
CA ILE H 723 89.57 -215.38 155.65
C ILE H 723 90.64 -216.45 155.78
N ALA H 724 91.79 -216.23 155.13
CA ALA H 724 92.89 -217.18 155.22
C ALA H 724 93.44 -217.25 156.65
N SER H 725 93.55 -216.10 157.32
CA SER H 725 94.02 -216.10 158.70
C SER H 725 93.03 -216.82 159.62
N THR H 726 91.73 -216.60 159.40
CA THR H 726 90.73 -217.28 160.20
C THR H 726 90.78 -218.79 159.97
N ARG H 727 90.95 -219.20 158.71
CA ARG H 727 91.05 -220.63 158.41
C ARG H 727 92.29 -221.24 159.03
N PHE H 728 93.42 -220.51 159.01
CA PHE H 728 94.63 -221.00 159.64
C PHE H 728 94.46 -221.15 161.15
N LEU H 729 93.79 -220.17 161.77
CA LEU H 729 93.55 -220.26 163.21
C LEU H 729 92.63 -221.44 163.54
N ILE H 730 91.60 -221.65 162.72
CA ILE H 730 90.69 -222.78 162.95
C ILE H 730 91.43 -224.11 162.78
N CYS H 731 92.31 -224.19 161.78
CA CYS H 731 93.07 -225.42 161.56
C CYS H 731 94.04 -225.67 162.71
N ARG H 732 94.67 -224.61 163.21
CA ARG H 732 95.58 -224.76 164.35
C ARG H 732 94.82 -225.21 165.60
N ASP H 733 93.62 -224.65 165.82
CA ASP H 733 92.82 -225.07 166.96
C ASP H 733 92.39 -226.53 166.83
N LEU H 734 92.01 -226.94 165.61
CA LEU H 734 91.62 -228.33 165.40
C LEU H 734 92.80 -229.28 165.61
N LEU H 735 93.99 -228.88 165.15
CA LEU H 735 95.18 -229.70 165.36
C LEU H 735 95.52 -229.81 166.84
N ILE H 736 95.40 -228.70 167.58
CA ILE H 736 95.67 -228.73 169.01
C ILE H 736 94.67 -229.62 169.72
N LEU H 737 93.39 -229.56 169.32
CA LEU H 737 92.39 -230.42 169.93
C LEU H 737 92.65 -231.88 169.62
N GLN H 738 93.05 -232.20 168.39
CA GLN H 738 93.35 -233.57 168.04
C GLN H 738 94.58 -234.09 168.77
N GLN H 739 95.57 -233.22 169.00
CA GLN H 739 96.76 -233.64 169.74
C GLN H 739 96.45 -233.82 171.22
N LEU H 740 95.57 -233.00 171.78
CA LEU H 740 95.21 -233.13 173.19
C LEU H 740 94.29 -234.32 173.44
N LEU H 741 93.45 -234.67 172.45
CA LEU H 741 92.54 -235.80 172.62
C LEU H 741 93.30 -237.13 172.49
N MET H 742 94.02 -237.31 171.39
CA MET H 742 94.78 -238.53 171.15
C MET H 742 96.27 -238.30 171.43
N ARG H 743 96.56 -238.04 172.71
CA ARG H 743 97.93 -237.80 173.15
C ARG H 743 98.66 -239.06 173.55
N LEU H 744 97.94 -240.16 173.80
CA LEU H 744 98.52 -241.43 174.20
C LEU H 744 99.38 -241.27 175.45
N GLY H 745 100.65 -240.91 175.28
CA GLY H 745 101.53 -240.73 176.40
C GLY H 745 102.78 -241.59 176.32
N ASP H 746 103.18 -241.94 175.09
CA ASP H 746 104.36 -242.77 174.84
C ASP H 746 104.26 -244.11 175.57
N ALA H 747 103.08 -244.73 175.51
CA ALA H 747 102.83 -246.01 176.15
C ALA H 747 101.99 -246.88 175.24
N VAL H 748 102.13 -248.20 175.40
CA VAL H 748 101.37 -249.14 174.59
C VAL H 748 99.95 -249.29 175.13
N ILE H 749 99.81 -249.38 176.44
CA ILE H 749 98.48 -249.53 177.03
C ILE H 749 97.66 -248.26 176.87
N TRP H 750 98.32 -247.10 176.88
CA TRP H 750 97.64 -245.83 176.69
C TRP H 750 97.46 -245.46 175.23
N GLY H 751 97.96 -246.27 174.30
CA GLY H 751 97.82 -246.00 172.88
C GLY H 751 97.00 -247.03 172.14
N THR H 752 96.85 -248.21 172.74
CA THR H 752 96.07 -249.27 172.12
C THR H 752 94.57 -249.03 172.19
N GLY H 753 94.12 -248.08 173.03
CA GLY H 753 92.70 -247.80 173.14
C GLY H 753 92.12 -247.05 171.96
N GLN H 754 92.96 -246.32 171.21
CA GLN H 754 92.52 -245.56 170.05
C GLN H 754 92.80 -246.27 168.73
N LEU H 755 93.52 -247.39 168.77
CA LEU H 755 93.85 -248.14 167.56
C LEU H 755 93.24 -249.54 167.55
N PHE H 756 92.29 -249.81 168.44
CA PHE H 756 91.63 -251.12 168.52
C PHE H 756 90.31 -251.15 167.74
N GLN H 757 90.27 -250.52 166.56
CA GLN H 757 89.08 -250.48 165.72
C GLN H 757 87.89 -249.88 166.47
N ALA H 758 88.16 -248.82 167.24
CA ALA H 758 87.11 -248.16 168.01
C ALA H 758 86.40 -247.07 167.19
N GLN H 759 87.12 -246.41 166.29
CA GLN H 759 86.54 -245.37 165.46
C GLN H 759 86.94 -245.65 164.01
N GLN H 760 86.99 -244.58 163.20
CA GLN H 760 87.36 -244.69 161.79
C GLN H 760 88.66 -243.96 161.48
N ASP H 761 89.52 -243.77 162.49
CA ASP H 761 90.80 -243.11 162.33
C ASP H 761 90.64 -241.69 161.78
N LEU H 762 91.74 -241.09 161.31
CA LEU H 762 91.70 -239.74 160.77
C LEU H 762 92.94 -239.45 159.93
N LEU H 763 93.32 -240.39 159.07
CA LEU H 763 94.49 -240.18 158.21
C LEU H 763 94.16 -239.20 157.09
N HIS H 764 93.18 -239.53 156.26
CA HIS H 764 92.77 -238.62 155.19
C HIS H 764 92.14 -237.36 155.75
N ARG H 765 91.57 -237.42 156.95
CA ARG H 765 91.01 -236.23 157.57
C ARG H 765 92.11 -235.27 158.00
N THR H 766 93.24 -235.80 158.47
CA THR H 766 94.36 -234.94 158.85
C THR H 766 95.15 -234.47 157.65
N ALA H 767 95.21 -235.29 156.59
CA ALA H 767 95.92 -234.87 155.38
C ALA H 767 95.25 -233.68 154.72
N PRO H 768 93.95 -233.71 154.42
CA PRO H 768 93.31 -232.51 153.86
C PRO H 768 93.32 -231.34 154.82
N LEU H 769 93.19 -231.59 156.13
CA LEU H 769 93.29 -230.51 157.09
C LEU H 769 94.68 -229.88 157.09
N LEU H 770 95.72 -230.71 156.99
CA LEU H 770 97.07 -230.18 156.92
C LEU H 770 97.30 -229.39 155.64
N LEU H 771 96.74 -229.86 154.53
CA LEU H 771 96.87 -229.13 153.27
C LEU H 771 96.17 -227.78 153.35
N SER H 772 94.96 -227.75 153.93
CA SER H 772 94.25 -226.49 154.08
C SER H 772 95.00 -225.55 155.02
N TYR H 773 95.59 -226.09 156.10
CA TYR H 773 96.37 -225.26 157.01
C TYR H 773 97.59 -224.67 156.32
N TYR H 774 98.27 -225.47 155.50
CA TYR H 774 99.43 -224.96 154.77
C TYR H 774 99.03 -223.89 153.76
N LEU H 775 97.89 -224.10 153.07
CA LEU H 775 97.42 -223.10 152.12
C LEU H 775 97.05 -221.80 152.84
N ILE H 776 96.40 -221.91 154.00
CA ILE H 776 96.01 -220.72 154.75
C ILE H 776 97.25 -220.00 155.28
N LYS H 777 98.26 -220.75 155.71
CA LYS H 777 99.50 -220.13 156.17
C LYS H 777 100.21 -219.42 155.03
N TRP H 778 100.23 -220.02 153.83
CA TRP H 778 100.83 -219.34 152.68
C TRP H 778 100.07 -218.08 152.32
N GLY H 779 98.73 -218.15 152.36
CA GLY H 779 97.94 -216.96 152.08
C GLY H 779 98.11 -215.86 153.11
N SER H 780 98.32 -216.22 154.37
CA SER H 780 98.56 -215.22 155.40
C SER H 780 99.96 -214.62 155.26
N GLU H 781 100.93 -215.44 154.86
CA GLU H 781 102.28 -214.92 154.62
C GLU H 781 102.28 -213.97 153.42
N CYS H 782 101.48 -214.27 152.40
CA CYS H 782 101.35 -213.36 151.27
C CYS H 782 100.57 -212.13 151.67
N LEU H 783 101.04 -210.95 151.24
CA LEU H 783 100.40 -209.70 151.58
C LEU H 783 99.16 -209.45 150.74
N ALA H 784 99.14 -208.34 150.00
CA ALA H 784 97.99 -208.02 149.17
C ALA H 784 98.35 -207.26 147.90
N THR H 785 99.58 -206.84 147.71
CA THR H 785 100.00 -206.09 146.54
C THR H 785 100.59 -207.07 145.51
N ASP H 786 101.38 -206.54 144.56
CA ASP H 786 102.03 -207.33 143.52
C ASP H 786 101.01 -208.13 142.71
N VAL H 787 100.36 -207.48 141.74
CA VAL H 787 99.38 -208.14 140.89
C VAL H 787 100.08 -208.74 139.69
N PRO H 788 99.44 -208.78 138.52
CA PRO H 788 100.11 -209.36 137.34
C PRO H 788 99.81 -208.57 136.07
N LEU H 789 98.66 -208.85 135.46
CA LEU H 789 98.24 -208.18 134.24
C LEU H 789 96.93 -207.44 134.48
N ASP H 790 96.60 -206.52 133.57
CA ASP H 790 95.38 -205.73 133.64
C ASP H 790 94.61 -205.90 132.33
N THR H 791 94.06 -207.09 132.12
CA THR H 791 93.29 -207.42 130.93
C THR H 791 91.83 -207.60 131.35
N LEU H 792 91.07 -206.51 131.26
CA LEU H 792 89.66 -206.53 131.64
C LEU H 792 88.84 -206.95 130.42
N GLU H 793 88.48 -208.24 130.37
CA GLU H 793 87.71 -208.77 129.27
C GLU H 793 86.21 -208.70 129.56
N SER H 794 85.63 -209.82 130.00
CA SER H 794 84.21 -209.86 130.32
C SER H 794 83.98 -210.54 131.66
N ASN H 795 82.95 -211.38 131.73
CA ASN H 795 82.63 -212.08 132.97
C ASN H 795 83.59 -213.26 133.18
N LEU H 796 84.14 -213.36 134.38
CA LEU H 796 85.08 -214.43 134.74
C LEU H 796 86.29 -214.44 133.81
N GLN H 797 86.78 -213.24 133.46
CA GLN H 797 87.93 -213.11 132.58
C GLN H 797 88.65 -211.80 132.83
N HIS H 798 87.97 -210.86 133.47
CA HIS H 798 88.56 -209.55 133.75
C HIS H 798 89.49 -209.64 134.95
N LEU H 799 90.67 -209.02 134.81
CA LEU H 799 91.68 -209.01 135.87
C LEU H 799 91.70 -207.64 136.54
N SER H 800 92.41 -207.57 137.66
CA SER H 800 92.54 -206.33 138.42
C SER H 800 93.64 -205.46 137.83
N VAL H 801 93.88 -204.32 138.47
CA VAL H 801 94.91 -203.39 138.01
C VAL H 801 96.28 -203.94 138.39
N LEU H 802 97.21 -203.93 137.44
CA LEU H 802 98.55 -204.44 137.70
C LEU H 802 99.38 -203.43 138.50
N GLU H 803 99.50 -202.21 137.99
CA GLU H 803 100.25 -201.17 138.67
C GLU H 803 99.34 -200.25 139.46
N LEU H 804 98.86 -199.18 138.83
CA LEU H 804 97.97 -198.20 139.45
C LEU H 804 98.59 -197.62 140.72
N THR H 805 99.85 -197.24 140.64
CA THR H 805 100.59 -196.66 141.76
C THR H 805 101.37 -195.44 141.26
N ASP H 806 102.13 -194.83 142.18
CA ASP H 806 102.93 -193.67 141.83
C ASP H 806 104.20 -194.06 141.09
N SER H 807 104.97 -194.98 141.66
CA SER H 807 106.21 -195.44 141.05
C SER H 807 106.41 -196.91 141.41
N GLY H 808 107.63 -197.40 141.21
CA GLY H 808 107.92 -198.79 141.52
C GLY H 808 108.15 -199.02 143.01
N ALA H 809 108.76 -198.04 143.68
CA ALA H 809 109.02 -198.14 145.11
C ALA H 809 107.92 -197.53 145.97
N LEU H 810 106.92 -196.89 145.36
CA LEU H 810 105.82 -196.28 146.10
C LEU H 810 104.67 -197.29 146.13
N MET H 811 104.56 -198.02 147.24
CA MET H 811 103.50 -199.01 147.42
C MET H 811 102.19 -198.29 147.68
N ALA H 812 101.46 -197.97 146.61
CA ALA H 812 100.19 -197.28 146.72
C ALA H 812 99.00 -198.21 146.57
N ASN H 813 99.14 -199.27 145.77
CA ASN H 813 98.06 -200.22 145.56
C ASN H 813 98.59 -201.60 145.24
N ARG H 814 99.48 -201.69 144.24
CA ARG H 814 100.09 -202.95 143.81
C ARG H 814 101.43 -202.64 143.16
N PHE H 815 102.44 -202.39 144.00
CA PHE H 815 103.78 -202.07 143.54
C PHE H 815 104.87 -202.88 144.23
N VAL H 816 104.75 -203.14 145.52
CA VAL H 816 105.75 -203.90 146.26
C VAL H 816 105.60 -205.37 145.90
N SER H 817 106.65 -205.94 145.30
CA SER H 817 106.65 -207.34 144.90
C SER H 817 107.62 -208.20 145.70
N SER H 818 108.42 -207.61 146.58
CA SER H 818 109.38 -208.37 147.37
C SER H 818 108.66 -209.07 148.53
N PRO H 819 107.54 -208.53 148.99
CA PRO H 819 106.82 -209.17 150.11
C PRO H 819 105.31 -209.10 149.93
N GLN H 820 104.81 -209.68 148.84
CA GLN H 820 103.37 -209.68 148.58
C GLN H 820 102.97 -210.90 147.78
N THR H 821 102.69 -210.71 146.48
CA THR H 821 102.28 -211.78 145.57
C THR H 821 101.03 -212.50 146.10
N ILE H 822 99.90 -211.80 145.97
CA ILE H 822 98.62 -212.32 146.41
C ILE H 822 97.50 -211.71 145.58
N VAL H 823 97.78 -210.56 144.96
CA VAL H 823 96.77 -209.90 144.15
C VAL H 823 96.60 -210.61 142.81
N GLU H 824 97.65 -211.29 142.33
CA GLU H 824 97.55 -212.01 141.07
C GLU H 824 96.61 -213.20 141.17
N LEU H 825 96.63 -213.90 142.31
CA LEU H 825 95.74 -215.04 142.49
C LEU H 825 94.29 -214.60 142.57
N PHE H 826 94.02 -213.40 143.09
CA PHE H 826 92.66 -212.89 143.15
C PHE H 826 92.23 -212.29 141.83
N PHE H 827 93.16 -211.78 141.03
CA PHE H 827 92.81 -211.22 139.73
C PHE H 827 92.62 -212.29 138.67
N GLN H 828 93.35 -213.39 138.75
CA GLN H 828 93.24 -214.47 137.79
C GLN H 828 92.12 -215.46 138.12
N GLU H 829 91.45 -215.28 139.25
CA GLU H 829 90.37 -216.18 139.64
C GLU H 829 89.11 -215.39 139.99
N LYS H 844 75.91 -208.43 145.11
CA LYS H 844 77.15 -207.73 144.85
C LYS H 844 78.22 -208.68 144.34
N PRO H 855 82.87 -206.36 143.74
CA PRO H 855 82.15 -207.63 143.88
C PRO H 855 82.81 -208.56 144.89
N GLU H 856 82.96 -208.10 146.14
CA GLU H 856 83.58 -208.92 147.17
C GLU H 856 82.66 -210.03 147.65
N MET H 857 81.34 -209.82 147.59
CA MET H 857 80.40 -210.85 148.04
C MET H 857 80.25 -211.94 147.00
N ILE H 858 80.15 -211.57 145.72
CA ILE H 858 80.00 -212.54 144.64
C ILE H 858 80.58 -211.97 143.36
N THR H 859 81.52 -212.69 142.75
CA THR H 859 81.97 -213.98 143.27
C THR H 859 83.49 -214.07 143.27
N ALA H 860 84.16 -212.91 143.34
CA ALA H 860 85.62 -212.89 143.33
C ALA H 860 86.19 -213.60 144.55
N ILE H 861 85.60 -213.39 145.72
CA ILE H 861 86.08 -214.08 146.92
C ILE H 861 85.61 -215.52 146.95
N THR H 862 84.41 -215.79 146.39
CA THR H 862 83.90 -217.16 146.38
C THR H 862 84.76 -218.07 145.51
N SER H 863 85.19 -217.57 144.35
CA SER H 863 86.05 -218.37 143.48
C SER H 863 87.39 -218.65 144.15
N TYR H 864 87.96 -217.65 144.83
CA TYR H 864 89.23 -217.85 145.52
C TYR H 864 89.07 -218.86 146.66
N LEU H 865 87.96 -218.78 147.40
CA LEU H 865 87.72 -219.74 148.48
C LEU H 865 87.55 -221.15 147.93
N LEU H 866 86.83 -221.30 146.82
CA LEU H 866 86.64 -222.61 146.22
C LEU H 866 87.95 -223.17 145.66
N GLN H 867 88.82 -222.31 145.14
CA GLN H 867 90.10 -222.77 144.63
C GLN H 867 91.06 -223.13 145.76
N LEU H 868 90.97 -222.43 146.89
CA LEU H 868 91.84 -222.72 148.03
C LEU H 868 91.37 -223.95 148.80
N LEU H 869 90.06 -224.19 148.85
CA LEU H 869 89.54 -225.34 149.57
C LEU H 869 89.60 -226.63 148.76
N TRP H 870 89.74 -226.53 147.44
CA TRP H 870 89.80 -227.72 146.61
C TRP H 870 91.19 -228.36 146.69
N PRO H 871 91.26 -229.69 146.60
CA PRO H 871 92.58 -230.35 146.67
C PRO H 871 92.76 -231.38 145.57
N SER H 872 91.97 -232.45 145.61
CA SER H 872 92.05 -233.51 144.61
C SER H 872 91.17 -233.25 143.40
N ASN H 873 90.31 -232.24 143.44
CA ASN H 873 89.43 -231.92 142.31
C ASN H 873 90.20 -231.16 141.25
N PRO H 874 91.17 -230.33 141.64
CA PRO H 874 91.93 -229.59 140.62
C PRO H 874 93.06 -230.40 140.02
N GLY H 875 93.60 -231.35 140.80
CA GLY H 875 94.67 -232.19 140.35
C GLY H 875 96.07 -231.67 140.62
N CYS H 876 96.21 -230.40 141.00
CA CYS H 876 97.52 -229.83 141.28
C CYS H 876 97.37 -228.77 142.38
N LEU H 877 98.50 -228.39 142.96
CA LEU H 877 98.51 -227.40 144.02
C LEU H 877 98.32 -226.00 143.43
N PHE H 878 97.56 -225.16 144.14
CA PHE H 878 97.33 -223.81 143.67
C PHE H 878 98.53 -222.90 143.92
N LEU H 879 99.35 -223.22 144.93
CA LEU H 879 100.51 -222.39 145.24
C LEU H 879 101.54 -222.47 144.11
N GLU H 880 101.75 -223.66 143.55
CA GLU H 880 102.69 -223.81 142.44
C GLU H 880 102.23 -223.04 141.21
N CYS H 881 100.92 -223.11 140.90
CA CYS H 881 100.38 -222.38 139.77
C CYS H 881 100.49 -220.87 139.99
N LEU H 882 100.22 -220.41 141.22
CA LEU H 882 100.35 -218.99 141.51
C LEU H 882 101.78 -218.52 141.37
N MET H 883 102.74 -219.33 141.85
CA MET H 883 104.15 -218.97 141.72
C MET H 883 104.58 -218.94 140.26
N GLY H 884 104.12 -219.92 139.47
CA GLY H 884 104.45 -219.93 138.06
C GLY H 884 103.84 -218.76 137.30
N ASN H 885 102.65 -218.33 137.69
CA ASN H 885 102.03 -217.18 137.04
C ASN H 885 102.69 -215.87 137.47
N CYS H 886 103.17 -215.80 138.72
CA CYS H 886 103.83 -214.59 139.19
C CYS H 886 105.24 -214.46 138.67
N GLN H 887 105.91 -215.59 138.40
CA GLN H 887 107.28 -215.54 137.89
C GLN H 887 107.34 -215.05 136.44
N TYR H 888 106.21 -215.09 135.72
CA TYR H 888 106.18 -214.63 134.34
C TYR H 888 106.17 -213.11 134.22
N VAL H 889 105.90 -212.38 135.30
CA VAL H 889 105.87 -210.93 135.27
C VAL H 889 107.08 -210.39 136.03
N GLN H 890 106.98 -210.34 137.35
CA GLN H 890 108.07 -209.84 138.19
C GLN H 890 108.19 -210.66 139.47
N LEU H 891 108.45 -209.97 140.59
CA LEU H 891 108.58 -210.61 141.89
C LEU H 891 109.68 -211.68 141.88
N GLN H 892 110.85 -211.30 141.36
CA GLN H 892 111.97 -212.23 141.27
C GLN H 892 112.69 -212.40 142.60
N ASP H 893 112.55 -211.45 143.53
CA ASP H 893 113.22 -211.55 144.82
C ASP H 893 112.47 -212.50 145.76
N TYR H 894 111.14 -212.43 145.77
CA TYR H 894 110.34 -213.27 146.63
C TYR H 894 110.11 -214.66 146.05
N ILE H 895 110.44 -214.88 144.78
CA ILE H 895 110.24 -216.19 144.17
C ILE H 895 111.19 -217.23 144.80
N GLN H 896 112.42 -216.82 145.09
CA GLN H 896 113.37 -217.74 145.71
C GLN H 896 112.94 -218.13 147.11
N LEU H 897 112.28 -217.22 147.83
CA LEU H 897 111.78 -217.54 149.16
C LEU H 897 110.48 -218.32 149.11
N LEU H 898 109.70 -218.15 148.05
CA LEU H 898 108.44 -218.88 147.93
C LEU H 898 108.65 -220.30 147.43
N HIS H 899 109.65 -220.52 146.59
CA HIS H 899 109.93 -221.87 146.08
C HIS H 899 110.61 -222.70 147.17
N PRO H 900 111.32 -222.07 148.10
CA PRO H 900 111.99 -222.86 149.16
C PRO H 900 111.05 -223.31 150.26
N TRP H 901 109.92 -222.64 150.45
CA TRP H 901 108.97 -223.01 151.49
C TRP H 901 107.73 -223.73 150.95
N CYS H 902 107.74 -224.10 149.67
CA CYS H 902 106.60 -224.79 149.07
C CYS H 902 106.84 -226.29 149.07
N GLN H 903 105.83 -227.03 148.62
CA GLN H 903 105.92 -228.48 148.57
C GLN H 903 106.71 -228.94 147.35
N VAL H 904 107.32 -230.11 147.47
CA VAL H 904 108.13 -230.67 146.40
C VAL H 904 107.33 -231.74 145.66
N ASN H 905 106.06 -231.88 146.02
CA ASN H 905 105.20 -232.88 145.38
C ASN H 905 104.70 -232.42 144.02
N VAL H 906 104.74 -231.12 143.73
CA VAL H 906 104.26 -230.61 142.45
C VAL H 906 105.33 -230.81 141.39
N GLY H 907 104.89 -230.95 140.13
CA GLY H 907 105.80 -231.16 139.04
C GLY H 907 106.48 -229.88 138.58
N SER H 908 105.75 -228.77 138.58
CA SER H 908 106.28 -227.48 138.16
C SER H 908 107.03 -226.75 139.27
N CYS H 909 106.93 -227.23 140.51
CA CYS H 909 107.62 -226.56 141.61
C CYS H 909 109.14 -226.65 141.45
N ARG H 910 109.65 -227.82 141.05
CA ARG H 910 111.07 -227.97 140.84
C ARG H 910 111.56 -227.09 139.70
N PHE H 911 110.78 -227.00 138.62
CA PHE H 911 111.16 -226.14 137.50
C PHE H 911 111.16 -224.67 137.91
N MET H 912 110.16 -224.26 138.70
CA MET H 912 110.12 -222.87 139.17
C MET H 912 111.30 -222.57 140.08
N LEU H 913 111.65 -223.51 140.97
CA LEU H 913 112.80 -223.32 141.84
C LEU H 913 114.09 -223.23 141.04
N GLY H 914 114.25 -224.08 140.04
CA GLY H 914 115.44 -224.01 139.19
C GLY H 914 115.52 -222.71 138.43
N ARG H 915 114.39 -222.23 137.90
CA ARG H 915 114.38 -220.96 137.18
C ARG H 915 114.72 -219.80 138.11
N CYS H 916 114.19 -219.82 139.34
CA CYS H 916 114.49 -218.77 140.30
C CYS H 916 115.95 -218.80 140.73
N TYR H 917 116.53 -220.00 140.84
CA TYR H 917 117.94 -220.10 141.19
C TYR H 917 118.85 -219.66 140.05
N LEU H 918 118.46 -219.95 138.81
CA LEU H 918 119.26 -219.55 137.65
C LEU H 918 119.15 -218.06 137.37
N VAL H 919 117.98 -217.46 137.63
CA VAL H 919 117.80 -216.02 137.39
C VAL H 919 118.41 -215.16 138.48
N THR H 920 118.77 -215.73 139.61
CA THR H 920 119.37 -214.98 140.71
C THR H 920 120.89 -215.03 140.72
N GLY H 921 121.49 -216.01 140.06
CA GLY H 921 122.93 -216.15 140.00
C GLY H 921 123.47 -217.46 140.55
N GLU H 922 122.67 -218.19 141.33
CA GLU H 922 123.09 -219.46 141.91
C GLU H 922 123.00 -220.52 140.82
N GLY H 923 124.10 -220.72 140.10
CA GLY H 923 124.13 -221.71 139.04
C GLY H 923 124.21 -223.13 139.56
N GLN H 924 124.90 -223.34 140.67
CA GLN H 924 125.04 -224.68 141.21
C GLN H 924 123.70 -225.22 141.70
N LYS H 925 122.91 -224.39 142.37
CA LYS H 925 121.60 -224.83 142.83
C LYS H 925 120.68 -225.14 141.66
N ALA H 926 120.71 -224.31 140.61
CA ALA H 926 119.90 -224.56 139.44
C ALA H 926 120.32 -225.85 138.74
N LEU H 927 121.62 -226.09 138.65
CA LEU H 927 122.10 -227.33 138.03
C LEU H 927 121.70 -228.55 138.85
N GLU H 928 121.78 -228.45 140.17
CA GLU H 928 121.38 -229.57 141.03
C GLU H 928 119.88 -229.82 140.96
N CYS H 929 119.08 -228.75 140.80
CA CYS H 929 117.64 -228.94 140.68
C CYS H 929 117.25 -229.50 139.32
N PHE H 930 117.98 -229.13 138.27
CA PHE H 930 117.68 -229.64 136.93
C PHE H 930 118.18 -231.06 136.73
N CYS H 931 119.26 -231.45 137.42
CA CYS H 931 119.78 -232.80 137.27
C CYS H 931 118.91 -233.82 137.99
N GLN H 932 118.19 -233.40 139.03
CA GLN H 932 117.34 -234.31 139.78
C GLN H 932 115.98 -234.52 139.11
N ALA H 933 115.60 -233.63 138.18
CA ALA H 933 114.33 -233.74 137.48
C ALA H 933 114.47 -234.13 136.02
N ALA H 934 115.70 -234.32 135.54
CA ALA H 934 115.91 -234.69 134.15
C ALA H 934 115.66 -236.17 133.89
N SER H 935 115.60 -236.99 134.93
CA SER H 935 115.36 -238.42 134.80
C SER H 935 113.88 -238.78 134.81
N GLU H 936 112.99 -237.78 134.85
CA GLU H 936 111.57 -238.04 134.87
C GLU H 936 110.88 -237.46 133.64
N VAL H 937 110.42 -236.21 133.75
CA VAL H 937 109.75 -235.53 132.64
C VAL H 937 110.50 -234.25 132.29
N GLY H 938 109.78 -233.28 131.73
CA GLY H 938 110.40 -232.02 131.36
C GLY H 938 109.59 -230.81 131.78
N LYS H 939 109.99 -229.62 131.33
CA LYS H 939 109.32 -228.38 131.65
C LYS H 939 109.34 -227.49 130.40
N GLU H 940 108.66 -227.95 129.35
CA GLU H 940 108.54 -227.23 128.08
C GLU H 940 109.95 -227.04 127.52
N GLU H 941 110.37 -225.82 127.19
CA GLU H 941 111.67 -225.58 126.59
C GLU H 941 112.82 -225.87 127.54
N PHE H 942 112.56 -226.04 128.84
CA PHE H 942 113.62 -226.36 129.79
C PHE H 942 114.17 -227.77 129.59
N LEU H 943 113.42 -228.65 128.89
CA LEU H 943 113.90 -230.00 128.65
C LEU H 943 113.34 -230.60 127.36
N ASP H 944 112.80 -229.79 126.45
CA ASP H 944 112.27 -230.33 125.20
C ASP H 944 113.38 -230.95 124.36
N ARG H 945 114.55 -230.32 124.33
CA ARG H 945 115.67 -230.87 123.56
C ARG H 945 116.12 -232.21 124.14
N LEU H 946 116.20 -232.31 125.48
CA LEU H 946 116.57 -233.57 126.10
C LEU H 946 115.52 -234.65 125.85
N ILE H 947 114.24 -234.28 125.89
CA ILE H 947 113.19 -235.25 125.63
C ILE H 947 113.27 -235.74 124.19
N ARG H 948 113.53 -234.83 123.25
CA ARG H 948 113.66 -235.24 121.85
C ARG H 948 114.87 -236.13 121.63
N SER H 949 116.00 -235.81 122.29
CA SER H 949 117.19 -236.64 122.16
C SER H 949 116.98 -238.02 122.78
N GLU H 950 116.20 -238.10 123.86
CA GLU H 950 115.92 -239.40 124.47
C GLU H 950 114.92 -240.21 123.64
N ASP H 951 113.98 -239.53 122.98
CA ASP H 951 113.00 -240.24 122.16
C ASP H 951 113.58 -240.67 120.82
N GLY H 952 114.58 -239.95 120.31
CA GLY H 952 115.18 -240.33 119.04
C GLY H 952 115.94 -241.64 119.08
N GLU H 953 116.36 -242.09 120.26
CA GLU H 953 117.08 -243.34 120.41
C GLU H 953 116.17 -244.54 120.51
N ILE H 954 114.85 -244.35 120.43
CA ILE H 954 113.86 -245.42 120.52
C ILE H 954 114.03 -246.18 121.83
N VAL H 955 114.27 -245.45 122.91
CA VAL H 955 114.45 -246.05 124.23
C VAL H 955 114.11 -245.02 125.30
N SER H 956 114.60 -245.26 126.53
CA SER H 956 114.35 -244.34 127.64
C SER H 956 115.54 -244.45 128.59
N THR H 957 116.52 -243.57 128.39
CA THR H 957 117.71 -243.57 129.23
C THR H 957 117.41 -242.94 130.58
N PRO H 958 118.03 -243.42 131.66
CA PRO H 958 117.78 -242.85 132.98
C PRO H 958 118.74 -241.72 133.31
N ARG H 959 120.05 -241.96 133.09
CA ARG H 959 121.07 -240.96 133.38
C ARG H 959 122.01 -240.74 132.20
N LEU H 960 121.69 -241.29 131.02
CA LEU H 960 122.55 -241.13 129.85
C LEU H 960 122.10 -239.97 128.96
N GLN H 961 120.79 -239.80 128.78
CA GLN H 961 120.29 -238.72 127.95
C GLN H 961 120.59 -237.35 128.57
N TYR H 962 120.41 -237.23 129.88
CA TYR H 962 120.71 -235.97 130.55
C TYR H 962 122.20 -235.65 130.48
N TYR H 963 123.05 -236.67 130.66
CA TYR H 963 124.49 -236.45 130.56
C TYR H 963 124.89 -236.05 129.15
N ASP H 964 124.29 -236.68 128.13
CA ASP H 964 124.59 -236.31 126.75
C ASP H 964 124.14 -234.89 126.45
N LYS H 965 122.97 -234.50 126.96
CA LYS H 965 122.49 -233.13 126.75
C LYS H 965 123.40 -232.13 127.44
N VAL H 966 123.86 -232.44 128.66
CA VAL H 966 124.77 -231.54 129.37
C VAL H 966 126.09 -231.43 128.62
N LEU H 967 126.59 -232.54 128.08
CA LEU H 967 127.84 -232.50 127.31
C LEU H 967 127.67 -231.67 126.04
N ARG H 968 126.53 -231.82 125.36
CA ARG H 968 126.28 -231.03 124.16
C ARG H 968 126.16 -229.54 124.48
N LEU H 969 125.50 -229.20 125.59
CA LEU H 969 125.38 -227.80 125.98
C LEU H 969 126.73 -227.22 126.40
N LEU H 970 127.60 -228.02 127.02
CA LEU H 970 128.92 -227.53 127.39
C LEU H 970 129.82 -227.38 126.18
N ASP H 971 129.67 -228.25 125.18
CA ASP H 971 130.48 -228.16 123.97
C ASP H 971 130.01 -227.03 123.06
N VAL H 972 128.71 -226.74 123.04
CA VAL H 972 128.18 -225.68 122.20
C VAL H 972 128.41 -224.30 122.78
N ILE H 973 128.84 -224.20 124.04
CA ILE H 973 129.08 -222.92 124.67
C ILE H 973 130.52 -222.47 124.48
N GLY H 974 131.48 -223.34 124.79
CA GLY H 974 132.88 -223.00 124.65
C GLY H 974 133.78 -223.79 125.58
N LEU H 975 133.19 -224.63 126.42
CA LEU H 975 133.93 -225.44 127.35
C LEU H 975 134.56 -226.64 126.65
N PRO H 976 135.49 -227.33 127.31
CA PRO H 976 136.13 -228.49 126.67
C PRO H 976 136.35 -229.63 127.65
N GLU H 977 136.77 -229.30 128.87
CA GLU H 977 137.03 -230.33 129.88
C GLU H 977 135.73 -230.86 130.48
N LEU H 978 134.78 -229.96 130.76
CA LEU H 978 133.51 -230.38 131.35
C LEU H 978 132.71 -231.23 130.37
N VAL H 979 132.71 -230.85 129.09
CA VAL H 979 131.99 -231.63 128.08
C VAL H 979 132.62 -233.01 127.92
N ILE H 980 133.96 -233.08 127.93
CA ILE H 980 134.64 -234.36 127.82
C ILE H 980 134.34 -235.23 129.03
N GLN H 981 134.32 -234.64 130.22
CA GLN H 981 134.01 -235.41 131.43
C GLN H 981 132.58 -235.93 131.39
N LEU H 982 131.64 -235.09 130.92
CA LEU H 982 130.25 -235.53 130.83
C LEU H 982 130.10 -236.65 129.80
N ALA H 983 130.80 -236.54 128.68
CA ALA H 983 130.74 -237.60 127.67
C ALA H 983 131.34 -238.90 128.21
N THR H 984 132.44 -238.81 128.94
CA THR H 984 133.04 -240.00 129.53
C THR H 984 132.10 -240.64 130.56
N SER H 985 131.44 -239.81 131.37
CA SER H 985 130.50 -240.35 132.35
C SER H 985 129.30 -241.00 131.67
N ALA H 986 128.82 -240.41 130.58
CA ALA H 986 127.70 -241.00 129.85
C ALA H 986 128.10 -242.31 129.18
N ILE H 987 129.34 -242.38 128.69
CA ILE H 987 129.80 -243.61 128.06
C ILE H 987 130.03 -244.70 129.10
N THR H 988 130.45 -244.32 130.32
CA THR H 988 130.67 -245.30 131.37
C THR H 988 129.34 -245.81 131.94
N GLU H 989 128.37 -244.92 132.11
CA GLU H 989 127.06 -245.28 132.64
C GLU H 989 126.10 -245.47 131.47
N ALA H 990 126.16 -246.66 130.88
CA ALA H 990 125.32 -247.04 129.74
C ALA H 990 124.57 -248.31 130.09
N GLY H 991 123.49 -248.15 130.84
CA GLY H 991 122.67 -249.28 131.28
C GLY H 991 121.59 -249.69 130.31
N ASP H 992 121.53 -249.10 129.12
CA ASP H 992 120.52 -249.46 128.13
C ASP H 992 120.96 -250.63 127.26
N ASP H 993 122.21 -250.62 126.79
CA ASP H 993 122.75 -251.68 125.94
C ASP H 993 121.90 -251.87 124.68
N TRP H 994 121.58 -250.76 124.02
CA TRP H 994 120.78 -250.76 122.81
C TRP H 994 121.67 -250.53 121.60
N LYS H 995 121.04 -250.44 120.43
CA LYS H 995 121.76 -250.21 119.19
C LYS H 995 122.07 -248.74 118.93
N SER H 996 121.50 -247.83 119.73
CA SER H 996 121.73 -246.40 119.58
C SER H 996 122.84 -245.88 120.49
N GLN H 997 123.87 -246.68 120.74
CA GLN H 997 124.98 -246.27 121.59
C GLN H 997 126.06 -245.51 120.84
N ALA H 998 125.92 -245.33 119.52
CA ALA H 998 126.92 -244.61 118.75
C ALA H 998 126.84 -243.11 118.94
N THR H 999 125.68 -242.58 119.37
CA THR H 999 125.55 -241.15 119.58
C THR H 999 126.45 -240.66 120.71
N LEU H 1000 126.60 -241.46 121.76
CA LEU H 1000 127.49 -241.09 122.85
C LEU H 1000 128.95 -241.24 122.45
N ARG H 1001 129.26 -242.27 121.67
CA ARG H 1001 130.64 -242.47 121.23
C ARG H 1001 131.10 -241.36 120.30
N THR H 1002 130.22 -240.91 119.40
CA THR H 1002 130.57 -239.80 118.50
C THR H 1002 130.79 -238.52 119.29
N CYS H 1003 129.95 -238.26 120.30
CA CYS H 1003 130.13 -237.07 121.13
C CYS H 1003 131.43 -237.14 121.92
N ILE H 1004 131.76 -238.31 122.45
CA ILE H 1004 133.00 -238.47 123.21
C ILE H 1004 134.20 -238.26 122.29
N PHE H 1005 134.14 -238.79 121.05
CA PHE H 1005 135.23 -238.60 120.11
C PHE H 1005 135.37 -237.13 119.73
N LYS H 1006 134.26 -236.43 119.52
CA LYS H 1006 134.32 -235.01 119.20
C LYS H 1006 134.90 -234.21 120.35
N HIS H 1007 134.51 -234.54 121.59
CA HIS H 1007 135.06 -233.85 122.76
C HIS H 1007 136.56 -234.11 122.90
N HIS H 1008 136.99 -235.34 122.67
CA HIS H 1008 138.41 -235.65 122.75
C HIS H 1008 139.21 -234.97 121.66
N LEU H 1009 138.62 -234.82 120.46
CA LEU H 1009 139.31 -234.12 119.39
C LEU H 1009 139.36 -232.62 119.63
N ASP H 1010 138.32 -232.06 120.25
CA ASP H 1010 138.32 -230.62 120.54
C ASP H 1010 139.22 -230.26 121.71
N LEU H 1011 139.32 -231.15 122.70
CA LEU H 1011 140.16 -230.89 123.87
C LEU H 1011 141.59 -231.38 123.62
N GLY H 1012 141.78 -232.70 123.65
CA GLY H 1012 143.09 -233.28 123.43
C GLY H 1012 143.86 -233.51 124.72
N HIS H 1013 144.81 -232.61 125.01
CA HIS H 1013 145.63 -232.68 126.21
C HIS H 1013 146.35 -234.02 126.31
N ASN H 1014 145.70 -235.01 126.90
CA ASN H 1014 146.29 -236.33 127.06
C ASN H 1014 146.26 -237.09 125.72
N SER H 1015 146.92 -238.25 125.71
CA SER H 1015 146.98 -239.10 124.53
C SER H 1015 145.85 -240.12 124.48
N GLN H 1016 144.78 -239.90 125.24
CA GLN H 1016 143.64 -240.81 125.25
C GLN H 1016 142.66 -240.56 124.11
N ALA H 1017 142.90 -239.54 123.29
CA ALA H 1017 142.00 -239.25 122.18
C ALA H 1017 142.16 -240.24 121.04
N TYR H 1018 143.34 -240.88 120.93
CA TYR H 1018 143.57 -241.85 119.86
C TYR H 1018 142.91 -243.19 120.12
N GLU H 1019 142.51 -243.46 121.37
CA GLU H 1019 141.87 -244.73 121.69
C GLU H 1019 140.43 -244.77 121.20
N ALA H 1020 139.71 -243.65 121.31
CA ALA H 1020 138.31 -243.61 120.87
C ALA H 1020 138.21 -243.57 119.36
N LEU H 1021 139.13 -242.88 118.68
CA LEU H 1021 139.09 -242.81 117.22
C LEU H 1021 139.34 -244.16 116.58
N THR H 1022 140.30 -244.93 117.11
CA THR H 1022 140.57 -246.26 116.57
C THR H 1022 139.49 -247.27 116.94
N GLN H 1023 138.67 -246.98 117.95
CA GLN H 1023 137.60 -247.89 118.35
C GLN H 1023 136.29 -247.59 117.63
N ILE H 1024 136.00 -246.32 117.34
CA ILE H 1024 134.78 -245.94 116.64
C ILE H 1024 134.92 -246.32 115.17
N PRO H 1025 136.13 -246.33 114.61
CA PRO H 1025 136.29 -246.69 113.19
C PRO H 1025 136.44 -248.18 112.93
N ASP H 1026 136.71 -248.99 113.96
CA ASP H 1026 136.86 -250.43 113.79
C ASP H 1026 135.55 -251.19 113.96
N SER H 1027 134.51 -250.56 114.50
CA SER H 1027 133.22 -251.22 114.70
C SER H 1027 132.30 -251.02 113.51
N SER H 1028 132.31 -249.84 112.90
CA SER H 1028 131.45 -249.55 111.76
C SER H 1028 132.29 -248.79 110.74
N ARG H 1029 131.62 -248.16 109.78
CA ARG H 1029 132.30 -247.39 108.73
C ARG H 1029 132.20 -245.89 109.00
N GLN H 1030 132.57 -245.48 110.21
CA GLN H 1030 132.52 -244.07 110.59
C GLN H 1030 133.92 -243.48 110.51
N LEU H 1031 134.37 -243.28 109.26
CA LEU H 1031 135.68 -242.72 109.02
C LEU H 1031 135.69 -241.20 109.04
N ASP H 1032 134.52 -240.57 108.94
CA ASP H 1032 134.46 -239.11 108.96
C ASP H 1032 134.88 -238.55 110.32
N CYS H 1033 134.44 -239.20 111.41
CA CYS H 1033 134.83 -238.75 112.74
C CYS H 1033 136.33 -238.91 112.96
N LEU H 1034 136.89 -240.03 112.50
CA LEU H 1034 138.33 -240.23 112.64
C LEU H 1034 139.12 -239.22 111.82
N ARG H 1035 138.65 -238.90 110.61
CA ARG H 1035 139.31 -237.91 109.78
C ARG H 1035 139.24 -236.52 110.43
N GLN H 1036 138.09 -236.18 111.00
CA GLN H 1036 137.96 -234.90 111.68
C GLN H 1036 138.86 -234.82 112.90
N LEU H 1037 138.96 -235.92 113.66
CA LEU H 1037 139.84 -235.93 114.82
C LEU H 1037 141.31 -235.80 114.41
N VAL H 1038 141.69 -236.48 113.32
CA VAL H 1038 143.07 -236.38 112.84
C VAL H 1038 143.36 -234.96 112.37
N VAL H 1039 142.41 -234.32 111.68
CA VAL H 1039 142.60 -232.96 111.22
C VAL H 1039 142.72 -232.01 112.39
N VAL H 1040 141.91 -232.21 113.43
CA VAL H 1040 141.98 -231.35 114.61
C VAL H 1040 143.32 -231.53 115.32
N LEU H 1041 143.79 -232.77 115.43
CA LEU H 1041 145.07 -233.03 116.08
C LEU H 1041 146.23 -232.44 115.27
N CYS H 1042 146.12 -232.45 113.94
CA CYS H 1042 147.17 -231.87 113.12
C CYS H 1042 147.15 -230.35 113.16
N GLU H 1043 145.96 -229.75 113.27
CA GLU H 1043 145.87 -228.29 113.32
C GLU H 1043 146.13 -227.73 114.71
N ARG H 1044 146.03 -228.55 115.75
CA ARG H 1044 146.27 -228.11 117.11
C ARG H 1044 147.75 -228.14 117.51
N SER H 1045 148.64 -228.12 116.53
CA SER H 1045 150.09 -228.14 116.77
C SER H 1045 150.50 -229.35 117.61
N GLN H 1046 150.50 -230.53 116.99
CA GLN H 1046 150.87 -231.76 117.67
C GLN H 1046 151.53 -232.70 116.66
N LEU H 1047 152.62 -232.23 116.04
CA LEU H 1047 153.32 -233.04 115.06
C LEU H 1047 154.17 -234.13 115.71
N GLN H 1048 154.72 -233.87 116.89
CA GLN H 1048 155.55 -234.83 117.60
C GLN H 1048 154.73 -235.80 118.46
N ASP H 1049 153.43 -235.57 118.59
CA ASP H 1049 152.56 -236.42 119.39
C ASP H 1049 151.61 -237.27 118.57
N LEU H 1050 151.11 -236.76 117.44
CA LEU H 1050 150.18 -237.51 116.60
C LEU H 1050 150.88 -238.59 115.77
N VAL H 1051 152.20 -238.50 115.61
CA VAL H 1051 152.91 -239.51 114.83
C VAL H 1051 153.11 -240.78 115.63
N GLU H 1052 153.35 -240.66 116.94
CA GLU H 1052 153.55 -241.82 117.80
C GLU H 1052 152.25 -242.43 118.29
N PHE H 1053 151.17 -241.66 118.35
CA PHE H 1053 149.88 -242.17 118.82
C PHE H 1053 149.21 -242.96 117.71
N PRO H 1054 149.51 -242.68 116.43
CA PRO H 1054 148.88 -243.43 115.34
C PRO H 1054 149.47 -244.81 115.13
N TYR H 1055 150.67 -245.09 115.64
CA TYR H 1055 151.28 -246.40 115.46
C TYR H 1055 150.68 -247.46 116.36
N VAL H 1056 150.04 -247.06 117.47
CA VAL H 1056 149.42 -248.02 118.38
C VAL H 1056 148.03 -248.45 117.95
N ASN H 1057 147.52 -247.93 116.84
CA ASN H 1057 146.20 -248.28 116.34
C ASN H 1057 146.34 -249.37 115.28
N LEU H 1058 145.28 -249.63 114.52
CA LEU H 1058 145.31 -250.65 113.49
C LEU H 1058 146.05 -250.13 112.25
N HIS H 1059 146.43 -251.06 111.39
CA HIS H 1059 147.16 -250.69 110.18
C HIS H 1059 146.21 -250.16 109.11
N ASN H 1060 145.03 -250.79 108.96
CA ASN H 1060 144.08 -250.34 107.95
C ASN H 1060 143.55 -248.94 108.26
N GLU H 1061 143.23 -248.68 109.54
CA GLU H 1061 142.75 -247.37 109.92
C GLU H 1061 143.82 -246.31 109.72
N VAL H 1062 145.07 -246.63 110.03
CA VAL H 1062 146.16 -245.68 109.84
C VAL H 1062 146.36 -245.41 108.35
N VAL H 1063 146.27 -246.44 107.51
CA VAL H 1063 146.43 -246.26 106.07
C VAL H 1063 145.29 -245.40 105.52
N GLY H 1064 144.07 -245.63 106.00
CA GLY H 1064 142.94 -244.81 105.57
C GLY H 1064 143.09 -243.36 105.99
N ILE H 1065 143.54 -243.13 107.22
CA ILE H 1065 143.75 -241.77 107.69
C ILE H 1065 144.83 -241.08 106.88
N ILE H 1066 145.90 -241.81 106.54
CA ILE H 1066 146.98 -241.22 105.74
C ILE H 1066 146.47 -240.88 104.34
N GLU H 1067 145.66 -241.77 103.75
CA GLU H 1067 145.12 -241.51 102.42
C GLU H 1067 144.15 -240.34 102.43
N SER H 1068 143.40 -240.18 103.53
CA SER H 1068 142.46 -239.06 103.61
C SER H 1068 143.18 -237.74 103.87
N ARG H 1069 144.30 -237.77 104.61
CA ARG H 1069 145.05 -236.56 104.89
C ARG H 1069 145.95 -236.14 103.75
N ALA H 1070 146.41 -237.09 102.93
CA ALA H 1070 147.28 -236.76 101.82
C ALA H 1070 146.54 -236.05 100.68
N ARG H 1071 145.22 -236.16 100.63
CA ARG H 1071 144.43 -235.51 99.58
C ARG H 1071 144.17 -234.07 100.00
N ALA H 1072 145.15 -233.21 99.76
CA ALA H 1072 145.08 -231.79 100.08
C ALA H 1072 145.43 -230.99 98.84
N VAL H 1073 144.47 -230.19 98.36
CA VAL H 1073 144.66 -229.37 97.18
C VAL H 1073 145.03 -227.93 97.54
N ASP H 1074 145.30 -227.67 98.82
CA ASP H 1074 145.67 -226.33 99.29
C ASP H 1074 146.94 -226.45 100.11
N LEU H 1075 148.05 -225.92 99.59
CA LEU H 1075 149.34 -225.95 100.27
C LEU H 1075 149.64 -224.56 100.83
N MET H 1076 149.81 -224.48 102.14
CA MET H 1076 150.10 -223.21 102.78
C MET H 1076 151.53 -223.18 103.33
N THR H 1077 151.71 -222.54 104.50
CA THR H 1077 153.04 -222.48 105.09
C THR H 1077 153.44 -223.81 105.73
N HIS H 1078 152.46 -224.64 106.09
CA HIS H 1078 152.72 -225.94 106.69
C HIS H 1078 152.77 -227.07 105.68
N ASN H 1079 153.07 -226.77 104.41
CA ASN H 1079 153.14 -227.80 103.39
C ASN H 1079 154.26 -228.79 103.67
N TYR H 1080 155.42 -228.29 104.11
CA TYR H 1080 156.53 -229.19 104.44
C TYR H 1080 156.18 -230.09 105.62
N TYR H 1081 155.52 -229.53 106.64
CA TYR H 1081 155.12 -230.34 107.78
C TYR H 1081 154.09 -231.39 107.38
N GLU H 1082 153.14 -231.02 106.51
CA GLU H 1082 152.16 -232.00 106.05
C GLU H 1082 152.82 -233.10 105.23
N LEU H 1083 153.78 -232.74 104.38
CA LEU H 1083 154.50 -233.75 103.60
C LEU H 1083 155.30 -234.67 104.50
N LEU H 1084 155.93 -234.12 105.53
CA LEU H 1084 156.69 -234.96 106.47
C LEU H 1084 155.77 -235.90 107.24
N TYR H 1085 154.60 -235.40 107.66
CA TYR H 1085 153.64 -236.25 108.36
C TYR H 1085 153.12 -237.36 107.45
N ALA H 1086 152.86 -237.03 106.17
CA ALA H 1086 152.41 -238.05 105.23
C ALA H 1086 153.50 -239.10 104.99
N PHE H 1087 154.75 -238.66 104.87
CA PHE H 1087 155.85 -239.60 104.68
C PHE H 1087 156.02 -240.50 105.89
N HIS H 1088 155.86 -239.94 107.10
CA HIS H 1088 155.96 -240.76 108.30
C HIS H 1088 154.83 -241.77 108.38
N ILE H 1089 153.61 -241.35 108.05
CA ILE H 1089 152.48 -242.26 108.07
C ILE H 1089 152.63 -243.35 107.02
N TYR H 1090 153.25 -243.03 105.88
CA TYR H 1090 153.48 -244.04 104.86
C TYR H 1090 154.57 -245.03 105.29
N ARG H 1091 155.65 -244.52 105.88
CA ARG H 1091 156.72 -245.39 106.36
C ARG H 1091 156.25 -246.26 107.52
N HIS H 1092 155.25 -245.80 108.28
CA HIS H 1092 154.69 -246.61 109.35
C HIS H 1092 153.73 -247.68 108.86
N ASN H 1093 153.62 -247.87 107.53
CA ASN H 1093 152.72 -248.86 106.97
C ASN H 1093 153.42 -249.71 105.90
N TYR H 1094 153.88 -249.10 104.81
CA TYR H 1094 154.54 -249.85 103.74
C TYR H 1094 155.56 -248.99 103.01
N ARG H 1095 155.51 -247.68 103.23
CA ARG H 1095 156.43 -246.73 102.61
C ARG H 1095 156.40 -246.83 101.09
N LYS H 1096 155.40 -246.21 100.46
CA LYS H 1096 155.31 -246.24 99.01
C LYS H 1096 154.63 -245.01 98.43
N ALA H 1097 154.79 -243.83 99.04
CA ALA H 1097 154.16 -242.62 98.55
C ALA H 1097 155.01 -241.37 98.77
N GLY H 1098 156.16 -241.49 99.42
CA GLY H 1098 157.00 -240.32 99.65
C GLY H 1098 157.55 -239.75 98.35
N THR H 1099 157.99 -240.62 97.45
CA THR H 1099 158.50 -240.16 96.16
C THR H 1099 157.40 -239.52 95.32
N VAL H 1100 156.20 -240.09 95.37
CA VAL H 1100 155.08 -239.50 94.63
C VAL H 1100 154.72 -238.14 95.20
N MET H 1101 154.73 -238.01 96.53
CA MET H 1101 154.44 -236.71 97.14
C MET H 1101 155.51 -235.68 96.79
N PHE H 1102 156.78 -236.10 96.79
CA PHE H 1102 157.85 -235.17 96.42
C PHE H 1102 157.73 -234.74 94.97
N GLU H 1103 157.39 -235.67 94.08
CA GLU H 1103 157.21 -235.32 92.67
C GLU H 1103 156.03 -234.38 92.48
N TYR H 1104 154.93 -234.62 93.20
CA TYR H 1104 153.79 -233.72 93.11
C TYR H 1104 154.13 -232.33 93.63
N GLY H 1105 154.88 -232.25 94.72
CA GLY H 1105 155.29 -230.96 95.24
C GLY H 1105 156.22 -230.23 94.29
N MET H 1106 157.15 -230.95 93.66
CA MET H 1106 158.05 -230.33 92.70
C MET H 1106 157.31 -229.86 91.45
N ARG H 1107 156.28 -230.60 91.04
CA ARG H 1107 155.49 -230.19 89.88
C ARG H 1107 154.61 -229.00 90.22
N LEU H 1108 154.10 -228.92 91.45
CA LEU H 1108 153.26 -227.79 91.83
C LEU H 1108 154.09 -226.53 92.05
N GLY H 1109 155.30 -226.67 92.59
CA GLY H 1109 156.16 -225.53 92.82
C GLY H 1109 157.45 -225.60 92.04
N ARG H 1110 157.36 -225.56 90.71
CA ARG H 1110 158.51 -225.62 89.83
C ARG H 1110 159.02 -224.25 89.42
N GLU H 1111 158.16 -223.43 88.80
CA GLU H 1111 158.55 -222.10 88.36
C GLU H 1111 158.71 -221.20 89.58
N VAL H 1112 159.95 -220.84 89.89
CA VAL H 1112 160.25 -219.99 91.04
C VAL H 1112 161.11 -218.82 90.59
N ARG H 1113 162.42 -218.96 90.73
CA ARG H 1113 163.36 -217.92 90.35
C ARG H 1113 164.66 -218.57 89.91
N THR H 1114 165.76 -217.83 89.99
CA THR H 1114 167.06 -218.36 89.60
C THR H 1114 167.76 -219.11 90.73
N LEU H 1115 167.68 -218.59 91.97
CA LEU H 1115 168.30 -219.23 93.11
C LEU H 1115 167.34 -220.16 93.86
N ARG H 1116 166.13 -219.70 94.14
CA ARG H 1116 165.16 -220.53 94.84
C ARG H 1116 164.76 -221.74 94.00
N GLY H 1117 164.56 -221.55 92.70
CA GLY H 1117 164.24 -222.67 91.83
C GLY H 1117 165.37 -223.68 91.75
N LEU H 1118 166.61 -223.19 91.67
CA LEU H 1118 167.76 -224.09 91.63
C LEU H 1118 167.89 -224.86 92.94
N GLU H 1119 167.66 -224.20 94.07
CA GLU H 1119 167.72 -224.89 95.35
C GLU H 1119 166.62 -225.94 95.46
N LYS H 1120 165.42 -225.62 95.00
CA LYS H 1120 164.34 -226.60 95.02
C LYS H 1120 164.64 -227.78 94.13
N GLN H 1121 165.21 -227.54 92.94
CA GLN H 1121 165.57 -228.63 92.04
C GLN H 1121 166.65 -229.50 92.66
N GLY H 1122 167.64 -228.88 93.31
CA GLY H 1122 168.68 -229.66 93.96
C GLY H 1122 168.14 -230.49 95.10
N ASN H 1123 167.23 -229.93 95.89
CA ASN H 1123 166.62 -230.68 96.99
C ASN H 1123 165.80 -231.85 96.46
N CYS H 1124 165.05 -231.63 95.37
CA CYS H 1124 164.27 -232.71 94.77
C CYS H 1124 165.18 -233.80 94.22
N TYR H 1125 166.30 -233.41 93.59
CA TYR H 1125 167.23 -234.41 93.07
C TYR H 1125 167.87 -235.20 94.20
N LEU H 1126 168.22 -234.54 95.30
CA LEU H 1126 168.79 -235.24 96.45
C LEU H 1126 167.79 -236.20 97.06
N ALA H 1127 166.52 -235.77 97.17
CA ALA H 1127 165.48 -236.67 97.70
C ALA H 1127 165.27 -237.86 96.80
N ALA H 1128 165.27 -237.65 95.47
CA ALA H 1128 165.11 -238.76 94.54
C ALA H 1128 166.29 -239.72 94.63
N LEU H 1129 167.51 -239.19 94.76
CA LEU H 1129 168.67 -240.06 94.90
C LEU H 1129 168.62 -240.88 96.18
N ASN H 1130 168.20 -240.25 97.29
CA ASN H 1130 168.07 -240.98 98.55
C ASN H 1130 167.00 -242.05 98.44
N CYS H 1131 165.88 -241.74 97.78
CA CYS H 1131 164.83 -242.73 97.61
C CYS H 1131 165.29 -243.90 96.74
N LEU H 1132 166.06 -243.62 95.69
CA LEU H 1132 166.57 -244.68 94.83
C LEU H 1132 167.61 -245.51 95.56
N ARG H 1133 168.37 -244.90 96.47
CA ARG H 1133 169.40 -245.64 97.19
C ARG H 1133 168.80 -246.50 98.30
N LEU H 1134 167.73 -246.02 98.93
CA LEU H 1134 167.10 -246.75 100.04
C LEU H 1134 165.80 -247.42 99.61
N ILE H 1135 165.87 -248.24 98.57
CA ILE H 1135 164.70 -248.96 98.06
C ILE H 1135 165.19 -250.09 97.18
N ARG H 1136 164.49 -251.23 97.26
CA ARG H 1136 164.88 -252.41 96.48
C ARG H 1136 163.72 -253.39 96.37
N PRO H 1137 162.89 -253.28 95.32
CA PRO H 1137 161.83 -254.28 95.12
C PRO H 1137 161.41 -254.40 93.66
N GLU H 1138 160.55 -253.49 93.22
CA GLU H 1138 160.07 -253.51 91.84
C GLU H 1138 160.23 -252.15 91.18
N TYR H 1139 159.13 -251.43 90.99
CA TYR H 1139 159.17 -250.11 90.36
C TYR H 1139 157.96 -249.31 90.82
N ALA H 1140 158.20 -248.07 91.24
CA ALA H 1140 157.13 -247.19 91.71
C ALA H 1140 157.60 -245.76 91.60
N TRP H 1141 157.01 -245.00 90.67
CA TRP H 1141 157.37 -243.60 90.48
C TRP H 1141 156.24 -242.85 89.77
N ILE H 1142 155.26 -242.36 90.54
CA ILE H 1142 154.14 -241.63 89.97
C ILE H 1142 154.49 -240.16 89.85
N VAL H 1143 153.69 -239.42 89.07
CA VAL H 1143 153.88 -238.00 88.85
C VAL H 1143 155.27 -237.73 88.28
N GLN H 1144 155.71 -238.60 87.37
CA GLN H 1144 157.03 -238.47 86.75
C GLN H 1144 157.06 -239.19 85.42
N PRO H 1145 156.83 -238.48 84.30
CA PRO H 1145 156.85 -239.08 82.96
C PRO H 1145 158.24 -239.44 82.49
N GLU H 1176 160.23 -242.98 85.84
CA GLU H 1176 161.22 -243.69 86.62
C GLU H 1176 162.64 -243.40 86.12
N ILE H 1177 163.15 -244.29 85.25
CA ILE H 1177 164.49 -244.09 84.71
C ILE H 1177 164.52 -242.92 83.74
N LEU H 1178 163.54 -242.86 82.84
CA LEU H 1178 163.48 -241.75 81.89
C LEU H 1178 163.22 -240.43 82.59
N GLU H 1179 162.34 -240.45 83.61
CA GLU H 1179 162.07 -239.23 84.35
C GLU H 1179 163.31 -238.75 85.11
N LEU H 1180 164.05 -239.70 85.71
CA LEU H 1180 165.28 -239.33 86.42
C LEU H 1180 166.32 -238.78 85.45
N GLU H 1181 166.43 -239.39 84.26
CA GLU H 1181 167.38 -238.89 83.27
C GLU H 1181 167.00 -237.49 82.80
N ASP H 1182 165.70 -237.25 82.59
CA ASP H 1182 165.26 -235.93 82.18
C ASP H 1182 165.51 -234.90 83.27
N LEU H 1183 165.28 -235.27 84.53
CA LEU H 1183 165.54 -234.35 85.64
C LEU H 1183 167.02 -234.04 85.75
N GLU H 1184 167.88 -235.05 85.58
CA GLU H 1184 169.32 -234.82 85.63
C GLU H 1184 169.77 -233.92 84.48
N LYS H 1185 169.22 -234.13 83.28
CA LYS H 1185 169.57 -233.29 82.15
C LYS H 1185 169.13 -231.85 82.38
N GLU H 1186 167.92 -231.66 82.94
CA GLU H 1186 167.44 -230.32 83.23
C GLU H 1186 168.30 -229.64 84.29
N CYS H 1187 168.71 -230.39 85.31
CA CYS H 1187 169.57 -229.82 86.34
C CYS H 1187 170.93 -229.44 85.77
N SER H 1188 171.49 -230.28 84.90
CA SER H 1188 172.77 -229.95 84.27
C SER H 1188 172.65 -228.72 83.38
N LEU H 1189 171.55 -228.61 82.63
CA LEU H 1189 171.35 -227.44 81.79
C LEU H 1189 171.20 -226.18 82.63
N ALA H 1190 170.47 -226.27 83.74
CA ALA H 1190 170.32 -225.10 84.61
C ALA H 1190 171.64 -224.70 85.24
N ARG H 1191 172.46 -225.69 85.64
CA ARG H 1191 173.77 -225.38 86.21
C ARG H 1191 174.71 -224.79 85.18
N ILE H 1192 174.60 -225.23 83.92
CA ILE H 1192 175.45 -224.67 82.87
C ILE H 1192 175.00 -223.26 82.50
N ARG H 1193 173.70 -222.99 82.55
CA ARG H 1193 173.19 -221.67 82.22
C ARG H 1193 173.45 -220.67 83.34
N LEU H 1194 173.37 -221.09 84.60
CA LEU H 1194 173.61 -220.20 85.72
C LEU H 1194 175.09 -219.92 85.94
N THR H 1195 175.97 -220.75 85.41
CA THR H 1195 177.41 -220.55 85.57
C THR H 1195 178.06 -220.15 84.24
N TYR I 18 135.70 -223.91 144.10
CA TYR I 18 136.10 -222.99 145.15
C TYR I 18 137.60 -223.01 145.36
N VAL I 19 138.14 -221.87 145.82
CA VAL I 19 139.58 -221.73 146.07
C VAL I 19 139.75 -220.94 147.36
N HIS I 20 140.42 -221.53 148.34
CA HIS I 20 140.65 -220.87 149.62
C HIS I 20 141.95 -221.40 150.22
N VAL I 21 142.82 -220.48 150.62
CA VAL I 21 144.10 -220.85 151.21
C VAL I 21 143.92 -221.05 152.71
N VAL I 22 144.89 -221.75 153.31
CA VAL I 22 144.86 -222.02 154.75
C VAL I 22 145.33 -220.78 155.50
N GLU I 23 144.41 -219.85 155.75
CA GLU I 23 144.77 -218.63 156.46
C GLU I 23 144.80 -218.84 157.97
N PHE I 24 143.98 -219.75 158.50
CA PHE I 24 143.96 -220.00 159.93
C PHE I 24 145.15 -220.83 160.40
N ASN I 25 145.63 -221.75 159.57
CA ASN I 25 146.77 -222.59 159.92
C ASN I 25 148.03 -221.74 160.01
N PRO I 26 148.21 -220.76 159.12
CA PRO I 26 149.39 -219.90 159.19
C PRO I 26 149.29 -218.75 160.20
N PHE I 27 148.19 -218.67 160.95
CA PHE I 27 148.00 -217.62 161.94
C PHE I 27 147.89 -218.16 163.36
N GLU I 28 146.95 -219.07 163.60
CA GLU I 28 146.75 -219.64 164.92
C GLU I 28 147.71 -220.79 165.23
N ASN I 29 148.49 -221.24 164.25
CA ASN I 29 149.42 -222.33 164.45
C ASN I 29 150.78 -222.01 163.85
N GLY I 30 150.86 -221.94 162.52
CA GLY I 30 152.09 -221.64 161.84
C GLY I 30 152.81 -222.87 161.34
N ASP I 31 152.22 -223.56 160.37
CA ASP I 31 152.82 -224.76 159.80
C ASP I 31 152.56 -224.85 158.31
N SER I 32 151.34 -225.22 157.93
CA SER I 32 150.96 -225.34 156.52
C SER I 32 150.37 -224.02 156.06
N GLY I 33 151.26 -223.10 155.69
CA GLY I 33 150.85 -221.79 155.23
C GLY I 33 150.80 -221.68 153.72
N ASN I 34 151.55 -222.54 153.04
CA ASN I 34 151.61 -222.54 151.58
C ASN I 34 150.60 -223.50 150.95
N LEU I 35 149.74 -224.11 151.76
CA LEU I 35 148.74 -225.04 151.24
C LEU I 35 147.56 -224.29 150.63
N ILE I 36 147.13 -224.74 149.45
CA ILE I 36 146.01 -224.12 148.74
C ILE I 36 145.12 -225.23 148.22
N ALA I 37 143.85 -225.23 148.66
CA ALA I 37 142.88 -226.23 148.23
C ALA I 37 142.02 -225.68 147.11
N TYR I 38 141.76 -226.53 146.12
CA TYR I 38 140.94 -226.16 144.96
C TYR I 38 139.94 -227.28 144.71
N GLY I 39 138.72 -227.11 145.22
CA GLY I 39 137.68 -228.10 145.05
C GLY I 39 136.98 -228.01 143.70
N GLY I 40 136.97 -229.10 142.95
CA GLY I 40 136.33 -229.13 141.66
C GLY I 40 135.23 -230.16 141.55
N ASN I 41 135.00 -230.67 140.33
CA ASN I 41 133.97 -231.66 140.13
C ASN I 41 134.41 -233.06 140.57
N ASN I 42 135.70 -233.37 140.44
CA ASN I 42 136.19 -234.69 140.85
C ASN I 42 136.36 -234.75 142.37
N TYR I 43 137.34 -234.01 142.90
CA TYR I 43 137.58 -234.01 144.34
C TYR I 43 138.17 -232.66 144.77
N VAL I 44 139.36 -232.68 145.36
CA VAL I 44 140.01 -231.46 145.82
C VAL I 44 141.51 -231.62 145.69
N VAL I 45 142.14 -230.75 144.89
CA VAL I 45 143.58 -230.79 144.70
C VAL I 45 144.25 -229.89 145.71
N ILE I 46 145.55 -230.13 145.93
CA ILE I 46 146.35 -229.36 146.87
C ILE I 46 147.57 -228.81 146.15
N GLY I 47 147.94 -227.58 146.46
CA GLY I 47 149.08 -226.95 145.85
C GLY I 47 150.01 -226.35 146.89
N THR I 48 151.22 -226.03 146.45
CA THR I 48 152.25 -225.45 147.30
C THR I 48 152.77 -224.17 146.66
N CYS I 49 152.89 -223.12 147.47
CA CYS I 49 153.38 -221.83 147.02
C CYS I 49 154.77 -221.61 147.59
N THR I 50 155.79 -221.76 146.75
CA THR I 50 157.17 -221.59 147.16
C THR I 50 157.73 -220.27 146.63
N PHE I 51 158.73 -219.75 147.35
CA PHE I 51 159.38 -218.50 147.00
C PHE I 51 160.73 -218.83 146.35
N GLN I 52 160.71 -218.90 145.02
CA GLN I 52 161.92 -219.20 144.25
C GLN I 52 162.58 -217.90 143.80
N GLU I 53 163.50 -217.98 142.86
CA GLU I 53 164.20 -216.79 142.36
C GLU I 53 163.32 -216.04 141.36
N GLU I 54 163.51 -216.33 140.08
CA GLU I 54 162.75 -215.68 138.98
C GLU I 54 163.02 -214.19 139.06
N GLU I 55 161.99 -213.34 139.12
CA GLU I 55 162.15 -211.89 139.19
C GLU I 55 161.43 -211.37 140.42
N ALA I 56 162.09 -210.51 141.18
CA ALA I 56 161.48 -209.95 142.38
C ALA I 56 160.50 -208.83 142.06
N ASP I 57 160.67 -208.16 140.91
CA ASP I 57 159.77 -207.09 140.54
C ASP I 57 158.46 -207.61 139.95
N VAL I 58 158.50 -208.76 139.28
CA VAL I 58 157.31 -209.34 138.68
C VAL I 58 156.56 -210.15 139.73
N GLU I 59 157.04 -211.37 139.99
CA GLU I 59 156.41 -212.25 140.96
C GLU I 59 157.48 -213.14 141.58
N GLY I 60 157.67 -213.01 142.89
CA GLY I 60 158.68 -213.81 143.59
C GLY I 60 158.08 -214.99 144.32
N ILE I 61 156.92 -215.47 143.86
CA ILE I 61 156.25 -216.60 144.47
C ILE I 61 155.63 -217.43 143.36
N GLN I 62 156.09 -218.67 143.21
CA GLN I 62 155.59 -219.58 142.19
C GLN I 62 154.70 -220.64 142.82
N TYR I 63 153.78 -221.18 142.01
CA TYR I 63 152.85 -222.21 142.44
C TYR I 63 153.33 -223.56 141.96
N LYS I 64 153.37 -224.53 142.88
CA LYS I 64 153.79 -225.89 142.58
C LYS I 64 152.70 -226.86 142.99
N THR I 65 152.25 -227.68 142.04
CA THR I 65 151.20 -228.66 142.30
C THR I 65 151.79 -229.86 143.02
N LEU I 66 151.41 -230.04 144.28
CA LEU I 66 151.91 -231.17 145.08
C LEU I 66 151.21 -232.46 144.70
N ARG I 67 150.08 -232.74 145.35
CA ARG I 67 149.30 -233.94 145.10
C ARG I 67 147.83 -233.57 144.95
N THR I 68 147.03 -234.56 144.58
CA THR I 68 145.59 -234.38 144.39
C THR I 68 144.86 -235.59 144.95
N PHE I 69 143.99 -235.36 145.92
CA PHE I 69 143.23 -236.43 146.53
C PHE I 69 142.06 -236.84 145.64
N HIS I 70 141.42 -237.94 146.01
CA HIS I 70 140.28 -238.48 145.29
C HIS I 70 139.07 -238.60 146.22
N HIS I 71 137.88 -238.42 145.66
CA HIS I 71 136.66 -238.50 146.44
C HIS I 71 135.52 -239.09 145.59
N GLY I 72 135.17 -238.41 144.51
CA GLY I 72 134.10 -238.84 143.63
C GLY I 72 132.87 -237.95 143.64
N VAL I 73 132.90 -236.82 144.31
CA VAL I 73 131.77 -235.90 144.37
C VAL I 73 132.28 -234.47 144.21
N ARG I 74 131.39 -233.59 143.75
CA ARG I 74 131.74 -232.20 143.55
C ARG I 74 131.84 -231.48 144.87
N VAL I 75 132.87 -230.63 144.99
CA VAL I 75 133.12 -229.85 146.20
C VAL I 75 132.76 -228.39 145.91
N ASP I 76 131.75 -227.89 146.62
CA ASP I 76 131.30 -226.52 146.42
C ASP I 76 132.05 -225.52 147.28
N GLY I 77 132.60 -225.96 148.42
CA GLY I 77 133.32 -225.07 149.31
C GLY I 77 134.59 -225.72 149.81
N ILE I 78 135.38 -224.91 150.51
CA ILE I 78 136.65 -225.36 151.08
C ILE I 78 136.95 -224.53 152.32
N ALA I 79 137.30 -225.20 153.41
CA ALA I 79 137.60 -224.52 154.67
C ALA I 79 138.58 -225.39 155.46
N TRP I 80 139.83 -224.94 155.56
CA TRP I 80 140.84 -225.67 156.31
C TRP I 80 140.78 -225.31 157.79
N SER I 81 141.22 -226.24 158.61
CA SER I 81 141.24 -226.08 160.06
C SER I 81 142.65 -225.83 160.55
N PRO I 82 142.83 -225.61 161.86
CA PRO I 82 144.16 -225.35 162.40
C PRO I 82 144.92 -226.59 162.86
N GLU I 83 144.42 -227.80 162.58
CA GLU I 83 145.07 -229.04 162.96
C GLU I 83 145.96 -229.60 161.87
N THR I 84 146.22 -228.84 160.81
CA THR I 84 147.06 -229.31 159.72
C THR I 84 148.53 -229.18 160.09
N ARG I 85 149.29 -230.23 159.82
CA ARG I 85 150.72 -230.26 160.12
C ARG I 85 151.48 -230.80 158.92
N LEU I 86 152.79 -230.60 158.93
CA LEU I 86 153.67 -231.05 157.85
C LEU I 86 154.93 -231.62 158.47
N ASP I 87 155.14 -232.93 158.30
CA ASP I 87 156.30 -233.63 158.84
C ASP I 87 156.98 -234.38 157.70
N SER I 88 158.14 -233.90 157.27
CA SER I 88 158.92 -234.50 156.18
C SER I 88 158.04 -234.50 154.93
N LEU I 89 157.88 -235.62 154.24
CA LEU I 89 157.05 -235.68 153.04
C LEU I 89 155.60 -235.94 153.42
N PRO I 90 155.33 -236.46 154.61
CA PRO I 90 153.95 -236.74 155.01
C PRO I 90 153.24 -235.46 155.44
N PRO I 91 151.96 -235.32 155.11
CA PRO I 91 151.23 -234.10 155.50
C PRO I 91 149.79 -234.39 155.88
N VAL I 92 149.49 -234.29 157.17
CA VAL I 92 148.14 -234.55 157.66
C VAL I 92 147.32 -233.28 157.51
N ILE I 93 146.20 -233.37 156.77
CA ILE I 93 145.31 -232.25 156.54
C ILE I 93 143.94 -232.58 157.09
N LYS I 94 143.16 -231.54 157.34
CA LYS I 94 141.80 -231.70 157.87
C LYS I 94 140.97 -230.50 157.41
N PHE I 95 140.39 -230.62 156.22
CA PHE I 95 139.57 -229.57 155.63
C PHE I 95 138.12 -230.03 155.52
N CYS I 96 137.21 -229.07 155.59
CA CYS I 96 135.78 -229.33 155.51
C CYS I 96 135.24 -228.74 154.20
N THR I 97 134.76 -229.62 153.32
CA THR I 97 134.21 -229.23 152.03
C THR I 97 132.69 -229.42 152.07
N SER I 98 132.09 -229.73 150.91
CA SER I 98 130.65 -229.94 150.82
C SER I 98 130.36 -230.84 149.64
N ALA I 99 129.62 -231.91 149.89
CA ALA I 99 129.27 -232.85 148.84
C ALA I 99 128.16 -232.29 147.96
N ALA I 100 127.97 -232.93 146.80
CA ALA I 100 126.95 -232.50 145.85
C ALA I 100 125.56 -233.00 146.21
N ASP I 101 125.43 -233.88 147.19
CA ASP I 101 124.14 -234.42 147.62
C ASP I 101 123.55 -233.66 148.80
N MET I 102 123.75 -232.33 148.84
CA MET I 102 123.25 -231.47 149.90
C MET I 102 123.75 -231.94 151.28
N LYS I 103 125.05 -231.74 151.47
CA LYS I 103 125.70 -232.13 152.72
C LYS I 103 126.95 -231.28 152.91
N ILE I 104 127.54 -231.38 154.10
CA ILE I 104 128.75 -230.64 154.46
C ILE I 104 129.73 -231.67 155.02
N ARG I 105 130.60 -232.18 154.15
CA ARG I 105 131.58 -233.17 154.57
C ARG I 105 132.72 -232.49 155.32
N LEU I 106 133.40 -233.28 156.16
CA LEU I 106 134.53 -232.79 156.96
C LEU I 106 135.45 -233.98 157.25
N PHE I 107 136.17 -234.42 156.23
CA PHE I 107 137.09 -235.54 156.35
C PHE I 107 138.50 -235.03 156.69
N THR I 108 139.38 -235.99 156.99
CA THR I 108 140.77 -235.68 157.35
C THR I 108 141.66 -236.73 156.70
N SER I 109 142.26 -236.38 155.56
CA SER I 109 143.15 -237.27 154.83
C SER I 109 144.60 -236.84 155.02
N ASP I 110 145.51 -237.76 154.70
CA ASP I 110 146.94 -237.52 154.83
C ASP I 110 147.56 -237.54 153.44
N LEU I 111 148.27 -236.47 153.09
CA LEU I 111 148.94 -236.33 151.80
C LEU I 111 147.96 -236.51 150.65
N GLN I 112 147.87 -237.73 150.11
CA GLN I 112 146.97 -238.03 149.01
C GLN I 112 146.00 -239.17 149.28
N ASP I 113 146.29 -240.03 150.26
CA ASP I 113 145.42 -241.16 150.58
C ASP I 113 144.37 -240.73 151.60
N LYS I 114 143.14 -241.18 151.39
CA LYS I 114 142.03 -240.86 152.28
C LYS I 114 142.00 -241.89 153.41
N ASN I 115 142.44 -241.48 154.60
CA ASN I 115 142.47 -242.38 155.76
C ASN I 115 141.14 -242.42 156.49
N GLU I 116 140.35 -241.35 156.42
CA GLU I 116 139.05 -241.28 157.08
C GLU I 116 137.98 -240.86 156.08
N TYR I 117 136.76 -241.29 156.35
CA TYR I 117 135.62 -240.95 155.50
C TYR I 117 134.93 -239.70 156.04
N LYS I 118 133.76 -239.37 155.52
CA LYS I 118 133.01 -238.20 155.97
C LYS I 118 131.52 -238.52 155.85
N VAL I 119 130.92 -238.90 156.96
CA VAL I 119 129.49 -239.24 156.99
C VAL I 119 128.74 -237.95 157.33
N LEU I 120 128.32 -237.24 156.30
CA LEU I 120 127.61 -235.97 156.43
C LEU I 120 126.14 -236.23 156.10
N GLU I 121 125.27 -236.04 157.09
CA GLU I 121 123.83 -236.25 156.91
C GLU I 121 123.09 -235.42 157.95
N GLY I 122 122.22 -234.53 157.48
CA GLY I 122 121.45 -233.70 158.39
C GLY I 122 120.97 -232.41 157.73
N HIS I 123 121.36 -232.20 156.49
CA HIS I 123 120.95 -231.01 155.74
C HIS I 123 119.67 -231.30 154.98
N THR I 124 118.64 -230.48 155.21
CA THR I 124 117.36 -230.68 154.54
C THR I 124 117.37 -230.10 153.13
N ASP I 125 118.05 -228.98 152.92
CA ASP I 125 118.12 -228.36 151.60
C ASP I 125 119.57 -228.25 151.13
N PHE I 126 119.79 -227.45 150.09
CA PHE I 126 121.14 -227.27 149.58
C PHE I 126 121.96 -226.38 150.51
N ILE I 127 123.24 -226.74 150.69
CA ILE I 127 124.09 -225.97 151.57
C ILE I 127 124.59 -224.71 150.85
N ASN I 128 124.96 -223.71 151.64
CA ASN I 128 125.45 -222.44 151.13
C ASN I 128 126.86 -222.11 151.60
N GLY I 129 127.15 -222.29 152.88
CA GLY I 129 128.47 -222.00 153.40
C GLY I 129 128.80 -222.88 154.58
N LEU I 130 130.11 -223.02 154.82
CA LEU I 130 130.60 -223.84 155.93
C LEU I 130 131.90 -223.27 156.43
N VAL I 131 132.22 -223.56 157.69
CA VAL I 131 133.44 -223.10 158.34
C VAL I 131 133.91 -224.20 159.29
N PHE I 132 135.12 -224.02 159.82
CA PHE I 132 135.70 -224.99 160.74
C PHE I 132 136.58 -224.25 161.74
N ASP I 133 136.43 -224.59 163.02
CA ASP I 133 137.21 -223.96 164.07
C ASP I 133 137.98 -225.01 164.86
N PRO I 134 138.84 -224.61 165.79
CA PRO I 134 139.61 -225.60 166.56
C PRO I 134 139.80 -225.19 168.01
N LYS I 135 138.98 -225.74 168.90
CA LYS I 135 139.07 -225.42 170.33
C LYS I 135 139.32 -226.68 171.15
N GLU I 136 138.31 -227.53 171.34
CA GLU I 136 138.46 -228.76 172.11
C GLU I 136 138.51 -230.00 171.23
N GLY I 137 138.33 -229.86 169.93
CA GLY I 137 138.36 -231.00 169.03
C GLY I 137 138.21 -230.62 167.58
N GLN I 138 136.97 -230.64 167.07
CA GLN I 138 136.69 -230.29 165.68
C GLN I 138 135.29 -229.69 165.63
N GLU I 139 135.22 -228.36 165.67
CA GLU I 139 133.96 -227.64 165.63
C GLU I 139 133.74 -227.12 164.21
N ILE I 140 132.60 -227.48 163.61
CA ILE I 140 132.24 -227.07 162.26
C ILE I 140 130.84 -226.48 162.29
N ALA I 141 130.67 -225.36 161.60
CA ALA I 141 129.38 -224.66 161.53
C ALA I 141 128.99 -224.52 160.07
N SER I 142 127.84 -225.09 159.71
CA SER I 142 127.33 -225.04 158.35
C SER I 142 126.05 -224.23 158.30
N VAL I 143 125.63 -223.90 157.07
CA VAL I 143 124.41 -223.11 156.86
C VAL I 143 123.79 -223.53 155.53
N SER I 144 122.53 -223.97 155.59
CA SER I 144 121.80 -224.40 154.41
C SER I 144 120.68 -223.41 154.10
N ASP I 145 119.82 -223.78 153.16
CA ASP I 145 118.70 -222.94 152.74
C ASP I 145 117.38 -223.38 153.36
N ASP I 146 117.41 -224.27 154.35
CA ASP I 146 116.21 -224.76 155.01
C ASP I 146 115.93 -224.03 156.33
N HIS I 147 116.43 -222.80 156.47
CA HIS I 147 116.24 -222.01 157.68
C HIS I 147 116.75 -222.74 158.92
N THR I 148 117.93 -223.34 158.80
CA THR I 148 118.54 -224.08 159.91
C THR I 148 120.05 -223.87 159.88
N CYS I 149 120.64 -223.73 161.06
CA CYS I 149 122.07 -223.52 161.22
C CYS I 149 122.64 -224.68 162.01
N ARG I 150 123.29 -225.62 161.33
CA ARG I 150 123.87 -226.78 161.98
C ARG I 150 125.20 -226.42 162.64
N ILE I 151 125.46 -227.07 163.77
CA ILE I 151 126.69 -226.83 164.53
C ILE I 151 127.26 -228.17 164.99
N TRP I 152 128.04 -228.82 164.13
CA TRP I 152 128.64 -230.10 164.45
C TRP I 152 129.89 -229.90 165.30
N ASN I 153 129.97 -230.63 166.41
CA ASN I 153 131.09 -230.55 167.33
C ASN I 153 131.61 -231.96 167.58
N LEU I 154 132.86 -232.21 167.20
CA LEU I 154 133.50 -233.52 167.38
C LEU I 154 134.48 -233.41 168.55
N GLU I 155 134.04 -233.86 169.72
CA GLU I 155 134.87 -233.83 170.92
C GLU I 155 135.48 -235.21 171.15
N GLY I 156 135.87 -235.50 172.40
CA GLY I 156 136.46 -236.79 172.70
C GLY I 156 135.46 -237.90 172.84
N VAL I 157 134.23 -237.58 173.25
CA VAL I 157 133.19 -238.60 173.42
C VAL I 157 132.27 -238.56 172.22
N GLN I 158 132.66 -239.23 171.14
CA GLN I 158 131.89 -239.32 169.88
C GLN I 158 131.72 -237.89 169.36
N THR I 159 130.50 -237.50 168.97
CA THR I 159 130.23 -236.16 168.47
C THR I 159 128.92 -235.65 169.08
N ALA I 160 128.65 -234.37 168.85
CA ALA I 160 127.45 -233.72 169.36
C ALA I 160 126.86 -232.86 168.25
N HIS I 161 125.62 -233.17 167.87
CA HIS I 161 124.92 -232.43 166.82
C HIS I 161 123.97 -231.42 167.46
N PHE I 162 123.89 -230.24 166.85
CA PHE I 162 123.03 -229.18 167.34
C PHE I 162 122.49 -228.39 166.16
N VAL I 163 121.17 -228.18 166.14
CA VAL I 163 120.50 -227.43 165.09
C VAL I 163 119.71 -226.29 165.72
N LEU I 164 119.64 -225.16 165.01
CA LEU I 164 118.94 -223.98 165.49
C LEU I 164 118.11 -223.40 164.35
N HIS I 165 116.90 -222.94 164.68
CA HIS I 165 116.00 -222.34 163.70
C HIS I 165 116.49 -220.94 163.38
N SER I 166 117.41 -220.85 162.42
CA SER I 166 117.96 -219.57 161.99
C SER I 166 118.45 -219.72 160.55
N PRO I 167 118.10 -218.78 159.67
CA PRO I 167 118.56 -218.89 158.27
C PRO I 167 119.97 -218.35 158.11
N GLY I 168 120.80 -219.10 157.39
CA GLY I 168 122.17 -218.71 157.16
C GLY I 168 122.57 -218.91 155.71
N MET I 169 123.66 -218.26 155.34
CA MET I 169 124.17 -218.34 153.97
C MET I 169 125.69 -218.36 153.96
N SER I 170 126.31 -217.74 154.95
CA SER I 170 127.78 -217.69 155.04
C SER I 170 128.15 -217.58 156.51
N VAL I 171 128.35 -218.72 157.15
CA VAL I 171 128.74 -218.78 158.56
C VAL I 171 130.25 -218.70 158.67
N CYS I 172 130.74 -217.93 159.63
CA CYS I 172 132.18 -217.76 159.83
C CYS I 172 132.44 -217.42 161.29
N TRP I 173 133.37 -218.15 161.89
CA TRP I 173 133.74 -217.93 163.28
C TRP I 173 134.64 -216.71 163.41
N HIS I 174 134.60 -216.09 164.59
CA HIS I 174 135.41 -214.91 164.83
C HIS I 174 136.86 -215.30 165.11
N PRO I 175 137.81 -214.40 164.83
CA PRO I 175 139.22 -214.73 165.09
C PRO I 175 139.56 -214.60 166.57
N GLU I 176 140.31 -215.59 167.07
CA GLU I 176 140.72 -215.65 168.46
C GLU I 176 139.54 -215.60 169.42
N GLU I 177 138.42 -216.23 169.03
CA GLU I 177 137.23 -216.25 169.87
C GLU I 177 136.42 -217.49 169.47
N THR I 178 136.69 -218.60 170.17
CA THR I 178 135.99 -219.85 169.87
C THR I 178 134.56 -219.85 170.40
N PHE I 179 134.26 -219.02 171.40
CA PHE I 179 132.92 -218.96 171.96
C PHE I 179 131.97 -218.06 171.18
N LYS I 180 132.47 -217.31 170.20
CA LYS I 180 131.67 -216.42 169.40
C LYS I 180 131.75 -216.82 167.93
N LEU I 181 130.68 -216.53 167.19
CA LEU I 181 130.60 -216.85 165.78
C LEU I 181 129.71 -215.81 165.09
N MET I 182 129.60 -215.94 163.78
CA MET I 182 128.78 -215.04 162.97
C MET I 182 128.00 -215.84 161.95
N VAL I 183 126.80 -215.35 161.62
CA VAL I 183 125.92 -216.00 160.65
C VAL I 183 125.16 -214.91 159.90
N ALA I 184 125.24 -214.95 158.57
CA ALA I 184 124.56 -213.98 157.72
C ALA I 184 123.39 -214.66 157.02
N GLU I 185 122.21 -214.07 157.16
CA GLU I 185 121.01 -214.59 156.54
C GLU I 185 120.89 -214.12 155.08
N LYS I 186 119.95 -214.72 154.36
CA LYS I 186 119.73 -214.35 152.96
C LYS I 186 118.92 -213.07 152.82
N ASN I 187 118.17 -212.67 153.84
CA ASN I 187 117.36 -211.45 153.79
C ASN I 187 118.11 -210.22 154.28
N GLY I 188 119.35 -210.37 154.73
CA GLY I 188 120.13 -209.26 155.21
C GLY I 188 120.28 -209.15 156.72
N THR I 189 120.17 -210.26 157.44
CA THR I 189 120.29 -210.28 158.89
C THR I 189 121.63 -210.91 159.27
N ILE I 190 122.40 -210.19 160.08
CA ILE I 190 123.72 -210.65 160.54
C ILE I 190 123.61 -210.85 162.05
N ARG I 191 123.47 -212.11 162.47
CA ARG I 191 123.36 -212.45 163.88
C ARG I 191 124.68 -213.00 164.38
N PHE I 192 125.04 -212.63 165.61
CA PHE I 192 126.27 -213.08 166.25
C PHE I 192 125.89 -213.98 167.43
N TYR I 193 125.73 -215.26 167.15
CA TYR I 193 125.36 -216.22 168.18
C TYR I 193 126.60 -216.72 168.91
N ASP I 194 126.36 -217.38 170.04
CA ASP I 194 127.42 -217.93 170.87
C ASP I 194 127.14 -219.40 171.14
N LEU I 195 128.12 -220.07 171.75
CA LEU I 195 128.00 -221.49 172.08
C LEU I 195 127.48 -221.73 173.48
N LEU I 196 127.17 -220.68 174.23
CA LEU I 196 126.65 -220.81 175.59
C LEU I 196 125.42 -219.95 175.84
N ALA I 197 125.43 -218.70 175.40
CA ALA I 197 124.31 -217.79 175.60
C ALA I 197 123.40 -217.71 174.38
N GLN I 198 123.51 -218.66 173.45
CA GLN I 198 122.71 -218.71 172.23
C GLN I 198 122.96 -217.42 171.45
N GLN I 199 121.94 -216.74 170.95
CA GLN I 199 122.13 -215.50 170.21
C GLN I 199 122.33 -214.33 171.17
N ALA I 200 123.19 -213.39 170.75
CA ALA I 200 123.48 -212.21 171.56
C ALA I 200 123.05 -210.93 170.86
N ILE I 201 123.52 -210.69 169.63
CA ILE I 201 123.16 -209.51 168.87
C ILE I 201 122.79 -209.91 167.45
N LEU I 202 122.05 -209.03 166.79
CA LEU I 202 121.60 -209.26 165.41
C LEU I 202 121.53 -207.91 164.70
N SER I 203 122.34 -207.74 163.67
CA SER I 203 122.37 -206.51 162.89
C SER I 203 121.61 -206.70 161.58
N LEU I 204 121.40 -205.59 160.87
CA LEU I 204 120.69 -205.59 159.60
C LEU I 204 121.26 -204.52 158.71
N GLU I 205 121.62 -204.90 157.48
CA GLU I 205 122.17 -203.95 156.51
C GLU I 205 121.10 -203.48 155.55
N SER I 206 121.39 -203.52 154.26
CA SER I 206 120.44 -203.09 153.23
C SER I 206 119.41 -204.20 153.03
N GLU I 207 118.16 -203.93 153.41
CA GLU I 207 117.09 -204.90 153.27
C GLU I 207 116.40 -204.85 151.91
N GLN I 208 116.73 -203.86 151.08
CA GLN I 208 116.10 -203.75 149.76
C GLN I 208 116.69 -204.72 148.75
N VAL I 209 117.90 -205.23 148.99
CA VAL I 209 118.56 -206.16 148.08
C VAL I 209 119.04 -207.37 148.87
N PRO I 210 119.47 -208.43 148.20
CA PRO I 210 119.95 -209.62 148.94
C PRO I 210 121.37 -209.44 149.43
N LEU I 211 121.64 -210.04 150.58
CA LEU I 211 122.97 -209.96 151.18
C LEU I 211 123.87 -211.05 150.61
N MET I 212 125.18 -210.83 150.76
CA MET I 212 126.17 -211.78 150.27
C MET I 212 126.79 -212.55 151.44
N SER I 213 127.63 -211.88 152.22
CA SER I 213 128.29 -212.50 153.36
C SER I 213 128.55 -211.44 154.42
N ALA I 214 129.03 -211.90 155.58
CA ALA I 214 129.34 -211.02 156.71
C ALA I 214 130.47 -211.67 157.51
N HIS I 215 131.69 -211.45 157.06
CA HIS I 215 132.88 -212.00 157.71
C HIS I 215 133.62 -210.92 158.48
N TRP I 216 134.35 -211.33 159.51
CA TRP I 216 135.11 -210.40 160.33
C TRP I 216 136.41 -210.00 159.62
N CYS I 217 137.09 -209.02 160.21
CA CYS I 217 138.35 -208.53 159.66
C CYS I 217 139.51 -209.31 160.28
N LEU I 218 140.74 -208.86 160.03
CA LEU I 218 141.92 -209.51 160.55
C LEU I 218 142.30 -209.03 161.95
N LYS I 219 141.69 -207.94 162.42
CA LYS I 219 142.00 -207.40 163.75
C LYS I 219 141.15 -208.03 164.85
N ASN I 220 140.24 -208.95 164.50
CA ASN I 220 139.37 -209.62 165.48
C ASN I 220 138.55 -208.60 166.27
N THR I 221 138.11 -207.54 165.60
CA THR I 221 137.32 -206.52 166.28
C THR I 221 136.35 -205.79 165.36
N PHE I 222 136.22 -206.20 164.10
CA PHE I 222 135.32 -205.57 163.14
C PHE I 222 134.44 -206.63 162.49
N LYS I 223 133.45 -206.16 161.73
CA LYS I 223 132.52 -207.05 161.05
C LYS I 223 132.06 -206.36 159.77
N VAL I 224 132.65 -206.77 158.63
CA VAL I 224 132.32 -206.20 157.33
C VAL I 224 131.28 -207.08 156.66
N GLY I 225 130.20 -206.47 156.19
CA GLY I 225 129.13 -207.20 155.54
C GLY I 225 128.80 -206.66 154.16
N ALA I 226 128.99 -207.48 153.13
CA ALA I 226 128.71 -207.10 151.76
C ALA I 226 127.37 -207.67 151.31
N VAL I 227 126.84 -207.08 150.23
CA VAL I 227 125.56 -207.51 149.67
C VAL I 227 125.73 -207.86 148.20
N ALA I 228 124.65 -208.30 147.55
CA ALA I 228 124.71 -208.66 146.15
C ALA I 228 124.64 -207.45 145.23
N GLY I 229 124.15 -206.31 145.72
CA GLY I 229 124.05 -205.11 144.91
C GLY I 229 125.15 -204.11 145.18
N ASN I 230 126.34 -204.61 145.52
CA ASN I 230 127.51 -203.77 145.81
C ASN I 230 127.22 -202.80 146.94
N ASP I 231 126.75 -203.33 148.07
CA ASP I 231 126.42 -202.55 149.25
C ASP I 231 127.20 -203.12 150.43
N TRP I 232 128.33 -202.48 150.75
CA TRP I 232 129.19 -202.91 151.83
C TRP I 232 129.04 -202.00 153.04
N LEU I 233 129.10 -202.59 154.23
CA LEU I 233 128.99 -201.86 155.47
C LEU I 233 130.01 -202.40 156.47
N ILE I 234 130.68 -201.49 157.19
CA ILE I 234 131.68 -201.87 158.16
C ILE I 234 131.25 -201.38 159.54
N TRP I 235 131.58 -202.18 160.56
CA TRP I 235 131.24 -201.87 161.95
C TRP I 235 132.42 -202.32 162.82
N ASP I 236 133.41 -201.44 162.95
CA ASP I 236 134.59 -201.74 163.75
C ASP I 236 134.35 -201.34 165.20
N ILE I 237 134.56 -202.30 166.11
CA ILE I 237 134.35 -202.04 167.53
C ILE I 237 135.60 -201.44 168.20
N THR I 238 136.79 -201.65 167.63
CA THR I 238 138.01 -201.12 168.22
C THR I 238 138.24 -199.65 167.88
N ARG I 239 137.53 -199.13 166.86
CA ARG I 239 137.67 -197.73 166.45
C ARG I 239 136.58 -196.86 167.05
N SER I 240 136.19 -197.14 168.30
CA SER I 240 135.15 -196.39 169.00
C SER I 240 133.83 -196.38 168.22
N SER I 241 133.43 -197.58 167.78
CA SER I 241 132.19 -197.79 167.01
C SER I 241 132.19 -196.92 165.74
N TYR I 242 133.02 -197.36 164.79
CA TYR I 242 133.13 -196.68 163.51
C TYR I 242 132.16 -197.31 162.52
N PRO I 243 131.13 -196.61 162.06
CA PRO I 243 130.18 -197.23 161.13
C PRO I 243 130.30 -196.66 159.72
N GLN I 244 131.23 -197.19 158.93
CA GLN I 244 131.45 -196.75 157.57
C GLN I 244 130.56 -197.55 156.62
N ASN I 245 130.27 -196.95 155.46
CA ASN I 245 129.43 -197.56 154.46
C ASN I 245 129.75 -196.97 153.09
N LYS I 246 130.21 -197.81 152.18
CA LYS I 246 130.55 -197.38 150.82
C LYS I 246 129.87 -198.33 149.85
N ARG I 247 130.20 -198.18 148.56
CA ARG I 247 129.64 -199.01 147.50
C ARG I 247 130.72 -199.35 146.49
N PRO I 248 130.67 -200.54 145.90
CA PRO I 248 131.70 -200.91 144.91
C PRO I 248 131.36 -200.45 143.51
N VAL I 249 132.18 -200.82 142.53
CA VAL I 249 131.92 -200.44 141.15
C VAL I 249 130.87 -201.33 140.53
N HIS I 250 131.13 -202.63 140.49
CA HIS I 250 130.22 -203.61 139.92
C HIS I 250 129.68 -204.52 141.02
N MET I 251 128.79 -205.43 140.64
CA MET I 251 128.19 -206.36 141.58
C MET I 251 129.19 -207.45 141.96
N ASP I 252 129.16 -207.86 143.22
CA ASP I 252 130.04 -208.89 143.76
C ASP I 252 129.22 -210.16 143.94
N ARG I 253 129.35 -211.09 143.00
CA ARG I 253 128.61 -212.35 143.10
C ARG I 253 129.26 -213.31 144.10
N ALA I 254 130.58 -213.25 144.25
CA ALA I 254 131.31 -214.11 145.18
C ALA I 254 131.59 -213.41 146.51
N CYS I 255 130.75 -212.47 146.90
CA CYS I 255 130.88 -211.71 148.15
C CYS I 255 132.23 -210.98 148.11
N LEU I 256 132.99 -210.95 149.20
CA LEU I 256 134.27 -210.28 149.23
C LEU I 256 135.20 -211.01 150.19
N PHE I 257 136.50 -210.74 150.05
CA PHE I 257 137.51 -211.35 150.89
C PHE I 257 138.39 -210.25 151.47
N ARG I 258 138.42 -210.15 152.80
CA ARG I 258 139.23 -209.14 153.46
C ARG I 258 140.70 -209.56 153.51
N TRP I 259 141.56 -208.57 153.69
CA TRP I 259 143.00 -208.82 153.76
C TRP I 259 143.37 -209.38 155.12
N SER I 260 144.52 -210.08 155.14
CA SER I 260 145.01 -210.69 156.37
C SER I 260 145.82 -209.72 157.22
N THR I 261 146.13 -208.53 156.72
CA THR I 261 146.90 -207.54 157.47
C THR I 261 146.19 -206.20 157.58
N ILE I 262 145.52 -205.75 156.51
CA ILE I 262 144.80 -204.48 156.50
C ILE I 262 143.33 -204.76 156.74
N SER I 263 142.79 -204.24 157.84
CA SER I 263 141.38 -204.45 158.16
C SER I 263 140.46 -203.55 157.36
N GLU I 264 140.97 -202.46 156.79
CA GLU I 264 140.17 -201.54 156.00
C GLU I 264 140.30 -201.79 154.50
N ASN I 265 140.79 -202.96 154.11
CA ASN I 265 140.96 -203.33 152.71
C ASN I 265 140.19 -204.61 152.42
N LEU I 266 139.55 -204.66 151.25
CA LEU I 266 138.78 -205.83 150.84
C LEU I 266 138.77 -205.91 149.33
N PHE I 267 138.77 -207.15 148.83
CA PHE I 267 138.77 -207.41 147.39
C PHE I 267 137.48 -208.13 147.02
N ALA I 268 136.82 -207.65 145.97
CA ALA I 268 135.57 -208.23 145.49
C ALA I 268 135.65 -208.37 143.98
N THR I 269 135.45 -209.59 143.49
CA THR I 269 135.50 -209.86 142.06
C THR I 269 134.14 -209.59 141.42
N THR I 270 134.14 -209.54 140.08
CA THR I 270 132.92 -209.28 139.33
C THR I 270 132.95 -210.04 138.01
N GLY I 271 132.19 -209.54 137.02
CA GLY I 271 132.13 -210.17 135.72
C GLY I 271 131.20 -209.48 134.76
N TYR I 272 131.74 -208.63 133.90
CA TYR I 272 130.93 -207.91 132.94
C TYR I 272 130.60 -208.82 131.75
N PRO I 273 129.33 -209.15 131.51
CA PRO I 273 129.02 -210.02 130.37
C PRO I 273 128.95 -209.31 129.04
N GLY I 274 128.83 -207.97 129.04
CA GLY I 274 128.76 -207.24 127.78
C GLY I 274 130.09 -207.06 127.11
N LYS I 275 131.19 -207.07 127.89
CA LYS I 275 132.52 -206.91 127.35
C LYS I 275 133.38 -208.17 127.46
N MET I 276 132.85 -209.23 128.07
CA MET I 276 133.56 -210.50 128.24
C MET I 276 134.88 -210.29 129.00
N ALA I 277 134.79 -209.56 130.12
CA ALA I 277 135.96 -209.28 130.94
C ALA I 277 135.51 -209.13 132.39
N SER I 278 136.26 -209.75 133.29
CA SER I 278 135.98 -209.70 134.72
C SER I 278 137.09 -208.96 135.44
N GLN I 279 136.71 -208.09 136.38
CA GLN I 279 137.66 -207.31 137.15
C GLN I 279 137.40 -207.50 138.64
N PHE I 280 138.44 -207.31 139.44
CA PHE I 280 138.37 -207.46 140.88
C PHE I 280 138.84 -206.16 141.52
N GLN I 281 137.89 -205.32 141.92
CA GLN I 281 138.22 -204.04 142.53
C GLN I 281 138.62 -204.22 143.99
N ILE I 282 139.57 -203.40 144.43
CA ILE I 282 140.07 -203.45 145.80
C ILE I 282 139.41 -202.31 146.55
N HIS I 283 138.44 -202.65 147.40
CA HIS I 283 137.73 -201.65 148.18
C HIS I 283 138.57 -201.21 149.37
N HIS I 284 138.68 -199.91 149.59
CA HIS I 284 139.46 -199.36 150.69
C HIS I 284 138.80 -198.08 151.17
N LEU I 285 138.77 -197.90 152.49
CA LEU I 285 138.17 -196.72 153.10
C LEU I 285 139.15 -195.56 153.01
N GLY I 286 138.82 -194.55 152.21
CA GLY I 286 139.64 -193.37 152.02
C GLY I 286 140.34 -193.33 150.67
N HIS I 287 140.70 -194.49 150.13
CA HIS I 287 141.38 -194.55 148.84
C HIS I 287 140.36 -194.48 147.71
N PRO I 288 140.83 -194.37 146.46
CA PRO I 288 139.89 -194.29 145.34
C PRO I 288 139.57 -195.67 144.76
N GLN I 289 139.07 -195.70 143.55
CA GLN I 289 138.72 -196.96 142.90
C GLN I 289 139.98 -197.63 142.36
N PRO I 290 140.36 -198.81 142.85
CA PRO I 290 141.57 -199.45 142.33
C PRO I 290 141.30 -200.86 141.83
N ILE I 291 141.48 -201.08 140.52
CA ILE I 291 141.25 -202.38 139.92
C ILE I 291 142.58 -202.96 139.44
N LEU I 292 143.28 -203.67 140.33
CA LEU I 292 144.57 -204.26 139.97
C LEU I 292 144.41 -205.54 139.16
N MET I 293 143.32 -206.27 139.37
CA MET I 293 143.06 -207.51 138.65
C MET I 293 142.01 -207.28 137.57
N GLY I 294 142.26 -207.83 136.38
CA GLY I 294 141.34 -207.69 135.27
C GLY I 294 141.59 -208.67 134.15
N SER I 295 141.06 -209.88 134.28
CA SER I 295 141.24 -210.91 133.27
C SER I 295 140.11 -210.86 132.25
N VAL I 296 140.29 -211.62 131.16
CA VAL I 296 139.30 -211.69 130.10
C VAL I 296 138.37 -212.89 130.24
N ALA I 297 138.45 -213.61 131.36
CA ALA I 297 137.62 -214.77 131.60
C ALA I 297 136.88 -214.61 132.92
N VAL I 298 135.84 -215.43 133.10
CA VAL I 298 135.02 -215.38 134.30
C VAL I 298 135.76 -216.10 135.43
N GLY I 299 135.74 -215.50 136.61
CA GLY I 299 136.40 -216.07 137.78
C GLY I 299 135.40 -216.74 138.69
N SER I 300 135.72 -217.96 139.11
CA SER I 300 134.86 -218.73 140.00
C SER I 300 135.08 -218.39 141.47
N GLY I 301 136.33 -218.11 141.86
CA GLY I 301 136.63 -217.78 143.23
C GLY I 301 137.97 -217.09 143.34
N LEU I 302 138.19 -216.47 144.50
CA LEU I 302 139.43 -215.77 144.77
C LEU I 302 139.70 -215.79 146.27
N SER I 303 140.99 -215.82 146.62
CA SER I 303 141.40 -215.85 148.01
C SER I 303 142.77 -215.19 148.14
N TRP I 304 142.94 -214.40 149.19
CA TRP I 304 144.19 -213.70 149.44
C TRP I 304 145.15 -214.59 150.23
N HIS I 305 146.45 -214.31 150.07
CA HIS I 305 147.48 -215.07 150.75
C HIS I 305 147.69 -214.53 152.16
N ARG I 306 148.55 -215.21 152.93
CA ARG I 306 148.83 -214.81 154.29
C ARG I 306 149.83 -213.67 154.38
N THR I 307 150.56 -213.38 153.31
CA THR I 307 151.54 -212.30 153.29
C THR I 307 150.95 -210.96 152.86
N LEU I 308 149.65 -210.92 152.55
CA LEU I 308 148.95 -209.71 152.13
C LEU I 308 149.62 -209.10 150.91
N PRO I 309 149.98 -209.90 149.91
CA PRO I 309 150.63 -209.34 148.71
C PRO I 309 150.25 -210.09 147.44
N LEU I 310 150.02 -211.40 147.56
CA LEU I 310 149.64 -212.23 146.44
C LEU I 310 148.17 -212.62 146.53
N CYS I 311 147.53 -212.72 145.37
CA CYS I 311 146.12 -213.08 145.27
C CYS I 311 145.99 -214.35 144.45
N VAL I 312 145.42 -215.40 145.05
CA VAL I 312 145.22 -216.67 144.37
C VAL I 312 143.78 -216.66 143.88
N ILE I 313 143.61 -216.36 142.60
CA ILE I 313 142.28 -216.30 141.97
C ILE I 313 142.06 -217.57 141.16
N GLY I 314 141.04 -218.33 141.53
CA GLY I 314 140.70 -219.55 140.84
C GLY I 314 139.69 -219.30 139.73
N GLY I 315 140.07 -219.65 138.51
CA GLY I 315 139.22 -219.48 137.35
C GLY I 315 138.39 -220.70 137.05
N ASP I 316 137.92 -220.78 135.82
CA ASP I 316 137.12 -221.91 135.37
C ASP I 316 137.94 -223.10 134.90
N HIS I 317 139.20 -222.87 134.49
CA HIS I 317 140.06 -223.94 134.04
C HIS I 317 141.47 -223.89 134.59
N LYS I 318 141.92 -222.77 135.16
CA LYS I 318 143.26 -222.65 135.71
C LYS I 318 143.17 -221.84 137.00
N LEU I 319 144.33 -221.52 137.57
CA LEU I 319 144.40 -220.76 138.81
C LEU I 319 145.60 -219.83 138.72
N LEU I 320 145.34 -218.53 138.65
CA LEU I 320 146.41 -217.53 138.58
C LEU I 320 146.87 -217.13 139.97
N PHE I 321 148.05 -216.50 140.02
CA PHE I 321 148.65 -216.05 141.28
C PHE I 321 149.38 -214.73 140.99
N TRP I 322 148.63 -213.62 141.03
CA TRP I 322 149.19 -212.30 140.77
C TRP I 322 149.62 -211.65 142.07
N VAL I 323 150.71 -210.88 142.01
CA VAL I 323 151.26 -210.16 143.16
C VAL I 323 151.15 -208.68 142.89
N THR I 324 150.54 -207.95 143.82
CA THR I 324 150.37 -206.52 143.69
C THR I 324 151.49 -205.76 144.40
N LYS J 518 13.60 -205.88 -297.63
CA LYS J 518 13.86 -206.54 -298.90
C LYS J 518 14.75 -205.67 -299.79
N ILE J 519 14.68 -205.91 -301.10
CA ILE J 519 15.49 -205.14 -302.04
C ILE J 519 14.92 -203.75 -302.30
N LYS J 520 13.63 -203.53 -302.01
CA LYS J 520 13.04 -202.23 -302.24
C LYS J 520 13.43 -201.22 -301.16
N LEU J 521 13.71 -201.68 -299.94
CA LEU J 521 14.11 -200.76 -298.88
C LEU J 521 15.56 -200.32 -299.05
N LEU J 522 16.44 -201.24 -299.48
CA LEU J 522 17.84 -200.89 -299.65
C LEU J 522 18.04 -199.96 -300.84
N LYS J 523 17.23 -200.11 -301.89
CA LYS J 523 17.35 -199.22 -303.05
C LYS J 523 16.76 -197.85 -302.76
N ALA J 524 15.86 -197.76 -301.79
CA ALA J 524 15.25 -196.47 -301.43
C ALA J 524 16.06 -195.72 -300.38
N ALA J 525 16.65 -196.43 -299.42
CA ALA J 525 17.45 -195.76 -298.39
C ALA J 525 18.79 -195.27 -298.92
N PHE J 526 19.33 -195.94 -299.95
CA PHE J 526 20.60 -195.51 -300.52
C PHE J 526 20.45 -194.31 -301.44
N LEU J 527 19.25 -194.09 -301.98
CA LEU J 527 19.04 -192.95 -302.87
C LEU J 527 18.89 -191.65 -302.10
N GLN J 528 18.39 -191.71 -300.87
CA GLN J 528 18.23 -190.51 -300.06
C GLN J 528 19.54 -190.02 -299.46
N TYR J 529 20.53 -190.91 -299.32
CA TYR J 529 21.82 -190.50 -298.75
C TYR J 529 22.65 -189.70 -299.74
N CYS J 530 22.48 -189.94 -301.04
CA CYS J 530 23.24 -189.20 -302.04
C CYS J 530 22.75 -187.77 -302.20
N ARG J 531 21.45 -187.54 -302.02
CA ARG J 531 20.87 -186.22 -302.15
C ARG J 531 20.90 -185.42 -300.85
N LYS J 532 21.33 -186.04 -299.74
CA LYS J 532 21.38 -185.35 -298.46
C LYS J 532 22.59 -184.44 -298.32
N ASP J 533 23.58 -184.57 -299.20
CA ASP J 533 24.77 -183.72 -299.13
C ASP J 533 24.52 -182.30 -299.64
N LEU J 534 23.48 -182.10 -300.45
CA LEU J 534 23.15 -180.79 -300.99
C LEU J 534 21.89 -180.19 -300.38
N GLY J 535 20.92 -181.02 -299.97
CA GLY J 535 19.69 -180.53 -299.39
C GLY J 535 19.31 -181.32 -298.15
N HIS J 536 18.25 -180.86 -297.50
CA HIS J 536 17.76 -181.50 -296.29
C HIS J 536 16.25 -181.64 -296.23
N ALA J 537 15.49 -180.97 -297.09
CA ALA J 537 14.04 -181.08 -297.05
C ALA J 537 13.54 -182.36 -297.71
N GLN J 538 14.25 -182.86 -298.72
CA GLN J 538 13.83 -184.08 -299.39
C GLN J 538 14.21 -185.34 -298.62
N MET J 539 15.31 -185.29 -297.87
CA MET J 539 15.74 -186.44 -297.08
C MET J 539 14.99 -186.59 -295.77
N VAL J 540 14.39 -185.51 -295.27
CA VAL J 540 13.65 -185.59 -294.01
C VAL J 540 12.26 -186.17 -294.25
N VAL J 541 11.72 -186.04 -295.46
CA VAL J 541 10.40 -186.59 -295.74
C VAL J 541 10.44 -188.09 -295.99
N ASP J 542 11.60 -188.64 -296.35
CA ASP J 542 11.69 -190.08 -296.61
C ASP J 542 11.78 -190.88 -295.31
N GLU J 543 12.40 -190.32 -294.27
CA GLU J 543 12.52 -191.05 -293.02
C GLU J 543 11.22 -191.03 -292.23
N LEU J 544 10.50 -189.90 -292.25
CA LEU J 544 9.25 -189.81 -291.52
C LEU J 544 8.19 -190.75 -292.08
N PHE J 545 8.15 -190.90 -293.40
CA PHE J 545 7.19 -191.82 -294.01
C PHE J 545 7.60 -193.28 -293.79
N SER J 546 8.90 -193.56 -293.81
CA SER J 546 9.37 -194.93 -293.59
C SER J 546 9.12 -195.37 -292.15
N SER J 547 9.31 -194.46 -291.19
CA SER J 547 9.07 -194.79 -289.79
C SER J 547 7.60 -195.10 -289.53
N HIS J 548 6.70 -194.48 -290.28
CA HIS J 548 5.27 -194.74 -290.14
C HIS J 548 4.83 -195.98 -290.91
N SER J 549 5.46 -196.26 -292.06
CA SER J 549 5.11 -197.44 -292.84
C SER J 549 5.73 -198.72 -292.30
N ASP J 550 6.79 -198.61 -291.50
CA ASP J 550 7.43 -199.79 -290.93
C ASP J 550 6.55 -200.38 -289.83
N LEU J 551 6.89 -201.61 -289.43
CA LEU J 551 6.14 -202.29 -288.39
C LEU J 551 6.43 -201.72 -287.00
N ASP J 552 7.59 -201.11 -286.80
CA ASP J 552 8.00 -200.52 -285.53
C ASP J 552 7.97 -201.57 -284.42
N SER J 553 8.93 -202.50 -284.51
CA SER J 553 9.06 -203.58 -283.54
C SER J 553 10.54 -203.86 -283.31
N ASP J 554 10.89 -204.10 -282.04
CA ASP J 554 12.27 -204.37 -281.66
C ASP J 554 12.60 -205.87 -281.69
N SER J 555 11.71 -206.70 -282.23
CA SER J 555 11.94 -208.14 -282.30
C SER J 555 12.52 -208.51 -283.67
N GLU J 556 11.70 -208.42 -284.70
CA GLU J 556 12.12 -208.75 -286.06
C GLU J 556 12.16 -207.55 -287.00
N LEU J 557 11.37 -206.50 -286.73
CA LEU J 557 11.36 -205.33 -287.59
C LEU J 557 12.59 -204.45 -287.41
N ASP J 558 13.25 -204.52 -286.24
CA ASP J 558 14.43 -203.70 -286.00
C ASP J 558 15.65 -204.25 -286.72
N ARG J 559 15.66 -205.55 -287.04
CA ARG J 559 16.79 -206.15 -287.73
C ARG J 559 16.79 -205.86 -289.22
N ALA J 560 15.68 -205.39 -289.78
CA ALA J 560 15.62 -205.10 -291.20
C ALA J 560 16.33 -203.79 -291.53
N VAL J 561 16.31 -202.82 -290.61
CA VAL J 561 16.98 -201.55 -290.85
C VAL J 561 18.48 -201.69 -290.68
N THR J 562 18.91 -202.51 -289.71
CA THR J 562 20.34 -202.70 -289.50
C THR J 562 20.99 -203.45 -290.65
N GLN J 563 20.28 -204.43 -291.21
CA GLN J 563 20.81 -205.18 -292.35
C GLN J 563 20.96 -204.29 -293.58
N ILE J 564 20.07 -203.31 -293.74
CA ILE J 564 20.19 -202.38 -294.87
C ILE J 564 21.29 -201.37 -294.60
N SER J 565 21.41 -200.91 -293.35
CA SER J 565 22.46 -199.94 -293.02
C SER J 565 23.85 -200.55 -293.18
N VAL J 566 24.02 -201.81 -292.79
CA VAL J 566 25.32 -202.46 -292.94
C VAL J 566 25.65 -202.64 -294.41
N ASP J 567 24.66 -202.99 -295.24
CA ASP J 567 24.89 -203.15 -296.66
C ASP J 567 25.22 -201.82 -297.33
N LEU J 568 24.59 -200.73 -296.86
CA LEU J 568 24.88 -199.42 -297.43
C LEU J 568 26.26 -198.91 -296.99
N MET J 569 26.68 -199.24 -295.77
CA MET J 569 27.99 -198.81 -295.30
C MET J 569 29.11 -199.64 -295.90
N ASP J 570 28.86 -200.93 -296.19
CA ASP J 570 29.90 -201.76 -296.78
C ASP J 570 30.08 -201.46 -298.26
N ASP J 571 29.05 -200.95 -298.93
CA ASP J 571 29.15 -200.64 -300.34
C ASP J 571 29.92 -199.34 -300.61
N TYR J 572 29.97 -198.43 -299.64
CA TYR J 572 30.67 -197.18 -299.80
C TYR J 572 32.18 -197.41 -299.72
N PRO J 573 32.63 -198.36 -298.89
CA PRO J 573 34.08 -198.62 -298.81
C PRO J 573 34.64 -199.43 -299.95
N ALA J 574 33.80 -200.04 -300.78
CA ALA J 574 34.23 -200.83 -301.91
C ALA J 574 33.94 -200.15 -303.26
N SER J 575 33.90 -198.82 -303.26
CA SER J 575 33.63 -198.05 -304.47
C SER J 575 32.32 -198.46 -305.14
N ILE J 596 45.55 -194.04 -309.04
CA ILE J 596 45.29 -193.28 -307.82
C ILE J 596 44.79 -194.21 -306.73
N ILE J 597 45.71 -194.96 -306.12
CA ILE J 597 45.32 -195.88 -305.06
C ILE J 597 45.08 -195.13 -303.75
N LEU J 598 45.84 -194.07 -303.51
CA LEU J 598 45.67 -193.30 -302.28
C LEU J 598 44.43 -192.41 -302.35
N HIS J 599 44.17 -191.81 -303.51
CA HIS J 599 43.01 -190.93 -303.65
C HIS J 599 41.71 -191.73 -303.56
N GLN J 600 41.67 -192.92 -304.16
CA GLN J 600 40.48 -193.75 -304.08
C GLN J 600 40.22 -194.24 -302.66
N LEU J 601 41.28 -194.50 -301.89
CA LEU J 601 41.11 -194.91 -300.50
C LEU J 601 40.74 -193.73 -299.60
N GLU J 602 41.19 -192.53 -299.95
CA GLU J 602 40.84 -191.35 -299.15
C GLU J 602 39.41 -190.90 -299.42
N ASP J 603 38.95 -191.01 -300.67
CA ASP J 603 37.59 -190.61 -301.00
C ASP J 603 36.56 -191.49 -300.30
N LYS J 604 36.81 -192.80 -300.24
CA LYS J 604 35.89 -193.70 -299.56
C LYS J 604 35.85 -193.41 -298.06
N MET J 605 37.01 -193.13 -297.46
CA MET J 605 37.05 -192.81 -296.04
C MET J 605 36.35 -191.47 -295.75
N LYS J 606 36.46 -190.51 -296.67
CA LYS J 606 35.79 -189.23 -296.47
C LYS J 606 34.28 -189.36 -296.67
N ALA J 607 33.84 -190.22 -297.59
CA ALA J 607 32.41 -190.40 -297.81
C ALA J 607 31.77 -191.26 -296.72
N HIS J 608 32.55 -192.15 -296.09
CA HIS J 608 31.99 -192.99 -295.04
C HIS J 608 31.72 -192.19 -293.77
N SER J 609 32.51 -191.14 -293.52
CA SER J 609 32.28 -190.31 -292.34
C SER J 609 31.07 -189.41 -292.49
N PHE J 610 30.77 -188.97 -293.71
CA PHE J 610 29.61 -188.12 -293.93
C PHE J 610 28.31 -188.90 -293.87
N LEU J 611 28.35 -190.21 -294.10
CA LEU J 611 27.14 -191.01 -294.04
C LEU J 611 26.69 -191.24 -292.61
N MET J 612 27.62 -191.21 -291.65
CA MET J 612 27.26 -191.41 -290.25
C MET J 612 26.55 -190.19 -289.67
N ASP J 613 26.89 -188.99 -290.16
CA ASP J 613 26.25 -187.78 -289.66
C ASP J 613 24.83 -187.63 -290.21
N PHE J 614 24.63 -187.98 -291.49
CA PHE J 614 23.29 -187.87 -292.07
C PHE J 614 22.33 -188.88 -291.46
N ILE J 615 22.82 -190.06 -291.07
CA ILE J 615 21.96 -191.05 -290.44
C ILE J 615 21.68 -190.67 -288.99
N HIS J 616 22.62 -190.01 -288.32
CA HIS J 616 22.41 -189.61 -286.93
C HIS J 616 21.52 -188.37 -286.83
N GLN J 617 21.56 -187.49 -287.83
CA GLN J 617 20.73 -186.29 -287.80
C GLN J 617 19.26 -186.60 -288.07
N VAL J 618 18.96 -187.71 -288.73
CA VAL J 618 17.59 -188.10 -289.02
C VAL J 618 17.15 -189.16 -288.02
N GLY J 619 17.87 -190.27 -287.96
CA GLY J 619 17.56 -191.33 -287.04
C GLY J 619 16.50 -192.29 -287.56
N LEU J 620 16.75 -193.60 -287.63
CA LEU J 620 18.01 -194.30 -287.27
C LEU J 620 18.49 -194.04 -285.84
N PHE J 621 17.62 -194.28 -284.86
CA PHE J 621 17.93 -194.07 -283.46
C PHE J 621 18.37 -195.36 -282.77
N GLY J 622 18.86 -196.34 -283.53
CA GLY J 622 19.32 -197.58 -282.96
C GLY J 622 19.64 -198.64 -284.00
N ARG J 623 18.82 -199.69 -284.05
CA ARG J 623 18.99 -200.80 -284.99
C ARG J 623 20.37 -201.44 -284.83
N LEU J 624 20.49 -202.22 -283.76
CA LEU J 624 21.73 -202.91 -283.43
C LEU J 624 21.59 -204.38 -283.82
N GLY J 625 22.41 -204.81 -284.78
CA GLY J 625 22.37 -206.19 -285.24
C GLY J 625 23.74 -206.81 -285.35
N SER J 626 24.46 -206.89 -284.24
CA SER J 626 25.80 -207.47 -284.25
C SER J 626 25.75 -209.00 -284.11
N PHE J 627 25.31 -209.47 -282.94
CA PHE J 627 25.19 -210.89 -282.62
C PHE J 627 26.53 -211.59 -282.82
N PRO J 628 26.63 -212.51 -283.79
CA PRO J 628 27.90 -213.21 -284.00
C PRO J 628 28.41 -213.06 -285.43
N VAL J 629 29.73 -213.11 -285.60
CA VAL J 629 30.39 -212.98 -286.90
C VAL J 629 29.96 -211.68 -287.57
N ARG J 630 28.92 -211.75 -288.41
CA ARG J 630 28.43 -210.57 -289.11
C ARG J 630 27.26 -209.94 -288.36
N LEU J 638 25.49 -200.86 -284.06
CA LEU J 638 26.37 -199.76 -283.71
C LEU J 638 27.83 -200.13 -283.90
N LEU J 639 28.14 -201.41 -283.68
CA LEU J 639 29.50 -201.89 -283.83
C LEU J 639 29.90 -202.10 -285.29
N LEU J 640 28.92 -202.25 -286.18
CA LEU J 640 29.24 -202.45 -287.60
C LEU J 640 29.91 -201.22 -288.20
N CYS J 641 29.40 -200.03 -287.87
CA CYS J 641 30.01 -198.81 -288.38
C CYS J 641 31.42 -198.63 -287.85
N GLU J 642 31.63 -198.93 -286.56
CA GLU J 642 32.96 -198.83 -285.98
C GLU J 642 33.92 -199.82 -286.63
N HIS J 643 33.46 -201.04 -286.88
CA HIS J 643 34.31 -202.03 -287.54
C HIS J 643 34.65 -201.60 -288.96
N ALA J 644 33.67 -201.04 -289.68
CA ALA J 644 33.93 -200.57 -291.04
C ALA J 644 34.92 -199.42 -291.04
N GLU J 645 34.78 -198.49 -290.07
CA GLU J 645 35.72 -197.39 -289.98
C GLU J 645 37.12 -197.87 -289.65
N LYS J 646 37.23 -198.85 -288.74
CA LYS J 646 38.54 -199.40 -288.41
C LYS J 646 39.17 -200.10 -289.61
N LEU J 647 38.36 -200.84 -290.38
CA LEU J 647 38.89 -201.51 -291.56
C LEU J 647 39.34 -200.50 -292.61
N SER J 648 38.56 -199.42 -292.80
CA SER J 648 38.95 -198.40 -293.76
C SER J 648 40.21 -197.65 -293.32
N ALA J 649 40.38 -197.45 -292.02
CA ALA J 649 41.59 -196.80 -291.53
C ALA J 649 42.80 -197.71 -291.62
N ALA J 650 42.62 -199.01 -291.42
CA ALA J 650 43.74 -199.94 -291.52
C ALA J 650 44.12 -200.24 -292.97
N ILE J 651 43.16 -200.13 -293.90
CA ILE J 651 43.45 -200.38 -295.30
C ILE J 651 44.19 -199.21 -295.94
N VAL J 652 43.99 -197.99 -295.45
CA VAL J 652 44.67 -196.84 -296.02
C VAL J 652 46.12 -196.75 -295.59
N LEU J 653 46.47 -197.28 -294.41
CA LEU J 653 47.84 -197.22 -293.94
C LEU J 653 48.75 -198.20 -294.69
N LYS J 654 48.20 -199.34 -295.12
CA LYS J 654 49.00 -200.33 -295.83
C LYS J 654 49.30 -199.92 -297.27
N ASN J 655 48.47 -199.06 -297.86
CA ASN J 655 48.70 -198.62 -299.24
C ASN J 655 49.82 -197.58 -299.35
N HIS J 656 50.07 -196.82 -298.29
CA HIS J 656 51.13 -195.82 -298.32
C HIS J 656 52.52 -196.42 -298.25
N HIS J 657 52.66 -197.61 -297.67
CA HIS J 657 53.96 -198.26 -297.55
C HIS J 657 54.04 -199.47 -298.48
N SER J 658 53.79 -199.25 -299.78
CA SER J 658 53.85 -200.33 -300.76
C SER J 658 55.30 -200.65 -301.09
N ARG J 659 55.68 -201.91 -300.89
CA ARG J 659 57.05 -202.34 -301.17
C ARG J 659 57.06 -203.55 -302.09
N LEU J 660 58.21 -204.21 -302.19
CA LEU J 660 58.31 -205.39 -303.06
C LEU J 660 57.72 -206.62 -302.40
N SER J 661 57.89 -206.76 -301.09
CA SER J 661 57.35 -207.93 -300.39
C SER J 661 55.85 -207.76 -300.10
N ASP J 662 55.42 -206.52 -299.81
CA ASP J 662 54.01 -206.29 -299.52
C ASP J 662 53.14 -206.55 -300.74
N LEU J 663 53.57 -206.09 -301.91
CA LEU J 663 52.81 -206.33 -303.13
C LEU J 663 52.75 -207.81 -303.47
N VAL J 664 53.86 -208.53 -303.28
CA VAL J 664 53.88 -209.97 -303.54
C VAL J 664 52.94 -210.69 -302.58
N ASN J 665 52.95 -210.30 -301.31
CA ASN J 665 52.06 -210.92 -300.34
C ASN J 665 50.59 -210.64 -300.67
N THR J 666 50.29 -209.40 -301.08
CA THR J 666 48.92 -209.08 -301.47
C THR J 666 48.48 -209.87 -302.69
N ALA J 667 49.37 -210.03 -303.66
CA ALA J 667 49.03 -210.82 -304.85
C ALA J 667 48.82 -212.28 -304.49
N ILE J 668 49.65 -212.83 -303.60
CA ILE J 668 49.51 -214.22 -303.21
C ILE J 668 48.21 -214.42 -302.43
N LEU J 669 47.82 -213.42 -301.63
CA LEU J 669 46.57 -213.53 -300.88
C LEU J 669 45.37 -213.39 -301.79
N ILE J 670 45.48 -212.57 -302.85
CA ILE J 670 44.36 -212.40 -303.77
C ILE J 670 44.21 -213.63 -304.66
N ALA J 671 45.32 -214.25 -305.05
CA ALA J 671 45.26 -215.44 -305.88
C ALA J 671 44.82 -216.68 -305.12
N LEU J 672 44.99 -216.70 -303.79
CA LEU J 672 44.59 -217.86 -303.01
C LEU J 672 43.09 -217.89 -302.74
N ASN J 673 42.44 -216.72 -302.73
CA ASN J 673 41.01 -216.66 -302.47
C ASN J 673 40.21 -216.99 -303.73
N LYS J 674 40.40 -216.20 -304.78
CA LYS J 674 39.70 -216.40 -306.04
C LYS J 674 40.65 -216.06 -307.18
N ARG J 675 40.12 -215.88 -308.38
CA ARG J 675 40.91 -215.54 -309.56
C ARG J 675 40.76 -214.07 -309.90
N GLU J 676 41.82 -213.49 -310.47
CA GLU J 676 41.84 -212.10 -310.86
C GLU J 676 41.60 -211.96 -312.36
N TYR J 677 41.21 -210.76 -312.77
CA TYR J 677 40.94 -210.47 -314.17
C TYR J 677 42.25 -210.26 -314.93
N GLU J 678 42.30 -210.80 -316.15
CA GLU J 678 43.49 -210.67 -316.99
C GLU J 678 43.53 -209.35 -317.75
N ILE J 679 42.45 -208.60 -317.79
CA ILE J 679 42.41 -207.32 -318.50
C ILE J 679 43.02 -206.24 -317.61
N PRO J 680 44.36 -206.07 -317.64
CA PRO J 680 45.02 -205.04 -316.82
C PRO J 680 44.60 -205.08 -315.35
N SER J 681 44.48 -203.90 -314.74
CA SER J 681 44.08 -203.76 -313.34
C SER J 681 45.04 -204.54 -312.42
N ASN J 682 46.34 -204.36 -312.67
CA ASN J 682 47.37 -205.02 -311.88
C ASN J 682 47.51 -204.29 -310.55
N LEU J 683 46.71 -204.71 -309.57
CA LEU J 683 46.73 -204.10 -308.24
C LEU J 683 46.96 -205.10 -307.12
N THR J 684 46.22 -206.22 -307.04
CA THR J 684 45.14 -206.63 -307.93
C THR J 684 43.78 -206.51 -307.26
N PRO J 685 43.79 -206.34 -305.93
CA PRO J 685 42.52 -206.22 -305.21
C PRO J 685 42.55 -205.09 -304.18
N ALA J 686 41.76 -204.05 -304.42
CA ALA J 686 41.68 -202.90 -303.52
C ALA J 686 40.29 -202.73 -302.93
N ASP J 687 39.27 -202.53 -303.76
CA ASP J 687 37.91 -202.36 -303.25
C ASP J 687 37.39 -203.67 -302.66
N VAL J 688 37.76 -204.81 -303.26
CA VAL J 688 37.32 -206.10 -302.74
C VAL J 688 38.13 -206.57 -301.54
N PHE J 689 39.25 -205.91 -301.25
CA PHE J 689 40.09 -206.28 -300.12
C PHE J 689 39.98 -205.32 -298.94
N PHE J 690 39.53 -204.08 -299.18
CA PHE J 690 39.39 -203.13 -298.09
C PHE J 690 38.22 -203.48 -297.17
N ARG J 691 37.18 -204.10 -297.72
CA ARG J 691 36.03 -204.47 -296.91
C ARG J 691 36.31 -205.69 -296.04
N GLU J 692 37.25 -206.53 -296.44
CA GLU J 692 37.61 -207.73 -295.70
C GLU J 692 39.10 -207.66 -295.35
N VAL J 693 39.42 -206.83 -294.35
CA VAL J 693 40.81 -206.67 -293.92
C VAL J 693 41.31 -207.84 -293.08
N SER J 694 40.41 -208.70 -292.60
CA SER J 694 40.84 -209.83 -291.79
C SER J 694 41.50 -210.92 -292.65
N GLN J 695 41.14 -210.98 -293.93
CA GLN J 695 41.74 -211.98 -294.82
C GLN J 695 43.15 -211.61 -295.24
N VAL J 696 43.43 -210.31 -295.38
CA VAL J 696 44.78 -209.89 -295.77
C VAL J 696 45.75 -209.97 -294.60
N ASP J 697 45.27 -209.75 -293.37
CA ASP J 697 46.14 -209.82 -292.21
C ASP J 697 46.46 -211.26 -291.84
N THR J 698 45.52 -212.18 -292.05
CA THR J 698 45.77 -213.58 -291.72
C THR J 698 46.64 -214.25 -292.76
N ILE J 699 46.53 -213.85 -294.03
CA ILE J 699 47.35 -214.44 -295.08
C ILE J 699 48.74 -213.84 -295.16
N CYS J 700 49.01 -212.77 -294.41
CA CYS J 700 50.34 -212.16 -294.44
C CYS J 700 51.36 -213.00 -293.69
N GLU J 701 50.92 -213.77 -292.69
CA GLU J 701 51.83 -214.61 -291.94
C GLU J 701 52.26 -215.85 -292.70
N CYS J 702 51.45 -216.32 -293.65
CA CYS J 702 51.83 -217.50 -294.43
C CYS J 702 52.91 -217.18 -295.47
N LEU J 703 52.92 -215.95 -295.99
CA LEU J 703 53.93 -215.58 -296.97
C LEU J 703 55.30 -215.40 -296.34
N LEU J 704 55.37 -214.83 -295.14
CA LEU J 704 56.65 -214.67 -294.47
C LEU J 704 57.18 -215.97 -293.89
N GLU J 705 56.29 -216.91 -293.55
CA GLU J 705 56.72 -218.20 -293.02
C GLU J 705 57.28 -219.10 -294.10
N HIS J 706 56.83 -218.93 -295.35
CA HIS J 706 57.33 -219.76 -296.44
C HIS J 706 58.74 -219.36 -296.86
N GLU J 707 59.04 -218.05 -296.83
CA GLU J 707 60.36 -217.58 -297.20
C GLU J 707 61.38 -217.78 -296.09
N GLU J 708 60.94 -217.98 -294.85
CA GLU J 708 61.86 -218.17 -293.74
C GLU J 708 62.46 -219.58 -293.71
N GLN J 709 61.89 -220.52 -294.44
CA GLN J 709 62.43 -221.87 -294.46
C GLN J 709 63.63 -222.00 -295.39
N VAL J 710 63.61 -221.28 -296.52
CA VAL J 710 64.70 -221.33 -297.49
C VAL J 710 65.69 -220.19 -297.30
N LEU J 711 65.57 -219.41 -296.22
CA LEU J 711 66.48 -218.31 -295.98
C LEU J 711 67.75 -218.73 -295.25
N ARG J 712 67.79 -219.96 -294.74
CA ARG J 712 68.95 -220.49 -294.01
C ARG J 712 69.31 -219.59 -292.83
N ASP J 713 68.37 -219.46 -291.90
CA ASP J 713 68.58 -218.64 -290.71
C ASP J 713 68.75 -219.51 -289.47
N SER J 718 71.64 -214.86 -293.83
CA SER J 718 71.06 -214.92 -292.49
C SER J 718 70.97 -213.54 -291.86
N ILE J 719 71.89 -212.65 -292.25
CA ILE J 719 71.90 -211.30 -291.72
C ILE J 719 70.81 -210.46 -292.37
N GLU J 720 70.78 -210.43 -293.70
CA GLU J 720 69.78 -209.65 -294.42
C GLU J 720 68.41 -210.32 -294.42
N TRP J 721 68.34 -211.62 -294.12
CA TRP J 721 67.07 -212.33 -294.10
C TRP J 721 66.24 -212.02 -292.86
N ALA J 722 66.88 -211.56 -291.78
CA ALA J 722 66.15 -211.24 -290.56
C ALA J 722 65.35 -209.94 -290.66
N GLU J 723 65.68 -209.09 -291.64
CA GLU J 723 64.94 -207.84 -291.79
C GLU J 723 63.57 -208.05 -292.41
N VAL J 724 63.40 -209.13 -293.18
CA VAL J 724 62.11 -209.40 -293.81
C VAL J 724 61.08 -209.80 -292.76
N VAL J 725 61.50 -210.50 -291.72
CA VAL J 725 60.56 -210.89 -290.67
C VAL J 725 60.21 -209.71 -289.78
N ILE J 726 61.07 -208.68 -289.73
CA ILE J 726 60.77 -207.52 -288.91
C ILE J 726 59.97 -206.49 -289.69
N ASN J 727 60.15 -206.41 -291.00
CA ASN J 727 59.39 -205.45 -291.80
C ASN J 727 57.91 -205.79 -291.83
N VAL J 728 57.57 -207.08 -291.82
CA VAL J 728 56.16 -207.48 -291.77
C VAL J 728 55.57 -207.21 -290.40
N ASN J 729 56.34 -207.46 -289.35
CA ASN J 729 55.86 -207.21 -288.00
C ASN J 729 55.63 -205.72 -287.76
N ASN J 730 56.52 -204.87 -288.26
CA ASN J 730 56.34 -203.43 -288.11
C ASN J 730 55.10 -202.95 -288.86
N ILE J 731 54.86 -203.49 -290.06
CA ILE J 731 53.67 -203.11 -290.82
C ILE J 731 52.41 -203.58 -290.10
N LEU J 732 52.44 -204.79 -289.53
CA LEU J 732 51.29 -205.28 -288.78
C LEU J 732 51.01 -204.43 -287.56
N LYS J 733 52.07 -204.02 -286.85
CA LYS J 733 51.89 -203.16 -285.68
C LYS J 733 51.34 -201.79 -286.08
N ASP J 734 51.84 -201.23 -287.18
CA ASP J 734 51.34 -199.93 -287.65
C ASP J 734 49.89 -200.02 -288.09
N MET J 735 49.50 -201.16 -288.68
CA MET J 735 48.11 -201.33 -289.08
C MET J 735 47.20 -201.55 -287.88
N LEU J 736 47.69 -202.23 -286.84
CA LEU J 736 46.89 -202.46 -285.65
C LEU J 736 46.74 -201.19 -284.82
N GLN J 737 47.78 -200.34 -284.82
CA GLN J 737 47.69 -199.09 -284.06
C GLN J 737 46.73 -198.10 -284.70
N ALA J 738 46.57 -198.16 -286.03
CA ALA J 738 45.66 -197.24 -286.71
C ALA J 738 44.20 -197.54 -286.35
N ALA J 739 43.86 -198.82 -286.18
CA ALA J 739 42.50 -199.17 -285.80
C ALA J 739 42.19 -198.82 -284.34
N SER J 740 43.21 -198.74 -283.49
CA SER J 740 43.01 -198.40 -282.10
C SER J 740 43.05 -196.89 -281.84
N HIS J 741 43.83 -196.15 -282.63
CA HIS J 741 43.91 -194.71 -282.46
C HIS J 741 42.69 -193.99 -283.01
N TYR J 742 41.99 -194.58 -283.97
CA TYR J 742 40.81 -193.96 -284.56
C TYR J 742 39.56 -194.16 -283.71
N ARG J 743 39.55 -195.17 -282.84
CA ARG J 743 38.39 -195.42 -282.00
C ARG J 743 38.26 -194.42 -280.85
N GLN J 744 39.36 -193.77 -280.46
CA GLN J 744 39.31 -192.80 -279.37
C GLN J 744 38.72 -191.47 -279.81
N ASN J 745 38.66 -191.19 -281.11
CA ASN J 745 38.11 -189.95 -281.64
C ASN J 745 36.67 -190.10 -282.09
N ARG J 746 35.99 -191.17 -281.68
CA ARG J 746 34.60 -191.40 -282.06
C ARG J 746 33.66 -190.56 -281.19
N ARG J 775 38.90 -215.41 -283.92
CA ARG J 775 39.62 -216.68 -283.99
C ARG J 775 40.72 -216.62 -285.04
N THR J 776 40.50 -215.85 -286.10
CA THR J 776 41.47 -215.70 -287.17
C THR J 776 42.43 -214.55 -286.95
N VAL J 777 41.98 -213.48 -286.29
CA VAL J 777 42.84 -212.33 -286.05
C VAL J 777 43.78 -212.60 -284.88
N ILE J 778 43.36 -213.40 -283.90
CA ILE J 778 44.21 -213.69 -282.75
C ILE J 778 45.25 -214.75 -283.10
N ILE J 779 44.95 -215.63 -284.06
CA ILE J 779 45.90 -216.68 -284.43
C ILE J 779 47.10 -216.08 -285.14
N ARG J 780 46.88 -215.06 -285.98
CA ARG J 780 47.99 -214.41 -286.67
C ARG J 780 48.92 -213.71 -285.70
N GLN J 781 48.38 -213.17 -284.61
CA GLN J 781 49.23 -212.53 -283.61
C GLN J 781 49.93 -213.56 -282.73
N HIS J 782 49.23 -214.64 -282.38
CA HIS J 782 49.85 -215.69 -281.57
C HIS J 782 50.97 -216.39 -282.31
N GLU J 783 50.84 -216.56 -283.62
CA GLU J 783 51.91 -217.18 -284.40
C GLU J 783 53.09 -216.23 -284.56
N ILE J 784 52.81 -214.93 -284.72
CA ILE J 784 53.88 -213.95 -284.88
C ILE J 784 54.66 -213.80 -283.58
N VAL J 785 53.97 -213.85 -282.43
CA VAL J 785 54.65 -213.72 -281.16
C VAL J 785 55.54 -214.94 -280.89
N LEU J 786 55.18 -216.10 -281.43
CA LEU J 786 56.01 -217.29 -281.27
C LEU J 786 57.16 -217.32 -282.28
N LYS J 787 56.94 -216.81 -283.49
CA LYS J 787 58.01 -216.79 -284.49
C LYS J 787 59.04 -215.72 -284.20
N VAL J 788 58.64 -214.62 -283.56
CA VAL J 788 59.58 -213.56 -283.25
C VAL J 788 60.48 -213.94 -282.08
N ALA J 789 60.03 -214.87 -281.23
CA ALA J 789 60.84 -215.30 -280.10
C ALA J 789 61.94 -216.26 -280.50
N TYR J 790 61.74 -217.00 -281.60
CA TYR J 790 62.75 -217.95 -282.07
C TYR J 790 63.84 -217.22 -282.84
N PRO J 791 63.53 -216.09 -283.48
CA PRO J 791 64.56 -215.36 -284.24
C PRO J 791 65.44 -214.47 -283.36
N GLN J 792 65.07 -214.25 -282.11
CA GLN J 792 65.87 -213.42 -281.21
C GLN J 792 67.05 -214.15 -280.60
N ALA J 793 67.09 -215.48 -280.73
CA ALA J 793 68.19 -216.27 -280.17
C ALA J 793 69.39 -216.37 -281.10
N ASP J 794 69.29 -215.84 -282.31
CA ASP J 794 70.39 -215.89 -283.27
C ASP J 794 70.44 -214.59 -284.06
N SER J 795 70.41 -213.46 -283.35
CA SER J 795 70.45 -212.14 -283.98
C SER J 795 71.27 -211.21 -283.10
N ASN J 796 71.38 -209.95 -283.54
CA ASN J 796 72.14 -208.97 -282.80
C ASN J 796 71.31 -208.40 -281.65
N LEU J 797 72.00 -207.70 -280.74
CA LEU J 797 71.32 -207.12 -279.59
C LEU J 797 70.35 -206.02 -280.02
N ARG J 798 70.76 -205.17 -280.96
CA ARG J 798 69.88 -204.12 -281.44
C ARG J 798 68.66 -204.70 -282.15
N ASN J 799 68.87 -205.75 -282.96
CA ASN J 799 67.74 -206.39 -283.64
C ASN J 799 66.80 -207.04 -282.65
N ILE J 800 67.33 -207.67 -281.61
CA ILE J 800 66.48 -208.31 -280.61
C ILE J 800 65.72 -207.27 -279.80
N VAL J 801 66.33 -206.11 -279.56
CA VAL J 801 65.64 -205.05 -278.82
C VAL J 801 64.56 -204.40 -279.68
N THR J 802 64.81 -204.28 -280.99
CA THR J 802 63.82 -203.69 -281.89
C THR J 802 62.65 -204.64 -282.16
N GLU J 803 62.92 -205.94 -282.27
CA GLU J 803 61.85 -206.90 -282.53
C GLU J 803 60.96 -207.15 -281.32
N GLN J 804 61.47 -206.89 -280.11
CA GLN J 804 60.68 -207.10 -278.91
C GLN J 804 59.68 -205.98 -278.65
N LEU J 805 59.85 -204.83 -279.32
CA LEU J 805 58.93 -203.72 -279.12
C LEU J 805 57.61 -203.95 -279.86
N VAL J 806 57.68 -204.50 -281.07
CA VAL J 806 56.46 -204.74 -281.84
C VAL J 806 55.60 -205.80 -281.17
N ALA J 807 56.24 -206.85 -280.66
CA ALA J 807 55.48 -207.90 -279.96
C ALA J 807 54.83 -207.36 -278.70
N LEU J 808 55.54 -206.51 -277.96
CA LEU J 808 54.97 -205.93 -276.75
C LEU J 808 53.81 -204.99 -277.09
N ILE J 809 53.96 -204.20 -278.15
CA ILE J 809 52.88 -203.30 -278.56
C ILE J 809 51.67 -204.07 -279.03
N ASP J 810 51.88 -205.22 -279.68
CA ASP J 810 50.75 -206.04 -280.11
C ASP J 810 50.08 -206.71 -278.92
N CYS J 811 50.86 -207.17 -277.94
CA CYS J 811 50.28 -207.80 -276.75
C CYS J 811 49.50 -206.79 -275.93
N PHE J 812 50.00 -205.56 -275.81
CA PHE J 812 49.29 -204.53 -275.07
C PHE J 812 47.97 -204.17 -275.73
N LEU J 813 47.92 -204.24 -277.06
CA LEU J 813 46.66 -203.96 -277.76
C LEU J 813 45.70 -205.14 -277.65
N ASP J 814 46.23 -206.36 -277.71
CA ASP J 814 45.38 -207.55 -277.57
C ASP J 814 44.77 -207.63 -276.19
N GLY J 815 45.55 -207.34 -275.15
CA GLY J 815 45.01 -207.33 -273.80
C GLY J 815 43.95 -206.27 -273.60
N TYR J 816 44.17 -205.08 -274.16
CA TYR J 816 43.18 -204.02 -274.07
C TYR J 816 41.89 -204.40 -274.80
N VAL J 817 42.02 -205.02 -275.97
CA VAL J 817 40.83 -205.44 -276.72
C VAL J 817 40.08 -206.52 -275.95
N SER J 818 40.81 -207.45 -275.33
CA SER J 818 40.17 -208.49 -274.54
C SER J 818 39.45 -207.90 -273.33
N GLN J 819 40.07 -206.93 -272.66
CA GLN J 819 39.43 -206.29 -271.52
C GLN J 819 38.19 -205.52 -271.95
N LEU J 820 38.25 -204.84 -273.09
CA LEU J 820 37.09 -204.11 -273.58
C LEU J 820 35.97 -205.04 -274.00
N LYS J 821 36.30 -206.22 -274.55
CA LYS J 821 35.27 -207.18 -274.93
C LYS J 821 34.67 -207.87 -273.71
N SER J 822 35.46 -208.07 -272.65
CA SER J 822 34.94 -208.70 -271.45
C SER J 822 34.16 -207.73 -270.56
N VAL J 823 34.48 -206.44 -270.60
CA VAL J 823 33.79 -205.45 -269.79
C VAL J 823 32.48 -204.98 -270.43
N ASP J 824 32.18 -205.44 -271.64
CA ASP J 824 30.95 -205.05 -272.32
C ASP J 824 29.81 -206.05 -272.10
N LYS J 825 30.03 -207.09 -271.31
CA LYS J 825 29.00 -208.08 -271.05
C LYS J 825 29.17 -208.61 -269.62
N SER J 826 28.15 -208.40 -268.79
CA SER J 826 28.20 -208.85 -267.40
C SER J 826 26.80 -209.15 -266.88
N SER J 827 26.61 -209.02 -265.57
CA SER J 827 25.33 -209.27 -264.92
C SER J 827 24.82 -210.68 -265.21
N ASN J 828 23.99 -210.82 -266.25
CA ASN J 828 23.46 -212.11 -266.61
C ASN J 828 24.51 -212.96 -267.32
N ARG J 829 24.26 -214.27 -267.34
CA ARG J 829 25.14 -215.25 -267.98
C ARG J 829 26.56 -215.18 -267.38
N GLU J 830 26.64 -215.63 -266.12
CA GLU J 830 27.92 -215.62 -265.42
C GLU J 830 28.85 -216.72 -265.90
N ARG J 831 28.30 -217.78 -266.50
CA ARG J 831 29.15 -218.88 -266.98
C ARG J 831 30.07 -218.42 -268.10
N TYR J 832 29.55 -217.62 -269.03
CA TYR J 832 30.39 -217.10 -270.11
C TYR J 832 31.47 -216.18 -269.59
N ASP J 833 31.13 -215.33 -268.60
CA ASP J 833 32.11 -214.42 -268.03
C ASP J 833 33.19 -215.19 -267.26
N ASN J 834 32.82 -216.28 -266.60
CA ASN J 834 33.80 -217.09 -265.89
C ASN J 834 34.67 -217.88 -266.86
N LEU J 835 34.12 -218.31 -268.00
CA LEU J 835 34.90 -219.05 -268.97
C LEU J 835 35.85 -218.14 -269.74
N GLU J 836 35.43 -216.90 -270.03
CA GLU J 836 36.31 -215.98 -270.75
C GLU J 836 37.43 -215.46 -269.86
N MET J 837 37.18 -215.34 -268.55
CA MET J 837 38.22 -214.84 -267.65
C MET J 837 39.39 -215.81 -267.58
N GLU J 838 39.12 -217.11 -267.55
CA GLU J 838 40.21 -218.09 -267.52
C GLU J 838 41.02 -218.05 -268.81
N TYR J 839 40.33 -217.91 -269.95
CA TYR J 839 41.04 -217.84 -271.23
C TYR J 839 41.86 -216.56 -271.34
N LEU J 840 41.37 -215.46 -270.77
CA LEU J 840 42.13 -214.21 -270.80
C LEU J 840 43.32 -214.26 -269.85
N GLN J 841 43.18 -214.94 -268.72
CA GLN J 841 44.30 -215.05 -267.78
C GLN J 841 45.34 -216.03 -268.25
N LYS J 842 44.93 -217.08 -268.99
CA LYS J 842 45.90 -218.05 -269.49
C LYS J 842 46.72 -217.48 -270.64
N ARG J 843 46.16 -216.53 -271.40
CA ARG J 843 46.90 -215.93 -272.51
C ARG J 843 47.95 -214.93 -272.01
N SER J 844 47.66 -214.25 -270.90
CA SER J 844 48.63 -213.29 -270.37
C SER J 844 49.78 -213.97 -269.64
N ASP J 845 49.54 -215.16 -269.07
CA ASP J 845 50.60 -215.87 -268.37
C ASP J 845 51.59 -216.51 -269.34
N LEU J 846 51.14 -216.91 -270.52
CA LEU J 846 52.03 -217.52 -271.50
C LEU J 846 52.94 -216.50 -272.16
N LEU J 847 52.45 -215.27 -272.37
CA LEU J 847 53.28 -214.24 -272.99
C LEU J 847 54.30 -213.67 -272.01
N SER J 848 54.01 -213.72 -270.71
CA SER J 848 54.92 -213.20 -269.70
C SER J 848 56.06 -214.20 -269.47
N PRO J 849 55.83 -215.48 -269.74
CA PRO J 849 56.90 -216.47 -269.54
C PRO J 849 57.96 -216.40 -270.63
N LEU J 850 57.53 -216.12 -271.86
CA LEU J 850 58.46 -216.02 -272.97
C LEU J 850 59.26 -214.72 -272.97
N LEU J 851 58.72 -213.67 -272.36
CA LEU J 851 59.40 -212.38 -272.30
C LEU J 851 60.25 -212.22 -271.05
N SER J 852 60.20 -213.17 -270.11
CA SER J 852 61.00 -213.08 -268.90
C SER J 852 62.47 -213.40 -269.13
N LEU J 853 62.80 -214.10 -270.22
CA LEU J 853 64.18 -214.44 -270.51
C LEU J 853 64.93 -213.33 -271.24
N GLY J 854 64.23 -212.28 -271.67
CA GLY J 854 64.87 -211.18 -272.36
C GLY J 854 65.07 -209.96 -271.50
N GLN J 855 64.57 -208.81 -271.96
CA GLN J 855 64.69 -207.57 -271.21
C GLN J 855 63.60 -207.48 -270.16
N TYR J 856 63.95 -206.93 -269.00
CA TYR J 856 63.01 -206.77 -267.89
C TYR J 856 62.25 -205.45 -267.95
N LEU J 857 62.52 -204.60 -268.94
CA LEU J 857 61.83 -203.32 -269.05
C LEU J 857 60.42 -203.46 -269.63
N TRP J 858 60.13 -204.58 -270.29
CA TRP J 858 58.80 -204.79 -270.88
C TRP J 858 57.76 -205.17 -269.84
N ALA J 859 58.18 -205.67 -268.67
CA ALA J 859 57.22 -206.06 -267.64
C ALA J 859 56.49 -204.84 -267.10
N ALA J 860 57.20 -203.74 -266.87
CA ALA J 860 56.55 -202.53 -266.38
C ALA J 860 55.57 -201.97 -267.40
N SER J 861 55.96 -202.00 -268.69
CA SER J 861 55.06 -201.53 -269.74
C SER J 861 53.81 -202.41 -269.83
N LEU J 862 53.99 -203.72 -269.72
CA LEU J 862 52.84 -204.62 -269.76
C LEU J 862 51.92 -204.41 -268.57
N ALA J 863 52.50 -204.18 -267.38
CA ALA J 863 51.68 -203.93 -266.20
C ALA J 863 50.95 -202.60 -266.29
N GLU J 864 51.58 -201.58 -266.90
CA GLU J 864 50.91 -200.30 -267.06
C GLU J 864 49.82 -200.37 -268.13
N LYS J 865 50.01 -201.20 -269.15
CA LYS J 865 48.99 -201.34 -270.19
C LYS J 865 47.80 -202.13 -269.70
N TYR J 866 48.05 -203.28 -269.07
CA TYR J 866 47.00 -204.14 -268.53
C TYR J 866 47.22 -204.30 -267.03
N CYS J 867 46.25 -203.84 -266.24
CA CYS J 867 46.34 -203.92 -264.78
C CYS J 867 45.77 -205.26 -264.31
N ASP J 868 46.50 -206.31 -264.65
CA ASP J 868 46.12 -207.68 -264.28
C ASP J 868 47.37 -208.54 -264.26
N PHE J 869 47.20 -209.79 -263.86
CA PHE J 869 48.28 -210.77 -263.78
C PHE J 869 49.43 -210.26 -262.91
N ASP J 870 49.22 -210.24 -261.60
CA ASP J 870 50.26 -209.78 -260.68
C ASP J 870 51.29 -210.85 -260.36
N ILE J 871 51.04 -212.11 -260.75
CA ILE J 871 52.00 -213.17 -260.47
C ILE J 871 53.27 -212.97 -261.28
N LEU J 872 53.17 -212.38 -262.48
CA LEU J 872 54.36 -212.10 -263.27
C LEU J 872 55.18 -210.98 -262.64
N VAL J 873 54.52 -209.93 -262.13
CA VAL J 873 55.23 -208.84 -261.50
C VAL J 873 55.88 -209.32 -260.20
N GLN J 874 55.19 -210.17 -259.45
CA GLN J 874 55.75 -210.69 -258.20
C GLN J 874 56.97 -211.57 -258.46
N MET J 875 57.00 -212.27 -259.59
CA MET J 875 58.16 -213.08 -259.93
C MET J 875 59.30 -212.22 -260.47
N CYS J 876 58.97 -211.16 -261.22
CA CYS J 876 60.00 -210.29 -261.74
C CYS J 876 60.66 -209.49 -260.62
N GLU J 877 59.89 -209.11 -259.61
CA GLU J 877 60.44 -208.38 -258.47
C GLU J 877 61.16 -209.28 -257.47
N GLN J 878 61.09 -210.60 -257.65
CA GLN J 878 61.74 -211.55 -256.76
C GLN J 878 62.93 -212.25 -257.38
N THR J 879 62.95 -212.41 -258.71
CA THR J 879 64.08 -213.08 -259.36
C THR J 879 65.33 -212.21 -259.37
N ASP J 880 65.19 -210.90 -259.27
CA ASP J 880 66.31 -209.96 -259.26
C ASP J 880 66.47 -209.36 -257.87
N ASN J 881 67.47 -208.48 -257.74
CA ASN J 881 67.76 -207.81 -256.48
C ASN J 881 67.14 -206.42 -256.40
N GLN J 882 65.92 -206.25 -256.89
CA GLN J 882 65.22 -204.97 -256.86
C GLN J 882 64.20 -205.02 -255.72
N SER J 883 64.65 -204.61 -254.53
CA SER J 883 63.78 -204.63 -253.35
C SER J 883 62.77 -203.51 -253.36
N ARG J 884 63.08 -202.36 -253.97
CA ARG J 884 62.15 -201.24 -254.00
C ARG J 884 61.03 -201.42 -255.02
N LEU J 885 61.20 -202.33 -255.97
CA LEU J 885 60.16 -202.54 -256.99
C LEU J 885 58.90 -203.14 -256.37
N GLN J 886 59.06 -204.09 -255.44
CA GLN J 886 57.91 -204.71 -254.81
C GLN J 886 57.11 -203.70 -253.97
N ARG J 887 57.80 -202.76 -253.32
CA ARG J 887 57.11 -201.72 -252.57
C ARG J 887 56.49 -200.68 -253.48
N TYR J 888 57.15 -200.36 -254.60
CA TYR J 888 56.61 -199.37 -255.52
C TYR J 888 55.36 -199.90 -256.22
N MET J 889 55.35 -201.19 -256.55
CA MET J 889 54.18 -201.80 -257.18
C MET J 889 53.04 -202.07 -256.20
N THR J 890 53.31 -201.96 -254.89
CA THR J 890 52.27 -202.19 -253.88
C THR J 890 51.71 -200.90 -253.30
N GLN J 891 52.52 -199.85 -253.18
CA GLN J 891 52.04 -198.59 -252.64
C GLN J 891 51.16 -197.82 -253.63
N PHE J 892 51.25 -198.13 -254.92
CA PHE J 892 50.45 -197.45 -255.92
C PHE J 892 49.45 -198.40 -256.56
N ALA J 893 48.73 -199.17 -255.74
CA ALA J 893 47.75 -200.13 -256.22
C ALA J 893 46.60 -200.18 -255.22
N ASP J 894 45.75 -201.19 -255.37
CA ASP J 894 44.60 -201.39 -254.50
C ASP J 894 44.62 -202.82 -253.98
N GLN J 895 44.91 -202.99 -252.69
CA GLN J 895 44.98 -204.29 -252.04
C GLN J 895 45.98 -205.20 -252.74
N ASN J 896 47.22 -204.72 -252.83
CA ASN J 896 48.29 -205.47 -253.46
C ASN J 896 49.08 -206.34 -252.48
N PHE J 897 49.16 -205.91 -251.21
CA PHE J 897 49.90 -206.69 -250.23
C PHE J 897 49.21 -208.03 -249.94
N SER J 898 47.88 -208.02 -249.90
CA SER J 898 47.15 -209.26 -249.65
C SER J 898 47.34 -210.26 -250.78
N ASP J 899 47.45 -209.77 -252.03
CA ASP J 899 47.71 -210.67 -253.14
C ASP J 899 49.16 -211.13 -253.17
N PHE J 900 50.09 -210.24 -252.83
CA PHE J 900 51.50 -210.62 -252.80
C PHE J 900 51.77 -211.67 -251.74
N LEU J 901 51.17 -211.53 -250.56
CA LEU J 901 51.36 -212.52 -249.51
C LEU J 901 50.77 -213.88 -249.92
N PHE J 902 49.61 -213.86 -250.56
CA PHE J 902 49.00 -215.12 -251.01
C PHE J 902 49.82 -215.77 -252.11
N ARG J 903 50.43 -214.97 -252.98
CA ARG J 903 51.28 -215.54 -254.03
C ARG J 903 52.59 -216.06 -253.47
N TRP J 904 53.11 -215.43 -252.42
CA TRP J 904 54.36 -215.89 -251.81
C TRP J 904 54.14 -217.14 -250.96
N TYR J 905 53.02 -217.24 -250.26
CA TYR J 905 52.75 -218.41 -249.43
C TYR J 905 52.40 -219.64 -250.26
N LEU J 906 51.93 -219.45 -251.49
CA LEU J 906 51.56 -220.57 -252.35
C LEU J 906 52.71 -221.04 -253.23
N GLU J 907 53.84 -220.34 -253.23
CA GLU J 907 54.98 -220.73 -254.05
C GLU J 907 56.01 -221.49 -253.23
N GLN J 921 70.06 -211.40 -249.50
CA GLN J 921 69.51 -210.28 -250.27
C GLN J 921 68.17 -210.65 -250.90
N HIS J 922 68.19 -210.97 -252.20
CA HIS J 922 66.97 -211.32 -252.89
C HIS J 922 66.39 -212.63 -252.36
N GLY J 923 67.25 -213.63 -252.13
CA GLY J 923 66.77 -214.89 -251.58
C GLY J 923 66.21 -214.73 -250.18
N GLN J 924 66.88 -213.94 -249.34
CA GLN J 924 66.38 -213.70 -248.00
C GLN J 924 65.05 -212.97 -248.02
N LEU J 925 64.91 -211.99 -248.91
CA LEU J 925 63.64 -211.26 -249.03
C LEU J 925 62.53 -212.19 -249.51
N ALA J 926 62.83 -213.06 -250.48
CA ALA J 926 61.82 -214.01 -250.95
C ALA J 926 61.42 -214.98 -249.85
N ASN J 927 62.39 -215.45 -249.07
CA ASN J 927 62.07 -216.36 -247.97
C ASN J 927 61.24 -215.67 -246.90
N PHE J 928 61.56 -214.41 -246.59
CA PHE J 928 60.78 -213.68 -245.60
C PHE J 928 59.37 -213.38 -246.10
N LEU J 929 59.21 -213.16 -247.41
CA LEU J 929 57.88 -212.92 -247.96
C LEU J 929 57.06 -214.20 -248.00
N GLN J 930 57.71 -215.34 -248.27
CA GLN J 930 56.98 -216.60 -248.32
C GLN J 930 56.68 -217.15 -246.93
N ALA J 931 57.48 -216.78 -245.93
CA ALA J 931 57.26 -217.27 -244.57
C ALA J 931 56.08 -216.55 -243.92
N HIS J 932 54.89 -217.12 -244.06
CA HIS J 932 53.69 -216.54 -243.47
C HIS J 932 52.92 -217.59 -242.68
N GLU J 933 52.95 -218.84 -243.14
CA GLU J 933 52.28 -219.94 -242.49
C GLU J 933 53.31 -220.95 -241.97
N HIS J 934 52.86 -221.76 -241.01
CA HIS J 934 53.70 -222.79 -240.40
C HIS J 934 54.96 -222.18 -239.79
N LEU J 935 56.04 -222.12 -240.57
CA LEU J 935 57.31 -221.55 -240.12
C LEU J 935 57.24 -220.03 -240.26
N SER J 936 56.60 -219.40 -239.28
CA SER J 936 56.45 -217.96 -239.25
C SER J 936 57.02 -217.31 -238.00
N TRP J 937 57.56 -218.10 -237.06
CA TRP J 937 58.12 -217.52 -235.84
C TRP J 937 59.34 -216.67 -236.14
N LEU J 938 60.21 -217.14 -237.05
CA LEU J 938 61.38 -216.36 -237.42
C LEU J 938 60.99 -215.06 -238.09
N HIS J 939 59.99 -215.11 -238.98
CA HIS J 939 59.53 -213.89 -239.65
C HIS J 939 58.92 -212.92 -238.65
N GLU J 940 58.15 -213.42 -237.68
CA GLU J 940 57.55 -212.55 -236.68
C GLU J 940 58.61 -211.94 -235.77
N ILE J 941 59.67 -212.69 -235.48
CA ILE J 941 60.75 -212.16 -234.64
C ILE J 941 61.57 -211.13 -235.41
N ASN J 942 61.73 -211.32 -236.72
CA ASN J 942 62.48 -210.37 -237.53
C ASN J 942 61.68 -209.10 -237.80
N SER J 943 60.35 -209.22 -237.91
CA SER J 943 59.49 -208.07 -238.17
C SER J 943 58.99 -207.41 -236.89
N GLN J 944 59.64 -207.69 -235.76
CA GLN J 944 59.27 -207.12 -234.45
C GLN J 944 57.82 -207.44 -234.10
N GLU J 945 57.61 -208.70 -233.70
CA GLU J 945 56.29 -209.19 -233.32
C GLU J 945 56.50 -210.37 -232.36
N LEU J 946 56.87 -210.04 -231.12
CA LEU J 946 57.12 -211.07 -230.12
C LEU J 946 55.85 -211.82 -229.76
N GLU J 947 54.73 -211.11 -229.63
CA GLU J 947 53.46 -211.77 -229.31
C GLU J 947 53.02 -212.68 -230.45
N LYS J 948 53.17 -212.22 -231.69
CA LYS J 948 52.81 -213.05 -232.83
C LYS J 948 53.71 -214.29 -232.93
N ALA J 949 55.00 -214.12 -232.65
CA ALA J 949 55.91 -215.26 -232.67
C ALA J 949 55.55 -216.27 -231.59
N HIS J 950 55.21 -215.77 -230.38
CA HIS J 950 54.82 -216.67 -229.31
C HIS J 950 53.52 -217.41 -229.64
N ALA J 951 52.56 -216.70 -230.26
CA ALA J 951 51.32 -217.35 -230.64
C ALA J 951 51.56 -218.41 -231.71
N THR J 952 52.41 -218.12 -232.68
CA THR J 952 52.72 -219.09 -233.72
C THR J 952 53.44 -220.31 -233.13
N LEU J 953 54.36 -220.09 -232.20
CA LEU J 953 55.05 -221.20 -231.57
C LEU J 953 54.09 -222.06 -230.75
N LEU J 954 53.17 -221.42 -230.03
CA LEU J 954 52.19 -222.17 -229.26
C LEU J 954 51.27 -222.98 -230.18
N GLY J 955 50.85 -222.38 -231.29
CA GLY J 955 50.03 -223.12 -232.25
C GLY J 955 50.76 -224.29 -232.85
N LEU J 956 52.04 -224.10 -233.19
CA LEU J 956 52.83 -225.20 -233.74
C LEU J 956 53.01 -226.31 -232.72
N ALA J 957 53.26 -225.96 -231.46
CA ALA J 957 53.41 -226.96 -230.41
C ALA J 957 52.10 -227.70 -230.15
N ASN J 958 50.97 -227.01 -230.26
CA ASN J 958 49.69 -227.68 -230.07
C ASN J 958 49.32 -228.57 -231.24
N MET J 959 49.72 -228.18 -232.46
CA MET J 959 49.41 -228.99 -233.63
C MET J 959 50.36 -230.17 -233.77
N GLU J 960 51.59 -230.05 -233.28
CA GLU J 960 52.55 -231.13 -233.38
C GLU J 960 52.26 -232.22 -232.34
N THR J 961 52.38 -233.48 -232.77
CA THR J 961 52.12 -234.60 -231.87
C THR J 961 52.90 -235.85 -232.29
N ARG J 962 54.10 -235.67 -232.85
CA ARG J 962 54.91 -236.80 -233.28
C ARG J 962 56.39 -236.62 -232.97
N TYR J 963 56.76 -235.64 -232.16
CA TYR J 963 58.16 -235.41 -231.81
C TYR J 963 58.21 -234.70 -230.47
N PHE J 964 58.63 -235.43 -229.42
CA PHE J 964 58.70 -234.84 -228.09
C PHE J 964 59.75 -233.75 -228.02
N ALA J 965 60.89 -233.95 -228.68
CA ALA J 965 61.94 -232.93 -228.69
C ALA J 965 61.47 -231.66 -229.38
N LYS J 966 60.78 -231.80 -230.52
CA LYS J 966 60.28 -230.63 -231.23
C LYS J 966 59.18 -229.94 -230.42
N LYS J 967 58.33 -230.71 -229.75
CA LYS J 967 57.27 -230.12 -228.93
C LYS J 967 57.86 -229.37 -227.74
N LYS J 968 58.95 -229.88 -227.18
CA LYS J 968 59.60 -229.17 -226.07
C LYS J 968 60.32 -227.92 -226.56
N THR J 969 60.96 -227.99 -227.74
CA THR J 969 61.65 -226.83 -228.28
C THR J 969 60.67 -225.72 -228.63
N LEU J 970 59.52 -226.08 -229.21
CA LEU J 970 58.51 -225.08 -229.54
C LEU J 970 57.95 -224.42 -228.27
N LEU J 971 57.72 -225.21 -227.23
CA LEU J 971 57.23 -224.66 -225.97
C LEU J 971 58.27 -223.72 -225.35
N GLY J 972 59.55 -224.11 -225.40
CA GLY J 972 60.59 -223.24 -224.88
C GLY J 972 60.71 -221.95 -225.65
N LEU J 973 60.60 -222.02 -226.98
CA LEU J 973 60.65 -220.82 -227.80
C LEU J 973 59.46 -219.91 -227.52
N SER J 974 58.26 -220.50 -227.33
CA SER J 974 57.09 -219.70 -227.00
C SER J 974 57.24 -219.03 -225.64
N LYS J 975 57.79 -219.76 -224.66
CA LYS J 975 58.01 -219.17 -223.34
C LYS J 975 59.02 -218.04 -223.40
N LEU J 976 60.10 -218.23 -224.18
CA LEU J 976 61.10 -217.17 -224.33
C LEU J 976 60.51 -215.94 -225.00
N ALA J 977 59.68 -216.15 -226.03
CA ALA J 977 59.05 -215.03 -226.71
C ALA J 977 58.08 -214.29 -225.79
N ALA J 978 57.32 -215.04 -224.99
CA ALA J 978 56.40 -214.41 -224.04
C ALA J 978 57.14 -213.65 -222.95
N LEU J 979 58.30 -214.16 -222.52
CA LEU J 979 59.09 -213.45 -221.52
C LEU J 979 59.75 -212.20 -222.11
N ALA J 980 60.16 -212.26 -223.37
CA ALA J 980 60.76 -211.10 -224.02
C ALA J 980 59.75 -210.05 -224.44
N SER J 981 58.49 -210.44 -224.65
CA SER J 981 57.47 -209.49 -225.04
C SER J 981 57.14 -208.54 -223.90
N ASP J 982 56.94 -207.27 -224.24
CA ASP J 982 56.61 -206.24 -223.24
C ASP J 982 55.11 -205.98 -223.29
N PHE J 983 54.36 -206.86 -222.64
CA PHE J 983 52.91 -206.78 -222.59
C PHE J 983 52.47 -206.39 -221.18
N SER J 984 51.18 -206.59 -220.91
CA SER J 984 50.64 -206.26 -219.59
C SER J 984 51.04 -207.31 -218.56
N GLU J 985 50.94 -206.93 -217.28
CA GLU J 985 51.31 -207.85 -216.21
C GLU J 985 50.36 -209.02 -216.15
N ASP J 986 49.05 -208.79 -216.32
CA ASP J 986 48.09 -209.87 -216.29
C ASP J 986 48.31 -210.83 -217.46
N MET J 987 48.59 -210.29 -218.65
CA MET J 987 48.85 -211.14 -219.81
C MET J 987 50.13 -211.94 -219.62
N LEU J 988 51.16 -211.33 -219.04
CA LEU J 988 52.40 -212.05 -218.79
C LEU J 988 52.19 -213.17 -217.77
N GLN J 989 51.41 -212.90 -216.72
CA GLN J 989 51.12 -213.93 -215.74
C GLN J 989 50.31 -215.07 -216.34
N GLU J 990 49.33 -214.74 -217.19
CA GLU J 990 48.55 -215.77 -217.85
C GLU J 990 49.41 -216.63 -218.78
N LYS J 991 50.32 -215.99 -219.51
CA LYS J 991 51.22 -216.74 -220.39
C LYS J 991 52.15 -217.63 -219.58
N ILE J 992 52.66 -217.12 -218.44
CA ILE J 992 53.54 -217.93 -217.60
C ILE J 992 52.78 -219.12 -217.03
N GLU J 993 51.52 -218.92 -216.62
CA GLU J 993 50.72 -220.02 -216.10
C GLU J 993 50.43 -221.05 -217.19
N GLU J 994 50.11 -220.60 -218.40
CA GLU J 994 49.86 -221.52 -219.50
C GLU J 994 51.11 -222.30 -219.87
N MET J 995 52.28 -221.67 -219.79
CA MET J 995 53.52 -222.39 -220.07
C MET J 995 53.84 -223.40 -218.97
N ALA J 996 53.61 -223.02 -217.71
CA ALA J 996 53.87 -223.93 -216.60
C ALA J 996 52.93 -225.13 -216.64
N GLU J 997 51.68 -224.91 -217.03
CA GLU J 997 50.74 -226.03 -217.15
C GLU J 997 51.20 -227.01 -218.22
N GLN J 998 51.62 -226.50 -219.38
CA GLN J 998 52.11 -227.38 -220.44
C GLN J 998 53.38 -228.09 -220.02
N GLU J 999 54.27 -227.41 -219.29
CA GLU J 999 55.49 -228.05 -218.82
C GLU J 999 55.18 -229.18 -217.84
N ARG J 1000 54.23 -228.94 -216.91
CA ARG J 1000 53.85 -229.98 -215.97
C ARG J 1000 53.14 -231.14 -216.65
N PHE J 1001 52.38 -230.86 -217.71
CA PHE J 1001 51.71 -231.94 -218.44
C PHE J 1001 52.70 -232.75 -219.26
N LEU J 1002 53.76 -232.12 -219.79
CA LEU J 1002 54.75 -232.83 -220.57
C LEU J 1002 55.80 -233.53 -219.73
N LEU J 1003 56.01 -233.09 -218.48
CA LEU J 1003 57.00 -233.73 -217.63
C LEU J 1003 56.60 -235.15 -217.27
N HIS J 1004 55.29 -235.42 -217.16
CA HIS J 1004 54.84 -236.76 -216.82
C HIS J 1004 55.25 -237.78 -217.87
N GLN J 1005 55.38 -237.36 -219.12
CA GLN J 1005 55.85 -238.23 -220.19
C GLN J 1005 57.34 -238.10 -220.47
N GLU J 1006 57.95 -236.96 -220.14
CA GLU J 1006 59.37 -236.79 -220.37
C GLU J 1006 60.21 -237.44 -219.28
N THR J 1007 59.66 -237.62 -218.09
CA THR J 1007 60.40 -238.23 -216.98
C THR J 1007 60.20 -239.75 -216.94
N LEU J 1008 60.54 -240.40 -218.04
CA LEU J 1008 60.41 -241.85 -218.13
C LEU J 1008 61.64 -242.53 -217.54
N PRO J 1009 61.50 -243.79 -217.13
CA PRO J 1009 62.65 -244.50 -216.55
C PRO J 1009 63.64 -244.94 -217.62
N GLU J 1010 64.91 -244.99 -217.22
CA GLU J 1010 65.97 -245.38 -218.15
C GLU J 1010 65.94 -246.88 -218.44
N GLN J 1011 65.39 -247.68 -217.53
CA GLN J 1011 65.34 -249.13 -217.76
C GLN J 1011 64.21 -249.50 -218.71
N LEU J 1012 63.05 -248.87 -218.56
CA LEU J 1012 61.91 -249.18 -219.44
C LEU J 1012 62.19 -248.74 -220.88
N LEU J 1013 62.80 -247.57 -221.05
CA LEU J 1013 63.11 -247.10 -222.40
C LEU J 1013 64.15 -247.98 -223.08
N ALA J 1014 65.06 -248.58 -222.31
CA ALA J 1014 66.05 -249.47 -222.89
C ALA J 1014 65.50 -250.87 -223.13
N GLU J 1015 64.52 -251.29 -222.32
CA GLU J 1015 63.92 -252.61 -222.50
C GLU J 1015 62.89 -252.63 -223.62
N LYS J 1016 62.19 -251.52 -223.84
CA LYS J 1016 61.19 -251.42 -224.89
C LYS J 1016 61.77 -251.04 -226.24
N GLN J 1017 63.08 -250.84 -226.33
CA GLN J 1017 63.76 -250.46 -227.58
C GLN J 1017 63.17 -249.18 -228.16
N LEU J 1018 63.03 -248.17 -227.30
CA LEU J 1018 62.49 -246.89 -227.70
C LEU J 1018 63.62 -245.87 -227.88
N ASN J 1019 63.36 -244.87 -228.73
CA ASN J 1019 64.33 -243.83 -228.99
C ASN J 1019 64.38 -242.83 -227.85
N LEU J 1020 65.50 -242.10 -227.76
CA LEU J 1020 65.67 -241.10 -226.73
C LEU J 1020 64.89 -239.82 -227.05
N SER J 1021 65.24 -239.18 -228.17
CA SER J 1021 64.57 -237.96 -228.60
C SER J 1021 63.78 -238.11 -229.89
N ALA J 1022 63.87 -239.26 -230.56
CA ALA J 1022 63.15 -239.51 -231.81
C ALA J 1022 61.85 -240.27 -231.57
N MET J 1023 61.14 -239.96 -230.50
CA MET J 1023 59.89 -240.61 -230.16
C MET J 1023 58.71 -239.68 -230.36
N PRO J 1024 57.50 -240.22 -230.49
CA PRO J 1024 56.32 -239.36 -230.69
C PRO J 1024 55.73 -238.92 -229.35
N VAL J 1025 54.80 -237.98 -229.45
CA VAL J 1025 54.14 -237.43 -228.27
C VAL J 1025 53.14 -238.46 -227.77
N LEU J 1026 53.46 -239.10 -226.65
CA LEU J 1026 52.57 -240.10 -226.07
C LEU J 1026 51.43 -239.44 -225.30
N THR J 1027 50.27 -240.06 -225.34
CA THR J 1027 49.08 -239.54 -224.67
C THR J 1027 49.11 -239.91 -223.18
N ALA J 1028 48.14 -239.41 -222.43
CA ALA J 1028 48.03 -239.68 -221.01
C ALA J 1028 47.78 -241.16 -220.77
N PRO J 1029 46.90 -241.79 -221.55
CA PRO J 1029 46.68 -243.23 -221.37
C PRO J 1029 47.90 -244.05 -221.72
N GLN J 1030 48.62 -243.69 -222.78
CA GLN J 1030 49.85 -244.40 -223.11
C GLN J 1030 50.90 -244.25 -222.02
N LEU J 1031 51.01 -243.04 -221.46
CA LEU J 1031 51.96 -242.84 -220.37
C LEU J 1031 51.58 -243.63 -219.13
N ILE J 1032 50.29 -243.69 -218.82
CA ILE J 1032 49.83 -244.46 -217.66
C ILE J 1032 50.06 -245.94 -217.88
N GLY J 1033 49.92 -246.41 -219.12
CA GLY J 1033 50.16 -247.82 -219.41
C GLY J 1033 51.64 -248.17 -219.39
N LEU J 1034 52.49 -247.23 -219.81
CA LEU J 1034 53.93 -247.48 -219.82
C LEU J 1034 54.53 -247.36 -218.43
N TYR J 1035 54.00 -246.48 -217.58
CA TYR J 1035 54.54 -246.31 -216.24
C TYR J 1035 54.14 -247.45 -215.30
N ILE J 1036 53.10 -248.21 -215.64
CA ILE J 1036 52.64 -249.31 -214.79
C ILE J 1036 52.74 -250.62 -215.59
N CYS J 1037 53.73 -250.71 -216.45
CA CYS J 1037 53.94 -251.90 -217.26
C CYS J 1037 54.84 -252.89 -216.54
N GLU J 1038 55.06 -254.05 -217.16
CA GLU J 1038 55.91 -255.07 -216.57
C GLU J 1038 57.39 -254.84 -216.84
N GLU J 1039 57.73 -253.95 -217.77
CA GLU J 1039 59.13 -253.68 -218.07
C GLU J 1039 59.78 -252.77 -217.03
N ASN J 1040 58.98 -251.94 -216.37
CA ASN J 1040 59.50 -251.02 -215.34
C ASN J 1040 59.65 -251.79 -214.04
N ARG J 1041 60.85 -252.34 -213.83
CA ARG J 1041 61.11 -253.10 -212.61
C ARG J 1041 61.34 -252.20 -211.41
N ARG J 1042 61.87 -251.00 -211.62
CA ARG J 1042 62.12 -250.06 -210.53
C ARG J 1042 61.00 -249.02 -210.43
N ALA J 1043 59.78 -249.53 -210.25
CA ALA J 1043 58.60 -248.69 -210.13
C ALA J 1043 58.29 -248.49 -208.65
N ASN J 1044 58.69 -247.32 -208.13
CA ASN J 1044 58.47 -247.01 -206.72
C ASN J 1044 57.18 -246.22 -206.53
N GLU J 1045 57.17 -245.31 -205.56
CA GLU J 1045 55.98 -244.50 -205.30
C GLU J 1045 55.80 -243.39 -206.33
N TYR J 1046 56.90 -242.90 -206.91
CA TYR J 1046 56.80 -241.83 -207.90
C TYR J 1046 56.13 -242.33 -209.17
N ASP J 1047 56.44 -243.55 -209.60
CA ASP J 1047 55.81 -244.10 -210.79
C ASP J 1047 54.32 -244.33 -210.60
N PHE J 1048 53.90 -244.63 -209.37
CA PHE J 1048 52.48 -244.82 -209.09
C PHE J 1048 51.75 -243.49 -208.91
N LYS J 1049 52.43 -242.47 -208.38
CA LYS J 1049 51.81 -241.17 -208.21
C LYS J 1049 51.73 -240.39 -209.52
N LYS J 1050 52.67 -240.62 -210.44
CA LYS J 1050 52.65 -239.92 -211.71
C LYS J 1050 51.59 -240.48 -212.65
N ALA J 1051 51.25 -241.76 -212.52
CA ALA J 1051 50.25 -242.36 -213.39
C ALA J 1051 48.83 -241.98 -212.98
N LEU J 1052 48.58 -241.80 -211.68
CA LEU J 1052 47.25 -241.43 -211.22
C LEU J 1052 46.94 -239.95 -211.43
N ASP J 1053 47.97 -239.11 -211.55
CA ASP J 1053 47.76 -237.68 -211.75
C ASP J 1053 47.49 -237.32 -213.21
N LEU J 1054 47.68 -238.26 -214.14
CA LEU J 1054 47.47 -238.01 -215.56
C LEU J 1054 46.06 -238.40 -216.01
N LEU J 1055 45.14 -238.65 -215.07
CA LEU J 1055 43.78 -239.02 -215.41
C LEU J 1055 42.92 -237.84 -215.83
N GLU J 1056 43.35 -236.61 -215.54
CA GLU J 1056 42.59 -235.42 -215.90
C GLU J 1056 42.85 -234.95 -217.32
N TYR J 1057 43.79 -235.58 -218.04
CA TYR J 1057 44.13 -235.23 -219.40
C TYR J 1057 43.69 -236.30 -220.40
N ILE J 1058 42.67 -237.08 -220.05
CA ILE J 1058 42.19 -238.13 -220.93
C ILE J 1058 41.22 -237.57 -221.96
N ASP J 1059 40.26 -236.75 -221.50
CA ASP J 1059 39.26 -236.14 -222.35
C ASP J 1059 38.48 -237.17 -223.16
N ILE J 1064 38.45 -242.69 -222.04
CA ILE J 1064 37.47 -243.75 -222.16
C ILE J 1064 36.81 -244.00 -220.81
N ASN J 1065 37.37 -244.95 -220.05
CA ASN J 1065 36.86 -245.31 -218.72
C ASN J 1065 38.01 -245.25 -217.74
N ILE J 1066 38.01 -244.23 -216.88
CA ILE J 1066 39.07 -244.08 -215.88
C ILE J 1066 38.84 -244.98 -214.67
N ASN J 1067 37.62 -245.47 -214.47
CA ASN J 1067 37.34 -246.33 -213.33
C ASN J 1067 38.07 -247.66 -213.46
N ASP J 1068 38.19 -248.17 -214.68
CA ASP J 1068 38.94 -249.41 -214.89
C ASP J 1068 40.44 -249.20 -214.74
N LEU J 1069 40.94 -248.06 -215.21
CA LEU J 1069 42.37 -247.77 -215.08
C LEU J 1069 42.75 -247.56 -213.63
N LYS J 1070 41.89 -246.93 -212.84
CA LYS J 1070 42.18 -246.74 -211.42
C LYS J 1070 42.24 -248.06 -210.68
N LEU J 1071 41.42 -249.03 -211.07
CA LEU J 1071 41.47 -250.35 -210.44
C LEU J 1071 42.69 -251.14 -210.92
N GLU J 1072 43.03 -251.01 -212.21
CA GLU J 1072 44.19 -251.72 -212.74
C GLU J 1072 45.49 -251.22 -212.11
N ILE J 1073 45.60 -249.90 -211.93
CA ILE J 1073 46.80 -249.35 -211.30
C ILE J 1073 46.89 -249.79 -209.84
N LEU J 1074 45.76 -249.80 -209.14
CA LEU J 1074 45.76 -250.23 -207.75
C LEU J 1074 46.11 -251.71 -207.62
N CYS J 1075 45.67 -252.52 -208.58
CA CYS J 1075 46.02 -253.94 -208.54
C CYS J 1075 47.49 -254.15 -208.87
N LYS J 1076 48.03 -253.37 -209.82
CA LYS J 1076 49.44 -253.49 -210.17
C LYS J 1076 50.33 -253.05 -209.02
N ALA J 1077 49.95 -251.98 -208.33
CA ALA J 1077 50.75 -251.50 -207.20
C ALA J 1077 50.74 -252.50 -206.05
N LEU J 1078 49.66 -253.28 -205.90
CA LEU J 1078 49.60 -254.29 -204.86
C LEU J 1078 50.33 -255.56 -205.27
N GLN J 1079 50.31 -255.91 -206.55
CA GLN J 1079 51.00 -257.11 -207.02
C GLN J 1079 52.51 -256.89 -207.11
N ARG J 1080 52.95 -255.66 -207.36
CA ARG J 1080 54.38 -255.38 -207.45
C ARG J 1080 55.07 -255.35 -206.09
N ASP J 1081 54.31 -255.20 -205.01
CA ASP J 1081 54.88 -255.16 -203.67
C ASP J 1081 55.20 -256.55 -203.12
N ASN J 1082 54.62 -257.60 -203.69
CA ASN J 1082 54.85 -258.98 -203.26
C ASN J 1082 54.48 -259.15 -201.78
N TRP J 1083 53.17 -259.20 -201.54
CA TRP J 1083 52.65 -259.36 -200.19
C TRP J 1083 52.76 -260.81 -199.73
N VAL J 1095 53.91 -251.83 -198.79
CA VAL J 1095 54.93 -250.79 -198.70
C VAL J 1095 54.67 -249.70 -199.74
N SER J 1096 54.22 -250.10 -200.92
CA SER J 1096 53.95 -249.13 -201.98
C SER J 1096 52.55 -248.54 -201.84
N LYS J 1097 51.57 -249.35 -201.44
CA LYS J 1097 50.21 -248.84 -201.29
C LYS J 1097 50.12 -247.82 -200.16
N ASP J 1098 50.79 -248.10 -199.03
CA ASP J 1098 50.78 -247.15 -197.92
C ASP J 1098 51.47 -245.85 -198.29
N SER J 1099 52.59 -245.94 -199.02
CA SER J 1099 53.29 -244.74 -199.46
C SER J 1099 52.43 -243.93 -200.42
N ILE J 1100 51.73 -244.60 -201.33
CA ILE J 1100 50.87 -243.90 -202.28
C ILE J 1100 49.72 -243.22 -201.55
N PHE J 1101 49.14 -243.90 -200.56
CA PHE J 1101 48.05 -243.31 -199.79
C PHE J 1101 48.53 -242.14 -198.95
N VAL J 1102 49.77 -242.20 -198.45
CA VAL J 1102 50.29 -241.08 -197.67
C VAL J 1102 50.62 -239.90 -198.57
N LYS J 1103 51.09 -240.16 -199.79
CA LYS J 1103 51.41 -239.09 -200.71
C LYS J 1103 50.17 -238.47 -201.33
N ILE J 1104 49.08 -239.24 -201.47
CA ILE J 1104 47.86 -238.70 -202.05
C ILE J 1104 47.13 -237.78 -201.08
N LEU J 1105 47.36 -237.93 -199.79
CA LEU J 1105 46.71 -237.09 -198.78
C LEU J 1105 47.47 -235.78 -198.59
N LEU J 1119 39.03 -239.55 -200.66
CA LEU J 1119 39.57 -240.90 -200.53
C LEU J 1119 38.58 -241.94 -201.04
N PRO J 1120 37.49 -241.48 -201.65
CA PRO J 1120 36.47 -242.41 -202.17
C PRO J 1120 36.66 -242.81 -203.62
N GLU J 1121 37.82 -242.55 -204.22
CA GLU J 1121 38.05 -242.92 -205.61
C GLU J 1121 38.38 -244.40 -205.76
N VAL J 1122 38.96 -245.01 -204.73
CA VAL J 1122 39.32 -246.43 -204.80
C VAL J 1122 38.08 -247.28 -204.49
N LYS J 1123 38.17 -248.56 -204.84
CA LYS J 1123 37.10 -249.51 -204.62
C LYS J 1123 37.57 -250.63 -203.68
N ASP J 1124 36.66 -251.53 -203.34
CA ASP J 1124 36.97 -252.64 -202.45
C ASP J 1124 36.56 -253.96 -203.08
N LEU J 1125 35.25 -254.18 -203.22
CA LEU J 1125 34.77 -255.42 -203.82
C LEU J 1125 35.14 -255.52 -205.29
N LEU J 1126 35.05 -254.40 -206.02
CA LEU J 1126 35.42 -254.41 -207.43
C LEU J 1126 36.90 -254.65 -207.63
N GLN J 1127 37.73 -254.21 -206.68
CA GLN J 1127 39.17 -254.43 -206.78
C GLN J 1127 39.55 -255.83 -206.31
N ALA J 1128 38.77 -256.42 -205.40
CA ALA J 1128 39.06 -257.77 -204.92
C ALA J 1128 38.57 -258.84 -205.87
N ASP J 1129 37.45 -258.60 -206.56
CA ASP J 1129 36.91 -259.57 -207.50
C ASP J 1129 37.69 -259.56 -208.81
N GLU J 1141 44.48 -260.72 -199.36
CA GLU J 1141 43.18 -260.50 -198.74
C GLU J 1141 43.33 -260.11 -197.27
N PHE J 1142 44.35 -260.66 -196.62
CA PHE J 1142 44.58 -260.36 -195.21
C PHE J 1142 45.23 -258.99 -195.03
N VAL J 1143 46.11 -258.59 -195.96
CA VAL J 1143 46.75 -257.29 -195.84
C VAL J 1143 45.82 -256.17 -196.30
N LEU J 1144 44.98 -256.43 -197.29
CA LEU J 1144 44.07 -255.39 -197.77
C LEU J 1144 43.02 -255.04 -196.72
N LYS J 1145 42.51 -256.04 -196.00
CA LYS J 1145 41.53 -255.78 -194.97
C LYS J 1145 42.12 -255.00 -193.80
N ALA J 1146 43.42 -255.19 -193.53
CA ALA J 1146 44.07 -254.44 -192.46
C ALA J 1146 44.50 -253.05 -192.92
N ASN J 1147 44.77 -252.87 -194.21
CA ASN J 1147 45.16 -251.56 -194.72
C ASN J 1147 43.95 -250.67 -194.99
N TYR J 1148 42.80 -251.25 -195.31
CA TYR J 1148 41.61 -250.45 -195.57
C TYR J 1148 40.99 -249.89 -194.29
N GLU J 1149 41.25 -250.51 -193.14
CA GLU J 1149 40.70 -250.02 -191.89
C GLU J 1149 41.43 -248.79 -191.38
N TYR J 1150 42.74 -248.69 -191.62
CA TYR J 1150 43.51 -247.54 -191.17
C TYR J 1150 43.32 -246.33 -192.06
N TYR J 1151 42.93 -246.52 -193.32
CA TYR J 1151 42.74 -245.40 -194.23
C TYR J 1151 41.44 -244.65 -193.97
N VAL J 1152 40.45 -245.29 -193.35
CA VAL J 1152 39.20 -244.61 -193.08
C VAL J 1152 39.31 -243.68 -191.87
N GLN J 1153 40.19 -244.00 -190.93
CA GLN J 1153 40.36 -243.15 -189.75
C GLN J 1153 41.23 -241.94 -190.03
N GLY J 1154 42.21 -242.06 -190.93
CA GLY J 1154 43.07 -240.94 -191.26
C GLY J 1154 42.47 -239.93 -192.22
N GLN J 1155 41.46 -240.34 -192.98
CA GLN J 1155 40.81 -239.46 -193.94
C GLN J 1155 39.56 -238.80 -193.38
N ILE J 1156 39.17 -239.11 -192.15
CA ILE J 1156 37.99 -238.52 -191.54
C ILE J 1156 38.38 -237.62 -190.37
N ALA K 150 124.68 -213.45 -180.89
CA ALA K 150 124.99 -214.38 -179.82
C ALA K 150 123.90 -214.43 -178.74
N SER K 151 123.11 -213.35 -178.59
CA SER K 151 122.06 -213.25 -177.58
C SER K 151 120.68 -213.72 -178.05
N MET K 152 120.49 -214.00 -179.35
CA MET K 152 119.18 -214.35 -179.91
C MET K 152 118.62 -215.68 -179.39
N SER K 153 119.46 -216.63 -178.98
CA SER K 153 118.97 -217.89 -178.39
C SER K 153 118.29 -217.69 -177.03
N MET K 154 118.62 -216.60 -176.32
CA MET K 154 118.08 -216.34 -174.97
C MET K 154 116.55 -216.24 -174.98
N PHE K 155 115.94 -215.76 -176.06
CA PHE K 155 114.47 -215.68 -176.15
C PHE K 155 113.80 -217.05 -176.08
N SER K 156 114.38 -218.06 -176.72
CA SER K 156 113.90 -219.45 -176.60
C SER K 156 114.29 -220.09 -175.29
N ASP K 157 115.51 -219.84 -174.79
CA ASP K 157 116.03 -220.45 -173.57
C ASP K 157 115.18 -220.04 -172.35
N PHE K 158 114.78 -218.77 -172.28
CA PHE K 158 113.90 -218.27 -171.23
C PHE K 158 112.51 -218.90 -171.26
N LEU K 159 111.93 -219.12 -172.45
CA LEU K 159 110.65 -219.81 -172.57
C LEU K 159 110.76 -221.27 -172.13
N GLN K 160 111.80 -221.98 -172.58
CA GLN K 160 112.02 -223.37 -172.19
C GLN K 160 112.21 -223.52 -170.67
N SER K 161 112.97 -222.61 -170.07
CA SER K 161 113.15 -222.57 -168.62
C SER K 161 111.83 -222.28 -167.89
N PHE K 162 111.00 -221.36 -168.40
CA PHE K 162 109.65 -221.10 -167.85
C PHE K 162 108.77 -222.35 -167.88
N LEU K 163 108.67 -223.01 -169.03
CA LEU K 163 107.82 -224.20 -169.22
C LEU K 163 108.27 -225.41 -168.38
N LYS K 164 109.57 -225.49 -168.07
CA LYS K 164 110.16 -226.56 -167.24
C LYS K 164 109.78 -226.44 -165.76
N HIS K 165 109.45 -225.23 -165.29
CA HIS K 165 109.19 -224.96 -163.88
C HIS K 165 107.70 -224.81 -163.60
N SER K 166 107.24 -225.30 -162.45
CA SER K 166 105.88 -225.08 -161.97
C SER K 166 105.83 -223.88 -161.01
N SER K 167 104.63 -223.47 -160.62
CA SER K 167 104.45 -222.39 -159.64
C SER K 167 105.15 -222.65 -158.29
N SER K 168 105.31 -223.93 -157.89
CA SER K 168 106.03 -224.29 -156.67
C SER K 168 107.55 -224.16 -156.75
N THR K 169 108.12 -224.06 -157.97
CA THR K 169 109.57 -223.96 -158.21
C THR K 169 109.96 -222.65 -158.88
N VAL K 170 109.15 -221.60 -158.69
CA VAL K 170 109.34 -220.27 -159.29
C VAL K 170 110.68 -219.61 -158.94
N PHE K 171 111.28 -219.92 -157.79
CA PHE K 171 112.60 -219.41 -157.45
C PHE K 171 113.74 -220.17 -158.13
N ASP K 172 113.56 -221.46 -158.41
CA ASP K 172 114.51 -222.24 -159.20
C ASP K 172 114.52 -221.73 -160.65
N LEU K 173 113.35 -221.31 -161.16
CA LEU K 173 113.21 -220.63 -162.45
C LEU K 173 114.05 -219.33 -162.51
N VAL K 174 113.93 -218.47 -161.50
CA VAL K 174 114.71 -217.21 -161.47
C VAL K 174 116.21 -217.48 -161.36
N GLU K 175 116.62 -218.51 -160.61
CA GLU K 175 118.02 -218.94 -160.57
C GLU K 175 118.48 -219.48 -161.95
N GLU K 176 117.64 -220.19 -162.70
CA GLU K 176 117.96 -220.60 -164.08
C GLU K 176 118.05 -219.40 -165.04
N TYR K 177 117.18 -218.39 -164.90
CA TYR K 177 117.29 -217.12 -165.64
C TYR K 177 118.59 -216.37 -165.36
N GLU K 178 119.02 -216.30 -164.10
CA GLU K 178 120.31 -215.73 -163.72
C GLU K 178 121.45 -216.49 -164.42
N ASN K 179 121.41 -217.82 -164.42
CA ASN K 179 122.43 -218.66 -165.05
C ASN K 179 122.48 -218.52 -166.58
N ILE K 180 121.33 -218.40 -167.25
CA ILE K 180 121.25 -218.13 -168.69
C ILE K 180 121.91 -216.79 -169.00
N CYS K 181 121.56 -215.73 -168.24
CA CYS K 181 122.19 -214.41 -168.40
C CYS K 181 123.69 -214.47 -168.13
N GLY K 182 124.12 -215.13 -167.06
CA GLY K 182 125.53 -215.25 -166.69
C GLY K 182 126.37 -215.99 -167.73
N SER K 183 125.80 -217.05 -168.32
CA SER K 183 126.44 -217.77 -169.44
C SER K 183 126.65 -216.85 -170.64
N GLN K 184 125.64 -216.05 -170.98
CA GLN K 184 125.73 -215.11 -172.09
C GLN K 184 126.69 -213.94 -171.81
N VAL K 185 126.67 -213.38 -170.60
CA VAL K 185 127.58 -212.33 -170.15
C VAL K 185 129.04 -212.80 -170.25
N ASN K 186 129.32 -214.04 -169.88
CA ASN K 186 130.65 -214.64 -170.04
C ASN K 186 131.09 -214.71 -171.50
N ILE K 187 130.20 -215.11 -172.41
CA ILE K 187 130.47 -215.15 -173.86
C ILE K 187 130.74 -213.74 -174.39
N LEU K 188 129.87 -212.77 -174.09
CA LEU K 188 130.01 -211.40 -174.54
C LEU K 188 131.27 -210.72 -173.98
N SER K 189 131.63 -210.98 -172.72
CA SER K 189 132.85 -210.47 -172.09
C SER K 189 134.11 -211.01 -172.80
N LYS K 190 134.12 -212.29 -173.17
CA LYS K 190 135.20 -212.87 -174.01
C LYS K 190 135.28 -212.20 -175.39
N ILE K 191 134.14 -211.87 -176.00
CA ILE K 191 134.11 -211.17 -177.30
C ILE K 191 134.65 -209.74 -177.17
N VAL K 192 134.21 -209.00 -176.15
CA VAL K 192 134.65 -207.61 -175.90
C VAL K 192 136.13 -207.54 -175.54
N SER K 193 136.65 -208.46 -174.71
CA SER K 193 138.07 -208.48 -174.32
C SER K 193 139.03 -208.83 -175.46
N ARG K 194 138.56 -209.59 -176.47
CA ARG K 194 139.34 -209.91 -177.68
C ARG K 194 139.29 -208.81 -178.74
N ALA K 195 138.36 -207.86 -178.62
CA ALA K 195 138.23 -206.76 -179.55
C ALA K 195 139.39 -205.75 -179.40
N THR K 196 139.97 -205.32 -180.53
CA THR K 196 141.00 -204.27 -180.50
C THR K 196 140.39 -202.95 -180.00
N PRO K 197 140.97 -202.28 -178.98
CA PRO K 197 140.46 -201.02 -178.46
C PRO K 197 140.30 -199.98 -179.58
N GLY K 198 139.09 -199.42 -179.75
CA GLY K 198 138.81 -198.32 -180.69
C GLY K 198 138.00 -198.68 -181.94
N LEU K 199 137.67 -199.96 -182.17
CA LEU K 199 136.75 -200.34 -183.24
C LEU K 199 135.29 -200.08 -182.81
N GLN K 200 134.64 -199.10 -183.46
CA GLN K 200 133.22 -198.76 -183.22
C GLN K 200 132.27 -199.96 -183.35
N LYS K 201 132.64 -201.01 -184.10
CA LYS K 201 131.85 -202.24 -184.27
C LYS K 201 131.44 -202.90 -182.95
N PHE K 202 132.21 -202.73 -181.88
CA PHE K 202 131.94 -203.39 -180.59
C PHE K 202 131.19 -202.50 -179.59
N SER K 203 130.80 -201.28 -179.95
CA SER K 203 130.06 -200.41 -179.02
C SER K 203 128.71 -201.01 -178.66
N LYS K 204 127.99 -201.57 -179.65
CA LYS K 204 126.71 -202.24 -179.42
C LYS K 204 126.86 -203.52 -178.60
N THR K 205 127.87 -204.34 -178.91
CA THR K 205 128.20 -205.54 -178.13
C THR K 205 128.53 -205.20 -176.67
N ALA K 206 129.27 -204.11 -176.42
CA ALA K 206 129.55 -203.64 -175.06
C ALA K 206 128.28 -203.13 -174.35
N SER K 207 127.40 -202.41 -175.06
CA SER K 207 126.10 -202.01 -174.52
C SER K 207 125.22 -203.22 -174.18
N MET K 208 125.23 -204.26 -175.03
CA MET K 208 124.52 -205.51 -174.78
C MET K 208 125.08 -206.26 -173.58
N LEU K 209 126.42 -206.33 -173.45
CA LEU K 209 127.08 -206.92 -172.29
C LEU K 209 126.62 -206.24 -170.99
N TRP K 210 126.63 -204.90 -170.97
CA TRP K 210 126.16 -204.15 -169.81
C TRP K 210 124.67 -204.42 -169.53
N LEU K 211 123.82 -204.41 -170.57
CA LEU K 211 122.38 -204.68 -170.44
C LEU K 211 122.10 -206.05 -169.80
N LEU K 212 122.76 -207.11 -170.30
CA LEU K 212 122.57 -208.47 -169.80
C LEU K 212 123.21 -208.68 -168.42
N GLN K 213 124.30 -207.98 -168.11
CA GLN K 213 124.88 -207.98 -166.77
C GLN K 213 123.91 -207.35 -165.76
N GLN K 214 123.27 -206.24 -166.12
CA GLN K 214 122.24 -205.61 -165.30
C GLN K 214 121.00 -206.50 -165.14
N GLU K 215 120.59 -207.22 -166.20
CA GLU K 215 119.52 -208.20 -166.11
C GLU K 215 119.83 -209.33 -165.13
N MET K 216 121.03 -209.92 -165.25
CA MET K 216 121.49 -211.01 -164.39
C MET K 216 121.43 -210.62 -162.90
N VAL K 217 121.99 -209.47 -162.55
CA VAL K 217 122.01 -209.02 -161.15
C VAL K 217 120.61 -208.62 -160.66
N THR K 218 119.71 -208.19 -161.56
CA THR K 218 118.33 -207.88 -161.20
C THR K 218 117.54 -209.15 -160.87
N TRP K 219 117.75 -210.26 -161.60
CA TRP K 219 117.16 -211.56 -161.25
C TRP K 219 117.66 -212.06 -159.89
N ARG K 220 118.96 -211.91 -159.61
CA ARG K 220 119.56 -212.25 -158.31
C ARG K 220 118.93 -211.47 -157.14
N LEU K 221 118.72 -210.16 -157.33
CA LEU K 221 118.04 -209.30 -156.36
C LEU K 221 116.59 -209.75 -156.14
N LEU K 222 115.86 -209.98 -157.23
CA LEU K 222 114.46 -210.42 -157.21
C LEU K 222 114.31 -211.72 -156.42
N ALA K 223 115.14 -212.73 -156.71
CA ALA K 223 115.12 -214.01 -156.02
C ALA K 223 115.36 -213.86 -154.51
N SER K 224 116.29 -213.00 -154.12
CA SER K 224 116.64 -212.79 -152.71
C SER K 224 115.51 -212.10 -151.94
N LEU K 225 115.00 -210.98 -152.46
CA LEU K 225 113.96 -210.19 -151.79
C LEU K 225 112.59 -210.90 -151.75
N TYR K 226 112.15 -211.47 -152.87
CA TYR K 226 110.81 -212.08 -152.92
C TYR K 226 110.76 -213.42 -152.18
N ARG K 227 111.88 -214.15 -152.10
CA ARG K 227 111.97 -215.33 -151.25
C ARG K 227 111.78 -214.96 -149.78
N ASP K 228 112.44 -213.89 -149.33
CA ASP K 228 112.28 -213.38 -147.97
C ASP K 228 110.86 -212.88 -147.68
N ARG K 229 110.29 -212.07 -148.59
CA ARG K 229 108.93 -211.53 -148.43
C ARG K 229 107.88 -212.62 -148.33
N ILE K 230 107.97 -213.64 -149.19
CA ILE K 230 107.03 -214.77 -149.18
C ILE K 230 107.21 -215.61 -147.94
N GLN K 231 108.45 -215.89 -147.52
CA GLN K 231 108.71 -216.64 -146.30
C GLN K 231 108.20 -215.88 -145.06
N SER K 232 108.46 -214.58 -144.97
CA SER K 232 108.03 -213.72 -143.86
C SER K 232 106.50 -213.71 -143.73
N ALA K 233 105.79 -213.57 -144.84
CA ALA K 233 104.32 -213.59 -144.86
C ALA K 233 103.72 -214.91 -144.35
N LEU K 234 104.46 -216.02 -144.43
CA LEU K 234 104.04 -217.33 -143.92
C LEU K 234 104.38 -217.53 -142.43
N GLU K 235 105.36 -216.80 -141.89
CA GLU K 235 105.89 -217.00 -140.54
C GLU K 235 105.27 -216.05 -139.49
N GLU K 236 104.72 -214.91 -139.92
CA GLU K 236 104.06 -213.91 -139.05
C GLU K 236 102.96 -214.50 -138.14
N GLU K 237 102.42 -215.69 -138.44
CA GLU K 237 101.42 -216.37 -137.60
C GLU K 237 102.00 -217.06 -136.34
N SER K 238 103.33 -217.17 -136.14
CA SER K 238 103.88 -218.18 -135.21
C SER K 238 104.83 -217.75 -134.09
N VAL K 239 105.27 -216.48 -133.96
CA VAL K 239 106.42 -216.17 -133.07
C VAL K 239 106.11 -215.17 -131.95
N PHE K 240 106.04 -215.68 -130.72
CA PHE K 240 106.32 -214.93 -129.49
C PHE K 240 107.74 -215.31 -129.01
N ALA K 241 108.73 -214.44 -129.19
CA ALA K 241 110.08 -214.64 -128.67
C ALA K 241 110.27 -213.82 -127.37
N VAL K 242 110.63 -214.49 -126.28
CA VAL K 242 110.98 -213.86 -124.99
C VAL K 242 112.47 -213.50 -125.03
N THR K 243 112.80 -212.21 -124.99
CA THR K 243 114.17 -211.72 -124.87
C THR K 243 114.75 -212.10 -123.50
N ALA K 244 115.85 -212.85 -123.51
CA ALA K 244 116.55 -213.24 -122.28
C ALA K 244 117.23 -212.02 -121.64
N VAL K 245 117.11 -211.88 -120.32
CA VAL K 245 117.58 -210.72 -119.53
C VAL K 245 119.11 -210.51 -119.59
N ASN K 246 119.88 -211.51 -120.03
CA ASN K 246 121.34 -211.47 -120.16
C ASN K 246 121.82 -211.79 -121.60
N ALA K 247 121.05 -211.40 -122.62
CA ALA K 247 121.42 -211.69 -124.01
C ALA K 247 122.71 -210.95 -124.43
N SER K 248 123.62 -211.68 -125.08
CA SER K 248 124.80 -211.10 -125.72
C SER K 248 124.44 -210.21 -126.91
N GLU K 249 125.34 -209.32 -127.35
CA GLU K 249 125.10 -208.50 -128.54
C GLU K 249 124.73 -209.36 -129.76
N LYS K 250 125.45 -210.47 -129.99
CA LYS K 250 125.16 -211.42 -131.08
C LYS K 250 123.73 -211.95 -131.03
N THR K 251 123.27 -212.39 -129.85
CA THR K 251 121.91 -212.92 -129.65
C THR K 251 120.83 -211.87 -129.87
N VAL K 252 121.07 -210.64 -129.42
CA VAL K 252 120.15 -209.51 -129.65
C VAL K 252 120.02 -209.23 -131.14
N VAL K 253 121.13 -209.17 -131.86
CA VAL K 253 121.14 -208.92 -133.30
C VAL K 253 120.50 -210.07 -134.08
N GLU K 254 120.78 -211.33 -133.72
CA GLU K 254 120.11 -212.49 -134.33
C GLU K 254 118.58 -212.42 -134.15
N ALA K 255 118.10 -212.03 -132.97
CA ALA K 255 116.68 -211.83 -132.73
C ALA K 255 116.09 -210.66 -133.54
N LEU K 256 116.85 -209.58 -133.72
CA LEU K 256 116.45 -208.45 -134.57
C LEU K 256 116.25 -208.91 -136.01
N PHE K 257 117.21 -209.64 -136.59
CA PHE K 257 117.12 -210.12 -137.97
C PHE K 257 116.00 -211.12 -138.20
N GLN K 258 115.57 -211.86 -137.18
CA GLN K 258 114.39 -212.72 -137.26
C GLN K 258 113.09 -211.90 -137.21
N ARG K 259 113.01 -210.93 -136.30
CA ARG K 259 111.80 -210.15 -136.04
C ARG K 259 111.54 -209.05 -137.08
N ASP K 260 112.58 -208.37 -137.54
CA ASP K 260 112.48 -207.13 -138.31
C ASP K 260 112.77 -207.39 -139.80
N SER K 261 111.73 -207.28 -140.62
CA SER K 261 111.82 -207.48 -142.07
C SER K 261 112.57 -206.35 -142.78
N LEU K 262 112.53 -205.12 -142.26
CA LEU K 262 113.26 -203.99 -142.86
C LEU K 262 114.76 -204.21 -142.74
N VAL K 263 115.25 -204.57 -141.55
CA VAL K 263 116.68 -204.82 -141.30
C VAL K 263 117.16 -206.00 -142.16
N ARG K 264 116.38 -207.09 -142.18
CA ARG K 264 116.70 -208.29 -142.96
C ARG K 264 116.74 -208.02 -144.47
N GLN K 265 115.71 -207.37 -145.03
CA GLN K 265 115.69 -207.04 -146.46
C GLN K 265 116.77 -206.02 -146.82
N SER K 266 117.07 -205.06 -145.96
CA SER K 266 118.16 -204.11 -146.18
C SER K 266 119.52 -204.81 -146.24
N GLN K 267 119.75 -205.81 -145.39
CA GLN K 267 120.95 -206.64 -145.46
C GLN K 267 121.01 -207.47 -146.75
N LEU K 268 119.88 -208.01 -147.23
CA LEU K 268 119.85 -208.71 -148.52
C LEU K 268 120.26 -207.80 -149.69
N VAL K 269 119.89 -206.51 -149.64
CA VAL K 269 120.34 -205.51 -150.62
C VAL K 269 121.85 -205.27 -150.51
N VAL K 270 122.40 -205.20 -149.30
CA VAL K 270 123.85 -205.10 -149.08
C VAL K 270 124.57 -206.31 -149.66
N ASP K 271 124.12 -207.52 -149.33
CA ASP K 271 124.71 -208.79 -149.79
C ASP K 271 124.67 -208.89 -151.32
N TRP K 272 123.55 -208.46 -151.92
CA TRP K 272 123.41 -208.38 -153.37
C TRP K 272 124.45 -207.43 -153.98
N LEU K 273 124.58 -206.20 -153.48
CA LEU K 273 125.56 -205.22 -153.98
C LEU K 273 127.01 -205.65 -153.74
N GLU K 274 127.28 -206.35 -152.65
CA GLU K 274 128.59 -206.94 -152.37
C GLU K 274 128.90 -208.08 -153.36
N SER K 275 127.89 -208.87 -153.74
CA SER K 275 128.04 -209.92 -154.76
C SER K 275 128.39 -209.36 -156.13
N ILE K 276 127.81 -208.23 -156.53
CA ILE K 276 128.14 -207.56 -157.80
C ILE K 276 129.60 -207.12 -157.79
N ALA K 277 130.02 -206.42 -156.74
CA ALA K 277 131.41 -205.98 -156.61
C ALA K 277 132.39 -207.17 -156.57
N LYS K 278 131.99 -208.29 -155.98
CA LYS K 278 132.79 -209.53 -156.00
C LYS K 278 132.93 -210.11 -157.41
N ASP K 279 131.86 -210.12 -158.20
CA ASP K 279 131.88 -210.60 -159.59
C ASP K 279 132.82 -209.73 -160.44
N GLU K 280 132.86 -208.42 -160.20
CA GLU K 280 133.75 -207.47 -160.90
C GLU K 280 135.25 -207.64 -160.55
N ILE K 281 135.58 -208.02 -159.31
CA ILE K 281 136.97 -208.26 -158.89
C ILE K 281 137.56 -209.48 -159.62
N GLY K 282 136.75 -210.51 -159.85
CA GLY K 282 137.19 -211.77 -160.47
C GLY K 282 138.32 -212.48 -159.70
N GLU K 283 139.14 -213.24 -160.42
CA GLU K 283 140.28 -214.00 -159.84
C GLU K 283 141.55 -213.14 -159.61
N PHE K 284 141.50 -211.83 -159.84
CA PHE K 284 142.71 -210.99 -159.97
C PHE K 284 143.41 -210.62 -158.65
N SER K 285 142.92 -211.11 -157.50
CA SER K 285 143.44 -210.78 -156.15
C SER K 285 144.93 -211.13 -155.94
N ASP K 286 145.47 -212.09 -156.70
CA ASP K 286 146.83 -212.60 -156.50
C ASP K 286 147.93 -211.94 -157.35
N ASN K 287 147.57 -211.09 -158.33
CA ASN K 287 148.52 -210.47 -159.26
C ASN K 287 148.99 -209.07 -158.86
N ILE K 288 148.75 -208.64 -157.61
CA ILE K 288 149.11 -207.30 -157.17
C ILE K 288 150.62 -207.24 -156.90
N GLU K 289 151.37 -206.66 -157.84
CA GLU K 289 152.79 -206.38 -157.67
C GLU K 289 153.01 -205.13 -156.80
N PHE K 290 153.65 -205.33 -155.64
CA PHE K 290 154.15 -204.25 -154.77
C PHE K 290 155.65 -204.06 -154.98
N TYR K 291 156.16 -202.85 -154.71
CA TYR K 291 157.60 -202.59 -154.74
C TYR K 291 158.31 -203.24 -153.54
N ALA K 292 157.65 -203.25 -152.38
CA ALA K 292 158.11 -203.97 -151.19
C ALA K 292 157.86 -205.49 -151.33
N LYS K 293 158.89 -206.31 -151.09
CA LYS K 293 158.81 -207.78 -151.21
C LYS K 293 158.86 -208.51 -149.87
N SER K 294 159.34 -207.85 -148.82
CA SER K 294 159.74 -208.54 -147.60
C SER K 294 159.23 -207.92 -146.30
N VAL K 295 159.20 -206.59 -146.20
CA VAL K 295 158.89 -205.89 -144.95
C VAL K 295 158.04 -204.64 -145.23
N TYR K 296 157.17 -204.30 -144.29
CA TYR K 296 156.40 -203.06 -144.31
C TYR K 296 157.33 -201.82 -144.37
N TRP K 297 157.01 -200.88 -145.27
CA TRP K 297 157.80 -199.67 -145.54
C TRP K 297 159.30 -199.93 -145.76
N GLU K 298 159.61 -200.92 -146.60
CA GLU K 298 160.97 -201.39 -146.87
C GLU K 298 161.90 -200.24 -147.32
N ASN K 299 161.40 -199.32 -148.15
CA ASN K 299 162.20 -198.22 -148.70
C ASN K 299 162.48 -197.13 -147.65
N THR K 300 161.48 -196.79 -146.82
CA THR K 300 161.59 -195.84 -145.72
C THR K 300 162.55 -196.38 -144.67
N LEU K 301 162.43 -197.66 -144.31
CA LEU K 301 163.35 -198.36 -143.43
C LEU K 301 164.79 -198.32 -143.98
N HIS K 302 164.96 -198.60 -145.27
CA HIS K 302 166.26 -198.55 -145.93
C HIS K 302 166.86 -197.14 -145.85
N THR K 303 166.11 -196.11 -146.20
CA THR K 303 166.55 -194.71 -146.14
C THR K 303 166.90 -194.28 -144.71
N PRO K 318 167.46 -195.53 -140.83
CA PRO K 318 166.68 -195.46 -139.59
C PRO K 318 166.22 -194.05 -139.27
N LEU K 319 164.91 -193.85 -139.19
CA LEU K 319 164.35 -192.53 -138.87
C LEU K 319 163.04 -192.66 -138.12
N VAL K 320 162.50 -193.87 -138.05
CA VAL K 320 161.24 -194.15 -137.37
C VAL K 320 161.59 -194.70 -135.98
N THR K 321 161.27 -193.93 -134.95
CA THR K 321 161.56 -194.35 -133.58
C THR K 321 160.58 -195.39 -133.08
N GLU K 322 159.37 -195.45 -133.65
CA GLU K 322 158.37 -196.42 -133.24
C GLU K 322 157.85 -197.17 -134.46
N LEU K 323 157.69 -198.48 -134.30
CA LEU K 323 157.20 -199.33 -135.38
C LEU K 323 155.69 -199.43 -135.44
N ASP K 324 154.98 -198.78 -134.51
CA ASP K 324 153.53 -198.82 -134.49
C ASP K 324 152.96 -197.84 -135.50
N PRO K 325 151.65 -197.92 -135.76
CA PRO K 325 151.03 -197.00 -136.73
C PRO K 325 150.72 -195.63 -136.17
N ASP K 326 150.83 -195.43 -134.86
CA ASP K 326 150.55 -194.14 -134.25
C ASP K 326 151.71 -193.16 -134.34
N ALA K 327 152.90 -193.63 -134.73
CA ALA K 327 154.06 -192.76 -134.85
C ALA K 327 153.86 -191.75 -135.98
N PRO K 328 153.27 -192.16 -137.09
CA PRO K 328 153.03 -191.19 -138.18
C PRO K 328 152.01 -190.13 -137.82
N ILE K 329 151.05 -190.46 -136.96
CA ILE K 329 150.07 -189.46 -136.53
C ILE K 329 150.64 -188.58 -135.43
N ARG K 330 151.54 -189.11 -134.60
CA ARG K 330 152.15 -188.31 -133.55
C ARG K 330 153.17 -187.34 -134.11
N GLN K 331 154.15 -187.85 -134.86
CA GLN K 331 155.19 -187.01 -135.44
C GLN K 331 154.71 -186.43 -136.78
N LYS K 332 155.60 -185.71 -137.44
CA LYS K 332 155.26 -185.10 -138.73
C LYS K 332 155.56 -186.05 -139.87
N MET K 333 156.43 -185.65 -140.80
CA MET K 333 156.78 -186.48 -141.93
C MET K 333 157.91 -187.42 -141.54
N PRO K 334 157.70 -188.73 -141.54
CA PRO K 334 158.78 -189.65 -141.15
C PRO K 334 158.75 -190.94 -141.95
N LEU K 335 157.99 -190.96 -143.03
CA LEU K 335 157.86 -192.13 -143.89
C LEU K 335 158.43 -191.83 -145.27
N ASP K 336 158.71 -192.90 -146.02
CA ASP K 336 159.25 -192.79 -147.36
C ASP K 336 158.13 -192.82 -148.40
N ASP K 337 158.47 -192.43 -149.63
CA ASP K 337 157.50 -192.42 -150.70
C ASP K 337 157.03 -193.84 -151.04
N LEU K 338 157.97 -194.79 -151.09
CA LEU K 338 157.60 -196.18 -151.37
C LEU K 338 156.72 -196.74 -150.27
N ASP K 339 157.05 -196.45 -149.01
CA ASP K 339 156.23 -196.91 -147.89
C ASP K 339 154.83 -196.31 -147.94
N ARG K 340 154.74 -195.01 -148.27
CA ARG K 340 153.43 -194.38 -148.37
C ARG K 340 152.61 -194.98 -149.52
N GLU K 341 153.26 -195.26 -150.65
CA GLU K 341 152.56 -195.88 -151.77
C GLU K 341 152.08 -197.28 -151.41
N ASP K 342 152.92 -198.05 -150.71
CA ASP K 342 152.51 -199.39 -150.29
C ASP K 342 151.35 -199.33 -149.31
N GLU K 343 151.38 -198.37 -148.38
CA GLU K 343 150.28 -198.22 -147.43
C GLU K 343 148.99 -197.82 -148.14
N VAL K 344 149.09 -196.92 -149.13
CA VAL K 344 147.90 -196.51 -149.87
C VAL K 344 147.35 -197.68 -150.67
N ARG K 345 148.21 -198.49 -151.27
CA ARG K 345 147.76 -199.66 -152.02
C ARG K 345 147.09 -200.67 -151.09
N LEU K 346 147.67 -200.90 -149.91
CA LEU K 346 147.06 -201.82 -148.95
C LEU K 346 145.70 -201.31 -148.48
N LEU K 347 145.58 -200.01 -148.23
CA LEU K 347 144.30 -199.44 -147.82
C LEU K 347 143.27 -199.57 -148.93
N LYS K 348 143.67 -199.32 -150.17
CA LYS K 348 142.74 -199.47 -151.29
C LYS K 348 142.30 -200.92 -151.45
N TYR K 349 143.22 -201.86 -151.29
CA TYR K 349 142.85 -203.27 -151.39
C TYR K 349 141.91 -203.69 -150.28
N LEU K 350 142.16 -203.19 -149.05
CA LEU K 350 141.27 -203.50 -147.93
C LEU K 350 139.89 -202.91 -148.16
N PHE K 351 139.82 -201.69 -148.68
CA PHE K 351 138.53 -201.07 -148.96
C PHE K 351 137.78 -201.83 -150.04
N THR K 352 138.49 -202.27 -151.09
CA THR K 352 137.85 -203.04 -152.14
C THR K 352 137.35 -204.38 -151.62
N LEU K 353 138.12 -205.03 -150.75
CA LEU K 353 137.67 -206.30 -150.17
C LEU K 353 136.46 -206.09 -149.28
N ILE K 354 136.44 -205.02 -148.49
CA ILE K 354 135.30 -204.75 -147.62
C ILE K 354 134.06 -204.42 -148.44
N ARG K 355 134.23 -203.74 -149.57
CA ARG K 355 133.10 -203.44 -150.43
C ARG K 355 132.59 -204.69 -151.15
N ALA K 356 133.50 -205.60 -151.51
CA ALA K 356 133.07 -206.82 -152.17
C ALA K 356 132.40 -207.78 -151.20
N GLY K 357 132.84 -207.81 -149.95
CA GLY K 357 132.26 -208.68 -148.96
C GLY K 357 133.12 -209.88 -148.62
N MET K 358 134.42 -209.65 -148.49
CA MET K 358 135.38 -210.71 -148.18
C MET K 358 136.19 -210.28 -146.95
N THR K 359 135.51 -210.25 -145.79
CA THR K 359 136.17 -209.86 -144.55
C THR K 359 137.26 -210.84 -144.16
N GLU K 360 137.00 -212.14 -144.32
CA GLU K 360 138.00 -213.15 -144.00
C GLU K 360 139.20 -213.04 -144.93
N GLU K 361 138.96 -212.82 -146.22
CA GLU K 361 140.06 -212.66 -147.16
C GLU K 361 140.88 -211.41 -146.85
N ALA K 362 140.21 -210.32 -146.49
CA ALA K 362 140.93 -209.10 -146.13
C ALA K 362 141.77 -209.30 -144.87
N GLN K 363 141.22 -210.00 -143.88
CA GLN K 363 141.97 -210.27 -142.66
C GLN K 363 143.17 -211.16 -142.94
N ARG K 364 143.00 -212.17 -143.80
CA ARG K 364 144.12 -213.03 -144.16
C ARG K 364 145.20 -212.26 -144.90
N LEU K 365 144.79 -211.38 -145.82
CA LEU K 365 145.76 -210.57 -146.55
C LEU K 365 146.51 -209.63 -145.61
N CYS K 366 145.79 -209.02 -144.65
CA CYS K 366 146.45 -208.14 -143.69
C CYS K 366 147.43 -208.92 -142.81
N LYS K 367 147.04 -210.12 -142.38
CA LYS K 367 147.93 -210.93 -141.54
C LYS K 367 149.16 -211.38 -142.32
N ARG K 368 148.99 -211.67 -143.63
CA ARG K 368 150.13 -212.06 -144.43
C ARG K 368 151.04 -210.88 -144.75
N CYS K 369 150.48 -209.68 -144.86
CA CYS K 369 151.30 -208.50 -145.13
C CYS K 369 152.04 -208.05 -143.88
N GLY K 370 151.41 -208.17 -142.70
CA GLY K 370 152.05 -207.77 -141.47
C GLY K 370 151.32 -206.64 -140.76
N GLN K 371 150.08 -206.38 -141.18
CA GLN K 371 149.27 -205.33 -140.58
C GLN K 371 148.45 -205.90 -139.42
N ALA K 372 149.16 -206.18 -138.32
CA ALA K 372 148.50 -206.75 -137.15
C ALA K 372 147.49 -205.78 -136.55
N TRP K 373 147.83 -204.50 -136.48
CA TRP K 373 146.90 -203.50 -135.95
C TRP K 373 145.67 -203.38 -136.83
N ARG K 374 145.86 -203.38 -138.15
CA ARG K 374 144.73 -203.31 -139.07
C ARG K 374 143.83 -204.54 -138.95
N ALA K 375 144.45 -205.73 -138.80
CA ALA K 375 143.67 -206.95 -138.63
C ALA K 375 142.88 -206.92 -137.33
N ALA K 376 143.50 -206.44 -136.24
CA ALA K 376 142.81 -206.36 -134.97
C ALA K 376 141.68 -205.34 -135.00
N THR K 377 141.86 -204.24 -135.74
CA THR K 377 140.79 -203.25 -135.87
C THR K 377 139.67 -203.76 -136.75
N LEU K 378 139.97 -204.57 -137.75
CA LEU K 378 138.93 -205.10 -138.63
C LEU K 378 138.17 -206.24 -137.98
N GLU K 379 138.83 -207.04 -137.13
CA GLU K 379 138.16 -208.15 -136.46
C GLU K 379 137.29 -207.70 -135.28
N GLY K 380 137.33 -206.42 -134.92
CA GLY K 380 136.53 -205.93 -133.82
C GLY K 380 135.17 -205.41 -134.25
N TRP K 381 134.76 -205.74 -135.48
CA TRP K 381 133.47 -205.28 -135.98
C TRP K 381 132.31 -206.07 -135.38
N LYS K 382 132.52 -207.34 -135.07
CA LYS K 382 131.47 -208.16 -134.49
C LYS K 382 131.32 -207.87 -133.00
N LEU K 383 130.08 -207.92 -132.51
CA LEU K 383 129.81 -207.67 -131.11
C LEU K 383 130.16 -208.88 -130.25
N TYR K 384 130.07 -208.70 -128.94
CA TYR K 384 130.37 -209.78 -128.00
C TYR K 384 129.22 -210.77 -127.95
N HIS K 385 129.55 -212.06 -128.01
CA HIS K 385 128.55 -213.13 -127.97
C HIS K 385 129.11 -214.26 -127.12
N ASP K 386 128.59 -214.39 -125.89
CA ASP K 386 129.07 -215.44 -125.02
C ASP K 386 128.24 -216.71 -125.21
N PRO K 387 128.90 -217.88 -125.24
CA PRO K 387 128.14 -219.13 -125.42
C PRO K 387 127.48 -219.64 -124.16
N ASN K 388 127.96 -219.22 -122.97
CA ASN K 388 127.34 -219.68 -121.73
C ASN K 388 126.17 -218.81 -121.32
N VAL K 389 126.21 -217.51 -121.64
CA VAL K 389 125.11 -216.62 -121.27
C VAL K 389 123.98 -216.71 -122.29
N ASN K 390 124.31 -216.49 -123.57
CA ASN K 390 123.31 -216.56 -124.63
C ASN K 390 123.06 -218.02 -124.99
N GLY K 391 121.87 -218.52 -124.63
CA GLY K 391 121.53 -219.90 -124.92
C GLY K 391 121.03 -220.17 -126.31
N GLY K 392 120.74 -219.12 -127.09
CA GLY K 392 120.26 -219.30 -128.45
C GLY K 392 121.35 -219.68 -129.42
N THR K 393 122.39 -218.85 -129.50
CA THR K 393 123.52 -219.09 -130.40
C THR K 393 124.71 -219.58 -129.58
N GLU K 394 124.57 -220.79 -129.03
CA GLU K 394 125.62 -221.40 -128.23
C GLU K 394 126.69 -221.97 -129.16
N LEU K 395 127.90 -221.42 -129.09
CA LEU K 395 128.99 -221.88 -129.93
C LEU K 395 130.09 -222.53 -129.09
N GLU K 396 131.35 -222.30 -129.48
CA GLU K 396 132.49 -222.88 -128.76
C GLU K 396 133.04 -221.87 -127.77
N PRO K 397 133.72 -220.81 -128.24
CA PRO K 397 134.27 -219.83 -127.31
C PRO K 397 133.63 -218.45 -127.47
N VAL K 398 133.88 -217.56 -126.52
CA VAL K 398 133.31 -216.21 -126.58
C VAL K 398 134.15 -215.37 -127.52
N GLU K 399 133.49 -214.76 -128.51
CA GLU K 399 134.16 -213.91 -129.49
C GLU K 399 133.49 -212.55 -129.51
N GLY K 400 134.25 -211.57 -129.99
CA GLY K 400 133.78 -210.19 -130.07
C GLY K 400 134.22 -209.35 -128.88
N ASN K 401 133.96 -208.05 -129.00
CA ASN K 401 134.32 -207.10 -127.95
C ASN K 401 133.06 -206.54 -127.30
N PRO K 402 133.06 -206.35 -125.98
CA PRO K 402 131.87 -205.81 -125.31
C PRO K 402 131.72 -204.30 -125.43
N TYR K 403 132.75 -203.59 -125.90
CA TYR K 403 132.69 -202.14 -126.05
C TYR K 403 132.50 -201.79 -127.52
N ARG K 404 131.32 -202.18 -128.04
CA ARG K 404 131.01 -201.91 -129.43
C ARG K 404 130.88 -200.41 -129.69
N ARG K 405 130.22 -199.68 -128.79
CA ARG K 405 130.09 -198.24 -128.97
C ARG K 405 131.44 -197.55 -128.88
N ILE K 406 132.31 -197.98 -127.97
CA ILE K 406 133.63 -197.40 -127.86
C ILE K 406 134.45 -197.68 -129.10
N TRP K 407 134.36 -198.89 -129.65
CA TRP K 407 135.08 -199.22 -130.88
C TRP K 407 134.57 -198.40 -132.05
N LYS K 408 133.25 -198.21 -132.14
CA LYS K 408 132.69 -197.39 -133.21
C LYS K 408 133.14 -195.94 -133.09
N ILE K 409 133.17 -195.42 -131.86
CA ILE K 409 133.62 -194.04 -131.65
C ILE K 409 135.09 -193.89 -132.01
N SER K 410 135.91 -194.89 -131.66
CA SER K 410 137.33 -194.84 -132.01
C SER K 410 137.52 -194.90 -133.51
N CYS K 411 136.75 -195.75 -134.19
CA CYS K 411 136.85 -195.84 -135.65
C CYS K 411 136.42 -194.53 -136.31
N TRP K 412 135.35 -193.91 -135.80
CA TRP K 412 134.90 -192.63 -136.35
C TRP K 412 135.95 -191.55 -136.13
N ARG K 413 136.59 -191.53 -134.95
CA ARG K 413 137.63 -190.54 -134.68
C ARG K 413 138.83 -190.77 -135.58
N MET K 414 139.22 -192.02 -135.79
CA MET K 414 140.36 -192.31 -136.67
C MET K 414 140.04 -191.96 -138.12
N ALA K 415 138.78 -192.12 -138.54
CA ALA K 415 138.41 -191.76 -139.91
C ALA K 415 138.34 -190.25 -140.08
N GLU K 416 137.91 -189.54 -139.04
CA GLU K 416 137.84 -188.07 -139.13
C GLU K 416 139.21 -187.43 -138.99
N ASP K 417 140.15 -188.08 -138.31
CA ASP K 417 141.48 -187.52 -138.16
C ASP K 417 142.24 -187.59 -139.48
N GLU K 418 143.09 -186.59 -139.70
CA GLU K 418 143.89 -186.50 -140.92
C GLU K 418 145.20 -187.25 -140.71
N LEU K 419 146.21 -186.95 -141.54
CA LEU K 419 147.53 -187.58 -141.46
C LEU K 419 147.41 -189.10 -141.60
N PHE K 420 146.63 -189.53 -142.59
CA PHE K 420 146.42 -190.94 -142.86
C PHE K 420 146.13 -191.12 -144.35
N ASN K 421 145.79 -192.35 -144.72
CA ASN K 421 145.48 -192.66 -146.11
C ASN K 421 144.02 -192.35 -146.42
N ARG K 422 143.77 -191.86 -147.64
CA ARG K 422 142.42 -191.52 -148.03
C ARG K 422 141.54 -192.77 -148.13
N TYR K 423 142.11 -193.89 -148.58
CA TYR K 423 141.34 -195.13 -148.65
C TYR K 423 141.13 -195.72 -147.26
N GLU K 424 142.15 -195.64 -146.40
CA GLU K 424 142.01 -196.16 -145.04
C GLU K 424 140.97 -195.38 -144.25
N ARG K 425 140.97 -194.06 -144.38
CA ARG K 425 139.97 -193.25 -143.68
C ARG K 425 138.56 -193.56 -144.18
N ALA K 426 138.41 -193.74 -145.49
CA ALA K 426 137.10 -194.08 -146.04
C ALA K 426 136.64 -195.46 -145.56
N ILE K 427 137.56 -196.42 -145.50
CA ILE K 427 137.20 -197.75 -145.01
C ILE K 427 136.81 -197.69 -143.53
N TYR K 428 137.54 -196.90 -142.73
CA TYR K 428 137.19 -196.76 -141.33
C TYR K 428 135.84 -196.10 -141.15
N ALA K 429 135.55 -195.07 -141.96
CA ALA K 429 134.25 -194.41 -141.87
C ALA K 429 133.13 -195.35 -142.28
N ALA K 430 133.34 -196.16 -143.32
CA ALA K 430 132.32 -197.11 -143.75
C ALA K 430 132.10 -198.21 -142.71
N LEU K 431 133.17 -198.62 -142.02
CA LEU K 431 133.03 -199.63 -140.97
C LEU K 431 132.35 -199.07 -139.73
N SER K 432 132.58 -197.79 -139.42
CA SER K 432 131.96 -197.18 -138.25
C SER K 432 130.49 -196.85 -138.51
N GLY K 433 130.16 -196.43 -139.73
CA GLY K 433 128.80 -196.10 -140.06
C GLY K 433 128.62 -194.67 -140.51
N ASN K 434 129.53 -194.18 -141.35
CA ASN K 434 129.48 -192.82 -141.86
C ASN K 434 129.85 -192.85 -143.34
N LEU K 435 129.91 -191.67 -143.96
CA LEU K 435 130.23 -191.52 -145.37
C LEU K 435 131.67 -191.03 -145.52
N LYS K 436 132.08 -190.82 -146.77
CA LYS K 436 133.42 -190.33 -147.10
C LYS K 436 133.31 -189.29 -148.20
N GLN K 437 134.46 -188.68 -148.54
CA GLN K 437 134.51 -187.66 -149.57
C GLN K 437 135.60 -187.86 -150.61
N LEU K 438 136.76 -188.41 -150.25
CA LEU K 438 137.82 -188.62 -151.23
C LEU K 438 137.55 -189.84 -152.10
N LEU K 439 137.03 -190.92 -151.50
CA LEU K 439 136.74 -192.13 -152.24
C LEU K 439 135.32 -192.07 -152.81
N PRO K 440 134.54 -191.06 -152.44
CA PRO K 440 133.17 -190.96 -152.97
C PRO K 440 133.10 -190.31 -154.35
N VAL K 441 134.20 -189.76 -154.86
CA VAL K 441 134.17 -189.13 -156.18
C VAL K 441 134.16 -190.18 -157.28
N CYS K 442 134.83 -191.30 -157.07
CA CYS K 442 134.89 -192.37 -158.06
C CYS K 442 133.95 -193.52 -157.74
N ASP K 443 133.12 -193.38 -156.71
CA ASP K 443 132.18 -194.44 -156.35
C ASP K 443 131.01 -194.47 -157.32
N THR K 444 130.48 -195.67 -157.54
CA THR K 444 129.36 -195.86 -158.44
C THR K 444 128.03 -195.73 -157.70
N TRP K 445 126.93 -195.78 -158.45
CA TRP K 445 125.61 -195.67 -157.85
C TRP K 445 125.31 -196.86 -156.96
N GLU K 446 125.67 -198.07 -157.39
CA GLU K 446 125.45 -199.25 -156.57
C GLU K 446 126.27 -199.20 -155.29
N ASP K 447 127.53 -198.76 -155.40
CA ASP K 447 128.37 -198.64 -154.21
C ASP K 447 127.83 -197.59 -153.25
N THR K 448 127.33 -196.46 -153.77
CA THR K 448 126.75 -195.44 -152.92
C THR K 448 125.49 -195.95 -152.23
N VAL K 449 124.65 -196.70 -152.96
CA VAL K 449 123.44 -197.25 -152.37
C VAL K 449 123.78 -198.26 -151.28
N TRP K 450 124.81 -199.09 -151.53
CA TRP K 450 125.23 -200.06 -150.52
C TRP K 450 125.77 -199.36 -149.28
N ALA K 451 126.56 -198.30 -149.46
CA ALA K 451 127.08 -197.56 -148.33
C ALA K 451 125.96 -196.90 -147.54
N TYR K 452 124.97 -196.33 -148.23
CA TYR K 452 123.84 -195.73 -147.54
C TYR K 452 123.04 -196.77 -146.77
N PHE K 453 122.83 -197.95 -147.36
CA PHE K 453 122.10 -199.01 -146.67
C PHE K 453 122.88 -199.48 -145.44
N ARG K 454 124.20 -199.61 -145.55
CA ARG K 454 125.00 -200.01 -144.40
C ARG K 454 124.96 -198.96 -143.30
N VAL K 455 125.02 -197.68 -143.67
CA VAL K 455 124.94 -196.61 -142.68
C VAL K 455 123.58 -196.63 -141.98
N MET K 456 122.51 -196.84 -142.76
CA MET K 456 121.18 -196.90 -142.17
C MET K 456 121.04 -198.10 -141.23
N VAL K 457 121.59 -199.24 -141.61
CA VAL K 457 121.53 -200.42 -140.76
C VAL K 457 122.32 -200.19 -139.48
N ASP K 458 123.49 -199.55 -139.58
CA ASP K 458 124.28 -199.25 -138.39
C ASP K 458 123.55 -198.28 -137.47
N SER K 459 122.90 -197.26 -138.04
CA SER K 459 122.15 -196.31 -137.24
C SER K 459 120.97 -196.99 -136.55
N LEU K 460 120.27 -197.89 -137.26
CA LEU K 460 119.17 -198.62 -136.66
C LEU K 460 119.64 -199.53 -135.53
N VAL K 461 120.78 -200.19 -135.73
CA VAL K 461 121.32 -201.05 -134.68
C VAL K 461 121.72 -200.23 -133.47
N GLU K 462 122.32 -199.07 -133.68
CA GLU K 462 122.70 -198.20 -132.57
C GLU K 462 121.46 -197.71 -131.82
N GLN K 463 120.41 -197.33 -132.55
CA GLN K 463 119.19 -196.88 -131.91
C GLN K 463 118.54 -198.01 -131.11
N GLU K 464 118.54 -199.23 -131.65
CA GLU K 464 117.98 -200.36 -130.93
C GLU K 464 118.79 -200.67 -129.68
N ILE K 465 120.12 -200.59 -129.75
CA ILE K 465 120.95 -200.86 -128.60
C ILE K 465 120.77 -199.77 -127.55
N GLN K 466 120.53 -198.53 -127.96
CA GLN K 466 120.31 -197.45 -127.00
C GLN K 466 118.92 -197.56 -126.36
N THR K 467 117.92 -198.03 -127.11
CA THR K 467 116.59 -198.16 -126.56
C THR K 467 116.44 -199.38 -125.67
N SER K 468 117.19 -200.45 -125.96
CA SER K 468 117.14 -201.67 -125.17
C SER K 468 118.05 -201.63 -123.95
N VAL K 469 118.70 -200.49 -123.70
CA VAL K 469 119.61 -200.31 -122.56
C VAL K 469 120.71 -201.36 -122.62
N ALA K 470 121.30 -201.56 -123.80
CA ALA K 470 122.36 -202.53 -123.99
C ALA K 470 123.74 -201.91 -123.76
N THR K 471 123.98 -200.73 -124.32
CA THR K 471 125.26 -200.05 -124.17
C THR K 471 125.22 -199.14 -122.94
N LEU K 472 126.42 -198.81 -122.44
CA LEU K 472 126.55 -197.95 -121.28
C LEU K 472 126.28 -196.49 -121.65
N ASP K 473 125.97 -195.70 -120.63
CA ASP K 473 125.70 -194.28 -120.85
C ASP K 473 126.96 -193.48 -121.15
N GLU K 474 128.12 -193.97 -120.72
CA GLU K 474 129.39 -193.29 -120.96
C GLU K 474 130.19 -193.90 -122.10
N THR K 475 129.63 -194.89 -122.81
CA THR K 475 130.35 -195.52 -123.92
C THR K 475 130.38 -194.62 -125.15
N GLU K 476 129.46 -193.67 -125.26
CA GLU K 476 129.42 -192.76 -126.41
C GLU K 476 130.39 -191.60 -126.14
N GLU K 477 131.61 -191.72 -126.67
CA GLU K 477 132.60 -190.67 -126.47
C GLU K 477 132.34 -189.47 -127.37
N LEU K 478 131.99 -189.71 -128.63
CA LEU K 478 131.72 -188.66 -129.60
C LEU K 478 130.25 -188.67 -130.01
N PRO K 479 129.76 -187.57 -130.57
CA PRO K 479 128.34 -187.54 -131.00
C PRO K 479 128.15 -188.24 -132.33
N ARG K 480 127.18 -189.15 -132.38
CA ARG K 480 126.87 -189.90 -133.59
C ARG K 480 125.54 -189.44 -134.17
N LEU K 483 125.36 -189.72 -135.46
CA LEU K 483 124.14 -189.34 -136.17
C LEU K 483 123.04 -190.34 -135.82
N GLY K 484 122.13 -189.94 -134.93
CA GLY K 484 121.05 -190.82 -134.52
C GLY K 484 119.93 -190.94 -135.53
N ALA K 485 119.82 -189.99 -136.46
CA ALA K 485 118.77 -190.02 -137.46
C ALA K 485 119.13 -191.02 -138.56
N ASN K 486 118.22 -191.94 -138.84
CA ASN K 486 118.41 -192.96 -139.86
C ASN K 486 117.55 -192.64 -141.07
N TRP K 487 118.09 -192.91 -142.27
CA TRP K 487 117.36 -192.65 -143.50
C TRP K 487 116.34 -193.75 -143.76
N THR K 488 115.39 -193.45 -144.65
CA THR K 488 114.33 -194.36 -145.02
C THR K 488 114.46 -194.71 -146.50
N LEU K 489 113.45 -195.42 -147.03
CA LEU K 489 113.47 -195.81 -148.43
C LEU K 489 113.40 -194.60 -149.35
N GLU K 490 112.51 -193.65 -149.05
CA GLU K 490 112.40 -192.46 -149.87
C GLU K 490 113.67 -191.61 -149.79
N LYS K 491 114.27 -191.53 -148.61
CA LYS K 491 115.52 -190.77 -148.46
C LYS K 491 116.65 -191.43 -149.25
N VAL K 492 116.74 -192.76 -149.21
CA VAL K 492 117.77 -193.46 -149.97
C VAL K 492 117.54 -193.29 -151.47
N PHE K 493 116.27 -193.31 -151.90
CA PHE K 493 115.97 -193.09 -153.31
C PHE K 493 116.35 -191.69 -153.75
N GLU K 494 116.04 -190.68 -152.94
CA GLU K 494 116.41 -189.31 -153.28
C GLU K 494 117.93 -189.14 -153.30
N GLU K 495 118.63 -189.79 -152.38
CA GLU K 495 120.10 -189.72 -152.39
C GLU K 495 120.68 -190.37 -153.63
N LEU K 496 120.16 -191.55 -154.00
CA LEU K 496 120.63 -192.21 -155.22
C LEU K 496 120.32 -191.37 -156.46
N GLN K 497 119.18 -190.69 -156.46
CA GLN K 497 118.84 -189.81 -157.57
C GLN K 497 119.82 -188.65 -157.68
N ALA K 498 120.03 -187.93 -156.58
CA ALA K 498 120.97 -186.82 -156.58
C ALA K 498 122.39 -187.27 -156.88
N THR K 499 122.70 -188.54 -156.61
CA THR K 499 124.04 -189.05 -156.90
C THR K 499 124.20 -189.37 -158.39
N ASP K 500 123.27 -190.17 -158.96
CA ASP K 500 123.36 -190.60 -160.36
C ASP K 500 121.94 -190.69 -160.93
N LEU K 505 121.36 -189.53 -161.24
CA LEU K 505 120.12 -189.49 -162.01
C LEU K 505 120.20 -190.33 -163.29
N GLU K 506 121.39 -190.45 -163.88
CA GLU K 506 121.55 -191.29 -165.07
C GLU K 506 121.23 -192.74 -164.76
N GLU K 507 121.87 -193.30 -163.72
CA GLU K 507 121.58 -194.66 -163.32
C GLU K 507 120.15 -194.81 -162.81
N ASN K 508 119.59 -193.75 -162.21
CA ASN K 508 118.21 -193.82 -161.75
C ASN K 508 117.24 -193.93 -162.92
N GLN K 509 117.49 -193.18 -163.99
CA GLN K 509 116.66 -193.26 -165.19
C GLN K 509 116.95 -194.51 -166.02
N GLU K 510 118.11 -195.13 -165.82
CA GLU K 510 118.40 -196.40 -166.48
C GLU K 510 117.31 -197.42 -166.16
N HIS K 511 116.87 -198.14 -167.19
CA HIS K 511 115.68 -198.99 -167.06
C HIS K 511 115.94 -200.16 -166.12
N TYR K 512 117.07 -200.84 -166.28
CA TYR K 512 117.36 -201.99 -165.44
C TYR K 512 117.52 -201.58 -163.98
N HIS K 513 118.23 -200.47 -163.73
CA HIS K 513 118.42 -200.02 -162.35
C HIS K 513 117.11 -199.55 -161.74
N ILE K 514 116.23 -198.95 -162.54
CA ILE K 514 114.93 -198.52 -162.02
C ILE K 514 114.10 -199.73 -161.63
N VAL K 515 114.10 -200.78 -162.46
CA VAL K 515 113.36 -201.99 -162.13
C VAL K 515 113.95 -202.65 -160.89
N GLN K 516 115.27 -202.64 -160.75
CA GLN K 516 115.91 -203.22 -159.58
C GLN K 516 115.52 -202.45 -158.32
N LYS K 517 115.52 -201.11 -158.39
CA LYS K 517 115.13 -200.30 -157.24
C LYS K 517 113.66 -200.51 -156.89
N PHE K 518 112.80 -200.63 -157.90
CA PHE K 518 111.39 -200.87 -157.64
C PHE K 518 111.17 -202.23 -156.99
N LEU K 519 111.89 -203.25 -157.45
CA LEU K 519 111.76 -204.58 -156.85
C LEU K 519 112.33 -204.61 -155.44
N ILE K 520 113.38 -203.83 -155.16
CA ILE K 520 113.93 -203.79 -153.81
C ILE K 520 113.01 -203.02 -152.87
N LEU K 521 112.31 -201.99 -153.38
CA LEU K 521 111.41 -201.22 -152.54
C LEU K 521 110.11 -201.97 -152.27
N GLY K 522 109.55 -202.62 -153.28
CA GLY K 522 108.32 -203.37 -153.15
C GLY K 522 107.17 -202.85 -153.99
N ASP K 523 107.37 -201.79 -154.77
CA ASP K 523 106.31 -201.23 -155.62
C ASP K 523 106.52 -201.68 -157.07
N ILE K 524 106.41 -203.00 -157.26
CA ILE K 524 106.59 -203.58 -158.59
C ILE K 524 105.31 -203.52 -159.41
N ASP K 525 104.15 -203.64 -158.75
CA ASP K 525 102.89 -203.58 -159.47
C ASP K 525 102.65 -202.21 -160.07
N GLY K 526 102.93 -201.14 -159.32
CA GLY K 526 102.77 -199.81 -159.85
C GLY K 526 103.71 -199.52 -161.00
N LEU K 527 104.97 -199.98 -160.88
CA LEU K 527 105.93 -199.80 -161.95
C LEU K 527 105.51 -200.56 -163.21
N MET K 528 105.01 -201.78 -163.05
CA MET K 528 104.54 -202.55 -164.19
C MET K 528 103.34 -201.88 -164.84
N ASP K 529 102.42 -201.34 -164.03
CA ASP K 529 101.26 -200.65 -164.59
C ASP K 529 101.68 -199.40 -165.34
N GLU K 530 102.65 -198.65 -164.80
CA GLU K 530 103.13 -197.46 -165.48
C GLU K 530 103.83 -197.81 -166.79
N PHE K 531 104.63 -198.89 -166.79
CA PHE K 531 105.30 -199.30 -168.01
C PHE K 531 104.31 -199.80 -169.06
N SER K 532 103.22 -200.44 -168.63
CA SER K 532 102.21 -200.89 -169.58
C SER K 532 101.39 -199.72 -170.11
N LYS K 533 101.15 -198.70 -169.30
CA LYS K 533 100.40 -197.54 -169.74
C LYS K 533 101.22 -196.63 -170.64
N TRP K 534 102.54 -196.56 -170.42
CA TRP K 534 103.38 -195.71 -171.26
C TRP K 534 103.57 -196.28 -172.66
N LEU K 535 103.34 -197.58 -172.86
CA LEU K 535 103.48 -198.20 -174.15
C LEU K 535 102.24 -198.05 -175.03
N SER K 536 101.19 -197.41 -174.53
CA SER K 536 99.96 -197.21 -175.29
C SER K 536 99.66 -195.73 -175.48
N ARG K 539 109.35 -193.51 -173.81
CA ARG K 539 109.89 -194.19 -174.98
C ARG K 539 110.28 -195.63 -174.64
N ASN K 540 109.28 -196.49 -174.45
CA ASN K 540 109.52 -197.88 -174.12
C ASN K 540 109.74 -198.76 -175.35
N ASN K 541 109.56 -198.21 -176.56
CA ASN K 541 109.75 -198.99 -177.77
C ASN K 541 111.19 -198.99 -178.25
N LEU K 542 112.07 -198.23 -177.63
CA LEU K 542 113.47 -198.17 -178.02
C LEU K 542 114.21 -199.39 -177.49
N PRO K 543 114.08 -199.71 -176.21
CA PRO K 543 114.76 -200.88 -175.64
C PRO K 543 114.01 -202.17 -175.95
N GLY K 544 114.64 -203.03 -176.76
CA GLY K 544 114.01 -204.29 -177.12
C GLY K 544 114.01 -205.33 -176.03
N HIS K 545 114.93 -205.23 -175.08
CA HIS K 545 115.01 -206.19 -173.99
C HIS K 545 114.18 -205.79 -172.78
N LEU K 546 113.88 -204.50 -172.61
CA LEU K 546 113.09 -204.07 -171.47
C LEU K 546 111.67 -204.57 -171.54
N LEU K 547 111.09 -204.61 -172.75
CA LEU K 547 109.72 -205.09 -172.92
C LEU K 547 109.63 -206.58 -172.58
N ARG K 548 110.69 -207.34 -172.88
CA ARG K 548 110.70 -208.75 -172.52
C ARG K 548 110.96 -208.95 -171.03
N PHE K 549 111.83 -208.13 -170.45
CA PHE K 549 112.12 -208.25 -169.02
C PHE K 549 110.89 -207.91 -168.18
N MET K 550 110.14 -206.88 -168.57
CA MET K 550 108.92 -206.53 -167.84
C MET K 550 107.89 -207.64 -167.93
N THR K 551 107.74 -208.23 -169.12
CA THR K 551 106.79 -209.35 -169.27
C THR K 551 107.21 -210.55 -168.45
N HIS K 552 108.52 -210.85 -168.41
CA HIS K 552 109.00 -211.97 -167.61
C HIS K 552 108.77 -211.72 -166.12
N LEU K 553 109.01 -210.47 -165.66
CA LEU K 553 108.77 -210.15 -164.27
C LEU K 553 107.29 -210.25 -163.92
N ILE K 554 106.42 -209.78 -164.83
CA ILE K 554 104.98 -209.88 -164.58
C ILE K 554 104.54 -211.34 -164.52
N LEU K 555 105.08 -212.18 -165.42
CA LEU K 555 104.73 -213.59 -165.39
C LEU K 555 105.22 -214.26 -164.12
N PHE K 556 106.43 -213.91 -163.67
CA PHE K 556 106.95 -214.48 -162.42
C PHE K 556 106.10 -214.04 -161.23
N PHE K 557 105.68 -212.78 -161.20
CA PHE K 557 104.83 -212.30 -160.12
C PHE K 557 103.47 -212.98 -160.13
N ARG K 558 102.91 -213.20 -161.31
CA ARG K 558 101.62 -213.88 -161.42
C ARG K 558 101.73 -215.35 -161.03
N THR K 559 102.86 -215.98 -161.32
CA THR K 559 103.05 -217.37 -160.91
C THR K 559 103.30 -217.49 -159.42
N LEU K 560 103.95 -216.48 -158.82
CA LEU K 560 104.20 -216.51 -157.38
C LEU K 560 102.93 -216.22 -156.59
N GLY K 561 102.33 -215.05 -156.82
CA GLY K 561 101.12 -214.67 -156.11
C GLY K 561 100.07 -214.16 -157.06
N LEU K 562 98.92 -213.80 -156.50
CA LEU K 562 97.79 -213.29 -157.28
C LEU K 562 97.65 -211.79 -156.99
N GLN K 563 98.60 -211.02 -157.53
CA GLN K 563 98.60 -209.57 -157.34
C GLN K 563 98.78 -208.78 -158.62
N THR K 564 99.07 -209.42 -159.76
CA THR K 564 99.25 -208.70 -161.01
C THR K 564 97.89 -208.34 -161.62
N LYS K 565 97.89 -207.27 -162.41
CA LYS K 565 96.68 -206.81 -163.07
C LYS K 565 96.38 -207.65 -164.30
N GLU K 566 95.11 -208.01 -164.47
CA GLU K 566 94.71 -208.81 -165.62
C GLU K 566 94.91 -208.05 -166.93
N GLU K 567 94.57 -206.76 -166.95
CA GLU K 567 94.77 -205.97 -168.15
C GLU K 567 96.25 -205.82 -168.48
N VAL K 568 97.09 -205.62 -167.45
CA VAL K 568 98.52 -205.50 -167.67
C VAL K 568 99.10 -206.82 -168.20
N SER K 569 98.62 -207.94 -167.65
CA SER K 569 99.09 -209.24 -168.13
C SER K 569 98.66 -209.49 -169.56
N ILE K 570 97.43 -209.10 -169.91
CA ILE K 570 96.96 -209.28 -171.29
C ILE K 570 97.76 -208.39 -172.24
N GLU K 571 98.08 -207.17 -171.82
CA GLU K 571 98.88 -206.29 -172.67
C GLU K 571 100.29 -206.83 -172.84
N VAL K 572 100.88 -207.39 -171.78
CA VAL K 572 102.22 -207.97 -171.89
C VAL K 572 102.21 -209.18 -172.81
N LEU K 573 101.16 -210.01 -172.71
CA LEU K 573 101.05 -211.17 -173.59
C LEU K 573 100.88 -210.74 -175.05
N LYS K 574 100.08 -209.71 -175.29
CA LYS K 574 99.91 -209.21 -176.66
C LYS K 574 101.20 -208.65 -177.21
N THR K 575 101.96 -207.91 -176.38
CA THR K 575 103.24 -207.38 -176.82
C THR K 575 104.23 -208.49 -177.12
N TYR K 576 104.25 -209.54 -176.29
CA TYR K 576 105.13 -210.67 -176.54
C TYR K 576 104.75 -211.40 -177.82
N ILE K 577 103.44 -211.57 -178.06
CA ILE K 577 103.00 -212.23 -179.29
C ILE K 577 103.37 -211.39 -180.51
N GLN K 578 103.23 -210.07 -180.41
CA GLN K 578 103.60 -209.21 -181.52
C GLN K 578 105.11 -209.26 -181.79
N LEU K 579 105.91 -209.26 -180.72
CA LEU K 579 107.36 -209.37 -180.89
C LEU K 579 107.74 -210.71 -181.52
N LEU K 580 107.08 -211.79 -181.10
CA LEU K 580 107.37 -213.10 -181.69
C LEU K 580 106.98 -213.14 -183.16
N ILE K 581 105.83 -212.55 -183.51
CA ILE K 581 105.40 -212.53 -184.91
C ILE K 581 106.33 -211.66 -185.74
N ARG K 582 106.89 -210.61 -185.15
CA ARG K 582 107.82 -209.77 -185.90
C ARG K 582 109.17 -210.45 -186.08
N GLU K 583 109.62 -211.19 -185.06
CA GLU K 583 110.90 -211.89 -185.14
C GLU K 583 110.80 -213.25 -185.81
N LYS K 584 109.59 -213.68 -186.19
CA LYS K 584 109.37 -214.96 -186.85
C LYS K 584 109.84 -216.13 -185.99
N HIS K 585 109.24 -216.23 -184.80
CA HIS K 585 109.58 -217.29 -183.86
C HIS K 585 108.37 -217.62 -182.98
N THR K 586 107.22 -217.83 -183.60
CA THR K 586 105.98 -218.14 -182.88
C THR K 586 105.77 -219.64 -182.70
N ASN K 587 106.85 -220.43 -182.71
CA ASN K 587 106.74 -221.87 -182.53
C ASN K 587 106.59 -222.29 -181.07
N LEU K 588 106.71 -221.36 -180.13
CA LEU K 588 106.57 -221.67 -178.72
C LEU K 588 105.76 -220.61 -177.98
N ILE K 589 104.83 -219.96 -178.68
CA ILE K 589 103.98 -218.93 -178.06
C ILE K 589 102.77 -219.51 -177.35
N ALA K 590 102.60 -220.83 -177.36
CA ALA K 590 101.45 -221.43 -176.70
C ALA K 590 101.53 -221.27 -175.19
N PHE K 591 102.75 -221.34 -174.62
CA PHE K 591 102.90 -221.17 -173.19
C PHE K 591 102.54 -219.76 -172.75
N TYR K 592 102.76 -218.76 -173.60
CA TYR K 592 102.37 -217.39 -173.27
C TYR K 592 100.90 -217.13 -173.58
N THR K 593 100.35 -217.83 -174.57
CA THR K 593 98.94 -217.63 -174.90
C THR K 593 98.02 -218.31 -173.89
N CYS K 594 98.47 -219.41 -173.28
CA CYS K 594 97.67 -220.13 -172.30
C CYS K 594 97.66 -219.45 -170.93
N HIS K 595 98.39 -218.35 -170.76
CA HIS K 595 98.42 -217.65 -169.48
C HIS K 595 97.12 -216.89 -169.22
N LEU K 596 96.37 -216.58 -170.27
CA LEU K 596 95.11 -215.86 -170.12
C LEU K 596 94.00 -216.60 -170.87
N PRO K 597 92.81 -216.00 -170.99
CA PRO K 597 91.72 -216.68 -171.69
C PRO K 597 91.50 -216.13 -173.09
N GLN K 598 92.51 -215.44 -173.63
CA GLN K 598 92.44 -214.84 -174.96
C GLN K 598 93.24 -215.64 -175.99
N ASP K 599 93.37 -216.95 -175.79
CA ASP K 599 94.10 -217.80 -176.71
C ASP K 599 93.24 -218.33 -177.85
N LEU K 600 91.93 -218.13 -177.79
CA LEU K 600 91.05 -218.62 -178.84
C LEU K 600 91.09 -217.76 -180.10
N ALA K 601 91.47 -216.49 -179.97
CA ALA K 601 91.54 -215.58 -181.11
C ALA K 601 92.90 -215.60 -181.80
N VAL K 602 93.90 -216.24 -181.20
CA VAL K 602 95.23 -216.29 -181.79
C VAL K 602 95.44 -217.63 -182.49
N GLU K 667 95.11 -201.65 -207.06
CA GLU K 667 94.62 -202.07 -205.76
C GLU K 667 94.51 -203.60 -205.68
N ASP K 668 94.72 -204.26 -206.81
CA ASP K 668 94.65 -205.71 -206.86
C ASP K 668 95.89 -206.37 -206.27
N ARG K 669 97.03 -205.68 -206.24
CA ARG K 669 98.24 -206.26 -205.69
C ARG K 669 98.11 -206.51 -204.20
N LEU K 670 97.53 -205.55 -203.46
CA LEU K 670 97.33 -205.73 -202.03
C LEU K 670 96.35 -206.86 -201.75
N LYS K 671 95.29 -206.95 -202.55
CA LYS K 671 94.31 -208.02 -202.35
C LYS K 671 94.90 -209.39 -202.68
N ILE K 672 95.83 -209.45 -203.64
CA ILE K 672 96.46 -210.72 -203.97
C ILE K 672 97.51 -211.09 -202.92
N ASP K 673 98.18 -210.09 -202.33
CA ASP K 673 99.18 -210.38 -201.31
C ASP K 673 98.55 -210.73 -199.97
N VAL K 674 97.35 -210.20 -199.68
CA VAL K 674 96.68 -210.51 -198.41
C VAL K 674 96.19 -211.95 -198.38
N ILE K 675 95.97 -212.57 -199.54
CA ILE K 675 95.50 -213.95 -199.56
C ILE K 675 96.63 -214.92 -199.21
N ASP K 676 97.88 -214.54 -199.46
CA ASP K 676 99.00 -215.42 -199.15
C ASP K 676 99.16 -215.60 -197.64
N TRP K 677 98.95 -214.53 -196.88
CA TRP K 677 99.08 -214.62 -195.42
C TRP K 677 98.00 -215.52 -194.83
N LEU K 678 96.82 -215.56 -195.45
CA LEU K 678 95.77 -216.46 -194.97
C LEU K 678 95.95 -217.88 -195.47
N VAL K 679 96.56 -218.06 -196.64
CA VAL K 679 96.79 -219.41 -197.15
C VAL K 679 97.96 -220.07 -196.44
N PHE K 680 98.94 -219.29 -195.97
CA PHE K 680 100.07 -219.87 -195.28
C PHE K 680 99.71 -220.38 -193.89
N ASP K 681 98.64 -219.86 -193.29
CA ASP K 681 98.23 -220.30 -191.96
C ASP K 681 97.22 -221.44 -192.09
N PRO K 682 97.49 -222.62 -191.53
CA PRO K 682 96.53 -223.73 -191.66
C PRO K 682 95.39 -223.67 -190.66
N ALA K 683 95.42 -222.72 -189.71
CA ALA K 683 94.34 -222.63 -188.73
C ALA K 683 93.14 -221.87 -189.29
N GLN K 684 93.38 -220.87 -190.13
CA GLN K 684 92.32 -220.06 -190.72
C GLN K 684 91.99 -220.53 -192.13
N ARG K 685 91.70 -221.83 -192.27
CA ARG K 685 91.37 -222.37 -193.59
C ARG K 685 90.05 -221.80 -194.11
N ALA K 686 89.05 -221.69 -193.24
CA ALA K 686 87.77 -221.12 -193.66
C ALA K 686 87.93 -219.66 -194.05
N GLU K 687 88.72 -218.90 -193.29
CA GLU K 687 88.96 -217.50 -193.62
C GLU K 687 89.71 -217.37 -194.95
N ALA K 688 90.69 -218.23 -195.19
CA ALA K 688 91.41 -218.20 -196.46
C ALA K 688 90.50 -218.54 -197.62
N LEU K 689 89.62 -219.54 -197.44
CA LEU K 689 88.68 -219.90 -198.50
C LEU K 689 87.70 -218.77 -198.77
N LYS K 690 87.23 -218.10 -197.72
CA LYS K 690 86.31 -216.97 -197.92
C LYS K 690 87.01 -215.82 -198.63
N GLN K 691 88.27 -215.54 -198.27
CA GLN K 691 89.01 -214.49 -198.94
C GLN K 691 89.24 -214.83 -200.41
N GLY K 692 89.57 -216.09 -200.71
CA GLY K 692 89.74 -216.50 -202.09
C GLY K 692 88.46 -216.40 -202.89
N ASN K 693 87.33 -216.79 -202.28
CA ASN K 693 86.05 -216.67 -202.96
C ASN K 693 85.69 -215.22 -203.22
N ALA K 694 85.96 -214.34 -202.25
CA ALA K 694 85.68 -212.92 -202.44
C ALA K 694 86.57 -212.33 -203.54
N ILE K 695 87.83 -212.73 -203.58
CA ILE K 695 88.74 -212.24 -204.63
C ILE K 695 88.28 -212.73 -206.00
N MET K 696 87.85 -214.00 -206.08
CA MET K 696 87.35 -214.52 -207.35
C MET K 696 86.09 -213.80 -207.79
N ARG K 697 85.19 -213.51 -206.86
CA ARG K 697 83.97 -212.77 -207.20
C ARG K 697 84.28 -211.36 -207.66
N LYS K 698 85.23 -210.70 -206.99
CA LYS K 698 85.61 -209.34 -207.40
C LYS K 698 86.30 -209.35 -208.76
N PHE K 699 87.07 -210.40 -209.07
CA PHE K 699 87.71 -210.48 -210.38
C PHE K 699 86.71 -210.79 -211.48
N LEU K 700 85.69 -211.61 -211.16
CA LEU K 700 84.68 -211.94 -212.17
C LEU K 700 83.71 -210.78 -212.39
N ALA K 701 83.50 -209.94 -211.37
CA ALA K 701 82.60 -208.81 -211.51
C ALA K 701 83.18 -207.72 -212.41
N SER K 702 84.49 -207.67 -212.58
CA SER K 702 85.15 -206.68 -213.42
C SER K 702 85.89 -207.32 -214.59
N LYS K 703 85.60 -208.57 -214.90
CA LYS K 703 86.23 -209.30 -215.99
C LYS K 703 87.75 -209.33 -215.84
N LYS K 704 88.24 -210.15 -214.89
CA LYS K 704 89.68 -210.28 -214.62
C LYS K 704 90.01 -211.77 -214.62
N HIS K 705 90.11 -212.34 -215.83
CA HIS K 705 90.41 -213.77 -215.94
C HIS K 705 91.82 -214.08 -215.43
N GLU K 706 92.78 -213.19 -215.73
CA GLU K 706 94.15 -213.41 -215.26
C GLU K 706 94.21 -213.34 -213.74
N ALA K 707 93.51 -212.37 -213.14
CA ALA K 707 93.49 -212.27 -211.68
C ALA K 707 92.80 -213.48 -211.05
N ALA K 708 91.71 -213.95 -211.67
CA ALA K 708 91.04 -215.14 -211.15
C ALA K 708 91.93 -216.36 -211.23
N LYS K 709 92.67 -216.52 -212.33
CA LYS K 709 93.58 -217.65 -212.45
C LYS K 709 94.72 -217.56 -211.45
N GLU K 710 95.25 -216.35 -211.23
CA GLU K 710 96.31 -216.17 -210.25
C GLU K 710 95.83 -216.44 -208.83
N VAL K 711 94.56 -216.10 -208.53
CA VAL K 711 94.02 -216.38 -207.21
C VAL K 711 93.77 -217.87 -207.04
N PHE K 712 93.29 -218.54 -208.10
CA PHE K 712 93.05 -219.97 -208.01
C PHE K 712 94.35 -220.76 -207.89
N VAL K 713 95.42 -220.30 -208.54
CA VAL K 713 96.70 -220.97 -208.44
C VAL K 713 97.35 -220.70 -207.09
N LYS K 714 97.01 -219.57 -206.46
CA LYS K 714 97.58 -219.25 -205.16
C LYS K 714 96.82 -219.91 -204.01
N ILE K 715 95.52 -220.16 -204.19
CA ILE K 715 94.71 -220.79 -203.16
C ILE K 715 95.11 -222.26 -203.06
N PRO K 716 94.91 -222.90 -201.90
CA PRO K 716 95.31 -224.32 -201.77
C PRO K 716 94.32 -225.22 -202.47
N GLN K 717 94.83 -226.16 -203.26
CA GLN K 717 93.97 -227.10 -203.98
C GLN K 717 93.44 -228.21 -203.09
N ASP K 718 94.19 -228.58 -202.04
CA ASP K 718 93.78 -229.62 -201.12
C ASP K 718 93.15 -229.06 -199.85
N SER K 719 92.62 -227.83 -199.89
CA SER K 719 92.01 -227.24 -198.72
C SER K 719 90.60 -227.77 -198.48
N ILE K 720 89.92 -228.22 -199.54
CA ILE K 720 88.57 -228.74 -199.38
C ILE K 720 88.60 -230.07 -198.63
N ALA K 721 89.67 -230.84 -198.79
CA ALA K 721 89.83 -232.11 -198.09
C ALA K 721 90.44 -231.95 -196.71
N GLU K 722 90.82 -230.73 -196.31
CA GLU K 722 91.40 -230.48 -195.00
C GLU K 722 90.53 -229.65 -194.09
N ILE K 723 89.69 -228.77 -194.65
CA ILE K 723 88.83 -227.94 -193.82
C ILE K 723 87.60 -228.69 -193.33
N TYR K 724 87.26 -229.81 -193.95
CA TYR K 724 86.10 -230.60 -193.55
C TYR K 724 86.43 -231.48 -192.35
N LEU K 736 80.72 -229.53 -190.87
CA LEU K 736 80.52 -228.51 -191.89
C LEU K 736 79.62 -227.39 -191.38
N PRO K 737 79.74 -226.20 -191.97
CA PRO K 737 78.89 -225.08 -191.53
C PRO K 737 78.30 -224.32 -192.70
N ALA K 738 77.40 -223.39 -192.41
CA ALA K 738 76.77 -222.60 -193.47
C ALA K 738 77.76 -221.66 -194.13
N GLU K 739 78.69 -221.11 -193.35
CA GLU K 739 79.71 -220.22 -193.91
C GLU K 739 80.79 -220.98 -194.66
N ASP K 740 80.91 -222.29 -194.44
CA ASP K 740 81.91 -223.10 -195.11
C ASP K 740 81.38 -223.75 -196.38
N ASP K 741 80.16 -224.31 -196.32
CA ASP K 741 79.58 -224.95 -197.49
C ASP K 741 79.32 -223.94 -198.60
N ASN K 742 78.81 -222.76 -198.25
CA ASN K 742 78.57 -221.73 -199.26
C ASN K 742 79.87 -221.27 -199.89
N ALA K 743 80.92 -221.12 -199.09
CA ALA K 743 82.22 -220.71 -199.63
C ALA K 743 82.79 -221.79 -200.54
N ILE K 744 82.64 -223.06 -200.16
CA ILE K 744 83.13 -224.15 -201.01
C ILE K 744 82.37 -224.19 -202.32
N ARG K 745 81.05 -223.98 -202.27
CA ARG K 745 80.24 -223.96 -203.49
C ARG K 745 80.63 -222.80 -204.38
N GLU K 746 80.87 -221.63 -203.80
CA GLU K 746 81.30 -220.47 -204.58
C GLU K 746 82.66 -220.71 -205.23
N HIS K 747 83.58 -221.32 -204.48
CA HIS K 747 84.90 -221.62 -205.04
C HIS K 747 84.79 -222.64 -206.18
N LEU K 748 83.94 -223.66 -206.01
CA LEU K 748 83.75 -224.64 -207.08
C LEU K 748 83.14 -224.00 -208.32
N CYS K 749 82.17 -223.11 -208.12
CA CYS K 749 81.56 -222.41 -209.26
C CYS K 749 82.57 -221.52 -209.96
N ILE K 750 83.42 -220.82 -209.20
CA ILE K 750 84.44 -219.97 -209.80
C ILE K 750 85.44 -220.81 -210.58
N ARG K 751 85.83 -221.97 -210.03
CA ARG K 751 86.77 -222.84 -210.73
C ARG K 751 86.15 -223.39 -212.02
N ALA K 752 84.86 -223.76 -211.97
CA ALA K 752 84.19 -224.25 -213.16
C ALA K 752 84.09 -223.16 -214.22
N TYR K 753 83.78 -221.92 -213.80
CA TYR K 753 83.72 -220.81 -214.76
C TYR K 753 85.08 -220.53 -215.37
N LEU K 754 86.14 -220.58 -214.56
CA LEU K 754 87.49 -220.36 -215.08
C LEU K 754 87.88 -221.45 -216.07
N GLU K 755 87.52 -222.71 -215.77
CA GLU K 755 87.82 -223.81 -216.68
C GLU K 755 87.04 -223.66 -217.99
N ALA K 756 85.77 -223.28 -217.91
CA ALA K 756 84.98 -223.08 -219.12
C ALA K 756 85.49 -221.91 -219.95
N HIS K 757 86.01 -220.87 -219.29
CA HIS K 757 86.59 -219.75 -220.03
C HIS K 757 87.90 -220.15 -220.69
N GLU K 758 88.74 -220.90 -219.97
CA GLU K 758 90.01 -221.35 -220.56
C GLU K 758 89.80 -222.32 -221.71
N THR K 759 88.76 -223.16 -221.62
CA THR K 759 88.47 -224.06 -222.74
C THR K 759 87.90 -223.30 -223.93
N PHE K 760 87.05 -222.30 -223.67
CA PHE K 760 86.48 -221.51 -224.75
C PHE K 760 87.56 -220.70 -225.46
N ASN K 761 88.51 -220.13 -224.71
CA ASN K 761 89.60 -219.39 -225.33
C ASN K 761 90.47 -220.29 -226.19
N GLU K 762 90.76 -221.49 -225.70
CA GLU K 762 91.55 -222.44 -226.49
C GLU K 762 90.82 -222.86 -227.75
N TRP K 763 89.49 -223.09 -227.65
CA TRP K 763 88.71 -223.45 -228.82
C TRP K 763 88.70 -222.31 -229.84
N PHE K 764 88.56 -221.07 -229.37
CA PHE K 764 88.57 -219.93 -230.28
C PHE K 764 89.93 -219.77 -230.94
N LYS K 765 91.02 -219.97 -230.18
CA LYS K 765 92.36 -219.87 -230.77
C LYS K 765 92.61 -220.97 -231.77
N HIS K 766 92.07 -222.17 -231.53
CA HIS K 766 92.25 -223.26 -232.49
C HIS K 766 91.40 -223.06 -233.73
N MET K 767 90.21 -222.46 -233.59
CA MET K 767 89.35 -222.23 -234.74
C MET K 767 89.82 -221.03 -235.57
N ASN K 768 90.49 -220.07 -234.95
CA ASN K 768 90.99 -218.88 -235.64
C ASN K 768 92.35 -219.11 -236.29
N SER K 769 92.84 -220.36 -236.32
CA SER K 769 94.13 -220.68 -236.92
C SER K 769 93.97 -221.93 -237.79
N VAL K 770 93.04 -221.88 -238.73
CA VAL K 770 92.77 -223.00 -239.63
C VAL K 770 93.81 -222.98 -240.75
N PRO K 771 93.97 -224.08 -241.49
CA PRO K 771 94.96 -224.10 -242.57
C PRO K 771 94.43 -223.41 -243.82
N GLN K 772 95.27 -222.59 -244.43
CA GLN K 772 94.88 -221.87 -245.63
C GLN K 772 94.94 -222.78 -246.85
N LYS K 773 94.36 -222.32 -247.95
CA LYS K 773 94.34 -223.08 -249.19
C LYS K 773 95.64 -222.87 -249.96
N PRO K 774 95.81 -223.58 -251.07
CA PRO K 774 97.04 -223.43 -251.86
C PRO K 774 97.01 -222.16 -252.71
N ALA K 775 98.20 -221.59 -252.89
CA ALA K 775 98.35 -220.37 -253.68
C ALA K 775 98.29 -220.73 -255.17
N LEU K 776 97.17 -220.42 -255.81
CA LEU K 776 97.00 -220.71 -257.22
C LEU K 776 97.73 -219.67 -258.06
N ILE K 777 98.39 -220.14 -259.12
CA ILE K 777 99.14 -219.28 -260.02
C ILE K 777 98.80 -219.63 -261.46
N PRO K 778 98.48 -218.65 -262.30
CA PRO K 778 98.15 -218.96 -263.70
C PRO K 778 99.39 -219.22 -264.53
N GLN K 779 99.23 -220.06 -265.55
CA GLN K 779 100.29 -220.46 -266.47
C GLN K 779 101.46 -221.05 -265.70
N PRO K 780 101.31 -222.21 -265.09
CA PRO K 780 102.39 -222.82 -264.33
C PRO K 780 103.29 -223.68 -265.22
N THR K 781 104.41 -224.09 -264.65
CA THR K 781 105.38 -224.93 -265.35
C THR K 781 105.29 -226.37 -264.84
N PHE K 782 106.23 -227.21 -265.28
CA PHE K 782 106.22 -228.61 -264.86
C PHE K 782 106.49 -228.75 -263.37
N THR K 783 107.46 -228.00 -262.85
CA THR K 783 107.75 -228.05 -261.41
C THR K 783 106.65 -227.36 -260.62
N GLU K 784 106.08 -226.29 -261.17
CA GLU K 784 105.01 -225.58 -260.47
C GLU K 784 103.76 -226.45 -260.33
N LYS K 785 103.46 -227.25 -261.36
CA LYS K 785 102.31 -228.15 -261.28
C LYS K 785 102.52 -229.21 -260.20
N VAL K 786 103.74 -229.76 -260.12
CA VAL K 786 104.02 -230.76 -259.10
C VAL K 786 103.97 -230.14 -257.71
N ALA K 787 104.45 -228.91 -257.57
CA ALA K 787 104.39 -228.23 -256.27
C ALA K 787 102.94 -227.97 -255.86
N HIS K 788 102.11 -227.53 -256.81
CA HIS K 788 100.70 -227.31 -256.51
C HIS K 788 100.00 -228.61 -256.15
N GLU K 789 100.34 -229.71 -256.84
CA GLU K 789 99.73 -231.00 -256.52
C GLU K 789 100.14 -231.46 -255.13
N HIS K 790 101.42 -231.28 -254.76
CA HIS K 790 101.86 -231.65 -253.43
C HIS K 790 101.19 -230.79 -252.37
N LYS K 791 101.03 -229.49 -252.64
CA LYS K 791 100.35 -228.61 -251.69
C LYS K 791 98.89 -229.02 -251.51
N GLU K 792 98.21 -229.36 -252.61
CA GLU K 792 96.82 -229.79 -252.51
C GLU K 792 96.70 -231.13 -251.79
N LYS K 793 97.68 -232.02 -251.97
CA LYS K 793 97.64 -233.30 -251.27
C LYS K 793 97.88 -233.11 -249.77
N LYS K 794 98.79 -232.20 -249.40
CA LYS K 794 99.02 -231.93 -247.99
C LYS K 794 97.84 -231.21 -247.36
N TYR K 795 97.16 -230.35 -248.12
CA TYR K 795 95.99 -229.64 -247.59
C TYR K 795 94.84 -230.60 -247.30
N GLU K 796 94.72 -231.69 -248.06
CA GLU K 796 93.66 -232.67 -247.82
C GLU K 796 93.75 -233.25 -246.42
N MET K 797 94.96 -233.38 -245.88
CA MET K 797 95.15 -233.86 -244.51
C MET K 797 95.18 -232.71 -243.50
N ASP K 798 95.72 -231.56 -243.90
CA ASP K 798 95.77 -230.42 -242.97
C ASP K 798 94.37 -229.94 -242.60
N PHE K 799 93.49 -229.81 -243.60
CA PHE K 799 92.12 -229.37 -243.32
C PHE K 799 91.38 -230.42 -242.49
N GLY K 800 91.62 -231.70 -242.74
CA GLY K 800 90.99 -232.73 -241.94
C GLY K 800 91.44 -232.70 -240.49
N ILE K 801 92.74 -232.51 -240.27
CA ILE K 801 93.25 -232.42 -238.91
C ILE K 801 92.71 -231.18 -238.20
N TRP K 802 92.63 -230.06 -238.93
CA TRP K 802 92.10 -228.84 -238.34
C TRP K 802 90.62 -228.97 -238.01
N LYS K 803 89.87 -229.69 -238.84
CA LYS K 803 88.46 -229.92 -238.55
C LYS K 803 88.28 -230.85 -237.36
N GLY K 804 89.10 -231.90 -237.27
CA GLY K 804 89.03 -232.78 -236.12
C GLY K 804 89.38 -232.09 -234.82
N HIS K 805 90.45 -231.29 -234.82
CA HIS K 805 90.82 -230.56 -233.62
C HIS K 805 89.76 -229.53 -233.25
N LEU K 806 89.18 -228.87 -234.26
CA LEU K 806 88.11 -227.90 -233.98
C LEU K 806 86.89 -228.58 -233.40
N ASP K 807 86.51 -229.75 -233.92
CA ASP K 807 85.37 -230.48 -233.38
C ASP K 807 85.64 -230.94 -231.96
N ALA K 808 86.86 -231.41 -231.68
CA ALA K 808 87.20 -231.81 -230.32
C ALA K 808 87.15 -230.63 -229.36
N LEU K 809 87.68 -229.48 -229.77
CA LEU K 809 87.64 -228.29 -228.93
C LEU K 809 86.20 -227.83 -228.69
N THR K 810 85.36 -227.90 -229.72
CA THR K 810 83.96 -227.52 -229.56
C THR K 810 83.23 -228.46 -228.62
N ALA K 811 83.48 -229.77 -228.74
CA ALA K 811 82.85 -230.74 -227.86
C ALA K 811 83.31 -230.56 -226.42
N ASP K 812 84.58 -230.18 -226.22
CA ASP K 812 85.06 -229.92 -224.87
C ASP K 812 84.45 -228.64 -224.30
N VAL K 813 84.35 -227.59 -225.11
CA VAL K 813 83.80 -226.33 -224.64
C VAL K 813 82.31 -226.48 -224.33
N LYS K 814 81.60 -227.28 -225.12
CA LYS K 814 80.18 -227.51 -224.83
C LYS K 814 79.99 -228.22 -223.50
N GLU K 815 80.81 -229.24 -223.24
CA GLU K 815 80.72 -229.95 -221.96
C GLU K 815 81.09 -229.04 -220.80
N LYS K 816 82.11 -228.19 -220.99
CA LYS K 816 82.49 -227.25 -219.94
C LYS K 816 81.37 -226.26 -219.65
N MET K 817 80.74 -225.73 -220.70
CA MET K 817 79.64 -224.80 -220.49
C MET K 817 78.45 -225.48 -219.83
N TYR K 818 78.17 -226.72 -220.20
CA TYR K 818 77.07 -227.45 -219.58
C TYR K 818 77.35 -227.70 -218.10
N ASN K 819 78.59 -228.07 -217.77
CA ASN K 819 78.94 -228.30 -216.37
C ASN K 819 78.93 -227.00 -215.57
N VAL K 820 79.27 -225.87 -216.21
CA VAL K 820 79.25 -224.59 -215.51
C VAL K 820 77.82 -224.10 -215.31
N LEU K 821 76.93 -224.35 -216.26
CA LEU K 821 75.53 -223.90 -216.15
C LEU K 821 74.73 -224.85 -215.27
N LEU K 822 74.47 -226.05 -215.77
CA LEU K 822 73.68 -227.04 -215.03
C LEU K 822 74.53 -227.61 -213.90
N PHE K 823 74.44 -226.96 -212.75
CA PHE K 823 75.18 -227.38 -211.57
C PHE K 823 74.26 -228.09 -210.59
N VAL K 824 74.76 -229.18 -210.00
CA VAL K 824 73.97 -229.95 -209.05
C VAL K 824 73.82 -229.16 -207.75
N ASP K 825 72.71 -229.41 -207.05
CA ASP K 825 72.39 -228.76 -205.77
C ASP K 825 72.35 -227.24 -205.94
N GLY K 826 71.25 -226.78 -206.51
CA GLY K 826 71.06 -225.36 -206.73
C GLY K 826 71.35 -224.93 -208.16
N GLY K 827 72.54 -224.39 -208.39
CA GLY K 827 72.93 -223.94 -209.71
C GLY K 827 74.20 -223.14 -209.65
N TRP K 828 74.38 -222.30 -210.66
CA TRP K 828 75.56 -221.44 -210.75
C TRP K 828 75.41 -220.27 -209.79
N MET K 829 76.38 -220.15 -208.86
CA MET K 829 76.39 -219.08 -207.86
C MET K 829 75.10 -219.08 -207.04
N VAL K 830 74.73 -220.25 -206.55
CA VAL K 830 73.53 -220.44 -205.73
C VAL K 830 73.92 -221.18 -204.47
N ASP K 831 73.70 -220.56 -203.31
CA ASP K 831 74.04 -221.17 -202.04
C ASP K 831 73.00 -222.23 -201.67
N VAL K 832 73.47 -223.43 -201.35
CA VAL K 832 72.55 -224.51 -200.98
C VAL K 832 72.08 -224.37 -199.54
N ARG K 833 72.91 -223.79 -198.67
CA ARG K 833 72.56 -223.61 -197.27
C ARG K 833 71.90 -222.25 -197.08
N GLU K 834 70.78 -222.24 -196.36
CA GLU K 834 70.01 -221.03 -196.08
C GLU K 834 69.97 -220.75 -194.59
N ASP K 835 71.13 -220.82 -193.93
CA ASP K 835 71.24 -220.58 -192.49
C ASP K 835 72.56 -219.88 -192.18
N ALA K 836 72.99 -218.98 -193.05
CA ALA K 836 74.22 -218.24 -192.86
C ALA K 836 73.93 -216.93 -192.12
N LYS K 837 74.84 -215.97 -192.20
CA LYS K 837 74.67 -214.69 -191.54
C LYS K 837 73.98 -213.72 -192.48
N GLU K 838 74.05 -212.43 -192.16
CA GLU K 838 73.43 -211.37 -192.98
C GLU K 838 74.47 -210.86 -193.96
N ASP K 839 74.54 -211.48 -195.13
CA ASP K 839 75.48 -211.11 -196.18
C ASP K 839 74.70 -210.62 -197.39
N HIS K 840 74.00 -209.50 -197.22
CA HIS K 840 73.20 -208.95 -198.31
C HIS K 840 74.08 -208.48 -199.46
N GLU K 841 75.19 -207.80 -199.15
CA GLU K 841 76.10 -207.35 -200.20
C GLU K 841 76.72 -208.53 -200.94
N ARG K 842 77.11 -209.57 -200.20
CA ARG K 842 77.68 -210.76 -200.84
C ARG K 842 76.66 -211.45 -201.73
N THR K 843 75.40 -211.53 -201.27
CA THR K 843 74.36 -212.15 -202.08
C THR K 843 74.09 -211.33 -203.34
N HIS K 844 74.07 -210.00 -203.21
CA HIS K 844 73.86 -209.15 -204.38
C HIS K 844 75.01 -209.29 -205.37
N GLN K 845 76.25 -209.36 -204.87
CA GLN K 845 77.40 -209.54 -205.76
C GLN K 845 77.35 -210.88 -206.46
N MET K 846 76.98 -211.94 -205.73
CA MET K 846 76.89 -213.26 -206.35
C MET K 846 75.77 -213.32 -207.37
N VAL K 847 74.67 -212.60 -207.14
CA VAL K 847 73.58 -212.56 -208.12
C VAL K 847 74.00 -211.78 -209.35
N LEU K 848 74.70 -210.66 -209.17
CA LEU K 848 75.14 -209.87 -210.31
C LEU K 848 76.17 -210.63 -211.15
N LEU K 849 77.10 -211.32 -210.49
CA LEU K 849 78.09 -212.10 -211.23
C LEU K 849 77.42 -213.24 -212.00
N ARG K 850 76.43 -213.90 -211.39
CA ARG K 850 75.73 -214.97 -212.08
C ARG K 850 74.95 -214.44 -213.27
N LYS K 851 74.29 -213.29 -213.11
CA LYS K 851 73.54 -212.70 -214.22
C LYS K 851 74.46 -212.24 -215.34
N LEU K 852 75.67 -211.77 -215.01
CA LEU K 852 76.61 -211.36 -216.03
C LEU K 852 77.27 -212.54 -216.72
N CYS K 853 77.43 -213.67 -216.01
CA CYS K 853 78.06 -214.85 -216.59
C CYS K 853 77.08 -215.71 -217.38
N LEU K 854 75.79 -215.68 -217.05
CA LEU K 854 74.83 -216.50 -217.78
C LEU K 854 74.65 -216.02 -219.22
N PRO K 855 74.45 -214.73 -219.48
CA PRO K 855 74.30 -214.30 -220.89
C PRO K 855 75.56 -214.48 -221.70
N MET K 856 76.73 -214.21 -221.11
CA MET K 856 77.99 -214.40 -221.83
C MET K 856 78.21 -215.87 -222.16
N LEU K 857 77.94 -216.77 -221.21
CA LEU K 857 78.08 -218.19 -221.46
C LEU K 857 77.09 -218.68 -222.52
N CYS K 858 75.85 -218.15 -222.48
CA CYS K 858 74.87 -218.53 -223.49
C CYS K 858 75.30 -218.07 -224.87
N PHE K 859 75.82 -216.84 -224.98
CA PHE K 859 76.28 -216.34 -226.27
C PHE K 859 77.48 -217.14 -226.77
N LEU K 860 78.39 -217.50 -225.87
CA LEU K 860 79.54 -218.32 -226.27
C LEU K 860 79.11 -219.69 -226.75
N LEU K 861 78.15 -220.31 -226.06
CA LEU K 861 77.65 -221.61 -226.48
C LEU K 861 76.95 -221.52 -227.83
N HIS K 862 76.17 -220.46 -228.04
CA HIS K 862 75.50 -220.28 -229.32
C HIS K 862 76.51 -220.08 -230.45
N THR K 863 77.55 -219.28 -230.20
CA THR K 863 78.58 -219.08 -231.21
C THR K 863 79.33 -220.37 -231.51
N ILE K 864 79.62 -221.16 -230.49
CA ILE K 864 80.32 -222.44 -230.70
C ILE K 864 79.45 -223.39 -231.50
N LEU K 865 78.14 -223.43 -231.19
CA LEU K 865 77.24 -224.31 -231.93
C LEU K 865 77.05 -223.84 -233.37
N HIS K 866 77.08 -222.53 -233.61
CA HIS K 866 76.97 -222.03 -234.98
C HIS K 866 78.24 -222.27 -235.78
N SER K 867 79.40 -222.21 -235.12
CA SER K 867 80.67 -222.44 -235.81
C SER K 867 80.91 -223.92 -236.07
N THR K 868 80.50 -224.79 -235.16
CA THR K 868 80.69 -226.23 -235.32
C THR K 868 79.61 -226.88 -236.17
N GLY K 869 78.62 -226.12 -236.62
CA GLY K 869 77.56 -226.69 -237.43
C GLY K 869 76.57 -227.54 -236.67
N GLN K 870 76.18 -227.11 -235.47
CA GLN K 870 75.23 -227.84 -234.63
C GLN K 870 73.97 -227.00 -234.50
N TYR K 871 73.17 -226.98 -235.57
CA TYR K 871 71.93 -226.21 -235.56
C TYR K 871 70.93 -226.80 -234.57
N GLN K 872 70.85 -228.13 -234.49
CA GLN K 872 69.94 -228.76 -233.53
C GLN K 872 70.34 -228.47 -232.10
N GLU K 873 71.64 -228.40 -231.81
CA GLU K 873 72.09 -228.07 -230.47
C GLU K 873 71.95 -226.58 -230.17
N CYS K 874 72.02 -225.72 -231.20
CA CYS K 874 71.85 -224.30 -230.99
C CYS K 874 70.39 -223.93 -230.76
N LEU K 875 69.47 -224.60 -231.48
CA LEU K 875 68.05 -224.33 -231.34
C LEU K 875 67.45 -224.96 -230.09
N GLN K 876 68.16 -225.88 -229.44
CA GLN K 876 67.67 -226.54 -228.23
C GLN K 876 67.96 -225.77 -226.96
N LEU K 877 68.70 -224.65 -227.05
CA LEU K 877 69.01 -223.85 -225.87
C LEU K 877 67.82 -223.05 -225.37
N ALA K 878 66.81 -222.83 -226.22
CA ALA K 878 65.64 -222.06 -225.79
C ALA K 878 64.86 -222.78 -224.70
N ASP K 879 64.76 -224.11 -224.78
CA ASP K 879 64.07 -224.86 -223.75
C ASP K 879 64.88 -224.92 -222.45
N MET K 880 66.20 -225.02 -222.58
CA MET K 880 67.05 -225.06 -221.39
C MET K 880 67.08 -223.72 -220.67
N VAL K 881 66.99 -222.61 -221.42
CA VAL K 881 66.99 -221.28 -220.81
C VAL K 881 65.60 -220.82 -220.40
N SER K 882 64.59 -221.69 -220.53
CA SER K 882 63.22 -221.33 -220.16
C SER K 882 62.54 -222.34 -219.25
N SER K 883 63.11 -223.54 -219.08
CA SER K 883 62.50 -224.53 -218.21
C SER K 883 62.61 -224.11 -216.75
N GLU K 884 61.74 -224.67 -215.92
CA GLU K 884 61.71 -224.36 -214.50
C GLU K 884 62.74 -225.15 -213.70
N ARG K 885 63.54 -226.01 -214.35
CA ARG K 885 64.54 -226.78 -213.64
C ARG K 885 65.75 -225.95 -213.24
N HIS K 886 66.01 -224.85 -213.94
CA HIS K 886 67.15 -223.99 -213.64
C HIS K 886 66.79 -222.51 -213.52
N LYS K 887 65.66 -222.06 -214.06
CA LYS K 887 65.24 -220.67 -214.00
C LYS K 887 66.29 -219.74 -214.58
N LEU K 888 66.71 -220.04 -215.81
CA LEU K 888 67.71 -219.24 -216.50
C LEU K 888 67.13 -218.02 -217.19
N TYR K 889 65.80 -217.93 -217.31
CA TYR K 889 65.18 -216.79 -217.96
C TYR K 889 65.13 -215.56 -217.07
N LEU K 890 65.23 -215.73 -215.75
CA LEU K 890 65.19 -214.59 -214.85
C LEU K 890 66.51 -213.82 -214.83
N VAL K 891 67.63 -214.50 -215.11
CA VAL K 891 68.92 -213.83 -215.11
C VAL K 891 69.16 -213.03 -216.38
N PHE K 892 68.49 -213.37 -217.48
CA PHE K 892 68.66 -212.65 -218.72
C PHE K 892 67.78 -211.40 -218.75
N SER K 893 68.19 -210.43 -219.58
CA SER K 893 67.47 -209.18 -219.73
C SER K 893 66.80 -209.14 -221.10
N LYS K 894 66.20 -207.99 -221.42
CA LYS K 894 65.51 -207.84 -222.70
C LYS K 894 66.48 -207.93 -223.86
N GLU K 895 67.66 -207.31 -223.74
CA GLU K 895 68.65 -207.39 -224.81
C GLU K 895 69.15 -208.81 -224.99
N GLU K 896 69.38 -209.53 -223.88
CA GLU K 896 69.82 -210.91 -223.98
C GLU K 896 68.76 -211.78 -224.62
N LEU K 897 67.49 -211.57 -224.27
CA LEU K 897 66.41 -212.34 -224.88
C LEU K 897 66.29 -212.04 -226.37
N ARG K 898 66.45 -210.77 -226.75
CA ARG K 898 66.40 -210.42 -228.17
C ARG K 898 67.56 -211.04 -228.93
N LYS K 899 68.76 -211.04 -228.34
CA LYS K 899 69.90 -211.67 -228.99
C LYS K 899 69.70 -213.17 -229.13
N LEU K 900 69.14 -213.82 -228.11
CA LEU K 900 68.87 -215.25 -228.19
C LEU K 900 67.83 -215.56 -229.26
N LEU K 901 66.79 -214.73 -229.35
CA LEU K 901 65.76 -214.94 -230.37
C LEU K 901 66.32 -214.70 -231.78
N GLN K 902 67.24 -213.75 -231.93
CA GLN K 902 67.85 -213.50 -233.23
C GLN K 902 68.79 -214.62 -233.62
N LYS K 903 69.48 -215.21 -232.63
CA LYS K 903 70.38 -216.32 -232.91
C LYS K 903 69.61 -217.59 -233.25
N LEU K 904 68.49 -217.82 -232.56
CA LEU K 904 67.68 -219.01 -232.84
C LEU K 904 67.09 -218.95 -234.24
N ARG K 905 66.62 -217.78 -234.67
CA ARG K 905 66.09 -217.65 -236.03
C ARG K 905 67.17 -217.85 -237.07
N GLU K 906 68.37 -217.32 -236.84
CA GLU K 906 69.47 -217.50 -237.77
C GLU K 906 69.90 -218.96 -237.84
N SER K 907 69.84 -219.68 -236.72
CA SER K 907 70.18 -221.10 -236.73
C SER K 907 69.10 -221.91 -237.45
N SER K 908 67.83 -221.57 -237.23
CA SER K 908 66.75 -222.27 -237.92
C SER K 908 66.79 -222.05 -239.41
N LEU K 909 67.13 -220.82 -239.84
CA LEU K 909 67.25 -220.54 -241.26
C LEU K 909 68.36 -221.36 -241.90
N MET K 910 69.50 -221.47 -241.22
CA MET K 910 70.60 -222.28 -241.74
C MET K 910 70.24 -223.75 -241.78
N LEU K 911 69.51 -224.23 -240.75
CA LEU K 911 69.10 -225.63 -240.73
C LEU K 911 68.11 -225.93 -241.86
N LEU K 912 67.22 -224.97 -242.16
CA LEU K 912 66.28 -225.17 -243.24
C LEU K 912 66.95 -225.08 -244.61
N ASP K 913 67.96 -224.23 -244.74
CA ASP K 913 68.67 -224.11 -246.02
C ASP K 913 69.61 -225.28 -246.26
N GLN K 914 70.08 -225.92 -245.19
CA GLN K 914 70.98 -227.06 -245.35
C GLN K 914 70.23 -228.29 -245.85
N GLY K 915 68.97 -228.44 -245.47
CA GLY K 915 68.18 -229.58 -245.90
C GLY K 915 67.10 -229.98 -244.91
N LEU K 916 67.24 -229.51 -243.67
CA LEU K 916 66.27 -229.83 -242.63
C LEU K 916 65.16 -228.78 -242.58
N ASP K 917 64.64 -228.51 -241.39
CA ASP K 917 63.59 -227.52 -241.22
C ASP K 917 63.99 -226.47 -240.20
N PRO K 918 63.06 -225.99 -239.37
CA PRO K 918 63.42 -224.98 -238.37
C PRO K 918 64.09 -225.58 -237.15
N LEU K 919 63.46 -226.59 -236.55
CA LEU K 919 64.01 -227.25 -235.37
C LEU K 919 65.03 -228.33 -235.71
N GLY K 920 65.26 -228.60 -237.00
CA GLY K 920 66.22 -229.61 -237.41
C GLY K 920 65.62 -230.96 -237.77
N TYR K 921 64.31 -231.13 -237.64
CA TYR K 921 63.68 -232.39 -237.96
C TYR K 921 63.50 -232.54 -239.47
N GLU K 922 63.29 -233.78 -239.91
CA GLU K 922 63.11 -234.06 -241.32
C GLU K 922 61.68 -233.73 -241.74
N ILE K 923 61.55 -233.03 -242.87
CA ILE K 923 60.24 -232.65 -243.38
C ILE K 923 59.64 -233.84 -244.11
N GLN K 924 58.66 -234.49 -243.48
CA GLN K 924 58.01 -235.65 -244.07
C GLN K 924 56.88 -235.24 -245.00
N LYS L 333 132.41 -199.16 -66.28
CA LYS L 333 132.60 -200.34 -65.46
C LYS L 333 132.37 -200.03 -63.99
N LEU L 334 132.30 -198.74 -63.66
CA LEU L 334 132.09 -198.28 -62.29
C LEU L 334 130.62 -197.98 -62.00
N TYR L 335 129.72 -198.36 -62.90
CA TYR L 335 128.29 -198.13 -62.74
C TYR L 335 127.59 -199.44 -62.44
N GLN L 336 126.49 -199.36 -61.67
CA GLN L 336 125.73 -200.55 -61.33
C GLN L 336 124.69 -200.90 -62.38
N THR L 337 124.30 -199.94 -63.21
CA THR L 337 123.33 -200.18 -64.27
C THR L 337 123.91 -201.15 -65.29
N PRO L 338 125.20 -201.02 -65.64
CA PRO L 338 125.80 -201.99 -66.56
C PRO L 338 125.84 -203.40 -65.99
N LEU L 339 126.17 -203.53 -64.70
CA LEU L 339 126.17 -204.85 -64.07
C LEU L 339 124.77 -205.44 -64.03
N GLU L 340 123.77 -204.62 -63.75
CA GLU L 340 122.39 -205.10 -63.72
C GLU L 340 121.92 -205.50 -65.11
N LEU L 341 122.37 -204.80 -66.15
CA LEU L 341 121.98 -205.17 -67.51
C LEU L 341 122.70 -206.43 -67.98
N LYS L 342 123.95 -206.62 -67.52
CA LYS L 342 124.71 -207.80 -67.93
C LYS L 342 124.28 -209.04 -67.16
N LEU L 343 123.83 -208.89 -65.91
CA LEU L 343 123.41 -210.03 -65.12
C LEU L 343 122.07 -210.61 -65.59
N LYS L 344 121.25 -209.81 -66.26
CA LYS L 344 119.96 -210.25 -66.75
C LYS L 344 120.03 -210.97 -68.09
N HIS L 345 121.19 -210.94 -68.75
CA HIS L 345 121.38 -211.60 -70.04
C HIS L 345 122.09 -212.93 -69.92
N SER L 346 122.07 -213.56 -68.75
CA SER L 346 122.71 -214.84 -68.53
C SER L 346 121.79 -215.74 -67.73
N THR L 347 122.05 -217.03 -67.81
CA THR L 347 121.26 -218.06 -67.11
C THR L 347 122.21 -218.83 -66.19
N VAL L 348 122.33 -218.37 -64.95
CA VAL L 348 123.20 -219.01 -63.97
C VAL L 348 122.48 -220.19 -63.34
N HIS L 349 123.23 -221.22 -62.99
CA HIS L 349 122.71 -222.42 -62.37
C HIS L 349 123.56 -222.80 -61.17
N VAL L 350 122.91 -223.10 -60.05
CA VAL L 350 123.61 -223.47 -58.83
C VAL L 350 124.00 -224.94 -58.92
N ASP L 351 125.30 -225.20 -59.07
CA ASP L 351 125.82 -226.56 -59.17
C ASP L 351 126.93 -226.74 -58.16
N GLU L 352 126.70 -227.61 -57.17
CA GLU L 352 127.67 -227.90 -56.12
C GLU L 352 128.06 -226.63 -55.36
N LEU L 353 127.04 -225.81 -55.04
CA LEU L 353 127.24 -224.56 -54.31
C LEU L 353 128.21 -223.64 -55.05
N CYS L 354 128.06 -223.54 -56.37
CA CYS L 354 128.92 -222.70 -57.18
C CYS L 354 128.19 -222.26 -58.44
N PRO L 355 128.05 -220.95 -58.68
CA PRO L 355 127.36 -220.50 -59.88
C PRO L 355 128.27 -220.52 -61.10
N LEU L 356 127.69 -220.91 -62.24
CA LEU L 356 128.43 -220.99 -63.50
C LEU L 356 127.51 -220.56 -64.63
N ILE L 357 128.01 -219.68 -65.49
CA ILE L 357 127.25 -219.18 -66.63
C ILE L 357 127.57 -220.06 -67.83
N VAL L 358 126.60 -220.87 -68.25
CA VAL L 358 126.78 -221.76 -69.39
C VAL L 358 126.02 -221.19 -70.59
N PRO L 359 124.95 -220.43 -70.38
CA PRO L 359 124.21 -219.87 -71.52
C PRO L 359 124.08 -218.36 -71.42
N ASN L 360 124.90 -217.63 -72.16
CA ASN L 360 124.89 -216.17 -72.17
C ASN L 360 124.76 -215.68 -73.60
N LEU L 361 123.78 -214.82 -73.84
CA LEU L 361 123.54 -214.25 -75.17
C LEU L 361 124.06 -212.82 -75.28
N GLY L 362 124.91 -212.39 -74.37
CA GLY L 362 125.45 -211.05 -74.40
C GLY L 362 125.92 -210.61 -73.03
N VAL L 363 126.75 -209.57 -73.03
CA VAL L 363 127.30 -209.02 -71.80
C VAL L 363 127.57 -207.53 -72.01
N ALA L 364 127.42 -206.76 -70.93
CA ALA L 364 127.65 -205.32 -71.00
C ALA L 364 128.92 -204.94 -70.24
N VAL L 365 130.02 -205.64 -70.52
CA VAL L 365 131.30 -205.36 -69.87
C VAL L 365 132.07 -204.34 -70.71
N ILE L 366 133.37 -204.21 -70.43
CA ILE L 366 134.22 -203.28 -71.16
C ILE L 366 134.73 -203.96 -72.42
N HIS L 367 134.47 -203.35 -73.57
CA HIS L 367 134.88 -203.88 -74.88
C HIS L 367 134.32 -205.29 -75.10
N ASP L 368 133.00 -205.37 -75.13
CA ASP L 368 132.32 -206.65 -75.30
C ASP L 368 131.81 -206.81 -76.73
N TYR L 369 130.50 -207.00 -76.89
CA TYR L 369 129.91 -207.19 -78.21
C TYR L 369 129.10 -205.97 -78.63
N ALA L 370 127.84 -206.17 -78.98
CA ALA L 370 126.99 -205.07 -79.43
C ALA L 370 126.36 -204.30 -78.27
N ASP L 371 126.37 -204.85 -77.06
CA ASP L 371 125.78 -204.18 -75.91
C ASP L 371 126.74 -203.19 -75.25
N TRP L 372 128.02 -203.23 -75.58
CA TRP L 372 129.01 -202.34 -74.99
C TRP L 372 129.18 -201.04 -75.77
N VAL L 373 128.55 -200.92 -76.94
CA VAL L 373 128.69 -199.71 -77.75
C VAL L 373 127.84 -198.56 -77.19
N LYS L 374 126.78 -198.86 -76.45
CA LYS L 374 125.93 -197.81 -75.90
C LYS L 374 126.52 -197.16 -74.65
N GLU L 375 127.50 -197.81 -74.01
CA GLU L 375 128.12 -197.28 -72.81
C GLU L 375 129.44 -196.58 -73.10
N ALA L 376 129.63 -196.09 -74.32
CA ALA L 376 130.86 -195.40 -74.73
C ALA L 376 130.46 -194.07 -75.37
N SER L 377 130.43 -193.01 -74.55
CA SER L 377 130.07 -191.69 -75.02
C SER L 377 131.08 -190.69 -74.48
N GLY L 378 130.71 -189.41 -74.47
CA GLY L 378 131.59 -188.37 -73.97
C GLY L 378 131.64 -188.23 -72.46
N ASP L 379 130.72 -188.87 -71.74
CA ASP L 379 130.68 -188.80 -70.29
C ASP L 379 130.91 -190.14 -69.63
N LEU L 380 131.19 -191.20 -70.40
CA LEU L 380 131.43 -192.52 -69.85
C LEU L 380 132.89 -192.90 -70.04
N PRO L 381 133.36 -193.04 -71.28
CA PRO L 381 134.77 -193.41 -71.50
C PRO L 381 135.62 -192.21 -71.85
N GLU L 382 135.51 -191.15 -71.05
CA GLU L 382 136.27 -189.90 -71.24
C GLU L 382 135.92 -189.35 -72.62
N ALA L 383 136.89 -188.79 -73.36
CA ALA L 383 136.62 -188.25 -74.69
C ALA L 383 137.83 -188.42 -75.59
N GLN L 384 139.03 -188.33 -75.02
CA GLN L 384 140.26 -188.48 -75.78
C GLN L 384 140.62 -189.93 -76.08
N ILE L 385 140.03 -190.88 -75.36
CA ILE L 385 140.31 -192.29 -75.58
C ILE L 385 138.99 -193.06 -75.70
N VAL L 386 138.05 -192.50 -76.46
CA VAL L 386 136.76 -193.13 -76.65
C VAL L 386 136.52 -193.53 -78.10
N LYS L 387 137.04 -192.77 -79.07
CA LYS L 387 136.83 -193.12 -80.48
C LYS L 387 137.52 -194.43 -80.84
N HIS L 388 138.74 -194.64 -80.33
CA HIS L 388 139.45 -195.88 -80.61
C HIS L 388 138.72 -197.08 -80.00
N TRP L 389 138.21 -196.92 -78.78
CA TRP L 389 137.46 -198.00 -78.14
C TRP L 389 136.16 -198.28 -78.89
N SER L 390 135.48 -197.24 -79.35
CA SER L 390 134.25 -197.45 -80.12
C SER L 390 134.54 -198.15 -81.44
N LEU L 391 135.63 -197.78 -82.11
CA LEU L 391 136.01 -198.44 -83.35
C LEU L 391 136.37 -199.90 -83.12
N THR L 392 137.12 -200.18 -82.04
CA THR L 392 137.47 -201.56 -81.73
C THR L 392 136.26 -202.39 -81.37
N TRP L 393 135.27 -201.79 -80.71
CA TRP L 393 134.04 -202.51 -80.40
C TRP L 393 133.21 -202.77 -81.66
N THR L 394 133.13 -201.77 -82.55
CA THR L 394 132.38 -201.95 -83.79
C THR L 394 133.03 -203.01 -84.68
N LEU L 395 134.36 -203.03 -84.74
CA LEU L 395 135.04 -204.04 -85.54
C LEU L 395 134.79 -205.44 -85.00
N CYS L 396 134.82 -205.59 -83.67
CA CYS L 396 134.56 -206.90 -83.08
C CYS L 396 133.10 -207.31 -83.25
N GLU L 397 132.17 -206.35 -83.24
CA GLU L 397 130.77 -206.68 -83.43
C GLU L 397 130.47 -207.02 -84.88
N ALA L 398 131.20 -206.43 -85.82
CA ALA L 398 130.99 -206.71 -87.24
C ALA L 398 131.73 -207.95 -87.72
N LEU L 399 132.84 -208.31 -87.07
CA LEU L 399 133.61 -209.49 -87.48
C LEU L 399 133.21 -210.73 -86.69
N TRP L 400 133.40 -210.71 -85.37
CA TRP L 400 133.09 -211.84 -84.52
C TRP L 400 131.60 -211.91 -84.15
N GLY L 401 130.79 -210.97 -84.61
CA GLY L 401 129.38 -210.99 -84.28
C GLY L 401 128.60 -211.87 -85.25
N HIS L 402 127.61 -212.58 -84.70
CA HIS L 402 126.76 -213.46 -85.48
C HIS L 402 125.59 -212.66 -86.06
N LEU L 403 125.61 -212.46 -87.38
CA LEU L 403 124.55 -211.70 -88.03
C LEU L 403 123.29 -212.56 -88.19
N LYS L 404 122.14 -211.93 -88.01
CA LYS L 404 120.85 -212.60 -88.12
C LYS L 404 120.00 -211.88 -89.15
N GLU L 405 119.32 -212.66 -90.00
CA GLU L 405 118.46 -212.11 -91.04
C GLU L 405 117.02 -211.99 -90.54
N LEU L 406 116.30 -211.04 -91.12
CA LEU L 406 114.90 -210.82 -90.73
C LEU L 406 113.99 -211.85 -91.37
N ASP L 407 113.75 -211.73 -92.67
CA ASP L 407 112.89 -212.67 -93.39
C ASP L 407 113.69 -213.91 -93.78
N SER L 408 113.14 -215.08 -93.48
CA SER L 408 113.80 -216.33 -93.80
C SER L 408 113.58 -216.69 -95.26
N GLN L 409 114.54 -217.44 -95.82
CA GLN L 409 114.49 -217.87 -97.20
C GLN L 409 114.11 -219.34 -97.27
N LEU L 410 114.20 -219.93 -98.47
CA LEU L 410 113.86 -221.33 -98.64
C LEU L 410 115.00 -222.24 -98.19
N ASN L 411 116.21 -221.99 -98.68
CA ASN L 411 117.38 -222.79 -98.33
C ASN L 411 117.97 -222.24 -97.03
N GLU L 412 117.85 -223.02 -95.96
CA GLU L 412 118.37 -222.61 -94.66
C GLU L 412 119.60 -223.45 -94.31
N PRO L 413 120.12 -224.24 -95.23
CA PRO L 413 121.31 -225.06 -94.93
C PRO L 413 122.59 -224.26 -95.02
N ARG L 414 122.61 -223.25 -95.88
CA ARG L 414 123.78 -222.40 -96.08
C ARG L 414 123.51 -221.01 -95.48
N GLU L 415 124.38 -220.06 -95.82
CA GLU L 415 124.25 -218.70 -95.32
C GLU L 415 124.82 -217.76 -96.40
N TYR L 416 123.93 -217.24 -97.23
CA TYR L 416 124.30 -216.32 -98.31
C TYR L 416 123.91 -214.88 -98.05
N ILE L 417 122.83 -214.63 -97.33
CA ILE L 417 122.42 -213.25 -97.05
C ILE L 417 123.23 -212.68 -95.88
N GLN L 418 123.47 -213.49 -94.85
CA GLN L 418 124.23 -213.01 -93.70
C GLN L 418 125.69 -212.76 -94.07
N ILE L 419 126.27 -213.63 -94.90
CA ILE L 419 127.66 -213.44 -95.32
C ILE L 419 127.80 -212.19 -96.17
N LEU L 420 126.77 -211.85 -96.95
CA LEU L 420 126.82 -210.62 -97.74
C LEU L 420 126.60 -209.39 -96.86
N GLU L 421 125.70 -209.50 -95.88
CA GLU L 421 125.46 -208.36 -94.99
C GLU L 421 126.68 -208.06 -94.14
N ARG L 422 127.37 -209.09 -93.64
CA ARG L 422 128.58 -208.87 -92.85
C ARG L 422 129.67 -208.22 -93.70
N ARG L 423 129.82 -208.68 -94.95
CA ARG L 423 130.81 -208.08 -95.84
C ARG L 423 130.48 -206.63 -96.14
N ARG L 424 129.20 -206.32 -96.36
CA ARG L 424 128.79 -204.95 -96.62
C ARG L 424 129.05 -204.06 -95.41
N ALA L 425 128.76 -204.58 -94.21
CA ALA L 425 129.02 -203.80 -92.99
C ALA L 425 130.51 -203.57 -92.80
N PHE L 426 131.33 -204.59 -93.06
CA PHE L 426 132.78 -204.43 -92.94
C PHE L 426 133.30 -203.40 -93.95
N SER L 427 132.77 -203.44 -95.18
CA SER L 427 133.20 -202.47 -96.18
C SER L 427 132.78 -201.06 -95.81
N ARG L 428 131.56 -200.90 -95.28
CA ARG L 428 131.11 -199.58 -94.86
C ARG L 428 131.91 -199.06 -93.67
N TRP L 429 132.33 -199.95 -92.77
CA TRP L 429 133.16 -199.52 -91.65
C TRP L 429 134.56 -199.14 -92.13
N LEU L 430 135.13 -199.92 -93.05
CA LEU L 430 136.45 -199.60 -93.57
C LEU L 430 136.45 -198.29 -94.34
N SER L 431 135.39 -198.03 -95.11
CA SER L 431 135.30 -196.77 -95.85
C SER L 431 135.18 -195.59 -94.89
N CYS L 432 134.38 -195.73 -93.84
CA CYS L 432 134.24 -194.66 -92.86
C CYS L 432 135.53 -194.42 -92.09
N THR L 433 136.31 -195.49 -91.85
CA THR L 433 137.58 -195.33 -91.16
C THR L 433 138.66 -194.74 -92.06
N ALA L 434 138.61 -195.02 -93.36
CA ALA L 434 139.61 -194.51 -94.29
C ALA L 434 139.27 -193.15 -94.85
N THR L 435 138.02 -192.70 -94.73
CA THR L 435 137.67 -191.36 -95.22
C THR L 435 138.44 -190.25 -94.53
N PRO L 436 138.79 -190.34 -93.25
CA PRO L 436 139.57 -189.25 -92.64
C PRO L 436 140.96 -189.10 -93.22
N GLN L 437 141.53 -190.17 -93.78
CA GLN L 437 142.83 -190.12 -94.41
C GLN L 437 142.74 -190.00 -95.92
N ILE L 438 141.53 -190.06 -96.49
CA ILE L 438 141.35 -189.96 -97.94
C ILE L 438 140.82 -188.57 -98.28
N GLU L 439 140.23 -187.89 -97.30
CA GLU L 439 139.71 -186.55 -97.53
C GLU L 439 140.84 -185.54 -97.73
N GLU L 440 142.00 -185.78 -97.13
CA GLU L 440 143.12 -184.86 -97.27
C GLU L 440 143.94 -185.16 -98.52
N GLU L 441 143.99 -186.42 -98.95
CA GLU L 441 144.74 -186.79 -100.14
C GLU L 441 144.02 -186.42 -101.44
N VAL L 442 142.71 -186.23 -101.39
CA VAL L 442 141.97 -185.86 -102.60
C VAL L 442 142.16 -184.39 -102.95
N SER L 443 142.50 -183.55 -101.97
CA SER L 443 142.70 -182.13 -102.25
C SER L 443 144.04 -181.88 -102.92
N LEU L 444 145.08 -182.60 -102.51
CA LEU L 444 146.41 -182.42 -103.10
C LEU L 444 146.53 -183.07 -104.48
N THR L 445 145.72 -184.10 -104.76
CA THR L 445 145.77 -184.76 -106.05
C THR L 445 145.00 -184.03 -107.13
N GLN L 446 144.06 -183.15 -106.75
CA GLN L 446 143.28 -182.40 -107.73
C GLN L 446 144.08 -181.32 -108.43
N LYS L 447 145.17 -180.85 -107.81
CA LYS L 447 146.02 -179.81 -108.40
C LYS L 447 147.22 -180.40 -109.14
N ASN L 448 147.30 -181.73 -109.26
CA ASN L 448 148.41 -182.36 -109.96
C ASN L 448 147.92 -183.12 -111.18
N SER L 449 147.22 -184.24 -111.01
CA SER L 449 146.72 -185.03 -112.11
C SER L 449 145.24 -185.33 -111.89
N PRO L 450 144.37 -185.06 -112.86
CA PRO L 450 142.94 -185.34 -112.67
C PRO L 450 142.57 -186.81 -112.80
N VAL L 451 143.47 -187.66 -113.29
CA VAL L 451 143.16 -189.08 -113.44
C VAL L 451 143.24 -189.82 -112.11
N GLU L 452 143.94 -189.26 -111.12
CA GLU L 452 144.06 -189.92 -109.82
C GLU L 452 142.85 -189.70 -108.93
N ALA L 453 141.96 -188.76 -109.28
CA ALA L 453 140.78 -188.52 -108.46
C ALA L 453 139.84 -189.72 -108.45
N VAL L 454 139.65 -190.35 -109.61
CA VAL L 454 138.79 -191.53 -109.68
C VAL L 454 139.40 -192.68 -108.88
N PHE L 455 140.72 -192.86 -108.97
CA PHE L 455 141.37 -193.92 -108.21
C PHE L 455 141.32 -193.66 -106.71
N SER L 456 141.37 -192.40 -106.30
CA SER L 456 141.28 -192.06 -104.88
C SER L 456 139.86 -192.21 -104.36
N TYR L 457 138.86 -191.90 -105.18
CA TYR L 457 137.47 -192.02 -104.76
C TYR L 457 136.96 -193.45 -104.82
N LEU L 458 137.56 -194.31 -105.66
CA LEU L 458 137.11 -195.69 -105.76
C LEU L 458 137.50 -196.52 -104.54
N THR L 459 138.47 -196.06 -103.75
CA THR L 459 138.89 -196.80 -102.57
C THR L 459 137.92 -196.64 -101.41
N GLY L 460 137.03 -195.66 -101.46
CA GLY L 460 136.07 -195.45 -100.38
C GLY L 460 134.70 -196.02 -100.69
N LYS L 461 134.66 -197.08 -101.49
CA LYS L 461 133.41 -197.75 -101.88
C LYS L 461 132.44 -196.77 -102.54
N ARG L 462 132.95 -196.02 -103.51
CA ARG L 462 132.18 -195.03 -104.25
C ARG L 462 132.28 -195.36 -105.73
N ILE L 463 131.25 -196.02 -106.27
CA ILE L 463 131.25 -196.39 -107.68
C ILE L 463 130.66 -195.27 -108.53
N SER L 464 129.50 -194.74 -108.12
CA SER L 464 128.87 -193.66 -108.89
C SER L 464 129.68 -192.38 -108.79
N GLU L 465 130.26 -192.10 -107.62
CA GLU L 465 131.07 -190.90 -107.47
C GLU L 465 132.33 -190.96 -108.34
N ALA L 466 132.90 -192.14 -108.53
CA ALA L 466 134.05 -192.28 -109.40
C ALA L 466 133.64 -192.24 -110.87
N CYS L 467 132.50 -192.84 -111.21
CA CYS L 467 132.03 -192.83 -112.59
C CYS L 467 131.70 -191.41 -113.05
N SER L 468 131.06 -190.62 -112.18
CA SER L 468 130.75 -189.24 -112.53
C SER L 468 132.02 -188.41 -112.71
N LEU L 469 133.02 -188.63 -111.86
CA LEU L 469 134.27 -187.88 -111.99
C LEU L 469 135.03 -188.30 -113.25
N ALA L 470 134.94 -189.57 -113.62
CA ALA L 470 135.60 -190.02 -114.85
C ALA L 470 134.87 -189.52 -116.09
N GLN L 471 133.55 -189.40 -116.03
CA GLN L 471 132.79 -188.92 -117.18
C GLN L 471 132.92 -187.41 -117.34
N GLN L 472 132.99 -186.67 -116.24
CA GLN L 472 133.12 -185.20 -116.28
C GLN L 472 134.57 -184.75 -116.26
N SER L 473 135.44 -185.39 -117.05
CA SER L 473 136.84 -185.02 -117.10
C SER L 473 137.49 -185.31 -118.45
N GLY L 474 136.69 -185.48 -119.50
CA GLY L 474 137.17 -185.77 -120.83
C GLY L 474 137.20 -187.24 -121.20
N ASP L 475 137.42 -188.12 -120.22
CA ASP L 475 137.44 -189.55 -120.49
C ASP L 475 136.02 -190.10 -120.63
N HIS L 476 135.91 -191.26 -121.25
CA HIS L 476 134.62 -191.89 -121.47
C HIS L 476 134.72 -193.41 -121.25
N ARG L 477 135.87 -193.99 -121.60
CA ARG L 477 136.04 -195.43 -121.43
C ARG L 477 136.27 -195.80 -119.97
N LEU L 478 136.94 -194.93 -119.21
CA LEU L 478 137.20 -195.24 -117.81
C LEU L 478 135.90 -195.26 -117.00
N ALA L 479 134.98 -194.35 -117.30
CA ALA L 479 133.70 -194.33 -116.60
C ALA L 479 132.87 -195.57 -116.90
N LEU L 480 132.96 -196.09 -118.13
CA LEU L 480 132.23 -197.30 -118.47
C LEU L 480 132.93 -198.55 -117.93
N LEU L 481 134.25 -198.49 -117.73
CA LEU L 481 134.97 -199.64 -117.20
C LEU L 481 134.85 -199.74 -115.69
N LEU L 482 134.80 -198.60 -114.99
CA LEU L 482 134.69 -198.62 -113.53
C LEU L 482 133.29 -198.98 -113.04
N SER L 483 132.28 -198.96 -113.92
CA SER L 483 130.93 -199.29 -113.51
C SER L 483 130.73 -200.79 -113.34
N GLN L 484 131.58 -201.62 -113.93
CA GLN L 484 131.49 -203.07 -113.84
C GLN L 484 132.40 -203.63 -112.76
N PHE L 485 132.41 -203.02 -111.58
CA PHE L 485 133.24 -203.46 -110.46
C PHE L 485 132.43 -204.31 -109.48
N VAL L 486 131.78 -205.35 -109.98
CA VAL L 486 130.99 -206.22 -109.13
C VAL L 486 131.77 -207.41 -108.61
N GLY L 487 132.87 -207.78 -109.25
CA GLY L 487 133.66 -208.91 -108.81
C GLY L 487 133.33 -210.23 -109.45
N SER L 488 132.85 -210.23 -110.69
CA SER L 488 132.49 -211.44 -111.41
C SER L 488 133.59 -211.80 -112.40
N GLN L 489 133.29 -212.73 -113.31
CA GLN L 489 134.25 -213.15 -114.31
C GLN L 489 134.18 -212.24 -115.54
N SER L 490 134.28 -212.83 -116.73
CA SER L 490 134.22 -212.10 -118.00
C SER L 490 135.28 -211.01 -118.06
N VAL L 491 135.04 -209.90 -117.35
CA VAL L 491 136.00 -208.79 -117.37
C VAL L 491 137.29 -209.13 -116.64
N ARG L 492 137.25 -210.14 -115.76
CA ARG L 492 138.47 -210.51 -115.03
C ARG L 492 139.56 -211.00 -115.97
N GLU L 493 139.19 -211.84 -116.95
CA GLU L 493 140.16 -212.29 -117.93
C GLU L 493 140.41 -211.25 -119.01
N LEU L 494 139.41 -210.41 -119.30
CA LEU L 494 139.60 -209.37 -120.31
C LEU L 494 140.62 -208.34 -119.86
N LEU L 495 140.61 -207.99 -118.57
CA LEU L 495 141.61 -207.04 -118.06
C LEU L 495 143.01 -207.61 -118.15
N THR L 496 143.18 -208.89 -117.82
CA THR L 496 144.49 -209.53 -117.93
C THR L 496 144.94 -209.61 -119.38
N MET L 497 144.02 -209.91 -120.30
CA MET L 497 144.38 -209.96 -121.71
C MET L 497 144.80 -208.58 -122.22
N GLN L 498 144.07 -207.54 -121.81
CA GLN L 498 144.43 -206.18 -122.22
C GLN L 498 145.78 -205.77 -121.66
N LEU L 499 146.05 -206.15 -120.40
CA LEU L 499 147.35 -205.84 -119.80
C LEU L 499 148.48 -206.57 -120.51
N VAL L 500 148.26 -207.83 -120.88
CA VAL L 500 149.29 -208.59 -121.58
C VAL L 500 149.50 -208.04 -122.98
N ASP L 501 148.45 -207.53 -123.61
CA ASP L 501 148.59 -206.94 -124.95
C ASP L 501 149.30 -205.60 -124.88
N TRP L 502 149.04 -204.82 -123.83
CA TRP L 502 149.68 -203.51 -123.70
C TRP L 502 151.11 -203.61 -123.20
N HIS L 503 151.46 -204.71 -122.51
CA HIS L 503 152.83 -204.88 -122.04
C HIS L 503 153.82 -205.11 -123.18
N GLN L 504 153.34 -205.59 -124.33
CA GLN L 504 154.21 -205.83 -125.47
C GLN L 504 153.51 -205.48 -126.77
N LEU L 505 153.68 -206.33 -127.79
CA LEU L 505 153.07 -206.14 -129.10
C LEU L 505 153.43 -204.79 -129.69
N GLN L 506 152.62 -203.76 -129.41
CA GLN L 506 152.85 -202.41 -129.93
C GLN L 506 153.82 -201.67 -129.00
N ALA L 507 155.10 -202.05 -129.13
CA ALA L 507 156.20 -201.47 -128.35
C ALA L 507 155.89 -201.69 -126.87
N ASP L 508 155.94 -200.66 -126.02
CA ASP L 508 155.66 -200.81 -124.60
C ASP L 508 154.34 -200.20 -124.17
N SER L 509 153.75 -199.32 -124.98
CA SER L 509 152.49 -198.66 -124.67
C SER L 509 152.54 -197.94 -123.33
N PHE L 510 153.19 -196.78 -123.31
CA PHE L 510 153.31 -196.00 -122.07
C PHE L 510 151.99 -195.32 -121.74
N ILE L 511 151.18 -195.97 -120.92
CA ILE L 511 149.88 -195.42 -120.52
C ILE L 511 150.04 -194.64 -119.22
N GLN L 512 148.92 -194.18 -118.66
CA GLN L 512 148.96 -193.42 -117.43
C GLN L 512 149.10 -194.35 -116.22
N ASP L 513 149.60 -193.79 -115.12
CA ASP L 513 149.79 -194.58 -113.90
C ASP L 513 148.48 -194.78 -113.14
N GLU L 514 147.56 -193.82 -113.24
CA GLU L 514 146.29 -193.94 -112.54
C GLU L 514 145.33 -194.89 -113.25
N ARG L 515 145.37 -194.93 -114.58
CA ARG L 515 144.48 -195.82 -115.32
C ARG L 515 144.91 -197.27 -115.22
N LEU L 516 146.21 -197.53 -115.09
CA LEU L 516 146.69 -198.90 -115.00
C LEU L 516 146.19 -199.58 -113.73
N ARG L 517 146.19 -198.86 -112.61
CA ARG L 517 145.70 -199.44 -111.36
C ARG L 517 144.19 -199.71 -111.44
N ILE L 518 143.44 -198.81 -112.07
CA ILE L 518 142.00 -199.02 -112.20
C ILE L 518 141.70 -200.18 -113.13
N PHE L 519 142.54 -200.38 -114.16
CA PHE L 519 142.33 -201.50 -115.07
C PHE L 519 142.72 -202.83 -114.43
N ALA L 520 143.76 -202.83 -113.58
CA ALA L 520 144.19 -204.05 -112.92
C ALA L 520 143.32 -204.40 -111.72
N LEU L 521 142.65 -203.43 -111.12
CA LEU L 521 141.80 -203.72 -109.97
C LEU L 521 140.51 -204.44 -110.37
N LEU L 522 140.13 -204.38 -111.65
CA LEU L 522 138.92 -205.05 -112.13
C LEU L 522 139.17 -206.48 -112.55
N ALA L 523 140.38 -207.01 -112.37
CA ALA L 523 140.71 -208.37 -112.73
C ALA L 523 140.62 -209.34 -111.56
N GLY L 524 140.19 -208.88 -110.39
CA GLY L 524 140.08 -209.72 -109.22
C GLY L 524 141.35 -209.87 -108.41
N LYS L 525 142.47 -209.32 -108.88
CA LYS L 525 143.74 -209.43 -108.17
C LYS L 525 144.60 -208.24 -108.58
N PRO L 526 144.82 -207.28 -107.68
CA PRO L 526 145.64 -206.11 -108.03
C PRO L 526 147.11 -206.31 -107.63
N VAL L 527 147.35 -207.13 -106.61
CA VAL L 527 148.71 -207.39 -106.15
C VAL L 527 148.92 -208.90 -106.04
N TRP L 528 148.54 -209.62 -107.11
CA TRP L 528 148.70 -211.07 -107.12
C TRP L 528 148.87 -211.58 -108.54
N GLN L 529 147.84 -211.42 -109.37
CA GLN L 529 147.85 -211.86 -110.77
C GLN L 529 148.20 -210.71 -111.72
N LEU L 530 149.20 -209.90 -111.36
CA LEU L 530 149.61 -208.76 -112.20
C LEU L 530 151.10 -208.54 -111.96
N SER L 531 151.92 -209.18 -112.80
CA SER L 531 153.37 -209.05 -112.68
C SER L 531 153.87 -207.71 -113.20
N GLU L 532 153.21 -207.15 -114.21
CA GLU L 532 153.60 -205.87 -114.78
C GLU L 532 153.05 -204.69 -113.99
N LYS L 533 151.73 -204.65 -113.82
CA LYS L 533 151.07 -203.56 -113.08
C LYS L 533 150.71 -204.04 -111.67
N LYS L 534 151.75 -204.30 -110.89
CA LYS L 534 151.58 -204.75 -109.52
C LYS L 534 151.25 -203.58 -108.61
N GLN L 535 150.35 -203.82 -107.66
CA GLN L 535 149.92 -202.81 -106.69
C GLN L 535 150.66 -202.92 -105.37
N ILE L 536 151.85 -203.51 -105.36
CA ILE L 536 152.61 -203.66 -104.12
C ILE L 536 153.42 -202.42 -103.76
N ASN L 537 153.52 -201.46 -104.66
CA ASN L 537 154.26 -200.23 -104.42
C ASN L 537 153.40 -199.11 -103.85
N VAL L 538 152.16 -199.41 -103.48
CA VAL L 538 151.25 -198.41 -102.92
C VAL L 538 151.26 -198.42 -101.40
N CYS L 539 152.20 -199.13 -100.78
CA CYS L 539 152.28 -199.20 -99.33
C CYS L 539 153.02 -198.02 -98.72
N SER L 540 153.68 -197.20 -99.54
CA SER L 540 154.40 -196.04 -99.00
C SER L 540 153.47 -194.86 -98.75
N GLN L 541 152.49 -194.66 -99.62
CA GLN L 541 151.55 -193.56 -99.47
C GLN L 541 150.30 -193.98 -98.70
N LEU L 542 149.69 -195.09 -99.09
CA LEU L 542 148.50 -195.60 -98.43
C LEU L 542 148.87 -196.51 -97.27
N ASP L 543 147.93 -196.65 -96.34
CA ASP L 543 148.12 -197.48 -95.16
C ASP L 543 147.65 -198.91 -95.46
N TRP L 544 147.63 -199.76 -94.44
CA TRP L 544 147.20 -201.14 -94.63
C TRP L 544 145.68 -201.27 -94.70
N LYS L 545 144.96 -200.33 -94.10
CA LYS L 545 143.50 -200.39 -94.13
C LYS L 545 142.96 -200.23 -95.54
N ARG L 546 143.49 -199.26 -96.29
CA ARG L 546 143.05 -199.06 -97.67
C ARG L 546 143.43 -200.25 -98.55
N SER L 547 144.63 -200.81 -98.33
CA SER L 547 145.04 -201.98 -99.11
C SER L 547 144.18 -203.19 -98.80
N LEU L 548 143.73 -203.34 -97.56
CA LEU L 548 142.84 -204.45 -97.22
C LEU L 548 141.45 -204.22 -97.78
N ALA L 549 140.97 -202.97 -97.77
CA ALA L 549 139.65 -202.67 -98.30
C ALA L 549 139.61 -202.86 -99.82
N ILE L 550 140.67 -202.47 -100.51
CA ILE L 550 140.71 -202.63 -101.96
C ILE L 550 140.77 -204.10 -102.36
N HIS L 551 141.20 -204.98 -101.46
CA HIS L 551 141.25 -206.40 -101.75
C HIS L 551 139.99 -207.13 -101.29
N LEU L 552 139.32 -206.63 -100.26
CA LEU L 552 138.11 -207.26 -99.75
C LEU L 552 136.84 -206.74 -100.41
N TRP L 553 136.90 -205.60 -101.11
CA TRP L 553 135.73 -205.02 -101.76
C TRP L 553 135.91 -204.91 -103.27
N TYR L 554 136.87 -205.65 -103.84
CA TYR L 554 137.08 -205.57 -105.29
C TYR L 554 137.72 -206.85 -105.85
N LEU L 555 137.54 -208.00 -105.21
CA LEU L 555 138.11 -209.24 -105.70
C LEU L 555 137.04 -210.32 -105.87
N LEU L 556 137.44 -211.58 -105.79
CA LEU L 556 136.50 -212.69 -105.93
C LEU L 556 135.77 -212.94 -104.61
N PRO L 557 134.65 -212.27 -104.37
CA PRO L 557 133.92 -212.47 -103.12
C PRO L 557 132.94 -213.63 -103.24
N PRO L 558 132.74 -214.15 -104.45
CA PRO L 558 131.81 -215.27 -104.62
C PRO L 558 132.53 -216.61 -104.71
N THR L 559 133.78 -216.59 -105.17
CA THR L 559 134.54 -217.83 -105.29
C THR L 559 135.08 -218.29 -103.93
N ALA L 560 135.31 -217.36 -103.01
CA ALA L 560 135.82 -217.67 -101.69
C ALA L 560 135.01 -216.92 -100.64
N SER L 561 135.20 -217.29 -99.38
CA SER L 561 134.51 -216.66 -98.27
C SER L 561 135.21 -215.37 -97.87
N ILE L 562 134.67 -214.72 -96.83
CA ILE L 562 135.27 -213.47 -96.35
C ILE L 562 136.54 -213.75 -95.56
N SER L 563 136.55 -214.83 -94.78
CA SER L 563 137.73 -215.15 -93.98
C SER L 563 138.91 -215.52 -94.87
N ARG L 564 138.67 -216.31 -95.92
CA ARG L 564 139.74 -216.68 -96.83
C ARG L 564 140.30 -215.45 -97.56
N ALA L 565 139.43 -214.54 -97.97
CA ALA L 565 139.89 -213.33 -98.63
C ALA L 565 140.69 -212.44 -97.68
N LEU L 566 140.23 -212.33 -96.43
CA LEU L 566 140.96 -211.53 -95.45
C LEU L 566 142.31 -212.15 -95.11
N SER L 567 142.39 -213.48 -95.11
CA SER L 567 143.69 -214.14 -94.86
C SER L 567 144.62 -213.98 -96.06
N MET L 568 144.08 -214.04 -97.28
CA MET L 568 144.91 -213.88 -98.46
C MET L 568 145.41 -212.45 -98.58
N TYR L 569 144.59 -211.47 -98.20
CA TYR L 569 145.01 -210.07 -98.24
C TYR L 569 145.96 -209.72 -97.11
N GLU L 570 146.08 -210.56 -96.09
CA GLU L 570 146.98 -210.32 -94.97
C GLU L 570 148.28 -211.08 -95.07
N GLU L 571 148.28 -212.26 -95.68
CA GLU L 571 149.50 -213.04 -95.84
C GLU L 571 150.44 -212.50 -96.90
N ALA L 572 149.96 -211.59 -97.75
CA ALA L 572 150.81 -211.03 -98.80
C ALA L 572 151.67 -209.88 -98.29
N PHE L 573 151.16 -209.09 -97.35
CA PHE L 573 151.90 -207.96 -96.80
C PHE L 573 151.65 -207.90 -95.30
N GLN L 574 152.74 -207.80 -94.53
CA GLN L 574 152.63 -207.74 -93.08
C GLN L 574 152.11 -206.37 -92.64
N ASN L 575 151.25 -206.37 -91.63
CA ASN L 575 150.69 -205.13 -91.11
C ASN L 575 151.40 -204.73 -89.83
N PRO L 607 150.77 -203.94 -88.97
CA PRO L 607 151.42 -203.53 -87.72
C PRO L 607 151.37 -204.62 -86.66
N LEU L 608 152.42 -204.66 -85.85
CA LEU L 608 152.54 -205.64 -84.77
C LEU L 608 152.17 -205.08 -83.41
N ARG L 609 151.70 -203.83 -83.35
CA ARG L 609 151.31 -203.20 -82.10
C ARG L 609 150.07 -202.34 -82.33
N ASP L 610 148.98 -202.98 -82.74
CA ASP L 610 147.73 -202.28 -82.99
C ASP L 610 146.57 -203.25 -82.81
N VAL L 611 145.46 -202.74 -82.30
CA VAL L 611 144.29 -203.58 -82.08
C VAL L 611 143.58 -203.87 -83.39
N CYS L 612 143.55 -202.88 -84.30
CA CYS L 612 142.90 -203.08 -85.59
C CYS L 612 143.65 -204.08 -86.46
N PHE L 613 144.99 -204.09 -86.39
CA PHE L 613 145.77 -205.03 -87.17
C PHE L 613 145.69 -206.45 -86.59
N HIS L 614 145.35 -206.58 -85.31
CA HIS L 614 145.24 -207.89 -84.69
C HIS L 614 143.84 -208.47 -84.76
N LEU L 615 142.81 -207.62 -84.74
CA LEU L 615 141.44 -208.11 -84.82
C LEU L 615 141.14 -208.72 -86.19
N LEU L 616 141.69 -208.14 -87.26
CA LEU L 616 141.49 -208.68 -88.59
C LEU L 616 142.30 -209.93 -88.85
N LYS L 617 143.35 -210.18 -88.07
CA LYS L 617 144.17 -211.38 -88.23
C LYS L 617 143.73 -212.52 -87.32
N LEU L 618 143.13 -212.21 -86.18
CA LEU L 618 142.67 -213.24 -85.25
C LEU L 618 141.29 -213.78 -85.60
N TYR L 619 140.68 -213.32 -86.69
CA TYR L 619 139.36 -213.79 -87.10
C TYR L 619 139.31 -214.24 -88.55
N SER L 620 140.41 -214.18 -89.29
CA SER L 620 140.44 -214.60 -90.68
C SER L 620 140.87 -216.05 -90.80
N ASP L 621 142.18 -216.30 -90.71
CA ASP L 621 142.71 -217.65 -90.80
C ASP L 621 142.70 -218.39 -89.48
N ARG L 622 142.19 -217.78 -88.41
CA ARG L 622 142.13 -218.40 -87.10
C ARG L 622 140.79 -219.08 -86.83
N HIS L 623 140.06 -219.45 -87.88
CA HIS L 623 138.77 -220.10 -87.70
C HIS L 623 138.92 -221.54 -87.22
N TYR L 624 140.02 -222.20 -87.58
CA TYR L 624 140.26 -223.58 -87.17
C TYR L 624 141.37 -223.71 -86.12
N ASP L 625 142.04 -222.61 -85.78
CA ASP L 625 143.11 -222.62 -84.79
C ASP L 625 143.14 -221.28 -84.08
N LEU L 626 142.08 -220.97 -83.34
CA LEU L 626 142.01 -219.71 -82.60
C LEU L 626 142.87 -219.76 -81.33
N ASN L 627 142.93 -220.93 -80.68
CA ASN L 627 143.74 -221.05 -79.48
C ASN L 627 145.23 -220.95 -79.80
N GLN L 628 145.65 -221.46 -80.96
CA GLN L 628 147.04 -221.37 -81.37
C GLN L 628 147.41 -219.99 -81.87
N LEU L 629 146.43 -219.17 -82.25
CA LEU L 629 146.68 -217.82 -82.74
C LEU L 629 146.59 -216.75 -81.66
N LEU L 630 145.71 -216.93 -80.67
CA LEU L 630 145.57 -215.95 -79.61
C LEU L 630 146.70 -216.00 -78.60
N GLU L 631 147.33 -217.16 -78.41
CA GLU L 631 148.42 -217.30 -77.44
C GLU L 631 149.71 -216.71 -78.01
N PRO L 632 149.89 -216.77 -79.34
CA PRO L 632 151.13 -216.22 -79.91
C PRO L 632 151.14 -214.70 -80.02
N ARG L 633 149.98 -214.07 -80.18
CA ARG L 633 149.91 -212.62 -80.30
C ARG L 633 150.04 -211.91 -78.95
N SER L 634 149.53 -212.52 -77.88
CA SER L 634 149.60 -211.92 -76.55
C SER L 634 150.97 -212.07 -75.90
N ILE L 635 151.78 -213.04 -76.34
CA ILE L 635 153.11 -213.27 -75.78
C ILE L 635 154.15 -212.36 -76.42
N THR L 636 153.81 -211.66 -77.49
CA THR L 636 154.72 -210.77 -78.18
C THR L 636 154.34 -209.30 -78.12
N ALA L 637 153.05 -208.99 -77.97
CA ALA L 637 152.60 -207.61 -77.91
C ALA L 637 151.39 -207.52 -76.98
N ASP L 638 151.32 -206.43 -76.23
CA ASP L 638 150.22 -206.20 -75.31
C ASP L 638 149.24 -205.19 -75.89
N PRO L 639 148.72 -205.43 -77.09
CA PRO L 639 147.78 -204.47 -77.69
C PRO L 639 146.37 -204.61 -77.12
N LEU L 640 145.99 -205.84 -76.78
CA LEU L 640 144.67 -206.10 -76.24
C LEU L 640 144.64 -205.80 -74.75
N ASP L 641 143.45 -205.44 -74.26
CA ASP L 641 143.26 -205.13 -72.85
C ASP L 641 143.07 -206.41 -72.05
N TYR L 642 142.95 -206.27 -70.73
CA TYR L 642 142.76 -207.43 -69.87
C TYR L 642 141.33 -207.94 -69.93
N ARG L 643 140.35 -207.04 -70.01
CA ARG L 643 138.95 -207.43 -70.06
C ARG L 643 138.47 -207.67 -71.49
N LEU L 644 139.07 -207.00 -72.47
CA LEU L 644 138.65 -207.17 -73.86
C LEU L 644 138.91 -208.59 -74.34
N SER L 645 140.07 -209.17 -73.99
CA SER L 645 140.37 -210.54 -74.39
C SER L 645 139.40 -211.52 -73.73
N TRP L 646 139.08 -211.31 -72.45
CA TRP L 646 138.14 -212.17 -71.77
C TRP L 646 136.75 -212.08 -72.39
N HIS L 647 136.32 -210.87 -72.75
CA HIS L 647 135.02 -210.70 -73.39
C HIS L 647 135.00 -211.37 -74.77
N LEU L 648 136.08 -211.24 -75.53
CA LEU L 648 136.14 -211.88 -76.84
C LEU L 648 136.17 -213.39 -76.73
N TRP L 649 136.82 -213.93 -75.69
CA TRP L 649 136.83 -215.38 -75.50
C TRP L 649 135.48 -215.90 -75.01
N GLU L 650 134.78 -215.12 -74.21
CA GLU L 650 133.46 -215.55 -73.72
C GLU L 650 132.38 -215.41 -74.78
N VAL L 651 132.50 -214.42 -75.67
CA VAL L 651 131.49 -214.25 -76.71
C VAL L 651 131.67 -215.27 -77.83
N LEU L 652 132.91 -215.71 -78.08
CA LEU L 652 133.16 -216.69 -79.12
C LEU L 652 132.83 -218.11 -78.69
N ARG L 653 132.81 -218.38 -77.39
CA ARG L 653 132.49 -219.71 -76.89
C ARG L 653 131.01 -219.91 -76.60
N ALA L 654 130.26 -218.84 -76.40
CA ALA L 654 128.83 -218.91 -76.12
C ALA L 654 127.97 -218.75 -77.36
N LEU L 655 128.59 -218.50 -78.53
CA LEU L 655 127.84 -218.32 -79.77
C LEU L 655 128.28 -219.31 -80.85
N ASN L 656 129.11 -220.30 -80.51
CA ASN L 656 129.59 -221.30 -81.45
C ASN L 656 130.29 -220.65 -82.64
N TYR L 657 131.25 -219.76 -82.34
CA TYR L 657 132.00 -219.05 -83.37
C TYR L 657 133.30 -219.77 -83.72
N THR L 658 134.13 -220.05 -82.72
CA THR L 658 135.39 -220.73 -82.95
C THR L 658 135.71 -221.59 -81.73
N HIS L 659 136.77 -222.39 -81.85
CA HIS L 659 137.21 -223.26 -80.78
C HIS L 659 138.11 -222.51 -79.82
N LEU L 660 137.83 -222.61 -78.52
CA LEU L 660 138.60 -221.94 -77.49
C LEU L 660 138.94 -222.93 -76.39
N SER L 661 140.14 -222.79 -75.82
CA SER L 661 140.58 -223.68 -74.76
C SER L 661 139.94 -223.28 -73.43
N ALA L 662 139.98 -224.21 -72.48
CA ALA L 662 139.42 -223.98 -71.16
C ALA L 662 140.40 -223.29 -70.22
N GLN L 663 141.69 -223.65 -70.30
CA GLN L 663 142.67 -223.03 -69.43
C GLN L 663 142.85 -221.55 -69.74
N CYS L 664 142.90 -221.20 -71.03
CA CYS L 664 143.03 -219.80 -71.41
C CYS L 664 141.81 -219.00 -70.99
N GLU L 665 140.60 -219.57 -71.16
CA GLU L 665 139.40 -218.89 -70.75
C GLU L 665 139.37 -218.68 -69.23
N GLY L 666 139.79 -219.70 -68.48
CA GLY L 666 139.84 -219.54 -67.03
C GLY L 666 140.86 -218.50 -66.59
N VAL L 667 142.02 -218.46 -67.25
CA VAL L 667 143.02 -217.46 -66.92
C VAL L 667 142.51 -216.06 -67.25
N LEU L 668 141.81 -215.90 -68.38
CA LEU L 668 141.25 -214.60 -68.72
C LEU L 668 140.17 -214.18 -67.73
N GLN L 669 139.34 -215.12 -67.30
CA GLN L 669 138.31 -214.80 -66.32
C GLN L 669 138.93 -214.41 -64.98
N ALA L 670 139.98 -215.11 -64.56
CA ALA L 670 140.66 -214.76 -63.32
C ALA L 670 141.31 -213.39 -63.42
N SER L 671 141.94 -213.08 -64.57
CA SER L 671 142.54 -211.77 -64.74
C SER L 671 141.50 -210.67 -64.72
N TYR L 672 140.35 -210.91 -65.35
CA TYR L 672 139.28 -209.92 -65.33
C TYR L 672 138.72 -209.71 -63.93
N ALA L 673 138.54 -210.80 -63.18
CA ALA L 673 138.06 -210.68 -61.81
C ALA L 673 139.07 -209.97 -60.92
N GLY L 674 140.36 -210.17 -61.16
CA GLY L 674 141.36 -209.47 -60.38
C GLY L 674 141.43 -207.98 -60.73
N GLN L 675 141.30 -207.66 -62.02
CA GLN L 675 141.31 -206.26 -62.43
C GLN L 675 140.07 -205.52 -61.95
N LEU L 676 138.92 -206.21 -61.89
CA LEU L 676 137.71 -205.57 -61.39
C LEU L 676 137.74 -205.41 -59.87
N GLU L 677 138.44 -206.30 -59.16
CA GLU L 677 138.52 -206.22 -57.71
C GLU L 677 139.63 -205.29 -57.23
N SER L 678 140.66 -205.05 -58.05
CA SER L 678 141.73 -204.16 -57.65
C SER L 678 141.30 -202.70 -57.62
N GLU L 679 140.23 -202.36 -58.34
CA GLU L 679 139.74 -200.98 -58.36
C GLU L 679 138.74 -200.69 -57.25
N GLY L 680 137.89 -201.67 -56.92
CA GLY L 680 136.90 -201.48 -55.87
C GLY L 680 135.54 -202.05 -56.22
N LEU L 681 135.41 -202.60 -57.42
CA LEU L 681 134.16 -203.18 -57.88
C LEU L 681 134.07 -204.62 -57.39
N TRP L 682 133.04 -204.91 -56.57
CA TRP L 682 132.86 -206.26 -56.05
C TRP L 682 131.88 -207.08 -56.88
N GLU L 683 130.79 -206.46 -57.33
CA GLU L 683 129.80 -207.19 -58.13
C GLU L 683 130.39 -207.61 -59.47
N TRP L 684 131.12 -206.71 -60.14
CA TRP L 684 131.75 -207.06 -61.41
C TRP L 684 132.79 -208.14 -61.24
N ALA L 685 133.58 -208.07 -60.15
CA ALA L 685 134.58 -209.10 -59.90
C ALA L 685 133.92 -210.45 -59.63
N ILE L 686 132.82 -210.46 -58.88
CA ILE L 686 132.11 -211.70 -58.61
C ILE L 686 131.52 -212.28 -59.89
N PHE L 687 130.96 -211.42 -60.74
CA PHE L 687 130.40 -211.89 -62.00
C PHE L 687 131.48 -212.41 -62.94
N VAL L 688 132.67 -211.82 -62.90
CA VAL L 688 133.76 -212.31 -63.75
C VAL L 688 134.32 -213.62 -63.20
N LEU L 689 134.34 -213.78 -61.89
CA LEU L 689 134.86 -215.02 -61.29
C LEU L 689 133.87 -216.17 -61.41
N LEU L 690 132.56 -215.88 -61.45
CA LEU L 690 131.57 -216.93 -61.57
C LEU L 690 131.59 -217.59 -62.95
N HIS L 691 132.11 -216.90 -63.96
CA HIS L 691 132.18 -217.45 -65.32
C HIS L 691 133.50 -218.17 -65.57
N ILE L 692 133.79 -219.18 -64.75
CA ILE L 692 135.02 -219.94 -64.87
C ILE L 692 134.70 -221.36 -65.31
N ASP L 693 135.69 -222.25 -65.27
CA ASP L 693 135.52 -223.64 -65.66
C ASP L 693 135.62 -224.60 -64.48
N ASN L 694 136.71 -224.53 -63.72
CA ASN L 694 136.88 -225.40 -62.57
C ASN L 694 136.00 -224.95 -61.41
N SER L 695 135.34 -225.91 -60.75
CA SER L 695 134.47 -225.58 -59.63
C SER L 695 135.27 -225.26 -58.37
N GLY L 696 136.36 -225.98 -58.14
CA GLY L 696 137.16 -225.73 -56.96
C GLY L 696 137.81 -224.36 -56.97
N ILE L 697 138.24 -223.90 -58.15
CA ILE L 697 138.83 -222.57 -58.26
C ILE L 697 137.75 -221.49 -58.18
N ARG L 698 136.59 -221.75 -58.78
CA ARG L 698 135.50 -220.77 -58.74
C ARG L 698 134.98 -220.57 -57.32
N GLU L 699 134.87 -221.66 -56.56
CA GLU L 699 134.42 -221.55 -55.17
C GLU L 699 135.42 -220.75 -54.34
N LYS L 700 136.71 -220.99 -54.54
CA LYS L 700 137.73 -220.24 -53.81
C LYS L 700 137.71 -218.76 -54.20
N ALA L 701 137.52 -218.47 -55.49
CA ALA L 701 137.45 -217.08 -55.92
C ALA L 701 136.22 -216.38 -55.33
N VAL L 702 135.09 -217.08 -55.27
CA VAL L 702 133.89 -216.50 -54.68
C VAL L 702 134.08 -216.27 -53.19
N ARG L 703 134.70 -217.21 -52.49
CA ARG L 703 134.95 -217.04 -51.06
C ARG L 703 135.93 -215.90 -50.80
N GLU L 704 136.90 -215.70 -51.69
CA GLU L 704 137.83 -214.59 -51.52
C GLU L 704 137.15 -213.26 -51.80
N LEU L 705 136.31 -213.21 -52.83
CA LEU L 705 135.60 -211.97 -53.15
C LEU L 705 134.59 -211.59 -52.07
N LEU L 706 133.96 -212.60 -51.44
CA LEU L 706 133.02 -212.31 -50.37
C LEU L 706 133.73 -211.88 -49.10
N THR L 707 134.93 -212.41 -48.85
CA THR L 707 135.68 -212.03 -47.65
C THR L 707 136.37 -210.69 -47.81
N ARG L 708 136.75 -210.32 -49.04
CA ARG L 708 137.40 -209.03 -49.25
C ARG L 708 136.41 -207.88 -49.14
N HIS L 709 135.16 -208.09 -49.55
CA HIS L 709 134.14 -207.07 -49.49
C HIS L 709 132.78 -207.73 -49.43
N CYS L 710 131.97 -207.34 -48.43
CA CYS L 710 130.63 -207.90 -48.28
C CYS L 710 129.60 -206.93 -47.73
N GLN L 711 130.00 -205.89 -46.99
CA GLN L 711 129.03 -204.95 -46.44
C GLN L 711 128.51 -203.97 -47.49
N LEU L 712 129.20 -203.83 -48.62
CA LEU L 712 128.79 -202.92 -49.68
C LEU L 712 128.13 -203.64 -50.84
N LEU L 713 127.85 -204.94 -50.70
CA LEU L 713 127.22 -205.73 -51.75
C LEU L 713 125.91 -206.34 -51.25
N GLU L 714 125.12 -205.55 -50.53
CA GLU L 714 123.84 -206.00 -50.00
C GLU L 714 122.75 -205.00 -50.40
N THR L 715 121.53 -205.28 -49.97
CA THR L 715 120.39 -204.42 -50.28
C THR L 715 120.38 -203.22 -49.35
N PRO L 716 120.85 -203.36 -48.11
CA PRO L 716 120.85 -202.23 -47.18
C PRO L 716 122.09 -202.20 -46.30
N GLU L 717 122.03 -201.44 -45.21
CA GLU L 717 123.13 -201.30 -44.25
C GLU L 717 124.40 -200.80 -44.95
N SER L 718 124.33 -199.53 -45.35
CA SER L 718 125.43 -198.86 -46.04
C SER L 718 125.83 -199.61 -47.32
N TRP L 719 124.84 -199.82 -48.19
CA TRP L 719 125.07 -200.52 -49.44
C TRP L 719 123.99 -200.11 -50.43
N ALA L 720 124.35 -200.15 -51.72
CA ALA L 720 123.42 -199.80 -52.80
C ALA L 720 123.73 -200.70 -54.00
N LYS L 721 123.10 -201.87 -54.00
CA LYS L 721 123.27 -202.86 -55.05
C LYS L 721 122.01 -202.91 -55.92
N GLU L 722 122.01 -203.86 -56.88
CA GLU L 722 120.88 -204.03 -57.79
C GLU L 722 119.97 -205.14 -57.25
N THR L 723 119.30 -204.82 -56.15
CA THR L 723 118.38 -205.73 -55.48
C THR L 723 119.05 -207.05 -55.13
N PHE L 724 119.90 -207.04 -54.09
CA PHE L 724 120.61 -208.22 -53.64
C PHE L 724 121.45 -208.83 -54.75
N LEU L 725 122.62 -208.24 -55.02
CA LEU L 725 123.48 -208.75 -56.07
C LEU L 725 124.16 -210.07 -55.69
N THR L 726 124.24 -210.37 -54.39
CA THR L 726 124.86 -211.62 -53.95
C THR L 726 123.96 -212.83 -54.16
N GLN L 727 122.66 -212.62 -54.35
CA GLN L 727 121.72 -213.70 -54.56
C GLN L 727 121.04 -213.67 -55.92
N LYS L 728 121.20 -212.60 -56.70
CA LYS L 728 120.57 -212.51 -58.01
C LYS L 728 121.29 -213.34 -59.07
N LEU L 729 122.57 -213.68 -58.85
CA LEU L 729 123.35 -214.47 -59.79
C LEU L 729 123.38 -215.95 -59.42
N ARG L 730 122.38 -216.42 -58.66
CA ARG L 730 122.30 -217.82 -58.24
C ARG L 730 123.55 -218.25 -57.48
N VAL L 731 124.00 -217.40 -56.57
CA VAL L 731 125.20 -217.69 -55.77
C VAL L 731 124.76 -218.10 -54.36
N PRO L 732 125.70 -218.45 -53.48
CA PRO L 732 125.33 -218.85 -52.12
C PRO L 732 125.11 -217.62 -51.25
N ALA L 733 123.86 -217.45 -50.78
CA ALA L 733 123.54 -216.31 -49.93
C ALA L 733 124.00 -216.49 -48.49
N LYS L 734 124.24 -217.74 -48.07
CA LYS L 734 124.69 -217.97 -46.69
C LYS L 734 126.17 -217.67 -46.51
N TRP L 735 126.96 -217.74 -47.59
CA TRP L 735 128.39 -217.46 -47.47
C TRP L 735 128.65 -215.96 -47.38
N ILE L 736 127.86 -215.15 -48.09
CA ILE L 736 128.04 -213.71 -48.06
C ILE L 736 127.74 -213.16 -46.67
N HIS L 737 126.67 -213.66 -46.04
CA HIS L 737 126.33 -213.21 -44.69
C HIS L 737 127.40 -213.62 -43.68
N GLU L 738 127.93 -214.83 -43.82
CA GLU L 738 128.98 -215.28 -42.92
C GLU L 738 130.25 -214.45 -43.10
N ALA L 739 130.59 -214.12 -44.35
CA ALA L 739 131.76 -213.28 -44.60
C ALA L 739 131.56 -211.87 -44.03
N LYS L 740 130.36 -211.31 -44.19
CA LYS L 740 130.08 -209.99 -43.64
C LYS L 740 130.15 -210.01 -42.12
N ALA L 741 129.65 -211.07 -41.49
CA ALA L 741 129.73 -211.17 -40.03
C ALA L 741 131.17 -211.31 -39.56
N VAL L 742 131.97 -212.10 -40.28
CA VAL L 742 133.38 -212.27 -39.91
C VAL L 742 134.14 -210.97 -40.09
N ARG L 743 133.77 -210.17 -41.10
CA ARG L 743 134.42 -208.88 -41.30
C ARG L 743 134.01 -207.88 -40.23
N ALA L 744 132.73 -207.90 -39.84
CA ALA L 744 132.27 -206.98 -38.82
C ALA L 744 132.81 -207.34 -37.44
N HIS L 745 133.04 -208.62 -37.18
CA HIS L 745 133.60 -209.03 -35.90
C HIS L 745 135.05 -208.63 -35.75
N MET L 746 135.74 -208.34 -36.85
CA MET L 746 137.14 -207.93 -36.81
C MET L 746 137.32 -206.43 -37.01
N GLU L 747 136.40 -205.77 -37.70
CA GLU L 747 136.48 -204.33 -37.94
C GLU L 747 135.64 -203.53 -36.96
N SER L 748 134.36 -203.87 -36.82
CA SER L 748 133.46 -203.16 -35.92
C SER L 748 133.53 -203.79 -34.52
N ASP L 749 132.61 -203.40 -33.65
CA ASP L 749 132.59 -203.94 -32.30
C ASP L 749 131.95 -205.32 -32.27
N LYS L 750 132.24 -206.06 -31.20
CA LYS L 750 131.69 -207.41 -31.05
C LYS L 750 130.25 -207.41 -30.54
N HIS L 751 129.77 -206.29 -29.99
CA HIS L 751 128.41 -206.25 -29.50
C HIS L 751 127.39 -206.10 -30.62
N LEU L 752 127.78 -205.49 -31.74
CA LEU L 752 126.89 -205.30 -32.87
C LEU L 752 127.11 -206.31 -33.98
N GLU L 753 128.21 -207.05 -33.95
CA GLU L 753 128.48 -208.03 -35.00
C GLU L 753 127.78 -209.36 -34.74
N ALA L 754 127.41 -209.63 -33.48
CA ALA L 754 126.73 -210.88 -33.16
C ALA L 754 125.26 -210.86 -33.56
N LEU L 755 124.66 -209.68 -33.70
CA LEU L 755 123.25 -209.60 -34.08
C LEU L 755 123.05 -209.84 -35.57
N CYS L 756 124.08 -209.64 -36.37
CA CYS L 756 124.00 -209.85 -37.81
C CYS L 756 124.41 -211.25 -38.24
N LEU L 757 124.90 -212.07 -37.31
CA LEU L 757 125.31 -213.44 -37.61
C LEU L 757 124.26 -214.48 -37.25
N PHE L 758 123.61 -214.33 -36.10
CA PHE L 758 122.58 -215.30 -35.70
C PHE L 758 121.25 -215.04 -36.39
N LYS L 759 121.00 -213.80 -36.81
CA LYS L 759 119.75 -213.45 -37.50
C LYS L 759 119.85 -213.59 -39.01
N ALA L 760 120.97 -214.07 -39.53
CA ALA L 760 121.15 -214.24 -40.96
C ALA L 760 120.89 -215.67 -41.43
N GLU L 761 120.47 -216.56 -40.52
CA GLU L 761 120.18 -217.95 -40.86
C GLU L 761 121.37 -218.64 -41.52
N HIS L 762 122.57 -218.40 -40.96
CA HIS L 762 123.78 -219.00 -41.49
C HIS L 762 124.83 -219.24 -40.41
N TRP L 763 124.40 -219.58 -39.19
CA TRP L 763 125.33 -219.82 -38.11
C TRP L 763 125.96 -221.21 -38.20
N ASN L 764 125.12 -222.24 -38.28
CA ASN L 764 125.56 -223.64 -38.38
C ASN L 764 126.49 -224.01 -37.22
N ARG L 765 125.90 -224.26 -36.06
CA ARG L 765 126.64 -224.64 -34.85
C ARG L 765 127.68 -223.58 -34.49
N CYS L 766 127.22 -222.32 -34.41
CA CYS L 766 128.07 -221.19 -34.07
C CYS L 766 127.52 -220.46 -32.84
N HIS L 767 127.02 -221.22 -31.87
CA HIS L 767 126.47 -220.63 -30.66
C HIS L 767 127.57 -220.12 -29.72
N LYS L 768 128.71 -220.81 -29.66
CA LYS L 768 129.78 -220.39 -28.77
C LYS L 768 130.37 -219.05 -29.22
N LEU L 769 130.58 -218.88 -30.52
CA LEU L 769 131.12 -217.61 -31.02
C LEU L 769 130.14 -216.46 -30.78
N ILE L 770 128.85 -216.71 -30.99
CA ILE L 770 127.84 -215.67 -30.77
C ILE L 770 127.77 -215.32 -29.29
N ILE L 771 127.88 -216.32 -28.41
CA ILE L 771 127.82 -216.05 -26.97
C ILE L 771 129.07 -215.29 -26.52
N ARG L 772 130.22 -215.58 -27.13
CA ARG L 772 131.45 -214.87 -26.77
C ARG L 772 131.44 -213.44 -27.31
N HIS L 773 130.81 -213.22 -28.46
CA HIS L 773 130.75 -211.88 -29.02
C HIS L 773 129.72 -211.00 -28.31
N LEU L 774 128.58 -211.58 -27.93
CA LEU L 774 127.54 -210.83 -27.25
C LEU L 774 127.81 -210.63 -25.77
N ALA L 775 128.85 -211.25 -25.22
CA ALA L 775 129.19 -211.11 -23.81
C ALA L 775 130.04 -209.88 -23.53
N SER L 776 130.52 -209.19 -24.55
CA SER L 776 131.34 -208.00 -24.34
C SER L 776 130.53 -206.81 -23.85
N ASP L 777 129.22 -206.80 -24.08
CA ASP L 777 128.34 -205.72 -23.65
C ASP L 777 127.71 -205.99 -22.30
N ALA L 778 128.47 -206.53 -21.34
CA ALA L 778 127.93 -206.84 -20.03
C ALA L 778 127.85 -205.61 -19.12
N ILE L 779 128.40 -204.47 -19.54
CA ILE L 779 128.35 -203.25 -18.75
C ILE L 779 126.98 -202.60 -18.90
N ILE L 780 126.75 -201.51 -18.16
CA ILE L 780 125.50 -200.78 -18.18
C ILE L 780 124.35 -201.69 -17.80
N ASN L 781 124.12 -201.86 -16.49
CA ASN L 781 123.06 -202.73 -16.02
C ASN L 781 121.67 -202.18 -16.34
N GLU L 782 121.55 -200.89 -16.61
CA GLU L 782 120.26 -200.29 -16.95
C GLU L 782 119.80 -200.62 -18.36
N ASN L 783 120.68 -201.18 -19.20
CA ASN L 783 120.31 -201.52 -20.57
C ASN L 783 120.35 -203.03 -20.78
N TYR L 784 119.53 -203.77 -20.04
CA TYR L 784 119.47 -205.22 -20.17
C TYR L 784 118.54 -205.69 -21.28
N ASP L 785 117.89 -204.76 -21.99
CA ASP L 785 116.98 -205.16 -23.05
C ASP L 785 117.74 -205.82 -24.20
N TYR L 786 118.91 -205.30 -24.55
CA TYR L 786 119.70 -205.90 -25.61
C TYR L 786 120.18 -207.30 -25.22
N LEU L 787 120.60 -207.47 -23.96
CA LEU L 787 121.03 -208.78 -23.49
C LEU L 787 119.87 -209.77 -23.48
N LYS L 788 118.68 -209.33 -23.07
CA LYS L 788 117.52 -210.20 -23.09
C LYS L 788 117.15 -210.59 -24.51
N GLY L 789 117.20 -209.63 -25.44
CA GLY L 789 116.92 -209.96 -26.83
C GLY L 789 117.93 -210.93 -27.42
N PHE L 790 119.21 -210.75 -27.09
CA PHE L 790 120.23 -211.68 -27.56
C PHE L 790 120.03 -213.08 -26.99
N LEU L 791 119.70 -213.16 -25.70
CA LEU L 791 119.45 -214.46 -25.09
C LEU L 791 118.21 -215.13 -25.67
N GLU L 792 117.20 -214.35 -26.03
CA GLU L 792 116.01 -214.93 -26.64
C GLU L 792 116.25 -215.36 -28.08
N ASP L 793 117.11 -214.63 -28.81
CA ASP L 793 117.40 -214.99 -30.19
C ASP L 793 118.40 -216.14 -30.29
N LEU L 794 119.22 -216.34 -29.26
CA LEU L 794 120.18 -217.44 -29.27
C LEU L 794 119.51 -218.81 -29.21
N ALA L 795 118.28 -218.88 -28.70
CA ALA L 795 117.55 -220.14 -28.61
C ALA L 795 117.06 -220.55 -29.99
N PRO L 796 116.62 -219.60 -30.82
CA PRO L 796 116.13 -219.94 -32.15
C PRO L 796 117.25 -220.50 -33.02
N PRO L 797 118.44 -219.90 -32.95
CA PRO L 797 119.55 -220.46 -33.74
C PRO L 797 119.97 -221.84 -33.27
N GLU L 798 119.98 -222.07 -31.95
CA GLU L 798 120.33 -223.40 -31.43
C GLU L 798 119.27 -224.42 -31.80
N ARG L 799 118.00 -224.02 -31.85
CA ARG L 799 116.94 -224.93 -32.25
C ARG L 799 116.96 -225.22 -33.75
N SER L 800 117.36 -224.24 -34.56
CA SER L 800 117.42 -224.46 -36.00
C SER L 800 118.67 -225.23 -36.41
N SER L 801 119.76 -225.10 -35.66
CA SER L 801 121.00 -225.80 -35.96
C SER L 801 121.06 -227.19 -35.33
N LEU L 802 119.96 -227.65 -34.73
CA LEU L 802 119.88 -228.96 -34.08
C LEU L 802 120.96 -229.11 -33.01
N ILE L 803 120.88 -228.24 -32.00
CA ILE L 803 121.82 -228.22 -30.88
C ILE L 803 121.01 -228.31 -29.60
N GLN L 804 121.23 -229.37 -28.82
CA GLN L 804 120.51 -229.55 -27.56
C GLN L 804 121.37 -230.16 -26.46
N ASP L 805 122.64 -230.47 -26.73
CA ASP L 805 123.51 -231.05 -25.71
C ASP L 805 124.38 -230.01 -25.03
N TRP L 806 124.88 -229.03 -25.78
CA TRP L 806 125.72 -227.97 -25.25
C TRP L 806 124.95 -226.66 -25.33
N GLU L 807 124.35 -226.26 -24.20
CA GLU L 807 123.58 -225.03 -24.10
C GLU L 807 123.61 -224.57 -22.64
N THR L 808 124.75 -224.05 -22.23
CA THR L 808 124.95 -223.56 -20.86
C THR L 808 125.21 -222.08 -20.79
N SER L 809 126.02 -221.54 -21.70
CA SER L 809 126.33 -220.10 -21.67
C SER L 809 125.09 -219.27 -21.94
N GLY L 810 124.32 -219.65 -22.96
CA GLY L 810 123.09 -218.91 -23.26
C GLY L 810 122.07 -219.02 -22.14
N LEU L 811 121.94 -220.20 -21.54
CA LEU L 811 121.02 -220.36 -20.42
C LEU L 811 121.44 -219.51 -19.23
N VAL L 812 122.75 -219.47 -18.95
CA VAL L 812 123.23 -218.65 -17.84
C VAL L 812 123.01 -217.17 -18.12
N TYR L 813 123.23 -216.74 -19.37
CA TYR L 813 123.02 -215.34 -19.72
C TYR L 813 121.54 -214.97 -19.64
N LEU L 814 120.65 -215.90 -19.98
CA LEU L 814 119.22 -215.62 -19.89
C LEU L 814 118.73 -215.64 -18.45
N ASP L 815 119.35 -216.47 -17.60
CA ASP L 815 118.93 -216.53 -16.20
C ASP L 815 119.51 -215.40 -15.37
N TYR L 816 120.65 -214.84 -15.78
CA TYR L 816 121.25 -213.75 -15.02
C TYR L 816 120.41 -212.48 -15.11
N ILE L 817 119.92 -212.16 -16.31
CA ILE L 817 119.11 -210.96 -16.48
C ILE L 817 117.79 -211.08 -15.73
N ARG L 818 117.17 -212.25 -15.79
CA ARG L 818 115.91 -212.46 -15.07
C ARG L 818 116.13 -212.38 -13.57
N VAL L 819 117.23 -212.94 -13.07
CA VAL L 819 117.51 -212.87 -11.64
C VAL L 819 117.78 -211.43 -11.21
N ILE L 820 118.49 -210.66 -12.04
CA ILE L 820 118.75 -209.27 -11.71
C ILE L 820 117.45 -208.47 -11.70
N GLU L 821 116.56 -208.74 -12.66
CA GLU L 821 115.28 -208.04 -12.69
C GLU L 821 114.43 -208.39 -11.48
N MET L 822 114.41 -209.67 -11.09
CA MET L 822 113.65 -210.08 -9.92
C MET L 822 114.22 -209.49 -8.63
N LEU L 823 115.55 -209.34 -8.56
CA LEU L 823 116.16 -208.73 -7.38
C LEU L 823 115.89 -207.23 -7.33
N ARG L 824 115.88 -206.57 -8.49
CA ARG L 824 115.59 -205.14 -8.52
C ARG L 824 114.12 -204.85 -8.26
N HIS L 825 113.23 -205.77 -8.65
CA HIS L 825 111.80 -205.58 -8.43
C HIS L 825 111.33 -206.13 -7.09
N ILE L 826 112.07 -207.05 -6.49
CA ILE L 826 111.71 -207.65 -5.21
C ILE L 826 112.99 -207.94 -4.44
N GLN L 827 113.21 -207.24 -3.34
CA GLN L 827 114.41 -207.43 -2.54
C GLN L 827 114.18 -208.31 -1.32
N GLN L 828 112.91 -208.60 -0.98
CA GLN L 828 112.63 -209.43 0.18
C GLN L 828 112.62 -210.91 -0.19
N VAL L 829 112.26 -211.24 -1.43
CA VAL L 829 112.22 -212.63 -1.87
C VAL L 829 113.66 -213.10 -2.12
N ASP L 830 114.14 -214.00 -1.26
CA ASP L 830 115.49 -214.52 -1.37
C ASP L 830 115.47 -216.03 -1.17
N CYS L 831 114.76 -216.73 -2.06
CA CYS L 831 114.63 -218.19 -2.01
C CYS L 831 115.03 -218.79 -3.35
N SER L 832 115.67 -219.95 -3.30
CA SER L 832 116.10 -220.64 -4.51
C SER L 832 114.88 -221.22 -5.22
N GLY L 833 114.65 -220.79 -6.46
CA GLY L 833 113.51 -221.25 -7.22
C GLY L 833 113.88 -222.14 -8.39
N ASN L 834 114.34 -223.36 -8.09
CA ASN L 834 114.68 -224.35 -9.09
C ASN L 834 115.76 -223.86 -10.07
N ASP L 835 115.43 -222.85 -10.87
CA ASP L 835 116.36 -222.34 -11.87
C ASP L 835 117.59 -221.68 -11.24
N LEU L 836 117.52 -221.32 -9.96
CA LEU L 836 118.67 -220.70 -9.30
C LEU L 836 119.84 -221.67 -9.20
N GLU L 837 119.57 -222.93 -8.85
CA GLU L 837 120.63 -223.92 -8.77
C GLU L 837 121.24 -224.19 -10.13
N GLN L 838 120.41 -224.25 -11.18
CA GLN L 838 120.93 -224.46 -12.53
C GLN L 838 121.78 -223.29 -12.98
N LEU L 839 121.35 -222.06 -12.66
CA LEU L 839 122.14 -220.88 -13.01
C LEU L 839 123.47 -220.87 -12.27
N HIS L 840 123.45 -221.25 -10.99
CA HIS L 840 124.70 -221.31 -10.22
C HIS L 840 125.64 -222.37 -10.79
N ILE L 841 125.10 -223.52 -11.18
CA ILE L 841 125.93 -224.58 -11.75
C ILE L 841 126.51 -224.13 -13.08
N LYS L 842 125.72 -223.44 -13.90
CA LYS L 842 126.23 -222.94 -15.18
C LYS L 842 127.32 -221.88 -14.96
N VAL L 843 127.13 -221.00 -13.98
CA VAL L 843 128.14 -219.99 -13.69
C VAL L 843 129.42 -220.65 -13.20
N THR L 844 129.30 -221.69 -12.37
CA THR L 844 130.48 -222.39 -11.89
C THR L 844 131.21 -223.11 -13.04
N SER L 845 130.46 -223.73 -13.94
CA SER L 845 131.07 -224.41 -15.08
C SER L 845 131.74 -223.41 -16.03
N LEU L 846 131.16 -222.20 -16.15
CA LEU L 846 131.79 -221.19 -16.99
C LEU L 846 133.03 -220.59 -16.34
N CYS L 847 133.03 -220.43 -15.02
CA CYS L 847 134.19 -219.88 -14.32
C CYS L 847 135.30 -220.91 -14.15
N SER L 848 134.99 -222.20 -14.21
CA SER L 848 136.03 -223.22 -14.10
C SER L 848 137.01 -223.14 -15.28
N ARG L 849 136.54 -222.73 -16.45
CA ARG L 849 137.42 -222.62 -17.60
C ARG L 849 138.53 -221.61 -17.37
N ILE L 850 138.23 -220.53 -16.65
CA ILE L 850 139.25 -219.55 -16.31
C ILE L 850 139.98 -219.90 -15.01
N GLU L 851 139.35 -220.69 -14.13
CA GLU L 851 140.00 -221.06 -12.88
C GLU L 851 141.10 -222.09 -13.12
N GLN L 852 140.77 -223.21 -13.76
CA GLN L 852 141.74 -224.28 -14.00
C GLN L 852 141.32 -225.05 -15.25
N ILE L 853 141.84 -224.59 -16.39
CA ILE L 853 141.58 -225.24 -17.68
C ILE L 853 142.61 -224.75 -18.70
N GLN L 854 143.56 -223.94 -18.23
CA GLN L 854 144.61 -223.37 -19.08
C GLN L 854 144.00 -222.57 -20.24
N CYS L 855 143.01 -221.74 -19.92
CA CYS L 855 142.33 -220.90 -20.89
C CYS L 855 142.61 -219.44 -20.55
N TYR L 856 143.36 -218.76 -21.42
CA TYR L 856 143.72 -217.36 -21.20
C TYR L 856 142.75 -216.48 -21.97
N SER L 857 141.63 -216.17 -21.32
CA SER L 857 140.58 -215.32 -21.89
C SER L 857 140.09 -214.39 -20.78
N ALA L 858 140.54 -213.13 -20.83
CA ALA L 858 140.16 -212.17 -19.79
C ALA L 858 138.75 -211.65 -20.00
N LYS L 859 138.35 -211.40 -21.24
CA LYS L 859 137.02 -210.87 -21.51
C LYS L 859 135.94 -211.88 -21.17
N ASP L 860 136.13 -213.14 -21.58
CA ASP L 860 135.15 -214.17 -21.27
C ASP L 860 135.07 -214.42 -19.77
N ARG L 861 136.22 -214.41 -19.09
CA ARG L 861 136.22 -214.59 -17.64
C ARG L 861 135.49 -213.45 -16.93
N LEU L 862 135.72 -212.22 -17.38
CA LEU L 862 135.03 -211.08 -16.79
C LEU L 862 133.53 -211.14 -17.05
N ALA L 863 133.14 -211.56 -18.26
CA ALA L 863 131.71 -211.69 -18.56
C ALA L 863 131.05 -212.77 -17.70
N GLN L 864 131.73 -213.91 -17.52
CA GLN L 864 131.18 -214.96 -16.67
C GLN L 864 131.10 -214.50 -15.23
N SER L 865 132.11 -213.77 -14.75
CA SER L 865 132.08 -213.25 -13.38
C SER L 865 130.94 -212.26 -13.20
N ASP L 866 130.69 -211.41 -14.20
CA ASP L 866 129.58 -210.46 -14.11
C ASP L 866 128.24 -211.19 -14.12
N MET L 867 128.10 -212.21 -14.97
CA MET L 867 126.87 -212.98 -15.01
C MET L 867 126.63 -213.72 -13.70
N ALA L 868 127.70 -214.15 -13.03
CA ALA L 868 127.57 -214.84 -11.75
C ALA L 868 127.28 -213.87 -10.61
N LYS L 869 127.84 -212.66 -10.66
CA LYS L 869 127.66 -211.68 -9.60
C LYS L 869 126.40 -210.85 -9.75
N ARG L 870 125.74 -210.90 -10.92
CA ARG L 870 124.49 -210.19 -11.10
C ARG L 870 123.41 -210.67 -10.14
N VAL L 871 123.49 -211.91 -9.66
CA VAL L 871 122.56 -212.46 -8.70
C VAL L 871 123.23 -212.75 -7.36
N ALA L 872 124.36 -212.11 -7.09
CA ALA L 872 125.07 -212.36 -5.84
C ALA L 872 124.41 -211.64 -4.67
N ASN L 873 123.91 -210.42 -4.91
CA ASN L 873 123.24 -209.63 -3.88
C ASN L 873 121.74 -209.91 -3.80
N LEU L 874 121.32 -211.17 -4.00
CA LEU L 874 119.91 -211.53 -3.96
C LEU L 874 119.70 -212.80 -3.14
N SER L 891 120.26 -213.93 -3.57
CA SER L 891 120.09 -215.18 -2.84
C SER L 891 121.12 -215.32 -1.74
N THR L 892 121.73 -216.50 -1.63
CA THR L 892 122.74 -216.76 -0.61
C THR L 892 124.14 -216.59 -1.18
N PRO L 893 124.40 -217.12 -2.40
CA PRO L 893 125.73 -217.00 -3.02
C PRO L 893 126.86 -217.43 -2.09
N ASP L 894 127.02 -218.74 -1.90
CA ASP L 894 128.05 -219.28 -1.02
C ASP L 894 129.44 -218.97 -1.57
N PRO L 895 129.62 -218.97 -2.89
CA PRO L 895 130.94 -218.67 -3.45
C PRO L 895 131.25 -217.18 -3.41
N GLN L 896 131.14 -216.53 -4.58
CA GLN L 896 131.39 -215.10 -4.71
C GLN L 896 132.78 -214.72 -4.21
N ARG L 897 133.80 -215.00 -5.02
CA ARG L 897 135.17 -214.68 -4.68
C ARG L 897 136.01 -214.70 -5.96
N VAL L 898 136.87 -213.69 -6.12
CA VAL L 898 137.68 -213.55 -7.32
C VAL L 898 138.89 -214.47 -7.24
N PRO L 899 140.02 -214.12 -7.84
CA PRO L 899 141.19 -215.00 -7.81
C PRO L 899 141.82 -215.02 -6.43
N LEU L 900 142.12 -216.23 -5.96
CA LEU L 900 142.72 -216.42 -4.64
C LEU L 900 144.19 -216.00 -4.65
N ARG L 901 144.86 -216.22 -3.53
CA ARG L 901 146.27 -215.84 -3.40
C ARG L 901 147.21 -216.70 -4.22
N LEU L 902 146.72 -217.80 -4.79
CA LEU L 902 147.55 -218.68 -5.61
C LEU L 902 147.96 -218.04 -6.93
N LEU L 903 147.15 -217.12 -7.47
CA LEU L 903 147.48 -216.46 -8.73
C LEU L 903 147.29 -214.95 -8.70
N ALA L 904 147.08 -214.34 -7.53
CA ALA L 904 146.91 -212.91 -7.45
C ALA L 904 148.03 -212.29 -6.63
N PRO L 905 148.64 -213.05 -5.70
CA PRO L 905 149.75 -212.48 -4.92
C PRO L 905 151.04 -212.37 -5.70
N HIS L 906 151.21 -213.13 -6.77
CA HIS L 906 152.41 -213.07 -7.59
C HIS L 906 152.28 -212.14 -8.80
N ILE L 907 151.06 -211.73 -9.13
CA ILE L 907 150.81 -210.83 -10.26
C ILE L 907 150.06 -209.57 -9.82
N GLY L 908 148.82 -209.74 -9.37
CA GLY L 908 148.04 -208.60 -8.93
C GLY L 908 147.32 -207.90 -10.07
N ARG L 909 147.09 -206.61 -9.87
CA ARG L 909 146.44 -205.75 -10.86
C ARG L 909 145.06 -206.28 -11.23
N LEU L 910 145.02 -207.29 -12.10
CA LEU L 910 143.76 -207.85 -12.57
C LEU L 910 143.24 -208.87 -11.56
N PRO L 911 141.94 -209.21 -11.64
CA PRO L 911 141.35 -210.22 -10.73
C PRO L 911 141.62 -209.97 -9.26
N MET L 912 140.85 -209.07 -8.65
CA MET L 912 141.04 -208.74 -7.24
C MET L 912 139.78 -208.15 -6.64
N PRO L 913 138.74 -208.97 -6.39
CA PRO L 913 137.51 -208.43 -5.79
C PRO L 913 136.64 -209.51 -5.16
N GLU L 914 135.37 -209.18 -4.93
CA GLU L 914 134.37 -210.14 -4.45
C GLU L 914 134.77 -210.74 -3.10
N ASP L 915 135.37 -209.91 -2.25
CA ASP L 915 135.75 -210.35 -0.92
C ASP L 915 136.05 -209.15 -0.02
N TYR L 916 135.44 -208.00 -0.31
CA TYR L 916 135.65 -206.80 0.47
C TYR L 916 134.65 -206.67 1.62
N ALA L 917 133.79 -207.65 1.83
CA ALA L 917 132.80 -207.60 2.90
C ALA L 917 133.24 -208.48 4.08
N MET L 918 134.31 -208.06 4.73
CA MET L 918 134.87 -208.77 5.88
C MET L 918 135.58 -207.76 6.77
N ASP L 919 134.86 -206.74 7.23
CA ASP L 919 135.45 -205.72 8.07
C ASP L 919 135.59 -206.19 9.52
N GLU L 920 134.65 -207.00 10.00
CA GLU L 920 134.66 -207.51 11.36
C GLU L 920 134.74 -209.03 11.35
N LEU L 921 134.83 -209.59 12.55
CA LEU L 921 134.91 -211.04 12.72
C LEU L 921 133.51 -211.63 12.68
N ARG L 922 133.01 -211.81 11.46
CA ARG L 922 131.68 -212.36 11.21
C ARG L 922 130.59 -211.56 11.92
N ASP M 14 160.77 -194.40 -33.71
CA ASP M 14 161.73 -193.89 -34.69
C ASP M 14 161.58 -194.61 -36.03
N MET M 15 162.11 -195.83 -36.10
CA MET M 15 162.06 -196.64 -37.31
C MET M 15 161.22 -197.89 -37.04
N ILE M 16 160.23 -198.13 -37.88
CA ILE M 16 159.36 -199.28 -37.73
C ILE M 16 159.99 -200.48 -38.45
N HIS M 17 159.59 -201.67 -38.02
CA HIS M 17 160.12 -202.90 -38.62
C HIS M 17 159.10 -203.51 -39.59
N ASP M 18 158.04 -204.10 -39.06
CA ASP M 18 157.00 -204.72 -39.86
C ASP M 18 155.64 -204.27 -39.35
N ALA M 19 154.76 -203.87 -40.27
CA ALA M 19 153.41 -203.40 -39.94
C ALA M 19 152.44 -204.05 -40.92
N GLN M 20 151.73 -205.07 -40.44
CA GLN M 20 150.76 -205.79 -41.25
C GLN M 20 149.34 -205.37 -40.88
N MET M 21 148.43 -205.48 -41.84
CA MET M 21 147.04 -205.11 -41.63
C MET M 21 146.31 -206.23 -40.90
N ASP M 22 145.07 -205.93 -40.50
CA ASP M 22 144.24 -206.89 -39.78
C ASP M 22 143.44 -207.74 -40.75
N TYR M 23 142.12 -207.69 -40.64
CA TYR M 23 141.22 -208.47 -41.49
C TYR M 23 140.33 -207.52 -42.28
N TYR M 24 140.30 -207.69 -43.61
CA TYR M 24 139.48 -206.88 -44.50
C TYR M 24 139.80 -205.39 -44.38
N GLY M 25 141.07 -205.07 -44.13
CA GLY M 25 141.47 -203.68 -44.00
C GLY M 25 140.92 -202.99 -42.78
N THR M 26 141.07 -203.63 -41.61
CA THR M 26 140.57 -203.06 -40.37
C THR M 26 141.68 -202.31 -39.64
N ARG M 27 142.26 -202.95 -38.62
CA ARG M 27 143.33 -202.33 -37.85
C ARG M 27 144.67 -202.53 -38.56
N LEU M 28 145.70 -201.89 -38.01
CA LEU M 28 147.06 -201.97 -38.55
C LEU M 28 148.02 -202.08 -37.37
N ALA M 29 148.38 -203.31 -37.02
CA ALA M 29 149.29 -203.58 -35.92
C ALA M 29 150.71 -203.24 -36.36
N THR M 30 151.29 -202.20 -35.76
CA THR M 30 152.63 -201.75 -36.09
C THR M 30 153.62 -202.22 -35.03
N CYS M 31 154.89 -202.32 -35.44
CA CYS M 31 155.95 -202.75 -34.55
C CYS M 31 157.22 -202.00 -34.90
N SER M 32 157.86 -201.40 -33.90
CA SER M 32 159.07 -200.62 -34.09
C SER M 32 160.20 -201.24 -33.26
N SER M 33 161.30 -200.50 -33.15
CA SER M 33 162.47 -200.94 -32.39
C SER M 33 162.47 -200.44 -30.96
N ASP M 34 161.39 -199.81 -30.51
CA ASP M 34 161.29 -199.30 -29.14
C ASP M 34 160.46 -200.21 -28.24
N ARG M 35 160.29 -201.48 -28.62
CA ARG M 35 159.52 -202.44 -27.84
C ARG M 35 158.09 -201.96 -27.61
N SER M 36 157.45 -201.50 -28.69
CA SER M 36 156.09 -200.99 -28.64
C SER M 36 155.30 -201.60 -29.78
N VAL M 37 154.27 -202.38 -29.45
CA VAL M 37 153.41 -203.01 -30.43
C VAL M 37 152.13 -202.20 -30.49
N LYS M 38 152.13 -201.17 -31.33
CA LYS M 38 150.97 -200.30 -31.45
C LYS M 38 149.96 -200.89 -32.43
N ILE M 39 148.68 -200.83 -32.05
CA ILE M 39 147.58 -201.33 -32.87
C ILE M 39 146.79 -200.12 -33.33
N PHE M 40 147.10 -199.62 -34.52
CA PHE M 40 146.42 -198.45 -35.06
C PHE M 40 145.23 -198.86 -35.91
N ASP M 41 144.17 -198.05 -35.86
CA ASP M 41 142.96 -198.28 -36.62
C ASP M 41 142.93 -197.40 -37.85
N VAL M 42 142.48 -197.96 -38.97
CA VAL M 42 142.39 -197.25 -40.24
C VAL M 42 140.92 -197.22 -40.63
N ARG M 43 140.27 -196.08 -40.38
CA ARG M 43 138.86 -195.87 -40.71
C ARG M 43 138.79 -194.86 -41.84
N ASN M 44 138.47 -195.33 -43.05
CA ASN M 44 138.36 -194.49 -44.24
C ASN M 44 139.65 -193.72 -44.49
N GLY M 45 140.78 -194.41 -44.37
CA GLY M 45 142.08 -193.81 -44.61
C GLY M 45 142.62 -192.98 -43.45
N GLY M 46 141.92 -192.93 -42.32
CA GLY M 46 142.35 -192.16 -41.19
C GLY M 46 143.02 -193.04 -40.15
N GLN M 47 144.30 -192.77 -39.90
CA GLN M 47 145.08 -193.52 -38.93
C GLN M 47 144.77 -193.04 -37.52
N ILE M 48 144.44 -193.98 -36.63
CA ILE M 48 144.12 -193.65 -35.25
C ILE M 48 144.58 -194.78 -34.35
N LEU M 49 145.35 -194.46 -33.32
CA LEU M 49 145.84 -195.47 -32.40
C LEU M 49 144.77 -195.83 -31.36
N ILE M 50 144.77 -197.10 -30.95
CA ILE M 50 143.84 -197.62 -29.98
C ILE M 50 144.53 -198.01 -28.68
N ALA M 51 145.58 -198.84 -28.78
CA ALA M 51 146.32 -199.28 -27.61
C ALA M 51 147.77 -199.48 -27.99
N ASP M 52 148.63 -199.50 -26.98
CA ASP M 52 150.08 -199.69 -27.16
C ASP M 52 150.52 -200.84 -26.26
N LEU M 53 150.60 -202.03 -26.84
CA LEU M 53 151.00 -203.23 -26.10
C LEU M 53 152.52 -203.20 -25.90
N ARG M 54 152.95 -203.08 -24.65
CA ARG M 54 154.37 -203.05 -24.31
C ARG M 54 154.65 -204.07 -23.23
N GLY M 55 155.71 -204.85 -23.42
CA GLY M 55 156.09 -205.87 -22.46
C GLY M 55 157.19 -206.79 -22.95
N HIS M 56 158.22 -206.20 -23.56
CA HIS M 56 159.35 -206.95 -24.08
C HIS M 56 160.63 -206.19 -23.80
N GLU M 57 161.72 -206.95 -23.63
CA GLU M 57 163.02 -206.35 -23.34
C GLU M 57 163.83 -206.05 -24.60
N GLY M 58 163.46 -206.62 -25.74
CA GLY M 58 164.15 -206.39 -26.98
C GLY M 58 163.29 -205.69 -28.00
N PRO M 59 163.85 -205.44 -29.20
CA PRO M 59 163.07 -204.76 -30.24
C PRO M 59 162.13 -205.72 -30.94
N VAL M 60 160.95 -205.20 -31.31
CA VAL M 60 159.95 -206.00 -32.00
C VAL M 60 160.36 -206.20 -33.44
N TRP M 61 160.10 -207.39 -33.97
CA TRP M 61 160.46 -207.72 -35.34
C TRP M 61 159.21 -207.75 -36.23
N GLN M 62 158.72 -208.95 -36.51
CA GLN M 62 157.54 -209.14 -37.34
C GLN M 62 156.30 -209.34 -36.48
N VAL M 63 155.14 -209.20 -37.11
CA VAL M 63 153.86 -209.35 -36.44
C VAL M 63 152.84 -209.87 -37.44
N ALA M 64 152.02 -210.82 -37.01
CA ALA M 64 150.99 -211.41 -37.86
C ALA M 64 149.71 -211.58 -37.05
N TRP M 65 148.59 -211.22 -37.67
CA TRP M 65 147.29 -211.32 -37.04
C TRP M 65 146.65 -212.67 -37.33
N ALA M 66 145.79 -213.11 -36.41
CA ALA M 66 145.10 -214.39 -36.57
C ALA M 66 143.83 -214.21 -37.40
N HIS M 67 143.12 -215.30 -37.61
CA HIS M 67 141.89 -215.29 -38.38
C HIS M 67 140.75 -214.76 -37.53
N PRO M 68 139.62 -214.40 -38.17
CA PRO M 68 138.47 -213.88 -37.41
C PRO M 68 137.56 -214.95 -36.84
N MET M 69 137.82 -216.23 -37.11
CA MET M 69 136.99 -217.30 -36.60
C MET M 69 137.29 -217.61 -35.13
N TYR M 70 138.51 -217.34 -34.68
CA TYR M 70 138.93 -217.59 -33.30
C TYR M 70 138.98 -216.30 -32.49
N GLY M 71 138.04 -215.38 -32.70
CA GLY M 71 138.03 -214.13 -31.97
C GLY M 71 138.84 -213.07 -32.68
N ASN M 72 139.77 -212.45 -31.95
CA ASN M 72 140.63 -211.41 -32.50
C ASN M 72 141.97 -211.48 -31.78
N ILE M 73 142.86 -212.33 -32.28
CA ILE M 73 144.20 -212.51 -31.71
C ILE M 73 145.22 -211.91 -32.65
N LEU M 74 146.35 -211.49 -32.08
CA LEU M 74 147.43 -210.89 -32.86
C LEU M 74 148.74 -211.19 -32.16
N ALA M 75 149.57 -212.03 -32.77
CA ALA M 75 150.86 -212.41 -32.23
C ALA M 75 151.95 -211.53 -32.82
N SER M 76 152.91 -211.15 -31.98
CA SER M 76 154.02 -210.31 -32.40
C SER M 76 155.30 -210.80 -31.74
N CYS M 77 156.36 -210.92 -32.54
CA CYS M 77 157.65 -211.37 -32.07
C CYS M 77 158.51 -210.18 -31.64
N SER M 78 159.46 -210.46 -30.76
CA SER M 78 160.38 -209.43 -30.25
C SER M 78 161.78 -210.04 -30.17
N TYR M 79 162.72 -209.27 -29.61
CA TYR M 79 164.09 -209.71 -29.45
C TYR M 79 164.42 -210.12 -28.02
N ASP M 80 163.39 -210.38 -27.20
CA ASP M 80 163.58 -210.78 -25.81
C ASP M 80 163.43 -212.29 -25.62
N ARG M 81 163.58 -213.06 -26.70
CA ARG M 81 163.47 -214.53 -26.65
C ARG M 81 162.12 -214.96 -26.10
N LYS M 82 161.05 -214.31 -26.55
CA LYS M 82 159.70 -214.62 -26.11
C LYS M 82 158.71 -214.18 -27.16
N VAL M 83 157.58 -214.88 -27.22
CA VAL M 83 156.52 -214.59 -28.18
C VAL M 83 155.25 -214.26 -27.39
N ILE M 84 154.70 -213.08 -27.64
CA ILE M 84 153.48 -212.62 -26.97
C ILE M 84 152.32 -212.72 -27.93
N ILE M 85 151.18 -213.20 -27.43
CA ILE M 85 149.96 -213.36 -28.22
C ILE M 85 148.83 -212.75 -27.41
N TRP M 86 148.50 -211.49 -27.68
CA TRP M 86 147.44 -210.78 -26.99
C TRP M 86 146.15 -210.83 -27.80
N ARG M 87 145.03 -210.82 -27.08
CA ARG M 87 143.72 -210.85 -27.71
C ARG M 87 143.16 -209.43 -27.84
N GLU M 88 141.90 -209.35 -28.26
CA GLU M 88 141.24 -208.05 -28.43
C GLU M 88 139.73 -208.28 -28.32
N GLU M 89 139.18 -208.04 -27.14
CA GLU M 89 137.76 -208.20 -26.90
C GLU M 89 137.32 -207.26 -25.80
N ASN M 90 136.21 -206.55 -26.03
CA ASN M 90 135.66 -205.59 -25.07
C ASN M 90 136.67 -204.50 -24.71
N GLY M 91 137.51 -204.12 -25.67
CA GLY M 91 138.49 -203.08 -25.42
C GLY M 91 139.60 -203.48 -24.48
N THR M 92 139.84 -204.78 -24.28
CA THR M 92 140.87 -205.28 -23.39
C THR M 92 141.91 -206.03 -24.23
N TRP M 93 143.06 -205.41 -24.43
CA TRP M 93 144.15 -206.02 -25.21
C TRP M 93 145.19 -206.64 -24.29
N GLU M 94 144.71 -207.51 -23.39
CA GLU M 94 145.59 -208.18 -22.45
C GLU M 94 146.32 -209.33 -23.11
N LYS M 95 147.52 -209.62 -22.60
CA LYS M 95 148.33 -210.69 -23.14
C LYS M 95 147.78 -212.04 -22.68
N SER M 96 147.39 -212.88 -23.64
CA SER M 96 146.84 -214.20 -23.32
C SER M 96 147.96 -215.19 -23.05
N HIS M 97 148.44 -215.84 -24.11
CA HIS M 97 149.51 -216.83 -24.00
C HIS M 97 150.86 -216.19 -24.23
N GLU M 98 151.89 -216.77 -23.63
CA GLU M 98 153.26 -216.26 -23.76
C GLU M 98 154.19 -217.46 -23.88
N HIS M 99 154.84 -217.59 -25.04
CA HIS M 99 155.76 -218.69 -25.32
C HIS M 99 157.18 -218.15 -25.33
N ALA M 100 158.04 -218.70 -24.47
CA ALA M 100 159.42 -218.29 -24.36
C ALA M 100 160.35 -219.51 -24.46
N GLY M 101 160.06 -220.40 -25.40
CA GLY M 101 160.85 -221.59 -25.59
C GLY M 101 162.06 -221.45 -26.49
N HIS M 102 162.31 -220.24 -27.00
CA HIS M 102 163.45 -220.00 -27.88
C HIS M 102 164.69 -219.65 -27.05
N ASP M 103 165.85 -219.81 -27.69
CA ASP M 103 167.12 -219.52 -27.03
C ASP M 103 167.63 -218.12 -27.35
N SER M 104 167.53 -217.70 -28.62
CA SER M 104 167.97 -216.39 -29.05
C SER M 104 166.76 -215.53 -29.39
N SER M 105 166.99 -214.46 -30.16
CA SER M 105 165.91 -213.56 -30.53
C SER M 105 165.09 -214.17 -31.66
N VAL M 106 163.83 -213.72 -31.75
CA VAL M 106 162.91 -214.19 -32.78
C VAL M 106 163.00 -213.28 -33.99
N ASN M 107 163.08 -213.88 -35.17
CA ASN M 107 163.18 -213.13 -36.43
C ASN M 107 161.83 -212.96 -37.11
N SER M 108 161.19 -214.07 -37.49
CA SER M 108 159.90 -214.05 -38.14
C SER M 108 158.90 -214.89 -37.35
N VAL M 109 157.64 -214.47 -37.40
CA VAL M 109 156.56 -215.17 -36.69
C VAL M 109 155.25 -214.97 -37.44
N CYS M 110 154.70 -216.06 -37.97
CA CYS M 110 153.45 -216.03 -38.71
C CYS M 110 152.54 -217.14 -38.21
N TRP M 111 151.30 -217.11 -38.67
CA TRP M 111 150.28 -218.10 -38.32
C TRP M 111 149.99 -219.00 -39.51
N ALA M 112 149.11 -219.96 -39.29
CA ALA M 112 148.73 -220.91 -40.34
C ALA M 112 147.50 -220.40 -41.08
N PRO M 113 146.67 -221.29 -41.62
CA PRO M 113 145.47 -220.87 -42.35
C PRO M 113 144.32 -220.61 -41.38
N HIS M 114 143.22 -220.11 -41.94
CA HIS M 114 142.04 -219.82 -41.12
C HIS M 114 141.31 -221.10 -40.72
N ASP M 115 141.47 -222.16 -41.50
CA ASP M 115 140.82 -223.44 -41.21
C ASP M 115 141.71 -224.37 -40.39
N TYR M 116 142.90 -223.94 -40.00
CA TYR M 116 143.82 -224.74 -39.21
C TYR M 116 143.70 -224.47 -37.72
N GLY M 117 142.60 -223.85 -37.29
CA GLY M 117 142.41 -223.56 -35.88
C GLY M 117 143.16 -222.32 -35.43
N LEU M 118 144.23 -222.52 -34.67
CA LEU M 118 145.06 -221.43 -34.16
C LEU M 118 146.49 -221.94 -34.01
N ILE M 119 147.16 -222.12 -35.15
CA ILE M 119 148.53 -222.60 -35.20
C ILE M 119 149.43 -221.46 -35.67
N LEU M 120 150.47 -221.16 -34.88
CA LEU M 120 151.41 -220.10 -35.20
C LEU M 120 152.82 -220.66 -35.14
N ALA M 121 153.63 -220.32 -36.15
CA ALA M 121 155.01 -220.77 -36.23
C ALA M 121 155.94 -219.57 -36.11
N CYS M 122 156.88 -219.66 -35.18
CA CYS M 122 157.85 -218.60 -34.93
C CYS M 122 159.25 -219.18 -34.96
N GLY M 123 160.16 -218.50 -35.66
CA GLY M 123 161.54 -218.94 -35.78
C GLY M 123 162.47 -218.14 -34.90
N SER M 124 163.49 -218.82 -34.38
CA SER M 124 164.48 -218.21 -33.52
C SER M 124 165.75 -217.92 -34.31
N SER M 125 166.82 -217.55 -33.60
CA SER M 125 168.10 -217.24 -34.22
C SER M 125 169.22 -218.17 -33.77
N ASP M 126 168.93 -219.11 -32.88
CA ASP M 126 169.93 -220.05 -32.38
C ASP M 126 169.79 -221.44 -33.00
N GLY M 127 169.27 -221.51 -34.23
CA GLY M 127 169.11 -222.78 -34.90
C GLY M 127 167.90 -223.57 -34.42
N ALA M 128 166.79 -222.89 -34.14
CA ALA M 128 165.58 -223.55 -33.68
C ALA M 128 164.38 -222.73 -34.12
N ILE M 129 163.19 -223.27 -33.88
CA ILE M 129 161.94 -222.61 -34.25
C ILE M 129 160.89 -222.91 -33.18
N SER M 130 159.62 -222.68 -33.52
CA SER M 130 158.53 -222.94 -32.59
C SER M 130 157.26 -223.20 -33.39
N LEU M 131 156.30 -223.86 -32.73
CA LEU M 131 155.02 -224.20 -33.35
C LEU M 131 153.99 -224.31 -32.23
N LEU M 132 153.29 -223.21 -31.96
CA LEU M 132 152.29 -223.18 -30.91
C LEU M 132 150.93 -223.55 -31.49
N THR M 133 150.41 -224.71 -31.11
CA THR M 133 149.12 -225.20 -31.58
C THR M 133 148.14 -225.17 -30.42
N TYR M 134 147.14 -224.28 -30.49
CA TYR M 134 146.15 -224.15 -29.45
C TYR M 134 145.16 -225.31 -29.49
N THR M 135 144.75 -225.77 -28.32
CA THR M 135 143.80 -226.88 -28.22
C THR M 135 142.38 -226.35 -28.08
N GLY M 136 141.55 -227.06 -27.32
CA GLY M 136 140.17 -226.67 -27.10
C GLY M 136 139.95 -225.62 -26.03
N GLU M 137 141.02 -225.19 -25.35
CA GLU M 137 140.89 -224.18 -24.31
C GLU M 137 141.95 -223.10 -24.48
N GLY M 138 143.21 -223.51 -24.56
CA GLY M 138 144.31 -222.56 -24.72
C GLY M 138 145.67 -223.17 -24.42
N GLN M 139 145.70 -224.48 -24.20
CA GLN M 139 146.95 -225.17 -23.91
C GLN M 139 147.78 -225.34 -25.18
N TRP M 140 148.68 -224.39 -25.44
CA TRP M 140 149.53 -224.44 -26.62
C TRP M 140 150.64 -225.47 -26.41
N GLU M 141 150.61 -226.54 -27.20
CA GLU M 141 151.61 -227.60 -27.09
C GLU M 141 152.85 -227.19 -27.87
N VAL M 142 153.89 -226.75 -27.16
CA VAL M 142 155.14 -226.34 -27.78
C VAL M 142 155.98 -227.58 -28.01
N LYS M 143 156.13 -227.96 -29.28
CA LYS M 143 156.89 -229.14 -29.67
C LYS M 143 158.00 -228.67 -30.63
N LYS M 144 159.12 -228.26 -30.06
CA LYS M 144 160.27 -227.78 -30.83
C LYS M 144 161.52 -228.53 -30.40
N ILE M 145 162.62 -228.28 -31.10
CA ILE M 145 163.89 -228.93 -30.81
C ILE M 145 165.03 -227.98 -31.15
N ASN M 146 166.03 -228.47 -31.87
CA ASN M 146 167.17 -227.66 -32.26
C ASN M 146 167.73 -228.22 -33.57
N ASN M 147 168.97 -227.85 -33.89
CA ASN M 147 169.64 -228.30 -35.11
C ASN M 147 168.83 -227.97 -36.35
N ALA M 148 168.84 -226.69 -36.75
CA ALA M 148 168.12 -226.24 -37.94
C ALA M 148 169.15 -225.81 -38.95
N HIS M 149 169.29 -224.52 -39.24
CA HIS M 149 170.26 -224.03 -40.21
C HIS M 149 171.62 -223.84 -39.51
N THR M 150 172.60 -223.33 -40.26
CA THR M 150 173.93 -223.12 -39.69
C THR M 150 174.00 -221.84 -38.87
N ILE M 151 173.11 -220.88 -39.14
CA ILE M 151 173.10 -219.62 -38.41
C ILE M 151 171.77 -219.32 -37.73
N GLY M 152 170.69 -220.02 -38.09
CA GLY M 152 169.40 -219.82 -37.49
C GLY M 152 168.34 -219.53 -38.54
N CYS M 153 167.15 -219.21 -38.06
CA CYS M 153 166.02 -218.90 -38.93
C CYS M 153 165.90 -217.39 -39.13
N ASN M 154 165.25 -217.02 -40.23
CA ASN M 154 165.05 -215.61 -40.56
C ASN M 154 163.76 -215.42 -41.35
N ALA M 155 163.17 -216.51 -41.81
CA ALA M 155 161.94 -216.47 -42.58
C ALA M 155 160.98 -217.55 -42.08
N VAL M 156 159.71 -217.18 -41.94
CA VAL M 156 158.69 -218.11 -41.47
C VAL M 156 157.34 -217.72 -42.07
N SER M 157 156.91 -218.46 -43.08
CA SER M 157 155.63 -218.19 -43.73
C SER M 157 155.06 -219.48 -44.28
N TRP M 158 153.78 -219.74 -43.99
CA TRP M 158 153.14 -220.95 -44.45
C TRP M 158 152.74 -220.82 -45.92
N ALA M 159 152.40 -221.97 -46.52
CA ALA M 159 152.00 -222.00 -47.92
C ALA M 159 150.50 -221.83 -48.04
N PRO M 160 149.93 -222.07 -49.22
CA PRO M 160 148.48 -221.92 -49.38
C PRO M 160 147.72 -223.09 -48.78
N ALA M 161 146.46 -222.82 -48.45
CA ALA M 161 145.58 -223.82 -47.84
C ALA M 161 145.26 -224.89 -48.89
N VAL M 162 146.11 -225.92 -48.91
CA VAL M 162 145.93 -227.02 -49.84
C VAL M 162 144.88 -227.98 -49.29
N VAL M 163 143.86 -228.26 -50.09
CA VAL M 163 142.77 -229.16 -49.68
C VAL M 163 143.21 -230.60 -49.93
N PRO M 164 142.47 -231.59 -49.40
CA PRO M 164 142.80 -233.01 -49.58
C PRO M 164 142.50 -233.51 -50.98
N PRO M 171 134.46 -236.64 -48.61
CA PRO M 171 133.25 -237.10 -49.29
C PRO M 171 132.18 -237.59 -48.32
N SER M 172 132.34 -237.25 -47.04
CA SER M 172 131.37 -237.65 -46.02
C SER M 172 130.45 -236.50 -45.65
N GLY M 173 130.52 -236.04 -44.41
CA GLY M 173 129.68 -234.95 -43.96
C GLY M 173 130.08 -234.40 -42.61
N GLN M 174 131.33 -233.95 -42.49
CA GLN M 174 131.83 -233.40 -41.24
C GLN M 174 132.95 -232.40 -41.49
N LYS M 175 134.00 -232.46 -40.68
CA LYS M 175 135.13 -231.55 -40.86
C LYS M 175 135.96 -231.99 -42.07
N PRO M 176 136.15 -231.12 -43.06
CA PRO M 176 136.95 -231.51 -44.23
C PRO M 176 138.44 -231.51 -43.94
N ASN M 177 139.14 -232.41 -44.60
CA ASN M 177 140.59 -232.52 -44.45
C ASN M 177 141.30 -231.43 -45.23
N TYR M 178 142.62 -231.38 -45.10
CA TYR M 178 143.41 -230.37 -45.82
C TYR M 178 144.74 -230.95 -46.27
N ILE M 179 145.81 -230.71 -45.52
CA ILE M 179 147.13 -231.14 -45.93
C ILE M 179 148.07 -231.30 -44.74
N LYS M 180 147.53 -231.17 -43.53
CA LYS M 180 148.30 -231.25 -42.29
C LYS M 180 149.33 -230.12 -42.17
N ARG M 181 150.01 -230.05 -41.04
CA ARG M 181 150.89 -228.92 -40.74
C ARG M 181 152.35 -229.32 -40.92
N PHE M 182 153.07 -228.55 -41.74
CA PHE M 182 154.50 -228.73 -41.94
C PHE M 182 155.09 -227.55 -42.71
N ALA M 183 155.70 -226.61 -42.01
CA ALA M 183 156.29 -225.43 -42.65
C ALA M 183 157.33 -224.83 -41.72
N SER M 184 158.42 -224.35 -42.32
CA SER M 184 159.50 -223.71 -41.56
C SER M 184 160.30 -222.84 -42.52
N GLY M 185 161.56 -222.60 -42.20
CA GLY M 185 162.41 -221.78 -43.03
C GLY M 185 163.70 -221.35 -42.35
N GLY M 186 164.83 -221.54 -43.03
CA GLY M 186 166.12 -221.18 -42.50
C GLY M 186 166.72 -219.97 -43.20
N CYS M 187 167.97 -219.69 -42.84
CA CYS M 187 168.71 -218.55 -43.39
C CYS M 187 170.06 -218.97 -43.98
N ASP M 188 170.31 -220.26 -44.08
CA ASP M 188 171.56 -220.79 -44.62
C ASP M 188 171.43 -221.12 -46.11
N ASN M 189 170.92 -220.15 -46.88
CA ASN M 189 170.73 -220.31 -48.32
C ASN M 189 169.84 -221.51 -48.64
N LEU M 190 168.74 -221.64 -47.89
CA LEU M 190 167.81 -222.75 -48.09
C LEU M 190 166.45 -222.31 -47.58
N ILE M 191 165.46 -222.29 -48.47
CA ILE M 191 164.10 -221.89 -48.10
C ILE M 191 163.11 -222.52 -49.07
N LYS M 192 162.34 -223.49 -48.58
CA LYS M 192 161.35 -224.18 -49.40
C LYS M 192 160.18 -224.55 -48.51
N LEU M 193 159.37 -225.52 -48.97
CA LEU M 193 158.20 -225.96 -48.22
C LEU M 193 158.55 -227.16 -47.34
N TRP M 194 157.57 -228.03 -47.09
CA TRP M 194 157.78 -229.20 -46.27
C TRP M 194 156.65 -230.19 -46.53
N LYS M 195 156.83 -231.41 -46.03
CA LYS M 195 155.84 -232.47 -46.17
C LYS M 195 155.44 -232.98 -44.80
N GLU M 196 154.30 -233.67 -44.76
CA GLU M 196 153.76 -234.22 -43.52
C GLU M 196 153.52 -235.71 -43.72
N GLU M 197 152.99 -236.36 -42.67
CA GLU M 197 152.70 -237.78 -42.72
C GLU M 197 151.46 -238.12 -41.93
N GLU M 198 151.42 -239.30 -41.32
CA GLU M 198 150.28 -239.75 -40.52
C GLU M 198 150.78 -240.43 -39.25
N ASP M 199 151.68 -239.76 -38.55
CA ASP M 199 152.24 -240.30 -37.31
C ASP M 199 152.03 -239.32 -36.16
N GLY M 200 153.10 -238.97 -35.46
CA GLY M 200 153.01 -238.03 -34.35
C GLY M 200 152.78 -236.60 -34.82
N GLN M 201 153.76 -236.05 -35.54
CA GLN M 201 153.65 -234.69 -36.05
C GLN M 201 153.76 -234.68 -37.57
N TRP M 202 154.96 -234.37 -38.09
CA TRP M 202 155.18 -234.33 -39.52
C TRP M 202 156.66 -234.49 -39.80
N LYS M 203 156.99 -235.03 -40.96
CA LYS M 203 158.37 -235.24 -41.40
C LYS M 203 158.61 -234.36 -42.62
N GLU M 204 159.29 -233.24 -42.42
CA GLU M 204 159.56 -232.30 -43.50
C GLU M 204 160.48 -232.93 -44.55
N GLU M 205 160.19 -232.64 -45.82
CA GLU M 205 160.99 -233.17 -46.91
C GLU M 205 160.91 -232.26 -48.14
N GLN M 206 161.75 -231.24 -48.16
CA GLN M 206 161.80 -230.30 -49.30
C GLN M 206 163.10 -229.53 -49.29
N LYS M 207 164.16 -230.11 -49.85
CA LYS M 207 165.47 -229.48 -49.89
C LYS M 207 165.62 -228.66 -51.16
N LEU M 208 165.97 -227.38 -51.00
CA LEU M 208 166.14 -226.49 -52.14
C LEU M 208 167.15 -225.42 -51.76
N GLU M 209 168.26 -225.35 -52.48
CA GLU M 209 169.32 -224.37 -52.21
C GLU M 209 169.71 -223.71 -53.53
N ALA M 210 169.66 -222.39 -53.56
CA ALA M 210 170.01 -221.65 -54.77
C ALA M 210 170.55 -220.27 -54.41
N HIS M 211 170.56 -219.94 -53.12
CA HIS M 211 171.05 -218.65 -52.67
C HIS M 211 172.55 -218.70 -52.41
N SER M 212 173.14 -217.52 -52.21
CA SER M 212 174.56 -217.40 -51.96
C SER M 212 174.91 -216.86 -50.58
N ASP M 213 174.01 -216.08 -49.96
CA ASP M 213 174.27 -215.51 -48.64
C ASP M 213 173.13 -215.86 -47.69
N TRP M 214 172.91 -215.00 -46.69
CA TRP M 214 171.85 -215.23 -45.72
C TRP M 214 170.50 -214.84 -46.33
N VAL M 215 169.52 -215.73 -46.16
CA VAL M 215 168.18 -215.49 -46.67
C VAL M 215 167.45 -214.54 -45.74
N ARG M 216 166.95 -213.43 -46.29
CA ARG M 216 166.25 -212.43 -45.50
C ARG M 216 164.81 -212.88 -45.23
N ASP M 217 163.93 -212.73 -46.21
CA ASP M 217 162.53 -213.12 -46.09
C ASP M 217 162.17 -214.08 -47.21
N VAL M 218 161.17 -214.92 -46.94
CA VAL M 218 160.71 -215.90 -47.91
C VAL M 218 159.23 -216.19 -47.67
N ALA M 219 158.36 -215.51 -48.41
CA ALA M 219 156.92 -215.68 -48.28
C ALA M 219 156.39 -216.49 -49.45
N TRP M 220 155.53 -217.46 -49.14
CA TRP M 220 154.94 -218.32 -50.16
C TRP M 220 153.75 -217.62 -50.81
N ALA M 221 153.61 -217.83 -52.13
CA ALA M 221 152.51 -217.21 -52.85
C ALA M 221 151.22 -218.00 -52.64
N PRO M 222 150.09 -217.31 -52.43
CA PRO M 222 148.82 -218.03 -52.22
C PRO M 222 148.23 -218.49 -53.54
N SER M 223 147.84 -219.77 -53.59
CA SER M 223 147.25 -220.34 -54.80
C SER M 223 145.81 -219.90 -54.93
N ILE M 224 145.43 -219.48 -56.14
CA ILE M 224 144.06 -219.04 -56.41
C ILE M 224 143.32 -220.14 -57.16
N GLY M 225 143.43 -221.37 -56.69
CA GLY M 225 142.78 -222.51 -57.31
C GLY M 225 143.68 -223.33 -58.20
N LEU M 226 144.76 -222.75 -58.71
CA LEU M 226 145.67 -223.49 -59.57
C LEU M 226 146.61 -224.37 -58.75
N PRO M 227 147.04 -225.50 -59.32
CA PRO M 227 147.95 -226.40 -58.57
C PRO M 227 149.41 -225.99 -58.64
N THR M 228 149.77 -225.03 -59.48
CA THR M 228 151.15 -224.58 -59.61
C THR M 228 151.45 -223.61 -58.46
N SER M 229 151.89 -224.15 -57.34
CA SER M 229 152.21 -223.35 -56.17
C SER M 229 153.62 -222.78 -56.30
N THR M 230 153.74 -221.47 -56.09
CA THR M 230 155.01 -220.78 -56.18
C THR M 230 155.41 -220.24 -54.81
N ILE M 231 156.71 -219.95 -54.67
CA ILE M 231 157.24 -219.44 -53.41
C ILE M 231 158.42 -218.51 -53.71
N ALA M 232 158.30 -217.26 -53.28
CA ALA M 232 159.35 -216.27 -53.50
C ALA M 232 160.31 -216.23 -52.32
N SER M 233 161.55 -215.83 -52.60
CA SER M 233 162.57 -215.76 -51.57
C SER M 233 163.52 -214.61 -51.89
N CYS M 234 164.12 -214.04 -50.85
CA CYS M 234 165.06 -212.93 -51.00
C CYS M 234 166.23 -213.14 -50.05
N SER M 235 167.44 -213.05 -50.59
CA SER M 235 168.67 -213.23 -49.81
C SER M 235 169.37 -211.89 -49.67
N GLN M 236 170.54 -211.93 -49.03
CA GLN M 236 171.34 -210.72 -48.82
C GLN M 236 172.25 -210.39 -49.99
N ASP M 237 172.33 -211.25 -51.00
CA ASP M 237 173.17 -211.00 -52.16
C ASP M 237 172.51 -210.09 -53.19
N GLY M 238 171.21 -209.86 -53.09
CA GLY M 238 170.50 -209.00 -54.02
C GLY M 238 169.64 -209.73 -55.03
N ARG M 239 169.69 -211.06 -55.08
CA ARG M 239 168.89 -211.83 -56.00
C ARG M 239 167.56 -212.21 -55.39
N VAL M 240 166.53 -212.30 -56.23
CA VAL M 240 165.18 -212.65 -55.81
C VAL M 240 164.78 -213.90 -56.58
N PHE M 241 164.75 -215.04 -55.90
CA PHE M 241 164.40 -216.31 -56.52
C PHE M 241 162.90 -216.57 -56.36
N ILE M 242 162.31 -217.16 -57.40
CA ILE M 242 160.87 -217.50 -57.41
C ILE M 242 160.78 -218.98 -57.73
N TRP M 243 160.78 -219.81 -56.70
CA TRP M 243 160.71 -221.26 -56.88
C TRP M 243 159.26 -221.69 -57.05
N THR M 244 158.96 -222.33 -58.17
CA THR M 244 157.62 -222.82 -58.47
C THR M 244 157.67 -224.31 -58.77
N CYS M 245 156.52 -224.96 -58.62
CA CYS M 245 156.40 -226.39 -58.85
C CYS M 245 155.72 -226.65 -60.19
N ASP M 246 156.05 -227.79 -60.80
CA ASP M 246 155.47 -228.14 -62.09
C ASP M 246 154.05 -228.69 -61.92
N ASP M 247 153.87 -229.63 -61.00
CA ASP M 247 152.57 -230.23 -60.76
C ASP M 247 152.47 -230.60 -59.28
N ALA M 248 151.32 -231.14 -58.90
CA ALA M 248 151.09 -231.54 -57.52
C ALA M 248 151.76 -232.87 -57.23
N SER M 249 152.40 -232.96 -56.06
CA SER M 249 153.10 -234.17 -55.61
C SER M 249 154.17 -234.59 -56.63
N SER M 250 154.97 -233.62 -57.06
CA SER M 250 156.03 -233.84 -58.02
C SER M 250 157.37 -233.37 -57.44
N ASN M 251 158.44 -234.09 -57.78
CA ASN M 251 159.78 -233.74 -57.29
C ASN M 251 160.41 -232.75 -58.27
N THR M 252 159.97 -231.50 -58.16
CA THR M 252 160.48 -230.43 -59.02
C THR M 252 160.43 -229.12 -58.25
N TRP M 253 161.60 -228.52 -58.02
CA TRP M 253 161.70 -227.26 -57.30
C TRP M 253 162.73 -226.36 -58.00
N SER M 254 162.47 -226.06 -59.26
CA SER M 254 163.37 -225.21 -60.03
C SER M 254 163.12 -223.75 -59.71
N PRO M 255 164.14 -222.99 -59.34
CA PRO M 255 163.93 -221.57 -59.03
C PRO M 255 164.25 -220.66 -60.20
N LYS M 256 163.54 -219.53 -60.30
CA LYS M 256 163.73 -218.57 -61.38
C LYS M 256 164.18 -217.25 -60.79
N LEU M 257 165.25 -216.69 -61.33
CA LEU M 257 165.77 -215.40 -60.86
C LEU M 257 164.92 -214.27 -61.42
N LEU M 258 164.33 -213.47 -60.53
CA LEU M 258 163.50 -212.36 -60.95
C LEU M 258 164.33 -211.11 -61.26
N HIS M 259 165.08 -210.63 -60.27
CA HIS M 259 165.91 -209.45 -60.44
C HIS M 259 167.15 -209.59 -59.57
N LYS M 260 168.18 -208.83 -59.92
CA LYS M 260 169.45 -208.83 -59.19
C LYS M 260 169.84 -207.38 -58.93
N PHE M 261 169.82 -206.99 -57.66
CA PHE M 261 170.18 -205.63 -57.25
C PHE M 261 171.56 -205.61 -56.59
N ASN M 262 172.10 -204.41 -56.44
CA ASN M 262 173.41 -204.25 -55.82
C ASN M 262 173.35 -204.35 -54.31
N ASP M 263 172.26 -203.89 -53.70
CA ASP M 263 172.08 -203.93 -52.26
C ASP M 263 171.24 -205.14 -51.85
N VAL M 264 171.15 -205.35 -50.54
CA VAL M 264 170.38 -206.47 -50.01
C VAL M 264 168.90 -206.11 -49.98
N VAL M 265 168.06 -207.15 -49.93
CA VAL M 265 166.61 -206.97 -49.89
C VAL M 265 166.13 -207.22 -48.47
N TRP M 266 165.01 -206.57 -48.12
CA TRP M 266 164.44 -206.71 -46.79
C TRP M 266 163.35 -207.78 -46.79
N HIS M 267 162.11 -207.37 -47.07
CA HIS M 267 160.97 -208.27 -47.11
C HIS M 267 160.46 -208.42 -48.54
N VAL M 268 159.60 -209.41 -48.74
CA VAL M 268 159.03 -209.68 -50.05
C VAL M 268 157.62 -210.24 -49.87
N SER M 269 156.61 -209.44 -50.20
CA SER M 269 155.22 -209.84 -50.09
C SER M 269 154.63 -210.11 -51.47
N TRP M 270 153.51 -210.82 -51.48
CA TRP M 270 152.82 -211.18 -52.72
C TRP M 270 151.34 -210.82 -52.60
N SER M 271 150.73 -210.52 -53.74
CA SER M 271 149.32 -210.18 -53.77
C SER M 271 148.47 -211.45 -53.83
N ILE M 272 147.15 -211.26 -53.75
CA ILE M 272 146.21 -212.37 -53.78
C ILE M 272 145.47 -212.48 -55.12
N THR M 273 145.31 -211.37 -55.84
CA THR M 273 144.61 -211.40 -57.12
C THR M 273 145.54 -211.84 -58.23
N ALA M 274 146.44 -210.96 -58.67
CA ALA M 274 147.38 -211.26 -59.74
C ALA M 274 148.69 -211.82 -59.22
N ASN M 275 148.83 -211.99 -57.90
CA ASN M 275 150.05 -212.53 -57.29
C ASN M 275 151.27 -211.69 -57.66
N ILE M 276 151.14 -210.38 -57.50
CA ILE M 276 152.22 -209.45 -57.82
C ILE M 276 153.21 -209.45 -56.66
N LEU M 277 154.48 -209.72 -56.97
CA LEU M 277 155.52 -209.76 -55.95
C LEU M 277 155.95 -208.34 -55.60
N ALA M 278 155.92 -208.02 -54.32
CA ALA M 278 156.30 -206.69 -53.82
C ALA M 278 157.72 -206.80 -53.24
N VAL M 279 158.71 -206.50 -54.07
CA VAL M 279 160.11 -206.56 -53.66
C VAL M 279 160.42 -205.29 -52.86
N SER M 280 160.65 -205.45 -51.55
CA SER M 280 160.96 -204.34 -50.66
C SER M 280 162.41 -204.46 -50.23
N GLY M 281 163.25 -203.54 -50.69
CA GLY M 281 164.65 -203.55 -50.34
C GLY M 281 165.47 -202.88 -51.42
N GLY M 282 166.76 -202.74 -51.13
CA GLY M 282 167.69 -202.12 -52.06
C GLY M 282 168.09 -200.71 -51.64
N ASP M 283 167.54 -199.71 -52.33
CA ASP M 283 167.86 -198.31 -52.03
C ASP M 283 166.69 -197.64 -51.33
N ASN M 284 166.13 -198.30 -50.32
CA ASN M 284 164.99 -197.79 -49.56
C ASN M 284 163.80 -197.47 -50.47
N LYS M 285 163.46 -198.43 -51.32
CA LYS M 285 162.36 -198.27 -52.25
C LYS M 285 161.74 -199.63 -52.53
N VAL M 286 160.41 -199.64 -52.71
CA VAL M 286 159.66 -200.86 -52.98
C VAL M 286 159.35 -200.92 -54.47
N THR M 287 159.41 -202.12 -55.04
CA THR M 287 159.13 -202.35 -56.45
C THR M 287 158.11 -203.47 -56.58
N LEU M 288 157.22 -203.33 -57.55
CA LEU M 288 156.17 -204.31 -57.82
C LEU M 288 156.55 -205.12 -59.05
N TRP M 289 156.73 -206.43 -58.87
CA TRP M 289 157.09 -207.34 -59.95
C TRP M 289 155.88 -208.20 -60.28
N LYS M 290 155.62 -208.36 -61.58
CA LYS M 290 154.49 -209.15 -62.07
C LYS M 290 154.95 -210.03 -63.22
N GLU M 291 154.45 -211.27 -63.25
CA GLU M 291 154.80 -212.19 -64.32
C GLU M 291 154.04 -211.86 -65.59
N SER M 292 154.77 -211.79 -66.71
CA SER M 292 154.17 -211.47 -67.99
C SER M 292 153.72 -212.76 -68.69
N VAL M 293 153.30 -212.64 -69.95
CA VAL M 293 152.86 -213.81 -70.70
C VAL M 293 154.02 -214.64 -71.23
N ASP M 294 155.21 -214.05 -71.36
CA ASP M 294 156.37 -214.77 -71.86
C ASP M 294 157.04 -215.62 -70.79
N GLY M 295 156.77 -215.35 -69.51
CA GLY M 295 157.36 -216.09 -68.41
C GLY M 295 158.37 -215.31 -67.61
N GLN M 296 158.90 -214.21 -68.14
CA GLN M 296 159.88 -213.41 -67.44
C GLN M 296 159.19 -212.36 -66.57
N TRP M 297 159.77 -212.09 -65.41
CA TRP M 297 159.22 -211.12 -64.48
C TRP M 297 159.74 -209.74 -64.81
N VAL M 298 158.83 -208.76 -64.83
CA VAL M 298 159.17 -207.38 -65.15
C VAL M 298 158.60 -206.48 -64.06
N CYS M 299 159.25 -205.33 -63.86
CA CYS M 299 158.82 -204.37 -62.86
C CYS M 299 157.62 -203.58 -63.38
N ILE M 300 156.59 -203.46 -62.54
CA ILE M 300 155.37 -202.73 -62.91
C ILE M 300 155.63 -201.24 -62.75
N SER M 301 155.80 -200.80 -61.50
CA SER M 301 156.04 -199.39 -61.22
C SER M 301 156.92 -199.30 -59.97
N ASP M 302 157.20 -198.06 -59.56
CA ASP M 302 158.02 -197.78 -58.39
C ASP M 302 157.16 -197.12 -57.32
N VAL M 303 157.30 -197.59 -56.07
CA VAL M 303 156.53 -197.05 -54.96
C VAL M 303 157.21 -195.78 -54.45
N ASN M 304 156.51 -195.02 -53.62
CA ASN M 304 157.01 -193.78 -53.04
C ASN M 304 157.49 -192.80 -54.11
N ARG N 5 222.33 -217.03 9.83
CA ARG N 5 223.07 -218.11 9.20
C ARG N 5 222.22 -218.81 8.14
N SER N 6 222.85 -219.72 7.39
CA SER N 6 222.14 -220.45 6.34
C SER N 6 221.31 -221.59 6.94
N ILE N 7 220.26 -221.98 6.22
CA ILE N 7 219.37 -223.04 6.64
C ILE N 7 218.94 -223.84 5.42
N ALA N 8 218.54 -225.08 5.66
CA ALA N 8 218.10 -225.98 4.60
C ALA N 8 216.63 -225.76 4.30
N ALA N 9 216.26 -225.89 3.03
CA ALA N 9 214.89 -225.72 2.59
C ALA N 9 214.09 -227.01 2.60
N ASP N 10 214.69 -228.12 3.03
CA ASP N 10 214.04 -229.43 3.09
C ASP N 10 213.50 -229.83 1.72
N HIS N 11 214.35 -229.71 0.70
CA HIS N 11 214.00 -230.06 -0.67
C HIS N 11 215.01 -231.07 -1.20
N LYS N 12 214.49 -232.15 -1.80
CA LYS N 12 215.38 -233.18 -2.34
C LYS N 12 215.99 -232.75 -3.66
N ASP N 13 215.22 -232.05 -4.50
CA ASP N 13 215.71 -231.60 -5.78
C ASP N 13 216.30 -230.19 -5.65
N LEU N 14 216.62 -229.56 -6.78
CA LEU N 14 217.19 -228.23 -6.78
C LEU N 14 216.09 -227.18 -6.73
N ILE N 15 216.38 -226.07 -6.04
CA ILE N 15 215.41 -224.99 -5.91
C ILE N 15 215.40 -224.16 -7.19
N HIS N 16 214.22 -223.62 -7.52
CA HIS N 16 214.05 -222.81 -8.72
C HIS N 16 213.84 -221.35 -8.35
N ASP N 17 212.71 -221.01 -7.75
CA ASP N 17 212.41 -219.64 -7.36
C ASP N 17 212.13 -219.57 -5.86
N VAL N 18 212.30 -218.38 -5.30
CA VAL N 18 212.07 -218.16 -3.88
C VAL N 18 211.58 -216.75 -3.66
N SER N 19 210.27 -216.53 -3.84
CA SER N 19 209.67 -215.22 -3.66
C SER N 19 209.16 -215.06 -2.23
N PHE N 20 208.98 -213.80 -1.84
CA PHE N 20 208.50 -213.45 -0.51
C PHE N 20 207.10 -212.85 -0.60
N ASP N 21 206.52 -212.56 0.56
CA ASP N 21 205.18 -211.99 0.63
C ASP N 21 205.25 -210.46 0.70
N PHE N 22 204.37 -209.86 1.50
CA PHE N 22 204.33 -208.41 1.64
C PHE N 22 204.32 -207.97 3.10
N HIS N 23 204.58 -208.88 4.03
CA HIS N 23 204.60 -208.53 5.45
C HIS N 23 206.03 -208.40 5.96
N GLY N 24 206.76 -209.51 6.01
CA GLY N 24 208.14 -209.48 6.47
C GLY N 24 208.54 -210.76 7.17
N ARG N 25 207.57 -211.65 7.42
CA ARG N 25 207.81 -212.92 8.10
C ARG N 25 207.20 -214.07 7.31
N ARG N 26 207.30 -214.01 5.99
CA ARG N 26 206.75 -215.05 5.12
C ARG N 26 207.60 -215.15 3.87
N MET N 27 207.92 -216.38 3.48
CA MET N 27 208.73 -216.63 2.30
C MET N 27 208.34 -217.98 1.70
N ALA N 28 207.98 -217.96 0.42
CA ALA N 28 207.59 -219.17 -0.29
C ALA N 28 208.75 -219.70 -1.11
N THR N 29 208.82 -221.02 -1.25
CA THR N 29 209.87 -221.69 -2.00
C THR N 29 209.28 -222.84 -2.79
N CYS N 30 209.84 -223.06 -3.98
CA CYS N 30 209.38 -224.14 -4.86
C CYS N 30 210.58 -224.76 -5.54
N SER N 31 210.70 -226.07 -5.46
CA SER N 31 211.80 -226.81 -6.06
C SER N 31 211.27 -227.71 -7.18
N SER N 32 212.14 -228.59 -7.66
CA SER N 32 211.79 -229.52 -8.74
C SER N 32 211.30 -230.86 -8.22
N ASP N 33 211.06 -230.98 -6.92
CA ASP N 33 210.59 -232.22 -6.31
C ASP N 33 209.09 -232.20 -6.03
N GLN N 34 208.35 -231.31 -6.71
CA GLN N 34 206.90 -231.18 -6.54
C GLN N 34 206.54 -230.90 -5.08
N SER N 35 207.07 -229.78 -4.57
CA SER N 35 206.82 -229.39 -3.19
C SER N 35 206.85 -227.86 -3.11
N VAL N 36 205.95 -227.31 -2.30
CA VAL N 36 205.84 -225.87 -2.11
C VAL N 36 206.01 -225.61 -0.62
N LYS N 37 207.23 -225.22 -0.21
CA LYS N 37 207.53 -224.95 1.19
C LYS N 37 207.33 -223.47 1.48
N VAL N 38 206.80 -223.19 2.67
CA VAL N 38 206.55 -221.82 3.12
C VAL N 38 207.34 -221.59 4.40
N TRP N 39 208.16 -220.55 4.41
CA TRP N 39 208.98 -220.20 5.56
C TRP N 39 208.33 -219.09 6.37
N ASP N 40 208.65 -219.06 7.66
CA ASP N 40 208.10 -218.06 8.57
C ASP N 40 209.21 -217.57 9.50
N LYS N 41 209.40 -216.26 9.56
CA LYS N 41 210.42 -215.66 10.40
C LYS N 41 209.86 -215.40 11.79
N SER N 42 210.69 -215.65 12.81
CA SER N 42 210.30 -215.44 14.19
C SER N 42 210.71 -214.05 14.64
N GLU N 43 210.69 -213.80 15.95
CA GLU N 43 211.07 -212.49 16.48
C GLU N 43 212.56 -212.29 16.54
N SER N 44 213.35 -213.36 16.59
CA SER N 44 214.80 -213.28 16.66
C SER N 44 215.45 -213.27 15.27
N GLY N 45 214.67 -213.32 14.20
CA GLY N 45 215.19 -213.32 12.86
C GLY N 45 215.43 -214.68 12.26
N ASP N 46 215.19 -215.76 13.00
CA ASP N 46 215.40 -217.10 12.49
C ASP N 46 214.22 -217.52 11.61
N TRP N 47 214.55 -218.19 10.51
CA TRP N 47 213.53 -218.66 9.57
C TRP N 47 213.13 -220.09 9.91
N HIS N 48 211.84 -220.31 10.11
CA HIS N 48 211.30 -221.61 10.45
C HIS N 48 210.29 -222.05 9.39
N CYS N 49 210.21 -223.35 9.18
CA CYS N 49 209.29 -223.91 8.19
C CYS N 49 207.87 -223.90 8.75
N THR N 50 206.94 -223.36 7.97
CA THR N 50 205.53 -223.28 8.36
C THR N 50 204.69 -224.40 7.76
N ALA N 51 204.73 -224.56 6.45
CA ALA N 51 203.97 -225.61 5.77
C ALA N 51 204.73 -226.05 4.53
N SER N 52 204.65 -227.35 4.24
CA SER N 52 205.32 -227.91 3.07
C SER N 52 204.54 -229.13 2.61
N TRP N 53 204.00 -229.06 1.40
CA TRP N 53 203.24 -230.16 0.83
C TRP N 53 203.36 -230.12 -0.69
N LYS N 54 202.80 -231.14 -1.33
CA LYS N 54 202.83 -231.26 -2.78
C LYS N 54 201.69 -230.47 -3.40
N THR N 55 201.98 -229.78 -4.50
CA THR N 55 201.00 -228.98 -5.21
C THR N 55 200.76 -229.43 -6.65
N HIS N 56 201.76 -230.01 -7.30
CA HIS N 56 201.63 -230.47 -8.68
C HIS N 56 202.33 -231.81 -8.82
N SER N 57 202.36 -232.32 -10.06
CA SER N 57 203.00 -233.59 -10.34
C SER N 57 204.34 -233.45 -11.04
N GLY N 58 204.64 -232.29 -11.60
CA GLY N 58 205.89 -232.03 -12.29
C GLY N 58 206.87 -231.25 -11.44
N SER N 59 207.76 -230.53 -12.12
CA SER N 59 208.78 -229.72 -11.46
C SER N 59 208.30 -228.27 -11.40
N VAL N 60 208.18 -227.73 -10.20
CA VAL N 60 207.73 -226.36 -10.04
C VAL N 60 208.88 -225.41 -10.32
N TRP N 61 208.62 -224.41 -11.16
CA TRP N 61 209.63 -223.42 -11.54
C TRP N 61 209.26 -222.00 -11.16
N ARG N 62 207.99 -221.63 -11.31
CA ARG N 62 207.52 -220.28 -10.98
C ARG N 62 206.70 -220.33 -9.69
N VAL N 63 206.93 -219.36 -8.82
CA VAL N 63 206.22 -219.28 -7.55
C VAL N 63 206.12 -217.83 -7.12
N THR N 64 204.90 -217.33 -6.95
CA THR N 64 204.66 -215.95 -6.54
C THR N 64 203.46 -215.91 -5.61
N TRP N 65 203.51 -214.97 -4.66
CA TRP N 65 202.44 -214.78 -3.68
C TRP N 65 201.65 -213.53 -4.02
N ALA N 66 200.35 -213.57 -3.74
CA ALA N 66 199.48 -212.44 -4.02
C ALA N 66 199.56 -211.42 -2.88
N HIS N 67 198.87 -210.30 -3.06
CA HIS N 67 198.85 -209.23 -2.06
C HIS N 67 197.83 -209.56 -0.98
N PRO N 68 197.73 -208.74 0.06
CA PRO N 68 196.78 -208.99 1.15
C PRO N 68 195.38 -208.44 0.90
N GLU N 69 195.05 -208.01 -0.32
CA GLU N 69 193.73 -207.48 -0.60
C GLU N 69 192.67 -208.58 -0.73
N PHE N 70 193.07 -209.81 -1.04
CA PHE N 70 192.15 -210.92 -1.19
C PHE N 70 192.52 -212.09 -0.29
N GLY N 71 193.33 -211.85 0.73
CA GLY N 71 193.75 -212.90 1.64
C GLY N 71 195.16 -213.38 1.36
N GLN N 72 195.52 -214.47 2.04
CA GLN N 72 196.84 -215.07 1.90
C GLN N 72 196.79 -216.13 0.80
N VAL N 73 196.90 -215.66 -0.43
CA VAL N 73 196.87 -216.53 -1.59
C VAL N 73 198.27 -216.65 -2.16
N LEU N 74 198.53 -217.76 -2.86
CA LEU N 74 199.83 -218.01 -3.45
C LEU N 74 199.65 -218.82 -4.72
N ALA N 75 200.28 -218.38 -5.80
CA ALA N 75 200.22 -219.05 -7.09
C ALA N 75 201.50 -219.82 -7.34
N SER N 76 201.39 -220.89 -8.13
CA SER N 76 202.53 -221.73 -8.46
C SER N 76 202.33 -222.31 -9.85
N CYS N 77 203.42 -222.35 -10.63
CA CYS N 77 203.40 -222.88 -11.98
C CYS N 77 204.47 -223.96 -12.10
N SER N 78 204.08 -225.12 -12.61
CA SER N 78 204.99 -226.26 -12.78
C SER N 78 205.09 -226.61 -14.26
N PHE N 79 205.78 -227.72 -14.53
CA PHE N 79 205.98 -228.21 -15.89
C PHE N 79 204.93 -229.24 -16.31
N ASP N 80 203.88 -229.43 -15.50
CA ASP N 80 202.82 -230.38 -15.79
C ASP N 80 201.60 -229.73 -16.42
N ARG N 81 201.77 -228.55 -17.03
CA ARG N 81 200.67 -227.82 -17.67
C ARG N 81 199.54 -227.54 -16.68
N THR N 82 199.90 -226.97 -15.52
CA THR N 82 198.94 -226.65 -14.48
C THR N 82 199.43 -225.44 -13.71
N ALA N 83 198.48 -224.58 -13.32
CA ALA N 83 198.77 -223.37 -12.55
C ALA N 83 197.72 -223.23 -11.45
N ALA N 84 197.90 -223.99 -10.38
CA ALA N 84 196.97 -223.97 -9.26
C ALA N 84 197.32 -222.86 -8.29
N VAL N 85 196.32 -222.44 -7.52
CA VAL N 85 196.47 -221.37 -6.54
C VAL N 85 196.10 -221.93 -5.17
N TRP N 86 196.99 -221.77 -4.20
CA TRP N 86 196.79 -222.25 -2.85
C TRP N 86 196.32 -221.12 -1.94
N GLU N 87 195.55 -221.49 -0.92
CA GLU N 87 195.02 -220.53 0.05
C GLU N 87 195.42 -220.97 1.45
N GLU N 88 196.01 -220.05 2.21
CA GLU N 88 196.44 -220.36 3.56
C GLU N 88 195.25 -220.33 4.52
N ILE N 89 195.12 -221.37 5.34
CA ILE N 89 194.05 -221.50 6.30
C ILE N 89 194.64 -221.39 7.69
N VAL N 90 193.97 -220.62 8.57
CA VAL N 90 194.44 -220.44 9.94
C VAL N 90 193.90 -221.50 10.89
N GLY N 91 193.05 -222.41 10.42
CA GLY N 91 192.50 -223.45 11.26
C GLY N 91 193.21 -224.78 11.11
N GLU N 92 194.50 -224.74 10.77
CA GLU N 92 195.29 -225.94 10.59
C GLU N 92 196.61 -225.79 11.33
N SER N 93 197.21 -226.93 11.67
CA SER N 93 198.48 -226.94 12.38
C SER N 93 199.64 -226.69 11.42
N ASN N 94 200.77 -226.29 11.98
CA ASN N 94 201.96 -226.01 11.19
C ASN N 94 202.71 -227.30 10.86
N ASP N 95 203.26 -227.35 9.65
CA ASP N 95 204.02 -228.51 9.17
C ASP N 95 203.17 -229.78 9.22
N LYS N 96 201.94 -229.68 8.70
CA LYS N 96 201.02 -230.79 8.67
C LYS N 96 200.53 -231.14 7.27
N LEU N 97 201.03 -230.45 6.24
CA LEU N 97 200.64 -230.70 4.84
C LEU N 97 199.13 -230.54 4.66
N ARG N 98 198.55 -229.55 5.33
CA ARG N 98 197.12 -229.32 5.22
C ARG N 98 196.71 -227.86 5.37
N GLY N 99 197.65 -226.94 5.65
CA GLY N 99 197.31 -225.54 5.81
C GLY N 99 197.15 -224.77 4.51
N GLN N 100 197.53 -225.36 3.38
CA GLN N 100 197.42 -224.72 2.07
C GLN N 100 196.44 -225.52 1.23
N SER N 101 195.20 -225.04 1.13
CA SER N 101 194.17 -225.71 0.37
C SER N 101 194.14 -225.17 -1.06
N HIS N 102 193.93 -226.07 -2.03
CA HIS N 102 193.88 -225.68 -3.43
C HIS N 102 192.53 -225.05 -3.74
N TRP N 103 192.57 -223.87 -4.35
CA TRP N 103 191.35 -223.15 -4.71
C TRP N 103 190.87 -223.53 -6.11
N VAL N 104 191.72 -223.32 -7.12
CA VAL N 104 191.38 -223.64 -8.50
C VAL N 104 192.60 -224.19 -9.21
N LYS N 105 192.49 -224.41 -10.52
CA LYS N 105 193.59 -224.92 -11.31
C LYS N 105 193.43 -224.45 -12.75
N ARG N 106 194.54 -224.03 -13.35
CA ARG N 106 194.57 -223.53 -14.73
C ARG N 106 195.28 -224.56 -15.58
N THR N 107 194.58 -225.66 -15.87
CA THR N 107 195.14 -226.74 -16.68
C THR N 107 194.38 -226.98 -17.99
N THR N 108 193.13 -226.55 -18.09
CA THR N 108 192.34 -226.73 -19.30
C THR N 108 192.41 -225.53 -20.24
N LEU N 109 193.28 -224.56 -19.95
CA LEU N 109 193.40 -223.39 -20.80
C LEU N 109 194.22 -223.71 -22.05
N VAL N 110 193.87 -223.03 -23.14
CA VAL N 110 194.58 -223.25 -24.40
C VAL N 110 195.92 -222.51 -24.42
N ASP N 111 196.00 -221.36 -23.73
CA ASP N 111 197.24 -220.60 -23.70
C ASP N 111 198.24 -221.14 -22.68
N SER N 112 197.77 -221.85 -21.66
CA SER N 112 198.66 -222.40 -20.65
C SER N 112 198.61 -223.93 -20.66
N ARG N 113 198.76 -224.52 -21.85
CA ARG N 113 198.73 -225.97 -22.01
C ARG N 113 200.12 -226.55 -22.21
N THR N 114 201.17 -225.76 -21.96
CA THR N 114 202.54 -226.23 -22.14
C THR N 114 203.31 -226.14 -20.83
N SER N 115 204.63 -226.25 -20.91
CA SER N 115 205.49 -226.17 -19.73
C SER N 115 205.56 -224.72 -19.26
N VAL N 116 204.94 -224.42 -18.13
CA VAL N 116 204.94 -223.07 -17.60
C VAL N 116 206.25 -222.82 -16.86
N THR N 117 206.78 -221.60 -16.99
CA THR N 117 208.02 -221.22 -16.34
C THR N 117 208.01 -219.83 -15.73
N ASP N 118 206.96 -219.04 -15.95
CA ASP N 118 206.85 -217.70 -15.39
C ASP N 118 205.41 -217.43 -14.99
N VAL N 119 205.23 -217.03 -13.73
CA VAL N 119 203.89 -216.75 -13.20
C VAL N 119 204.00 -215.69 -12.12
N LYS N 120 203.45 -214.51 -12.37
CA LYS N 120 203.48 -213.41 -11.42
C LYS N 120 202.13 -212.71 -11.41
N PHE N 121 201.66 -212.37 -10.21
CA PHE N 121 200.38 -211.70 -10.07
C PHE N 121 200.51 -210.21 -10.39
N ALA N 122 199.36 -209.58 -10.65
CA ALA N 122 199.32 -208.16 -10.97
C ALA N 122 199.16 -207.35 -9.71
N PRO N 123 198.96 -206.04 -9.81
CA PRO N 123 198.80 -205.20 -8.63
C PRO N 123 197.39 -205.32 -8.05
N LYS N 124 197.23 -204.75 -6.85
CA LYS N 124 195.95 -204.77 -6.16
C LYS N 124 194.99 -203.69 -6.64
N HIS N 125 195.48 -202.73 -7.44
CA HIS N 125 194.61 -201.67 -7.94
C HIS N 125 193.72 -202.12 -9.08
N MET N 126 194.06 -203.22 -9.75
CA MET N 126 193.28 -203.74 -10.86
C MET N 126 192.58 -205.05 -10.52
N GLY N 127 192.49 -205.39 -9.25
CA GLY N 127 191.83 -206.62 -8.85
C GLY N 127 192.79 -207.79 -8.72
N LEU N 128 192.21 -208.96 -8.46
CA LEU N 128 192.98 -210.19 -8.31
C LEU N 128 193.25 -210.78 -9.70
N MET N 129 194.29 -210.25 -10.34
CA MET N 129 194.70 -210.67 -11.66
C MET N 129 196.11 -211.25 -11.62
N LEU N 130 196.38 -212.15 -12.55
CA LEU N 130 197.69 -212.80 -12.62
C LEU N 130 197.97 -213.17 -14.07
N ALA N 131 199.27 -213.26 -14.39
CA ALA N 131 199.72 -213.60 -15.74
C ALA N 131 200.57 -214.86 -15.68
N THR N 132 200.58 -215.60 -16.79
CA THR N 132 201.35 -216.83 -16.89
C THR N 132 201.85 -217.00 -18.31
N CYS N 133 203.06 -217.52 -18.46
CA CYS N 133 203.67 -217.75 -19.76
C CYS N 133 204.21 -219.17 -19.80
N SER N 134 203.72 -219.96 -20.75
CA SER N 134 204.14 -221.34 -20.92
C SER N 134 205.11 -221.45 -22.10
N ALA N 135 205.34 -222.67 -22.56
CA ALA N 135 206.23 -222.93 -23.68
C ALA N 135 205.54 -222.84 -25.03
N ASP N 136 204.22 -222.58 -25.04
CA ASP N 136 203.48 -222.49 -26.30
C ASP N 136 203.60 -221.11 -26.94
N GLY N 137 204.14 -220.12 -26.25
CA GLY N 137 204.29 -218.79 -26.79
C GLY N 137 203.09 -217.88 -26.60
N ILE N 138 202.09 -218.30 -25.84
CA ILE N 138 200.90 -217.50 -25.58
C ILE N 138 200.85 -217.16 -24.10
N VAL N 139 200.69 -215.87 -23.80
CA VAL N 139 200.63 -215.39 -22.43
C VAL N 139 199.17 -215.39 -21.97
N ARG N 140 198.87 -216.17 -20.95
CA ARG N 140 197.52 -216.26 -20.42
C ARG N 140 197.33 -215.25 -19.30
N ILE N 141 196.18 -214.57 -19.32
CA ILE N 141 195.84 -213.56 -18.33
C ILE N 141 194.58 -214.03 -17.61
N TYR N 142 194.73 -214.42 -16.35
CA TYR N 142 193.62 -214.89 -15.54
C TYR N 142 193.26 -213.83 -14.51
N GLU N 143 191.96 -213.59 -14.33
CA GLU N 143 191.47 -212.60 -13.39
C GLU N 143 190.16 -213.09 -12.78
N ALA N 144 190.04 -212.94 -11.47
CA ALA N 144 188.82 -213.36 -10.77
C ALA N 144 187.83 -212.20 -10.70
N PRO N 145 186.59 -212.40 -11.15
CA PRO N 145 185.62 -211.30 -11.09
C PRO N 145 185.01 -211.13 -9.71
N ASP N 146 184.78 -212.23 -9.01
CA ASP N 146 184.21 -212.20 -7.67
C ASP N 146 185.32 -212.22 -6.63
N VAL N 147 185.28 -211.26 -5.71
CA VAL N 147 186.29 -211.19 -4.66
C VAL N 147 186.02 -212.20 -3.56
N MET N 148 184.75 -212.57 -3.36
CA MET N 148 184.41 -213.54 -2.32
C MET N 148 184.68 -214.97 -2.76
N ASN N 149 184.61 -215.24 -4.06
CA ASN N 149 184.85 -216.58 -4.60
C ASN N 149 186.29 -216.65 -5.09
N LEU N 150 187.10 -217.47 -4.43
CA LEU N 150 188.50 -217.64 -4.79
C LEU N 150 188.72 -218.70 -5.86
N SER N 151 187.68 -219.43 -6.25
CA SER N 151 187.78 -220.46 -7.27
C SER N 151 187.20 -220.04 -8.61
N GLN N 152 186.63 -218.85 -8.71
CA GLN N 152 186.04 -218.37 -9.96
C GLN N 152 187.09 -217.56 -10.72
N TRP N 153 188.04 -218.30 -11.31
CA TRP N 153 189.12 -217.71 -12.09
C TRP N 153 188.82 -217.90 -13.56
N SER N 154 188.50 -216.80 -14.24
CA SER N 154 188.19 -216.82 -15.67
C SER N 154 189.32 -216.21 -16.47
N LEU N 155 189.39 -216.60 -17.74
CA LEU N 155 190.43 -216.11 -18.64
C LEU N 155 190.06 -214.71 -19.13
N GLN N 156 190.92 -213.73 -18.85
CA GLN N 156 190.68 -212.36 -19.27
C GLN N 156 191.18 -212.09 -20.68
N HIS N 157 192.45 -212.43 -20.96
CA HIS N 157 193.03 -212.23 -22.28
C HIS N 157 193.98 -213.37 -22.58
N GLU N 158 194.34 -213.49 -23.86
CA GLU N 158 195.24 -214.55 -24.32
C GLU N 158 196.02 -214.00 -25.52
N ILE N 159 197.11 -213.30 -25.23
CA ILE N 159 197.96 -212.71 -26.26
C ILE N 159 199.16 -213.62 -26.48
N SER N 160 199.65 -213.64 -27.73
CA SER N 160 200.79 -214.46 -28.11
C SER N 160 202.02 -213.57 -28.16
N CYS N 161 202.90 -213.70 -27.17
CA CYS N 161 204.11 -212.91 -27.14
C CYS N 161 205.23 -213.53 -27.97
N LYS N 162 205.33 -214.85 -27.97
CA LYS N 162 206.36 -215.53 -28.75
C LYS N 162 205.73 -216.55 -29.69
N LEU N 163 206.51 -217.55 -30.10
CA LEU N 163 206.02 -218.59 -31.01
C LEU N 163 206.69 -219.92 -30.72
N SER N 164 207.96 -219.88 -30.34
CA SER N 164 208.73 -221.07 -30.04
C SER N 164 208.67 -221.35 -28.54
N CYS N 165 209.65 -222.11 -28.03
CA CYS N 165 209.74 -222.46 -26.62
C CYS N 165 211.13 -222.12 -26.11
N SER N 166 211.20 -221.19 -25.17
CA SER N 166 212.47 -220.77 -24.58
C SER N 166 212.23 -220.37 -23.13
N CYS N 167 213.11 -219.53 -22.60
CA CYS N 167 212.99 -219.07 -21.22
C CYS N 167 211.97 -217.94 -21.15
N ILE N 168 210.91 -218.13 -20.37
CA ILE N 168 209.86 -217.14 -20.21
C ILE N 168 210.12 -216.35 -18.93
N SER N 169 209.73 -215.08 -18.95
CA SER N 169 209.91 -214.20 -17.80
C SER N 169 208.80 -213.16 -17.81
N TRP N 170 207.96 -213.19 -16.77
CA TRP N 170 206.85 -212.26 -16.65
C TRP N 170 207.16 -211.21 -15.58
N ASN N 171 206.83 -209.96 -15.89
CA ASN N 171 207.06 -208.86 -14.97
C ASN N 171 206.00 -207.78 -15.15
N PRO N 172 205.16 -207.53 -14.14
CA PRO N 172 204.13 -206.51 -14.28
C PRO N 172 204.53 -205.19 -13.66
N SER N 173 203.91 -204.09 -14.11
CA SER N 173 204.21 -202.77 -13.59
C SER N 173 203.55 -202.58 -12.24
N SER N 174 204.33 -202.18 -11.25
CA SER N 174 203.84 -201.96 -9.89
C SER N 174 203.40 -200.51 -9.64
N SER N 175 203.42 -199.67 -10.68
CA SER N 175 203.03 -198.27 -10.54
C SER N 175 201.51 -198.17 -10.52
N ARG N 176 200.95 -197.61 -9.44
CA ARG N 176 199.51 -197.47 -9.34
C ARG N 176 198.99 -196.23 -10.03
N ALA N 177 199.85 -195.23 -10.29
CA ALA N 177 199.46 -194.00 -10.96
C ALA N 177 199.79 -194.02 -12.45
N HIS N 178 199.90 -195.20 -13.04
CA HIS N 178 200.21 -195.34 -14.47
C HIS N 178 199.20 -196.29 -15.10
N SER N 179 199.39 -196.56 -16.39
CA SER N 179 198.51 -197.44 -17.13
C SER N 179 198.86 -198.90 -16.84
N PRO N 180 197.98 -199.83 -17.23
CA PRO N 180 198.24 -201.25 -16.98
C PRO N 180 199.20 -201.82 -18.02
N MET N 181 200.45 -202.03 -17.63
CA MET N 181 201.47 -202.56 -18.52
C MET N 181 202.15 -203.75 -17.85
N ILE N 182 202.73 -204.61 -18.68
CA ILE N 182 203.42 -205.81 -18.20
C ILE N 182 204.50 -206.18 -19.21
N ALA N 183 205.67 -206.57 -18.70
CA ALA N 183 206.79 -206.95 -19.53
C ALA N 183 206.86 -208.47 -19.64
N VAL N 184 207.14 -208.95 -20.85
CA VAL N 184 207.25 -210.39 -21.13
C VAL N 184 208.50 -210.61 -21.96
N GLY N 185 209.35 -211.52 -21.49
CA GLY N 185 210.60 -211.84 -22.18
C GLY N 185 210.60 -213.28 -22.64
N SER N 186 211.07 -213.50 -23.86
CA SER N 186 211.14 -214.85 -24.43
C SER N 186 212.30 -214.90 -25.41
N ASP N 187 213.24 -215.80 -25.17
CA ASP N 187 214.43 -216.00 -26.01
C ASP N 187 215.20 -214.67 -26.04
N ASP N 188 215.64 -214.17 -27.19
CA ASP N 188 216.36 -212.92 -27.25
C ASP N 188 215.45 -211.70 -27.32
N SER N 189 214.15 -211.90 -27.46
CA SER N 189 213.21 -210.79 -27.52
C SER N 189 212.67 -210.46 -26.14
N SER N 190 212.30 -209.20 -25.95
CA SER N 190 211.77 -208.71 -24.67
C SER N 190 210.76 -207.61 -24.94
N PRO N 191 209.54 -207.98 -25.32
CA PRO N 191 208.51 -206.98 -25.58
C PRO N 191 207.85 -206.50 -24.29
N ASN N 192 207.04 -205.45 -24.42
CA ASN N 192 206.33 -204.86 -23.30
C ASN N 192 204.91 -204.56 -23.75
N ALA N 193 203.95 -205.36 -23.27
CA ALA N 193 202.55 -205.18 -23.62
C ALA N 193 201.91 -204.16 -22.70
N MET N 194 200.96 -203.40 -23.25
CA MET N 194 200.26 -202.37 -22.49
C MET N 194 198.78 -202.40 -22.85
N ALA N 195 197.93 -202.12 -21.87
CA ALA N 195 196.49 -202.12 -22.09
C ALA N 195 196.08 -200.85 -22.85
N LYS N 196 195.20 -201.01 -23.82
CA LYS N 196 194.73 -199.90 -24.62
C LYS N 196 193.47 -199.30 -23.99
N VAL N 197 192.65 -198.63 -24.79
CA VAL N 197 191.41 -198.03 -24.31
C VAL N 197 190.24 -198.91 -24.71
N GLN N 198 190.55 -200.09 -25.26
CA GLN N 198 189.51 -201.02 -25.69
C GLN N 198 189.43 -202.22 -24.75
N ILE N 199 189.21 -201.95 -23.46
CA ILE N 199 189.13 -203.03 -22.49
C ILE N 199 187.89 -203.88 -22.73
N PHE N 200 186.76 -203.24 -23.07
CA PHE N 200 185.54 -203.99 -23.33
C PHE N 200 185.67 -204.86 -24.57
N GLU N 201 186.44 -204.42 -25.57
CA GLU N 201 186.65 -205.22 -26.77
C GLU N 201 187.68 -206.32 -26.54
N TYR N 202 188.67 -206.08 -25.67
CA TYR N 202 189.67 -207.12 -25.39
C TYR N 202 189.11 -208.20 -24.48
N ASN N 203 188.17 -207.83 -23.59
CA ASN N 203 187.57 -208.81 -22.69
C ASN N 203 186.46 -209.63 -23.35
N GLU N 204 186.08 -209.31 -24.58
CA GLU N 204 185.03 -210.01 -25.30
C GLU N 204 185.58 -210.87 -26.42
N ASN N 205 186.88 -211.18 -26.37
CA ASN N 205 187.56 -211.99 -27.37
C ASN N 205 187.43 -211.38 -28.77
N THR N 206 188.21 -210.33 -28.99
CA THR N 206 188.21 -209.63 -30.27
C THR N 206 189.57 -209.00 -30.55
N ARG N 207 190.39 -208.87 -29.50
CA ARG N 207 191.72 -208.28 -29.62
C ARG N 207 192.74 -209.38 -29.84
N LYS N 208 193.45 -209.32 -30.96
CA LYS N 208 194.46 -210.32 -31.28
C LYS N 208 195.72 -210.08 -30.46
N TYR N 209 196.68 -209.35 -31.03
CA TYR N 209 197.94 -209.05 -30.37
C TYR N 209 197.94 -207.60 -29.88
N ALA N 210 198.82 -207.33 -28.91
CA ALA N 210 198.94 -205.99 -28.34
C ALA N 210 200.36 -205.80 -27.84
N LYS N 211 201.09 -204.87 -28.46
CA LYS N 211 202.46 -204.57 -28.09
C LYS N 211 202.69 -203.07 -28.14
N ALA N 212 203.42 -202.56 -27.15
CA ALA N 212 203.72 -201.13 -27.07
C ALA N 212 205.18 -200.84 -27.38
N GLU N 213 206.11 -201.46 -26.66
CA GLU N 213 207.54 -201.25 -26.88
C GLU N 213 208.25 -202.59 -26.78
N THR N 214 209.56 -202.58 -27.05
CA THR N 214 210.37 -203.78 -26.99
C THR N 214 211.78 -203.41 -26.57
N LEU N 215 212.36 -204.21 -25.68
CA LEU N 215 213.72 -203.97 -25.19
C LEU N 215 214.69 -204.76 -26.06
N MET N 216 215.51 -204.05 -26.83
CA MET N 216 216.48 -204.69 -27.70
C MET N 216 217.83 -204.81 -27.00
N THR N 217 218.91 -204.82 -27.79
CA THR N 217 220.28 -204.93 -27.27
C THR N 217 220.44 -206.19 -26.41
N VAL N 218 220.00 -207.32 -26.96
CA VAL N 218 220.08 -208.61 -26.27
C VAL N 218 220.54 -209.64 -27.29
N THR N 219 221.75 -210.17 -27.10
CA THR N 219 222.32 -211.16 -28.00
C THR N 219 222.21 -212.58 -27.45
N ASP N 220 221.46 -212.78 -26.36
CA ASP N 220 221.29 -214.10 -25.77
C ASP N 220 219.91 -214.22 -25.15
N PRO N 221 219.60 -215.35 -24.51
CA PRO N 221 218.28 -215.51 -23.90
C PRO N 221 218.21 -214.82 -22.54
N VAL N 222 217.07 -214.18 -22.28
CA VAL N 222 216.86 -213.48 -21.01
C VAL N 222 216.48 -214.51 -19.95
N HIS N 223 217.22 -214.51 -18.84
CA HIS N 223 216.96 -215.44 -17.75
C HIS N 223 215.98 -214.88 -16.73
N ASP N 224 216.05 -213.58 -16.45
CA ASP N 224 215.16 -212.94 -15.48
C ASP N 224 214.86 -211.53 -15.94
N ILE N 225 213.68 -211.03 -15.56
CA ILE N 225 213.25 -209.68 -15.92
C ILE N 225 212.28 -209.20 -14.85
N ALA N 226 212.52 -207.99 -14.35
CA ALA N 226 211.68 -207.40 -13.32
C ALA N 226 211.62 -205.89 -13.51
N PHE N 227 210.46 -205.32 -13.21
CA PHE N 227 210.24 -203.88 -13.34
C PHE N 227 210.35 -203.22 -11.98
N ALA N 228 211.12 -202.13 -11.91
CA ALA N 228 211.29 -201.42 -10.66
C ALA N 228 210.07 -200.55 -10.36
N PRO N 229 209.78 -200.32 -9.08
CA PRO N 229 208.61 -199.49 -8.73
C PRO N 229 208.94 -198.01 -8.90
N ASN N 230 208.13 -197.31 -9.69
CA ASN N 230 208.32 -195.88 -9.94
C ASN N 230 207.68 -195.10 -8.79
N LEU N 231 208.44 -194.96 -7.72
CA LEU N 231 207.99 -194.23 -6.52
C LEU N 231 208.48 -192.79 -6.62
N GLY N 232 207.60 -191.91 -7.08
CA GLY N 232 207.92 -190.51 -7.22
C GLY N 232 208.42 -190.10 -8.59
N ARG N 233 209.00 -191.03 -9.35
CA ARG N 233 209.52 -190.73 -10.68
C ARG N 233 208.42 -190.89 -11.73
N SER N 234 208.50 -190.06 -12.76
CA SER N 234 207.52 -190.08 -13.85
C SER N 234 207.88 -191.07 -14.94
N PHE N 235 209.00 -191.77 -14.83
CA PHE N 235 209.45 -192.75 -15.81
C PHE N 235 209.50 -194.13 -15.18
N HIS N 236 209.55 -195.15 -16.03
CA HIS N 236 209.61 -196.53 -15.61
C HIS N 236 211.02 -197.08 -15.73
N ILE N 237 211.29 -198.14 -14.98
CA ILE N 237 212.60 -198.79 -14.98
C ILE N 237 212.38 -200.30 -14.95
N LEU N 238 212.99 -201.00 -15.90
CA LEU N 238 212.87 -202.46 -16.00
C LEU N 238 214.26 -203.04 -16.24
N ALA N 239 214.73 -203.85 -15.30
CA ALA N 239 216.05 -204.48 -15.42
C ALA N 239 215.92 -205.82 -16.12
N ILE N 240 216.91 -206.13 -16.95
CA ILE N 240 216.95 -207.38 -17.71
C ILE N 240 218.20 -208.15 -17.32
N ALA N 241 218.10 -209.48 -17.36
CA ALA N 241 219.21 -210.37 -17.02
C ALA N 241 219.39 -211.34 -18.18
N THR N 242 220.24 -210.97 -19.13
CA THR N 242 220.50 -211.79 -20.30
C THR N 242 221.67 -212.74 -20.03
N LYS N 243 221.84 -213.71 -20.93
CA LYS N 243 222.91 -214.70 -20.83
C LYS N 243 224.18 -214.28 -21.55
N ASP N 244 224.24 -213.04 -22.03
CA ASP N 244 225.41 -212.54 -22.76
C ASP N 244 226.33 -211.71 -21.85
N VAL N 245 226.26 -211.92 -20.54
CA VAL N 245 227.09 -211.21 -19.57
C VAL N 245 226.86 -209.70 -19.71
N ARG N 246 225.61 -209.28 -19.67
CA ARG N 246 225.26 -207.86 -19.80
C ARG N 246 223.97 -207.62 -19.05
N ILE N 247 224.00 -206.69 -18.09
CA ILE N 247 222.83 -206.35 -17.29
C ILE N 247 222.28 -205.01 -17.75
N PHE N 248 221.42 -205.03 -18.76
CA PHE N 248 220.84 -203.80 -19.27
C PHE N 248 219.70 -203.32 -18.38
N THR N 249 219.33 -202.05 -18.54
CA THR N 249 218.26 -201.45 -17.75
C THR N 249 217.53 -200.45 -18.65
N LEU N 250 216.28 -200.76 -18.98
CA LEU N 250 215.49 -199.89 -19.82
C LEU N 250 214.96 -198.70 -19.03
N LYS N 251 214.56 -197.65 -19.75
CA LYS N 251 214.03 -196.44 -19.15
C LYS N 251 212.91 -195.90 -20.04
N PRO N 252 211.64 -196.14 -19.69
CA PRO N 252 210.55 -195.64 -20.53
C PRO N 252 209.83 -194.47 -19.89
N VAL N 253 209.68 -193.38 -20.64
CA VAL N 253 209.00 -192.17 -20.16
C VAL N 253 207.99 -191.77 -21.23
N ARG N 254 206.77 -192.28 -21.11
CA ARG N 254 205.73 -191.95 -22.09
C ARG N 254 204.34 -191.86 -21.49
N LYS N 255 204.16 -192.13 -20.20
CA LYS N 255 202.84 -192.05 -19.57
C LYS N 255 202.52 -190.61 -19.27
N GLU N 256 201.64 -190.00 -20.07
CA GLU N 256 201.25 -188.61 -19.89
C GLU N 256 199.75 -188.50 -19.66
N LEU N 257 199.16 -187.38 -20.07
CA LEU N 257 197.73 -187.16 -19.92
C LEU N 257 196.97 -187.94 -20.98
N THR N 258 196.06 -188.81 -20.54
CA THR N 258 195.26 -189.64 -21.45
C THR N 258 194.14 -188.78 -22.02
N SER N 259 194.25 -188.41 -23.29
CA SER N 259 193.25 -187.59 -23.95
C SER N 259 192.04 -188.45 -24.35
N SER N 260 190.95 -187.76 -24.68
CA SER N 260 189.71 -188.43 -25.09
C SER N 260 189.86 -188.87 -26.55
N GLY N 261 190.09 -190.16 -26.75
CA GLY N 261 190.25 -190.68 -28.10
C GLY N 261 191.61 -190.48 -28.70
N GLY N 262 192.63 -190.19 -27.89
CA GLY N 262 193.97 -189.99 -28.40
C GLY N 262 194.84 -191.21 -28.21
N PRO N 263 196.12 -191.08 -28.57
CA PRO N 263 197.04 -192.22 -28.43
C PRO N 263 198.40 -191.81 -27.89
N THR N 264 199.24 -192.78 -27.58
CA THR N 264 200.58 -192.52 -27.05
C THR N 264 201.57 -193.48 -27.69
N LYS N 265 202.84 -193.09 -27.68
CA LYS N 265 203.92 -193.88 -28.24
C LYS N 265 204.95 -194.15 -27.15
N PHE N 266 205.16 -195.43 -26.83
CA PHE N 266 206.11 -195.80 -25.80
C PHE N 266 207.53 -195.76 -26.37
N GLU N 267 208.41 -195.04 -25.67
CA GLU N 267 209.80 -194.89 -26.08
C GLU N 267 210.70 -195.73 -25.17
N ILE N 268 211.81 -196.19 -25.74
CA ILE N 268 212.79 -197.00 -25.02
C ILE N 268 214.11 -196.27 -25.00
N HIS N 269 214.84 -196.38 -23.89
CA HIS N 269 216.13 -195.73 -23.74
C HIS N 269 217.00 -196.57 -22.82
N ILE N 270 218.20 -196.91 -23.28
CA ILE N 270 219.13 -197.72 -22.49
C ILE N 270 219.81 -196.81 -21.48
N VAL N 271 219.70 -197.16 -20.20
CA VAL N 271 220.32 -196.36 -19.15
C VAL N 271 221.79 -196.73 -19.00
N ALA N 272 222.07 -197.97 -18.58
CA ALA N 272 223.43 -198.43 -18.41
C ALA N 272 223.49 -199.93 -18.68
N GLN N 273 224.71 -200.45 -18.78
CA GLN N 273 224.93 -201.87 -19.03
C GLN N 273 226.13 -202.31 -18.21
N PHE N 274 225.88 -203.12 -17.19
CA PHE N 274 226.94 -203.61 -16.32
C PHE N 274 227.41 -204.99 -16.78
N ASP N 275 228.70 -205.25 -16.59
CA ASP N 275 229.30 -206.52 -16.99
C ASP N 275 230.49 -206.85 -16.09
N ASN N 276 230.36 -206.58 -14.79
CA ASN N 276 231.44 -206.86 -13.85
C ASN N 276 231.47 -208.32 -13.41
N HIS N 277 230.36 -209.04 -13.57
CA HIS N 277 230.34 -210.45 -13.16
C HIS N 277 231.02 -211.35 -14.18
N ASN N 278 231.01 -210.97 -15.46
CA ASN N 278 231.64 -211.75 -16.53
C ASN N 278 231.06 -213.17 -16.59
N SER N 279 229.75 -213.29 -16.38
CA SER N 279 229.08 -214.58 -16.41
C SER N 279 227.61 -214.35 -16.77
N GLN N 280 226.90 -215.46 -16.96
CA GLN N 280 225.49 -215.40 -17.29
C GLN N 280 224.66 -215.09 -16.05
N VAL N 281 223.85 -214.05 -16.13
CA VAL N 281 223.03 -213.66 -14.99
C VAL N 281 221.84 -214.61 -14.85
N TRP N 282 221.42 -214.85 -13.61
CA TRP N 282 220.31 -215.74 -13.32
C TRP N 282 219.16 -215.04 -12.63
N ARG N 283 219.44 -214.15 -11.67
CA ARG N 283 218.40 -213.42 -10.94
C ARG N 283 218.69 -211.92 -11.02
N VAL N 284 217.61 -211.13 -11.04
CA VAL N 284 217.73 -209.69 -11.11
C VAL N 284 216.51 -209.06 -10.45
N SER N 285 216.59 -208.84 -9.14
CA SER N 285 215.50 -208.25 -8.37
C SER N 285 215.73 -206.75 -8.19
N TRP N 286 214.71 -206.08 -7.67
CA TRP N 286 214.78 -204.64 -7.43
C TRP N 286 214.40 -204.30 -6.00
N ASN N 287 214.10 -203.03 -5.75
CA ASN N 287 213.73 -202.57 -4.42
C ASN N 287 212.22 -202.35 -4.35
N ILE N 288 211.74 -201.96 -3.16
CA ILE N 288 210.32 -201.72 -2.99
C ILE N 288 209.92 -200.35 -3.53
N THR N 289 210.87 -199.42 -3.63
CA THR N 289 210.59 -198.08 -4.14
C THR N 289 211.42 -197.74 -5.37
N GLY N 290 212.16 -198.70 -5.91
CA GLY N 290 212.96 -198.44 -7.09
C GLY N 290 214.24 -197.67 -6.81
N THR N 291 214.91 -197.97 -5.69
CA THR N 291 216.15 -197.30 -5.33
C THR N 291 217.37 -198.22 -5.29
N VAL N 292 217.18 -199.53 -5.45
CA VAL N 292 218.29 -200.47 -5.43
C VAL N 292 217.95 -201.63 -6.35
N LEU N 293 218.98 -202.15 -7.03
CA LEU N 293 218.81 -203.26 -7.94
C LEU N 293 219.96 -204.24 -7.77
N ALA N 294 219.64 -205.54 -7.75
CA ALA N 294 220.61 -206.59 -7.58
C ALA N 294 220.74 -207.42 -8.85
N SER N 295 221.89 -208.07 -9.00
CA SER N 295 222.15 -208.90 -10.18
C SER N 295 223.09 -210.02 -9.77
N SER N 296 222.63 -211.26 -9.86
CA SER N 296 223.42 -212.43 -9.50
C SER N 296 223.73 -213.25 -10.75
N GLY N 297 225.00 -213.62 -10.90
CA GLY N 297 225.42 -214.39 -12.04
C GLY N 297 225.98 -215.75 -11.66
N ASP N 298 226.77 -216.34 -12.55
CA ASP N 298 227.37 -217.65 -12.31
C ASP N 298 228.73 -217.56 -11.63
N ASP N 299 229.19 -216.36 -11.28
CA ASP N 299 230.47 -216.19 -10.62
C ASP N 299 230.38 -216.28 -9.09
N GLY N 300 229.18 -216.44 -8.54
CA GLY N 300 229.03 -216.55 -7.11
C GLY N 300 229.12 -215.24 -6.36
N CYS N 301 228.60 -214.16 -6.94
CA CYS N 301 228.63 -212.85 -6.31
C CYS N 301 227.35 -212.09 -6.65
N VAL N 302 226.87 -211.32 -5.69
CA VAL N 302 225.65 -210.52 -5.84
C VAL N 302 226.04 -209.05 -5.71
N ARG N 303 225.97 -208.32 -6.83
CA ARG N 303 226.31 -206.92 -6.86
C ARG N 303 225.03 -206.08 -6.76
N LEU N 304 225.01 -205.14 -5.84
CA LEU N 304 223.86 -204.26 -5.61
C LEU N 304 224.13 -202.91 -6.26
N TRP N 305 223.37 -202.61 -7.31
CA TRP N 305 223.49 -201.35 -8.02
C TRP N 305 222.46 -200.34 -7.52
N LYS N 306 222.83 -199.06 -7.56
CA LYS N 306 221.95 -197.99 -7.11
C LYS N 306 222.02 -196.84 -8.11
N ALA N 307 220.98 -196.02 -8.10
CA ALA N 307 220.90 -194.88 -9.00
C ALA N 307 221.78 -193.75 -8.51
N ASN N 308 222.55 -193.16 -9.43
CA ASN N 308 223.44 -192.06 -9.09
C ASN N 308 222.71 -190.72 -9.20
N TYR N 309 223.29 -189.79 -9.95
CA TYR N 309 222.71 -188.46 -10.13
C TYR N 309 222.08 -188.26 -11.51
N MET N 310 222.78 -188.60 -12.58
CA MET N 310 222.29 -188.45 -13.94
C MET N 310 221.72 -189.76 -14.49
N ASP N 311 220.92 -190.46 -13.69
CA ASP N 311 220.32 -191.73 -14.09
C ASP N 311 221.38 -192.76 -14.48
N ASN N 312 222.39 -192.89 -13.63
CA ASN N 312 223.49 -193.82 -13.85
C ASN N 312 223.44 -194.96 -12.84
N TRP N 313 223.86 -196.14 -13.29
CA TRP N 313 223.87 -197.33 -12.45
C TRP N 313 225.28 -197.53 -11.90
N LYS N 314 225.42 -197.43 -10.58
CA LYS N 314 226.70 -197.59 -9.91
C LYS N 314 226.59 -198.71 -8.89
N CYS N 315 227.58 -199.60 -8.89
CA CYS N 315 227.59 -200.72 -7.96
C CYS N 315 228.04 -200.24 -6.58
N THR N 316 227.11 -200.22 -5.63
CA THR N 316 227.40 -199.76 -4.28
C THR N 316 227.86 -200.88 -3.36
N GLY N 317 227.87 -202.12 -3.83
CA GLY N 317 228.30 -203.23 -3.00
C GLY N 317 228.41 -204.49 -3.81
N ILE N 318 229.14 -205.46 -3.24
CA ILE N 318 229.34 -206.75 -3.89
C ILE N 318 229.47 -207.83 -2.82
N LEU N 319 228.38 -208.55 -2.57
CA LEU N 319 228.36 -209.60 -1.57
C LEU N 319 228.58 -210.96 -2.23
N LYS N 320 229.33 -211.82 -1.55
CA LYS N 320 229.62 -213.15 -2.07
C LYS N 320 229.21 -214.24 -1.07
N LYS O 20 230.98 -223.41 -12.65
CA LYS O 20 230.16 -222.25 -12.36
C LYS O 20 228.70 -222.65 -12.12
N ASN O 21 228.23 -222.42 -10.89
CA ASN O 21 226.87 -222.74 -10.50
C ASN O 21 225.96 -221.53 -10.70
N GLN O 22 224.71 -221.80 -11.04
CA GLN O 22 223.71 -220.76 -11.27
C GLN O 22 223.23 -220.25 -9.92
N MET O 23 223.76 -219.10 -9.49
CA MET O 23 223.38 -218.50 -8.22
C MET O 23 222.24 -217.52 -8.42
N TYR O 24 221.18 -217.70 -7.65
CA TYR O 24 219.99 -216.83 -7.72
C TYR O 24 219.85 -216.11 -6.39
N PHE O 25 219.98 -214.79 -6.41
CA PHE O 25 219.88 -213.96 -5.21
C PHE O 25 218.61 -213.11 -5.32
N ASP O 26 217.55 -213.55 -4.63
CA ASP O 26 216.28 -212.83 -4.63
C ASP O 26 216.35 -211.73 -3.59
N TRP O 27 216.60 -210.50 -4.05
CA TRP O 27 216.71 -209.34 -3.17
C TRP O 27 215.31 -208.84 -2.84
N GLY O 28 214.74 -209.35 -1.74
CA GLY O 28 213.43 -208.94 -1.31
C GLY O 28 213.45 -207.62 -0.56
N PRO O 29 212.52 -206.73 -0.91
CA PRO O 29 212.48 -205.43 -0.23
C PRO O 29 211.06 -204.99 0.09
N GLY O 30 210.07 -205.61 -0.57
CA GLY O 30 208.69 -205.26 -0.34
C GLY O 30 208.15 -205.76 1.00
N GLU O 31 208.72 -206.82 1.55
CA GLU O 31 208.29 -207.37 2.83
C GLU O 31 209.35 -207.18 3.90
N MET O 32 210.57 -207.68 3.69
CA MET O 32 211.66 -207.55 4.66
C MET O 32 212.92 -207.19 3.88
N LEU O 33 213.38 -205.94 4.06
CA LEU O 33 214.57 -205.47 3.37
C LEU O 33 215.86 -205.90 4.06
N VAL O 34 215.78 -206.41 5.29
CA VAL O 34 216.97 -206.85 6.02
C VAL O 34 217.07 -208.37 5.94
N CYS O 35 216.39 -208.97 4.96
CA CYS O 35 216.38 -210.42 4.76
C CYS O 35 216.53 -210.68 3.26
N GLU O 36 217.77 -210.64 2.78
CA GLU O 36 218.07 -210.89 1.37
C GLU O 36 218.40 -212.36 1.21
N THR O 37 217.49 -213.12 0.61
CA THR O 37 217.68 -214.56 0.43
C THR O 37 218.44 -214.84 -0.87
N SER O 38 219.33 -215.82 -0.81
CA SER O 38 220.11 -216.22 -1.97
C SER O 38 220.16 -217.73 -2.01
N PHE O 39 219.90 -218.32 -3.18
CA PHE O 39 219.89 -219.76 -3.37
C PHE O 39 220.76 -220.14 -4.56
N ASN O 40 220.74 -221.42 -4.91
CA ASN O 40 221.52 -221.92 -6.03
C ASN O 40 220.75 -223.06 -6.69
N LYS O 41 220.57 -222.97 -8.01
CA LYS O 41 219.84 -224.00 -8.77
C LYS O 41 220.85 -225.02 -9.30
N LYS O 42 221.34 -225.85 -8.38
CA LYS O 42 222.29 -226.89 -8.71
C LYS O 42 222.04 -228.11 -7.84
N GLU O 43 222.72 -229.20 -8.18
CA GLU O 43 222.57 -230.44 -7.44
C GLU O 43 223.35 -230.37 -6.13
N LYS O 44 222.77 -230.96 -5.08
CA LYS O 44 223.38 -230.99 -3.75
C LYS O 44 223.68 -229.57 -3.24
N SER O 45 222.69 -228.68 -3.40
CA SER O 45 222.81 -227.30 -2.98
C SER O 45 221.39 -226.77 -2.68
N GLU O 46 220.77 -227.34 -1.65
CA GLU O 46 219.44 -226.97 -1.22
C GLU O 46 219.47 -226.15 0.06
N MET O 47 220.46 -225.27 0.18
CA MET O 47 220.63 -224.42 1.35
C MET O 47 220.19 -223.00 1.01
N VAL O 48 219.42 -222.39 1.90
CA VAL O 48 218.93 -221.03 1.73
C VAL O 48 219.78 -220.10 2.59
N PRO O 49 220.50 -219.15 2.00
CA PRO O 49 221.33 -218.25 2.83
C PRO O 49 220.75 -216.85 2.91
N SER O 50 220.21 -216.50 4.08
CA SER O 50 219.62 -215.18 4.30
C SER O 50 220.72 -214.20 4.70
N CYS O 51 220.82 -213.10 3.97
CA CYS O 51 221.83 -212.08 4.25
C CYS O 51 221.18 -210.71 4.36
N PRO O 52 221.97 -209.64 4.48
CA PRO O 52 221.37 -208.30 4.59
C PRO O 52 221.95 -207.34 3.57
N PHE O 53 221.78 -206.04 3.83
CA PHE O 53 222.29 -205.02 2.92
C PHE O 53 223.69 -204.57 3.34
N ILE O 54 224.02 -203.30 3.10
CA ILE O 54 225.32 -202.76 3.46
C ILE O 54 225.34 -202.44 4.94
N TYR O 55 226.54 -202.23 5.49
CA TYR O 55 226.67 -201.92 6.91
C TYR O 55 226.28 -200.47 7.23
N ILE O 56 226.27 -199.58 6.24
CA ILE O 56 225.91 -198.19 6.47
C ILE O 56 224.48 -197.87 6.01
N ILE O 57 223.87 -198.73 5.20
CA ILE O 57 222.50 -198.48 4.73
C ILE O 57 221.46 -199.21 5.56
N ARG O 58 221.85 -200.24 6.33
CA ARG O 58 220.90 -200.98 7.15
C ARG O 58 220.64 -200.25 8.47
N LYS O 59 221.58 -200.35 9.40
CA LYS O 59 221.49 -199.72 10.71
C LYS O 59 220.21 -200.13 11.44
N ASP O 60 220.18 -201.36 11.93
CA ASP O 60 219.01 -201.89 12.64
C ASP O 60 219.03 -201.58 14.13
N VAL O 61 220.00 -200.80 14.60
CA VAL O 61 220.08 -200.44 16.01
C VAL O 61 219.07 -199.36 16.33
N ASP O 62 218.63 -199.31 17.59
CA ASP O 62 217.65 -198.33 18.01
C ASP O 62 218.29 -196.95 18.22
N VAL O 63 219.56 -196.90 18.61
CA VAL O 63 220.22 -195.62 18.84
C VAL O 63 220.36 -194.85 17.53
N TYR O 64 220.74 -195.55 16.45
CA TYR O 64 220.87 -194.89 15.16
C TYR O 64 219.52 -194.39 14.65
N SER O 65 218.46 -195.18 14.85
CA SER O 65 217.13 -194.74 14.44
C SER O 65 216.67 -193.53 15.24
N GLN O 66 216.94 -193.52 16.54
CA GLN O 66 216.57 -192.37 17.36
C GLN O 66 217.35 -191.13 16.96
N ILE O 67 218.64 -191.29 16.65
CA ILE O 67 219.45 -190.15 16.22
C ILE O 67 218.95 -189.62 14.89
N LEU O 68 218.59 -190.51 13.97
CA LEU O 68 218.07 -190.08 12.68
C LEU O 68 216.73 -189.36 12.84
N ARG O 69 215.86 -189.86 13.71
CA ARG O 69 214.59 -189.21 13.95
C ARG O 69 214.78 -187.82 14.57
N LYS O 70 215.72 -187.71 15.52
CA LYS O 70 216.00 -186.42 16.13
C LYS O 70 216.56 -185.44 15.11
N LEU O 71 217.46 -185.90 14.24
CA LEU O 71 218.01 -185.03 13.21
C LEU O 71 216.93 -184.58 12.24
N PHE O 72 216.03 -185.49 11.86
CA PHE O 72 214.95 -185.13 10.96
C PHE O 72 214.00 -184.12 11.60
N ASN O 73 213.68 -184.32 12.89
CA ASN O 73 212.80 -183.38 13.58
C ASN O 73 213.47 -182.02 13.76
N GLU O 74 214.79 -181.98 13.93
CA GLU O 74 215.48 -180.70 14.06
C GLU O 74 215.66 -180.02 12.72
N SER O 75 215.71 -180.77 11.62
CA SER O 75 215.89 -180.19 10.30
C SER O 75 214.58 -179.81 9.62
N HIS O 76 213.47 -180.43 10.00
CA HIS O 76 212.19 -180.12 9.37
C HIS O 76 211.22 -179.49 10.37
N GLY O 77 210.95 -180.19 11.47
CA GLY O 77 210.02 -179.70 12.47
C GLY O 77 210.48 -178.44 13.17
N ILE O 78 211.80 -178.24 13.26
CA ILE O 78 212.37 -177.08 13.92
C ILE O 78 212.77 -176.00 12.93
N PHE O 79 212.58 -176.22 11.64
CA PHE O 79 212.93 -175.23 10.62
C PHE O 79 211.70 -174.46 10.11
N LEU O 80 210.61 -175.19 9.83
CA LEU O 80 209.38 -174.60 9.33
C LEU O 80 209.63 -173.78 8.07
N GLY O 81 209.84 -172.48 8.21
CA GLY O 81 210.09 -171.60 7.09
C GLY O 81 211.55 -171.31 6.81
N LEU O 82 212.46 -171.76 7.68
CA LEU O 82 213.88 -171.53 7.51
C LEU O 82 214.56 -172.63 6.70
N GLN O 83 213.82 -173.63 6.24
CA GLN O 83 214.41 -174.71 5.45
C GLN O 83 214.56 -174.35 3.98
N ARG O 84 213.89 -173.30 3.52
CA ARG O 84 213.96 -172.87 2.13
C ARG O 84 214.79 -171.60 2.01
N ILE O 85 215.38 -171.41 0.83
CA ILE O 85 216.22 -170.24 0.56
C ILE O 85 215.29 -169.06 0.28
N ASP O 86 215.12 -168.18 1.26
CA ASP O 86 214.26 -167.01 1.15
C ASP O 86 215.15 -165.78 1.00
N GLU O 87 215.12 -165.17 -0.18
CA GLU O 87 215.92 -163.99 -0.43
C GLU O 87 215.18 -162.73 0.01
N GLU O 88 215.92 -161.81 0.63
CA GLU O 88 215.37 -160.56 1.12
C GLU O 88 216.27 -159.40 0.70
N LEU O 89 215.68 -158.22 0.59
CA LEU O 89 216.42 -157.03 0.20
C LEU O 89 217.20 -156.47 1.38
N THR O 90 218.46 -156.11 1.13
CA THR O 90 219.31 -155.55 2.16
C THR O 90 219.15 -154.04 2.34
N GLY O 91 218.56 -153.36 1.36
CA GLY O 91 218.36 -151.93 1.45
C GLY O 91 216.92 -151.53 1.64
N LYS O 92 216.26 -152.13 2.63
CA LYS O 92 214.86 -151.84 2.92
C LYS O 92 214.62 -152.04 4.41
N SER O 93 213.35 -152.05 4.81
CA SER O 93 213.00 -152.24 6.21
C SER O 93 213.09 -153.70 6.65
N ARG O 94 213.09 -154.63 5.71
CA ARG O 94 213.17 -156.06 6.02
C ARG O 94 214.60 -156.59 5.91
N LYS O 95 215.57 -155.83 6.44
CA LYS O 95 216.96 -156.26 6.40
C LYS O 95 217.30 -157.30 7.45
N SER O 96 216.45 -157.46 8.47
CA SER O 96 216.69 -158.43 9.52
C SER O 96 216.28 -159.85 9.14
N GLN O 97 215.57 -160.02 8.01
CA GLN O 97 215.15 -161.36 7.60
C GLN O 97 216.35 -162.23 7.25
N LEU O 98 217.35 -161.66 6.55
CA LEU O 98 218.53 -162.43 6.21
C LEU O 98 219.32 -162.81 7.45
N VAL O 99 219.42 -161.90 8.42
CA VAL O 99 220.13 -162.20 9.66
C VAL O 99 219.40 -163.29 10.43
N ARG O 100 218.07 -163.24 10.47
CA ARG O 100 217.30 -164.28 11.15
C ARG O 100 217.46 -165.63 10.46
N VAL O 101 217.46 -165.64 9.13
CA VAL O 101 217.65 -166.89 8.40
C VAL O 101 219.03 -167.46 8.66
N SER O 102 220.06 -166.60 8.69
CA SER O 102 221.41 -167.06 8.97
C SER O 102 221.52 -167.61 10.38
N LYS O 103 220.88 -166.95 11.35
CA LYS O 103 220.91 -167.45 12.73
C LYS O 103 220.19 -168.78 12.84
N ASN O 104 219.07 -168.94 12.15
CA ASN O 104 218.34 -170.21 12.18
C ASN O 104 219.18 -171.31 11.53
N TYR O 105 219.85 -171.01 10.43
CA TYR O 105 220.71 -172.01 9.78
C TYR O 105 221.87 -172.40 10.67
N ARG O 106 222.47 -171.43 11.36
CA ARG O 106 223.57 -171.73 12.28
C ARG O 106 223.08 -172.59 13.45
N SER O 107 221.90 -172.28 13.98
CA SER O 107 221.35 -173.07 15.07
C SER O 107 221.05 -174.50 14.61
N VAL O 108 220.50 -174.65 13.39
CA VAL O 108 220.22 -175.98 12.87
C VAL O 108 221.50 -176.76 12.66
N ILE O 109 222.55 -176.10 12.17
CA ILE O 109 223.83 -176.77 11.97
C ILE O 109 224.43 -177.19 13.30
N ARG O 110 224.33 -176.33 14.32
CA ARG O 110 224.84 -176.69 15.64
C ARG O 110 224.06 -177.86 16.24
N ALA O 111 222.74 -177.87 16.07
CA ALA O 111 221.94 -178.97 16.57
C ALA O 111 222.29 -180.27 15.86
N CYS O 112 222.50 -180.21 14.54
CA CYS O 112 222.88 -181.41 13.79
C CYS O 112 224.25 -181.91 14.23
N MET O 113 225.20 -181.00 14.46
CA MET O 113 226.51 -181.40 14.92
C MET O 113 226.44 -182.03 16.31
N GLU O 114 225.62 -181.47 17.20
CA GLU O 114 225.46 -182.04 18.53
C GLU O 114 224.82 -183.43 18.46
N GLU O 115 223.82 -183.60 17.59
CA GLU O 115 223.20 -184.90 17.43
C GLU O 115 224.18 -185.93 16.87
N MET O 116 225.01 -185.51 15.90
CA MET O 116 226.01 -186.42 15.35
C MET O 116 227.04 -186.81 16.40
N HIS O 117 227.46 -185.84 17.23
CA HIS O 117 228.42 -186.15 18.29
C HIS O 117 227.81 -187.09 19.32
N GLN O 118 226.54 -186.89 19.67
CA GLN O 118 225.88 -187.79 20.60
C GLN O 118 225.75 -189.20 20.02
N VAL O 119 225.41 -189.30 18.74
CA VAL O 119 225.29 -190.61 18.10
C VAL O 119 226.64 -191.30 18.07
N ALA O 120 227.72 -190.55 17.78
CA ALA O 120 229.04 -191.14 17.76
C ALA O 120 229.47 -191.60 19.16
N ILE O 121 229.15 -190.82 20.19
CA ILE O 121 229.51 -191.21 21.55
C ILE O 121 228.70 -192.42 21.99
N ALA O 122 227.45 -192.54 21.51
CA ALA O 122 226.64 -193.70 21.86
C ALA O 122 227.11 -194.95 21.13
N ALA O 123 227.56 -194.81 19.88
CA ALA O 123 228.04 -195.94 19.10
C ALA O 123 229.45 -196.36 19.49
N LYS O 124 230.24 -195.47 20.09
CA LYS O 124 231.60 -195.82 20.48
C LYS O 124 231.62 -196.79 21.65
N ASP O 125 230.56 -196.83 22.46
CA ASP O 125 230.50 -197.72 23.60
C ASP O 125 229.73 -198.99 23.24
N PRO O 126 229.49 -199.23 21.96
CA PRO O 126 228.75 -200.44 21.57
C PRO O 126 229.62 -201.43 20.79
N ALA O 127 230.94 -201.38 21.04
CA ALA O 127 231.90 -202.26 20.40
C ALA O 127 231.81 -202.17 18.87
N ASN O 128 232.25 -201.04 18.32
CA ASN O 128 232.22 -200.83 16.88
C ASN O 128 233.44 -200.02 16.47
N GLY O 129 234.08 -200.45 15.39
CA GLY O 129 235.25 -199.76 14.89
C GLY O 129 235.01 -199.00 13.61
N ARG O 130 234.53 -199.69 12.58
CA ARG O 130 234.25 -199.04 11.30
C ARG O 130 233.12 -198.02 11.43
N GLN O 131 232.07 -198.37 12.17
CA GLN O 131 230.97 -197.43 12.36
C GLN O 131 231.41 -196.21 13.15
N PHE O 132 232.23 -196.41 14.18
CA PHE O 132 232.75 -195.29 14.96
C PHE O 132 233.65 -194.40 14.11
N SER O 133 234.49 -195.00 13.27
CA SER O 133 235.35 -194.20 12.39
C SER O 133 234.52 -193.41 11.38
N SER O 134 233.48 -194.03 10.83
CA SER O 134 232.61 -193.32 9.89
C SER O 134 231.88 -192.17 10.57
N GLN O 135 231.42 -192.39 11.80
CA GLN O 135 230.74 -191.32 12.54
C GLN O 135 231.70 -190.18 12.85
N VAL O 136 232.95 -190.50 13.22
CA VAL O 136 233.93 -189.47 13.51
C VAL O 136 234.26 -188.69 12.25
N SER O 137 234.38 -189.37 11.11
CA SER O 137 234.65 -188.68 9.85
C SER O 137 233.49 -187.78 9.45
N ILE O 138 232.26 -188.25 9.65
CA ILE O 138 231.10 -187.42 9.33
C ILE O 138 231.04 -186.20 10.24
N LEU O 139 231.35 -186.38 11.52
CA LEU O 139 231.36 -185.24 12.44
C LEU O 139 232.44 -184.23 12.08
N SER O 140 233.63 -184.72 11.69
CA SER O 140 234.70 -183.83 11.28
C SER O 140 234.33 -183.07 10.01
N ALA O 141 233.68 -183.75 9.05
CA ALA O 141 233.26 -183.09 7.83
C ALA O 141 232.20 -182.03 8.13
N MET O 142 231.26 -182.34 9.02
CA MET O 142 230.23 -181.37 9.38
C MET O 142 230.85 -180.16 10.08
N GLU O 143 231.82 -180.40 10.97
CA GLU O 143 232.48 -179.29 11.64
C GLU O 143 233.25 -178.42 10.65
N LEU O 144 233.93 -179.05 9.69
CA LEU O 144 234.66 -178.29 8.68
C LEU O 144 233.71 -177.48 7.82
N ILE O 145 232.56 -178.06 7.44
CA ILE O 145 231.59 -177.34 6.64
C ILE O 145 231.01 -176.16 7.41
N TRP O 146 230.75 -176.36 8.70
CA TRP O 146 230.22 -175.26 9.52
C TRP O 146 231.26 -174.17 9.71
N ASN O 147 232.54 -174.53 9.82
CA ASN O 147 233.58 -173.51 9.99
C ASN O 147 233.85 -172.77 8.68
N LEU O 148 233.67 -173.43 7.54
CA LEU O 148 233.91 -172.80 6.26
C LEU O 148 232.70 -172.04 5.72
N CYS O 149 231.50 -172.33 6.21
CA CYS O 149 230.29 -171.67 5.73
C CYS O 149 229.61 -170.89 6.84
N GLU O 150 228.70 -171.54 7.57
CA GLU O 150 227.96 -170.88 8.63
C GLU O 150 228.86 -170.55 9.82
N ILE O 151 229.64 -169.49 9.70
CA ILE O 151 230.54 -169.06 10.77
C ILE O 151 230.77 -167.56 10.65
N LEU O 152 230.77 -167.04 9.42
CA LEU O 152 230.97 -165.62 9.18
C LEU O 152 229.94 -165.06 8.21
N PHE O 153 228.79 -165.73 8.06
CA PHE O 153 227.76 -165.24 7.16
C PHE O 153 226.95 -164.12 7.80
N ILE O 154 226.51 -164.34 9.04
CA ILE O 154 225.73 -163.32 9.75
C ILE O 154 226.62 -162.22 10.29
N GLU O 155 227.74 -162.59 10.93
CA GLU O 155 228.67 -161.62 11.48
C GLU O 155 230.09 -162.07 11.14
N VAL O 156 230.75 -161.35 10.23
CA VAL O 156 232.10 -161.70 9.81
C VAL O 156 233.17 -161.17 10.76
N ALA O 157 232.79 -160.55 11.87
CA ALA O 157 233.74 -160.01 12.81
C ALA O 157 233.96 -160.99 13.95
N PRO O 158 233.23 -162.11 13.98
CA PRO O 158 233.43 -163.09 15.07
C PRO O 158 234.67 -163.93 14.87
N ALA O 159 235.81 -163.45 15.35
CA ALA O 159 237.07 -164.17 15.23
C ALA O 159 237.22 -165.28 16.25
N GLY O 160 236.74 -165.07 17.47
CA GLY O 160 236.83 -166.06 18.52
C GLY O 160 236.06 -167.32 18.19
N PRO O 161 234.83 -167.15 17.70
CA PRO O 161 234.05 -168.34 17.32
C PRO O 161 234.66 -169.11 16.15
N LEU O 162 235.18 -168.39 15.16
CA LEU O 162 235.84 -169.06 14.04
C LEU O 162 237.09 -169.81 14.50
N LEU O 163 237.87 -169.19 15.39
CA LEU O 163 239.06 -169.85 15.92
C LEU O 163 238.69 -171.09 16.72
N LEU O 164 237.63 -171.00 17.53
CA LEU O 164 237.18 -172.16 18.30
C LEU O 164 236.71 -173.28 17.38
N HIS O 165 235.97 -172.94 16.33
CA HIS O 165 235.51 -173.95 15.38
C HIS O 165 236.68 -174.60 14.66
N LEU O 166 237.68 -173.80 14.27
CA LEU O 166 238.86 -174.37 13.61
C LEU O 166 239.63 -175.28 14.54
N LEU O 167 239.77 -174.89 15.82
CA LEU O 167 240.45 -175.74 16.78
C LEU O 167 239.69 -177.04 17.01
N ASP O 168 238.36 -176.96 17.10
CA ASP O 168 237.56 -178.18 17.28
C ASP O 168 237.68 -179.09 16.06
N TRP O 169 237.69 -178.51 14.86
CA TRP O 169 237.83 -179.33 13.65
C TRP O 169 239.20 -179.98 13.59
N VAL O 170 240.25 -179.24 13.97
CA VAL O 170 241.59 -179.81 13.96
C VAL O 170 241.74 -180.89 15.01
N ARG O 171 241.02 -180.77 16.14
CA ARG O 171 241.09 -181.79 17.17
C ARG O 171 240.31 -183.03 16.78
N LEU O 172 239.18 -182.85 16.09
CA LEU O 172 238.34 -183.97 15.67
C LEU O 172 238.83 -184.63 14.38
N HIS O 173 239.72 -183.98 13.64
CA HIS O 173 240.24 -184.55 12.40
C HIS O 173 241.12 -185.76 12.68
N VAL O 174 242.41 -185.53 12.94
CA VAL O 174 243.36 -186.59 13.21
C VAL O 174 243.69 -186.58 14.70
N CYS O 175 244.14 -187.74 15.20
CA CYS O 175 244.51 -187.89 16.60
C CYS O 175 245.97 -187.53 16.86
N GLU O 176 246.72 -187.16 15.84
CA GLU O 176 248.12 -186.79 16.01
C GLU O 176 248.24 -185.39 16.59
N VAL O 177 249.02 -185.25 17.65
CA VAL O 177 249.75 -186.37 18.24
C VAL O 177 249.08 -186.81 19.53
N ASP O 178 249.16 -188.11 19.83
CA ASP O 178 248.56 -188.67 21.03
C ASP O 178 249.63 -189.28 21.94
N SER O 179 250.32 -190.33 21.50
CA SER O 179 251.36 -190.98 22.31
C SER O 179 252.76 -190.65 21.80
N LEU O 180 252.90 -189.59 20.99
CA LEU O 180 254.21 -189.21 20.48
C LEU O 180 255.06 -188.48 21.51
N SER O 181 254.44 -187.85 22.51
CA SER O 181 255.20 -187.13 23.52
C SER O 181 255.98 -188.09 24.42
N ALA O 182 255.40 -189.27 24.70
CA ALA O 182 256.06 -190.26 25.52
C ALA O 182 257.14 -191.03 24.76
N ASP O 183 257.16 -190.92 23.43
CA ASP O 183 258.15 -191.61 22.62
C ASP O 183 259.27 -190.70 22.12
N VAL O 184 258.99 -189.42 21.91
CA VAL O 184 260.04 -188.51 21.45
C VAL O 184 260.84 -187.95 22.62
N LEU O 185 260.22 -187.81 23.79
CA LEU O 185 260.89 -187.30 24.99
C LEU O 185 260.63 -188.27 26.14
N GLY O 186 261.24 -189.45 26.06
CA GLY O 186 261.07 -190.45 27.10
C GLY O 186 262.33 -190.70 27.90
N SER O 187 262.67 -189.76 28.79
CA SER O 187 263.85 -189.84 29.64
C SER O 187 265.12 -189.99 28.80
N GLU O 188 265.25 -189.14 27.78
CA GLU O 188 266.39 -189.15 26.88
C GLU O 188 267.11 -187.82 26.98
N ASN O 189 268.42 -187.86 27.21
CA ASN O 189 269.22 -186.65 27.32
C ASN O 189 269.83 -186.31 25.97
N PRO O 190 269.49 -185.16 25.36
CA PRO O 190 268.56 -184.19 25.93
C PRO O 190 267.39 -183.87 25.00
N SER O 191 266.68 -182.78 25.28
CA SER O 191 265.54 -182.35 24.48
C SER O 191 265.91 -181.25 23.48
N LYS O 192 267.13 -181.29 22.96
CA LYS O 192 267.61 -180.30 22.00
C LYS O 192 267.68 -180.85 20.58
N HIS O 193 267.06 -182.00 20.34
CA HIS O 193 267.06 -182.61 19.02
C HIS O 193 265.92 -182.06 18.17
N ASP O 194 265.82 -182.55 16.93
CA ASP O 194 264.77 -182.10 16.03
C ASP O 194 263.41 -182.68 16.36
N SER O 195 263.36 -183.82 17.06
CA SER O 195 262.07 -184.43 17.40
C SER O 195 261.30 -183.56 18.38
N PHE O 196 261.97 -183.00 19.39
CA PHE O 196 261.29 -182.13 20.34
C PHE O 196 260.80 -180.85 19.66
N TRP O 197 261.61 -180.29 18.77
CA TRP O 197 261.18 -179.09 18.04
C TRP O 197 259.98 -179.38 17.15
N ASN O 198 259.98 -180.54 16.48
CA ASN O 198 258.84 -180.90 15.64
C ASN O 198 257.59 -181.13 16.48
N LEU O 199 257.73 -181.77 17.63
CA LEU O 199 256.58 -182.00 18.51
C LEU O 199 256.04 -180.69 19.07
N VAL O 200 256.93 -179.72 19.35
CA VAL O 200 256.47 -178.43 19.84
C VAL O 200 255.78 -177.65 18.73
N THR O 201 256.30 -177.74 17.50
CA THR O 201 255.68 -177.04 16.39
C THR O 201 254.32 -177.62 16.05
N ILE O 202 254.19 -178.95 16.10
CA ILE O 202 252.90 -179.58 15.80
C ILE O 202 251.88 -179.25 16.88
N LEU O 203 252.32 -179.01 18.11
CA LEU O 203 251.40 -178.64 19.17
C LEU O 203 251.02 -177.16 19.11
N VAL O 204 251.96 -176.29 18.73
CA VAL O 204 251.66 -174.87 18.62
C VAL O 204 250.90 -174.53 17.35
N LEU O 205 250.97 -175.37 16.33
CA LEU O 205 250.26 -175.09 15.09
C LEU O 205 248.77 -175.39 15.18
N GLN O 206 248.39 -176.35 16.03
CA GLN O 206 246.98 -176.73 16.20
C GLN O 206 246.29 -175.90 17.27
N GLY O 207 246.93 -174.84 17.77
CA GLY O 207 246.34 -173.99 18.79
C GLY O 207 246.42 -174.53 20.20
N ARG O 208 247.05 -175.69 20.41
CA ARG O 208 247.18 -176.27 21.75
C ARG O 208 248.31 -175.58 22.47
N LEU O 209 247.99 -174.45 23.11
CA LEU O 209 248.99 -173.70 23.86
C LEU O 209 249.35 -174.37 25.17
N ASP O 210 248.39 -175.05 25.80
CA ASP O 210 248.67 -175.72 27.06
C ASP O 210 249.67 -176.86 26.88
N GLU O 211 249.50 -177.67 25.83
CA GLU O 211 250.44 -178.75 25.57
C GLU O 211 251.83 -178.22 25.23
N ALA O 212 251.89 -177.13 24.46
CA ALA O 212 253.18 -176.55 24.12
C ALA O 212 253.87 -175.95 25.34
N ARG O 213 253.10 -175.40 26.28
CA ARG O 213 253.69 -174.87 27.50
C ARG O 213 254.12 -175.98 28.45
N GLN O 214 253.39 -177.10 28.46
CA GLN O 214 253.75 -178.21 29.33
C GLN O 214 254.95 -178.98 28.79
N MET O 215 255.09 -179.08 27.47
CA MET O 215 256.23 -179.81 26.91
C MET O 215 257.52 -179.00 27.02
N LEU O 216 257.42 -177.67 27.09
CA LEU O 216 258.60 -176.83 27.20
C LEU O 216 259.08 -176.67 28.64
N SER O 217 258.25 -177.01 29.63
CA SER O 217 258.61 -176.90 31.03
C SER O 217 259.07 -178.21 31.63
N LYS O 218 259.17 -179.28 30.82
CA LYS O 218 259.60 -180.57 31.32
C LYS O 218 261.12 -180.70 31.33
N GLU O 219 261.76 -180.40 30.20
CA GLU O 219 263.22 -180.49 30.10
C GLU O 219 263.68 -179.47 29.08
N ALA O 220 264.28 -178.38 29.54
CA ALA O 220 264.78 -177.33 28.66
C ALA O 220 265.96 -176.63 29.32
N ASP O 221 267.05 -176.52 28.58
CA ASP O 221 268.26 -175.87 29.09
C ASP O 221 268.05 -174.36 29.10
N ALA O 222 267.86 -173.79 30.29
CA ALA O 222 267.63 -172.36 30.44
C ALA O 222 268.99 -171.68 30.59
N SER O 223 269.54 -171.22 29.48
CA SER O 223 270.82 -170.54 29.47
C SER O 223 270.62 -169.04 29.65
N PRO O 224 271.57 -168.21 29.23
CA PRO O 224 271.43 -166.76 29.36
C PRO O 224 270.95 -166.15 28.05
N ALA O 225 270.82 -164.82 28.07
CA ALA O 225 270.40 -164.04 26.90
C ALA O 225 269.04 -164.48 26.37
N SER O 226 268.97 -165.68 25.79
CA SER O 226 267.73 -166.19 25.22
C SER O 226 266.70 -166.56 26.26
N ALA O 227 267.04 -166.50 27.56
CA ALA O 227 266.07 -166.85 28.59
C ALA O 227 264.91 -165.87 28.61
N GLY O 228 265.19 -164.57 28.48
CA GLY O 228 264.12 -163.59 28.44
C GLY O 228 263.23 -163.75 27.23
N ILE O 229 263.82 -164.05 26.07
CA ILE O 229 263.03 -164.27 24.87
C ILE O 229 262.16 -165.50 25.00
N CYS O 230 262.71 -166.58 25.57
CA CYS O 230 261.93 -167.80 25.78
C CYS O 230 260.80 -167.58 26.77
N ARG O 231 261.03 -166.74 27.79
CA ARG O 231 259.96 -166.44 28.75
C ARG O 231 258.88 -165.58 28.11
N ILE O 232 259.29 -164.61 27.29
CA ILE O 232 258.30 -163.75 26.63
C ILE O 232 257.47 -164.55 25.63
N MET O 233 258.10 -165.48 24.91
CA MET O 233 257.36 -166.32 23.98
C MET O 233 256.36 -167.21 24.71
N GLY O 234 256.77 -167.79 25.85
CA GLY O 234 255.85 -168.59 26.63
C GLY O 234 254.69 -167.78 27.18
N ASP O 235 254.97 -166.56 27.65
CA ASP O 235 253.92 -165.70 28.16
C ASP O 235 252.94 -165.31 27.05
N LEU O 236 253.45 -165.01 25.85
CA LEU O 236 252.59 -164.67 24.74
C LEU O 236 251.76 -165.87 24.29
N MET O 237 252.32 -167.08 24.35
CA MET O 237 251.57 -168.26 23.97
C MET O 237 250.51 -168.61 25.01
N ARG O 238 250.79 -168.35 26.29
CA ARG O 238 249.82 -168.65 27.33
C ARG O 238 248.70 -167.60 27.35
N THR O 239 249.02 -166.34 27.07
CA THR O 239 248.02 -165.29 27.06
C THR O 239 247.74 -164.82 25.64
N MET O 240 247.31 -165.74 24.78
CA MET O 240 247.02 -165.39 23.40
C MET O 240 245.61 -164.81 23.28
N PRO O 241 245.36 -164.01 22.25
CA PRO O 241 244.02 -163.42 22.10
C PRO O 241 243.07 -164.37 21.39
N ILE O 242 241.83 -164.39 21.86
CA ILE O 242 240.80 -165.26 21.29
C ILE O 242 239.47 -164.52 21.30
N LEU O 243 239.52 -163.19 21.28
CA LEU O 243 238.31 -162.37 21.28
C LEU O 243 238.64 -161.03 20.65
N SER O 244 237.97 -160.72 19.54
CA SER O 244 238.19 -159.46 18.84
C SER O 244 236.94 -159.07 18.05
N PRO O 245 236.18 -158.09 18.52
CA PRO O 245 234.97 -157.68 17.80
C PRO O 245 235.23 -156.53 16.85
N GLY O 246 234.40 -156.46 15.81
CA GLY O 246 234.50 -155.41 14.81
C GLY O 246 233.72 -154.15 15.10
N ASN O 247 232.95 -154.12 16.19
CA ASN O 247 232.17 -152.95 16.53
C ASN O 247 233.02 -151.80 17.04
N THR O 248 234.22 -152.08 17.57
CA THR O 248 235.11 -151.05 18.08
C THR O 248 236.54 -151.40 17.69
N GLN O 249 237.36 -150.36 17.52
CA GLN O 249 238.76 -150.54 17.15
C GLN O 249 239.64 -150.96 18.32
N THR O 250 239.12 -150.91 19.55
CA THR O 250 239.92 -151.29 20.71
C THR O 250 240.28 -152.77 20.67
N LEU O 251 239.32 -153.61 20.27
CA LEU O 251 239.59 -155.05 20.18
C LEU O 251 240.63 -155.34 19.11
N THR O 252 240.52 -154.68 17.95
CA THR O 252 241.51 -154.89 16.89
C THR O 252 242.89 -154.40 17.33
N GLU O 253 242.94 -153.28 18.05
CA GLU O 253 244.22 -152.77 18.54
C GLU O 253 244.84 -153.73 19.54
N LEU O 254 244.02 -154.26 20.46
CA LEU O 254 244.53 -155.22 21.44
C LEU O 254 244.98 -156.52 20.79
N GLU O 255 244.32 -156.92 19.70
CA GLU O 255 244.72 -158.13 19.00
C GLU O 255 246.01 -157.91 18.22
N LEU O 256 246.18 -156.72 17.63
CA LEU O 256 247.40 -156.45 16.89
C LEU O 256 248.59 -156.17 17.81
N LYS O 257 248.32 -155.74 19.04
CA LYS O 257 249.41 -155.47 19.98
C LYS O 257 250.15 -156.76 20.32
N TRP O 258 249.43 -157.87 20.44
CA TRP O 258 250.08 -159.15 20.74
C TRP O 258 251.01 -159.56 19.60
N GLN O 259 250.55 -159.42 18.35
CA GLN O 259 251.40 -159.77 17.21
C GLN O 259 252.60 -158.83 17.12
N HIS O 260 252.40 -157.54 17.41
CA HIS O 260 253.51 -156.61 17.39
C HIS O 260 254.55 -156.95 18.46
N TRP O 261 254.09 -157.31 19.66
CA TRP O 261 255.01 -157.69 20.72
C TRP O 261 255.75 -158.98 20.38
N HIS O 262 255.05 -159.94 19.76
CA HIS O 262 255.70 -161.18 19.34
C HIS O 262 256.76 -160.91 18.27
N GLU O 263 256.45 -160.05 17.30
CA GLU O 263 257.43 -159.71 16.28
C GLU O 263 258.63 -158.97 16.87
N GLU O 264 258.39 -158.07 17.82
CA GLU O 264 259.49 -157.36 18.47
C GLU O 264 260.37 -158.31 19.26
N CYS O 265 259.76 -159.27 19.98
CA CYS O 265 260.54 -160.26 20.72
C CYS O 265 261.35 -161.14 19.78
N GLU O 266 260.75 -161.54 18.65
CA GLU O 266 261.49 -162.36 17.68
C GLU O 266 262.66 -161.58 17.10
N ARG O 267 262.46 -160.29 16.78
CA ARG O 267 263.55 -159.49 16.26
C ARG O 267 264.65 -159.29 17.29
N TYR O 268 264.28 -159.09 18.55
CA TYR O 268 265.28 -158.92 19.60
C TYR O 268 266.05 -160.21 19.84
N LEU O 269 265.38 -161.36 19.72
CA LEU O 269 266.08 -162.64 19.88
C LEU O 269 266.97 -162.94 18.69
N GLN O 270 266.58 -162.53 17.49
CA GLN O 270 267.40 -162.78 16.32
C GLN O 270 268.58 -161.82 16.23
N ASP O 271 268.44 -160.61 16.76
CA ASP O 271 269.52 -159.62 16.71
C ASP O 271 270.16 -159.45 18.08
N SER O 272 270.74 -160.52 18.61
CA SER O 272 271.41 -160.44 19.91
C SER O 272 272.52 -161.50 19.95
N THR O 273 272.75 -162.07 21.13
CA THR O 273 273.76 -163.10 21.31
C THR O 273 273.17 -164.50 21.38
N PHE O 274 271.93 -164.67 20.93
CA PHE O 274 271.26 -165.98 20.95
C PHE O 274 271.84 -166.84 19.84
N ALA O 275 272.76 -167.74 20.19
CA ALA O 275 273.38 -168.60 19.19
C ALA O 275 272.45 -169.72 18.75
N THR O 276 271.44 -170.05 19.54
CA THR O 276 270.50 -171.12 19.21
C THR O 276 269.49 -170.57 18.21
N SER O 277 269.88 -170.57 16.94
CA SER O 277 269.03 -170.07 15.86
C SER O 277 268.40 -171.23 15.11
N PRO O 278 268.71 -172.47 15.48
CA PRO O 278 268.14 -173.64 14.79
C PRO O 278 266.87 -174.19 15.42
N HIS O 279 266.34 -173.55 16.46
CA HIS O 279 265.12 -174.02 17.11
C HIS O 279 264.33 -172.86 17.69
N LEU O 280 264.98 -172.04 18.53
CA LEU O 280 264.30 -170.90 19.13
C LEU O 280 263.91 -169.87 18.07
N GLU O 281 264.80 -169.61 17.12
CA GLU O 281 264.48 -168.67 16.05
C GLU O 281 263.33 -169.18 15.19
N SER O 282 263.33 -170.49 14.88
CA SER O 282 262.24 -171.05 14.10
C SER O 282 260.92 -170.97 14.85
N LEU O 283 260.95 -171.24 16.16
CA LEU O 283 259.72 -171.14 16.96
C LEU O 283 259.22 -169.71 17.02
N LEU O 284 260.14 -168.74 17.16
CA LEU O 284 259.73 -167.34 17.18
C LEU O 284 259.14 -166.91 15.84
N LYS O 285 259.75 -167.36 14.73
CA LYS O 285 259.22 -167.01 13.42
C LYS O 285 257.87 -167.67 13.16
N ILE O 286 257.65 -168.87 13.69
CA ILE O 286 256.36 -169.53 13.52
C ILE O 286 255.30 -168.87 14.40
N MET O 287 255.67 -168.39 15.59
CA MET O 287 254.71 -167.73 16.46
C MET O 287 254.40 -166.31 16.02
N LEU O 288 255.34 -165.66 15.34
CA LEU O 288 255.12 -164.29 14.87
C LEU O 288 254.45 -164.29 13.50
N GLY O 289 254.63 -163.21 12.74
CA GLY O 289 254.04 -163.07 11.42
C GLY O 289 254.88 -163.63 10.29
N ASP O 290 255.86 -164.48 10.58
CA ASP O 290 256.72 -165.06 9.55
C ASP O 290 256.24 -166.47 9.23
N GLU O 291 255.03 -166.55 8.68
CA GLU O 291 254.43 -167.82 8.33
C GLU O 291 253.76 -167.85 6.97
N ALA O 292 253.31 -166.71 6.43
CA ALA O 292 252.67 -166.68 5.12
C ALA O 292 253.66 -166.67 3.98
N ALA O 293 254.95 -166.56 4.25
CA ALA O 293 255.98 -166.54 3.22
C ALA O 293 256.50 -167.92 2.87
N LEU O 294 255.95 -168.97 3.48
CA LEU O 294 256.35 -170.36 3.24
C LEU O 294 257.84 -170.54 3.53
N LEU O 295 258.16 -170.55 4.83
CA LEU O 295 259.53 -170.71 5.28
C LEU O 295 259.57 -171.41 6.64
N GLU O 296 258.62 -171.09 7.51
CA GLU O 296 258.54 -171.67 8.84
C GLU O 296 257.28 -172.47 9.08
N GLN O 297 256.14 -172.04 8.52
CA GLN O 297 254.89 -172.77 8.71
C GLN O 297 254.80 -173.97 7.78
N LYS O 298 255.27 -173.84 6.55
CA LYS O 298 255.21 -174.95 5.60
C LYS O 298 256.32 -175.97 5.81
N GLU O 299 257.38 -175.60 6.53
CA GLU O 299 258.48 -176.51 6.78
C GLU O 299 258.26 -177.37 8.03
N LEU O 300 257.57 -176.85 9.03
CA LEU O 300 257.29 -177.59 10.26
C LEU O 300 255.84 -178.02 10.33
N LEU O 301 255.37 -178.70 9.28
CA LEU O 301 254.00 -179.18 9.22
C LEU O 301 253.97 -180.55 8.57
N SER O 302 252.94 -181.33 8.92
CA SER O 302 252.78 -182.67 8.38
C SER O 302 251.59 -182.80 7.44
N ASN O 303 250.68 -181.82 7.42
CA ASN O 303 249.51 -181.86 6.55
C ASN O 303 249.27 -180.47 5.99
N TRP O 304 248.24 -180.34 5.16
CA TRP O 304 247.89 -179.07 4.56
C TRP O 304 246.92 -178.26 5.42
N TYR O 305 245.92 -178.93 6.02
CA TYR O 305 244.97 -178.22 6.86
C TYR O 305 245.62 -177.64 8.10
N HIS O 306 246.53 -178.41 8.73
CA HIS O 306 247.22 -177.91 9.91
C HIS O 306 248.11 -176.72 9.55
N PHE O 307 248.81 -176.79 8.41
CA PHE O 307 249.64 -175.67 8.00
C PHE O 307 248.80 -174.44 7.69
N LEU O 308 247.64 -174.63 7.05
CA LEU O 308 246.76 -173.50 6.76
C LEU O 308 246.22 -172.87 8.04
N VAL O 309 245.86 -173.70 9.02
CA VAL O 309 245.36 -173.18 10.29
C VAL O 309 246.47 -172.43 11.02
N THR O 310 247.69 -172.95 10.98
CA THR O 310 248.81 -172.27 11.63
C THR O 310 249.09 -170.92 10.96
N ARG O 311 249.04 -170.88 9.62
CA ARG O 311 249.26 -169.63 8.91
C ARG O 311 248.16 -168.62 9.22
N LEU O 312 246.90 -169.08 9.29
CA LEU O 312 245.80 -168.18 9.61
C LEU O 312 245.90 -167.66 11.04
N LEU O 313 246.37 -168.49 11.97
CA LEU O 313 246.52 -168.04 13.35
C LEU O 313 247.73 -167.12 13.52
N TYR O 314 248.77 -167.30 12.71
CA TYR O 314 249.94 -166.44 12.82
C TYR O 314 249.73 -165.11 12.10
N SER O 315 249.57 -165.15 10.77
CA SER O 315 249.41 -163.93 9.99
C SER O 315 247.96 -163.46 10.03
N ASN O 316 247.41 -163.13 8.86
CA ASN O 316 246.04 -162.66 8.79
C ASN O 316 245.06 -163.81 9.04
N PRO O 317 243.98 -163.56 9.76
CA PRO O 317 243.01 -164.64 10.03
C PRO O 317 241.74 -164.49 9.21
N THR O 318 241.84 -163.86 8.05
CA THR O 318 240.69 -163.67 7.17
C THR O 318 240.54 -164.85 6.22
N VAL O 319 239.36 -164.93 5.59
CA VAL O 319 239.06 -166.02 4.66
C VAL O 319 239.35 -165.65 3.22
N LYS O 320 239.99 -164.52 2.97
CA LYS O 320 240.32 -164.10 1.62
C LYS O 320 241.72 -164.57 1.25
N PRO O 321 242.45 -165.16 2.19
CA PRO O 321 243.81 -165.64 1.88
C PRO O 321 243.95 -167.14 2.06
N ILE O 322 242.84 -167.87 1.90
CA ILE O 322 242.87 -169.32 2.05
C ILE O 322 243.44 -170.02 0.83
N ASP O 323 243.39 -169.38 -0.34
CA ASP O 323 243.94 -170.01 -1.54
C ASP O 323 245.46 -170.07 -1.49
N LEU O 324 246.10 -169.07 -0.89
CA LEU O 324 247.55 -169.07 -0.76
C LEU O 324 248.05 -169.97 0.35
N HIS O 325 247.15 -170.45 1.22
CA HIS O 325 247.52 -171.34 2.31
C HIS O 325 247.18 -172.81 2.04
N TYR O 326 246.10 -173.06 1.29
CA TYR O 326 245.72 -174.44 0.98
C TYR O 326 246.55 -175.05 -0.14
N TYR O 327 247.19 -174.22 -0.96
CA TYR O 327 248.02 -174.68 -2.07
C TYR O 327 249.42 -174.07 -1.91
N ALA O 328 250.34 -174.84 -1.35
CA ALA O 328 251.70 -174.37 -1.13
C ALA O 328 252.58 -174.69 -2.33
N GLN O 329 253.32 -175.79 -2.26
CA GLN O 329 254.20 -176.19 -3.35
C GLN O 329 253.82 -177.56 -3.89
N SER O 330 254.74 -178.20 -4.62
CA SER O 330 254.45 -179.52 -5.18
C SER O 330 254.59 -180.61 -4.13
N SER O 331 255.61 -180.51 -3.27
CA SER O 331 255.81 -181.54 -2.24
C SER O 331 254.67 -181.52 -1.23
N LEU O 332 254.22 -180.34 -0.82
CA LEU O 332 253.11 -180.25 0.12
C LEU O 332 251.82 -180.79 -0.49
N ASP O 333 251.59 -180.48 -1.77
CA ASP O 333 250.40 -181.00 -2.44
C ASP O 333 250.45 -182.52 -2.57
N LEU O 334 251.63 -183.07 -2.88
CA LEU O 334 251.76 -184.52 -2.97
C LEU O 334 251.55 -185.17 -1.62
N PHE O 335 252.08 -184.57 -0.56
CA PHE O 335 251.87 -185.11 0.78
C PHE O 335 250.41 -185.07 1.18
N LEU O 336 249.72 -183.97 0.85
CA LEU O 336 248.30 -183.87 1.15
C LEU O 336 247.49 -184.90 0.39
N GLY O 337 247.81 -185.10 -0.90
CA GLY O 337 247.13 -186.10 -1.69
C GLY O 337 247.39 -187.52 -1.21
N GLY O 338 248.60 -187.78 -0.72
CA GLY O 338 248.88 -189.10 -0.18
C GLY O 338 248.25 -189.35 1.17
N GLU O 339 248.11 -188.31 1.98
CA GLU O 339 247.48 -188.46 3.29
C GLU O 339 245.96 -188.50 3.20
N SER O 340 245.38 -187.87 2.18
CA SER O 340 243.94 -187.85 2.01
C SER O 340 243.42 -189.10 1.29
N SER O 341 244.28 -190.04 0.94
CA SER O 341 243.87 -191.26 0.26
C SER O 341 243.44 -192.31 1.28
N PRO O 342 243.80 -192.14 2.55
CA PRO O 342 243.41 -193.13 3.57
C PRO O 342 242.06 -192.81 4.19
N GLU O 343 241.86 -191.57 4.58
CA GLU O 343 240.62 -191.12 5.19
C GLU O 343 239.71 -190.47 4.16
N PRO O 344 238.42 -190.39 4.45
CA PRO O 344 237.50 -189.77 3.48
C PRO O 344 236.98 -188.42 3.96
N LEU O 345 237.76 -187.75 4.81
CA LEU O 345 237.38 -186.45 5.34
C LEU O 345 238.30 -185.32 4.91
N ASP O 346 239.60 -185.60 4.70
CA ASP O 346 240.52 -184.55 4.29
C ASP O 346 240.19 -184.03 2.90
N ASN O 347 239.85 -184.93 1.97
CA ASN O 347 239.48 -184.50 0.63
C ASN O 347 238.19 -183.69 0.65
N ILE O 348 237.22 -184.10 1.47
CA ILE O 348 235.96 -183.36 1.57
C ILE O 348 236.21 -181.97 2.15
N LEU O 349 237.07 -181.88 3.17
CA LEU O 349 237.39 -180.59 3.76
C LEU O 349 238.11 -179.69 2.77
N LEU O 350 239.03 -180.25 1.99
CA LEU O 350 239.74 -179.47 0.98
C LEU O 350 238.81 -179.00 -0.13
N ALA O 351 237.83 -179.82 -0.49
CA ALA O 351 236.88 -179.43 -1.53
C ALA O 351 235.91 -178.37 -1.00
N ALA O 352 235.54 -178.45 0.28
CA ALA O 352 234.63 -177.46 0.84
C ALA O 352 235.34 -176.13 1.11
N PHE O 353 236.63 -176.17 1.42
CA PHE O 353 237.38 -174.95 1.69
C PHE O 353 237.69 -174.16 0.44
N GLU O 354 237.61 -174.77 -0.74
CA GLU O 354 237.89 -174.09 -2.01
C GLU O 354 236.61 -173.65 -2.72
N PHE O 355 235.55 -173.37 -1.97
CA PHE O 355 234.27 -172.95 -2.52
C PHE O 355 233.72 -173.97 -3.52
N ASP O 356 233.56 -175.21 -3.06
CA ASP O 356 233.05 -176.31 -3.88
C ASP O 356 232.46 -177.36 -2.93
N ILE O 357 231.38 -176.97 -2.24
CA ILE O 357 230.72 -177.88 -1.30
C ILE O 357 229.84 -178.90 -2.00
N HIS O 358 229.60 -178.74 -3.30
CA HIS O 358 228.76 -179.69 -4.04
C HIS O 358 229.48 -180.99 -4.35
N GLN O 359 230.82 -180.98 -4.35
CA GLN O 359 231.57 -182.19 -4.64
C GLN O 359 231.67 -183.12 -3.45
N VAL O 360 231.46 -182.61 -2.23
CA VAL O 360 231.54 -183.45 -1.03
C VAL O 360 230.29 -184.29 -0.81
N ILE O 361 229.19 -183.98 -1.51
CA ILE O 361 227.97 -184.76 -1.32
C ILE O 361 228.14 -186.18 -1.84
N LYS O 362 228.85 -186.35 -2.96
CA LYS O 362 229.07 -187.67 -3.50
C LYS O 362 229.96 -188.52 -2.59
N GLU O 363 230.85 -187.88 -1.84
CA GLU O 363 231.69 -188.62 -0.90
C GLU O 363 230.98 -188.89 0.41
N CYS O 364 230.09 -187.99 0.82
CA CYS O 364 229.34 -188.19 2.08
C CYS O 364 228.20 -189.17 1.90
N SER O 365 227.69 -189.33 0.67
CA SER O 365 226.60 -190.26 0.39
C SER O 365 227.07 -191.65 0.02
N ILE O 366 228.20 -192.09 0.58
CA ILE O 366 228.74 -193.41 0.30
C ILE O 366 228.65 -194.29 1.54
N ALA O 367 229.49 -195.31 1.61
CA ALA O 367 229.52 -196.23 2.75
C ALA O 367 230.43 -195.75 3.87
N LEU O 368 231.14 -194.64 3.67
CA LEU O 368 232.03 -194.08 4.69
C LEU O 368 231.35 -193.04 5.56
N SER O 369 230.07 -192.73 5.30
CA SER O 369 229.38 -191.72 6.11
C SER O 369 227.87 -191.96 6.19
N ASN O 370 227.42 -193.20 5.98
CA ASN O 370 226.00 -193.57 6.05
C ASN O 370 225.23 -192.73 5.03
N TRP O 371 224.06 -192.22 5.42
CA TRP O 371 223.25 -191.38 4.53
C TRP O 371 222.44 -190.31 5.24
N TRP O 372 222.05 -190.51 6.51
CA TRP O 372 221.29 -189.48 7.22
C TRP O 372 222.13 -188.23 7.43
N PHE O 373 223.41 -188.40 7.78
CA PHE O 373 224.28 -187.24 7.96
C PHE O 373 224.49 -186.50 6.64
N VAL O 374 224.63 -187.24 5.53
CA VAL O 374 224.79 -186.60 4.23
C VAL O 374 223.52 -185.84 3.85
N ALA O 375 222.35 -186.43 4.13
CA ALA O 375 221.10 -185.75 3.82
C ALA O 375 220.95 -184.49 4.66
N HIS O 376 221.32 -184.55 5.95
CA HIS O 376 221.25 -183.37 6.80
C HIS O 376 222.20 -182.28 6.33
N LEU O 377 223.41 -182.67 5.92
CA LEU O 377 224.36 -181.68 5.41
C LEU O 377 223.85 -181.05 4.11
N THR O 378 223.24 -181.85 3.23
CA THR O 378 222.69 -181.31 1.99
C THR O 378 221.54 -180.35 2.29
N ASP O 379 220.67 -180.70 3.24
CA ASP O 379 219.58 -179.82 3.60
C ASP O 379 220.09 -178.51 4.20
N LEU O 380 221.13 -178.60 5.05
CA LEU O 380 221.70 -177.39 5.63
C LEU O 380 222.35 -176.51 4.56
N LEU O 381 223.04 -177.12 3.60
CA LEU O 381 223.66 -176.35 2.53
C LEU O 381 222.61 -175.72 1.63
N ASP O 382 221.48 -176.40 1.42
CA ASP O 382 220.41 -175.83 0.61
C ASP O 382 219.68 -174.70 1.34
N HIS O 383 219.55 -174.81 2.67
CA HIS O 383 218.87 -173.78 3.44
C HIS O 383 219.78 -172.59 3.73
N CYS O 384 221.10 -172.77 3.70
CA CYS O 384 222.04 -171.69 3.97
C CYS O 384 222.39 -170.89 2.73
N LYS O 385 221.56 -170.95 1.69
CA LYS O 385 221.76 -170.21 0.45
C LYS O 385 223.12 -170.56 -0.18
N LEU O 386 223.39 -171.86 -0.30
CA LEU O 386 224.62 -172.35 -0.88
C LEU O 386 224.44 -173.41 -1.96
N LEU O 387 223.25 -174.00 -2.09
CA LEU O 387 222.99 -175.02 -3.11
C LEU O 387 221.49 -175.03 -3.39
N GLN O 388 221.04 -174.02 -4.13
CA GLN O 388 219.64 -173.88 -4.49
C GLN O 388 219.37 -174.59 -5.81
N SER O 389 218.32 -174.20 -6.52
CA SER O 389 217.98 -174.82 -7.79
C SER O 389 218.93 -174.33 -8.89
N HIS O 390 218.89 -175.04 -10.02
CA HIS O 390 219.73 -174.70 -11.16
C HIS O 390 219.08 -175.01 -12.51
N ASN O 391 218.56 -176.22 -12.76
CA ASN O 391 218.54 -177.37 -11.84
C ASN O 391 219.52 -178.44 -12.28
N LEU O 392 219.59 -179.53 -11.49
CA LEU O 392 220.48 -180.63 -11.80
C LEU O 392 219.85 -181.60 -12.78
N TYR O 393 219.74 -182.87 -12.40
CA TYR O 393 219.13 -183.89 -13.24
C TYR O 393 217.91 -184.56 -12.62
N PHE O 394 217.61 -184.29 -11.35
CA PHE O 394 216.46 -184.90 -10.70
C PHE O 394 215.17 -184.13 -10.93
N GLY O 395 215.26 -182.81 -11.14
CA GLY O 395 214.11 -181.96 -11.38
C GLY O 395 213.92 -180.89 -10.32
N SER O 396 214.27 -181.20 -9.06
CA SER O 396 214.14 -180.25 -7.96
C SER O 396 215.53 -179.80 -7.58
N ASN O 397 216.13 -180.35 -6.52
CA ASN O 397 217.46 -179.95 -6.09
C ASN O 397 218.20 -181.20 -5.58
N MET O 398 219.39 -180.97 -5.03
CA MET O 398 220.18 -182.08 -4.51
C MET O 398 219.70 -182.51 -3.13
N ARG O 399 219.34 -181.55 -2.28
CA ARG O 399 218.88 -181.89 -0.93
C ARG O 399 217.55 -182.64 -0.98
N GLU O 400 216.63 -182.20 -1.84
CA GLU O 400 215.35 -182.89 -1.97
C GLU O 400 215.53 -184.30 -2.51
N PHE O 401 216.42 -184.46 -3.50
CA PHE O 401 216.68 -185.78 -4.03
C PHE O 401 217.32 -186.69 -3.00
N LEU O 402 218.24 -186.16 -2.19
CA LEU O 402 218.85 -186.97 -1.14
C LEU O 402 217.82 -187.37 -0.08
N LEU O 403 216.93 -186.44 0.28
CA LEU O 403 215.89 -186.76 1.24
C LEU O 403 214.94 -187.82 0.70
N LEU O 404 214.58 -187.73 -0.58
CA LEU O 404 213.71 -188.73 -1.19
C LEU O 404 214.39 -190.09 -1.24
N GLU O 405 215.68 -190.11 -1.56
CA GLU O 405 216.42 -191.38 -1.59
C GLU O 405 216.51 -191.99 -0.19
N TYR O 406 216.74 -191.15 0.83
CA TYR O 406 216.80 -191.66 2.19
C TYR O 406 215.44 -192.19 2.64
N ALA O 407 214.35 -191.51 2.28
CA ALA O 407 213.03 -191.97 2.65
C ALA O 407 212.67 -193.27 1.93
N SER O 408 213.14 -193.43 0.69
CA SER O 408 212.87 -194.66 -0.04
C SER O 408 213.72 -195.82 0.49
N GLY O 409 214.94 -195.54 0.94
CA GLY O 409 215.79 -196.59 1.47
C GLY O 409 215.44 -197.00 2.89
N LEU O 410 214.88 -196.07 3.68
CA LEU O 410 214.51 -196.36 5.06
C LEU O 410 213.13 -197.02 5.06
N PHE O 411 213.10 -198.29 4.65
CA PHE O 411 211.86 -199.05 4.58
C PHE O 411 212.21 -200.53 4.71
N ALA O 412 211.85 -201.13 5.83
CA ALA O 412 212.13 -202.54 6.08
C ALA O 412 211.01 -203.10 6.95
N HIS O 413 211.17 -204.36 7.36
CA HIS O 413 210.17 -205.02 8.21
C HIS O 413 210.36 -204.59 9.66
N PRO O 414 211.60 -204.56 10.16
CA PRO O 414 211.81 -204.14 11.56
C PRO O 414 211.68 -202.65 11.79
N SER O 415 211.90 -201.82 10.76
CA SER O 415 211.78 -200.38 10.90
C SER O 415 210.32 -199.96 10.85
N LEU O 416 209.97 -198.98 11.69
CA LEU O 416 208.60 -198.48 11.75
C LEU O 416 208.31 -197.58 10.54
N TRP O 417 207.04 -197.55 10.15
CA TRP O 417 206.61 -196.72 9.02
C TRP O 417 206.48 -195.25 9.38
N GLN O 418 206.45 -194.91 10.67
CA GLN O 418 206.31 -193.51 11.07
C GLN O 418 207.53 -192.69 10.64
N LEU O 419 208.73 -193.25 10.82
CA LEU O 419 209.94 -192.55 10.42
C LEU O 419 209.97 -192.33 8.91
N GLY O 420 209.57 -193.35 8.14
CA GLY O 420 209.54 -193.20 6.70
C GLY O 420 208.50 -192.19 6.24
N VAL O 421 207.34 -192.17 6.90
CA VAL O 421 206.31 -191.21 6.54
C VAL O 421 206.74 -189.78 6.90
N ASP O 422 207.50 -189.63 8.00
CA ASP O 422 207.98 -188.31 8.37
C ASP O 422 209.11 -187.85 7.45
N TYR O 423 209.95 -188.78 6.98
CA TYR O 423 211.04 -188.41 6.08
C TYR O 423 210.54 -188.13 4.67
N PHE O 424 209.51 -188.83 4.22
CA PHE O 424 208.96 -188.62 2.88
C PHE O 424 208.08 -187.38 2.80
N ASP O 425 207.59 -186.88 3.93
CA ASP O 425 206.73 -185.70 3.92
C ASP O 425 207.53 -184.42 3.69
N TYR O 426 208.80 -184.39 4.09
CA TYR O 426 209.63 -183.21 3.91
C TYR O 426 210.21 -183.11 2.51
N CYS O 427 210.17 -184.18 1.72
CA CYS O 427 210.72 -184.17 0.37
C CYS O 427 209.58 -184.12 -0.65
N PRO O 428 209.61 -184.95 -1.68
CA PRO O 428 208.52 -184.92 -2.67
C PRO O 428 208.19 -186.31 -3.22
N GLU O 429 209.23 -187.09 -3.49
CA GLU O 429 209.04 -188.44 -4.02
C GLU O 429 208.70 -189.42 -2.89
N LEU O 430 208.33 -190.63 -3.29
CA LEU O 430 207.96 -191.70 -2.36
C LEU O 430 206.82 -191.27 -1.43
N GLY O 431 205.79 -190.67 -2.03
CA GLY O 431 204.64 -190.21 -1.26
C GLY O 431 203.36 -190.92 -1.62
N ARG O 432 202.76 -190.53 -2.75
CA ARG O 432 201.51 -191.16 -3.17
C ARG O 432 201.72 -192.62 -3.56
N VAL O 433 202.81 -192.91 -4.27
CA VAL O 433 203.09 -194.30 -4.64
C VAL O 433 203.37 -195.15 -3.40
N SER O 434 204.09 -194.59 -2.43
CA SER O 434 204.37 -195.32 -1.20
C SER O 434 203.09 -195.57 -0.41
N LEU O 435 202.20 -194.57 -0.35
CA LEU O 435 200.93 -194.76 0.34
C LEU O 435 200.07 -195.81 -0.35
N GLU O 436 200.05 -195.81 -1.69
CA GLU O 436 199.29 -196.80 -2.42
C GLU O 436 199.85 -198.20 -2.21
N LEU O 437 201.18 -198.34 -2.21
CA LEU O 437 201.79 -199.64 -1.97
C LEU O 437 201.56 -200.12 -0.54
N HIS O 438 201.49 -199.20 0.41
CA HIS O 438 201.23 -199.60 1.79
C HIS O 438 199.76 -199.99 2.00
N ILE O 439 198.85 -199.30 1.30
CA ILE O 439 197.43 -199.61 1.42
C ILE O 439 197.04 -200.84 0.61
N GLU O 440 197.81 -201.20 -0.42
CA GLU O 440 197.49 -202.37 -1.22
C GLU O 440 197.74 -203.68 -0.48
N ARG O 441 198.57 -203.66 0.56
CA ARG O 441 198.89 -204.84 1.35
C ARG O 441 198.63 -204.58 2.82
N ILE O 442 197.41 -204.15 3.14
CA ILE O 442 197.03 -203.86 4.52
C ILE O 442 195.54 -204.16 4.69
N PRO O 443 194.90 -204.80 3.72
CA PRO O 443 193.46 -205.11 3.85
C PRO O 443 193.21 -206.38 4.65
N LEU O 444 193.39 -206.28 5.96
CA LEU O 444 193.19 -207.40 6.87
C LEU O 444 192.62 -206.87 8.18
N ASN O 445 192.66 -207.70 9.22
CA ASN O 445 192.14 -207.33 10.54
C ASN O 445 193.27 -206.70 11.34
N THR O 446 193.57 -205.44 11.01
CA THR O 446 194.63 -204.70 11.69
C THR O 446 194.23 -203.22 11.71
N GLU O 447 193.85 -202.72 12.87
CA GLU O 447 193.45 -201.34 13.02
C GLU O 447 194.58 -200.43 13.48
N GLN O 448 195.61 -200.98 14.14
CA GLN O 448 196.70 -200.16 14.62
C GLN O 448 197.50 -199.57 13.45
N LYS O 449 197.76 -200.36 12.42
CA LYS O 449 198.48 -199.84 11.26
C LYS O 449 197.67 -198.77 10.54
N ALA O 450 196.35 -198.97 10.42
CA ALA O 450 195.51 -197.97 9.79
C ALA O 450 195.48 -196.68 10.60
N LEU O 451 195.40 -196.79 11.92
CA LEU O 451 195.41 -195.60 12.76
C LEU O 451 196.75 -194.86 12.66
N LYS O 452 197.85 -195.61 12.62
CA LYS O 452 199.17 -194.99 12.48
C LYS O 452 199.29 -194.28 11.12
N VAL O 453 198.79 -194.91 10.06
CA VAL O 453 198.84 -194.28 8.74
C VAL O 453 197.98 -193.03 8.71
N LEU O 454 196.81 -193.06 9.34
CA LEU O 454 195.94 -191.89 9.37
C LEU O 454 196.56 -190.76 10.19
N ARG O 455 197.27 -191.11 11.26
CA ARG O 455 197.93 -190.09 12.07
C ARG O 455 199.15 -189.51 11.36
N ILE O 456 199.85 -190.32 10.58
CA ILE O 456 201.02 -189.81 9.86
C ILE O 456 200.60 -189.00 8.65
N CYS O 457 199.50 -189.34 8.00
CA CYS O 457 199.04 -188.59 6.84
C CYS O 457 198.38 -187.28 7.20
N GLU O 458 197.95 -187.12 8.46
CA GLU O 458 197.31 -185.89 8.92
C GLU O 458 198.30 -184.87 9.47
N GLN O 459 199.61 -185.15 9.38
CA GLN O 459 200.63 -184.24 9.87
C GLN O 459 201.05 -183.20 8.84
N ARG O 460 200.48 -183.24 7.63
CA ARG O 460 200.83 -182.27 6.60
C ARG O 460 199.58 -181.82 5.85
N GLN O 461 199.75 -181.46 4.57
CA GLN O 461 198.64 -181.01 3.73
C GLN O 461 198.21 -182.08 2.73
N MET O 462 198.12 -183.33 3.18
CA MET O 462 197.73 -184.46 2.33
C MET O 462 196.43 -185.03 2.90
N THR O 463 195.31 -184.45 2.46
CA THR O 463 193.99 -184.91 2.92
C THR O 463 193.39 -185.99 2.03
N GLU O 464 193.88 -186.14 0.80
CA GLU O 464 193.35 -187.15 -0.10
C GLU O 464 193.87 -188.55 0.23
N GLN O 465 195.13 -188.64 0.66
CA GLN O 465 195.70 -189.94 0.99
C GLN O 465 195.01 -190.55 2.21
N VAL O 466 194.74 -189.74 3.23
CA VAL O 466 194.06 -190.25 4.42
C VAL O 466 192.64 -190.69 4.08
N ARG O 467 191.96 -189.93 3.23
CA ARG O 467 190.61 -190.31 2.82
C ARG O 467 190.62 -191.61 2.01
N SER O 468 191.61 -191.77 1.13
CA SER O 468 191.70 -193.00 0.35
C SER O 468 192.01 -194.19 1.26
N ILE O 469 192.89 -194.00 2.25
CA ILE O 469 193.20 -195.08 3.17
C ILE O 469 191.98 -195.46 4.00
N CYS O 470 191.20 -194.46 4.44
CA CYS O 470 190.00 -194.75 5.20
C CYS O 470 188.97 -195.48 4.35
N LYS O 471 188.83 -195.08 3.09
CA LYS O 471 187.89 -195.76 2.19
C LYS O 471 188.33 -197.20 1.94
N ILE O 472 189.63 -197.43 1.77
CA ILE O 472 190.13 -198.78 1.55
C ILE O 472 189.90 -199.63 2.80
N LEU O 473 190.14 -199.06 3.98
CA LEU O 473 189.90 -199.80 5.21
C LEU O 473 188.43 -200.14 5.39
N ALA O 474 187.54 -199.20 5.05
CA ALA O 474 186.11 -199.47 5.15
C ALA O 474 185.68 -200.54 4.16
N MET O 475 186.20 -200.51 2.93
CA MET O 475 185.88 -201.52 1.95
C MET O 475 186.41 -202.89 2.35
N LYS O 476 187.57 -202.93 3.00
CA LYS O 476 188.10 -204.21 3.47
C LYS O 476 187.34 -204.75 4.66
N ALA O 477 186.85 -203.86 5.53
CA ALA O 477 186.10 -204.30 6.70
C ALA O 477 184.67 -204.69 6.35
N VAL O 478 184.10 -204.11 5.29
CA VAL O 478 182.74 -204.46 4.89
C VAL O 478 182.66 -205.86 4.30
N ARG O 479 183.79 -206.42 3.85
CA ARG O 479 183.78 -207.76 3.28
C ARG O 479 183.63 -208.84 4.34
N ASN O 480 183.93 -208.53 5.60
CA ASN O 480 183.84 -209.49 6.70
C ASN O 480 182.51 -209.38 7.46
N ASN O 481 181.62 -208.47 7.06
CA ASN O 481 180.33 -208.27 7.70
C ASN O 481 180.51 -207.96 9.19
N ARG O 482 181.28 -206.92 9.48
CA ARG O 482 181.55 -206.48 10.84
C ARG O 482 180.91 -205.12 11.04
N LEU O 483 179.71 -205.11 11.62
CA LEU O 483 178.99 -203.87 11.86
C LEU O 483 179.61 -203.11 13.02
N GLY O 484 179.53 -201.78 12.95
CA GLY O 484 180.10 -200.94 13.99
C GLY O 484 181.54 -200.53 13.72
N SER O 485 182.37 -201.51 13.37
CA SER O 485 183.77 -201.21 13.09
C SER O 485 183.94 -200.55 11.73
N ALA O 486 183.20 -201.03 10.72
CA ALA O 486 183.28 -200.46 9.39
C ALA O 486 182.49 -199.16 9.26
N LEU O 487 181.48 -198.94 10.10
CA LEU O 487 180.70 -197.72 10.04
C LEU O 487 181.53 -196.51 10.44
N SER O 488 182.38 -196.66 11.46
CA SER O 488 183.24 -195.55 11.89
C SER O 488 184.27 -195.20 10.82
N TRP O 489 184.70 -196.19 10.03
CA TRP O 489 185.66 -195.92 8.96
C TRP O 489 184.98 -195.36 7.71
N SER O 490 183.71 -195.73 7.48
CA SER O 490 182.99 -195.24 6.33
C SER O 490 182.35 -193.87 6.56
N ILE O 491 182.15 -193.48 7.82
CA ILE O 491 181.56 -192.19 8.11
C ILE O 491 182.60 -191.10 8.30
N ARG O 492 183.81 -191.47 8.73
CA ARG O 492 184.89 -190.52 8.97
C ARG O 492 185.90 -190.60 7.83
N ALA O 493 186.28 -189.43 7.29
CA ALA O 493 187.25 -189.33 6.20
C ALA O 493 186.80 -190.14 4.99
N LYS O 494 185.51 -190.11 4.70
CA LYS O 494 184.96 -190.84 3.56
C LYS O 494 183.64 -190.22 3.11
N ASP O 495 183.54 -188.90 3.20
CA ASP O 495 182.34 -188.14 2.81
C ASP O 495 181.16 -188.66 3.63
N ALA O 496 179.99 -188.87 3.02
CA ALA O 496 178.83 -189.37 3.74
C ALA O 496 178.01 -190.37 2.95
N ALA O 497 178.34 -190.62 1.68
CA ALA O 497 177.56 -191.57 0.89
C ALA O 497 177.71 -192.99 1.44
N PHE O 498 178.93 -193.38 1.83
CA PHE O 498 179.14 -194.70 2.40
C PHE O 498 178.39 -194.86 3.73
N ALA O 499 178.40 -193.81 4.56
CA ALA O 499 177.67 -193.86 5.83
C ALA O 499 176.17 -193.96 5.59
N THR O 500 175.65 -193.22 4.60
CA THR O 500 174.23 -193.29 4.29
C THR O 500 173.86 -194.67 3.76
N LEU O 501 174.71 -195.27 2.92
CA LEU O 501 174.44 -196.61 2.42
C LEU O 501 174.48 -197.64 3.54
N VAL O 502 175.42 -197.50 4.48
CA VAL O 502 175.49 -198.42 5.60
C VAL O 502 174.26 -198.28 6.49
N SER O 503 173.81 -197.04 6.72
CA SER O 503 172.61 -196.84 7.52
C SER O 503 171.37 -197.41 6.84
N ASP O 504 171.27 -197.25 5.52
CA ASP O 504 170.15 -197.82 4.78
C ASP O 504 170.17 -199.34 4.84
N ARG O 505 171.36 -199.95 4.70
CA ARG O 505 171.46 -201.39 4.79
C ARG O 505 171.09 -201.89 6.18
N PHE O 506 171.52 -201.18 7.23
CA PHE O 506 171.18 -201.56 8.59
C PHE O 506 169.67 -201.45 8.83
N LEU O 507 169.05 -200.39 8.31
CA LEU O 507 167.61 -200.22 8.47
C LEU O 507 166.84 -201.28 7.68
N ARG O 508 167.35 -201.70 6.53
CA ARG O 508 166.68 -202.74 5.76
C ARG O 508 166.84 -204.10 6.42
N ASP O 509 167.99 -204.34 7.06
CA ASP O 509 168.21 -205.61 7.74
C ASP O 509 167.47 -205.70 9.06
N TYR O 510 167.28 -204.57 9.75
CA TYR O 510 166.57 -204.59 11.02
C TYR O 510 165.07 -204.78 10.84
N CYS O 511 164.52 -204.37 9.69
CA CYS O 511 163.09 -204.50 9.42
C CYS O 511 162.84 -205.90 8.88
N GLU O 512 162.56 -206.84 9.79
CA GLU O 512 162.30 -208.22 9.41
C GLU O 512 161.04 -208.74 10.07
N ARG O 513 161.11 -209.01 11.38
CA ARG O 513 160.00 -209.51 12.17
C ARG O 513 159.59 -208.46 13.19
N GLY O 514 159.01 -208.88 14.30
CA GLY O 514 158.59 -207.96 15.35
C GLY O 514 159.73 -207.44 16.18
N CYS O 515 160.67 -208.32 16.52
CA CYS O 515 161.84 -207.95 17.33
C CYS O 515 162.96 -207.54 16.38
N PHE O 516 163.13 -206.23 16.20
CA PHE O 516 164.16 -205.68 15.32
C PHE O 516 165.50 -205.75 16.05
N SER O 517 166.22 -206.85 15.87
CA SER O 517 167.51 -207.04 16.49
C SER O 517 168.64 -206.77 15.50
N ASP O 518 168.80 -207.66 14.52
CA ASP O 518 169.82 -207.52 13.48
C ASP O 518 171.21 -207.41 14.08
N LEU O 519 171.61 -206.19 14.45
CA LEU O 519 172.92 -205.95 15.03
C LEU O 519 172.99 -206.49 16.46
N ASP O 520 173.17 -207.80 16.60
CA ASP O 520 173.25 -208.43 17.91
C ASP O 520 174.67 -208.89 18.21
N LEU O 521 174.82 -209.84 19.14
CA LEU O 521 176.11 -210.39 19.54
C LEU O 521 177.07 -209.29 19.98
N ILE O 522 177.95 -208.86 19.09
CA ILE O 522 178.93 -207.82 19.40
C ILE O 522 179.29 -207.07 18.14
N ASP O 523 178.39 -206.19 17.67
CA ASP O 523 178.61 -205.41 16.46
C ASP O 523 177.66 -204.21 16.50
N ASN O 524 178.01 -203.21 17.32
CA ASN O 524 177.19 -202.01 17.46
C ASN O 524 178.11 -200.87 17.89
N LEU O 525 178.42 -199.98 16.95
CA LEU O 525 179.27 -198.83 17.23
C LEU O 525 178.99 -197.76 16.19
N GLY O 526 179.29 -196.51 16.55
CA GLY O 526 179.09 -195.39 15.67
C GLY O 526 179.39 -194.07 16.34
N PRO O 527 180.65 -193.63 16.27
CA PRO O 527 181.01 -192.36 16.89
C PRO O 527 182.12 -191.64 16.13
N ALA O 528 181.73 -190.73 15.23
CA ALA O 528 182.70 -190.00 14.42
C ALA O 528 182.06 -188.68 14.00
N MET O 529 182.24 -187.65 14.82
CA MET O 529 181.79 -186.29 14.53
C MET O 529 180.31 -186.22 14.19
N MET O 530 179.89 -185.11 13.57
CA MET O 530 178.51 -184.98 13.15
C MET O 530 178.16 -185.88 11.97
N LEU O 531 179.18 -186.39 11.26
CA LEU O 531 178.92 -187.31 10.16
C LEU O 531 178.36 -188.63 10.67
N SER O 532 178.70 -189.01 11.90
CA SER O 532 178.16 -190.23 12.51
C SER O 532 177.16 -189.98 13.62
N ASP O 533 177.15 -188.78 14.20
CA ASP O 533 176.18 -188.48 15.25
C ASP O 533 174.81 -188.11 14.67
N ARG O 534 174.75 -187.80 13.38
CA ARG O 534 173.47 -187.45 12.77
C ARG O 534 172.61 -188.67 12.47
N LEU O 535 173.20 -189.86 12.53
CA LEU O 535 172.46 -191.10 12.27
C LEU O 535 171.90 -191.72 13.55
N THR O 536 171.31 -190.90 14.42
CA THR O 536 170.73 -191.40 15.66
C THR O 536 169.35 -192.03 15.48
N PHE O 537 168.80 -191.99 14.27
CA PHE O 537 167.50 -192.60 14.04
C PHE O 537 167.53 -194.10 14.22
N LEU O 538 168.57 -194.76 13.71
CA LEU O 538 168.71 -196.20 13.89
C LEU O 538 168.87 -196.58 15.35
N GLY O 539 169.67 -195.80 16.09
CA GLY O 539 169.83 -196.06 17.51
C GLY O 539 168.53 -195.87 18.28
N LYS O 540 167.78 -194.83 17.95
CA LYS O 540 166.50 -194.59 18.61
C LYS O 540 165.52 -195.72 18.30
N TYR O 541 165.50 -196.18 17.05
CA TYR O 541 164.60 -197.29 16.69
C TYR O 541 165.00 -198.56 17.41
N ARG O 542 166.31 -198.83 17.53
CA ARG O 542 166.76 -200.01 18.25
C ARG O 542 166.41 -199.93 19.73
N GLU O 543 166.56 -198.74 20.33
CA GLU O 543 166.22 -198.58 21.74
C GLU O 543 164.71 -198.71 21.97
N PHE O 544 163.90 -198.26 21.01
CA PHE O 544 162.45 -198.39 21.15
C PHE O 544 162.01 -199.83 20.94
N HIS O 545 162.68 -200.57 20.05
CA HIS O 545 162.30 -201.96 19.81
C HIS O 545 162.79 -202.88 20.92
N ARG O 546 163.92 -202.55 21.55
CA ARG O 546 164.44 -203.40 22.62
C ARG O 546 163.85 -203.03 23.98
N MET O 547 163.50 -201.75 24.18
CA MET O 547 162.92 -201.29 25.42
C MET O 547 161.64 -200.52 25.13
N TYR O 548 160.53 -200.99 25.68
CA TYR O 548 159.22 -200.37 25.48
C TYR O 548 158.79 -199.76 26.82
N GLY O 549 159.03 -198.47 26.99
CA GLY O 549 158.67 -197.77 28.20
C GLY O 549 157.41 -196.95 28.07
N GLU O 550 156.26 -197.59 28.26
CA GLU O 550 154.93 -196.96 28.17
C GLU O 550 154.79 -196.38 26.76
N LYS O 551 154.27 -195.17 26.61
CA LYS O 551 154.11 -194.55 25.30
C LYS O 551 155.33 -193.76 24.86
N ARG O 552 156.35 -193.63 25.71
CA ARG O 552 157.54 -192.88 25.33
C ARG O 552 158.29 -193.56 24.19
N PHE O 553 158.43 -194.89 24.26
CA PHE O 553 159.09 -195.62 23.18
C PHE O 553 158.33 -195.50 21.87
N ALA O 554 156.99 -195.59 21.93
CA ALA O 554 156.18 -195.44 20.74
C ALA O 554 156.31 -194.04 20.15
N ASP O 555 156.32 -193.02 21.00
CA ASP O 555 156.48 -191.65 20.52
C ASP O 555 157.86 -191.45 19.89
N ALA O 556 158.90 -192.03 20.49
CA ALA O 556 160.24 -191.91 19.93
C ALA O 556 160.32 -192.62 18.58
N ALA O 557 159.70 -193.79 18.47
CA ALA O 557 159.70 -194.52 17.20
C ALA O 557 158.94 -193.74 16.13
N SER O 558 157.80 -193.14 16.50
CA SER O 558 157.05 -192.33 15.54
C SER O 558 157.85 -191.12 15.09
N LEU O 559 158.54 -190.47 16.02
CA LEU O 559 159.37 -189.31 15.66
C LEU O 559 160.51 -189.73 14.74
N LEU O 560 161.15 -190.87 15.03
CA LEU O 560 162.22 -191.36 14.16
C LEU O 560 161.71 -191.68 12.77
N LEU O 561 160.53 -192.31 12.69
CA LEU O 561 159.95 -192.63 11.39
C LEU O 561 159.60 -191.36 10.61
N SER O 562 159.05 -190.36 11.30
CA SER O 562 158.72 -189.11 10.62
C SER O 562 159.97 -188.36 10.18
N LEU O 563 161.07 -188.47 10.94
CA LEU O 563 162.31 -187.82 10.53
C LEU O 563 162.96 -188.55 9.36
N MET O 564 162.84 -189.88 9.34
CA MET O 564 163.42 -190.66 8.25
C MET O 564 162.61 -190.55 6.96
N THR O 565 161.29 -190.37 7.08
CA THR O 565 160.43 -190.24 5.91
C THR O 565 160.45 -188.84 5.30
N SER O 566 161.18 -187.89 5.89
CA SER O 566 161.26 -186.53 5.40
C SER O 566 162.50 -186.32 4.53
N ARG O 567 162.78 -187.26 3.64
CA ARG O 567 163.93 -187.18 2.73
C ARG O 567 165.24 -187.06 3.52
N ILE O 568 165.50 -188.06 4.36
CA ILE O 568 166.70 -188.08 5.17
C ILE O 568 167.38 -189.44 5.00
N ALA O 569 166.93 -190.43 5.78
CA ALA O 569 167.49 -191.77 5.71
C ALA O 569 166.84 -192.55 4.55
N PRO O 570 167.29 -192.30 3.30
CA PRO O 570 166.71 -193.00 2.14
C PRO O 570 165.19 -192.97 2.09
N ARG O 571 164.58 -193.99 1.50
CA ARG O 571 163.13 -194.07 1.39
C ARG O 571 162.68 -195.50 1.17
N SER O 572 163.63 -196.45 1.21
CA SER O 572 163.28 -197.85 1.00
C SER O 572 162.70 -198.48 2.25
N PHE O 573 163.36 -198.31 3.39
CA PHE O 573 162.92 -198.89 4.65
C PHE O 573 161.95 -197.98 5.40
N TRP O 574 161.72 -196.75 4.92
CA TRP O 574 160.80 -195.84 5.61
C TRP O 574 159.38 -196.37 5.57
N MET O 575 158.94 -196.91 4.43
CA MET O 575 157.59 -197.47 4.32
C MET O 575 157.43 -198.67 5.24
N THR O 576 158.46 -199.53 5.31
CA THR O 576 158.39 -200.69 6.19
C THR O 576 158.34 -200.26 7.66
N LEU O 577 159.12 -199.25 8.03
CA LEU O 577 159.09 -198.75 9.40
C LEU O 577 157.73 -198.15 9.73
N LEU O 578 157.15 -197.41 8.78
CA LEU O 578 155.82 -196.83 9.03
C LEU O 578 154.77 -197.92 9.17
N THR O 579 154.84 -198.96 8.33
CA THR O 579 153.88 -200.05 8.43
C THR O 579 154.04 -200.83 9.73
N ASP O 580 155.27 -200.98 10.21
CA ASP O 580 155.50 -201.67 11.48
C ASP O 580 155.04 -200.82 12.66
N ALA O 581 155.18 -199.50 12.56
CA ALA O 581 154.75 -198.63 13.64
C ALA O 581 153.23 -198.46 13.68
N LEU O 582 152.57 -198.52 12.53
CA LEU O 582 151.12 -198.40 12.48
C LEU O 582 150.46 -199.65 13.04
N PRO O 583 151.12 -200.82 12.94
CA PRO O 583 150.50 -202.04 13.48
C PRO O 583 150.57 -202.15 14.99
N LEU O 584 151.45 -201.40 15.64
CA LEU O 584 151.56 -201.46 17.09
C LEU O 584 150.58 -200.54 17.80
N LEU O 585 150.04 -199.54 17.09
CA LEU O 585 149.09 -198.60 17.71
C LEU O 585 147.69 -199.22 17.76
N GLU O 586 147.04 -199.30 16.59
CA GLU O 586 145.69 -199.87 16.51
C GLU O 586 145.50 -200.48 15.14
N GLN O 587 145.29 -201.80 15.09
CA GLN O 587 145.10 -202.48 13.83
C GLN O 587 143.70 -202.26 13.27
N LYS O 588 142.69 -202.21 14.14
CA LYS O 588 141.32 -201.99 13.68
C LYS O 588 140.45 -201.22 14.67
N GLN O 589 141.02 -200.72 15.77
CA GLN O 589 140.24 -199.97 16.74
C GLN O 589 140.75 -198.54 16.87
N VAL O 590 140.77 -198.01 18.09
CA VAL O 590 141.24 -196.67 18.35
C VAL O 590 142.53 -196.73 19.16
N ILE O 591 143.25 -195.61 19.21
CA ILE O 591 144.50 -195.51 19.94
C ILE O 591 144.65 -194.11 20.51
N PHE O 592 145.89 -193.71 20.78
CA PHE O 592 146.16 -192.39 21.32
C PHE O 592 147.56 -191.96 20.89
N SER O 593 147.68 -190.73 20.40
CA SER O 593 148.95 -190.19 19.96
C SER O 593 148.94 -188.68 20.14
N ALA O 594 149.92 -188.16 20.87
CA ALA O 594 150.02 -186.73 21.15
C ALA O 594 151.01 -186.10 20.18
N GLU O 595 150.50 -185.27 19.27
CA GLU O 595 151.30 -184.58 18.27
C GLU O 595 152.12 -185.57 17.42
N GLN O 596 151.43 -186.59 16.93
CA GLN O 596 152.07 -187.61 16.10
C GLN O 596 151.12 -188.10 15.02
N THR O 597 149.81 -188.01 15.29
CA THR O 597 148.82 -188.43 14.30
C THR O 597 148.85 -187.53 13.07
N TYR O 598 148.99 -186.22 13.27
CA TYR O 598 149.06 -185.30 12.14
C TYR O 598 150.30 -185.56 11.30
N GLU O 599 151.45 -185.80 11.96
CA GLU O 599 152.67 -186.10 11.21
C GLU O 599 152.55 -187.41 10.46
N LEU O 600 151.94 -188.42 11.08
CA LEU O 600 151.74 -189.70 10.40
C LEU O 600 150.83 -189.56 9.19
N MET O 601 149.75 -188.78 9.33
CA MET O 601 148.84 -188.56 8.20
C MET O 601 149.54 -187.79 7.08
N ARG O 602 150.36 -186.79 7.44
CA ARG O 602 151.10 -186.05 6.43
C ARG O 602 152.10 -186.95 5.70
N CYS O 603 152.79 -187.82 6.44
CA CYS O 603 153.73 -188.74 5.81
C CYS O 603 153.02 -189.73 4.90
N LEU O 604 151.85 -190.22 5.33
CA LEU O 604 151.09 -191.15 4.50
C LEU O 604 150.56 -190.47 3.24
N GLU O 605 150.17 -189.20 3.34
CA GLU O 605 149.68 -188.48 2.17
C GLU O 605 150.82 -188.12 1.23
N ASP O 606 152.02 -187.86 1.76
CA ASP O 606 153.15 -187.53 0.91
C ASP O 606 153.77 -188.75 0.25
N LEU O 607 153.71 -189.91 0.91
CA LEU O 607 154.27 -191.12 0.32
C LEU O 607 153.37 -191.70 -0.76
N THR O 608 152.06 -191.47 -0.66
CA THR O 608 151.12 -192.00 -1.65
C THR O 608 151.04 -191.13 -2.90
N SER O 609 151.45 -189.87 -2.81
CA SER O 609 151.39 -188.94 -3.94
C SER O 609 152.73 -188.82 -4.67
N ARG O 610 153.74 -189.60 -4.27
CA ARG O 610 155.05 -189.55 -4.91
C ARG O 610 155.03 -190.30 -6.23
N ARG O 611 155.40 -191.58 -6.20
CA ARG O 611 155.43 -192.40 -7.40
C ARG O 611 154.88 -193.79 -7.09
N PRO O 612 153.99 -193.91 -6.10
CA PRO O 612 153.40 -195.22 -5.75
C PRO O 612 154.44 -196.32 -5.56
N VAL O 613 155.30 -196.18 -4.57
CA VAL O 613 156.36 -197.15 -4.28
C VAL O 613 156.51 -197.26 -2.77
N HIS O 614 156.39 -198.48 -2.25
CA HIS O 614 156.52 -198.71 -0.82
C HIS O 614 157.01 -200.12 -0.53
N GLY O 615 156.30 -200.84 0.33
CA GLY O 615 156.70 -202.22 0.66
C GLY O 615 156.83 -202.37 2.16
N GLU O 616 156.44 -203.56 2.65
CA GLU O 616 156.51 -203.86 4.07
C GLU O 616 156.94 -205.31 4.30
N SER O 617 156.88 -205.77 5.54
CA SER O 617 157.26 -207.13 5.88
C SER O 617 156.04 -208.02 6.04
N ASP O 618 156.14 -209.05 6.88
CA ASP O 618 155.04 -209.96 7.11
C ASP O 618 155.18 -210.55 8.51
N THR O 619 154.05 -210.64 9.22
CA THR O 619 154.04 -211.19 10.58
C THR O 619 152.71 -211.86 10.88
N GLU O 620 151.80 -211.10 11.51
CA GLU O 620 150.48 -211.61 11.86
C GLU O 620 149.38 -210.95 11.04
N GLN O 621 149.18 -209.63 11.19
CA GLN O 621 148.14 -208.93 10.45
C GLN O 621 148.62 -208.48 9.07
N LEU O 622 149.93 -208.34 8.87
CA LEU O 622 150.45 -207.91 7.59
C LEU O 622 150.45 -209.03 6.55
N GLN O 623 150.38 -210.29 6.98
CA GLN O 623 150.37 -211.41 6.04
C GLN O 623 149.04 -211.58 5.32
N ASP O 624 147.97 -210.98 5.85
CA ASP O 624 146.65 -211.09 5.23
C ASP O 624 146.43 -210.11 4.09
N ASP O 625 147.31 -209.12 3.93
CA ASP O 625 147.18 -208.12 2.87
C ASP O 625 147.94 -208.61 1.64
N ASP O 626 148.18 -207.72 0.68
CA ASP O 626 148.88 -208.08 -0.55
C ASP O 626 149.65 -206.88 -1.11
N ILE O 627 149.00 -205.72 -1.13
CA ILE O 627 149.62 -204.51 -1.64
C ILE O 627 150.29 -203.76 -0.50
N GLU O 628 150.59 -202.48 -0.72
CA GLU O 628 151.24 -201.65 0.29
C GLU O 628 150.34 -200.55 0.85
N THR O 629 149.26 -200.20 0.17
CA THR O 629 148.36 -199.16 0.65
C THR O 629 147.49 -199.62 1.81
N THR O 630 147.45 -200.92 2.10
CA THR O 630 146.65 -201.41 3.22
C THR O 630 147.16 -200.89 4.55
N LYS O 631 148.49 -200.83 4.72
CA LYS O 631 149.05 -200.29 5.95
C LYS O 631 148.73 -198.81 6.10
N VAL O 632 148.80 -198.05 5.01
CA VAL O 632 148.47 -196.63 5.06
C VAL O 632 147.00 -196.43 5.40
N GLU O 633 146.12 -197.25 4.81
CA GLU O 633 144.71 -197.16 5.12
C GLU O 633 144.41 -197.50 6.57
N MET O 634 145.08 -198.53 7.10
CA MET O 634 144.89 -198.90 8.50
C MET O 634 145.40 -197.78 9.42
N LEU O 635 146.53 -197.18 9.08
CA LEU O 635 147.05 -196.08 9.89
C LEU O 635 146.12 -194.88 9.85
N ARG O 636 145.56 -194.56 8.68
CA ARG O 636 144.62 -193.45 8.59
C ARG O 636 143.35 -193.73 9.39
N LEU O 637 142.85 -194.96 9.32
CA LEU O 637 141.66 -195.31 10.09
C LEU O 637 141.93 -195.23 11.60
N SER O 638 143.11 -195.69 12.03
CA SER O 638 143.46 -195.62 13.43
C SER O 638 143.59 -194.18 13.90
N LEU O 639 144.21 -193.32 13.08
CA LEU O 639 144.34 -191.91 13.42
C LEU O 639 142.97 -191.24 13.50
N ALA O 640 142.08 -191.56 12.57
CA ALA O 640 140.74 -190.99 12.61
C ALA O 640 139.99 -191.44 13.85
N ARG O 641 140.07 -192.73 14.19
CA ARG O 641 139.41 -193.23 15.39
C ARG O 641 139.97 -192.57 16.64
N ASN O 642 141.29 -192.37 16.70
CA ASN O 642 141.90 -191.72 17.85
C ASN O 642 141.45 -190.27 17.96
N LEU O 643 141.46 -189.53 16.85
CA LEU O 643 141.01 -188.15 16.87
C LEU O 643 139.52 -188.02 17.15
N ALA O 644 138.74 -189.08 16.89
CA ALA O 644 137.30 -189.01 17.14
C ALA O 644 136.95 -189.40 18.58
N ARG O 645 137.68 -190.35 19.15
CA ARG O 645 137.37 -190.86 20.49
C ARG O 645 138.51 -190.68 21.47
N ALA O 646 139.30 -189.60 21.31
CA ALA O 646 140.37 -189.31 22.25
C ALA O 646 140.68 -187.82 22.29
N ILE O 647 140.45 -187.11 21.17
CA ILE O 647 140.73 -185.68 21.11
C ILE O 647 139.62 -184.83 21.70
N ILE O 648 138.59 -185.45 22.28
CA ILE O 648 137.49 -184.71 22.88
C ILE O 648 137.63 -184.72 24.40
N ARG O 649 138.86 -184.90 24.87
CA ARG O 649 139.15 -184.94 26.30
C ARG O 649 139.47 -183.52 26.77
N GLU O 650 138.43 -182.76 27.08
CA GLU O 650 138.59 -181.39 27.54
C GLU O 650 138.78 -181.34 29.05
N GLY O 651 139.47 -180.30 29.51
CA GLY O 651 139.73 -180.12 30.92
C GLY O 651 138.83 -179.09 31.58
N ILE P 4 186.51 -181.33 33.90
CA ILE P 4 186.62 -182.62 34.56
C ILE P 4 185.49 -182.83 35.56
N TYR P 5 185.08 -184.08 35.74
CA TYR P 5 184.00 -184.41 36.65
C TYR P 5 184.25 -185.79 37.23
N ALA P 6 183.82 -185.98 38.48
CA ALA P 6 183.97 -187.23 39.19
C ALA P 6 182.63 -187.94 39.32
N LYS P 7 182.69 -189.27 39.45
CA LYS P 7 181.50 -190.09 39.58
C LYS P 7 181.73 -191.14 40.65
N PHE P 8 180.73 -191.33 41.51
CA PHE P 8 180.82 -192.31 42.59
C PHE P 8 180.27 -193.65 42.14
N VAL P 9 180.93 -194.73 42.57
CA VAL P 9 180.52 -196.08 42.23
C VAL P 9 180.54 -197.03 43.41
N SER P 10 180.94 -196.56 44.60
CA SER P 10 181.00 -197.38 45.81
C SER P 10 181.88 -198.61 45.60
N GLN P 11 183.01 -198.43 44.91
CA GLN P 11 183.94 -199.52 44.64
CA GLN P 11 183.94 -199.52 44.64
C GLN P 11 185.32 -198.94 44.43
N LYS P 12 186.33 -199.57 45.03
CA LYS P 12 187.71 -199.12 44.90
C LYS P 12 188.24 -199.53 43.52
N ILE P 13 188.31 -198.57 42.61
CA ILE P 13 188.79 -198.85 41.27
C ILE P 13 190.30 -199.02 41.28
N SER P 14 190.77 -200.16 40.79
CA SER P 14 192.20 -200.46 40.75
C SER P 14 192.82 -200.29 39.37
N LYS P 15 192.00 -200.19 38.32
CA LYS P 15 192.51 -200.03 36.97
C LYS P 15 191.50 -199.25 36.13
N THR P 16 192.00 -198.54 35.13
CA THR P 16 191.14 -197.74 34.25
C THR P 16 191.80 -197.68 32.88
N ARG P 17 191.19 -198.31 31.89
CA ARG P 17 191.70 -198.33 30.52
C ARG P 17 190.57 -198.02 29.56
N TRP P 18 190.79 -197.04 28.70
CA TRP P 18 189.78 -196.65 27.72
C TRP P 18 189.71 -197.66 26.59
N ARG P 19 188.54 -197.73 25.95
CA ARG P 19 188.35 -198.66 24.85
C ARG P 19 189.00 -198.10 23.58
N PRO P 20 189.53 -198.96 22.71
CA PRO P 20 190.16 -198.47 21.49
C PRO P 20 189.14 -198.11 20.43
N LEU P 21 189.51 -197.16 19.60
CA LEU P 21 188.66 -196.68 18.51
C LEU P 21 188.83 -197.59 17.30
N PRO P 22 188.03 -197.38 16.25
CA PRO P 22 188.14 -198.22 15.06
C PRO P 22 189.25 -197.72 14.15
N PRO P 23 189.40 -198.33 12.97
CA PRO P 23 190.47 -197.88 12.06
C PRO P 23 190.07 -196.66 11.26
N GLY P 24 190.55 -195.49 11.68
CA GLY P 24 190.24 -194.25 10.99
C GLY P 24 189.12 -193.47 11.64
N SER P 25 189.14 -193.39 12.96
CA SER P 25 188.12 -192.65 13.69
C SER P 25 188.42 -191.16 13.66
N LEU P 26 187.40 -190.38 14.01
CA LEU P 26 187.50 -188.93 14.03
C LEU P 26 187.27 -188.32 15.42
N GLN P 27 186.37 -188.90 16.21
CA GLN P 27 186.07 -188.40 17.53
C GLN P 27 187.03 -189.03 18.56
N THR P 28 186.79 -188.73 19.84
CA THR P 28 187.61 -189.26 20.92
C THR P 28 187.00 -190.57 21.42
N ALA P 29 187.48 -191.03 22.58
CA ALA P 29 186.99 -192.26 23.17
C ALA P 29 185.77 -191.98 24.04
N GLU P 30 184.78 -192.88 23.95
CA GLU P 30 183.55 -192.75 24.72
C GLU P 30 183.35 -193.85 25.76
N THR P 31 183.87 -195.05 25.50
CA THR P 31 183.75 -196.17 26.42
C THR P 31 185.07 -196.44 27.12
N PHE P 32 184.98 -196.88 28.36
CA PHE P 32 186.17 -197.18 29.16
C PHE P 32 185.84 -198.27 30.16
N ALA P 33 186.83 -199.12 30.44
CA ALA P 33 186.68 -200.22 31.37
C ALA P 33 187.27 -199.85 32.72
N THR P 34 186.82 -200.57 33.76
CA THR P 34 187.30 -200.34 35.11
C THR P 34 187.44 -201.68 35.82
N GLY P 35 188.20 -201.66 36.91
CA GLY P 35 188.42 -202.87 37.69
C GLY P 35 188.39 -202.63 39.18
N SER P 36 187.46 -203.26 39.88
CA SER P 36 187.33 -203.11 41.32
C SER P 36 188.24 -204.10 42.05
N TRP P 37 188.69 -203.69 43.22
CA TRP P 37 189.57 -204.51 44.05
C TRP P 37 189.38 -204.12 45.50
N ASP P 38 190.12 -204.80 46.38
CA ASP P 38 190.06 -204.55 47.83
C ASP P 38 188.65 -204.71 48.37
N ASN P 39 187.97 -205.77 47.91
CA ASN P 39 186.61 -206.04 48.35
CA ASN P 39 186.61 -206.04 48.35
C ASN P 39 186.36 -207.55 48.29
N GLU P 40 185.22 -207.97 48.84
CA GLU P 40 184.86 -209.37 48.87
C GLU P 40 184.19 -209.84 47.58
N GLU P 41 183.83 -208.92 46.68
CA GLU P 41 183.19 -209.28 45.41
C GLU P 41 183.63 -208.25 44.37
N ASN P 42 184.77 -208.53 43.74
CA ASN P 42 185.31 -207.62 42.73
C ASN P 42 184.54 -207.77 41.43
N TYR P 43 184.34 -206.66 40.74
CA TYR P 43 183.63 -206.62 39.47
C TYR P 43 184.39 -205.77 38.47
N ILE P 44 184.28 -206.14 37.19
CA ILE P 44 184.96 -205.42 36.12
C ILE P 44 183.93 -204.83 35.17
N SER P 45 183.31 -203.73 35.57
CA SER P 45 182.31 -203.08 34.74
C SER P 45 182.96 -202.20 33.69
N LEU P 46 182.14 -201.69 32.78
CA LEU P 46 182.61 -200.83 31.69
C LEU P 46 181.62 -199.70 31.50
N TRP P 47 182.07 -198.46 31.69
CA TRP P 47 181.22 -197.30 31.53
C TRP P 47 181.20 -196.83 30.08
N SER P 48 180.27 -195.93 29.78
CA SER P 48 180.14 -195.38 28.43
C SER P 48 179.56 -193.98 28.53
N ILE P 49 180.28 -193.01 27.97
CA ILE P 49 179.83 -191.62 28.00
C ILE P 49 178.74 -191.40 26.96
N GLU P 62 178.03 -180.22 32.71
CA GLU P 62 178.80 -181.26 33.39
C GLU P 62 178.63 -182.60 32.69
N GLY P 63 179.73 -183.33 32.52
CA GLY P 63 179.68 -184.62 31.88
C GLY P 63 179.17 -185.72 32.79
N ASP P 64 178.72 -186.80 32.17
CA ASP P 64 178.20 -187.94 32.90
C ASP P 64 178.51 -189.22 32.13
N HIS P 65 178.38 -190.35 32.82
CA HIS P 65 178.65 -191.65 32.22
C HIS P 65 177.78 -192.69 32.90
N GLN P 66 177.24 -193.61 32.11
CA GLN P 66 176.39 -194.68 32.60
C GLN P 66 177.07 -196.03 32.41
N LEU P 67 176.71 -196.99 33.26
CA LEU P 67 177.27 -198.33 33.18
C LEU P 67 176.60 -199.13 32.07
N LEU P 68 177.40 -199.82 31.28
CA LEU P 68 176.90 -200.63 30.17
C LEU P 68 176.78 -202.11 30.56
N CYS P 69 177.89 -202.73 30.95
CA CYS P 69 177.89 -204.13 31.34
C CYS P 69 178.65 -204.28 32.65
N ASP P 70 178.53 -205.45 33.25
CA ASP P 70 179.20 -205.75 34.51
C ASP P 70 179.39 -207.25 34.64
N ILE P 71 180.55 -207.66 35.16
CA ILE P 71 180.88 -209.06 35.32
C ILE P 71 181.74 -209.21 36.56
N ARG P 72 181.42 -210.19 37.40
CA ARG P 72 182.18 -210.43 38.61
C ARG P 72 183.51 -211.10 38.29
N HIS P 73 184.56 -210.66 38.98
CA HIS P 73 185.90 -211.18 38.79
C HIS P 73 186.44 -211.67 40.12
N HIS P 74 186.94 -212.90 40.15
CA HIS P 74 187.49 -213.49 41.37
CA HIS P 74 187.49 -213.49 41.37
C HIS P 74 188.90 -212.96 41.59
N GLY P 75 189.12 -212.31 42.74
CA GLY P 75 190.40 -211.75 43.08
C GLY P 75 190.51 -210.29 42.71
N ASP P 76 191.55 -209.65 43.25
CA ASP P 76 191.79 -208.23 43.00
C ASP P 76 192.39 -208.06 41.62
N VAL P 77 191.76 -207.20 40.81
CA VAL P 77 192.23 -206.90 39.46
C VAL P 77 193.46 -205.99 39.58
N MET P 78 194.65 -206.59 39.50
CA MET P 78 195.87 -205.80 39.63
C MET P 78 196.23 -205.08 38.34
N ASP P 79 195.76 -205.58 37.20
CA ASP P 79 196.05 -204.97 35.91
C ASP P 79 194.93 -205.28 34.93
N LEU P 80 194.65 -204.34 34.04
CA LEU P 80 193.61 -204.51 33.04
C LEU P 80 194.04 -203.81 31.76
N GLN P 81 193.91 -204.51 30.64
CA GLN P 81 194.29 -203.97 29.34
C GLN P 81 193.37 -204.53 28.27
N PHE P 82 193.05 -203.70 27.28
CA PHE P 82 192.19 -204.08 26.17
C PHE P 82 193.05 -204.58 25.02
N PHE P 83 192.87 -205.84 24.64
CA PHE P 83 193.64 -206.41 23.54
C PHE P 83 193.08 -206.02 22.18
N ASP P 84 191.78 -205.81 22.08
CA ASP P 84 191.15 -205.42 20.82
C ASP P 84 189.96 -204.53 21.14
N GLN P 85 189.01 -204.44 20.21
CA GLN P 85 187.84 -203.61 20.41
C GLN P 85 186.77 -204.30 21.25
N GLU P 86 186.81 -205.63 21.36
CA GLU P 86 185.84 -206.38 22.13
C GLU P 86 186.46 -207.29 23.19
N ARG P 87 187.78 -207.45 23.20
CA ARG P 87 188.47 -208.29 24.15
C ARG P 87 189.22 -207.42 25.16
N ILE P 88 189.23 -207.86 26.42
CA ILE P 88 189.90 -207.15 27.50
CA ILE P 88 189.90 -207.15 27.50
C ILE P 88 190.54 -208.18 28.42
N VAL P 89 191.85 -208.09 28.59
CA VAL P 89 192.60 -209.00 29.45
C VAL P 89 192.74 -208.38 30.83
N ALA P 90 192.53 -209.19 31.86
CA ALA P 90 192.64 -208.75 33.25
C ALA P 90 193.54 -209.70 34.02
N ALA P 91 194.27 -209.12 34.97
CA ALA P 91 195.19 -209.88 35.83
C ALA P 91 194.63 -209.91 37.24
N SER P 92 194.22 -211.09 37.69
CA SER P 92 193.67 -211.24 39.03
C SER P 92 194.78 -211.39 40.06
N SER P 93 194.39 -211.43 41.32
CA SER P 93 195.32 -211.57 42.43
C SER P 93 195.65 -213.01 42.76
N THR P 94 195.01 -213.97 42.09
CA THR P 94 195.25 -215.39 42.33
C THR P 94 196.04 -216.05 41.20
N GLY P 95 196.52 -215.29 40.23
CA GLY P 95 197.29 -215.86 39.13
C GLY P 95 196.46 -216.34 37.96
N CYS P 96 195.27 -215.78 37.75
CA CYS P 96 194.40 -216.16 36.65
C CYS P 96 194.31 -215.00 35.68
N VAL P 97 194.89 -215.17 34.49
CA VAL P 97 194.89 -214.14 33.46
C VAL P 97 193.74 -214.48 32.51
N THR P 98 192.55 -213.98 32.85
CA THR P 98 191.36 -214.22 32.04
C THR P 98 191.19 -213.12 31.01
N VAL P 99 190.60 -213.50 29.87
CA VAL P 99 190.35 -212.58 28.76
C VAL P 99 188.85 -212.41 28.67
N PHE P 100 188.36 -211.27 29.16
CA PHE P 100 186.93 -210.98 29.13
C PHE P 100 186.51 -210.56 27.73
N LEU P 101 185.51 -211.24 27.18
CA LEU P 101 184.99 -210.95 25.84
C LEU P 101 183.75 -210.07 26.01
N HIS P 102 183.97 -208.76 25.91
CA HIS P 102 182.88 -207.80 26.04
C HIS P 102 182.03 -207.77 24.78
N HIS P 103 180.70 -207.70 24.96
CA HIS P 103 179.78 -207.66 23.84
C HIS P 103 179.50 -206.22 23.46
N PRO P 104 179.81 -205.80 22.23
CA PRO P 104 179.55 -204.40 21.84
C PRO P 104 178.09 -204.12 21.51
N ASN P 105 177.26 -205.15 21.37
CA ASN P 105 175.84 -204.98 21.06
C ASN P 105 174.94 -205.39 22.20
N ASN P 106 175.10 -206.61 22.73
CA ASN P 106 174.28 -207.07 23.82
C ASN P 106 174.69 -206.49 25.16
N GLN P 107 175.89 -205.92 25.26
CA GLN P 107 176.42 -205.31 26.48
C GLN P 107 176.43 -206.34 27.62
N THR P 108 177.29 -207.34 27.44
CA THR P 108 177.44 -208.41 28.42
C THR P 108 178.86 -208.94 28.33
N LEU P 109 179.62 -208.80 29.41
CA LEU P 109 180.99 -209.27 29.46
C LEU P 109 181.01 -210.75 29.82
N SER P 110 181.61 -211.56 28.94
CA SER P 110 181.69 -213.00 29.13
C SER P 110 183.15 -213.44 29.15
N VAL P 111 183.40 -214.58 29.78
CA VAL P 111 184.74 -215.14 29.88
C VAL P 111 184.94 -216.12 28.73
N ASN P 112 185.86 -215.80 27.82
CA ASN P 112 186.14 -216.64 26.67
C ASN P 112 187.34 -217.55 26.92
N GLN P 113 188.50 -216.96 27.20
CA GLN P 113 189.72 -217.72 27.45
C GLN P 113 190.33 -217.26 28.76
N GLN P 114 190.82 -218.22 29.54
CA GLN P 114 191.43 -217.94 30.83
C GLN P 114 192.57 -218.91 31.08
N TRP P 115 193.55 -218.48 31.86
CA TRP P 115 194.72 -219.30 32.20
C TRP P 115 194.95 -219.19 33.70
N THR P 116 194.46 -220.20 34.45
CA THR P 116 194.62 -220.20 35.89
C THR P 116 196.05 -220.54 36.34
N THR P 117 196.82 -221.22 35.49
CA THR P 117 198.19 -221.60 35.79
C THR P 117 199.20 -220.63 35.19
N ALA P 118 198.89 -219.34 35.21
CA ALA P 118 199.81 -218.35 34.65
C ALA P 118 200.84 -217.90 35.67
N HIS P 119 200.44 -217.78 36.93
CA HIS P 119 201.34 -217.35 38.01
C HIS P 119 200.98 -218.11 39.27
N TYR P 120 201.86 -219.01 39.70
CA TYR P 120 201.62 -219.80 40.90
C TYR P 120 202.95 -220.16 41.53
N HIS P 121 202.90 -220.48 42.81
CA HIS P 121 204.08 -220.85 43.59
C HIS P 121 204.03 -222.33 43.91
N THR P 122 205.11 -223.04 43.59
CA THR P 122 205.20 -224.47 43.84
C THR P 122 206.44 -224.80 44.68
N SER P 130 201.31 -222.46 46.76
CA SER P 130 200.65 -221.19 47.04
C SER P 130 200.10 -220.56 45.76
N SER P 131 199.59 -219.34 45.88
CA SER P 131 199.02 -218.60 44.75
C SER P 131 199.79 -217.30 44.58
N ALA P 132 200.47 -217.16 43.45
CA ALA P 132 201.23 -215.94 43.18
C ALA P 132 200.35 -214.92 42.46
N PRO P 133 200.35 -213.67 42.90
CA PRO P 133 199.51 -212.66 42.23
C PRO P 133 200.16 -212.13 40.97
N CYS P 134 199.36 -211.96 39.93
CA CYS P 134 199.85 -211.44 38.66
C CYS P 134 200.08 -209.94 38.75
N THR P 135 201.25 -209.50 38.31
CA THR P 135 201.59 -208.09 38.35
C THR P 135 201.02 -207.35 37.14
N GLY P 136 201.86 -207.10 36.14
CA GLY P 136 201.40 -206.40 34.95
C GLY P 136 201.02 -207.34 33.82
N VAL P 137 200.35 -206.76 32.83
CA VAL P 137 199.89 -207.53 31.67
CA VAL P 137 199.89 -207.53 31.67
C VAL P 137 199.91 -206.63 30.44
N VAL P 138 200.66 -207.01 29.42
CA VAL P 138 200.76 -206.23 28.19
C VAL P 138 199.62 -206.63 27.26
N CYS P 139 199.36 -205.78 26.27
CA CYS P 139 198.31 -206.01 25.28
C CYS P 139 198.88 -205.77 23.90
N ASN P 140 199.06 -206.84 23.13
CA ASN P 140 199.61 -206.74 21.78
CA ASN P 140 199.61 -206.74 21.78
C ASN P 140 199.00 -207.83 20.92
N ASN P 141 198.35 -207.45 19.84
CA ASN P 141 197.73 -208.43 18.95
C ASN P 141 198.79 -209.07 18.06
N PRO P 142 198.85 -210.42 18.01
CA PRO P 142 197.94 -211.30 18.74
C PRO P 142 198.68 -212.18 19.75
N GLU P 143 199.05 -211.60 20.89
CA GLU P 143 199.77 -212.31 21.94
C GLU P 143 199.27 -211.81 23.29
N ILE P 144 199.85 -212.35 24.36
CA ILE P 144 199.48 -211.97 25.72
C ILE P 144 200.70 -212.13 26.63
N VAL P 145 201.36 -211.01 26.93
CA VAL P 145 202.54 -211.00 27.79
C VAL P 145 202.13 -210.51 29.17
N THR P 146 202.45 -211.30 30.20
CA THR P 146 202.12 -210.95 31.57
C THR P 146 203.26 -211.39 32.48
N VAL P 147 203.19 -210.95 33.73
CA VAL P 147 204.21 -211.28 34.73
C VAL P 147 203.54 -211.36 36.09
N GLY P 148 204.14 -212.14 36.99
CA GLY P 148 203.60 -212.30 38.33
C GLY P 148 204.65 -212.10 39.41
N GLU P 149 204.29 -212.43 40.65
CA GLU P 149 205.20 -212.28 41.77
C GLU P 149 206.18 -213.45 41.92
N ASP P 150 205.95 -214.55 41.19
CA ASP P 150 206.82 -215.71 41.26
C ASP P 150 207.97 -215.66 40.26
N GLY P 151 208.10 -214.57 39.50
CA GLY P 151 209.17 -214.46 38.53
C GLY P 151 208.99 -215.29 37.28
N ARG P 152 207.77 -215.38 36.76
CA ARG P 152 207.48 -216.14 35.56
C ARG P 152 206.92 -215.19 34.50
N ILE P 153 207.62 -215.11 33.38
CA ILE P 153 207.21 -214.23 32.27
C ILE P 153 206.59 -215.07 31.17
N ASN P 154 205.29 -215.34 31.29
CA ASN P 154 204.58 -216.13 30.29
C ASN P 154 204.23 -215.27 29.08
N LEU P 155 204.07 -215.93 27.94
CA LEU P 155 203.74 -215.27 26.67
C LEU P 155 202.65 -216.09 25.99
N PHE P 156 201.41 -215.88 26.42
CA PHE P 156 200.26 -216.59 25.85
C PHE P 156 199.83 -215.92 24.55
N ARG P 157 198.86 -216.54 23.88
CA ARG P 157 198.33 -216.03 22.62
C ARG P 157 196.83 -216.25 22.58
N ALA P 158 196.21 -215.86 21.48
CA ALA P 158 194.78 -216.01 21.31
C ALA P 158 194.44 -217.42 20.87
N ASP P 159 193.35 -217.97 21.44
CA ASP P 159 192.88 -219.32 21.13
C ASP P 159 193.98 -220.36 21.38
N HIS P 160 194.58 -220.28 22.55
CA HIS P 160 195.65 -221.20 22.94
C HIS P 160 195.45 -221.61 24.39
N LYS P 161 195.53 -222.92 24.66
CA LYS P 161 195.36 -223.41 26.01
C LYS P 161 196.62 -223.19 26.85
N GLU P 162 197.78 -223.49 26.29
CA GLU P 162 199.05 -223.32 26.98
C GLU P 162 199.80 -222.11 26.44
N ALA P 163 200.79 -221.66 27.20
CA ALA P 163 201.59 -220.52 26.81
C ALA P 163 202.63 -220.92 25.77
N VAL P 164 202.98 -219.96 24.91
CA VAL P 164 203.97 -220.23 23.87
C VAL P 164 205.38 -220.19 24.43
N ARG P 165 205.64 -219.29 25.38
CA ARG P 165 206.96 -219.17 25.98
C ARG P 165 206.81 -218.70 27.41
N THR P 166 207.53 -219.36 28.33
CA THR P 166 207.49 -219.03 29.75
C THR P 166 208.91 -218.92 30.26
N ILE P 167 209.31 -217.71 30.64
CA ILE P 167 210.66 -217.45 31.16
C ILE P 167 210.58 -217.47 32.68
N ASP P 168 211.14 -218.51 33.30
CA ASP P 168 211.13 -218.65 34.76
C ASP P 168 212.39 -217.98 35.30
N ASN P 169 212.24 -216.73 35.71
CA ASN P 169 213.36 -215.97 36.26
C ASN P 169 213.64 -216.39 37.70
N ALA P 170 214.92 -216.56 38.02
CA ALA P 170 215.36 -216.97 39.35
C ALA P 170 215.82 -215.78 40.20
N ASP P 171 215.21 -214.62 40.01
CA ASP P 171 215.58 -213.44 40.79
C ASP P 171 214.90 -213.45 42.15
N SER P 172 215.55 -212.83 43.13
CA SER P 172 215.02 -212.78 44.47
C SER P 172 213.90 -211.75 44.63
N SER P 173 213.81 -210.78 43.72
CA SER P 173 212.79 -209.75 43.80
C SER P 173 211.52 -210.21 43.07
N THR P 174 210.52 -209.34 43.03
CA THR P 174 209.24 -209.63 42.39
C THR P 174 208.93 -208.53 41.38
N LEU P 175 208.28 -208.91 40.28
CA LEU P 175 207.93 -207.95 39.24
C LEU P 175 206.71 -207.14 39.65
N HIS P 176 206.58 -205.96 39.05
CA HIS P 176 205.45 -205.08 39.34
C HIS P 176 204.81 -204.59 38.04
N ALA P 177 205.64 -204.36 37.01
CA ALA P 177 205.15 -203.91 35.72
C ALA P 177 205.98 -204.56 34.62
N VAL P 178 205.49 -204.44 33.39
CA VAL P 178 206.16 -205.00 32.23
C VAL P 178 205.75 -204.21 31.00
N THR P 179 206.72 -203.60 30.34
CA THR P 179 206.51 -202.82 29.13
C THR P 179 207.11 -203.55 27.94
N PHE P 180 206.46 -203.43 26.78
CA PHE P 180 206.91 -204.08 25.56
C PHE P 180 207.35 -203.01 24.57
N LEU P 181 208.63 -203.02 24.21
CA LEU P 181 209.18 -202.07 23.26
C LEU P 181 209.05 -202.53 21.82
N ARG P 182 209.69 -203.65 21.47
CA ARG P 182 209.64 -204.21 20.13
C ARG P 182 209.13 -205.64 20.19
N THR P 183 208.55 -206.10 19.10
CA THR P 183 208.02 -207.45 19.03
C THR P 183 209.15 -208.43 18.68
N PRO P 184 209.40 -209.45 19.52
CA PRO P 184 208.66 -209.70 20.75
C PRO P 184 209.56 -209.67 21.98
N GLU P 185 210.23 -208.54 22.20
CA GLU P 185 211.13 -208.36 23.34
C GLU P 185 210.52 -207.32 24.27
N ILE P 186 210.13 -207.75 25.46
CA ILE P 186 209.53 -206.87 26.44
C ILE P 186 210.55 -206.58 27.54
N LEU P 187 210.24 -205.59 28.38
CA LEU P 187 211.13 -205.18 29.47
C LEU P 187 210.29 -205.04 30.73
N THR P 188 210.65 -205.81 31.76
CA THR P 188 209.95 -205.78 33.03
C THR P 188 210.80 -205.08 34.09
N VAL P 189 210.13 -204.69 35.18
CA VAL P 189 210.78 -204.00 36.28
C VAL P 189 210.52 -204.79 37.56
N ASN P 190 211.57 -205.04 38.33
CA ASN P 190 211.46 -205.80 39.57
C ASN P 190 211.20 -204.83 40.73
N SER P 191 211.28 -205.35 41.95
CA SER P 191 211.07 -204.55 43.15
C SER P 191 212.35 -203.95 43.71
N ILE P 192 213.47 -204.07 43.00
CA ILE P 192 214.75 -203.54 43.43
C ILE P 192 215.21 -202.37 42.58
N GLY P 193 214.31 -201.82 41.76
CA GLY P 193 214.67 -200.70 40.92
C GLY P 193 215.44 -201.05 39.68
N GLN P 194 215.45 -202.31 39.28
CA GLN P 194 216.17 -202.77 38.09
C GLN P 194 215.20 -203.06 36.96
N LEU P 195 215.65 -202.82 35.73
CA LEU P 195 214.85 -203.05 34.53
C LEU P 195 215.58 -204.05 33.65
N LYS P 196 215.05 -205.27 33.57
CA LYS P 196 215.64 -206.33 32.77
C LYS P 196 214.86 -206.50 31.47
N ILE P 197 215.58 -206.73 30.37
CA ILE P 197 215.01 -206.91 29.06
C ILE P 197 215.20 -208.36 28.65
N TRP P 198 214.10 -209.03 28.29
CA TRP P 198 214.13 -210.42 27.87
C TRP P 198 213.48 -210.57 26.50
N ASP P 199 213.58 -211.76 25.95
CA ASP P 199 213.02 -212.07 24.65
C ASP P 199 212.32 -213.42 24.70
N PHE P 200 211.23 -213.54 23.94
CA PHE P 200 210.46 -214.78 23.90
C PHE P 200 211.12 -215.85 23.04
N ARG P 201 211.95 -215.46 22.08
CA ARG P 201 212.63 -216.40 21.19
C ARG P 201 214.09 -216.63 21.60
N GLN P 202 214.46 -216.24 22.81
CA GLN P 202 215.82 -216.41 23.31
C GLN P 202 215.92 -217.68 24.13
N GLN P 203 217.14 -218.23 24.19
CA GLN P 203 217.41 -219.44 24.94
C GLN P 203 217.81 -219.10 26.37
N GLY P 204 217.40 -219.95 27.31
CA GLY P 204 217.72 -219.74 28.70
C GLY P 204 216.67 -218.92 29.43
N ASN P 205 217.00 -218.58 30.68
CA ASN P 205 216.12 -217.80 31.53
C ASN P 205 216.80 -216.53 32.03
N GLU P 206 217.85 -216.06 31.36
CA GLU P 206 218.57 -214.87 31.75
C GLU P 206 218.22 -213.71 30.83
N PRO P 207 218.33 -212.47 31.32
CA PRO P 207 218.01 -211.30 30.49
C PRO P 207 219.21 -210.84 29.68
N SER P 208 218.91 -210.15 28.58
CA SER P 208 219.96 -209.64 27.70
C SER P 208 220.61 -208.40 28.28
N GLN P 209 219.82 -207.49 28.84
CA GLN P 209 220.32 -206.26 29.41
C GLN P 209 219.72 -206.05 30.80
N ILE P 210 220.44 -205.32 31.65
CA ILE P 210 220.01 -205.02 33.01
C ILE P 210 220.36 -203.58 33.32
N LEU P 211 219.35 -202.77 33.64
CA LEU P 211 219.53 -201.36 33.95
C LEU P 211 218.85 -201.07 35.29
N SER P 212 219.65 -200.71 36.29
CA SER P 212 219.16 -200.40 37.62
C SER P 212 219.47 -198.94 37.95
N LEU P 213 219.04 -198.52 39.14
CA LEU P 213 219.27 -197.15 39.59
C LEU P 213 220.48 -197.08 40.50
N THR P 214 220.36 -196.34 41.61
CA THR P 214 221.47 -196.20 42.55
C THR P 214 221.59 -197.44 43.43
N GLY P 215 220.58 -197.72 44.26
CA GLY P 215 220.60 -198.87 45.12
C GLY P 215 219.42 -199.79 44.92
N ASP P 216 219.23 -200.74 45.85
CA ASP P 216 218.14 -201.69 45.77
C ASP P 216 217.00 -201.35 46.74
N ARG P 217 216.99 -200.14 47.31
CA ARG P 217 215.94 -199.74 48.24
C ARG P 217 214.72 -199.19 47.54
N VAL P 218 214.88 -198.58 46.37
CA VAL P 218 213.77 -198.01 45.62
C VAL P 218 213.05 -199.12 44.88
N PRO P 219 211.72 -199.07 44.78
CA PRO P 219 211.00 -200.15 44.08
C PRO P 219 210.12 -199.61 42.95
N LEU P 220 210.42 -200.00 41.72
CA LEU P 220 209.65 -199.55 40.57
C LEU P 220 208.31 -200.28 40.51
N HIS P 221 207.26 -199.53 40.16
CA HIS P 221 205.92 -200.08 40.06
C HIS P 221 205.27 -199.89 38.69
N CYS P 222 205.73 -198.92 37.90
CA CYS P 222 205.17 -198.67 36.57
C CYS P 222 206.29 -198.66 35.54
N VAL P 223 205.96 -199.08 34.33
CA VAL P 223 206.91 -199.14 33.23
C VAL P 223 206.16 -198.97 31.92
N ASP P 224 206.55 -197.99 31.12
CA ASP P 224 205.91 -197.74 29.84
C ASP P 224 206.93 -197.13 28.89
N ARG P 225 206.86 -197.52 27.63
CA ARG P 225 207.77 -197.02 26.60
C ARG P 225 207.07 -195.97 25.73
N HIS P 226 207.87 -195.27 24.94
CA HIS P 226 207.35 -194.25 24.05
C HIS P 226 206.73 -194.87 22.81
N PRO P 227 205.85 -194.12 22.12
CA PRO P 227 205.22 -194.68 20.92
C PRO P 227 206.08 -194.52 19.67
N ASN P 228 206.89 -193.46 19.65
CA ASN P 228 207.78 -193.19 18.51
C ASN P 228 209.18 -193.75 18.71
N GLN P 229 209.71 -193.68 19.92
CA GLN P 229 211.05 -194.19 20.22
C GLN P 229 210.93 -195.53 20.91
N GLN P 230 211.53 -196.56 20.32
CA GLN P 230 211.49 -197.90 20.89
C GLN P 230 212.56 -198.13 21.96
N HIS P 231 213.51 -197.21 22.10
CA HIS P 231 214.57 -197.34 23.10
CA HIS P 231 214.57 -197.34 23.10
C HIS P 231 214.31 -196.53 24.36
N VAL P 232 213.52 -195.46 24.27
CA VAL P 232 213.21 -194.63 25.43
C VAL P 232 212.02 -195.21 26.15
N VAL P 233 212.10 -195.24 27.49
CA VAL P 233 211.03 -195.76 28.33
C VAL P 233 211.06 -195.04 29.66
N ALA P 234 209.87 -194.73 30.18
CA ALA P 234 209.73 -194.03 31.45
C ALA P 234 209.24 -195.00 32.51
N THR P 235 209.76 -194.84 33.73
CA THR P 235 209.38 -195.70 34.84
C THR P 235 209.27 -194.85 36.11
N GLY P 236 208.57 -195.41 37.10
CA GLY P 236 208.38 -194.71 38.36
C GLY P 236 208.68 -195.59 39.56
N GLY P 237 209.57 -195.12 40.44
CA GLY P 237 209.93 -195.86 41.63
C GLY P 237 208.94 -195.67 42.75
N GLN P 238 209.40 -196.03 43.96
CA GLN P 238 208.60 -195.91 45.16
CA GLN P 238 208.60 -195.91 45.16
C GLN P 238 208.79 -194.58 45.88
N ASP P 239 209.50 -193.64 45.26
CA ASP P 239 209.74 -192.33 45.86
C ASP P 239 209.06 -191.19 45.13
N GLY P 240 208.45 -191.46 43.97
CA GLY P 240 207.78 -190.41 43.22
C GLY P 240 208.63 -189.71 42.20
N MET P 241 209.82 -190.23 41.90
CA MET P 241 210.73 -189.62 40.92
C MET P 241 210.56 -190.32 39.59
N LEU P 242 210.21 -189.56 38.55
CA LEU P 242 210.04 -190.12 37.21
C LEU P 242 211.39 -190.29 36.54
N SER P 243 211.79 -191.54 36.36
CA SER P 243 213.08 -191.86 35.74
C SER P 243 212.86 -192.24 34.28
N ILE P 244 213.58 -191.57 33.39
CA ILE P 244 213.49 -191.81 31.95
C ILE P 244 214.86 -192.36 31.52
N TRP P 245 214.93 -193.67 31.32
CA TRP P 245 216.16 -194.34 30.92
C TRP P 245 216.04 -194.82 29.49
N ASP P 246 217.18 -195.23 28.93
CA ASP P 246 217.26 -195.73 27.57
C ASP P 246 217.85 -197.14 27.57
N VAL P 247 217.59 -197.86 26.48
CA VAL P 247 218.09 -199.23 26.34
C VAL P 247 219.44 -199.30 25.67
N ARG P 248 219.99 -198.18 25.20
CA ARG P 248 221.29 -198.15 24.55
C ARG P 248 222.07 -196.91 25.00
N GLN P 249 222.10 -196.70 26.32
CA GLN P 249 222.81 -195.57 26.89
C GLN P 249 223.30 -195.95 28.30
N GLY P 250 224.10 -197.00 28.37
CA GLY P 250 224.63 -197.47 29.63
C GLY P 250 223.65 -198.36 30.38
N THR P 251 223.72 -198.33 31.73
CA THR P 251 222.85 -199.13 32.56
C THR P 251 222.22 -198.32 33.68
N MET P 252 222.15 -197.00 33.52
CA MET P 252 221.55 -196.13 34.54
C MET P 252 220.49 -195.24 33.91
N PRO P 253 219.89 -194.32 34.67
CA PRO P 253 218.86 -193.44 34.11
C PRO P 253 219.46 -192.18 33.50
N VAL P 254 218.87 -191.76 32.38
CA VAL P 254 219.36 -190.56 31.71
C VAL P 254 218.84 -189.30 32.38
N SER P 255 217.67 -189.37 33.02
CA SER P 255 217.09 -188.21 33.70
C SER P 255 216.26 -188.70 34.88
N LEU P 256 216.55 -188.17 36.06
CA LEU P 256 215.84 -188.53 37.29
C LEU P 256 215.32 -187.24 37.93
N LEU P 257 214.05 -186.93 37.70
CA LEU P 257 213.42 -185.74 38.24
C LEU P 257 212.30 -186.13 39.19
N LYS P 258 212.30 -185.51 40.37
CA LYS P 258 211.28 -185.80 41.36
C LYS P 258 209.97 -185.11 41.01
N ALA P 259 208.88 -185.62 41.57
CA ALA P 259 207.55 -185.07 41.31
C ALA P 259 206.70 -185.08 42.58
N HIS P 260 206.21 -186.25 42.96
CA HIS P 260 205.38 -186.39 44.14
C HIS P 260 206.23 -186.83 45.32
N GLU P 261 205.58 -187.22 46.42
CA GLU P 261 206.27 -187.66 47.62
C GLU P 261 206.03 -189.12 47.97
N ALA P 262 204.94 -189.72 47.50
CA ALA P 262 204.64 -191.11 47.77
C ALA P 262 205.14 -191.99 46.62
N GLU P 263 204.69 -193.23 46.58
CA GLU P 263 205.11 -194.16 45.53
C GLU P 263 204.34 -193.88 44.25
N MET P 264 205.01 -194.10 43.12
CA MET P 264 204.40 -193.87 41.81
C MET P 264 203.52 -195.06 41.45
N TRP P 265 202.23 -194.79 41.23
CA TRP P 265 201.28 -195.85 40.88
C TRP P 265 201.43 -196.24 39.42
N GLU P 266 200.79 -195.50 38.52
CA GLU P 266 200.85 -195.76 37.09
C GLU P 266 201.41 -194.56 36.35
N VAL P 267 202.07 -194.81 35.23
CA VAL P 267 202.66 -193.76 34.42
C VAL P 267 202.70 -194.20 32.96
N HIS P 268 202.03 -193.45 32.10
CA HIS P 268 201.97 -193.76 30.68
C HIS P 268 201.82 -192.47 29.89
N PHE P 269 202.46 -192.41 28.73
CA PHE P 269 202.41 -191.25 27.87
C PHE P 269 201.28 -191.38 26.85
N HIS P 270 201.07 -190.30 26.09
CA HIS P 270 200.01 -190.29 25.09
C HIS P 270 200.49 -190.98 23.81
N PRO P 271 199.58 -191.61 23.07
CA PRO P 271 199.98 -192.28 21.83
C PRO P 271 200.02 -191.34 20.64
N SER P 272 199.25 -190.25 20.71
CA SER P 272 199.21 -189.28 19.62
C SER P 272 200.43 -188.37 19.65
N ASN P 273 200.67 -187.72 20.79
CA ASN P 273 201.80 -186.81 20.95
C ASN P 273 202.75 -187.37 22.00
N PRO P 274 204.05 -187.46 21.70
CA PRO P 274 205.00 -187.99 22.71
C PRO P 274 205.51 -186.95 23.69
N GLU P 275 205.13 -185.68 23.53
CA GLU P 275 205.58 -184.65 24.45
C GLU P 275 204.78 -184.67 25.76
N HIS P 276 203.48 -184.91 25.67
CA HIS P 276 202.63 -184.95 26.84
C HIS P 276 202.65 -186.34 27.47
N LEU P 277 202.73 -186.39 28.79
CA LEU P 277 202.77 -187.65 29.51
C LEU P 277 202.17 -187.44 30.89
N PHE P 278 201.33 -188.39 31.31
CA PHE P 278 200.67 -188.35 32.61
C PHE P 278 201.24 -189.43 33.52
N THR P 279 201.16 -189.18 34.83
CA THR P 279 201.66 -190.12 35.82
C THR P 279 200.82 -190.00 37.08
N CYS P 280 200.56 -191.14 37.72
CA CYS P 280 199.77 -191.21 38.94
C CYS P 280 200.66 -191.68 40.09
N SER P 281 200.44 -191.12 41.27
CA SER P 281 201.19 -191.46 42.47
C SER P 281 200.24 -191.92 43.56
N GLU P 282 200.81 -192.28 44.71
CA GLU P 282 200.04 -192.74 45.86
C GLU P 282 199.73 -191.63 46.85
N ASP P 283 199.82 -190.37 46.42
CA ASP P 283 199.54 -189.23 47.28
C ASP P 283 198.27 -188.49 46.91
N GLY P 284 197.68 -188.76 45.75
CA GLY P 284 196.47 -188.10 45.34
C GLY P 284 196.72 -186.89 44.46
N SER P 285 197.49 -187.08 43.39
CA SER P 285 197.82 -186.00 42.47
CA SER P 285 197.82 -186.00 42.47
C SER P 285 198.08 -186.60 41.10
N LEU P 286 197.30 -186.16 40.11
CA LEU P 286 197.41 -186.64 38.73
CA LEU P 286 197.41 -186.64 38.73
C LEU P 286 198.10 -185.55 37.90
N TRP P 287 199.42 -185.49 38.00
CA TRP P 287 200.19 -184.50 37.26
C TRP P 287 200.33 -184.91 35.80
N HIS P 288 200.27 -183.91 34.91
CA HIS P 288 200.37 -184.13 33.47
C HIS P 288 201.54 -183.29 32.96
N TRP P 289 202.69 -183.93 32.75
CA TRP P 289 203.86 -183.24 32.25
C TRP P 289 203.74 -182.96 30.77
N ASP P 290 204.26 -181.80 30.35
CA ASP P 290 204.22 -181.37 28.95
C ASP P 290 205.60 -180.85 28.57
N ALA P 291 206.34 -181.62 27.79
CA ALA P 291 207.67 -181.25 27.35
C ALA P 291 207.66 -180.61 25.96
N SER P 292 206.52 -180.12 25.51
CA SER P 292 206.42 -179.48 24.21
C SER P 292 206.94 -178.05 24.25
N SER P 329 211.94 -182.92 24.33
CA SER P 329 212.37 -184.31 24.40
C SER P 329 212.63 -184.74 25.84
N TRP P 330 212.36 -186.00 26.14
CA TRP P 330 212.56 -186.53 27.48
C TRP P 330 214.01 -186.98 27.72
N LEU P 331 214.82 -187.09 26.68
CA LEU P 331 216.21 -187.51 26.82
C LEU P 331 217.17 -186.33 26.94
N SER P 332 216.67 -185.10 26.88
CA SER P 332 217.53 -183.93 26.98
C SER P 332 217.89 -183.63 28.43
N ARG P 339 212.58 -176.98 29.91
CA ARG P 339 211.59 -176.56 30.90
C ARG P 339 210.27 -177.29 30.70
N ILE P 340 210.06 -178.35 31.47
CA ILE P 340 208.84 -179.15 31.40
C ILE P 340 207.78 -178.51 32.27
N GLU P 341 206.57 -178.39 31.74
CA GLU P 341 205.44 -177.80 32.44
C GLU P 341 204.57 -178.91 33.01
N ILE P 342 204.36 -178.89 34.33
CA ILE P 342 203.56 -179.88 35.03
C ILE P 342 202.27 -179.22 35.51
N THR P 343 201.16 -179.91 35.34
CA THR P 343 199.86 -179.40 35.76
C THR P 343 199.05 -180.56 36.35
N SER P 344 198.65 -180.40 37.61
CA SER P 344 197.88 -181.43 38.30
C SER P 344 196.41 -181.32 37.92
N LEU P 345 195.86 -182.41 37.37
CA LEU P 345 194.44 -182.41 36.98
C LEU P 345 193.51 -182.50 38.17
N LEU P 346 193.92 -183.20 39.23
CA LEU P 346 193.11 -183.35 40.43
C LEU P 346 193.76 -182.62 41.60
N PRO P 347 192.96 -182.26 42.62
CA PRO P 347 193.54 -181.56 43.77
C PRO P 347 193.86 -182.49 44.92
N SER P 348 193.73 -182.01 46.15
CA SER P 348 194.02 -182.82 47.33
C SER P 348 192.74 -183.52 47.77
C SER P 348 192.80 -183.55 47.88
N ARG P 349 192.46 -183.54 49.08
N ARG P 349 191.61 -182.98 47.75
CA ARG P 349 191.22 -184.10 49.61
CA ARG P 349 190.42 -183.52 48.39
C ARG P 349 191.02 -185.56 49.24
C ARG P 349 190.05 -184.90 47.84
N SER P 350 190.90 -185.85 47.95
N SER P 350 190.95 -185.87 47.96
CA SER P 350 190.73 -187.23 47.49
CA SER P 350 190.74 -187.22 47.48
C SER P 350 191.91 -188.10 47.93
N LEU P 351 191.66 -189.41 47.95
CA LEU P 351 192.68 -190.37 48.35
C LEU P 351 193.64 -190.60 47.20
N SER P 352 194.43 -191.67 47.30
CA SER P 352 195.40 -191.99 46.25
C SER P 352 194.71 -192.52 45.01
N VAL P 353 195.41 -192.45 43.89
CA VAL P 353 194.90 -192.93 42.60
C VAL P 353 195.57 -194.26 42.28
N ASN P 354 194.91 -195.05 41.43
CA ASN P 354 195.41 -196.35 41.02
C ASN P 354 196.02 -196.32 39.61
N THR P 355 195.21 -196.00 38.61
CA THR P 355 195.66 -195.94 37.23
C THR P 355 195.01 -194.76 36.54
N LEU P 356 195.50 -194.46 35.33
CA LEU P 356 194.98 -193.36 34.54
C LEU P 356 195.17 -193.67 33.07
N ASP P 357 194.13 -193.44 32.28
CA ASP P 357 194.13 -193.69 30.85
C ASP P 357 194.10 -192.37 30.08
N VAL P 358 194.70 -192.41 28.89
CA VAL P 358 194.75 -191.24 28.02
CA VAL P 358 194.75 -191.24 28.02
C VAL P 358 194.65 -191.68 26.58
N LEU P 359 193.64 -191.20 25.86
CA LEU P 359 193.41 -191.54 24.45
C LEU P 359 193.13 -190.24 23.69
N GLY P 360 194.17 -189.44 23.50
CA GLY P 360 194.06 -188.21 22.76
C GLY P 360 193.49 -187.08 23.59
N PRO P 361 192.18 -186.82 23.43
CA PRO P 361 191.57 -185.72 24.17
C PRO P 361 190.84 -186.19 25.42
N CYS P 362 190.60 -187.49 25.53
CA CYS P 362 189.91 -188.05 26.68
C CYS P 362 190.91 -188.47 27.76
N LEU P 363 190.48 -188.42 29.01
CA LEU P 363 191.32 -188.79 30.13
CA LEU P 363 191.32 -188.79 30.13
C LEU P 363 190.45 -189.38 31.23
N VAL P 364 190.69 -190.64 31.57
CA VAL P 364 189.93 -191.34 32.61
C VAL P 364 190.91 -191.89 33.63
N CYS P 365 190.55 -191.79 34.91
CA CYS P 365 191.40 -192.27 35.99
C CYS P 365 190.52 -192.78 37.12
N GLY P 366 191.13 -193.55 38.01
CA GLY P 366 190.41 -194.11 39.14
C GLY P 366 191.15 -193.85 40.44
N THR P 367 190.38 -193.49 41.46
CA THR P 367 190.90 -193.20 42.78
C THR P 367 190.50 -194.29 43.76
N ASP P 368 191.10 -194.24 44.95
CA ASP P 368 190.82 -195.21 46.00
C ASP P 368 189.64 -194.83 46.87
N ALA P 369 189.05 -193.66 46.66
CA ALA P 369 187.90 -193.18 47.44
C ALA P 369 186.59 -193.43 46.72
N GLU P 370 186.51 -194.52 45.94
CA GLU P 370 185.31 -194.87 45.18
C GLU P 370 184.90 -193.75 44.23
N ALA P 371 185.88 -193.24 43.50
CA ALA P 371 185.66 -192.16 42.54
C ALA P 371 186.33 -192.50 41.22
N ILE P 372 185.82 -191.90 40.15
CA ILE P 372 186.34 -192.12 38.80
C ILE P 372 186.24 -190.79 38.06
N TYR P 373 187.37 -190.12 37.87
CA TYR P 373 187.40 -188.84 37.17
C TYR P 373 187.48 -189.06 35.67
N VAL P 374 186.67 -188.29 34.94
CA VAL P 374 186.62 -188.38 33.48
C VAL P 374 186.64 -186.96 32.91
N THR P 375 187.40 -186.77 31.84
CA THR P 375 187.52 -185.46 31.20
C THR P 375 187.76 -185.69 29.71
N ARG P 376 186.78 -185.33 28.89
CA ARG P 376 186.86 -185.48 27.44
C ARG P 376 187.36 -184.23 26.74
N HIS P 377 187.90 -183.25 27.49
CA HIS P 377 188.40 -182.00 26.93
C HIS P 377 189.68 -181.62 27.68
N LEU P 378 190.77 -182.33 27.39
CA LEU P 378 192.03 -182.06 28.05
CA LEU P 378 192.03 -182.06 28.05
C LEU P 378 192.78 -180.90 27.39
N PHE P 379 192.55 -180.66 26.11
CA PHE P 379 193.20 -179.58 25.38
C PHE P 379 192.18 -178.58 24.83
N SER P 380 191.02 -178.48 25.47
CA SER P 380 189.98 -177.56 25.04
C SER P 380 189.19 -177.03 26.23
N LYS Q 78 70.07 -147.08 62.14
CA LYS Q 78 70.19 -147.02 60.68
C LYS Q 78 70.02 -148.39 60.05
N TYR Q 79 70.10 -149.44 60.89
CA TYR Q 79 69.93 -150.80 60.39
C TYR Q 79 68.47 -151.16 60.18
N SER Q 80 67.59 -150.70 61.07
CA SER Q 80 66.16 -150.98 60.95
C SER Q 80 65.48 -150.09 59.93
N GLU Q 81 66.05 -148.93 59.60
CA GLU Q 81 65.48 -148.02 58.64
C GLU Q 81 66.16 -148.09 57.28
N SER Q 82 67.01 -149.10 57.05
CA SER Q 82 67.69 -149.22 55.77
C SER Q 82 66.78 -149.81 54.70
N ALA Q 83 66.21 -150.97 54.98
CA ALA Q 83 65.32 -151.65 54.05
C ALA Q 83 63.95 -151.87 54.70
N GLY Q 84 62.91 -151.86 53.87
CA GLY Q 84 61.56 -152.05 54.36
C GLY Q 84 60.51 -151.81 53.29
N GLY Q 85 60.49 -150.61 52.73
CA GLY Q 85 59.53 -150.27 51.69
C GLY Q 85 58.24 -149.71 52.26
N PHE Q 86 57.78 -148.59 51.71
CA PHE Q 86 56.54 -147.99 52.18
C PHE Q 86 55.32 -148.71 51.62
N TYR Q 87 55.37 -149.11 50.35
CA TYR Q 87 54.25 -149.80 49.71
C TYR Q 87 54.81 -150.75 48.66
N TYR Q 88 53.91 -151.43 47.97
CA TYR Q 88 54.28 -152.38 46.92
C TYR Q 88 53.23 -152.34 45.82
N VAL Q 89 53.69 -152.21 44.58
CA VAL Q 89 52.82 -152.15 43.41
C VAL Q 89 53.31 -153.15 42.39
N GLU Q 90 52.38 -153.88 41.78
CA GLU Q 90 52.70 -154.89 40.77
C GLU Q 90 51.72 -154.75 39.62
N SER Q 91 52.23 -154.39 38.44
CA SER Q 91 51.41 -154.22 37.26
C SER Q 91 51.37 -155.52 36.45
N GLY Q 92 50.64 -155.49 35.34
CA GLY Q 92 50.52 -156.65 34.48
C GLY Q 92 49.40 -156.54 33.47
N LYS Q 93 49.77 -156.29 32.22
CA LYS Q 93 48.79 -156.14 31.14
C LYS Q 93 48.78 -157.40 30.26
N LEU Q 94 47.68 -157.55 29.53
CA LEU Q 94 47.51 -158.70 28.64
C LEU Q 94 46.65 -158.27 27.45
N PHE Q 95 47.18 -158.46 26.25
CA PHE Q 95 46.45 -158.08 25.05
C PHE Q 95 45.47 -159.18 24.65
N SER Q 96 44.38 -158.77 24.01
CA SER Q 96 43.34 -159.69 23.56
C SER Q 96 43.47 -160.02 22.08
N VAL Q 97 44.69 -160.02 21.55
CA VAL Q 97 44.92 -160.33 20.13
C VAL Q 97 45.90 -161.50 20.03
N THR Q 98 47.13 -161.28 20.51
CA THR Q 98 48.17 -162.30 20.47
C THR Q 98 48.54 -162.81 21.86
N ARG Q 99 47.83 -162.38 22.89
CA ARG Q 99 48.09 -162.78 24.28
C ARG Q 99 49.51 -162.47 24.69
N ASN Q 100 49.84 -161.17 24.69
CA ASN Q 100 51.16 -160.70 25.06
C ASN Q 100 51.22 -160.47 26.56
N ARG Q 101 52.15 -161.17 27.23
CA ARG Q 101 52.33 -161.06 28.67
C ARG Q 101 53.54 -160.19 28.98
N PHE Q 102 53.34 -159.20 29.85
CA PHE Q 102 54.42 -158.29 30.23
C PHE Q 102 54.14 -157.83 31.67
N ILE Q 103 54.65 -158.60 32.63
CA ILE Q 103 54.47 -158.31 34.05
C ILE Q 103 55.82 -157.90 34.63
N HIS Q 104 55.76 -156.98 35.60
CA HIS Q 104 56.96 -156.49 36.26
C HIS Q 104 56.60 -156.06 37.68
N TRP Q 105 57.55 -156.25 38.59
CA TRP Q 105 57.38 -155.89 39.98
C TRP Q 105 58.13 -154.61 40.32
N LYS Q 106 57.71 -153.95 41.39
CA LYS Q 106 58.33 -152.72 41.83
C LYS Q 106 58.33 -152.68 43.36
N THR Q 107 59.29 -151.95 43.91
CA THR Q 107 59.44 -151.81 45.35
C THR Q 107 59.64 -150.34 45.71
N SER Q 108 59.37 -150.02 46.96
CA SER Q 108 59.49 -148.67 47.49
C SER Q 108 60.66 -148.62 48.48
N GLY Q 109 60.65 -147.60 49.34
CA GLY Q 109 61.71 -147.44 50.33
C GLY Q 109 62.53 -146.18 50.13
N ASP Q 110 63.85 -146.31 50.25
CA ASP Q 110 64.72 -145.15 50.07
C ASP Q 110 64.95 -144.84 48.60
N THR Q 111 64.79 -145.84 47.72
CA THR Q 111 64.97 -145.65 46.29
C THR Q 111 63.94 -146.47 45.53
N LEU Q 112 63.53 -145.97 44.38
CA LEU Q 112 62.54 -146.65 43.55
C LEU Q 112 63.22 -147.79 42.80
N GLU Q 113 62.88 -149.02 43.18
CA GLU Q 113 63.44 -150.21 42.56
C GLU Q 113 62.38 -150.91 41.72
N LEU Q 114 62.84 -151.62 40.69
CA LEU Q 114 61.95 -152.33 39.79
C LEU Q 114 62.67 -153.54 39.22
N MET Q 115 62.01 -154.70 39.25
CA MET Q 115 62.59 -155.93 38.74
C MET Q 115 61.54 -156.67 37.91
N GLU Q 116 62.02 -157.42 36.93
CA GLU Q 116 61.15 -158.18 36.04
C GLU Q 116 60.85 -159.54 36.67
N GLU Q 117 59.57 -159.82 36.89
CA GLU Q 117 59.13 -161.08 37.49
C GLU Q 117 57.92 -161.62 36.73
N SER Q 118 58.05 -161.75 35.41
CA SER Q 118 56.98 -162.24 34.57
C SER Q 118 57.01 -163.77 34.53
N LEU Q 119 56.15 -164.35 33.69
CA LEU Q 119 56.06 -165.79 33.53
C LEU Q 119 55.57 -166.10 32.12
N ASP Q 120 56.32 -165.65 31.12
CA ASP Q 120 55.98 -165.88 29.72
C ASP Q 120 56.81 -167.01 29.13
N ASN Q 122 61.28 -161.60 27.99
CA ASN Q 122 61.35 -162.45 29.18
C ASN Q 122 62.62 -163.31 29.14
N LEU Q 123 63.76 -162.66 28.98
CA LEU Q 123 65.05 -163.36 28.93
C LEU Q 123 65.90 -163.02 30.14
N LEU Q 124 67.10 -162.49 29.90
CA LEU Q 124 68.01 -162.14 30.98
C LEU Q 124 67.59 -160.81 31.59
N ASN Q 125 66.90 -160.87 32.73
CA ASN Q 125 66.43 -159.68 33.40
C ASN Q 125 67.56 -159.03 34.20
N ASN Q 126 67.30 -157.81 34.67
CA ASN Q 126 68.28 -157.06 35.44
C ASN Q 126 67.55 -156.19 36.44
N ALA Q 127 68.15 -156.01 37.62
CA ALA Q 127 67.57 -155.19 38.67
C ALA Q 127 67.81 -153.72 38.37
N ILE Q 128 66.74 -152.94 38.29
CA ILE Q 128 66.81 -151.51 38.00
C ILE Q 128 66.56 -150.74 39.29
N ARG Q 129 67.44 -149.79 39.60
CA ARG Q 129 67.33 -148.96 40.79
C ARG Q 129 67.32 -147.49 40.35
N LEU Q 130 66.17 -146.85 40.46
CA LEU Q 130 66.00 -145.46 40.05
C LEU Q 130 66.04 -144.58 41.30
N LYS Q 131 67.09 -143.77 41.41
CA LYS Q 131 67.26 -142.88 42.55
C LYS Q 131 66.56 -141.56 42.31
N PHE Q 132 66.09 -140.94 43.39
CA PHE Q 132 65.40 -139.66 43.33
C PHE Q 132 65.97 -138.72 44.39
N GLN Q 133 65.52 -137.47 44.35
CA GLN Q 133 66.00 -136.48 45.31
C GLN Q 133 65.34 -136.65 46.67
N ASN Q 134 64.06 -136.99 46.69
CA ASN Q 134 63.30 -137.19 47.93
C ASN Q 134 63.03 -138.67 48.10
N CYS Q 135 63.42 -139.22 49.25
CA CYS Q 135 63.20 -140.63 49.52
C CYS Q 135 61.75 -140.91 49.91
N SER Q 136 61.25 -140.17 50.92
CA SER Q 136 59.87 -140.33 51.40
C SER Q 136 59.43 -138.98 51.98
N VAL Q 137 59.22 -138.02 51.08
CA VAL Q 137 58.78 -136.69 51.50
C VAL Q 137 57.29 -136.68 51.80
N LEU Q 138 56.51 -137.39 51.00
CA LEU Q 138 55.06 -137.45 51.19
C LEU Q 138 54.68 -138.79 51.80
N PRO Q 139 54.17 -138.83 53.02
CA PRO Q 139 53.79 -140.11 53.64
C PRO Q 139 52.44 -140.59 53.12
N GLY Q 140 52.40 -141.83 52.68
CA GLY Q 140 51.17 -142.41 52.15
C GLY Q 140 51.47 -143.55 51.20
N GLY Q 141 50.40 -144.21 50.80
CA GLY Q 141 50.50 -145.33 49.88
C GLY Q 141 50.18 -144.96 48.45
N VAL Q 142 50.35 -143.69 48.11
CA VAL Q 142 50.08 -143.21 46.75
C VAL Q 142 51.38 -143.22 45.95
N TYR Q 143 51.42 -142.42 44.89
CA TYR Q 143 52.58 -142.31 44.01
C TYR Q 143 52.97 -143.68 43.43
N VAL Q 144 51.97 -144.41 42.96
CA VAL Q 144 52.18 -145.73 42.38
C VAL Q 144 51.25 -145.93 41.20
N SER Q 145 51.67 -145.46 40.03
CA SER Q 145 50.89 -145.58 38.81
C SER Q 145 51.68 -146.34 37.76
N GLU Q 146 50.98 -147.17 36.98
CA GLU Q 146 51.61 -147.96 35.93
C GLU Q 146 50.58 -148.21 34.83
N THR Q 147 50.93 -147.84 33.61
CA THR Q 147 50.04 -148.03 32.47
C THR Q 147 50.20 -149.44 31.90
N GLN Q 148 49.42 -149.74 30.86
CA GLN Q 148 49.48 -151.05 30.23
C GLN Q 148 50.70 -151.23 29.35
N ASN Q 149 51.30 -150.14 28.88
CA ASN Q 149 52.49 -150.23 28.03
C ASN Q 149 53.73 -150.51 28.87
N ARG Q 150 54.78 -150.93 28.19
CA ARG Q 150 56.06 -151.25 28.82
C ARG Q 150 57.14 -150.39 28.18
N VAL Q 151 57.66 -149.42 28.93
CA VAL Q 151 57.22 -149.18 30.30
C VAL Q 151 56.72 -147.75 30.46
N ILE Q 152 55.73 -147.56 31.32
CA ILE Q 152 55.15 -146.24 31.57
C ILE Q 152 54.70 -146.15 33.02
N ILE Q 153 55.55 -145.59 33.87
CA ILE Q 153 55.24 -145.42 35.29
C ILE Q 153 55.15 -143.94 35.61
N LEU Q 154 54.46 -143.64 36.71
CA LEU Q 154 54.27 -142.27 37.16
C LEU Q 154 54.29 -142.24 38.68
N MET Q 155 55.21 -141.46 39.25
CA MET Q 155 55.36 -141.33 40.69
C MET Q 155 55.21 -139.86 41.09
N LEU Q 156 55.26 -139.62 42.40
CA LEU Q 156 55.14 -138.26 42.93
C LEU Q 156 55.93 -138.18 44.22
N THR Q 157 56.95 -137.33 44.25
CA THR Q 157 57.79 -137.14 45.43
C THR Q 157 58.07 -135.66 45.62
N ASN Q 158 57.90 -135.19 46.86
CA ASN Q 158 58.13 -133.78 47.21
C ASN Q 158 57.27 -132.84 46.36
N GLN Q 159 56.00 -133.22 46.17
CA GLN Q 159 55.05 -132.43 45.38
C GLN Q 159 55.56 -132.20 43.97
N THR Q 160 56.03 -133.27 43.33
CA THR Q 160 56.55 -133.21 41.97
C THR Q 160 56.21 -134.51 41.27
N VAL Q 161 55.32 -134.45 40.29
CA VAL Q 161 54.91 -135.63 39.55
C VAL Q 161 56.02 -136.01 38.57
N HIS Q 162 56.17 -137.31 38.33
CA HIS Q 162 57.19 -137.83 37.43
C HIS Q 162 56.52 -138.66 36.33
N ARG Q 163 57.28 -138.88 35.25
CA ARG Q 163 56.79 -139.66 34.12
C ARG Q 163 57.99 -140.35 33.48
N LEU Q 164 58.16 -141.64 33.78
CA LEU Q 164 59.26 -142.42 33.25
C LEU Q 164 58.79 -143.25 32.06
N LEU Q 165 59.58 -143.24 30.98
CA LEU Q 165 59.28 -143.98 29.75
C LEU Q 165 60.50 -144.83 29.42
N LEU Q 166 60.51 -146.07 29.91
CA LEU Q 166 61.62 -146.99 29.67
C LEU Q 166 61.13 -148.19 28.87
N PRO Q 167 62.00 -149.17 28.60
CA PRO Q 167 61.57 -150.35 27.84
C PRO Q 167 61.70 -151.63 28.65
N HIS Q 168 60.99 -151.71 29.76
CA HIS Q 168 61.02 -152.89 30.63
C HIS Q 168 59.64 -153.52 30.68
N PRO Q 169 59.47 -154.75 30.15
CA PRO Q 169 60.55 -155.53 29.53
C PRO Q 169 60.42 -155.60 28.02
N SER Q 170 60.84 -154.53 27.33
CA SER Q 170 60.78 -154.46 25.87
C SER Q 170 62.15 -154.63 25.23
N ARG Q 171 63.13 -153.82 25.62
CA ARG Q 171 64.47 -153.90 25.06
C ARG Q 171 65.51 -153.50 26.08
N MET Q 172 65.11 -152.71 27.08
CA MET Q 172 66.05 -152.27 28.10
C MET Q 172 66.26 -153.34 29.16
N TYR Q 173 65.18 -154.01 29.58
CA TYR Q 173 65.29 -155.04 30.60
C TYR Q 173 65.83 -156.36 30.03
N ARG Q 174 65.64 -156.59 28.73
CA ARG Q 174 66.11 -157.81 28.11
C ARG Q 174 67.62 -157.78 27.83
N SER Q 175 68.16 -156.60 27.52
CA SER Q 175 69.58 -156.46 27.25
C SER Q 175 70.34 -156.19 28.53
N GLU Q 176 71.62 -156.58 28.54
CA GLU Q 176 72.49 -156.39 29.69
C GLU Q 176 73.25 -155.08 29.65
N LEU Q 177 73.00 -154.23 28.67
CA LEU Q 177 73.70 -152.95 28.56
C LEU Q 177 73.08 -151.93 29.51
N VAL Q 178 73.90 -150.96 29.90
CA VAL Q 178 73.46 -149.90 30.81
C VAL Q 178 73.61 -148.56 30.13
N VAL Q 193 73.37 -148.52 28.81
CA VAL Q 193 73.48 -147.30 28.02
C VAL Q 193 72.11 -146.98 27.44
N ASP Q 194 71.73 -145.70 27.51
CA ASP Q 194 70.45 -145.23 26.99
C ASP Q 194 70.66 -143.87 26.34
N PHE Q 195 70.28 -143.78 25.06
CA PHE Q 195 70.41 -142.54 24.29
C PHE Q 195 69.04 -141.94 23.97
N THR Q 196 68.14 -141.93 24.95
CA THR Q 196 66.80 -141.40 24.76
C THR Q 196 66.33 -140.78 26.07
N ASP Q 197 65.41 -139.83 25.96
CA ASP Q 197 64.85 -139.15 27.12
C ASP Q 197 63.82 -140.03 27.80
N PRO Q 198 64.18 -140.73 28.88
CA PRO Q 198 63.21 -141.59 29.56
C PRO Q 198 62.43 -140.85 30.63
N CYS Q 199 63.13 -140.05 31.44
CA CYS Q 199 62.50 -139.29 32.50
C CYS Q 199 61.99 -137.96 31.98
N ASN Q 200 60.79 -137.56 32.44
CA ASN Q 200 60.17 -136.30 32.03
C ASN Q 200 59.31 -135.82 33.20
N TYR Q 201 59.95 -135.09 34.11
CA TYR Q 201 59.26 -134.54 35.27
C TYR Q 201 58.50 -133.28 34.90
N GLN Q 202 57.22 -133.25 35.25
CA GLN Q 202 56.37 -132.10 34.97
C GLN Q 202 55.41 -131.89 36.13
N LEU Q 203 54.80 -130.70 36.16
CA LEU Q 203 53.86 -130.32 37.21
C LEU Q 203 52.72 -129.53 36.56
N ILE Q 204 51.64 -130.22 36.21
CA ILE Q 204 50.49 -129.60 35.58
C ILE Q 204 49.68 -128.86 36.65
N PRO Q 205 49.21 -129.54 37.69
CA PRO Q 205 48.44 -128.86 38.73
C PRO Q 205 49.30 -128.49 39.94
N ALA Q 206 48.89 -127.44 40.65
CA ALA Q 206 49.64 -126.99 41.83
C ALA Q 206 49.31 -127.88 43.02
N VAL Q 207 50.35 -128.31 43.74
CA VAL Q 207 50.18 -129.16 44.91
C VAL Q 207 50.96 -128.56 46.07
N PRO Q 208 50.51 -127.43 46.64
CA PRO Q 208 51.25 -126.83 47.76
C PRO Q 208 50.39 -126.73 49.02
N GLY Q 209 50.60 -125.66 49.79
CA GLY Q 209 49.84 -125.47 51.01
C GLY Q 209 48.43 -124.97 50.76
N ILE Q 210 48.30 -123.88 50.01
CA ILE Q 210 46.99 -123.31 49.71
C ILE Q 210 46.34 -123.94 48.48
N SER Q 211 47.03 -124.83 47.78
CA SER Q 211 46.49 -125.48 46.60
C SER Q 211 45.81 -126.78 46.99
N PRO Q 212 46.29 -127.92 46.50
CA PRO Q 212 45.66 -129.20 46.86
C PRO Q 212 46.66 -130.32 46.99
N ASN Q 213 46.75 -130.90 48.18
CA ASN Q 213 47.69 -131.99 48.43
C ASN Q 213 47.15 -133.29 47.86
N SER Q 214 48.02 -134.03 47.18
CA SER Q 214 47.63 -135.30 46.58
C SER Q 214 47.52 -136.39 47.64
N THR Q 215 46.64 -137.35 47.40
CA THR Q 215 46.42 -138.45 48.33
C THR Q 215 46.22 -139.81 47.66
N ALA Q 216 45.72 -139.87 46.43
CA ALA Q 216 45.49 -141.14 45.75
C ALA Q 216 45.65 -140.92 44.26
N SER Q 217 46.57 -141.66 43.64
CA SER Q 217 46.83 -141.55 42.21
C SER Q 217 46.14 -142.68 41.47
N THR Q 218 45.60 -142.37 40.30
CA THR Q 218 44.90 -143.37 39.47
C THR Q 218 45.05 -142.94 38.01
N ALA Q 219 46.16 -143.34 37.40
CA ALA Q 219 46.42 -143.00 36.00
C ALA Q 219 45.67 -143.89 35.03
N TRP Q 220 45.23 -145.08 35.47
CA TRP Q 220 44.50 -146.00 34.61
C TRP Q 220 43.01 -145.71 34.55
N LEU Q 221 42.51 -144.77 35.34
CA LEU Q 221 41.10 -144.42 35.36
C LEU Q 221 40.74 -143.36 34.33
N SER Q 222 41.72 -142.84 33.58
CA SER Q 222 41.46 -141.83 32.58
C SER Q 222 41.17 -142.49 31.23
N SER Q 223 41.04 -141.69 30.18
CA SER Q 223 40.76 -142.23 28.86
C SER Q 223 42.00 -142.86 28.23
N ASP Q 224 43.16 -142.25 28.43
CA ASP Q 224 44.43 -142.73 27.89
C ASP Q 224 45.41 -142.93 29.03
N GLY Q 225 45.85 -144.17 29.23
CA GLY Q 225 46.79 -144.45 30.31
C GLY Q 225 48.20 -144.00 30.01
N GLU Q 226 48.57 -143.91 28.74
CA GLU Q 226 49.90 -143.48 28.34
C GLU Q 226 49.97 -141.99 28.00
N ALA Q 227 48.96 -141.22 28.38
CA ALA Q 227 48.95 -139.79 28.10
C ALA Q 227 48.35 -139.00 29.26
N LEU Q 228 47.15 -139.39 29.68
CA LEU Q 228 46.47 -138.73 30.78
C LEU Q 228 46.70 -139.48 32.10
N PHE Q 229 46.56 -138.77 33.21
CA PHE Q 229 46.74 -139.35 34.52
C PHE Q 229 45.90 -138.57 35.51
N ALA Q 230 44.89 -139.22 36.08
CA ALA Q 230 44.01 -138.57 37.04
C ALA Q 230 44.62 -138.60 38.43
N LEU Q 231 44.39 -137.52 39.18
CA LEU Q 231 44.91 -137.39 40.53
C LEU Q 231 43.81 -136.92 41.47
N PRO Q 232 43.74 -137.46 42.69
CA PRO Q 232 42.69 -137.03 43.62
C PRO Q 232 43.26 -136.28 44.82
N CYS Q 233 42.72 -135.11 45.11
CA CYS Q 233 43.18 -134.30 46.23
C CYS Q 233 42.43 -134.70 47.50
N ALA Q 234 42.91 -134.15 48.63
CA ALA Q 234 42.31 -134.44 49.92
C ALA Q 234 41.13 -133.52 50.24
N SER Q 235 40.88 -132.50 49.43
CA SER Q 235 39.78 -131.57 49.64
C SER Q 235 38.62 -131.82 48.68
N GLY Q 236 38.58 -132.98 48.04
CA GLY Q 236 37.51 -133.29 47.11
C GLY Q 236 37.77 -132.88 45.67
N GLY Q 237 39.03 -132.76 45.27
CA GLY Q 237 39.36 -132.37 43.92
C GLY Q 237 39.86 -133.52 43.06
N ILE Q 238 39.20 -133.76 41.94
CA ILE Q 238 39.56 -134.84 41.01
C ILE Q 238 40.04 -134.17 39.73
N PHE Q 239 41.35 -134.00 39.61
CA PHE Q 239 41.95 -133.38 38.44
C PHE Q 239 42.37 -134.45 37.43
N VAL Q 240 42.79 -133.97 36.24
CA VAL Q 240 43.23 -134.85 35.16
C VAL Q 240 44.30 -134.14 34.35
N LEU Q 241 45.54 -134.64 34.45
CA LEU Q 241 46.67 -134.06 33.73
C LEU Q 241 46.88 -134.86 32.44
N LYS Q 242 46.36 -134.34 31.33
CA LYS Q 242 46.50 -134.98 30.04
C LYS Q 242 47.75 -134.47 29.35
N LEU Q 243 48.62 -135.39 28.92
CA LEU Q 243 49.87 -135.05 28.26
C LEU Q 243 49.96 -135.79 26.94
N PRO Q 244 49.43 -135.23 25.85
CA PRO Q 244 49.51 -135.91 24.55
C PRO Q 244 50.83 -135.61 23.86
N PRO Q 245 51.43 -136.62 23.22
CA PRO Q 245 52.70 -136.39 22.53
C PRO Q 245 52.52 -135.67 21.21
N TYR Q 246 53.52 -134.88 20.86
CA TYR Q 246 53.50 -134.12 19.61
C TYR Q 246 54.19 -134.89 18.50
N ASP Q 247 54.84 -134.18 17.59
CA ASP Q 247 55.54 -134.81 16.47
C ASP Q 247 57.00 -135.09 16.79
N ILE Q 248 57.63 -134.28 17.64
CA ILE Q 248 59.02 -134.48 18.01
C ILE Q 248 59.10 -135.38 19.23
N PRO Q 249 60.11 -136.26 19.31
CA PRO Q 249 60.22 -137.17 20.47
C PRO Q 249 60.83 -136.45 21.66
N GLY Q 250 59.99 -136.16 22.66
CA GLY Q 250 60.45 -135.48 23.86
C GLY Q 250 59.42 -134.53 24.43
N MET Q 251 58.99 -133.56 23.63
CA MET Q 251 58.00 -132.59 24.08
C MET Q 251 56.59 -133.17 23.96
N VAL Q 252 55.72 -132.73 24.87
CA VAL Q 252 54.34 -133.17 24.91
C VAL Q 252 53.46 -132.02 25.39
N SER Q 253 52.31 -131.85 24.74
CA SER Q 253 51.39 -130.77 25.10
C SER Q 253 50.62 -131.16 26.36
N VAL Q 254 50.75 -130.35 27.41
CA VAL Q 254 50.06 -130.59 28.67
C VAL Q 254 48.68 -129.95 28.60
N VAL Q 255 47.66 -130.70 29.01
CA VAL Q 255 46.28 -130.25 29.00
C VAL Q 255 45.75 -130.41 30.42
N GLU Q 256 45.82 -129.35 31.21
CA GLU Q 256 45.33 -129.38 32.58
C GLU Q 256 43.80 -129.34 32.59
N LEU Q 257 43.21 -130.11 33.51
CA LEU Q 257 41.76 -130.19 33.63
C LEU Q 257 41.42 -130.64 35.04
N LYS Q 258 40.98 -129.70 35.88
CA LYS Q 258 40.60 -129.98 37.25
C LYS Q 258 39.09 -129.85 37.41
N ARG Q 276 38.56 -130.40 38.50
CA ARG Q 276 37.13 -130.36 38.78
C ARG Q 276 36.95 -130.54 40.29
N GLY Q 277 37.38 -129.55 41.05
CA GLY Q 277 37.27 -129.60 42.49
C GLY Q 277 35.91 -129.14 43.00
N ASP Q 278 35.68 -129.39 44.29
CA ASP Q 278 34.43 -128.99 44.92
C ASP Q 278 34.64 -127.80 45.85
N GLN Q 279 33.97 -127.82 47.01
CA GLN Q 279 34.11 -126.72 47.96
C GLN Q 279 33.98 -127.17 49.41
N SER Q 280 34.15 -128.45 49.71
CA SER Q 280 34.03 -128.96 51.06
C SER Q 280 34.92 -130.19 51.19
N PRO Q 281 35.32 -130.53 52.41
CA PRO Q 281 36.17 -131.71 52.62
C PRO Q 281 35.43 -133.03 52.76
N SER Q 282 34.10 -133.03 52.65
CA SER Q 282 33.33 -134.25 52.78
C SER Q 282 33.25 -135.07 51.50
N ASP Q 283 33.73 -134.52 50.38
CA ASP Q 283 33.71 -135.21 49.10
C ASP Q 283 35.09 -135.71 48.69
N ARG Q 284 35.96 -136.00 49.64
CA ARG Q 284 37.29 -136.48 49.34
C ARG Q 284 37.24 -137.96 48.97
N PRO Q 285 37.88 -138.37 47.87
CA PRO Q 285 37.84 -139.78 47.48
C PRO Q 285 38.82 -140.60 48.33
N LEU Q 286 38.33 -141.70 48.88
CA LEU Q 286 39.18 -142.56 49.70
C LEU Q 286 40.01 -143.51 48.85
N SER Q 287 39.37 -144.21 47.91
CA SER Q 287 40.07 -145.14 47.03
C SER Q 287 39.33 -145.20 45.71
N LEU Q 288 40.02 -144.87 44.62
CA LEU Q 288 39.45 -144.88 43.29
C LEU Q 288 39.82 -146.17 42.56
N ALA Q 289 38.94 -146.61 41.68
CA ALA Q 289 39.13 -147.81 40.89
C ALA Q 289 39.30 -147.46 39.41
N VAL Q 290 39.69 -148.46 38.63
CA VAL Q 290 39.90 -148.31 37.20
C VAL Q 290 39.49 -149.60 36.51
N HIS Q 291 38.63 -149.49 35.51
CA HIS Q 291 38.16 -150.66 34.77
C HIS Q 291 37.76 -150.24 33.37
N CYS Q 292 37.82 -151.18 32.43
CA CYS Q 292 37.48 -150.94 31.04
C CYS Q 292 36.39 -151.93 30.62
N VAL Q 293 35.27 -151.40 30.15
CA VAL Q 293 34.13 -152.20 29.70
C VAL Q 293 33.82 -151.82 28.27
N GLU Q 294 33.95 -152.80 27.36
CA GLU Q 294 33.69 -152.60 25.93
C GLU Q 294 34.56 -151.48 25.37
N HIS Q 295 35.83 -151.46 25.76
CA HIS Q 295 36.79 -150.45 25.32
C HIS Q 295 36.31 -149.04 25.65
N ASP Q 296 36.03 -148.79 26.92
CA ASP Q 296 35.56 -147.50 27.38
C ASP Q 296 36.05 -147.26 28.80
N ALA Q 297 36.50 -146.03 29.06
CA ALA Q 297 36.99 -145.67 30.38
C ALA Q 297 35.83 -145.49 31.34
N PHE Q 298 35.80 -146.30 32.40
CA PHE Q 298 34.75 -146.25 33.41
C PHE Q 298 35.40 -146.22 34.79
N ILE Q 299 35.42 -145.05 35.42
CA ILE Q 299 36.03 -144.88 36.74
C ILE Q 299 34.93 -144.91 37.78
N PHE Q 300 35.25 -145.46 38.95
CA PHE Q 300 34.31 -145.56 40.07
C PHE Q 300 35.08 -145.31 41.35
N ALA Q 301 34.72 -144.23 42.05
CA ALA Q 301 35.37 -143.85 43.30
C ALA Q 301 34.31 -143.60 44.36
N LEU Q 302 34.72 -143.76 45.62
CA LEU Q 302 33.85 -143.55 46.77
C LEU Q 302 34.34 -142.32 47.53
N CYS Q 303 33.42 -141.37 47.76
CA CYS Q 303 33.77 -140.16 48.48
C CYS Q 303 33.76 -140.40 49.98
N GLN Q 304 34.11 -139.36 50.75
CA GLN Q 304 34.14 -139.47 52.20
C GLN Q 304 32.75 -139.41 52.82
N ASP Q 305 31.74 -138.96 52.07
CA ASP Q 305 30.37 -138.87 52.57
C ASP Q 305 29.55 -140.11 52.24
N HIS Q 306 30.20 -141.25 51.98
CA HIS Q 306 29.52 -142.50 51.65
C HIS Q 306 28.61 -142.33 50.43
N LYS Q 307 29.23 -141.98 49.30
CA LYS Q 307 28.52 -141.77 48.05
C LYS Q 307 29.36 -142.35 46.92
N LEU Q 308 28.84 -143.38 46.26
CA LEU Q 308 29.54 -144.04 45.16
C LEU Q 308 29.21 -143.28 43.88
N ARG Q 309 30.14 -142.46 43.43
CA ARG Q 309 29.96 -141.66 42.22
C ARG Q 309 30.76 -142.27 41.08
N MET Q 310 30.11 -142.44 39.92
CA MET Q 310 30.74 -143.00 38.73
C MET Q 310 31.06 -141.85 37.77
N TRP Q 311 32.35 -141.56 37.62
CA TRP Q 311 32.79 -140.50 36.73
C TRP Q 311 33.22 -141.05 35.39
N SER Q 312 33.08 -140.23 34.36
CA SER Q 312 33.46 -140.60 33.00
C SER Q 312 34.63 -139.74 32.54
N TYR Q 313 35.47 -140.32 31.68
CA TYR Q 313 36.64 -139.63 31.16
C TYR Q 313 36.34 -138.81 29.91
N LYS Q 314 35.14 -138.94 29.33
CA LYS Q 314 34.81 -138.18 28.14
C LYS Q 314 34.30 -136.78 28.50
N GLU Q 315 33.28 -136.71 29.34
CA GLU Q 315 32.71 -135.43 29.76
C GLU Q 315 33.40 -134.84 30.98
N GLN Q 316 34.29 -135.59 31.63
CA GLN Q 316 35.01 -135.12 32.81
C GLN Q 316 34.05 -134.70 33.93
N MET Q 317 33.02 -135.51 34.16
CA MET Q 317 32.03 -135.20 35.18
C MET Q 317 31.47 -136.52 35.71
N CYS Q 318 30.68 -136.41 36.77
CA CYS Q 318 30.07 -137.58 37.41
C CYS Q 318 28.82 -137.98 36.65
N LEU Q 319 28.82 -139.19 36.09
CA LEU Q 319 27.67 -139.68 35.34
C LEU Q 319 26.60 -140.28 36.23
N MET Q 320 27.00 -141.09 37.21
CA MET Q 320 26.06 -141.74 38.12
C MET Q 320 26.43 -141.38 39.55
N VAL Q 321 25.45 -141.55 40.44
CA VAL Q 321 25.62 -141.26 41.86
C VAL Q 321 24.72 -142.19 42.66
N ALA Q 322 25.28 -142.82 43.69
CA ALA Q 322 24.55 -143.75 44.54
C ALA Q 322 24.65 -143.32 45.99
N ASP Q 323 23.56 -143.54 46.73
CA ASP Q 323 23.47 -143.19 48.14
C ASP Q 323 23.63 -144.44 48.99
N MET Q 324 24.35 -144.30 50.11
CA MET Q 324 24.59 -145.42 51.03
C MET Q 324 24.62 -144.86 52.44
N LEU Q 325 23.51 -145.01 53.16
CA LEU Q 325 23.41 -144.53 54.53
C LEU Q 325 24.15 -145.48 55.46
N GLU Q 326 25.30 -145.06 55.96
CA GLU Q 326 26.12 -145.87 56.85
C GLU Q 326 26.92 -144.95 57.77
N TYR Q 327 26.21 -144.14 58.55
CA TYR Q 327 26.88 -143.21 59.47
C TYR Q 327 26.13 -143.00 60.77
N VAL Q 328 25.01 -143.67 61.00
CA VAL Q 328 24.25 -143.51 62.23
C VAL Q 328 24.91 -144.33 63.34
N PRO Q 329 24.72 -143.97 64.61
CA PRO Q 329 25.34 -144.75 65.69
C PRO Q 329 24.55 -145.99 66.04
N VAL Q 330 24.96 -147.14 65.49
CA VAL Q 330 24.28 -148.40 65.74
C VAL Q 330 24.71 -148.93 67.11
N LYS Q 331 23.73 -149.34 67.92
CA LYS Q 331 23.99 -149.87 69.25
C LYS Q 331 23.91 -151.39 69.21
N LYS Q 332 24.92 -152.04 69.78
CA LYS Q 332 24.99 -153.50 69.82
C LYS Q 332 25.21 -153.93 71.26
N ASP Q 333 24.23 -154.63 71.83
CA ASP Q 333 24.29 -155.12 73.21
C ASP Q 333 24.53 -153.98 74.19
N LEU Q 334 23.76 -152.91 74.03
CA LEU Q 334 23.84 -151.72 74.87
C LEU Q 334 25.25 -151.13 74.87
N ARG Q 335 25.72 -150.80 73.67
CA ARG Q 335 27.05 -150.23 73.49
C ARG Q 335 27.02 -149.37 72.23
N LEU Q 336 26.97 -148.06 72.40
CA LEU Q 336 26.92 -147.13 71.28
C LEU Q 336 28.33 -146.97 70.71
N THR Q 337 28.51 -147.41 69.46
CA THR Q 337 29.79 -147.32 68.77
C THR Q 337 29.64 -146.40 67.57
N ALA Q 338 30.47 -145.37 67.51
CA ALA Q 338 30.42 -144.41 66.40
C ALA Q 338 31.26 -144.93 65.24
N GLY Q 339 30.60 -145.26 64.13
CA GLY Q 339 31.29 -145.78 62.97
C GLY Q 339 32.04 -144.72 62.20
N THR Q 340 33.28 -144.45 62.61
CA THR Q 340 34.14 -143.46 61.96
C THR Q 340 35.50 -144.07 61.65
N GLY Q 341 35.49 -145.27 61.06
CA GLY Q 341 36.73 -145.96 60.74
C GLY Q 341 37.36 -145.40 59.49
N HIS Q 342 38.63 -145.01 59.60
CA HIS Q 342 39.40 -144.45 58.48
C HIS Q 342 40.66 -145.29 58.32
N LYS Q 343 40.87 -145.85 57.13
CA LYS Q 343 42.02 -146.67 56.86
C LYS Q 343 43.14 -145.83 56.26
N LEU Q 344 44.37 -146.37 56.34
CA LEU Q 344 45.55 -145.71 55.80
C LEU Q 344 45.90 -146.34 54.45
N ARG Q 345 45.59 -145.63 53.36
CA ARG Q 345 45.83 -146.10 52.00
C ARG Q 345 45.08 -147.41 51.80
N LEU Q 346 45.75 -148.55 51.68
CA LEU Q 346 45.12 -149.87 51.51
C LEU Q 346 44.27 -149.81 50.24
N ALA Q 347 43.08 -150.42 50.23
CA ALA Q 347 42.21 -150.41 49.06
C ALA Q 347 40.78 -150.68 49.51
N TYR Q 348 39.83 -150.05 48.81
CA TYR Q 348 38.41 -150.21 49.11
C TYR Q 348 37.56 -150.41 47.88
N SER Q 349 38.17 -150.67 46.72
CA SER Q 349 37.43 -150.88 45.48
C SER Q 349 38.28 -151.75 44.56
N PRO Q 350 37.75 -152.88 44.10
CA PRO Q 350 38.55 -153.75 43.21
C PRO Q 350 37.87 -153.99 41.88
N THR Q 351 38.57 -154.66 40.96
CA THR Q 351 38.03 -154.96 39.64
C THR Q 351 38.58 -156.29 39.17
N MET Q 352 37.89 -156.88 38.19
CA MET Q 352 38.29 -158.16 37.64
C MET Q 352 38.27 -158.12 36.12
N GLY Q 353 37.12 -157.77 35.54
CA GLY Q 353 36.99 -157.70 34.10
C GLY Q 353 36.05 -156.61 33.64
N LEU Q 354 34.74 -156.87 33.70
CA LEU Q 354 33.73 -155.91 33.30
C LEU Q 354 32.96 -155.31 34.47
N TYR Q 355 33.07 -155.89 35.65
CA TYR Q 355 32.38 -155.39 36.84
C TYR Q 355 33.39 -155.03 37.92
N LEU Q 356 32.90 -154.35 38.95
CA LEU Q 356 33.74 -153.92 40.07
C LEU Q 356 33.08 -154.34 41.38
N GLY Q 357 33.89 -154.39 42.42
CA GLY Q 357 33.42 -154.78 43.74
C GLY Q 357 33.82 -153.76 44.78
N ILE Q 358 33.09 -153.77 45.89
CA ILE Q 358 33.33 -152.85 47.00
C ILE Q 358 32.88 -153.53 48.29
N TYR Q 359 33.49 -153.12 49.39
CA TYR Q 359 33.17 -153.68 50.70
C TYR Q 359 33.44 -152.64 51.77
N MET Q 360 32.73 -152.77 52.90
CA MET Q 360 32.87 -151.86 54.03
C MET Q 360 33.27 -152.66 55.27
N HIS Q 361 34.13 -152.05 56.09
CA HIS Q 361 34.58 -152.72 57.30
C HIS Q 361 33.52 -152.73 58.38
N ALA Q 362 32.64 -151.70 58.40
CA ALA Q 362 31.56 -151.57 59.36
C ALA Q 362 32.10 -151.61 60.79
N PRO Q 363 32.73 -150.51 61.25
CA PRO Q 363 33.28 -150.47 62.63
C PRO Q 363 34.13 -151.68 62.98
N LYS Q 364 33.91 -152.25 64.16
CA LYS Q 364 34.64 -153.42 64.64
C LYS Q 364 33.81 -154.69 64.55
N ARG Q 365 33.08 -154.87 63.44
CA ARG Q 365 32.27 -156.06 63.28
C ARG Q 365 33.09 -157.22 62.74
N GLY Q 366 33.71 -157.05 61.58
CA GLY Q 366 34.52 -158.10 60.98
C GLY Q 366 33.83 -158.93 59.94
N GLN Q 367 32.60 -158.58 59.55
CA GLN Q 367 31.86 -159.34 58.55
C GLN Q 367 32.15 -158.88 57.12
N PHE Q 368 32.69 -157.67 56.95
CA PHE Q 368 33.00 -157.12 55.64
C PHE Q 368 31.77 -157.08 54.74
N CYS Q 369 31.98 -157.15 53.43
CA CYS Q 369 30.88 -157.13 52.47
C CYS Q 369 31.38 -157.75 51.17
N ILE Q 370 30.47 -157.86 50.20
CA ILE Q 370 30.79 -158.43 48.90
C ILE Q 370 29.87 -157.82 47.85
N PHE Q 371 29.72 -156.49 47.89
CA PHE Q 371 28.86 -155.78 46.94
C PHE Q 371 29.58 -155.70 45.61
N GLN Q 372 29.22 -156.58 44.68
CA GLN Q 372 29.81 -156.62 43.34
C GLN Q 372 28.81 -155.99 42.37
N LEU Q 373 29.02 -154.72 42.06
CA LEU Q 373 28.12 -154.01 41.15
C LEU Q 373 28.47 -154.30 39.70
N VAL Q 374 27.45 -154.61 38.91
CA VAL Q 374 27.60 -154.89 37.49
C VAL Q 374 27.12 -153.66 36.73
N SER Q 375 28.04 -152.96 36.09
CA SER Q 375 27.72 -151.75 35.34
C SER Q 375 27.57 -152.08 33.86
N THR Q 376 26.35 -151.94 33.35
CA THR Q 376 26.04 -152.20 31.96
C THR Q 376 26.30 -150.96 31.11
N GLU Q 377 26.51 -151.18 29.82
CA GLU Q 377 26.79 -150.10 28.87
C GLU Q 377 25.54 -149.57 28.20
N SER Q 378 24.35 -150.08 28.56
CA SER Q 378 23.12 -149.63 27.96
C SER Q 378 22.68 -148.30 28.57
N ASN Q 379 21.67 -147.68 27.96
CA ASN Q 379 21.13 -146.41 28.42
C ASN Q 379 19.93 -146.57 29.35
N ARG Q 380 19.69 -147.78 29.86
CA ARG Q 380 18.57 -148.02 30.76
C ARG Q 380 19.00 -148.59 32.10
N TYR Q 381 20.28 -148.91 32.28
CA TYR Q 381 20.80 -149.45 33.54
C TYR Q 381 22.27 -149.05 33.64
N SER Q 382 22.52 -147.91 34.29
CA SER Q 382 23.89 -147.42 34.42
C SER Q 382 24.62 -148.06 35.59
N LEU Q 383 23.90 -148.39 36.65
CA LEU Q 383 24.50 -148.99 37.84
C LEU Q 383 23.48 -149.89 38.52
N ASP Q 384 23.80 -151.18 38.62
CA ASP Q 384 22.92 -152.15 39.26
C ASP Q 384 23.77 -153.05 40.16
N HIS Q 385 23.26 -153.35 41.35
CA HIS Q 385 23.96 -154.18 42.32
C HIS Q 385 23.03 -155.28 42.81
N ILE Q 386 23.40 -156.53 42.52
CA ILE Q 386 22.61 -157.68 42.94
C ILE Q 386 23.43 -158.51 43.92
N SER Q 387 24.05 -157.86 44.89
CA SER Q 387 24.86 -158.52 45.90
C SER Q 387 24.77 -157.75 47.21
N SER Q 388 24.66 -158.50 48.31
CA SER Q 388 24.57 -157.90 49.64
C SER Q 388 25.93 -157.90 50.33
N LEU Q 389 26.13 -158.83 51.26
CA LEU Q 389 27.38 -158.93 51.99
C LEU Q 389 27.67 -160.40 52.27
N PHE Q 390 28.96 -160.72 52.39
CA PHE Q 390 29.42 -162.06 52.66
C PHE Q 390 29.80 -162.19 54.13
N THR Q 391 30.39 -163.34 54.50
CA THR Q 391 30.81 -163.61 55.86
C THR Q 391 32.33 -163.70 56.00
N SER Q 392 33.07 -163.26 54.99
CA SER Q 392 34.53 -163.31 55.05
C SER Q 392 35.07 -162.17 55.90
N GLN Q 393 36.35 -162.27 56.24
CA GLN Q 393 37.00 -161.26 57.04
C GLN Q 393 37.36 -160.03 56.19
N GLU Q 394 37.56 -158.92 56.87
CA GLU Q 394 37.90 -157.67 56.20
C GLU Q 394 39.38 -157.68 55.80
N THR Q 395 39.66 -157.24 54.57
CA THR Q 395 41.02 -157.20 54.06
C THR Q 395 41.73 -155.98 54.64
N LEU Q 396 42.71 -156.23 55.50
CA LEU Q 396 43.47 -155.14 56.12
C LEU Q 396 44.62 -154.64 55.26
N ILE Q 397 44.93 -155.34 54.17
CA ILE Q 397 46.02 -154.93 53.28
C ILE Q 397 45.44 -154.53 51.93
N ASP Q 398 45.04 -155.53 51.15
CA ASP Q 398 44.47 -155.28 49.82
C ASP Q 398 43.51 -156.41 49.48
N PHE Q 399 42.72 -156.20 48.44
CA PHE Q 399 41.75 -157.17 47.98
C PHE Q 399 41.68 -157.13 46.46
N ALA Q 400 41.79 -158.30 45.83
CA ALA Q 400 41.73 -158.43 44.38
C ALA Q 400 40.70 -159.48 44.02
N LEU Q 401 39.65 -159.05 43.33
CA LEU Q 401 38.58 -159.95 42.92
C LEU Q 401 38.87 -160.53 41.54
N THR Q 402 38.41 -161.76 41.32
CA THR Q 402 38.61 -162.45 40.05
C THR Q 402 37.40 -163.35 39.82
N SER Q 403 36.49 -162.91 38.96
CA SER Q 403 35.28 -163.65 38.63
C SER Q 403 34.48 -163.99 39.88
N THR Q 404 34.72 -165.17 40.45
CA THR Q 404 34.03 -165.60 41.66
C THR Q 404 34.94 -165.78 42.86
N ASP Q 405 36.25 -165.89 42.66
CA ASP Q 405 37.21 -166.05 43.74
C ASP Q 405 37.80 -164.70 44.10
N ILE Q 406 37.54 -164.23 45.31
CA ILE Q 406 38.04 -162.95 45.80
C ILE Q 406 39.15 -163.24 46.80
N TRP Q 407 40.37 -162.78 46.47
CA TRP Q 407 41.52 -162.98 47.32
C TRP Q 407 41.69 -161.76 48.24
N ALA Q 408 41.68 -162.00 49.54
CA ALA Q 408 41.82 -160.95 50.54
C ALA Q 408 43.09 -161.16 51.36
N LEU Q 409 43.73 -160.06 51.73
CA LEU Q 409 44.96 -160.08 52.51
C LEU Q 409 44.76 -159.23 53.76
N TRP Q 410 45.12 -159.78 54.91
CA TRP Q 410 44.99 -159.10 56.19
C TRP Q 410 46.35 -159.03 56.88
N HIS Q 411 46.48 -158.04 57.76
CA HIS Q 411 47.72 -157.84 58.51
C HIS Q 411 47.38 -157.25 59.87
N ASP Q 412 47.93 -157.85 60.92
CA ASP Q 412 47.70 -157.39 62.28
C ASP Q 412 48.75 -156.37 62.68
N ALA Q 413 48.71 -155.94 63.95
CA ALA Q 413 49.64 -154.97 64.47
C ALA Q 413 50.95 -155.59 64.96
N GLU Q 414 51.03 -156.91 65.03
CA GLU Q 414 52.22 -157.61 65.49
C GLU Q 414 53.06 -158.14 64.33
N ASN Q 415 52.98 -157.49 63.17
CA ASN Q 415 53.73 -157.89 61.97
C ASN Q 415 53.42 -159.33 61.59
N GLN Q 416 52.12 -159.64 61.53
CA GLN Q 416 51.65 -160.98 61.17
C GLN Q 416 50.61 -160.86 60.08
N THR Q 417 50.85 -161.54 58.96
CA THR Q 417 49.94 -161.51 57.82
C THR Q 417 49.04 -162.75 57.83
N VAL Q 418 47.90 -162.62 57.16
CA VAL Q 418 46.93 -163.71 57.08
C VAL Q 418 46.20 -163.62 55.74
N VAL Q 419 46.51 -164.53 54.83
CA VAL Q 419 45.89 -164.56 53.51
C VAL Q 419 44.71 -165.53 53.54
N LYS Q 420 43.64 -165.17 52.84
CA LYS Q 420 42.44 -165.99 52.78
C LYS Q 420 41.74 -165.75 51.45
N TYR Q 421 41.17 -166.82 50.90
CA TYR Q 421 40.46 -166.77 49.63
C TYR Q 421 39.03 -167.24 49.82
N ILE Q 422 38.08 -166.52 49.22
CA ILE Q 422 36.66 -166.83 49.30
C ILE Q 422 36.16 -167.04 47.89
N ASN Q 423 35.66 -168.25 47.61
CA ASN Q 423 35.14 -168.61 46.30
C ASN Q 423 33.61 -168.67 46.37
N PHE Q 424 32.96 -167.71 45.72
CA PHE Q 424 31.50 -167.64 45.72
C PHE Q 424 30.95 -168.11 44.38
N GLU Q 425 31.21 -169.38 44.07
CA GLU Q 425 30.76 -170.01 42.83
C GLU Q 425 29.64 -171.01 43.06
N HIS Q 426 28.89 -170.87 44.16
CA HIS Q 426 27.78 -171.76 44.49
C HIS Q 426 28.25 -173.21 44.58
N ASN Q 427 29.36 -173.42 45.28
CA ASN Q 427 29.93 -174.75 45.45
C ASN Q 427 30.63 -174.81 46.80
N VAL Q 428 31.34 -175.91 47.05
CA VAL Q 428 32.05 -176.09 48.30
C VAL Q 428 33.39 -175.36 48.22
N ALA Q 429 33.56 -174.34 49.07
CA ALA Q 429 34.77 -173.55 49.10
C ALA Q 429 35.71 -174.10 50.17
N GLY Q 430 36.99 -174.27 49.80
CA GLY Q 430 37.98 -174.78 50.71
C GLY Q 430 38.59 -173.70 51.58
N GLN Q 431 39.55 -174.12 52.40
CA GLN Q 431 40.25 -173.22 53.30
C GLN Q 431 41.73 -173.58 53.35
N TRP Q 432 42.56 -172.58 53.66
CA TRP Q 432 43.99 -172.79 53.75
C TRP Q 432 44.56 -171.87 54.82
N ASN Q 433 45.46 -172.41 55.64
CA ASN Q 433 46.08 -171.65 56.72
C ASN Q 433 47.60 -171.69 56.58
N PRO Q 434 48.32 -170.80 57.28
CA PRO Q 434 49.78 -170.82 57.18
C PRO Q 434 50.45 -171.00 58.52
N VAL Q 435 51.68 -171.51 58.51
CA VAL Q 435 52.41 -171.74 59.75
C VAL Q 435 53.03 -170.43 60.22
N PHE Q 436 53.35 -170.38 61.51
CA PHE Q 436 53.96 -169.21 62.12
C PHE Q 436 55.49 -169.36 62.11
N MET Q 437 56.19 -168.57 62.92
CA MET Q 437 57.64 -168.63 62.99
C MET Q 437 58.05 -169.81 63.87
N GLN Q 438 58.69 -170.82 63.25
CA GLN Q 438 59.11 -172.01 63.97
C GLN Q 438 60.61 -171.90 64.25
N PRO Q 439 61.04 -171.71 65.50
CA PRO Q 439 62.48 -171.61 65.78
C PRO Q 439 63.10 -172.99 65.89
N LEU Q 440 64.05 -173.28 65.01
CA LEU Q 440 64.74 -174.57 65.01
C LEU Q 440 66.24 -174.37 65.03
N PRO Q 441 66.75 -173.46 65.87
CA PRO Q 441 68.20 -173.24 65.92
C PRO Q 441 68.75 -173.31 67.33
N GLU Q 442 67.90 -173.67 68.29
CA GLU Q 442 68.29 -173.75 69.69
C GLU Q 442 68.71 -175.17 70.10
N GLU Q 443 68.79 -176.10 69.15
CA GLU Q 443 69.17 -177.47 69.43
C GLU Q 443 70.64 -177.68 69.08
N GLU Q 444 71.40 -178.24 70.01
CA GLU Q 444 72.82 -178.49 69.81
C GLU Q 444 73.01 -179.82 69.10
N ILE Q 445 73.85 -179.83 68.08
CA ILE Q 445 74.15 -181.03 67.29
C ILE Q 445 75.65 -181.21 67.25
N VAL Q 446 76.11 -182.41 67.59
CA VAL Q 446 77.53 -182.73 67.59
C VAL Q 446 77.71 -184.21 67.29
N ILE Q 447 77.78 -184.56 66.01
CA ILE Q 447 77.96 -185.94 65.59
C ILE Q 447 78.98 -186.00 64.46
N ARG Q 448 78.82 -186.96 63.55
CA ARG Q 448 79.74 -187.11 62.43
C ARG Q 448 79.26 -186.32 61.22
N ASP Q 449 79.59 -186.79 60.02
CA ASP Q 449 79.21 -186.13 58.78
C ASP Q 449 79.66 -184.68 58.73
N ASP Q 450 78.80 -183.77 59.18
CA ASP Q 450 79.12 -182.34 59.20
C ASP Q 450 79.89 -182.04 60.47
N GLN Q 451 81.22 -181.91 60.33
CA GLN Q 451 82.07 -181.62 61.47
C GLN Q 451 82.29 -180.12 61.63
N ASP Q 452 83.43 -179.73 62.20
CA ASP Q 452 83.80 -178.34 62.43
C ASP Q 452 82.73 -177.63 63.24
N PRO Q 453 82.48 -176.34 62.98
CA PRO Q 453 81.45 -175.62 63.75
C PRO Q 453 80.76 -174.56 62.92
N ARG Q 454 81.54 -173.77 62.18
CA ARG Q 454 80.95 -172.71 61.36
C ARG Q 454 80.31 -173.27 60.09
N GLU Q 455 80.80 -174.41 59.59
CA GLU Q 455 80.23 -174.99 58.38
C GLU Q 455 78.80 -175.46 58.61
N MET Q 456 78.54 -176.09 59.75
CA MET Q 456 77.18 -176.54 60.05
C MET Q 456 76.24 -175.35 60.21
N TYR Q 457 76.70 -174.28 60.87
CA TYR Q 457 75.87 -173.09 61.02
C TYR Q 457 75.58 -172.45 59.67
N LEU Q 458 76.58 -172.38 58.80
CA LEU Q 458 76.37 -171.81 57.46
C LEU Q 458 75.40 -172.66 56.65
N GLN Q 459 75.52 -173.99 56.75
CA GLN Q 459 74.60 -174.86 56.02
C GLN Q 459 73.18 -174.76 56.56
N SER Q 460 73.03 -174.56 57.88
CA SER Q 460 71.70 -174.40 58.45
C SER Q 460 71.09 -173.06 58.11
N LEU Q 461 71.92 -172.01 58.01
CA LEU Q 461 71.41 -170.68 57.66
C LEU Q 461 71.10 -170.57 56.17
N PHE Q 462 71.84 -171.26 55.32
CA PHE Q 462 71.61 -171.21 53.88
C PHE Q 462 70.51 -172.17 53.42
N THR Q 463 69.98 -172.99 54.33
CA THR Q 463 68.93 -173.94 53.97
C THR Q 463 67.56 -173.27 54.04
N PRO Q 464 67.47 -172.07 54.64
CA PRO Q 464 66.17 -171.39 54.72
C PRO Q 464 65.77 -170.74 53.41
N GLY Q 465 66.60 -169.83 52.92
CA GLY Q 465 66.30 -169.15 51.67
C GLY Q 465 65.25 -168.07 51.78
N GLN Q 466 65.26 -167.31 52.88
CA GLN Q 466 64.29 -166.24 53.10
C GLN Q 466 64.94 -164.88 53.30
N PHE Q 467 66.02 -164.82 54.07
CA PHE Q 467 66.70 -163.56 54.32
C PHE Q 467 67.77 -163.30 53.27
N THR Q 468 67.97 -162.03 52.95
CA THR Q 468 68.96 -161.64 51.95
C THR Q 468 69.87 -160.54 52.49
N ASN Q 469 69.31 -159.33 52.64
CA ASN Q 469 70.10 -158.21 53.15
C ASN Q 469 70.21 -158.20 54.67
N GLU Q 470 69.37 -158.96 55.36
CA GLU Q 470 69.42 -158.99 56.82
C GLU Q 470 70.72 -159.62 57.31
N ALA Q 471 71.16 -160.70 56.67
CA ALA Q 471 72.42 -161.34 57.06
C ALA Q 471 73.59 -160.41 56.81
N LEU Q 472 73.59 -159.71 55.67
CA LEU Q 472 74.66 -158.76 55.39
C LEU Q 472 74.68 -157.61 56.39
N CYS Q 473 73.50 -157.11 56.76
CA CYS Q 473 73.43 -156.03 57.75
C CYS Q 473 73.93 -156.51 59.11
N LYS Q 474 73.57 -157.75 59.50
CA LYS Q 474 74.05 -158.29 60.77
C LYS Q 474 75.56 -158.48 60.75
N ALA Q 475 76.11 -158.96 59.63
CA ALA Q 475 77.55 -159.14 59.54
C ALA Q 475 78.29 -157.81 59.54
N LEU Q 476 77.69 -156.77 58.96
CA LEU Q 476 78.32 -155.45 58.97
C LEU Q 476 78.23 -154.81 60.35
N GLN Q 477 77.14 -155.05 61.08
CA GLN Q 477 77.01 -154.47 62.41
C GLN Q 477 77.83 -155.23 63.45
N ILE Q 478 78.07 -156.52 63.23
CA ILE Q 478 78.86 -157.30 64.19
C ILE Q 478 80.35 -156.99 64.08
N PHE Q 479 80.80 -156.53 62.91
CA PHE Q 479 82.22 -156.21 62.70
C PHE Q 479 82.42 -154.73 63.01
N CYS Q 480 82.78 -154.45 64.26
CA CYS Q 480 83.01 -153.08 64.69
C CYS Q 480 84.35 -152.57 64.18
N ARG Q 481 84.53 -151.24 64.25
CA ARG Q 481 85.74 -150.57 63.81
C ARG Q 481 86.05 -150.88 62.35
N GLY Q 482 85.11 -150.51 61.48
CA GLY Q 482 85.25 -150.75 60.06
C GLY Q 482 83.92 -150.96 59.36
N THR Q 483 83.04 -149.96 59.43
CA THR Q 483 81.74 -150.03 58.81
C THR Q 483 81.79 -149.46 57.40
N GLU Q 484 81.08 -150.11 56.48
CA GLU Q 484 81.03 -149.67 55.09
C GLU Q 484 79.59 -149.72 54.61
N ARG Q 485 79.39 -149.43 53.33
CA ARG Q 485 78.05 -149.44 52.74
C ARG Q 485 77.73 -150.80 52.16
N ASN Q 486 77.01 -150.83 51.03
CA ASN Q 486 76.64 -152.07 50.36
C ASN Q 486 77.67 -152.43 49.29
N LEU Q 487 78.90 -152.66 49.74
CA LEU Q 487 80.01 -153.02 48.86
C LEU Q 487 80.20 -154.52 48.73
N ASP Q 488 79.21 -155.31 49.13
CA ASP Q 488 79.34 -156.77 49.03
C ASP Q 488 79.15 -157.23 47.59
N LEU Q 489 78.04 -156.83 46.97
CA LEU Q 489 77.72 -157.18 45.59
C LEU Q 489 77.70 -158.69 45.39
N SER Q 490 78.87 -159.29 45.21
CA SER Q 490 78.96 -160.72 45.00
C SER Q 490 78.66 -161.47 46.29
N TRP Q 491 77.88 -162.55 46.18
CA TRP Q 491 77.50 -163.37 47.32
C TRP Q 491 78.39 -164.59 47.49
N SER Q 492 79.39 -164.77 46.62
CA SER Q 492 80.27 -165.93 46.75
C SER Q 492 81.26 -165.74 47.90
N GLU Q 493 81.81 -164.53 48.04
CA GLU Q 493 82.76 -164.23 49.10
C GLU Q 493 82.10 -163.76 50.39
N LEU Q 494 80.76 -163.64 50.40
CA LEU Q 494 80.07 -163.20 51.60
C LEU Q 494 80.22 -164.20 52.74
N LYS Q 495 80.11 -165.49 52.42
CA LYS Q 495 80.28 -166.52 53.45
C LYS Q 495 81.70 -166.52 53.99
N LYS Q 496 82.69 -166.35 53.11
CA LYS Q 496 84.08 -166.29 53.57
C LYS Q 496 84.32 -165.07 54.44
N GLU Q 497 83.75 -163.93 54.08
CA GLU Q 497 83.90 -162.73 54.90
C GLU Q 497 83.23 -162.89 56.26
N VAL Q 498 82.05 -163.53 56.28
CA VAL Q 498 81.36 -163.76 57.55
C VAL Q 498 82.17 -164.71 58.42
N THR Q 499 82.76 -165.75 57.83
CA THR Q 499 83.57 -166.68 58.60
C THR Q 499 84.83 -166.00 59.14
N LEU Q 500 85.46 -165.14 58.33
CA LEU Q 500 86.64 -164.42 58.80
C LEU Q 500 86.29 -163.43 59.90
N ALA Q 501 85.12 -162.80 59.83
CA ALA Q 501 84.71 -161.88 60.88
C ALA Q 501 84.33 -162.60 62.16
N VAL Q 502 83.76 -163.81 62.04
CA VAL Q 502 83.39 -164.56 63.23
C VAL Q 502 84.61 -165.19 63.89
N GLU Q 503 85.61 -165.59 63.09
CA GLU Q 503 86.82 -166.20 63.64
C GLU Q 503 87.73 -165.18 64.30
N ASN Q 504 87.64 -163.90 63.92
CA ASN Q 504 88.46 -162.85 64.49
C ASN Q 504 87.83 -162.20 65.70
N GLU Q 505 86.65 -162.65 66.13
CA GLU Q 505 85.96 -162.09 67.28
C GLU Q 505 85.98 -162.98 68.51
N LEU Q 506 86.08 -164.30 68.34
CA LEU Q 506 86.09 -165.23 69.47
C LEU Q 506 87.54 -165.61 69.77
N GLN Q 507 88.07 -165.10 70.88
CA GLN Q 507 89.44 -165.40 71.26
C GLN Q 507 89.51 -166.75 71.97
N GLY Q 508 90.54 -167.53 71.66
CA GLY Q 508 90.72 -168.83 72.24
C GLY Q 508 91.66 -168.78 73.44
N SER Q 509 91.24 -169.42 74.53
CA SER Q 509 92.03 -169.47 75.75
C SER Q 509 92.87 -170.74 75.79
N VAL Q 510 94.07 -170.62 76.32
CA VAL Q 510 94.99 -171.74 76.41
C VAL Q 510 94.85 -172.39 77.79
N THR Q 511 95.53 -173.53 77.98
CA THR Q 511 95.49 -174.25 79.25
C THR Q 511 96.87 -174.91 79.42
N GLU Q 512 97.87 -174.07 79.68
CA GLU Q 512 99.26 -174.49 79.86
C GLU Q 512 99.75 -175.26 78.64
N TYR Q 513 100.10 -174.48 77.60
CA TYR Q 513 100.58 -175.02 76.33
C TYR Q 513 99.56 -175.99 75.72
N GLU Q 514 98.31 -175.56 75.69
CA GLU Q 514 97.23 -176.37 75.14
C GLU Q 514 96.16 -175.44 74.57
N PHE Q 515 95.00 -176.01 74.24
CA PHE Q 515 93.90 -175.24 73.69
C PHE Q 515 92.60 -175.75 74.30
N SER Q 516 91.89 -174.87 75.00
CA SER Q 516 90.62 -175.22 75.65
C SER Q 516 89.54 -175.33 74.58
N GLN Q 517 89.29 -176.56 74.11
CA GLN Q 517 88.28 -176.77 73.08
C GLN Q 517 86.87 -176.67 73.64
N GLU Q 518 86.67 -177.02 74.91
CA GLU Q 518 85.33 -176.95 75.50
C GLU Q 518 84.84 -175.51 75.58
N GLU Q 519 85.73 -174.58 75.91
CA GLU Q 519 85.34 -173.17 75.96
C GLU Q 519 85.17 -172.59 74.56
N PHE Q 520 86.02 -173.00 73.62
CA PHE Q 520 85.91 -172.49 72.24
C PHE Q 520 84.62 -172.95 71.59
N ARG Q 521 84.22 -174.21 71.81
CA ARG Q 521 82.97 -174.71 71.25
C ARG Q 521 81.77 -173.97 71.84
N ASN Q 522 81.81 -173.71 73.15
CA ASN Q 522 80.72 -172.97 73.78
C ASN Q 522 80.64 -171.54 73.26
N LEU Q 523 81.81 -170.90 73.07
CA LEU Q 523 81.81 -169.55 72.53
C LEU Q 523 81.27 -169.51 71.11
N GLN Q 524 81.66 -170.51 70.29
CA GLN Q 524 81.15 -170.57 68.92
C GLN Q 524 79.66 -170.81 68.90
N GLN Q 525 79.15 -171.68 69.78
CA GLN Q 525 77.71 -171.92 69.85
C GLN Q 525 76.96 -170.67 70.29
N GLU Q 526 77.52 -169.93 71.26
CA GLU Q 526 76.89 -168.70 71.71
C GLU Q 526 76.87 -167.65 70.60
N PHE Q 527 77.97 -167.55 69.85
CA PHE Q 527 78.03 -166.60 68.74
C PHE Q 527 77.02 -166.98 67.64
N TRP Q 528 76.91 -168.28 67.35
CA TRP Q 528 75.94 -168.72 66.34
C TRP Q 528 74.51 -168.44 66.80
N CYS Q 529 74.22 -168.67 68.08
CA CYS Q 529 72.89 -168.38 68.61
C CYS Q 529 72.58 -166.89 68.55
N LYS Q 530 73.57 -166.06 68.89
CA LYS Q 530 73.37 -164.61 68.81
C LYS Q 530 73.14 -164.16 67.38
N PHE Q 531 73.89 -164.72 66.43
CA PHE Q 531 73.70 -164.37 65.03
C PHE Q 531 72.32 -164.81 64.53
N TYR Q 532 71.88 -165.99 64.94
CA TYR Q 532 70.56 -166.45 64.54
C TYR Q 532 69.46 -165.57 65.13
N ALA Q 533 69.62 -165.16 66.39
CA ALA Q 533 68.64 -164.27 67.02
C ALA Q 533 68.61 -162.91 66.32
N CYS Q 534 69.78 -162.39 65.96
CA CYS Q 534 69.83 -161.11 65.26
C CYS Q 534 69.19 -161.22 63.88
N CYS Q 535 69.43 -162.32 63.18
CA CYS Q 535 68.82 -162.51 61.86
C CYS Q 535 67.31 -162.69 61.96
N LEU Q 536 66.83 -163.33 63.03
CA LEU Q 536 65.39 -163.49 63.20
C LEU Q 536 64.73 -162.18 63.61
N GLN Q 537 65.43 -161.34 64.39
CA GLN Q 537 64.87 -160.06 64.79
C GLN Q 537 64.89 -159.04 63.67
N TYR Q 538 65.92 -159.07 62.81
CA TYR Q 538 66.01 -158.13 61.70
C TYR Q 538 65.05 -158.48 60.56
N GLN Q 539 64.60 -159.73 60.47
CA GLN Q 539 63.68 -160.14 59.41
C GLN Q 539 62.22 -160.14 59.85
N GLU Q 540 61.95 -160.11 61.16
CA GLU Q 540 60.58 -160.11 61.64
C GLU Q 540 59.90 -158.76 61.46
N ALA Q 541 60.67 -157.67 61.49
CA ALA Q 541 60.14 -156.32 61.33
C ALA Q 541 60.30 -155.79 59.92
N LEU Q 542 60.78 -156.60 58.98
CA LEU Q 542 60.96 -156.19 57.60
C LEU Q 542 60.21 -157.04 56.60
N SER Q 543 59.71 -158.21 56.99
CA SER Q 543 58.97 -159.10 56.11
C SER Q 543 57.50 -159.09 56.54
N HIS Q 544 56.69 -158.31 55.82
CA HIS Q 544 55.27 -158.20 56.11
C HIS Q 544 54.53 -157.98 54.82
N PRO Q 545 53.22 -158.15 54.82
CA PRO Q 545 52.44 -157.94 53.59
C PRO Q 545 52.21 -156.47 53.31
N LEU Q 546 51.83 -156.19 52.06
CA LEU Q 546 51.57 -154.82 51.63
C LEU Q 546 50.34 -154.75 50.75
N ALA Q 547 50.44 -155.29 49.53
CA ALA Q 547 49.34 -155.30 48.58
C ALA Q 547 49.32 -156.65 47.86
N LEU Q 548 48.33 -156.83 46.99
CA LEU Q 548 48.18 -158.06 46.23
C LEU Q 548 47.49 -157.74 44.92
N HIS Q 549 48.14 -158.11 43.81
CA HIS Q 549 47.61 -157.86 42.48
C HIS Q 549 47.66 -159.16 41.67
N LEU Q 550 46.64 -159.37 40.84
CA LEU Q 550 46.54 -160.55 39.99
C LEU Q 550 46.79 -160.17 38.54
N ASN Q 551 47.31 -161.13 37.78
CA ASN Q 551 47.59 -160.92 36.37
C ASN Q 551 46.60 -161.69 35.50
N PRO Q 552 46.11 -161.09 34.42
CA PRO Q 552 45.16 -161.80 33.55
C PRO Q 552 45.81 -162.73 32.56
N HIS Q 553 47.10 -162.58 32.28
CA HIS Q 553 47.78 -163.46 31.33
C HIS Q 553 48.19 -164.78 32.00
N THR Q 554 48.81 -164.69 33.18
CA THR Q 554 49.24 -165.89 33.88
C THR Q 554 48.11 -166.55 34.64
N ASN Q 555 47.13 -165.77 35.11
CA ASN Q 555 45.98 -166.27 35.86
C ASN Q 555 46.43 -167.05 37.09
N MET Q 556 47.22 -166.39 37.93
CA MET Q 556 47.73 -166.99 39.15
C MET Q 556 47.63 -165.98 40.29
N VAL Q 557 47.39 -166.49 41.49
CA VAL Q 557 47.28 -165.65 42.68
C VAL Q 557 48.67 -165.26 43.15
N CYS Q 558 49.13 -164.09 42.73
CA CYS Q 558 50.44 -163.59 43.10
C CYS Q 558 50.35 -162.69 44.33
N LEU Q 559 51.39 -162.76 45.17
CA LEU Q 559 51.47 -161.96 46.38
C LEU Q 559 52.70 -161.06 46.34
N LEU Q 560 52.60 -159.92 47.00
CA LEU Q 560 53.68 -158.94 47.06
C LEU Q 560 53.87 -158.51 48.50
N LYS Q 561 54.96 -158.95 49.12
CA LYS Q 561 55.25 -158.59 50.50
C LYS Q 561 56.17 -157.38 50.57
N LYS Q 562 57.11 -157.38 51.50
CA LYS Q 562 58.07 -156.29 51.70
C LYS Q 562 59.47 -156.86 51.52
N GLY Q 563 59.95 -156.89 50.28
CA GLY Q 563 61.27 -157.40 50.00
C GLY Q 563 61.35 -158.91 49.86
N TYR Q 564 60.22 -159.59 49.70
CA TYR Q 564 60.21 -161.04 49.56
C TYR Q 564 59.03 -161.42 48.67
N LEU Q 565 59.32 -161.67 47.39
CA LEU Q 565 58.27 -162.03 46.43
C LEU Q 565 57.89 -163.48 46.64
N SER Q 566 56.64 -163.71 47.01
CA SER Q 566 56.10 -165.05 47.24
C SER Q 566 54.89 -165.29 46.35
N PHE Q 567 54.28 -166.46 46.50
CA PHE Q 567 53.11 -166.83 45.71
C PHE Q 567 52.23 -167.74 46.54
N LEU Q 568 50.96 -167.83 46.13
CA LEU Q 568 49.98 -168.67 46.82
C LEU Q 568 49.74 -169.94 46.01
N ILE Q 569 49.70 -171.07 46.70
CA ILE Q 569 49.47 -172.36 46.08
C ILE Q 569 48.61 -173.22 47.00
N PRO Q 570 47.94 -174.22 46.43
CA PRO Q 570 47.09 -175.10 47.25
C PRO Q 570 47.92 -176.16 47.98
N SER Q 571 47.27 -176.78 48.96
CA SER Q 571 47.92 -177.82 49.75
C SER Q 571 47.94 -179.13 48.97
N SER Q 572 49.11 -179.77 48.95
CA SER Q 572 49.27 -181.05 48.24
C SER Q 572 48.99 -182.20 49.19
N LEU Q 573 49.36 -183.42 48.78
CA LEU Q 573 49.12 -184.59 49.62
C LEU Q 573 50.16 -184.70 50.72
N VAL Q 574 51.43 -184.43 50.41
CA VAL Q 574 52.49 -184.52 51.42
C VAL Q 574 52.32 -183.43 52.46
N ASP Q 575 51.93 -182.23 52.03
CA ASP Q 575 51.74 -181.14 52.98
C ASP Q 575 50.55 -181.39 53.90
N HIS Q 576 49.54 -182.11 53.41
CA HIS Q 576 48.39 -182.44 54.25
C HIS Q 576 48.66 -183.64 55.14
N LEU Q 577 49.54 -184.55 54.71
CA LEU Q 577 49.85 -185.72 55.52
C LEU Q 577 50.89 -185.41 56.59
N TYR Q 578 51.78 -184.45 56.34
CA TYR Q 578 52.80 -184.09 57.32
C TYR Q 578 52.30 -183.13 58.39
N LEU Q 579 51.05 -182.65 58.28
CA LEU Q 579 50.50 -181.73 59.27
C LEU Q 579 49.92 -182.43 60.49
N LEU Q 580 49.86 -183.76 60.47
CA LEU Q 580 49.33 -184.57 61.57
C LEU Q 580 47.90 -184.15 61.90
N PRO Q 581 46.99 -184.16 60.94
CA PRO Q 581 45.59 -183.77 61.16
C PRO Q 581 44.72 -184.94 61.62
N ALA Q 600 37.40 -199.97 54.35
CA ALA Q 600 38.37 -199.70 53.29
C ALA Q 600 39.01 -198.34 53.48
N ARG Q 601 38.96 -197.82 54.71
CA ARG Q 601 39.54 -196.53 55.07
C ARG Q 601 40.50 -196.75 56.23
N ASP Q 602 41.78 -196.95 55.89
CA ASP Q 602 42.81 -197.18 56.90
C ASP Q 602 44.08 -196.49 56.42
N VAL Q 603 45.23 -196.96 56.93
CA VAL Q 603 46.54 -196.42 56.58
C VAL Q 603 46.58 -194.93 56.87
N ILE Q 604 46.14 -194.54 58.06
CA ILE Q 604 46.13 -193.14 58.46
C ILE Q 604 46.67 -193.01 59.88
N CYS Q 605 46.08 -193.76 60.81
CA CYS Q 605 46.53 -193.72 62.20
C CYS Q 605 47.94 -194.26 62.34
N LEU Q 606 48.24 -195.35 61.63
CA LEU Q 606 49.60 -195.91 61.70
C LEU Q 606 50.62 -194.96 61.11
N ILE Q 607 50.28 -194.30 60.00
CA ILE Q 607 51.20 -193.33 59.39
C ILE Q 607 51.41 -192.15 60.33
N LYS Q 608 50.34 -191.68 60.98
CA LYS Q 608 50.47 -190.57 61.91
C LYS Q 608 51.33 -190.95 63.11
N CYS Q 609 51.15 -192.17 63.63
CA CYS Q 609 51.98 -192.63 64.75
C CYS Q 609 53.43 -192.75 64.34
N LEU Q 610 53.69 -193.25 63.13
CA LEU Q 610 55.06 -193.36 62.65
C LEU Q 610 55.70 -191.99 62.48
N ARG Q 611 54.94 -191.03 61.95
CA ARG Q 611 55.47 -189.67 61.80
C ARG Q 611 55.74 -189.03 63.15
N LEU Q 612 54.86 -189.24 64.12
CA LEU Q 612 55.08 -188.69 65.46
C LEU Q 612 56.27 -189.33 66.15
N ILE Q 613 56.51 -190.63 65.91
CA ILE Q 613 57.65 -191.29 66.52
C ILE Q 613 58.94 -190.87 65.83
N GLU Q 614 58.90 -190.61 64.52
CA GLU Q 614 60.10 -190.16 63.82
C GLU Q 614 60.44 -188.71 64.09
N GLU Q 615 59.43 -187.87 64.37
CA GLU Q 615 59.66 -186.47 64.64
C GLU Q 615 60.25 -186.22 66.03
N SER Q 616 60.19 -187.20 66.93
CA SER Q 616 60.72 -187.06 68.27
C SER Q 616 62.19 -187.49 68.38
N VAL Q 617 62.84 -187.74 67.25
CA VAL Q 617 64.24 -188.15 67.27
C VAL Q 617 65.14 -186.93 67.48
N THR Q 618 66.37 -187.21 67.93
CA THR Q 618 67.33 -186.14 68.18
C THR Q 618 68.08 -185.79 66.90
N VAL Q 619 69.01 -184.85 67.01
CA VAL Q 619 69.78 -184.43 65.84
C VAL Q 619 70.89 -185.43 65.53
N ASP Q 620 71.47 -186.06 66.57
CA ASP Q 620 72.53 -187.02 66.34
C ASP Q 620 72.02 -188.25 65.61
N MET Q 621 70.84 -188.75 65.97
CA MET Q 621 70.27 -189.89 65.29
C MET Q 621 69.96 -189.57 63.82
N SER Q 622 69.43 -188.38 63.57
CA SER Q 622 69.14 -187.97 62.20
C SER Q 622 70.42 -187.84 61.39
N VAL Q 623 71.48 -187.29 61.99
CA VAL Q 623 72.75 -187.16 61.29
C VAL Q 623 73.34 -188.53 60.99
N ILE Q 624 73.23 -189.47 61.93
CA ILE Q 624 73.74 -190.81 61.70
C ILE Q 624 72.95 -191.51 60.60
N MET Q 625 71.63 -191.33 60.59
CA MET Q 625 70.81 -191.92 59.53
C MET Q 625 71.15 -191.34 58.17
N GLU Q 626 71.37 -190.01 58.11
CA GLU Q 626 71.74 -189.38 56.85
C GLU Q 626 73.11 -189.86 56.37
N MET Q 627 74.07 -190.02 57.29
CA MET Q 627 75.38 -190.51 56.91
C MET Q 627 75.33 -191.97 56.46
N SER Q 628 74.44 -192.78 57.06
CA SER Q 628 74.32 -194.16 56.64
C SER Q 628 73.61 -194.28 55.30
N CYS Q 629 72.65 -193.39 55.02
CA CYS Q 629 71.94 -193.43 53.74
C CYS Q 629 72.76 -192.83 52.62
N TYR Q 630 73.68 -191.92 52.93
CA TYR Q 630 74.51 -191.31 51.90
C TYR Q 630 75.56 -192.26 51.35
N ASN Q 631 75.98 -193.24 52.14
CA ASN Q 631 76.99 -194.21 51.72
C ASN Q 631 76.38 -195.49 51.16
N LEU Q 632 75.06 -195.59 51.09
CA LEU Q 632 74.37 -196.77 50.57
C LEU Q 632 73.94 -196.59 49.12
N GLN Q 633 74.65 -195.76 48.36
CA GLN Q 633 74.31 -195.52 46.95
C GLN Q 633 74.91 -196.62 46.07
N SER Q 634 76.25 -196.67 46.00
CA SER Q 634 76.93 -197.67 45.20
C SER Q 634 76.93 -199.01 45.92
N PRO Q 635 77.60 -199.10 47.07
CA PRO Q 635 77.64 -200.38 47.83
C PRO Q 635 76.55 -200.47 48.91
N GLU Q 636 75.33 -200.71 48.47
CA GLU Q 636 74.20 -200.81 49.38
C GLU Q 636 74.19 -202.17 50.07
N LYS Q 637 73.50 -202.22 51.22
CA LYS Q 637 73.38 -203.44 52.02
C LYS Q 637 72.05 -203.37 52.77
N ALA Q 638 70.96 -203.40 52.01
CA ALA Q 638 69.62 -203.34 52.59
C ALA Q 638 69.24 -204.72 53.09
N ALA Q 639 69.33 -204.93 54.40
CA ALA Q 639 69.00 -206.22 55.00
C ALA Q 639 68.41 -206.02 56.40
N GLU Q 640 68.72 -206.95 57.30
CA GLU Q 640 68.23 -206.89 58.69
C GLU Q 640 69.27 -206.25 59.60
N GLN Q 641 69.65 -205.01 59.25
CA GLN Q 641 70.64 -204.27 60.03
C GLN Q 641 70.14 -202.93 60.53
N ILE Q 642 68.93 -202.51 60.15
CA ILE Q 642 68.42 -201.22 60.61
C ILE Q 642 67.85 -201.34 62.02
N LEU Q 643 67.30 -202.50 62.39
CA LEU Q 643 66.75 -202.67 63.73
C LEU Q 643 67.85 -202.72 64.77
N GLU Q 644 69.03 -203.24 64.40
CA GLU Q 644 70.15 -203.28 65.33
C GLU Q 644 70.89 -201.96 65.41
N ASP Q 645 70.62 -201.04 64.48
CA ASP Q 645 71.27 -199.73 64.47
C ASP Q 645 70.40 -198.61 65.01
N MET Q 646 69.08 -198.74 64.89
CA MET Q 646 68.15 -197.73 65.38
C MET Q 646 67.76 -197.96 66.84
N ILE Q 647 68.33 -198.98 67.50
CA ILE Q 647 68.02 -199.28 68.89
C ILE Q 647 69.00 -198.64 69.85
N THR Q 648 69.80 -197.68 69.38
CA THR Q 648 70.79 -196.99 70.22
C THR Q 648 70.27 -195.66 70.75
N ILE Q 649 68.95 -195.53 70.96
CA ILE Q 649 68.35 -194.31 71.46
C ILE Q 649 67.76 -194.50 72.84
N ASP Q 650 68.07 -195.61 73.52
CA ASP Q 650 67.58 -195.91 74.86
C ASP Q 650 66.04 -195.90 74.90
N VAL Q 651 65.46 -196.77 74.07
CA VAL Q 651 64.01 -196.89 73.96
C VAL Q 651 63.57 -198.12 74.75
N GLU Q 652 62.55 -197.96 75.59
CA GLU Q 652 62.04 -199.05 76.39
C GLU Q 652 60.58 -199.34 76.07
N ASN Q 653 59.67 -198.54 76.63
CA ASN Q 653 58.24 -198.71 76.40
C ASN Q 653 57.81 -197.86 75.19
N VAL Q 654 58.20 -198.32 74.02
CA VAL Q 654 57.87 -197.63 72.77
C VAL Q 654 57.71 -198.66 71.66
N MET Q 655 58.38 -199.80 71.80
CA MET Q 655 58.29 -200.86 70.80
C MET Q 655 57.12 -201.80 71.04
N GLU Q 656 56.80 -202.09 72.30
CA GLU Q 656 55.69 -202.99 72.58
C GLU Q 656 54.35 -202.38 72.18
N ASP Q 657 54.19 -201.07 72.40
CA ASP Q 657 52.94 -200.41 72.01
C ASP Q 657 52.75 -200.40 70.51
N ILE Q 658 53.85 -200.33 69.74
CA ILE Q 658 53.74 -200.38 68.30
C ILE Q 658 53.52 -201.81 67.81
N CYS Q 659 54.15 -202.78 68.48
CA CYS Q 659 53.97 -204.17 68.09
C CYS Q 659 52.55 -204.65 68.36
N SER Q 660 51.96 -204.21 69.47
CA SER Q 660 50.59 -204.61 69.78
C SER Q 660 49.60 -204.03 68.78
N LYS Q 661 49.90 -202.87 68.20
CA LYS Q 661 49.03 -202.28 67.20
C LYS Q 661 49.27 -202.88 65.81
N LEU Q 662 50.51 -203.26 65.51
CA LEU Q 662 50.82 -203.87 64.22
C LEU Q 662 50.35 -205.31 64.14
N GLN Q 663 50.32 -206.02 65.26
CA GLN Q 663 49.89 -207.41 65.28
C GLN Q 663 48.37 -207.56 65.21
N GLU Q 664 47.61 -206.49 65.44
CA GLU Q 664 46.16 -206.51 65.41
C GLU Q 664 45.62 -205.86 64.13
N ILE Q 665 46.16 -206.25 62.99
CA ILE Q 665 45.74 -205.72 61.69
C ILE Q 665 45.81 -206.84 60.66
N ARG Q 666 44.77 -206.93 59.83
CA ARG Q 666 44.70 -207.96 58.81
C ARG Q 666 45.58 -207.59 57.61
N ASN Q 667 44.99 -206.97 56.59
CA ASN Q 667 45.73 -206.58 55.40
C ASN Q 667 46.49 -205.28 55.66
N PRO Q 668 47.82 -205.34 55.77
CA PRO Q 668 48.58 -204.10 56.02
C PRO Q 668 49.49 -203.74 54.86
N ILE Q 669 50.29 -204.70 54.40
CA ILE Q 669 51.20 -204.44 53.29
C ILE Q 669 50.43 -204.24 52.00
N HIS Q 670 49.35 -205.00 51.80
CA HIS Q 670 48.54 -204.83 50.59
C HIS Q 670 47.86 -203.47 50.56
N ALA Q 671 47.46 -202.93 51.72
CA ALA Q 671 46.87 -201.60 51.76
C ALA Q 671 47.93 -200.52 51.60
N ILE Q 672 49.12 -200.72 52.18
CA ILE Q 672 50.19 -199.75 52.06
C ILE Q 672 50.65 -199.63 50.62
N GLY Q 673 50.75 -200.76 49.91
CA GLY Q 673 51.12 -200.73 48.51
C GLY Q 673 50.11 -199.99 47.65
N LEU Q 674 48.82 -200.23 47.90
CA LEU Q 674 47.78 -199.54 47.16
C LEU Q 674 47.80 -198.04 47.46
N LEU Q 675 48.01 -197.67 48.71
CA LEU Q 675 48.07 -196.25 49.07
C LEU Q 675 49.29 -195.57 48.46
N ILE Q 676 50.42 -196.29 48.34
CA ILE Q 676 51.60 -195.72 47.72
C ILE Q 676 51.42 -195.62 46.21
N ARG Q 677 50.70 -196.56 45.61
CA ARG Q 677 50.48 -196.51 44.17
C ARG Q 677 49.48 -195.42 43.79
N GLU Q 678 48.45 -195.21 44.62
CA GLU Q 678 47.46 -194.18 44.35
C GLU Q 678 47.98 -192.77 44.62
N MET Q 679 49.00 -192.63 45.46
CA MET Q 679 49.56 -191.32 45.77
C MET Q 679 50.47 -190.83 44.64
N ASN Q 698 52.83 -192.86 43.42
CA ASN Q 698 53.26 -192.47 42.08
C ASN Q 698 52.32 -191.42 41.49
N ILE Q 699 52.86 -190.23 41.20
CA ILE Q 699 52.08 -189.15 40.63
C ILE Q 699 52.06 -189.29 39.11
N ARG Q 700 51.32 -188.41 38.45
CA ARG Q 700 51.22 -188.43 37.00
C ARG Q 700 50.94 -187.02 36.50
N MET Q 701 51.53 -186.68 35.36
CA MET Q 701 51.35 -185.36 34.78
C MET Q 701 50.05 -185.31 33.96
N ASN Q 702 49.72 -184.11 33.50
CA ASN Q 702 48.51 -183.91 32.70
C ASN Q 702 48.80 -183.04 31.49
N LEU Q 703 49.25 -181.80 31.72
CA LEU Q 703 49.56 -180.87 30.65
C LEU Q 703 51.04 -180.98 30.30
N THR Q 704 51.59 -179.96 29.65
CA THR Q 704 53.01 -179.96 29.27
C THR Q 704 53.47 -178.50 29.23
N GLN Q 705 53.83 -177.97 30.39
CA GLN Q 705 54.30 -176.59 30.49
C GLN Q 705 55.24 -176.50 31.69
N LEU Q 706 56.52 -176.27 31.43
CA LEU Q 706 57.51 -176.18 32.50
C LEU Q 706 57.63 -174.74 32.99
N TYR Q 707 58.85 -174.24 33.11
CA TYR Q 707 59.12 -172.89 33.57
C TYR Q 707 60.06 -172.19 32.59
N GLY Q 708 60.45 -170.97 32.93
CA GLY Q 708 61.34 -170.20 32.08
C GLY Q 708 61.37 -168.72 32.43
N SER Q 709 61.75 -168.40 33.66
CA SER Q 709 61.82 -167.02 34.10
C SER Q 709 62.87 -166.84 35.20
N ASN Q 710 62.64 -165.88 36.10
CA ASN Q 710 63.57 -165.62 37.19
C ASN Q 710 62.91 -165.86 38.54
N THR Q 711 62.00 -164.97 38.97
CA THR Q 711 61.33 -165.17 40.25
C THR Q 711 60.44 -166.40 40.23
N ALA Q 712 59.71 -166.61 39.14
CA ALA Q 712 58.86 -167.80 39.02
C ALA Q 712 59.70 -169.06 39.01
N GLY Q 713 60.83 -169.05 38.31
CA GLY Q 713 61.72 -170.20 38.31
C GLY Q 713 62.29 -170.50 39.68
N TYR Q 714 62.68 -169.44 40.41
CA TYR Q 714 63.20 -169.63 41.76
C TYR Q 714 62.12 -170.18 42.69
N ILE Q 715 60.90 -169.69 42.56
CA ILE Q 715 59.80 -170.19 43.39
C ILE Q 715 59.52 -171.65 43.07
N VAL Q 716 59.55 -172.01 41.77
CA VAL Q 716 59.32 -173.40 41.39
C VAL Q 716 60.43 -174.30 41.93
N CYS Q 717 61.68 -173.83 41.87
CA CYS Q 717 62.78 -174.61 42.41
C CYS Q 717 62.66 -174.79 43.91
N ARG Q 718 62.27 -173.73 44.63
CA ARG Q 718 62.08 -173.84 46.07
C ARG Q 718 60.96 -174.81 46.41
N GLY Q 719 59.85 -174.76 45.65
CA GLY Q 719 58.76 -175.69 45.89
C GLY Q 719 59.17 -177.13 45.60
N VAL Q 720 59.94 -177.35 44.54
CA VAL Q 720 60.41 -178.69 44.22
C VAL Q 720 61.34 -179.20 45.30
N HIS Q 721 62.22 -178.33 45.82
CA HIS Q 721 63.11 -178.74 46.89
C HIS Q 721 62.34 -179.07 48.17
N LYS Q 722 61.32 -178.28 48.48
CA LYS Q 722 60.49 -178.56 49.66
C LYS Q 722 59.74 -179.88 49.50
N ILE Q 723 59.21 -180.14 48.30
CA ILE Q 723 58.51 -181.39 48.05
C ILE Q 723 59.46 -182.58 48.16
N ALA Q 724 60.68 -182.42 47.65
CA ALA Q 724 61.66 -183.50 47.75
C ALA Q 724 62.06 -183.75 49.20
N SER Q 725 62.22 -182.68 49.99
CA SER Q 725 62.55 -182.85 51.40
C SER Q 725 61.41 -183.54 52.15
N THR Q 726 60.17 -183.16 51.84
CA THR Q 726 59.02 -183.81 52.49
C THR Q 726 58.95 -185.29 52.11
N ARG Q 727 59.20 -185.61 50.83
CA ARG Q 727 59.19 -187.00 50.40
C ARG Q 727 60.30 -187.80 51.07
N PHE Q 728 61.48 -187.20 51.21
CA PHE Q 728 62.57 -187.89 51.89
C PHE Q 728 62.25 -188.12 53.36
N LEU Q 729 61.63 -187.14 54.02
CA LEU Q 729 61.25 -187.31 55.41
C LEU Q 729 60.20 -188.40 55.55
N ILE Q 730 59.23 -188.44 54.64
CA ILE Q 730 58.20 -189.48 54.69
C ILE Q 730 58.81 -190.85 54.46
N CYS Q 731 59.75 -190.95 53.53
CA CYS Q 731 60.42 -192.23 53.28
C CYS Q 731 61.23 -192.68 54.48
N ARG Q 732 61.93 -191.73 55.14
CA ARG Q 732 62.68 -192.08 56.33
C ARG Q 732 61.77 -192.53 57.46
N ASP Q 733 60.62 -191.87 57.63
CA ASP Q 733 59.68 -192.28 58.65
C ASP Q 733 59.11 -193.66 58.36
N LEU Q 734 58.80 -193.94 57.08
CA LEU Q 734 58.29 -195.26 56.71
C LEU Q 734 59.35 -196.33 56.95
N LEU Q 735 60.61 -196.04 56.63
CA LEU Q 735 61.67 -197.01 56.87
C LEU Q 735 61.87 -197.26 58.35
N ILE Q 736 61.79 -196.21 59.17
CA ILE Q 736 61.91 -196.37 60.62
C ILE Q 736 60.76 -197.20 61.17
N LEU Q 737 59.55 -196.96 60.66
CA LEU Q 737 58.39 -197.74 61.10
C LEU Q 737 58.53 -199.21 60.70
N GLN Q 738 59.01 -199.46 59.48
CA GLN Q 738 59.19 -200.84 59.04
C GLN Q 738 60.29 -201.54 59.83
N GLN Q 739 61.34 -200.82 60.21
CA GLN Q 739 62.40 -201.41 61.02
C GLN Q 739 61.95 -201.67 62.44
N LEU Q 740 61.08 -200.81 62.99
CA LEU Q 740 60.59 -201.01 64.34
C LEU Q 740 59.54 -202.11 64.41
N LEU Q 741 58.74 -202.25 63.35
CA LEU Q 741 57.71 -203.29 63.34
C LEU Q 741 58.30 -204.65 62.97
N MET Q 742 59.02 -204.72 61.85
CA MET Q 742 59.63 -205.97 61.40
C MET Q 742 61.06 -206.07 61.93
N ARG Q 743 61.14 -206.33 63.23
CA ARG Q 743 62.41 -206.46 63.94
C ARG Q 743 62.50 -207.84 64.57
N LEU Q 744 63.63 -208.51 64.36
CA LEU Q 744 63.84 -209.85 64.91
C LEU Q 744 64.56 -209.83 66.25
N GLY Q 745 65.45 -208.87 66.47
CA GLY Q 745 66.18 -208.79 67.72
C GLY Q 745 67.27 -209.82 67.88
N ASP Q 746 67.92 -210.22 66.79
CA ASP Q 746 69.00 -211.21 66.82
C ASP Q 746 68.53 -212.53 67.43
N ALA Q 747 67.38 -213.01 66.96
CA ALA Q 747 66.80 -214.25 67.46
C ALA Q 747 66.11 -214.98 66.31
N VAL Q 748 66.07 -216.30 66.41
CA VAL Q 748 65.44 -217.12 65.39
C VAL Q 748 63.95 -217.32 65.67
N ILE Q 749 63.59 -217.55 66.92
CA ILE Q 749 62.19 -217.74 67.28
C ILE Q 749 61.41 -216.44 67.13
N TRP Q 750 62.09 -215.30 67.36
CA TRP Q 750 61.44 -214.00 67.19
C TRP Q 750 61.52 -213.48 65.77
N GLY Q 751 62.15 -214.22 64.86
CA GLY Q 751 62.26 -213.79 63.48
C GLY Q 751 61.55 -214.71 62.51
N THR Q 752 61.28 -215.95 62.95
CA THR Q 752 60.59 -216.90 62.09
C THR Q 752 59.10 -216.59 61.97
N GLY Q 753 58.56 -215.73 62.83
CA GLY Q 753 57.15 -215.40 62.75
C GLY Q 753 56.77 -214.51 61.58
N GLN Q 754 57.73 -213.73 61.07
CA GLN Q 754 57.48 -212.86 59.94
C GLN Q 754 57.89 -213.46 58.60
N LEU Q 755 58.56 -214.61 58.62
CA LEU Q 755 59.01 -215.28 57.40
C LEU Q 755 58.33 -216.63 57.19
N PHE Q 756 57.26 -216.92 57.94
CA PHE Q 756 56.55 -218.18 57.84
C PHE Q 756 55.35 -218.09 56.90
N GLN Q 757 55.49 -217.36 55.79
CA GLN Q 757 54.43 -217.19 54.81
C GLN Q 757 53.16 -216.62 55.45
N ALA Q 758 53.33 -215.60 56.29
CA ALA Q 758 52.20 -214.98 56.97
C ALA Q 758 51.61 -213.81 56.18
N GLN Q 759 52.43 -213.12 55.40
CA GLN Q 759 51.96 -211.98 54.61
C GLN Q 759 52.60 -211.97 53.23
N GLN Q 760 52.59 -210.81 52.58
CA GLN Q 760 53.18 -210.66 51.24
C GLN Q 760 54.60 -210.10 51.29
N ASP Q 761 55.28 -210.24 52.42
CA ASP Q 761 56.65 -209.76 52.60
C ASP Q 761 56.76 -208.26 52.34
N LEU Q 762 57.96 -207.78 52.05
CA LEU Q 762 58.17 -206.36 51.80
C LEU Q 762 59.49 -206.13 51.06
N LEU Q 763 59.80 -207.00 50.09
CA LEU Q 763 61.03 -206.85 49.32
C LEU Q 763 60.90 -205.71 48.31
N HIS Q 764 59.91 -205.79 47.43
CA HIS Q 764 59.70 -204.72 46.46
C HIS Q 764 59.23 -203.44 47.13
N ARG Q 765 58.59 -203.54 48.29
CA ARG Q 765 58.19 -202.34 49.03
C ARG Q 765 59.40 -201.62 49.62
N THR Q 766 60.40 -202.38 50.07
CA THR Q 766 61.60 -201.76 50.60
C THR Q 766 62.52 -201.27 49.49
N ALA Q 767 62.57 -201.98 48.36
CA ALA Q 767 63.39 -201.52 47.24
C ALA Q 767 62.83 -200.25 46.61
N PRO Q 768 61.53 -200.15 46.32
CA PRO Q 768 61.02 -198.89 45.76
C PRO Q 768 61.12 -197.73 46.74
N LEU Q 769 60.89 -197.99 48.03
CA LEU Q 769 61.04 -196.93 49.01
C LEU Q 769 62.48 -196.44 49.10
N LEU Q 770 63.43 -197.37 49.05
CA LEU Q 770 64.84 -196.99 49.07
C LEU Q 770 65.21 -196.21 47.81
N LEU Q 771 64.69 -196.62 46.65
CA LEU Q 771 64.95 -195.88 45.42
C LEU Q 771 64.38 -194.47 45.48
N SER Q 772 63.16 -194.34 46.01
CA SER Q 772 62.56 -193.02 46.14
C SER Q 772 63.33 -192.15 47.12
N TYR Q 773 63.82 -192.73 48.22
CA TYR Q 773 64.62 -191.98 49.17
C TYR Q 773 65.93 -191.52 48.55
N TYR Q 774 66.58 -192.39 47.78
CA TYR Q 774 67.82 -192.01 47.11
C TYR Q 774 67.57 -190.91 46.08
N LEU Q 775 66.46 -190.99 45.34
CA LEU Q 775 66.14 -189.95 44.38
C LEU Q 775 65.85 -188.63 45.07
N ILE Q 776 65.15 -188.66 46.21
CA ILE Q 776 64.88 -187.43 46.95
C ILE Q 776 66.16 -186.84 47.50
N LYS Q 777 67.08 -187.69 47.98
CA LYS Q 777 68.36 -187.20 48.47
C LYS Q 777 69.18 -186.56 47.35
N TRP Q 778 69.18 -187.19 46.17
CA TRP Q 778 69.90 -186.62 45.03
C TRP Q 778 69.28 -185.29 44.60
N GLY Q 779 67.96 -185.20 44.62
CA GLY Q 779 67.31 -183.93 44.27
C GLY Q 779 67.58 -182.85 45.27
N SER Q 780 67.65 -183.20 46.56
CA SER Q 780 67.98 -182.21 47.58
C SER Q 780 69.44 -181.78 47.49
N GLU Q 781 70.33 -182.70 47.10
CA GLU Q 781 71.72 -182.33 46.92
C GLU Q 781 71.92 -181.44 45.69
N CYS Q 782 71.16 -181.70 44.62
CA CYS Q 782 71.16 -180.92 43.40
C CYS Q 782 72.47 -181.05 42.63
N LEU Q 783 72.37 -181.25 41.30
CA LEU Q 783 73.56 -181.38 40.46
C LEU Q 783 73.17 -180.93 39.05
N ALA Q 784 73.31 -179.64 38.79
CA ALA Q 784 72.98 -179.08 37.49
C ALA Q 784 74.07 -178.10 37.08
N THR Q 785 73.91 -177.51 35.89
CA THR Q 785 74.87 -176.55 35.37
C THR Q 785 74.13 -175.56 34.49
N ASP Q 786 74.88 -174.77 33.73
CA ASP Q 786 74.29 -173.77 32.85
C ASP Q 786 73.90 -174.41 31.53
N VAL Q 787 73.27 -173.61 30.66
CA VAL Q 787 72.84 -174.07 29.35
C VAL Q 787 72.83 -172.90 28.38
N PRO Q 788 71.67 -172.34 28.06
CA PRO Q 788 71.63 -171.20 27.13
C PRO Q 788 71.11 -169.94 27.79
N LEU Q 789 69.80 -169.73 27.73
CA LEU Q 789 69.18 -168.56 28.34
C LEU Q 789 67.74 -168.84 28.75
N ASP Q 790 66.82 -167.94 28.41
CA ASP Q 790 65.41 -168.12 28.76
C ASP Q 790 64.56 -167.54 27.64
N THR Q 791 63.67 -168.36 27.09
CA THR Q 791 62.78 -167.93 26.01
C THR Q 791 61.47 -168.69 26.15
N LEU Q 792 60.68 -168.70 25.09
CA LEU Q 792 59.39 -169.39 25.07
C LEU Q 792 59.15 -170.00 23.70
N GLU Q 793 58.44 -171.12 23.69
CA GLU Q 793 58.14 -171.80 22.43
C GLU Q 793 57.00 -171.10 21.69
N SER Q 794 55.82 -171.06 22.30
CA SER Q 794 54.66 -170.42 21.67
C SER Q 794 53.80 -169.73 22.72
N ASN Q 795 52.50 -169.60 22.45
CA ASN Q 795 51.59 -168.96 23.38
C ASN Q 795 51.21 -169.90 24.50
N LEU Q 796 51.26 -169.40 25.74
CA LEU Q 796 50.93 -170.18 26.93
C LEU Q 796 51.80 -171.43 27.03
N GLN Q 797 53.10 -171.24 26.85
CA GLN Q 797 54.06 -172.33 26.90
C GLN Q 797 55.37 -171.84 27.53
N HIS Q 798 55.99 -172.70 28.33
CA HIS Q 798 57.25 -172.37 29.00
C HIS Q 798 58.17 -173.58 28.86
N LEU Q 799 59.23 -173.44 28.06
CA LEU Q 799 60.20 -174.52 27.85
C LEU Q 799 61.55 -173.86 27.55
N SER Q 800 62.33 -173.63 28.60
CA SER Q 800 63.64 -173.01 28.46
C SER Q 800 64.62 -173.57 29.47
N VAL Q 801 65.59 -172.76 29.88
CA VAL Q 801 66.60 -173.18 30.85
C VAL Q 801 66.96 -172.00 31.74
N LEU Q 802 68.15 -172.05 32.34
CA LEU Q 802 68.61 -170.98 33.22
C LEU Q 802 70.13 -170.96 33.20
N GLU Q 803 70.70 -169.81 32.83
CA GLU Q 803 72.15 -169.66 32.78
C GLU Q 803 72.55 -168.20 32.99
N LEU Q 804 72.97 -167.54 31.91
CA LEU Q 804 73.40 -166.14 31.94
C LEU Q 804 74.53 -165.93 32.94
N THR Q 805 75.71 -166.41 32.54
CA THR Q 805 76.91 -166.30 33.37
C THR Q 805 77.71 -165.07 32.95
N ASP Q 806 77.15 -163.90 33.27
CA ASP Q 806 77.79 -162.63 32.93
C ASP Q 806 78.94 -162.34 33.90
N SER Q 807 78.61 -162.05 35.15
CA SER Q 807 79.60 -161.76 36.17
C SER Q 807 80.06 -163.06 36.82
N GLY Q 808 81.37 -163.31 36.81
CA GLY Q 808 81.90 -164.52 37.40
C GLY Q 808 81.91 -164.53 38.91
N ALA Q 809 81.89 -163.36 39.55
CA ALA Q 809 81.89 -163.27 41.00
C ALA Q 809 80.48 -163.13 41.57
N LEU Q 810 79.66 -162.26 40.97
CA LEU Q 810 78.30 -162.07 41.43
C LEU Q 810 77.39 -163.17 40.90
N MET Q 811 76.25 -163.33 41.56
CA MET Q 811 75.25 -164.32 41.19
C MET Q 811 73.96 -163.61 40.80
N ALA Q 812 73.47 -163.91 39.61
CA ALA Q 812 72.24 -163.30 39.11
C ALA Q 812 71.05 -164.18 39.48
N ASN Q 813 69.87 -163.87 38.92
CA ASN Q 813 68.68 -164.65 39.21
C ASN Q 813 68.72 -166.01 38.53
N ARG Q 814 69.05 -166.03 37.24
CA ARG Q 814 69.14 -167.28 36.48
C ARG Q 814 70.48 -167.99 36.64
N PHE Q 815 71.45 -167.36 37.29
CA PHE Q 815 72.77 -167.94 37.49
C PHE Q 815 72.90 -168.60 38.86
N VAL Q 816 71.95 -169.46 39.21
CA VAL Q 816 71.97 -170.16 40.49
C VAL Q 816 72.37 -171.62 40.26
N SER Q 817 72.88 -171.91 39.07
CA SER Q 817 73.30 -173.25 38.70
C SER Q 817 74.75 -173.56 39.08
N SER Q 818 75.43 -172.62 39.73
CA SER Q 818 76.81 -172.82 40.12
C SER Q 818 76.89 -173.21 41.59
N PRO Q 819 76.41 -172.37 42.51
CA PRO Q 819 76.47 -172.71 43.93
C PRO Q 819 75.41 -173.72 44.33
N GLN Q 820 74.14 -173.41 44.04
CA GLN Q 820 73.06 -174.32 44.39
C GLN Q 820 72.92 -175.46 43.39
N THR Q 821 73.21 -175.19 42.11
CA THR Q 821 73.12 -176.19 41.05
C THR Q 821 71.73 -176.82 40.98
N ILE Q 822 70.70 -175.98 41.08
CA ILE Q 822 69.32 -176.44 41.03
C ILE Q 822 68.50 -175.48 40.19
N VAL Q 823 68.62 -175.58 38.86
CA VAL Q 823 67.88 -174.73 37.95
C VAL Q 823 67.63 -175.48 36.64
N GLU Q 824 68.68 -176.07 36.09
CA GLU Q 824 68.54 -176.83 34.84
C GLU Q 824 67.71 -178.09 35.05
N LEU Q 825 67.87 -178.74 36.20
CA LEU Q 825 67.09 -179.95 36.48
C LEU Q 825 65.61 -179.64 36.64
N PHE Q 826 65.28 -178.43 37.10
CA PHE Q 826 63.88 -178.04 37.23
C PHE Q 826 63.31 -177.44 35.95
N PHE Q 827 64.16 -176.88 35.09
CA PHE Q 827 63.70 -176.31 33.83
C PHE Q 827 63.59 -177.34 32.72
N GLN Q 828 64.37 -178.42 32.79
CA GLN Q 828 64.31 -179.46 31.76
C GLN Q 828 63.06 -180.31 31.85
N GLU Q 829 62.43 -180.38 33.01
CA GLU Q 829 61.22 -181.18 33.19
C GLU Q 829 59.97 -180.31 33.06
N LYS Q 844 47.17 -172.97 36.30
CA LYS Q 844 48.30 -172.04 36.45
C LYS Q 844 49.57 -172.64 35.88
N PRO Q 855 53.50 -170.68 37.05
CA PRO Q 855 53.89 -171.86 36.29
C PRO Q 855 54.14 -173.08 37.17
N GLU Q 856 53.06 -173.68 37.68
CA GLU Q 856 53.18 -174.85 38.53
C GLU Q 856 52.09 -175.86 38.21
N MET Q 857 50.82 -175.47 38.43
CA MET Q 857 49.69 -176.36 38.20
C MET Q 857 49.53 -176.75 36.74
N ILE Q 858 50.25 -176.11 35.83
CA ILE Q 858 50.22 -176.47 34.41
C ILE Q 858 51.23 -177.57 34.16
N THR Q 859 51.25 -178.57 35.06
CA THR Q 859 52.17 -179.71 34.98
C THR Q 859 53.62 -179.24 34.94
N ALA Q 860 54.05 -178.65 36.05
CA ALA Q 860 55.43 -178.21 36.18
C ALA Q 860 56.12 -178.94 37.33
N ILE Q 861 55.90 -178.49 38.57
CA ILE Q 861 56.51 -179.14 39.72
C ILE Q 861 55.98 -180.55 39.88
N THR Q 862 54.66 -180.73 39.71
CA THR Q 862 54.08 -182.07 39.82
C THR Q 862 54.60 -182.99 38.73
N SER Q 863 54.74 -182.47 37.50
CA SER Q 863 55.27 -183.27 36.42
C SER Q 863 56.72 -183.67 36.68
N TYR Q 864 57.53 -182.74 37.20
CA TYR Q 864 58.92 -183.05 37.53
C TYR Q 864 58.99 -184.09 38.64
N LEU Q 865 58.13 -183.98 39.65
CA LEU Q 865 58.11 -184.96 40.73
C LEU Q 865 57.70 -186.34 40.21
N LEU Q 866 56.70 -186.39 39.33
CA LEU Q 866 56.27 -187.66 38.77
C LEU Q 866 57.34 -188.28 37.88
N GLN Q 867 58.10 -187.44 37.16
CA GLN Q 867 59.17 -187.96 36.32
C GLN Q 867 60.36 -188.44 37.16
N LEU Q 868 60.64 -187.77 38.27
CA LEU Q 868 61.73 -188.19 39.13
C LEU Q 868 61.38 -189.42 39.96
N LEU Q 869 60.11 -189.59 40.32
CA LEU Q 869 59.68 -190.74 41.10
C LEU Q 869 59.54 -192.01 40.27
N TRP Q 870 59.58 -191.91 38.95
CA TRP Q 870 59.46 -193.09 38.10
C TRP Q 870 60.76 -193.89 38.12
N PRO Q 871 60.67 -195.22 38.06
CA PRO Q 871 61.90 -196.03 38.09
C PRO Q 871 62.03 -196.92 36.85
N SER Q 872 61.19 -197.96 36.79
CA SER Q 872 61.22 -198.89 35.66
C SER Q 872 60.47 -198.37 34.44
N ASN Q 873 59.71 -197.28 34.58
CA ASN Q 873 58.95 -196.73 33.46
C ASN Q 873 59.88 -195.96 32.54
N PRO Q 874 60.93 -195.33 33.08
CA PRO Q 874 61.86 -194.57 32.21
C PRO Q 874 63.01 -195.42 31.72
N GLY Q 875 63.37 -196.45 32.48
CA GLY Q 875 64.45 -197.34 32.13
C GLY Q 875 65.82 -196.94 32.66
N CYS Q 876 65.98 -195.69 33.09
CA CYS Q 876 67.25 -195.22 33.63
C CYS Q 876 66.98 -194.23 34.75
N LEU Q 877 68.01 -194.00 35.57
CA LEU Q 877 67.90 -193.07 36.67
C LEU Q 877 67.98 -191.63 36.19
N PHE Q 878 67.21 -190.75 36.82
CA PHE Q 878 67.21 -189.35 36.42
C PHE Q 878 68.46 -188.62 36.93
N LEU Q 879 69.04 -189.09 38.03
CA LEU Q 879 70.24 -188.45 38.57
C LEU Q 879 71.42 -188.60 37.62
N GLU Q 880 71.59 -189.79 37.04
CA GLU Q 880 72.69 -189.99 36.09
C GLU Q 880 72.51 -189.13 34.85
N CYS Q 881 71.27 -189.02 34.35
CA CYS Q 881 71.01 -188.17 33.19
C CYS Q 881 71.27 -186.71 33.50
N LEU Q 882 70.87 -186.26 34.70
CA LEU Q 882 71.13 -184.87 35.09
C LEU Q 882 72.62 -184.61 35.21
N MET Q 883 73.37 -185.56 35.79
CA MET Q 883 74.82 -185.40 35.90
C MET Q 883 75.47 -185.35 34.53
N GLY Q 884 75.04 -186.22 33.61
CA GLY Q 884 75.59 -186.21 32.26
C GLY Q 884 75.25 -184.94 31.50
N ASN Q 885 74.07 -184.38 31.74
CA ASN Q 885 73.71 -183.13 31.07
C ASN Q 885 74.46 -181.95 31.68
N CYS Q 886 74.75 -182.00 32.98
CA CYS Q 886 75.48 -180.91 33.62
C CYS Q 886 76.97 -180.96 33.32
N GLN Q 887 77.52 -182.16 33.10
CA GLN Q 887 78.94 -182.28 32.80
C GLN Q 887 79.29 -181.80 31.38
N TYR Q 888 78.28 -181.65 30.52
CA TYR Q 888 78.49 -181.19 29.15
C TYR Q 888 78.41 -179.68 29.01
N VAL Q 889 78.63 -178.94 30.10
CA VAL Q 889 78.57 -177.48 30.07
C VAL Q 889 79.58 -176.92 31.06
N GLN Q 890 79.13 -176.64 32.28
CA GLN Q 890 80.01 -176.09 33.32
C GLN Q 890 79.78 -176.80 34.64
N LEU Q 891 80.10 -176.12 35.74
CA LEU Q 891 79.95 -176.66 37.10
C LEU Q 891 80.73 -177.97 37.25
N GLN Q 892 82.03 -177.88 37.01
CA GLN Q 892 82.90 -179.04 37.12
C GLN Q 892 83.37 -179.30 38.55
N ASP Q 893 83.14 -178.37 39.46
CA ASP Q 893 83.56 -178.57 40.84
C ASP Q 893 82.60 -179.49 41.60
N TYR Q 894 81.30 -179.27 41.43
CA TYR Q 894 80.30 -180.10 42.09
C TYR Q 894 80.04 -181.42 41.38
N ILE Q 895 80.48 -181.56 40.13
CA ILE Q 895 80.27 -182.80 39.40
C ILE Q 895 81.06 -183.94 40.02
N GLN Q 896 82.27 -183.66 40.50
CA GLN Q 896 83.08 -184.69 41.13
C GLN Q 896 82.46 -185.16 42.45
N LEU Q 897 81.80 -184.26 43.18
CA LEU Q 897 81.14 -184.66 44.41
C LEU Q 897 79.79 -185.32 44.15
N LEU Q 898 79.16 -185.00 43.02
CA LEU Q 898 77.87 -185.61 42.69
C LEU Q 898 78.04 -187.02 42.11
N HIS Q 899 79.12 -187.26 41.35
CA HIS Q 899 79.36 -188.57 40.77
C HIS Q 899 79.84 -189.54 41.83
N PRO Q 900 80.49 -189.06 42.89
CA PRO Q 900 80.96 -189.98 43.94
C PRO Q 900 79.87 -190.47 44.87
N TRP Q 901 78.76 -189.76 44.97
CA TRP Q 901 77.65 -190.14 45.85
C TRP Q 901 76.46 -190.68 45.07
N CYS Q 902 76.61 -190.94 43.77
CA CYS Q 902 75.53 -191.45 42.95
C CYS Q 902 75.64 -192.97 42.82
N GLN Q 903 74.72 -193.56 42.06
CA GLN Q 903 74.72 -194.99 41.86
C GLN Q 903 75.63 -195.37 40.70
N VAL Q 904 76.34 -196.49 40.88
CA VAL Q 904 77.26 -196.99 39.86
C VAL Q 904 76.63 -198.03 38.95
N ASN Q 905 75.31 -198.26 39.09
CA ASN Q 905 74.64 -199.24 38.25
C ASN Q 905 74.27 -198.69 36.88
N VAL Q 906 74.28 -197.37 36.71
CA VAL Q 906 73.96 -196.77 35.43
C VAL Q 906 75.14 -196.90 34.48
N GLY Q 907 74.84 -196.90 33.18
CA GLY Q 907 75.88 -197.03 32.17
C GLY Q 907 76.63 -195.74 31.94
N SER Q 908 75.93 -194.61 31.96
CA SER Q 908 76.55 -193.31 31.75
C SER Q 908 77.18 -192.74 33.01
N CYS Q 909 76.88 -193.30 34.19
CA CYS Q 909 77.46 -192.79 35.42
C CYS Q 909 78.97 -192.99 35.46
N ARG Q 910 79.45 -194.15 35.00
CA ARG Q 910 80.89 -194.40 34.96
C ARG Q 910 81.59 -193.44 33.99
N PHE Q 911 80.97 -193.19 32.84
CA PHE Q 911 81.56 -192.26 31.88
C PHE Q 911 81.58 -190.85 32.44
N MET Q 912 80.51 -190.43 33.13
CA MET Q 912 80.49 -189.10 33.74
C MET Q 912 81.55 -188.97 34.82
N LEU Q 913 81.72 -190.02 35.64
CA LEU Q 913 82.75 -190.00 36.67
C LEU Q 913 84.14 -189.93 36.07
N GLY Q 914 84.37 -190.69 35.00
CA GLY Q 914 85.66 -190.63 34.33
C GLY Q 914 85.95 -189.27 33.72
N ARG Q 915 84.92 -188.65 33.11
CA ARG Q 915 85.10 -187.33 32.54
C ARG Q 915 85.37 -186.29 33.63
N CYS Q 916 84.68 -186.39 34.76
CA CYS Q 916 84.90 -185.46 35.86
C CYS Q 916 86.29 -185.65 36.47
N TYR Q 917 86.78 -186.89 36.52
CA TYR Q 917 88.12 -187.14 37.05
C TYR Q 917 89.20 -186.66 36.08
N LEU Q 918 88.96 -186.79 34.78
CA LEU Q 918 89.94 -186.34 33.79
C LEU Q 918 89.96 -184.83 33.65
N VAL Q 919 88.81 -184.17 33.82
CA VAL Q 919 88.75 -182.71 33.70
C VAL Q 919 89.28 -182.00 34.93
N THR Q 920 89.41 -182.71 36.06
CA THR Q 920 89.92 -182.11 37.29
C THR Q 920 91.42 -182.25 37.47
N GLY Q 921 92.05 -183.25 36.85
CA GLY Q 921 93.47 -183.48 36.94
C GLY Q 921 93.85 -184.88 37.39
N GLU Q 922 92.94 -185.61 38.02
CA GLU Q 922 93.21 -186.96 38.49
C GLU Q 922 93.11 -187.91 37.31
N GLY Q 923 94.24 -188.12 36.64
CA GLY Q 923 94.24 -189.01 35.48
C GLY Q 923 94.20 -190.47 35.86
N GLN Q 924 94.74 -190.83 37.02
CA GLN Q 924 94.73 -192.22 37.45
C GLN Q 924 93.31 -192.72 37.72
N LYS Q 925 92.49 -191.89 38.38
CA LYS Q 925 91.11 -192.29 38.63
C LYS Q 925 90.33 -192.43 37.33
N ALA Q 926 90.54 -191.51 36.38
CA ALA Q 926 89.86 -191.60 35.10
C ALA Q 926 90.29 -192.85 34.34
N LEU Q 927 91.58 -193.18 34.37
CA LEU Q 927 92.07 -194.38 33.70
C LEU Q 927 91.49 -195.64 34.35
N GLU Q 928 91.41 -195.66 35.68
CA GLU Q 928 90.84 -196.81 36.36
C GLU Q 928 89.35 -196.96 36.09
N CYS Q 929 88.64 -195.83 35.96
CA CYS Q 929 87.22 -195.90 35.64
C CYS Q 929 86.97 -196.32 34.20
N PHE Q 930 87.87 -195.92 33.28
CA PHE Q 930 87.71 -196.30 31.88
C PHE Q 930 88.12 -197.73 31.62
N CYS Q 931 89.12 -198.24 32.35
CA CYS Q 931 89.56 -199.61 32.17
C CYS Q 931 88.61 -200.63 32.81
N GLN Q 932 87.82 -200.22 33.80
CA GLN Q 932 86.89 -201.14 34.44
C GLN Q 932 85.62 -201.36 33.63
N ALA Q 933 85.33 -200.48 32.66
CA ALA Q 933 84.15 -200.60 31.82
C ALA Q 933 84.46 -201.22 30.47
N ALA Q 934 85.39 -202.16 30.43
CA ALA Q 934 85.76 -202.81 29.18
C ALA Q 934 84.70 -203.85 28.79
N SER Q 935 84.11 -203.67 27.61
CA SER Q 935 83.08 -204.57 27.09
C SER Q 935 81.91 -204.66 28.06
N GLU Q 936 81.42 -203.50 28.49
CA GLU Q 936 80.29 -203.44 29.41
C GLU Q 936 79.48 -202.16 29.20
N VAL Q 937 80.15 -201.02 29.24
CA VAL Q 937 79.51 -199.72 29.05
C VAL Q 937 80.16 -199.02 27.86
N GLY Q 938 79.51 -197.96 27.40
CA GLY Q 938 79.98 -197.17 26.28
C GLY Q 938 80.29 -195.73 26.67
N LYS Q 939 80.96 -195.04 25.74
CA LYS Q 939 81.34 -193.65 26.01
C LYS Q 939 81.29 -192.78 24.76
N GLU Q 940 80.43 -193.06 23.78
CA GLU Q 940 80.29 -192.26 22.57
C GLU Q 940 81.61 -192.13 21.83
N GLU Q 941 82.15 -190.90 21.78
CA GLU Q 941 83.40 -190.66 21.07
C GLU Q 941 84.60 -191.26 21.78
N PHE Q 942 84.56 -191.36 23.11
CA PHE Q 942 85.67 -191.93 23.87
C PHE Q 942 85.75 -193.45 23.75
N LEU Q 943 84.69 -194.10 23.24
CA LEU Q 943 84.68 -195.54 23.08
C LEU Q 943 84.44 -195.97 21.64
N ASP Q 944 84.24 -195.04 20.72
CA ASP Q 944 84.05 -195.40 19.32
C ASP Q 944 85.29 -196.07 18.73
N ARG Q 945 86.47 -195.55 19.08
CA ARG Q 945 87.70 -196.15 18.59
C ARG Q 945 87.87 -197.57 19.13
N LEU Q 946 87.56 -197.78 20.40
CA LEU Q 946 87.67 -199.12 20.98
C LEU Q 946 86.65 -200.07 20.35
N ILE Q 947 85.44 -199.59 20.09
CA ILE Q 947 84.44 -200.43 19.45
C ILE Q 947 84.87 -200.80 18.04
N ARG Q 948 85.45 -199.85 17.31
CA ARG Q 948 85.93 -200.14 15.96
C ARG Q 948 87.09 -201.14 16.00
N SER Q 949 88.00 -200.99 16.95
CA SER Q 949 89.12 -201.91 17.07
C SER Q 949 88.65 -203.31 17.46
N GLU Q 950 87.60 -203.40 18.28
CA GLU Q 950 87.05 -204.71 18.64
C GLU Q 950 86.27 -205.34 17.50
N ASP Q 951 85.61 -204.54 16.68
CA ASP Q 951 84.84 -205.07 15.56
C ASP Q 951 85.73 -205.44 14.38
N GLY Q 952 86.90 -204.79 14.26
CA GLY Q 952 87.80 -205.12 13.17
C GLY Q 952 88.39 -206.51 13.24
N GLU Q 953 88.45 -207.10 14.44
CA GLU Q 953 88.97 -208.45 14.61
C GLU Q 953 87.92 -209.53 14.42
N ILE Q 954 86.68 -209.15 14.13
CA ILE Q 954 85.57 -210.09 13.92
C ILE Q 954 85.40 -210.98 15.15
N VAL Q 955 85.52 -210.39 16.33
CA VAL Q 955 85.38 -211.13 17.59
C VAL Q 955 85.00 -210.17 18.70
N SER Q 956 85.30 -210.54 19.95
CA SER Q 956 84.98 -209.71 21.10
C SER Q 956 86.03 -210.01 22.19
N THR Q 957 87.08 -209.19 22.21
CA THR Q 957 88.14 -209.39 23.19
C THR Q 957 87.70 -208.85 24.55
N PRO Q 958 88.13 -209.50 25.64
CA PRO Q 958 87.74 -209.04 26.98
C PRO Q 958 88.70 -207.99 27.53
N ARG Q 959 90.00 -208.28 27.45
CA ARG Q 959 91.02 -207.36 27.95
C ARG Q 959 92.14 -207.12 26.93
N LEU Q 960 91.95 -207.53 25.68
CA LEU Q 960 92.97 -207.33 24.66
C LEU Q 960 92.73 -206.07 23.82
N GLN Q 961 91.46 -205.79 23.48
CA GLN Q 961 91.15 -204.60 22.70
C GLN Q 961 91.45 -203.33 23.46
N TYR Q 962 91.10 -203.29 24.75
CA TYR Q 962 91.38 -202.12 25.56
C TYR Q 962 92.88 -201.91 25.72
N TYR Q 963 93.64 -202.99 25.92
CA TYR Q 963 95.09 -202.88 26.04
C TYR Q 963 95.70 -202.40 24.73
N ASP Q 964 95.21 -202.90 23.59
CA ASP Q 964 95.73 -202.45 22.31
C ASP Q 964 95.40 -200.97 22.07
N LYS Q 965 94.21 -200.54 22.45
CA LYS Q 965 93.85 -199.13 22.30
C LYS Q 965 94.72 -198.25 23.20
N VAL Q 966 94.98 -198.70 24.43
CA VAL Q 966 95.83 -197.93 25.33
C VAL Q 966 97.26 -197.85 24.78
N LEU Q 967 97.77 -198.95 24.22
CA LEU Q 967 99.10 -198.94 23.64
C LEU Q 967 99.16 -198.00 22.43
N ARG Q 968 98.13 -198.01 21.60
CA ARG Q 968 98.10 -197.11 20.44
C ARG Q 968 98.03 -195.66 20.87
N LEU Q 969 97.24 -195.36 21.91
CA LEU Q 969 97.15 -194.00 22.41
C LEU Q 969 98.47 -193.54 23.05
N LEU Q 970 99.18 -194.45 23.70
CA LEU Q 970 100.46 -194.10 24.29
C LEU Q 970 101.54 -193.92 23.23
N ASP Q 971 101.48 -194.70 22.15
CA ASP Q 971 102.47 -194.56 21.08
C ASP Q 971 102.20 -193.34 20.21
N VAL Q 972 100.93 -192.96 20.04
CA VAL Q 972 100.60 -191.79 19.23
C VAL Q 972 100.81 -190.48 19.96
N ILE Q 973 101.06 -190.52 21.27
CA ILE Q 973 101.28 -189.30 22.04
C ILE Q 973 102.76 -188.95 22.10
N GLY Q 974 103.61 -189.90 22.45
CA GLY Q 974 105.04 -189.65 22.53
C GLY Q 974 105.76 -190.57 23.49
N LEU Q 975 105.00 -191.44 24.16
CA LEU Q 975 105.57 -192.38 25.13
C LEU Q 975 106.20 -193.55 24.40
N PRO Q 976 106.99 -194.36 25.10
CA PRO Q 976 107.64 -195.51 24.45
C PRO Q 976 107.68 -196.74 25.34
N GLU Q 977 107.92 -196.52 26.64
CA GLU Q 977 107.98 -197.65 27.57
C GLU Q 977 106.59 -198.12 27.95
N LEU Q 978 105.66 -197.20 28.20
CA LEU Q 978 104.30 -197.58 28.56
C LEU Q 978 103.60 -198.28 27.41
N VAL Q 979 103.79 -197.80 26.18
CA VAL Q 979 103.18 -198.44 25.03
C VAL Q 979 103.73 -199.84 24.82
N ILE Q 980 105.05 -200.01 25.01
CA ILE Q 980 105.66 -201.33 24.87
C ILE Q 980 105.15 -202.27 25.94
N GLN Q 981 105.01 -201.77 27.17
CA GLN Q 981 104.48 -202.61 28.25
C GLN Q 981 103.04 -203.02 27.98
N LEU Q 982 102.22 -202.09 27.48
CA LEU Q 982 100.84 -202.42 27.15
C LEU Q 982 100.76 -203.43 26.02
N ALA Q 983 101.61 -203.29 25.01
CA ALA Q 983 101.64 -204.26 23.91
C ALA Q 983 102.07 -205.63 24.41
N THR Q 984 103.07 -205.69 25.29
CA THR Q 984 103.51 -206.96 25.84
C THR Q 984 102.40 -207.61 26.67
N SER Q 985 101.68 -206.80 27.47
CA SER Q 985 100.58 -207.34 28.25
C SER Q 985 99.46 -207.85 27.36
N ALA Q 986 99.16 -207.14 26.28
CA ALA Q 986 98.12 -207.58 25.37
C ALA Q 986 98.52 -208.86 24.64
N ILE Q 987 99.82 -208.99 24.31
CA ILE Q 987 100.29 -210.20 23.63
C ILE Q 987 100.30 -211.37 24.60
N THR Q 988 100.57 -211.12 25.89
CA THR Q 988 100.58 -212.21 26.86
C THR Q 988 99.17 -212.65 27.20
N GLU Q 989 98.24 -211.72 27.33
CA GLU Q 989 96.85 -212.03 27.65
C GLU Q 989 96.04 -212.05 26.35
N ALA Q 990 96.12 -213.19 25.65
CA ALA Q 990 95.42 -213.40 24.39
C ALA Q 990 94.56 -214.65 24.53
N GLY Q 991 93.39 -214.49 25.13
CA GLY Q 991 92.45 -215.57 25.35
C GLY Q 991 91.50 -215.84 24.21
N ASP Q 992 91.65 -215.15 23.09
CA ASP Q 992 90.75 -215.35 21.94
C ASP Q 992 91.25 -216.48 21.03
N ASP Q 993 92.54 -216.51 20.73
CA ASP Q 993 93.13 -217.54 19.87
C ASP Q 993 92.46 -217.57 18.50
N TRP Q 994 92.30 -216.40 17.91
CA TRP Q 994 91.68 -216.25 16.61
C TRP Q 994 92.74 -215.97 15.54
N LYS Q 995 92.28 -215.74 14.32
CA LYS Q 995 93.18 -215.45 13.21
C LYS Q 995 93.61 -213.99 13.14
N SER Q 996 92.99 -213.12 13.94
CA SER Q 996 93.32 -211.70 13.95
C SER Q 996 94.32 -211.33 15.05
N GLN Q 997 95.27 -212.22 15.35
CA GLN Q 997 96.27 -211.97 16.37
C GLN Q 997 97.49 -211.23 15.84
N ALA Q 998 97.54 -210.94 14.54
CA ALA Q 998 98.68 -210.23 13.97
C ALA Q 998 98.66 -208.75 14.29
N THR Q 999 97.49 -208.18 14.60
CA THR Q 999 97.42 -206.76 14.92
C THR Q 999 98.18 -206.44 16.20
N LEU Q 1000 98.14 -207.33 17.17
CA LEU Q 1000 98.88 -207.10 18.41
C LEU Q 1000 100.37 -207.33 18.19
N ARG Q 1001 100.73 -208.32 17.38
CA ARG Q 1001 102.14 -208.58 17.10
C ARG Q 1001 102.79 -207.42 16.35
N THR Q 1002 102.07 -206.84 15.39
CA THR Q 1002 102.61 -205.70 14.65
C THR Q 1002 102.80 -204.50 15.57
N CYS Q 1003 101.85 -204.26 16.47
CA CYS Q 1003 101.98 -203.16 17.42
C CYS Q 1003 103.14 -203.38 18.38
N ILE Q 1004 103.32 -204.62 18.84
CA ILE Q 1004 104.45 -204.92 19.73
C ILE Q 1004 105.77 -204.73 19.00
N PHE Q 1005 105.84 -205.15 17.73
CA PHE Q 1005 107.06 -204.96 16.96
C PHE Q 1005 107.35 -203.48 16.73
N LYS Q 1006 106.32 -202.69 16.44
CA LYS Q 1006 106.50 -201.26 16.26
C LYS Q 1006 106.97 -200.60 17.55
N HIS Q 1007 106.39 -201.00 18.69
CA HIS Q 1007 106.81 -200.43 19.97
C HIS Q 1007 108.26 -200.82 20.30
N HIS Q 1008 108.64 -202.06 20.01
CA HIS Q 1008 110.02 -202.48 20.27
C HIS Q 1008 111.00 -201.77 19.35
N LEU Q 1009 110.59 -201.48 18.10
CA LEU Q 1009 111.47 -200.75 17.20
C LEU Q 1009 111.58 -199.28 17.58
N ASP Q 1010 110.50 -198.68 18.09
CA ASP Q 1010 110.54 -197.29 18.50
C ASP Q 1010 111.28 -197.09 19.82
N LEU Q 1011 111.19 -198.05 20.73
CA LEU Q 1011 111.88 -197.96 22.01
C LEU Q 1011 113.29 -198.52 21.92
N GLY Q 1012 113.40 -199.85 21.86
CA GLY Q 1012 114.69 -200.50 21.77
C GLY Q 1012 115.26 -200.89 23.12
N HIS Q 1013 116.21 -200.09 23.61
CA HIS Q 1013 116.85 -200.32 24.90
C HIS Q 1013 117.47 -201.71 24.98
N ASN Q 1014 116.68 -202.70 25.38
CA ASN Q 1014 117.17 -204.07 25.49
C ASN Q 1014 117.28 -204.71 24.11
N SER Q 1015 117.86 -205.90 24.08
CA SER Q 1015 118.05 -206.66 22.86
C SER Q 1015 116.88 -207.59 22.55
N GLN Q 1016 115.72 -207.36 23.16
CA GLN Q 1016 114.54 -208.18 22.94
C GLN Q 1016 113.74 -207.75 21.72
N ALA Q 1017 114.16 -206.70 21.01
CA ALA Q 1017 113.43 -206.26 19.84
C ALA Q 1017 113.68 -207.17 18.64
N TYR Q 1018 114.81 -207.87 18.62
CA TYR Q 1018 115.12 -208.76 17.51
C TYR Q 1018 114.36 -210.07 17.58
N GLU Q 1019 113.79 -210.42 18.72
CA GLU Q 1019 113.05 -211.66 18.85
C GLU Q 1019 111.68 -211.56 18.17
N ALA Q 1020 111.02 -210.40 18.29
CA ALA Q 1020 109.71 -210.23 17.68
C ALA Q 1020 109.82 -210.04 16.17
N LEU Q 1021 110.87 -209.37 15.70
CA LEU Q 1021 111.05 -209.17 14.27
C LEU Q 1021 111.32 -210.49 13.54
N THR Q 1022 112.11 -211.37 14.15
CA THR Q 1022 112.38 -212.67 13.54
C THR Q 1022 111.20 -213.63 13.65
N GLN Q 1023 110.25 -213.36 14.55
CA GLN Q 1023 109.09 -214.22 14.71
C GLN Q 1023 107.91 -213.77 13.85
N ILE Q 1024 107.75 -212.46 13.64
CA ILE Q 1024 106.67 -211.95 12.81
C ILE Q 1024 106.99 -212.22 11.35
N PRO Q 1025 108.26 -212.27 10.96
CA PRO Q 1025 108.60 -212.52 9.56
C PRO Q 1025 108.69 -214.00 9.19
N ASP Q 1026 108.76 -214.90 10.16
CA ASP Q 1026 108.85 -216.33 9.90
C ASP Q 1026 107.49 -217.01 9.81
N SER Q 1027 106.42 -216.35 10.27
CA SER Q 1027 105.08 -216.93 10.23
C SER Q 1027 104.33 -216.57 8.94
N SER Q 1028 104.51 -215.35 8.45
CA SER Q 1028 103.84 -214.91 7.23
C SER Q 1028 104.86 -214.14 6.40
N ARG Q 1029 104.38 -213.38 5.43
CA ARG Q 1029 105.23 -212.57 4.55
C ARG Q 1029 105.19 -211.10 4.94
N GLN Q 1030 105.40 -210.82 6.22
CA GLN Q 1030 105.39 -209.45 6.72
C GLN Q 1030 106.82 -208.95 6.88
N LEU Q 1031 107.45 -208.69 5.72
CA LEU Q 1031 108.81 -208.20 5.70
C LEU Q 1031 108.91 -206.69 5.88
N ASP Q 1032 107.80 -205.96 5.66
CA ASP Q 1032 107.83 -204.52 5.81
C ASP Q 1032 108.09 -204.11 7.26
N CYS Q 1033 107.46 -204.80 8.21
CA CYS Q 1033 107.68 -204.49 9.62
C CYS Q 1033 109.13 -204.77 10.02
N LEU Q 1034 109.69 -205.89 9.55
CA LEU Q 1034 111.07 -206.21 9.85
C LEU Q 1034 112.02 -205.18 9.24
N ARG Q 1035 111.74 -204.75 8.01
CA ARG Q 1035 112.58 -203.73 7.38
C ARG Q 1035 112.50 -202.41 8.13
N GLN Q 1036 111.30 -202.03 8.57
CA GLN Q 1036 111.16 -200.79 9.33
C GLN Q 1036 111.89 -200.88 10.67
N LEU Q 1037 111.81 -202.04 11.34
CA LEU Q 1037 112.52 -202.22 12.60
C LEU Q 1037 114.03 -202.16 12.39
N VAL Q 1038 114.53 -202.77 11.31
CA VAL Q 1038 115.96 -202.72 11.04
C VAL Q 1038 116.41 -201.30 10.73
N VAL Q 1039 115.58 -200.55 9.98
CA VAL Q 1039 115.92 -199.16 9.67
C VAL Q 1039 115.94 -198.32 10.94
N VAL Q 1040 114.98 -198.55 11.84
CA VAL Q 1040 114.94 -197.79 13.09
C VAL Q 1040 116.15 -198.13 13.95
N LEU Q 1041 116.52 -199.40 14.01
CA LEU Q 1041 117.69 -199.79 14.80
C LEU Q 1041 118.97 -199.24 14.21
N CYS Q 1042 119.05 -199.13 12.88
CA CYS Q 1042 120.25 -198.56 12.26
C CYS Q 1042 120.30 -197.05 12.43
N GLU Q 1043 119.16 -196.37 12.43
CA GLU Q 1043 119.14 -194.93 12.59
C GLU Q 1043 119.24 -194.50 14.05
N ARG Q 1044 118.95 -195.39 15.00
CA ARG Q 1044 119.02 -195.08 16.41
C ARG Q 1044 120.42 -195.25 17.00
N SER Q 1045 121.45 -195.21 16.16
CA SER Q 1045 122.84 -195.35 16.59
C SER Q 1045 123.06 -196.65 17.36
N GLN Q 1046 123.08 -197.77 16.64
CA GLN Q 1046 123.28 -199.08 17.25
C GLN Q 1046 124.02 -199.98 16.27
N LEU Q 1047 125.21 -199.54 15.85
CA LEU Q 1047 126.00 -200.31 14.90
C LEU Q 1047 126.67 -201.52 15.56
N GLN Q 1048 127.07 -201.38 16.82
CA GLN Q 1048 127.72 -202.47 17.54
C GLN Q 1048 126.74 -203.43 18.18
N ASP Q 1049 125.45 -203.12 18.16
CA ASP Q 1049 124.44 -203.98 18.76
C ASP Q 1049 123.55 -204.69 17.74
N LEU Q 1050 123.25 -204.05 16.61
CA LEU Q 1050 122.42 -204.66 15.59
C LEU Q 1050 123.15 -205.72 14.77
N VAL Q 1051 124.48 -205.71 14.79
CA VAL Q 1051 125.23 -206.70 14.03
C VAL Q 1051 125.24 -208.04 14.74
N GLU Q 1052 125.29 -208.04 16.07
CA GLU Q 1052 125.30 -209.27 16.84
C GLU Q 1052 123.91 -209.83 17.10
N PHE Q 1053 122.88 -208.99 17.08
CA PHE Q 1053 121.51 -209.44 17.33
C PHE Q 1053 120.96 -210.11 16.07
N PRO Q 1054 121.45 -209.74 14.89
CA PRO Q 1054 120.93 -210.36 13.65
C PRO Q 1054 121.46 -211.76 13.40
N TYR Q 1055 122.56 -212.15 14.04
CA TYR Q 1055 123.10 -213.49 13.84
C TYR Q 1055 122.34 -214.56 14.59
N VAL Q 1056 121.56 -214.18 15.60
CA VAL Q 1056 120.79 -215.16 16.37
C VAL Q 1056 119.46 -215.53 15.71
N ASN Q 1057 119.11 -214.88 14.60
CA ASN Q 1057 117.87 -215.15 13.90
C ASN Q 1057 118.15 -216.14 12.76
N LEU Q 1058 117.23 -216.25 11.81
CA LEU Q 1058 117.39 -217.16 10.70
C LEU Q 1058 118.38 -216.58 9.68
N HIS Q 1059 118.92 -217.47 8.84
CA HIS Q 1059 119.88 -217.05 7.83
C HIS Q 1059 119.19 -216.36 6.66
N ASN Q 1060 118.04 -216.89 6.21
CA ASN Q 1060 117.33 -216.28 5.09
C ASN Q 1060 116.80 -214.90 5.45
N GLU Q 1061 116.25 -214.74 6.66
CA GLU Q 1061 115.75 -213.44 7.09
C GLU Q 1061 116.89 -212.43 7.21
N VAL Q 1062 118.04 -212.87 7.73
CA VAL Q 1062 119.19 -211.97 7.85
C VAL Q 1062 119.69 -211.56 6.46
N VAL Q 1063 119.73 -212.51 5.53
CA VAL Q 1063 120.18 -212.19 4.17
C VAL Q 1063 119.22 -211.22 3.51
N GLY Q 1064 117.91 -211.42 3.72
CA GLY Q 1064 116.93 -210.50 3.15
C GLY Q 1064 117.04 -209.11 3.75
N ILE Q 1065 117.27 -209.02 5.06
CA ILE Q 1065 117.43 -207.72 5.71
C ILE Q 1065 118.69 -207.03 5.20
N ILE Q 1066 119.76 -207.79 5.00
CA ILE Q 1066 121.01 -207.20 4.48
C ILE Q 1066 120.82 -206.71 3.06
N GLU Q 1067 120.10 -207.48 2.23
CA GLU Q 1067 119.85 -207.05 0.86
C GLU Q 1067 118.93 -205.83 0.81
N SER Q 1068 117.99 -205.73 1.74
CA SER Q 1068 117.11 -204.56 1.77
C SER Q 1068 117.84 -203.32 2.29
N ARG Q 1069 118.78 -203.50 3.21
CA ARG Q 1069 119.52 -202.37 3.75
C ARG Q 1069 120.61 -201.90 2.79
N ALA Q 1070 121.20 -202.81 2.02
CA ALA Q 1070 122.24 -202.43 1.08
C ALA Q 1070 121.69 -201.71 -0.13
N ARG Q 1071 120.43 -201.96 -0.49
CA ARG Q 1071 119.80 -201.30 -1.64
C ARG Q 1071 119.04 -200.06 -1.17
N ALA Q 1072 119.81 -199.08 -0.72
CA ALA Q 1072 119.25 -197.84 -0.22
C ALA Q 1072 119.01 -196.87 -1.39
N VAL Q 1073 118.48 -195.69 -1.06
CA VAL Q 1073 118.20 -194.69 -2.08
C VAL Q 1073 119.48 -193.97 -2.50
N ASP Q 1074 120.20 -193.41 -1.52
CA ASP Q 1074 121.44 -192.70 -1.79
C ASP Q 1074 122.36 -192.87 -0.57
N LEU Q 1075 123.31 -191.96 -0.42
CA LEU Q 1075 124.25 -192.00 0.69
C LEU Q 1075 124.41 -190.60 1.26
N MET Q 1076 124.74 -190.54 2.56
CA MET Q 1076 124.92 -189.27 3.23
C MET Q 1076 126.11 -189.32 4.19
N THR Q 1077 125.94 -188.77 5.39
CA THR Q 1077 127.04 -188.79 6.37
C THR Q 1077 127.24 -190.17 6.97
N HIS Q 1078 126.16 -190.96 7.09
CA HIS Q 1078 126.24 -192.31 7.63
C HIS Q 1078 126.54 -193.36 6.57
N ASN Q 1079 127.12 -192.95 5.44
CA ASN Q 1079 127.42 -193.91 4.37
C ASN Q 1079 128.47 -194.91 4.81
N TYR Q 1080 129.50 -194.46 5.53
CA TYR Q 1080 130.52 -195.36 6.02
C TYR Q 1080 129.95 -196.37 7.01
N TYR Q 1081 129.08 -195.89 7.91
CA TYR Q 1081 128.46 -196.81 8.88
C TYR Q 1081 127.55 -197.82 8.17
N GLU Q 1082 126.81 -197.37 7.17
CA GLU Q 1082 125.95 -198.29 6.42
C GLU Q 1082 126.78 -199.33 5.67
N LEU Q 1083 127.90 -198.90 5.08
CA LEU Q 1083 128.77 -199.83 4.38
C LEU Q 1083 129.39 -200.84 5.34
N LEU Q 1084 129.80 -200.39 6.52
CA LEU Q 1084 130.35 -201.29 7.52
C LEU Q 1084 129.31 -202.30 8.00
N TYR Q 1085 128.07 -201.83 8.22
CA TYR Q 1085 127.00 -202.74 8.64
C TYR Q 1085 126.70 -203.76 7.55
N ALA Q 1086 126.68 -203.32 6.29
CA ALA Q 1086 126.43 -204.26 5.19
C ALA Q 1086 127.56 -205.27 5.07
N PHE Q 1087 128.81 -204.83 5.24
CA PHE Q 1087 129.94 -205.75 5.19
C PHE Q 1087 129.89 -206.77 6.33
N HIS Q 1088 129.51 -206.31 7.52
CA HIS Q 1088 129.39 -207.24 8.65
C HIS Q 1088 128.26 -208.25 8.42
N ILE Q 1089 127.12 -207.78 7.91
CA ILE Q 1089 126.01 -208.69 7.65
C ILE Q 1089 126.37 -209.69 6.56
N TYR Q 1090 127.16 -209.27 5.57
CA TYR Q 1090 127.59 -210.18 4.52
C TYR Q 1090 128.61 -211.20 5.04
N ARG Q 1091 129.54 -210.75 5.89
CA ARG Q 1091 130.49 -211.68 6.49
C ARG Q 1091 129.79 -212.68 7.41
N HIS Q 1092 128.70 -212.27 8.05
CA HIS Q 1092 127.90 -213.18 8.85
C HIS Q 1092 126.98 -214.05 8.00
N ASN Q 1093 127.01 -213.90 6.68
CA ASN Q 1093 126.16 -214.70 5.80
C ASN Q 1093 127.00 -215.49 4.81
N TYR Q 1094 127.50 -214.84 3.77
CA TYR Q 1094 128.30 -215.52 2.75
C TYR Q 1094 129.22 -214.54 2.03
N ARG Q 1095 129.01 -213.24 2.26
CA ARG Q 1095 129.83 -212.18 1.68
C ARG Q 1095 129.79 -212.20 0.15
N LYS Q 1096 128.88 -211.42 -0.43
CA LYS Q 1096 128.76 -211.37 -1.89
C LYS Q 1096 128.50 -209.95 -2.37
N ALA Q 1097 127.81 -209.14 -1.55
CA ALA Q 1097 127.45 -207.79 -1.93
C ALA Q 1097 128.56 -206.78 -1.69
N GLY Q 1098 129.69 -207.20 -1.14
CA GLY Q 1098 130.78 -206.27 -0.88
C GLY Q 1098 131.35 -205.66 -2.14
N THR Q 1099 131.57 -206.48 -3.17
CA THR Q 1099 132.10 -205.98 -4.43
C THR Q 1099 131.11 -205.02 -5.10
N VAL Q 1100 129.82 -205.35 -5.04
CA VAL Q 1100 128.81 -204.47 -5.64
C VAL Q 1100 128.77 -203.15 -4.90
N MET Q 1101 128.85 -203.18 -3.57
CA MET Q 1101 128.85 -201.95 -2.79
C MET Q 1101 130.09 -201.11 -3.09
N PHE Q 1102 131.26 -201.75 -3.21
CA PHE Q 1102 132.47 -201.02 -3.54
C PHE Q 1102 132.39 -200.39 -4.93
N GLU Q 1103 131.84 -201.13 -5.90
CA GLU Q 1103 131.68 -200.58 -7.24
C GLU Q 1103 130.71 -199.41 -7.25
N TYR Q 1104 129.60 -199.52 -6.51
CA TYR Q 1104 128.66 -198.41 -6.43
C TYR Q 1104 129.29 -197.19 -5.78
N GLY Q 1105 130.07 -197.39 -4.72
CA GLY Q 1105 130.74 -196.28 -4.08
C GLY Q 1105 131.77 -195.62 -4.99
N MET Q 1106 132.53 -196.43 -5.73
CA MET Q 1106 133.51 -195.87 -6.66
C MET Q 1106 132.84 -195.14 -7.81
N ARG Q 1107 131.66 -195.60 -8.25
CA ARG Q 1107 130.96 -194.91 -9.33
C ARG Q 1107 130.31 -193.62 -8.83
N LEU Q 1108 129.86 -193.60 -7.57
CA LEU Q 1108 129.25 -192.40 -7.03
C LEU Q 1108 130.29 -191.34 -6.66
N GLY Q 1109 131.43 -191.75 -6.14
CA GLY Q 1109 132.47 -190.81 -5.77
C GLY Q 1109 133.60 -190.75 -6.76
N ARG Q 1110 133.28 -190.77 -8.05
CA ARG Q 1110 134.29 -190.72 -9.11
C ARG Q 1110 134.68 -189.30 -9.48
N GLU Q 1111 133.78 -188.32 -9.31
CA GLU Q 1111 134.05 -186.93 -9.64
C GLU Q 1111 134.21 -186.16 -8.33
N VAL Q 1112 135.46 -186.04 -7.87
CA VAL Q 1112 135.76 -185.34 -6.63
C VAL Q 1112 136.98 -184.45 -6.84
N ARG Q 1113 137.94 -184.54 -5.92
CA ARG Q 1113 139.16 -183.76 -5.99
C ARG Q 1113 140.29 -184.61 -6.57
N THR Q 1114 141.52 -184.12 -6.44
CA THR Q 1114 142.70 -184.83 -6.93
C THR Q 1114 143.46 -185.52 -5.80
N LEU Q 1115 143.83 -184.77 -4.76
CA LEU Q 1115 144.54 -185.37 -3.64
C LEU Q 1115 143.65 -186.38 -2.90
N ARG Q 1116 142.37 -186.06 -2.74
CA ARG Q 1116 141.46 -187.01 -2.11
C ARG Q 1116 141.13 -188.16 -3.04
N GLY Q 1117 141.05 -187.89 -4.34
CA GLY Q 1117 140.79 -188.96 -5.30
C GLY Q 1117 141.92 -189.98 -5.36
N LEU Q 1118 143.17 -189.51 -5.26
CA LEU Q 1118 144.30 -190.44 -5.25
C LEU Q 1118 144.27 -191.32 -4.01
N GLU Q 1119 143.94 -190.75 -2.85
CA GLU Q 1119 143.84 -191.54 -1.62
C GLU Q 1119 142.69 -192.54 -1.71
N LYS Q 1120 141.56 -192.13 -2.29
CA LYS Q 1120 140.45 -193.05 -2.46
C LYS Q 1120 140.82 -194.19 -3.39
N GLN Q 1121 141.52 -193.90 -4.48
CA GLN Q 1121 141.96 -194.95 -5.40
C GLN Q 1121 142.95 -195.89 -4.72
N GLY Q 1122 143.85 -195.34 -3.89
CA GLY Q 1122 144.78 -196.20 -3.17
C GLY Q 1122 144.08 -197.10 -2.17
N ASN Q 1123 143.09 -196.56 -1.44
CA ASN Q 1123 142.33 -197.38 -0.51
C ASN Q 1123 141.54 -198.46 -1.25
N CYS Q 1124 140.97 -198.13 -2.41
CA CYS Q 1124 140.25 -199.11 -3.20
C CYS Q 1124 141.18 -200.21 -3.69
N TYR Q 1125 142.40 -199.83 -4.11
CA TYR Q 1125 143.37 -200.83 -4.56
C TYR Q 1125 143.81 -201.72 -3.41
N LEU Q 1126 143.98 -201.14 -2.21
CA LEU Q 1126 144.34 -201.95 -1.05
C LEU Q 1126 143.23 -202.93 -0.69
N ALA Q 1127 141.97 -202.46 -0.72
CA ALA Q 1127 140.86 -203.36 -0.46
C ALA Q 1127 140.76 -204.46 -1.52
N ALA Q 1128 141.04 -204.12 -2.77
CA ALA Q 1128 141.04 -205.11 -3.84
C ALA Q 1128 142.13 -206.15 -3.63
N LEU Q 1129 143.33 -205.70 -3.23
CA LEU Q 1129 144.41 -206.64 -2.96
C LEU Q 1129 144.08 -207.56 -1.79
N ASN Q 1130 143.46 -207.01 -0.73
CA ASN Q 1130 143.05 -207.84 0.39
C ASN Q 1130 141.98 -208.85 -0.04
N CYS Q 1131 141.03 -208.42 -0.87
CA CYS Q 1131 140.00 -209.33 -1.35
C CYS Q 1131 140.60 -210.44 -2.21
N LEU Q 1132 141.60 -210.10 -3.03
CA LEU Q 1132 142.26 -211.11 -3.84
C LEU Q 1132 143.05 -212.08 -2.96
N ARG Q 1133 143.69 -211.58 -1.91
CA ARG Q 1133 144.39 -212.46 -0.97
C ARG Q 1133 143.42 -213.37 -0.23
N LEU Q 1134 142.18 -212.92 -0.04
CA LEU Q 1134 141.17 -213.75 0.62
C LEU Q 1134 140.02 -214.07 -0.33
N ILE Q 1135 140.32 -214.72 -1.45
CA ILE Q 1135 139.30 -215.04 -2.45
C ILE Q 1135 139.30 -216.53 -2.74
N ARG Q 1136 138.85 -216.92 -3.93
CA ARG Q 1136 138.76 -218.32 -4.30
C ARG Q 1136 138.78 -218.50 -5.82
N PRO Q 1137 137.65 -218.28 -6.50
CA PRO Q 1137 137.61 -218.57 -7.95
C PRO Q 1137 137.55 -217.31 -8.80
N GLU Q 1138 136.33 -216.86 -9.12
CA GLU Q 1138 136.15 -215.68 -9.96
C GLU Q 1138 134.72 -215.18 -9.78
N TYR Q 1139 134.58 -213.89 -9.51
CA TYR Q 1139 133.27 -213.29 -9.30
C TYR Q 1139 133.39 -211.78 -9.55
N ALA Q 1140 132.46 -211.01 -8.96
CA ALA Q 1140 132.42 -209.55 -9.08
C ALA Q 1140 132.21 -209.11 -10.52
N TRP Q 1141 132.23 -207.80 -10.76
CA TRP Q 1141 132.00 -207.26 -12.10
C TRP Q 1141 132.51 -205.83 -12.21
N ILE Q 1142 132.17 -204.99 -11.23
CA ILE Q 1142 132.56 -203.58 -11.19
C ILE Q 1142 132.01 -202.85 -12.40
N VAL Q 1143 130.91 -203.37 -12.96
CA VAL Q 1143 130.21 -202.77 -14.09
C VAL Q 1143 131.17 -202.53 -15.26
N GLN Q 1144 131.76 -203.61 -15.76
CA GLN Q 1144 132.68 -203.52 -16.89
C GLN Q 1144 132.82 -204.90 -17.51
N PRO Q 1145 133.13 -204.98 -18.82
CA PRO Q 1145 133.33 -206.17 -19.65
C PRO Q 1145 132.23 -207.20 -19.47
N GLU Q 1176 136.04 -207.70 -11.63
CA GLU Q 1176 137.44 -208.08 -11.61
C GLU Q 1176 137.93 -208.41 -13.02
N ILE Q 1177 139.06 -209.11 -13.09
CA ILE Q 1177 139.68 -209.53 -14.35
C ILE Q 1177 139.95 -208.30 -15.21
N LEU Q 1178 139.14 -208.11 -16.26
CA LEU Q 1178 139.34 -206.96 -17.15
C LEU Q 1178 139.07 -205.66 -16.42
N GLU Q 1179 138.02 -205.61 -15.60
CA GLU Q 1179 137.73 -204.39 -14.85
C GLU Q 1179 138.84 -204.06 -13.86
N LEU Q 1180 139.35 -205.07 -13.16
CA LEU Q 1180 140.43 -204.84 -12.21
C LEU Q 1180 141.70 -204.40 -12.93
N GLU Q 1181 141.99 -204.98 -14.11
CA GLU Q 1181 143.16 -204.57 -14.87
C GLU Q 1181 143.03 -203.13 -15.35
N ASP Q 1182 141.83 -202.75 -15.81
CA ASP Q 1182 141.61 -201.37 -16.23
C ASP Q 1182 141.74 -200.40 -15.07
N LEU Q 1183 141.22 -200.79 -13.90
CA LEU Q 1183 141.34 -199.92 -12.73
C LEU Q 1183 142.80 -199.77 -12.31
N GLU Q 1184 143.57 -200.85 -12.35
CA GLU Q 1184 144.99 -200.79 -12.01
C GLU Q 1184 145.75 -199.92 -13.01
N LYS Q 1185 145.43 -200.04 -14.30
CA LYS Q 1185 146.09 -199.21 -15.30
C LYS Q 1185 145.74 -197.74 -15.11
N GLU Q 1186 144.49 -197.44 -14.79
CA GLU Q 1186 144.10 -196.06 -14.54
C GLU Q 1186 144.79 -195.50 -13.30
N CYS Q 1187 144.90 -196.30 -12.25
CA CYS Q 1187 145.60 -195.86 -11.05
C CYS Q 1187 147.08 -195.61 -11.33
N SER Q 1188 147.71 -196.49 -12.12
CA SER Q 1188 149.10 -196.29 -12.46
C SER Q 1188 149.29 -195.04 -13.31
N LEU Q 1189 148.39 -194.79 -14.26
CA LEU Q 1189 148.47 -193.59 -15.08
C LEU Q 1189 148.29 -192.33 -14.23
N ALA Q 1190 147.35 -192.37 -13.28
CA ALA Q 1190 147.15 -191.22 -12.40
C ALA Q 1190 148.37 -190.98 -11.51
N ARG Q 1191 148.97 -192.05 -11.00
CA ARG Q 1191 150.16 -191.89 -10.17
C ARG Q 1191 151.35 -191.38 -10.99
N ILE Q 1192 151.44 -191.78 -12.26
CA ILE Q 1192 152.54 -191.29 -13.09
C ILE Q 1192 152.31 -189.84 -13.48
N ARG Q 1193 151.06 -189.44 -13.69
CA ARG Q 1193 150.77 -188.06 -14.05
C ARG Q 1193 150.89 -187.11 -12.86
N LEU Q 1194 150.57 -187.58 -11.65
CA LEU Q 1194 150.66 -186.75 -10.46
C LEU Q 1194 152.08 -186.61 -9.94
N THR Q 1195 153.03 -187.38 -10.47
CA THR Q 1195 154.41 -187.31 -10.03
C THR Q 1195 155.11 -186.08 -10.60
N TYR R 18 105.07 -192.33 42.01
CA TYR R 18 105.36 -191.52 43.18
C TYR R 18 106.83 -191.65 43.59
N VAL R 19 107.36 -190.60 44.21
CA VAL R 19 108.75 -190.59 44.66
C VAL R 19 108.79 -189.92 46.03
N HIS R 20 109.28 -190.64 47.04
CA HIS R 20 109.38 -190.11 48.39
C HIS R 20 110.56 -190.76 49.09
N VAL R 21 111.42 -189.94 49.68
CA VAL R 21 112.60 -190.42 50.39
C VAL R 21 112.21 -190.84 51.80
N VAL R 22 113.09 -191.58 52.46
CA VAL R 22 112.82 -192.05 53.83
C VAL R 22 113.39 -190.99 54.76
N GLU R 23 112.62 -189.91 54.94
CA GLU R 23 113.02 -188.81 55.79
C GLU R 23 112.64 -189.04 57.26
N PHE R 24 111.69 -189.93 57.53
CA PHE R 24 111.30 -190.18 58.92
C PHE R 24 112.29 -191.11 59.62
N ASN R 25 112.89 -192.04 58.89
CA ASN R 25 113.85 -192.97 59.47
C ASN R 25 115.12 -192.23 59.87
N PRO R 26 115.55 -191.24 59.07
CA PRO R 26 116.75 -190.47 59.46
C PRO R 26 116.48 -189.41 60.52
N PHE R 27 115.22 -189.15 60.86
CA PHE R 27 114.87 -188.16 61.87
C PHE R 27 114.48 -188.77 63.20
N GLU R 28 113.84 -189.94 63.18
CA GLU R 28 113.42 -190.61 64.41
C GLU R 28 114.35 -191.73 64.83
N ASN R 29 115.27 -192.16 63.96
CA ASN R 29 116.19 -193.22 64.29
C ASN R 29 117.58 -192.94 63.72
N GLY R 30 117.71 -192.97 62.40
CA GLY R 30 118.97 -192.71 61.75
C GLY R 30 119.67 -193.97 61.27
N ASP R 31 119.19 -194.54 60.17
CA ASP R 31 119.77 -195.75 59.62
C ASP R 31 119.68 -195.76 58.10
N SER R 32 118.46 -195.77 57.58
CA SER R 32 118.21 -195.78 56.14
C SER R 32 117.73 -194.40 55.70
N GLY R 33 118.65 -193.44 55.72
CA GLY R 33 118.34 -192.08 55.32
C GLY R 33 118.60 -191.82 53.86
N ASN R 34 119.40 -192.67 53.22
CA ASN R 34 119.74 -192.53 51.81
C ASN R 34 118.86 -193.40 50.92
N LEU R 35 117.80 -194.00 51.46
CA LEU R 35 116.92 -194.85 50.68
C LEU R 35 115.85 -194.01 49.99
N ILE R 36 115.60 -194.31 48.72
CA ILE R 36 114.61 -193.60 47.92
C ILE R 36 113.74 -194.63 47.23
N ALA R 37 112.43 -194.55 47.44
CA ALA R 37 111.48 -195.47 46.84
C ALA R 37 110.79 -194.79 45.66
N TYR R 38 110.63 -195.52 44.56
CA TYR R 38 110.00 -195.01 43.35
C TYR R 38 108.97 -196.04 42.88
N GLY R 39 107.71 -195.82 43.22
CA GLY R 39 106.65 -196.71 42.83
C GLY R 39 106.14 -196.45 41.42
N GLY R 40 106.18 -197.48 40.57
CA GLY R 40 105.73 -197.36 39.20
C GLY R 40 104.59 -198.28 38.85
N ASN R 41 104.50 -198.68 37.58
CA ASN R 41 103.44 -199.57 37.15
C ASN R 41 103.72 -201.02 37.53
N ASN R 42 104.99 -201.42 37.56
CA ASN R 42 105.33 -202.80 37.92
C ASN R 42 105.29 -203.00 39.43
N TYR R 43 106.21 -202.37 40.15
CA TYR R 43 106.27 -202.49 41.59
C TYR R 43 106.86 -201.23 42.22
N VAL R 44 107.97 -201.39 42.96
CA VAL R 44 108.62 -200.26 43.60
C VAL R 44 110.13 -200.51 43.66
N VAL R 45 110.91 -199.63 43.06
CA VAL R 45 112.35 -199.76 43.04
C VAL R 45 112.94 -199.01 44.23
N ILE R 46 114.17 -199.38 44.60
CA ILE R 46 114.88 -198.77 45.71
C ILE R 46 116.20 -198.22 45.21
N GLY R 47 116.57 -197.03 45.69
CA GLY R 47 117.81 -196.41 45.29
C GLY R 47 118.62 -195.99 46.49
N THR R 48 119.91 -195.72 46.25
CA THR R 48 120.84 -195.31 47.28
C THR R 48 121.54 -194.03 46.84
N CYS R 49 121.61 -193.06 47.73
CA CYS R 49 122.25 -191.78 47.46
C CYS R 49 123.56 -191.71 48.25
N THR R 50 124.68 -191.78 47.53
CA THR R 50 126.01 -191.74 48.14
C THR R 50 126.70 -190.43 47.81
N PHE R 51 127.63 -190.04 48.68
CA PHE R 51 128.40 -188.81 48.52
C PHE R 51 129.78 -189.18 48.01
N GLN R 52 129.95 -189.15 46.69
CA GLN R 52 131.21 -189.49 46.05
C GLN R 52 132.03 -188.22 45.84
N GLU R 53 133.10 -188.33 45.04
CA GLU R 53 133.96 -187.17 44.77
C GLU R 53 133.33 -186.28 43.71
N GLU R 54 133.73 -186.47 42.44
CA GLU R 54 133.23 -185.69 41.31
C GLU R 54 133.56 -184.23 41.56
N GLU R 55 132.57 -183.33 41.61
CA GLU R 55 132.82 -181.91 41.86
C GLU R 55 131.87 -181.43 42.94
N ALA R 56 132.42 -180.68 43.91
CA ALA R 56 131.60 -180.16 44.99
C ALA R 56 130.76 -178.96 44.57
N ASP R 57 131.22 -178.22 43.55
CA ASP R 57 130.48 -177.05 43.09
C ASP R 57 129.31 -177.42 42.19
N VAL R 58 129.34 -178.59 41.55
CA VAL R 58 128.27 -179.03 40.67
C VAL R 58 127.29 -179.88 41.46
N GLU R 59 127.68 -181.11 41.77
CA GLU R 59 126.82 -182.02 42.52
C GLU R 59 127.71 -182.95 43.34
N GLY R 60 127.60 -182.86 44.67
CA GLY R 60 128.40 -183.69 45.55
C GLY R 60 127.64 -184.90 46.06
N ILE R 61 126.57 -185.28 45.36
CA ILE R 61 125.76 -186.42 45.73
C ILE R 61 125.31 -187.14 44.46
N GLN R 62 125.60 -188.43 44.37
CA GLN R 62 125.24 -189.24 43.22
C GLN R 62 124.20 -190.28 43.60
N TYR R 63 123.40 -190.69 42.62
CA TYR R 63 122.36 -191.68 42.82
C TYR R 63 122.83 -193.04 42.30
N LYS R 64 122.64 -194.08 43.12
CA LYS R 64 123.04 -195.43 42.76
C LYS R 64 121.84 -196.35 42.93
N THR R 65 121.48 -197.06 41.87
CA THR R 65 120.35 -197.98 41.89
C THR R 65 120.78 -199.28 42.59
N LEU R 66 120.20 -199.54 43.75
CA LEU R 66 120.53 -200.76 44.50
C LEU R 66 119.81 -201.96 43.92
N ARG R 67 118.60 -202.22 44.39
CA ARG R 67 117.79 -203.35 43.92
C ARG R 67 116.39 -202.86 43.60
N THR R 68 115.57 -203.76 43.07
CA THR R 68 114.19 -203.45 42.71
C THR R 68 113.31 -204.65 43.05
N PHE R 69 112.33 -204.45 43.92
CA PHE R 69 111.44 -205.51 44.32
C PHE R 69 110.36 -205.74 43.25
N HIS R 70 109.63 -206.84 43.41
CA HIS R 70 108.56 -207.21 42.50
C HIS R 70 107.25 -207.33 43.25
N HIS R 71 106.15 -207.04 42.55
CA HIS R 71 104.82 -207.12 43.15
C HIS R 71 103.78 -207.52 42.12
N GLY R 72 103.64 -206.73 41.06
CA GLY R 72 102.69 -207.01 40.01
C GLY R 72 101.52 -206.05 39.93
N VAL R 73 101.53 -204.95 40.69
CA VAL R 73 100.44 -203.97 40.68
C VAL R 73 101.04 -202.57 40.75
N ARG R 74 100.29 -201.61 40.25
CA ARG R 74 100.73 -200.22 40.26
C ARG R 74 100.62 -199.62 41.66
N VAL R 75 101.65 -198.85 42.04
CA VAL R 75 101.70 -198.21 43.34
C VAL R 75 101.55 -196.71 43.14
N ASP R 76 100.45 -196.16 43.65
CA ASP R 76 100.18 -194.73 43.50
C ASP R 76 100.88 -193.89 44.57
N GLY R 77 101.17 -194.47 45.73
CA GLY R 77 101.82 -193.74 46.80
C GLY R 77 102.91 -194.58 47.44
N ILE R 78 103.76 -193.89 48.21
CA ILE R 78 104.87 -194.54 48.91
C ILE R 78 105.09 -193.80 50.22
N ALA R 79 105.26 -194.57 51.30
CA ALA R 79 105.48 -193.98 52.62
C ALA R 79 106.31 -194.96 53.44
N TRP R 80 107.52 -194.54 53.81
CA TRP R 80 108.41 -195.37 54.59
C TRP R 80 108.16 -195.16 56.08
N SER R 81 108.39 -196.22 56.86
CA SER R 81 108.21 -196.21 58.29
C SER R 81 109.55 -196.11 59.00
N PRO R 82 109.54 -195.95 60.32
CA PRO R 82 110.79 -195.85 61.08
C PRO R 82 111.40 -197.17 61.52
N GLU R 83 110.86 -198.30 61.08
CA GLU R 83 111.37 -199.61 61.44
C GLU R 83 112.38 -200.15 60.44
N THR R 84 112.79 -199.34 59.47
CA THR R 84 113.76 -199.78 58.47
C THR R 84 115.17 -199.73 59.05
N ARG R 85 115.92 -200.82 58.88
CA ARG R 85 117.28 -200.92 59.37
C ARG R 85 118.18 -201.47 58.26
N LEU R 86 119.48 -201.44 58.52
CA LEU R 86 120.48 -201.92 57.57
C LEU R 86 121.46 -202.84 58.28
N ASP R 87 121.83 -203.93 57.63
CA ASP R 87 122.77 -204.89 58.20
C ASP R 87 124.10 -204.86 57.45
N SER R 88 124.71 -206.03 57.26
CA SER R 88 125.97 -206.12 56.56
C SER R 88 125.80 -206.27 55.05
N LEU R 89 124.81 -207.05 54.63
CA LEU R 89 124.55 -207.25 53.21
C LEU R 89 123.05 -207.31 52.94
N PRO R 90 122.22 -207.16 53.98
CA PRO R 90 120.77 -207.20 53.77
C PRO R 90 120.11 -205.94 54.32
N PRO R 91 118.90 -205.63 53.85
CA PRO R 91 118.22 -204.43 54.34
C PRO R 91 116.74 -204.64 54.55
N VAL R 92 116.30 -204.66 55.81
CA VAL R 92 114.89 -204.86 56.14
C VAL R 92 114.16 -203.53 55.98
N ILE R 93 113.13 -203.53 55.14
CA ILE R 93 112.33 -202.34 54.88
C ILE R 93 110.88 -202.63 55.23
N LYS R 94 110.12 -201.55 55.43
CA LYS R 94 108.70 -201.67 55.78
C LYS R 94 108.01 -200.41 55.26
N PHE R 95 107.42 -200.51 54.06
CA PHE R 95 106.72 -199.40 53.44
C PHE R 95 105.27 -199.79 53.17
N CYS R 96 104.38 -198.80 53.26
CA CYS R 96 102.96 -199.00 53.05
C CYS R 96 102.55 -198.29 51.76
N THR R 97 102.14 -199.08 50.77
CA THR R 97 101.72 -198.56 49.47
C THR R 97 100.30 -199.01 49.17
N SER R 98 99.75 -198.45 48.09
CA SER R 98 98.39 -198.75 47.65
C SER R 98 98.45 -199.41 46.28
N ALA R 99 97.74 -200.53 46.15
CA ALA R 99 97.71 -201.26 44.88
C ALA R 99 96.65 -200.68 43.96
N ALA R 100 96.47 -201.31 42.79
CA ALA R 100 95.49 -200.87 41.82
C ALA R 100 94.09 -201.41 42.10
N ASP R 101 93.94 -202.29 43.09
CA ASP R 101 92.64 -202.86 43.44
C ASP R 101 91.95 -202.12 44.58
N MET R 102 92.34 -200.86 44.82
CA MET R 102 91.77 -200.04 45.88
C MET R 102 91.88 -200.73 47.25
N LYS R 103 93.13 -201.04 47.60
CA LYS R 103 93.42 -201.71 48.87
C LYS R 103 94.80 -201.31 49.33
N ILE R 104 94.93 -200.94 50.60
CA ILE R 104 96.19 -200.54 51.19
C ILE R 104 96.77 -201.70 51.99
N ARG R 105 98.07 -201.93 51.86
CA ARG R 105 98.74 -203.01 52.56
C ARG R 105 100.18 -202.61 52.83
N LEU R 106 100.72 -203.10 53.94
CA LEU R 106 102.09 -202.81 54.35
C LEU R 106 102.95 -204.03 54.01
N PHE R 107 103.88 -203.85 53.06
CA PHE R 107 104.78 -204.91 52.62
C PHE R 107 106.10 -204.77 53.36
N THR R 108 106.44 -205.77 54.16
CA THR R 108 107.68 -205.77 54.93
C THR R 108 108.72 -206.68 54.27
N SER R 109 109.11 -206.28 53.06
CA SER R 109 110.08 -207.05 52.31
C SER R 109 111.50 -206.74 52.77
N ASP R 110 112.42 -207.66 52.47
CA ASP R 110 113.83 -207.53 52.84
C ASP R 110 114.67 -207.55 51.57
N LEU R 111 115.53 -206.53 51.43
CA LEU R 111 116.41 -206.40 50.27
C LEU R 111 115.63 -206.41 48.97
N GLN R 112 115.46 -207.59 48.37
CA GLN R 112 114.73 -207.73 47.13
C GLN R 112 113.65 -208.80 47.16
N ASP R 113 113.61 -209.65 48.18
CA ASP R 113 112.61 -210.71 48.28
C ASP R 113 111.47 -210.25 49.17
N LYS R 114 110.25 -210.59 48.75
CA LYS R 114 109.05 -210.23 49.50
C LYS R 114 108.72 -211.31 50.52
N ASN R 115 108.29 -210.88 51.71
CA ASN R 115 107.92 -211.80 52.80
C ASN R 115 106.88 -211.09 53.68
N GLU R 116 105.70 -210.89 53.11
CA GLU R 116 104.61 -210.23 53.82
C GLU R 116 103.29 -210.80 53.33
N TYR R 117 102.20 -210.30 53.89
CA TYR R 117 100.86 -210.76 53.51
C TYR R 117 100.00 -209.58 53.07
N LYS R 118 98.67 -209.77 53.09
CA LYS R 118 97.75 -208.71 52.70
C LYS R 118 96.80 -208.37 53.84
N VAL R 119 95.61 -207.88 53.50
CA VAL R 119 94.61 -207.52 54.50
C VAL R 119 93.23 -207.93 54.01
N LEU R 120 92.19 -207.29 54.55
CA LEU R 120 90.82 -207.59 54.15
C LEU R 120 89.99 -206.32 54.25
N GLU R 121 88.85 -206.33 53.57
CA GLU R 121 87.90 -205.21 53.53
C GLU R 121 88.64 -204.00 52.98
N GLY R 122 88.57 -202.83 53.61
CA GLY R 122 89.26 -201.64 53.13
C GLY R 122 88.28 -200.51 52.86
N HIS R 123 88.60 -199.71 51.84
CA HIS R 123 87.77 -198.59 51.46
C HIS R 123 86.74 -199.01 50.43
N THR R 124 85.81 -198.09 50.13
CA THR R 124 84.75 -198.33 49.17
C THR R 124 84.95 -197.57 47.86
N ASP R 125 86.05 -196.86 47.71
CA ASP R 125 86.32 -196.10 46.50
C ASP R 125 87.83 -196.10 46.26
N PHE R 126 88.32 -195.12 45.52
CA PHE R 126 89.74 -195.01 45.21
C PHE R 126 90.46 -194.26 46.33
N ILE R 127 91.64 -194.75 46.70
CA ILE R 127 92.43 -194.14 47.76
C ILE R 127 93.13 -192.90 47.21
N ASN R 128 93.39 -191.95 48.09
CA ASN R 128 94.06 -190.70 47.72
C ASN R 128 95.41 -190.53 48.40
N GLY R 129 95.49 -190.79 49.70
CA GLY R 129 96.74 -190.64 50.42
C GLY R 129 96.86 -191.68 51.52
N LEU R 130 98.10 -191.89 51.96
CA LEU R 130 98.38 -192.85 53.01
C LEU R 130 99.63 -192.41 53.76
N VAL R 131 99.72 -192.83 55.02
CA VAL R 131 100.85 -192.50 55.88
C VAL R 131 101.17 -193.72 56.74
N PHE R 132 102.27 -193.61 57.49
CA PHE R 132 102.72 -194.69 58.36
C PHE R 132 103.47 -194.09 59.53
N ASP R 133 103.15 -194.56 60.74
CA ASP R 133 103.81 -194.06 61.95
C ASP R 133 104.40 -195.22 62.74
N PRO R 134 105.15 -194.95 63.81
CA PRO R 134 105.73 -196.05 64.59
C PRO R 134 105.73 -195.77 66.08
N LYS R 135 104.76 -196.34 66.79
CA LYS R 135 104.64 -196.15 68.24
C LYS R 135 104.70 -197.48 68.96
N GLU R 136 103.62 -198.28 68.95
CA GLU R 136 103.59 -199.57 69.60
C GLU R 136 103.68 -200.75 68.64
N GLY R 137 103.69 -200.50 67.34
CA GLY R 137 103.77 -201.58 66.38
C GLY R 137 103.86 -201.09 64.94
N GLN R 138 102.70 -200.96 64.28
CA GLN R 138 102.66 -200.49 62.89
C GLN R 138 101.32 -199.78 62.69
N GLU R 139 101.33 -198.46 62.85
CA GLU R 139 100.14 -197.63 62.69
C GLU R 139 100.17 -196.99 61.31
N ILE R 140 99.11 -197.22 60.53
CA ILE R 140 98.97 -196.67 59.19
C ILE R 140 97.61 -196.00 59.08
N ALA R 141 97.59 -194.80 58.51
CA ALA R 141 96.36 -194.03 58.32
C ALA R 141 96.23 -193.66 56.86
N SER R 142 95.09 -194.01 56.26
CA SER R 142 94.81 -193.74 54.87
C SER R 142 93.49 -193.01 54.74
N VAL R 143 93.26 -192.41 53.58
CA VAL R 143 92.04 -191.67 53.29
C VAL R 143 91.66 -191.89 51.83
N SER R 144 90.39 -192.14 51.59
CA SER R 144 89.87 -192.38 50.24
C SER R 144 88.79 -191.35 49.92
N ASP R 145 88.11 -191.55 48.80
CA ASP R 145 87.06 -190.65 48.34
C ASP R 145 85.66 -191.14 48.72
N ASP R 146 85.57 -192.14 49.60
CA ASP R 146 84.30 -192.69 50.03
C ASP R 146 83.83 -192.11 51.36
N HIS R 147 84.33 -190.93 51.73
CA HIS R 147 83.97 -190.26 52.99
C HIS R 147 84.26 -191.17 54.20
N THR R 148 85.45 -191.76 54.20
CA THR R 148 85.87 -192.64 55.28
C THR R 148 87.37 -192.51 55.48
N CYS R 149 87.78 -192.50 56.74
CA CYS R 149 89.19 -192.37 57.12
C CYS R 149 89.60 -193.63 57.87
N ARG R 150 90.27 -194.54 57.19
CA ARG R 150 90.70 -195.79 57.81
C ARG R 150 91.94 -195.56 58.67
N ILE R 151 92.03 -196.32 59.76
CA ILE R 151 93.16 -196.23 60.68
C ILE R 151 93.58 -197.63 61.10
N TRP R 152 94.42 -198.27 60.31
CA TRP R 152 94.90 -199.61 60.62
C TRP R 152 96.02 -199.56 61.64
N ASN R 153 95.90 -200.40 62.68
CA ASN R 153 96.90 -200.47 63.75
C ASN R 153 97.28 -201.92 63.94
N LEU R 154 98.56 -202.24 63.70
CA LEU R 154 99.08 -203.59 63.84
C LEU R 154 99.89 -203.66 65.13
N GLU R 155 99.28 -204.15 66.20
CA GLU R 155 99.91 -204.28 67.49
C GLU R 155 100.41 -205.72 67.67
N GLY R 156 100.61 -206.13 68.92
CA GLY R 156 101.08 -207.48 69.19
C GLY R 156 99.99 -208.53 69.09
N VAL R 157 98.75 -208.16 69.37
CA VAL R 157 97.63 -209.10 69.31
C VAL R 157 96.89 -208.90 67.98
N GLN R 158 97.39 -209.51 66.92
CA GLN R 158 96.81 -209.44 65.57
C GLN R 158 96.78 -207.97 65.16
N THR R 159 95.66 -207.46 64.66
CA THR R 159 95.53 -206.07 64.25
C THR R 159 94.20 -205.52 64.71
N ALA R 160 94.03 -204.21 64.56
CA ALA R 160 92.81 -203.52 64.96
C ALA R 160 92.43 -202.53 63.87
N HIS R 161 91.25 -202.73 63.27
CA HIS R 161 90.75 -201.85 62.22
C HIS R 161 89.78 -200.84 62.82
N PHE R 162 89.85 -199.60 62.31
CA PHE R 162 88.99 -198.52 62.78
C PHE R 162 88.66 -197.61 61.62
N VAL R 163 87.37 -197.31 61.45
CA VAL R 163 86.90 -196.44 60.38
C VAL R 163 86.12 -195.30 61.00
N LEU R 164 86.21 -194.12 60.39
CA LEU R 164 85.53 -192.92 60.87
C LEU R 164 84.88 -192.22 59.69
N HIS R 165 83.67 -191.67 59.92
CA HIS R 165 82.92 -190.95 58.90
C HIS R 165 83.53 -189.56 58.74
N SER R 166 84.63 -189.50 57.99
CA SER R 166 85.32 -188.23 57.75
C SER R 166 86.06 -188.30 56.42
N PRO R 167 85.73 -187.42 55.48
CA PRO R 167 86.41 -187.44 54.18
C PRO R 167 87.77 -186.77 54.26
N GLY R 168 88.72 -187.31 53.51
CA GLY R 168 90.07 -186.78 53.48
C GLY R 168 90.76 -187.12 52.17
N MET R 169 91.90 -186.46 51.96
CA MET R 169 92.68 -186.67 50.74
C MET R 169 94.17 -186.86 50.97
N SER R 170 94.75 -186.35 52.06
CA SER R 170 96.17 -186.51 52.34
C SER R 170 96.36 -186.55 53.85
N VAL R 171 96.40 -187.75 54.40
CA VAL R 171 96.58 -187.94 55.84
C VAL R 171 98.06 -188.00 56.16
N CYS R 172 98.46 -187.33 57.22
CA CYS R 172 99.86 -187.29 57.63
C CYS R 172 99.93 -187.06 59.14
N TRP R 173 100.72 -187.88 59.82
CA TRP R 173 100.88 -187.75 61.27
C TRP R 173 101.79 -186.58 61.61
N HIS R 174 101.64 -186.08 62.84
CA HIS R 174 102.45 -184.96 63.28
C HIS R 174 103.84 -185.44 63.69
N PRO R 175 104.83 -184.55 63.68
CA PRO R 175 106.18 -184.94 64.06
C PRO R 175 106.33 -185.04 65.58
N GLU R 176 106.91 -186.14 66.04
CA GLU R 176 107.13 -186.41 67.45
C GLU R 176 105.83 -186.36 68.25
N GLU R 177 104.74 -186.86 67.66
CA GLU R 177 103.44 -186.87 68.32
C GLU R 177 102.62 -188.01 67.72
N THR R 178 102.75 -189.20 68.31
CA THR R 178 102.03 -190.36 67.82
C THR R 178 100.54 -190.32 68.15
N PHE R 179 100.15 -189.55 69.17
CA PHE R 179 98.75 -189.45 69.56
C PHE R 179 97.97 -188.41 68.75
N LYS R 180 98.65 -187.65 67.89
CA LYS R 180 98.01 -186.63 67.07
C LYS R 180 98.24 -186.92 65.59
N LEU R 181 97.29 -186.50 64.77
CA LEU R 181 97.37 -186.70 63.33
C LEU R 181 96.69 -185.53 62.64
N MET R 182 96.64 -185.60 61.30
CA MET R 182 96.02 -184.55 60.50
C MET R 182 95.35 -185.19 59.29
N VAL R 183 94.31 -184.52 58.80
CA VAL R 183 93.56 -184.99 57.64
C VAL R 183 93.05 -183.78 56.87
N ALA R 184 93.34 -183.75 55.57
CA ALA R 184 92.92 -182.66 54.69
C ALA R 184 91.80 -183.16 53.78
N GLU R 185 90.61 -182.60 53.95
CA GLU R 185 89.46 -182.99 53.15
C GLU R 185 89.55 -182.37 51.76
N LYS R 186 88.69 -182.86 50.86
CA LYS R 186 88.67 -182.36 49.49
C LYS R 186 87.94 -181.03 49.36
N ASN R 187 87.08 -180.69 50.32
CA ASN R 187 86.34 -179.44 50.27
C ASN R 187 87.07 -178.29 50.94
N GLY R 188 88.21 -178.55 51.57
CA GLY R 188 88.98 -177.52 52.24
C GLY R 188 88.97 -177.56 53.76
N THR R 189 88.58 -178.68 54.37
CA THR R 189 88.56 -178.82 55.81
C THR R 189 89.81 -179.55 56.29
N ILE R 190 90.48 -178.99 57.28
CA ILE R 190 91.69 -179.57 57.85
C ILE R 190 91.40 -179.88 59.31
N ARG R 191 91.10 -181.15 59.59
CA ARG R 191 90.79 -181.60 60.93
C ARG R 191 92.00 -182.31 61.54
N PHE R 192 92.21 -182.08 62.83
CA PHE R 192 93.34 -182.68 63.57
C PHE R 192 92.74 -183.63 64.60
N TYR R 193 92.52 -184.87 64.20
CA TYR R 193 91.95 -185.88 65.08
C TYR R 193 93.05 -186.54 65.92
N ASP R 194 92.62 -187.24 66.96
CA ASP R 194 93.52 -187.94 67.87
C ASP R 194 93.11 -189.41 67.95
N LEU R 195 93.92 -190.19 68.66
CA LEU R 195 93.67 -191.61 68.83
C LEU R 195 93.01 -191.94 70.16
N LEU R 196 92.55 -190.92 70.90
CA LEU R 196 91.90 -191.14 72.18
C LEU R 196 90.70 -190.21 72.35
N ALA R 197 90.88 -188.94 72.03
CA ALA R 197 89.82 -187.94 72.15
C ALA R 197 89.09 -187.70 70.83
N GLN R 198 89.26 -188.58 69.86
CA GLN R 198 88.62 -188.49 68.54
C GLN R 198 89.07 -187.17 67.91
N GLN R 199 88.15 -186.38 67.34
CA GLN R 199 88.51 -185.11 66.72
C GLN R 199 88.63 -184.02 67.79
N ALA R 200 89.59 -183.13 67.59
CA ALA R 200 89.84 -182.03 68.52
C ALA R 200 89.61 -180.67 67.87
N ILE R 201 90.31 -180.37 66.76
CA ILE R 201 90.16 -179.10 66.07
C ILE R 201 89.84 -179.38 64.60
N LEU R 202 89.34 -178.35 63.93
CA LEU R 202 88.99 -178.46 62.52
C LEU R 202 89.12 -177.08 61.89
N SER R 203 90.11 -176.93 61.00
CA SER R 203 90.36 -175.66 60.32
C SER R 203 89.71 -175.66 58.94
N LEU R 204 89.74 -174.50 58.30
CA LEU R 204 89.17 -174.33 56.97
C LEU R 204 89.99 -173.32 56.19
N GLU R 205 90.37 -173.69 54.97
CA GLU R 205 91.18 -172.82 54.12
C GLU R 205 90.30 -172.13 53.08
N SER R 206 90.78 -172.08 51.84
CA SER R 206 90.04 -171.45 50.74
C SER R 206 88.94 -172.39 50.28
N GLU R 207 87.69 -172.04 50.56
CA GLU R 207 86.56 -172.86 50.15
C GLU R 207 86.13 -172.63 48.71
N GLN R 208 86.65 -171.59 48.06
CA GLN R 208 86.28 -171.31 46.67
C GLN R 208 86.99 -172.23 45.69
N VAL R 209 88.11 -172.83 46.08
CA VAL R 209 88.86 -173.72 45.20
C VAL R 209 89.09 -175.05 45.92
N PRO R 210 89.55 -176.08 45.22
CA PRO R 210 89.78 -177.37 45.88
C PRO R 210 91.11 -177.40 46.63
N LEU R 211 91.10 -178.05 47.78
CA LEU R 211 92.31 -178.15 48.60
C LEU R 211 93.20 -179.27 48.09
N MET R 212 94.51 -179.10 48.30
CA MET R 212 95.49 -180.09 47.88
C MET R 212 95.90 -180.99 49.04
N SER R 213 96.69 -180.44 49.96
CA SER R 213 97.14 -181.21 51.11
C SER R 213 97.37 -180.25 52.28
N ALA R 214 97.62 -180.82 53.45
CA ALA R 214 97.87 -180.03 54.67
C ALA R 214 98.79 -180.86 55.57
N HIS R 215 100.09 -180.66 55.39
CA HIS R 215 101.10 -181.37 56.15
C HIS R 215 101.80 -180.40 57.11
N TRP R 216 102.35 -180.96 58.19
CA TRP R 216 103.04 -180.15 59.19
C TRP R 216 104.45 -179.81 58.71
N CYS R 217 105.12 -178.96 59.48
CA CYS R 217 106.47 -178.53 59.17
C CYS R 217 107.48 -179.46 59.84
N LEU R 218 108.75 -179.09 59.80
CA LEU R 218 109.81 -179.90 60.40
C LEU R 218 110.04 -179.55 61.87
N LYS R 219 109.49 -178.45 62.36
CA LYS R 219 109.64 -178.05 63.76
C LYS R 219 108.58 -178.64 64.67
N ASN R 220 107.66 -179.43 64.13
CA ASN R 220 106.59 -180.06 64.92
C ASN R 220 105.75 -179.02 65.65
N THR R 221 105.47 -177.90 64.97
CA THR R 221 104.66 -176.85 65.60
C THR R 221 103.87 -176.03 64.60
N PHE R 222 103.91 -176.34 63.31
CA PHE R 222 103.19 -175.58 62.30
C PHE R 222 102.26 -176.51 61.54
N LYS R 223 101.47 -175.92 60.63
CA LYS R 223 100.53 -176.69 59.82
C LYS R 223 100.28 -175.89 58.54
N VAL R 224 101.05 -176.21 57.49
CA VAL R 224 100.94 -175.53 56.20
C VAL R 224 99.97 -176.30 55.32
N GLY R 225 98.99 -175.59 54.76
CA GLY R 225 98.00 -176.21 53.90
C GLY R 225 97.88 -175.53 52.55
N ALA R 226 98.15 -176.27 51.49
CA ALA R 226 98.08 -175.75 50.14
C ALA R 226 96.79 -176.18 49.45
N VAL R 227 96.47 -175.49 48.35
CA VAL R 227 95.27 -175.75 47.57
C VAL R 227 95.68 -175.96 46.12
N ALA R 228 94.68 -176.29 45.28
CA ALA R 228 94.93 -176.51 43.87
C ALA R 228 95.02 -175.22 43.08
N GLY R 229 94.52 -174.11 43.62
CA GLY R 229 94.57 -172.84 42.93
C GLY R 229 95.67 -171.93 43.43
N ASN R 230 96.80 -172.52 43.84
CA ASN R 230 97.95 -171.77 44.35
C ASN R 230 97.56 -170.91 45.55
N ASP R 231 96.90 -171.53 46.52
CA ASP R 231 96.47 -170.86 47.74
C ASP R 231 97.07 -171.62 48.93
N TRP R 232 98.12 -171.05 49.51
CA TRP R 232 98.82 -171.65 50.64
C TRP R 232 98.55 -170.84 51.91
N LEU R 233 98.27 -171.55 53.00
CA LEU R 233 98.01 -170.93 54.30
C LEU R 233 98.93 -171.55 55.33
N ILE R 234 99.55 -170.68 56.15
CA ILE R 234 100.48 -171.11 57.19
C ILE R 234 99.88 -170.76 58.54
N TRP R 235 99.91 -171.73 59.47
CA TRP R 235 99.38 -171.57 60.82
C TRP R 235 100.39 -172.15 61.80
N ASP R 236 101.41 -171.36 62.12
CA ASP R 236 102.46 -171.78 63.04
C ASP R 236 102.07 -171.45 64.48
N ILE R 237 102.26 -172.42 65.37
CA ILE R 237 101.93 -172.23 66.77
C ILE R 237 103.12 -171.76 67.61
N THR R 238 104.35 -172.01 67.15
CA THR R 238 105.53 -171.59 67.90
C THR R 238 105.85 -170.12 67.70
N ARG R 239 105.30 -169.47 66.68
CA ARG R 239 105.54 -168.07 66.39
C ARG R 239 104.45 -167.17 66.96
N SER R 240 103.98 -167.44 68.17
CA SER R 240 102.93 -166.66 68.82
C SER R 240 101.66 -166.61 67.97
N SER R 241 101.28 -167.76 67.43
CA SER R 241 100.08 -167.90 66.59
C SER R 241 100.15 -166.95 65.38
N TYR R 242 101.10 -167.27 64.50
CA TYR R 242 101.31 -166.48 63.30
C TYR R 242 100.47 -167.04 62.16
N PRO R 243 99.52 -166.27 61.61
CA PRO R 243 98.71 -166.81 60.52
C PRO R 243 98.97 -166.09 59.20
N GLN R 244 100.02 -166.51 58.50
CA GLN R 244 100.39 -165.91 57.23
C GLN R 244 99.74 -166.66 56.07
N ASN R 245 99.58 -165.97 54.95
CA ASN R 245 98.98 -166.54 53.76
C ASN R 245 99.56 -165.86 52.53
N LYS R 246 100.01 -166.65 51.56
CA LYS R 246 100.57 -166.14 50.33
C LYS R 246 100.00 -166.93 49.16
N ARG R 247 100.54 -166.69 47.96
CA ARG R 247 100.10 -167.37 46.76
C ARG R 247 101.32 -167.72 45.91
N PRO R 248 101.26 -168.83 45.18
CA PRO R 248 102.41 -169.21 44.34
C PRO R 248 102.34 -168.62 42.94
N VAL R 249 103.20 -169.09 42.05
CA VAL R 249 103.23 -168.60 40.68
C VAL R 249 102.11 -169.27 39.88
N HIS R 250 102.25 -170.58 39.64
CA HIS R 250 101.28 -171.35 38.90
C HIS R 250 100.59 -172.35 39.82
N MET R 251 99.73 -173.18 39.26
CA MET R 251 99.00 -174.18 40.04
C MET R 251 99.92 -175.33 40.41
N ASP R 252 99.64 -175.94 41.56
CA ASP R 252 100.41 -177.05 42.09
C ASP R 252 99.50 -178.28 42.14
N ARG R 253 99.67 -179.19 41.17
CA ARG R 253 98.84 -180.39 41.14
C ARG R 253 99.31 -181.43 42.14
N ALA R 254 100.61 -181.44 42.46
CA ALA R 254 101.19 -182.39 43.41
C ALA R 254 101.33 -181.80 44.81
N CYS R 255 100.49 -180.82 45.15
CA CYS R 255 100.51 -180.15 46.46
C CYS R 255 101.90 -179.53 46.64
N LEU R 256 102.49 -179.62 47.83
CA LEU R 256 103.80 -179.05 48.08
C LEU R 256 104.54 -179.91 49.10
N PHE R 257 105.86 -179.77 49.13
CA PHE R 257 106.72 -180.51 50.05
C PHE R 257 107.54 -179.52 50.85
N ARG R 258 107.40 -179.54 52.17
CA ARG R 258 108.14 -178.65 53.03
C ARG R 258 109.56 -179.17 53.24
N TRP R 259 110.45 -178.25 53.64
CA TRP R 259 111.84 -178.60 53.88
C TRP R 259 111.99 -179.30 55.23
N SER R 260 113.07 -180.08 55.36
CA SER R 260 113.35 -180.81 56.57
C SER R 260 114.10 -179.99 57.61
N THR R 261 114.52 -178.78 57.26
CA THR R 261 115.25 -177.92 58.19
C THR R 261 114.64 -176.53 58.32
N ILE R 262 114.13 -175.97 57.22
CA ILE R 262 113.51 -174.65 57.22
C ILE R 262 112.00 -174.82 57.23
N SER R 263 111.35 -174.35 58.29
CA SER R 263 109.90 -174.47 58.40
C SER R 263 109.17 -173.43 57.54
N GLU R 264 109.82 -172.34 57.17
CA GLU R 264 109.22 -171.30 56.37
C GLU R 264 109.49 -171.47 54.88
N ASN R 265 110.08 -172.60 54.47
CA ASN R 265 110.38 -172.87 53.07
C ASN R 265 109.60 -174.09 52.61
N LEU R 266 109.10 -174.02 51.37
CA LEU R 266 108.32 -175.10 50.80
C LEU R 266 108.51 -175.09 49.29
N PHE R 267 108.57 -176.28 48.70
CA PHE R 267 108.74 -176.45 47.27
C PHE R 267 107.46 -177.01 46.67
N ALA R 268 106.95 -176.35 45.63
CA ALA R 268 105.73 -176.77 44.95
C ALA R 268 105.99 -176.81 43.45
N THR R 269 105.67 -177.95 42.83
CA THR R 269 105.87 -178.11 41.40
C THR R 269 104.74 -177.43 40.62
N THR R 270 104.98 -177.28 39.32
CA THR R 270 104.00 -176.64 38.44
C THR R 270 104.12 -177.28 37.06
N GLY R 271 103.45 -176.68 36.08
CA GLY R 271 103.47 -177.19 34.73
C GLY R 271 102.74 -176.31 33.74
N TYR R 272 103.41 -175.93 32.65
CA TYR R 272 102.83 -175.07 31.64
C TYR R 272 102.61 -175.88 30.36
N PRO R 273 101.36 -176.08 29.92
CA PRO R 273 101.14 -176.86 28.70
C PRO R 273 101.36 -176.07 27.42
N GLY R 274 101.30 -174.74 27.46
CA GLY R 274 101.51 -173.94 26.28
C GLY R 274 102.96 -173.80 25.86
N LYS R 275 103.89 -173.97 26.79
CA LYS R 275 105.32 -173.86 26.49
C LYS R 275 106.06 -175.18 26.64
N MET R 276 105.38 -176.24 27.08
CA MET R 276 105.98 -177.57 27.26
C MET R 276 107.18 -177.50 28.21
N ALA R 277 106.97 -176.85 29.36
CA ALA R 277 108.03 -176.71 30.35
C ALA R 277 107.39 -176.65 31.74
N SER R 278 107.97 -177.39 32.68
CA SER R 278 107.48 -177.45 34.04
C SER R 278 108.55 -176.90 34.99
N GLN R 279 108.11 -176.10 35.96
CA GLN R 279 109.00 -175.50 36.93
C GLN R 279 108.54 -175.86 38.34
N PHE R 280 109.42 -175.60 39.31
CA PHE R 280 109.15 -175.88 40.73
C PHE R 280 109.61 -174.68 41.54
N GLN R 281 108.68 -173.79 41.84
CA GLN R 281 108.99 -172.59 42.61
C GLN R 281 109.11 -172.91 44.09
N ILE R 282 110.07 -172.27 44.74
CA ILE R 282 110.32 -172.46 46.17
C ILE R 282 109.63 -171.32 46.92
N HIS R 283 108.55 -171.66 47.62
CA HIS R 283 107.80 -170.66 48.38
C HIS R 283 108.50 -170.37 49.69
N HIS R 284 108.70 -169.09 49.98
CA HIS R 284 109.36 -168.67 51.21
C HIS R 284 108.71 -167.39 51.70
N LEU R 285 108.47 -167.32 53.02
CA LEU R 285 107.86 -166.15 53.63
C LEU R 285 108.92 -165.06 53.81
N GLY R 286 108.75 -163.95 53.09
CA GLY R 286 109.67 -162.83 53.14
C GLY R 286 110.57 -162.72 51.92
N HIS R 287 110.95 -163.85 51.33
CA HIS R 287 111.81 -163.85 50.16
C HIS R 287 110.98 -163.65 48.89
N PRO R 288 111.64 -163.49 47.74
CA PRO R 288 110.89 -163.29 46.50
C PRO R 288 110.56 -164.60 45.81
N GLN R 289 110.15 -164.53 44.56
CA GLN R 289 109.81 -165.73 43.80
C GLN R 289 111.08 -166.40 43.28
N PRO R 290 111.38 -167.63 43.70
CA PRO R 290 112.60 -168.29 43.22
C PRO R 290 112.31 -169.63 42.57
N ILE R 291 112.65 -169.76 41.29
CA ILE R 291 112.43 -171.00 40.55
C ILE R 291 113.77 -171.62 40.21
N LEU R 292 114.30 -172.45 41.11
CA LEU R 292 115.59 -173.10 40.88
C LEU R 292 115.47 -174.29 39.93
N MET R 293 114.31 -174.95 39.93
CA MET R 293 114.08 -176.11 39.07
C MET R 293 113.21 -175.72 37.89
N GLY R 294 113.58 -176.19 36.71
CA GLY R 294 112.83 -175.90 35.50
C GLY R 294 113.18 -176.80 34.35
N SER R 295 112.56 -177.98 34.29
CA SER R 295 112.82 -178.93 33.23
C SER R 295 111.85 -178.72 32.06
N VAL R 296 112.13 -179.40 30.96
CA VAL R 296 111.31 -179.31 29.76
C VAL R 296 110.30 -180.44 29.67
N ALA R 297 110.18 -181.26 30.71
CA ALA R 297 109.25 -182.38 30.75
C ALA R 297 108.34 -182.26 31.96
N VAL R 298 107.24 -183.01 31.92
CA VAL R 298 106.28 -183.00 33.01
C VAL R 298 106.80 -183.85 34.16
N GLY R 299 106.65 -183.36 35.38
CA GLY R 299 107.10 -184.06 36.57
C GLY R 299 105.94 -184.73 37.29
N SER R 300 106.14 -186.00 37.63
CA SER R 300 105.12 -186.78 38.32
C SER R 300 105.15 -186.57 39.83
N GLY R 301 106.35 -186.43 40.40
CA GLY R 301 106.47 -186.22 41.83
C GLY R 301 107.82 -185.64 42.18
N LEU R 302 107.91 -185.14 43.41
CA LEU R 302 109.15 -184.55 43.90
C LEU R 302 109.20 -184.70 45.42
N SER R 303 110.42 -184.85 45.93
CA SER R 303 110.64 -185.03 47.36
C SER R 303 112.00 -184.47 47.72
N TRP R 304 112.08 -183.80 48.86
CA TRP R 304 113.33 -183.21 49.34
C TRP R 304 114.12 -184.22 50.16
N HIS R 305 115.43 -184.02 50.20
CA HIS R 305 116.31 -184.91 50.94
C HIS R 305 116.35 -184.49 52.41
N ARG R 306 117.05 -185.30 53.22
CA ARG R 306 117.18 -185.03 54.64
C ARG R 306 118.22 -183.97 54.97
N THR R 307 119.11 -183.65 54.03
CA THR R 307 120.14 -182.65 54.25
C THR R 307 119.70 -181.24 53.86
N LEU R 308 118.46 -181.08 53.39
CA LEU R 308 117.89 -179.80 52.98
C LEU R 308 118.77 -179.14 51.92
N PRO R 309 119.21 -179.87 50.91
CA PRO R 309 120.04 -179.27 49.87
C PRO R 309 119.80 -179.88 48.50
N LEU R 310 119.49 -181.17 48.47
CA LEU R 310 119.22 -181.89 47.24
C LEU R 310 117.73 -182.18 47.09
N CYS R 311 117.25 -182.15 45.85
CA CYS R 311 115.85 -182.39 45.53
C CYS R 311 115.77 -183.58 44.59
N VAL R 312 115.05 -184.63 45.01
CA VAL R 312 114.87 -185.83 44.20
C VAL R 312 113.52 -185.68 43.52
N ILE R 313 113.54 -185.26 42.27
CA ILE R 313 112.33 -185.05 41.48
C ILE R 313 112.15 -186.24 40.54
N GLY R 314 111.03 -186.95 40.68
CA GLY R 314 110.72 -188.08 39.84
C GLY R 314 109.90 -187.68 38.65
N GLY R 315 110.43 -187.95 37.46
CA GLY R 315 109.75 -187.62 36.22
C GLY R 315 108.90 -188.76 35.71
N ASP R 316 108.61 -188.70 34.41
CA ASP R 316 107.79 -189.73 33.76
C ASP R 316 108.61 -190.94 33.31
N HIS R 317 109.92 -190.76 33.09
CA HIS R 317 110.78 -191.86 32.67
C HIS R 317 112.10 -191.95 33.41
N LYS R 318 112.52 -190.92 34.12
CA LYS R 318 113.78 -190.94 34.86
C LYS R 318 113.56 -190.22 36.19
N LEU R 319 114.65 -190.04 36.94
CA LEU R 319 114.60 -189.38 38.24
C LEU R 319 115.85 -188.54 38.40
N LEU R 320 115.69 -187.22 38.42
CA LEU R 320 116.81 -186.30 38.56
C LEU R 320 117.10 -186.04 40.04
N PHE R 321 118.28 -185.51 40.30
CA PHE R 321 118.73 -185.20 41.66
C PHE R 321 119.57 -183.92 41.59
N TRP R 322 118.89 -182.77 41.63
CA TRP R 322 119.56 -181.47 41.57
C TRP R 322 119.84 -180.96 42.97
N VAL R 323 120.96 -180.27 43.12
CA VAL R 323 121.39 -179.69 44.39
C VAL R 323 121.42 -178.18 44.25
N THR R 324 120.73 -177.50 45.15
CA THR R 324 120.66 -176.04 45.12
C THR R 324 121.72 -175.43 46.05
N LYS S 518 -114.05 187.69 220.54
CA LYS S 518 -114.01 188.46 221.77
C LYS S 518 -112.64 189.10 221.98
N ILE S 519 -112.31 189.41 223.24
CA ILE S 519 -111.02 190.01 223.53
C ILE S 519 -109.91 188.96 223.52
N LYS S 520 -110.24 187.70 223.77
CA LYS S 520 -109.23 186.65 223.78
C LYS S 520 -108.83 186.23 222.37
N LEU S 521 -109.73 186.37 221.40
CA LEU S 521 -109.41 186.01 220.03
C LEU S 521 -108.53 187.04 219.34
N LEU S 522 -108.70 188.32 219.65
CA LEU S 522 -107.88 189.35 219.05
C LEU S 522 -106.48 189.40 219.64
N LYS S 523 -106.32 189.02 220.91
CA LYS S 523 -105.00 189.04 221.53
C LYS S 523 -104.14 187.87 221.08
N ALA S 524 -104.76 186.75 220.70
CA ALA S 524 -103.98 185.60 220.25
C ALA S 524 -103.46 185.80 218.84
N ALA S 525 -104.20 186.49 217.98
CA ALA S 525 -103.76 186.72 216.62
C ALA S 525 -102.68 187.80 216.54
N PHE S 526 -102.69 188.75 217.48
CA PHE S 526 -101.68 189.81 217.47
C PHE S 526 -100.34 189.30 217.98
N LEU S 527 -100.34 188.29 218.86
CA LEU S 527 -99.08 187.77 219.39
C LEU S 527 -98.38 186.88 218.38
N GLN S 528 -99.14 186.18 217.53
CA GLN S 528 -98.54 185.30 216.53
C GLN S 528 -97.99 186.07 215.33
N TYR S 529 -98.46 187.30 215.10
CA TYR S 529 -97.96 188.08 213.98
C TYR S 529 -96.59 188.68 214.26
N CYS S 530 -96.27 188.93 215.53
CA CYS S 530 -94.96 189.49 215.87
C CYS S 530 -93.86 188.46 215.78
N ARG S 531 -94.17 187.18 216.04
CA ARG S 531 -93.19 186.12 215.97
C ARG S 531 -93.06 185.51 214.58
N LYS S 532 -93.88 185.95 213.62
CA LYS S 532 -93.81 185.43 212.26
C LYS S 532 -92.65 186.03 211.45
N ASP S 533 -92.03 187.10 211.93
CA ASP S 533 -90.92 187.71 211.21
C ASP S 533 -89.64 186.91 211.34
N LEU S 534 -89.50 186.11 212.41
CA LEU S 534 -88.31 185.30 212.64
C LEU S 534 -88.56 183.81 212.50
N GLY S 535 -89.77 183.34 212.80
CA GLY S 535 -90.11 181.94 212.70
C GLY S 535 -91.29 181.71 211.77
N HIS S 536 -91.61 180.42 211.61
CA HIS S 536 -92.72 180.01 210.76
C HIS S 536 -93.42 178.79 211.33
N ALA S 537 -92.82 178.17 212.35
CA ALA S 537 -93.42 176.98 212.95
C ALA S 537 -94.55 177.35 213.90
N GLN S 538 -94.34 178.36 214.75
CA GLN S 538 -95.37 178.78 215.69
C GLN S 538 -96.56 179.40 214.96
N MET S 539 -96.29 180.18 213.91
CA MET S 539 -97.38 180.79 213.16
C MET S 539 -98.21 179.75 212.42
N VAL S 540 -97.60 178.64 212.01
CA VAL S 540 -98.34 177.59 211.34
C VAL S 540 -99.05 176.69 212.34
N VAL S 541 -98.50 176.54 213.55
CA VAL S 541 -99.15 175.71 214.56
C VAL S 541 -100.32 176.44 215.20
N ASP S 542 -100.23 177.75 215.35
CA ASP S 542 -101.33 178.51 215.95
C ASP S 542 -102.49 178.71 214.98
N GLU S 543 -102.20 178.80 213.68
CA GLU S 543 -103.24 179.00 212.69
C GLU S 543 -103.97 177.71 212.33
N LEU S 544 -103.38 176.55 212.64
CA LEU S 544 -104.02 175.28 212.32
C LEU S 544 -105.15 174.97 213.30
N PHE S 545 -104.94 175.24 214.58
CA PHE S 545 -105.96 174.97 215.58
C PHE S 545 -107.08 176.00 215.57
N SER S 546 -106.82 177.21 215.08
CA SER S 546 -107.85 178.23 215.04
C SER S 546 -108.94 177.90 214.03
N SER S 547 -108.57 177.28 212.90
CA SER S 547 -109.56 176.90 211.90
C SER S 547 -110.37 175.68 212.30
N HIS S 548 -109.90 174.92 213.30
CA HIS S 548 -110.60 173.74 213.77
C HIS S 548 -111.42 173.98 215.03
N SER S 549 -110.98 174.91 215.89
CA SER S 549 -111.69 175.22 217.12
C SER S 549 -112.76 176.29 216.95
N ASP S 550 -112.95 176.79 215.73
CA ASP S 550 -113.95 177.82 215.48
C ASP S 550 -115.26 177.18 215.04
N LEU S 551 -116.26 178.02 214.76
CA LEU S 551 -117.56 177.51 214.33
C LEU S 551 -117.58 177.14 212.86
N ASP S 552 -116.73 177.77 212.04
CA ASP S 552 -116.62 177.51 210.61
C ASP S 552 -117.98 177.72 209.92
N SER S 553 -118.38 178.99 209.89
CA SER S 553 -119.65 179.39 209.27
C SER S 553 -119.42 180.65 208.44
N ASP S 554 -120.15 180.74 207.33
CA ASP S 554 -120.06 181.87 206.43
C ASP S 554 -121.15 182.90 206.66
N SER S 555 -121.78 182.89 207.83
CA SER S 555 -122.84 183.84 208.17
C SER S 555 -122.45 184.74 209.33
N GLU S 556 -122.28 184.19 210.53
CA GLU S 556 -121.89 184.97 211.70
C GLU S 556 -120.47 184.71 212.15
N LEU S 557 -119.94 183.51 211.92
CA LEU S 557 -118.56 183.20 212.32
C LEU S 557 -117.54 183.85 211.39
N ASP S 558 -117.90 184.12 210.14
CA ASP S 558 -116.97 184.74 209.22
C ASP S 558 -116.78 186.22 209.52
N ARG S 559 -117.77 186.86 210.15
CA ARG S 559 -117.64 188.28 210.48
C ARG S 559 -116.78 188.48 211.72
N ALA S 560 -116.64 187.46 212.56
CA ALA S 560 -115.82 187.61 213.76
C ALA S 560 -114.34 187.50 213.45
N VAL S 561 -113.98 186.83 212.35
CA VAL S 561 -112.56 186.71 211.99
C VAL S 561 -112.06 187.98 211.34
N THR S 562 -112.92 188.69 210.61
CA THR S 562 -112.51 189.93 209.97
C THR S 562 -112.41 191.09 210.95
N GLN S 563 -113.16 191.04 212.05
CA GLN S 563 -113.10 192.11 213.04
C GLN S 563 -111.75 192.15 213.75
N ILE S 564 -111.12 190.99 213.93
CA ILE S 564 -109.80 190.96 214.56
C ILE S 564 -108.74 191.49 213.60
N SER S 565 -108.84 191.14 212.32
CA SER S 565 -107.88 191.62 211.34
C SER S 565 -108.01 193.13 211.13
N VAL S 566 -109.25 193.63 211.12
CA VAL S 566 -109.45 195.06 210.94
C VAL S 566 -108.91 195.84 212.14
N ASP S 567 -108.99 195.25 213.34
CA ASP S 567 -108.44 195.92 214.52
C ASP S 567 -106.93 195.83 214.58
N LEU S 568 -106.35 194.72 214.10
CA LEU S 568 -104.90 194.58 214.11
C LEU S 568 -104.25 195.44 213.03
N MET S 569 -104.93 195.62 211.89
CA MET S 569 -104.37 196.45 210.83
C MET S 569 -104.46 197.93 211.16
N ASP S 570 -105.50 198.35 211.88
CA ASP S 570 -105.65 199.75 212.24
C ASP S 570 -104.74 200.15 213.39
N ASP S 571 -104.40 199.20 214.26
CA ASP S 571 -103.51 199.50 215.39
C ASP S 571 -102.05 199.61 214.95
N TYR S 572 -101.68 199.00 213.83
CA TYR S 572 -100.32 199.06 213.34
C TYR S 572 -100.04 200.42 212.74
N PRO S 573 -101.02 201.05 212.09
CA PRO S 573 -100.79 202.38 211.50
C PRO S 573 -100.82 203.51 212.52
N ALA S 574 -101.28 203.26 213.74
CA ALA S 574 -101.34 204.29 214.78
C ALA S 574 -100.26 204.09 215.85
N SER S 575 -99.23 203.31 215.55
CA SER S 575 -98.13 203.04 216.47
C SER S 575 -98.63 202.50 217.81
N ILE S 596 -88.99 212.43 215.17
CA ILE S 596 -88.84 211.63 213.97
C ILE S 596 -90.21 211.32 213.36
N ILE S 597 -90.85 212.35 212.82
CA ILE S 597 -92.17 212.15 212.23
C ILE S 597 -92.05 211.49 210.85
N LEU S 598 -90.93 211.69 210.16
CA LEU S 598 -90.76 211.08 208.84
C LEU S 598 -90.45 209.59 208.95
N HIS S 599 -89.69 209.18 209.97
CA HIS S 599 -89.37 207.78 210.14
C HIS S 599 -90.55 206.99 210.70
N GLN S 600 -91.37 207.62 211.54
CA GLN S 600 -92.53 206.92 212.10
C GLN S 600 -93.57 206.63 211.04
N LEU S 601 -93.75 207.52 210.06
CA LEU S 601 -94.70 207.27 208.99
C LEU S 601 -94.20 206.22 208.02
N GLU S 602 -92.88 206.05 207.91
CA GLU S 602 -92.33 205.04 207.02
C GLU S 602 -92.30 203.67 207.68
N ASP S 603 -92.00 203.61 208.98
CA ASP S 603 -91.97 202.33 209.68
C ASP S 603 -93.37 201.73 209.78
N LYS S 604 -94.38 202.56 210.02
CA LYS S 604 -95.75 202.07 210.10
C LYS S 604 -96.25 201.56 208.75
N MET S 605 -95.78 202.17 207.65
CA MET S 605 -96.17 201.70 206.33
C MET S 605 -95.42 200.44 205.93
N LYS S 606 -94.15 200.31 206.36
CA LYS S 606 -93.39 199.11 206.04
C LYS S 606 -93.84 197.91 206.87
N ALA S 607 -94.29 198.16 208.11
CA ALA S 607 -94.75 197.05 208.95
C ALA S 607 -96.14 196.58 208.52
N HIS S 608 -96.92 197.43 207.87
CA HIS S 608 -98.24 197.03 207.42
C HIS S 608 -98.18 196.09 206.23
N SER S 609 -97.15 196.21 205.40
CA SER S 609 -97.01 195.33 204.24
C SER S 609 -96.57 193.94 204.65
N PHE S 610 -95.81 193.82 205.75
CA PHE S 610 -95.38 192.51 206.21
C PHE S 610 -96.51 191.74 206.87
N LEU S 611 -97.47 192.44 207.46
CA LEU S 611 -98.59 191.76 208.11
C LEU S 611 -99.57 191.19 207.09
N MET S 612 -99.72 191.86 205.93
CA MET S 612 -100.63 191.35 204.91
C MET S 612 -100.03 190.17 204.16
N ASP S 613 -98.70 190.13 204.01
CA ASP S 613 -98.06 189.02 203.32
C ASP S 613 -98.00 187.77 204.19
N PHE S 614 -97.89 187.93 205.50
CA PHE S 614 -97.84 186.77 206.39
C PHE S 614 -99.23 186.13 206.55
N ILE S 615 -100.29 186.91 206.40
CA ILE S 615 -101.63 186.36 206.53
C ILE S 615 -102.03 185.58 205.27
N HIS S 616 -101.45 185.92 204.12
CA HIS S 616 -101.78 185.21 202.90
C HIS S 616 -101.15 183.82 202.85
N GLN S 617 -100.01 183.64 203.53
CA GLN S 617 -99.35 182.34 203.54
C GLN S 617 -100.03 181.36 204.49
N VAL S 618 -100.75 181.87 205.49
CA VAL S 618 -101.46 181.01 206.44
C VAL S 618 -102.91 180.89 206.03
N GLY S 619 -103.60 182.03 205.91
CA GLY S 619 -104.98 182.04 205.50
C GLY S 619 -105.94 181.80 206.66
N LEU S 620 -106.87 182.72 206.96
CA LEU S 620 -107.11 184.02 206.32
C LEU S 620 -107.34 183.94 204.80
N PHE S 621 -108.23 183.05 204.38
CA PHE S 621 -108.55 182.86 202.98
C PHE S 621 -109.78 183.65 202.54
N GLY S 622 -110.16 184.68 203.32
CA GLY S 622 -111.30 185.48 202.97
C GLY S 622 -111.70 186.46 204.06
N ARG S 623 -112.85 186.20 204.70
CA ARG S 623 -113.38 187.04 205.77
C ARG S 623 -113.55 188.50 205.31
N LEU S 624 -114.60 188.70 204.51
CA LEU S 624 -114.92 190.01 203.97
C LEU S 624 -116.04 190.64 204.80
N GLY S 625 -115.73 191.76 205.45
CA GLY S 625 -116.71 192.45 206.27
C GLY S 625 -116.73 193.94 206.04
N SER S 626 -117.02 194.35 204.81
CA SER S 626 -117.07 195.77 204.48
C SER S 626 -118.44 196.36 204.81
N PHE S 627 -119.47 195.92 204.08
CA PHE S 627 -120.86 196.37 204.26
C PHE S 627 -120.94 197.89 204.12
N PRO S 628 -121.28 198.61 205.20
CA PRO S 628 -121.37 200.07 205.09
C PRO S 628 -120.49 200.77 206.11
N VAL S 629 -120.01 201.97 205.75
CA VAL S 629 -119.16 202.78 206.61
C VAL S 629 -117.91 201.99 206.99
N ARG S 630 -117.95 201.33 208.15
CA ARG S 630 -116.83 200.54 208.62
C ARG S 630 -116.98 199.07 208.21
N LEU S 638 -111.67 192.53 202.53
CA LEU S 638 -110.58 192.70 201.58
C LEU S 638 -110.35 194.18 201.29
N LEU S 639 -111.42 194.98 201.35
CA LEU S 639 -111.32 196.40 201.09
C LEU S 639 -110.76 197.18 202.27
N LEU S 640 -110.83 196.62 203.48
CA LEU S 640 -110.31 197.32 204.65
C LEU S 640 -108.80 197.47 204.58
N CYS S 641 -108.10 196.42 204.14
CA CYS S 641 -106.65 196.50 204.02
C CYS S 641 -106.24 197.50 202.95
N GLU S 642 -106.96 197.53 201.83
CA GLU S 642 -106.66 198.49 200.78
C GLU S 642 -106.91 199.92 201.26
N HIS S 643 -108.00 200.13 201.99
CA HIS S 643 -108.29 201.46 202.52
C HIS S 643 -107.23 201.90 203.53
N ALA S 644 -106.78 200.97 204.38
CA ALA S 644 -105.73 201.31 205.35
C ALA S 644 -104.42 201.63 204.64
N GLU S 645 -104.08 200.88 203.59
CA GLU S 645 -102.87 201.16 202.84
C GLU S 645 -102.96 202.51 202.14
N LYS S 646 -104.12 202.84 201.57
CA LYS S 646 -104.30 204.14 200.92
C LYS S 646 -104.19 205.27 201.94
N LEU S 647 -104.77 205.09 203.12
CA LEU S 647 -104.68 206.12 204.15
C LEU S 647 -103.25 206.30 204.63
N SER S 648 -102.51 205.20 204.78
CA SER S 648 -101.12 205.30 205.20
C SER S 648 -100.25 205.94 204.12
N ALA S 649 -100.56 205.70 202.85
CA ALA S 649 -99.80 206.33 201.78
C ALA S 649 -100.13 207.81 201.64
N ALA S 650 -101.38 208.18 201.92
CA ALA S 650 -101.77 209.58 201.83
C ALA S 650 -101.29 210.39 203.03
N ILE S 651 -101.20 209.75 204.21
CA ILE S 651 -100.73 210.46 205.39
C ILE S 651 -99.22 210.67 205.34
N VAL S 652 -98.51 209.84 204.58
CA VAL S 652 -97.06 209.99 204.49
C VAL S 652 -96.69 211.09 203.50
N LEU S 653 -97.58 211.42 202.57
CA LEU S 653 -97.28 212.46 201.59
C LEU S 653 -97.48 213.86 202.17
N LYS S 654 -98.40 214.01 203.13
CA LYS S 654 -98.64 215.31 203.73
C LYS S 654 -97.58 215.69 204.77
N ASN S 655 -96.86 214.70 205.32
CA ASN S 655 -95.84 215.00 206.31
C ASN S 655 -94.55 215.49 205.67
N HIS S 656 -94.33 215.19 204.38
CA HIS S 656 -93.12 215.64 203.72
C HIS S 656 -93.20 217.10 203.30
N HIS S 657 -94.42 217.61 203.09
CA HIS S 657 -94.60 219.00 202.69
C HIS S 657 -95.13 219.82 203.86
N SER S 658 -94.46 219.75 205.00
CA SER S 658 -94.89 220.49 206.18
C SER S 658 -94.48 221.96 206.05
N ARG S 659 -95.47 222.84 206.05
CA ARG S 659 -95.24 224.28 205.93
C ARG S 659 -96.02 225.00 207.02
N LEU S 660 -96.01 226.33 206.96
CA LEU S 660 -96.70 227.14 207.95
C LEU S 660 -98.21 227.18 207.71
N SER S 661 -98.66 226.95 206.48
CA SER S 661 -100.09 226.98 206.19
C SER S 661 -100.77 225.67 206.58
N ASP S 662 -100.06 224.54 206.39
CA ASP S 662 -100.64 223.25 206.74
C ASP S 662 -100.60 222.99 208.24
N LEU S 663 -99.62 223.54 208.94
CA LEU S 663 -99.53 223.32 210.38
C LEU S 663 -100.70 223.97 211.12
N VAL S 664 -101.08 225.17 210.72
CA VAL S 664 -102.21 225.84 211.36
C VAL S 664 -103.50 225.07 211.08
N ASN S 665 -103.67 224.57 209.86
CA ASN S 665 -104.86 223.80 209.54
C ASN S 665 -104.91 222.50 210.34
N THR S 666 -103.76 221.83 210.48
CA THR S 666 -103.72 220.60 211.27
C THR S 666 -104.02 220.88 212.75
N ALA S 667 -103.50 221.98 213.28
CA ALA S 667 -103.76 222.33 214.67
C ALA S 667 -105.22 222.71 214.88
N ILE S 668 -105.86 223.34 213.89
CA ILE S 668 -107.25 223.70 214.02
C ILE S 668 -108.14 222.46 213.88
N LEU S 669 -107.74 221.50 213.05
CA LEU S 669 -108.53 220.29 212.89
C LEU S 669 -108.36 219.33 214.07
N ILE S 670 -107.19 219.31 214.69
CA ILE S 670 -106.98 218.42 215.83
C ILE S 670 -107.65 218.97 217.09
N ALA S 671 -107.86 220.28 217.16
CA ALA S 671 -108.50 220.90 218.32
C ALA S 671 -110.02 220.94 218.21
N LEU S 672 -110.57 220.84 217.00
CA LEU S 672 -112.02 220.88 216.84
C LEU S 672 -112.67 219.54 217.17
N ASN S 673 -111.92 218.44 217.05
CA ASN S 673 -112.49 217.13 217.35
C ASN S 673 -112.40 216.83 218.85
N LYS S 674 -111.22 216.99 219.43
CA LYS S 674 -111.01 216.74 220.86
C LYS S 674 -109.93 217.69 221.36
N ARG S 675 -109.47 217.45 222.58
CA ARG S 675 -108.44 218.27 223.21
C ARG S 675 -107.09 217.56 223.14
N GLU S 676 -106.03 218.37 223.08
CA GLU S 676 -104.67 217.87 223.02
C GLU S 676 -104.00 217.94 224.38
N TYR S 677 -102.94 217.15 224.55
CA TYR S 677 -102.20 217.13 225.80
C TYR S 677 -101.28 218.33 225.91
N GLU S 678 -101.21 218.90 227.11
CA GLU S 678 -100.35 220.06 227.35
C GLU S 678 -98.90 219.70 227.63
N ILE S 679 -98.60 218.43 227.85
CA ILE S 679 -97.24 217.99 228.14
C ILE S 679 -96.49 217.82 226.82
N PRO S 680 -95.88 218.90 226.28
CA PRO S 680 -95.14 218.82 225.01
C PRO S 680 -95.92 218.14 223.90
N SER S 681 -95.22 217.37 223.06
CA SER S 681 -95.83 216.65 221.94
C SER S 681 -96.56 217.61 221.00
N ASN S 682 -95.91 218.72 220.69
CA ASN S 682 -96.47 219.74 219.80
C ASN S 682 -96.35 219.25 218.36
N LEU S 683 -97.36 218.50 217.91
CA LEU S 683 -97.39 217.95 216.56
C LEU S 683 -98.63 218.37 215.77
N THR S 684 -99.86 218.20 216.28
CA THR S 684 -100.19 217.64 217.59
C THR S 684 -100.75 216.24 217.45
N PRO S 685 -101.32 215.92 216.28
CA PRO S 685 -101.89 214.58 216.07
C PRO S 685 -101.32 213.90 214.84
N ALA S 686 -100.48 212.90 215.05
CA ALA S 686 -99.86 212.14 213.96
C ALA S 686 -100.22 210.67 213.97
N ASP S 687 -100.32 210.05 215.15
CA ASP S 687 -100.67 208.64 215.22
C ASP S 687 -102.16 208.42 215.12
N VAL S 688 -102.96 209.25 215.80
CA VAL S 688 -104.41 209.11 215.76
C VAL S 688 -104.98 209.64 214.45
N PHE S 689 -104.25 210.51 213.75
CA PHE S 689 -104.71 211.07 212.49
C PHE S 689 -104.37 210.19 211.29
N PHE S 690 -103.66 209.08 211.50
CA PHE S 690 -103.31 208.21 210.39
C PHE S 690 -104.51 207.35 209.96
N ARG S 691 -105.24 206.79 210.93
CA ARG S 691 -106.39 205.96 210.60
C ARG S 691 -107.59 206.80 210.17
N GLU S 692 -107.68 208.04 210.68
CA GLU S 692 -108.78 208.93 210.34
C GLU S 692 -108.32 210.01 209.37
N VAL S 693 -107.90 209.60 208.16
CA VAL S 693 -107.43 210.56 207.16
C VAL S 693 -108.56 211.32 206.50
N SER S 694 -109.81 210.86 206.65
CA SER S 694 -110.93 211.57 206.04
C SER S 694 -111.29 212.82 206.82
N GLN S 695 -110.98 212.87 208.11
CA GLN S 695 -111.30 214.04 208.91
C GLN S 695 -110.34 215.19 208.65
N VAL S 696 -109.09 214.90 208.29
CA VAL S 696 -108.14 215.96 208.01
C VAL S 696 -108.38 216.58 206.65
N ASP S 697 -108.83 215.80 205.66
CA ASP S 697 -109.09 216.32 204.34
C ASP S 697 -110.37 217.16 204.29
N THR S 698 -111.40 216.77 205.05
CA THR S 698 -112.64 217.51 205.06
C THR S 698 -112.50 218.82 205.84
N ILE S 699 -111.67 218.83 206.89
CA ILE S 699 -111.48 220.04 207.69
C ILE S 699 -110.48 221.00 207.06
N CYS S 700 -109.77 220.58 206.01
CA CYS S 700 -108.80 221.46 205.37
C CYS S 700 -109.50 222.53 204.54
N GLU S 701 -110.71 222.25 204.05
CA GLU S 701 -111.44 223.23 203.26
C GLU S 701 -112.03 224.34 204.12
N CYS S 702 -112.29 224.05 205.40
CA CYS S 702 -112.84 225.06 206.30
C CYS S 702 -111.80 226.08 206.71
N LEU S 703 -110.53 225.68 206.79
CA LEU S 703 -109.47 226.62 207.17
C LEU S 703 -109.15 227.59 206.04
N LEU S 704 -109.18 227.12 204.79
CA LEU S 704 -108.89 227.99 203.66
C LEU S 704 -110.05 228.91 203.33
N GLU S 705 -111.28 228.48 203.64
CA GLU S 705 -112.45 229.32 203.37
C GLU S 705 -112.58 230.45 204.38
N HIS S 706 -112.07 230.26 205.59
CA HIS S 706 -112.16 231.32 206.59
C HIS S 706 -111.18 232.44 206.31
N GLU S 707 -109.99 232.11 205.80
CA GLU S 707 -109.00 233.12 205.48
C GLU S 707 -109.29 233.86 204.18
N GLU S 708 -110.13 233.28 203.31
CA GLU S 708 -110.46 233.92 202.04
C GLU S 708 -111.45 235.06 202.20
N GLN S 709 -112.17 235.12 203.32
CA GLN S 709 -113.13 236.21 203.53
C GLN S 709 -112.45 237.51 203.92
N VAL S 710 -111.39 237.43 204.71
CA VAL S 710 -110.64 238.62 205.15
C VAL S 710 -109.43 238.90 204.26
N LEU S 711 -109.30 238.17 203.14
CA LEU S 711 -108.17 238.38 202.25
C LEU S 711 -108.41 239.51 201.26
N ARG S 712 -109.64 240.00 201.14
CA ARG S 712 -109.99 241.09 200.23
C ARG S 712 -109.62 240.75 198.79
N ASP S 713 -110.19 239.66 198.29
CA ASP S 713 -109.93 239.22 196.92
C ASP S 713 -111.13 239.46 196.01
N SER S 718 -104.47 241.00 197.31
CA SER S 718 -105.23 240.23 196.33
C SER S 718 -104.32 239.37 195.47
N ILE S 719 -103.09 239.87 195.23
CA ILE S 719 -102.13 239.12 194.42
C ILE S 719 -101.56 237.96 195.21
N GLU S 720 -100.99 238.22 196.39
CA GLU S 720 -100.42 237.17 197.21
C GLU S 720 -101.48 236.34 197.93
N TRP S 721 -102.72 236.84 198.01
CA TRP S 721 -103.77 236.08 198.69
C TRP S 721 -104.27 234.93 197.82
N ALA S 722 -104.14 235.03 196.50
CA ALA S 722 -104.60 233.97 195.62
C ALA S 722 -103.67 232.77 195.62
N GLU S 723 -102.40 232.96 196.01
CA GLU S 723 -101.46 231.84 196.05
C GLU S 723 -101.69 230.92 197.24
N VAL S 724 -102.38 231.40 198.27
CA VAL S 724 -102.64 230.55 199.44
C VAL S 724 -103.74 229.54 199.13
N VAL S 725 -104.68 229.89 198.25
CA VAL S 725 -105.75 228.96 197.91
C VAL S 725 -105.25 227.88 196.96
N ILE S 726 -104.25 228.19 196.14
CA ILE S 726 -103.72 227.19 195.22
C ILE S 726 -102.83 226.18 195.94
N ASN S 727 -102.18 226.61 197.03
CA ASN S 727 -101.32 225.69 197.78
C ASN S 727 -102.12 224.58 198.44
N VAL S 728 -103.34 224.88 198.90
CA VAL S 728 -104.18 223.85 199.49
C VAL S 728 -104.71 222.91 198.41
N ASN S 729 -105.08 223.45 197.25
CA ASN S 729 -105.57 222.63 196.16
C ASN S 729 -104.49 221.68 195.65
N ASN S 730 -103.25 222.17 195.54
CA ASN S 730 -102.15 221.32 195.09
C ASN S 730 -101.87 220.21 196.10
N ILE S 731 -101.94 220.53 197.40
CA ILE S 731 -101.71 219.52 198.42
C ILE S 731 -102.83 218.49 198.43
N LEU S 732 -104.07 218.92 198.16
CA LEU S 732 -105.18 217.98 198.11
C LEU S 732 -105.11 217.09 196.87
N LYS S 733 -104.63 217.65 195.75
CA LYS S 733 -104.50 216.85 194.54
C LYS S 733 -103.34 215.88 194.61
N ASP S 734 -102.25 216.27 195.30
CA ASP S 734 -101.10 215.39 195.42
C ASP S 734 -101.38 214.22 196.37
N MET S 735 -102.25 214.44 197.37
CA MET S 735 -102.57 213.37 198.30
C MET S 735 -103.50 212.33 197.67
N LEU S 736 -104.40 212.77 196.79
CA LEU S 736 -105.31 211.84 196.13
C LEU S 736 -104.62 211.03 195.05
N GLN S 737 -103.53 211.57 194.47
CA GLN S 737 -102.81 210.85 193.43
C GLN S 737 -101.96 209.73 194.01
N ALA S 738 -101.59 209.83 195.29
CA ALA S 738 -100.79 208.78 195.90
C ALA S 738 -101.62 207.54 196.23
N ALA S 739 -102.91 207.72 196.50
CA ALA S 739 -103.77 206.59 196.80
C ALA S 739 -104.13 205.79 195.56
N SER S 740 -104.24 206.45 194.41
CA SER S 740 -104.57 205.75 193.18
C SER S 740 -103.38 204.98 192.62
N HIS S 741 -102.16 205.47 192.84
CA HIS S 741 -100.97 204.77 192.35
C HIS S 741 -100.64 203.55 193.19
N TYR S 742 -101.00 203.56 194.48
CA TYR S 742 -100.72 202.41 195.33
C TYR S 742 -101.68 201.25 195.08
N ARG S 743 -102.88 201.54 194.56
CA ARG S 743 -103.85 200.49 194.29
C ARG S 743 -103.50 199.71 193.02
N GLN S 744 -102.77 200.32 192.10
CA GLN S 744 -102.40 199.65 190.85
C GLN S 744 -101.25 198.66 191.05
N ASN S 745 -100.48 198.80 192.11
CA ASN S 745 -99.36 197.90 192.39
C ASN S 745 -99.71 196.82 193.39
N ARG S 746 -101.00 196.61 193.67
CA ARG S 746 -101.42 195.58 194.61
C ARG S 746 -101.42 194.20 193.97
N ARG S 775 -119.66 210.59 201.46
CA ARG S 775 -120.48 211.79 201.61
C ARG S 775 -119.64 212.96 202.11
N THR S 776 -118.70 212.67 203.00
CA THR S 776 -117.84 213.72 203.55
C THR S 776 -116.72 214.08 202.59
N VAL S 777 -116.09 213.07 201.95
CA VAL S 777 -115.01 213.34 201.03
C VAL S 777 -115.51 213.78 199.65
N ILE S 778 -116.78 213.51 199.33
CA ILE S 778 -117.31 213.91 198.04
C ILE S 778 -117.66 215.40 198.02
N ILE S 779 -118.05 215.95 199.18
CA ILE S 779 -118.41 217.37 199.22
C ILE S 779 -117.15 218.24 199.25
N ARG S 780 -116.05 217.72 199.77
CA ARG S 780 -114.82 218.49 199.84
C ARG S 780 -114.27 218.80 198.45
N GLN S 781 -114.43 217.87 197.52
CA GLN S 781 -113.98 218.11 196.15
C GLN S 781 -114.92 219.07 195.42
N HIS S 782 -116.23 218.92 195.63
CA HIS S 782 -117.20 219.80 194.99
C HIS S 782 -117.07 221.24 195.49
N GLU S 783 -116.76 221.42 196.78
CA GLU S 783 -116.56 222.77 197.30
C GLU S 783 -115.25 223.36 196.79
N ILE S 784 -114.20 222.54 196.69
CA ILE S 784 -112.93 223.04 196.20
C ILE S 784 -113.03 223.45 194.73
N VAL S 785 -113.78 222.67 193.94
CA VAL S 785 -113.96 223.01 192.52
C VAL S 785 -114.71 224.32 192.39
N LEU S 786 -115.75 224.52 193.20
CA LEU S 786 -116.50 225.77 193.16
C LEU S 786 -115.65 226.95 193.59
N LYS S 787 -114.83 226.76 194.63
CA LYS S 787 -113.96 227.85 195.09
C LYS S 787 -112.89 228.18 194.05
N VAL S 788 -112.41 227.18 193.31
CA VAL S 788 -111.42 227.45 192.27
C VAL S 788 -112.07 228.10 191.06
N ALA S 789 -113.33 227.76 190.76
CA ALA S 789 -114.01 228.36 189.63
C ALA S 789 -114.43 229.80 189.93
N TYR S 790 -114.79 230.10 191.18
CA TYR S 790 -115.20 231.45 191.56
C TYR S 790 -113.99 232.37 191.58
N PRO S 791 -112.80 231.86 191.88
CA PRO S 791 -111.60 232.71 191.91
C PRO S 791 -110.86 232.82 190.58
N GLN S 792 -111.35 232.16 189.53
CA GLN S 792 -110.69 232.23 188.23
C GLN S 792 -111.12 233.44 187.41
N ALA S 793 -112.11 234.20 187.88
CA ALA S 793 -112.58 235.38 187.17
C ALA S 793 -111.89 236.66 187.60
N ASP S 794 -110.92 236.57 188.51
CA ASP S 794 -110.19 237.74 188.99
C ASP S 794 -108.74 237.34 189.26
N SER S 795 -108.07 236.82 188.24
CA SER S 795 -106.68 236.40 188.35
C SER S 795 -106.01 236.58 186.99
N ASN S 796 -104.75 236.17 186.92
CA ASN S 796 -103.98 236.28 185.69
C ASN S 796 -104.24 235.06 184.80
N LEU S 797 -103.53 235.00 183.67
CA LEU S 797 -103.69 233.89 182.75
C LEU S 797 -102.99 232.63 183.27
N ARG S 798 -101.75 232.78 183.75
CA ARG S 798 -101.03 231.62 184.26
C ARG S 798 -101.66 231.10 185.54
N ASN S 799 -102.15 232.00 186.39
CA ASN S 799 -102.79 231.56 187.63
C ASN S 799 -104.10 230.83 187.37
N ILE S 800 -104.80 231.20 186.29
CA ILE S 800 -106.04 230.51 185.96
C ILE S 800 -105.75 229.21 185.20
N VAL S 801 -104.64 229.14 184.47
CA VAL S 801 -104.31 227.91 183.75
C VAL S 801 -103.74 226.87 184.69
N THR S 802 -103.00 227.29 185.72
CA THR S 802 -102.43 226.32 186.67
C THR S 802 -103.47 225.83 187.66
N GLU S 803 -104.47 226.64 187.99
CA GLU S 803 -105.49 226.21 188.94
C GLU S 803 -106.47 225.24 188.30
N GLN S 804 -106.65 225.30 186.98
CA GLN S 804 -107.57 224.40 186.30
C GLN S 804 -107.00 223.00 186.15
N LEU S 805 -105.69 222.82 186.30
CA LEU S 805 -105.10 221.49 186.16
C LEU S 805 -105.39 220.62 187.39
N VAL S 806 -105.52 221.24 188.56
CA VAL S 806 -105.80 220.46 189.77
C VAL S 806 -107.27 220.05 189.80
N ALA S 807 -108.17 220.95 189.40
CA ALA S 807 -109.59 220.61 189.40
C ALA S 807 -109.91 219.52 188.39
N LEU S 808 -109.30 219.58 187.21
CA LEU S 808 -109.52 218.55 186.20
C LEU S 808 -108.96 217.21 186.66
N ILE S 809 -107.79 217.22 187.30
CA ILE S 809 -107.20 215.98 187.79
C ILE S 809 -108.05 215.39 188.92
N ASP S 810 -108.66 216.25 189.74
CA ASP S 810 -109.53 215.75 190.80
C ASP S 810 -110.83 215.19 190.23
N CYS S 811 -111.39 215.85 189.21
CA CYS S 811 -112.61 215.36 188.59
C CYS S 811 -112.38 214.03 187.87
N PHE S 812 -111.24 213.90 187.19
CA PHE S 812 -110.93 212.64 186.51
C PHE S 812 -110.73 211.51 187.50
N LEU S 813 -110.19 211.79 188.69
CA LEU S 813 -110.03 210.76 189.70
C LEU S 813 -111.37 210.40 190.33
N ASP S 814 -112.22 211.40 190.56
CA ASP S 814 -113.55 211.13 191.14
C ASP S 814 -114.40 210.31 190.18
N GLY S 815 -114.35 210.64 188.88
CA GLY S 815 -115.10 209.86 187.91
C GLY S 815 -114.60 208.43 187.81
N TYR S 816 -113.28 208.24 187.85
CA TYR S 816 -112.73 206.90 187.81
C TYR S 816 -113.12 206.10 189.05
N VAL S 817 -113.10 206.74 190.22
CA VAL S 817 -113.50 206.06 191.46
C VAL S 817 -114.98 205.68 191.39
N SER S 818 -115.82 206.57 190.86
CA SER S 818 -117.24 206.27 190.74
C SER S 818 -117.48 205.13 189.76
N GLN S 819 -116.74 205.11 188.64
CA GLN S 819 -116.90 204.03 187.67
C GLN S 819 -116.40 202.70 188.24
N LEU S 820 -115.36 202.74 189.07
CA LEU S 820 -114.87 201.51 189.69
C LEU S 820 -115.81 201.01 190.77
N LYS S 821 -116.46 201.91 191.50
CA LYS S 821 -117.39 201.50 192.54
C LYS S 821 -118.72 201.04 191.97
N SER S 822 -119.15 201.60 190.83
CA SER S 822 -120.40 201.20 190.21
C SER S 822 -120.28 199.90 189.42
N VAL S 823 -119.06 199.51 189.03
CA VAL S 823 -118.85 198.27 188.28
C VAL S 823 -118.73 197.06 189.18
N ASP S 824 -118.69 197.25 190.50
CA ASP S 824 -118.56 196.13 191.45
C ASP S 824 -119.90 195.59 191.91
N LYS S 825 -121.01 196.20 191.49
CA LYS S 825 -122.34 195.75 191.88
C LYS S 825 -123.25 195.78 190.66
N SER S 826 -123.67 194.60 190.21
CA SER S 826 -124.57 194.50 189.06
C SER S 826 -125.52 193.32 189.23
N SER S 827 -126.02 192.80 188.10
CA SER S 827 -126.92 191.65 188.08
C SER S 827 -128.15 191.91 188.94
N ASN S 828 -128.10 191.51 190.21
CA ASN S 828 -129.21 191.69 191.12
C ASN S 828 -129.30 193.15 191.56
N ARG S 829 -130.44 193.50 192.16
CA ARG S 829 -130.72 194.85 192.65
C ARG S 829 -130.58 195.88 191.52
N GLU S 830 -131.55 195.83 190.61
CA GLU S 830 -131.56 196.74 189.48
C GLU S 830 -132.00 198.15 189.87
N ARG S 831 -132.69 198.32 190.99
CA ARG S 831 -133.12 199.64 191.42
C ARG S 831 -131.95 200.44 191.98
N TYR S 832 -131.05 199.79 192.70
CA TYR S 832 -129.89 200.48 193.26
C TYR S 832 -128.85 200.82 192.21
N ASP S 833 -128.70 199.97 191.18
CA ASP S 833 -127.73 200.24 190.13
C ASP S 833 -128.21 201.34 189.19
N ASN S 834 -129.51 201.41 188.94
CA ASN S 834 -130.04 202.45 188.06
C ASN S 834 -130.08 203.82 188.73
N LEU S 835 -130.20 203.84 190.06
CA LEU S 835 -130.23 205.12 190.78
C LEU S 835 -128.85 205.75 190.86
N GLU S 836 -127.80 204.93 190.85
CA GLU S 836 -126.43 205.47 190.91
C GLU S 836 -126.00 206.07 189.59
N MET S 837 -126.51 205.54 188.47
CA MET S 837 -126.14 206.07 187.16
C MET S 837 -126.69 207.48 186.96
N GLU S 838 -127.93 207.72 187.43
CA GLU S 838 -128.50 209.05 187.31
C GLU S 838 -127.75 210.07 188.15
N TYR S 839 -127.22 209.65 189.30
CA TYR S 839 -126.44 210.56 190.14
C TYR S 839 -125.04 210.78 189.58
N LEU S 840 -124.45 209.76 188.96
CA LEU S 840 -123.12 209.92 188.39
C LEU S 840 -123.16 210.73 187.10
N GLN S 841 -124.25 210.63 186.33
CA GLN S 841 -124.35 211.41 185.10
C GLN S 841 -124.63 212.88 185.37
N LYS S 842 -125.28 213.18 186.50
CA LYS S 842 -125.56 214.57 186.83
C LYS S 842 -124.31 215.30 187.32
N ARG S 843 -123.38 214.58 187.96
CA ARG S 843 -122.16 215.21 188.43
C ARG S 843 -121.20 215.52 187.29
N SER S 844 -121.19 214.68 186.24
CA SER S 844 -120.31 214.92 185.11
C SER S 844 -120.83 216.04 184.22
N ASP S 845 -122.16 216.20 184.14
CA ASP S 845 -122.73 217.27 183.33
C ASP S 845 -122.58 218.62 183.99
N LEU S 846 -122.58 218.67 185.32
CA LEU S 846 -122.42 219.94 186.02
C LEU S 846 -120.98 220.44 185.97
N LEU S 847 -120.01 219.52 186.01
CA LEU S 847 -118.61 219.91 185.96
C LEU S 847 -118.19 220.32 184.55
N SER S 848 -118.85 219.79 183.52
CA SER S 848 -118.52 220.13 182.14
C SER S 848 -119.10 221.49 181.80
N PRO S 849 -120.17 221.93 182.47
CA PRO S 849 -120.74 223.24 182.18
C PRO S 849 -119.89 224.38 182.71
N LEU S 850 -119.28 224.18 183.87
CA LEU S 850 -118.42 225.20 184.47
C LEU S 850 -117.06 225.30 183.80
N LEU S 851 -116.60 224.23 183.17
CA LEU S 851 -115.31 224.23 182.49
C LEU S 851 -115.42 224.57 181.01
N SER S 852 -116.63 224.75 180.48
CA SER S 852 -116.79 225.08 179.08
C SER S 852 -116.48 226.55 178.78
N LEU S 853 -116.52 227.41 179.80
CA LEU S 853 -116.23 228.82 179.63
C LEU S 853 -114.74 229.14 179.71
N GLY S 854 -113.91 228.15 180.04
CA GLY S 854 -112.48 228.38 180.13
C GLY S 854 -111.73 227.88 178.92
N GLN S 855 -110.72 227.04 179.14
CA GLN S 855 -109.92 226.50 178.05
C GLN S 855 -110.62 225.30 177.42
N TYR S 856 -110.59 225.24 176.08
CA TYR S 856 -111.22 224.15 175.36
C TYR S 856 -110.35 222.90 175.30
N LEU S 857 -109.08 222.99 175.67
CA LEU S 857 -108.20 221.84 175.64
C LEU S 857 -108.37 220.93 176.85
N TRP S 858 -109.06 221.39 177.89
CA TRP S 858 -109.27 220.59 179.08
C TRP S 858 -110.37 219.55 178.91
N ALA S 859 -111.19 219.65 177.87
CA ALA S 859 -112.26 218.68 177.66
C ALA S 859 -111.72 217.35 177.13
N ALA S 860 -110.56 217.38 176.48
CA ALA S 860 -109.98 216.14 175.95
C ALA S 860 -109.59 215.18 177.07
N SER S 861 -108.99 215.70 178.14
CA SER S 861 -108.63 214.85 179.28
C SER S 861 -109.86 214.29 179.95
N LEU S 862 -110.91 215.09 180.11
CA LEU S 862 -112.14 214.60 180.73
C LEU S 862 -112.84 213.57 179.85
N ALA S 863 -112.73 213.70 178.53
CA ALA S 863 -113.33 212.72 177.63
C ALA S 863 -112.53 211.43 177.56
N GLU S 864 -111.20 211.53 177.71
CA GLU S 864 -110.36 210.33 177.68
C GLU S 864 -110.30 209.61 179.02
N LYS S 865 -110.59 210.31 180.12
CA LYS S 865 -110.57 209.66 181.43
C LYS S 865 -111.76 208.72 181.60
N TYR S 866 -112.97 209.25 181.47
CA TYR S 866 -114.19 208.46 181.61
C TYR S 866 -114.77 208.18 180.23
N CYS S 867 -115.28 206.96 180.05
CA CYS S 867 -115.87 206.55 178.78
C CYS S 867 -117.38 206.81 178.77
N ASP S 868 -117.73 208.07 179.04
CA ASP S 868 -119.13 208.50 179.08
C ASP S 868 -119.17 210.00 178.82
N PHE S 869 -120.33 210.61 179.04
CA PHE S 869 -120.55 212.04 178.86
C PHE S 869 -120.21 212.47 177.42
N ASP S 870 -121.12 212.11 176.52
CA ASP S 870 -120.96 212.43 175.10
C ASP S 870 -121.63 213.74 174.72
N ILE S 871 -122.61 214.20 175.50
CA ILE S 871 -123.29 215.45 175.18
C ILE S 871 -122.33 216.64 175.36
N LEU S 872 -121.37 216.53 176.27
CA LEU S 872 -120.40 217.61 176.46
C LEU S 872 -119.45 217.68 175.28
N VAL S 873 -118.96 216.53 174.81
CA VAL S 873 -118.06 216.52 173.66
C VAL S 873 -118.78 216.97 172.40
N GLN S 874 -120.05 216.56 172.25
CA GLN S 874 -120.82 216.96 171.07
C GLN S 874 -121.09 218.46 171.07
N MET S 875 -121.23 219.07 172.26
CA MET S 875 -121.43 220.51 172.34
C MET S 875 -120.11 221.26 172.13
N CYS S 876 -119.01 220.70 172.62
CA CYS S 876 -117.71 221.34 172.42
C CYS S 876 -117.27 221.29 170.97
N GLU S 877 -117.59 220.20 170.26
CA GLU S 877 -117.24 220.09 168.85
C GLU S 877 -118.19 220.85 167.94
N GLN S 878 -119.29 221.40 168.47
CA GLN S 878 -120.24 222.15 167.67
C GLN S 878 -120.27 223.64 168.00
N THR S 879 -119.83 224.04 169.19
CA THR S 879 -119.82 225.45 169.53
C THR S 879 -118.76 226.24 168.78
N ASP S 880 -117.71 225.57 168.30
CA ASP S 880 -116.64 226.22 167.55
C ASP S 880 -116.67 225.75 166.10
N ASN S 881 -115.62 226.10 165.36
CA ASN S 881 -115.50 225.72 163.95
C ASN S 881 -114.60 224.52 163.75
N GLN S 882 -114.54 223.62 164.73
CA GLN S 882 -113.70 222.42 164.66
C GLN S 882 -114.54 221.31 164.04
N SER S 883 -114.55 221.25 162.70
CA SER S 883 -115.31 220.23 162.00
C SER S 883 -114.61 218.87 161.99
N ARG S 884 -113.30 218.84 162.15
CA ARG S 884 -112.55 217.59 162.16
C ARG S 884 -112.57 216.90 163.51
N LEU S 885 -113.04 217.57 164.57
CA LEU S 885 -113.07 216.95 165.89
C LEU S 885 -114.25 215.98 166.02
N GLN S 886 -115.38 216.31 165.40
CA GLN S 886 -116.55 215.42 165.49
C GLN S 886 -116.29 214.10 164.77
N ARG S 887 -115.54 214.14 163.66
CA ARG S 887 -115.23 212.91 162.96
C ARG S 887 -114.18 212.10 163.70
N TYR S 888 -113.22 212.78 164.35
CA TYR S 888 -112.20 212.07 165.10
C TYR S 888 -112.77 211.43 166.36
N MET S 889 -113.75 212.07 166.98
CA MET S 889 -114.39 211.52 168.16
C MET S 889 -115.39 210.42 167.83
N THR S 890 -115.74 210.24 166.56
CA THR S 890 -116.68 209.20 166.15
C THR S 890 -116.00 208.03 165.46
N GLN S 891 -114.88 208.24 164.78
CA GLN S 891 -114.18 207.17 164.10
C GLN S 891 -113.41 206.27 165.06
N PHE S 892 -113.15 206.71 166.29
CA PHE S 892 -112.43 205.93 167.29
C PHE S 892 -113.27 205.79 168.55
N ALA S 893 -114.49 205.31 168.40
CA ALA S 893 -115.41 205.13 169.51
C ALA S 893 -116.25 203.88 169.26
N ASP S 894 -117.33 203.73 170.02
CA ASP S 894 -118.23 202.59 169.89
C ASP S 894 -119.66 203.11 169.81
N GLN S 895 -120.31 202.87 168.67
CA GLN S 895 -121.69 203.29 168.43
C GLN S 895 -121.84 204.80 168.61
N ASN S 896 -120.93 205.55 167.98
CA ASN S 896 -120.94 207.00 168.06
C ASN S 896 -121.72 207.65 166.91
N PHE S 897 -122.08 206.89 165.88
CA PHE S 897 -122.83 207.45 164.76
C PHE S 897 -124.31 207.59 165.10
N SER S 898 -124.85 206.66 165.89
CA SER S 898 -126.25 206.72 166.26
C SER S 898 -126.50 207.67 167.43
N ASP S 899 -125.47 207.93 168.24
CA ASP S 899 -125.63 208.84 169.37
C ASP S 899 -125.42 210.30 168.97
N PHE S 900 -124.70 210.55 167.88
CA PHE S 900 -124.46 211.92 167.45
C PHE S 900 -125.66 212.48 166.69
N LEU S 901 -126.38 211.63 165.95
CA LEU S 901 -127.54 212.10 165.20
C LEU S 901 -128.78 212.22 166.09
N PHE S 902 -128.84 211.47 167.18
CA PHE S 902 -129.99 211.54 168.08
C PHE S 902 -129.87 212.69 169.07
N ARG S 903 -128.65 213.05 169.46
CA ARG S 903 -128.46 214.15 170.39
C ARG S 903 -128.59 215.51 169.72
N TRP S 904 -128.35 215.57 168.42
CA TRP S 904 -128.46 216.84 167.70
C TRP S 904 -129.91 217.18 167.36
N TYR S 905 -130.73 216.18 167.05
CA TYR S 905 -132.12 216.44 166.72
C TYR S 905 -132.95 216.81 167.95
N LEU S 906 -132.51 216.41 169.14
CA LEU S 906 -133.23 216.72 170.37
C LEU S 906 -132.89 218.10 170.93
N GLU S 907 -131.93 218.80 170.35
CA GLU S 907 -131.54 220.12 170.84
C GLU S 907 -132.17 221.21 169.96
N GLN S 921 -120.81 228.66 158.22
CA GLN S 921 -119.56 228.47 158.96
C GLN S 921 -119.70 227.38 160.01
N HIS S 922 -119.70 227.78 161.28
CA HIS S 922 -119.83 226.81 162.37
C HIS S 922 -121.26 226.33 162.54
N GLY S 923 -122.25 227.17 162.20
CA GLY S 923 -123.64 226.77 162.34
C GLY S 923 -124.13 225.85 161.26
N GLN S 924 -123.44 225.80 160.12
CA GLN S 924 -123.84 224.93 159.02
C GLN S 924 -123.46 223.47 159.26
N LEU S 925 -122.51 223.20 160.16
CA LEU S 925 -122.09 221.83 160.43
C LEU S 925 -123.13 221.11 161.29
N ALA S 926 -123.61 221.77 162.35
CA ALA S 926 -124.60 221.16 163.22
C ALA S 926 -126.01 221.17 162.61
N ASN S 927 -126.26 222.04 161.64
CA ASN S 927 -127.58 222.10 161.03
C ASN S 927 -127.84 220.88 160.15
N PHE S 928 -126.80 220.30 159.56
CA PHE S 928 -126.97 219.11 158.73
C PHE S 928 -127.22 217.87 159.58
N LEU S 929 -126.82 217.91 160.86
CA LEU S 929 -127.02 216.78 161.75
C LEU S 929 -128.28 216.91 162.60
N GLN S 930 -128.69 218.14 162.91
CA GLN S 930 -129.90 218.37 163.69
C GLN S 930 -131.18 218.26 162.88
N ALA S 931 -131.09 218.24 161.56
CA ALA S 931 -132.26 218.14 160.69
C ALA S 931 -132.56 216.72 160.28
N HIS S 932 -132.52 215.77 161.22
CA HIS S 932 -132.79 214.37 160.92
C HIS S 932 -134.28 214.05 160.93
N GLU S 933 -135.13 214.97 161.36
CA GLU S 933 -136.57 214.75 161.40
C GLU S 933 -137.27 215.92 160.74
N HIS S 934 -138.52 215.68 160.34
CA HIS S 934 -139.36 216.68 159.68
C HIS S 934 -138.70 217.23 158.43
N LEU S 935 -137.93 218.31 158.59
CA LEU S 935 -137.23 218.95 157.47
C LEU S 935 -135.96 218.15 157.18
N SER S 936 -136.12 217.09 156.39
CA SER S 936 -135.01 216.23 156.01
C SER S 936 -134.76 216.17 154.51
N TRP S 937 -135.64 216.77 153.70
CA TRP S 937 -135.44 216.73 152.24
C TRP S 937 -134.18 217.48 151.84
N LEU S 938 -133.94 218.65 152.41
CA LEU S 938 -132.73 219.41 152.10
C LEU S 938 -131.48 218.68 152.57
N HIS S 939 -131.53 218.07 153.75
CA HIS S 939 -130.39 217.33 154.25
C HIS S 939 -130.10 216.09 153.40
N GLU S 940 -131.15 215.46 152.86
CA GLU S 940 -130.94 214.30 152.00
C GLU S 940 -130.45 214.71 150.61
N ILE S 941 -130.90 215.86 150.10
CA ILE S 941 -130.44 216.31 148.79
C ILE S 941 -129.02 216.85 148.86
N ASN S 942 -128.61 217.39 150.01
CA ASN S 942 -127.26 217.92 150.14
C ASN S 942 -126.22 216.82 150.26
N SER S 943 -126.63 215.60 150.57
CA SER S 943 -125.73 214.46 150.71
C SER S 943 -125.81 213.51 149.51
N GLN S 944 -126.28 214.00 148.37
CA GLN S 944 -126.41 213.21 147.14
C GLN S 944 -127.28 211.97 147.38
N GLU S 945 -128.56 212.25 147.66
CA GLU S 945 -129.54 211.20 147.92
C GLU S 945 -130.93 211.77 147.58
N LEU S 946 -131.36 211.55 146.33
CA LEU S 946 -132.65 212.06 145.89
C LEU S 946 -133.80 211.16 146.34
N GLU S 947 -133.55 209.85 146.45
CA GLU S 947 -134.62 208.93 146.86
C GLU S 947 -135.06 209.20 148.29
N LYS S 948 -134.10 209.43 149.19
CA LYS S 948 -134.45 209.71 150.58
C LYS S 948 -135.21 211.02 150.70
N ALA S 949 -134.79 212.05 149.94
CA ALA S 949 -135.49 213.33 149.97
C ALA S 949 -136.91 213.19 149.42
N HIS S 950 -137.07 212.41 148.35
CA HIS S 950 -138.40 212.20 147.79
C HIS S 950 -139.30 211.44 148.78
N ALA S 951 -138.74 210.44 149.46
CA ALA S 951 -139.51 209.70 150.45
C ALA S 951 -139.91 210.59 151.62
N THR S 952 -139.00 211.45 152.07
CA THR S 952 -139.32 212.36 153.17
C THR S 952 -140.39 213.36 152.75
N LEU S 953 -140.30 213.88 151.53
CA LEU S 953 -141.31 214.82 151.05
C LEU S 953 -142.67 214.15 150.92
N LEU S 954 -142.69 212.90 150.44
CA LEU S 954 -143.96 212.17 150.33
C LEU S 954 -144.56 211.90 151.70
N GLY S 955 -143.72 211.52 152.68
CA GLY S 955 -144.21 211.30 154.02
C GLY S 955 -144.70 212.56 154.69
N LEU S 956 -144.08 213.70 154.38
CA LEU S 956 -144.53 214.96 154.95
C LEU S 956 -145.81 215.45 154.29
N ALA S 957 -145.98 215.20 152.99
CA ALA S 957 -147.20 215.61 152.30
C ALA S 957 -148.37 214.69 152.58
N ASN S 958 -148.10 213.43 152.93
CA ASN S 958 -149.18 212.49 153.22
C ASN S 958 -149.87 212.80 154.54
N MET S 959 -149.19 213.49 155.47
CA MET S 959 -149.75 213.84 156.76
C MET S 959 -150.04 215.32 156.90
N GLU S 960 -149.85 216.11 155.85
CA GLU S 960 -150.10 217.54 155.92
C GLU S 960 -151.55 217.84 155.60
N THR S 961 -152.21 218.61 156.47
CA THR S 961 -153.61 218.95 156.25
C THR S 961 -153.97 220.34 156.77
N ARG S 962 -153.01 221.26 156.86
CA ARG S 962 -153.27 222.61 157.35
C ARG S 962 -153.16 223.68 156.28
N TYR S 963 -152.54 223.37 155.13
CA TYR S 963 -152.41 224.35 154.07
C TYR S 963 -152.29 223.61 152.74
N PHE S 964 -153.06 224.05 151.75
CA PHE S 964 -153.02 223.42 150.44
C PHE S 964 -151.78 223.79 149.65
N ALA S 965 -151.30 225.03 149.81
CA ALA S 965 -150.11 225.46 149.09
C ALA S 965 -148.87 224.67 149.53
N LYS S 966 -148.72 224.46 150.84
CA LYS S 966 -147.59 223.68 151.33
C LYS S 966 -147.69 222.22 150.88
N LYS S 967 -148.89 221.66 150.87
CA LYS S 967 -149.06 220.29 150.41
C LYS S 967 -148.77 220.16 148.92
N LYS S 968 -149.10 221.18 148.13
CA LYS S 968 -148.77 221.15 146.71
C LYS S 968 -147.28 221.31 146.48
N THR S 969 -146.64 222.19 147.26
CA THR S 969 -145.20 222.38 147.11
C THR S 969 -144.42 221.13 147.50
N LEU S 970 -144.87 220.44 148.56
CA LEU S 970 -144.21 219.20 148.96
C LEU S 970 -144.36 218.14 147.89
N LEU S 971 -145.55 218.03 147.30
CA LEU S 971 -145.75 217.05 146.23
C LEU S 971 -144.90 217.38 145.01
N GLY S 972 -144.80 218.67 144.67
CA GLY S 972 -143.94 219.05 143.56
C GLY S 972 -142.48 218.75 143.82
N LEU S 973 -142.02 219.01 145.04
CA LEU S 973 -140.63 218.71 145.40
C LEU S 973 -140.38 217.20 145.36
N SER S 974 -141.33 216.41 145.83
CA SER S 974 -141.19 214.96 145.78
C SER S 974 -141.14 214.46 144.34
N LYS S 975 -141.99 215.02 143.47
CA LYS S 975 -141.97 214.63 142.07
C LYS S 975 -140.66 215.01 141.41
N LEU S 976 -140.14 216.19 141.73
CA LEU S 976 -138.86 216.62 141.15
C LEU S 976 -137.72 215.73 141.63
N ALA S 977 -137.72 215.36 142.92
CA ALA S 977 -136.68 214.49 143.45
C ALA S 977 -136.78 213.08 142.87
N ALA S 978 -137.99 212.61 142.59
CA ALA S 978 -138.15 211.30 141.98
C ALA S 978 -137.73 211.31 140.51
N LEU S 979 -137.97 212.42 139.82
CA LEU S 979 -137.56 212.52 138.42
C LEU S 979 -136.06 212.72 138.29
N ALA S 980 -135.44 213.38 139.27
CA ALA S 980 -134.00 213.61 139.25
C ALA S 980 -133.20 212.45 139.85
N SER S 981 -133.87 211.42 140.35
CA SER S 981 -133.19 210.27 140.94
C SER S 981 -132.65 209.36 139.84
N ASP S 982 -131.81 208.41 140.26
CA ASP S 982 -131.21 207.45 139.33
C ASP S 982 -131.65 206.04 139.65
N PHE S 983 -132.96 205.80 139.66
CA PHE S 983 -133.51 204.49 139.96
C PHE S 983 -133.76 203.73 138.64
N SER S 984 -134.49 202.62 138.73
CA SER S 984 -134.81 201.83 137.56
C SER S 984 -136.01 202.41 136.83
N GLU S 985 -136.43 201.71 135.76
CA GLU S 985 -137.58 202.18 134.98
C GLU S 985 -138.90 201.86 135.67
N ASP S 986 -139.00 200.68 136.28
CA ASP S 986 -140.25 200.31 136.96
C ASP S 986 -140.51 201.20 138.17
N MET S 987 -139.46 201.47 138.96
CA MET S 987 -139.63 202.34 140.12
C MET S 987 -139.98 203.76 139.70
N LEU S 988 -139.36 204.25 138.64
CA LEU S 988 -139.66 205.59 138.15
C LEU S 988 -141.10 205.67 137.64
N GLN S 989 -141.56 204.64 136.93
CA GLN S 989 -142.94 204.62 136.46
C GLN S 989 -143.92 204.56 137.62
N GLU S 990 -143.61 203.76 138.65
CA GLU S 990 -144.47 203.68 139.82
C GLU S 990 -144.54 205.01 140.55
N LYS S 991 -143.40 205.69 140.68
CA LYS S 991 -143.38 207.00 141.33
C LYS S 991 -144.16 208.03 140.52
N ILE S 992 -144.03 207.98 139.18
CA ILE S 992 -144.78 208.92 138.34
C ILE S 992 -146.28 208.66 138.46
N GLU S 993 -146.68 207.39 138.51
CA GLU S 993 -148.09 207.06 138.66
C GLU S 993 -148.62 207.51 140.01
N GLU S 994 -147.84 207.30 141.07
CA GLU S 994 -148.26 207.74 142.40
C GLU S 994 -148.36 209.26 142.50
N MET S 995 -147.47 209.98 141.79
CA MET S 995 -147.56 211.44 141.79
C MET S 995 -148.76 211.92 140.98
N ALA S 996 -149.03 211.26 139.84
CA ALA S 996 -150.17 211.65 139.03
C ALA S 996 -151.49 211.38 139.75
N GLU S 997 -151.55 210.29 140.52
CA GLU S 997 -152.76 210.00 141.29
C GLU S 997 -153.01 211.07 142.34
N GLN S 998 -151.96 211.48 143.06
CA GLN S 998 -152.10 212.53 144.05
C GLN S 998 -152.48 213.85 143.40
N GLU S 999 -151.90 214.15 142.24
CA GLU S 999 -152.24 215.39 141.54
C GLU S 999 -153.70 215.39 141.11
N ARG S 1000 -154.18 214.26 140.58
CA ARG S 1000 -155.58 214.18 140.17
C ARG S 1000 -156.52 214.24 141.37
N PHE S 1001 -156.09 213.70 142.51
CA PHE S 1001 -156.93 213.77 143.71
C PHE S 1001 -156.97 215.18 144.30
N LEU S 1002 -155.87 215.92 144.18
CA LEU S 1002 -155.81 217.28 144.71
C LEU S 1002 -156.41 218.31 143.76
N LEU S 1003 -156.48 218.00 142.46
CA LEU S 1003 -157.05 218.96 141.51
C LEU S 1003 -158.54 219.16 141.74
N HIS S 1004 -159.25 218.14 142.22
CA HIS S 1004 -160.67 218.27 142.48
C HIS S 1004 -160.97 219.33 143.53
N GLN S 1005 -160.03 219.54 144.47
CA GLN S 1005 -160.18 220.59 145.47
C GLN S 1005 -159.46 221.87 145.11
N GLU S 1006 -158.43 221.80 144.27
CA GLU S 1006 -157.70 223.01 143.88
C GLU S 1006 -158.42 223.77 142.77
N THR S 1007 -159.25 223.11 141.99
CA THR S 1007 -159.98 223.76 140.90
C THR S 1007 -161.34 224.28 141.35
N LEU S 1008 -161.33 225.12 142.39
CA LEU S 1008 -162.55 225.69 142.92
C LEU S 1008 -162.98 226.91 142.10
N PRO S 1009 -164.27 227.21 142.09
CA PRO S 1009 -164.75 228.37 141.33
C PRO S 1009 -164.39 229.68 142.02
N GLU S 1010 -164.20 230.72 141.20
CA GLU S 1010 -163.86 232.04 141.72
C GLU S 1010 -165.04 232.72 142.40
N GLN S 1011 -166.27 232.39 142.01
CA GLN S 1011 -167.44 233.01 142.63
C GLN S 1011 -167.75 232.41 143.99
N LEU S 1012 -167.49 231.12 144.17
CA LEU S 1012 -167.76 230.46 145.44
C LEU S 1012 -166.70 230.74 146.50
N LEU S 1013 -165.46 231.02 146.08
CA LEU S 1013 -164.39 231.29 147.04
C LEU S 1013 -164.51 232.69 147.63
N ALA S 1014 -165.02 233.65 146.87
CA ALA S 1014 -165.16 235.02 147.35
C ALA S 1014 -166.44 235.25 148.15
N GLU S 1015 -167.49 234.46 147.90
CA GLU S 1015 -168.74 234.63 148.62
C GLU S 1015 -168.68 234.02 150.01
N LYS S 1016 -167.86 233.00 150.21
CA LYS S 1016 -167.72 232.35 151.51
C LYS S 1016 -166.60 232.91 152.36
N GLN S 1017 -165.96 234.00 151.91
CA GLN S 1017 -164.86 234.63 152.64
C GLN S 1017 -163.73 233.64 152.91
N LEU S 1018 -163.34 232.91 151.88
CA LEU S 1018 -162.28 231.91 151.96
C LEU S 1018 -160.98 232.48 151.42
N ASN S 1019 -159.86 232.00 151.96
CA ASN S 1019 -158.55 232.45 151.55
C ASN S 1019 -158.15 231.79 150.23
N LEU S 1020 -157.17 232.40 149.56
CA LEU S 1020 -156.69 231.87 148.29
C LEU S 1020 -155.74 230.70 148.50
N SER S 1021 -154.61 230.96 149.19
CA SER S 1021 -153.62 229.93 149.46
C SER S 1021 -153.47 229.61 150.94
N ALA S 1022 -154.17 230.33 151.82
CA ALA S 1022 -154.09 230.12 153.26
C ALA S 1022 -155.24 229.24 153.77
N MET S 1023 -155.76 228.35 152.93
CA MET S 1023 -156.85 227.47 153.32
C MET S 1023 -156.34 226.07 153.62
N PRO S 1024 -156.98 225.34 154.52
CA PRO S 1024 -156.53 223.98 154.84
C PRO S 1024 -156.91 222.99 153.74
N VAL S 1025 -156.30 221.81 153.82
CA VAL S 1025 -156.54 220.75 152.86
C VAL S 1025 -157.88 220.10 153.18
N LEU S 1026 -158.89 220.36 152.35
CA LEU S 1026 -160.21 219.79 152.57
C LEU S 1026 -160.25 218.34 152.12
N THR S 1027 -161.24 217.61 152.65
CA THR S 1027 -161.40 216.20 152.34
C THR S 1027 -162.32 216.05 151.12
N ALA S 1028 -162.81 214.84 150.89
CA ALA S 1028 -163.71 214.58 149.77
C ALA S 1028 -165.11 215.04 150.10
N PRO S 1029 -165.58 214.86 151.34
CA PRO S 1029 -166.94 215.31 151.67
C PRO S 1029 -167.11 216.81 151.61
N GLN S 1030 -166.14 217.56 152.15
CA GLN S 1030 -166.22 219.02 152.08
C GLN S 1030 -166.14 219.52 150.64
N LEU S 1031 -165.30 218.89 149.83
CA LEU S 1031 -165.18 219.29 148.43
C LEU S 1031 -166.44 218.96 147.65
N ILE S 1032 -167.12 217.87 147.99
CA ILE S 1032 -168.36 217.52 147.32
C ILE S 1032 -169.50 218.42 147.78
N GLY S 1033 -169.50 218.84 149.05
CA GLY S 1033 -170.54 219.72 149.55
C GLY S 1033 -170.40 221.15 149.10
N LEU S 1034 -169.16 221.63 148.97
CA LEU S 1034 -168.94 223.01 148.55
C LEU S 1034 -169.16 223.20 147.05
N TYR S 1035 -169.01 222.13 146.27
CA TYR S 1035 -169.20 222.22 144.83
C TYR S 1035 -170.66 222.15 144.41
N ILE S 1036 -171.55 221.71 145.31
CA ILE S 1036 -172.96 221.60 145.00
C ILE S 1036 -173.77 222.41 146.01
N CYS S 1037 -173.16 223.46 146.56
CA CYS S 1037 -173.82 224.31 147.53
C CYS S 1037 -174.60 225.41 146.83
N GLU S 1038 -175.24 226.27 147.62
CA GLU S 1038 -176.02 227.37 147.07
C GLU S 1038 -175.18 228.58 146.71
N GLU S 1039 -173.92 228.63 147.14
CA GLU S 1039 -173.06 229.77 146.81
C GLU S 1039 -172.53 229.68 145.39
N ASN S 1040 -172.37 228.48 144.85
CA ASN S 1040 -171.86 228.29 143.49
C ASN S 1040 -173.01 228.48 142.51
N ARG S 1041 -173.14 229.70 142.01
CA ARG S 1041 -174.21 230.01 141.05
C ARG S 1041 -173.91 229.48 139.66
N ARG S 1042 -172.65 229.50 139.26
CA ARG S 1042 -172.25 229.01 137.93
C ARG S 1042 -171.74 227.57 138.01
N ALA S 1043 -172.65 226.68 138.41
CA ALA S 1043 -172.35 225.26 138.55
C ALA S 1043 -172.95 224.53 137.35
N ASN S 1044 -172.12 224.20 136.37
CA ASN S 1044 -172.57 223.51 135.18
C ASN S 1044 -172.28 222.02 135.27
N GLU S 1045 -171.87 221.41 134.15
CA GLU S 1045 -171.56 219.99 134.14
C GLU S 1045 -170.22 219.69 134.79
N TYR S 1046 -169.27 220.63 134.72
CA TYR S 1046 -167.96 220.40 135.32
C TYR S 1046 -168.05 220.41 136.85
N ASP S 1047 -168.96 221.21 137.41
CA ASP S 1047 -169.13 221.23 138.85
C ASP S 1047 -169.91 220.03 139.36
N PHE S 1048 -170.64 219.34 138.49
CA PHE S 1048 -171.40 218.17 138.89
C PHE S 1048 -170.66 216.86 138.65
N LYS S 1049 -169.82 216.81 137.62
CA LYS S 1049 -169.06 215.59 137.34
C LYS S 1049 -167.87 215.43 138.28
N LYS S 1050 -167.35 216.53 138.81
CA LYS S 1050 -166.20 216.44 139.71
C LYS S 1050 -166.62 216.02 141.12
N ALA S 1051 -167.86 216.29 141.51
CA ALA S 1051 -168.32 215.91 142.84
C ALA S 1051 -168.64 214.42 142.93
N LEU S 1052 -169.13 213.82 141.85
CA LEU S 1052 -169.46 212.39 141.86
C LEU S 1052 -168.22 211.51 141.75
N ASP S 1053 -167.13 212.03 141.18
CA ASP S 1053 -165.91 211.25 141.04
C ASP S 1053 -165.06 211.21 142.30
N LEU S 1054 -165.38 212.05 143.29
CA LEU S 1054 -164.64 212.11 144.54
C LEU S 1054 -165.22 211.18 145.61
N LEU S 1055 -166.15 210.30 145.25
CA LEU S 1055 -166.75 209.39 146.21
C LEU S 1055 -165.84 208.21 146.55
N GLU S 1056 -164.81 207.96 145.76
CA GLU S 1056 -163.89 206.85 146.02
C GLU S 1056 -162.82 207.19 147.04
N TYR S 1057 -162.72 208.46 147.46
CA TYR S 1057 -161.73 208.89 148.44
C TYR S 1057 -162.37 209.23 149.78
N ILE S 1058 -163.52 208.63 150.08
CA ILE S 1058 -164.20 208.90 151.35
C ILE S 1058 -163.62 208.04 152.46
N ASP S 1059 -163.42 206.75 152.19
CA ASP S 1059 -162.88 205.80 153.16
C ASP S 1059 -163.69 205.78 154.45
N ILE S 1064 -168.86 207.91 155.09
CA ILE S 1064 -170.06 207.57 155.83
C ILE S 1064 -171.04 206.81 154.94
N ASN S 1065 -172.03 207.53 154.41
CA ASN S 1065 -173.06 206.95 153.55
C ASN S 1065 -172.99 207.63 152.19
N ILE S 1066 -172.64 206.85 151.16
CA ILE S 1066 -172.59 207.39 149.80
C ILE S 1066 -173.93 207.37 149.10
N ASN S 1067 -174.87 206.53 149.55
CA ASN S 1067 -176.19 206.48 148.91
C ASN S 1067 -176.96 207.77 149.13
N ASP S 1068 -176.79 208.40 150.29
CA ASP S 1068 -177.47 209.68 150.55
C ASP S 1068 -176.81 210.81 149.78
N LEU S 1069 -175.47 210.79 149.69
CA LEU S 1069 -174.76 211.85 148.96
C LEU S 1069 -175.06 211.77 147.46
N LYS S 1070 -175.17 210.56 146.92
CA LYS S 1070 -175.49 210.40 145.50
C LYS S 1070 -176.87 210.93 145.18
N LEU S 1071 -177.82 210.80 146.11
CA LEU S 1071 -179.15 211.34 145.90
C LEU S 1071 -179.17 212.86 146.09
N GLU S 1072 -178.42 213.35 147.07
CA GLU S 1072 -178.36 214.80 147.30
C GLU S 1072 -177.74 215.53 146.12
N ILE S 1073 -176.67 214.97 145.54
CA ILE S 1073 -176.03 215.60 144.40
C ILE S 1073 -176.97 215.59 143.20
N LEU S 1074 -177.69 214.49 142.98
CA LEU S 1074 -178.64 214.41 141.88
C LEU S 1074 -179.80 215.38 142.06
N CYS S 1075 -180.24 215.59 143.31
CA CYS S 1075 -181.31 216.56 143.56
C CYS S 1075 -180.82 217.99 143.37
N LYS S 1076 -179.57 218.26 143.77
CA LYS S 1076 -179.02 219.61 143.60
C LYS S 1076 -178.76 219.92 142.14
N ALA S 1077 -178.35 218.93 141.34
CA ALA S 1077 -178.12 219.14 139.93
C ALA S 1077 -179.41 219.24 139.13
N LEU S 1078 -180.54 218.82 139.71
CA LEU S 1078 -181.83 218.88 139.03
C LEU S 1078 -182.68 220.06 139.47
N GLN S 1079 -182.54 220.51 140.71
CA GLN S 1079 -183.33 221.65 141.19
C GLN S 1079 -182.84 222.98 140.64
N ARG S 1080 -181.59 223.05 140.19
CA ARG S 1080 -181.02 224.28 139.65
C ARG S 1080 -181.28 224.44 138.15
N ASP S 1081 -181.85 223.43 137.49
CA ASP S 1081 -182.13 223.51 136.06
C ASP S 1081 -183.43 224.24 135.75
N ASN S 1082 -184.28 224.48 136.75
CA ASN S 1082 -185.55 225.17 136.59
C ASN S 1082 -186.42 224.46 135.54
N TRP S 1083 -186.96 223.33 135.95
CA TRP S 1083 -187.82 222.52 135.10
C TRP S 1083 -189.22 223.11 135.01
N VAL S 1095 -181.25 220.09 131.27
CA VAL S 1095 -180.05 220.53 130.55
C VAL S 1095 -178.80 220.00 131.23
N SER S 1096 -178.72 220.18 132.55
CA SER S 1096 -177.56 219.71 133.29
C SER S 1096 -177.63 218.19 133.55
N LYS S 1097 -178.83 217.67 133.79
CA LYS S 1097 -178.97 216.24 134.04
C LYS S 1097 -178.63 215.42 132.80
N ASP S 1098 -179.08 215.87 131.63
CA ASP S 1098 -178.76 215.15 130.40
C ASP S 1098 -177.27 215.18 130.12
N SER S 1099 -176.62 216.33 130.36
CA SER S 1099 -175.18 216.41 130.15
C SER S 1099 -174.42 215.52 131.13
N ILE S 1100 -174.87 215.48 132.39
CA ILE S 1100 -174.21 214.64 133.37
C ILE S 1100 -174.40 213.16 133.04
N PHE S 1101 -175.57 212.80 132.49
CA PHE S 1101 -175.80 211.41 132.12
C PHE S 1101 -175.01 211.02 130.86
N VAL S 1102 -174.83 211.96 129.94
CA VAL S 1102 -174.07 211.66 128.73
C VAL S 1102 -172.58 211.63 129.01
N LYS S 1103 -172.10 212.44 129.96
CA LYS S 1103 -170.67 212.46 130.29
C LYS S 1103 -170.26 211.32 131.20
N ILE S 1104 -171.20 210.53 131.72
CA ILE S 1104 -170.85 209.42 132.60
C ILE S 1104 -170.33 208.24 131.80
N LEU S 1105 -170.73 208.12 130.53
CA LEU S 1105 -170.29 207.01 129.70
C LEU S 1105 -169.05 207.40 128.88
N LEU S 1119 -174.94 202.09 135.19
CA LEU S 1119 -175.96 203.13 135.24
C LEU S 1119 -176.97 202.87 136.37
N PRO S 1120 -176.71 201.86 137.17
CA PRO S 1120 -177.61 201.52 138.28
C PRO S 1120 -177.26 202.16 139.61
N GLU S 1121 -176.38 203.16 139.63
CA GLU S 1121 -176.02 203.81 140.89
C GLU S 1121 -177.06 204.84 141.32
N VAL S 1122 -177.77 205.44 140.38
CA VAL S 1122 -178.79 206.42 140.69
C VAL S 1122 -180.07 205.73 141.10
N LYS S 1123 -180.86 206.40 141.95
CA LYS S 1123 -182.11 205.86 142.43
C LYS S 1123 -183.26 206.26 141.49
N ASP S 1124 -184.46 205.80 141.82
CA ASP S 1124 -185.64 206.10 141.01
C ASP S 1124 -186.82 206.48 141.90
N LEU S 1125 -187.30 205.53 142.71
CA LEU S 1125 -188.42 205.81 143.60
C LEU S 1125 -187.98 206.55 144.85
N LEU S 1126 -186.72 206.41 145.25
CA LEU S 1126 -186.23 207.10 146.44
C LEU S 1126 -185.84 208.54 146.17
N GLN S 1127 -185.67 208.93 144.90
CA GLN S 1127 -185.30 210.29 144.56
C GLN S 1127 -186.47 211.25 144.62
N ALA S 1128 -187.69 210.76 144.49
CA ALA S 1128 -188.89 211.60 144.54
C ALA S 1128 -189.42 211.81 145.95
N ASP S 1129 -188.88 211.09 146.94
CA ASP S 1129 -189.33 211.24 148.33
C ASP S 1129 -188.64 212.41 149.00
N GLU S 1141 -191.82 215.99 137.96
CA GLU S 1141 -192.34 214.64 137.82
C GLU S 1141 -192.53 214.27 136.36
N PHE S 1142 -192.82 215.27 135.54
CA PHE S 1142 -193.03 215.04 134.11
C PHE S 1142 -191.70 214.90 133.37
N VAL S 1143 -190.73 215.74 133.70
CA VAL S 1143 -189.43 215.66 133.05
C VAL S 1143 -188.55 214.56 133.64
N LEU S 1144 -188.84 214.10 134.85
CA LEU S 1144 -188.04 213.04 135.46
C LEU S 1144 -188.44 211.67 134.94
N LYS S 1145 -189.72 211.49 134.60
CA LYS S 1145 -190.17 210.19 134.09
C LYS S 1145 -189.84 210.04 132.61
N ALA S 1146 -189.75 211.14 131.86
CA ALA S 1146 -189.44 211.06 130.44
C ALA S 1146 -187.95 210.87 130.20
N ASN S 1147 -187.10 211.40 131.09
CA ASN S 1147 -185.66 211.24 130.91
C ASN S 1147 -185.16 209.87 131.36
N TYR S 1148 -185.94 209.16 132.17
CA TYR S 1148 -185.51 207.84 132.63
C TYR S 1148 -185.74 206.76 131.57
N GLU S 1149 -186.62 207.00 130.60
CA GLU S 1149 -186.87 206.01 129.56
C GLU S 1149 -185.77 206.03 128.50
N TYR S 1150 -185.20 207.20 128.24
CA TYR S 1150 -184.13 207.31 127.25
C TYR S 1150 -182.78 206.85 127.80
N TYR S 1151 -182.61 206.88 129.13
CA TYR S 1151 -181.35 206.45 129.72
C TYR S 1151 -181.24 204.93 129.81
N VAL S 1152 -182.37 204.23 129.79
CA VAL S 1152 -182.35 202.78 129.88
C VAL S 1152 -182.02 202.16 128.52
N GLN S 1153 -182.38 202.83 127.43
CA GLN S 1153 -182.11 202.30 126.10
C GLN S 1153 -180.67 202.56 125.66
N GLY S 1154 -180.08 203.68 126.09
CA GLY S 1154 -178.72 204.00 125.72
C GLY S 1154 -177.66 203.27 126.51
N GLN S 1155 -178.01 202.76 127.69
CA GLN S 1155 -177.08 202.03 128.53
C GLN S 1155 -177.16 200.52 128.34
N ILE S 1156 -178.06 200.03 127.50
CA ILE S 1156 -178.21 198.61 127.25
C ILE S 1156 -177.80 198.28 125.82
N ALA T 150 -133.21 259.88 77.47
CA ALA T 150 -134.35 260.31 76.69
C ALA T 150 -135.19 259.14 76.17
N SER T 151 -134.59 257.94 76.03
CA SER T 151 -135.27 256.75 75.51
C SER T 151 -135.92 255.88 76.59
N MET T 152 -135.68 256.14 77.88
CA MET T 152 -136.17 255.30 78.98
C MET T 152 -137.70 255.28 79.11
N SER T 153 -138.40 256.34 78.69
CA SER T 153 -139.88 256.34 78.73
C SER T 153 -140.49 255.33 77.74
N MET T 154 -139.76 254.97 76.68
CA MET T 154 -140.27 254.08 75.64
C MET T 154 -140.68 252.71 76.19
N PHE T 155 -140.03 252.22 77.25
CA PHE T 155 -140.38 250.94 77.86
C PHE T 155 -141.80 250.95 78.45
N SER T 156 -142.21 252.06 79.08
CA SER T 156 -143.59 252.22 79.56
C SER T 156 -144.56 252.55 78.43
N ASP T 157 -144.15 253.37 77.46
CA ASP T 157 -145.01 253.80 76.37
C ASP T 157 -145.44 252.61 75.50
N PHE T 158 -144.52 251.68 75.23
CA PHE T 158 -144.83 250.45 74.49
C PHE T 158 -145.82 249.54 75.24
N LEU T 159 -145.68 249.42 76.56
CA LEU T 159 -146.63 248.63 77.36
C LEU T 159 -148.02 249.29 77.35
N GLN T 160 -148.10 250.60 77.55
CA GLN T 160 -149.37 251.33 77.52
C GLN T 160 -150.07 251.20 76.16
N SER T 161 -149.30 251.31 75.08
CA SER T 161 -149.81 251.11 73.72
C SER T 161 -150.31 249.68 73.51
N PHE T 162 -149.58 248.66 74.01
CA PHE T 162 -150.02 247.26 73.97
C PHE T 162 -151.36 247.06 74.68
N LEU T 163 -151.48 247.54 75.92
CA LEU T 163 -152.68 247.37 76.75
C LEU T 163 -153.91 248.11 76.19
N LYS T 164 -153.69 249.20 75.44
CA LYS T 164 -154.75 249.99 74.80
C LYS T 164 -155.38 249.25 73.62
N HIS T 165 -154.67 248.33 72.98
CA HIS T 165 -155.11 247.65 71.76
C HIS T 165 -155.59 246.22 72.06
N SER T 166 -156.63 245.78 71.34
CA SER T 166 -157.08 244.39 71.38
C SER T 166 -156.49 243.60 70.22
N SER T 167 -156.69 242.28 70.22
CA SER T 167 -156.24 241.42 69.12
C SER T 167 -156.79 241.84 67.75
N SER T 168 -157.99 242.44 67.70
CA SER T 168 -158.57 242.94 66.45
C SER T 168 -157.93 244.22 65.90
N THR T 169 -157.16 244.95 66.72
CA THR T 169 -156.51 246.22 66.36
C THR T 169 -154.98 246.13 66.42
N VAL T 170 -154.45 244.92 66.25
CA VAL T 170 -153.00 244.63 66.33
C VAL T 170 -152.15 245.41 65.33
N PHE T 171 -152.70 245.80 64.17
CA PHE T 171 -151.97 246.63 63.22
C PHE T 171 -151.97 248.11 63.59
N ASP T 172 -153.01 248.59 64.28
CA ASP T 172 -153.02 249.95 64.83
C ASP T 172 -151.98 250.07 65.97
N LEU T 173 -151.80 248.99 66.74
CA LEU T 173 -150.71 248.87 67.73
C LEU T 173 -149.33 249.02 67.09
N VAL T 174 -149.05 248.31 65.99
CA VAL T 174 -147.74 248.40 65.31
C VAL T 174 -147.54 249.81 64.72
N GLU T 175 -148.58 250.44 64.19
CA GLU T 175 -148.52 251.84 63.76
C GLU T 175 -148.24 252.79 64.94
N GLU T 176 -148.81 252.56 66.12
CA GLU T 176 -148.49 253.34 67.32
C GLU T 176 -147.03 253.10 67.79
N TYR T 177 -146.52 251.87 67.71
CA TYR T 177 -145.09 251.57 67.96
C TYR T 177 -144.15 252.30 67.00
N GLU T 178 -144.48 252.33 65.71
CA GLU T 178 -143.73 253.12 64.73
C GLU T 178 -143.71 254.60 65.12
N ASN T 179 -144.86 255.16 65.51
CA ASN T 179 -144.98 256.57 65.91
C ASN T 179 -144.20 256.90 67.19
N ILE T 180 -144.19 256.00 68.18
CA ILE T 180 -143.38 256.16 69.41
C ILE T 180 -141.90 256.19 69.04
N CYS T 181 -141.43 255.25 68.22
CA CYS T 181 -140.05 255.24 67.74
C CYS T 181 -139.72 256.51 66.94
N GLY T 182 -140.58 256.92 66.01
CA GLY T 182 -140.38 258.12 65.18
C GLY T 182 -140.31 259.40 66.00
N SER T 183 -141.14 259.53 67.04
CA SER T 183 -141.09 260.66 67.97
C SER T 183 -139.73 260.70 68.68
N GLN T 184 -139.24 259.56 69.14
CA GLN T 184 -137.94 259.47 69.82
C GLN T 184 -136.76 259.71 68.87
N VAL T 185 -136.80 259.16 67.66
CA VAL T 185 -135.80 259.38 66.60
C VAL T 185 -135.68 260.88 66.28
N ASN T 186 -136.80 261.59 66.19
CA ASN T 186 -136.80 263.04 65.99
C ASN T 186 -136.12 263.79 67.13
N ILE T 187 -136.36 263.41 68.38
CA ILE T 187 -135.71 264.00 69.56
C ILE T 187 -134.20 263.73 69.53
N LEU T 188 -133.79 262.47 69.32
CA LEU T 188 -132.38 262.09 69.27
C LEU T 188 -131.64 262.74 68.09
N SER T 189 -132.27 262.87 66.93
CA SER T 189 -131.71 263.56 65.76
C SER T 189 -131.46 265.05 66.05
N LYS T 190 -132.38 265.73 66.75
CA LYS T 190 -132.18 267.11 67.23
C LYS T 190 -131.00 267.20 68.22
N ILE T 191 -130.83 266.22 69.11
CA ILE T 191 -129.71 266.17 70.06
C ILE T 191 -128.38 265.98 69.33
N VAL T 192 -128.31 265.03 68.39
CA VAL T 192 -127.09 264.73 67.61
C VAL T 192 -126.71 265.89 66.70
N SER T 193 -127.67 266.56 66.03
CA SER T 193 -127.39 267.70 65.15
C SER T 193 -126.89 268.96 65.89
N ARG T 194 -127.27 269.14 67.16
CA ARG T 194 -126.79 270.23 68.03
C ARG T 194 -125.42 269.94 68.66
N ALA T 195 -124.96 268.68 68.64
CA ALA T 195 -123.69 268.30 69.19
C ALA T 195 -122.52 268.81 68.34
N THR T 196 -121.49 269.39 68.97
CA THR T 196 -120.28 269.80 68.25
C THR T 196 -119.56 268.57 67.68
N PRO T 197 -119.23 268.55 66.36
CA PRO T 197 -118.55 267.41 65.75
C PRO T 197 -117.25 267.07 66.49
N GLY T 198 -117.10 265.82 66.94
CA GLY T 198 -115.86 265.31 67.56
C GLY T 198 -115.92 265.06 69.08
N LEU T 199 -117.00 265.39 69.77
CA LEU T 199 -117.19 265.02 71.17
C LEU T 199 -117.61 263.54 71.28
N GLN T 200 -116.73 262.70 71.81
CA GLN T 200 -116.99 261.25 72.06
C GLN T 200 -118.27 261.00 72.87
N LYS T 201 -118.72 261.97 73.68
CA LYS T 201 -119.95 261.86 74.49
C LYS T 201 -121.20 261.50 73.68
N PHE T 202 -121.26 261.85 72.40
CA PHE T 202 -122.43 261.60 71.55
C PHE T 202 -122.35 260.33 70.72
N SER T 203 -121.28 259.53 70.83
CA SER T 203 -121.17 258.29 70.05
C SER T 203 -122.27 257.29 70.42
N LYS T 204 -122.57 257.16 71.72
CA LYS T 204 -123.65 256.29 72.21
C LYS T 204 -125.03 256.81 71.79
N THR T 205 -125.27 258.11 71.90
CA THR T 205 -126.51 258.75 71.44
C THR T 205 -126.72 258.55 69.94
N ALA T 206 -125.66 258.64 69.12
CA ALA T 206 -125.73 258.36 67.69
C ALA T 206 -126.01 256.88 67.40
N SER T 207 -125.38 255.95 68.15
CA SER T 207 -125.70 254.51 68.07
C SER T 207 -127.15 254.23 68.46
N MET T 208 -127.68 254.89 69.49
CA MET T 208 -129.07 254.78 69.91
C MET T 208 -130.03 255.32 68.85
N LEU T 209 -129.70 256.47 68.24
CA LEU T 209 -130.47 257.04 67.14
C LEU T 209 -130.58 256.04 65.99
N TRP T 210 -129.46 255.44 65.58
CA TRP T 210 -129.46 254.43 64.53
C TRP T 210 -130.29 253.20 64.92
N LEU T 211 -130.13 252.70 66.15
CA LEU T 211 -130.87 251.55 66.67
C LEU T 211 -132.39 251.78 66.61
N LEU T 212 -132.87 252.92 67.10
CA LEU T 212 -134.30 253.25 67.12
C LEU T 212 -134.84 253.57 65.72
N GLN T 213 -134.02 254.13 64.83
CA GLN T 213 -134.40 254.32 63.44
C GLN T 213 -134.59 252.97 62.74
N GLN T 214 -133.71 252.00 62.98
CA GLN T 214 -133.86 250.64 62.47
C GLN T 214 -135.08 249.93 63.08
N GLU T 215 -135.38 250.15 64.36
CA GLU T 215 -136.60 249.64 64.98
C GLU T 215 -137.87 250.18 64.31
N MET T 216 -137.94 251.51 64.13
CA MET T 216 -139.06 252.20 63.50
C MET T 216 -139.37 251.61 62.12
N VAL T 217 -138.36 251.50 61.26
CA VAL T 217 -138.56 251.00 59.90
C VAL T 217 -138.87 249.50 59.89
N THR T 218 -138.43 248.74 60.90
CA THR T 218 -138.77 247.32 61.03
C THR T 218 -140.24 247.13 61.40
N TRP T 219 -140.80 247.97 62.29
CA TRP T 219 -142.24 247.96 62.57
C TRP T 219 -143.08 248.30 61.34
N ARG T 220 -142.64 249.30 60.54
CA ARG T 220 -143.28 249.66 59.26
C ARG T 220 -143.31 248.49 58.26
N LEU T 221 -142.19 247.78 58.13
CA LEU T 221 -142.09 246.58 57.29
C LEU T 221 -143.04 245.48 57.79
N LEU T 222 -143.01 245.19 59.09
CA LEU T 222 -143.85 244.18 59.73
C LEU T 222 -145.33 244.44 59.46
N ALA T 223 -145.79 245.68 59.69
CA ALA T 223 -147.18 246.07 59.45
C ALA T 223 -147.60 245.87 58.00
N SER T 224 -146.73 246.19 57.04
CA SER T 224 -147.02 246.07 55.61
C SER T 224 -147.14 244.61 55.18
N LEU T 225 -146.13 243.79 55.50
CA LEU T 225 -146.08 242.38 55.10
C LEU T 225 -147.14 241.51 55.79
N TYR T 226 -147.30 241.63 57.11
CA TYR T 226 -148.23 240.76 57.84
C TYR T 226 -149.69 241.14 57.58
N ARG T 227 -149.98 242.43 57.30
CA ARG T 227 -151.32 242.82 56.85
C ARG T 227 -151.67 242.15 55.54
N ASP T 228 -150.74 242.15 54.58
CA ASP T 228 -150.92 241.46 53.30
C ASP T 228 -151.08 239.95 53.45
N ARG T 229 -150.20 239.31 54.22
CA ARG T 229 -150.25 237.85 54.45
C ARG T 229 -151.56 237.40 55.08
N ILE T 230 -152.03 238.13 56.10
CA ILE T 230 -153.30 237.83 56.77
C ILE T 230 -154.48 238.07 55.85
N GLN T 231 -154.48 239.16 55.09
CA GLN T 231 -155.55 239.44 54.12
C GLN T 231 -155.59 238.37 53.02
N SER T 232 -154.43 238.00 52.48
CA SER T 232 -154.31 236.99 51.42
C SER T 232 -154.85 235.63 51.88
N ALA T 233 -154.49 235.20 53.10
CA ALA T 233 -154.98 233.95 53.67
C ALA T 233 -156.51 233.90 53.84
N LEU T 234 -157.18 235.06 53.94
CA LEU T 234 -158.64 235.16 54.03
C LEU T 234 -159.32 235.19 52.65
N GLU T 235 -158.61 235.60 51.59
CA GLU T 235 -159.17 235.82 50.25
C GLU T 235 -159.01 234.62 49.30
N GLU T 236 -158.04 233.73 49.56
CA GLU T 236 -157.76 232.51 48.77
C GLU T 236 -159.01 231.61 48.56
N GLU T 237 -160.06 231.75 49.37
CA GLU T 237 -161.31 231.00 49.20
C GLU T 237 -162.24 231.50 48.07
N SER T 238 -161.98 232.66 47.43
CA SER T 238 -163.05 233.36 46.68
C SER T 238 -162.85 233.74 45.20
N VAL T 239 -161.68 233.52 44.57
CA VAL T 239 -161.42 234.17 43.26
C VAL T 239 -161.13 233.19 42.11
N PHE T 240 -162.11 233.07 41.19
CA PHE T 240 -161.89 232.70 39.79
C PHE T 240 -161.96 233.98 38.94
N ALA T 241 -160.82 234.49 38.47
CA ALA T 241 -160.77 235.63 37.54
C ALA T 241 -160.54 235.14 36.10
N VAL T 242 -161.46 235.48 35.19
CA VAL T 242 -161.35 235.21 33.75
C VAL T 242 -160.54 236.34 33.11
N THR T 243 -159.36 236.03 32.58
CA THR T 243 -158.55 236.98 31.80
C THR T 243 -159.25 237.33 30.49
N ALA T 244 -159.53 238.62 30.28
CA ALA T 244 -160.14 239.11 29.06
C ALA T 244 -159.15 239.02 27.88
N VAL T 245 -159.63 238.53 26.73
CA VAL T 245 -158.82 238.23 25.53
C VAL T 245 -158.13 239.47 24.93
N ASN T 246 -158.54 240.69 25.31
CA ASN T 246 -157.96 241.98 24.86
C ASN T 246 -157.49 242.86 26.03
N ALA T 247 -156.98 242.27 27.10
CA ALA T 247 -156.52 243.03 28.27
C ALA T 247 -155.31 243.92 27.93
N SER T 248 -155.36 245.19 28.35
CA SER T 248 -154.21 246.10 28.30
C SER T 248 -153.07 245.66 29.23
N GLU T 249 -151.84 246.15 29.02
CA GLU T 249 -150.71 245.85 29.93
C GLU T 249 -151.07 246.20 31.38
N LYS T 250 -151.68 247.36 31.62
CA LYS T 250 -152.13 247.79 32.96
C LYS T 250 -153.07 246.77 33.61
N THR T 251 -154.08 246.30 32.88
CA THR T 251 -155.06 245.33 33.38
C THR T 251 -154.42 243.97 33.69
N VAL T 252 -153.49 243.52 32.85
CA VAL T 252 -152.73 242.27 33.08
C VAL T 252 -151.92 242.38 34.36
N VAL T 253 -151.20 243.50 34.55
CA VAL T 253 -150.38 243.72 35.74
C VAL T 253 -151.25 243.86 37.00
N GLU T 254 -152.37 244.59 36.94
CA GLU T 254 -153.32 244.65 38.06
C GLU T 254 -153.83 243.26 38.47
N ALA T 255 -154.15 242.40 37.51
CA ALA T 255 -154.55 241.02 37.77
C ALA T 255 -153.40 240.19 38.38
N LEU T 256 -152.16 240.39 37.94
CA LEU T 256 -150.98 239.76 38.53
C LEU T 256 -150.83 240.12 40.00
N PHE T 257 -150.90 241.41 40.34
CA PHE T 257 -150.76 241.87 41.72
C PHE T 257 -151.88 241.39 42.65
N GLN T 258 -153.07 241.12 42.12
CA GLN T 258 -154.16 240.50 42.88
C GLN T 258 -153.90 239.01 43.12
N ARG T 259 -153.48 238.29 42.07
CA ARG T 259 -153.31 236.83 42.09
C ARG T 259 -152.04 236.36 42.79
N ASP T 260 -150.93 237.06 42.58
CA ASP T 260 -149.59 236.60 42.96
C ASP T 260 -149.09 237.31 44.22
N SER T 261 -149.00 236.56 45.31
CA SER T 261 -148.53 237.06 46.61
C SER T 261 -147.04 237.38 46.62
N LEU T 262 -146.22 236.67 45.83
CA LEU T 262 -144.78 236.93 45.75
C LEU T 262 -144.51 238.30 45.13
N VAL T 263 -145.16 238.60 44.00
CA VAL T 263 -145.02 239.90 43.31
C VAL T 263 -145.50 241.03 44.21
N ARG T 264 -146.67 240.86 44.84
CA ARG T 264 -147.26 241.85 45.75
C ARG T 264 -146.39 242.11 46.98
N GLN T 265 -145.94 241.07 47.68
CA GLN T 265 -145.07 241.23 48.85
C GLN T 265 -143.69 241.81 48.48
N SER T 266 -143.14 241.43 47.32
CA SER T 266 -141.89 242.00 46.82
C SER T 266 -142.02 243.50 46.56
N GLN T 267 -143.16 243.94 46.01
CA GLN T 267 -143.43 245.38 45.84
C GLN T 267 -143.58 246.09 47.18
N LEU T 268 -144.21 245.48 48.20
CA LEU T 268 -144.27 246.06 49.54
C LEU T 268 -142.87 246.27 50.15
N VAL T 269 -141.92 245.36 49.88
CA VAL T 269 -140.52 245.54 50.28
C VAL T 269 -139.87 246.71 49.55
N VAL T 270 -140.13 246.87 48.24
CA VAL T 270 -139.67 248.04 47.46
C VAL T 270 -140.23 249.33 48.06
N ASP T 271 -141.54 249.41 48.27
CA ASP T 271 -142.21 250.59 48.82
C ASP T 271 -141.68 250.95 50.20
N TRP T 272 -141.44 249.94 51.04
CA TRP T 272 -140.80 250.11 52.34
C TRP T 272 -139.40 250.73 52.21
N LEU T 273 -138.53 250.18 51.36
CA LEU T 273 -137.17 250.70 51.16
C LEU T 273 -137.16 252.09 50.52
N GLU T 274 -138.13 252.39 49.65
CA GLU T 274 -138.31 253.72 49.07
C GLU T 274 -138.78 254.72 50.14
N SER T 275 -139.62 254.29 51.10
CA SER T 275 -140.04 255.12 52.23
C SER T 275 -138.87 255.50 53.14
N ILE T 276 -137.93 254.58 53.39
CA ILE T 276 -136.72 254.86 54.19
C ILE T 276 -135.88 255.93 53.49
N ALA T 277 -135.59 255.74 52.21
CA ALA T 277 -134.82 256.71 51.44
C ALA T 277 -135.52 258.08 51.36
N LYS T 278 -136.86 258.11 51.33
CA LYS T 278 -137.64 259.34 51.38
C LYS T 278 -137.49 260.06 52.73
N ASP T 279 -137.53 259.32 53.84
CA ASP T 279 -137.35 259.87 55.18
C ASP T 279 -135.95 260.50 55.33
N GLU T 280 -134.92 259.89 54.73
CA GLU T 280 -133.53 260.41 54.73
C GLU T 280 -133.34 261.68 53.90
N ILE T 281 -134.07 261.86 52.80
CA ILE T 281 -133.99 263.06 51.95
C ILE T 281 -134.53 264.29 52.71
N GLY T 282 -135.58 264.11 53.52
CA GLY T 282 -136.25 265.18 54.25
C GLY T 282 -136.80 266.30 53.35
N GLU T 283 -136.88 267.53 53.88
CA GLU T 283 -137.39 268.70 53.15
C GLU T 283 -136.35 269.36 52.23
N PHE T 284 -135.15 268.79 52.07
CA PHE T 284 -134.00 269.50 51.48
C PHE T 284 -134.01 269.64 49.95
N SER T 285 -135.06 269.16 49.26
CA SER T 285 -135.17 269.15 47.79
C SER T 285 -135.09 270.54 47.13
N ASP T 286 -135.40 271.61 47.87
CA ASP T 286 -135.48 272.97 47.31
C ASP T 286 -134.19 273.82 47.46
N ASN T 287 -133.19 273.36 48.21
CA ASN T 287 -131.97 274.12 48.48
C ASN T 287 -130.79 273.81 47.54
N ILE T 288 -131.04 273.13 46.43
CA ILE T 288 -129.95 272.74 45.51
C ILE T 288 -129.53 273.95 44.68
N GLU T 289 -128.41 274.56 45.05
CA GLU T 289 -127.77 275.63 44.29
C GLU T 289 -127.01 275.06 43.08
N PHE T 290 -127.45 275.43 41.87
CA PHE T 290 -126.74 275.18 40.61
C PHE T 290 -125.99 276.44 40.15
N TYR T 291 -124.91 276.28 39.38
CA TYR T 291 -124.23 277.42 38.78
C TYR T 291 -125.04 278.03 37.63
N ALA T 292 -125.75 277.20 36.88
CA ALA T 292 -126.70 277.64 35.87
C ALA T 292 -128.02 278.13 36.51
N LYS T 293 -128.47 279.33 36.14
CA LYS T 293 -129.70 279.94 36.70
C LYS T 293 -130.86 280.00 35.72
N SER T 294 -130.59 279.88 34.42
CA SER T 294 -131.56 280.25 33.39
C SER T 294 -131.73 279.23 32.26
N VAL T 295 -130.66 278.59 31.81
CA VAL T 295 -130.68 277.71 30.63
C VAL T 295 -129.78 276.49 30.85
N TYR T 296 -130.17 275.36 30.26
CA TYR T 296 -129.36 274.15 30.21
C TYR T 296 -127.98 274.41 29.55
N TRP T 297 -126.91 273.93 30.20
CA TRP T 297 -125.51 274.14 29.79
C TRP T 297 -125.17 275.60 29.47
N GLU T 298 -125.55 276.51 30.38
CA GLU T 298 -125.39 277.96 30.24
C GLU T 298 -123.93 278.35 29.95
N ASN T 299 -122.96 277.71 30.60
CA ASN T 299 -121.53 278.03 30.46
C ASN T 299 -120.97 277.54 29.12
N THR T 300 -121.34 276.33 28.69
CA THR T 300 -120.96 275.75 27.40
C THR T 300 -121.55 276.58 26.26
N LEU T 301 -122.83 276.97 26.37
CA LEU T 301 -123.48 277.87 25.43
C LEU T 301 -122.76 279.22 25.35
N HIS T 302 -122.39 279.79 26.51
CA HIS T 302 -121.65 281.04 26.56
C HIS T 302 -120.29 280.93 25.86
N THR T 303 -119.52 279.89 26.17
CA THR T 303 -118.21 279.63 25.55
C THR T 303 -118.33 279.41 24.03
N PRO T 318 -120.89 279.54 20.81
CA PRO T 318 -121.57 278.56 19.95
C PRO T 318 -120.64 277.46 19.46
N LEU T 319 -120.92 276.22 19.85
CA LEU T 319 -120.09 275.08 19.44
C LEU T 319 -120.94 273.82 19.31
N VAL T 320 -122.18 273.88 19.78
CA VAL T 320 -123.11 272.75 19.71
C VAL T 320 -124.03 272.97 18.52
N THR T 321 -123.93 272.10 17.52
CA THR T 321 -124.76 272.21 16.33
C THR T 321 -126.19 271.74 16.57
N GLU T 322 -126.42 270.87 17.55
CA GLU T 322 -127.75 270.37 17.86
C GLU T 322 -128.02 270.54 19.35
N LEU T 323 -129.24 270.98 19.66
CA LEU T 323 -129.65 271.20 21.05
C LEU T 323 -130.24 269.96 21.69
N ASP T 324 -130.33 268.84 20.98
CA ASP T 324 -130.88 267.61 21.52
C ASP T 324 -129.83 266.88 22.33
N PRO T 325 -130.21 265.79 23.02
CA PRO T 325 -129.24 265.05 23.81
C PRO T 325 -128.36 264.11 23.01
N ASP T 326 -128.66 263.91 21.72
CA ASP T 326 -127.86 263.02 20.88
C ASP T 326 -126.62 263.71 20.31
N ALA T 327 -126.50 265.03 20.44
CA ALA T 327 -125.35 265.76 19.93
C ALA T 327 -124.09 265.36 20.70
N PRO T 328 -124.19 265.18 22.01
CA PRO T 328 -123.01 264.76 22.79
C PRO T 328 -122.72 263.28 22.73
N ILE T 329 -123.56 262.48 22.06
CA ILE T 329 -123.34 261.05 21.95
C ILE T 329 -122.88 260.71 20.55
N ARG T 330 -123.28 261.53 19.57
CA ARG T 330 -122.87 261.29 18.19
C ARG T 330 -121.51 261.90 17.88
N GLN T 331 -121.17 263.01 18.51
CA GLN T 331 -119.90 263.68 18.30
C GLN T 331 -118.94 263.35 19.44
N LYS T 332 -117.82 264.07 19.49
CA LYS T 332 -116.82 263.86 20.53
C LYS T 332 -117.04 264.80 21.70
N MET T 333 -116.01 265.56 22.07
CA MET T 333 -116.11 266.50 23.18
C MET T 333 -116.73 267.81 22.70
N PRO T 334 -118.00 268.06 22.99
CA PRO T 334 -118.63 269.31 22.54
C PRO T 334 -119.20 270.11 23.70
N LEU T 335 -119.16 269.55 24.91
CA LEU T 335 -119.68 270.19 26.10
C LEU T 335 -118.55 270.84 26.88
N ASP T 336 -118.93 271.69 27.84
CA ASP T 336 -117.99 272.40 28.68
C ASP T 336 -117.90 271.70 30.04
N ASP T 337 -117.46 272.44 31.07
CA ASP T 337 -117.33 271.90 32.41
C ASP T 337 -118.53 272.22 33.29
N LEU T 338 -119.00 273.47 33.26
CA LEU T 338 -120.16 273.84 34.08
C LEU T 338 -121.42 273.13 33.61
N ASP T 339 -121.63 273.04 32.30
CA ASP T 339 -122.80 272.33 31.78
C ASP T 339 -122.74 270.85 32.13
N ARG T 340 -121.56 270.24 32.02
CA ARG T 340 -121.42 268.83 32.39
C ARG T 340 -121.67 268.61 33.87
N GLU T 341 -121.18 269.51 34.72
CA GLU T 341 -121.42 269.39 36.16
C GLU T 341 -122.90 269.55 36.48
N ASP T 342 -123.57 270.50 35.81
CA ASP T 342 -125.01 270.68 36.03
C ASP T 342 -125.79 269.46 35.58
N GLU T 343 -125.42 268.87 34.44
CA GLU T 343 -126.09 267.67 33.97
C GLU T 343 -125.87 266.50 34.92
N VAL T 344 -124.65 266.36 35.45
CA VAL T 344 -124.37 265.28 36.39
C VAL T 344 -125.17 265.48 37.68
N ARG T 345 -125.27 266.73 38.15
CA ARG T 345 -126.05 266.99 39.35
C ARG T 345 -127.53 266.70 39.13
N LEU T 346 -128.05 267.08 37.95
CA LEU T 346 -129.45 266.79 37.65
C LEU T 346 -129.70 265.30 37.56
N LEU T 347 -128.78 264.56 36.96
CA LEU T 347 -128.92 263.10 36.87
C LEU T 347 -128.87 262.46 38.26
N LYS T 348 -127.98 262.94 39.12
CA LYS T 348 -127.90 262.41 40.47
C LYS T 348 -129.16 262.71 41.25
N TYR T 349 -129.71 263.92 41.10
CA TYR T 349 -130.96 264.27 41.77
C TYR T 349 -132.11 263.41 41.28
N LEU T 350 -132.18 263.17 39.97
CA LEU T 350 -133.23 262.31 39.42
C LEU T 350 -133.09 260.89 39.93
N PHE T 351 -131.86 260.38 39.99
CA PHE T 351 -131.65 259.03 40.51
C PHE T 351 -132.05 258.93 41.98
N THR T 352 -131.71 259.95 42.77
CA THR T 352 -132.09 259.95 44.18
C THR T 352 -133.60 260.01 44.34
N LEU T 353 -134.27 260.83 43.53
CA LEU T 353 -135.73 260.92 43.62
C LEU T 353 -136.39 259.62 43.17
N ILE T 354 -135.80 258.92 42.20
CA ILE T 354 -136.37 257.65 41.76
C ILE T 354 -136.13 256.56 42.80
N ARG T 355 -135.00 256.61 43.49
CA ARG T 355 -134.71 255.61 44.51
C ARG T 355 -135.52 255.87 45.78
N ALA T 356 -135.85 257.13 46.07
CA ALA T 356 -136.62 257.47 47.25
C ALA T 356 -138.13 257.25 47.06
N GLY T 357 -138.56 256.81 45.87
CA GLY T 357 -139.97 256.57 45.62
C GLY T 357 -140.75 257.84 45.39
N MET T 358 -140.32 258.65 44.40
CA MET T 358 -140.97 259.91 44.06
C MET T 358 -140.82 260.11 42.55
N THR T 359 -141.66 259.42 41.77
CA THR T 359 -141.60 259.56 40.32
C THR T 359 -142.24 260.85 39.85
N GLU T 360 -143.34 261.27 40.48
CA GLU T 360 -144.00 262.51 40.08
C GLU T 360 -143.12 263.72 40.38
N GLU T 361 -142.46 263.74 41.54
CA GLU T 361 -141.57 264.84 41.87
C GLU T 361 -140.38 264.90 40.93
N ALA T 362 -139.83 263.73 40.57
CA ALA T 362 -138.72 263.69 39.63
C ALA T 362 -139.15 264.18 38.25
N GLN T 363 -140.34 263.79 37.81
CA GLN T 363 -140.84 264.25 36.51
C GLN T 363 -141.07 265.76 36.53
N ARG T 364 -141.62 266.29 37.62
CA ARG T 364 -141.83 267.72 37.73
C ARG T 364 -140.51 268.49 37.73
N LEU T 365 -139.51 267.96 38.43
CA LEU T 365 -138.20 268.61 38.44
C LEU T 365 -137.55 268.57 37.06
N CYS T 366 -137.68 267.45 36.35
CA CYS T 366 -137.13 267.36 35.00
C CYS T 366 -137.85 268.28 34.03
N LYS T 367 -139.16 268.47 34.21
CA LYS T 367 -139.89 269.37 33.34
C LYS T 367 -139.59 270.83 33.65
N ARG T 368 -139.34 271.15 34.93
CA ARG T 368 -139.02 272.53 35.29
C ARG T 368 -137.59 272.90 34.96
N CYS T 369 -136.68 271.92 34.96
CA CYS T 369 -135.28 272.20 34.64
C CYS T 369 -135.06 272.46 33.16
N GLY T 370 -135.96 271.99 32.30
CA GLY T 370 -135.85 272.19 30.87
C GLY T 370 -135.41 270.97 30.08
N GLN T 371 -135.44 269.79 30.67
CA GLN T 371 -135.04 268.55 29.99
C GLN T 371 -136.31 267.78 29.64
N ALA T 372 -136.81 268.01 28.42
CA ALA T 372 -138.02 267.31 27.97
C ALA T 372 -137.75 265.87 27.61
N TRP T 373 -136.56 265.56 27.10
CA TRP T 373 -136.24 264.19 26.72
C TRP T 373 -136.19 263.27 27.95
N ARG T 374 -135.59 263.76 29.04
CA ARG T 374 -135.54 262.96 30.25
C ARG T 374 -136.93 262.70 30.81
N ALA T 375 -137.79 263.71 30.79
CA ALA T 375 -139.16 263.54 31.28
C ALA T 375 -139.93 262.57 30.40
N ALA T 376 -139.76 262.67 29.07
CA ALA T 376 -140.44 261.76 28.17
C ALA T 376 -139.94 260.32 28.34
N THR T 377 -138.65 260.14 28.63
CA THR T 377 -138.14 258.80 28.86
C THR T 377 -138.59 258.25 30.20
N LEU T 378 -138.74 259.10 31.21
CA LEU T 378 -139.19 258.64 32.52
C LEU T 378 -140.69 258.34 32.53
N GLU T 379 -141.48 259.07 31.75
CA GLU T 379 -142.92 258.84 31.72
C GLU T 379 -143.28 257.57 30.96
N GLY T 380 -142.36 257.00 30.19
CA GLY T 380 -142.61 255.79 29.42
C GLY T 380 -142.44 254.49 30.19
N TRP T 381 -142.29 254.56 31.51
CA TRP T 381 -142.11 253.34 32.30
C TRP T 381 -143.42 252.59 32.50
N LYS T 382 -144.55 253.31 32.50
CA LYS T 382 -145.85 252.67 32.69
C LYS T 382 -146.32 252.02 31.39
N LEU T 383 -147.03 250.91 31.52
CA LEU T 383 -147.54 250.20 30.36
C LEU T 383 -148.78 250.88 29.82
N TYR T 384 -149.19 250.47 28.61
CA TYR T 384 -150.36 251.04 27.96
C TYR T 384 -151.63 250.48 28.60
N HIS T 385 -152.57 251.37 28.92
CA HIS T 385 -153.85 251.00 29.52
C HIS T 385 -154.96 251.73 28.79
N ASP T 386 -155.78 250.99 28.05
CA ASP T 386 -156.88 251.58 27.29
C ASP T 386 -158.16 251.52 28.12
N PRO T 387 -158.91 252.63 28.22
CA PRO T 387 -160.15 252.59 29.01
C PRO T 387 -161.31 251.92 28.30
N ASN T 388 -161.29 251.84 26.97
CA ASN T 388 -162.36 251.21 26.23
C ASN T 388 -162.17 249.70 26.08
N VAL T 389 -160.93 249.23 26.01
CA VAL T 389 -160.67 247.81 25.86
C VAL T 389 -160.68 247.12 27.21
N ASN T 390 -159.87 247.61 28.15
CA ASN T 390 -159.79 247.03 29.48
C ASN T 390 -160.96 247.54 30.32
N GLY T 391 -161.93 246.66 30.57
CA GLY T 391 -163.10 247.03 31.35
C GLY T 391 -162.90 247.04 32.86
N GLY T 392 -161.77 246.50 33.33
CA GLY T 392 -161.51 246.47 34.76
C GLY T 392 -161.07 247.80 35.31
N THR T 393 -159.99 248.35 34.75
CA THR T 393 -159.46 249.65 35.18
C THR T 393 -159.80 250.72 34.17
N GLU T 394 -161.11 251.01 34.10
CA GLU T 394 -161.62 252.02 33.18
C GLU T 394 -161.36 253.41 33.73
N LEU T 395 -160.51 254.18 33.05
CA LEU T 395 -160.18 255.52 33.48
C LEU T 395 -160.75 256.56 32.53
N GLU T 396 -160.01 257.64 32.28
CA GLU T 396 -160.46 258.69 31.38
C GLU T 396 -159.83 258.49 30.01
N PRO T 397 -158.52 258.74 29.86
CA PRO T 397 -157.89 258.56 28.54
C PRO T 397 -156.85 257.46 28.55
N VAL T 398 -156.39 257.05 27.37
CA VAL T 398 -155.39 256.00 27.25
C VAL T 398 -154.01 256.59 27.51
N GLU T 399 -153.27 255.98 28.42
CA GLU T 399 -151.93 256.44 28.77
C GLU T 399 -150.98 255.26 28.78
N GLY T 400 -149.70 255.54 28.54
CA GLY T 400 -148.68 254.52 28.53
C GLY T 400 -148.30 254.10 27.12
N ASN T 401 -147.10 253.54 27.00
CA ASN T 401 -146.62 253.09 25.70
C ASN T 401 -146.96 251.63 25.47
N PRO T 402 -147.34 251.27 24.25
CA PRO T 402 -147.68 249.86 23.94
C PRO T 402 -146.49 248.99 23.55
N TYR T 403 -145.26 249.44 23.77
CA TYR T 403 -144.05 248.68 23.43
C TYR T 403 -143.05 248.85 24.57
N ARG T 404 -143.26 248.08 25.64
CA ARG T 404 -142.37 248.15 26.79
C ARG T 404 -141.03 247.46 26.50
N ARG T 405 -141.05 246.39 25.71
CA ARG T 405 -139.82 245.69 25.39
C ARG T 405 -138.88 246.56 24.55
N ILE T 406 -139.44 247.31 23.60
CA ILE T 406 -138.62 248.20 22.78
C ILE T 406 -138.01 249.30 23.64
N TRP T 407 -138.79 249.85 24.59
CA TRP T 407 -138.27 250.87 25.48
C TRP T 407 -137.16 250.31 26.38
N LYS T 408 -137.35 249.09 26.87
CA LYS T 408 -136.31 248.47 27.70
C LYS T 408 -135.04 248.21 26.89
N ILE T 409 -135.19 247.78 25.64
CA ILE T 409 -134.02 247.55 24.79
C ILE T 409 -133.30 248.85 24.50
N SER T 410 -134.05 249.93 24.26
CA SER T 410 -133.44 251.23 24.02
C SER T 410 -132.71 251.73 25.27
N CYS T 411 -133.31 251.54 26.45
CA CYS T 411 -132.65 251.93 27.69
C CYS T 411 -131.38 251.14 27.92
N TRP T 412 -131.41 249.84 27.63
CA TRP T 412 -130.21 249.02 27.78
C TRP T 412 -129.12 249.43 26.80
N ARG T 413 -129.50 249.77 25.56
CA ARG T 413 -128.52 250.21 24.58
C ARG T 413 -127.92 251.56 24.97
N MET T 414 -128.74 252.44 25.58
CA MET T 414 -128.22 253.72 26.03
C MET T 414 -127.31 253.55 27.23
N ALA T 415 -127.62 252.60 28.11
CA ALA T 415 -126.78 252.34 29.27
C ALA T 415 -125.50 251.60 28.92
N GLU T 416 -125.48 250.88 27.81
CA GLU T 416 -124.28 250.16 27.38
C GLU T 416 -123.53 250.97 26.33
N ASP T 417 -122.93 252.06 26.81
CA ASP T 417 -122.16 252.96 25.93
C ASP T 417 -121.11 253.71 26.73
N GLU T 418 -120.87 254.97 26.37
CA GLU T 418 -119.85 255.78 27.03
C GLU T 418 -120.14 257.25 26.76
N LEU T 419 -119.27 258.11 27.29
CA LEU T 419 -119.32 259.56 27.09
C LEU T 419 -120.63 260.15 27.60
N PHE T 420 -120.72 260.19 28.94
CA PHE T 420 -121.89 260.76 29.60
C PHE T 420 -121.59 261.05 31.07
N ASN T 421 -122.45 260.55 31.97
CA ASN T 421 -122.29 260.73 33.40
C ASN T 421 -122.46 259.38 34.10
N ARG T 422 -122.13 259.36 35.38
CA ARG T 422 -122.20 258.13 36.17
C ARG T 422 -123.61 257.84 36.65
N TYR T 423 -124.42 258.87 36.91
CA TYR T 423 -125.78 258.66 37.40
C TYR T 423 -126.75 258.27 36.28
N GLU T 424 -126.41 258.57 35.03
CA GLU T 424 -127.30 258.22 33.92
C GLU T 424 -127.42 256.72 33.77
N ARG T 425 -126.31 255.99 33.91
CA ARG T 425 -126.36 254.54 33.81
C ARG T 425 -127.20 253.94 34.93
N ALA T 426 -127.05 254.45 36.15
CA ALA T 426 -127.86 253.96 37.26
C ALA T 426 -129.33 254.25 37.05
N ILE T 427 -129.66 255.44 36.54
CA ILE T 427 -131.05 255.79 36.28
C ILE T 427 -131.64 254.88 35.20
N TYR T 428 -130.86 254.60 34.15
CA TYR T 428 -131.34 253.72 33.10
C TYR T 428 -131.53 252.30 33.61
N ALA T 429 -130.62 251.82 34.46
CA ALA T 429 -130.77 250.48 35.01
C ALA T 429 -131.96 250.39 35.96
N ALA T 430 -132.25 251.48 36.69
CA ALA T 430 -133.41 251.46 37.59
C ALA T 430 -134.71 251.58 36.81
N LEU T 431 -134.72 252.30 35.69
CA LEU T 431 -135.94 252.44 34.90
C LEU T 431 -136.22 251.17 34.09
N SER T 432 -135.18 250.53 33.56
CA SER T 432 -135.37 249.32 32.77
C SER T 432 -135.51 248.09 33.66
N GLY T 433 -134.71 247.98 34.71
CA GLY T 433 -134.78 246.85 35.61
C GLY T 433 -133.47 246.12 35.78
N ASN T 434 -132.38 246.74 35.31
CA ASN T 434 -131.06 246.13 35.41
C ASN T 434 -130.35 246.58 36.69
N LEU T 435 -129.03 246.64 36.65
CA LEU T 435 -128.25 247.07 37.81
C LEU T 435 -126.99 247.79 37.33
N LYS T 436 -126.43 248.60 38.21
CA LYS T 436 -125.23 249.36 37.90
C LYS T 436 -124.17 249.18 38.97
N GLN T 437 -123.11 249.99 38.92
CA GLN T 437 -122.04 249.91 39.90
C GLN T 437 -121.39 251.27 40.12
N LEU T 438 -121.82 252.26 39.34
CA LEU T 438 -121.26 253.61 39.46
C LEU T 438 -121.84 254.33 40.67
N LEU T 439 -123.17 254.33 40.82
CA LEU T 439 -123.82 254.99 41.92
C LEU T 439 -124.02 254.01 43.08
N PRO T 440 -123.72 252.73 42.88
CA PRO T 440 -123.89 251.74 43.95
C PRO T 440 -122.66 251.49 44.81
N VAL T 441 -121.65 252.36 44.74
CA VAL T 441 -120.44 252.16 45.54
C VAL T 441 -120.68 252.63 46.98
N CYS T 442 -121.38 253.75 47.15
CA CYS T 442 -121.66 254.29 48.47
C CYS T 442 -123.03 253.87 48.99
N ASP T 443 -123.70 252.94 48.33
CA ASP T 443 -125.01 252.47 48.77
C ASP T 443 -124.86 251.48 49.93
N THR T 444 -125.93 251.37 50.70
CA THR T 444 -125.98 250.48 51.85
C THR T 444 -126.66 249.17 51.45
N TRP T 445 -127.16 248.42 52.43
CA TRP T 445 -127.84 247.16 52.14
C TRP T 445 -129.27 247.36 51.71
N GLU T 446 -129.93 248.42 52.21
CA GLU T 446 -131.32 248.66 51.84
C GLU T 446 -131.45 249.01 50.36
N ASP T 447 -130.54 249.83 49.83
CA ASP T 447 -130.58 250.18 48.42
C ASP T 447 -130.32 248.95 47.55
N THR T 448 -129.38 248.10 47.96
CA THR T 448 -129.11 246.89 47.20
C THR T 448 -130.30 245.94 47.23
N VAL T 449 -130.97 245.81 48.39
CA VAL T 449 -132.14 244.96 48.48
C VAL T 449 -133.27 245.49 47.61
N TRP T 450 -133.46 246.82 47.61
CA TRP T 450 -134.49 247.41 46.77
C TRP T 450 -134.19 247.20 45.28
N ALA T 451 -132.93 247.36 44.89
CA ALA T 451 -132.56 247.13 43.50
C ALA T 451 -132.77 245.68 43.10
N TYR T 452 -132.42 244.74 43.99
CA TYR T 452 -132.64 243.32 43.69
C TYR T 452 -134.12 243.01 43.58
N PHE T 453 -134.94 243.59 44.46
CA PHE T 453 -136.38 243.36 44.38
C PHE T 453 -136.96 243.94 43.08
N ARG T 454 -136.49 245.13 42.68
CA ARG T 454 -136.97 245.71 41.43
C ARG T 454 -136.55 244.88 40.24
N VAL T 455 -135.32 244.36 40.24
CA VAL T 455 -134.86 243.51 39.14
C VAL T 455 -135.67 242.23 39.09
N MET T 456 -135.98 241.64 40.24
CA MET T 456 -136.79 240.43 40.27
C MET T 456 -138.20 240.69 39.78
N VAL T 457 -138.78 241.83 40.16
CA VAL T 457 -140.12 242.18 39.69
C VAL T 457 -140.12 242.39 38.18
N ASP T 458 -139.09 243.05 37.66
CA ASP T 458 -139.00 243.26 36.22
C ASP T 458 -138.84 241.95 35.48
N SER T 459 -138.03 241.03 36.01
CA SER T 459 -137.86 239.73 35.38
C SER T 459 -139.16 238.93 35.40
N LEU T 460 -139.89 238.99 36.52
CA LEU T 460 -141.17 238.29 36.59
C LEU T 460 -142.18 238.89 35.62
N VAL T 461 -142.21 240.22 35.48
CA VAL T 461 -143.12 240.85 34.53
C VAL T 461 -142.76 240.46 33.11
N GLU T 462 -141.46 240.43 32.79
CA GLU T 462 -141.04 240.03 31.45
C GLU T 462 -141.41 238.57 31.17
N GLN T 463 -141.23 237.69 32.15
CA GLN T 463 -141.59 236.29 31.97
C GLN T 463 -143.09 236.13 31.78
N GLU T 464 -143.89 236.89 32.54
CA GLU T 464 -145.34 236.81 32.40
C GLU T 464 -145.80 237.37 31.06
N ILE T 465 -145.12 238.39 30.55
CA ILE T 465 -145.49 238.95 29.25
C ILE T 465 -145.08 238.02 28.12
N GLN T 466 -143.95 237.30 28.28
CA GLN T 466 -143.51 236.39 27.25
C GLN T 466 -144.31 235.09 27.25
N THR T 467 -144.77 234.63 28.42
CA THR T 467 -145.53 233.40 28.48
C THR T 467 -146.97 233.58 28.02
N SER T 468 -147.53 234.79 28.18
CA SER T 468 -148.90 235.08 27.79
C SER T 468 -149.00 235.56 26.35
N VAL T 469 -147.90 235.54 25.60
CA VAL T 469 -147.85 235.98 24.20
C VAL T 469 -148.34 237.41 24.10
N ALA T 470 -147.86 238.28 24.97
CA ALA T 470 -148.24 239.69 24.97
C ALA T 470 -147.27 240.58 24.22
N THR T 471 -145.98 240.25 24.21
CA THR T 471 -144.97 241.04 23.52
C THR T 471 -144.74 240.48 22.12
N LEU T 472 -144.55 241.38 21.16
CA LEU T 472 -144.31 240.98 19.79
C LEU T 472 -142.88 240.48 19.61
N ASP T 473 -142.64 239.80 18.49
CA ASP T 473 -141.31 239.27 18.20
C ASP T 473 -140.35 240.33 17.69
N GLU T 474 -140.87 241.43 17.14
CA GLU T 474 -140.01 242.50 16.64
C GLU T 474 -139.52 243.43 17.74
N THR T 475 -140.12 243.37 18.93
CA THR T 475 -139.71 244.24 20.02
C THR T 475 -138.49 243.71 20.76
N GLU T 476 -138.14 242.44 20.57
CA GLU T 476 -136.97 241.85 21.23
C GLU T 476 -135.73 242.13 20.38
N GLU T 477 -135.20 243.36 20.55
CA GLU T 477 -134.02 243.76 19.80
C GLU T 477 -132.75 243.22 20.43
N LEU T 478 -132.58 243.43 21.73
CA LEU T 478 -131.42 242.98 22.47
C LEU T 478 -131.78 241.86 23.43
N PRO T 479 -130.80 241.05 23.85
CA PRO T 479 -131.10 239.95 24.78
C PRO T 479 -131.14 240.45 26.22
N ARG T 480 -132.13 239.95 26.96
CA ARG T 480 -132.31 240.31 28.36
C ARG T 480 -132.10 239.08 29.24
N LEU T 483 -131.81 239.34 30.51
CA LEU T 483 -131.59 238.27 31.49
C LEU T 483 -132.93 237.70 31.92
N GLY T 484 -133.30 236.55 31.35
CA GLY T 484 -134.57 235.92 31.68
C GLY T 484 -134.59 235.15 32.98
N ALA T 485 -133.43 234.90 33.58
CA ALA T 485 -133.36 234.17 34.83
C ALA T 485 -133.75 235.08 35.99
N ASN T 486 -134.73 234.64 36.77
CA ASN T 486 -135.21 235.40 37.92
C ASN T 486 -134.86 234.65 39.20
N TRP T 487 -134.24 235.37 40.13
CA TRP T 487 -133.84 234.78 41.41
C TRP T 487 -134.95 234.92 42.43
N THR T 488 -134.88 234.09 43.47
CA THR T 488 -135.87 234.11 44.53
C THR T 488 -135.46 235.10 45.61
N LEU T 489 -136.21 235.14 46.71
CA LEU T 489 -135.90 236.07 47.79
C LEU T 489 -134.71 235.59 48.61
N GLU T 490 -134.59 234.27 48.80
CA GLU T 490 -133.48 233.73 49.57
C GLU T 490 -132.14 233.99 48.89
N LYS T 491 -132.09 233.80 47.57
CA LYS T 491 -130.84 234.05 46.84
C LYS T 491 -130.47 235.53 46.87
N VAL T 492 -131.47 236.41 46.75
CA VAL T 492 -131.19 237.85 46.81
C VAL T 492 -130.70 238.23 48.19
N PHE T 493 -131.30 237.66 49.24
CA PHE T 493 -130.85 237.96 50.60
C PHE T 493 -129.43 237.45 50.83
N GLU T 494 -129.11 236.26 50.32
CA GLU T 494 -127.76 235.73 50.47
C GLU T 494 -126.75 236.60 49.73
N GLU T 495 -127.10 237.05 48.52
CA GLU T 495 -126.21 237.92 47.76
C GLU T 495 -126.00 239.25 48.47
N LEU T 496 -127.06 239.82 49.04
CA LEU T 496 -126.93 241.08 49.76
C LEU T 496 -126.11 240.91 51.03
N GLN T 497 -126.22 239.76 51.70
CA GLN T 497 -125.43 239.53 52.90
C GLN T 497 -123.97 239.27 52.57
N ALA T 498 -123.69 238.63 51.42
CA ALA T 498 -122.31 238.37 51.03
C ALA T 498 -121.63 239.63 50.51
N THR T 499 -122.39 240.49 49.81
CA THR T 499 -121.80 241.72 49.28
C THR T 499 -121.66 242.79 50.35
N ASP T 500 -122.47 242.74 51.40
CA ASP T 500 -122.42 243.71 52.51
C ASP T 500 -122.68 242.95 53.80
N LEU T 505 -121.61 242.46 54.42
CA LEU T 505 -121.70 241.72 55.66
C LEU T 505 -121.67 242.61 56.90
N GLU T 506 -121.42 243.91 56.74
CA GLU T 506 -121.39 244.81 57.89
C GLU T 506 -122.79 245.20 58.33
N GLU T 507 -123.70 245.40 57.38
CA GLU T 507 -125.08 245.78 57.70
C GLU T 507 -126.01 244.58 57.85
N ASN T 508 -125.66 243.43 57.27
CA ASN T 508 -126.49 242.24 57.36
C ASN T 508 -126.28 241.48 58.66
N GLN T 509 -125.24 241.80 59.43
CA GLN T 509 -124.95 241.12 60.68
C GLN T 509 -125.56 241.83 61.89
N GLU T 510 -126.48 242.78 61.67
CA GLU T 510 -127.10 243.50 62.77
C GLU T 510 -128.23 242.68 63.37
N HIS T 511 -128.74 243.17 64.51
CA HIS T 511 -129.84 242.47 65.19
C HIS T 511 -131.18 242.77 64.53
N TYR T 512 -131.42 244.04 64.17
CA TYR T 512 -132.68 244.40 63.55
C TYR T 512 -132.73 244.00 62.08
N HIS T 513 -131.60 244.07 61.37
CA HIS T 513 -131.58 243.70 59.97
C HIS T 513 -131.89 242.22 59.77
N ILE T 514 -131.34 241.36 60.63
CA ILE T 514 -131.61 239.93 60.53
C ILE T 514 -133.07 239.64 60.80
N VAL T 515 -133.66 240.32 61.79
CA VAL T 515 -135.07 240.12 62.10
C VAL T 515 -135.95 240.59 60.94
N GLN T 516 -135.60 241.72 60.33
CA GLN T 516 -136.36 242.21 59.19
C GLN T 516 -136.26 241.26 58.00
N LYS T 517 -135.07 240.71 57.76
CA LYS T 517 -134.90 239.75 56.68
C LYS T 517 -135.69 238.48 56.94
N PHE T 518 -135.69 237.99 58.18
CA PHE T 518 -136.45 236.80 58.51
C PHE T 518 -137.95 237.04 58.41
N LEU T 519 -138.41 238.25 58.73
CA LEU T 519 -139.83 238.55 58.62
C LEU T 519 -140.25 238.73 57.16
N ILE T 520 -139.36 239.28 56.32
CA ILE T 520 -139.71 239.46 54.92
C ILE T 520 -139.62 238.15 54.16
N LEU T 521 -138.75 237.23 54.59
CA LEU T 521 -138.63 235.94 53.91
C LEU T 521 -139.82 235.03 54.22
N GLY T 522 -140.30 235.06 55.46
CA GLY T 522 -141.44 234.24 55.84
C GLY T 522 -141.23 233.53 57.16
N ASP T 523 -140.02 233.01 57.38
CA ASP T 523 -139.68 232.30 58.61
C ASP T 523 -139.47 233.32 59.72
N ILE T 524 -140.53 233.60 60.46
CA ILE T 524 -140.48 234.56 61.56
C ILE T 524 -140.32 233.81 62.88
N ASP T 525 -140.87 232.60 62.94
CA ASP T 525 -140.78 231.81 64.16
C ASP T 525 -139.40 231.20 64.35
N GLY T 526 -138.69 230.90 63.26
CA GLY T 526 -137.37 230.32 63.37
C GLY T 526 -136.36 231.25 64.00
N LEU T 527 -136.37 232.52 63.60
CA LEU T 527 -135.46 233.49 64.18
C LEU T 527 -135.75 233.71 65.66
N MET T 528 -137.04 233.77 66.03
CA MET T 528 -137.39 233.92 67.44
C MET T 528 -136.96 232.71 68.25
N ASP T 529 -137.15 231.51 67.70
CA ASP T 529 -136.72 230.30 68.41
C ASP T 529 -135.20 230.27 68.57
N GLU T 530 -134.47 230.68 67.54
CA GLU T 530 -133.01 230.71 67.63
C GLU T 530 -132.55 231.73 68.66
N PHE T 531 -133.19 232.91 68.70
CA PHE T 531 -132.83 233.92 69.68
C PHE T 531 -133.17 233.47 71.09
N SER T 532 -134.26 232.72 71.26
CA SER T 532 -134.61 232.22 72.59
C SER T 532 -133.67 231.10 73.03
N LYS T 533 -133.23 230.26 72.10
CA LYS T 533 -132.33 229.17 72.45
C LYS T 533 -130.89 229.65 72.66
N TRP T 534 -130.52 230.76 72.02
CA TRP T 534 -129.16 231.29 72.17
C TRP T 534 -128.94 231.93 73.54
N LEU T 535 -130.02 232.31 74.23
CA LEU T 535 -129.91 232.94 75.54
C LEU T 535 -129.85 231.92 76.68
N SER T 536 -129.83 230.63 76.37
CA SER T 536 -129.76 229.60 77.39
C SER T 536 -128.45 228.82 77.31
N ARG T 539 -124.22 236.07 71.45
CA ARG T 539 -124.14 237.11 72.47
C ARG T 539 -125.37 238.02 72.42
N ASN T 540 -126.50 237.49 72.88
CA ASN T 540 -127.74 238.25 72.90
C ASN T 540 -127.90 239.12 74.15
N ASN T 541 -127.00 238.99 75.13
CA ASN T 541 -127.08 239.78 76.34
C ASN T 541 -126.41 241.14 76.22
N LEU T 542 -125.72 241.41 75.11
CA LEU T 542 -125.05 242.67 74.90
C LEU T 542 -126.05 243.75 74.51
N PRO T 543 -126.91 243.48 73.52
CA PRO T 543 -127.90 244.48 73.09
C PRO T 543 -129.11 244.48 74.02
N GLY T 544 -129.32 245.59 74.72
CA GLY T 544 -130.43 245.70 75.64
C GLY T 544 -131.78 245.89 74.98
N HIS T 545 -131.81 246.49 73.79
CA HIS T 545 -133.05 246.72 73.08
C HIS T 545 -133.49 245.54 72.23
N LEU T 546 -132.55 244.67 71.84
CA LEU T 546 -132.90 243.52 71.01
C LEU T 546 -133.79 242.54 71.78
N LEU T 547 -133.51 242.34 73.08
CA LEU T 547 -134.33 241.45 73.88
C LEU T 547 -135.75 241.96 74.02
N ARG T 548 -135.93 243.28 74.09
CA ARG T 548 -137.27 243.85 74.15
C ARG T 548 -137.96 243.80 72.80
N PHE T 549 -137.22 244.03 71.72
CA PHE T 549 -137.81 243.98 70.38
C PHE T 549 -138.27 242.57 70.04
N MET T 550 -137.47 241.56 70.39
CA MET T 550 -137.87 240.18 70.13
C MET T 550 -139.11 239.80 70.93
N THR T 551 -139.18 240.25 72.19
CA THR T 551 -140.36 239.97 73.00
C THR T 551 -141.59 240.66 72.44
N HIS T 552 -141.45 241.89 71.98
CA HIS T 552 -142.58 242.60 71.38
C HIS T 552 -143.04 241.92 70.10
N LEU T 553 -142.08 241.46 69.27
CA LEU T 553 -142.45 240.76 68.05
C LEU T 553 -143.15 239.44 68.35
N ILE T 554 -142.68 238.71 69.37
CA ILE T 554 -143.32 237.46 69.75
C ILE T 554 -144.73 237.72 70.27
N LEU T 555 -144.91 238.78 71.06
CA LEU T 555 -146.23 239.11 71.57
C LEU T 555 -147.18 239.50 70.43
N PHE T 556 -146.67 240.26 69.45
CA PHE T 556 -147.50 240.63 68.31
C PHE T 556 -147.88 239.42 67.47
N PHE T 557 -146.93 238.49 67.28
CA PHE T 557 -147.23 237.28 66.52
C PHE T 557 -148.23 236.39 67.25
N ARG T 558 -148.15 236.37 68.58
CA ARG T 558 -149.10 235.56 69.36
C ARG T 558 -150.49 236.20 69.35
N THR T 559 -150.55 237.53 69.38
CA THR T 559 -151.85 238.20 69.36
C THR T 559 -152.47 238.19 67.98
N LEU T 560 -151.66 238.10 66.93
CA LEU T 560 -152.21 238.05 65.57
C LEU T 560 -152.85 236.70 65.28
N GLY T 561 -152.28 235.62 65.79
CA GLY T 561 -152.84 234.31 65.56
C GLY T 561 -152.01 233.26 66.27
N LEU T 562 -152.61 232.07 66.38
CA LEU T 562 -151.96 230.93 67.04
C LEU T 562 -150.93 230.34 66.07
N GLN T 563 -149.65 230.66 66.29
CA GLN T 563 -148.59 230.14 65.44
C GLN T 563 -147.27 230.07 66.20
N THR T 564 -147.10 230.95 67.18
CA THR T 564 -145.88 230.97 67.97
C THR T 564 -145.88 229.82 68.98
N LYS T 565 -144.69 229.54 69.51
CA LYS T 565 -144.53 228.48 70.50
C LYS T 565 -144.88 228.98 71.89
N GLU T 566 -144.94 228.03 72.84
CA GLU T 566 -145.26 228.35 74.23
C GLU T 566 -144.02 228.48 75.11
N GLU T 567 -143.03 227.60 74.94
CA GLU T 567 -141.83 227.68 75.77
C GLU T 567 -141.03 228.93 75.46
N VAL T 568 -140.90 229.28 74.18
CA VAL T 568 -140.17 230.49 73.81
C VAL T 568 -140.89 231.73 74.33
N SER T 569 -142.22 231.74 74.25
CA SER T 569 -142.98 232.87 74.76
C SER T 569 -142.85 233.00 76.27
N ILE T 570 -142.88 231.87 76.98
CA ILE T 570 -142.72 231.90 78.43
C ILE T 570 -141.32 232.39 78.80
N GLU T 571 -140.30 231.95 78.06
CA GLU T 571 -138.94 232.42 78.33
C GLU T 571 -138.80 233.91 78.07
N VAL T 572 -139.41 234.40 76.98
CA VAL T 572 -139.36 235.83 76.68
C VAL T 572 -140.07 236.63 77.76
N LEU T 573 -141.21 236.13 78.23
CA LEU T 573 -141.94 236.83 79.30
C LEU T 573 -141.13 236.84 80.59
N LYS T 574 -140.47 235.73 80.92
CA LYS T 574 -139.64 235.70 82.12
C LYS T 574 -138.46 236.65 82.01
N THR T 575 -137.83 236.71 80.82
CA THR T 575 -136.73 237.63 80.63
C THR T 575 -137.19 239.08 80.74
N TYR T 576 -138.36 239.39 80.17
CA TYR T 576 -138.88 240.75 80.28
C TYR T 576 -139.20 241.11 81.72
N ILE T 577 -139.77 240.17 82.48
CA ILE T 577 -140.08 240.42 83.88
C ILE T 577 -138.79 240.63 84.68
N GLN T 578 -137.76 239.84 84.40
CA GLN T 578 -136.48 240.01 85.09
C GLN T 578 -135.85 241.36 84.75
N LEU T 579 -135.92 241.77 83.48
CA LEU T 579 -135.38 243.07 83.09
C LEU T 579 -136.14 244.21 83.75
N LEU T 580 -137.47 244.09 83.84
CA LEU T 580 -138.26 245.13 84.49
C LEU T 580 -138.00 245.18 85.98
N ILE T 581 -137.74 244.03 86.61
CA ILE T 581 -137.44 244.03 88.04
C ILE T 581 -136.04 244.59 88.30
N ARG T 582 -135.10 244.34 87.38
CA ARG T 582 -133.75 244.86 87.54
C ARG T 582 -133.67 246.35 87.25
N GLU T 583 -134.47 246.85 86.32
CA GLU T 583 -134.49 248.26 85.97
C GLU T 583 -135.46 249.08 86.81
N LYS T 584 -135.95 248.51 87.91
CA LYS T 584 -136.89 249.19 88.82
C LYS T 584 -138.14 249.64 88.07
N HIS T 585 -138.87 248.66 87.54
CA HIS T 585 -140.10 248.92 86.81
C HIS T 585 -141.02 247.72 86.91
N THR T 586 -141.28 247.27 88.14
CA THR T 586 -142.14 246.12 88.39
C THR T 586 -143.59 246.51 88.67
N ASN T 587 -144.05 247.63 88.09
CA ASN T 587 -145.42 248.08 88.30
C ASN T 587 -146.31 247.85 87.09
N LEU T 588 -145.75 247.54 85.92
CA LEU T 588 -146.52 247.29 84.72
C LEU T 588 -146.25 245.90 84.13
N ILE T 589 -145.81 244.96 84.96
CA ILE T 589 -145.52 243.61 84.49
C ILE T 589 -146.74 242.70 84.50
N ALA T 590 -147.89 243.20 84.96
CA ALA T 590 -149.09 242.37 84.99
C ALA T 590 -149.57 242.03 83.59
N PHE T 591 -149.44 242.97 82.65
CA PHE T 591 -149.85 242.71 81.27
C PHE T 591 -149.00 241.62 80.62
N TYR T 592 -147.72 241.55 80.99
CA TYR T 592 -146.86 240.50 80.46
C TYR T 592 -147.04 239.18 81.21
N THR T 593 -147.39 239.24 82.49
CA THR T 593 -147.61 238.02 83.26
C THR T 593 -148.93 237.34 82.93
N CYS T 594 -149.95 238.12 82.55
CA CYS T 594 -151.25 237.56 82.20
C CYS T 594 -151.28 236.92 80.83
N HIS T 595 -150.20 237.03 80.06
CA HIS T 595 -150.17 236.42 78.73
C HIS T 595 -150.06 234.90 78.81
N LEU T 596 -149.51 234.37 79.91
CA LEU T 596 -149.36 232.94 80.08
C LEU T 596 -150.02 232.50 81.38
N PRO T 597 -149.90 231.23 81.75
CA PRO T 597 -150.54 230.76 83.00
C PRO T 597 -149.54 230.64 84.14
N GLN T 598 -148.39 231.29 84.01
CA GLN T 598 -147.34 231.26 85.03
C GLN T 598 -147.32 232.53 85.87
N ASP T 599 -148.47 233.19 86.00
CA ASP T 599 -148.56 234.42 86.79
C ASP T 599 -148.82 234.18 88.26
N LEU T 600 -149.11 232.94 88.66
CA LEU T 600 -149.38 232.63 90.06
C LEU T 600 -148.11 232.58 90.90
N ALA T 601 -146.96 232.30 90.28
CA ALA T 601 -145.70 232.23 91.00
C ALA T 601 -144.97 233.57 91.08
N VAL T 602 -145.43 234.58 90.36
CA VAL T 602 -144.80 235.89 90.39
C VAL T 602 -145.57 236.84 91.30
N GLU T 667 -121.83 235.12 108.41
CA GLU T 667 -122.90 234.59 107.58
C GLU T 667 -124.26 235.16 108.00
N ASP T 668 -124.27 235.89 109.10
CA ASP T 668 -125.50 236.50 109.59
C ASP T 668 -125.92 237.72 108.78
N ARG T 669 -124.96 238.38 108.12
CA ARG T 669 -125.29 239.56 107.33
C ARG T 669 -126.19 239.21 106.15
N LEU T 670 -125.88 238.12 105.45
CA LEU T 670 -126.72 237.70 104.34
C LEU T 670 -128.11 237.28 104.81
N LYS T 671 -128.19 236.58 105.95
CA LYS T 671 -129.49 236.18 106.48
C LYS T 671 -130.32 237.39 106.93
N ILE T 672 -129.65 238.44 107.43
CA ILE T 672 -130.37 239.63 107.83
C ILE T 672 -130.80 240.46 106.62
N ASP T 673 -130.00 240.45 105.55
CA ASP T 673 -130.35 241.20 104.35
C ASP T 673 -131.42 240.50 103.53
N VAL T 674 -131.48 239.17 103.59
CA VAL T 674 -132.50 238.45 102.82
C VAL T 674 -133.89 238.65 103.40
N ILE T 675 -133.99 239.03 104.67
CA ILE T 675 -135.31 239.25 105.28
C ILE T 675 -135.92 240.55 104.78
N ASP T 676 -135.09 241.53 104.43
CA ASP T 676 -135.61 242.80 103.96
C ASP T 676 -136.28 242.66 102.59
N TRP T 677 -135.72 241.82 101.71
CA TRP T 677 -136.32 241.60 100.41
C TRP T 677 -137.67 240.91 100.52
N LEU T 678 -137.86 240.08 101.55
CA LEU T 678 -139.15 239.42 101.76
C LEU T 678 -140.14 240.31 102.48
N VAL T 679 -139.66 241.19 103.37
CA VAL T 679 -140.56 242.10 104.08
C VAL T 679 -140.97 243.28 103.22
N PHE T 680 -140.19 243.63 102.19
CA PHE T 680 -140.55 244.76 101.33
C PHE T 680 -141.73 244.46 100.44
N ASP T 681 -142.00 243.18 100.14
CA ASP T 681 -143.13 242.80 99.30
C ASP T 681 -144.32 242.42 100.16
N PRO T 682 -145.51 242.96 99.90
CA PRO T 682 -146.68 242.60 100.71
C PRO T 682 -147.39 241.34 100.26
N ALA T 683 -146.92 240.69 99.19
CA ALA T 683 -147.56 239.46 98.72
C ALA T 683 -147.03 238.23 99.45
N GLN T 684 -145.76 238.23 99.79
CA GLN T 684 -145.13 237.11 100.50
C GLN T 684 -145.02 237.38 101.98
N ARG T 685 -146.13 237.78 102.60
CA ARG T 685 -146.13 238.08 104.03
C ARG T 685 -145.87 236.81 104.85
N ALA T 686 -146.49 235.69 104.47
CA ALA T 686 -146.25 234.44 105.18
C ALA T 686 -144.80 233.99 105.04
N GLU T 687 -144.23 234.13 103.84
CA GLU T 687 -142.83 233.77 103.65
C GLU T 687 -141.90 234.66 104.46
N ALA T 688 -142.19 235.96 104.52
CA ALA T 688 -141.38 236.87 105.33
C ALA T 688 -141.47 236.53 106.81
N LEU T 689 -142.68 236.20 107.28
CA LEU T 689 -142.84 235.82 108.68
C LEU T 689 -142.11 234.53 108.99
N LYS T 690 -142.16 233.55 108.07
CA LYS T 690 -141.44 232.31 108.29
C LYS T 690 -139.93 232.53 108.30
N GLN T 691 -139.43 233.39 107.40
CA GLN T 691 -138.00 233.69 107.40
C GLN T 691 -137.59 234.40 108.68
N GLY T 692 -138.40 235.33 109.16
CA GLY T 692 -138.09 236.01 110.41
C GLY T 692 -138.09 235.05 111.60
N ASN T 693 -139.06 234.14 111.64
CA ASN T 693 -139.11 233.16 112.71
C ASN T 693 -137.90 232.23 112.67
N ALA T 694 -137.50 231.82 111.46
CA ALA T 694 -136.32 230.96 111.33
C ALA T 694 -135.06 231.70 111.75
N ILE T 695 -134.93 232.98 111.40
CA ILE T 695 -133.78 233.76 111.81
C ILE T 695 -133.75 233.93 113.32
N MET T 696 -134.91 234.17 113.93
CA MET T 696 -134.97 234.30 115.38
C MET T 696 -134.61 233.00 116.07
N ARG T 697 -135.08 231.87 115.54
CA ARG T 697 -134.73 230.57 116.12
C ARG T 697 -133.24 230.29 115.98
N LYS T 698 -132.65 230.63 114.84
CA LYS T 698 -131.22 230.41 114.65
C LYS T 698 -130.39 231.31 115.55
N PHE T 699 -130.87 232.54 115.81
CA PHE T 699 -130.15 233.43 116.71
C PHE T 699 -130.30 232.99 118.17
N LEU T 700 -131.45 232.41 118.53
CA LEU T 700 -131.64 231.95 119.89
C LEU T 700 -130.91 230.64 120.17
N ALA T 701 -130.76 229.79 119.15
CA ALA T 701 -130.05 228.53 119.34
C ALA T 701 -128.55 228.73 119.53
N SER T 702 -128.00 229.85 119.04
CA SER T 702 -126.59 230.15 119.18
C SER T 702 -126.32 231.23 120.22
N LYS T 703 -127.32 231.57 121.04
CA LYS T 703 -127.21 232.58 122.09
C LYS T 703 -126.80 233.93 121.49
N LYS T 704 -127.78 234.58 120.88
CA LYS T 704 -127.57 235.89 120.26
C LYS T 704 -128.88 236.65 120.34
N HIS T 705 -128.97 237.59 121.29
CA HIS T 705 -130.18 238.38 121.45
C HIS T 705 -130.20 239.59 120.54
N GLU T 706 -129.04 240.18 120.25
CA GLU T 706 -129.00 241.35 119.38
C GLU T 706 -129.44 241.01 117.96
N ALA T 707 -128.98 239.87 117.43
CA ALA T 707 -129.40 239.46 116.09
C ALA T 707 -130.89 239.18 116.03
N ALA T 708 -131.43 238.53 117.06
CA ALA T 708 -132.86 238.25 117.10
C ALA T 708 -133.66 239.54 117.17
N LYS T 709 -133.20 240.51 117.97
CA LYS T 709 -133.90 241.78 118.06
C LYS T 709 -133.84 242.54 116.74
N GLU T 710 -132.70 242.51 116.06
CA GLU T 710 -132.58 243.19 114.77
C GLU T 710 -133.43 242.51 113.71
N VAL T 711 -133.58 241.19 113.78
CA VAL T 711 -134.43 240.49 112.82
C VAL T 711 -135.90 240.75 113.11
N PHE T 712 -136.26 240.89 114.39
CA PHE T 712 -137.66 241.16 114.73
C PHE T 712 -138.06 242.60 114.44
N VAL T 713 -137.12 243.54 114.58
CA VAL T 713 -137.44 244.94 114.31
C VAL T 713 -137.53 245.23 112.82
N LYS T 714 -136.97 244.35 111.98
CA LYS T 714 -137.01 244.56 110.54
C LYS T 714 -138.39 244.25 109.96
N ILE T 715 -139.19 243.45 110.64
CA ILE T 715 -140.53 243.10 110.16
C ILE T 715 -141.51 244.18 110.59
N PRO T 716 -142.68 244.28 109.97
CA PRO T 716 -143.65 245.31 110.37
C PRO T 716 -144.44 244.90 111.59
N GLN T 717 -144.90 245.92 112.32
CA GLN T 717 -145.68 245.68 113.53
C GLN T 717 -147.12 245.28 113.23
N ASP T 718 -147.64 245.63 112.06
CA ASP T 718 -149.00 245.29 111.66
C ASP T 718 -149.05 244.16 110.66
N SER T 719 -148.08 243.24 110.71
CA SER T 719 -148.06 242.12 109.78
C SER T 719 -149.04 241.02 110.18
N ILE T 720 -149.24 240.81 111.48
CA ILE T 720 -150.17 239.78 111.94
C ILE T 720 -151.61 240.19 111.64
N ALA T 721 -151.89 241.49 111.68
CA ALA T 721 -153.22 241.98 111.38
C ALA T 721 -153.49 242.11 109.88
N GLU T 722 -152.47 241.95 109.05
CA GLU T 722 -152.62 242.04 107.60
C GLU T 722 -152.50 240.70 106.89
N ILE T 723 -151.76 239.74 107.44
CA ILE T 723 -151.62 238.44 106.81
C ILE T 723 -152.86 237.57 106.98
N TYR T 724 -153.71 237.89 107.96
CA TYR T 724 -154.93 237.11 108.20
C TYR T 724 -156.01 237.45 107.17
N LEU T 736 -157.07 230.50 106.79
CA LEU T 736 -155.68 230.41 107.22
C LEU T 736 -155.21 228.96 107.25
N PRO T 737 -154.03 228.70 106.70
CA PRO T 737 -153.49 227.34 106.70
C PRO T 737 -152.75 227.03 107.99
N ALA T 738 -152.17 225.84 108.05
CA ALA T 738 -151.42 225.41 109.23
C ALA T 738 -150.04 226.06 109.32
N GLU T 739 -149.51 226.58 108.22
CA GLU T 739 -148.21 227.21 108.22
C GLU T 739 -148.24 228.66 108.68
N ASP T 740 -149.44 229.25 108.83
CA ASP T 740 -149.56 230.63 109.27
C ASP T 740 -149.73 230.74 110.78
N ASP T 741 -150.61 229.91 111.36
CA ASP T 741 -150.83 229.96 112.81
C ASP T 741 -149.59 229.52 113.57
N ASN T 742 -148.90 228.49 113.09
CA ASN T 742 -147.67 228.06 113.75
C ASN T 742 -146.59 229.13 113.66
N ALA T 743 -146.47 229.78 112.52
CA ALA T 743 -145.49 230.86 112.38
C ALA T 743 -145.82 232.04 113.28
N ILE T 744 -147.10 232.38 113.40
CA ILE T 744 -147.51 233.48 114.27
C ILE T 744 -147.23 233.12 115.73
N ARG T 745 -147.49 231.87 116.12
CA ARG T 745 -147.20 231.44 117.49
C ARG T 745 -145.70 231.48 117.77
N GLU T 746 -144.88 231.03 116.81
CA GLU T 746 -143.44 231.07 116.98
C GLU T 746 -142.93 232.51 117.09
N HIS T 747 -143.48 233.41 116.28
CA HIS T 747 -143.08 234.81 116.36
C HIS T 747 -143.48 235.42 117.69
N LEU T 748 -144.68 235.10 118.18
CA LEU T 748 -145.12 235.61 119.49
C LEU T 748 -144.24 235.08 120.61
N CYS T 749 -143.87 233.79 120.54
CA CYS T 749 -142.99 233.22 121.56
C CYS T 749 -141.61 233.86 121.52
N ILE T 750 -141.09 234.11 120.32
CA ILE T 750 -139.78 234.76 120.20
C ILE T 750 -139.84 236.18 120.75
N ARG T 751 -140.93 236.90 120.47
CA ARG T 751 -141.06 238.26 120.99
C ARG T 751 -141.17 238.25 122.51
N ALA T 752 -141.92 237.30 123.07
CA ALA T 752 -142.03 237.20 124.52
C ALA T 752 -140.69 236.87 125.16
N TYR T 753 -139.92 235.97 124.53
CA TYR T 753 -138.60 235.63 125.06
C TYR T 753 -137.66 236.83 124.98
N LEU T 754 -137.71 237.59 123.89
CA LEU T 754 -136.87 238.78 123.77
C LEU T 754 -137.25 239.82 124.81
N GLU T 755 -138.55 240.00 125.06
CA GLU T 755 -138.99 240.95 126.08
C GLU T 755 -138.55 240.51 127.47
N ALA T 756 -138.67 239.21 127.77
CA ALA T 756 -138.24 238.71 129.07
C ALA T 756 -136.72 238.84 129.24
N HIS T 757 -135.96 238.67 128.16
CA HIS T 757 -134.51 238.84 128.26
C HIS T 757 -134.14 240.32 128.44
N GLU T 758 -134.83 241.21 127.74
CA GLU T 758 -134.54 242.64 127.89
C GLU T 758 -134.93 243.13 129.28
N THR T 759 -135.99 242.58 129.85
CA THR T 759 -136.38 242.96 131.22
C THR T 759 -135.40 242.39 132.23
N PHE T 760 -134.93 241.16 132.03
CA PHE T 760 -133.97 240.57 132.95
C PHE T 760 -132.64 241.32 132.90
N ASN T 761 -132.19 241.71 131.71
CA ASN T 761 -130.95 242.47 131.61
C ASN T 761 -131.07 243.83 132.29
N GLU T 762 -132.22 244.49 132.11
CA GLU T 762 -132.43 245.78 132.76
C GLU T 762 -132.47 245.63 134.27
N TRP T 763 -133.10 244.57 134.77
CA TRP T 763 -133.15 244.34 136.22
C TRP T 763 -131.75 244.04 136.77
N PHE T 764 -130.94 243.27 136.03
CA PHE T 764 -129.60 242.97 136.47
C PHE T 764 -128.72 244.22 136.44
N LYS T 765 -128.93 245.11 135.47
CA LYS T 765 -128.16 246.34 135.42
C LYS T 765 -128.58 247.32 136.50
N HIS T 766 -129.87 247.33 136.86
CA HIS T 766 -130.33 248.24 137.91
C HIS T 766 -129.96 247.73 139.30
N MET T 767 -129.94 246.41 139.50
CA MET T 767 -129.59 245.86 140.80
C MET T 767 -128.09 245.93 141.08
N ASN T 768 -127.26 246.01 140.04
CA ASN T 768 -125.82 246.08 140.22
C ASN T 768 -125.32 247.49 140.51
N SER T 769 -126.17 248.51 140.36
CA SER T 769 -125.77 249.89 140.61
C SER T 769 -126.54 250.46 141.80
N VAL T 770 -126.42 249.82 142.96
CA VAL T 770 -127.12 250.27 144.16
C VAL T 770 -126.35 251.44 144.78
N PRO T 771 -126.94 252.20 145.69
CA PRO T 771 -126.22 253.33 146.29
C PRO T 771 -125.26 252.84 147.37
N GLN T 772 -124.02 253.31 147.28
CA GLN T 772 -123.00 252.93 148.25
C GLN T 772 -123.20 253.68 149.56
N LYS T 773 -122.54 253.18 150.60
CA LYS T 773 -122.62 253.79 151.92
C LYS T 773 -121.70 255.00 152.00
N PRO T 774 -121.79 255.76 153.09
CA PRO T 774 -120.93 256.94 153.24
C PRO T 774 -119.51 256.57 153.64
N ALA T 775 -118.56 257.39 153.19
CA ALA T 775 -117.15 257.18 153.49
C ALA T 775 -116.87 257.60 154.93
N LEU T 776 -116.71 256.62 155.82
CA LEU T 776 -116.44 256.91 157.21
C LEU T 776 -114.98 257.31 157.40
N ILE T 777 -114.76 258.48 157.99
CA ILE T 777 -113.43 259.01 158.25
C ILE T 777 -113.23 259.07 159.76
N PRO T 778 -112.13 258.50 160.28
CA PRO T 778 -111.92 258.54 161.73
C PRO T 778 -111.40 259.90 162.18
N GLN T 779 -111.82 260.30 163.39
CA GLN T 779 -111.44 261.57 164.00
C GLN T 779 -111.82 262.72 163.09
N PRO T 780 -113.10 263.01 162.93
CA PRO T 780 -113.54 264.11 162.07
C PRO T 780 -113.44 265.45 162.81
N THR T 781 -113.82 266.51 162.09
CA THR T 781 -113.79 267.86 162.66
C THR T 781 -115.21 268.43 162.74
N PHE T 782 -115.33 269.73 162.48
CA PHE T 782 -116.63 270.39 162.53
C PHE T 782 -117.41 270.24 161.22
N THR T 783 -116.80 270.62 160.09
CA THR T 783 -117.47 270.49 158.81
C THR T 783 -117.55 269.04 158.36
N GLU T 784 -116.60 268.20 158.79
CA GLU T 784 -116.63 266.79 158.42
C GLU T 784 -117.84 266.08 159.01
N LYS T 785 -118.20 266.42 160.24
CA LYS T 785 -119.37 265.81 160.86
C LYS T 785 -120.65 266.21 160.12
N VAL T 786 -120.75 267.47 159.72
CA VAL T 786 -121.92 267.92 158.97
C VAL T 786 -121.98 267.25 157.61
N ALA T 787 -120.83 267.09 156.95
CA ALA T 787 -120.80 266.41 155.67
C ALA T 787 -121.21 264.95 155.81
N HIS T 788 -120.75 264.28 156.86
CA HIS T 788 -121.13 262.88 157.08
C HIS T 788 -122.62 262.77 157.39
N GLU T 789 -123.16 263.72 158.16
CA GLU T 789 -124.58 263.70 158.47
C GLU T 789 -125.43 263.94 157.22
N HIS T 790 -124.95 264.82 156.34
CA HIS T 790 -125.67 265.05 155.09
C HIS T 790 -125.60 263.83 154.17
N LYS T 791 -124.44 263.18 154.12
CA LYS T 791 -124.30 261.98 153.30
C LYS T 791 -125.19 260.85 153.81
N GLU T 792 -125.23 260.66 155.14
CA GLU T 792 -126.09 259.64 155.70
C GLU T 792 -127.57 259.97 155.53
N LYS T 793 -127.91 261.26 155.51
CA LYS T 793 -129.30 261.64 155.29
C LYS T 793 -129.71 261.41 153.84
N LYS T 794 -128.81 261.70 152.90
CA LYS T 794 -129.10 261.44 151.49
C LYS T 794 -129.13 259.94 151.20
N TYR T 795 -128.32 259.16 151.90
CA TYR T 795 -128.32 257.71 151.69
C TYR T 795 -129.63 257.09 152.13
N GLU T 796 -130.29 257.66 153.15
CA GLU T 796 -131.56 257.13 153.61
C GLU T 796 -132.61 257.15 152.51
N MET T 797 -132.55 258.14 151.62
CA MET T 797 -133.46 258.19 150.48
C MET T 797 -132.90 257.46 149.26
N ASP T 798 -131.58 257.47 149.08
CA ASP T 798 -130.99 256.76 147.94
C ASP T 798 -131.22 255.27 148.04
N PHE T 799 -131.02 254.68 149.22
CA PHE T 799 -131.25 253.26 149.39
C PHE T 799 -132.72 252.92 149.21
N GLY T 800 -133.63 253.77 149.68
CA GLY T 800 -135.04 253.53 149.48
C GLY T 800 -135.43 253.57 148.02
N ILE T 801 -134.90 254.53 147.27
CA ILE T 801 -135.19 254.62 145.85
C ILE T 801 -134.62 253.41 145.11
N TRP T 802 -133.42 252.97 145.49
CA TRP T 802 -132.82 251.81 144.85
C TRP T 802 -133.60 250.53 145.17
N LYS T 803 -134.14 250.44 146.38
CA LYS T 803 -134.96 249.28 146.73
C LYS T 803 -136.29 249.30 145.98
N GLY T 804 -136.90 250.47 145.85
CA GLY T 804 -138.14 250.56 145.09
C GLY T 804 -137.94 250.22 143.63
N HIS T 805 -136.88 250.75 143.01
CA HIS T 805 -136.59 250.44 141.62
C HIS T 805 -136.28 248.95 141.45
N LEU T 806 -135.54 248.36 142.39
CA LEU T 806 -135.23 246.95 142.32
C LEU T 806 -136.49 246.09 142.44
N ASP T 807 -137.40 246.47 143.34
CA ASP T 807 -138.65 245.74 143.48
C ASP T 807 -139.51 245.86 142.23
N ALA T 808 -139.54 247.05 141.63
CA ALA T 808 -140.30 247.22 140.38
C ALA T 808 -139.71 246.38 139.26
N LEU T 809 -138.38 246.37 139.14
CA LEU T 809 -137.74 245.56 138.12
C LEU T 809 -137.99 244.07 138.34
N THR T 810 -137.96 243.63 139.61
CA THR T 810 -138.23 242.22 139.91
C THR T 810 -139.68 241.85 139.58
N ALA T 811 -140.63 242.74 139.91
CA ALA T 811 -142.02 242.48 139.60
C ALA T 811 -142.27 242.46 138.10
N ASP T 812 -141.54 243.29 137.34
CA ASP T 812 -141.67 243.26 135.89
C ASP T 812 -141.06 242.00 135.30
N VAL T 813 -139.90 241.58 135.81
CA VAL T 813 -139.25 240.38 135.30
C VAL T 813 -140.06 239.14 135.62
N LYS T 814 -140.71 239.11 136.79
CA LYS T 814 -141.55 237.97 137.13
C LYS T 814 -142.73 237.85 136.17
N GLU T 815 -143.38 238.96 135.86
CA GLU T 815 -144.49 238.94 134.91
C GLU T 815 -144.01 238.56 133.51
N LYS T 816 -142.83 239.05 133.12
CA LYS T 816 -142.28 238.69 131.81
C LYS T 816 -141.99 237.20 131.73
N MET T 817 -141.41 236.62 132.79
CA MET T 817 -141.13 235.19 132.79
C MET T 817 -142.42 234.37 132.81
N TYR T 818 -143.43 234.83 133.54
CA TYR T 818 -144.70 234.12 133.57
C TYR T 818 -145.40 234.17 132.22
N ASN T 819 -145.26 235.28 131.49
CA ASN T 819 -145.87 235.38 130.17
C ASN T 819 -145.08 234.61 129.12
N VAL T 820 -143.76 234.49 129.30
CA VAL T 820 -142.94 233.77 128.32
C VAL T 820 -143.07 232.27 128.51
N LEU T 821 -142.75 231.78 129.71
CA LEU T 821 -142.79 230.35 129.99
C LEU T 821 -144.23 229.84 130.02
N LEU T 822 -145.00 230.24 131.02
CA LEU T 822 -146.39 229.81 131.16
C LEU T 822 -147.25 230.52 130.11
N PHE T 823 -147.20 229.99 128.89
CA PHE T 823 -147.95 230.53 127.77
C PHE T 823 -149.21 229.70 127.53
N VAL T 824 -150.30 230.39 127.20
CA VAL T 824 -151.56 229.71 126.94
C VAL T 824 -151.53 229.06 125.56
N ASP T 825 -152.46 228.13 125.34
CA ASP T 825 -152.60 227.39 124.08
C ASP T 825 -151.29 226.68 123.73
N GLY T 826 -151.06 225.59 124.45
CA GLY T 826 -149.88 224.78 124.25
C GLY T 826 -148.77 225.10 125.21
N GLY T 827 -147.98 226.11 124.89
CA GLY T 827 -146.87 226.52 125.73
C GLY T 827 -145.82 227.24 124.92
N TRP T 828 -144.62 227.30 125.46
CA TRP T 828 -143.50 227.96 124.81
C TRP T 828 -142.95 227.07 123.70
N MET T 829 -142.89 227.61 122.48
CA MET T 829 -142.39 226.90 121.30
C MET T 829 -143.15 225.59 121.09
N VAL T 830 -144.48 225.69 121.11
CA VAL T 830 -145.37 224.55 120.91
C VAL T 830 -146.40 224.93 119.87
N ASP T 831 -146.42 224.20 118.76
CA ASP T 831 -147.37 224.46 117.69
C ASP T 831 -148.76 223.96 118.07
N VAL T 832 -149.77 224.82 117.95
CA VAL T 832 -151.12 224.43 118.29
C VAL T 832 -151.76 223.63 117.16
N ARG T 833 -151.37 223.88 115.92
CA ARG T 833 -151.92 223.17 114.77
C ARG T 833 -151.07 221.95 114.47
N GLU T 834 -151.73 220.80 114.28
CA GLU T 834 -151.07 219.54 113.98
C GLU T 834 -151.46 219.03 112.61
N ASP T 835 -151.47 219.93 111.62
CA ASP T 835 -151.82 219.56 110.25
C ASP T 835 -150.94 220.26 109.24
N ALA T 836 -149.66 220.45 109.57
CA ALA T 836 -148.71 221.10 108.68
C ALA T 836 -148.00 220.05 107.81
N LYS T 837 -146.91 220.46 107.17
CA LYS T 837 -146.15 219.56 106.33
C LYS T 837 -145.11 218.81 107.15
N GLU T 838 -144.26 218.05 106.47
CA GLU T 838 -143.22 217.26 107.11
C GLU T 838 -142.02 218.16 107.39
N ASP T 839 -142.02 218.77 108.58
CA ASP T 839 -140.95 219.67 109.02
C ASP T 839 -140.31 219.07 110.26
N HIS T 840 -139.40 218.12 110.06
CA HIS T 840 -138.73 217.47 111.18
C HIS T 840 -137.59 218.32 111.72
N GLU T 841 -136.81 218.96 110.83
CA GLU T 841 -135.70 219.78 111.27
C GLU T 841 -136.18 221.01 112.03
N ARG T 842 -137.24 221.66 111.54
CA ARG T 842 -137.78 222.82 112.23
C ARG T 842 -138.34 222.45 113.60
N THR T 843 -139.02 221.30 113.68
CA THR T 843 -139.55 220.85 114.96
C THR T 843 -138.42 220.52 115.94
N HIS T 844 -137.37 219.87 115.46
CA HIS T 844 -136.24 219.56 116.32
C HIS T 844 -135.55 220.83 116.81
N GLN T 845 -135.40 221.82 115.93
CA GLN T 845 -134.79 223.07 116.33
C GLN T 845 -135.65 223.81 117.36
N MET T 846 -136.98 223.81 117.16
CA MET T 846 -137.86 224.47 118.12
C MET T 846 -137.87 223.74 119.46
N VAL T 847 -137.72 222.42 119.45
CA VAL T 847 -137.66 221.67 120.71
C VAL T 847 -136.35 221.95 121.43
N LEU T 848 -135.24 221.99 120.68
CA LEU T 848 -133.95 222.26 121.28
C LEU T 848 -133.90 223.67 121.87
N LEU T 849 -134.42 224.66 121.13
CA LEU T 849 -134.45 226.03 121.64
C LEU T 849 -135.30 226.14 122.90
N ARG T 850 -136.45 225.46 122.91
CA ARG T 850 -137.31 225.48 124.09
C ARG T 850 -136.63 224.82 125.29
N LYS T 851 -135.95 223.69 125.06
CA LYS T 851 -135.26 223.02 126.15
C LYS T 851 -134.08 223.85 126.67
N LEU T 852 -133.42 224.60 125.78
CA LEU T 852 -132.32 225.45 126.22
C LEU T 852 -132.81 226.71 126.92
N CYS T 853 -133.99 227.21 126.56
CA CYS T 853 -134.54 228.41 127.17
C CYS T 853 -135.27 228.14 128.47
N LEU T 854 -135.81 226.93 128.66
CA LEU T 854 -136.52 226.63 129.90
C LEU T 854 -135.59 226.62 131.10
N PRO T 855 -134.44 225.93 131.08
CA PRO T 855 -133.57 225.95 132.27
C PRO T 855 -132.97 227.32 132.52
N MET T 856 -132.61 228.07 131.47
CA MET T 856 -132.07 229.41 131.67
C MET T 856 -133.11 230.33 132.28
N LEU T 857 -134.35 230.26 131.79
CA LEU T 857 -135.41 231.09 132.35
C LEU T 857 -135.72 230.71 133.78
N CYS T 858 -135.69 229.40 134.10
CA CYS T 858 -135.92 228.97 135.47
C CYS T 858 -134.83 229.47 136.40
N PHE T 859 -133.57 229.39 135.95
CA PHE T 859 -132.47 229.89 136.77
C PHE T 859 -132.56 231.40 136.96
N LEU T 860 -132.94 232.13 135.91
CA LEU T 860 -133.09 233.58 136.02
C LEU T 860 -134.20 233.94 136.99
N LEU T 861 -135.33 233.23 136.93
CA LEU T 861 -136.42 233.48 137.86
C LEU T 861 -136.02 233.16 139.29
N HIS T 862 -135.29 232.06 139.49
CA HIS T 862 -134.83 231.72 140.83
C HIS T 862 -133.87 232.78 141.37
N THR T 863 -132.96 233.26 140.52
CA THR T 863 -132.04 234.30 140.97
C THR T 863 -132.76 235.60 141.28
N ILE T 864 -133.77 235.96 140.48
CA ILE T 864 -134.52 237.17 140.74
C ILE T 864 -135.35 237.05 142.01
N LEU T 865 -135.86 235.85 142.30
CA LEU T 865 -136.62 235.67 143.52
C LEU T 865 -135.72 235.63 144.75
N HIS T 866 -134.50 235.12 144.61
CA HIS T 866 -133.58 235.07 145.74
C HIS T 866 -132.93 236.42 146.01
N SER T 867 -132.73 237.24 144.98
CA SER T 867 -132.12 238.54 145.18
C SER T 867 -133.08 239.55 145.80
N THR T 868 -134.38 239.40 145.54
CA THR T 868 -135.39 240.29 146.09
C THR T 868 -135.93 239.83 147.42
N GLY T 869 -135.39 238.76 147.99
CA GLY T 869 -135.87 238.27 149.27
C GLY T 869 -137.20 237.55 149.22
N GLN T 870 -137.62 237.08 148.04
CA GLN T 870 -138.90 236.38 147.89
C GLN T 870 -138.61 234.87 147.84
N TYR T 871 -138.42 234.29 149.02
CA TYR T 871 -138.16 232.86 149.10
C TYR T 871 -139.41 232.03 148.86
N GLN T 872 -140.58 232.57 149.17
CA GLN T 872 -141.82 231.83 148.94
C GLN T 872 -142.10 231.65 147.45
N GLU T 873 -141.75 232.66 146.65
CA GLU T 873 -141.95 232.55 145.20
C GLU T 873 -140.92 231.64 144.55
N CYS T 874 -139.76 231.45 145.20
CA CYS T 874 -138.73 230.58 144.64
C CYS T 874 -138.93 229.13 145.06
N LEU T 875 -139.44 228.90 146.27
CA LEU T 875 -139.67 227.54 146.74
C LEU T 875 -140.88 226.87 146.08
N GLN T 876 -141.75 227.66 145.45
CA GLN T 876 -142.93 227.14 144.79
C GLN T 876 -142.69 226.80 143.33
N LEU T 877 -141.44 226.85 142.87
CA LEU T 877 -141.13 226.55 141.47
C LEU T 877 -141.18 225.05 141.19
N ALA T 878 -141.08 224.21 142.22
CA ALA T 878 -141.12 222.77 142.01
C ALA T 878 -142.52 222.31 141.59
N ASP T 879 -143.56 222.96 142.12
CA ASP T 879 -144.92 222.61 141.75
C ASP T 879 -145.29 223.15 140.37
N MET T 880 -144.54 224.11 139.84
CA MET T 880 -144.80 224.68 138.52
C MET T 880 -143.97 224.05 137.42
N VAL T 881 -142.74 223.62 137.73
CA VAL T 881 -141.91 223.00 136.70
C VAL T 881 -142.26 221.53 136.52
N SER T 882 -142.82 220.89 137.54
CA SER T 882 -143.21 219.49 137.48
C SER T 882 -144.72 219.31 137.41
N SER T 883 -145.44 220.32 136.95
CA SER T 883 -146.89 220.23 136.84
C SER T 883 -147.29 219.44 135.59
N GLU T 884 -148.47 218.83 135.65
CA GLU T 884 -148.98 218.04 134.54
C GLU T 884 -149.61 218.90 133.45
N ARG T 885 -149.93 220.16 133.75
CA ARG T 885 -150.55 221.03 132.75
C ARG T 885 -149.53 221.61 131.78
N HIS T 886 -148.29 221.80 132.23
CA HIS T 886 -147.23 222.36 131.39
C HIS T 886 -146.17 221.35 131.01
N LYS T 887 -145.87 220.38 131.88
CA LYS T 887 -144.86 219.36 131.63
C LYS T 887 -143.50 219.98 131.33
N LEU T 888 -143.09 220.91 132.20
CA LEU T 888 -141.81 221.59 132.04
C LEU T 888 -140.63 220.79 132.56
N TYR T 889 -140.89 219.69 133.29
CA TYR T 889 -139.81 218.87 133.82
C TYR T 889 -139.18 217.97 132.77
N LEU T 890 -139.88 217.70 131.66
CA LEU T 890 -139.35 216.85 130.61
C LEU T 890 -138.32 217.57 129.74
N VAL T 891 -138.34 218.90 129.71
CA VAL T 891 -137.39 219.66 128.91
C VAL T 891 -136.03 219.82 129.59
N PHE T 892 -135.95 219.54 130.88
CA PHE T 892 -134.71 219.66 131.64
C PHE T 892 -134.06 218.30 131.81
N SER T 893 -132.74 218.30 131.91
CA SER T 893 -131.97 217.07 132.08
C SER T 893 -131.71 216.85 133.56
N LYS T 894 -130.62 216.15 133.90
CA LYS T 894 -130.30 215.88 135.30
C LYS T 894 -129.57 217.04 135.95
N GLU T 895 -128.73 217.75 135.19
CA GLU T 895 -127.98 218.87 135.76
C GLU T 895 -128.91 220.01 136.15
N GLU T 896 -129.89 220.32 135.30
CA GLU T 896 -130.84 221.39 135.63
C GLU T 896 -131.68 221.02 136.84
N LEU T 897 -132.11 219.76 136.92
CA LEU T 897 -132.89 219.32 138.08
C LEU T 897 -132.06 219.37 139.36
N ARG T 898 -130.78 218.98 139.27
CA ARG T 898 -129.92 219.05 140.45
C ARG T 898 -129.69 220.51 140.87
N LYS T 899 -129.52 221.41 139.91
CA LYS T 899 -129.34 222.82 140.24
C LYS T 899 -130.60 223.39 140.88
N LEU T 900 -131.77 223.01 140.36
CA LEU T 900 -133.03 223.48 140.95
C LEU T 900 -133.20 222.95 142.36
N LEU T 901 -132.86 221.67 142.58
CA LEU T 901 -132.98 221.11 143.92
C LEU T 901 -132.00 221.75 144.89
N GLN T 902 -130.80 222.12 144.41
CA GLN T 902 -129.83 222.79 145.27
C GLN T 902 -130.27 224.21 145.59
N LYS T 903 -130.89 224.88 144.63
CA LYS T 903 -131.37 226.25 144.87
C LYS T 903 -132.58 226.25 145.80
N LEU T 904 -133.44 225.23 145.70
CA LEU T 904 -134.60 225.16 146.58
C LEU T 904 -134.19 225.00 148.03
N ARG T 905 -133.16 224.18 148.29
CA ARG T 905 -132.69 224.00 149.65
C ARG T 905 -132.08 225.28 150.20
N GLU T 906 -131.31 226.00 149.37
CA GLU T 906 -130.73 227.27 149.80
C GLU T 906 -131.79 228.32 150.06
N SER T 907 -132.87 228.31 149.28
CA SER T 907 -133.96 229.25 149.53
C SER T 907 -134.72 228.89 150.80
N SER T 908 -134.96 227.59 151.03
CA SER T 908 -135.66 227.17 152.24
C SER T 908 -134.83 227.48 153.49
N LEU T 909 -133.51 227.32 153.41
CA LEU T 909 -132.66 227.63 154.55
C LEU T 909 -132.70 229.12 154.87
N MET T 910 -132.66 229.97 153.84
CA MET T 910 -132.74 231.41 154.07
C MET T 910 -134.11 231.82 154.57
N LEU T 911 -135.17 231.12 154.15
CA LEU T 911 -136.50 231.45 154.64
C LEU T 911 -136.68 231.03 156.09
N LEU T 912 -136.10 229.88 156.48
CA LEU T 912 -136.21 229.41 157.85
C LEU T 912 -135.26 230.13 158.79
N ASP T 913 -134.18 230.72 158.28
CA ASP T 913 -133.25 231.45 159.14
C ASP T 913 -133.87 232.71 159.72
N GLN T 914 -134.88 233.29 159.07
CA GLN T 914 -135.52 234.49 159.57
C GLN T 914 -136.56 234.20 160.66
N GLY T 915 -137.14 233.01 160.66
CA GLY T 915 -138.14 232.66 161.66
C GLY T 915 -139.27 231.84 161.11
N LEU T 916 -139.22 231.52 159.82
CA LEU T 916 -140.24 230.74 159.15
C LEU T 916 -139.79 229.28 159.06
N ASP T 917 -140.38 228.52 158.15
CA ASP T 917 -140.03 227.12 157.96
C ASP T 917 -139.37 226.91 156.61
N PRO T 918 -139.48 225.71 156.03
CA PRO T 918 -138.85 225.48 154.72
C PRO T 918 -139.68 226.03 153.58
N LEU T 919 -140.99 225.78 153.62
CA LEU T 919 -141.89 226.27 152.58
C LEU T 919 -142.33 227.71 152.78
N GLY T 920 -141.93 228.34 153.89
CA GLY T 920 -142.29 229.71 154.16
C GLY T 920 -143.47 229.89 155.09
N TYR T 921 -144.11 228.81 155.52
CA TYR T 921 -145.25 228.92 156.40
C TYR T 921 -144.79 229.16 157.84
N GLU T 922 -145.74 229.62 158.67
CA GLU T 922 -145.44 229.90 160.06
C GLU T 922 -145.43 228.61 160.88
N ILE T 923 -144.41 228.48 161.73
CA ILE T 923 -144.26 227.29 162.58
C ILE T 923 -145.19 227.47 163.78
N GLN T 924 -146.31 226.76 163.77
CA GLN T 924 -147.27 226.84 164.87
C GLN T 924 -146.90 225.89 166.00
N LYS U 333 -157.18 230.40 -32.39
CA LYS U 333 -158.48 230.98 -32.70
C LYS U 333 -159.16 230.23 -33.85
N LEU U 334 -158.41 229.31 -34.46
CA LEU U 334 -158.91 228.52 -35.58
C LEU U 334 -159.21 227.07 -35.18
N TYR U 335 -159.55 226.84 -33.91
CA TYR U 335 -159.87 225.51 -33.41
C TYR U 335 -161.21 225.54 -32.69
N GLN U 336 -161.94 224.43 -32.80
CA GLN U 336 -163.25 224.33 -32.17
C GLN U 336 -163.16 224.16 -30.66
N THR U 337 -162.04 223.66 -30.14
CA THR U 337 -161.91 223.46 -28.71
C THR U 337 -161.94 224.77 -27.94
N PRO U 338 -161.23 225.83 -28.34
CA PRO U 338 -161.32 227.10 -27.58
C PRO U 338 -162.71 227.72 -27.63
N LEU U 339 -163.37 227.68 -28.79
CA LEU U 339 -164.71 228.23 -28.89
C LEU U 339 -165.69 227.43 -28.03
N GLU U 340 -165.56 226.11 -28.02
CA GLU U 340 -166.43 225.28 -27.19
C GLU U 340 -166.17 225.49 -25.71
N LEU U 341 -164.92 225.73 -25.33
CA LEU U 341 -164.61 226.01 -23.93
C LEU U 341 -165.10 227.37 -23.50
N LYS U 342 -165.05 228.36 -24.40
CA LYS U 342 -165.52 229.70 -24.06
C LYS U 342 -167.04 229.78 -24.08
N LEU U 343 -167.71 228.95 -24.87
CA LEU U 343 -169.16 228.97 -24.92
C LEU U 343 -169.80 228.39 -23.66
N LYS U 344 -169.08 227.54 -22.93
CA LYS U 344 -169.62 226.94 -21.71
C LYS U 344 -169.42 227.82 -20.48
N HIS U 345 -168.61 228.88 -20.57
CA HIS U 345 -168.35 229.78 -19.46
C HIS U 345 -169.16 231.07 -19.56
N SER U 346 -170.36 231.00 -20.12
CA SER U 346 -171.20 232.18 -20.26
C SER U 346 -172.67 231.76 -20.16
N THR U 347 -173.51 232.68 -19.72
CA THR U 347 -174.94 232.46 -19.56
C THR U 347 -175.68 233.41 -20.50
N VAL U 348 -176.34 232.85 -21.51
CA VAL U 348 -177.10 233.63 -22.47
C VAL U 348 -178.57 233.31 -22.32
N HIS U 349 -179.41 234.26 -22.76
CA HIS U 349 -180.85 234.11 -22.70
C HIS U 349 -181.48 234.73 -23.94
N VAL U 350 -182.57 234.12 -24.40
CA VAL U 350 -183.27 234.60 -25.58
C VAL U 350 -184.14 235.79 -25.18
N ASP U 351 -183.91 236.94 -25.82
CA ASP U 351 -184.66 238.16 -25.54
C ASP U 351 -184.97 238.84 -26.86
N GLU U 352 -186.25 238.86 -27.24
CA GLU U 352 -186.70 239.47 -28.49
C GLU U 352 -185.99 238.87 -29.70
N LEU U 353 -185.87 237.54 -29.72
CA LEU U 353 -185.21 236.82 -30.80
C LEU U 353 -183.77 237.29 -31.00
N CYS U 354 -183.08 237.55 -29.90
CA CYS U 354 -181.70 238.00 -29.93
C CYS U 354 -180.99 237.63 -28.64
N PRO U 355 -180.11 236.62 -28.66
CA PRO U 355 -179.40 236.24 -27.44
C PRO U 355 -178.21 237.15 -27.18
N LEU U 356 -178.10 237.64 -25.95
CA LEU U 356 -177.04 238.53 -25.55
C LEU U 356 -176.23 237.90 -24.42
N ILE U 357 -175.09 238.50 -24.13
CA ILE U 357 -174.20 238.01 -23.07
C ILE U 357 -174.59 238.69 -21.77
N VAL U 358 -175.24 237.94 -20.88
CA VAL U 358 -175.68 238.47 -19.59
C VAL U 358 -174.58 238.23 -18.56
N PRO U 359 -174.37 237.00 -18.11
CA PRO U 359 -173.33 236.74 -17.12
C PRO U 359 -172.09 236.10 -17.73
N ASN U 360 -170.97 236.82 -17.70
CA ASN U 360 -169.71 236.35 -18.25
C ASN U 360 -168.69 236.22 -17.13
N LEU U 361 -168.02 235.06 -17.07
CA LEU U 361 -167.02 234.80 -16.05
C LEU U 361 -165.71 234.26 -16.62
N GLY U 362 -165.59 234.20 -17.95
CA GLY U 362 -164.39 233.69 -18.57
C GLY U 362 -164.53 233.46 -20.06
N VAL U 363 -163.46 233.72 -20.81
CA VAL U 363 -163.44 233.54 -22.26
C VAL U 363 -162.09 233.00 -22.67
N ALA U 364 -162.10 232.07 -23.62
CA ALA U 364 -160.89 231.44 -24.14
C ALA U 364 -160.50 231.98 -25.51
N VAL U 365 -160.56 233.30 -25.70
CA VAL U 365 -160.22 233.92 -26.97
C VAL U 365 -158.74 234.28 -26.97
N ILE U 366 -158.30 234.99 -28.00
CA ILE U 366 -156.91 235.40 -28.11
C ILE U 366 -156.66 236.61 -27.21
N HIS U 367 -155.66 236.49 -26.33
CA HIS U 367 -155.29 237.55 -25.40
C HIS U 367 -156.48 237.96 -24.53
N ASP U 368 -156.96 237.00 -23.75
CA ASP U 368 -158.09 237.22 -22.85
C ASP U 368 -157.61 237.43 -21.42
N TYR U 369 -158.13 236.64 -20.50
CA TYR U 369 -157.77 236.70 -19.08
C TYR U 369 -156.82 235.55 -18.78
N ALA U 370 -157.06 234.73 -17.74
CA ALA U 370 -156.17 233.62 -17.43
C ALA U 370 -156.46 232.37 -18.25
N ASP U 371 -157.57 232.34 -18.99
CA ASP U 371 -157.92 231.19 -19.80
C ASP U 371 -157.18 231.13 -21.13
N TRP U 372 -156.51 232.21 -21.52
CA TRP U 372 -155.77 232.26 -22.77
C TRP U 372 -154.29 231.93 -22.60
N VAL U 373 -153.84 231.66 -21.38
CA VAL U 373 -152.42 231.34 -21.17
C VAL U 373 -152.12 229.90 -21.55
N LYS U 374 -153.11 229.01 -21.56
CA LYS U 374 -152.87 227.61 -21.91
C LYS U 374 -152.94 227.37 -23.42
N GLU U 375 -153.47 228.32 -24.19
CA GLU U 375 -153.58 228.18 -25.63
C GLU U 375 -152.44 228.84 -26.38
N ALA U 376 -151.38 229.24 -25.67
CA ALA U 376 -150.22 229.89 -26.27
C ALA U 376 -149.00 229.01 -26.00
N SER U 377 -148.66 228.15 -26.96
CA SER U 377 -147.52 227.24 -26.84
C SER U 377 -146.66 227.39 -28.09
N GLY U 378 -145.88 226.36 -28.39
CA GLY U 378 -145.01 226.38 -29.54
C GLY U 378 -145.68 225.89 -30.82
N ASP U 379 -146.79 225.16 -30.66
CA ASP U 379 -147.53 224.63 -31.79
C ASP U 379 -148.81 225.41 -32.08
N LEU U 380 -148.99 226.56 -31.44
CA LEU U 380 -150.17 227.39 -31.65
C LEU U 380 -149.80 228.73 -32.25
N PRO U 381 -148.78 229.39 -31.71
CA PRO U 381 -148.37 230.70 -32.27
C PRO U 381 -146.92 230.71 -32.72
N GLU U 382 -146.48 229.63 -33.35
CA GLU U 382 -145.11 229.47 -33.86
C GLU U 382 -144.16 229.61 -32.66
N ALA U 383 -143.06 230.35 -32.80
CA ALA U 383 -142.11 230.53 -31.70
C ALA U 383 -141.45 231.89 -31.65
N GLN U 384 -141.45 232.67 -32.73
CA GLN U 384 -140.84 233.98 -32.75
C GLN U 384 -141.79 235.08 -32.28
N ILE U 385 -143.05 234.76 -32.04
CA ILE U 385 -144.04 235.74 -31.58
C ILE U 385 -145.02 235.06 -30.64
N VAL U 386 -144.50 234.45 -29.58
CA VAL U 386 -145.33 233.76 -28.60
C VAL U 386 -144.98 234.24 -27.21
N LYS U 387 -143.70 234.54 -26.99
CA LYS U 387 -143.26 235.01 -25.67
C LYS U 387 -143.86 236.38 -25.35
N HIS U 388 -143.91 237.27 -26.33
CA HIS U 388 -144.50 238.59 -26.10
C HIS U 388 -145.99 238.48 -25.80
N TRP U 389 -146.70 237.62 -26.51
CA TRP U 389 -148.12 237.42 -26.25
C TRP U 389 -148.36 236.81 -24.87
N SER U 390 -147.51 235.85 -24.48
CA SER U 390 -147.63 235.26 -23.15
C SER U 390 -147.38 236.29 -22.07
N LEU U 391 -146.37 237.15 -22.26
CA LEU U 391 -146.09 238.19 -21.27
C LEU U 391 -147.23 239.19 -21.19
N THR U 392 -147.80 239.58 -22.35
CA THR U 392 -148.92 240.51 -22.34
C THR U 392 -150.16 239.90 -21.68
N TRP U 393 -150.36 238.60 -21.85
CA TRP U 393 -151.49 237.94 -21.18
C TRP U 393 -151.26 237.85 -19.69
N THR U 394 -150.03 237.52 -19.27
CA THR U 394 -149.73 237.43 -17.85
C THR U 394 -149.85 238.79 -17.17
N LEU U 395 -149.41 239.86 -17.84
CA LEU U 395 -149.54 241.19 -17.26
C LEU U 395 -151.00 241.58 -17.10
N CYS U 396 -151.83 241.27 -18.08
CA CYS U 396 -153.25 241.59 -17.98
C CYS U 396 -153.94 240.74 -16.92
N GLU U 397 -153.50 239.49 -16.74
CA GLU U 397 -154.11 238.65 -15.71
C GLU U 397 -153.66 239.06 -14.31
N ALA U 398 -152.46 239.60 -14.18
CA ALA U 398 -151.97 240.04 -12.88
C ALA U 398 -152.40 241.46 -12.51
N LEU U 399 -152.72 242.29 -13.50
CA LEU U 399 -153.14 243.68 -13.22
C LEU U 399 -154.66 243.78 -13.19
N TRP U 400 -155.31 243.52 -14.31
CA TRP U 400 -156.76 243.61 -14.41
C TRP U 400 -157.48 242.38 -13.89
N GLY U 401 -156.74 241.39 -13.39
CA GLY U 401 -157.39 240.18 -12.88
C GLY U 401 -157.81 240.33 -11.44
N HIS U 402 -158.99 239.80 -11.12
CA HIS U 402 -159.53 239.86 -9.76
C HIS U 402 -158.97 238.70 -8.96
N LEU U 403 -158.09 239.00 -8.00
CA LEU U 403 -157.49 237.98 -7.16
C LEU U 403 -158.47 237.52 -6.10
N LYS U 404 -158.45 236.23 -5.81
CA LYS U 404 -159.33 235.62 -4.80
C LYS U 404 -158.48 234.89 -3.77
N GLU U 405 -158.84 235.06 -2.50
CA GLU U 405 -158.14 234.41 -1.40
C GLU U 405 -158.79 233.07 -1.06
N LEU U 406 -157.97 232.16 -0.53
CA LEU U 406 -158.48 230.84 -0.16
C LEU U 406 -159.22 230.89 1.17
N ASP U 407 -158.49 231.05 2.27
CA ASP U 407 -159.10 231.12 3.60
C ASP U 407 -159.58 232.53 3.88
N SER U 408 -160.83 232.66 4.32
CA SER U 408 -161.39 233.96 4.64
C SER U 408 -160.94 234.43 6.01
N GLN U 409 -160.92 235.75 6.18
CA GLN U 409 -160.51 236.37 7.42
C GLN U 409 -161.74 236.92 8.16
N LEU U 410 -161.49 237.71 9.20
CA LEU U 410 -162.59 238.28 9.97
C LEU U 410 -163.17 239.51 9.28
N ASN U 411 -162.32 240.47 8.92
CA ASN U 411 -162.77 241.68 8.25
C ASN U 411 -162.90 241.41 6.75
N GLU U 412 -164.13 241.45 6.26
CA GLU U 412 -164.39 241.20 4.84
C GLU U 412 -164.74 242.50 4.13
N PRO U 413 -164.74 243.64 4.84
CA PRO U 413 -165.09 244.91 4.19
C PRO U 413 -163.95 245.51 3.38
N ARG U 414 -162.70 245.20 3.71
CA ARG U 414 -161.54 245.71 2.99
C ARG U 414 -160.90 244.59 2.18
N GLU U 415 -159.69 244.86 1.68
CA GLU U 415 -158.95 243.88 0.88
C GLU U 415 -157.46 244.12 1.13
N TYR U 416 -156.93 243.40 2.12
CA TYR U 416 -155.52 243.51 2.49
C TYR U 416 -154.67 242.35 2.01
N ILE U 417 -155.23 241.14 1.96
CA ILE U 417 -154.45 239.99 1.51
C ILE U 417 -154.38 239.94 -0.01
N GLN U 418 -155.49 240.25 -0.69
CA GLN U 418 -155.50 240.23 -2.14
C GLN U 418 -154.63 241.33 -2.73
N ILE U 419 -154.65 242.53 -2.11
CA ILE U 419 -153.83 243.62 -2.60
C ILE U 419 -152.35 243.30 -2.42
N LEU U 420 -151.99 242.57 -1.37
CA LEU U 420 -150.60 242.18 -1.18
C LEU U 420 -150.21 241.06 -2.14
N GLU U 421 -151.11 240.11 -2.39
CA GLU U 421 -150.81 239.02 -3.31
C GLU U 421 -150.64 239.55 -4.73
N ARG U 422 -151.49 240.48 -5.15
CA ARG U 422 -151.35 241.06 -6.48
C ARG U 422 -150.04 241.82 -6.63
N ARG U 423 -149.65 242.57 -5.60
CA ARG U 423 -148.38 243.29 -5.65
C ARG U 423 -147.20 242.33 -5.70
N ARG U 424 -147.27 241.24 -4.92
CA ARG U 424 -146.19 240.25 -4.95
C ARG U 424 -146.10 239.59 -6.32
N ALA U 425 -147.24 239.27 -6.94
CA ALA U 425 -147.23 238.67 -8.27
C ALA U 425 -146.67 239.65 -9.29
N PHE U 426 -147.05 240.92 -9.21
CA PHE U 426 -146.51 241.92 -10.13
C PHE U 426 -145.01 242.08 -9.97
N SER U 427 -144.53 242.07 -8.72
CA SER U 427 -143.09 242.17 -8.49
C SER U 427 -142.35 240.95 -9.01
N ARG U 428 -142.92 239.76 -8.81
CA ARG U 428 -142.29 238.55 -9.33
C ARG U 428 -142.27 238.53 -10.85
N TRP U 429 -143.31 239.07 -11.49
CA TRP U 429 -143.31 239.14 -12.95
C TRP U 429 -142.30 240.16 -13.45
N LEU U 430 -142.21 241.31 -12.78
CA LEU U 430 -141.24 242.34 -13.18
C LEU U 430 -139.81 241.83 -13.02
N SER U 431 -139.54 241.11 -11.94
CA SER U 431 -138.21 240.55 -11.74
C SER U 431 -137.86 239.53 -12.81
N CYS U 432 -138.82 238.65 -13.15
CA CYS U 432 -138.57 237.66 -14.20
C CYS U 432 -138.40 238.32 -15.56
N THR U 433 -139.07 239.44 -15.80
CA THR U 433 -138.92 240.14 -17.07
C THR U 433 -137.61 240.91 -17.15
N ALA U 434 -137.13 241.44 -16.02
CA ALA U 434 -135.90 242.22 -16.00
C ALA U 434 -134.65 241.36 -15.83
N THR U 435 -134.81 240.09 -15.43
CA THR U 435 -133.64 239.23 -15.28
C THR U 435 -132.88 239.02 -16.60
N PRO U 436 -133.53 238.98 -17.77
CA PRO U 436 -132.75 238.81 -19.01
C PRO U 436 -131.88 240.00 -19.34
N GLN U 437 -132.22 241.20 -18.85
CA GLN U 437 -131.41 242.39 -19.06
C GLN U 437 -130.50 242.69 -17.88
N ILE U 438 -130.70 242.04 -16.74
CA ILE U 438 -129.86 242.25 -15.57
C ILE U 438 -128.81 241.15 -15.41
N GLU U 439 -128.99 239.99 -16.05
CA GLU U 439 -128.00 238.93 -15.94
C GLU U 439 -126.74 239.26 -16.72
N GLU U 440 -126.85 240.02 -17.81
CA GLU U 440 -125.68 240.39 -18.59
C GLU U 440 -125.01 241.65 -18.08
N GLU U 441 -125.77 242.53 -17.43
CA GLU U 441 -125.20 243.76 -16.89
C GLU U 441 -124.45 243.55 -15.58
N VAL U 442 -124.72 242.44 -14.88
CA VAL U 442 -124.02 242.17 -13.63
C VAL U 442 -122.58 241.71 -13.86
N SER U 443 -122.31 241.08 -15.00
CA SER U 443 -120.94 240.63 -15.28
C SER U 443 -120.03 241.78 -15.66
N LEU U 444 -120.56 242.81 -16.32
CA LEU U 444 -119.73 243.95 -16.71
C LEU U 444 -119.54 244.92 -15.56
N THR U 445 -120.49 244.99 -14.62
CA THR U 445 -120.38 245.91 -13.49
C THR U 445 -119.43 245.39 -12.41
N GLN U 446 -119.18 244.08 -12.37
CA GLN U 446 -118.28 243.52 -11.36
C GLN U 446 -116.82 243.81 -11.66
N LYS U 447 -116.47 244.09 -12.92
CA LYS U 447 -115.08 244.38 -13.28
C LYS U 447 -114.69 245.82 -13.04
N ASN U 448 -115.65 246.69 -12.69
CA ASN U 448 -115.38 248.10 -12.45
C ASN U 448 -115.40 248.45 -10.96
N SER U 449 -116.42 247.97 -10.23
CA SER U 449 -116.55 248.25 -8.81
C SER U 449 -117.32 247.11 -8.17
N PRO U 450 -116.88 246.62 -7.01
CA PRO U 450 -117.60 245.51 -6.35
C PRO U 450 -118.84 245.95 -5.59
N VAL U 451 -119.04 247.25 -5.39
CA VAL U 451 -120.21 247.72 -4.67
C VAL U 451 -121.44 247.81 -5.56
N GLU U 452 -121.27 247.77 -6.89
CA GLU U 452 -122.40 247.84 -7.80
C GLU U 452 -123.14 246.52 -7.92
N ALA U 453 -122.54 245.41 -7.50
CA ALA U 453 -123.20 244.12 -7.60
C ALA U 453 -124.44 244.07 -6.70
N VAL U 454 -124.34 244.60 -5.49
CA VAL U 454 -125.49 244.61 -4.58
C VAL U 454 -126.60 245.49 -5.14
N PHE U 455 -126.23 246.65 -5.70
CA PHE U 455 -127.24 247.53 -6.27
C PHE U 455 -127.90 246.92 -7.51
N SER U 456 -127.15 246.12 -8.28
CA SER U 456 -127.72 245.47 -9.45
C SER U 456 -128.60 244.28 -9.06
N TYR U 457 -128.25 243.57 -7.99
CA TYR U 457 -129.04 242.43 -7.55
C TYR U 457 -130.26 242.84 -6.74
N LEU U 458 -130.25 244.03 -6.13
CA LEU U 458 -131.39 244.48 -5.35
C LEU U 458 -132.58 244.88 -6.22
N THR U 459 -132.35 245.14 -7.50
CA THR U 459 -133.43 245.53 -8.41
C THR U 459 -134.28 244.35 -8.84
N GLY U 460 -133.81 243.11 -8.65
CA GLY U 460 -134.57 241.94 -9.04
C GLY U 460 -135.27 241.28 -7.87
N LYS U 461 -135.61 242.07 -6.85
CA LYS U 461 -136.30 241.58 -5.66
C LYS U 461 -135.50 240.46 -4.98
N ARG U 462 -134.23 240.73 -4.72
CA ARG U 462 -133.32 239.78 -4.08
C ARG U 462 -132.69 240.47 -2.88
N ILE U 463 -133.27 240.26 -1.70
CA ILE U 463 -132.76 240.87 -0.47
C ILE U 463 -131.63 240.04 0.13
N SER U 464 -131.82 238.73 0.22
CA SER U 464 -130.79 237.87 0.80
C SER U 464 -129.56 237.80 -0.11
N GLU U 465 -129.78 237.76 -1.43
CA GLU U 465 -128.66 237.73 -2.36
C GLU U 465 -127.84 239.01 -2.30
N ALA U 466 -128.48 240.15 -2.06
CA ALA U 466 -127.74 241.41 -1.92
C ALA U 466 -127.06 241.49 -0.56
N CYS U 467 -127.72 241.00 0.49
CA CYS U 467 -127.12 241.03 1.82
C CYS U 467 -125.87 240.15 1.89
N SER U 468 -125.93 238.96 1.27
CA SER U 468 -124.77 238.09 1.26
C SER U 468 -123.61 238.70 0.49
N LEU U 469 -123.91 239.34 -0.65
CA LEU U 469 -122.87 239.99 -1.43
C LEU U 469 -122.26 241.18 -0.69
N ALA U 470 -123.08 241.92 0.07
CA ALA U 470 -122.56 243.04 0.84
C ALA U 470 -121.73 242.56 2.03
N GLN U 471 -122.11 241.44 2.63
CA GLN U 471 -121.36 240.91 3.77
C GLN U 471 -120.06 240.24 3.34
N GLN U 472 -120.04 239.63 2.15
CA GLN U 472 -118.85 238.95 1.64
C GLN U 472 -117.90 239.90 0.91
N SER U 473 -118.19 241.20 0.91
CA SER U 473 -117.35 242.18 0.24
C SER U 473 -116.43 242.93 1.20
N GLY U 474 -116.51 242.65 2.51
CA GLY U 474 -115.70 243.29 3.51
C GLY U 474 -116.47 244.24 4.42
N ASP U 475 -117.51 244.87 3.90
CA ASP U 475 -118.30 245.80 4.70
C ASP U 475 -119.33 245.04 5.54
N HIS U 476 -119.69 245.63 6.68
CA HIS U 476 -120.65 245.03 7.59
C HIS U 476 -121.90 245.88 7.82
N ARG U 477 -121.84 247.20 7.61
CA ARG U 477 -123.01 248.05 7.82
C ARG U 477 -123.98 247.97 6.64
N LEU U 478 -123.48 247.74 5.43
CA LEU U 478 -124.36 247.66 4.27
C LEU U 478 -125.25 246.42 4.33
N ALA U 479 -124.71 245.30 4.81
CA ALA U 479 -125.50 244.08 4.91
C ALA U 479 -126.61 244.23 5.95
N LEU U 480 -126.37 245.01 7.01
CA LEU U 480 -127.39 245.23 8.01
C LEU U 480 -128.39 246.32 7.59
N LEU U 481 -127.96 247.25 6.72
CA LEU U 481 -128.85 248.30 6.26
C LEU U 481 -129.76 247.82 5.13
N LEU U 482 -129.29 246.89 4.30
CA LEU U 482 -130.09 246.38 3.20
C LEU U 482 -131.16 245.39 3.66
N SER U 483 -131.08 244.91 4.90
CA SER U 483 -132.07 243.95 5.39
C SER U 483 -133.39 244.63 5.74
N GLN U 484 -133.38 245.93 5.99
CA GLN U 484 -134.60 246.67 6.33
C GLN U 484 -135.16 247.41 5.11
N PHE U 485 -135.33 246.68 4.01
CA PHE U 485 -135.86 247.24 2.77
C PHE U 485 -137.35 246.93 2.59
N VAL U 486 -138.11 246.93 3.69
CA VAL U 486 -139.55 246.64 3.58
C VAL U 486 -140.31 247.86 3.08
N GLY U 487 -139.91 249.06 3.49
CA GLY U 487 -140.58 250.27 3.07
C GLY U 487 -141.49 250.85 4.13
N SER U 488 -141.04 250.85 5.37
CA SER U 488 -141.80 251.38 6.49
C SER U 488 -141.24 252.75 6.89
N GLN U 489 -141.58 253.21 8.10
CA GLN U 489 -141.09 254.50 8.58
C GLN U 489 -139.74 254.34 9.28
N SER U 490 -139.51 255.12 10.33
CA SER U 490 -138.28 255.08 11.11
C SER U 490 -137.05 255.31 10.23
N VAL U 491 -136.66 254.30 9.46
CA VAL U 491 -135.49 254.42 8.60
C VAL U 491 -135.73 255.38 7.44
N ARG U 492 -137.00 255.62 7.08
CA ARG U 492 -137.29 256.52 5.97
C ARG U 492 -136.82 257.94 6.28
N GLU U 493 -137.06 258.42 7.49
CA GLU U 493 -136.57 259.74 7.88
C GLU U 493 -135.08 259.71 8.24
N LEU U 494 -134.59 258.57 8.76
CA LEU U 494 -133.19 258.47 9.11
C LEU U 494 -132.30 258.57 7.87
N LEU U 495 -132.72 257.96 6.76
CA LEU U 495 -131.95 258.04 5.53
C LEU U 495 -131.89 259.47 5.02
N THR U 496 -133.02 260.19 5.07
CA THR U 496 -133.03 261.58 4.64
C THR U 496 -132.16 262.45 5.55
N MET U 497 -132.19 262.19 6.86
CA MET U 497 -131.34 262.95 7.78
C MET U 497 -129.87 262.68 7.51
N GLN U 498 -129.51 261.42 7.26
CA GLN U 498 -128.12 261.10 6.95
C GLN U 498 -127.68 261.74 5.64
N LEU U 499 -128.56 261.75 4.64
CA LEU U 499 -128.23 262.40 3.37
C LEU U 499 -128.04 263.91 3.54
N VAL U 500 -128.91 264.54 4.34
CA VAL U 500 -128.78 265.98 4.57
C VAL U 500 -127.52 266.28 5.37
N ASP U 501 -127.12 265.39 6.27
CA ASP U 501 -125.91 265.61 7.04
C ASP U 501 -124.67 265.41 6.18
N TRP U 502 -124.70 264.44 5.27
CA TRP U 502 -123.56 264.18 4.39
C TRP U 502 -123.47 265.17 3.24
N HIS U 503 -124.57 265.85 2.90
CA HIS U 503 -124.53 266.84 1.82
C HIS U 503 -123.71 268.07 2.19
N GLN U 504 -123.54 268.35 3.48
CA GLN U 504 -122.77 269.50 3.91
C GLN U 504 -121.37 269.09 4.34
N LEU U 505 -121.07 269.22 5.63
CA LEU U 505 -119.77 268.86 6.20
C LEU U 505 -118.63 269.57 5.48
N GLN U 506 -118.00 268.88 4.54
CA GLN U 506 -116.88 269.46 3.78
C GLN U 506 -116.94 268.90 2.37
N ALA U 507 -117.33 269.74 1.42
CA ALA U 507 -117.43 269.37 0.00
C ALA U 507 -118.35 268.16 -0.19
N ASP U 508 -119.45 268.14 0.55
CA ASP U 508 -120.44 267.06 0.50
C ASP U 508 -119.82 265.70 0.78
N SER U 509 -118.85 265.66 1.68
CA SER U 509 -118.14 264.44 2.06
C SER U 509 -117.50 263.82 0.81
N PHE U 510 -117.44 262.49 0.76
CA PHE U 510 -116.86 261.80 -0.39
C PHE U 510 -117.42 260.39 -0.51
N ILE U 511 -118.74 260.26 -0.52
CA ILE U 511 -119.38 258.96 -0.62
C ILE U 511 -119.33 258.47 -2.07
N GLN U 512 -119.48 257.16 -2.24
CA GLN U 512 -119.46 256.56 -3.57
C GLN U 512 -120.85 256.67 -4.23
N ASP U 513 -120.90 256.29 -5.50
CA ASP U 513 -122.14 256.33 -6.25
C ASP U 513 -123.01 255.09 -6.06
N GLU U 514 -122.42 253.96 -5.71
CA GLU U 514 -123.20 252.74 -5.50
C GLU U 514 -123.89 252.73 -4.15
N ARG U 515 -123.21 253.21 -3.11
CA ARG U 515 -123.81 253.25 -1.78
C ARG U 515 -124.85 254.35 -1.64
N LEU U 516 -124.69 255.45 -2.38
CA LEU U 516 -125.66 256.54 -2.28
C LEU U 516 -127.03 256.12 -2.78
N ARG U 517 -127.08 255.37 -3.88
CA ARG U 517 -128.35 254.90 -4.40
C ARG U 517 -129.02 253.92 -3.43
N ILE U 518 -128.23 253.03 -2.82
CA ILE U 518 -128.79 252.09 -1.86
C ILE U 518 -129.28 252.80 -0.62
N PHE U 519 -128.62 253.88 -0.21
CA PHE U 519 -129.06 254.63 0.95
C PHE U 519 -130.30 255.46 0.65
N ALA U 520 -130.41 255.98 -0.57
CA ALA U 520 -131.58 256.77 -0.94
C ALA U 520 -132.79 255.92 -1.28
N LEU U 521 -132.59 254.67 -1.68
CA LEU U 521 -133.71 253.80 -2.02
C LEU U 521 -134.49 253.35 -0.79
N LEU U 522 -133.89 253.41 0.39
CA LEU U 522 -134.55 253.02 1.64
C LEU U 522 -135.29 254.17 2.30
N ALA U 523 -135.44 255.30 1.62
CA ALA U 523 -136.14 256.45 2.17
C ALA U 523 -137.56 256.60 1.64
N GLY U 524 -138.01 255.69 0.77
CA GLY U 524 -139.34 255.75 0.21
C GLY U 524 -139.46 256.49 -1.10
N LYS U 525 -138.42 257.22 -1.52
CA LYS U 525 -138.46 257.95 -2.77
C LYS U 525 -137.07 258.02 -3.39
N PRO U 526 -136.90 257.58 -4.63
CA PRO U 526 -135.56 257.63 -5.26
C PRO U 526 -135.51 258.60 -6.43
N VAL U 527 -136.66 258.84 -7.06
CA VAL U 527 -136.74 259.75 -8.20
C VAL U 527 -137.45 261.03 -7.78
N TRP U 528 -137.28 261.42 -6.52
CA TRP U 528 -137.93 262.62 -6.01
C TRP U 528 -137.08 263.26 -4.91
N GLN U 529 -137.40 262.94 -3.65
CA GLN U 529 -136.67 263.48 -2.51
C GLN U 529 -135.53 262.54 -2.13
N LEU U 530 -134.32 263.08 -2.06
CA LEU U 530 -134.08 264.49 -2.31
C LEU U 530 -133.42 264.69 -3.67
N SER U 531 -133.21 265.96 -4.04
CA SER U 531 -132.60 266.28 -5.33
C SER U 531 -131.09 266.08 -5.32
N GLU U 532 -130.46 266.04 -4.14
CA GLU U 532 -129.02 265.84 -4.07
C GLU U 532 -128.62 264.40 -4.34
N LYS U 533 -129.52 263.45 -4.08
CA LYS U 533 -129.26 262.03 -4.29
C LYS U 533 -130.40 261.39 -5.05
N LYS U 534 -130.92 262.09 -6.06
CA LYS U 534 -132.02 261.57 -6.86
C LYS U 534 -131.51 260.58 -7.90
N GLN U 535 -132.33 259.59 -8.21
CA GLN U 535 -132.01 258.56 -9.19
C GLN U 535 -132.64 258.83 -10.55
N ILE U 536 -132.72 260.10 -10.95
CA ILE U 536 -133.30 260.45 -12.24
C ILE U 536 -132.33 260.27 -13.40
N ASN U 537 -131.04 260.10 -13.12
CA ASN U 537 -130.03 259.92 -14.15
C ASN U 537 -129.78 258.45 -14.46
N VAL U 538 -130.64 257.55 -14.00
CA VAL U 538 -130.49 256.11 -14.26
C VAL U 538 -131.32 255.65 -15.44
N CYS U 539 -131.88 256.59 -16.21
CA CYS U 539 -132.69 256.24 -17.38
C CYS U 539 -131.86 255.99 -18.63
N SER U 540 -130.55 256.27 -18.58
CA SER U 540 -129.71 256.05 -19.76
C SER U 540 -129.25 254.60 -19.86
N GLN U 541 -128.92 253.99 -18.73
CA GLN U 541 -128.46 252.60 -18.71
C GLN U 541 -129.61 251.62 -18.48
N LEU U 542 -130.45 251.89 -17.49
CA LEU U 542 -131.58 251.03 -17.18
C LEU U 542 -132.80 251.45 -17.98
N ASP U 543 -133.72 250.50 -18.15
CA ASP U 543 -134.95 250.73 -18.89
C ASP U 543 -136.03 251.24 -17.94
N TRP U 544 -137.26 251.38 -18.46
CA TRP U 544 -138.36 251.86 -17.64
C TRP U 544 -138.91 250.78 -16.71
N LYS U 545 -138.76 249.51 -17.09
CA LYS U 545 -139.27 248.42 -16.26
C LYS U 545 -138.55 248.36 -14.92
N ARG U 546 -137.22 248.47 -14.94
CA ARG U 546 -136.47 248.45 -13.68
C ARG U 546 -136.78 249.67 -12.83
N SER U 547 -136.94 250.83 -13.46
CA SER U 547 -137.27 252.05 -12.71
C SER U 547 -138.66 251.96 -12.09
N LEU U 548 -139.60 251.29 -12.78
CA LEU U 548 -140.93 251.13 -12.21
C LEU U 548 -140.92 250.08 -11.08
N ALA U 549 -140.12 249.03 -11.24
CA ALA U 549 -140.04 248.00 -10.21
C ALA U 549 -139.38 248.53 -8.94
N ILE U 550 -138.33 249.35 -9.09
CA ILE U 550 -137.66 249.92 -7.93
C ILE U 550 -138.56 250.89 -7.17
N HIS U 551 -139.55 251.47 -7.84
CA HIS U 551 -140.49 252.37 -7.19
C HIS U 551 -141.72 251.67 -6.64
N LEU U 552 -142.13 250.55 -7.24
CA LEU U 552 -143.29 249.81 -6.77
C LEU U 552 -142.95 248.76 -5.73
N TRP U 553 -141.69 248.37 -5.60
CA TRP U 553 -141.28 247.35 -4.63
C TRP U 553 -140.30 247.89 -3.59
N TYR U 554 -140.09 249.20 -3.52
CA TYR U 554 -139.18 249.78 -2.56
C TYR U 554 -139.61 251.20 -2.23
N LEU U 555 -140.83 251.36 -1.75
CA LEU U 555 -141.38 252.67 -1.39
C LEU U 555 -142.47 252.45 -0.35
N LEU U 556 -143.36 253.43 -0.22
CA LEU U 556 -144.46 253.34 0.72
C LEU U 556 -145.60 252.52 0.13
N PRO U 557 -145.64 251.22 0.39
CA PRO U 557 -146.70 250.38 -0.18
C PRO U 557 -147.88 250.28 0.78
N PRO U 558 -147.72 250.77 2.01
CA PRO U 558 -148.83 250.69 2.96
C PRO U 558 -149.58 252.01 3.08
N THR U 559 -148.89 253.12 2.80
CA THR U 559 -149.53 254.43 2.90
C THR U 559 -150.44 254.69 1.71
N ALA U 560 -150.18 254.08 0.56
CA ALA U 560 -150.98 254.26 -0.65
C ALA U 560 -151.25 252.90 -1.28
N SER U 561 -152.17 252.90 -2.25
CA SER U 561 -152.54 251.68 -2.93
C SER U 561 -151.54 251.38 -4.06
N ILE U 562 -151.80 250.30 -4.79
CA ILE U 562 -150.92 249.93 -5.89
C ILE U 562 -151.13 250.83 -7.09
N SER U 563 -152.39 251.21 -7.36
CA SER U 563 -152.67 252.07 -8.50
C SER U 563 -152.08 253.46 -8.30
N ARG U 564 -152.18 254.01 -7.08
CA ARG U 564 -151.60 255.32 -6.82
C ARG U 564 -150.08 255.29 -6.96
N ALA U 565 -149.44 254.23 -6.47
CA ALA U 565 -148.00 254.11 -6.61
C ALA U 565 -147.58 253.96 -8.07
N LEU U 566 -148.33 253.18 -8.85
CA LEU U 566 -148.02 253.02 -10.25
C LEU U 566 -148.23 254.32 -11.02
N SER U 567 -149.21 255.12 -10.63
CA SER U 567 -149.42 256.41 -11.29
C SER U 567 -148.34 257.41 -10.91
N MET U 568 -147.88 257.37 -9.65
CA MET U 568 -146.82 258.27 -9.22
C MET U 568 -145.49 257.91 -9.86
N TYR U 569 -145.24 256.61 -10.05
CA TYR U 569 -144.01 256.18 -10.70
C TYR U 569 -144.05 256.39 -12.21
N GLU U 570 -145.22 256.65 -12.79
CA GLU U 570 -145.34 256.88 -14.22
C GLU U 570 -145.44 258.35 -14.60
N GLU U 571 -146.00 259.18 -13.71
CA GLU U 571 -146.11 260.61 -14.00
C GLU U 571 -144.79 261.35 -13.86
N ALA U 572 -143.77 260.74 -13.25
CA ALA U 572 -142.47 261.39 -13.11
C ALA U 572 -141.60 261.25 -14.34
N PHE U 573 -141.73 260.17 -15.09
CA PHE U 573 -140.94 259.96 -16.29
C PHE U 573 -141.80 259.27 -17.35
N GLN U 574 -141.78 259.80 -18.56
CA GLN U 574 -142.56 259.22 -19.64
C GLN U 574 -141.94 257.92 -20.13
N ASN U 575 -142.80 256.97 -20.48
CA ASN U 575 -142.35 255.67 -20.95
C ASN U 575 -142.47 255.60 -22.47
N PRO U 607 -142.56 254.40 -23.05
CA PRO U 607 -142.67 254.29 -24.50
C PRO U 607 -144.10 254.54 -24.97
N LEU U 608 -144.22 255.13 -26.15
CA LEU U 608 -145.51 255.45 -26.74
C LEU U 608 -145.99 254.40 -27.74
N ARG U 609 -145.18 253.35 -27.99
CA ARG U 609 -145.53 252.30 -28.93
C ARG U 609 -145.14 250.95 -28.30
N ASP U 610 -145.77 250.64 -27.18
CA ASP U 610 -145.50 249.38 -26.48
C ASP U 610 -146.75 248.96 -25.72
N VAL U 611 -147.00 247.66 -25.69
CA VAL U 611 -148.18 247.14 -24.99
C VAL U 611 -147.92 247.11 -23.49
N CYS U 612 -146.69 246.81 -23.09
CA CYS U 612 -146.36 246.77 -21.66
C CYS U 612 -146.37 248.16 -21.05
N PHE U 613 -146.03 249.18 -21.84
CA PHE U 613 -146.04 250.54 -21.34
C PHE U 613 -147.46 251.11 -21.29
N HIS U 614 -148.39 250.50 -22.02
CA HIS U 614 -149.77 250.96 -22.02
C HIS U 614 -150.64 250.21 -21.02
N LEU U 615 -150.34 248.92 -20.78
CA LEU U 615 -151.12 248.15 -19.81
C LEU U 615 -150.89 248.65 -18.39
N LEU U 616 -149.67 249.12 -18.09
CA LEU U 616 -149.38 249.65 -16.76
C LEU U 616 -149.93 251.06 -16.57
N LYS U 617 -150.25 251.75 -17.66
CA LYS U 617 -150.80 253.10 -17.57
C LYS U 617 -152.32 253.12 -17.63
N LEU U 618 -152.94 252.15 -18.29
CA LEU U 618 -154.39 252.08 -18.39
C LEU U 618 -155.05 251.50 -17.15
N TYR U 619 -154.26 251.04 -16.18
CA TYR U 619 -154.79 250.46 -14.95
C TYR U 619 -154.32 251.19 -13.70
N SER U 620 -153.50 252.22 -13.82
CA SER U 620 -153.00 252.95 -12.68
C SER U 620 -153.92 254.13 -12.34
N ASP U 621 -153.73 255.25 -13.03
CA ASP U 621 -154.54 256.44 -12.81
C ASP U 621 -155.87 256.41 -13.56
N ARG U 622 -156.09 255.38 -14.39
CA ARG U 622 -157.32 255.26 -15.16
C ARG U 622 -158.38 254.40 -14.46
N HIS U 623 -158.35 254.33 -13.12
CA HIS U 623 -159.34 253.53 -12.41
C HIS U 623 -160.69 254.20 -12.37
N TYR U 624 -160.73 255.54 -12.40
CA TYR U 624 -161.97 256.29 -12.38
C TYR U 624 -162.31 256.92 -13.72
N ASP U 625 -161.45 256.76 -14.73
CA ASP U 625 -161.68 257.32 -16.05
C ASP U 625 -161.02 256.41 -17.09
N LEU U 626 -161.50 255.18 -17.18
CA LEU U 626 -160.94 254.23 -18.15
C LEU U 626 -161.39 254.53 -19.57
N ASN U 627 -162.63 255.01 -19.75
CA ASN U 627 -163.10 255.33 -21.09
C ASN U 627 -162.37 256.51 -21.69
N GLN U 628 -162.07 257.53 -20.87
CA GLN U 628 -161.33 258.69 -21.37
C GLN U 628 -159.87 258.38 -21.65
N LEU U 629 -159.31 257.33 -21.04
CA LEU U 629 -157.92 256.96 -21.24
C LEU U 629 -157.72 255.95 -22.36
N LEU U 630 -158.70 255.05 -22.56
CA LEU U 630 -158.56 254.04 -23.61
C LEU U 630 -158.78 254.61 -25.00
N GLU U 631 -159.57 255.68 -25.14
CA GLU U 631 -159.83 256.28 -26.44
C GLU U 631 -158.66 257.15 -26.87
N PRO U 632 -157.95 257.77 -25.94
CA PRO U 632 -156.80 258.61 -26.33
C PRO U 632 -155.56 257.83 -26.73
N ARG U 633 -155.38 256.63 -26.20
CA ARG U 633 -154.21 255.82 -26.54
C ARG U 633 -154.35 255.10 -27.87
N SER U 634 -155.58 254.70 -28.24
CA SER U 634 -155.79 254.00 -29.50
C SER U 634 -155.83 254.93 -30.71
N ILE U 635 -156.05 256.22 -30.50
CA ILE U 635 -156.08 257.19 -31.60
C ILE U 635 -154.71 257.81 -31.85
N THR U 636 -153.68 257.37 -31.14
CA THR U 636 -152.34 257.92 -31.33
C THR U 636 -151.36 256.80 -31.67
N ALA U 637 -151.65 255.58 -31.24
CA ALA U 637 -150.78 254.44 -31.51
C ALA U 637 -151.63 253.18 -31.58
N ASP U 638 -151.23 252.26 -32.46
CA ASP U 638 -151.93 251.00 -32.63
C ASP U 638 -151.14 249.87 -31.99
N PRO U 639 -150.81 249.96 -30.70
CA PRO U 639 -150.04 248.89 -30.06
C PRO U 639 -150.91 247.71 -29.69
N LEU U 640 -152.17 247.96 -29.34
CA LEU U 640 -153.08 246.90 -28.97
C LEU U 640 -153.69 246.25 -30.20
N ASP U 641 -154.07 244.97 -30.07
CA ASP U 641 -154.66 244.23 -31.16
C ASP U 641 -156.15 244.54 -31.27
N TYR U 642 -156.79 243.96 -32.28
CA TYR U 642 -158.23 244.18 -32.48
C TYR U 642 -159.06 243.37 -31.49
N ARG U 643 -158.63 242.14 -31.19
CA ARG U 643 -159.36 241.28 -30.26
C ARG U 643 -158.91 241.47 -28.82
N LEU U 644 -157.67 241.89 -28.59
CA LEU U 644 -157.18 242.09 -27.23
C LEU U 644 -157.93 243.22 -26.54
N SER U 645 -158.19 244.32 -27.25
CA SER U 645 -158.94 245.42 -26.67
C SER U 645 -160.37 245.02 -26.33
N TRP U 646 -161.00 244.25 -27.22
CA TRP U 646 -162.35 243.77 -26.95
C TRP U 646 -162.38 242.84 -25.75
N HIS U 647 -161.38 241.95 -25.64
CA HIS U 647 -161.32 241.05 -24.49
C HIS U 647 -161.10 241.81 -23.20
N LEU U 648 -160.24 242.84 -23.23
CA LEU U 648 -159.99 243.64 -22.04
C LEU U 648 -161.22 244.45 -21.65
N TRP U 649 -161.99 244.92 -22.64
CA TRP U 649 -163.21 245.67 -22.33
C TRP U 649 -164.32 244.75 -21.80
N GLU U 650 -164.38 243.51 -22.30
CA GLU U 650 -165.41 242.58 -21.83
C GLU U 650 -165.06 241.99 -20.46
N VAL U 651 -163.78 241.83 -20.16
CA VAL U 651 -163.39 241.28 -18.86
C VAL U 651 -163.53 242.33 -17.76
N LEU U 652 -163.31 243.60 -18.08
CA LEU U 652 -163.41 244.66 -17.09
C LEU U 652 -164.85 245.05 -16.79
N ARG U 653 -165.78 244.78 -17.72
CA ARG U 653 -167.18 245.12 -17.51
C ARG U 653 -167.98 243.99 -16.88
N ALA U 654 -167.50 242.75 -16.96
CA ALA U 654 -168.18 241.60 -16.38
C ALA U 654 -167.64 241.22 -15.00
N LEU U 655 -166.61 241.91 -14.51
CA LEU U 655 -166.04 241.62 -13.21
C LEU U 655 -166.07 242.83 -12.27
N ASN U 656 -166.75 243.91 -12.67
CA ASN U 656 -166.86 245.13 -11.86
C ASN U 656 -165.47 245.68 -11.53
N TYR U 657 -164.64 245.84 -12.56
CA TYR U 657 -163.29 246.36 -12.39
C TYR U 657 -163.24 247.87 -12.58
N THR U 658 -163.73 248.36 -13.73
CA THR U 658 -163.73 249.79 -14.01
C THR U 658 -164.95 250.11 -14.86
N HIS U 659 -165.16 251.42 -15.07
CA HIS U 659 -166.28 251.90 -15.86
C HIS U 659 -165.92 251.90 -17.33
N LEU U 660 -166.80 251.33 -18.16
CA LEU U 660 -166.60 251.25 -19.60
C LEU U 660 -167.86 251.71 -20.31
N SER U 661 -167.67 252.39 -21.44
CA SER U 661 -168.80 252.89 -22.22
C SER U 661 -169.42 251.76 -23.04
N ALA U 662 -170.65 252.01 -23.49
CA ALA U 662 -171.38 251.03 -24.29
C ALA U 662 -171.03 251.12 -25.78
N GLN U 663 -170.86 252.34 -26.29
CA GLN U 663 -170.54 252.49 -27.71
C GLN U 663 -169.16 251.93 -28.03
N CYS U 664 -168.17 252.18 -27.17
CA CYS U 664 -166.84 251.63 -27.39
C CYS U 664 -166.85 250.10 -27.32
N GLU U 665 -167.59 249.54 -26.36
CA GLU U 665 -167.68 248.09 -26.26
C GLU U 665 -168.36 247.49 -27.49
N GLY U 666 -169.42 248.14 -27.97
CA GLY U 666 -170.08 247.65 -29.18
C GLY U 666 -169.18 247.73 -30.40
N VAL U 667 -168.41 248.82 -30.51
CA VAL U 667 -167.50 248.95 -31.64
C VAL U 667 -166.40 247.89 -31.57
N LEU U 668 -165.90 247.62 -30.37
CA LEU U 668 -164.88 246.58 -30.23
C LEU U 668 -165.44 245.20 -30.55
N GLN U 669 -166.68 244.93 -30.13
CA GLN U 669 -167.30 243.64 -30.45
C GLN U 669 -167.52 243.51 -31.95
N ALA U 670 -167.95 244.58 -32.60
CA ALA U 670 -168.15 244.54 -34.05
C ALA U 670 -166.82 244.33 -34.78
N SER U 671 -165.76 244.99 -34.33
CA SER U 671 -164.45 244.81 -34.95
C SER U 671 -163.95 243.38 -34.75
N TYR U 672 -164.17 242.81 -33.57
CA TYR U 672 -163.76 241.43 -33.32
C TYR U 672 -164.54 240.46 -34.19
N ALA U 673 -165.85 240.68 -34.31
CA ALA U 673 -166.66 239.81 -35.16
C ALA U 673 -166.27 239.92 -36.62
N GLY U 674 -165.89 241.12 -37.07
CA GLY U 674 -165.43 241.27 -38.44
C GLY U 674 -164.09 240.61 -38.68
N GLN U 675 -163.17 240.75 -37.72
CA GLN U 675 -161.86 240.11 -37.86
C GLN U 675 -161.96 238.60 -37.80
N LEU U 676 -162.89 238.05 -37.01
CA LEU U 676 -163.06 236.61 -36.95
C LEU U 676 -163.77 236.07 -38.19
N GLU U 677 -164.61 236.89 -38.83
CA GLU U 677 -165.31 236.46 -40.03
C GLU U 677 -164.51 236.65 -41.30
N SER U 678 -163.54 237.58 -41.30
CA SER U 678 -162.71 237.80 -42.48
C SER U 678 -161.75 236.63 -42.73
N GLU U 679 -161.44 235.84 -41.72
CA GLU U 679 -160.53 234.71 -41.88
C GLU U 679 -161.25 233.44 -42.28
N GLY U 680 -162.48 233.22 -41.80
CA GLY U 680 -163.22 232.03 -42.14
C GLY U 680 -163.92 231.40 -40.96
N LEU U 681 -163.72 231.97 -39.77
CA LEU U 681 -164.32 231.46 -38.55
C LEU U 681 -165.73 232.02 -38.42
N TRP U 682 -166.73 231.13 -38.39
CA TRP U 682 -168.12 231.55 -38.26
C TRP U 682 -168.61 231.52 -36.82
N GLU U 683 -168.26 230.46 -36.08
CA GLU U 683 -168.71 230.35 -34.69
C GLU U 683 -168.09 231.44 -33.82
N TRP U 684 -166.80 231.71 -34.00
CA TRP U 684 -166.16 232.78 -33.23
C TRP U 684 -166.74 234.14 -33.57
N ALA U 685 -167.01 234.38 -34.85
CA ALA U 685 -167.61 235.66 -35.25
C ALA U 685 -169.01 235.81 -34.67
N ILE U 686 -169.79 234.73 -34.67
CA ILE U 686 -171.14 234.79 -34.10
C ILE U 686 -171.07 235.03 -32.60
N PHE U 687 -170.13 234.38 -31.91
CA PHE U 687 -169.99 234.59 -30.48
C PHE U 687 -169.53 236.00 -30.15
N VAL U 688 -168.69 236.58 -31.01
CA VAL U 688 -168.24 237.96 -30.77
C VAL U 688 -169.35 238.95 -31.07
N LEU U 689 -170.20 238.65 -32.05
CA LEU U 689 -171.29 239.56 -32.39
C LEU U 689 -172.44 239.47 -31.39
N LEU U 690 -172.63 238.31 -30.76
CA LEU U 690 -173.70 238.15 -29.79
C LEU U 690 -173.46 238.97 -28.53
N HIS U 691 -172.21 239.29 -28.22
CA HIS U 691 -171.87 240.06 -27.02
C HIS U 691 -171.82 241.55 -27.36
N ILE U 692 -172.97 242.08 -27.78
CA ILE U 692 -173.10 243.49 -28.15
C ILE U 692 -174.04 244.18 -27.18
N ASP U 693 -174.33 245.45 -27.43
CA ASP U 693 -175.22 246.24 -26.59
C ASP U 693 -176.59 246.44 -27.22
N ASN U 694 -176.63 246.99 -28.43
CA ASN U 694 -177.91 247.21 -29.11
C ASN U 694 -178.45 245.90 -29.65
N SER U 695 -179.75 245.66 -29.42
CA SER U 695 -180.37 244.42 -29.89
C SER U 695 -180.61 244.46 -31.40
N GLY U 696 -181.00 245.62 -31.94
CA GLY U 696 -181.25 245.71 -33.37
C GLY U 696 -180.00 245.51 -34.21
N ILE U 697 -178.86 246.02 -33.75
CA ILE U 697 -177.61 245.82 -34.48
C ILE U 697 -177.11 244.40 -34.32
N ARG U 698 -177.27 243.82 -33.13
CA ARG U 698 -176.83 242.45 -32.88
C ARG U 698 -177.63 241.46 -33.72
N GLU U 699 -178.95 241.67 -33.82
CA GLU U 699 -179.77 240.78 -34.64
C GLU U 699 -179.38 240.88 -36.11
N LYS U 700 -179.12 242.09 -36.60
CA LYS U 700 -178.70 242.25 -37.99
C LYS U 700 -177.34 241.59 -38.24
N ALA U 701 -176.42 241.73 -37.28
CA ALA U 701 -175.12 241.08 -37.44
C ALA U 701 -175.24 239.57 -37.44
N VAL U 702 -176.10 239.02 -36.57
CA VAL U 702 -176.30 237.58 -36.53
C VAL U 702 -176.93 237.10 -37.83
N ARG U 703 -177.90 237.84 -38.36
CA ARG U 703 -178.52 237.47 -39.63
C ARG U 703 -177.52 237.51 -40.77
N GLU U 704 -176.65 238.53 -40.78
CA GLU U 704 -175.63 238.61 -41.83
C GLU U 704 -174.63 237.46 -41.71
N LEU U 705 -174.23 237.12 -40.49
CA LEU U 705 -173.30 236.00 -40.31
C LEU U 705 -173.93 234.67 -40.68
N LEU U 706 -175.24 234.52 -40.46
CA LEU U 706 -175.92 233.29 -40.84
C LEU U 706 -176.09 233.21 -42.35
N THR U 707 -176.37 234.33 -43.01
CA THR U 707 -176.54 234.33 -44.46
C THR U 707 -175.20 234.19 -45.18
N ARG U 708 -174.11 234.63 -44.56
CA ARG U 708 -172.81 234.50 -45.20
C ARG U 708 -172.30 233.06 -45.17
N HIS U 709 -172.55 232.35 -44.07
CA HIS U 709 -172.12 230.97 -43.94
C HIS U 709 -173.04 230.26 -42.96
N CYS U 710 -173.58 229.12 -43.37
CA CYS U 710 -174.48 228.34 -42.52
C CYS U 710 -174.42 226.84 -42.75
N GLN U 711 -173.66 226.36 -43.72
CA GLN U 711 -173.58 224.92 -43.98
C GLN U 711 -172.69 224.19 -42.98
N LEU U 712 -171.83 224.91 -42.27
CA LEU U 712 -170.93 224.32 -41.28
C LEU U 712 -170.99 225.11 -39.98
N LEU U 713 -172.21 225.35 -39.50
CA LEU U 713 -172.43 226.10 -38.27
C LEU U 713 -173.16 225.31 -37.20
N GLU U 714 -173.89 224.25 -37.57
CA GLU U 714 -174.63 223.44 -36.61
C GLU U 714 -174.38 221.97 -36.90
N THR U 715 -174.85 221.12 -36.00
CA THR U 715 -174.69 219.68 -36.15
C THR U 715 -176.04 219.01 -36.32
N PRO U 716 -177.08 219.76 -36.71
CA PRO U 716 -178.40 219.17 -36.90
C PRO U 716 -178.67 218.80 -38.35
N GLU U 717 -179.55 217.81 -38.52
CA GLU U 717 -179.95 217.31 -39.83
C GLU U 717 -178.74 216.83 -40.63
N SER U 718 -178.05 215.82 -40.06
CA SER U 718 -176.87 215.21 -40.67
C SER U 718 -175.77 216.26 -40.90
N TRP U 719 -175.13 216.64 -39.80
CA TRP U 719 -174.07 217.64 -39.83
C TRP U 719 -173.21 217.46 -38.59
N ALA U 720 -172.14 218.26 -38.52
CA ALA U 720 -171.21 218.20 -37.40
C ALA U 720 -170.48 219.53 -37.30
N LYS U 721 -170.66 220.23 -36.18
CA LYS U 721 -170.02 221.52 -35.99
C LYS U 721 -169.82 221.81 -34.50
N GLU U 722 -168.91 221.07 -33.86
CA GLU U 722 -168.60 221.24 -32.44
C GLU U 722 -169.85 221.08 -31.57
N THR U 723 -170.63 220.03 -31.88
CA THR U 723 -171.86 219.71 -31.15
C THR U 723 -172.83 220.91 -31.16
N PHE U 724 -173.29 221.25 -32.37
CA PHE U 724 -174.22 222.34 -32.58
C PHE U 724 -173.68 223.66 -32.04
N LEU U 725 -172.75 224.28 -32.78
CA LEU U 725 -172.17 225.55 -32.33
C LEU U 725 -173.16 226.70 -32.45
N THR U 726 -174.17 226.59 -33.31
CA THR U 726 -175.15 227.65 -33.47
C THR U 726 -176.38 227.45 -32.57
N GLN U 727 -176.74 226.19 -32.29
CA GLN U 727 -177.89 225.92 -31.44
C GLN U 727 -177.57 226.11 -29.96
N LYS U 728 -176.29 226.04 -29.58
CA LYS U 728 -175.91 226.20 -28.18
C LYS U 728 -175.87 227.66 -27.75
N LEU U 729 -175.92 228.60 -28.68
CA LEU U 729 -175.89 230.03 -28.37
C LEU U 729 -177.28 230.64 -28.26
N ARG U 730 -178.31 229.80 -28.11
CA ARG U 730 -179.70 230.26 -27.98
C ARG U 730 -180.12 231.11 -29.18
N VAL U 731 -179.82 230.61 -30.37
CA VAL U 731 -180.15 231.32 -31.61
C VAL U 731 -181.61 231.04 -31.95
N PRO U 732 -182.31 232.00 -32.60
CA PRO U 732 -183.72 231.83 -32.96
C PRO U 732 -183.91 230.91 -34.18
N ALA U 733 -182.47 227.61 -34.01
CA ALA U 733 -182.44 226.61 -35.06
C ALA U 733 -183.41 226.95 -36.18
N LYS U 734 -184.10 228.08 -36.03
CA LYS U 734 -185.06 228.53 -37.03
C LYS U 734 -184.44 229.46 -38.06
N TRP U 735 -183.56 230.36 -37.62
CA TRP U 735 -182.91 231.29 -38.53
C TRP U 735 -181.71 230.68 -39.25
N ILE U 736 -180.93 229.85 -38.54
CA ILE U 736 -179.77 229.23 -39.16
C ILE U 736 -180.19 228.26 -40.25
N HIS U 737 -181.24 227.48 -40.00
CA HIS U 737 -181.72 226.54 -41.01
C HIS U 737 -182.27 227.28 -42.23
N GLU U 738 -183.00 228.39 -41.99
CA GLU U 738 -183.51 229.17 -43.11
C GLU U 738 -182.39 229.78 -43.92
N ALA U 739 -181.34 230.28 -43.25
CA ALA U 739 -180.20 230.83 -43.96
C ALA U 739 -179.48 229.76 -44.76
N LYS U 740 -179.31 228.56 -44.19
CA LYS U 740 -178.67 227.48 -44.91
C LYS U 740 -179.49 227.06 -46.13
N ALA U 741 -180.82 227.02 -45.99
CA ALA U 741 -181.68 226.68 -47.12
C ALA U 741 -181.60 227.75 -48.21
N VAL U 742 -181.58 229.02 -47.82
CA VAL U 742 -181.50 230.10 -48.80
C VAL U 742 -180.15 230.08 -49.51
N ARG U 743 -179.08 229.69 -48.79
CA ARG U 743 -177.77 229.60 -49.43
C ARG U 743 -177.69 228.40 -50.36
N ALA U 744 -178.31 227.28 -49.99
CA ALA U 744 -178.30 226.11 -50.85
C ALA U 744 -179.17 226.30 -52.08
N HIS U 745 -180.24 227.09 -51.97
CA HIS U 745 -181.09 227.36 -53.13
C HIS U 745 -180.39 228.22 -54.17
N MET U 746 -179.35 228.96 -53.77
CA MET U 746 -178.60 229.80 -54.70
C MET U 746 -177.29 229.19 -55.14
N GLU U 747 -176.66 228.35 -54.31
CA GLU U 747 -175.40 227.71 -54.65
C GLU U 747 -175.58 226.32 -55.24
N SER U 748 -176.37 225.47 -54.58
CA SER U 748 -176.61 224.11 -55.06
C SER U 748 -177.81 224.11 -56.00
N ASP U 749 -178.27 222.92 -56.37
CA ASP U 749 -179.41 222.80 -57.27
C ASP U 749 -180.71 223.04 -56.53
N LYS U 750 -181.77 223.30 -57.29
CA LYS U 750 -183.09 223.56 -56.73
C LYS U 750 -183.81 222.28 -56.34
N HIS U 751 -183.45 221.15 -56.94
CA HIS U 751 -184.12 219.89 -56.62
C HIS U 751 -183.64 219.32 -55.28
N LEU U 752 -182.42 219.64 -54.87
CA LEU U 752 -181.89 219.15 -53.61
C LEU U 752 -182.06 220.14 -52.46
N GLU U 753 -182.13 221.44 -52.75
CA GLU U 753 -182.30 222.43 -51.70
C GLU U 753 -183.76 222.61 -51.29
N ALA U 754 -184.70 222.06 -52.05
CA ALA U 754 -186.11 222.20 -51.70
C ALA U 754 -186.50 221.30 -50.54
N LEU U 755 -185.81 220.16 -50.38
CA LEU U 755 -186.12 219.26 -49.30
C LEU U 755 -185.56 219.73 -47.96
N CYS U 756 -184.49 220.53 -47.99
CA CYS U 756 -183.88 221.02 -46.77
C CYS U 756 -184.64 222.22 -46.18
N LEU U 757 -185.47 222.89 -46.98
CA LEU U 757 -186.22 224.04 -46.51
C LEU U 757 -187.56 223.64 -45.91
N PHE U 758 -188.21 222.60 -46.44
CA PHE U 758 -189.49 222.17 -45.92
C PHE U 758 -189.34 221.29 -44.68
N LYS U 759 -188.23 220.56 -44.56
CA LYS U 759 -187.98 219.70 -43.42
C LYS U 759 -187.22 220.40 -42.30
N ALA U 760 -187.07 221.72 -42.37
CA ALA U 760 -186.37 222.48 -41.35
C ALA U 760 -187.28 223.06 -40.28
N GLU U 761 -188.60 222.90 -40.44
CA GLU U 761 -189.59 223.42 -39.48
C GLU U 761 -189.43 224.93 -39.27
N HIS U 762 -189.17 225.65 -40.36
CA HIS U 762 -189.00 227.09 -40.30
C HIS U 762 -189.34 227.73 -41.64
N TRP U 763 -190.29 227.14 -42.37
CA TRP U 763 -190.67 227.68 -43.67
C TRP U 763 -191.55 228.91 -43.51
N ASN U 764 -192.60 228.82 -42.68
CA ASN U 764 -193.54 229.91 -42.41
C ASN U 764 -194.17 230.40 -43.72
N ARG U 765 -195.10 229.57 -44.22
CA ARG U 765 -195.82 229.85 -45.46
C ARG U 765 -194.87 230.07 -46.63
N CYS U 766 -194.05 229.04 -46.88
CA CYS U 766 -193.06 229.05 -47.96
C CYS U 766 -193.26 227.85 -48.88
N HIS U 767 -194.51 227.60 -49.28
CA HIS U 767 -194.81 226.49 -50.16
C HIS U 767 -194.65 226.84 -51.63
N LYS U 768 -194.72 228.13 -51.99
CA LYS U 768 -194.57 228.53 -53.38
C LYS U 768 -193.17 228.24 -53.89
N LEU U 769 -192.14 228.54 -53.09
CA LEU U 769 -190.78 228.26 -53.50
C LEU U 769 -190.54 226.76 -53.66
N ILE U 770 -191.11 225.96 -52.75
CA ILE U 770 -190.95 224.51 -52.85
C ILE U 770 -191.66 223.96 -54.08
N ILE U 771 -192.85 224.50 -54.39
CA ILE U 771 -193.57 224.05 -55.57
C ILE U 771 -192.85 224.47 -56.85
N ARG U 772 -192.19 225.63 -56.83
CA ARG U 772 -191.44 226.06 -58.01
C ARG U 772 -190.16 225.27 -58.19
N HIS U 773 -189.51 224.88 -57.09
CA HIS U 773 -188.29 224.10 -57.19
C HIS U 773 -188.55 222.64 -57.51
N LEU U 774 -189.72 222.11 -57.10
CA LEU U 774 -190.03 220.72 -57.38
C LEU U 774 -190.38 220.50 -58.86
N ALA U 775 -190.82 221.55 -59.54
CA ALA U 775 -191.17 221.45 -60.95
C ALA U 775 -189.97 221.44 -61.87
N SER U 776 -188.78 221.78 -61.37
CA SER U 776 -187.59 221.78 -62.21
C SER U 776 -187.10 220.37 -62.48
N ASP U 777 -187.38 219.43 -61.59
CA ASP U 777 -186.96 218.04 -61.74
C ASP U 777 -188.09 217.16 -62.28
N ALA U 778 -188.79 217.63 -63.31
CA ALA U 778 -189.89 216.86 -63.89
C ALA U 778 -189.42 215.81 -64.87
N ILE U 779 -188.13 215.74 -65.18
CA ILE U 779 -187.60 214.76 -66.12
C ILE U 779 -187.47 213.42 -65.40
N ILE U 780 -187.13 212.38 -66.17
CA ILE U 780 -186.96 211.01 -65.64
C ILE U 780 -188.26 210.55 -65.00
N ASN U 781 -189.17 210.03 -65.81
CA ASN U 781 -190.46 209.56 -65.29
C ASN U 781 -190.32 208.32 -64.41
N GLU U 782 -189.20 207.59 -64.53
CA GLU U 782 -188.98 206.41 -63.71
C GLU U 782 -188.59 206.74 -62.28
N ASN U 783 -188.29 207.99 -61.98
CA ASN U 783 -187.91 208.38 -60.62
C ASN U 783 -188.99 209.25 -59.98
N TYR U 784 -190.21 208.72 -59.92
CA TYR U 784 -191.32 209.45 -59.31
C TYR U 784 -191.36 209.32 -57.79
N ASP U 785 -190.45 208.54 -57.19
CA ASP U 785 -190.45 208.39 -55.74
C ASP U 785 -190.10 209.70 -55.05
N TYR U 786 -189.13 210.44 -55.59
CA TYR U 786 -188.77 211.73 -55.00
C TYR U 786 -189.92 212.73 -55.11
N LEU U 787 -190.61 212.75 -56.25
CA LEU U 787 -191.76 213.63 -56.41
C LEU U 787 -192.88 213.26 -55.46
N LYS U 788 -193.14 211.97 -55.28
CA LYS U 788 -194.17 211.53 -54.34
C LYS U 788 -193.81 211.92 -52.91
N GLY U 789 -192.54 211.74 -52.53
CA GLY U 789 -192.11 212.14 -51.20
C GLY U 789 -192.23 213.63 -50.98
N PHE U 790 -191.87 214.42 -51.99
CA PHE U 790 -192.00 215.87 -51.86
C PHE U 790 -193.46 216.29 -51.75
N LEU U 791 -194.35 215.66 -52.53
CA LEU U 791 -195.76 215.98 -52.45
C LEU U 791 -196.35 215.56 -51.10
N GLU U 792 -195.86 214.47 -50.53
CA GLU U 792 -196.35 214.03 -49.22
C GLU U 792 -195.82 214.93 -48.11
N ASP U 793 -194.58 215.43 -48.24
CA ASP U 793 -194.00 216.29 -47.23
C ASP U 793 -194.51 217.72 -47.31
N LEU U 794 -194.97 218.17 -48.48
CA LEU U 794 -195.48 219.52 -48.62
C LEU U 794 -196.76 219.74 -47.82
N ALA U 795 -197.51 218.68 -47.54
CA ALA U 795 -198.75 218.80 -46.77
C ALA U 795 -198.42 219.06 -45.30
N PRO U 796 -197.35 218.48 -44.77
CA PRO U 796 -196.99 218.71 -43.37
C PRO U 796 -196.60 220.16 -43.14
N PRO U 797 -195.83 220.75 -44.06
CA PRO U 797 -195.48 222.18 -43.89
C PRO U 797 -196.69 223.09 -44.00
N GLU U 798 -197.61 222.80 -44.93
CA GLU U 798 -198.81 223.61 -45.05
C GLU U 798 -199.72 223.46 -43.83
N ARG U 799 -199.73 222.28 -43.22
CA ARG U 799 -200.53 222.08 -42.01
C ARG U 799 -199.89 222.74 -40.80
N SER U 800 -198.56 222.78 -40.74
CA SER U 800 -197.88 223.40 -39.61
C SER U 800 -197.87 224.92 -39.73
N SER U 801 -197.89 225.45 -40.95
CA SER U 801 -197.89 226.89 -41.17
C SER U 801 -199.28 227.50 -41.14
N LEU U 802 -200.30 226.71 -40.79
CA LEU U 802 -201.69 227.16 -40.72
C LEU U 802 -202.16 227.73 -42.06
N ILE U 803 -202.22 226.85 -43.05
CA ILE U 803 -202.64 227.21 -44.40
C ILE U 803 -203.89 226.40 -44.73
N GLN U 804 -204.97 227.10 -45.13
CA GLN U 804 -206.21 226.44 -45.46
C GLN U 804 -206.94 227.22 -46.56
N ASP U 805 -206.19 227.65 -47.58
CA ASP U 805 -206.78 228.40 -48.68
C ASP U 805 -206.12 228.01 -50.00
N TRP U 806 -204.96 228.58 -50.28
CA TRP U 806 -204.24 228.29 -51.53
C TRP U 806 -203.53 226.95 -51.38
N GLU U 807 -204.14 225.90 -51.91
CA GLU U 807 -203.58 224.55 -51.86
C GLU U 807 -203.82 223.83 -53.17
N THR U 808 -203.55 224.53 -54.28
CA THR U 808 -203.73 223.98 -55.62
C THR U 808 -202.47 223.31 -56.16
N SER U 809 -201.31 223.95 -55.98
CA SER U 809 -200.06 223.36 -56.47
C SER U 809 -199.73 222.07 -55.75
N GLY U 810 -199.92 222.05 -54.42
CA GLY U 810 -199.67 220.83 -53.67
C GLY U 810 -200.62 219.71 -54.05
N LEU U 811 -201.90 220.04 -54.25
CA LEU U 811 -202.86 219.02 -54.67
C LEU U 811 -202.53 218.49 -56.06
N VAL U 812 -202.09 219.37 -56.97
CA VAL U 812 -201.72 218.93 -58.30
C VAL U 812 -200.48 218.02 -58.24
N TYR U 813 -199.50 218.39 -57.43
CA TYR U 813 -198.30 217.56 -57.29
C TYR U 813 -198.62 216.22 -56.66
N LEU U 814 -199.60 216.17 -55.74
CA LEU U 814 -199.97 214.91 -55.12
C LEU U 814 -200.75 214.04 -56.09
N ASP U 815 -201.60 214.64 -56.92
CA ASP U 815 -202.39 213.88 -57.88
C ASP U 815 -201.58 213.46 -59.10
N TYR U 816 -200.45 214.13 -59.37
CA TYR U 816 -199.63 213.76 -60.51
C TYR U 816 -199.06 212.36 -60.35
N ILE U 817 -198.55 212.03 -59.16
CA ILE U 817 -197.97 210.72 -58.93
C ILE U 817 -199.04 209.63 -59.03
N ARG U 818 -200.22 209.88 -58.47
CA ARG U 818 -201.30 208.90 -58.56
C ARG U 818 -201.76 208.70 -59.99
N VAL U 819 -201.83 209.79 -60.76
CA VAL U 819 -202.24 209.68 -62.16
C VAL U 819 -201.19 208.90 -62.95
N ILE U 820 -199.90 209.15 -62.68
CA ILE U 820 -198.85 208.42 -63.38
C ILE U 820 -198.89 206.94 -63.03
N GLU U 821 -199.13 206.63 -61.75
CA GLU U 821 -199.22 205.23 -61.35
C GLU U 821 -200.42 204.54 -61.98
N MET U 822 -201.56 205.23 -62.06
CA MET U 822 -202.73 204.64 -62.69
C MET U 822 -202.54 204.45 -64.18
N LEU U 823 -201.81 205.36 -64.84
CA LEU U 823 -201.54 205.21 -66.26
C LEU U 823 -200.53 204.11 -66.53
N ARG U 824 -199.56 203.91 -65.63
CA ARG U 824 -198.57 202.87 -65.82
C ARG U 824 -199.12 201.49 -65.49
N HIS U 825 -200.01 201.38 -64.50
CA HIS U 825 -200.59 200.10 -64.12
C HIS U 825 -201.80 199.76 -64.97
N ILE U 826 -202.88 200.51 -64.82
CA ILE U 826 -204.11 200.28 -65.57
C ILE U 826 -203.91 200.80 -66.98
N GLN U 827 -204.13 199.92 -67.97
CA GLN U 827 -203.99 200.29 -69.37
C GLN U 827 -205.31 200.26 -70.14
N GLN U 828 -206.39 199.77 -69.53
CA GLN U 828 -207.69 199.72 -70.18
C GLN U 828 -208.75 200.56 -69.48
N VAL U 829 -208.39 201.25 -68.40
CA VAL U 829 -209.34 202.08 -67.68
C VAL U 829 -209.52 203.40 -68.41
N ASP U 830 -210.75 203.93 -68.39
CA ASP U 830 -211.01 205.20 -69.07
C ASP U 830 -212.12 206.00 -68.39
N CYS U 831 -212.35 205.82 -67.10
CA CYS U 831 -213.38 206.54 -66.38
C CYS U 831 -212.79 207.77 -65.69
N SER U 832 -213.69 208.58 -65.10
CA SER U 832 -213.26 209.78 -64.41
C SER U 832 -212.62 209.43 -63.07
N GLY U 833 -211.77 210.34 -62.59
CA GLY U 833 -211.08 210.13 -61.34
C GLY U 833 -211.50 211.11 -60.26
N ASN U 834 -212.76 211.56 -60.30
CA ASN U 834 -213.32 212.48 -59.33
C ASN U 834 -212.49 213.77 -59.24
N ASP U 835 -211.34 213.70 -58.59
CA ASP U 835 -210.49 214.87 -58.44
C ASP U 835 -209.71 215.20 -59.70
N LEU U 836 -209.88 214.43 -60.77
CA LEU U 836 -209.15 214.71 -62.01
C LEU U 836 -209.61 216.04 -62.62
N GLU U 837 -210.91 216.32 -62.57
CA GLU U 837 -211.40 217.60 -63.09
C GLU U 837 -210.86 218.77 -62.28
N GLN U 838 -210.82 218.63 -60.96
CA GLN U 838 -210.27 219.69 -60.12
C GLN U 838 -208.78 219.88 -60.38
N LEU U 839 -208.04 218.79 -60.58
CA LEU U 839 -206.62 218.90 -60.88
C LEU U 839 -206.40 219.59 -62.22
N HIS U 840 -207.22 219.25 -63.23
CA HIS U 840 -207.10 219.90 -64.53
C HIS U 840 -207.45 221.38 -64.44
N ILE U 841 -208.46 221.74 -63.65
CA ILE U 841 -208.82 223.13 -63.48
C ILE U 841 -207.71 223.89 -62.79
N LYS U 842 -207.09 223.29 -61.78
CA LYS U 842 -205.98 223.94 -61.09
C LYS U 842 -204.78 224.10 -62.02
N VAL U 843 -204.51 223.10 -62.86
CA VAL U 843 -203.41 223.20 -63.81
C VAL U 843 -203.67 224.32 -64.82
N THR U 844 -204.92 224.43 -65.29
CA THR U 844 -205.26 225.49 -66.22
C THR U 844 -205.14 226.86 -65.57
N SER U 845 -205.58 226.99 -64.32
CA SER U 845 -205.47 228.26 -63.62
C SER U 845 -204.02 228.64 -63.36
N LEU U 846 -203.16 227.65 -63.10
CA LEU U 846 -201.74 227.94 -62.90
C LEU U 846 -201.04 228.28 -64.21
N CYS U 847 -201.47 227.67 -65.32
CA CYS U 847 -200.86 227.96 -66.61
C CYS U 847 -201.34 229.28 -67.17
N SER U 848 -202.54 229.73 -66.82
CA SER U 848 -203.08 230.99 -67.29
C SER U 848 -202.55 232.20 -66.51
N ARG U 849 -201.40 232.06 -65.84
CA ARG U 849 -200.84 233.18 -65.10
C ARG U 849 -200.37 234.29 -66.03
N ILE U 850 -199.83 233.93 -67.19
CA ILE U 850 -199.36 234.93 -68.16
C ILE U 850 -200.50 235.78 -68.68
N GLU U 851 -201.73 235.27 -68.65
CA GLU U 851 -202.90 236.04 -69.06
C GLU U 851 -203.60 236.70 -67.88
N GLN U 852 -203.47 236.15 -66.68
CA GLN U 852 -204.11 236.73 -65.50
C GLN U 852 -203.31 237.91 -64.97
N ILE U 853 -202.05 237.67 -64.61
CA ILE U 853 -201.20 238.71 -64.02
C ILE U 853 -199.87 238.83 -64.75
N GLN U 854 -199.74 238.23 -65.93
CA GLN U 854 -198.52 238.28 -66.74
C GLN U 854 -197.31 237.80 -65.95
N CYS U 855 -197.15 236.48 -65.85
CA CYS U 855 -196.03 235.90 -65.12
C CYS U 855 -194.83 235.71 -66.04
N TYR U 856 -193.65 235.61 -65.44
CA TYR U 856 -192.41 235.40 -66.17
C TYR U 856 -191.94 233.95 -66.15
N SER U 857 -192.68 233.08 -65.49
CA SER U 857 -192.32 231.67 -65.45
C SER U 857 -192.49 231.03 -66.83
N ALA U 858 -191.65 230.05 -67.12
CA ALA U 858 -191.70 229.38 -68.42
C ALA U 858 -191.43 227.89 -68.29
N LYS U 859 -190.18 227.52 -68.02
CA LYS U 859 -189.80 226.11 -67.96
C LYS U 859 -190.50 225.40 -66.81
N ASP U 860 -190.38 225.94 -65.60
CA ASP U 860 -190.97 225.30 -64.43
C ASP U 860 -192.49 225.27 -64.53
N ARG U 861 -193.10 226.37 -64.99
CA ARG U 861 -194.55 226.41 -65.12
C ARG U 861 -195.04 225.40 -66.16
N LEU U 862 -194.34 225.30 -67.29
CA LEU U 862 -194.73 224.33 -68.31
C LEU U 862 -194.56 222.91 -67.81
N ALA U 863 -193.47 222.62 -67.09
CA ALA U 863 -193.28 221.28 -66.55
C ALA U 863 -194.35 220.93 -65.54
N GLN U 864 -194.73 221.89 -64.69
CA GLN U 864 -195.78 221.65 -63.70
C GLN U 864 -197.12 221.41 -64.39
N SER U 865 -197.46 222.22 -65.39
CA SER U 865 -198.70 222.04 -66.11
C SER U 865 -198.74 220.69 -66.81
N ASP U 866 -197.61 220.27 -67.39
CA ASP U 866 -197.53 218.96 -68.04
C ASP U 866 -197.76 217.85 -67.03
N MET U 867 -196.94 217.82 -65.96
CA MET U 867 -197.08 216.78 -64.95
C MET U 867 -198.45 216.79 -64.29
N ALA U 868 -199.17 217.91 -64.33
CA ALA U 868 -200.48 217.97 -63.72
C ALA U 868 -201.60 217.52 -64.64
N LYS U 869 -201.57 217.90 -65.92
CA LYS U 869 -202.68 217.62 -66.82
C LYS U 869 -202.18 217.24 -68.21
N ARG U 870 -201.24 216.31 -68.28
CA ARG U 870 -200.82 215.71 -69.54
C ARG U 870 -200.92 214.18 -69.45
N VAL U 871 -202.06 213.71 -68.93
CA VAL U 871 -202.29 212.28 -68.78
C VAL U 871 -203.43 211.86 -69.70
N ALA U 872 -203.42 212.35 -70.94
CA ALA U 872 -204.46 212.03 -71.90
C ALA U 872 -204.28 210.64 -72.53
N ASN U 873 -203.17 209.97 -72.26
CA ASN U 873 -202.92 208.64 -72.80
C ASN U 873 -203.67 207.54 -72.06
N LEU U 874 -204.41 207.89 -71.00
CA LEU U 874 -205.16 206.91 -70.23
C LEU U 874 -206.37 207.54 -69.57
N SER U 891 -206.61 208.82 -69.85
CA SER U 891 -207.75 209.53 -69.27
C SER U 891 -208.44 210.39 -70.32
N THR U 892 -208.77 211.63 -69.96
CA THR U 892 -209.47 212.53 -70.87
C THR U 892 -208.52 213.60 -71.39
N PRO U 893 -208.56 214.83 -70.82
CA PRO U 893 -207.68 215.92 -71.27
C PRO U 893 -207.71 216.13 -72.78
N ASP U 894 -208.79 216.73 -73.27
CA ASP U 894 -208.93 216.99 -74.70
C ASP U 894 -208.18 218.24 -75.10
N PRO U 895 -207.69 219.03 -74.13
CA PRO U 895 -206.96 220.25 -74.48
C PRO U 895 -205.51 219.97 -74.84
N GLN U 896 -204.59 220.37 -73.96
CA GLN U 896 -203.16 220.15 -74.13
C GLN U 896 -202.64 220.76 -75.43
N ARG U 897 -202.37 222.06 -75.42
CA ARG U 897 -201.83 222.74 -76.58
C ARG U 897 -201.06 223.97 -76.11
N VAL U 898 -200.13 224.41 -76.95
CA VAL U 898 -199.27 225.55 -76.64
C VAL U 898 -200.05 226.84 -76.86
N PRO U 899 -199.66 227.66 -77.84
CA PRO U 899 -200.39 228.92 -78.07
C PRO U 899 -200.71 229.13 -79.54
N LEU U 900 -201.41 230.21 -79.85
CA LEU U 900 -201.85 230.53 -81.20
C LEU U 900 -200.64 231.00 -82.04
N ARG U 901 -200.92 231.60 -83.19
CA ARG U 901 -199.87 232.05 -84.09
C ARG U 901 -199.19 233.33 -83.62
N LEU U 902 -199.71 233.97 -82.56
CA LEU U 902 -199.15 235.22 -82.05
C LEU U 902 -198.22 235.00 -80.86
N LEU U 903 -197.60 233.83 -80.75
CA LEU U 903 -196.70 233.55 -79.64
C LEU U 903 -195.65 232.54 -80.04
N ALA U 904 -196.07 231.34 -80.45
CA ALA U 904 -195.15 230.29 -80.84
C ALA U 904 -194.61 230.56 -82.24
N PRO U 905 -195.45 231.02 -83.17
CA PRO U 905 -194.97 231.30 -84.53
C PRO U 905 -194.32 232.67 -84.68
N HIS U 906 -194.31 233.50 -83.65
CA HIS U 906 -193.71 234.83 -83.70
C HIS U 906 -192.43 234.93 -82.90
N ILE U 907 -192.02 233.87 -82.21
CA ILE U 907 -190.80 233.89 -81.41
C ILE U 907 -189.69 233.17 -82.16
N GLY U 908 -189.63 231.85 -82.02
CA GLY U 908 -188.60 231.07 -82.68
C GLY U 908 -189.01 229.63 -82.93
N ARG U 909 -190.25 229.42 -83.35
CA ARG U 909 -190.80 228.09 -83.64
C ARG U 909 -190.69 227.18 -82.42
N LEU U 910 -191.53 227.50 -81.43
CA LEU U 910 -191.55 226.71 -80.20
C LEU U 910 -192.33 225.43 -80.42
N PRO U 911 -191.90 224.30 -79.84
CA PRO U 911 -192.62 223.04 -80.06
C PRO U 911 -193.28 222.52 -78.80
N MET U 912 -194.38 221.77 -78.95
CA MET U 912 -195.12 221.27 -77.79
C MET U 912 -196.06 220.14 -78.20
N PRO U 913 -197.36 220.44 -78.38
CA PRO U 913 -198.33 219.36 -78.61
C PRO U 913 -198.28 218.79 -80.02
N GLU U 914 -199.37 218.13 -80.43
CA GLU U 914 -199.48 217.53 -81.76
C GLU U 914 -200.75 217.99 -82.47
N ASP U 915 -201.03 219.28 -82.44
CA ASP U 915 -202.22 219.80 -83.10
C ASP U 915 -202.14 219.67 -84.61
N TYR U 916 -200.93 219.76 -85.18
CA TYR U 916 -200.78 219.55 -86.62
C TYR U 916 -201.17 218.13 -87.02
N ALA U 917 -200.69 217.15 -86.27
CA ALA U 917 -201.07 215.77 -86.53
C ALA U 917 -202.56 215.53 -86.27
N MET U 918 -203.12 216.19 -85.26
CA MET U 918 -204.54 216.05 -84.97
C MET U 918 -205.38 216.60 -86.12
N ASP U 919 -204.96 217.72 -86.72
CA ASP U 919 -205.68 218.28 -87.85
C ASP U 919 -205.46 217.46 -89.11
N GLU U 920 -204.28 216.86 -89.27
CA GLU U 920 -204.04 216.03 -90.44
C GLU U 920 -204.81 214.72 -90.37
N LEU U 921 -205.01 214.18 -89.18
CA LEU U 921 -205.77 212.95 -89.02
C LEU U 921 -207.26 213.25 -88.90
N ARG U 922 -208.07 212.28 -89.31
CA ARG U 922 -209.53 212.42 -89.26
C ARG U 922 -210.19 211.10 -88.88
N ASP V 14 -162.12 239.86 -74.50
CA ASP V 14 -160.88 240.62 -74.43
C ASP V 14 -160.74 241.31 -73.08
N MET V 15 -161.48 242.41 -72.91
CA MET V 15 -161.45 243.18 -71.67
C MET V 15 -162.84 243.14 -71.03
N ILE V 16 -162.89 242.75 -69.77
CA ILE V 16 -164.14 242.67 -69.04
C ILE V 16 -164.47 244.03 -68.45
N HIS V 17 -165.76 244.23 -68.14
CA HIS V 17 -166.21 245.48 -67.57
C HIS V 17 -166.48 245.35 -66.08
N ASP V 18 -167.57 244.68 -65.73
CA ASP V 18 -167.95 244.46 -64.33
C ASP V 18 -168.31 243.00 -64.14
N ALA V 19 -167.83 242.40 -63.04
CA ALA V 19 -168.09 241.01 -62.73
C ALA V 19 -168.37 240.90 -61.24
N GLN V 20 -169.63 240.69 -60.88
CA GLN V 20 -170.06 240.56 -59.50
C GLN V 20 -170.38 239.11 -59.18
N MET V 21 -170.26 238.75 -57.90
CA MET V 21 -170.55 237.39 -57.46
C MET V 21 -172.05 237.20 -57.27
N ASP V 22 -172.43 235.97 -56.93
CA ASP V 22 -173.83 235.63 -56.71
C ASP V 22 -174.21 235.79 -55.25
N TYR V 23 -174.80 234.75 -54.66
CA TYR V 23 -175.23 234.77 -53.26
C TYR V 23 -174.39 233.80 -52.45
N TYR V 24 -173.76 234.31 -51.39
CA TYR V 24 -172.92 233.51 -50.49
C TYR V 24 -171.79 232.81 -51.24
N GLY V 25 -171.23 233.47 -52.25
CA GLY V 25 -170.15 232.90 -53.03
C GLY V 25 -170.57 231.72 -53.87
N THR V 26 -171.47 231.95 -54.83
CA THR V 26 -171.94 230.90 -55.72
C THR V 26 -171.34 231.15 -57.09
N ARG V 27 -172.13 231.54 -58.07
CA ARG V 27 -171.61 231.79 -59.41
C ARG V 27 -170.97 233.18 -59.48
N LEU V 28 -170.43 233.51 -60.66
CA LEU V 28 -169.79 234.80 -60.91
C LEU V 28 -170.19 235.26 -62.31
N ALA V 29 -171.17 236.15 -62.37
CA ALA V 29 -171.65 236.65 -63.65
C ALA V 29 -170.70 237.74 -64.17
N THR V 30 -169.99 237.42 -65.25
CA THR V 30 -169.05 238.35 -65.86
C THR V 30 -169.68 239.02 -67.07
N CYS V 31 -169.12 240.17 -67.45
CA CYS V 31 -169.61 240.92 -68.60
C CYS V 31 -168.44 241.65 -69.25
N SER V 32 -168.26 241.40 -70.54
CA SER V 32 -167.19 242.01 -71.31
C SER V 32 -167.78 242.97 -72.34
N SER V 33 -166.94 243.45 -73.26
CA SER V 33 -167.36 244.36 -74.31
C SER V 33 -167.79 243.65 -75.58
N ASP V 34 -167.84 242.32 -75.57
CA ASP V 34 -168.24 241.54 -76.75
C ASP V 34 -169.70 241.13 -76.70
N ARG V 35 -170.51 241.80 -75.89
CA ARG V 35 -171.94 241.51 -75.75
C ARG V 35 -172.17 240.05 -75.36
N SER V 36 -171.45 239.61 -74.32
CA SER V 36 -171.56 238.24 -73.81
C SER V 36 -171.63 238.29 -72.30
N VAL V 37 -172.74 237.83 -71.74
CA VAL V 37 -172.95 237.81 -70.29
C VAL V 37 -172.71 236.38 -69.84
N LYS V 38 -171.46 236.06 -69.55
CA LYS V 38 -171.09 234.72 -69.11
C LYS V 38 -171.32 234.57 -67.62
N ILE V 39 -171.85 233.43 -67.21
CA ILE V 39 -172.13 233.12 -65.81
C ILE V 39 -171.23 231.95 -65.43
N PHE V 40 -170.06 232.26 -64.89
CA PHE V 40 -169.11 231.23 -64.48
C PHE V 40 -169.34 230.85 -63.02
N ASP V 41 -169.15 229.57 -62.73
CA ASP V 41 -169.32 229.02 -61.39
C ASP V 41 -167.97 228.91 -60.69
N VAL V 42 -167.94 229.25 -59.41
CA VAL V 42 -166.74 229.20 -58.59
C VAL V 42 -166.96 228.14 -57.53
N ARG V 43 -166.41 226.95 -57.75
CA ARG V 43 -166.52 225.83 -56.82
C ARG V 43 -165.15 225.54 -56.23
N ASN V 44 -164.97 225.92 -54.96
CA ASN V 44 -163.71 225.72 -54.24
C ASN V 44 -162.54 226.38 -54.97
N GLY V 45 -162.77 227.60 -55.46
CA GLY V 45 -161.75 228.35 -56.16
C GLY V 45 -161.56 227.96 -57.61
N GLY V 46 -162.37 227.05 -58.14
CA GLY V 46 -162.26 226.63 -59.52
C GLY V 46 -163.30 227.31 -60.39
N GLN V 47 -162.82 228.06 -61.39
CA GLN V 47 -163.69 228.77 -62.30
C GLN V 47 -164.18 227.83 -63.40
N ILE V 48 -165.49 227.79 -63.60
CA ILE V 48 -166.09 226.93 -64.62
C ILE V 48 -167.33 227.61 -65.18
N LEU V 49 -167.37 227.80 -66.50
CA LEU V 49 -168.49 228.44 -67.15
C LEU V 49 -169.67 227.49 -67.25
N ILE V 50 -170.88 228.05 -67.19
CA ILE V 50 -172.12 227.28 -67.28
C ILE V 50 -172.92 227.65 -68.51
N ALA V 51 -173.15 228.95 -68.73
CA ALA V 51 -173.91 229.41 -69.87
C ALA V 51 -173.38 230.77 -70.31
N ASP V 52 -173.66 231.13 -71.56
CA ASP V 52 -173.23 232.39 -72.15
C ASP V 52 -174.47 233.09 -72.71
N LEU V 53 -175.05 233.99 -71.91
CA LEU V 53 -176.24 234.72 -72.33
C LEU V 53 -175.84 235.84 -73.28
N ARG V 54 -176.30 235.74 -74.54
CA ARG V 54 -176.01 236.74 -75.56
C ARG V 54 -177.31 237.20 -76.20
N GLY V 55 -177.46 238.51 -76.34
CA GLY V 55 -178.66 239.06 -76.94
C GLY V 55 -178.71 240.57 -76.87
N HIS V 56 -177.57 241.22 -77.04
CA HIS V 56 -177.47 242.67 -77.00
C HIS V 56 -176.67 243.17 -78.20
N GLU V 57 -177.02 244.37 -78.67
CA GLU V 57 -176.34 244.97 -79.81
C GLU V 57 -175.13 245.81 -79.41
N GLY V 58 -175.01 246.17 -78.14
CA GLY V 58 -173.90 246.97 -77.68
C GLY V 58 -173.08 246.26 -76.62
N PRO V 59 -172.09 246.94 -76.07
CA PRO V 59 -171.25 246.32 -75.03
C PRO V 59 -171.94 246.34 -73.68
N VAL V 60 -171.74 245.26 -72.92
CA VAL V 60 -172.34 245.13 -71.61
C VAL V 60 -171.57 246.00 -70.62
N TRP V 61 -172.30 246.66 -69.72
CA TRP V 61 -171.68 247.52 -68.72
C TRP V 61 -171.59 246.82 -67.37
N GLN V 62 -172.53 247.11 -66.48
CA GLN V 62 -172.56 246.52 -65.15
C GLN V 62 -173.59 245.38 -65.09
N VAL V 63 -173.50 244.60 -64.02
CA VAL V 63 -174.41 243.48 -63.81
C VAL V 63 -174.59 243.28 -62.32
N ALA V 64 -175.84 243.04 -61.91
CA ALA V 64 -176.17 242.83 -60.51
C ALA V 64 -177.13 241.67 -60.39
N TRP V 65 -176.88 240.80 -59.40
CA TRP V 65 -177.71 239.63 -59.17
C TRP V 65 -178.82 239.96 -58.17
N ALA V 66 -179.93 239.25 -58.29
CA ALA V 66 -181.07 239.46 -57.40
C ALA V 66 -180.89 238.64 -56.12
N HIS V 67 -181.87 238.75 -55.22
CA HIS V 67 -181.82 238.02 -53.97
C HIS V 67 -182.24 236.58 -54.16
N PRO V 68 -181.96 235.71 -53.18
CA PRO V 68 -182.34 234.30 -53.30
C PRO V 68 -183.79 234.00 -52.93
N MET V 69 -184.53 234.98 -52.42
CA MET V 69 -185.91 234.76 -52.04
C MET V 69 -186.86 234.73 -53.23
N TYR V 70 -186.48 235.37 -54.35
CA TYR V 70 -187.30 235.41 -55.56
C TYR V 70 -186.72 234.52 -56.65
N GLY V 71 -186.20 233.36 -56.26
CA GLY V 71 -185.64 232.42 -57.22
C GLY V 71 -184.17 232.69 -57.44
N ASN V 72 -183.76 232.80 -58.71
CA ASN V 72 -182.37 233.06 -59.08
C ASN V 72 -182.37 233.91 -60.36
N ILE V 73 -182.53 235.21 -60.16
CA ILE V 73 -182.55 236.18 -61.27
C ILE V 73 -181.24 236.93 -61.29
N LEU V 74 -180.88 237.42 -62.48
CA LEU V 74 -179.64 238.19 -62.65
C LEU V 74 -179.85 239.16 -63.80
N ALA V 75 -179.84 240.46 -63.48
CA ALA V 75 -180.03 241.51 -64.48
C ALA V 75 -178.67 242.08 -64.89
N SER V 76 -178.55 242.40 -66.17
CA SER V 76 -177.31 242.95 -66.72
C SER V 76 -177.65 244.01 -67.76
N CYS V 77 -177.01 245.16 -67.66
CA CYS V 77 -177.23 246.26 -68.60
C CYS V 77 -176.22 246.21 -69.73
N SER V 78 -176.61 246.81 -70.86
CA SER V 78 -175.76 246.85 -72.05
C SER V 78 -175.84 248.25 -72.66
N TYR V 79 -175.17 248.43 -73.79
CA TYR V 79 -175.15 249.70 -74.50
C TYR V 79 -176.15 249.75 -75.65
N ASP V 80 -177.08 248.80 -75.72
CA ASP V 80 -178.07 248.76 -76.78
C ASP V 80 -179.41 249.36 -76.35
N ARG V 81 -179.40 250.21 -75.31
CA ARG V 81 -180.61 250.86 -74.81
C ARG V 81 -181.66 249.84 -74.40
N LYS V 82 -181.22 248.77 -73.73
CA LYS V 82 -182.12 247.72 -73.29
C LYS V 82 -181.51 247.03 -72.07
N VAL V 83 -182.38 246.55 -71.19
CA VAL V 83 -181.98 245.85 -69.97
C VAL V 83 -182.62 244.47 -69.99
N ILE V 84 -181.79 243.44 -69.91
CA ILE V 84 -182.24 242.06 -69.92
C ILE V 84 -182.19 241.50 -68.50
N ILE V 85 -183.19 240.71 -68.15
CA ILE V 85 -183.29 240.10 -66.83
C ILE V 85 -183.57 238.62 -67.05
N TRP V 86 -182.52 237.80 -66.98
CA TRP V 86 -182.65 236.37 -67.18
C TRP V 86 -182.80 235.66 -65.84
N ARG V 87 -183.57 234.58 -65.85
CA ARG V 87 -183.84 233.77 -64.67
C ARG V 87 -183.06 232.45 -64.76
N GLU V 88 -183.37 231.53 -63.86
CA GLU V 88 -182.72 230.22 -63.83
C GLU V 88 -183.71 229.19 -63.34
N GLU V 89 -183.97 228.18 -64.16
CA GLU V 89 -184.90 227.12 -63.81
C GLU V 89 -184.46 225.83 -64.52
N ASN V 90 -183.94 224.89 -63.74
CA ASN V 90 -183.48 223.60 -64.27
C ASN V 90 -182.40 223.79 -65.34
N GLY V 91 -181.51 224.75 -65.12
CA GLY V 91 -180.43 225.04 -66.03
C GLY V 91 -180.82 225.84 -67.26
N THR V 92 -182.08 226.24 -67.38
CA THR V 92 -182.55 227.01 -68.53
C THR V 92 -182.45 228.50 -68.18
N TRP V 93 -181.38 229.14 -68.63
CA TRP V 93 -181.15 230.56 -68.37
C TRP V 93 -181.77 231.40 -69.50
N GLU V 94 -183.10 231.43 -69.51
CA GLU V 94 -183.85 232.17 -70.50
C GLU V 94 -184.17 233.56 -69.99
N LYS V 95 -184.40 234.49 -70.93
CA LYS V 95 -184.73 235.86 -70.58
C LYS V 95 -186.17 235.95 -70.12
N SER V 96 -186.37 236.57 -68.95
CA SER V 96 -187.71 236.74 -68.38
C SER V 96 -188.31 238.09 -68.74
N HIS V 97 -187.65 239.18 -68.36
CA HIS V 97 -188.12 240.52 -68.64
C HIS V 97 -187.11 241.25 -69.52
N GLU V 98 -187.60 242.17 -70.34
CA GLU V 98 -186.77 242.95 -71.26
C GLU V 98 -187.30 244.38 -71.27
N HIS V 99 -186.63 245.27 -70.55
CA HIS V 99 -187.01 246.67 -70.46
C HIS V 99 -186.12 247.49 -71.38
N ALA V 100 -186.74 248.23 -72.30
CA ALA V 100 -186.03 249.06 -73.26
C ALA V 100 -186.67 250.45 -73.33
N GLY V 101 -186.96 251.02 -72.16
CA GLY V 101 -187.56 252.33 -72.07
C GLY V 101 -186.60 253.49 -72.06
N HIS V 102 -185.30 253.23 -72.20
CA HIS V 102 -184.29 254.28 -72.22
C HIS V 102 -183.92 254.64 -73.66
N ASP V 103 -183.60 255.92 -73.87
CA ASP V 103 -183.22 256.40 -75.18
C ASP V 103 -181.72 256.24 -75.46
N SER V 104 -180.90 256.41 -74.44
CA SER V 104 -179.45 256.29 -74.58
C SER V 104 -178.99 254.95 -73.99
N SER V 105 -177.69 254.79 -73.87
CA SER V 105 -177.13 253.56 -73.33
C SER V 105 -177.19 253.55 -71.81
N VAL V 106 -177.34 252.35 -71.25
CA VAL V 106 -177.41 252.20 -69.80
C VAL V 106 -176.01 252.12 -69.23
N ASN V 107 -175.78 252.86 -68.14
CA ASN V 107 -174.46 252.88 -67.51
C ASN V 107 -174.40 251.93 -66.31
N SER V 108 -175.29 252.12 -65.34
CA SER V 108 -175.33 251.29 -64.15
C SER V 108 -176.74 250.75 -63.96
N VAL V 109 -176.83 249.56 -63.35
CA VAL V 109 -178.10 248.91 -63.10
C VAL V 109 -177.99 248.05 -61.84
N CYS V 110 -178.63 248.50 -60.77
CA CYS V 110 -178.61 247.79 -59.50
C CYS V 110 -180.03 247.46 -59.07
N TRP V 111 -180.15 246.68 -58.00
CA TRP V 111 -181.43 246.27 -57.45
C TRP V 111 -181.64 246.87 -56.07
N ALA V 112 -182.88 246.78 -55.59
CA ALA V 112 -183.23 247.30 -54.28
C ALA V 112 -183.07 246.23 -53.21
N PRO V 113 -183.51 246.48 -51.99
CA PRO V 113 -183.38 245.48 -50.93
C PRO V 113 -184.45 244.41 -51.02
N HIS V 114 -184.27 243.35 -50.24
CA HIS V 114 -185.22 242.24 -50.22
C HIS V 114 -186.48 242.57 -49.44
N ASP V 115 -186.42 243.52 -48.51
CA ASP V 115 -187.59 243.88 -47.72
C ASP V 115 -188.57 244.76 -48.48
N TYR V 116 -188.11 245.45 -49.52
CA TYR V 116 -188.98 246.32 -50.32
C TYR V 116 -189.60 245.62 -51.51
N GLY V 117 -189.12 244.42 -51.85
CA GLY V 117 -189.64 243.67 -52.98
C GLY V 117 -188.55 243.33 -53.98
N LEU V 118 -188.91 243.38 -55.26
CA LEU V 118 -187.96 243.09 -56.33
C LEU V 118 -187.86 244.26 -57.30
N ILE V 119 -187.41 245.40 -56.81
CA ILE V 119 -187.26 246.60 -57.63
C ILE V 119 -185.83 246.67 -58.15
N LEU V 120 -185.68 247.19 -59.37
CA LEU V 120 -184.38 247.31 -60.02
C LEU V 120 -184.27 248.72 -60.60
N ALA V 121 -183.22 249.44 -60.19
CA ALA V 121 -182.98 250.79 -60.66
C ALA V 121 -181.87 250.78 -61.71
N CYS V 122 -182.15 251.35 -62.88
CA CYS V 122 -181.19 251.42 -63.97
C CYS V 122 -181.05 252.86 -64.43
N GLY V 123 -179.82 253.32 -64.57
CA GLY V 123 -179.52 254.67 -65.00
C GLY V 123 -179.03 254.68 -66.44
N SER V 124 -179.59 255.60 -67.23
CA SER V 124 -179.23 255.75 -68.64
C SER V 124 -178.30 256.94 -68.81
N SER V 125 -177.90 257.17 -70.07
CA SER V 125 -177.01 258.27 -70.41
C SER V 125 -177.75 259.47 -70.98
N ASP V 126 -179.08 259.50 -70.86
CA ASP V 126 -179.89 260.61 -71.37
C ASP V 126 -180.53 261.42 -70.26
N GLY V 127 -180.17 261.17 -69.01
CA GLY V 127 -180.75 261.90 -67.90
C GLY V 127 -182.01 261.31 -67.31
N ALA V 128 -182.16 259.98 -67.38
CA ALA V 128 -183.33 259.31 -66.83
C ALA V 128 -182.89 258.16 -65.94
N ILE V 129 -183.83 257.69 -65.12
CA ILE V 129 -183.58 256.59 -64.19
C ILE V 129 -184.82 255.72 -64.08
N SER V 130 -184.80 254.58 -64.77
CA SER V 130 -185.92 253.66 -64.75
C SER V 130 -185.93 252.84 -63.46
N LEU V 131 -187.13 252.47 -63.03
CA LEU V 131 -187.33 251.69 -61.80
C LEU V 131 -188.32 250.57 -62.13
N LEU V 132 -187.78 249.40 -62.50
CA LEU V 132 -188.61 248.24 -62.84
C LEU V 132 -189.00 247.53 -61.56
N THR V 133 -190.21 247.76 -61.09
CA THR V 133 -190.73 247.15 -59.86
C THR V 133 -191.65 245.99 -60.24
N TYR V 134 -191.27 244.79 -59.82
CA TYR V 134 -192.06 243.60 -60.11
C TYR V 134 -193.28 243.55 -59.20
N THR V 135 -194.45 243.28 -59.79
CA THR V 135 -195.69 243.21 -59.03
C THR V 135 -195.88 241.82 -58.44
N GLY V 136 -197.08 241.26 -58.60
CA GLY V 136 -197.36 239.94 -58.09
C GLY V 136 -196.86 238.79 -58.93
N GLU V 137 -196.25 239.07 -60.08
CA GLU V 137 -195.73 238.03 -60.95
C GLU V 137 -194.58 238.56 -61.79
N GLY V 138 -194.56 238.24 -63.08
CA GLY V 138 -193.52 238.68 -63.97
C GLY V 138 -193.71 240.04 -64.59
N GLN V 139 -194.85 240.68 -64.35
CA GLN V 139 -195.10 242.01 -64.89
C GLN V 139 -194.37 243.06 -64.07
N TRP V 140 -193.58 243.89 -64.75
CA TRP V 140 -192.82 244.95 -64.11
C TRP V 140 -193.35 246.30 -64.54
N GLU V 141 -193.57 247.19 -63.58
CA GLU V 141 -194.09 248.52 -63.84
C GLU V 141 -192.93 249.47 -64.14
N VAL V 142 -192.99 250.13 -65.29
CA VAL V 142 -191.95 251.07 -65.70
C VAL V 142 -192.24 252.41 -65.02
N LYS V 143 -191.45 252.73 -63.99
CA LYS V 143 -191.60 253.97 -63.24
C LYS V 143 -190.33 254.79 -63.37
N LYS V 144 -190.09 255.31 -64.57
CA LYS V 144 -188.91 256.12 -64.85
C LYS V 144 -189.16 257.58 -64.52
N ILE V 145 -188.09 258.30 -64.23
CA ILE V 145 -188.14 259.72 -63.89
C ILE V 145 -187.19 260.45 -64.81
N ASN V 146 -187.74 261.27 -65.71
CA ASN V 146 -186.93 262.02 -66.65
C ASN V 146 -186.34 263.25 -65.97
N ASN V 147 -185.43 263.91 -66.69
CA ASN V 147 -184.75 265.12 -66.21
C ASN V 147 -184.02 264.86 -64.88
N ALA V 148 -183.30 263.75 -64.82
CA ALA V 148 -182.56 263.39 -63.62
C ALA V 148 -181.11 263.86 -63.63
N HIS V 149 -180.55 264.11 -64.82
CA HIS V 149 -179.17 264.57 -64.93
C HIS V 149 -179.04 265.43 -66.18
N THR V 150 -177.92 266.17 -66.24
CA THR V 150 -177.66 267.04 -67.39
C THR V 150 -177.19 266.23 -68.59
N ILE V 151 -175.98 265.67 -68.51
CA ILE V 151 -175.42 264.88 -69.60
C ILE V 151 -175.77 263.41 -69.49
N GLY V 152 -176.45 262.99 -68.41
CA GLY V 152 -176.82 261.60 -68.24
C GLY V 152 -176.28 260.99 -66.96
N CYS V 153 -176.95 259.95 -66.47
CA CYS V 153 -176.52 259.30 -65.24
C CYS V 153 -175.36 258.34 -65.52
N ASN V 154 -174.59 258.06 -64.48
CA ASN V 154 -173.44 257.16 -64.59
C ASN V 154 -173.30 256.19 -63.43
N ALA V 155 -174.14 256.30 -62.39
CA ALA V 155 -174.06 255.40 -61.25
C ALA V 155 -175.44 255.26 -60.63
N VAL V 156 -175.69 254.08 -60.07
CA VAL V 156 -176.98 253.79 -59.43
C VAL V 156 -176.77 252.80 -58.29
N SER V 157 -177.11 253.21 -57.08
CA SER V 157 -176.96 252.35 -55.91
C SER V 157 -178.03 252.73 -54.88
N TRP V 158 -178.61 251.72 -54.25
CA TRP V 158 -179.64 251.92 -53.25
C TRP V 158 -179.03 251.95 -51.86
N ALA V 159 -179.78 252.55 -50.93
CA ALA V 159 -179.35 252.67 -49.54
C ALA V 159 -179.72 251.39 -48.78
N PRO V 160 -179.39 251.34 -47.49
CA PRO V 160 -179.72 250.14 -46.70
C PRO V 160 -181.18 250.15 -46.25
N ALA V 161 -181.68 248.94 -45.99
CA ALA V 161 -183.06 248.75 -45.54
C ALA V 161 -183.15 249.13 -44.06
N VAL V 162 -183.60 250.35 -43.79
CA VAL V 162 -183.75 250.85 -42.43
C VAL V 162 -185.22 250.76 -42.05
N VAL V 163 -185.52 249.98 -41.01
CA VAL V 163 -186.88 249.81 -40.54
C VAL V 163 -187.28 251.03 -39.71
N PRO V 164 -188.50 251.57 -39.89
CA PRO V 164 -188.95 252.74 -39.15
C PRO V 164 -189.38 252.39 -37.72
N PRO V 171 -196.76 248.39 -33.54
CA PRO V 171 -197.95 248.03 -32.78
C PRO V 171 -199.09 247.56 -33.67
N SER V 172 -198.76 247.05 -34.86
CA SER V 172 -199.75 246.58 -35.81
C SER V 172 -199.20 245.37 -36.55
N GLY V 173 -200.07 244.73 -37.32
CA GLY V 173 -199.67 243.55 -38.09
C GLY V 173 -199.50 243.84 -39.57
N GLN V 174 -198.51 244.65 -39.91
CA GLN V 174 -198.25 245.00 -41.29
C GLN V 174 -196.76 245.26 -41.46
N LYS V 175 -196.33 245.35 -42.72
CA LYS V 175 -194.92 245.59 -43.01
C LYS V 175 -194.60 247.07 -42.83
N PRO V 176 -193.41 247.39 -42.31
CA PRO V 176 -193.05 248.80 -42.11
C PRO V 176 -192.57 249.43 -43.41
N ASN V 177 -193.15 250.57 -43.77
CA ASN V 177 -192.78 251.27 -44.99
C ASN V 177 -191.47 252.01 -44.78
N TYR V 178 -190.45 251.65 -45.56
CA TYR V 178 -189.14 252.28 -45.47
C TYR V 178 -189.12 253.58 -46.26
N ILE V 179 -187.98 254.28 -46.20
CA ILE V 179 -187.86 255.54 -46.93
C ILE V 179 -187.57 255.30 -48.40
N LYS V 180 -186.98 254.15 -48.74
CA LYS V 180 -186.65 253.79 -50.12
C LYS V 180 -185.75 254.84 -50.77
N ARG V 181 -184.56 255.00 -50.18
CA ARG V 181 -183.58 255.96 -50.66
C ARG V 181 -182.60 255.28 -51.61
N PHE V 182 -182.16 256.03 -52.62
CA PHE V 182 -181.21 255.53 -53.61
C PHE V 182 -180.40 256.70 -54.15
N ALA V 183 -179.09 256.65 -53.97
CA ALA V 183 -178.20 257.70 -54.44
C ALA V 183 -177.68 257.35 -55.82
N SER V 184 -177.87 258.26 -56.77
CA SER V 184 -177.42 258.08 -58.15
C SER V 184 -176.43 259.17 -58.51
N GLY V 185 -175.46 258.82 -59.34
CA GLY V 185 -174.44 259.76 -59.79
C GLY V 185 -174.52 259.98 -61.29
N GLY V 186 -174.28 261.22 -61.70
CA GLY V 186 -174.32 261.56 -63.11
C GLY V 186 -173.07 262.28 -63.59
N CYS V 187 -173.11 262.79 -64.81
CA CYS V 187 -171.98 263.50 -65.40
C CYS V 187 -172.04 265.01 -65.15
N ASP V 188 -172.97 265.47 -64.33
CA ASP V 188 -173.11 266.89 -64.02
C ASP V 188 -172.40 267.28 -62.73
N ASN V 189 -171.50 266.44 -62.23
CA ASN V 189 -170.76 266.70 -61.00
C ASN V 189 -171.70 266.97 -59.82
N LEU V 190 -172.73 266.13 -59.70
CA LEU V 190 -173.71 266.26 -58.64
C LEU V 190 -174.31 264.89 -58.35
N ILE V 191 -174.11 264.40 -57.13
CA ILE V 191 -174.65 263.09 -56.74
C ILE V 191 -175.99 263.29 -56.05
N LYS V 192 -177.04 263.47 -56.84
CA LYS V 192 -178.38 263.68 -56.29
C LYS V 192 -178.98 262.35 -55.85
N LEU V 193 -179.53 262.34 -54.64
CA LEU V 193 -180.15 261.15 -54.08
C LEU V 193 -181.67 261.19 -54.27
N TRP V 194 -182.24 260.02 -54.52
CA TRP V 194 -183.67 259.88 -54.74
C TRP V 194 -184.36 259.37 -53.48
N LYS V 195 -185.66 259.66 -53.39
CA LYS V 195 -186.46 259.24 -52.24
C LYS V 195 -187.90 259.05 -52.70
N GLU V 196 -188.45 257.87 -52.44
CA GLU V 196 -189.82 257.57 -52.83
C GLU V 196 -190.80 258.20 -51.86
N GLU V 197 -191.74 258.98 -52.38
CA GLU V 197 -192.74 259.64 -51.57
C GLU V 197 -193.90 258.69 -51.28
N GLU V 198 -194.90 259.21 -50.54
CA GLU V 198 -196.07 258.40 -50.20
C GLU V 198 -197.07 258.31 -51.34
N ASP V 199 -196.96 259.16 -52.36
CA ASP V 199 -197.89 259.12 -53.47
C ASP V 199 -197.57 257.97 -54.42
N GLY V 200 -196.29 257.79 -54.75
CA GLY V 200 -195.89 256.73 -55.65
C GLY V 200 -194.77 257.14 -56.60
N GLN V 201 -194.51 258.44 -56.68
CA GLN V 201 -193.47 258.98 -57.54
C GLN V 201 -192.25 259.37 -56.72
N TRP V 202 -191.08 259.26 -57.35
CA TRP V 202 -189.82 259.60 -56.70
C TRP V 202 -189.42 261.03 -57.02
N LYS V 203 -188.69 261.64 -56.08
CA LYS V 203 -188.22 263.01 -56.25
C LYS V 203 -186.82 263.12 -55.66
N GLU V 204 -186.12 264.18 -56.08
CA GLU V 204 -184.75 264.42 -55.61
C GLU V 204 -184.80 265.06 -54.24
N GLU V 205 -184.19 264.39 -53.26
CA GLU V 205 -184.17 264.91 -51.89
C GLU V 205 -183.13 266.02 -51.74
N GLN V 206 -181.87 265.70 -52.02
CA GLN V 206 -180.79 266.68 -51.91
C GLN V 206 -179.74 266.36 -52.96
N LYS V 207 -178.85 267.34 -53.19
CA LYS V 207 -177.77 267.21 -54.15
C LYS V 207 -176.43 267.33 -53.45
N LEU V 208 -175.41 266.72 -54.04
CA LEU V 208 -174.05 266.73 -53.51
C LEU V 208 -173.11 267.15 -54.64
N GLU V 209 -172.90 268.46 -54.77
CA GLU V 209 -172.03 269.02 -55.81
C GLU V 209 -170.67 269.30 -55.19
N ALA V 210 -169.83 268.27 -55.16
CA ALA V 210 -168.49 268.36 -54.59
C ALA V 210 -167.40 267.92 -55.56
N HIS V 211 -167.77 267.44 -56.75
CA HIS V 211 -166.80 266.98 -57.74
C HIS V 211 -166.60 268.05 -58.81
N SER V 212 -165.47 267.93 -59.52
CA SER V 212 -165.12 268.87 -60.58
C SER V 212 -165.30 268.31 -61.98
N ASP V 213 -165.41 266.99 -62.12
CA ASP V 213 -165.59 266.36 -63.42
C ASP V 213 -166.81 265.44 -63.34
N TRP V 214 -166.90 264.50 -64.28
CA TRP V 214 -168.01 263.56 -64.31
C TRP V 214 -167.80 262.47 -63.28
N VAL V 215 -168.85 262.17 -62.52
CA VAL V 215 -168.78 261.13 -61.49
C VAL V 215 -168.84 259.77 -62.15
N ARG V 216 -167.85 258.92 -61.84
CA ARG V 216 -167.80 257.58 -62.41
C ARG V 216 -168.77 256.64 -61.70
N ASP V 217 -168.38 256.16 -60.53
CA ASP V 217 -169.21 255.24 -59.74
C ASP V 217 -169.47 255.85 -58.37
N VAL V 218 -170.61 255.48 -57.78
CA VAL V 218 -171.00 255.97 -56.47
C VAL V 218 -171.84 254.91 -55.77
N ALA V 219 -171.19 254.06 -54.99
CA ALA V 219 -171.87 252.99 -54.26
C ALA V 219 -172.05 253.39 -52.80
N TRP V 220 -173.23 253.10 -52.27
CA TRP V 220 -173.54 253.43 -50.88
C TRP V 220 -172.99 252.37 -49.94
N ALA V 221 -172.49 252.81 -48.80
CA ALA V 221 -171.93 251.88 -47.82
C ALA V 221 -173.06 251.21 -47.03
N PRO V 222 -172.99 249.90 -46.81
CA PRO V 222 -174.06 249.22 -46.06
C PRO V 222 -173.88 249.42 -44.57
N SER V 223 -174.96 249.83 -43.91
CA SER V 223 -174.93 250.07 -42.47
C SER V 223 -175.01 248.75 -41.73
N ILE V 224 -174.16 248.60 -40.71
CA ILE V 224 -174.13 247.38 -39.90
C ILE V 224 -174.82 247.63 -38.58
N GLY V 225 -176.00 248.26 -38.62
CA GLY V 225 -176.77 248.56 -37.45
C GLY V 225 -176.62 249.99 -36.94
N LEU V 226 -175.53 250.67 -37.30
CA LEU V 226 -175.33 252.03 -36.86
C LEU V 226 -176.14 253.00 -37.70
N PRO V 227 -176.57 254.13 -37.11
CA PRO V 227 -177.36 255.10 -37.89
C PRO V 227 -176.52 256.03 -38.76
N THR V 228 -175.20 256.05 -38.59
CA THR V 228 -174.33 256.91 -39.39
C THR V 228 -174.12 256.25 -40.74
N SER V 229 -175.01 256.56 -41.69
CA SER V 229 -174.93 255.99 -43.03
C SER V 229 -173.97 256.81 -43.88
N THR V 230 -173.02 256.13 -44.53
CA THR V 230 -172.04 256.76 -45.38
C THR V 230 -172.26 256.37 -46.84
N ILE V 231 -171.67 257.15 -47.74
CA ILE V 231 -171.79 256.89 -49.17
C ILE V 231 -170.53 257.38 -49.87
N ALA V 232 -169.84 256.49 -50.57
CA ALA V 232 -168.62 256.83 -51.28
C ALA V 232 -168.93 257.18 -52.74
N SER V 233 -168.08 258.02 -53.32
CA SER V 233 -168.25 258.44 -54.70
C SER V 233 -166.88 258.67 -55.31
N CYS V 234 -166.80 258.46 -56.63
CA CYS V 234 -165.56 258.63 -57.37
C CYS V 234 -165.85 259.38 -58.67
N SER V 235 -165.06 260.40 -58.95
CA SER V 235 -165.20 261.21 -60.16
C SER V 235 -164.01 260.99 -61.07
N GLN V 236 -164.01 261.71 -62.19
CA GLN V 236 -162.93 261.61 -63.17
C GLN V 236 -161.75 262.50 -62.84
N ASP V 237 -161.87 263.36 -61.84
CA ASP V 237 -160.77 264.26 -61.47
C ASP V 237 -159.72 263.59 -60.59
N GLY V 238 -160.02 262.41 -60.05
CA GLY V 238 -159.08 261.70 -59.20
C GLY V 238 -159.37 261.74 -57.72
N ARG V 239 -160.37 262.50 -57.30
CA ARG V 239 -160.73 262.61 -55.89
C ARG V 239 -161.80 261.60 -55.53
N VAL V 240 -161.73 261.11 -54.29
CA VAL V 240 -162.67 260.12 -53.77
C VAL V 240 -163.34 260.73 -52.55
N PHE V 241 -164.59 261.13 -52.69
CA PHE V 241 -165.34 261.73 -51.59
C PHE V 241 -166.12 260.66 -50.84
N ILE V 242 -166.23 260.84 -49.53
CA ILE V 242 -166.95 259.92 -48.65
C ILE V 242 -167.96 260.74 -47.86
N TRP V 243 -169.14 260.92 -48.42
CA TRP V 243 -170.19 261.70 -47.76
C TRP V 243 -170.88 260.86 -46.69
N THR V 244 -170.93 261.38 -45.47
CA THR V 244 -171.55 260.70 -44.35
C THR V 244 -172.52 261.64 -43.65
N CYS V 245 -173.50 261.05 -42.96
CA CYS V 245 -174.51 261.80 -42.23
C CYS V 245 -174.21 261.78 -40.74
N ASP V 246 -174.57 262.88 -40.07
CA ASP V 246 -174.34 262.99 -38.64
C ASP V 246 -175.39 262.22 -37.85
N ASP V 247 -176.66 262.37 -38.22
CA ASP V 247 -177.75 261.69 -37.54
C ASP V 247 -178.86 261.42 -38.54
N ALA V 248 -179.90 260.72 -38.09
CA ALA V 248 -181.02 260.39 -38.94
C ALA V 248 -181.99 261.56 -39.03
N SER V 249 -182.74 261.60 -40.14
CA SER V 249 -183.72 262.66 -40.40
C SER V 249 -183.08 264.04 -40.35
N SER V 250 -181.95 264.18 -41.05
CA SER V 250 -181.22 265.44 -41.09
C SER V 250 -180.51 265.54 -42.43
N ASN V 251 -180.89 266.53 -43.24
CA ASN V 251 -180.29 266.73 -44.56
C ASN V 251 -178.98 267.48 -44.38
N THR V 252 -177.92 266.69 -44.10
CA THR V 252 -176.58 267.26 -43.90
C THR V 252 -175.58 266.20 -44.38
N TRP V 253 -175.17 266.32 -45.64
CA TRP V 253 -174.22 265.40 -46.26
C TRP V 253 -172.86 266.09 -46.32
N SER V 254 -172.07 265.91 -45.26
CA SER V 254 -170.74 266.52 -45.18
C SER V 254 -169.76 265.62 -45.93
N PRO V 255 -169.20 266.07 -47.06
CA PRO V 255 -168.25 265.23 -47.79
C PRO V 255 -166.85 265.34 -47.23
N LYS V 256 -166.11 264.23 -47.31
CA LYS V 256 -164.74 264.15 -46.83
C LYS V 256 -163.87 263.53 -47.92
N LEU V 257 -162.76 264.19 -48.23
CA LEU V 257 -161.84 263.70 -49.25
C LEU V 257 -160.96 262.60 -48.68
N LEU V 258 -160.95 261.45 -49.36
CA LEU V 258 -160.14 260.31 -48.93
C LEU V 258 -158.76 260.33 -49.57
N HIS V 259 -158.70 260.32 -50.90
CA HIS V 259 -157.44 260.35 -51.61
C HIS V 259 -157.61 261.11 -52.91
N LYS V 260 -156.49 261.61 -53.43
CA LYS V 260 -156.47 262.38 -54.68
C LYS V 260 -155.38 261.80 -55.58
N PHE V 261 -155.77 261.18 -56.67
CA PHE V 261 -154.85 260.59 -57.63
C PHE V 261 -154.76 261.45 -58.88
N ASN V 262 -153.73 261.17 -59.69
CA ASN V 262 -153.53 261.93 -60.92
C ASN V 262 -154.44 261.45 -62.04
N ASP V 263 -154.77 260.17 -62.07
CA ASP V 263 -155.63 259.59 -63.09
C ASP V 263 -157.06 259.49 -62.58
N VAL V 264 -157.96 259.08 -63.48
CA VAL V 264 -159.36 258.93 -63.12
C VAL V 264 -159.59 257.58 -62.44
N VAL V 265 -160.70 257.49 -61.72
CA VAL V 265 -161.08 256.27 -61.01
C VAL V 265 -162.19 255.56 -61.78
N TRP V 266 -162.24 254.24 -61.63
CA TRP V 266 -163.26 253.45 -62.31
C TRP V 266 -164.43 253.17 -61.38
N HIS V 267 -164.36 252.09 -60.62
CA HIS V 267 -165.41 251.70 -59.68
C HIS V 267 -164.92 251.85 -58.25
N VAL V 268 -165.86 251.78 -57.32
CA VAL V 268 -165.55 251.92 -55.89
C VAL V 268 -166.54 251.09 -55.09
N SER V 269 -166.07 249.95 -54.56
CA SER V 269 -166.89 249.06 -53.77
C SER V 269 -166.51 249.18 -52.29
N TRP V 270 -167.42 248.69 -51.44
CA TRP V 270 -167.24 248.73 -50.00
C TRP V 270 -167.52 247.36 -49.42
N SER V 271 -166.86 247.06 -48.30
CA SER V 271 -167.02 245.79 -47.62
C SER V 271 -168.25 245.84 -46.71
N ILE V 272 -168.58 244.69 -46.13
CA ILE V 272 -169.72 244.57 -45.24
C ILE V 272 -169.32 244.47 -43.77
N THR V 273 -168.11 243.97 -43.47
CA THR V 273 -167.66 243.84 -42.09
C THR V 273 -167.09 245.15 -41.59
N ALA V 274 -165.88 245.49 -42.01
CA ALA V 274 -165.22 246.72 -41.59
C ALA V 274 -165.51 247.90 -42.52
N ASN V 275 -166.33 247.69 -43.56
CA ASN V 275 -166.68 248.74 -44.52
C ASN V 275 -165.43 249.34 -45.17
N ILE V 276 -164.55 248.47 -45.64
CA ILE V 276 -163.31 248.90 -46.28
C ILE V 276 -163.61 249.31 -47.71
N LEU V 277 -163.26 250.54 -48.06
CA LEU V 277 -163.50 251.06 -49.40
C LEU V 277 -162.46 250.51 -50.37
N ALA V 278 -162.93 249.91 -51.46
CA ALA V 278 -162.06 249.33 -52.49
C ALA V 278 -161.99 250.30 -53.65
N VAL V 279 -160.97 251.17 -53.64
CA VAL V 279 -160.79 252.16 -54.70
C VAL V 279 -160.16 251.47 -55.89
N SER V 280 -160.92 251.33 -56.96
CA SER V 280 -160.45 250.69 -58.19
C SER V 280 -160.31 251.76 -59.28
N GLY V 281 -159.08 252.02 -59.68
CA GLY V 281 -158.82 253.01 -60.70
C GLY V 281 -157.44 253.62 -60.53
N GLY V 282 -157.08 254.46 -61.49
CA GLY V 282 -155.79 255.13 -61.46
C GLY V 282 -154.80 254.54 -62.45
N ASP V 283 -153.82 253.79 -61.96
CA ASP V 283 -152.81 253.18 -62.82
C ASP V 283 -153.05 251.68 -62.95
N ASN V 284 -154.29 251.29 -63.22
CA ASN V 284 -154.68 249.88 -63.37
C ASN V 284 -154.32 249.08 -62.13
N LYS V 285 -154.70 249.61 -60.97
CA LYS V 285 -154.43 248.97 -59.69
C LYS V 285 -155.54 249.31 -58.71
N VAL V 286 -155.87 248.35 -57.86
CA VAL V 286 -156.92 248.50 -56.84
C VAL V 286 -156.26 248.74 -55.49
N THR V 287 -156.86 249.64 -54.70
CA THR V 287 -156.35 249.97 -53.38
C THR V 287 -157.46 249.83 -52.35
N LEU V 288 -157.11 249.35 -51.16
CA LEU V 288 -158.05 249.16 -50.08
C LEU V 288 -157.88 250.28 -49.06
N TRP V 289 -158.94 251.05 -48.86
CA TRP V 289 -158.95 252.17 -47.92
C TRP V 289 -159.81 251.83 -46.72
N LYS V 290 -159.31 252.08 -45.53
CA LYS V 290 -160.03 251.81 -44.30
C LYS V 290 -159.91 253.01 -43.36
N GLU V 291 -161.00 253.31 -42.65
CA GLU V 291 -161.01 254.44 -41.72
C GLU V 291 -160.30 254.06 -40.43
N SER V 292 -159.40 254.92 -39.98
CA SER V 292 -158.65 254.68 -38.76
C SER V 292 -159.41 255.26 -37.57
N VAL V 293 -158.78 255.25 -36.39
CA VAL V 293 -159.43 255.77 -35.20
C VAL V 293 -159.39 257.30 -35.15
N ASP V 294 -158.48 257.94 -35.87
CA ASP V 294 -158.39 259.39 -35.87
C ASP V 294 -159.42 260.05 -36.79
N GLY V 295 -159.98 259.30 -37.72
CA GLY V 295 -160.97 259.80 -38.65
C GLY V 295 -160.49 259.93 -40.08
N GLN V 296 -159.17 259.91 -40.30
CA GLN V 296 -158.61 260.01 -41.64
C GLN V 296 -158.51 258.63 -42.28
N TRP V 297 -158.75 258.58 -43.58
CA TRP V 297 -158.69 257.33 -44.33
C TRP V 297 -157.26 257.08 -44.80
N VAL V 298 -156.78 255.84 -44.60
CA VAL V 298 -155.44 255.45 -44.99
C VAL V 298 -155.53 254.18 -45.83
N CYS V 299 -154.54 253.99 -46.69
CA CYS V 299 -154.49 252.82 -47.56
C CYS V 299 -153.98 251.62 -46.78
N ILE V 300 -154.69 250.49 -46.91
CA ILE V 300 -154.32 249.26 -46.21
C ILE V 300 -153.18 248.59 -46.95
N SER V 301 -153.45 248.10 -48.15
CA SER V 301 -152.44 247.43 -48.97
C SER V 301 -152.78 247.66 -50.44
N ASP V 302 -151.95 247.09 -51.31
CA ASP V 302 -152.11 247.21 -52.75
C ASP V 302 -152.48 245.85 -53.33
N VAL V 303 -153.46 245.83 -54.22
CA VAL V 303 -153.90 244.59 -54.86
C VAL V 303 -152.99 244.27 -56.03
N ASN V 304 -153.08 243.04 -56.54
CA ASN V 304 -152.27 242.58 -57.67
C ASN V 304 -150.78 242.75 -57.41
N ARG W 5 -183.41 286.60 -134.16
CA ARG W 5 -183.66 287.97 -133.71
C ARG W 5 -183.90 288.01 -132.21
N SER W 6 -183.98 289.21 -131.65
CA SER W 6 -184.20 289.39 -130.22
C SER W 6 -185.67 289.19 -129.88
N ILE W 7 -185.92 288.81 -128.63
CA ILE W 7 -187.27 288.57 -128.14
C ILE W 7 -187.36 289.05 -126.70
N ALA W 8 -188.59 289.34 -126.27
CA ALA W 8 -188.83 289.83 -124.92
C ALA W 8 -188.98 288.65 -123.96
N ALA W 9 -188.51 288.84 -122.72
CA ALA W 9 -188.58 287.81 -121.70
C ALA W 9 -189.84 287.89 -120.85
N ASP W 10 -190.74 288.83 -121.16
CA ASP W 10 -191.99 289.00 -120.43
C ASP W 10 -191.74 289.24 -118.94
N HIS W 11 -190.80 290.15 -118.65
CA HIS W 11 -190.44 290.50 -117.29
C HIS W 11 -190.60 292.00 -117.09
N LYS W 12 -191.28 292.38 -116.01
CA LYS W 12 -191.50 293.79 -115.72
C LYS W 12 -190.25 294.46 -115.17
N ASP W 13 -189.49 293.74 -114.35
CA ASP W 13 -188.27 294.27 -113.76
C ASP W 13 -187.08 293.93 -114.63
N LEU W 14 -185.87 294.16 -114.13
CA LEU W 14 -184.65 293.88 -114.86
C LEU W 14 -184.22 292.44 -114.64
N ILE W 15 -183.66 291.83 -115.69
CA ILE W 15 -183.21 290.45 -115.61
C ILE W 15 -181.87 290.40 -114.88
N HIS W 16 -181.64 289.28 -114.18
CA HIS W 16 -180.40 289.08 -113.43
C HIS W 16 -179.55 288.00 -114.06
N ASP W 17 -179.99 286.74 -114.01
CA ASP W 17 -179.25 285.63 -114.59
C ASP W 17 -180.12 284.93 -115.63
N VAL W 18 -179.46 284.23 -116.56
CA VAL W 18 -180.15 283.51 -117.62
C VAL W 18 -179.34 282.27 -117.99
N SER W 19 -179.46 281.21 -117.20
CA SER W 19 -178.75 279.97 -117.45
C SER W 19 -179.60 279.04 -118.31
N PHE W 20 -178.92 278.11 -118.98
CA PHE W 20 -179.54 277.15 -119.87
C PHE W 20 -179.50 275.75 -119.22
N ASP W 21 -180.09 274.79 -119.91
CA ASP W 21 -180.12 273.41 -119.42
C ASP W 21 -178.96 272.61 -119.98
N PHE W 22 -179.20 271.34 -120.32
CA PHE W 22 -178.17 270.47 -120.87
C PHE W 22 -178.63 269.77 -122.14
N HIS W 23 -179.71 270.22 -122.77
CA HIS W 23 -180.22 269.62 -123.99
C HIS W 23 -180.02 270.52 -125.19
N GLY W 24 -180.58 271.73 -125.18
CA GLY W 24 -180.43 272.64 -126.28
C GLY W 24 -181.72 273.37 -126.63
N ARG W 25 -182.82 272.93 -126.06
CA ARG W 25 -184.14 273.52 -126.30
C ARG W 25 -184.79 273.95 -124.99
N ARG W 26 -183.98 274.42 -124.05
CA ARG W 26 -184.47 274.88 -122.75
C ARG W 26 -183.55 275.96 -122.21
N MET W 27 -184.15 277.01 -121.65
CA MET W 27 -183.38 278.13 -121.10
C MET W 27 -184.21 278.77 -120.00
N ALA W 28 -183.62 278.89 -118.81
CA ALA W 28 -184.30 279.48 -117.66
C ALA W 28 -183.90 280.94 -117.51
N THR W 29 -184.83 281.73 -116.99
CA THR W 29 -184.61 283.16 -116.78
C THR W 29 -185.22 283.57 -115.44
N CYS W 30 -184.57 284.51 -114.78
CA CYS W 30 -185.04 285.01 -113.48
C CYS W 30 -184.76 286.50 -113.38
N SER W 31 -185.81 287.28 -113.18
CA SER W 31 -185.72 288.72 -113.05
C SER W 31 -185.95 289.14 -111.60
N SER W 32 -186.08 290.45 -111.38
CA SER W 32 -186.31 291.00 -110.05
C SER W 32 -187.79 291.18 -109.73
N ASP W 33 -188.68 290.67 -110.58
CA ASP W 33 -190.12 290.79 -110.38
C ASP W 33 -190.74 289.52 -109.79
N GLN W 34 -189.92 288.68 -109.16
CA GLN W 34 -190.38 287.43 -108.54
C GLN W 34 -191.09 286.54 -109.57
N SER W 35 -190.34 286.19 -110.61
CA SER W 35 -190.86 285.34 -111.68
C SER W 35 -189.73 284.51 -112.24
N VAL W 36 -190.03 283.25 -112.57
CA VAL W 36 -189.06 282.31 -113.12
C VAL W 36 -189.62 281.85 -114.47
N LYS W 37 -189.16 282.46 -115.55
CA LYS W 37 -189.60 282.12 -116.89
C LYS W 37 -188.69 281.06 -117.49
N VAL W 38 -189.28 280.12 -118.23
CA VAL W 38 -188.56 279.03 -118.88
C VAL W 38 -188.85 279.12 -120.38
N TRP W 39 -187.79 279.20 -121.17
CA TRP W 39 -187.90 279.28 -122.62
C TRP W 39 -187.73 277.90 -123.25
N ASP W 40 -188.25 277.76 -124.46
CA ASP W 40 -188.17 276.51 -125.21
C ASP W 40 -187.92 276.81 -126.67
N LYS W 41 -186.89 276.19 -127.24
CA LYS W 41 -186.54 276.40 -128.64
C LYS W 41 -187.28 275.40 -129.51
N SER W 42 -187.77 275.88 -130.66
CA SER W 42 -188.49 275.04 -131.60
C SER W 42 -187.52 274.45 -132.62
N GLU W 43 -188.06 273.88 -133.70
CA GLU W 43 -187.22 273.28 -134.74
C GLU W 43 -186.61 274.33 -135.67
N SER W 44 -187.21 275.51 -135.77
CA SER W 44 -186.71 276.57 -136.64
C SER W 44 -185.74 277.50 -135.93
N GLY W 45 -185.43 277.25 -134.65
CA GLY W 45 -184.53 278.08 -133.89
C GLY W 45 -185.18 279.20 -133.10
N ASP W 46 -186.49 279.36 -133.20
CA ASP W 46 -187.18 280.42 -132.47
C ASP W 46 -187.39 280.01 -131.02
N TRP W 47 -187.22 280.96 -130.11
CA TRP W 47 -187.38 280.73 -128.69
C TRP W 47 -188.81 281.09 -128.28
N HIS W 48 -189.51 280.14 -127.67
CA HIS W 48 -190.87 280.34 -127.21
C HIS W 48 -190.96 280.12 -125.72
N CYS W 49 -191.88 280.83 -125.08
CA CYS W 49 -192.07 280.72 -123.63
C CYS W 49 -192.84 279.44 -123.31
N THR W 50 -192.29 278.66 -122.37
CA THR W 50 -192.90 277.41 -121.95
C THR W 50 -193.70 277.55 -120.67
N ALA W 51 -193.09 278.09 -119.61
CA ALA W 51 -193.78 278.27 -118.33
C ALA W 51 -193.20 279.48 -117.63
N SER W 52 -194.06 280.24 -116.94
CA SER W 52 -193.63 281.43 -116.22
C SER W 52 -194.58 281.65 -115.05
N TRP W 53 -194.05 281.55 -113.83
CA TRP W 53 -194.84 281.74 -112.62
C TRP W 53 -193.93 282.29 -111.53
N LYS W 54 -194.55 282.60 -110.38
CA LYS W 54 -193.82 283.14 -109.24
C LYS W 54 -193.25 282.01 -108.39
N THR W 55 -192.01 282.19 -107.94
CA THR W 55 -191.34 281.20 -107.12
C THR W 55 -190.98 281.70 -105.72
N HIS W 56 -190.83 283.01 -105.53
CA HIS W 56 -190.50 283.58 -104.23
C HIS W 56 -191.19 284.93 -104.09
N SER W 57 -190.88 285.63 -103.00
CA SER W 57 -191.46 286.94 -102.73
C SER W 57 -190.49 288.09 -102.95
N GLY W 58 -189.20 287.80 -103.11
CA GLY W 58 -188.20 288.82 -103.33
C GLY W 58 -187.72 288.88 -104.76
N SER W 59 -186.56 289.50 -104.95
CA SER W 59 -185.95 289.63 -106.27
C SER W 59 -185.02 288.45 -106.53
N VAL W 60 -185.33 287.68 -107.57
CA VAL W 60 -184.51 286.53 -107.91
C VAL W 60 -183.22 287.00 -108.59
N TRP W 61 -182.09 286.49 -108.12
CA TRP W 61 -180.79 286.85 -108.67
C TRP W 61 -180.03 285.65 -109.23
N ARG W 62 -179.99 284.55 -108.50
CA ARG W 62 -179.30 283.34 -108.95
C ARG W 62 -180.31 282.32 -109.46
N VAL W 63 -179.97 281.69 -110.59
CA VAL W 63 -180.84 280.70 -111.20
C VAL W 63 -179.98 279.69 -111.97
N THR W 64 -180.03 278.43 -111.56
CA THR W 64 -179.27 277.37 -112.20
C THR W 64 -180.14 276.13 -112.31
N TRP W 65 -179.97 275.40 -113.42
CA TRP W 65 -180.73 274.18 -113.68
C TRP W 65 -179.85 272.96 -113.40
N ALA W 66 -180.47 271.92 -112.88
CA ALA W 66 -179.75 270.69 -112.57
C ALA W 66 -179.56 269.84 -113.83
N HIS W 67 -178.83 268.75 -113.68
CA HIS W 67 -178.55 267.84 -114.79
C HIS W 67 -179.72 266.87 -114.94
N PRO W 68 -179.65 266.00 -115.95
CA PRO W 68 -180.74 265.04 -116.18
C PRO W 68 -180.62 263.74 -115.40
N GLU W 69 -179.73 263.66 -114.41
CA GLU W 69 -179.58 262.45 -113.62
C GLU W 69 -180.72 262.24 -112.62
N PHE W 70 -181.40 263.32 -112.22
CA PHE W 70 -182.50 263.22 -111.26
C PHE W 70 -183.78 263.87 -111.81
N GLY W 71 -183.87 264.04 -113.12
CA GLY W 71 -185.04 264.64 -113.73
C GLY W 71 -184.80 266.07 -114.15
N GLN W 72 -185.90 266.75 -114.48
CA GLN W 72 -185.87 268.14 -114.91
C GLN W 72 -186.08 269.03 -113.70
N VAL W 73 -185.01 269.20 -112.92
CA VAL W 73 -185.03 270.03 -111.72
C VAL W 73 -184.36 271.36 -112.02
N LEU W 74 -184.75 272.39 -111.27
CA LEU W 74 -184.19 273.72 -111.46
C LEU W 74 -184.19 274.44 -110.11
N ALA W 75 -183.05 274.99 -109.73
CA ALA W 75 -182.90 275.72 -108.48
C ALA W 75 -182.96 277.22 -108.73
N SER W 76 -183.49 277.95 -107.74
CA SER W 76 -183.61 279.39 -107.83
C SER W 76 -183.35 280.00 -106.47
N CYS W 77 -182.70 281.16 -106.47
CA CYS W 77 -182.38 281.89 -105.25
C CYS W 77 -182.83 283.33 -105.39
N SER W 78 -183.50 283.84 -104.37
CA SER W 78 -184.01 285.21 -104.35
C SER W 78 -183.42 285.95 -103.16
N PHE W 79 -183.82 287.22 -103.01
CA PHE W 79 -183.37 288.07 -101.93
C PHE W 79 -184.27 288.00 -100.69
N ASP W 80 -185.24 287.09 -100.68
CA ASP W 80 -186.15 286.93 -99.56
C ASP W 80 -185.71 285.84 -98.59
N ARG W 81 -184.42 285.50 -98.57
CA ARG W 81 -183.88 284.48 -97.69
C ARG W 81 -184.57 283.14 -97.91
N THR W 82 -184.52 282.67 -99.16
CA THR W 82 -185.14 281.41 -99.54
C THR W 82 -184.36 280.80 -100.69
N ALA W 83 -184.48 279.47 -100.82
CA ALA W 83 -183.79 278.73 -101.89
C ALA W 83 -184.62 277.49 -102.20
N ALA W 84 -185.67 277.67 -102.98
CA ALA W 84 -186.56 276.59 -103.36
C ALA W 84 -186.10 275.95 -104.67
N VAL W 85 -186.54 274.71 -104.88
CA VAL W 85 -186.21 273.94 -106.07
C VAL W 85 -187.51 273.51 -106.74
N TRP W 86 -187.65 273.86 -108.02
CA TRP W 86 -188.84 273.52 -108.79
C TRP W 86 -188.59 272.27 -109.62
N GLU W 87 -189.67 271.55 -109.93
CA GLU W 87 -189.62 270.33 -110.70
C GLU W 87 -190.60 270.44 -111.87
N GLU W 88 -190.11 270.18 -113.08
CA GLU W 88 -190.95 270.24 -114.26
C GLU W 88 -191.84 269.01 -114.36
N ILE W 89 -193.12 269.22 -114.62
CA ILE W 89 -194.11 268.15 -114.74
C ILE W 89 -194.60 268.12 -116.18
N VAL W 90 -194.69 266.92 -116.76
CA VAL W 90 -195.16 266.75 -118.13
C VAL W 90 -196.66 266.61 -118.23
N GLY W 91 -197.38 266.61 -117.10
CA GLY W 91 -198.82 266.48 -117.12
C GLY W 91 -199.54 267.80 -116.94
N GLU W 92 -198.91 268.88 -117.39
CA GLU W 92 -199.48 270.21 -117.30
C GLU W 92 -199.35 270.92 -118.64
N SER W 93 -200.21 271.91 -118.85
CA SER W 93 -200.19 272.68 -120.08
C SER W 93 -199.10 273.74 -120.04
N ASN W 94 -198.73 274.22 -121.23
CA ASN W 94 -197.70 275.23 -121.34
C ASN W 94 -198.26 276.62 -121.06
N ASP W 95 -197.47 277.46 -120.40
CA ASP W 95 -197.84 278.82 -120.05
C ASP W 95 -199.13 278.85 -119.23
N LYS W 96 -199.17 277.99 -118.20
CA LYS W 96 -200.33 277.89 -117.32
C LYS W 96 -199.99 278.15 -115.86
N LEU W 97 -198.73 278.49 -115.55
CA LEU W 97 -198.30 278.76 -114.18
C LEU W 97 -198.56 277.56 -113.26
N ARG W 98 -198.32 276.36 -113.78
CA ARG W 98 -198.55 275.15 -113.00
C ARG W 98 -197.63 274.00 -113.39
N GLY W 99 -196.79 274.14 -114.41
CA GLY W 99 -195.90 273.06 -114.81
C GLY W 99 -194.66 272.89 -113.96
N GLN W 100 -194.37 273.86 -113.09
CA GLN W 100 -193.19 273.81 -112.22
C GLN W 100 -193.67 273.77 -110.78
N SER W 101 -193.68 272.58 -110.19
CA SER W 101 -194.11 272.39 -108.81
C SER W 101 -192.92 272.50 -107.88
N HIS W 102 -193.16 273.11 -106.71
CA HIS W 102 -192.10 273.29 -105.72
C HIS W 102 -191.86 271.99 -104.98
N TRP W 103 -190.60 271.54 -104.96
CA TRP W 103 -190.22 270.31 -104.28
C TRP W 103 -189.89 270.55 -102.81
N VAL W 104 -188.95 271.46 -102.54
CA VAL W 104 -188.53 271.80 -101.19
C VAL W 104 -188.25 273.29 -101.12
N LYS W 105 -187.82 273.76 -99.95
CA LYS W 105 -187.52 275.17 -99.75
C LYS W 105 -186.46 275.28 -98.66
N ARG W 106 -185.31 275.85 -99.01
CA ARG W 106 -184.20 276.03 -98.07
C ARG W 106 -184.24 277.46 -97.55
N THR W 107 -185.05 277.66 -96.50
CA THR W 107 -185.20 278.96 -95.89
C THR W 107 -184.99 278.97 -94.37
N THR W 108 -185.08 277.83 -93.70
CA THR W 108 -184.89 277.75 -92.26
C THR W 108 -183.49 277.28 -91.88
N LEU W 109 -182.55 277.29 -92.80
CA LEU W 109 -181.19 276.86 -92.52
C LEU W 109 -180.40 277.99 -91.88
N VAL W 110 -179.16 277.68 -91.49
CA VAL W 110 -178.30 278.68 -90.86
C VAL W 110 -177.72 279.62 -91.90
N ASP W 111 -177.42 279.13 -93.10
CA ASP W 111 -176.86 279.96 -94.15
C ASP W 111 -177.92 280.71 -94.96
N SER W 112 -179.19 280.37 -94.78
CA SER W 112 -180.29 281.02 -95.50
C SER W 112 -180.94 282.13 -94.68
N ARG W 113 -180.19 282.76 -93.77
CA ARG W 113 -180.73 283.82 -92.94
C ARG W 113 -180.65 285.19 -93.60
N THR W 114 -179.87 285.33 -94.67
CA THR W 114 -179.70 286.58 -95.38
C THR W 114 -180.14 286.40 -96.84
N SER W 115 -179.95 287.46 -97.62
CA SER W 115 -180.32 287.42 -99.03
C SER W 115 -179.31 286.63 -99.84
N VAL W 116 -179.80 285.76 -100.70
CA VAL W 116 -178.94 284.94 -101.55
C VAL W 116 -178.61 285.69 -102.82
N THR W 117 -177.53 285.29 -103.48
CA THR W 117 -177.09 285.93 -104.72
C THR W 117 -176.36 284.94 -105.61
N ASP W 118 -175.85 283.86 -105.02
CA ASP W 118 -175.12 282.83 -105.76
C ASP W 118 -175.69 281.47 -105.41
N VAL W 119 -176.05 280.70 -106.43
CA VAL W 119 -176.60 279.37 -106.24
C VAL W 119 -176.33 278.53 -107.48
N LYS W 120 -175.46 277.53 -107.34
CA LYS W 120 -175.11 276.65 -108.44
C LYS W 120 -175.11 275.21 -107.96
N PHE W 121 -175.40 274.29 -108.87
CA PHE W 121 -175.43 272.87 -108.56
C PHE W 121 -174.09 272.22 -108.86
N ALA W 122 -173.88 271.05 -108.25
CA ALA W 122 -172.63 270.31 -108.43
C ALA W 122 -172.76 269.37 -109.62
N PRO W 123 -171.77 268.52 -109.86
CA PRO W 123 -171.84 267.59 -110.99
C PRO W 123 -172.70 266.38 -110.66
N LYS W 124 -172.95 265.58 -111.70
CA LYS W 124 -173.76 264.38 -111.55
C LYS W 124 -172.97 263.19 -111.01
N HIS W 125 -171.64 263.29 -110.94
CA HIS W 125 -170.83 262.20 -110.44
C HIS W 125 -170.83 262.11 -108.91
N MET W 126 -171.23 263.18 -108.23
CA MET W 126 -171.27 263.21 -106.77
C MET W 126 -172.69 263.25 -106.23
N GLY W 127 -173.68 262.93 -107.05
CA GLY W 127 -175.05 262.94 -106.62
C GLY W 127 -175.75 264.26 -106.90
N LEU W 128 -176.94 264.40 -106.29
CA LEU W 128 -177.74 265.62 -106.44
C LEU W 128 -177.34 266.60 -105.35
N MET W 129 -176.20 267.26 -105.57
CA MET W 129 -175.66 268.24 -104.64
C MET W 129 -175.72 269.63 -105.25
N LEU W 130 -175.83 270.63 -104.39
CA LEU W 130 -175.88 272.02 -104.83
C LEU W 130 -175.33 272.91 -103.74
N ALA W 131 -174.71 274.01 -104.16
CA ALA W 131 -174.11 274.97 -103.25
C ALA W 131 -174.84 276.31 -103.35
N THR W 132 -174.85 277.05 -102.25
CA THR W 132 -175.51 278.34 -102.19
C THR W 132 -174.71 279.28 -101.29
N CYS W 133 -174.54 280.52 -101.74
CA CYS W 133 -173.80 281.54 -101.01
C CYS W 133 -174.68 282.77 -100.86
N SER W 134 -175.11 283.04 -99.63
CA SER W 134 -175.96 284.17 -99.33
C SER W 134 -175.12 285.36 -98.86
N ALA W 135 -175.78 286.38 -98.32
CA ALA W 135 -175.08 287.56 -97.82
C ALA W 135 -174.55 287.40 -96.41
N ASP W 136 -174.82 286.26 -95.75
CA ASP W 136 -174.34 286.03 -94.40
C ASP W 136 -172.91 285.53 -94.36
N GLY W 137 -172.34 285.16 -95.50
CA GLY W 137 -170.97 284.67 -95.54
C GLY W 137 -170.80 283.20 -95.25
N ILE W 138 -171.89 282.42 -95.27
CA ILE W 138 -171.84 280.99 -95.01
C ILE W 138 -172.25 280.27 -96.29
N VAL W 139 -171.35 279.45 -96.82
CA VAL W 139 -171.58 278.69 -98.04
C VAL W 139 -172.02 277.28 -97.63
N ARG W 140 -173.31 277.00 -97.79
CA ARG W 140 -173.86 275.70 -97.45
C ARG W 140 -173.88 274.78 -98.67
N ILE W 141 -173.99 273.48 -98.39
CA ILE W 141 -174.02 272.46 -99.43
C ILE W 141 -175.26 271.60 -99.18
N TYR W 142 -176.23 271.68 -100.09
CA TYR W 142 -177.47 270.92 -99.99
C TYR W 142 -177.37 269.70 -100.90
N GLU W 143 -177.30 268.52 -100.29
CA GLU W 143 -177.20 267.26 -101.04
C GLU W 143 -178.33 266.34 -100.61
N ALA W 144 -179.02 265.76 -101.59
CA ALA W 144 -180.13 264.86 -101.30
C ALA W 144 -179.63 263.43 -101.18
N PRO W 145 -179.96 262.73 -100.10
CA PRO W 145 -179.48 261.34 -99.96
C PRO W 145 -180.31 260.36 -100.77
N ASP W 146 -181.62 260.59 -100.83
CA ASP W 146 -182.53 259.72 -101.56
C ASP W 146 -182.74 260.27 -102.97
N VAL W 147 -182.51 259.43 -103.98
CA VAL W 147 -182.68 259.87 -105.36
C VAL W 147 -184.15 259.87 -105.76
N MET W 148 -184.97 259.03 -105.13
CA MET W 148 -186.39 258.98 -105.47
C MET W 148 -187.17 260.10 -104.79
N ASN W 149 -186.69 260.61 -103.66
CA ASN W 149 -187.35 261.68 -102.92
C ASN W 149 -186.66 263.00 -103.28
N LEU W 150 -187.40 263.87 -103.98
CA LEU W 150 -186.86 265.17 -104.38
C LEU W 150 -187.04 266.25 -103.31
N SER W 151 -187.71 265.94 -102.21
CA SER W 151 -187.93 266.90 -101.14
C SER W 151 -187.05 266.64 -99.92
N GLN W 152 -186.25 265.57 -99.93
CA GLN W 152 -185.38 265.23 -98.82
C GLN W 152 -184.00 265.86 -99.05
N TRP W 153 -183.96 267.17 -98.85
CA TRP W 153 -182.74 267.95 -99.01
C TRP W 153 -182.19 268.30 -97.64
N SER W 154 -181.04 267.72 -97.28
CA SER W 154 -180.39 267.95 -96.01
C SER W 154 -179.07 268.68 -96.20
N LEU W 155 -178.65 269.40 -95.16
CA LEU W 155 -177.40 270.15 -95.21
C LEU W 155 -176.21 269.21 -95.02
N GLN W 156 -175.22 269.35 -95.89
CA GLN W 156 -174.01 268.52 -95.84
C GLN W 156 -172.88 269.19 -95.08
N HIS W 157 -172.53 270.43 -95.44
CA HIS W 157 -171.46 271.15 -94.78
C HIS W 157 -171.76 272.65 -94.84
N GLU W 158 -171.11 273.39 -93.96
CA GLU W 158 -171.30 274.84 -93.88
C GLU W 158 -170.03 275.46 -93.33
N ILE W 159 -169.37 276.29 -94.13
CA ILE W 159 -168.13 276.96 -93.73
C ILE W 159 -168.29 278.45 -93.98
N SER W 160 -167.49 279.23 -93.26
CA SER W 160 -167.52 280.68 -93.39
C SER W 160 -166.67 281.14 -94.57
N CYS W 161 -167.02 282.30 -95.11
CA CYS W 161 -166.30 282.86 -96.25
C CYS W 161 -165.35 283.96 -95.80
N LYS W 162 -165.91 285.07 -95.30
CA LYS W 162 -165.13 286.20 -94.84
C LYS W 162 -165.24 286.47 -93.35
N LEU W 163 -166.43 286.56 -92.75
CA LEU W 163 -167.74 286.44 -93.40
C LEU W 163 -168.53 287.74 -93.28
N SER W 164 -168.60 288.49 -94.38
CA SER W 164 -169.33 289.75 -94.41
C SER W 164 -170.46 289.71 -95.41
N CYS W 165 -170.93 290.88 -95.84
CA CYS W 165 -172.02 291.00 -96.81
C CYS W 165 -171.49 291.73 -98.04
N SER W 166 -171.24 290.97 -99.10
CA SER W 166 -170.73 291.54 -100.35
C SER W 166 -171.25 290.67 -101.50
N CYS W 167 -170.56 290.74 -102.64
CA CYS W 167 -170.95 289.96 -103.80
C CYS W 167 -170.52 288.51 -103.65
N ILE W 168 -171.40 287.60 -104.04
CA ILE W 168 -171.14 286.16 -103.95
C ILE W 168 -171.18 285.58 -105.36
N SER W 169 -170.33 284.58 -105.60
CA SER W 169 -170.26 283.94 -106.92
C SER W 169 -169.80 282.50 -106.70
N TRP W 170 -170.69 281.55 -106.94
CA TRP W 170 -170.38 280.14 -106.78
C TRP W 170 -169.96 279.54 -108.12
N ASN W 171 -168.98 278.65 -108.07
CA ASN W 171 -168.49 278.00 -109.28
C ASN W 171 -167.91 276.63 -108.94
N PRO W 172 -168.57 275.54 -109.33
CA PRO W 172 -168.04 274.21 -109.02
C PRO W 172 -167.24 273.63 -110.17
N SER W 173 -166.35 272.68 -109.86
CA SER W 173 -165.53 272.05 -110.88
C SER W 173 -166.33 270.98 -111.62
N SER W 174 -166.30 271.04 -112.94
CA SER W 174 -167.02 270.09 -113.79
C SER W 174 -166.16 268.90 -114.20
N SER W 175 -164.95 268.78 -113.66
CA SER W 175 -164.07 267.66 -113.99
C SER W 175 -164.50 266.42 -113.22
N ARG W 176 -164.82 265.36 -113.97
CA ARG W 176 -165.25 264.11 -113.33
C ARG W 176 -164.07 263.24 -112.91
N ALA W 177 -162.89 263.44 -113.49
CA ALA W 177 -161.70 262.66 -113.16
C ALA W 177 -160.80 263.39 -112.18
N HIS W 178 -161.34 264.31 -111.38
CA HIS W 178 -160.58 265.07 -110.40
C HIS W 178 -161.28 265.01 -109.06
N SER W 179 -160.72 265.70 -108.08
CA SER W 179 -161.29 265.72 -106.73
C SER W 179 -162.45 266.71 -106.67
N PRO W 180 -163.26 266.65 -105.62
CA PRO W 180 -164.40 267.57 -105.49
C PRO W 180 -163.95 268.93 -104.99
N MET W 181 -163.93 269.90 -105.91
CA MET W 181 -163.52 271.26 -105.60
C MET W 181 -164.57 272.24 -106.11
N ILE W 182 -164.62 273.41 -105.48
CA ILE W 182 -165.56 274.46 -105.85
C ILE W 182 -164.95 275.81 -105.52
N ALA W 183 -165.17 276.78 -106.40
CA ALA W 183 -164.65 278.12 -106.22
C ALA W 183 -165.75 279.05 -105.71
N VAL W 184 -165.37 279.96 -104.81
CA VAL W 184 -166.30 280.92 -104.22
C VAL W 184 -165.62 282.27 -104.15
N GLY W 185 -166.34 283.31 -104.54
CA GLY W 185 -165.81 284.67 -104.53
C GLY W 185 -166.58 285.53 -103.55
N SER W 186 -165.85 286.37 -102.82
CA SER W 186 -166.44 287.27 -101.83
C SER W 186 -165.66 288.58 -101.85
N ASP W 187 -166.26 289.62 -102.43
CA ASP W 187 -165.65 290.96 -102.54
C ASP W 187 -164.35 290.80 -103.33
N ASP W 188 -163.22 291.28 -102.81
CA ASP W 188 -161.95 291.15 -103.53
C ASP W 188 -161.30 289.79 -103.36
N SER W 189 -161.77 288.98 -102.41
CA SER W 189 -161.21 287.65 -102.18
C SER W 189 -161.86 286.63 -103.10
N SER W 190 -161.08 285.62 -103.47
CA SER W 190 -161.56 284.56 -104.37
C SER W 190 -160.90 283.25 -103.96
N PRO W 191 -161.38 282.60 -102.90
CA PRO W 191 -160.80 281.33 -102.46
C PRO W 191 -161.36 280.16 -103.25
N ASN W 192 -160.70 279.01 -103.08
CA ASN W 192 -161.09 277.77 -103.75
C ASN W 192 -161.07 276.64 -102.73
N ALA W 193 -162.26 276.19 -102.34
CA ALA W 193 -162.39 275.11 -101.37
C ALA W 193 -162.33 273.75 -102.06
N MET W 194 -161.71 272.79 -101.40
CA MET W 194 -161.57 271.44 -101.93
C MET W 194 -161.87 270.43 -100.85
N ALA W 195 -162.49 269.32 -101.24
CA ALA W 195 -162.83 268.27 -100.28
C ALA W 195 -161.59 267.47 -99.91
N LYS W 196 -161.43 267.19 -98.62
CA LYS W 196 -160.30 266.43 -98.12
C LYS W 196 -160.65 264.95 -98.09
N VAL W 197 -159.94 264.19 -97.25
CA VAL W 197 -160.17 262.75 -97.13
C VAL W 197 -161.00 262.48 -95.89
N GLN W 198 -161.51 263.53 -95.27
CA GLN W 198 -162.32 263.39 -94.06
C GLN W 198 -163.78 263.67 -94.35
N ILE W 199 -164.36 262.97 -95.33
CA ILE W 199 -165.76 263.19 -95.67
C ILE W 199 -166.67 262.76 -94.53
N PHE W 200 -166.35 261.63 -93.88
CA PHE W 200 -167.16 261.17 -92.77
C PHE W 200 -167.10 262.12 -91.58
N GLU W 201 -165.96 262.80 -91.40
CA GLU W 201 -165.85 263.77 -90.31
C GLU W 201 -166.52 265.10 -90.66
N TYR W 202 -166.50 265.48 -91.94
CA TYR W 202 -167.14 266.72 -92.35
C TYR W 202 -168.66 266.58 -92.41
N ASN W 203 -169.15 265.36 -92.67
CA ASN W 203 -170.60 265.12 -92.72
C ASN W 203 -171.20 264.88 -91.35
N GLU W 204 -170.39 264.76 -90.30
CA GLU W 204 -170.88 264.51 -88.95
C GLU W 204 -170.75 265.74 -88.06
N ASN W 205 -170.67 266.94 -88.65
CA ASN W 205 -170.55 268.20 -87.92
C ASN W 205 -169.32 268.19 -87.01
N THR W 206 -168.16 268.25 -87.65
CA THR W 206 -166.90 268.25 -86.92
C THR W 206 -165.78 269.00 -87.63
N ARG W 207 -166.00 269.51 -88.84
CA ARG W 207 -164.98 270.24 -89.59
C ARG W 207 -165.36 271.72 -89.63
N LYS W 208 -164.40 272.58 -89.29
CA LYS W 208 -164.63 274.02 -89.30
C LYS W 208 -164.57 274.58 -90.71
N TYR W 209 -163.42 275.13 -91.09
CA TYR W 209 -163.22 275.69 -92.42
C TYR W 209 -162.34 274.76 -93.26
N ALA W 210 -162.38 274.99 -94.56
CA ALA W 210 -161.60 274.20 -95.51
C ALA W 210 -161.26 275.05 -96.71
N LYS W 211 -159.96 275.29 -96.92
CA LYS W 211 -159.49 276.10 -98.04
C LYS W 211 -158.23 275.48 -98.61
N ALA W 212 -158.16 275.43 -99.94
CA ALA W 212 -157.01 274.87 -100.65
C ALA W 212 -156.13 275.94 -101.27
N GLU W 213 -156.69 276.78 -102.13
CA GLU W 213 -155.95 277.85 -102.79
C GLU W 213 -156.82 279.10 -102.82
N THR W 214 -156.23 280.19 -103.32
CA THR W 214 -156.94 281.47 -103.41
C THR W 214 -156.42 282.23 -104.60
N LEU W 215 -157.33 282.84 -105.37
CA LEU W 215 -156.98 283.61 -106.54
C LEU W 215 -156.79 285.07 -106.14
N MET W 216 -155.55 285.55 -106.20
CA MET W 216 -155.24 286.93 -105.85
C MET W 216 -155.29 287.83 -107.06
N THR W 217 -154.52 288.92 -107.03
CA THR W 217 -154.46 289.90 -108.13
C THR W 217 -155.85 290.44 -108.47
N VAL W 218 -156.57 290.86 -107.43
CA VAL W 218 -157.92 291.41 -107.58
C VAL W 218 -157.99 292.67 -106.73
N THR W 219 -158.10 293.82 -107.38
CA THR W 219 -158.18 295.11 -106.70
C THR W 219 -159.61 295.62 -106.58
N ASP W 220 -160.60 294.81 -106.96
CA ASP W 220 -162.00 295.22 -106.88
C ASP W 220 -162.88 294.01 -106.59
N PRO W 221 -164.20 294.19 -106.52
CA PRO W 221 -165.09 293.06 -106.24
C PRO W 221 -165.34 292.22 -107.48
N VAL W 222 -165.35 290.91 -107.29
CA VAL W 222 -165.59 289.98 -108.40
C VAL W 222 -167.08 289.92 -108.68
N HIS W 223 -167.45 290.14 -109.94
CA HIS W 223 -168.85 290.10 -110.35
C HIS W 223 -169.30 288.71 -110.80
N ASP W 224 -168.41 287.97 -111.48
CA ASP W 224 -168.74 286.64 -111.94
C ASP W 224 -167.49 285.77 -111.89
N ILE W 225 -167.70 284.47 -111.73
CA ILE W 225 -166.61 283.50 -111.65
C ILE W 225 -167.12 282.16 -112.13
N ALA W 226 -166.39 281.52 -113.03
CA ALA W 226 -166.77 280.22 -113.57
C ALA W 226 -165.51 279.41 -113.86
N PHE W 227 -165.61 278.10 -113.65
CA PHE W 227 -164.51 277.19 -113.88
C PHE W 227 -164.71 276.46 -115.21
N ALA W 228 -163.68 276.45 -116.04
CA ALA W 228 -163.77 275.79 -117.33
C ALA W 228 -163.63 274.27 -117.17
N PRO W 229 -164.23 273.50 -118.08
CA PRO W 229 -164.14 272.04 -117.97
C PRO W 229 -162.80 271.54 -118.51
N ASN W 230 -162.11 270.72 -117.71
CA ASN W 230 -160.82 270.17 -118.10
C ASN W 230 -161.06 268.90 -118.91
N LEU W 231 -161.33 269.11 -120.20
CA LEU W 231 -161.60 268.01 -121.13
C LEU W 231 -160.30 267.72 -121.89
N GLY W 232 -159.57 266.70 -121.45
CA GLY W 232 -158.33 266.30 -122.05
C GLY W 232 -157.09 266.86 -121.38
N ARG W 233 -157.21 267.98 -120.67
CA ARG W 233 -156.09 268.61 -119.98
C ARG W 233 -156.04 268.15 -118.54
N SER W 234 -154.82 268.08 -118.00
CA SER W 234 -154.60 267.66 -116.62
C SER W 234 -154.61 268.82 -115.64
N PHE W 235 -154.85 270.04 -116.11
CA PHE W 235 -154.88 271.22 -115.25
C PHE W 235 -156.27 271.85 -115.29
N HIS W 236 -156.55 272.69 -114.30
CA HIS W 236 -157.82 273.37 -114.18
C HIS W 236 -157.71 274.81 -114.67
N ILE W 237 -158.85 275.38 -115.04
CA ILE W 237 -158.94 276.75 -115.54
C ILE W 237 -160.18 277.40 -114.97
N LEU W 238 -160.02 278.54 -114.32
CA LEU W 238 -161.12 279.29 -113.72
C LEU W 238 -160.98 280.75 -114.09
N ALA W 239 -161.97 281.28 -114.80
CA ALA W 239 -161.96 282.68 -115.22
C ALA W 239 -162.66 283.54 -114.17
N ILE W 240 -162.11 284.73 -113.94
CA ILE W 240 -162.66 285.68 -112.98
C ILE W 240 -163.06 286.95 -113.70
N ALA W 241 -164.08 287.62 -113.18
CA ALA W 241 -164.60 288.87 -113.75
C ALA W 241 -164.66 289.89 -112.63
N THR W 242 -163.56 290.64 -112.46
CA THR W 242 -163.48 291.66 -111.44
C THR W 242 -163.99 293.00 -111.97
N LYS W 243 -164.19 293.94 -111.05
CA LYS W 243 -164.67 295.28 -111.38
C LYS W 243 -163.55 296.26 -111.65
N ASP W 244 -162.29 295.79 -111.70
CA ASP W 244 -161.14 296.65 -111.95
C ASP W 244 -160.72 296.63 -113.41
N VAL W 245 -161.62 296.26 -114.32
CA VAL W 245 -161.35 296.20 -115.75
C VAL W 245 -160.17 295.28 -116.02
N ARG W 246 -160.27 294.04 -115.55
CA ARG W 246 -159.20 293.05 -115.73
C ARG W 246 -159.81 291.66 -115.67
N ILE W 247 -159.63 290.90 -116.75
CA ILE W 247 -160.17 289.54 -116.82
C ILE W 247 -159.04 288.54 -116.63
N PHE W 248 -158.76 288.20 -115.37
CA PHE W 248 -157.71 287.24 -115.05
C PHE W 248 -158.22 285.82 -115.26
N THR W 249 -157.27 284.89 -115.38
CA THR W 249 -157.58 283.48 -115.60
C THR W 249 -156.57 282.64 -114.83
N LEU W 250 -157.04 281.96 -113.79
CA LEU W 250 -156.20 281.11 -112.98
C LEU W 250 -155.93 279.79 -113.69
N LYS W 251 -154.84 279.13 -113.28
CA LYS W 251 -154.43 277.85 -113.86
C LYS W 251 -153.90 276.96 -112.74
N PRO W 252 -154.71 276.02 -112.25
CA PRO W 252 -154.22 275.14 -111.18
C PRO W 252 -153.87 273.74 -111.68
N VAL W 253 -152.76 273.20 -111.21
CA VAL W 253 -152.31 271.87 -111.61
C VAL W 253 -151.66 271.18 -110.43
N ARG W 254 -152.44 270.42 -109.67
CA ARG W 254 -151.91 269.71 -108.50
C ARG W 254 -152.65 268.40 -108.28
N LYS W 255 -153.73 268.19 -109.02
CA LYS W 255 -154.53 266.97 -108.89
C LYS W 255 -153.82 265.83 -109.61
N GLU W 256 -153.48 264.78 -108.88
CA GLU W 256 -152.80 263.63 -109.45
C GLU W 256 -153.18 262.35 -108.72
N LEU W 257 -152.24 261.41 -108.61
CA LEU W 257 -152.45 260.15 -107.93
C LEU W 257 -151.60 260.09 -106.67
N THR W 258 -152.24 259.83 -105.54
CA THR W 258 -151.54 259.76 -104.26
C THR W 258 -152.05 258.56 -103.48
N SER W 259 -151.29 258.16 -102.47
CA SER W 259 -151.65 257.03 -101.64
C SER W 259 -152.61 257.47 -100.54
N SER W 260 -153.06 256.49 -99.74
CA SER W 260 -153.97 256.77 -98.64
C SER W 260 -153.20 257.32 -97.45
N GLY W 261 -153.60 258.50 -96.98
CA GLY W 261 -152.96 259.14 -95.85
C GLY W 261 -152.02 260.26 -96.21
N GLY W 262 -151.79 260.51 -97.50
CA GLY W 262 -150.90 261.58 -97.93
C GLY W 262 -151.64 262.88 -98.13
N PRO W 263 -150.94 263.89 -98.68
CA PRO W 263 -151.58 265.19 -98.90
C PRO W 263 -151.19 265.81 -100.23
N THR W 264 -151.77 266.95 -100.55
CA THR W 264 -151.46 267.65 -101.80
C THR W 264 -151.66 269.14 -101.59
N LYS W 265 -150.77 269.94 -102.18
CA LYS W 265 -150.81 271.39 -102.08
C LYS W 265 -151.22 271.97 -103.44
N PHE W 266 -152.32 272.71 -103.45
CA PHE W 266 -152.82 273.32 -104.68
C PHE W 266 -151.98 274.54 -105.02
N GLU W 267 -151.62 274.67 -106.29
CA GLU W 267 -150.81 275.78 -106.78
C GLU W 267 -151.66 276.69 -107.66
N ILE W 268 -151.32 277.98 -107.65
CA ILE W 268 -152.02 278.99 -108.45
C ILE W 268 -151.02 279.62 -109.40
N HIS W 269 -151.48 279.93 -110.61
CA HIS W 269 -150.64 280.55 -111.62
C HIS W 269 -151.50 281.38 -112.56
N ILE W 270 -151.12 282.64 -112.73
CA ILE W 270 -151.86 283.55 -113.60
C ILE W 270 -151.49 283.25 -115.05
N VAL W 271 -152.50 283.00 -115.88
CA VAL W 271 -152.28 282.70 -117.29
C VAL W 271 -152.16 284.00 -118.07
N ALA W 272 -153.26 284.76 -118.14
CA ALA W 272 -153.27 286.03 -118.85
C ALA W 272 -154.26 286.96 -118.18
N GLN W 273 -154.21 288.22 -118.58
CA GLN W 273 -155.10 289.25 -118.04
C GLN W 273 -155.50 290.18 -119.18
N PHE W 274 -156.77 290.12 -119.58
CA PHE W 274 -157.27 290.95 -120.65
C PHE W 274 -157.93 292.21 -120.10
N ASP W 275 -157.81 293.30 -120.87
CA ASP W 275 -158.39 294.58 -120.46
C ASP W 275 -158.74 295.41 -121.69
N ASN W 276 -159.29 294.76 -122.71
CA ASN W 276 -159.67 295.46 -123.94
C ASN W 276 -161.03 296.14 -123.84
N HIS W 277 -161.87 295.74 -122.88
CA HIS W 277 -163.18 296.35 -122.74
C HIS W 277 -163.11 297.70 -122.02
N ASN W 278 -162.11 297.88 -121.15
CA ASN W 278 -161.92 299.12 -120.40
C ASN W 278 -163.17 299.47 -119.58
N SER W 279 -163.80 298.45 -119.00
CA SER W 279 -164.99 298.65 -118.19
C SER W 279 -165.11 297.47 -117.22
N GLN W 280 -166.07 297.59 -116.31
CA GLN W 280 -166.30 296.55 -115.32
C GLN W 280 -167.01 295.37 -115.95
N VAL W 281 -166.43 294.17 -115.80
CA VAL W 281 -167.02 292.98 -116.38
C VAL W 281 -168.22 292.55 -115.54
N TRP W 282 -169.22 291.97 -116.21
CA TRP W 282 -170.44 291.50 -115.56
C TRP W 282 -170.61 289.99 -115.65
N ARG W 283 -170.44 289.41 -116.84
CA ARG W 283 -170.58 287.99 -117.04
C ARG W 283 -169.31 287.42 -117.67
N VAL W 284 -168.96 286.20 -117.29
CA VAL W 284 -167.78 285.53 -117.80
C VAL W 284 -168.00 284.02 -117.78
N SER W 285 -168.46 283.47 -118.89
CA SER W 285 -168.71 282.03 -119.01
C SER W 285 -167.62 281.37 -119.82
N TRP W 286 -167.64 280.03 -119.81
CA TRP W 286 -166.65 279.24 -120.55
C TRP W 286 -167.33 278.37 -121.59
N ASN W 287 -166.66 277.30 -122.01
CA ASN W 287 -167.17 276.36 -122.99
C ASN W 287 -167.46 275.02 -122.33
N ILE W 288 -168.00 274.09 -123.13
CA ILE W 288 -168.32 272.77 -122.61
C ILE W 288 -167.09 271.88 -122.49
N THR W 289 -166.03 272.17 -123.24
CA THR W 289 -164.80 271.39 -123.19
C THR W 289 -163.58 272.21 -122.80
N GLY W 290 -163.75 273.49 -122.46
CA GLY W 290 -162.62 274.32 -122.09
C GLY W 290 -161.82 274.86 -123.26
N THR W 291 -162.49 275.23 -124.35
CA THR W 291 -161.82 275.75 -125.53
C THR W 291 -162.20 277.19 -125.86
N VAL W 292 -163.25 277.73 -125.26
CA VAL W 292 -163.69 279.10 -125.52
C VAL W 292 -164.11 279.74 -124.20
N LEU W 293 -163.93 281.05 -124.12
CA LEU W 293 -164.27 281.81 -122.92
C LEU W 293 -164.74 283.20 -123.33
N ALA W 294 -165.92 283.58 -122.88
CA ALA W 294 -166.50 284.88 -123.19
C ALA W 294 -166.38 285.82 -121.99
N SER W 295 -166.44 287.11 -122.28
CA SER W 295 -166.34 288.14 -121.24
C SER W 295 -167.09 289.37 -121.70
N SER W 296 -168.14 289.74 -120.96
CA SER W 296 -168.96 290.90 -121.27
C SER W 296 -168.80 291.96 -120.19
N GLY W 297 -168.63 293.20 -120.61
CA GLY W 297 -168.47 294.30 -119.68
C GLY W 297 -169.52 295.37 -119.82
N ASP W 298 -169.22 296.59 -119.38
CA ASP W 298 -170.15 297.70 -119.46
C ASP W 298 -170.01 298.50 -120.75
N ASP W 299 -169.13 298.09 -121.66
CA ASP W 299 -168.92 298.78 -122.92
C ASP W 299 -169.86 298.31 -124.03
N GLY W 300 -170.68 297.29 -123.76
CA GLY W 300 -171.60 296.80 -124.77
C GLY W 300 -170.97 295.92 -125.81
N CYS W 301 -169.97 295.11 -125.44
CA CYS W 301 -169.30 294.22 -126.37
C CYS W 301 -168.97 292.91 -125.66
N VAL W 302 -169.05 291.81 -126.40
CA VAL W 302 -168.76 290.47 -125.88
C VAL W 302 -167.57 289.93 -126.65
N ARG W 303 -166.44 289.79 -125.97
CA ARG W 303 -165.21 289.28 -126.58
C ARG W 303 -165.06 287.80 -126.25
N LEU W 304 -164.83 287.00 -127.28
CA LEU W 304 -164.66 285.55 -127.14
C LEU W 304 -163.17 285.23 -127.19
N TRP W 305 -162.63 284.77 -126.07
CA TRP W 305 -161.23 284.41 -125.95
C TRP W 305 -161.04 282.91 -126.15
N LYS W 306 -159.92 282.54 -126.76
CA LYS W 306 -159.58 281.15 -127.02
C LYS W 306 -158.14 280.88 -126.61
N ALA W 307 -157.85 279.61 -126.32
CA ALA W 307 -156.51 279.22 -125.91
C ALA W 307 -155.58 279.15 -127.11
N ASN W 308 -154.37 279.66 -126.95
CA ASN W 308 -153.38 279.66 -128.02
C ASN W 308 -152.53 278.39 -127.97
N TYR W 309 -151.22 278.53 -128.18
CA TYR W 309 -150.29 277.42 -128.16
C TYR W 309 -149.60 277.26 -126.82
N MET W 310 -149.05 278.34 -126.27
CA MET W 310 -148.34 278.32 -124.99
C MET W 310 -149.25 278.75 -123.84
N ASP W 311 -150.49 278.25 -123.83
CA ASP W 311 -151.47 278.57 -122.78
C ASP W 311 -151.69 280.09 -122.68
N ASN W 312 -151.93 280.71 -123.84
CA ASN W 312 -152.16 282.14 -123.92
C ASN W 312 -153.60 282.41 -124.32
N TRP W 313 -154.16 283.50 -123.79
CA TRP W 313 -155.52 283.91 -124.07
C TRP W 313 -155.52 284.96 -125.18
N LYS W 314 -156.13 284.62 -126.31
CA LYS W 314 -156.21 285.51 -127.45
C LYS W 314 -157.68 285.71 -127.83
N CYS W 315 -158.06 286.96 -128.09
CA CYS W 315 -159.42 287.29 -128.46
C CYS W 315 -159.64 286.93 -129.92
N THR W 316 -160.46 285.89 -130.15
CA THR W 316 -160.75 285.43 -131.50
C THR W 316 -161.95 286.13 -132.12
N GLY W 317 -162.66 286.97 -131.36
CA GLY W 317 -163.81 287.67 -131.90
C GLY W 317 -164.32 288.69 -130.91
N ILE W 318 -165.14 289.62 -131.42
CA ILE W 318 -165.72 290.67 -130.61
C ILE W 318 -167.09 291.04 -131.15
N LEU W 319 -168.14 290.49 -130.55
CA LEU W 319 -169.51 290.75 -130.98
C LEU W 319 -170.10 291.88 -130.13
N LYS W 320 -170.91 292.72 -130.77
CA LYS W 320 -171.55 293.84 -130.10
C LYS W 320 -173.06 293.80 -130.28
N LYS X 20 -173.15 303.80 -119.27
CA LYS X 20 -172.71 302.41 -119.42
C LYS X 20 -173.64 301.47 -118.66
N ASN X 21 -174.26 300.55 -119.39
CA ASN X 21 -175.18 299.57 -118.82
C ASN X 21 -174.46 298.24 -118.61
N GLN X 22 -174.90 297.51 -117.58
CA GLN X 22 -174.32 296.21 -117.26
C GLN X 22 -174.86 295.18 -118.24
N MET X 23 -174.01 294.79 -119.20
CA MET X 23 -174.38 293.81 -120.22
C MET X 23 -173.85 292.44 -119.79
N TYR X 24 -174.74 291.45 -119.74
CA TYR X 24 -174.40 290.09 -119.36
C TYR X 24 -174.63 289.17 -120.54
N PHE X 25 -173.58 288.49 -120.99
CA PHE X 25 -173.65 287.56 -122.11
C PHE X 25 -173.36 286.16 -121.59
N ASP X 26 -174.35 285.28 -121.71
CA ASP X 26 -174.22 283.89 -121.26
C ASP X 26 -173.76 283.03 -122.44
N TRP X 27 -172.50 282.62 -122.41
CA TRP X 27 -171.93 281.78 -123.47
C TRP X 27 -172.43 280.36 -123.28
N GLY X 28 -173.43 279.97 -124.06
CA GLY X 28 -174.00 278.65 -123.98
C GLY X 28 -173.23 277.65 -124.81
N PRO X 29 -172.78 276.56 -124.19
CA PRO X 29 -172.04 275.53 -124.92
C PRO X 29 -172.37 274.13 -124.47
N GLY X 30 -172.88 274.02 -123.23
CA GLY X 30 -173.24 272.72 -122.69
C GLY X 30 -174.53 272.15 -123.27
N GLU X 31 -175.41 273.00 -123.76
CA GLU X 31 -176.67 272.56 -124.35
C GLU X 31 -176.79 272.93 -125.82
N MET X 32 -176.55 274.20 -126.17
CA MET X 32 -176.62 274.67 -127.54
C MET X 32 -175.45 275.61 -127.79
N LEU X 33 -174.47 275.16 -128.57
CA LEU X 33 -173.30 275.96 -128.87
C LEU X 33 -173.55 277.03 -129.92
N VAL X 34 -174.61 276.89 -130.71
CA VAL X 34 -174.94 277.87 -131.75
C VAL X 34 -175.94 278.90 -131.24
N CYS X 35 -176.16 278.97 -129.92
CA CYS X 35 -177.10 279.92 -129.33
C CYS X 35 -176.46 280.51 -128.09
N GLU X 36 -176.06 281.78 -128.16
CA GLU X 36 -175.44 282.49 -127.05
C GLU X 36 -176.39 283.58 -126.59
N THR X 37 -176.89 283.45 -125.36
CA THR X 37 -177.82 284.42 -124.82
C THR X 37 -177.08 285.65 -124.30
N SER X 38 -177.68 286.82 -124.50
CA SER X 38 -177.07 288.07 -124.05
C SER X 38 -178.20 289.00 -123.59
N PHE X 39 -178.11 289.45 -122.34
CA PHE X 39 -179.12 290.34 -121.78
C PHE X 39 -178.47 291.56 -121.14
N ASN X 40 -179.28 292.40 -120.48
CA ASN X 40 -178.78 293.59 -119.82
C ASN X 40 -179.55 293.80 -118.52
N LYS X 41 -178.81 294.04 -117.43
CA LYS X 41 -179.42 294.24 -116.11
C LYS X 41 -179.60 295.74 -115.91
N LYS X 42 -180.61 296.30 -116.57
CA LYS X 42 -180.91 297.72 -116.48
C LYS X 42 -182.41 297.92 -116.64
N GLU X 43 -182.86 299.14 -116.38
CA GLU X 43 -184.27 299.47 -116.50
C GLU X 43 -184.66 299.63 -117.96
N LYS X 44 -185.87 299.19 -118.29
CA LYS X 44 -186.41 299.27 -119.65
C LYS X 44 -185.49 298.57 -120.65
N SER X 45 -185.04 297.37 -120.27
CA SER X 45 -184.16 296.56 -121.10
C SER X 45 -184.40 295.09 -120.78
N GLU X 46 -185.61 294.62 -121.05
CA GLU X 46 -186.00 293.23 -120.80
C GLU X 46 -186.01 292.39 -122.08
N MET X 47 -185.12 292.68 -123.01
CA MET X 47 -185.03 291.95 -124.27
C MET X 47 -183.89 290.94 -124.22
N VAL X 48 -184.16 289.74 -124.72
CA VAL X 48 -183.19 288.65 -124.74
C VAL X 48 -182.66 288.54 -126.16
N PRO X 49 -181.36 288.79 -126.40
CA PRO X 49 -180.84 288.68 -127.78
C PRO X 49 -180.03 287.42 -127.98
N SER X 50 -180.59 286.45 -128.71
CA SER X 50 -179.90 285.20 -128.98
C SER X 50 -178.97 285.39 -130.17
N CYS X 51 -177.68 285.37 -129.90
CA CYS X 51 -176.63 285.53 -130.90
C CYS X 51 -175.85 284.24 -131.09
N PRO X 52 -174.94 284.22 -132.07
CA PRO X 52 -174.15 282.99 -132.30
C PRO X 52 -172.66 283.23 -132.20
N PHE X 53 -171.86 282.27 -132.64
CA PHE X 53 -170.41 282.39 -132.59
C PHE X 53 -169.88 282.93 -133.91
N ILE X 54 -168.65 282.54 -134.27
CA ILE X 54 -168.05 283.00 -135.52
C ILE X 54 -168.62 282.21 -136.69
N TYR X 55 -168.50 282.80 -137.88
CA TYR X 55 -169.01 282.16 -139.09
C TYR X 55 -168.10 281.05 -139.59
N ILE X 56 -166.81 281.09 -139.24
CA ILE X 56 -165.87 280.06 -139.68
C ILE X 56 -165.70 278.94 -138.66
N ILE X 57 -166.46 278.97 -137.56
CA ILE X 57 -166.39 277.95 -136.52
C ILE X 57 -167.75 277.33 -136.25
N ARG X 58 -168.82 278.10 -136.36
CA ARG X 58 -170.17 277.61 -136.11
C ARG X 58 -170.90 277.36 -137.43
N LYS X 59 -170.30 276.52 -138.27
CA LYS X 59 -170.86 276.18 -139.57
C LYS X 59 -171.95 275.14 -139.38
N ASP X 60 -173.20 275.57 -139.43
CA ASP X 60 -174.35 274.69 -139.27
C ASP X 60 -174.88 274.15 -140.59
N VAL X 61 -174.13 274.33 -141.68
CA VAL X 61 -174.57 273.85 -142.99
C VAL X 61 -174.30 272.35 -143.09
N ASP X 62 -175.14 271.66 -143.87
CA ASP X 62 -174.98 270.23 -144.05
C ASP X 62 -173.83 269.89 -144.99
N VAL X 63 -173.60 270.71 -146.01
CA VAL X 63 -172.53 270.45 -146.96
C VAL X 63 -171.17 270.58 -146.29
N TYR X 64 -171.00 271.59 -145.43
CA TYR X 64 -169.74 271.76 -144.73
C TYR X 64 -169.49 270.60 -143.76
N SER X 65 -170.53 270.15 -143.06
CA SER X 65 -170.39 269.02 -142.15
C SER X 65 -170.05 267.75 -142.92
N GLN X 66 -170.66 267.55 -144.08
CA GLN X 66 -170.35 266.37 -144.89
C GLN X 66 -168.92 266.43 -145.41
N ILE X 67 -168.45 267.61 -145.82
CA ILE X 67 -167.08 267.74 -146.29
C ILE X 67 -166.10 267.49 -145.16
N LEU X 68 -166.41 267.98 -143.96
CA LEU X 68 -165.53 267.74 -142.82
C LEU X 68 -165.50 266.26 -142.46
N ARG X 69 -166.65 265.59 -142.50
CA ARG X 69 -166.68 264.15 -142.22
C ARG X 69 -165.90 263.37 -143.26
N LYS X 70 -166.01 263.75 -144.53
CA LYS X 70 -165.25 263.08 -145.58
C LYS X 70 -163.76 263.30 -145.40
N LEU X 71 -163.35 264.51 -145.03
CA LEU X 71 -161.94 264.78 -144.78
C LEU X 71 -161.42 263.97 -143.60
N PHE X 72 -162.22 263.87 -142.53
CA PHE X 72 -161.81 263.08 -141.39
C PHE X 72 -161.69 261.60 -141.74
N ASN X 73 -162.64 261.09 -142.54
CA ASN X 73 -162.58 259.69 -142.95
C ASN X 73 -161.40 259.42 -143.87
N GLU X 74 -161.03 260.40 -144.71
CA GLU X 74 -159.87 260.24 -145.56
C GLU X 74 -158.55 260.37 -144.81
N SER X 75 -158.54 261.13 -143.71
CA SER X 75 -157.34 261.31 -142.91
C SER X 75 -157.12 260.21 -141.87
N HIS X 76 -158.18 259.59 -141.39
CA HIS X 76 -158.02 258.56 -140.36
C HIS X 76 -158.57 257.21 -140.76
N GLY X 77 -159.67 257.16 -141.53
CA GLY X 77 -160.27 255.89 -141.88
C GLY X 77 -159.50 255.15 -142.97
N ILE X 78 -158.91 255.90 -143.91
CA ILE X 78 -158.18 255.29 -145.01
C ILE X 78 -156.67 255.36 -144.83
N PHE X 79 -156.19 255.90 -143.71
CA PHE X 79 -154.75 256.01 -143.49
C PHE X 79 -154.24 254.88 -142.61
N LEU X 80 -154.94 254.60 -141.50
CA LEU X 80 -154.56 253.56 -140.55
C LEU X 80 -153.14 253.76 -140.03
N GLY X 81 -152.18 253.08 -140.64
CA GLY X 81 -150.79 253.17 -140.22
C GLY X 81 -149.98 254.27 -140.87
N LEU X 82 -150.50 254.92 -141.90
CA LEU X 82 -149.77 255.97 -142.61
C LEU X 82 -149.99 257.35 -142.00
N GLN X 83 -150.80 257.47 -140.95
CA GLN X 83 -151.06 258.76 -140.33
C GLN X 83 -149.95 259.21 -139.40
N ARG X 84 -149.02 258.33 -139.05
CA ARG X 84 -147.92 258.66 -138.16
C ARG X 84 -146.59 258.56 -138.90
N ILE X 85 -145.60 259.31 -138.42
CA ILE X 85 -144.27 259.31 -139.03
C ILE X 85 -143.53 258.06 -138.59
N ASP X 86 -143.04 257.29 -139.56
CA ASP X 86 -142.31 256.06 -139.31
C ASP X 86 -140.94 256.15 -139.96
N GLU X 87 -139.89 255.97 -139.15
CA GLU X 87 -138.52 256.01 -139.63
C GLU X 87 -138.06 254.60 -139.98
N GLU X 88 -137.61 254.42 -141.21
CA GLU X 88 -137.14 253.13 -141.69
C GLU X 88 -135.62 253.12 -141.81
N LEU X 89 -135.06 251.92 -141.84
CA LEU X 89 -133.62 251.75 -141.95
C LEU X 89 -133.17 251.97 -143.40
N THR X 90 -131.99 252.56 -143.54
CA THR X 90 -131.45 252.83 -144.88
C THR X 90 -130.80 251.59 -145.47
N GLY X 91 -130.00 250.87 -144.67
CA GLY X 91 -129.32 249.68 -145.15
C GLY X 91 -130.02 248.40 -144.75
N LYS X 92 -131.25 248.20 -145.22
CA LYS X 92 -132.03 247.02 -144.91
C LYS X 92 -132.85 246.63 -146.13
N SER X 93 -133.58 245.53 -146.02
CA SER X 93 -134.40 245.04 -147.11
C SER X 93 -135.76 245.73 -147.20
N ARG X 94 -136.12 246.51 -146.18
CA ARG X 94 -137.41 247.23 -146.17
C ARG X 94 -137.25 248.66 -146.65
N LYS X 95 -136.63 248.84 -147.82
CA LYS X 95 -136.43 250.16 -148.37
C LYS X 95 -137.68 250.72 -149.04
N SER X 96 -138.67 249.87 -149.33
CA SER X 96 -139.90 250.32 -149.97
C SER X 96 -140.90 250.90 -148.98
N GLN X 97 -140.65 250.80 -147.68
CA GLN X 97 -141.58 251.34 -146.69
C GLN X 97 -141.67 252.86 -146.80
N LEU X 98 -140.53 253.54 -146.99
CA LEU X 98 -140.55 254.99 -147.14
C LEU X 98 -141.29 255.41 -148.40
N VAL X 99 -141.09 254.67 -149.50
CA VAL X 99 -141.79 254.99 -150.73
C VAL X 99 -143.30 254.78 -150.57
N ARG X 100 -143.69 253.71 -149.87
CA ARG X 100 -145.11 253.46 -149.64
C ARG X 100 -145.72 254.54 -148.76
N VAL X 101 -144.98 254.98 -147.73
CA VAL X 101 -145.48 256.04 -146.87
C VAL X 101 -145.62 257.35 -147.64
N SER X 102 -144.65 257.65 -148.51
CA SER X 102 -144.75 258.86 -149.32
C SER X 102 -145.92 258.80 -150.29
N LYS X 103 -146.15 257.63 -150.90
CA LYS X 103 -147.28 257.49 -151.80
C LYS X 103 -148.61 257.63 -151.06
N ASN X 104 -148.69 257.06 -149.85
CA ASN X 104 -149.91 257.21 -149.06
C ASN X 104 -150.14 258.65 -148.66
N TYR X 105 -149.07 259.37 -148.29
CA TYR X 105 -149.21 260.78 -147.94
C TYR X 105 -149.65 261.61 -149.15
N ARG X 106 -149.09 261.31 -150.33
CA ARG X 106 -149.49 262.03 -151.53
C ARG X 106 -150.94 261.75 -151.88
N SER X 107 -151.39 260.49 -151.72
CA SER X 107 -152.79 260.17 -151.98
C SER X 107 -153.72 260.85 -151.01
N VAL X 108 -153.32 260.92 -149.73
CA VAL X 108 -154.13 261.61 -148.73
C VAL X 108 -154.21 263.10 -149.04
N ILE X 109 -153.10 263.70 -149.46
CA ILE X 109 -153.09 265.11 -149.80
C ILE X 109 -153.97 265.38 -151.01
N ARG X 110 -153.92 264.49 -152.01
CA ARG X 110 -154.77 264.66 -153.19
C ARG X 110 -156.24 264.52 -152.82
N ALA X 111 -156.58 263.55 -151.95
CA ALA X 111 -157.96 263.39 -151.53
C ALA X 111 -158.44 264.62 -150.75
N CYS X 112 -157.59 265.17 -149.88
CA CYS X 112 -157.96 266.37 -149.14
C CYS X 112 -158.16 267.56 -150.07
N MET X 113 -157.29 267.70 -151.08
CA MET X 113 -157.45 268.78 -152.04
C MET X 113 -158.74 268.63 -152.85
N GLU X 114 -159.06 267.40 -153.24
CA GLU X 114 -160.30 267.17 -153.98
C GLU X 114 -161.52 267.47 -153.11
N GLU X 115 -161.47 267.08 -151.84
CA GLU X 115 -162.58 267.36 -150.94
C GLU X 115 -162.74 268.86 -150.72
N MET X 116 -161.62 269.59 -150.58
CA MET X 116 -161.69 271.03 -150.43
C MET X 116 -162.24 271.70 -151.68
N HIS X 117 -161.84 271.22 -152.86
CA HIS X 117 -162.36 271.78 -154.10
C HIS X 117 -163.86 271.52 -154.23
N GLN X 118 -164.30 270.31 -153.85
CA GLN X 118 -165.73 270.01 -153.90
C GLN X 118 -166.52 270.86 -152.92
N VAL X 119 -165.97 271.08 -151.71
CA VAL X 119 -166.65 271.92 -150.73
C VAL X 119 -166.73 273.36 -151.23
N ALA X 120 -165.67 273.85 -151.87
CA ALA X 120 -165.69 275.20 -152.40
C ALA X 120 -166.70 275.33 -153.54
N ILE X 121 -166.77 274.32 -154.41
CA ILE X 121 -167.73 274.37 -155.51
C ILE X 121 -169.16 274.29 -154.99
N ALA X 122 -169.37 273.55 -153.90
CA ALA X 122 -170.72 273.47 -153.32
C ALA X 122 -171.09 274.76 -152.59
N ALA X 123 -170.13 275.43 -151.96
CA ALA X 123 -170.40 276.67 -151.25
C ALA X 123 -170.52 277.87 -152.18
N LYS X 124 -169.90 277.83 -153.35
CA LYS X 124 -169.99 278.94 -154.28
C LYS X 124 -171.38 279.08 -154.88
N ASP X 125 -172.21 278.03 -154.82
CA ASP X 125 -173.56 278.08 -155.36
C ASP X 125 -174.50 278.73 -154.36
N PRO X 126 -174.06 278.96 -153.12
CA PRO X 126 -174.93 279.58 -152.12
C PRO X 126 -174.85 281.10 -152.05
N ALA X 127 -174.33 281.76 -153.09
CA ALA X 127 -174.20 283.21 -153.13
C ALA X 127 -173.40 283.74 -151.93
N ASN X 128 -172.26 283.11 -151.67
CA ASN X 128 -171.40 283.50 -150.57
C ASN X 128 -170.13 284.17 -151.10
N GLY X 129 -169.63 285.13 -150.34
CA GLY X 129 -168.43 285.85 -150.73
C GLY X 129 -167.25 285.58 -149.82
N ARG X 130 -167.43 285.84 -148.52
CA ARG X 130 -166.35 285.61 -147.57
C ARG X 130 -166.02 284.14 -147.45
N GLN X 131 -167.04 283.28 -147.39
CA GLN X 131 -166.80 281.84 -147.30
C GLN X 131 -166.12 281.33 -148.57
N PHE X 132 -166.55 281.82 -149.74
CA PHE X 132 -165.92 281.40 -150.98
C PHE X 132 -164.46 281.85 -151.05
N SER X 133 -164.18 283.08 -150.60
CA SER X 133 -162.80 283.55 -150.60
C SER X 133 -161.95 282.74 -149.63
N SER X 134 -162.50 282.39 -148.45
CA SER X 134 -161.75 281.58 -147.51
C SER X 134 -161.48 280.19 -148.07
N GLN X 135 -162.47 279.60 -148.75
CA GLN X 135 -162.27 278.29 -149.35
C GLN X 135 -161.23 278.34 -150.46
N VAL X 136 -161.25 279.40 -151.27
CA VAL X 136 -160.26 279.54 -152.33
C VAL X 136 -158.86 279.72 -151.76
N SER X 137 -158.75 280.50 -150.68
CA SER X 137 -157.44 280.68 -150.04
C SER X 137 -156.94 279.37 -149.43
N ILE X 138 -157.84 278.59 -148.81
CA ILE X 138 -157.44 277.31 -148.24
C ILE X 138 -157.00 276.36 -149.34
N LEU X 139 -157.70 276.34 -150.47
CA LEU X 139 -157.31 275.48 -151.58
C LEU X 139 -155.96 275.90 -152.16
N SER X 140 -155.73 277.21 -152.29
CA SER X 140 -154.45 277.68 -152.78
C SER X 140 -153.31 277.32 -151.83
N ALA X 141 -153.55 277.46 -150.52
CA ALA X 141 -152.53 277.09 -149.54
C ALA X 141 -152.24 275.59 -149.58
N MET X 142 -153.28 274.77 -149.72
CA MET X 142 -153.08 273.33 -149.81
C MET X 142 -152.31 272.96 -151.07
N GLU X 143 -152.62 273.61 -152.20
CA GLU X 143 -151.89 273.34 -153.43
C GLU X 143 -150.43 273.75 -153.30
N LEU X 144 -150.17 274.90 -152.68
CA LEU X 144 -148.79 275.33 -152.48
C LEU X 144 -148.03 274.38 -151.57
N ILE X 145 -148.68 273.90 -150.50
CA ILE X 145 -148.04 272.96 -149.60
C ILE X 145 -147.75 271.64 -150.31
N TRP X 146 -148.67 271.18 -151.14
CA TRP X 146 -148.46 269.94 -151.88
C TRP X 146 -147.34 270.10 -152.91
N ASN X 147 -147.23 271.28 -153.52
CA ASN X 147 -146.17 271.51 -154.50
C ASN X 147 -144.82 271.67 -153.84
N LEU X 148 -144.78 272.20 -152.61
CA LEU X 148 -143.53 272.41 -151.91
C LEU X 148 -143.08 271.21 -151.08
N CYS X 149 -143.98 270.27 -150.81
CA CYS X 149 -143.63 269.09 -150.00
C CYS X 149 -143.86 267.81 -150.77
N GLU X 150 -145.08 267.28 -150.71
CA GLU X 150 -145.42 266.01 -151.36
C GLU X 150 -145.49 266.21 -152.87
N ILE X 151 -144.32 266.26 -153.50
CA ILE X 151 -144.23 266.44 -154.93
C ILE X 151 -142.93 265.81 -155.43
N LEU X 152 -141.85 265.97 -154.66
CA LEU X 152 -140.55 265.42 -155.00
C LEU X 152 -139.97 264.59 -153.87
N PHE X 153 -140.79 264.19 -152.90
CA PHE X 153 -140.29 263.37 -151.79
C PHE X 153 -140.08 261.93 -152.21
N ILE X 154 -141.05 261.35 -152.90
CA ILE X 154 -140.95 259.96 -153.35
C ILE X 154 -140.03 259.85 -154.56
N GLU X 155 -140.15 260.78 -155.50
CA GLU X 155 -139.31 260.77 -156.71
C GLU X 155 -139.10 262.21 -157.16
N VAL X 156 -137.86 262.68 -157.10
CA VAL X 156 -137.54 264.04 -157.51
C VAL X 156 -137.33 264.18 -159.01
N ALA X 157 -137.53 263.11 -159.78
CA ALA X 157 -137.35 263.16 -161.22
C ALA X 157 -138.65 263.57 -161.90
N PRO X 158 -139.76 263.58 -161.18
CA PRO X 158 -141.03 263.97 -161.80
C PRO X 158 -141.16 265.48 -161.97
N ALA X 159 -140.72 265.99 -163.12
CA ALA X 159 -140.79 267.43 -163.38
C ALA X 159 -142.16 267.85 -163.90
N GLY X 160 -142.82 266.99 -164.68
CA GLY X 160 -144.11 267.30 -165.24
C GLY X 160 -145.17 267.48 -164.17
N PRO X 161 -145.19 266.59 -163.18
CA PRO X 161 -146.17 266.75 -162.09
C PRO X 161 -145.92 267.99 -161.26
N LEU X 162 -144.65 268.31 -160.97
CA LEU X 162 -144.36 269.53 -160.23
C LEU X 162 -144.75 270.77 -161.02
N LEU X 163 -144.50 270.76 -162.33
CA LEU X 163 -144.89 271.90 -163.16
C LEU X 163 -146.41 272.05 -163.21
N LEU X 164 -147.13 270.93 -163.31
CA LEU X 164 -148.59 270.99 -163.31
C LEU X 164 -149.12 271.51 -161.98
N HIS X 165 -148.52 271.06 -160.88
CA HIS X 165 -148.95 271.55 -159.56
C HIS X 165 -148.67 273.04 -159.41
N LEU X 166 -147.51 273.50 -159.89
CA LEU X 166 -147.20 274.92 -159.81
C LEU X 166 -148.15 275.74 -160.67
N LEU X 167 -148.49 275.25 -161.86
CA LEU X 167 -149.45 275.95 -162.72
C LEU X 167 -150.82 276.01 -162.07
N ASP X 168 -151.26 274.91 -161.47
CA ASP X 168 -152.56 274.89 -160.79
C ASP X 168 -152.57 275.86 -159.61
N TRP X 169 -151.47 275.91 -158.85
CA TRP X 169 -151.39 276.84 -157.73
C TRP X 169 -151.40 278.29 -158.20
N VAL X 170 -150.69 278.58 -159.30
CA VAL X 170 -150.68 279.94 -159.81
C VAL X 170 -152.04 280.33 -160.37
N ARG X 171 -152.78 279.36 -160.92
CA ARG X 171 -154.11 279.66 -161.43
C ARG X 171 -155.14 279.83 -160.31
N LEU X 172 -155.00 279.08 -159.24
CA LEU X 172 -155.92 279.17 -158.11
C LEU X 172 -155.58 280.28 -157.13
N HIS X 173 -154.38 280.85 -157.22
CA HIS X 173 -153.98 281.93 -156.33
C HIS X 173 -154.77 283.20 -156.63
N VAL X 174 -154.36 283.94 -157.65
CA VAL X 174 -155.02 285.18 -158.04
C VAL X 174 -155.68 284.97 -159.40
N CYS X 175 -156.61 285.87 -159.72
CA CYS X 175 -157.34 285.82 -160.98
C CYS X 175 -156.65 286.61 -162.10
N GLU X 176 -155.46 287.14 -161.85
CA GLU X 176 -154.74 287.89 -162.86
C GLU X 176 -154.10 286.95 -163.87
N VAL X 177 -154.31 287.21 -165.15
CA VAL X 177 -155.14 288.34 -165.60
C VAL X 177 -156.50 287.85 -166.05
N ASP X 178 -157.54 288.62 -165.73
CA ASP X 178 -158.90 288.26 -166.11
C ASP X 178 -159.28 288.91 -167.44
N SER X 179 -159.85 290.10 -167.39
CA SER X 179 -160.27 290.82 -168.59
C SER X 179 -159.24 291.87 -168.99
N LEU X 180 -157.98 291.45 -169.15
CA LEU X 180 -156.93 292.38 -169.54
C LEU X 180 -156.86 292.55 -171.06
N SER X 181 -157.13 291.47 -171.80
CA SER X 181 -157.09 291.57 -173.27
C SER X 181 -158.23 292.41 -173.81
N ALA X 182 -159.40 292.37 -173.16
CA ALA X 182 -160.53 293.18 -173.60
C ALA X 182 -160.41 294.63 -173.18
N ASP X 183 -159.47 294.95 -172.28
CA ASP X 183 -159.28 296.32 -171.82
C ASP X 183 -158.05 296.99 -172.44
N VAL X 184 -157.02 296.23 -172.78
CA VAL X 184 -155.81 296.78 -173.38
C VAL X 184 -156.01 296.88 -174.89
N LEU X 185 -156.33 295.75 -175.52
CA LEU X 185 -156.54 295.71 -176.96
C LEU X 185 -157.94 296.23 -177.29
N GLY X 186 -158.00 297.25 -178.14
CA GLY X 186 -159.27 297.83 -178.52
C GLY X 186 -159.47 297.88 -180.02
N SER X 187 -158.82 296.97 -180.74
CA SER X 187 -158.90 296.87 -182.20
C SER X 187 -158.48 298.20 -182.85
N GLU X 188 -157.20 298.50 -182.72
CA GLU X 188 -156.63 299.72 -183.29
C GLU X 188 -155.47 299.40 -184.21
N ASN X 189 -154.63 300.39 -184.50
CA ASN X 189 -153.48 300.22 -185.38
C ASN X 189 -152.30 301.00 -184.80
N PRO X 190 -151.43 300.34 -184.03
CA PRO X 190 -151.52 298.90 -183.71
C PRO X 190 -151.42 298.64 -182.21
N SER X 191 -150.86 297.49 -181.85
CA SER X 191 -150.69 297.08 -180.46
C SER X 191 -149.20 296.95 -180.15
N LYS X 192 -148.49 298.09 -180.24
CA LYS X 192 -147.05 298.13 -179.97
C LYS X 192 -146.72 298.90 -178.70
N HIS X 193 -147.70 299.05 -177.80
CA HIS X 193 -147.48 299.76 -176.56
C HIS X 193 -146.95 298.83 -175.48
N ASP X 194 -146.67 299.38 -174.31
CA ASP X 194 -146.14 298.58 -173.20
C ASP X 194 -147.21 297.73 -172.54
N SER X 195 -148.49 298.09 -172.67
CA SER X 195 -149.55 297.31 -172.05
C SER X 195 -149.65 295.91 -172.67
N PHE X 196 -149.56 295.83 -174.00
CA PHE X 196 -149.61 294.53 -174.65
C PHE X 196 -148.40 293.67 -174.27
N TRP X 197 -147.22 294.27 -174.20
CA TRP X 197 -146.03 293.52 -173.80
C TRP X 197 -146.16 293.02 -172.36
N ASN X 198 -146.70 293.86 -171.46
CA ASN X 198 -146.88 293.44 -170.08
C ASN X 198 -147.90 292.31 -169.98
N LEU X 199 -148.99 292.41 -170.75
CA LEU X 199 -150.00 291.35 -170.74
C LEU X 199 -149.46 290.05 -171.31
N VAL X 200 -148.58 290.13 -172.31
CA VAL X 200 -147.99 288.92 -172.86
C VAL X 200 -147.00 288.31 -171.88
N THR X 201 -146.24 289.16 -171.18
CA THR X 201 -145.27 288.65 -170.20
C THR X 201 -145.98 288.00 -169.02
N ILE X 202 -147.08 288.61 -168.56
CA ILE X 202 -147.83 288.04 -167.44
C ILE X 202 -148.48 286.72 -167.83
N LEU X 203 -148.82 286.55 -169.11
CA LEU X 203 -149.42 285.30 -169.56
C LEU X 203 -148.36 284.22 -169.76
N VAL X 204 -147.17 284.61 -170.24
CA VAL X 204 -146.10 283.64 -170.44
C VAL X 204 -145.40 283.27 -169.14
N LEU X 205 -145.49 284.10 -168.11
CA LEU X 205 -144.85 283.79 -166.84
C LEU X 205 -145.62 282.75 -166.05
N GLN X 206 -146.94 282.72 -166.17
CA GLN X 206 -147.78 281.77 -165.46
C GLN X 206 -147.95 280.44 -166.19
N GLY X 207 -147.19 280.23 -167.27
CA GLY X 207 -147.28 279.00 -168.03
C GLY X 207 -148.44 278.91 -168.99
N ARG X 208 -149.23 279.98 -169.13
CA ARG X 208 -150.38 279.99 -170.04
C ARG X 208 -149.87 280.26 -171.46
N LEU X 209 -149.48 279.17 -172.12
CA LEU X 209 -148.98 279.30 -173.49
C LEU X 209 -150.11 279.55 -174.48
N ASP X 210 -151.28 278.97 -174.23
CA ASP X 210 -152.41 279.15 -175.15
C ASP X 210 -152.86 280.61 -175.18
N GLU X 211 -152.95 281.25 -174.01
CA GLU X 211 -153.35 282.66 -173.96
C GLU X 211 -152.31 283.54 -174.62
N ALA X 212 -151.03 283.25 -174.41
CA ALA X 212 -149.97 284.04 -175.04
C ALA X 212 -149.96 283.87 -176.55
N ARG X 213 -150.29 282.67 -177.04
CA ARG X 213 -150.35 282.45 -178.48
C ARG X 213 -151.60 283.10 -179.09
N GLN X 214 -152.70 283.13 -178.35
CA GLN X 214 -153.92 283.74 -178.86
C GLN X 214 -153.85 285.27 -178.84
N MET X 215 -153.15 285.85 -177.86
CA MET X 215 -153.03 287.30 -177.81
C MET X 215 -152.06 287.83 -178.85
N LEU X 216 -151.11 287.00 -179.28
CA LEU X 216 -150.13 287.43 -180.28
C LEU X 216 -150.65 287.27 -181.71
N SER X 217 -151.72 286.50 -181.91
CA SER X 217 -152.29 286.28 -183.23
C SER X 217 -153.48 287.18 -183.52
N LYS X 218 -153.82 288.09 -182.60
CA LYS X 218 -154.94 288.99 -182.79
C LYS X 218 -154.56 290.23 -183.58
N GLU X 219 -153.51 290.93 -183.16
CA GLU X 219 -153.04 292.12 -183.85
C GLU X 219 -151.54 292.26 -183.61
N ALA X 220 -150.75 291.99 -184.65
CA ALA X 220 -149.30 292.07 -184.55
C ALA X 220 -148.73 292.37 -185.92
N ASP X 221 -147.92 293.42 -186.01
CA ASP X 221 -147.31 293.82 -187.27
C ASP X 221 -146.15 292.87 -187.56
N ALA X 222 -146.37 291.95 -188.51
CA ALA X 222 -145.36 290.96 -188.89
C ALA X 222 -144.57 291.52 -190.07
N SER X 223 -143.43 292.14 -189.77
CA SER X 223 -142.57 292.71 -190.80
C SER X 223 -141.57 291.66 -191.26
N PRO X 224 -140.41 292.08 -191.77
CA PRO X 224 -139.41 291.11 -192.23
C PRO X 224 -138.39 290.81 -191.14
N ALA X 225 -137.43 289.94 -191.49
CA ALA X 225 -136.35 289.54 -190.59
C ALA X 225 -136.85 288.93 -189.30
N SER X 226 -137.48 289.75 -188.45
CA SER X 226 -137.97 289.27 -187.16
C SER X 226 -139.17 288.34 -187.27
N ALA X 227 -139.72 288.16 -188.47
CA ALA X 227 -140.86 287.26 -188.64
C ALA X 227 -140.48 285.82 -188.33
N GLY X 228 -139.31 285.38 -188.81
CA GLY X 228 -138.86 284.03 -188.51
C GLY X 228 -138.61 283.81 -187.03
N ILE X 229 -138.01 284.80 -186.37
CA ILE X 229 -137.77 284.68 -184.93
C ILE X 229 -139.08 284.64 -184.16
N CYS X 230 -140.05 285.47 -184.56
CA CYS X 230 -141.35 285.46 -183.89
C CYS X 230 -142.09 284.15 -184.13
N ARG X 231 -141.93 283.55 -185.30
CA ARG X 231 -142.57 282.27 -185.56
C ARG X 231 -141.89 281.15 -184.77
N ILE X 232 -140.56 281.19 -184.66
CA ILE X 232 -139.85 280.17 -183.90
C ILE X 232 -140.19 280.27 -182.41
N MET X 233 -140.30 281.50 -181.89
CA MET X 233 -140.67 281.66 -180.50
C MET X 233 -142.08 281.13 -180.23
N GLY X 234 -143.02 281.42 -181.14
CA GLY X 234 -144.37 280.89 -180.98
C GLY X 234 -144.41 279.38 -181.05
N ASP X 235 -143.64 278.79 -181.96
CA ASP X 235 -143.59 277.33 -182.06
C ASP X 235 -142.99 276.71 -180.81
N LEU X 236 -141.93 277.33 -180.27
CA LEU X 236 -141.34 276.81 -179.04
C LEU X 236 -142.27 276.97 -177.84
N MET X 237 -143.05 278.04 -177.81
CA MET X 237 -144.02 278.22 -176.72
C MET X 237 -145.18 277.25 -176.84
N ARG X 238 -145.61 276.94 -178.06
CA ARG X 238 -146.70 276.00 -178.25
C ARG X 238 -146.27 274.55 -177.97
N THR X 239 -145.05 274.19 -178.38
CA THR X 239 -144.53 272.85 -178.16
C THR X 239 -143.50 272.85 -177.03
N MET X 240 -143.97 273.20 -175.83
CA MET X 240 -143.12 273.24 -174.67
C MET X 240 -143.02 271.86 -174.02
N PRO X 241 -141.89 271.56 -173.38
CA PRO X 241 -141.75 270.24 -172.74
C PRO X 241 -142.32 270.21 -171.33
N ILE X 242 -143.15 269.22 -171.04
CA ILE X 242 -143.76 269.09 -169.72
C ILE X 242 -143.71 267.63 -169.28
N LEU X 243 -142.68 266.91 -169.71
CA LEU X 243 -142.52 265.50 -169.37
C LEU X 243 -141.03 265.18 -169.40
N SER X 244 -140.46 264.86 -168.25
CA SER X 244 -139.05 264.53 -168.12
C SER X 244 -138.89 263.39 -167.12
N PRO X 245 -137.86 262.57 -167.28
CA PRO X 245 -137.65 261.46 -166.34
C PRO X 245 -136.17 261.20 -166.08
N GLY X 246 -135.85 260.83 -164.84
CA GLY X 246 -134.48 260.54 -164.46
C GLY X 246 -133.98 259.15 -164.76
N ASN X 247 -134.84 258.28 -165.29
CA ASN X 247 -134.44 256.91 -165.61
C ASN X 247 -133.57 256.83 -166.87
N THR X 248 -133.58 257.86 -167.71
CA THR X 248 -132.78 257.86 -168.93
C THR X 248 -132.40 259.29 -169.27
N GLN X 249 -131.28 259.43 -169.98
CA GLN X 249 -130.78 260.73 -170.39
C GLN X 249 -131.50 261.29 -171.61
N THR X 250 -132.34 260.49 -172.27
CA THR X 250 -133.05 260.97 -173.45
C THR X 250 -134.03 262.09 -173.10
N LEU X 251 -134.73 261.95 -171.98
CA LEU X 251 -135.66 262.99 -171.56
C LEU X 251 -134.93 264.28 -171.21
N THR X 252 -133.78 264.16 -170.52
CA THR X 252 -133.00 265.35 -170.20
C THR X 252 -132.46 266.02 -171.46
N GLU X 253 -132.02 265.22 -172.44
CA GLU X 253 -131.54 265.78 -173.69
C GLU X 253 -132.65 266.49 -174.44
N LEU X 254 -133.85 265.88 -174.48
CA LEU X 254 -134.97 266.52 -175.16
C LEU X 254 -135.42 267.79 -174.44
N GLU X 255 -135.29 267.84 -173.12
CA GLU X 255 -135.65 269.05 -172.38
C GLU X 255 -134.61 270.14 -172.61
N LEU X 256 -133.33 269.78 -172.67
CA LEU X 256 -132.29 270.77 -172.90
C LEU X 256 -132.25 271.25 -174.34
N LYS X 257 -132.74 270.45 -175.29
CA LYS X 257 -132.76 270.87 -176.68
C LYS X 257 -133.67 272.07 -176.88
N TRP X 258 -134.79 272.12 -176.16
CA TRP X 258 -135.69 273.26 -176.27
C TRP X 258 -135.02 274.54 -175.78
N GLN X 259 -134.32 274.46 -174.64
CA GLN X 259 -133.62 275.62 -174.12
C GLN X 259 -132.49 276.05 -175.06
N HIS X 260 -131.79 275.08 -175.65
CA HIS X 260 -130.73 275.41 -176.59
C HIS X 260 -131.29 276.11 -177.83
N TRP X 261 -132.42 275.61 -178.35
CA TRP X 261 -133.05 276.26 -179.50
C TRP X 261 -133.55 277.66 -179.16
N HIS X 262 -134.10 277.83 -177.94
CA HIS X 262 -134.54 279.15 -177.53
C HIS X 262 -133.37 280.11 -177.42
N GLU X 263 -132.24 279.66 -176.86
CA GLU X 263 -131.06 280.51 -176.76
C GLU X 263 -130.51 280.86 -178.14
N GLU X 264 -130.51 279.89 -179.05
CA GLU X 264 -130.04 280.16 -180.41
C GLU X 264 -130.94 281.17 -181.11
N CYS X 265 -132.26 281.04 -180.94
CA CYS X 265 -133.18 282.00 -181.54
C CYS X 265 -133.00 283.39 -180.94
N GLU X 266 -132.79 283.46 -179.63
CA GLU X 266 -132.55 284.75 -178.99
C GLU X 266 -131.27 285.40 -179.50
N ARG X 267 -130.21 284.59 -179.66
CA ARG X 267 -128.95 285.13 -180.18
C ARG X 267 -129.11 285.60 -181.63
N TYR X 268 -129.85 284.84 -182.44
CA TYR X 268 -130.06 285.23 -183.82
C TYR X 268 -130.90 286.50 -183.91
N LEU X 269 -131.87 286.67 -183.02
CA LEU X 269 -132.68 287.88 -183.03
C LEU X 269 -131.89 289.09 -182.51
N GLN X 270 -130.97 288.87 -181.57
CA GLN X 270 -130.17 289.97 -181.06
C GLN X 270 -129.09 290.39 -182.05
N ASP X 271 -128.54 289.43 -182.80
CA ASP X 271 -127.49 289.71 -183.78
C ASP X 271 -128.14 289.60 -185.17
N SER X 272 -128.88 290.64 -185.55
CA SER X 272 -129.53 290.67 -186.84
C SER X 272 -129.71 292.11 -187.33
N THR X 273 -130.85 292.40 -187.95
CA THR X 273 -131.15 293.73 -188.46
C THR X 273 -132.66 293.96 -188.42
N PHE X 274 -133.19 294.09 -187.20
CA PHE X 274 -134.61 294.32 -186.98
C PHE X 274 -134.82 295.68 -186.33
N ALA X 275 -135.98 296.29 -186.61
CA ALA X 275 -136.29 297.60 -186.04
C ALA X 275 -136.63 297.48 -184.56
N THR X 276 -137.79 296.89 -184.26
CA THR X 276 -138.22 296.71 -182.87
C THR X 276 -137.37 295.64 -182.21
N SER X 277 -136.44 296.04 -181.36
CA SER X 277 -135.55 295.11 -180.69
C SER X 277 -135.80 295.13 -179.18
N PRO X 278 -136.23 296.26 -178.62
CA PRO X 278 -136.44 296.31 -177.17
C PRO X 278 -137.51 295.36 -176.67
N HIS X 279 -138.53 295.08 -177.49
CA HIS X 279 -139.56 294.12 -177.11
C HIS X 279 -139.19 292.69 -177.52
N LEU X 280 -138.56 292.53 -178.69
CA LEU X 280 -138.19 291.20 -179.15
C LEU X 280 -137.15 290.57 -178.24
N GLU X 281 -136.13 291.33 -177.85
CA GLU X 281 -135.11 290.79 -176.96
C GLU X 281 -135.70 290.46 -175.59
N SER X 282 -136.60 291.30 -175.10
CA SER X 282 -137.24 291.01 -173.81
C SER X 282 -138.08 289.75 -173.88
N LEU X 283 -138.85 289.57 -174.96
CA LEU X 283 -139.64 288.36 -175.11
C LEU X 283 -138.76 287.13 -175.24
N LEU X 284 -137.64 287.25 -175.97
CA LEU X 284 -136.73 286.11 -176.10
C LEU X 284 -136.09 285.75 -174.76
N LYS X 285 -135.71 286.76 -173.97
CA LYS X 285 -135.13 286.49 -172.66
C LYS X 285 -136.15 285.91 -171.69
N ILE X 286 -137.42 286.32 -171.82
CA ILE X 286 -138.45 285.78 -170.95
C ILE X 286 -138.79 284.34 -171.34
N MET X 287 -138.72 284.02 -172.63
CA MET X 287 -139.03 282.68 -173.08
C MET X 287 -137.88 281.71 -172.84
N LEU X 288 -136.64 282.16 -172.98
CA LEU X 288 -135.48 281.30 -172.77
C LEU X 288 -135.21 281.10 -171.28
N GLY X 289 -134.27 281.87 -170.73
CA GLY X 289 -133.93 281.76 -169.34
C GLY X 289 -132.98 282.84 -168.86
N ASP X 290 -133.51 284.03 -168.61
CA ASP X 290 -132.72 285.17 -168.15
C ASP X 290 -133.19 285.70 -166.81
N GLU X 291 -134.04 284.96 -166.10
CA GLU X 291 -134.54 285.41 -164.81
C GLU X 291 -133.56 285.16 -163.68
N ALA X 292 -132.47 284.42 -163.93
CA ALA X 292 -131.50 284.17 -162.87
C ALA X 292 -130.65 285.40 -162.58
N ALA X 293 -130.51 286.30 -163.55
CA ALA X 293 -129.73 287.52 -163.39
C ALA X 293 -130.58 288.72 -163.00
N LEU X 294 -131.91 288.55 -162.93
CA LEU X 294 -132.83 289.63 -162.56
C LEU X 294 -132.66 290.84 -163.46
N LEU X 295 -133.16 290.75 -164.69
CA LEU X 295 -133.07 291.85 -165.63
C LEU X 295 -134.20 291.78 -166.66
N GLU X 296 -134.76 290.59 -166.87
CA GLU X 296 -135.83 290.39 -167.83
C GLU X 296 -137.15 290.09 -167.12
N GLN X 297 -137.28 288.92 -166.49
CA GLN X 297 -138.52 288.56 -165.80
C GLN X 297 -138.67 289.25 -164.46
N LYS X 298 -137.61 289.89 -163.95
CA LYS X 298 -137.73 290.58 -162.65
C LYS X 298 -138.50 291.88 -162.78
N GLU X 299 -138.46 292.52 -163.95
CA GLU X 299 -139.17 293.78 -164.16
C GLU X 299 -140.51 293.60 -164.86
N LEU X 300 -140.79 292.42 -165.41
CA LEU X 300 -142.04 292.14 -166.09
C LEU X 300 -143.01 291.34 -165.22
N LEU X 301 -142.77 291.27 -163.92
CA LEU X 301 -143.62 290.54 -162.99
C LEU X 301 -144.32 291.51 -162.04
N SER X 302 -145.46 291.07 -161.52
CA SER X 302 -146.25 291.88 -160.61
C SER X 302 -146.27 291.33 -159.18
N ASN X 303 -145.75 290.13 -158.95
CA ASN X 303 -145.71 289.52 -157.63
C ASN X 303 -144.43 288.71 -157.49
N TRP X 304 -144.25 288.10 -156.32
CA TRP X 304 -143.08 287.29 -156.05
C TRP X 304 -143.29 285.83 -156.45
N TYR X 305 -144.48 285.28 -156.21
CA TYR X 305 -144.75 283.89 -156.56
C TYR X 305 -144.73 283.69 -158.08
N HIS X 306 -145.35 284.63 -158.82
CA HIS X 306 -145.34 284.52 -160.27
C HIS X 306 -143.93 284.65 -160.83
N PHE X 307 -143.13 285.56 -160.26
CA PHE X 307 -141.75 285.71 -160.71
C PHE X 307 -140.93 284.46 -160.42
N LEU X 308 -141.14 283.86 -159.25
CA LEU X 308 -140.42 282.63 -158.92
C LEU X 308 -140.84 281.48 -159.84
N VAL X 309 -142.13 281.39 -160.15
CA VAL X 309 -142.60 280.34 -161.07
C VAL X 309 -142.01 280.55 -162.45
N THR X 310 -141.97 281.80 -162.92
CA THR X 310 -141.38 282.07 -164.23
C THR X 310 -139.90 281.73 -164.25
N ARG X 311 -139.18 282.06 -163.17
CA ARG X 311 -137.76 281.74 -163.11
C ARG X 311 -137.53 280.24 -163.10
N LEU X 312 -138.36 279.50 -162.35
CA LEU X 312 -138.22 278.05 -162.31
C LEU X 312 -138.57 277.41 -163.65
N LEU X 313 -139.51 278.00 -164.39
CA LEU X 313 -139.88 277.46 -165.69
C LEU X 313 -138.87 277.81 -166.77
N TYR X 314 -138.19 278.95 -166.64
CA TYR X 314 -137.21 279.38 -167.64
C TYR X 314 -135.83 278.78 -167.37
N SER X 315 -135.22 279.15 -166.24
CA SER X 315 -133.88 278.67 -165.93
C SER X 315 -133.92 277.27 -165.33
N ASN X 316 -133.28 277.08 -164.18
CA ASN X 316 -133.24 275.78 -163.55
C ASN X 316 -134.60 275.45 -162.94
N PRO X 317 -135.09 274.21 -163.07
CA PRO X 317 -136.39 273.87 -162.48
C PRO X 317 -136.25 273.03 -161.22
N THR X 318 -135.10 273.12 -160.57
CA THR X 318 -134.84 272.37 -159.34
C THR X 318 -135.24 273.20 -158.12
N VAL X 319 -135.34 272.50 -156.98
CA VAL X 319 -135.71 273.15 -155.73
C VAL X 319 -134.51 273.65 -154.93
N LYS X 320 -133.31 273.56 -155.49
CA LYS X 320 -132.11 274.02 -154.81
C LYS X 320 -131.97 275.53 -154.95
N PRO X 321 -132.56 276.12 -155.98
CA PRO X 321 -132.45 277.58 -156.16
C PRO X 321 -133.69 278.32 -155.68
N ILE X 322 -134.51 277.65 -154.88
CA ILE X 322 -135.73 278.28 -154.38
C ILE X 322 -135.39 279.41 -153.41
N ASP X 323 -134.38 279.21 -152.57
CA ASP X 323 -133.98 280.25 -151.63
C ASP X 323 -133.41 281.47 -152.34
N LEU X 324 -132.78 281.26 -153.50
CA LEU X 324 -132.24 282.39 -154.26
C LEU X 324 -133.32 283.07 -155.09
N HIS X 325 -134.30 282.32 -155.58
CA HIS X 325 -135.38 282.91 -156.37
C HIS X 325 -136.40 283.63 -155.49
N TYR X 326 -136.55 283.20 -154.23
CA TYR X 326 -137.51 283.86 -153.35
C TYR X 326 -137.00 285.21 -152.87
N TYR X 327 -135.68 285.37 -152.74
CA TYR X 327 -135.09 286.63 -152.30
C TYR X 327 -134.88 287.53 -153.50
N ALA X 328 -135.47 288.72 -153.47
CA ALA X 328 -135.39 289.71 -154.52
C ALA X 328 -134.69 290.96 -153.98
N GLN X 329 -135.07 292.13 -154.50
CA GLN X 329 -134.48 293.38 -154.07
C GLN X 329 -135.31 294.03 -152.98
N SER X 330 -135.46 295.35 -153.03
CA SER X 330 -136.23 296.11 -152.05
C SER X 330 -137.65 296.42 -152.53
N SER X 331 -137.77 296.94 -153.76
CA SER X 331 -139.09 297.27 -154.29
C SER X 331 -139.93 296.02 -154.50
N LEU X 332 -139.32 294.95 -155.02
CA LEU X 332 -140.05 293.70 -155.21
C LEU X 332 -140.49 293.11 -153.88
N ASP X 333 -139.63 293.17 -152.87
CA ASP X 333 -140.01 292.67 -151.55
C ASP X 333 -141.12 293.50 -150.94
N LEU X 334 -141.07 294.81 -151.10
CA LEU X 334 -142.14 295.66 -150.59
C LEU X 334 -143.45 295.38 -151.29
N PHE X 335 -143.41 295.17 -152.61
CA PHE X 335 -144.63 294.85 -153.35
C PHE X 335 -145.19 293.51 -152.92
N LEU X 336 -144.33 292.52 -152.72
CA LEU X 336 -144.78 291.21 -152.25
C LEU X 336 -145.41 291.30 -150.86
N GLY X 337 -144.80 292.08 -149.98
CA GLY X 337 -145.37 292.27 -148.65
C GLY X 337 -146.71 292.98 -148.69
N GLY X 338 -146.83 294.01 -149.52
CA GLY X 338 -148.11 294.70 -149.66
C GLY X 338 -149.19 293.83 -150.26
N GLU X 339 -148.82 292.94 -151.18
CA GLU X 339 -149.79 292.02 -151.76
C GLU X 339 -150.18 290.92 -150.78
N SER X 340 -149.25 290.49 -149.93
CA SER X 340 -149.57 289.45 -148.95
C SER X 340 -150.36 290.00 -147.77
N SER X 341 -150.19 291.29 -147.45
CA SER X 341 -150.93 291.90 -146.35
C SER X 341 -152.41 292.02 -146.70
N PRO X 342 -152.76 292.04 -147.99
CA PRO X 342 -154.17 292.14 -148.37
C PRO X 342 -154.91 290.82 -148.20
N GLU X 343 -154.45 289.79 -148.92
CA GLU X 343 -155.06 288.47 -148.86
C GLU X 343 -154.18 287.51 -148.08
N PRO X 344 -154.71 286.82 -147.08
CA PRO X 344 -153.88 285.88 -146.29
C PRO X 344 -153.64 284.56 -147.00
N LEU X 345 -152.73 284.59 -147.98
CA LEU X 345 -152.41 283.39 -148.76
C LEU X 345 -150.99 283.49 -149.30
N ASP X 346 -150.61 284.67 -149.80
CA ASP X 346 -149.27 284.85 -150.35
C ASP X 346 -148.21 284.72 -149.26
N ASN X 347 -148.47 285.30 -148.09
CA ASN X 347 -147.52 285.19 -146.98
C ASN X 347 -147.38 283.74 -146.51
N ILE X 348 -148.50 283.01 -146.44
CA ILE X 348 -148.45 281.61 -146.03
C ILE X 348 -147.67 280.79 -147.05
N LEU X 349 -147.89 281.07 -148.34
CA LEU X 349 -147.17 280.34 -149.38
C LEU X 349 -145.67 280.64 -149.33
N LEU X 350 -145.31 281.90 -149.09
CA LEU X 350 -143.90 282.26 -148.99
C LEU X 350 -143.25 281.65 -147.75
N ALA X 351 -144.00 281.52 -146.67
CA ALA X 351 -143.46 280.90 -145.46
C ALA X 351 -143.31 279.39 -145.64
N ALA X 352 -144.25 278.76 -146.35
CA ALA X 352 -144.15 277.33 -146.58
C ALA X 352 -143.06 276.99 -147.60
N PHE X 353 -142.82 277.87 -148.56
CA PHE X 353 -141.79 277.64 -149.56
C PHE X 353 -140.39 277.94 -149.04
N GLU X 354 -140.26 278.55 -147.86
CA GLU X 354 -138.96 278.86 -147.27
C GLU X 354 -138.58 277.88 -146.17
N PHE X 355 -138.99 276.61 -146.31
CA PHE X 355 -138.69 275.57 -145.33
C PHE X 355 -139.17 275.96 -143.93
N ASP X 356 -140.40 276.46 -143.86
CA ASP X 356 -140.99 276.86 -142.58
C ASP X 356 -142.50 276.69 -142.62
N ILE X 357 -142.97 275.44 -142.64
CA ILE X 357 -144.40 275.17 -142.70
C ILE X 357 -145.06 275.22 -141.32
N HIS X 358 -144.28 275.34 -140.25
CA HIS X 358 -144.85 275.40 -138.91
C HIS X 358 -145.46 276.76 -138.59
N GLN X 359 -145.07 277.81 -139.32
CA GLN X 359 -145.62 279.14 -139.09
C GLN X 359 -146.93 279.38 -139.81
N VAL X 360 -147.31 278.51 -140.74
CA VAL X 360 -148.57 278.70 -141.47
C VAL X 360 -149.77 278.15 -140.71
N ILE X 361 -149.55 277.41 -139.63
CA ILE X 361 -150.67 276.86 -138.87
C ILE X 361 -151.45 277.98 -138.18
N LYS X 362 -150.75 279.00 -137.67
CA LYS X 362 -151.42 280.12 -137.04
C LYS X 362 -152.25 280.93 -138.03
N GLU X 363 -151.83 280.97 -139.29
CA GLU X 363 -152.59 281.68 -140.31
C GLU X 363 -153.75 280.84 -140.83
N CYS X 364 -153.58 279.52 -140.90
CA CYS X 364 -154.65 278.65 -141.38
C CYS X 364 -155.71 278.38 -140.32
N SER X 365 -155.37 278.51 -139.04
CA SER X 365 -156.32 278.28 -137.96
C SER X 365 -157.22 279.49 -137.68
N ILE X 366 -157.11 280.55 -138.48
CA ILE X 366 -157.92 281.74 -138.28
C ILE X 366 -159.20 281.63 -139.10
N ALA X 367 -159.71 282.75 -139.58
CA ALA X 367 -160.94 282.78 -140.36
C ALA X 367 -160.68 282.63 -141.86
N LEU X 368 -159.44 282.41 -142.26
CA LEU X 368 -159.11 282.26 -143.68
C LEU X 368 -159.25 280.82 -144.17
N SER X 369 -159.26 279.84 -143.27
CA SER X 369 -159.41 278.45 -143.69
C SER X 369 -160.23 277.62 -142.70
N ASN X 370 -161.13 278.24 -141.94
CA ASN X 370 -161.98 277.55 -140.95
C ASN X 370 -161.06 276.86 -139.94
N TRP X 371 -161.32 275.61 -139.59
CA TRP X 371 -160.49 274.89 -138.63
C TRP X 371 -160.22 273.47 -139.09
N TRP X 372 -161.19 272.84 -139.75
CA TRP X 372 -161.00 271.48 -140.23
C TRP X 372 -159.91 271.41 -141.29
N PHE X 373 -159.84 272.43 -142.17
CA PHE X 373 -158.79 272.46 -143.18
C PHE X 373 -157.41 272.59 -142.54
N VAL X 374 -157.29 273.46 -141.53
CA VAL X 374 -156.00 273.63 -140.86
C VAL X 374 -155.61 272.35 -140.13
N ALA X 375 -156.60 271.67 -139.52
CA ALA X 375 -156.31 270.41 -138.83
C ALA X 375 -155.85 269.34 -139.81
N HIS X 376 -156.51 269.26 -140.98
CA HIS X 376 -156.10 268.28 -141.98
C HIS X 376 -154.72 268.60 -142.52
N LEU X 377 -154.41 269.89 -142.72
CA LEU X 377 -153.08 270.28 -143.19
C LEU X 377 -152.01 269.91 -142.16
N THR X 378 -152.29 270.16 -140.88
CA THR X 378 -151.32 269.81 -139.83
C THR X 378 -151.14 268.29 -139.75
N ASP X 379 -152.22 267.53 -139.89
CA ASP X 379 -152.12 266.08 -139.86
C ASP X 379 -151.30 265.56 -141.04
N LEU X 380 -151.52 266.13 -142.23
CA LEU X 380 -150.75 265.73 -143.40
C LEU X 380 -149.27 266.09 -143.26
N LEU X 381 -148.98 267.26 -142.68
CA LEU X 381 -147.59 267.65 -142.46
C LEU X 381 -146.92 266.76 -141.43
N ASP X 382 -147.66 266.32 -140.41
CA ASP X 382 -147.09 265.42 -139.41
C ASP X 382 -146.88 264.03 -139.97
N HIS X 383 -147.78 263.58 -140.85
CA HIS X 383 -147.65 262.26 -141.45
C HIS X 383 -146.61 262.21 -142.55
N CYS X 384 -146.32 263.34 -143.19
CA CYS X 384 -145.33 263.39 -144.26
C CYS X 384 -143.91 263.64 -143.75
N LYS X 385 -143.66 263.37 -142.47
CA LYS X 385 -142.35 263.55 -141.87
C LYS X 385 -141.85 264.99 -142.02
N LEU X 386 -142.67 265.93 -141.53
CA LEU X 386 -142.34 267.35 -141.59
C LEU X 386 -142.61 268.11 -140.30
N LEU X 387 -143.40 267.55 -139.37
CA LEU X 387 -143.69 268.21 -138.10
C LEU X 387 -144.03 267.12 -137.09
N GLN X 388 -142.99 266.45 -136.60
CA GLN X 388 -143.15 265.37 -135.63
C GLN X 388 -143.08 265.95 -134.21
N SER X 389 -142.70 265.13 -133.24
CA SER X 389 -142.61 265.59 -131.86
C SER X 389 -141.35 266.42 -131.66
N HIS X 390 -141.30 267.11 -130.52
CA HIS X 390 -140.15 267.95 -130.19
C HIS X 390 -139.86 268.01 -128.68
N ASN X 391 -140.84 268.32 -127.82
CA ASN X 391 -142.24 268.62 -128.13
C ASN X 391 -142.51 270.12 -128.01
N LEU X 392 -143.75 270.52 -128.26
CA LEU X 392 -144.15 271.92 -128.17
C LEU X 392 -144.58 272.27 -126.75
N TYR X 393 -145.80 272.77 -126.60
CA TYR X 393 -146.33 273.14 -125.30
C TYR X 393 -147.57 272.36 -124.89
N PHE X 394 -148.18 271.60 -125.80
CA PHE X 394 -149.36 270.83 -125.47
C PHE X 394 -149.04 269.48 -124.85
N GLY X 395 -147.84 268.94 -125.11
CA GLY X 395 -147.46 267.67 -124.55
C GLY X 395 -147.18 266.61 -125.59
N SER X 396 -148.00 266.59 -126.66
CA SER X 396 -147.83 265.62 -127.73
C SER X 396 -147.24 266.33 -128.92
N ASN X 397 -148.06 266.85 -129.84
CA ASN X 397 -147.56 267.55 -131.01
C ASN X 397 -148.56 268.63 -131.41
N MET X 398 -148.26 269.33 -132.51
CA MET X 398 -149.15 270.39 -132.97
C MET X 398 -150.36 269.81 -133.71
N ARG X 399 -150.16 268.76 -134.50
CA ARG X 399 -151.28 268.17 -135.23
C ARG X 399 -152.28 267.52 -134.28
N GLU X 400 -151.80 266.81 -133.26
CA GLU X 400 -152.70 266.20 -132.30
C GLU X 400 -153.47 267.26 -131.52
N PHE X 401 -152.80 268.34 -131.12
CA PHE X 401 -153.48 269.42 -130.42
C PHE X 401 -154.53 270.09 -131.30
N LEU X 402 -154.21 270.31 -132.58
CA LEU X 402 -155.19 270.90 -133.49
C LEU X 402 -156.38 269.98 -133.69
N LEU X 403 -156.15 268.67 -133.82
CA LEU X 403 -157.24 267.72 -133.97
C LEU X 403 -158.12 267.69 -132.71
N LEU X 404 -157.49 267.73 -131.54
CA LEU X 404 -158.26 267.75 -130.30
C LEU X 404 -159.09 269.02 -130.18
N GLU X 405 -158.51 270.17 -130.56
CA GLU X 405 -159.26 271.43 -130.52
C GLU X 405 -160.42 271.41 -131.51
N TYR X 406 -160.21 270.85 -132.70
CA TYR X 406 -161.29 270.76 -133.67
C TYR X 406 -162.40 269.83 -133.19
N ALA X 407 -162.03 268.71 -132.56
CA ALA X 407 -163.04 267.79 -132.03
C ALA X 407 -163.80 268.42 -130.88
N SER X 408 -163.13 269.23 -130.07
CA SER X 408 -163.83 269.90 -128.96
C SER X 408 -164.75 271.00 -129.48
N GLY X 409 -164.34 271.70 -130.54
CA GLY X 409 -165.17 272.75 -131.11
C GLY X 409 -166.38 272.22 -131.84
N LEU X 410 -166.20 271.14 -132.60
CA LEU X 410 -167.27 270.51 -133.36
C LEU X 410 -167.80 269.26 -132.66
N PHE X 411 -167.97 269.31 -131.35
CA PHE X 411 -168.46 268.17 -130.59
C PHE X 411 -169.97 268.07 -130.68
N ALA X 412 -173.39 271.13 -129.81
CA ALA X 412 -174.47 272.03 -130.20
C ALA X 412 -175.80 271.29 -130.22
N HIS X 413 -176.89 272.04 -130.37
CA HIS X 413 -178.23 271.47 -130.40
C HIS X 413 -178.49 270.82 -131.74
N PRO X 414 -178.12 271.48 -132.85
CA PRO X 414 -178.36 270.90 -134.18
C PRO X 414 -177.23 270.01 -134.69
N SER X 415 -176.11 269.94 -133.98
CA SER X 415 -174.99 269.11 -134.40
C SER X 415 -175.10 267.72 -133.81
N LEU X 416 -174.56 266.74 -134.53
CA LEU X 416 -174.59 265.35 -134.10
C LEU X 416 -173.32 265.00 -133.34
N TRP X 417 -173.47 264.09 -132.38
CA TRP X 417 -172.34 263.65 -131.57
C TRP X 417 -171.48 262.60 -132.26
N GLN X 418 -171.96 262.00 -133.35
CA GLN X 418 -171.18 260.98 -134.05
C GLN X 418 -169.93 261.58 -134.68
N LEU X 419 -170.07 262.76 -135.29
CA LEU X 419 -168.90 263.41 -135.90
C LEU X 419 -167.87 263.78 -134.84
N GLY X 420 -168.33 264.28 -133.68
CA GLY X 420 -167.40 264.61 -132.62
C GLY X 420 -166.72 263.39 -132.04
N VAL X 421 -167.46 262.28 -131.90
CA VAL X 421 -166.85 261.05 -131.38
C VAL X 421 -165.86 260.48 -132.38
N ASP X 422 -166.12 260.63 -133.68
CA ASP X 422 -165.18 260.14 -134.68
C ASP X 422 -163.94 261.03 -134.77
N TYR X 423 -164.10 262.34 -134.56
CA TYR X 423 -162.95 263.24 -134.61
C TYR X 423 -162.10 263.15 -133.35
N PHE X 424 -162.71 262.85 -132.20
CA PHE X 424 -161.98 262.73 -130.95
C PHE X 424 -161.30 261.37 -130.77
N ASP X 425 -161.49 260.44 -131.72
CA ASP X 425 -160.90 259.12 -131.64
C ASP X 425 -159.58 259.03 -132.40
N TYR X 426 -158.89 260.15 -132.58
CA TYR X 426 -157.61 260.14 -133.30
C TYR X 426 -156.45 259.73 -132.40
N CYS X 427 -156.54 260.02 -131.11
CA CYS X 427 -155.48 259.67 -130.17
C CYS X 427 -156.04 258.85 -129.02
N PRO X 428 -155.75 259.22 -127.77
CA PRO X 428 -156.28 258.44 -126.64
C PRO X 428 -156.92 259.33 -125.58
N GLU X 429 -156.43 260.56 -125.45
CA GLU X 429 -156.94 261.50 -124.47
C GLU X 429 -158.13 262.26 -125.06
N LEU X 430 -158.70 263.15 -124.25
CA LEU X 430 -159.85 263.98 -124.65
C LEU X 430 -161.02 263.11 -125.09
N GLY X 431 -161.32 262.10 -124.28
CA GLY X 431 -162.41 261.19 -124.57
C GLY X 431 -163.19 260.79 -123.34
N ARG X 432 -162.49 260.50 -122.25
CA ARG X 432 -163.17 260.09 -121.01
C ARG X 432 -164.00 261.22 -120.44
N VAL X 433 -163.47 262.46 -120.45
CA VAL X 433 -164.22 263.59 -119.94
C VAL X 433 -165.46 263.85 -120.80
N SER X 434 -165.32 263.73 -122.12
CA SER X 434 -166.46 263.92 -123.00
C SER X 434 -167.52 262.85 -122.79
N LEU X 435 -167.09 261.59 -122.61
CA LEU X 435 -168.03 260.51 -122.35
C LEU X 435 -168.76 260.72 -121.02
N GLU X 436 -168.04 261.18 -120.00
CA GLU X 436 -168.66 261.43 -118.71
C GLU X 436 -169.66 262.59 -118.80
N LEU X 437 -169.30 263.65 -119.53
CA LEU X 437 -170.22 264.77 -119.70
C LEU X 437 -171.45 264.38 -120.52
N HIS X 438 -171.29 263.46 -121.47
CA HIS X 438 -172.44 263.02 -122.25
C HIS X 438 -173.34 262.08 -121.45
N ILE X 439 -172.74 261.25 -120.59
CA ILE X 439 -173.53 260.33 -119.78
C ILE X 439 -174.18 261.04 -118.59
N GLU X 440 -173.62 262.16 -118.13
CA GLU X 440 -174.21 262.87 -117.00
C GLU X 440 -175.53 263.55 -117.36
N ARG X 441 -175.80 263.77 -118.63
CA ARG X 441 -177.02 264.41 -119.10
C ARG X 441 -177.70 263.55 -120.16
N ILE X 442 -177.98 262.30 -119.80
CA ILE X 442 -178.63 261.36 -120.72
C ILE X 442 -179.41 260.33 -119.91
N PRO X 443 -179.65 260.59 -118.61
CA PRO X 443 -180.41 259.61 -117.79
C PRO X 443 -181.91 259.81 -117.89
N LEU X 444 -182.45 259.54 -119.07
CA LEU X 444 -183.89 259.69 -119.32
C LEU X 444 -184.33 258.53 -120.19
N ASN X 445 -185.55 258.64 -120.75
CA ASN X 445 -186.11 257.61 -121.61
C ASN X 445 -185.70 257.89 -123.04
N THR X 446 -184.45 257.55 -123.35
CA THR X 446 -183.90 257.74 -124.69
C THR X 446 -182.89 256.64 -124.96
N GLU X 447 -183.26 255.69 -125.81
CA GLU X 447 -182.39 254.57 -126.15
C GLU X 447 -181.59 254.80 -127.43
N GLN X 448 -182.08 255.66 -128.33
CA GLN X 448 -181.36 255.91 -129.58
C GLN X 448 -180.01 256.58 -129.32
N LYS X 449 -179.97 257.56 -128.41
CA LYS X 449 -178.72 258.23 -128.09
C LYS X 449 -177.73 257.26 -127.44
N ALA X 450 -178.23 256.40 -126.55
CA ALA X 450 -177.36 255.41 -125.91
C ALA X 450 -176.81 254.42 -126.92
N LEU X 451 -177.66 253.98 -127.87
CA LEU X 451 -177.20 253.06 -128.90
C LEU X 451 -176.16 253.73 -129.80
N LYS X 452 -176.37 255.00 -130.15
CA LYS X 452 -175.40 255.70 -130.97
C LYS X 452 -174.08 255.88 -130.24
N VAL X 453 -174.13 256.18 -128.94
CA VAL X 453 -172.91 256.33 -128.16
C VAL X 453 -172.17 255.00 -128.06
N LEU X 454 -172.91 253.90 -127.86
CA LEU X 454 -172.27 252.59 -127.78
C LEU X 454 -171.67 252.17 -129.13
N ARG X 455 -172.31 252.55 -130.24
CA ARG X 455 -171.77 252.22 -131.55
C ARG X 455 -170.56 253.07 -131.88
N ILE X 456 -170.53 254.33 -131.41
CA ILE X 456 -169.39 255.19 -131.69
C ILE X 456 -168.21 254.84 -130.79
N CYS X 457 -168.46 254.38 -129.57
CA CYS X 457 -167.39 254.02 -128.65
C CYS X 457 -166.78 252.66 -128.96
N GLU X 458 -167.46 251.83 -129.75
CA GLU X 458 -166.98 250.51 -130.11
C GLU X 458 -166.17 250.51 -131.40
N GLN X 459 -165.89 251.69 -131.97
CA GLN X 459 -165.13 251.80 -133.20
C GLN X 459 -163.62 251.84 -132.97
N ARG X 460 -163.19 251.82 -131.71
CA ARG X 460 -161.76 251.85 -131.40
C ARG X 460 -161.42 250.89 -130.27
N GLN X 461 -160.40 251.21 -129.48
CA GLN X 461 -159.96 250.37 -128.36
C GLN X 461 -160.39 250.95 -127.02
N MET X 462 -161.62 251.45 -126.94
CA MET X 462 -162.16 252.04 -125.71
C MET X 462 -163.40 251.24 -125.32
N THR X 463 -163.18 250.12 -124.64
CA THR X 463 -164.25 249.25 -124.19
C THR X 463 -164.72 249.56 -122.77
N GLU X 464 -163.98 250.39 -122.03
CA GLU X 464 -164.39 250.72 -120.67
C GLU X 464 -165.43 251.84 -120.65
N GLN X 465 -165.28 252.83 -121.53
CA GLN X 465 -166.22 253.94 -121.58
C GLN X 465 -167.61 253.48 -122.02
N VAL X 466 -167.67 252.60 -123.02
CA VAL X 466 -168.95 252.08 -123.47
C VAL X 466 -169.61 251.25 -122.39
N ARG X 467 -168.83 250.45 -121.67
CA ARG X 467 -169.38 249.65 -120.58
C ARG X 467 -169.90 250.54 -119.45
N SER X 468 -169.16 251.61 -119.13
CA SER X 468 -169.61 252.52 -118.09
C SER X 468 -170.89 253.24 -118.51
N ILE X 469 -170.98 253.65 -119.78
CA ILE X 469 -172.19 254.30 -120.27
C ILE X 469 -173.37 253.36 -120.23
N CYS X 470 -173.16 252.09 -120.61
CA CYS X 470 -174.24 251.11 -120.56
C CYS X 470 -174.69 250.86 -119.12
N LYS X 471 -173.74 250.78 -118.19
CA LYS X 471 -174.09 250.59 -116.79
C LYS X 471 -174.86 251.78 -116.24
N ILE X 472 -174.46 252.99 -116.61
CA ILE X 472 -175.18 254.18 -116.17
C ILE X 472 -176.59 254.21 -116.75
N LEU X 473 -176.74 253.84 -118.02
CA LEU X 473 -178.06 253.79 -118.63
C LEU X 473 -178.95 252.75 -117.96
N ALA X 474 -178.37 251.59 -117.64
CA ALA X 474 -179.15 250.56 -116.96
C ALA X 474 -179.57 251.00 -115.57
N MET X 475 -178.67 251.66 -114.84
CA MET X 475 -179.00 252.14 -113.51
C MET X 475 -180.05 253.26 -113.56
N LYS X 476 -180.03 254.08 -114.61
CA LYS X 476 -181.05 255.12 -114.75
C LYS X 476 -182.39 254.54 -115.16
N ALA X 477 -182.38 253.48 -115.97
CA ALA X 477 -183.63 252.87 -116.41
C ALA X 477 -184.25 251.96 -115.35
N VAL X 478 -183.45 251.41 -114.45
CA VAL X 478 -183.99 250.55 -113.40
C VAL X 478 -184.80 251.33 -112.38
N ARG X 479 -184.64 252.65 -112.34
CA ARG X 479 -185.40 253.46 -111.38
C ARG X 479 -186.86 253.59 -111.76
N ASN X 480 -187.22 253.34 -113.03
CA ASN X 480 -188.59 253.42 -113.49
C ASN X 480 -189.31 252.09 -113.48
N ASN X 481 -188.64 251.01 -113.07
CA ASN X 481 -189.21 249.67 -113.03
C ASN X 481 -189.76 249.25 -114.39
N ARG X 482 -188.87 248.94 -115.32
CA ARG X 482 -189.24 248.53 -116.67
C ARG X 482 -188.50 247.23 -117.00
N LEU X 483 -189.19 246.10 -116.84
CA LEU X 483 -188.59 244.81 -117.12
C LEU X 483 -188.53 244.55 -118.62
N GLY X 484 -187.65 243.64 -119.01
CA GLY X 484 -187.47 243.28 -120.41
C GLY X 484 -186.41 244.08 -121.15
N SER X 485 -186.50 245.41 -121.07
CA SER X 485 -185.53 246.28 -121.72
C SER X 485 -184.34 246.60 -120.83
N ALA X 486 -184.53 246.64 -119.52
CA ALA X 486 -183.43 246.95 -118.62
C ALA X 486 -182.53 245.74 -118.39
N LEU X 487 -183.06 244.53 -118.46
CA LEU X 487 -182.25 243.33 -118.25
C LEU X 487 -181.24 243.17 -119.38
N SER X 488 -181.64 243.43 -120.63
CA SER X 488 -180.71 243.30 -121.74
C SER X 488 -179.61 244.36 -121.68
N TRP X 489 -179.91 245.53 -121.10
CA TRP X 489 -178.89 246.57 -120.98
C TRP X 489 -177.98 246.33 -119.78
N SER X 490 -178.49 245.68 -118.73
CA SER X 490 -177.68 245.40 -117.55
C SER X 490 -176.85 244.14 -117.70
N ILE X 491 -177.26 243.21 -118.56
CA ILE X 491 -176.49 241.98 -118.75
C ILE X 491 -175.23 242.25 -119.57
N ARG X 492 -175.26 243.25 -120.44
CA ARG X 492 -174.11 243.58 -121.26
C ARG X 492 -173.49 244.91 -120.81
N ALA X 493 -173.24 245.04 -119.51
CA ALA X 493 -172.64 246.26 -118.98
C ALA X 493 -171.68 245.94 -117.85
N LYS X 494 -172.20 245.65 -116.66
CA LYS X 494 -171.38 245.33 -115.50
C LYS X 494 -171.18 243.81 -115.36
N ASP X 495 -170.68 243.20 -116.41
CA ASP X 495 -170.41 241.74 -116.47
C ASP X 495 -171.75 241.02 -116.23
N ALA X 496 -171.78 239.99 -115.39
CA ALA X 496 -173.00 239.25 -115.10
C ALA X 496 -173.52 239.47 -113.69
N ALA X 497 -172.84 240.29 -112.89
CA ALA X 497 -173.29 240.52 -111.52
C ALA X 497 -174.63 241.25 -111.50
N PHE X 498 -174.85 242.18 -112.43
CA PHE X 498 -176.12 242.89 -112.50
C PHE X 498 -177.21 241.97 -113.04
N ALA X 499 -176.88 241.14 -114.03
CA ALA X 499 -177.87 240.23 -114.59
C ALA X 499 -178.32 239.19 -113.57
N THR X 500 -177.39 238.66 -112.79
CA THR X 500 -177.75 237.70 -111.75
C THR X 500 -178.62 238.34 -110.69
N LEU X 501 -178.32 239.58 -110.30
CA LEU X 501 -179.14 240.27 -109.32
C LEU X 501 -180.54 240.55 -109.86
N VAL X 502 -180.64 240.93 -111.14
CA VAL X 502 -181.94 241.17 -111.75
C VAL X 502 -182.75 239.88 -111.81
N SER X 503 -182.09 238.77 -112.16
CA SER X 503 -182.79 237.49 -112.21
C SER X 503 -183.26 237.07 -110.82
N ASP X 504 -182.43 237.27 -109.80
CA ASP X 504 -182.84 236.94 -108.44
C ASP X 504 -184.01 237.80 -107.98
N ARG X 505 -183.98 239.10 -108.31
CA ARG X 505 -185.09 239.97 -107.95
C ARG X 505 -186.37 239.56 -108.66
N PHE X 506 -186.27 239.18 -109.94
CA PHE X 506 -187.45 238.74 -110.67
C PHE X 506 -188.00 237.43 -110.10
N LEU X 507 -187.12 236.50 -109.72
CA LEU X 507 -187.57 235.25 -109.13
C LEU X 507 -188.19 235.48 -107.76
N ARG X 508 -187.69 236.44 -107.00
CA ARG X 508 -188.28 236.74 -105.69
C ARG X 508 -189.61 237.45 -105.82
N ASP X 509 -189.76 238.31 -106.83
CA ASP X 509 -191.03 239.02 -107.04
C ASP X 509 -192.09 238.11 -107.65
N TYR X 510 -191.68 237.11 -108.44
CA TYR X 510 -192.65 236.21 -109.05
C TYR X 510 -193.21 235.23 -108.03
N CYS X 511 -192.33 234.64 -107.21
CA CYS X 511 -192.76 233.68 -106.18
C CYS X 511 -193.36 234.45 -105.02
N GLU X 512 -194.68 234.63 -105.06
CA GLU X 512 -195.39 235.34 -104.01
C GLU X 512 -196.80 234.80 -103.83
N ARG X 513 -197.27 234.04 -104.81
CA ARG X 513 -198.61 233.46 -104.75
C ARG X 513 -198.58 232.12 -105.49
N GLY X 514 -199.77 231.60 -105.79
CA GLY X 514 -199.84 230.33 -106.50
C GLY X 514 -199.52 230.46 -107.98
N CYS X 515 -199.94 231.57 -108.59
CA CYS X 515 -199.70 231.83 -110.01
C CYS X 515 -198.65 232.93 -110.13
N PHE X 516 -197.46 232.57 -110.61
CA PHE X 516 -196.38 233.53 -110.75
C PHE X 516 -196.61 234.41 -111.97
N SER X 517 -197.34 235.51 -111.80
CA SER X 517 -197.59 236.43 -112.91
C SER X 517 -196.35 237.25 -113.22
N ASP X 518 -195.97 238.14 -112.30
CA ASP X 518 -194.78 238.98 -112.44
C ASP X 518 -194.84 239.81 -113.72
N LEU X 519 -194.41 239.22 -114.83
CA LEU X 519 -194.40 239.92 -116.12
C LEU X 519 -195.81 240.12 -116.63
N ASP X 520 -196.51 241.12 -116.11
CA ASP X 520 -197.87 241.43 -116.52
C ASP X 520 -197.92 242.80 -117.19
N LEU X 521 -199.02 243.05 -117.90
CA LEU X 521 -199.24 244.30 -118.62
C LEU X 521 -198.10 244.58 -119.60
N ILE X 522 -197.01 245.15 -119.11
CA ILE X 522 -195.85 245.46 -119.94
C ILE X 522 -194.58 245.37 -119.10
N ASP X 523 -194.08 244.16 -118.91
CA ASP X 523 -192.87 243.95 -118.12
C ASP X 523 -192.12 242.72 -118.63
N ASN X 524 -191.93 242.64 -119.94
CA ASN X 524 -191.22 241.52 -120.55
C ASN X 524 -190.56 241.94 -121.86
N LEU X 525 -191.12 242.95 -122.52
CA LEU X 525 -190.57 243.44 -123.78
C LEU X 525 -190.50 244.96 -123.79
N GLY X 526 -169.84 236.74 -128.31
CA GLY X 526 -169.22 236.27 -127.09
C GLY X 526 -169.84 236.83 -125.83
N PRO X 527 -170.41 238.03 -125.92
CA PRO X 527 -171.03 238.65 -124.74
C PRO X 527 -172.55 238.65 -124.83
N ALA X 528 -173.08 238.30 -126.00
CA ALA X 528 -174.52 238.26 -126.21
C ALA X 528 -175.11 236.88 -125.92
N MET X 529 -174.48 235.82 -126.44
CA MET X 529 -174.99 234.48 -126.20
C MET X 529 -174.83 234.07 -124.75
N MET X 530 -173.71 234.46 -124.12
CA MET X 530 -173.50 234.13 -122.71
C MET X 530 -174.50 234.85 -121.81
N LEU X 531 -174.93 236.05 -122.19
CA LEU X 531 -175.92 236.77 -121.40
C LEU X 531 -177.34 236.29 -121.71
N SER X 532 -177.57 235.77 -122.91
CA SER X 532 -178.91 235.28 -123.27
C SER X 532 -179.17 233.88 -122.73
N ASP X 533 -178.12 233.06 -122.60
CA ASP X 533 -178.31 231.71 -122.08
C ASP X 533 -178.57 231.69 -120.58
N ARG X 534 -178.19 232.75 -119.86
CA ARG X 534 -178.41 232.82 -118.42
C ARG X 534 -179.85 233.14 -118.05
N LEU X 535 -180.66 233.63 -118.98
CA LEU X 535 -182.05 233.97 -118.73
C LEU X 535 -183.00 232.87 -119.18
N THR X 536 -182.52 231.63 -119.32
CA THR X 536 -183.39 230.53 -119.74
C THR X 536 -184.21 229.98 -118.59
N PHE X 537 -183.67 230.00 -117.37
CA PHE X 537 -184.40 229.48 -116.22
C PHE X 537 -185.64 230.31 -115.93
N LEU X 538 -185.50 231.65 -115.99
CA LEU X 538 -186.65 232.51 -115.75
C LEU X 538 -187.72 232.32 -116.81
N GLY X 539 -187.30 232.19 -118.08
CA GLY X 539 -188.27 231.94 -119.14
C GLY X 539 -188.98 230.62 -118.99
N LYS X 540 -188.24 229.57 -118.59
CA LYS X 540 -188.85 228.27 -118.37
C LYS X 540 -189.83 228.32 -117.20
N TYR X 541 -189.47 229.02 -116.13
CA TYR X 541 -190.38 229.16 -114.99
C TYR X 541 -191.64 229.93 -115.38
N ARG X 542 -191.49 230.99 -116.18
CA ARG X 542 -192.65 231.75 -116.62
C ARG X 542 -193.55 230.91 -117.52
N GLU X 543 -192.95 230.12 -118.41
CA GLU X 543 -193.74 229.26 -119.30
C GLU X 543 -194.46 228.16 -118.51
N PHE X 544 -193.82 227.65 -117.45
CA PHE X 544 -194.46 226.63 -116.63
C PHE X 544 -195.57 227.22 -115.76
N HIS X 545 -195.41 228.45 -115.30
CA HIS X 545 -196.44 229.08 -114.48
C HIS X 545 -197.62 229.56 -115.32
N ARG X 546 -197.37 230.00 -116.55
CA ARG X 546 -198.45 230.46 -117.42
C ARG X 546 -199.27 229.29 -117.95
N MET X 547 -198.74 228.60 -118.95
CA MET X 547 -199.42 227.46 -119.55
C MET X 547 -198.97 226.16 -118.89
N TYR X 548 -199.73 225.09 -119.15
CA TYR X 548 -199.43 223.78 -118.61
C TYR X 548 -199.80 222.72 -119.63
N GLY X 549 -198.92 221.73 -119.78
CA GLY X 549 -199.16 220.65 -120.73
C GLY X 549 -198.87 219.28 -120.16
N GLU X 550 -199.86 218.71 -119.48
CA GLU X 550 -199.76 217.38 -118.85
C GLU X 550 -198.60 217.42 -117.84
N LYS X 551 -197.73 216.41 -117.83
CA LYS X 551 -196.61 216.37 -116.91
C LYS X 551 -195.36 217.06 -117.46
N ARG X 552 -195.41 217.54 -118.71
CA ARG X 552 -194.25 218.20 -119.29
C ARG X 552 -193.94 219.50 -118.56
N PHE X 553 -194.96 220.28 -118.22
CA PHE X 553 -194.74 221.53 -117.50
C PHE X 553 -194.17 221.25 -116.10
N ALA X 554 -194.69 220.22 -115.43
CA ALA X 554 -194.16 219.88 -114.12
C ALA X 554 -192.71 219.41 -114.20
N ASP X 555 -192.38 218.62 -115.22
CA ASP X 555 -191.01 218.17 -115.39
C ASP X 555 -190.07 219.34 -115.68
N ALA X 556 -190.53 220.29 -116.51
CA ALA X 556 -189.71 221.47 -116.80
C ALA X 556 -189.52 222.32 -115.55
N ALA X 557 -190.56 222.48 -114.74
CA ALA X 557 -190.43 223.23 -113.51
C ALA X 557 -189.48 222.55 -112.53
N SER X 558 -189.56 221.22 -112.43
CA SER X 558 -188.64 220.49 -111.56
C SER X 558 -187.20 220.62 -112.04
N LEU X 559 -186.99 220.55 -113.35
CA LEU X 559 -185.65 220.70 -113.89
C LEU X 559 -185.11 222.11 -113.63
N LEU X 560 -185.95 223.12 -113.80
CA LEU X 560 -185.53 224.49 -113.53
C LEU X 560 -185.19 224.69 -112.06
N LEU X 561 -185.99 224.10 -111.17
CA LEU X 561 -185.71 224.21 -109.74
C LEU X 561 -184.41 223.50 -109.38
N SER X 562 -184.17 222.31 -109.96
CA SER X 562 -182.93 221.60 -109.69
C SER X 562 -181.72 222.33 -110.25
N LEU X 563 -181.88 223.03 -111.38
CA LEU X 563 -180.77 223.80 -111.93
C LEU X 563 -180.51 225.06 -111.12
N MET X 564 -181.56 225.70 -110.60
CA MET X 564 -181.38 226.90 -109.80
C MET X 564 -180.86 226.59 -108.40
N THR X 565 -181.17 225.40 -107.88
CA THR X 565 -180.70 225.01 -106.55
C THR X 565 -179.26 224.52 -106.54
N SER X 566 -178.61 224.45 -107.70
CA SER X 566 -177.23 223.99 -107.80
C SER X 566 -176.24 225.14 -107.81
N ARG X 567 -176.43 226.13 -106.93
CA ARG X 567 -175.55 227.29 -106.83
C ARG X 567 -175.46 228.04 -108.16
N ILE X 568 -176.62 228.31 -108.76
CA ILE X 568 -176.69 229.02 -110.03
C ILE X 568 -177.40 230.35 -109.82
N ALA X 569 -178.72 230.32 -109.76
CA ALA X 569 -179.51 231.52 -109.55
C ALA X 569 -179.61 231.82 -108.06
N PRO X 570 -178.50 232.23 -107.41
CA PRO X 570 -178.52 232.53 -105.97
C PRO X 570 -179.15 231.44 -105.12
N ARG X 571 -179.71 231.83 -103.97
CA ARG X 571 -180.33 230.82 -103.10
C ARG X 571 -181.39 231.41 -102.18
N SER X 572 -181.96 232.57 -102.49
CA SER X 572 -182.96 233.17 -101.60
C SER X 572 -184.35 232.59 -101.88
N PHE X 573 -184.81 232.67 -103.13
CA PHE X 573 -186.12 232.17 -103.50
C PHE X 573 -186.11 230.70 -103.90
N TRP X 574 -184.95 230.04 -103.83
CA TRP X 574 -184.88 228.64 -104.21
C TRP X 574 -185.70 227.76 -103.26
N MET X 575 -185.61 228.03 -101.95
CA MET X 575 -186.39 227.27 -100.98
C MET X 575 -187.88 227.49 -101.19
N THR X 576 -188.29 228.73 -101.47
CA THR X 576 -189.70 229.01 -101.72
C THR X 576 -190.19 228.30 -102.98
N LEU X 577 -189.37 228.31 -104.03
CA LEU X 577 -189.75 227.62 -105.26
C LEU X 577 -189.85 226.11 -105.04
N LEU X 578 -188.93 225.54 -104.26
CA LEU X 578 -189.01 224.12 -103.96
C LEU X 578 -190.24 223.78 -103.14
N THR X 579 -190.57 224.62 -102.15
CA THR X 579 -191.76 224.37 -101.34
C THR X 579 -193.04 224.52 -102.17
N ASP X 580 -193.05 225.45 -103.13
CA ASP X 580 -194.22 225.60 -103.99
C ASP X 580 -194.35 224.45 -104.98
N ALA X 581 -193.23 223.92 -105.45
CA ALA X 581 -193.28 222.79 -106.38
C ALA X 581 -193.61 221.48 -105.68
N LEU X 582 -193.22 221.33 -104.42
CA LEU X 582 -193.52 220.11 -103.68
C LEU X 582 -195.00 220.04 -103.33
N PRO X 583 -195.67 221.20 -103.20
CA PRO X 583 -197.10 221.16 -102.87
C PRO X 583 -197.99 220.82 -104.06
N LEU X 584 -197.48 220.87 -105.28
CA LEU X 584 -198.27 220.56 -106.47
C LEU X 584 -198.07 219.13 -106.96
N LEU X 585 -197.02 218.45 -106.52
CA LEU X 585 -196.77 217.08 -106.95
C LEU X 585 -197.68 216.09 -106.23
N GLU X 586 -197.56 216.01 -104.91
CA GLU X 586 -198.37 215.10 -104.12
C GLU X 586 -198.58 215.72 -102.75
N GLN X 587 -199.80 216.19 -102.49
CA GLN X 587 -200.13 216.80 -101.20
C GLN X 587 -200.99 215.92 -100.32
N LYS X 588 -201.70 214.93 -100.89
CA LYS X 588 -202.54 214.04 -100.12
C LYS X 588 -202.47 212.59 -100.57
N GLN X 589 -201.67 212.26 -101.58
CA GLN X 589 -201.55 210.89 -102.05
C GLN X 589 -200.16 210.62 -102.61
N VAL X 590 -200.08 210.11 -103.83
CA VAL X 590 -198.82 209.80 -104.48
C VAL X 590 -198.84 210.38 -105.89
N ILE X 591 -197.68 210.31 -106.55
CA ILE X 591 -197.54 210.83 -107.91
C ILE X 591 -196.51 209.98 -108.66
N PHE X 592 -195.96 210.54 -109.73
CA PHE X 592 -194.97 209.84 -110.54
C PHE X 592 -194.08 210.87 -111.23
N SER X 593 -192.77 210.61 -111.21
CA SER X 593 -191.81 211.50 -111.84
C SER X 593 -190.60 210.69 -112.28
N ALA X 594 -190.20 210.89 -113.53
CA ALA X 594 -189.06 210.18 -114.10
C ALA X 594 -187.84 211.09 -114.05
N GLU X 595 -186.76 210.60 -113.42
CA GLU X 595 -185.50 211.36 -113.29
C GLU X 595 -185.74 212.71 -112.61
N GLN X 596 -186.55 212.70 -111.55
CA GLN X 596 -186.85 213.92 -110.81
C GLN X 596 -186.99 213.73 -109.30
N THR X 597 -187.52 212.59 -108.84
CA THR X 597 -187.68 212.39 -107.40
C THR X 597 -186.32 212.28 -106.71
N TYR X 598 -185.36 211.58 -107.33
CA TYR X 598 -184.02 211.48 -106.74
C TYR X 598 -183.34 212.84 -106.70
N GLU X 599 -183.50 213.64 -107.76
CA GLU X 599 -182.90 214.97 -107.78
C GLU X 599 -183.54 215.86 -106.71
N LEU X 600 -184.86 215.78 -106.55
CA LEU X 600 -185.53 216.56 -105.51
C LEU X 600 -185.09 216.15 -104.12
N MET X 601 -184.93 214.84 -103.90
CA MET X 601 -184.45 214.36 -102.60
C MET X 601 -183.02 214.82 -102.33
N ARG X 602 -182.17 214.78 -103.35
CA ARG X 602 -180.79 215.26 -103.18
C ARG X 602 -180.76 216.75 -102.88
N CYS X 603 -181.60 217.52 -103.57
CA CYS X 603 -181.65 218.97 -103.31
C CYS X 603 -182.16 219.26 -101.91
N LEU X 604 -183.17 218.51 -101.45
CA LEU X 604 -183.68 218.71 -100.10
C LEU X 604 -182.67 218.30 -99.05
N GLU X 605 -181.87 217.27 -99.32
CA GLU X 605 -180.84 216.86 -98.37
C GLU X 605 -179.68 217.84 -98.34
N ASP X 606 -179.35 218.44 -99.49
CA ASP X 606 -178.25 219.41 -99.53
C ASP X 606 -178.66 220.75 -98.96
N LEU X 607 -179.93 221.14 -99.11
CA LEU X 607 -180.38 222.43 -98.59
C LEU X 607 -180.56 222.40 -97.07
N THR X 608 -180.82 221.22 -96.50
CA THR X 608 -181.01 221.10 -95.06
C THR X 608 -179.70 220.89 -94.30
N SER X 609 -178.68 220.32 -94.96
CA SER X 609 -177.39 220.07 -94.35
C SER X 609 -176.35 221.10 -94.76
N ARG X 610 -176.79 222.31 -95.13
CA ARG X 610 -175.87 223.36 -95.53
C ARG X 610 -175.29 224.08 -94.31
N ARG X 611 -175.79 225.27 -94.01
CA ARG X 611 -175.31 226.04 -92.87
C ARG X 611 -176.43 226.94 -92.35
N PRO X 612 -176.12 227.92 -91.50
CA PRO X 612 -177.16 228.81 -90.98
C PRO X 612 -177.30 230.08 -91.79
N VAL X 613 -177.65 231.18 -91.12
CA VAL X 613 -177.83 232.48 -91.75
C VAL X 613 -178.84 232.41 -92.90
N HIS X 614 -198.75 243.01 -103.28
CA HIS X 614 -198.90 243.37 -104.68
C HIS X 614 -199.85 242.42 -105.41
N GLY X 615 -200.99 242.17 -104.79
CA GLY X 615 -201.98 241.27 -105.39
C GLY X 615 -201.62 239.81 -105.29
N GLU X 616 -201.10 239.37 -104.16
CA GLU X 616 -200.72 237.98 -103.94
C GLU X 616 -201.70 237.29 -103.02
N SER X 617 -201.79 235.97 -103.15
CA SER X 617 -202.69 235.15 -102.34
C SER X 617 -201.99 233.83 -102.06
N ASP X 618 -201.69 233.57 -100.78
CA ASP X 618 -201.04 232.34 -100.39
C ASP X 618 -202.02 231.18 -100.39
N THR X 619 -201.48 229.97 -100.56
CA THR X 619 -202.29 228.77 -100.57
C THR X 619 -202.68 228.36 -99.15
N GLU X 620 -203.62 227.42 -99.07
CA GLU X 620 -204.07 226.95 -97.76
C GLU X 620 -203.07 226.00 -97.12
N GLN X 621 -202.24 225.32 -97.92
CA GLN X 621 -201.26 224.40 -97.37
C GLN X 621 -200.04 225.12 -96.81
N LEU X 622 -199.67 226.25 -97.41
CA LEU X 622 -198.51 226.99 -96.94
C LEU X 622 -198.82 227.80 -95.68
N GLN X 623 -200.08 228.19 -95.49
CA GLN X 623 -200.46 228.96 -94.31
C GLN X 623 -200.58 228.10 -93.06
N ASP X 624 -200.69 226.78 -93.21
CA ASP X 624 -200.82 225.88 -92.07
C ASP X 624 -199.47 225.46 -91.49
N ASP X 625 -198.37 225.80 -92.15
CA ASP X 625 -197.04 225.45 -91.67
C ASP X 625 -196.53 226.53 -90.70
N ASP X 626 -195.27 226.44 -90.33
CA ASP X 626 -194.67 227.41 -89.41
C ASP X 626 -193.18 227.55 -89.65
N ILE X 627 -192.45 226.44 -89.61
CA ILE X 627 -191.01 226.45 -89.82
C ILE X 627 -190.71 226.25 -91.30
N GLU X 628 -189.50 225.75 -91.59
CA GLU X 628 -189.07 225.53 -92.97
C GLU X 628 -188.83 224.07 -93.30
N THR X 629 -188.46 223.25 -92.31
CA THR X 629 -188.20 221.84 -92.57
C THR X 629 -189.47 221.03 -92.78
N THR X 630 -190.64 221.59 -92.45
CA THR X 630 -191.88 220.87 -92.67
C THR X 630 -192.14 220.63 -94.15
N LYS X 631 -191.83 221.62 -94.99
CA LYS X 631 -191.99 221.46 -96.43
C LYS X 631 -191.05 220.38 -96.96
N VAL X 632 -189.81 220.36 -96.48
CA VAL X 632 -188.86 219.34 -96.91
C VAL X 632 -189.32 217.96 -96.46
N GLU X 633 -189.86 217.85 -95.26
CA GLU X 633 -190.36 216.56 -94.78
C GLU X 633 -191.56 216.10 -95.60
N MET X 634 -192.46 217.02 -95.94
CA MET X 634 -193.60 216.66 -96.79
C MET X 634 -193.15 216.23 -98.17
N LEU X 635 -192.15 216.92 -98.74
CA LEU X 635 -191.64 216.54 -100.04
C LEU X 635 -190.98 215.16 -100.00
N ARG X 636 -190.23 214.88 -98.94
CA ARG X 636 -189.61 213.56 -98.80
C ARG X 636 -190.66 212.47 -98.64
N LEU X 637 -191.72 212.74 -97.87
CA LEU X 637 -192.79 211.75 -97.71
C LEU X 637 -193.51 211.51 -99.03
N SER X 638 -193.76 212.58 -99.80
CA SER X 638 -194.39 212.41 -101.10
C SER X 638 -193.51 211.63 -102.06
N LEU X 639 -192.21 211.90 -102.06
CA LEU X 639 -191.29 211.15 -102.92
C LEU X 639 -191.23 209.69 -102.52
N ALA X 640 -191.23 209.41 -101.22
CA ALA X 640 -191.24 208.01 -100.77
C ALA X 640 -192.53 207.31 -101.18
N ARG X 641 -193.68 207.98 -101.02
CA ARG X 641 -194.94 207.38 -101.43
C ARG X 641 -194.96 207.13 -102.93
N ASN X 642 -194.42 208.06 -103.72
CA ASN X 642 -194.37 207.87 -105.16
C ASN X 642 -193.47 206.70 -105.54
N LEU X 643 -192.29 206.61 -104.92
CA LEU X 643 -191.39 205.50 -105.20
C LEU X 643 -191.95 204.17 -104.73
N ALA X 644 -192.83 204.17 -103.73
CA ALA X 644 -193.42 202.94 -103.23
C ALA X 644 -194.64 202.49 -104.02
N ARG X 645 -195.44 203.43 -104.54
CA ARG X 645 -196.68 203.10 -105.23
C ARG X 645 -196.68 203.61 -106.68
N ALA X 646 -195.50 203.68 -107.29
CA ALA X 646 -195.43 204.10 -108.69
C ALA X 646 -194.26 203.43 -109.40
N ILE X 647 -193.19 203.13 -108.66
CA ILE X 647 -192.01 202.48 -109.25
C ILE X 647 -192.13 200.98 -109.33
N ILE X 648 -193.31 200.43 -109.05
CA ILE X 648 -193.52 198.98 -109.13
C ILE X 648 -194.26 198.64 -110.41
N ARG X 649 -194.12 199.50 -111.42
CA ARG X 649 -194.79 199.29 -112.70
C ARG X 649 -193.80 198.64 -113.66
N GLU X 650 -193.73 197.31 -113.58
CA GLU X 650 -192.83 196.54 -114.43
C GLU X 650 -193.53 196.16 -115.73
N GLY X 651 -192.73 195.99 -116.77
CA GLY X 651 -193.24 195.63 -118.08
C GLY X 651 -193.11 194.15 -118.39
N ILE Y 4 -180.68 231.77 -145.17
CA ILE Y 4 -181.99 232.37 -145.32
C ILE Y 4 -183.06 231.29 -145.42
N TYR Y 5 -184.27 231.59 -144.94
CA TYR Y 5 -185.36 230.64 -144.98
C TYR Y 5 -186.68 231.41 -145.12
N ALA Y 6 -187.64 230.79 -145.79
CA ALA Y 6 -188.94 231.38 -146.02
C ALA Y 6 -190.00 230.67 -145.17
N LYS Y 7 -191.07 231.40 -144.87
CA LYS Y 7 -192.17 230.88 -144.08
C LYS Y 7 -193.49 231.32 -144.69
N PHE Y 8 -194.43 230.38 -144.76
CA PHE Y 8 -195.75 230.65 -145.33
C PHE Y 8 -196.71 231.10 -144.23
N VAL Y 9 -197.56 232.07 -144.57
CA VAL Y 9 -198.55 232.60 -143.64
C VAL Y 9 -199.92 232.77 -144.27
N SER Y 10 -200.08 232.45 -145.56
CA SER Y 10 -201.36 232.56 -146.26
C SER Y 10 -201.91 233.99 -146.18
N GLN Y 11 -201.02 234.97 -146.31
CA GLN Y 11 -201.41 236.37 -146.26
CA GLN Y 11 -201.41 236.37 -146.26
C GLN Y 11 -200.38 237.19 -147.01
N LYS Y 12 -200.86 238.12 -147.83
CA LYS Y 12 -199.99 238.99 -148.62
C LYS Y 12 -199.40 240.05 -147.71
N ILE Y 13 -198.13 239.88 -147.33
CA ILE Y 13 -197.46 240.83 -146.45
C ILE Y 13 -197.14 242.09 -147.23
N SER Y 14 -197.57 243.24 -146.69
CA SER Y 14 -197.32 244.53 -147.34
C SER Y 14 -196.22 245.34 -146.66
N LYS Y 15 -195.84 244.98 -145.44
CA LYS Y 15 -194.80 245.70 -144.71
C LYS Y 15 -194.08 244.75 -143.77
N THR Y 16 -192.83 245.06 -143.47
CA THR Y 16 -192.03 244.24 -142.57
C THR Y 16 -191.00 245.13 -141.89
N ARG Y 17 -191.14 245.31 -140.58
CA ARG Y 17 -190.24 246.14 -139.80
C ARG Y 17 -189.84 245.39 -138.53
N TRP Y 18 -188.53 245.29 -138.30
CA TRP Y 18 -188.02 244.60 -137.12
C TRP Y 18 -188.18 245.47 -135.88
N ARG Y 19 -188.29 244.81 -134.73
CA ARG Y 19 -188.45 245.51 -133.48
C ARG Y 19 -187.12 246.09 -133.01
N PRO Y 20 -187.14 247.24 -132.33
CA PRO Y 20 -185.89 247.84 -131.86
C PRO Y 20 -185.36 247.15 -130.62
N LEU Y 21 -184.04 247.15 -130.50
CA LEU Y 21 -183.35 246.53 -129.38
C LEU Y 21 -183.31 247.51 -128.20
N PRO Y 22 -182.71 247.10 -127.08
CA PRO Y 22 -182.63 248.00 -125.92
C PRO Y 22 -181.44 248.92 -126.05
N PRO Y 23 -181.23 249.80 -125.07
CA PRO Y 23 -180.09 250.73 -125.11
C PRO Y 23 -178.80 250.04 -124.73
N GLY Y 24 -177.93 249.81 -125.73
CA GLY Y 24 -176.67 249.14 -125.48
C GLY Y 24 -176.74 247.64 -125.45
N SER Y 25 -177.74 247.04 -126.10
CA SER Y 25 -177.86 245.58 -126.12
C SER Y 25 -176.98 244.98 -127.20
N LEU Y 26 -176.32 243.87 -126.87
CA LEU Y 26 -175.45 243.19 -127.80
C LEU Y 26 -176.15 242.09 -128.59
N GLN Y 27 -177.40 241.78 -128.27
CA GLN Y 27 -178.13 240.74 -128.97
C GLN Y 27 -178.66 241.26 -130.31
N THR Y 28 -178.96 240.33 -131.21
CA THR Y 28 -179.47 240.67 -132.52
C THR Y 28 -180.99 240.84 -132.47
N ALA Y 29 -181.58 241.16 -133.62
CA ALA Y 29 -183.02 241.36 -133.71
C ALA Y 29 -183.73 240.01 -133.77
N GLU Y 30 -184.66 239.78 -132.86
CA GLU Y 30 -185.41 238.55 -132.80
C GLU Y 30 -186.89 238.71 -133.13
N THR Y 31 -187.49 239.83 -132.77
CA THR Y 31 -188.90 240.09 -133.04
C THR Y 31 -189.05 241.04 -134.22
N PHE Y 32 -190.11 240.83 -135.00
CA PHE Y 32 -190.39 241.66 -136.16
C PHE Y 32 -191.89 241.67 -136.42
N ALA Y 33 -192.38 242.82 -136.88
CA ALA Y 33 -193.79 243.00 -137.17
C ALA Y 33 -194.05 242.85 -138.66
N THR Y 34 -195.31 242.57 -138.99
CA THR Y 34 -195.73 242.39 -140.37
C THR Y 34 -197.11 243.01 -140.57
N GLY Y 35 -197.46 243.24 -141.84
CA GLY Y 35 -198.74 243.82 -142.17
C GLY Y 35 -199.37 243.22 -143.41
N SER Y 36 -200.53 242.61 -143.25
CA SER Y 36 -201.25 241.99 -144.34
C SER Y 36 -202.11 243.01 -145.07
N TRP Y 37 -202.31 242.77 -146.36
CA TRP Y 37 -203.11 243.66 -147.20
C TRP Y 37 -203.67 242.85 -148.36
N ASP Y 38 -204.43 243.53 -149.22
CA ASP Y 38 -205.06 242.92 -150.40
C ASP Y 38 -205.94 241.74 -150.01
N ASN Y 39 -206.73 241.91 -148.96
CA ASN Y 39 -207.62 240.87 -148.48
CA ASN Y 39 -207.62 240.87 -148.48
C ASN Y 39 -208.83 241.53 -147.81
N GLU Y 40 -209.82 240.69 -147.49
CA GLU Y 40 -211.03 241.17 -146.85
C GLU Y 40 -210.89 241.32 -145.34
N GLU Y 41 -209.81 240.80 -144.75
CA GLU Y 41 -209.60 240.90 -143.31
C GLU Y 41 -208.08 241.01 -143.07
N ASN Y 42 -207.57 242.24 -143.12
CA ASN Y 42 -206.16 242.48 -142.92
C ASN Y 42 -205.80 242.36 -141.44
N TYR Y 43 -204.63 241.79 -141.18
CA TYR Y 43 -204.14 241.59 -139.82
C TYR Y 43 -202.69 242.05 -139.73
N ILE Y 44 -202.33 242.59 -138.56
CA ILE Y 44 -200.98 243.06 -138.32
C ILE Y 44 -200.34 242.22 -137.23
N SER Y 45 -199.89 241.02 -137.58
CA SER Y 45 -199.27 240.12 -136.63
C SER Y 45 -197.80 240.49 -136.44
N LEU Y 46 -197.18 239.85 -135.45
CA LEU Y 46 -195.77 240.08 -135.13
C LEU Y 46 -195.12 238.75 -134.79
N TRP Y 47 -194.12 238.36 -135.57
CA TRP Y 47 -193.41 237.10 -135.34
C TRP Y 47 -192.26 237.30 -134.36
N SER Y 48 -191.70 236.18 -133.90
CA SER Y 48 -190.61 236.20 -132.95
C SER Y 48 -189.76 234.96 -133.16
N ILE Y 49 -188.47 235.14 -133.43
CA ILE Y 49 -187.56 234.03 -133.64
C ILE Y 49 -187.17 233.40 -132.31
N GLU Y 62 -181.90 224.93 -140.05
CA GLU Y 62 -182.82 225.88 -140.66
C GLU Y 62 -183.54 226.70 -139.58
N GLY Y 63 -183.66 228.01 -139.82
CA GLY Y 63 -184.32 228.88 -138.87
C GLY Y 63 -185.83 228.79 -138.95
N ASP Y 64 -186.48 229.23 -137.88
CA ASP Y 64 -187.94 229.22 -137.80
C ASP Y 64 -188.39 230.39 -136.95
N HIS Y 65 -189.69 230.70 -137.05
CA HIS Y 65 -190.27 231.80 -136.31
C HIS Y 65 -191.73 231.48 -136.03
N GLN Y 66 -192.20 231.82 -134.84
CA GLN Y 66 -193.57 231.59 -134.42
C GLN Y 66 -194.28 232.91 -134.18
N LEU Y 67 -195.60 232.90 -134.33
CA LEU Y 67 -196.41 234.09 -134.12
C LEU Y 67 -196.64 234.34 -132.64
N LEU Y 68 -196.55 235.61 -132.25
CA LEU Y 68 -196.75 236.02 -130.86
C LEU Y 68 -198.10 236.67 -130.63
N CYS Y 69 -198.41 237.73 -131.38
CA CYS Y 69 -199.68 238.44 -131.24
C CYS Y 69 -200.28 238.65 -132.61
N ASP Y 70 -201.58 238.93 -132.64
CA ASP Y 70 -202.29 239.16 -133.88
C ASP Y 70 -203.51 240.03 -133.59
N ILE Y 71 -203.79 240.97 -134.48
CA ILE Y 71 -204.92 241.88 -134.35
C ILE Y 71 -205.38 242.30 -135.73
N ARG Y 72 -206.70 242.34 -135.92
CA ARG Y 72 -207.26 242.73 -137.21
C ARG Y 72 -207.15 244.22 -137.42
N HIS Y 73 -206.81 244.62 -138.64
CA HIS Y 73 -206.66 246.02 -139.01
C HIS Y 73 -207.57 246.33 -140.18
N HIS Y 74 -208.36 247.40 -140.04
CA HIS Y 74 -209.28 247.81 -141.10
CA HIS Y 74 -209.28 247.81 -141.10
C HIS Y 74 -208.51 248.54 -142.18
N GLY Y 75 -208.58 248.02 -143.41
CA GLY Y 75 -207.90 248.61 -144.53
C GLY Y 75 -206.53 248.00 -144.77
N ASP Y 76 -205.99 248.28 -145.96
CA ASP Y 76 -204.68 247.77 -146.35
C ASP Y 76 -203.58 248.56 -145.65
N VAL Y 77 -202.69 247.85 -144.96
CA VAL Y 77 -201.57 248.47 -144.25
C VAL Y 77 -200.54 248.89 -145.30
N MET Y 78 -200.60 250.16 -145.72
CA MET Y 78 -199.67 250.64 -146.73
C MET Y 78 -198.29 250.93 -146.16
N ASP Y 79 -198.21 251.18 -144.85
CA ASP Y 79 -196.93 251.47 -144.21
C ASP Y 79 -197.00 251.08 -142.75
N LEU Y 80 -195.86 250.65 -142.22
CA LEU Y 80 -195.77 250.23 -140.82
C LEU Y 80 -194.40 250.60 -140.29
N GLN Y 81 -194.36 251.20 -139.10
CA GLN Y 81 -193.11 251.60 -138.48
C GLN Y 81 -193.26 251.54 -136.97
N PHE Y 82 -192.18 251.13 -136.30
CA PHE Y 82 -192.14 251.01 -134.85
C PHE Y 82 -191.62 252.30 -134.25
N PHE Y 83 -192.45 252.96 -133.45
CA PHE Y 83 -192.05 254.22 -132.83
C PHE Y 83 -191.19 254.00 -131.59
N ASP Y 84 -191.38 252.89 -130.88
CA ASP Y 84 -190.62 252.58 -129.69
C ASP Y 84 -190.48 251.08 -129.58
N GLN Y 85 -190.24 250.57 -128.37
CA GLN Y 85 -190.09 249.14 -128.15
C GLN Y 85 -191.43 248.42 -128.04
N GLU Y 86 -192.50 249.14 -127.70
CA GLU Y 86 -193.82 248.54 -127.57
C GLU Y 86 -194.87 249.19 -128.45
N ARG Y 87 -194.59 250.34 -129.06
CA ARG Y 87 -195.54 251.03 -129.92
C ARG Y 87 -195.15 250.84 -131.38
N ILE Y 88 -196.16 250.71 -132.24
CA ILE Y 88 -195.96 250.52 -133.67
CA ILE Y 88 -195.96 250.52 -133.67
C ILE Y 88 -197.04 251.28 -134.41
N VAL Y 89 -196.64 252.21 -135.26
CA VAL Y 89 -197.57 253.03 -136.04
C VAL Y 89 -197.81 252.37 -137.38
N ALA Y 90 -199.07 252.32 -137.80
CA ALA Y 90 -199.45 251.72 -139.07
C ALA Y 90 -200.32 252.69 -139.85
N ALA Y 91 -200.17 252.65 -141.17
CA ALA Y 91 -200.93 253.50 -142.08
C ALA Y 91 -201.91 252.64 -142.88
N SER Y 92 -203.21 252.84 -142.62
CA SER Y 92 -204.24 252.08 -143.31
C SER Y 92 -204.55 252.71 -144.66
N SER Y 93 -205.40 252.03 -145.43
CA SER Y 93 -205.80 252.48 -146.75
C SER Y 93 -206.99 253.44 -146.71
N THR Y 94 -207.55 253.70 -145.53
CA THR Y 94 -208.69 254.60 -145.39
C THR Y 94 -208.29 255.93 -144.73
N GLY Y 95 -207.00 256.16 -144.51
CA GLY Y 95 -206.57 257.40 -143.89
C GLY Y 95 -206.64 257.41 -142.38
N CYS Y 96 -206.43 256.25 -141.74
CA CYS Y 96 -206.49 256.13 -140.29
C CYS Y 96 -205.09 255.74 -139.79
N VAL Y 97 -204.35 256.70 -139.28
CA VAL Y 97 -202.99 256.45 -138.76
C VAL Y 97 -203.16 256.06 -137.29
N THR Y 98 -203.42 254.78 -137.07
CA THR Y 98 -203.62 254.25 -135.73
C THR Y 98 -202.30 253.74 -135.17
N VAL Y 99 -202.06 254.02 -133.89
CA VAL Y 99 -200.85 253.60 -133.20
C VAL Y 99 -201.17 252.30 -132.48
N PHE Y 100 -200.68 251.19 -133.03
CA PHE Y 100 -200.92 249.87 -132.45
C PHE Y 100 -200.02 249.70 -131.24
N LEU Y 101 -200.54 250.01 -130.06
CA LEU Y 101 -199.79 249.87 -128.81
C LEU Y 101 -199.97 248.46 -128.28
N HIS Y 102 -199.09 247.57 -128.70
CA HIS Y 102 -199.16 246.17 -128.28
C HIS Y 102 -198.63 246.02 -126.87
N HIS Y 103 -199.13 245.00 -126.18
CA HIS Y 103 -198.70 244.73 -124.81
C HIS Y 103 -197.30 244.11 -124.81
N PRO Y 104 -196.42 244.53 -123.89
CA PRO Y 104 -195.07 243.96 -123.86
C PRO Y 104 -194.88 242.95 -122.75
N ASN Y 105 -195.89 242.09 -122.55
CA ASN Y 105 -195.83 241.07 -121.52
C ASN Y 105 -196.77 239.91 -121.85
N ASN Y 106 -198.04 240.22 -122.10
CA ASN Y 106 -199.03 239.19 -122.41
C ASN Y 106 -199.03 238.81 -123.90
N GLN Y 107 -198.18 239.44 -124.72
CA GLN Y 107 -198.10 239.16 -126.15
C GLN Y 107 -199.45 239.36 -126.82
N THR Y 108 -199.97 240.57 -126.70
CA THR Y 108 -201.25 240.95 -127.29
C THR Y 108 -201.15 242.34 -127.88
N LEU Y 109 -201.78 242.52 -129.04
CA LEU Y 109 -201.78 243.80 -129.74
C LEU Y 109 -203.08 244.54 -129.48
N SER Y 110 -202.98 245.80 -129.09
CA SER Y 110 -204.13 246.64 -128.79
C SER Y 110 -203.95 247.99 -129.47
N VAL Y 111 -205.03 248.78 -129.44
CA VAL Y 111 -205.05 250.11 -130.04
C VAL Y 111 -205.27 251.13 -128.93
N ASN Y 112 -204.38 252.12 -128.85
CA ASN Y 112 -204.46 253.17 -127.85
C ASN Y 112 -204.83 254.52 -128.45
N GLN Y 113 -204.02 255.02 -129.39
CA GLN Y 113 -204.27 256.30 -130.04
C GLN Y 113 -204.47 256.08 -131.54
N GLN Y 114 -205.47 256.75 -132.09
CA GLN Y 114 -205.77 256.63 -133.51
C GLN Y 114 -206.24 257.98 -134.03
N TRP Y 115 -205.98 258.23 -135.31
CA TRP Y 115 -206.36 259.47 -135.98
C TRP Y 115 -207.03 259.12 -137.30
N THR Y 116 -208.36 259.06 -137.29
CA THR Y 116 -209.11 258.73 -138.49
C THR Y 116 -209.17 259.88 -139.49
N THR Y 117 -208.96 261.12 -139.03
CA THR Y 117 -209.00 262.29 -139.90
C THR Y 117 -207.60 262.74 -140.30
N ALA Y 118 -206.69 261.79 -140.53
CA ALA Y 118 -205.33 262.14 -140.92
C ALA Y 118 -205.21 262.37 -142.42
N HIS Y 119 -205.92 261.57 -143.22
CA HIS Y 119 -205.89 261.71 -144.67
C HIS Y 119 -207.29 261.44 -145.21
N TYR Y 120 -207.94 262.49 -145.72
CA TYR Y 120 -209.29 262.38 -146.26
C TYR Y 120 -209.47 263.40 -147.35
N HIS Y 121 -210.44 263.14 -148.22
CA HIS Y 121 -210.76 264.02 -149.34
C HIS Y 121 -212.10 264.70 -149.08
N THR Y 122 -212.11 266.03 -149.19
CA THR Y 122 -213.33 266.80 -148.96
C THR Y 122 -213.64 267.68 -150.16
N SER Y 130 -214.64 261.77 -149.79
CA SER Y 130 -214.02 260.47 -150.07
C SER Y 130 -213.02 260.11 -148.98
N SER Y 131 -212.29 259.01 -149.20
CA SER Y 131 -211.29 258.53 -148.26
C SER Y 131 -209.95 258.44 -148.97
N ALA Y 132 -208.99 259.25 -148.51
CA ALA Y 132 -207.66 259.25 -149.11
C ALA Y 132 -206.77 258.22 -148.42
N PRO Y 133 -206.04 257.40 -149.17
CA PRO Y 133 -205.18 256.41 -148.54
C PRO Y 133 -203.86 257.02 -148.07
N CYS Y 134 -203.43 256.60 -146.88
CA CYS Y 134 -202.19 257.10 -146.31
C CYS Y 134 -201.00 256.45 -147.00
N THR Y 135 -200.03 257.27 -147.42
CA THR Y 135 -198.85 256.76 -148.10
C THR Y 135 -197.84 256.24 -147.08
N GLY Y 136 -196.81 257.03 -146.79
CA GLY Y 136 -195.78 256.65 -145.85
C GLY Y 136 -196.00 257.24 -144.47
N VAL Y 137 -195.23 256.73 -143.51
CA VAL Y 137 -195.32 257.18 -142.13
CA VAL Y 137 -195.32 257.18 -142.13
C VAL Y 137 -193.94 257.07 -141.48
N VAL Y 138 -193.45 258.19 -140.95
CA VAL Y 138 -192.15 258.22 -140.31
C VAL Y 138 -192.30 257.86 -138.84
N CYS Y 139 -191.19 257.47 -138.22
CA CYS Y 139 -191.16 257.09 -136.81
C CYS Y 139 -190.03 257.84 -136.13
N ASN Y 140 -190.38 258.80 -135.28
CA ASN Y 140 -189.39 259.60 -134.57
CA ASN Y 140 -189.39 259.60 -134.57
C ASN Y 140 -189.97 259.99 -133.22
N ASN Y 141 -189.29 259.60 -132.15
CA ASN Y 141 -189.76 259.91 -130.80
C ASN Y 141 -189.43 261.38 -130.48
N PRO Y 142 -190.42 262.17 -130.03
CA PRO Y 142 -191.80 261.72 -129.83
C PRO Y 142 -192.79 262.46 -130.74
N GLU Y 143 -192.82 262.09 -132.01
CA GLU Y 143 -193.72 262.71 -132.97
C GLU Y 143 -194.25 261.64 -133.92
N ILE Y 144 -195.06 262.07 -134.89
CA ILE Y 144 -195.63 261.16 -135.87
C ILE Y 144 -195.86 261.89 -137.17
N VAL Y 145 -194.94 261.72 -138.12
CA VAL Y 145 -195.02 262.36 -139.43
C VAL Y 145 -195.53 261.35 -140.45
N THR Y 146 -196.60 261.71 -141.16
CA THR Y 146 -197.19 260.83 -142.16
C THR Y 146 -197.65 261.68 -143.34
N VAL Y 147 -198.02 260.99 -144.42
CA VAL Y 147 -198.49 261.65 -145.64
C VAL Y 147 -199.50 260.74 -146.33
N GLY Y 148 -200.41 261.35 -147.08
CA GLY Y 148 -201.42 260.60 -147.77
C GLY Y 148 -201.53 260.97 -149.25
N GLU Y 149 -202.59 260.50 -149.91
CA GLU Y 149 -202.79 260.78 -151.32
C GLU Y 149 -203.48 262.13 -151.57
N ASP Y 150 -203.98 262.77 -150.53
CA ASP Y 150 -204.64 264.07 -150.65
C ASP Y 150 -203.68 265.24 -150.54
N GLY Y 151 -202.40 264.99 -150.35
CA GLY Y 151 -201.44 266.07 -150.23
C GLY Y 151 -201.43 266.76 -148.88
N ARG Y 152 -201.64 266.02 -147.79
CA ARG Y 152 -201.66 266.57 -146.44
C ARG Y 152 -200.51 265.95 -145.65
N ILE Y 153 -199.61 266.80 -145.17
CA ILE Y 153 -198.46 266.34 -144.39
C ILE Y 153 -198.70 266.64 -142.92
N ASN Y 154 -199.38 265.75 -142.22
CA ASN Y 154 -199.66 265.93 -140.81
C ASN Y 154 -198.44 265.59 -139.96
N LEU Y 155 -198.38 266.19 -138.77
CA LEU Y 155 -197.29 265.98 -137.82
C LEU Y 155 -197.90 265.77 -136.43
N PHE Y 156 -198.35 264.54 -136.18
CA PHE Y 156 -198.96 264.21 -134.90
C PHE Y 156 -197.88 263.94 -133.86
N ARG Y 157 -198.33 263.72 -132.62
CA ARG Y 157 -197.43 263.44 -131.50
C ARG Y 157 -198.09 262.40 -130.60
N ALA Y 158 -197.38 262.02 -129.54
CA ALA Y 158 -197.88 261.04 -128.60
C ALA Y 158 -198.84 261.69 -127.60
N ASP Y 159 -199.91 260.98 -127.28
CA ASP Y 159 -200.94 261.45 -126.34
C ASP Y 159 -201.52 262.79 -126.79
N HIS Y 160 -201.90 262.86 -128.07
CA HIS Y 160 -202.47 264.06 -128.65
C HIS Y 160 -203.65 263.68 -129.52
N LYS Y 161 -204.76 264.38 -129.35
CA LYS Y 161 -205.95 264.10 -130.15
C LYS Y 161 -205.83 264.69 -131.56
N GLU Y 162 -205.39 265.94 -131.65
CA GLU Y 162 -205.22 266.63 -132.92
C GLU Y 162 -203.75 266.71 -133.29
N ALA Y 163 -203.50 267.01 -134.56
CA ALA Y 163 -202.13 267.12 -135.05
C ALA Y 163 -201.53 268.47 -134.67
N VAL Y 164 -200.21 268.48 -134.51
CA VAL Y 164 -199.52 269.71 -134.14
C VAL Y 164 -199.35 270.62 -135.36
N ARG Y 165 -199.08 270.03 -136.53
CA ARG Y 165 -198.90 270.81 -137.74
C ARG Y 165 -199.37 269.99 -138.93
N THR Y 166 -200.15 270.61 -139.82
CA THR Y 166 -200.68 269.95 -141.00
C THR Y 166 -200.41 270.86 -142.21
N ILE Y 167 -199.57 270.38 -143.12
CA ILE Y 167 -199.22 271.13 -144.34
C ILE Y 167 -200.08 270.60 -145.47
N ASP Y 168 -201.05 271.42 -145.91
CA ASP Y 168 -201.95 271.05 -146.99
C ASP Y 168 -201.31 271.48 -148.31
N ASN Y 169 -200.63 270.55 -148.97
CA ASN Y 169 -199.98 270.84 -150.23
C ASN Y 169 -200.99 270.86 -151.37
N ALA Y 170 -200.87 271.85 -152.25
CA ALA Y 170 -201.76 272.01 -153.39
C ALA Y 170 -201.19 271.41 -154.67
N ASP Y 171 -200.39 270.36 -154.55
CA ASP Y 171 -199.80 269.72 -155.70
C ASP Y 171 -200.80 268.81 -156.40
N SER Y 172 -200.63 268.67 -157.71
CA SER Y 172 -201.51 267.81 -158.50
C SER Y 172 -201.14 266.34 -158.43
N SER Y 173 -199.93 266.02 -157.96
CA SER Y 173 -199.49 264.65 -157.84
C SER Y 173 -199.82 264.11 -156.45
N THR Y 174 -199.56 262.81 -156.25
CA THR Y 174 -199.82 262.14 -154.99
C THR Y 174 -198.50 261.68 -154.37
N LEU Y 175 -198.38 261.85 -153.06
CA LEU Y 175 -197.18 261.42 -152.37
C LEU Y 175 -197.17 259.92 -152.17
N HIS Y 176 -195.97 259.36 -152.12
CA HIS Y 176 -195.81 257.92 -151.95
C HIS Y 176 -194.91 257.55 -150.77
N ALA Y 177 -193.93 258.39 -150.44
CA ALA Y 177 -193.03 258.12 -149.34
C ALA Y 177 -192.66 259.43 -148.65
N VAL Y 178 -192.12 259.31 -147.44
CA VAL Y 178 -191.70 260.46 -146.65
C VAL Y 178 -190.48 260.09 -145.82
N THR Y 179 -189.40 260.86 -145.96
CA THR Y 179 -188.16 260.61 -145.25
C THR Y 179 -187.79 261.83 -144.40
N PHE Y 180 -187.47 261.57 -143.14
CA PHE Y 180 -187.09 262.62 -142.20
C PHE Y 180 -185.57 262.66 -142.09
N LEU Y 181 -184.97 263.81 -142.42
CA LEU Y 181 -183.53 263.97 -142.36
C LEU Y 181 -183.10 264.61 -141.05
N ARG Y 182 -183.67 265.78 -140.72
CA ARG Y 182 -183.34 266.50 -139.51
C ARG Y 182 -184.63 266.91 -138.79
N THR Y 183 -184.53 267.01 -137.47
CA THR Y 183 -185.68 267.40 -136.66
C THR Y 183 -185.87 268.90 -136.71
N PRO Y 184 -187.03 269.39 -137.20
CA PRO Y 184 -188.13 268.55 -137.68
C PRO Y 184 -188.51 268.85 -139.13
N GLU Y 185 -187.54 268.70 -140.04
CA GLU Y 185 -187.75 268.96 -141.46
C GLU Y 185 -187.65 267.63 -142.20
N ILE Y 186 -188.77 267.18 -142.76
CA ILE Y 186 -188.82 265.93 -143.49
C ILE Y 186 -188.85 266.23 -144.99
N LEU Y 187 -188.66 265.19 -145.80
CA LEU Y 187 -188.67 265.32 -147.25
C LEU Y 187 -189.51 264.19 -147.83
N THR Y 188 -190.55 264.56 -148.57
CA THR Y 188 -191.45 263.60 -149.20
C THR Y 188 -191.21 263.55 -150.70
N VAL Y 189 -191.72 262.48 -151.31
CA VAL Y 189 -191.59 262.26 -152.75
C VAL Y 189 -192.98 262.11 -153.34
N ASN Y 190 -193.25 262.83 -154.42
CA ASN Y 190 -194.54 262.79 -155.09
C ASN Y 190 -194.52 261.70 -156.16
N SER Y 191 -195.57 261.65 -156.98
CA SER Y 191 -195.70 260.68 -158.05
C SER Y 191 -195.12 261.18 -159.37
N ILE Y 192 -194.46 262.33 -159.38
CA ILE Y 192 -193.87 262.90 -160.58
C ILE Y 192 -192.35 262.86 -160.54
N GLY Y 193 -191.77 262.13 -159.59
CA GLY Y 193 -190.33 262.04 -159.50
C GLY Y 193 -189.66 263.23 -158.85
N GLN Y 194 -190.41 264.06 -158.13
CA GLN Y 194 -189.88 265.23 -157.45
C GLN Y 194 -189.80 264.98 -155.95
N LEU Y 195 -188.79 265.60 -155.32
CA LEU Y 195 -188.56 265.48 -153.88
C LEU Y 195 -188.62 266.87 -153.27
N LYS Y 196 -189.68 267.15 -152.52
CA LYS Y 196 -189.87 268.43 -151.87
C LYS Y 196 -189.56 268.32 -150.39
N ILE Y 197 -188.90 269.35 -149.85
CA ILE Y 197 -188.52 269.40 -148.45
C ILE Y 197 -189.35 270.48 -147.76
N TRP Y 198 -190.03 270.11 -146.68
CA TRP Y 198 -190.87 271.03 -145.92
C TRP Y 198 -190.44 271.01 -144.47
N ASP Y 199 -191.02 271.93 -143.69
CA ASP Y 199 -190.73 272.05 -142.27
C ASP Y 199 -192.03 272.22 -141.50
N PHE Y 200 -192.05 271.67 -140.28
CA PHE Y 200 -193.23 271.77 -139.43
C PHE Y 200 -193.37 273.14 -138.77
N ARG Y 201 -192.27 273.87 -138.61
CA ARG Y 201 -192.29 275.20 -137.98
C ARG Y 201 -192.22 276.32 -139.01
N GLN Y 202 -192.46 276.02 -140.28
CA GLN Y 202 -192.42 277.01 -141.35
C GLN Y 202 -193.82 277.54 -141.63
N GLN Y 203 -193.88 278.76 -142.15
CA GLN Y 203 -195.15 279.40 -142.48
C GLN Y 203 -195.53 279.09 -143.92
N GLY Y 204 -196.83 278.94 -144.15
CA GLY Y 204 -197.34 278.64 -145.47
C GLY Y 204 -197.44 277.15 -145.74
N ASN Y 205 -197.75 276.84 -146.99
CA ASN Y 205 -197.91 275.46 -147.44
C ASN Y 205 -196.98 275.13 -148.62
N GLU Y 206 -195.91 275.91 -148.80
CA GLU Y 206 -194.97 275.69 -149.88
C GLU Y 206 -193.68 275.06 -149.36
N PRO Y 207 -192.96 274.32 -150.20
CA PRO Y 207 -191.71 273.70 -149.76
C PRO Y 207 -190.52 274.63 -149.93
N SER Y 208 -189.48 274.36 -149.13
CA SER Y 208 -188.27 275.17 -149.18
C SER Y 208 -187.41 274.82 -150.39
N GLN Y 209 -187.28 273.53 -150.69
CA GLN Y 209 -186.48 273.07 -151.82
C GLN Y 209 -187.28 272.07 -152.64
N ILE Y 210 -186.92 271.97 -153.92
CA ILE Y 210 -187.58 271.06 -154.86
C ILE Y 210 -186.51 270.43 -155.73
N LEU Y 211 -186.41 269.10 -155.70
CA LEU Y 211 -185.43 268.37 -156.49
C LEU Y 211 -186.15 267.27 -157.27
N SER Y 212 -186.17 267.38 -158.59
CA SER Y 212 -186.81 266.43 -159.47
C SER Y 212 -185.77 265.78 -160.38
N LEU Y 213 -186.23 264.82 -161.19
CA LEU Y 213 -185.35 264.12 -162.11
C LEU Y 213 -185.41 264.73 -163.50
N THR Y 214 -185.49 263.88 -164.53
CA THR Y 214 -185.55 264.38 -165.90
C THR Y 214 -186.94 264.89 -166.26
N GLY Y 215 -187.92 264.00 -166.26
CA GLY Y 215 -189.29 264.37 -166.57
C GLY Y 215 -190.27 264.04 -165.48
N ASP Y 216 -191.56 264.10 -165.80
CA ASP Y 216 -192.62 263.80 -164.84
C ASP Y 216 -193.26 262.44 -165.09
N ARG Y 217 -192.65 261.59 -165.90
CA ARG Y 217 -193.19 260.27 -166.19
C ARG Y 217 -192.76 259.22 -165.18
N VAL Y 218 -191.60 259.38 -164.56
CA VAL Y 218 -191.11 258.44 -163.56
C VAL Y 218 -191.80 258.72 -162.23
N PRO Y 219 -192.14 257.69 -161.45
CA PRO Y 219 -192.81 257.94 -160.17
C PRO Y 219 -192.06 257.32 -159.00
N LEU Y 220 -191.61 258.14 -158.06
CA LEU Y 220 -190.89 257.66 -156.90
C LEU Y 220 -191.84 257.02 -155.90
N HIS Y 221 -191.41 255.90 -155.32
CA HIS Y 221 -192.21 255.18 -154.34
C HIS Y 221 -191.53 255.00 -152.99
N CYS Y 222 -190.20 255.07 -152.93
CA CYS Y 222 -189.47 254.90 -151.69
C CYS Y 222 -188.53 256.09 -151.48
N VAL Y 223 -188.29 256.42 -150.22
CA VAL Y 223 -187.43 257.54 -149.86
C VAL Y 223 -186.83 257.26 -148.49
N ASP Y 224 -185.50 257.32 -148.40
CA ASP Y 224 -184.80 257.07 -147.15
C ASP Y 224 -183.48 257.82 -147.16
N ARG Y 225 -183.11 258.37 -146.01
CA ARG Y 225 -181.87 259.12 -145.86
C ARG Y 225 -180.82 258.29 -145.15
N HIS Y 226 -179.58 258.77 -145.20
CA HIS Y 226 -178.47 258.09 -144.56
C HIS Y 226 -178.48 258.32 -143.05
N PRO Y 227 -177.82 257.45 -142.29
CA PRO Y 227 -177.80 257.62 -140.84
C PRO Y 227 -176.72 258.60 -140.38
N ASN Y 228 -175.62 258.66 -141.14
CA ASN Y 228 -174.50 259.55 -140.83
C ASN Y 228 -174.59 260.88 -141.55
N GLN Y 229 -175.02 260.88 -142.81
CA GLN Y 229 -175.14 262.10 -143.60
C GLN Y 229 -176.60 262.54 -143.64
N GLN Y 230 -176.87 263.74 -143.14
CA GLN Y 230 -178.23 264.27 -143.13
C GLN Y 230 -178.64 264.91 -144.47
N HIS Y 231 -177.69 265.11 -145.38
CA HIS Y 231 -177.99 265.71 -146.68
CA HIS Y 231 -177.99 265.71 -146.68
C HIS Y 231 -178.12 264.69 -147.79
N VAL Y 232 -177.57 263.50 -147.63
CA VAL Y 232 -177.64 262.45 -148.65
C VAL Y 232 -178.88 261.60 -148.39
N VAL Y 233 -179.59 261.27 -149.46
CA VAL Y 233 -180.80 260.45 -149.36
C VAL Y 233 -180.95 259.67 -150.65
N ALA Y 234 -181.39 258.42 -150.52
CA ALA Y 234 -181.60 257.53 -151.66
C ALA Y 234 -183.08 257.34 -151.91
N THR Y 235 -183.47 257.28 -153.18
CA THR Y 235 -184.86 257.12 -153.57
C THR Y 235 -184.93 256.18 -154.76
N GLY Y 236 -186.13 255.62 -154.98
CA GLY Y 236 -186.35 254.71 -156.08
C GLY Y 236 -187.57 255.04 -156.89
N GLY Y 237 -187.40 255.20 -158.21
CA GLY Y 237 -188.49 255.52 -159.09
C GLY Y 237 -189.29 254.30 -159.50
N GLN Y 238 -190.09 254.48 -160.55
CA GLN Y 238 -190.94 253.42 -161.09
CA GLN Y 238 -190.94 253.42 -161.09
C GLN Y 238 -190.23 252.61 -162.16
N ASP Y 239 -188.94 252.85 -162.41
CA ASP Y 239 -188.19 252.13 -163.42
C ASP Y 239 -187.13 251.19 -162.84
N GLY Y 240 -186.90 251.24 -161.53
CA GLY Y 240 -185.92 250.38 -160.90
C GLY Y 240 -184.52 250.96 -160.81
N MET Y 241 -184.36 252.26 -161.04
CA MET Y 241 -183.06 252.90 -160.98
C MET Y 241 -182.91 253.60 -159.64
N LEU Y 242 -181.88 253.23 -158.87
CA LEU Y 242 -181.63 253.80 -157.57
C LEU Y 242 -180.98 255.16 -157.74
N SER Y 243 -181.68 256.23 -157.37
CA SER Y 243 -181.18 257.59 -157.49
C SER Y 243 -180.74 258.09 -156.13
N ILE Y 244 -179.50 258.56 -156.05
CA ILE Y 244 -178.92 259.09 -154.81
C ILE Y 244 -178.68 260.57 -155.04
N TRP Y 245 -179.55 261.41 -154.49
CA TRP Y 245 -179.45 262.85 -154.62
C TRP Y 245 -179.08 263.48 -153.28
N ASP Y 246 -178.70 264.75 -153.34
CA ASP Y 246 -178.31 265.51 -152.16
C ASP Y 246 -179.21 266.74 -152.01
N VAL Y 247 -179.27 267.25 -150.78
CA VAL Y 247 -180.10 268.43 -150.50
C VAL Y 247 -179.35 269.74 -150.70
N ARG Y 248 -178.05 269.70 -150.97
CA ARG Y 248 -177.25 270.89 -151.18
C ARG Y 248 -176.30 270.69 -152.36
N GLN Y 249 -176.85 270.18 -153.46
CA GLN Y 249 -176.07 269.93 -154.67
C GLN Y 249 -176.99 270.09 -155.88
N GLY Y 250 -177.55 271.28 -156.04
CA GLY Y 250 -178.45 271.53 -157.16
C GLY Y 250 -179.85 271.02 -156.90
N THR Y 251 -180.54 270.67 -157.99
CA THR Y 251 -181.90 270.16 -157.91
C THR Y 251 -182.07 268.88 -158.72
N MET Y 252 -180.98 268.15 -158.97
CA MET Y 252 -181.04 266.91 -159.73
C MET Y 252 -180.37 265.79 -158.97
N PRO Y 253 -180.30 264.58 -159.54
CA PRO Y 253 -179.64 263.47 -158.83
C PRO Y 253 -178.14 263.43 -159.08
N VAL Y 254 -177.40 263.09 -158.03
CA VAL Y 254 -175.95 263.02 -158.15
C VAL Y 254 -175.52 261.72 -158.81
N SER Y 255 -176.29 260.65 -158.66
CA SER Y 255 -175.96 259.36 -159.26
C SER Y 255 -177.24 258.61 -159.57
N LEU Y 256 -177.39 258.19 -160.82
CA LEU Y 256 -178.57 257.45 -161.28
C LEU Y 256 -178.09 256.16 -161.93
N LEU Y 257 -178.14 255.06 -161.16
CA LEU Y 257 -177.72 253.75 -161.64
C LEU Y 257 -178.90 252.81 -161.65
N LYS Y 258 -179.07 252.09 -162.75
CA LYS Y 258 -180.16 251.14 -162.88
C LYS Y 258 -179.86 249.86 -162.10
N ALA Y 259 -180.92 249.12 -161.80
CA ALA Y 259 -180.79 247.86 -161.06
C ALA Y 259 -181.76 246.82 -161.59
N HIS Y 260 -183.04 246.95 -161.23
CA HIS Y 260 -184.06 246.00 -161.66
C HIS Y 260 -184.77 246.55 -162.89
N GLU Y 261 -185.87 245.91 -163.28
CA GLU Y 261 -186.65 246.32 -164.44
C GLU Y 261 -188.04 246.84 -164.10
N ALA Y 262 -188.60 246.45 -162.95
CA ALA Y 262 -189.92 246.89 -162.54
C ALA Y 262 -189.80 248.12 -161.65
N GLU Y 263 -190.89 248.46 -160.96
CA GLU Y 263 -190.90 249.62 -160.07
C GLU Y 263 -190.24 249.27 -158.74
N MET Y 264 -189.54 250.25 -158.17
CA MET Y 264 -188.86 250.07 -156.89
C MET Y 264 -189.87 250.13 -155.75
N TRP Y 265 -189.96 249.06 -154.97
CA TRP Y 265 -190.88 249.00 -153.85
C TRP Y 265 -190.34 249.79 -152.66
N GLU Y 266 -189.50 249.17 -151.85
CA GLU Y 266 -188.91 249.80 -150.69
C GLU Y 266 -187.39 249.81 -150.82
N VAL Y 267 -186.77 250.82 -150.22
CA VAL Y 267 -185.31 250.97 -150.26
C VAL Y 267 -184.85 251.69 -148.99
N HIS Y 268 -184.01 251.02 -148.21
CA HIS Y 268 -183.48 251.60 -146.98
C HIS Y 268 -182.10 251.01 -146.71
N PHE Y 269 -181.22 251.84 -146.16
CA PHE Y 269 -179.86 251.42 -145.84
C PHE Y 269 -179.78 250.91 -144.41
N HIS Y 270 -178.61 250.40 -144.06
CA HIS Y 270 -178.39 249.87 -142.72
C HIS Y 270 -178.03 251.00 -141.75
N PRO Y 271 -178.47 250.89 -140.49
CA PRO Y 271 -178.14 251.94 -139.52
C PRO Y 271 -176.74 251.82 -138.92
N SER Y 272 -176.18 250.62 -138.88
CA SER Y 272 -174.84 250.43 -138.32
C SER Y 272 -173.77 250.87 -139.32
N ASN Y 273 -173.83 250.34 -140.54
CA ASN Y 273 -172.86 250.67 -141.57
C ASN Y 273 -173.56 251.38 -142.73
N PRO Y 274 -173.06 252.54 -143.16
CA PRO Y 274 -173.70 253.25 -144.28
C PRO Y 274 -173.26 252.77 -145.65
N GLU Y 275 -172.32 251.82 -145.73
CA GLU Y 275 -171.87 251.33 -147.03
C GLU Y 275 -172.85 250.31 -147.61
N HIS Y 276 -173.43 249.47 -146.76
CA HIS Y 276 -174.38 248.47 -147.21
C HIS Y 276 -175.78 249.05 -147.24
N LEU Y 277 -176.52 248.72 -148.30
CA LEU Y 277 -177.88 249.21 -148.48
C LEU Y 277 -178.67 248.21 -149.29
N PHE Y 278 -179.90 247.93 -148.87
CA PHE Y 278 -180.79 247.00 -149.53
C PHE Y 278 -181.94 247.75 -150.19
N THR Y 279 -182.50 247.15 -151.24
CA THR Y 279 -183.60 247.75 -151.97
C THR Y 279 -184.47 246.64 -152.54
N CYS Y 280 -185.78 246.86 -152.52
CA CYS Y 280 -186.76 245.91 -153.03
C CYS Y 280 -187.47 246.50 -154.23
N SER Y 281 -187.74 245.66 -155.22
CA SER Y 281 -188.42 246.06 -156.45
C SER Y 281 -189.70 245.23 -156.62
N GLU Y 282 -190.41 245.50 -157.72
CA GLU Y 282 -191.64 244.80 -158.04
C GLU Y 282 -191.42 243.65 -159.01
N ASP Y 283 -190.18 243.17 -159.14
CA ASP Y 283 -189.86 242.06 -160.04
C ASP Y 283 -189.49 240.78 -159.31
N GLY Y 284 -189.28 240.83 -157.99
CA GLY Y 284 -188.93 239.64 -157.25
C GLY Y 284 -187.44 239.46 -157.08
N SER Y 285 -186.76 240.50 -156.62
CA SER Y 285 -185.31 240.45 -156.43
CA SER Y 285 -185.31 240.45 -156.43
C SER Y 285 -184.94 241.40 -155.30
N LEU Y 286 -184.30 240.86 -154.25
CA LEU Y 286 -183.87 241.65 -153.09
CA LEU Y 286 -183.87 241.65 -153.09
C LEU Y 286 -182.36 241.83 -153.18
N TRP Y 287 -181.95 242.82 -153.97
CA TRP Y 287 -180.53 243.11 -154.13
C TRP Y 287 -179.99 243.87 -152.94
N HIS Y 288 -178.77 243.55 -152.54
CA HIS Y 288 -178.10 244.19 -151.40
C HIS Y 288 -176.79 244.79 -151.91
N TRP Y 289 -176.80 246.10 -152.14
CA TRP Y 289 -175.61 246.80 -152.63
C TRP Y 289 -174.61 247.00 -151.49
N ASP Y 290 -173.33 246.88 -151.82
CA ASP Y 290 -172.24 247.05 -150.86
C ASP Y 290 -171.19 247.96 -151.48
N ALA Y 291 -171.13 249.21 -151.01
CA ALA Y 291 -170.17 250.19 -151.52
C ALA Y 291 -168.91 250.28 -150.67
N SER Y 292 -168.65 249.27 -149.84
CA SER Y 292 -167.47 249.26 -148.99
C SER Y 292 -166.23 248.86 -149.78
N SER Y 329 -168.41 255.36 -150.92
CA SER Y 329 -169.38 256.43 -150.76
C SER Y 329 -170.41 256.43 -151.88
N TRP Y 330 -171.65 256.82 -151.55
CA TRP Y 330 -172.72 256.85 -152.54
C TRP Y 330 -172.73 258.14 -153.36
N LEU Y 331 -171.98 259.16 -152.95
CA LEU Y 331 -171.92 260.43 -153.66
C LEU Y 331 -170.77 260.49 -154.66
N SER Y 332 -169.94 259.45 -154.74
CA SER Y 332 -168.82 259.44 -155.67
C SER Y 332 -169.28 259.10 -157.09
N ARG Y 339 -166.69 250.90 -157.52
CA ARG Y 339 -167.22 249.59 -157.91
C ARG Y 339 -168.11 249.02 -156.81
N ILE Y 340 -169.41 249.21 -156.95
CA ILE Y 340 -170.38 248.72 -155.98
C ILE Y 340 -170.70 247.25 -156.30
N GLU Y 341 -170.72 246.42 -155.26
CA GLU Y 341 -171.01 245.01 -155.40
C GLU Y 341 -172.46 244.75 -155.01
N ILE Y 342 -173.23 244.16 -155.93
CA ILE Y 342 -174.64 243.85 -155.71
C ILE Y 342 -174.80 242.35 -155.62
N THR Y 343 -175.63 241.90 -154.68
CA THR Y 343 -175.89 240.48 -154.49
C THR Y 343 -177.36 240.30 -154.14
N SER Y 344 -178.06 239.48 -154.93
CA SER Y 344 -179.48 239.24 -154.70
C SER Y 344 -179.65 238.17 -153.63
N LEU Y 345 -180.39 238.50 -152.56
CA LEU Y 345 -180.62 237.56 -151.49
C LEU Y 345 -181.66 236.51 -151.88
N LEU Y 346 -182.65 236.90 -152.67
CA LEU Y 346 -183.69 235.99 -153.12
C LEU Y 346 -183.55 235.71 -154.61
N PRO Y 347 -184.06 234.57 -155.09
CA PRO Y 347 -183.96 234.27 -156.52
C PRO Y 347 -185.19 234.70 -157.30
N SER Y 348 -185.52 233.95 -158.35
CA SER Y 348 -186.69 234.27 -159.17
C SER Y 348 -187.90 233.53 -158.61
C SER Y 348 -187.96 233.57 -158.72
N ARG Y 349 -188.73 232.96 -159.49
N ARG Y 349 -187.86 232.34 -158.22
CA ARG Y 349 -189.86 232.13 -159.10
CA ARG Y 349 -189.04 231.53 -157.92
C ARG Y 349 -190.85 232.89 -158.21
C ARG Y 349 -189.89 232.15 -156.82
N SER Y 350 -190.40 233.31 -157.02
N SER Y 350 -190.41 233.35 -157.06
CA SER Y 350 -191.25 234.04 -156.10
CA SER Y 350 -191.25 234.06 -156.11
C SER Y 350 -191.79 235.32 -156.76
N LEU Y 351 -192.91 235.81 -156.22
CA LEU Y 351 -193.54 237.00 -156.75
C LEU Y 351 -192.80 238.26 -156.31
N SER Y 352 -193.43 239.42 -156.49
CA SER Y 352 -192.80 240.68 -156.13
C SER Y 352 -192.73 240.84 -154.61
N VAL Y 353 -191.81 241.68 -154.16
CA VAL Y 353 -191.62 241.94 -152.74
C VAL Y 353 -192.28 243.27 -152.40
N ASN Y 354 -192.62 243.44 -151.12
CA ASN Y 354 -193.27 244.66 -150.64
C ASN Y 354 -192.29 245.56 -149.90
N THR Y 355 -191.74 245.07 -148.80
CA THR Y 355 -190.79 245.83 -148.00
C THR Y 355 -189.71 244.90 -147.48
N LEU Y 356 -188.66 245.48 -146.93
CA LEU Y 356 -187.54 244.72 -146.39
C LEU Y 356 -186.93 245.48 -145.22
N ASP Y 357 -186.65 244.76 -144.14
CA ASP Y 357 -186.07 245.34 -142.94
C ASP Y 357 -184.64 244.85 -142.75
N VAL Y 358 -183.83 245.66 -142.08
CA VAL Y 358 -182.43 245.34 -141.83
CA VAL Y 358 -182.43 245.34 -141.83
C VAL Y 358 -181.99 245.97 -140.52
N LEU Y 359 -181.54 245.15 -139.56
CA LEU Y 359 -181.09 245.62 -138.26
C LEU Y 359 -179.82 244.83 -137.89
N GLY Y 360 -178.68 245.35 -138.31
CA GLY Y 360 -177.41 244.70 -138.06
C GLY Y 360 -177.20 243.48 -138.93
N PRO Y 361 -177.26 242.29 -138.31
CA PRO Y 361 -177.07 241.07 -139.09
C PRO Y 361 -178.39 240.43 -139.48
N CYS Y 362 -179.49 240.94 -138.93
CA CYS Y 362 -180.82 240.41 -139.22
C CYS Y 362 -181.39 241.07 -140.46
N LEU Y 363 -182.19 240.29 -141.21
CA LEU Y 363 -182.82 240.78 -142.43
CA LEU Y 363 -182.82 240.78 -142.43
C LEU Y 363 -184.15 240.08 -142.61
N VAL Y 364 -185.23 240.85 -142.63
CA VAL Y 364 -186.58 240.32 -142.78
C VAL Y 364 -187.26 241.06 -143.93
N CYS Y 365 -187.97 240.32 -144.78
CA CYS Y 365 -188.67 240.91 -145.90
C CYS Y 365 -189.97 240.15 -146.13
N GLY Y 366 -190.84 240.75 -146.91
CA GLY Y 366 -192.12 240.15 -147.23
C GLY Y 366 -192.41 240.17 -148.72
N THR Y 367 -192.92 239.05 -149.22
CA THR Y 367 -193.24 238.89 -150.62
C THR Y 367 -194.76 238.88 -150.81
N ASP Y 368 -195.17 238.95 -152.08
CA ASP Y 368 -196.59 238.96 -152.43
C ASP Y 368 -197.17 237.56 -152.57
N ALA Y 369 -196.33 236.52 -152.49
CA ALA Y 369 -196.79 235.14 -152.61
C ALA Y 369 -197.00 234.47 -151.26
N GLU Y 370 -197.45 235.24 -150.27
CA GLU Y 370 -197.69 234.73 -148.91
C GLU Y 370 -196.44 234.09 -148.32
N ALA Y 371 -195.32 234.80 -148.44
CA ALA Y 371 -194.04 234.34 -147.93
C ALA Y 371 -193.36 235.46 -147.16
N ILE Y 372 -192.48 235.07 -146.24
CA ILE Y 372 -191.74 236.00 -145.40
C ILE Y 372 -190.34 235.43 -145.20
N TYR Y 373 -189.35 236.00 -145.88
CA TYR Y 373 -187.96 235.55 -145.78
C TYR Y 373 -187.29 236.20 -144.58
N VAL Y 374 -186.56 235.38 -143.82
CA VAL Y 374 -185.84 235.84 -142.63
C VAL Y 374 -184.43 235.26 -142.66
N THR Y 375 -183.45 236.09 -142.30
CA THR Y 375 -182.05 235.66 -142.28
C THR Y 375 -181.34 236.43 -141.18
N ARG Y 376 -180.92 235.71 -140.12
CA ARG Y 376 -180.23 236.31 -139.00
C ARG Y 376 -178.71 236.22 -139.12
N HIS Y 377 -178.19 235.88 -140.31
CA HIS Y 377 -176.75 235.77 -140.55
C HIS Y 377 -176.47 236.30 -141.95
N LEU Y 378 -176.50 237.63 -142.08
CA LEU Y 378 -176.24 238.26 -143.37
CA LEU Y 378 -176.24 238.26 -143.37
C LEU Y 378 -174.75 238.42 -143.65
N PHE Y 379 -173.93 238.49 -142.60
CA PHE Y 379 -172.49 238.64 -142.74
C PHE Y 379 -171.74 237.47 -142.11
N SER Y 380 -172.39 236.32 -142.00
CA SER Y 380 -171.78 235.14 -141.40
C SER Y 380 -172.29 233.86 -142.06
N LYS Z 78 -207.48 113.72 -115.56
CA LYS Z 78 -206.60 114.23 -114.52
C LYS Z 78 -207.38 115.04 -113.49
N TYR Z 79 -208.61 115.42 -113.84
CA TYR Z 79 -209.44 116.20 -112.92
C TYR Z 79 -210.08 115.31 -111.86
N SER Z 80 -210.49 114.10 -112.24
CA SER Z 80 -211.11 113.19 -111.28
C SER Z 80 -210.09 112.49 -110.39
N GLU Z 81 -208.83 112.39 -110.83
CA GLU Z 81 -207.78 111.74 -110.06
C GLU Z 81 -206.87 112.73 -109.36
N SER Z 82 -207.26 114.01 -109.31
CA SER Z 82 -206.42 115.01 -108.65
C SER Z 82 -206.58 114.96 -107.13
N ALA Z 83 -207.82 115.05 -106.65
CA ALA Z 83 -208.11 115.01 -105.22
C ALA Z 83 -209.09 113.89 -104.93
N GLY Z 84 -208.97 113.31 -103.73
CA GLY Z 84 -209.84 112.22 -103.33
C GLY Z 84 -209.42 111.60 -102.02
N GLY Z 85 -208.17 111.15 -101.93
CA GLY Z 85 -207.67 110.53 -100.72
C GLY Z 85 -207.95 109.05 -100.65
N PHE Z 86 -206.93 108.26 -100.33
CA PHE Z 86 -207.10 106.81 -100.24
C PHE Z 86 -207.77 106.40 -98.94
N TYR Z 87 -207.41 107.06 -97.83
CA TYR Z 87 -207.97 106.75 -96.53
C TYR Z 87 -207.96 108.03 -95.70
N TYR Z 88 -208.29 107.90 -94.42
CA TYR Z 88 -208.34 109.03 -93.50
C TYR Z 88 -208.06 108.55 -92.09
N VAL Z 89 -207.13 109.22 -91.41
CA VAL Z 89 -206.74 108.88 -90.06
C VAL Z 89 -206.81 110.14 -89.20
N GLU Z 90 -207.30 109.99 -87.97
CA GLU Z 90 -207.43 111.11 -87.04
C GLU Z 90 -207.02 110.62 -85.65
N SER Z 91 -205.92 111.16 -85.14
CA SER Z 91 -205.41 110.78 -83.83
C SER Z 91 -205.97 111.72 -82.76
N GLY Z 92 -205.58 111.47 -81.51
CA GLY Z 92 -206.03 112.30 -80.41
C GLY Z 92 -205.78 111.67 -79.05
N LYS Z 93 -204.76 112.17 -78.35
CA LYS Z 93 -204.39 111.66 -77.04
C LYS Z 93 -204.71 112.70 -75.97
N LEU Z 94 -204.87 112.21 -74.74
CA LEU Z 94 -205.17 113.07 -73.60
C LEU Z 94 -204.61 112.44 -72.34
N PHE Z 95 -204.12 113.29 -71.44
CA PHE Z 95 -203.55 112.83 -70.17
C PHE Z 95 -204.64 112.76 -69.10
N SER Z 96 -204.35 111.96 -68.07
CA SER Z 96 -205.26 111.76 -66.94
C SER Z 96 -204.73 112.42 -65.68
N VAL Z 97 -204.14 113.61 -65.82
CA VAL Z 97 -203.60 114.34 -64.68
C VAL Z 97 -203.74 115.84 -64.93
N THR Z 98 -203.56 116.26 -66.18
CA THR Z 98 -203.67 117.66 -66.54
C THR Z 98 -204.70 117.93 -67.65
N ARG Z 99 -205.25 116.89 -68.27
CA ARG Z 99 -206.25 117.02 -69.33
C ARG Z 99 -205.70 117.87 -70.49
N ASN Z 100 -204.58 117.42 -71.03
CA ASN Z 100 -203.93 118.10 -72.14
C ASN Z 100 -204.49 117.57 -73.45
N ARG Z 101 -205.23 118.40 -74.18
CA ARG Z 101 -205.83 118.02 -75.44
C ARG Z 101 -204.89 118.37 -76.59
N PHE Z 102 -204.66 117.41 -77.47
CA PHE Z 102 -203.78 117.61 -78.63
C PHE Z 102 -204.26 116.69 -79.74
N ILE Z 103 -205.24 117.17 -80.51
CA ILE Z 103 -205.82 116.42 -81.62
C ILE Z 103 -205.37 117.05 -82.93
N HIS Z 104 -205.23 116.21 -83.95
CA HIS Z 104 -204.80 116.67 -85.26
C HIS Z 104 -205.39 115.75 -86.33
N TRP Z 105 -205.70 116.33 -87.47
CA TRP Z 105 -206.27 115.59 -88.60
C TRP Z 105 -205.21 115.35 -89.67
N LYS Z 106 -205.45 114.33 -90.49
CA LYS Z 106 -204.55 113.95 -91.56
C LYS Z 106 -205.35 113.47 -92.76
N THR Z 107 -204.81 113.72 -93.95
CA THR Z 107 -205.45 113.32 -95.20
C THR Z 107 -204.46 112.56 -96.06
N SER Z 108 -204.98 111.70 -96.92
CA SER Z 108 -204.18 110.89 -97.82
C SER Z 108 -204.21 111.51 -99.22
N GLY Z 109 -203.85 110.71 -100.23
CA GLY Z 109 -203.84 111.15 -101.61
C GLY Z 109 -202.43 111.13 -102.18
N ASP Z 110 -202.08 112.19 -102.92
CA ASP Z 110 -200.75 112.28 -103.52
C ASP Z 110 -199.71 112.68 -102.49
N THR Z 111 -200.00 113.69 -101.68
CA THR Z 111 -199.08 114.17 -100.65
C THR Z 111 -199.69 113.95 -99.28
N LEU Z 112 -198.82 113.75 -98.29
CA LEU Z 112 -199.25 113.52 -96.91
C LEU Z 112 -199.64 114.86 -96.29
N GLU Z 113 -200.93 115.17 -96.32
CA GLU Z 113 -201.45 116.41 -95.77
C GLU Z 113 -201.85 116.22 -94.31
N LEU Z 114 -201.62 117.26 -93.51
CA LEU Z 114 -201.96 117.21 -92.09
C LEU Z 114 -202.34 118.61 -91.63
N MET Z 115 -203.47 118.72 -90.95
CA MET Z 115 -203.97 119.99 -90.44
C MET Z 115 -204.43 119.82 -89.00
N GLU Z 116 -204.26 120.89 -88.21
CA GLU Z 116 -204.65 120.87 -86.81
C GLU Z 116 -206.14 121.18 -86.69
N GLU Z 117 -206.89 120.29 -86.04
CA GLU Z 117 -208.33 120.46 -85.85
C GLU Z 117 -208.72 119.90 -84.48
N SER Z 118 -208.18 120.51 -83.44
CA SER Z 118 -208.46 120.09 -82.07
C SER Z 118 -209.66 120.88 -81.53
N LEU Z 119 -209.81 120.89 -80.21
CA LEU Z 119 -210.91 121.61 -79.57
C LEU Z 119 -210.52 122.06 -78.17
N ASP Z 120 -209.29 122.55 -78.03
CA ASP Z 120 -208.78 123.01 -76.75
C ASP Z 120 -209.15 124.48 -76.50
N ASN Z 122 -202.52 125.70 -79.57
CA ASN Z 122 -203.83 125.35 -80.10
C ASN Z 122 -204.61 126.61 -80.48
N LEU Z 123 -204.08 127.37 -81.44
CA LEU Z 123 -204.73 128.59 -81.88
C LEU Z 123 -204.45 128.83 -83.37
N LEU Z 124 -203.40 129.59 -83.67
CA LEU Z 124 -203.03 129.89 -85.04
C LEU Z 124 -202.30 128.69 -85.64
N ASN Z 125 -203.00 127.90 -86.44
CA ASN Z 125 -202.44 126.72 -87.07
C ASN Z 125 -202.15 127.00 -88.55
N ASN Z 126 -201.54 126.02 -89.21
CA ASN Z 126 -201.20 126.15 -90.62
C ASN Z 126 -201.28 124.78 -91.27
N ALA Z 127 -201.57 124.77 -92.57
CA ALA Z 127 -201.68 123.53 -93.33
C ALA Z 127 -200.29 123.01 -93.68
N ILE Z 128 -200.04 121.74 -93.36
CA ILE Z 128 -198.76 121.10 -93.62
C ILE Z 128 -198.97 120.07 -94.73
N ARG Z 129 -198.08 120.09 -95.72
CA ARG Z 129 -198.13 119.17 -96.85
C ARG Z 129 -196.78 118.49 -96.99
N LEU Z 130 -196.71 117.22 -96.60
CA LEU Z 130 -195.47 116.46 -96.69
C LEU Z 130 -195.45 115.66 -97.99
N LYS Z 131 -194.47 115.95 -98.84
CA LYS Z 131 -194.33 115.26 -100.11
C LYS Z 131 -193.48 114.01 -99.96
N PHE Z 132 -193.68 113.06 -100.86
CA PHE Z 132 -192.95 111.81 -100.86
C PHE Z 132 -192.69 111.37 -102.29
N GLN Z 133 -191.84 110.35 -102.45
CA GLN Z 133 -191.52 109.84 -103.77
C GLN Z 133 -192.65 108.97 -104.32
N ASN Z 134 -193.11 108.01 -103.54
CA ASN Z 134 -194.18 107.11 -103.96
C ASN Z 134 -195.52 107.75 -103.59
N CYS Z 135 -196.23 108.26 -104.59
CA CYS Z 135 -197.52 108.90 -104.36
C CYS Z 135 -198.62 107.86 -104.19
N SER Z 136 -199.20 107.41 -105.30
CA SER Z 136 -200.27 106.41 -105.30
C SER Z 136 -199.73 105.01 -105.56
N VAL Z 137 -198.61 104.65 -104.93
CA VAL Z 137 -198.03 103.32 -105.14
C VAL Z 137 -198.63 102.33 -104.16
N LEU Z 138 -198.90 102.76 -102.92
CA LEU Z 138 -199.46 101.92 -101.87
C LEU Z 138 -200.71 102.60 -101.32
N PRO Z 139 -201.83 102.55 -102.06
CA PRO Z 139 -203.08 103.19 -101.61
C PRO Z 139 -203.98 102.23 -100.83
N GLY Z 140 -203.41 101.57 -99.83
CA GLY Z 140 -204.15 100.64 -99.00
C GLY Z 140 -204.61 101.26 -97.69
N GLY Z 141 -205.16 100.40 -96.83
CA GLY Z 141 -205.65 100.84 -95.54
C GLY Z 141 -204.61 100.95 -94.46
N VAL Z 142 -203.38 100.52 -94.72
CA VAL Z 142 -202.30 100.60 -93.74
C VAL Z 142 -201.54 101.91 -93.93
N TYR Z 143 -200.31 101.96 -93.42
CA TYR Z 143 -199.45 103.14 -93.52
C TYR Z 143 -200.13 104.37 -92.91
N VAL Z 144 -200.77 104.18 -91.76
CA VAL Z 144 -201.45 105.27 -91.06
C VAL Z 144 -201.44 104.99 -89.57
N SER Z 145 -200.36 105.41 -88.90
CA SER Z 145 -200.23 105.21 -87.46
C SER Z 145 -199.69 106.48 -86.83
N GLU Z 146 -200.16 106.78 -85.62
CA GLU Z 146 -199.74 107.97 -84.89
C GLU Z 146 -199.65 107.63 -83.41
N THR Z 147 -198.57 108.10 -82.77
CA THR Z 147 -198.36 107.85 -81.35
C THR Z 147 -199.13 108.88 -80.51
N GLN Z 148 -198.99 108.76 -79.19
CA GLN Z 148 -199.66 109.69 -78.29
C GLN Z 148 -198.98 111.04 -78.22
N ASN Z 149 -197.69 111.10 -78.55
CA ASN Z 149 -196.96 112.36 -78.51
C ASN Z 149 -197.26 113.19 -79.76
N ARG Z 150 -196.82 114.45 -79.72
CA ARG Z 150 -197.02 115.38 -80.82
C ARG Z 150 -195.66 115.98 -81.20
N VAL Z 151 -195.17 115.63 -82.38
CA VAL Z 151 -195.88 114.72 -83.29
C VAL Z 151 -195.01 113.51 -83.61
N ILE Z 152 -195.64 112.35 -83.75
CA ILE Z 152 -194.93 111.11 -84.06
C ILE Z 152 -195.82 110.25 -84.96
N ILE Z 153 -195.62 110.36 -86.26
CA ILE Z 153 -196.39 109.58 -87.23
C ILE Z 153 -195.49 108.54 -87.86
N LEU Z 154 -196.12 107.50 -88.41
CA LEU Z 154 -195.41 106.41 -89.06
C LEU Z 154 -196.19 106.00 -90.31
N MET Z 155 -195.57 106.12 -91.47
CA MET Z 155 -196.18 105.77 -92.74
C MET Z 155 -195.27 104.80 -93.49
N LEU Z 156 -195.75 104.33 -94.64
CA LEU Z 156 -195.00 103.40 -95.47
C LEU Z 156 -195.38 103.61 -96.92
N THR Z 157 -194.39 103.60 -97.80
CA THR Z 157 -194.62 103.79 -99.22
C THR Z 157 -193.53 103.06 -100.01
N ASN Z 158 -193.95 102.19 -100.93
CA ASN Z 158 -193.03 101.42 -101.76
C ASN Z 158 -192.06 100.59 -100.92
N GLN Z 159 -192.59 99.89 -99.92
CA GLN Z 159 -191.81 99.06 -99.02
C GLN Z 159 -190.69 99.87 -98.34
N THR Z 160 -191.08 100.98 -97.73
CA THR Z 160 -190.13 101.85 -97.03
C THR Z 160 -190.87 102.56 -95.92
N VAL Z 161 -190.59 102.18 -94.67
CA VAL Z 161 -191.25 102.80 -93.53
C VAL Z 161 -190.61 104.15 -93.24
N HIS Z 162 -191.44 105.10 -92.84
CA HIS Z 162 -190.99 106.46 -92.52
C HIS Z 162 -191.33 106.79 -91.08
N ARG Z 163 -190.54 107.69 -90.49
CA ARG Z 163 -190.73 108.12 -89.10
C ARG Z 163 -190.52 109.62 -89.04
N LEU Z 164 -191.62 110.37 -88.94
CA LEU Z 164 -191.58 111.83 -88.86
C LEU Z 164 -191.72 112.26 -87.42
N LEU Z 165 -190.78 113.08 -86.94
CA LEU Z 165 -190.78 113.60 -85.58
C LEU Z 165 -190.82 115.12 -85.65
N LEU Z 166 -192.02 115.66 -85.75
CA LEU Z 166 -192.26 117.10 -85.83
C LEU Z 166 -192.85 117.62 -84.54
N PRO Z 167 -192.96 118.95 -84.39
CA PRO Z 167 -193.53 119.51 -83.16
C PRO Z 167 -194.87 120.17 -83.39
N HIS Z 168 -195.80 119.44 -84.00
CA HIS Z 168 -197.13 119.96 -84.29
C HIS Z 168 -198.16 119.26 -83.40
N PRO Z 169 -198.96 120.01 -82.63
CA PRO Z 169 -198.92 121.48 -82.59
C PRO Z 169 -198.23 122.00 -81.33
N SER Z 170 -196.99 121.57 -81.10
CA SER Z 170 -196.26 122.00 -79.91
C SER Z 170 -195.59 123.36 -80.15
N ARG Z 171 -194.88 123.51 -81.26
CA ARG Z 171 -194.22 124.77 -81.58
C ARG Z 171 -194.10 124.96 -83.08
N MET Z 172 -194.26 123.87 -83.84
CA MET Z 172 -194.18 123.96 -85.30
C MET Z 172 -195.45 124.50 -85.90
N TYR Z 173 -196.60 123.89 -85.57
CA TYR Z 173 -197.88 124.34 -86.10
C TYR Z 173 -198.39 125.61 -85.43
N ARG Z 174 -197.93 125.89 -84.20
CA ARG Z 174 -198.38 127.09 -83.50
C ARG Z 174 -197.72 128.35 -84.05
N SER Z 175 -196.53 128.22 -84.65
CA SER Z 175 -195.81 129.36 -85.20
C SER Z 175 -196.02 129.44 -86.71
N GLU Z 176 -195.89 130.66 -87.23
CA GLU Z 176 -196.07 130.91 -88.66
C GLU Z 176 -194.78 130.76 -89.46
N LEU Z 177 -193.68 130.38 -88.81
CA LEU Z 177 -192.41 130.22 -89.50
C LEU Z 177 -192.37 128.88 -90.23
N VAL Z 178 -191.58 128.84 -91.30
CA VAL Z 178 -191.43 127.63 -92.10
C VAL Z 178 -189.96 127.20 -92.10
N VAL Z 193 -189.28 127.42 -90.98
CA VAL Z 193 -187.88 127.06 -90.83
C VAL Z 193 -187.76 126.01 -89.74
N ASP Z 194 -186.93 124.99 -90.00
CA ASP Z 194 -186.72 123.90 -89.05
C ASP Z 194 -185.26 123.51 -89.08
N PHE Z 195 -184.60 123.58 -87.93
CA PHE Z 195 -183.19 123.24 -87.79
C PHE Z 195 -183.00 121.95 -86.99
N THR Z 196 -183.81 120.94 -87.29
CA THR Z 196 -183.73 119.66 -86.61
C THR Z 196 -184.12 118.55 -87.57
N ASP Z 197 -183.60 117.36 -87.31
CA ASP Z 197 -183.88 116.20 -88.16
C ASP Z 197 -185.25 115.63 -87.82
N PRO Z 198 -186.28 115.97 -88.59
CA PRO Z 198 -187.63 115.44 -88.29
C PRO Z 198 -187.89 114.11 -88.97
N CYS Z 199 -187.50 114.00 -90.24
CA CYS Z 199 -187.68 112.78 -91.00
C CYS Z 199 -186.54 111.80 -90.74
N ASN Z 200 -186.89 110.51 -90.59
CA ASN Z 200 -185.91 109.47 -90.33
C ASN Z 200 -186.45 108.16 -90.94
N TYR Z 201 -186.23 108.00 -92.24
CA TYR Z 201 -186.69 106.82 -92.94
C TYR Z 201 -185.75 105.65 -92.68
N GLN Z 202 -186.32 104.51 -92.29
CA GLN Z 202 -185.53 103.32 -92.01
C GLN Z 202 -186.31 102.08 -92.44
N LEU Z 203 -185.59 100.98 -92.62
CA LEU Z 203 -186.18 99.70 -93.02
C LEU Z 203 -185.66 98.63 -92.09
N ILE Z 204 -186.46 98.28 -91.08
CA ILE Z 204 -186.09 97.25 -90.12
C ILE Z 204 -186.27 95.88 -90.74
N PRO Z 205 -187.50 95.48 -91.08
CA PRO Z 205 -187.70 94.16 -91.70
C PRO Z 205 -187.80 94.25 -93.21
N ALA Z 206 -187.47 93.15 -93.89
CA ALA Z 206 -187.52 93.12 -95.35
C ALA Z 206 -188.96 92.96 -95.83
N VAL Z 207 -189.31 93.69 -96.89
CA VAL Z 207 -190.65 93.65 -97.45
C VAL Z 207 -190.54 93.57 -98.97
N PRO Z 208 -189.90 92.53 -99.52
CA PRO Z 208 -189.78 92.42 -100.98
C PRO Z 208 -190.50 91.20 -101.54
N GLY Z 209 -189.85 90.50 -102.46
CA GLY Z 209 -190.44 89.32 -103.06
C GLY Z 209 -190.39 88.11 -102.15
N ILE Z 210 -189.20 87.75 -101.69
CA ILE Z 210 -189.03 86.60 -100.81
C ILE Z 210 -188.92 87.08 -99.37
N SER Z 211 -189.94 87.80 -98.91
CA SER Z 211 -189.96 88.31 -97.55
C SER Z 211 -191.40 88.41 -97.04
N PRO Z 212 -191.83 89.60 -96.61
CA PRO Z 212 -193.20 89.73 -96.11
C PRO Z 212 -193.83 91.07 -96.47
N ASN Z 213 -194.88 91.05 -97.27
CA ASN Z 213 -195.56 92.27 -97.69
C ASN Z 213 -196.43 92.80 -96.56
N SER Z 214 -196.37 94.12 -96.35
CA SER Z 214 -197.14 94.75 -95.30
C SER Z 214 -198.61 94.88 -95.72
N THR Z 215 -199.50 94.79 -94.73
CA THR Z 215 -200.93 94.92 -94.98
C THR Z 215 -201.70 95.67 -93.90
N ALA Z 216 -201.26 95.65 -92.64
CA ALA Z 216 -201.95 96.35 -91.57
C ALA Z 216 -200.91 96.81 -90.56
N SER Z 217 -200.78 98.13 -90.40
CA SER Z 217 -199.81 98.70 -89.47
C SER Z 217 -200.50 99.04 -88.15
N THR Z 218 -199.80 98.76 -87.04
CA THR Z 218 -200.32 99.02 -85.70
C THR Z 218 -199.12 99.37 -84.81
N ALA Z 219 -198.76 100.66 -84.80
CA ALA Z 219 -197.63 101.12 -84.00
C ALA Z 219 -198.02 101.40 -82.55
N TRP Z 220 -199.30 101.56 -82.26
CA TRP Z 220 -199.77 101.82 -80.90
C TRP Z 220 -200.06 100.55 -80.12
N LEU Z 221 -199.94 99.38 -80.74
CA LEU Z 221 -200.20 98.11 -80.06
C LEU Z 221 -198.95 97.52 -79.41
N SER Z 222 -197.81 98.20 -79.50
CA SER Z 222 -196.58 97.71 -78.90
C SER Z 222 -196.45 98.25 -77.47
N SER Z 223 -195.28 98.07 -76.87
CA SER Z 223 -195.06 98.55 -75.51
C SER Z 223 -194.86 100.06 -75.47
N ASP Z 224 -194.15 100.61 -76.46
CA ASP Z 224 -193.88 102.04 -76.54
C ASP Z 224 -194.32 102.54 -77.91
N GLY Z 225 -195.22 103.52 -77.92
CA GLY Z 225 -195.70 104.07 -79.19
C GLY Z 225 -194.70 105.00 -79.84
N GLU Z 226 -193.81 105.60 -79.06
CA GLU Z 226 -192.81 106.53 -79.57
C GLU Z 226 -191.46 105.86 -79.78
N ALA Z 227 -191.39 104.53 -79.71
CA ALA Z 227 -190.13 103.82 -79.91
C ALA Z 227 -190.34 102.58 -80.77
N LEU Z 228 -191.24 101.70 -80.35
CA LEU Z 228 -191.53 100.47 -81.07
C LEU Z 228 -192.72 100.67 -82.01
N PHE Z 229 -192.80 99.79 -83.00
CA PHE Z 229 -193.87 99.83 -83.98
C PHE Z 229 -194.07 98.44 -84.55
N ALA Z 230 -195.26 97.87 -84.36
CA ALA Z 230 -195.56 96.54 -84.85
C ALA Z 230 -196.22 96.62 -86.23
N LEU Z 231 -195.85 95.67 -87.09
CA LEU Z 231 -196.38 95.60 -88.44
C LEU Z 231 -196.86 94.18 -88.72
N PRO Z 232 -197.99 94.01 -89.39
CA PRO Z 232 -198.50 92.67 -89.67
C PRO Z 232 -198.40 92.30 -91.15
N CYS Z 233 -197.82 91.15 -91.44
CA CYS Z 233 -197.66 90.69 -92.81
C CYS Z 233 -198.91 89.95 -93.27
N ALA Z 234 -198.98 89.68 -94.58
CA ALA Z 234 -200.11 88.98 -95.16
C ALA Z 234 -199.99 87.48 -95.07
N SER Z 235 -198.83 86.95 -94.65
CA SER Z 235 -198.62 85.52 -94.52
C SER Z 235 -198.61 85.06 -93.07
N GLY Z 236 -199.17 85.86 -92.17
CA GLY Z 236 -199.21 85.49 -90.76
C GLY Z 236 -197.97 85.89 -89.98
N GLY Z 237 -197.34 87.00 -90.34
CA GLY Z 237 -196.15 87.46 -89.65
C GLY Z 237 -196.38 88.75 -88.89
N ILE Z 238 -196.30 88.68 -87.56
CA ILE Z 238 -196.46 89.85 -86.69
C ILE Z 238 -195.07 90.24 -86.22
N PHE Z 239 -194.43 91.13 -86.97
CA PHE Z 239 -193.09 91.60 -86.66
C PHE Z 239 -193.14 92.97 -85.99
N VAL Z 240 -192.16 93.24 -85.14
CA VAL Z 240 -192.07 94.50 -84.43
C VAL Z 240 -190.84 95.27 -84.94
N LEU Z 241 -190.66 96.51 -84.48
CA LEU Z 241 -189.53 97.33 -84.87
C LEU Z 241 -189.25 98.33 -83.74
N LYS Z 242 -188.54 97.84 -82.72
CA LYS Z 242 -188.19 98.67 -81.57
C LYS Z 242 -187.00 99.56 -81.92
N LEU Z 243 -187.17 100.86 -81.73
CA LEU Z 243 -186.12 101.84 -82.02
C LEU Z 243 -185.94 102.74 -80.82
N PRO Z 244 -184.89 102.55 -80.02
CA PRO Z 244 -184.68 103.40 -78.85
C PRO Z 244 -183.62 104.46 -79.13
N PRO Z 245 -183.86 105.70 -78.71
CA PRO Z 245 -182.87 106.76 -78.95
C PRO Z 245 -181.72 106.69 -77.97
N TYR Z 246 -180.55 107.10 -78.45
CA TYR Z 246 -179.35 107.09 -77.63
C TYR Z 246 -179.14 108.44 -76.96
N ASP Z 247 -177.88 108.84 -76.76
CA ASP Z 247 -177.57 110.11 -76.13
C ASP Z 247 -177.54 111.27 -77.12
N ILE Z 248 -177.23 111.00 -78.39
CA ILE Z 248 -177.18 112.04 -79.41
C ILE Z 248 -178.53 112.10 -80.13
N PRO Z 249 -179.00 113.28 -80.53
CA PRO Z 249 -180.29 113.36 -81.23
C PRO Z 249 -180.12 113.04 -82.70
N GLY Z 250 -180.85 112.02 -83.15
CA GLY Z 250 -180.78 111.59 -84.54
C GLY Z 250 -180.63 110.10 -84.70
N MET Z 251 -179.54 109.55 -84.16
CA MET Z 251 -179.30 108.12 -84.26
C MET Z 251 -180.11 107.36 -83.22
N VAL Z 252 -180.50 106.14 -83.57
CA VAL Z 252 -181.28 105.28 -82.69
C VAL Z 252 -180.94 103.83 -82.99
N SER Z 253 -180.86 103.02 -81.93
CA SER Z 253 -180.54 101.60 -82.09
C SER Z 253 -181.77 100.84 -82.56
N VAL Z 254 -181.63 100.12 -83.67
CA VAL Z 254 -182.71 99.33 -84.23
C VAL Z 254 -182.68 97.94 -83.61
N VAL Z 255 -183.77 97.57 -82.94
CA VAL Z 255 -183.87 96.26 -82.30
C VAL Z 255 -185.19 95.62 -82.68
N GLU Z 256 -185.36 95.31 -83.96
CA GLU Z 256 -186.59 94.69 -84.44
C GLU Z 256 -186.61 93.20 -84.08
N LEU Z 257 -187.82 92.64 -84.12
CA LEU Z 257 -188.03 91.23 -83.82
C LEU Z 257 -188.96 90.61 -84.85
N LYS Z 258 -188.85 89.30 -85.00
CA LYS Z 258 -189.65 88.54 -85.94
C LYS Z 258 -190.45 87.48 -85.20
N ARG Z 276 -191.69 87.27 -85.63
CA ARG Z 276 -192.58 86.28 -85.03
C ARG Z 276 -193.59 85.81 -86.07
N GLY Z 277 -193.07 85.29 -87.18
CA GLY Z 277 -193.93 84.80 -88.24
C GLY Z 277 -194.33 83.34 -88.06
N ASP Z 278 -195.25 82.90 -88.91
CA ASP Z 278 -195.74 81.52 -88.87
C ASP Z 278 -195.26 80.74 -90.08
N GLN Z 279 -196.12 79.89 -90.63
CA GLN Z 279 -195.74 79.10 -91.80
C GLN Z 279 -196.91 78.80 -92.73
N SER Z 280 -198.02 79.51 -92.60
CA SER Z 280 -199.18 79.30 -93.45
C SER Z 280 -199.94 80.61 -93.58
N PRO Z 281 -200.77 80.75 -94.61
CA PRO Z 281 -201.53 82.00 -94.80
C PRO Z 281 -202.85 82.05 -94.05
N SER Z 282 -203.18 81.03 -93.27
CA SER Z 282 -204.43 81.03 -92.51
C SER Z 282 -204.36 81.84 -91.24
N ASP Z 283 -203.17 82.22 -90.79
CA ASP Z 283 -202.99 83.01 -89.58
C ASP Z 283 -202.72 84.48 -89.88
N ARG Z 284 -203.21 84.99 -91.00
CA ARG Z 284 -202.98 86.38 -91.35
C ARG Z 284 -203.94 87.28 -90.57
N PRO Z 285 -203.45 88.33 -89.92
CA PRO Z 285 -204.34 89.21 -89.15
C PRO Z 285 -205.09 90.15 -90.08
N LEU Z 286 -206.41 90.21 -89.91
CA LEU Z 286 -207.23 91.09 -90.75
C LEU Z 286 -207.22 92.53 -90.22
N SER Z 287 -207.45 92.71 -88.92
CA SER Z 287 -207.44 94.03 -88.33
C SER Z 287 -207.02 93.91 -86.87
N LEU Z 288 -205.94 94.59 -86.51
CA LEU Z 288 -205.41 94.57 -85.15
C LEU Z 288 -205.91 95.78 -84.37
N ALA Z 289 -206.02 95.61 -83.06
CA ALA Z 289 -206.47 96.66 -82.16
C ALA Z 289 -205.35 97.04 -81.21
N VAL Z 290 -205.55 98.17 -80.53
CA VAL Z 290 -204.57 98.69 -79.57
C VAL Z 290 -205.34 99.26 -78.38
N HIS Z 291 -204.97 98.83 -77.17
CA HIS Z 291 -205.61 99.30 -75.96
C HIS Z 291 -204.62 99.22 -74.80
N CYS Z 292 -204.85 100.06 -73.79
CA CYS Z 292 -204.01 100.11 -72.61
C CYS Z 292 -204.87 100.01 -71.37
N VAL Z 293 -204.60 99.00 -70.54
CA VAL Z 293 -205.35 98.77 -69.32
C VAL Z 293 -204.36 98.73 -68.15
N GLU Z 294 -204.56 99.62 -67.18
CA GLU Z 294 -203.69 99.71 -66.00
C GLU Z 294 -202.23 99.92 -66.40
N HIS Z 295 -202.01 100.79 -67.39
CA HIS Z 295 -200.67 101.11 -67.88
C HIS Z 295 -199.92 99.85 -68.33
N ASP Z 296 -200.58 99.09 -69.22
CA ASP Z 296 -200.00 97.86 -69.74
C ASP Z 296 -200.43 97.69 -71.20
N ALA Z 297 -199.49 97.28 -72.04
CA ALA Z 297 -199.76 97.08 -73.45
C ALA Z 297 -200.53 95.77 -73.65
N PHE Z 298 -201.72 95.87 -74.23
CA PHE Z 298 -202.57 94.71 -74.48
C PHE Z 298 -203.10 94.80 -75.91
N ILE Z 299 -202.54 93.99 -76.80
CA ILE Z 299 -202.95 93.97 -78.20
C ILE Z 299 -203.88 92.80 -78.43
N PHE Z 300 -204.85 92.99 -79.32
CA PHE Z 300 -205.82 91.95 -79.66
C PHE Z 300 -206.09 92.00 -81.15
N ALA Z 301 -205.75 90.91 -81.85
CA ALA Z 301 -205.94 90.82 -83.29
C ALA Z 301 -206.68 89.53 -83.63
N LEU Z 302 -207.36 89.54 -84.77
CA LEU Z 302 -208.12 88.39 -85.25
C LEU Z 302 -207.44 87.85 -86.50
N CYS Z 303 -207.13 86.56 -86.49
CA CYS Z 303 -206.48 85.93 -87.63
C CYS Z 303 -207.51 85.59 -88.71
N GLN Z 304 -207.02 85.08 -89.84
CA GLN Z 304 -207.90 84.72 -90.95
C GLN Z 304 -208.64 83.41 -90.70
N ASP Z 305 -208.20 82.60 -89.74
CA ASP Z 305 -208.83 81.33 -89.43
C ASP Z 305 -209.86 81.45 -88.30
N HIS Z 306 -210.40 82.65 -88.08
CA HIS Z 306 -211.39 82.90 -87.04
C HIS Z 306 -210.86 82.48 -85.66
N LYS Z 307 -209.77 83.12 -85.25
CA LYS Z 307 -209.14 82.84 -83.96
C LYS Z 307 -208.70 84.17 -83.36
N LEU Z 308 -209.31 84.55 -82.24
CA LEU Z 308 -208.99 85.79 -81.54
C LEU Z 308 -207.82 85.52 -80.60
N ARG Z 309 -206.62 85.91 -81.01
CA ARG Z 309 -205.41 85.72 -80.22
C ARG Z 309 -205.01 87.04 -79.59
N MET Z 310 -204.69 86.99 -78.29
CA MET Z 310 -204.28 88.16 -77.53
C MET Z 310 -202.77 88.08 -77.32
N TRP Z 311 -202.03 88.94 -78.02
CA TRP Z 311 -200.58 88.98 -77.91
C TRP Z 311 -200.14 90.04 -76.91
N SER Z 312 -198.98 89.80 -76.31
CA SER Z 312 -198.41 90.71 -75.32
C SER Z 312 -197.12 91.32 -75.86
N TYR Z 313 -196.86 92.56 -75.45
CA TYR Z 313 -195.66 93.28 -75.89
C TYR Z 313 -194.44 92.97 -75.04
N LYS Z 314 -194.61 92.28 -73.91
CA LYS Z 314 -193.48 91.96 -73.03
C LYS Z 314 -192.76 90.69 -73.50
N GLU Z 315 -193.49 89.59 -73.63
CA GLU Z 315 -192.92 88.32 -74.06
C GLU Z 315 -192.90 88.17 -75.58
N GLN Z 316 -193.56 89.06 -76.32
CA GLN Z 316 -193.61 89.01 -77.77
C GLN Z 316 -194.18 87.68 -78.26
N MET Z 317 -195.27 87.26 -77.63
CA MET Z 317 -195.92 86.00 -77.98
C MET Z 317 -197.42 86.12 -77.67
N CYS Z 318 -198.17 85.13 -78.12
CA CYS Z 318 -199.61 85.09 -77.91
C CYS Z 318 -199.91 84.57 -76.50
N LEU Z 319 -200.53 85.41 -75.68
CA LEU Z 319 -200.86 85.02 -74.31
C LEU Z 319 -202.16 84.24 -74.23
N MET Z 320 -203.19 84.68 -74.93
CA MET Z 320 -204.49 84.02 -74.94
C MET Z 320 -204.89 83.65 -76.36
N VAL Z 321 -205.84 82.73 -76.47
CA VAL Z 321 -206.34 82.27 -77.76
C VAL Z 321 -207.79 81.84 -77.59
N ALA Z 322 -208.65 82.34 -78.47
CA ALA Z 322 -210.08 82.03 -78.44
C ALA Z 322 -210.50 81.41 -79.76
N ASP Z 323 -211.36 80.39 -79.67
CA ASP Z 323 -211.85 79.69 -80.85
C ASP Z 323 -213.24 80.21 -81.21
N MET Z 324 -213.47 80.41 -82.52
CA MET Z 324 -214.74 80.90 -83.03
C MET Z 324 -215.11 80.08 -84.26
N LEU Z 325 -216.12 79.22 -84.12
CA LEU Z 325 -216.58 78.37 -85.22
C LEU Z 325 -217.46 79.21 -86.14
N GLU Z 326 -216.88 79.73 -87.20
CA GLU Z 326 -217.62 80.55 -88.17
C GLU Z 326 -217.00 80.38 -89.56
N TYR Z 327 -216.86 79.13 -89.99
CA TYR Z 327 -216.30 78.82 -91.31
C TYR Z 327 -217.10 77.81 -92.12
N VAL Z 328 -218.02 77.07 -91.50
CA VAL Z 328 -218.82 76.08 -92.21
C VAL Z 328 -219.96 76.80 -92.94
N PRO Z 329 -220.54 76.20 -93.96
CA PRO Z 329 -221.64 76.86 -94.67
C PRO Z 329 -222.97 76.69 -93.96
N VAL Z 330 -223.87 77.63 -94.21
CA VAL Z 330 -225.20 77.64 -93.61
C VAL Z 330 -226.24 77.69 -94.72
N LYS Z 331 -227.43 77.16 -94.42
CA LYS Z 331 -228.54 77.12 -95.37
C LYS Z 331 -229.68 77.94 -94.80
N LYS Z 332 -230.16 78.91 -95.57
CA LYS Z 332 -231.26 79.78 -95.17
C LYS Z 332 -232.32 79.75 -96.27
N ASP Z 333 -233.48 79.18 -95.96
CA ASP Z 333 -234.60 79.08 -96.89
C ASP Z 333 -234.18 78.35 -98.17
N LEU Z 334 -233.50 77.21 -97.98
CA LEU Z 334 -233.02 76.37 -99.08
C LEU Z 334 -232.12 77.16 -100.03
N ARG Z 335 -231.07 77.74 -99.45
CA ARG Z 335 -230.11 78.53 -100.23
C ARG Z 335 -228.77 78.45 -99.51
N LEU Z 336 -227.90 77.56 -99.98
CA LEU Z 336 -226.59 77.38 -99.38
C LEU Z 336 -225.65 78.50 -99.85
N THR Z 337 -225.09 79.24 -98.89
CA THR Z 337 -224.19 80.34 -99.17
C THR Z 337 -222.90 80.14 -98.38
N ALA Z 338 -221.76 80.19 -99.08
CA ALA Z 338 -220.47 80.03 -98.42
C ALA Z 338 -220.04 81.34 -97.79
N GLY Z 339 -219.92 81.36 -96.47
CA GLY Z 339 -219.53 82.55 -95.76
C GLY Z 339 -218.05 82.86 -95.86
N THR Z 340 -217.65 83.54 -96.94
CA THR Z 340 -216.26 83.91 -97.17
C THR Z 340 -216.18 85.42 -97.45
N GLY Z 341 -216.70 86.21 -96.51
CA GLY Z 341 -216.70 87.65 -96.65
C GLY Z 341 -215.36 88.28 -96.31
N HIS Z 342 -214.68 88.80 -97.33
CA HIS Z 342 -213.38 89.45 -97.16
C HIS Z 342 -213.55 90.94 -97.41
N LYS Z 343 -213.40 91.74 -96.36
CA LYS Z 343 -213.53 93.18 -96.47
C LYS Z 343 -212.18 93.82 -96.79
N LEU Z 344 -212.23 94.93 -97.51
CA LEU Z 344 -211.04 95.67 -97.92
C LEU Z 344 -210.75 96.76 -96.90
N ARG Z 345 -209.63 96.62 -96.19
CA ARG Z 345 -209.19 97.59 -95.18
C ARG Z 345 -210.27 97.68 -94.11
N LEU Z 346 -210.91 98.84 -93.90
CA LEU Z 346 -211.97 99.02 -92.92
C LEU Z 346 -211.42 98.69 -91.53
N ALA Z 347 -212.27 98.20 -90.64
CA ALA Z 347 -211.85 97.84 -89.29
C ALA Z 347 -212.78 96.76 -88.75
N TYR Z 348 -212.20 95.84 -87.97
CA TYR Z 348 -212.95 94.74 -87.38
C TYR Z 348 -212.77 94.64 -85.88
N SER Z 349 -212.09 95.60 -85.25
CA SER Z 349 -211.86 95.57 -83.81
C SER Z 349 -211.76 96.99 -83.27
N PRO Z 350 -212.58 97.35 -82.28
CA PRO Z 350 -212.51 98.71 -81.73
C PRO Z 350 -212.15 98.72 -80.26
N THR Z 351 -211.95 99.91 -79.70
CA THR Z 351 -211.59 100.05 -78.29
C THR Z 351 -212.20 101.34 -77.75
N MET Z 352 -212.32 101.40 -76.42
CA MET Z 352 -212.86 102.57 -75.76
C MET Z 352 -211.97 103.02 -74.61
N GLY Z 353 -211.85 102.19 -73.59
CA GLY Z 353 -211.02 102.51 -72.44
C GLY Z 353 -210.25 101.33 -71.91
N LEU Z 354 -210.94 100.40 -71.25
CA LEU Z 354 -210.31 99.22 -70.69
C LEU Z 354 -210.72 97.93 -71.37
N TYR Z 355 -211.77 97.94 -72.19
CA TYR Z 355 -212.25 96.76 -72.89
C TYR Z 355 -212.23 97.02 -74.40
N LEU Z 356 -212.44 95.95 -75.16
CA LEU Z 356 -212.46 96.02 -76.62
C LEU Z 356 -213.72 95.35 -77.15
N GLY Z 357 -214.04 95.66 -78.40
CA GLY Z 357 -215.21 95.10 -79.03
C GLY Z 357 -214.88 94.52 -80.40
N ILE Z 358 -215.74 93.62 -80.85
CA ILE Z 358 -215.57 92.96 -82.14
C ILE Z 358 -216.95 92.63 -82.68
N TYR Z 359 -217.03 92.52 -84.01
CA TYR Z 359 -218.29 92.20 -84.68
C TYR Z 359 -217.99 91.50 -85.99
N MET Z 360 -218.95 90.70 -86.43
CA MET Z 360 -218.84 89.93 -87.68
C MET Z 360 -220.00 90.28 -88.59
N HIS Z 361 -219.71 90.41 -89.89
CA HIS Z 361 -220.76 90.75 -90.84
C HIS Z 361 -221.68 89.56 -91.12
N ALA Z 362 -221.17 88.34 -91.00
CA ALA Z 362 -221.91 87.11 -91.22
C ALA Z 362 -222.54 87.10 -92.61
N PRO Z 363 -221.73 86.87 -93.68
CA PRO Z 363 -222.27 86.84 -95.05
C PRO Z 363 -223.14 88.05 -95.38
N LYS Z 364 -224.28 87.80 -96.03
CA LYS Z 364 -225.21 88.86 -96.41
C LYS Z 364 -226.41 88.95 -95.47
N ARG Z 365 -226.19 88.76 -94.18
CA ARG Z 365 -227.29 88.83 -93.22
C ARG Z 365 -227.61 90.27 -92.85
N GLY Z 366 -226.60 91.03 -92.42
CA GLY Z 366 -226.79 92.41 -92.04
C GLY Z 366 -227.13 92.65 -90.58
N GLN Z 367 -227.06 91.61 -89.75
CA GLN Z 367 -227.37 91.76 -88.33
C GLN Z 367 -226.17 92.19 -87.50
N PHE Z 368 -224.95 92.04 -88.03
CA PHE Z 368 -223.73 92.42 -87.34
C PHE Z 368 -223.60 91.72 -86.00
N CYS Z 369 -222.87 92.33 -85.06
CA CYS Z 369 -222.68 91.75 -83.74
C CYS Z 369 -222.29 92.88 -82.78
N ILE Z 370 -222.12 92.52 -81.51
CA ILE Z 370 -221.75 93.48 -80.48
C ILE Z 370 -221.00 92.76 -79.36
N PHE Z 371 -220.04 91.92 -79.73
CA PHE Z 371 -219.26 91.16 -78.76
C PHE Z 371 -218.23 92.08 -78.13
N GLN Z 372 -218.53 92.56 -76.93
CA GLN Z 372 -217.63 93.45 -76.19
C GLN Z 372 -216.96 92.64 -75.09
N LEU Z 373 -215.75 92.14 -75.39
CA LEU Z 373 -215.01 91.33 -74.44
C LEU Z 373 -214.33 92.22 -73.40
N VAL Z 374 -214.44 91.83 -72.14
CA VAL Z 374 -213.83 92.56 -71.03
C VAL Z 374 -212.61 91.76 -70.57
N SER Z 375 -211.42 92.30 -70.85
CA SER Z 375 -210.17 91.65 -70.49
C SER Z 375 -209.70 92.17 -69.14
N THR Z 376 -209.73 91.30 -68.12
CA THR Z 376 -209.30 91.67 -66.79
C THR Z 376 -207.79 91.50 -66.65
N GLU Z 377 -207.24 92.15 -65.63
CA GLU Z 377 -205.81 92.11 -65.35
C GLU Z 377 -205.46 91.12 -64.24
N SER Z 378 -206.36 90.19 -63.94
CA SER Z 378 -206.13 89.21 -62.89
C SER Z 378 -205.45 87.96 -63.46
N ASN Z 379 -205.07 87.05 -62.56
CA ASN Z 379 -204.42 85.81 -62.94
C ASN Z 379 -205.41 84.65 -63.08
N ARG Z 380 -206.71 84.93 -63.06
CA ARG Z 380 -207.72 83.89 -63.20
C ARG Z 380 -208.73 84.15 -64.31
N TYR Z 381 -208.67 85.30 -64.99
CA TYR Z 381 -209.61 85.61 -66.07
C TYR Z 381 -208.86 86.48 -67.08
N SER Z 382 -208.25 85.82 -68.07
CA SER Z 382 -207.51 86.55 -69.09
C SER Z 382 -208.43 87.12 -70.16
N LEU Z 383 -209.48 86.38 -70.52
CA LEU Z 383 -210.43 86.82 -71.54
C LEU Z 383 -211.82 86.35 -71.16
N ASP Z 384 -212.77 87.28 -71.14
CA ASP Z 384 -214.15 86.95 -70.79
C ASP Z 384 -215.09 87.83 -71.62
N HIS Z 385 -216.07 87.20 -72.27
CA HIS Z 385 -217.04 87.90 -73.10
C HIS Z 385 -218.43 87.63 -72.55
N ILE Z 386 -219.15 88.70 -72.21
CA ILE Z 386 -220.50 88.58 -71.67
C ILE Z 386 -221.47 89.33 -72.57
N SER Z 387 -221.25 89.23 -73.89
CA SER Z 387 -222.10 89.89 -74.87
C SER Z 387 -222.27 89.00 -76.08
N SER Z 388 -223.49 88.96 -76.62
CA SER Z 388 -223.78 88.14 -77.78
C SER Z 388 -223.72 88.97 -79.06
N LEU Z 389 -224.89 89.42 -79.54
CA LEU Z 389 -224.96 90.22 -80.75
C LEU Z 389 -226.19 91.10 -80.69
N PHE Z 390 -226.06 92.34 -81.17
CA PHE Z 390 -227.15 93.29 -81.19
C PHE Z 390 -227.80 93.34 -82.56
N THR Z 391 -228.93 94.05 -82.63
CA THR Z 391 -229.69 94.20 -83.87
C THR Z 391 -229.35 95.56 -84.49
N SER Z 392 -228.21 95.61 -85.18
CA SER Z 392 -227.75 96.82 -85.83
C SER Z 392 -227.16 96.47 -87.18
N GLN Z 393 -226.79 97.51 -87.93
CA GLN Z 393 -226.21 97.33 -89.25
C GLN Z 393 -224.70 97.15 -89.16
N GLU Z 394 -224.12 96.60 -90.22
CA GLU Z 394 -222.69 96.36 -90.27
C GLU Z 394 -221.94 97.65 -90.58
N THR Z 395 -220.75 97.78 -89.99
CA THR Z 395 -219.91 98.96 -90.18
C THR Z 395 -218.90 98.64 -91.30
N LEU Z 396 -219.27 99.02 -92.52
CA LEU Z 396 -218.41 98.78 -93.67
C LEU Z 396 -217.27 99.80 -93.78
N ILE Z 397 -217.34 100.91 -93.03
CA ILE Z 397 -216.31 101.94 -93.08
C ILE Z 397 -215.46 101.84 -91.81
N ASP Z 398 -216.02 102.24 -90.68
CA ASP Z 398 -215.31 102.20 -89.41
C ASP Z 398 -216.33 102.08 -88.28
N PHE Z 399 -215.82 101.76 -87.09
CA PHE Z 399 -216.67 101.61 -85.91
C PHE Z 399 -215.89 102.08 -84.70
N ALA Z 400 -216.41 103.10 -84.02
CA ALA Z 400 -215.78 103.65 -82.83
C ALA Z 400 -216.67 103.41 -81.63
N LEU Z 401 -216.19 102.61 -80.69
CA LEU Z 401 -216.94 102.28 -79.48
C LEU Z 401 -216.55 103.22 -78.34
N THR Z 402 -217.54 103.55 -77.51
CA THR Z 402 -217.31 104.45 -76.38
C THR Z 402 -218.27 104.02 -75.26
N SER Z 403 -217.74 103.33 -74.25
CA SER Z 403 -218.50 102.85 -73.12
C SER Z 403 -219.69 101.99 -73.57
N THR Z 404 -220.84 102.61 -73.79
CA THR Z 404 -222.03 101.91 -74.23
C THR Z 404 -222.55 102.34 -75.59
N ASP Z 405 -222.11 103.49 -76.10
CA ASP Z 405 -222.55 103.98 -77.41
C ASP Z 405 -221.54 103.57 -78.47
N ILE Z 406 -222.01 102.89 -79.50
CA ILE Z 406 -221.17 102.43 -80.61
C ILE Z 406 -221.56 103.19 -81.85
N TRP Z 407 -220.65 104.01 -82.37
CA TRP Z 407 -220.89 104.81 -83.57
C TRP Z 407 -220.38 104.03 -84.78
N ALA Z 408 -221.30 103.62 -85.64
CA ALA Z 408 -220.98 102.87 -86.84
C ALA Z 408 -221.19 103.73 -88.08
N LEU Z 409 -220.37 103.49 -89.09
CA LEU Z 409 -220.43 104.22 -90.36
C LEU Z 409 -220.51 103.24 -91.50
N TRP Z 410 -221.47 103.45 -92.41
CA TRP Z 410 -221.66 102.59 -93.56
C TRP Z 410 -221.52 103.39 -94.84
N HIS Z 411 -221.22 102.69 -95.93
CA HIS Z 411 -221.05 103.32 -97.24
C HIS Z 411 -221.45 102.33 -98.31
N ASP Z 412 -222.34 102.76 -99.20
CA ASP Z 412 -222.81 101.92 -100.29
C ASP Z 412 -221.88 102.06 -101.50
N ALA Z 413 -222.25 101.39 -102.60
CA ALA Z 413 -221.46 101.44 -103.83
C ALA Z 413 -221.79 102.63 -104.70
N GLU Z 414 -222.83 103.39 -104.37
CA GLU Z 414 -223.24 104.56 -105.15
C GLU Z 414 -222.76 105.86 -104.51
N ASN Z 415 -221.64 105.82 -103.80
CA ASN Z 415 -221.06 107.00 -103.14
C ASN Z 415 -222.06 107.65 -102.19
N GLN Z 416 -222.69 106.82 -101.36
CA GLN Z 416 -223.67 107.28 -100.39
C GLN Z 416 -223.31 106.74 -99.02
N THR Z 417 -223.16 107.64 -98.05
CA THR Z 417 -222.81 107.27 -96.68
C THR Z 417 -224.05 107.25 -95.80
N VAL Z 418 -223.95 106.50 -94.70
CA VAL Z 418 -225.05 106.37 -93.76
C VAL Z 418 -224.49 106.18 -92.35
N VAL Z 419 -224.62 107.21 -91.51
CA VAL Z 419 -224.13 107.17 -90.15
C VAL Z 419 -225.25 106.71 -89.24
N LYS Z 420 -224.91 105.91 -88.23
CA LYS Z 420 -225.89 105.40 -87.28
C LYS Z 420 -225.20 105.18 -85.93
N TYR Z 421 -225.94 105.45 -84.86
CA TYR Z 421 -225.44 105.29 -83.50
C TYR Z 421 -226.39 104.39 -82.73
N ILE Z 422 -225.83 103.45 -81.98
CA ILE Z 422 -226.61 102.51 -81.17
C ILE Z 422 -226.16 102.65 -79.72
N ASN Z 423 -227.12 102.97 -78.84
CA ASN Z 423 -226.86 103.14 -77.42
C ASN Z 423 -227.65 102.11 -76.65
N PHE Z 424 -227.00 101.46 -75.69
CA PHE Z 424 -227.63 100.44 -74.86
C PHE Z 424 -227.49 100.82 -73.39
N GLU Z 425 -228.52 100.46 -72.62
CA GLU Z 425 -228.54 100.75 -71.18
C GLU Z 425 -229.24 99.67 -70.35
N HIS Z 426 -230.48 99.27 -70.68
CA HIS Z 426 -231.29 99.75 -71.80
C HIS Z 426 -232.40 100.68 -71.32
N ASN Z 427 -232.59 101.79 -72.03
CA ASN Z 427 -233.62 102.76 -71.67
C ASN Z 427 -234.19 103.42 -72.92
N VAL Z 428 -234.48 104.71 -72.83
CA VAL Z 428 -235.03 105.46 -73.96
C VAL Z 428 -233.90 105.82 -74.90
N ALA Z 429 -234.03 105.41 -76.17
CA ALA Z 429 -233.04 105.68 -77.19
C ALA Z 429 -233.65 106.47 -78.33
N GLY Z 430 -232.78 107.03 -79.18
CA GLY Z 430 -233.21 107.81 -80.31
C GLY Z 430 -232.56 107.33 -81.60
N GLN Z 431 -232.89 108.03 -82.68
CA GLN Z 431 -232.36 107.70 -84.00
C GLN Z 431 -232.27 108.97 -84.83
N TRP Z 432 -231.32 108.98 -85.76
CA TRP Z 432 -231.10 110.12 -86.64
C TRP Z 432 -230.79 109.62 -88.04
N ASN Z 433 -231.27 110.36 -89.04
CA ASN Z 433 -231.07 110.04 -90.43
C ASN Z 433 -230.78 111.31 -91.21
N PRO Z 434 -230.24 111.20 -92.42
CA PRO Z 434 -229.94 112.40 -93.21
C PRO Z 434 -230.57 112.35 -94.59
N VAL Z 435 -230.76 113.52 -95.20
CA VAL Z 435 -231.36 113.61 -96.52
C VAL Z 435 -230.27 113.42 -97.58
N PHE Z 436 -230.68 113.30 -98.84
CA PHE Z 436 -229.73 113.10 -99.93
C PHE Z 436 -229.36 114.45 -100.56
N MET Z 437 -228.99 114.43 -101.84
CA MET Z 437 -228.61 115.64 -102.55
C MET Z 437 -229.87 116.32 -103.09
N GLN Z 438 -230.15 117.52 -102.59
CA GLN Z 438 -231.32 118.28 -103.02
C GLN Z 438 -230.90 119.30 -104.07
N PRO Z 439 -231.27 119.13 -105.34
CA PRO Z 439 -230.88 120.10 -106.37
C PRO Z 439 -231.81 121.31 -106.34
N LEU Z 440 -231.24 122.48 -106.08
CA LEU Z 440 -232.01 123.73 -106.02
C LEU Z 440 -231.36 124.80 -106.90
N PRO Z 441 -230.98 124.45 -108.13
CA PRO Z 441 -230.35 125.45 -109.01
C PRO Z 441 -230.98 125.46 -110.40
N GLU Z 442 -232.04 124.71 -110.58
CA GLU Z 442 -232.74 124.62 -111.86
C GLU Z 442 -233.94 125.57 -111.93
N GLU Z 443 -234.09 126.46 -110.98
CA GLU Z 443 -235.20 127.41 -110.95
C GLU Z 443 -234.71 128.79 -111.36
N GLU Z 444 -235.35 129.38 -112.35
CA GLU Z 444 -234.98 130.70 -112.83
C GLU Z 444 -235.61 131.79 -111.96
N ILE Z 445 -234.88 132.88 -111.77
CA ILE Z 445 -235.35 134.00 -110.97
C ILE Z 445 -234.90 135.29 -111.65
N VAL Z 446 -235.84 136.25 -111.77
CA VAL Z 446 -235.55 137.53 -112.40
C VAL Z 446 -236.44 138.60 -111.79
N ILE Z 447 -236.01 139.14 -110.64
CA ILE Z 447 -236.78 140.18 -109.95
C ILE Z 447 -235.85 141.34 -109.61
N ARG Z 448 -236.14 142.01 -108.49
CA ARG Z 448 -235.32 143.14 -108.05
C ARG Z 448 -234.22 142.67 -107.10
N ASP Z 449 -233.82 143.54 -106.18
CA ASP Z 449 -232.77 143.23 -105.20
C ASP Z 449 -231.49 142.79 -105.87
N ASP Z 450 -231.33 141.49 -106.08
CA ASP Z 450 -230.15 140.92 -106.72
C ASP Z 450 -230.35 140.97 -108.23
N GLN Z 451 -229.77 141.96 -108.88
CA GLN Z 451 -229.89 142.12 -110.33
C GLN Z 451 -228.75 141.42 -111.05
N ASP Z 452 -228.36 141.94 -112.22
CA ASP Z 452 -227.28 141.40 -113.04
C ASP Z 452 -227.54 139.94 -113.37
N PRO Z 453 -226.50 139.11 -113.42
CA PRO Z 453 -226.71 137.69 -113.74
C PRO Z 453 -225.72 136.78 -113.02
N ARG Z 454 -224.43 137.07 -113.15
CA ARG Z 454 -223.40 136.28 -112.50
C ARG Z 454 -223.34 136.51 -111.00
N GLU Z 455 -223.82 137.67 -110.52
CA GLU Z 455 -223.79 137.94 -109.09
C GLU Z 455 -224.69 137.00 -108.31
N MET Z 456 -225.89 136.72 -108.85
CA MET Z 456 -226.80 135.80 -108.18
C MET Z 456 -226.22 134.39 -108.14
N TYR Z 457 -225.59 133.95 -109.23
CA TYR Z 457 -224.98 132.63 -109.24
C TYR Z 457 -223.81 132.55 -108.27
N LEU Z 458 -223.00 133.62 -108.19
CA LEU Z 458 -221.90 133.63 -107.24
C LEU Z 458 -222.40 133.60 -105.81
N GLN Z 459 -223.48 134.34 -105.52
CA GLN Z 459 -224.05 134.32 -104.18
C GLN Z 459 -224.62 132.95 -103.84
N SER Z 460 -225.30 132.31 -104.79
CA SER Z 460 -225.84 130.98 -104.53
C SER Z 460 -224.74 129.95 -104.35
N LEU Z 461 -223.62 130.10 -105.04
CA LEU Z 461 -222.51 129.17 -104.86
C LEU Z 461 -221.78 129.42 -103.55
N PHE Z 462 -221.72 130.67 -103.09
CA PHE Z 462 -221.04 130.98 -101.84
C PHE Z 462 -221.91 130.63 -100.63
N THR Z 463 -223.24 130.67 -100.78
CA THR Z 463 -224.14 130.33 -99.68
C THR Z 463 -224.13 128.83 -99.42
N PRO Z 464 -223.61 128.02 -100.36
CA PRO Z 464 -223.59 126.57 -100.13
C PRO Z 464 -222.54 126.17 -99.09
N GLY Z 465 -221.28 126.41 -99.40
CA GLY Z 465 -220.20 126.08 -98.49
C GLY Z 465 -219.94 124.59 -98.39
N GLN Z 466 -219.81 123.93 -99.54
CA GLN Z 466 -219.54 122.50 -99.59
C GLN Z 466 -218.31 122.16 -100.41
N PHE Z 467 -218.19 122.69 -101.62
CA PHE Z 467 -217.05 122.43 -102.47
C PHE Z 467 -215.97 123.48 -102.27
N THR Z 468 -214.73 123.10 -102.57
CA THR Z 468 -213.59 124.00 -102.43
C THR Z 468 -212.69 123.93 -103.65
N ASN Z 469 -212.09 122.76 -103.88
CA ASN Z 469 -211.20 122.59 -105.03
C ASN Z 469 -211.96 122.21 -106.30
N GLU Z 470 -213.21 121.76 -106.18
CA GLU Z 470 -213.98 121.40 -107.36
C GLU Z 470 -214.26 122.61 -108.24
N ALA Z 471 -214.62 123.74 -107.63
CA ALA Z 471 -214.87 124.94 -108.41
C ALA Z 471 -213.62 125.43 -109.11
N LEU Z 472 -212.47 125.37 -108.41
CA LEU Z 472 -211.22 125.78 -109.03
C LEU Z 472 -210.84 124.85 -110.18
N CYS Z 473 -211.05 123.54 -110.01
CA CYS Z 473 -210.76 122.61 -111.08
C CYS Z 473 -211.66 122.84 -112.28
N LYS Z 474 -212.95 123.12 -112.04
CA LYS Z 474 -213.87 123.41 -113.13
C LYS Z 474 -213.49 124.70 -113.86
N ALA Z 475 -213.10 125.72 -113.11
CA ALA Z 475 -212.68 126.98 -113.74
C ALA Z 475 -211.39 126.80 -114.53
N LEU Z 476 -210.48 125.96 -114.06
CA LEU Z 476 -209.25 125.72 -114.80
C LEU Z 476 -209.49 124.88 -116.04
N GLN Z 477 -210.43 123.94 -115.99
CA GLN Z 477 -210.73 123.10 -117.15
C GLN Z 477 -211.56 123.85 -118.19
N ILE Z 478 -212.40 124.80 -117.76
CA ILE Z 478 -213.22 125.56 -118.70
C ILE Z 478 -212.41 126.60 -119.46
N PHE Z 479 -211.24 126.98 -118.95
CA PHE Z 479 -210.41 127.99 -119.61
C PHE Z 479 -209.50 127.30 -120.64
N CYS Z 480 -210.11 126.91 -121.75
CA CYS Z 480 -209.39 126.25 -122.82
C CYS Z 480 -208.71 127.27 -123.72
N ARG Z 481 -207.40 127.11 -123.90
CA ARG Z 481 -206.65 126.02 -123.30
C ARG Z 481 -205.57 126.56 -122.37
N GLY Z 482 -205.93 127.53 -121.53
CA GLY Z 482 -204.99 128.11 -120.60
C GLY Z 482 -204.97 127.42 -119.26
N THR Z 483 -204.64 126.13 -119.26
CA THR Z 483 -204.59 125.37 -118.01
C THR Z 483 -203.29 125.63 -117.28
N GLU Z 484 -203.34 125.49 -115.95
CA GLU Z 484 -202.18 125.70 -115.10
C GLU Z 484 -202.30 124.79 -113.89
N ARG Z 485 -201.41 125.00 -112.91
CA ARG Z 485 -201.42 124.20 -111.69
C ARG Z 485 -202.28 124.86 -110.62
N ASN Z 486 -201.89 124.67 -109.36
CA ASN Z 486 -202.63 125.26 -108.23
C ASN Z 486 -202.02 126.61 -107.84
N LEU Z 487 -202.06 127.54 -108.79
CA LEU Z 487 -201.53 128.88 -108.60
C LEU Z 487 -202.59 129.86 -108.10
N ASP Z 488 -203.74 129.38 -107.65
CA ASP Z 488 -204.78 130.28 -107.16
C ASP Z 488 -204.43 130.84 -105.80
N LEU Z 489 -204.14 129.96 -104.83
CA LEU Z 489 -203.77 130.35 -103.47
C LEU Z 489 -204.84 131.24 -102.84
N SER Z 490 -204.81 132.54 -103.16
CA SER Z 490 -205.79 133.46 -102.60
C SER Z 490 -207.16 133.23 -103.20
N TRP Z 491 -208.18 133.23 -102.35
CA TRP Z 491 -209.56 133.01 -102.78
C TRP Z 491 -210.32 134.32 -103.02
N SER Z 492 -209.68 135.47 -102.79
CA SER Z 492 -210.36 136.74 -103.00
C SER Z 492 -210.50 137.05 -104.49
N GLU Z 493 -209.46 136.78 -105.27
CA GLU Z 493 -209.48 137.03 -106.71
C GLU Z 493 -210.03 135.85 -107.50
N LEU Z 494 -210.37 134.73 -106.84
CA LEU Z 494 -210.90 133.58 -107.56
C LEU Z 494 -212.25 133.89 -108.18
N LYS Z 495 -213.12 134.60 -107.46
CA LYS Z 495 -214.42 134.98 -108.01
C LYS Z 495 -214.26 135.92 -109.21
N LYS Z 496 -213.33 136.87 -109.12
CA LYS Z 496 -213.10 137.78 -110.23
C LYS Z 496 -212.55 137.03 -111.44
N GLU Z 497 -211.64 136.09 -111.22
CA GLU Z 497 -211.11 135.29 -112.33
C GLU Z 497 -212.20 134.44 -112.96
N VAL Z 498 -213.08 133.85 -112.15
CA VAL Z 498 -214.18 133.05 -112.70
C VAL Z 498 -215.12 133.92 -113.49
N THR Z 499 -215.42 135.13 -113.00
CA THR Z 499 -216.29 136.03 -113.74
C THR Z 499 -215.66 136.47 -115.05
N LEU Z 500 -214.36 136.75 -115.05
CA LEU Z 500 -213.68 137.14 -116.28
C LEU Z 500 -213.61 135.99 -117.28
N ALA Z 501 -213.47 134.75 -116.79
CA ALA Z 501 -213.45 133.61 -117.69
C ALA Z 501 -214.84 133.30 -118.24
N VAL Z 502 -215.89 133.54 -117.45
CA VAL Z 502 -217.25 133.29 -117.93
C VAL Z 502 -217.70 134.38 -118.90
N GLU Z 503 -217.27 135.62 -118.67
CA GLU Z 503 -217.65 136.72 -119.56
C GLU Z 503 -216.91 136.69 -120.89
N ASN Z 504 -215.77 136.03 -120.96
CA ASN Z 504 -214.98 135.94 -122.19
C ASN Z 504 -215.31 134.69 -123.00
N GLU Z 505 -216.28 133.89 -122.57
CA GLU Z 505 -216.66 132.68 -123.28
C GLU Z 505 -218.03 132.75 -123.92
N LEU Z 506 -218.92 133.62 -123.45
CA LEU Z 506 -220.26 133.77 -124.00
C LEU Z 506 -220.28 135.00 -124.90
N GLN Z 507 -220.33 134.77 -126.20
CA GLN Z 507 -220.35 135.87 -127.17
C GLN Z 507 -221.75 136.46 -127.25
N GLY Z 508 -221.83 137.78 -127.18
CA GLY Z 508 -223.11 138.47 -127.24
C GLY Z 508 -223.57 138.75 -128.67
N SER Z 509 -224.65 138.09 -129.08
CA SER Z 509 -225.17 138.28 -130.42
C SER Z 509 -225.96 139.58 -130.52
N VAL Z 510 -225.79 140.27 -131.64
CA VAL Z 510 -226.49 141.54 -131.86
C VAL Z 510 -227.93 141.27 -132.26
N THR Z 511 -228.81 142.23 -131.96
CA THR Z 511 -230.22 142.11 -132.27
C THR Z 511 -230.49 142.49 -133.73
N GLU Z 512 -230.67 148.34 -135.20
CA GLU Z 512 -229.84 149.52 -135.41
C GLU Z 512 -228.76 149.64 -134.34
N TYR Z 513 -227.69 148.85 -134.51
CA TYR Z 513 -226.56 148.83 -133.58
C TYR Z 513 -227.02 148.51 -132.16
N GLU Z 514 -227.83 147.47 -132.04
CA GLU Z 514 -228.37 147.03 -130.77
C GLU Z 514 -227.93 145.59 -130.49
N PHE Z 515 -228.01 145.20 -129.23
CA PHE Z 515 -227.65 143.86 -128.79
C PHE Z 515 -228.87 143.13 -128.27
N SER Z 516 -228.94 141.83 -128.54
CA SER Z 516 -230.05 140.99 -128.11
C SER Z 516 -229.80 140.55 -126.68
N GLN Z 517 -230.58 141.09 -125.74
CA GLN Z 517 -230.42 140.73 -124.33
C GLN Z 517 -231.10 139.41 -124.00
N GLU Z 518 -232.15 139.05 -124.73
CA GLU Z 518 -232.85 137.80 -124.46
C GLU Z 518 -231.96 136.60 -124.74
N GLU Z 519 -231.13 136.67 -125.79
CA GLU Z 519 -230.22 135.58 -126.09
C GLU Z 519 -229.05 135.55 -125.10
N PHE Z 520 -228.57 136.73 -124.71
CA PHE Z 520 -227.45 136.78 -123.76
C PHE Z 520 -227.86 136.24 -122.40
N ARG Z 521 -229.08 136.57 -121.95
CA ARG Z 521 -229.55 136.05 -120.67
C ARG Z 521 -229.71 134.54 -120.71
N ASN Z 522 -230.23 134.01 -121.82
CA ASN Z 522 -230.37 132.56 -121.96
C ASN Z 522 -229.01 131.88 -121.98
N LEU Z 523 -228.03 132.47 -122.68
CA LEU Z 523 -226.69 131.90 -122.71
C LEU Z 523 -226.05 131.92 -121.32
N GLN Z 524 -226.23 133.01 -120.58
CA GLN Z 524 -225.70 133.08 -119.23
C GLN Z 524 -226.36 132.06 -118.31
N GLN Z 525 -227.67 131.88 -118.44
CA GLN Z 525 -228.37 130.88 -117.63
C GLN Z 525 -227.89 129.47 -117.96
N GLU Z 526 -227.69 129.19 -119.26
CA GLU Z 526 -227.19 127.87 -119.66
C GLU Z 526 -225.79 127.64 -119.13
N PHE Z 527 -224.93 128.67 -119.19
CA PHE Z 527 -223.57 128.52 -118.67
C PHE Z 527 -223.59 128.30 -117.16
N TRP Z 528 -224.44 129.02 -116.44
CA TRP Z 528 -224.55 128.83 -115.00
C TRP Z 528 -225.05 127.43 -114.66
N CYS Z 529 -226.04 126.94 -115.42
CA CYS Z 529 -226.54 125.58 -115.18
C CYS Z 529 -225.47 124.53 -115.47
N LYS Z 530 -224.69 124.73 -116.54
CA LYS Z 530 -223.61 123.80 -116.84
C LYS Z 530 -222.54 123.81 -115.76
N PHE Z 531 -222.20 125.01 -115.25
CA PHE Z 531 -221.22 125.11 -114.18
C PHE Z 531 -221.72 124.43 -112.91
N TYR Z 532 -223.01 124.62 -112.59
CA TYR Z 532 -223.58 123.97 -111.40
C TYR Z 532 -223.58 122.46 -111.56
N ALA Z 533 -223.92 121.96 -112.76
CA ALA Z 533 -223.90 120.52 -112.99
C ALA Z 533 -222.48 119.96 -112.89
N CYS Z 534 -221.50 120.69 -113.42
CA CYS Z 534 -220.11 120.24 -113.31
C CYS Z 534 -219.64 120.23 -111.87
N CYS Z 535 -220.01 121.24 -111.09
CA CYS Z 535 -219.63 121.28 -109.68
C CYS Z 535 -220.31 120.18 -108.88
N LEU Z 536 -221.55 119.84 -109.23
CA LEU Z 536 -222.24 118.76 -108.53
C LEU Z 536 -221.68 117.39 -108.92
N GLN Z 537 -221.25 117.24 -110.17
CA GLN Z 537 -220.67 115.96 -110.60
C GLN Z 537 -219.26 115.77 -110.08
N TYR Z 538 -218.48 116.85 -109.95
CA TYR Z 538 -217.11 116.74 -109.46
C TYR Z 538 -217.06 116.52 -107.95
N GLN Z 539 -218.12 116.89 -107.23
CA GLN Z 539 -218.15 116.73 -105.78
C GLN Z 539 -218.87 115.47 -105.33
N GLU Z 540 -219.65 114.84 -106.21
CA GLU Z 540 -220.35 113.62 -105.84
C GLU Z 540 -219.43 112.41 -105.79
N ALA Z 541 -218.36 112.42 -106.57
CA ALA Z 541 -217.40 111.32 -106.60
C ALA Z 541 -216.16 111.58 -105.75
N LEU Z 542 -216.12 112.70 -105.02
CA LEU Z 542 -214.99 113.04 -104.18
C LEU Z 542 -215.34 113.24 -102.72
N SER Z 543 -216.62 113.35 -102.38
CA SER Z 543 -217.08 113.55 -101.00
C SER Z 543 -217.77 112.27 -100.54
N HIS Z 544 -217.04 111.43 -99.82
CA HIS Z 544 -217.58 110.17 -99.31
C HIS Z 544 -216.93 109.87 -97.97
N PRO Z 545 -217.50 108.96 -97.20
CA PRO Z 545 -216.91 108.62 -95.90
C PRO Z 545 -215.69 107.72 -96.04
N LEU Z 546 -214.90 107.69 -94.97
CA LEU Z 546 -213.69 106.87 -94.96
C LEU Z 546 -213.56 106.15 -93.62
N ALA Z 547 -213.27 106.90 -92.55
CA ALA Z 547 -213.11 106.34 -91.22
C ALA Z 547 -213.77 107.28 -90.21
N LEU Z 548 -213.76 106.86 -88.94
CA LEU Z 548 -214.35 107.65 -87.87
C LEU Z 548 -213.62 107.34 -86.58
N HIS Z 549 -213.07 108.38 -85.95
CA HIS Z 549 -212.34 108.24 -84.70
C HIS Z 549 -212.87 109.24 -83.67
N LEU Z 550 -212.91 108.82 -82.41
CA LEU Z 550 -213.38 109.65 -81.32
C LEU Z 550 -212.22 110.09 -80.45
N ASN Z 551 -212.38 111.25 -79.82
CA ASN Z 551 -211.36 111.79 -78.94
C ASN Z 551 -211.80 111.74 -77.48
N PRO Z 552 -210.92 111.33 -76.57
CA PRO Z 552 -211.31 111.26 -75.15
C PRO Z 552 -211.29 112.60 -74.44
N HIS Z 553 -210.63 113.61 -75.00
CA HIS Z 553 -210.57 114.92 -74.34
C HIS Z 553 -211.83 115.73 -74.63
N THR Z 554 -212.19 115.86 -75.91
CA THR Z 554 -213.38 116.63 -76.26
C THR Z 554 -214.67 115.84 -76.03
N ASN Z 555 -214.60 114.50 -76.13
CA ASN Z 555 -215.75 113.62 -75.94
C ASN Z 555 -216.89 113.99 -76.89
N MET Z 556 -216.57 114.04 -78.19
CA MET Z 556 -217.54 114.37 -79.22
C MET Z 556 -217.40 113.39 -80.38
N VAL Z 557 -218.53 113.10 -81.02
CA VAL Z 557 -218.56 112.18 -82.14
C VAL Z 557 -218.07 112.89 -83.39
N CYS Z 558 -216.77 112.76 -83.68
CA CYS Z 558 -216.17 113.39 -84.84
C CYS Z 558 -216.19 112.45 -86.03
N LEU Z 559 -216.33 113.03 -87.22
CA LEU Z 559 -216.38 112.27 -88.47
C LEU Z 559 -215.25 112.75 -89.39
N LEU Z 560 -214.77 111.84 -90.22
CA LEU Z 560 -213.70 112.12 -91.18
C LEU Z 560 -214.11 111.58 -92.55
N LYS Z 561 -214.43 112.48 -93.47
CA LYS Z 561 -214.83 112.09 -94.82
C LYS Z 561 -213.63 112.12 -95.76
N LYS Z 562 -213.86 112.57 -96.99
CA LYS Z 562 -212.81 112.65 -98.01
C LYS Z 562 -212.70 114.12 -98.43
N GLY Z 563 -211.86 114.86 -97.72
CA GLY Z 563 -211.66 116.27 -98.03
C GLY Z 563 -212.72 117.19 -97.50
N TYR Z 564 -213.52 116.75 -96.53
CA TYR Z 564 -214.57 117.57 -95.95
C TYR Z 564 -214.76 117.15 -94.49
N LEU Z 565 -214.15 117.90 -93.58
CA LEU Z 565 -214.25 117.59 -92.16
C LEU Z 565 -215.61 118.02 -91.63
N SER Z 566 -216.40 117.06 -91.17
CA SER Z 566 -217.73 117.30 -90.63
C SER Z 566 -217.82 116.77 -89.21
N PHE Z 567 -219.01 116.89 -88.61
CA PHE Z 567 -219.23 116.42 -87.26
C PHE Z 567 -220.68 115.98 -87.12
N LEU Z 568 -220.95 115.17 -86.10
CA LEU Z 568 -222.28 114.65 -85.82
C LEU Z 568 -222.89 115.40 -84.66
N ILE Z 569 -224.16 115.77 -84.80
CA ILE Z 569 -224.89 116.50 -83.77
C ILE Z 569 -226.33 116.03 -83.75
N PRO Z 570 -227.02 116.23 -82.63
CA PRO Z 570 -228.42 115.80 -82.53
C PRO Z 570 -229.36 116.79 -83.18
N SER Z 571 -230.59 116.33 -83.40
CA SER Z 571 -231.61 117.15 -84.03
C SER Z 571 -232.20 118.12 -83.01
N SER Z 572 -232.30 119.40 -83.40
CA SER Z 572 -232.83 120.42 -82.54
C SER Z 572 -234.34 120.54 -82.74
N LEU Z 573 -234.93 121.62 -82.23
CA LEU Z 573 -236.36 121.83 -82.37
C LEU Z 573 -236.73 122.34 -83.76
N VAL Z 574 -235.94 123.30 -84.28
CA VAL Z 574 -236.22 123.84 -85.60
C VAL Z 574 -236.00 122.79 -86.68
N ASP Z 575 -234.96 121.97 -86.53
CA ASP Z 575 -234.69 120.93 -87.52
C ASP Z 575 -235.79 119.86 -87.50
N HIS Z 576 -236.40 119.60 -86.35
CA HIS Z 576 -237.49 118.64 -86.28
C HIS Z 576 -238.81 119.23 -86.72
N LEU Z 577 -238.99 120.54 -86.57
CA LEU Z 577 -240.23 121.18 -86.99
C LEU Z 577 -240.25 121.48 -88.48
N TYR Z 578 -239.08 121.72 -89.08
CA TYR Z 578 -239.00 122.01 -90.50
C TYR Z 578 -239.01 120.75 -91.37
N LEU Z 579 -239.01 119.58 -90.77
CA LEU Z 579 -239.01 118.33 -91.53
C LEU Z 579 -240.42 117.89 -91.94
N LEU Z 580 -241.45 118.59 -91.49
CA LEU Z 580 -242.85 118.29 -91.80
C LEU Z 580 -243.18 116.85 -91.40
N PRO Z 581 -242.85 116.43 -90.17
CA PRO Z 581 -243.13 115.07 -89.70
C PRO Z 581 -244.58 114.90 -89.23
N ALA Z 600 -254.63 119.66 -74.73
CA ALA Z 600 -253.52 120.58 -74.51
C ALA Z 600 -252.37 120.29 -75.47
N ARG Z 601 -252.67 119.58 -76.55
CA ARG Z 601 -251.69 119.21 -77.56
C ARG Z 601 -252.18 119.73 -78.91
N ASP Z 602 -251.73 120.93 -79.27
CA ASP Z 602 -252.12 121.55 -80.53
C ASP Z 602 -250.93 122.33 -81.07
N VAL Z 603 -251.20 123.31 -81.92
CA VAL Z 603 -250.18 124.16 -82.53
C VAL Z 603 -249.16 123.30 -83.27
N ILE Z 604 -249.65 122.37 -84.09
CA ILE Z 604 -248.78 121.48 -84.85
C ILE Z 604 -249.29 121.39 -86.28
N CYS Z 605 -250.57 121.05 -86.44
CA CYS Z 605 -251.16 120.93 -87.77
C CYS Z 605 -251.19 122.28 -88.48
N LEU Z 606 -251.56 123.34 -87.74
CA LEU Z 606 -251.59 124.67 -88.34
C LEU Z 606 -250.19 125.13 -88.75
N ILE Z 607 -249.19 124.85 -87.91
CA ILE Z 607 -247.82 125.23 -88.24
C ILE Z 607 -247.34 124.45 -89.45
N LYS Z 608 -247.68 123.16 -89.54
CA LYS Z 608 -247.28 122.37 -90.70
C LYS Z 608 -247.95 122.88 -91.97
N CYS Z 609 -249.23 123.24 -91.88
CA CYS Z 609 -249.93 123.78 -93.04
C CYS Z 609 -249.32 125.11 -93.48
N LEU Z 610 -248.98 125.97 -92.51
CA LEU Z 610 -248.35 127.25 -92.84
C LEU Z 610 -247.00 127.03 -93.50
N ARG Z 611 -246.21 126.08 -92.99
CA ARG Z 611 -244.90 125.80 -93.59
C ARG Z 611 -245.06 125.25 -95.00
N LEU Z 612 -246.04 124.37 -95.21
CA LEU Z 612 -246.27 123.82 -96.55
C LEU Z 612 -246.77 124.89 -97.52
N ILE Z 613 -247.56 125.86 -97.04
CA ILE Z 613 -248.03 126.93 -97.91
C ILE Z 613 -246.91 127.91 -98.22
N GLU Z 614 -246.00 128.13 -97.26
CA GLU Z 614 -244.89 129.05 -97.50
C GLU Z 614 -243.80 128.42 -98.36
N GLU Z 615 -243.64 127.11 -98.30
CA GLU Z 615 -242.62 126.43 -99.10
C GLU Z 615 -243.00 126.33 -100.57
N SER Z 616 -244.27 126.54 -100.91
CA SER Z 616 -244.75 126.44 -102.28
C SER Z 616 -244.66 127.78 -103.01
N VAL Z 617 -244.02 128.79 -102.42
CA VAL Z 617 -243.90 130.09 -103.06
C VAL Z 617 -242.78 130.04 -104.10
N THR Z 618 -242.82 131.00 -105.03
CA THR Z 618 -241.83 131.08 -106.08
C THR Z 618 -240.61 131.87 -105.60
N VAL Z 619 -239.63 132.02 -106.48
CA VAL Z 619 -238.42 132.77 -106.12
C VAL Z 619 -238.66 134.26 -106.17
N ASP Z 620 -239.53 134.73 -107.08
CA ASP Z 620 -239.80 136.16 -107.18
C ASP Z 620 -240.51 136.67 -105.93
N MET Z 621 -241.48 135.91 -105.42
CA MET Z 621 -242.18 136.32 -104.20
C MET Z 621 -241.23 136.35 -103.00
N SER Z 622 -240.34 135.36 -102.90
CA SER Z 622 -239.37 135.35 -101.81
C SER Z 622 -238.40 136.52 -101.92
N VAL Z 623 -237.97 136.85 -103.13
CA VAL Z 623 -237.07 137.98 -103.32
C VAL Z 623 -237.77 139.28 -102.96
N ILE Z 624 -239.04 139.42 -103.34
CA ILE Z 624 -239.79 140.63 -103.00
C ILE Z 624 -239.98 140.74 -101.49
N MET Z 625 -240.27 139.62 -100.83
CA MET Z 625 -240.41 139.64 -99.38
C MET Z 625 -239.11 140.01 -98.69
N GLU Z 626 -237.98 139.47 -99.19
CA GLU Z 626 -236.68 139.81 -98.61
C GLU Z 626 -236.35 141.29 -98.82
N MET Z 627 -236.65 141.82 -100.01
CA MET Z 627 -236.40 143.23 -100.26
C MET Z 627 -237.29 144.13 -99.41
N SER Z 628 -238.52 143.70 -99.15
CA SER Z 628 -239.41 144.49 -98.31
C SER Z 628 -239.00 144.42 -96.84
N CYS Z 629 -238.49 143.28 -96.39
CA CYS Z 629 -238.07 143.15 -94.99
C CYS Z 629 -236.72 143.80 -94.75
N TYR Z 630 -235.86 143.91 -95.78
CA TYR Z 630 -234.56 144.53 -95.60
C TYR Z 630 -234.68 146.04 -95.45
N ASN Z 631 -235.73 146.63 -95.99
CA ASN Z 631 -235.94 148.08 -95.92
C ASN Z 631 -236.81 148.49 -94.74
N LEU Z 632 -237.27 147.53 -93.92
CA LEU Z 632 -238.10 147.81 -92.76
C LEU Z 632 -237.31 147.82 -91.46
N GLN Z 633 -236.03 148.20 -91.53
CA GLN Z 633 -235.18 148.24 -90.33
C GLN Z 633 -235.36 149.57 -89.61
N SER Z 634 -234.95 150.67 -90.25
CA SER Z 634 -235.07 152.00 -89.66
C SER Z 634 -236.50 152.50 -89.78
N PRO Z 635 -236.99 152.73 -91.00
CA PRO Z 635 -238.38 153.21 -91.18
C PRO Z 635 -239.38 152.08 -91.43
N GLU Z 636 -239.70 151.35 -90.36
CA GLU Z 636 -240.62 150.24 -90.45
C GLU Z 636 -242.06 150.75 -90.50
N LYS Z 637 -242.94 149.89 -91.02
CA LYS Z 637 -244.36 150.21 -91.15
C LYS Z 637 -245.16 148.91 -91.02
N ALA Z 638 -245.11 148.29 -89.85
CA ALA Z 638 -245.82 147.04 -89.60
C ALA Z 638 -247.29 147.36 -89.35
N ALA Z 639 -248.13 147.14 -90.36
CA ALA Z 639 -249.55 147.40 -90.24
C ALA Z 639 -250.37 146.42 -91.08
N GLU Z 640 -251.47 146.88 -91.64
CA GLU Z 640 -252.33 146.03 -92.47
C GLU Z 640 -252.01 146.24 -93.95
N GLN Z 641 -250.76 145.95 -94.31
CA GLN Z 641 -250.29 146.08 -95.68
C GLN Z 641 -249.68 144.81 -96.25
N ILE Z 642 -249.53 143.76 -95.44
CA ILE Z 642 -248.94 142.52 -95.94
C ILE Z 642 -249.99 141.69 -96.69
N LEU Z 643 -251.26 141.77 -96.29
CA LEU Z 643 -252.30 141.02 -96.97
C LEU Z 643 -252.57 141.57 -98.36
N GLU Z 644 -252.40 142.89 -98.53
CA GLU Z 644 -252.59 143.49 -99.85
C GLU Z 644 -251.38 143.34 -100.74
N ASP Z 645 -250.24 142.91 -100.20
CA ASP Z 645 -249.02 142.72 -100.97
C ASP Z 645 -248.74 141.25 -101.29
N MET Z 646 -249.19 140.33 -100.44
CA MET Z 646 -248.99 138.91 -100.66
C MET Z 646 -250.10 138.28 -101.48
N ILE Z 647 -251.05 139.07 -101.97
CA ILE Z 647 -252.15 138.57 -102.77
C ILE Z 647 -251.87 138.69 -104.27
N THR Z 648 -250.60 138.90 -104.64
CA THR Z 648 -250.20 139.04 -106.04
C THR Z 648 -249.73 137.72 -106.64
N ILE Z 649 -249.94 136.61 -105.95
CA ILE Z 649 -249.53 135.29 -106.44
C ILE Z 649 -250.67 134.58 -107.18
N ASP Z 650 -251.78 135.28 -107.42
CA ASP Z 650 -252.94 134.73 -108.12
C ASP Z 650 -253.46 133.46 -107.42
N VAL Z 651 -253.90 133.65 -106.18
CA VAL Z 651 -254.42 132.57 -105.36
C VAL Z 651 -255.94 132.65 -105.34
N GLU Z 652 -256.60 131.50 -105.42
CA GLU Z 652 -258.06 131.44 -105.41
C GLU Z 652 -258.55 130.54 -104.28
N ASN Z 653 -258.54 129.23 -104.50
CA ASN Z 653 -258.99 128.27 -103.50
C ASN Z 653 -257.81 127.85 -102.62
N VAL Z 654 -257.42 128.77 -101.75
CA VAL Z 654 -256.31 128.54 -100.83
C VAL Z 654 -256.54 129.34 -99.55
N MET Z 655 -257.27 130.45 -99.66
CA MET Z 655 -257.55 131.30 -98.51
C MET Z 655 -258.79 130.83 -97.74
N GLU Z 656 -259.81 130.34 -98.45
CA GLU Z 656 -261.02 129.89 -97.78
C GLU Z 656 -260.76 128.63 -96.95
N ASP Z 657 -259.92 127.72 -97.47
CA ASP Z 657 -259.61 126.51 -96.71
C ASP Z 657 -258.84 126.83 -95.44
N ILE Z 658 -258.01 127.87 -95.46
CA ILE Z 658 -257.28 128.27 -94.25
C ILE Z 658 -258.19 129.03 -93.30
N CYS Z 659 -259.11 129.84 -93.83
CA CYS Z 659 -260.02 130.59 -92.98
C CYS Z 659 -261.00 129.65 -92.27
N SER Z 660 -261.46 128.61 -92.96
CA SER Z 660 -262.37 127.65 -92.34
C SER Z 660 -261.71 126.88 -91.21
N LYS Z 661 -260.38 126.66 -91.31
CA LYS Z 661 -259.66 125.98 -90.25
C LYS Z 661 -259.29 126.93 -89.11
N LEU Z 662 -259.03 128.20 -89.43
CA LEU Z 662 -258.68 129.16 -88.38
C LEU Z 662 -259.90 129.62 -87.60
N GLN Z 663 -261.08 129.63 -88.23
CA GLN Z 663 -262.30 130.05 -87.54
C GLN Z 663 -262.88 128.97 -86.63
N GLU Z 664 -262.41 127.74 -86.74
CA GLU Z 664 -262.89 126.62 -85.93
C GLU Z 664 -261.87 126.24 -84.87
N ILE Z 665 -261.36 127.23 -84.15
CA ILE Z 665 -260.37 127.01 -83.09
C ILE Z 665 -260.64 127.99 -81.96
N ARG Z 666 -260.59 127.50 -80.73
CA ARG Z 666 -260.83 128.34 -79.56
C ARG Z 666 -259.60 129.18 -79.23
N ASN Z 667 -258.79 128.71 -78.28
CA ASN Z 667 -257.59 129.43 -77.87
C ASN Z 667 -256.48 129.21 -78.90
N PRO Z 668 -256.13 130.23 -79.68
CA PRO Z 668 -255.07 130.05 -80.68
C PRO Z 668 -253.86 130.93 -80.39
N ILE Z 669 -254.09 132.23 -80.17
CA ILE Z 669 -252.99 133.15 -79.88
C ILE Z 669 -252.37 132.83 -78.53
N HIS Z 670 -253.20 132.47 -77.55
CA HIS Z 670 -252.68 132.13 -76.23
C HIS Z 670 -251.82 130.88 -76.26
N ALA Z 671 -252.16 129.92 -77.12
CA ALA Z 671 -251.35 128.71 -77.25
C ALA Z 671 -250.08 128.99 -78.07
N ILE Z 672 -250.19 129.83 -79.09
CA ILE Z 672 -249.01 130.17 -79.90
C ILE Z 672 -247.99 130.92 -79.06
N GLY Z 673 -248.45 131.84 -78.21
CA GLY Z 673 -247.52 132.56 -77.35
C GLY Z 673 -246.82 131.64 -76.36
N LEU Z 674 -247.56 130.70 -75.78
CA LEU Z 674 -246.95 129.75 -74.86
C LEU Z 674 -245.94 128.85 -75.58
N LEU Z 675 -246.27 128.41 -76.79
CA LEU Z 675 -245.35 127.57 -77.55
C LEU Z 675 -244.11 128.34 -77.97
N ILE Z 676 -244.24 129.63 -78.25
CA ILE Z 676 -243.07 130.43 -78.60
C ILE Z 676 -242.23 130.72 -77.37
N ARG Z 677 -242.86 130.87 -76.20
CA ARG Z 677 -242.11 131.13 -74.98
C ARG Z 677 -241.38 129.87 -74.50
N GLU Z 678 -242.00 128.70 -74.67
CA GLU Z 678 -241.38 127.45 -74.25
C GLU Z 678 -240.27 126.98 -75.20
N MET Z 679 -240.18 127.57 -76.40
CA MET Z 679 -239.14 127.18 -77.35
C MET Z 679 -237.78 127.76 -77.02
N ASN Z 698 -237.72 128.76 -76.15
CA ASN Z 698 -236.44 129.36 -75.78
C ASN Z 698 -235.70 128.47 -74.80
N ILE Z 699 -234.44 128.17 -75.12
CA ILE Z 699 -233.61 127.31 -74.27
C ILE Z 699 -232.87 128.18 -73.26
N ARG Z 700 -232.84 127.73 -72.01
CA ARG Z 700 -232.16 128.47 -70.95
C ARG Z 700 -230.66 128.21 -70.99
N MET Z 701 -229.91 129.11 -70.34
CA MET Z 701 -228.45 129.01 -70.29
C MET Z 701 -228.07 128.24 -69.03
N ASN Z 702 -228.13 126.91 -69.14
CA ASN Z 702 -227.79 126.04 -68.02
C ASN Z 702 -226.28 125.90 -67.87
N LEU Z 703 -225.58 125.67 -68.98
CA LEU Z 703 -224.13 125.51 -68.97
C LEU Z 703 -223.47 126.72 -69.62
N THR Z 704 -222.15 126.80 -69.44
CA THR Z 704 -221.36 127.90 -69.99
C THR Z 704 -220.03 127.31 -70.46
N GLN Z 705 -219.90 127.13 -71.78
CA GLN Z 705 -218.69 126.58 -72.36
C GLN Z 705 -218.54 127.09 -73.79
N LEU Z 706 -217.30 127.29 -74.21
CA LEU Z 706 -217.01 127.77 -75.55
C LEU Z 706 -215.73 127.11 -76.06
N TYR Z 707 -215.66 126.94 -77.37
CA TYR Z 707 -214.51 126.32 -78.02
C TYR Z 707 -213.62 127.40 -78.62
N GLY Z 708 -212.74 127.00 -79.54
CA GLY Z 708 -211.83 127.91 -80.19
C GLY Z 708 -210.79 127.23 -81.03
N SER Z 709 -211.10 126.99 -82.30
CA SER Z 709 -210.17 126.33 -83.21
C SER Z 709 -210.50 126.80 -84.63
N ASN Z 710 -210.01 126.07 -85.62
CA ASN Z 710 -210.23 126.41 -87.03
C ASN Z 710 -211.40 125.62 -87.61
N THR Z 711 -211.27 124.30 -87.73
CA THR Z 711 -212.35 123.48 -88.26
C THR Z 711 -213.56 123.49 -87.34
N ALA Z 712 -213.34 123.41 -86.03
CA ALA Z 712 -214.44 123.46 -85.08
C ALA Z 712 -215.15 124.80 -85.13
N GLY Z 713 -214.37 125.89 -85.24
CA GLY Z 713 -214.98 127.21 -85.35
C GLY Z 713 -215.78 127.38 -86.62
N TYR Z 714 -215.27 126.85 -87.74
CA TYR Z 714 -215.99 126.92 -88.99
C TYR Z 714 -217.28 126.10 -88.93
N ILE Z 715 -217.23 124.93 -88.29
CA ILE Z 715 -218.43 124.11 -88.16
C ILE Z 715 -219.46 124.80 -87.27
N VAL Z 716 -219.00 125.45 -86.20
CA VAL Z 716 -219.91 126.16 -85.32
C VAL Z 716 -220.55 127.34 -86.04
N CYS Z 717 -219.75 128.05 -86.85
CA CYS Z 717 -220.30 129.17 -87.62
C CYS Z 717 -221.32 128.69 -88.65
N ARG Z 718 -221.03 127.57 -89.32
CA ARG Z 718 -221.99 127.02 -90.28
C ARG Z 718 -223.27 126.59 -89.60
N GLY Z 719 -223.17 125.95 -88.43
CA GLY Z 719 -224.36 125.57 -87.69
C GLY Z 719 -225.17 126.76 -87.23
N VAL Z 720 -224.49 127.82 -86.77
CA VAL Z 720 -225.20 129.02 -86.35
C VAL Z 720 -225.90 129.68 -87.53
N HIS Z 721 -225.24 129.71 -88.70
CA HIS Z 721 -225.86 130.26 -89.89
C HIS Z 721 -227.08 129.45 -90.32
N LYS Z 722 -226.98 128.12 -90.26
CA LYS Z 722 -228.11 127.27 -90.60
C LYS Z 722 -229.27 127.48 -89.63
N ILE Z 723 -228.97 127.60 -88.34
CA ILE Z 723 -230.02 127.83 -87.34
C ILE Z 723 -230.68 129.19 -87.57
N ALA Z 724 -229.88 130.20 -87.91
CA ALA Z 724 -230.45 131.52 -88.18
C ALA Z 724 -231.32 131.50 -89.42
N SER Z 725 -230.90 130.78 -90.46
CA SER Z 725 -231.71 130.66 -91.67
C SER Z 725 -233.02 129.93 -91.39
N THR Z 726 -232.96 128.87 -90.59
CA THR Z 726 -234.18 128.14 -90.24
C THR Z 726 -235.12 129.02 -89.42
N ARG Z 727 -234.57 129.79 -88.48
CA ARG Z 727 -235.41 130.69 -87.68
C ARG Z 727 -236.04 131.76 -88.54
N PHE Z 728 -235.28 132.31 -89.50
CA PHE Z 728 -235.83 133.32 -90.40
C PHE Z 728 -236.93 132.73 -91.27
N LEU Z 729 -236.74 131.51 -91.76
CA LEU Z 729 -237.77 130.87 -92.56
C LEU Z 729 -239.03 130.60 -91.73
N ILE Z 730 -238.86 130.17 -90.49
CA ILE Z 730 -240.01 129.92 -89.62
C ILE Z 730 -240.75 131.21 -89.33
N CYS Z 731 -240.00 132.30 -89.10
CA CYS Z 731 -240.64 133.59 -88.84
C CYS Z 731 -241.37 134.10 -90.07
N ARG Z 732 -240.79 133.90 -91.27
CA ARG Z 732 -241.47 134.32 -92.49
C ARG Z 732 -242.75 133.50 -92.71
N ASP Z 733 -242.70 132.20 -92.42
CA ASP Z 733 -243.89 131.37 -92.55
C ASP Z 733 -244.97 131.79 -91.55
N LEU Z 734 -244.57 132.11 -90.32
CA LEU Z 734 -245.53 132.57 -89.33
C LEU Z 734 -246.15 133.90 -89.74
N LEU Z 735 -245.34 134.81 -90.28
CA LEU Z 735 -245.88 136.09 -90.73
C LEU Z 735 -246.83 135.91 -91.90
N ILE Z 736 -246.51 135.01 -92.83
CA ILE Z 736 -247.40 134.75 -93.96
C ILE Z 736 -248.71 134.14 -93.47
N LEU Z 737 -248.64 133.24 -92.49
CA LEU Z 737 -249.86 132.65 -91.94
C LEU Z 737 -250.70 133.69 -91.22
N GLN Z 738 -250.07 134.60 -90.48
CA GLN Z 738 -250.80 135.64 -89.79
C GLN Z 738 -251.44 136.62 -90.77
N GLN Z 739 -250.75 136.90 -91.88
CA GLN Z 739 -251.32 137.79 -92.88
C GLN Z 739 -252.46 137.13 -93.65
N LEU Z 740 -252.38 135.82 -93.87
CA LEU Z 740 -253.45 135.11 -94.56
C LEU Z 740 -254.66 134.89 -93.67
N LEU Z 741 -254.45 134.70 -92.37
CA LEU Z 741 -255.57 134.49 -91.44
C LEU Z 741 -256.20 135.82 -91.03
N MET Z 742 -255.40 136.73 -90.48
CA MET Z 742 -255.89 138.03 -90.04
C MET Z 742 -255.84 139.02 -91.21
N ARG Z 743 -256.81 138.86 -92.10
CA ARG Z 743 -256.95 139.71 -93.28
C ARG Z 743 -258.25 140.49 -93.22
N LEU Z 744 -258.46 141.34 -94.22
CA LEU Z 744 -259.67 142.15 -94.29
C LEU Z 744 -260.07 142.41 -95.73
N GLY Z 745 -259.08 142.64 -96.60
CA GLY Z 745 -259.36 142.88 -98.00
C GLY Z 745 -259.90 144.26 -98.30
N ASP Z 746 -259.38 145.30 -97.62
CA ASP Z 746 -259.81 146.67 -97.81
C ASP Z 746 -261.31 146.82 -97.58
N ALA Z 747 -261.78 146.29 -96.44
CA ALA Z 747 -263.18 146.35 -96.08
C ALA Z 747 -263.30 146.51 -94.57
N VAL Z 748 -264.26 147.32 -94.14
CA VAL Z 748 -264.46 147.55 -92.71
C VAL Z 748 -265.31 146.44 -92.10
N ILE Z 749 -266.31 145.97 -92.84
CA ILE Z 749 -267.18 144.91 -92.32
C ILE Z 749 -266.41 143.60 -92.23
N TRP Z 750 -265.45 143.38 -93.12
CA TRP Z 750 -264.64 142.17 -93.11
C TRP Z 750 -263.41 142.29 -92.20
N GLY Z 751 -263.22 143.45 -91.57
CA GLY Z 751 -262.08 143.64 -90.68
C GLY Z 751 -262.49 143.88 -89.25
N THR Z 752 -263.74 144.29 -89.04
CA THR Z 752 -264.24 144.55 -87.69
C THR Z 752 -264.48 143.28 -86.89
N GLY Z 753 -264.50 142.12 -87.55
CA GLY Z 753 -264.73 140.88 -86.82
C GLY Z 753 -263.53 140.44 -85.99
N GLN Z 754 -262.33 140.88 -86.37
CA GLN Z 754 -261.12 140.53 -85.65
C GLN Z 754 -260.69 141.59 -84.64
N LEU Z 755 -261.37 142.74 -84.61
CA LEU Z 755 -261.05 143.81 -83.69
C LEU Z 755 -262.19 144.14 -82.73
N PHE Z 756 -263.18 143.25 -82.63
CA PHE Z 756 -264.33 143.45 -81.76
C PHE Z 756 -264.17 142.74 -80.42
N GLN Z 757 -262.96 142.77 -79.85
CA GLN Z 757 -262.67 142.13 -78.57
C GLN Z 757 -263.00 140.64 -78.60
N ALA Z 758 -262.66 139.98 -79.70
CA ALA Z 758 -262.93 138.55 -79.85
C ALA Z 758 -261.80 137.69 -79.28
N GLN Z 759 -260.57 138.18 -79.31
CA GLN Z 759 -259.44 137.43 -78.79
C GLN Z 759 -258.43 138.37 -78.12
N GLN Z 760 -257.21 137.88 -77.90
CA GLN Z 760 -256.15 138.66 -77.28
C GLN Z 760 -255.31 139.43 -78.29
N ASP Z 761 -255.77 139.52 -79.54
CA ASP Z 761 -255.07 140.24 -80.60
C ASP Z 761 -253.66 139.70 -80.82
N LEU Z 762 -252.81 140.47 -81.48
CA LEU Z 762 -251.45 140.06 -81.76
C LEU Z 762 -250.56 141.25 -82.06
N LEU Z 763 -250.34 142.11 -81.06
CA LEU Z 763 -249.49 143.27 -81.24
C LEU Z 763 -248.06 143.00 -80.75
N HIS Z 764 -247.91 142.69 -79.46
CA HIS Z 764 -246.59 142.38 -78.92
C HIS Z 764 -246.07 141.04 -79.44
N ARG Z 765 -246.99 140.13 -79.79
CA ARG Z 765 -246.56 138.84 -80.34
C ARG Z 765 -246.03 139.02 -81.76
N THR Z 766 -246.53 140.02 -82.49
CA THR Z 766 -246.04 140.28 -83.84
C THR Z 766 -244.81 141.17 -83.84
N ALA Z 767 -244.72 142.10 -82.88
CA ALA Z 767 -243.53 142.96 -82.82
C ALA Z 767 -242.29 142.18 -82.41
N PRO Z 768 -242.34 141.34 -81.37
CA PRO Z 768 -241.14 140.55 -81.04
C PRO Z 768 -240.78 139.54 -82.13
N LEU Z 769 -241.79 138.94 -82.78
CA LEU Z 769 -241.50 138.03 -83.89
C LEU Z 769 -240.84 138.77 -85.05
N LEU Z 770 -241.32 139.98 -85.35
CA LEU Z 770 -240.69 140.78 -86.41
C LEU Z 770 -239.28 141.17 -86.04
N LEU Z 771 -239.04 141.52 -84.77
CA LEU Z 771 -237.69 141.86 -84.34
C LEU Z 771 -236.76 140.66 -84.45
N SER Z 772 -237.24 139.48 -84.06
CA SER Z 772 -236.43 138.27 -84.18
C SER Z 772 -236.14 137.93 -85.64
N TYR Z 773 -237.14 138.13 -86.51
CA TYR Z 773 -236.92 137.88 -87.94
C TYR Z 773 -235.90 138.84 -88.51
N TYR Z 774 -235.97 140.12 -88.12
CA TYR Z 774 -234.99 141.09 -88.60
C TYR Z 774 -233.59 140.76 -88.09
N LEU Z 775 -233.48 140.32 -86.83
CA LEU Z 775 -232.18 139.94 -86.29
C LEU Z 775 -231.63 138.72 -87.01
N ILE Z 776 -232.48 137.74 -87.31
CA ILE Z 776 -232.03 136.55 -88.02
C ILE Z 776 -231.59 136.92 -89.44
N LYS Z 777 -232.32 137.82 -90.10
CA LYS Z 777 -231.93 138.25 -91.43
C LYS Z 777 -230.60 138.99 -91.42
N TRP Z 778 -230.40 139.84 -90.41
CA TRP Z 778 -229.12 140.55 -90.29
C TRP Z 778 -227.97 139.58 -90.02
N GLY Z 779 -228.20 138.59 -89.17
CA GLY Z 779 -227.16 137.60 -88.90
C GLY Z 779 -226.85 136.74 -90.11
N SER Z 780 -227.85 136.43 -90.93
CA SER Z 780 -227.61 135.66 -92.14
C SER Z 780 -226.91 136.49 -93.20
N GLU Z 781 -227.21 137.79 -93.28
CA GLU Z 781 -226.55 138.64 -94.25
C GLU Z 781 -225.12 138.96 -93.83
N CYS Z 782 -224.84 138.97 -92.53
CA CYS Z 782 -223.50 139.24 -92.01
C CYS Z 782 -222.69 137.97 -91.84
N LEU Z 783 -222.87 136.98 -92.71
CA LEU Z 783 -222.12 135.74 -92.62
C LEU Z 783 -221.54 135.28 -93.95
N ALA Z 784 -221.57 136.12 -94.98
CA ALA Z 784 -221.02 135.76 -96.29
C ALA Z 784 -220.38 136.97 -96.96
N THR Z 785 -203.73 135.09 -77.69
CA THR Z 785 -204.67 135.70 -76.76
C THR Z 785 -206.09 135.67 -77.32
N ASP Z 786 -206.96 136.52 -76.77
CA ASP Z 786 -208.34 136.61 -77.21
C ASP Z 786 -208.56 137.64 -78.31
N VAL Z 787 -207.50 138.14 -78.92
CA VAL Z 787 -207.60 139.13 -79.98
C VAL Z 787 -206.86 138.60 -81.22
N PRO Z 788 -206.46 137.33 -81.24
CA PRO Z 788 -205.75 136.80 -82.41
C PRO Z 788 -206.48 135.65 -83.06
N LEU Z 789 -206.12 134.42 -82.68
CA LEU Z 789 -206.74 133.22 -83.22
C LEU Z 789 -207.63 132.54 -82.17
N ASP Z 790 -207.03 131.98 -81.12
CA ASP Z 790 -207.80 131.32 -80.07
C ASP Z 790 -207.03 131.42 -78.76
N THR Z 791 -207.75 131.21 -77.67
CA THR Z 791 -207.16 131.27 -76.33
C THR Z 791 -207.84 130.25 -75.44
N LEU Z 792 -207.30 130.08 -74.24
CA LEU Z 792 -207.84 129.13 -73.27
C LEU Z 792 -207.43 129.59 -71.88
N GLU Z 793 -208.41 130.00 -71.08
CA GLU Z 793 -208.12 130.46 -69.72
C GLU Z 793 -207.84 129.29 -68.79
N SER Z 794 -208.50 128.16 -69.00
CA SER Z 794 -208.29 126.99 -68.17
C SER Z 794 -208.55 125.71 -68.97
N ASN Z 795 -209.25 124.75 -68.36
CA ASN Z 795 -209.57 123.49 -69.00
C ASN Z 795 -211.00 123.50 -69.52
N LEU Z 796 -211.35 122.43 -70.24
CA LEU Z 796 -212.68 122.25 -70.81
C LEU Z 796 -213.06 123.43 -71.71
N GLN Z 797 -213.60 124.48 -71.11
CA GLN Z 797 -214.00 125.66 -71.89
C GLN Z 797 -212.79 126.47 -72.30
N HIS Z 798 -212.95 127.21 -73.39
CA HIS Z 798 -211.87 128.05 -73.93
C HIS Z 798 -212.49 129.30 -74.53
N LEU Z 799 -211.76 129.95 -75.43
CA LEU Z 799 -212.24 131.16 -76.09
C LEU Z 799 -211.66 131.20 -77.50
N SER Z 800 -212.12 132.17 -78.28
CA SER Z 800 -211.67 132.35 -79.65
C SER Z 800 -211.60 133.84 -79.96
N VAL Z 801 -211.24 134.17 -81.20
CA VAL Z 801 -211.13 135.56 -81.62
C VAL Z 801 -211.56 135.66 -83.08
N LEU Z 802 -211.17 136.75 -83.74
CA LEU Z 802 -211.51 136.97 -85.14
C LEU Z 802 -210.41 137.80 -85.80
N GLU Z 803 -209.20 137.24 -85.84
CA GLU Z 803 -208.06 137.92 -86.45
C GLU Z 803 -207.08 136.92 -87.04
N LEU Z 804 -205.80 137.06 -86.70
CA LEU Z 804 -204.74 136.18 -87.19
C LEU Z 804 -204.70 136.15 -88.71
N THR Z 805 -204.34 137.30 -89.29
CA THR Z 805 -204.25 137.46 -90.73
C THR Z 805 -202.78 137.62 -91.11
N ASP Z 806 -202.19 136.58 -91.69
CA ASP Z 806 -200.79 136.61 -92.09
C ASP Z 806 -200.60 137.17 -93.49
N SER Z 807 -201.55 136.97 -94.38
CA SER Z 807 -201.48 137.46 -95.75
C SER Z 807 -202.73 138.23 -96.10
N GLY Z 808 -202.56 139.39 -96.74
CA GLY Z 808 -203.69 140.22 -97.12
C GLY Z 808 -204.47 139.72 -98.32
N ALA Z 809 -203.95 138.76 -99.06
CA ALA Z 809 -204.63 138.21 -100.23
C ALA Z 809 -205.35 136.90 -99.91
N LEU Z 810 -204.63 135.92 -99.38
CA LEU Z 810 -205.21 134.64 -99.03
C LEU Z 810 -205.86 134.69 -97.66
N MET Z 811 -206.71 133.70 -97.39
CA MET Z 811 -207.41 133.59 -96.13
C MET Z 811 -206.70 132.62 -95.20
N ALA Z 812 -206.90 132.81 -93.90
CA ALA Z 812 -206.30 131.96 -92.89
C ALA Z 812 -207.35 131.18 -92.12
N ASN Z 813 -207.10 130.94 -90.83
CA ASN Z 813 -208.07 130.21 -90.00
C ASN Z 813 -209.21 131.11 -89.57
N ARG Z 814 -208.92 132.12 -88.75
CA ARG Z 814 -209.91 133.07 -88.26
C ARG Z 814 -209.92 134.36 -89.07
N PHE Z 815 -209.50 134.31 -90.33
CA PHE Z 815 -209.46 135.48 -91.20
C PHE Z 815 -210.72 135.61 -92.04
N VAL Z 816 -211.89 135.30 -91.46
CA VAL Z 816 -213.16 135.39 -92.16
C VAL Z 816 -213.86 136.72 -91.91
N SER Z 817 -213.15 137.72 -91.37
CA SER Z 817 -213.75 139.01 -91.10
C SER Z 817 -213.94 139.86 -92.35
N SER Z 818 -213.13 139.64 -93.39
CA SER Z 818 -213.24 140.41 -94.61
C SER Z 818 -213.94 139.59 -95.69
N PRO Z 819 -214.33 138.35 -95.38
CA PRO Z 819 -215.01 137.53 -96.40
C PRO Z 819 -216.37 137.04 -95.93
N GLN Z 820 -216.65 137.19 -94.64
CA GLN Z 820 -217.92 136.75 -94.07
C GLN Z 820 -218.30 137.57 -92.85
N THR Z 821 -217.30 137.89 -92.01
CA THR Z 821 -217.50 138.67 -90.80
C THR Z 821 -218.54 138.02 -89.88
N ILE Z 822 -218.35 136.72 -89.64
CA ILE Z 822 -219.24 135.96 -88.76
C ILE Z 822 -218.51 135.28 -87.63
N VAL Z 823 -217.18 135.37 -87.57
CA VAL Z 823 -216.44 134.74 -86.49
C VAL Z 823 -216.49 135.58 -85.22
N GLU Z 824 -216.70 136.89 -85.34
CA GLU Z 824 -216.76 137.74 -84.16
C GLU Z 824 -217.99 137.44 -83.31
N LEU Z 825 -219.13 137.15 -83.96
CA LEU Z 825 -220.33 136.81 -83.21
C LEU Z 825 -220.18 135.49 -82.47
N PHE Z 826 -219.41 134.54 -83.02
CA PHE Z 826 -219.20 133.27 -82.36
C PHE Z 826 -218.11 133.36 -81.29
N PHE Z 827 -217.17 134.30 -81.44
CA PHE Z 827 -216.12 134.45 -80.44
C PHE Z 827 -216.56 135.30 -79.26
N GLN Z 828 -217.49 136.23 -79.48
CA GLN Z 828 -217.97 137.08 -78.40
C GLN Z 828 -218.98 136.37 -77.49
N GLU Z 829 -219.62 135.31 -77.98
CA GLU Z 829 -220.60 134.58 -77.18
C GLU Z 829 -220.07 133.19 -76.82
N LYS Z 844 -219.74 117.24 -75.40
CA LYS Z 844 -219.22 117.91 -76.58
C LYS Z 844 -219.11 119.42 -76.35
N PRO Z 855 -217.92 119.98 -76.55
CA PRO Z 855 -217.71 121.41 -76.36
C PRO Z 855 -218.02 122.27 -77.57
N GLU Z 856 -218.43 121.68 -78.69
CA GLU Z 856 -218.74 122.45 -79.88
C GLU Z 856 -220.11 123.10 -79.79
N MET Z 857 -221.15 122.28 -79.58
CA MET Z 857 -222.51 122.80 -79.47
C MET Z 857 -222.77 123.35 -78.06
N ILE Z 858 -222.76 122.47 -77.07
CA ILE Z 858 -222.99 122.87 -75.68
C ILE Z 858 -221.72 123.50 -75.13
N THR Z 859 -221.83 124.73 -74.66
CA THR Z 859 -223.09 125.46 -74.65
C THR Z 859 -222.98 126.77 -75.43
N ALA Z 860 -222.02 126.83 -76.35
CA ALA Z 860 -221.81 128.04 -77.13
C ALA Z 860 -223.01 128.32 -78.04
N ILE Z 861 -223.55 127.28 -78.67
CA ILE Z 861 -224.72 127.46 -79.54
C ILE Z 861 -225.92 127.90 -78.73
N THR Z 862 -226.10 127.33 -77.53
CA THR Z 862 -227.21 127.74 -76.67
C THR Z 862 -227.06 129.19 -76.22
N SER Z 863 -225.84 129.60 -75.87
CA SER Z 863 -225.62 130.98 -75.47
C SER Z 863 -225.86 131.94 -76.63
N TYR Z 864 -225.43 131.56 -77.84
CA TYR Z 864 -225.68 132.40 -79.01
C TYR Z 864 -227.17 132.51 -79.30
N LEU Z 865 -227.90 131.41 -79.18
CA LEU Z 865 -229.35 131.44 -79.40
C LEU Z 865 -230.05 132.30 -78.35
N LEU Z 866 -229.62 132.20 -77.09
CA LEU Z 866 -230.22 133.01 -76.04
C LEU Z 866 -229.90 134.49 -76.23
N GLN Z 867 -228.70 134.81 -76.72
CA GLN Z 867 -228.36 136.21 -76.98
C GLN Z 867 -229.10 136.76 -78.19
N LEU Z 868 -229.35 135.92 -79.20
CA LEU Z 868 -230.06 136.38 -80.39
C LEU Z 868 -231.56 136.51 -80.13
N LEU Z 869 -232.13 135.65 -79.30
CA LEU Z 869 -233.56 135.69 -79.00
C LEU Z 869 -233.88 136.67 -77.88
N TRP Z 870 -232.89 137.31 -77.28
CA TRP Z 870 -233.15 138.25 -76.20
C TRP Z 870 -233.57 139.60 -76.78
N PRO Z 871 -234.55 140.27 -76.17
CA PRO Z 871 -234.99 141.58 -76.69
C PRO Z 871 -234.97 142.66 -75.64
N SER Z 872 -235.80 142.51 -74.60
CA SER Z 872 -235.88 143.48 -73.52
C SER Z 872 -235.06 143.07 -72.30
N ASN Z 873 -234.52 141.87 -72.27
CA ASN Z 873 -233.72 141.41 -71.14
C ASN Z 873 -232.32 141.99 -71.22
N PRO Z 874 -231.75 142.11 -72.42
CA PRO Z 874 -230.39 142.66 -72.53
C PRO Z 874 -230.37 144.18 -72.47
N GLY Z 875 -231.47 144.81 -72.92
CA GLY Z 875 -231.58 146.25 -72.92
C GLY Z 875 -231.09 146.93 -74.19
N CYS Z 876 -230.41 146.21 -75.07
CA CYS Z 876 -229.90 146.79 -76.31
C CYS Z 876 -229.87 145.72 -77.39
N LEU Z 877 -229.75 146.17 -78.64
CA LEU Z 877 -229.71 145.25 -79.77
C LEU Z 877 -228.33 144.59 -79.86
N PHE Z 878 -228.34 143.30 -80.22
CA PHE Z 878 -227.09 142.58 -80.35
C PHE Z 878 -226.34 142.93 -81.63
N LEU Z 879 -227.09 143.33 -82.68
CA LEU Z 879 -226.44 143.68 -83.94
C LEU Z 879 -225.57 144.93 -83.79
N GLU Z 880 -226.06 145.94 -83.05
CA GLU Z 880 -225.27 147.15 -82.85
C GLU Z 880 -224.01 146.85 -82.04
N CYS Z 881 -224.12 146.00 -81.02
CA CYS Z 881 -222.95 145.64 -80.23
C CYS Z 881 -221.94 144.86 -81.07
N LEU Z 882 -222.43 143.94 -81.91
CA LEU Z 882 -221.54 143.18 -82.78
C LEU Z 882 -220.84 144.11 -83.78
N MET Z 883 -221.56 145.08 -84.34
CA MET Z 883 -220.95 146.02 -85.27
C MET Z 883 -219.91 146.87 -84.57
N GLY Z 884 -220.21 147.34 -83.36
CA GLY Z 884 -219.24 148.13 -82.61
C GLY Z 884 -218.02 147.34 -82.21
N ASN Z 885 -218.18 146.05 -81.92
CA ASN Z 885 -217.02 145.22 -81.59
C ASN Z 885 -216.21 144.88 -82.83
N CYS Z 886 -216.85 144.74 -83.99
CA CYS Z 886 -216.11 144.44 -85.21
C CYS Z 886 -215.42 145.67 -85.79
N GLN Z 887 -215.97 146.86 -85.56
CA GLN Z 887 -215.35 148.07 -86.08
C GLN Z 887 -214.04 148.40 -85.37
N TYR Z 888 -213.81 147.86 -84.18
CA TYR Z 888 -212.58 148.12 -83.44
C TYR Z 888 -211.40 147.31 -83.97
N VAL Z 889 -211.63 146.33 -84.83
CA VAL Z 889 -210.55 145.51 -85.38
C VAL Z 889 -210.37 145.86 -86.85
N GLN Z 890 -211.18 145.24 -87.71
CA GLN Z 890 -211.10 145.50 -89.15
C GLN Z 890 -212.49 145.49 -89.78
N LEU Z 891 -212.59 144.95 -91.00
CA LEU Z 891 -213.85 144.88 -91.74
C LEU Z 891 -214.49 146.25 -91.90
N GLN Z 892 -213.69 147.20 -92.39
CA GLN Z 892 -214.17 148.56 -92.59
C GLN Z 892 -215.01 148.71 -93.86
N ASP Z 893 -214.91 147.76 -94.79
CA ASP Z 893 -215.67 147.85 -96.02
C ASP Z 893 -217.12 147.43 -95.82
N TYR Z 894 -217.35 146.36 -95.05
CA TYR Z 894 -218.70 145.88 -94.78
C TYR Z 894 -219.40 146.64 -93.66
N ILE Z 895 -218.67 147.47 -92.90
CA ILE Z 895 -219.29 148.21 -91.81
C ILE Z 895 -220.25 149.26 -92.36
N GLN Z 896 -219.89 149.89 -93.48
CA GLN Z 896 -220.77 150.89 -94.07
C GLN Z 896 -222.06 150.28 -94.60
N LEU Z 897 -221.99 149.04 -95.09
CA LEU Z 897 -223.20 148.36 -95.56
C LEU Z 897 -224.00 147.77 -94.41
N LEU Z 898 -223.33 147.45 -93.29
CA LEU Z 898 -224.04 146.89 -92.14
C LEU Z 898 -224.74 147.97 -91.32
N HIS Z 899 -224.15 149.17 -91.23
CA HIS Z 899 -224.75 150.26 -90.47
C HIS Z 899 -225.92 150.84 -91.24
N PRO Z 900 -225.94 150.73 -92.57
CA PRO Z 900 -227.07 151.29 -93.34
C PRO Z 900 -228.32 150.43 -93.30
N TRP Z 901 -228.20 149.13 -93.00
CA TRP Z 901 -229.33 148.23 -92.94
C TRP Z 901 -229.73 147.88 -91.51
N CYS Z 902 -229.19 148.58 -90.52
CA CYS Z 902 -229.49 148.33 -89.12
C CYS Z 902 -230.51 149.34 -88.61
N GLN Z 903 -231.08 149.05 -87.44
CA GLN Z 903 -232.06 149.92 -86.83
C GLN Z 903 -231.38 151.11 -86.16
N VAL Z 904 -232.05 152.26 -86.22
CA VAL Z 904 -231.54 153.49 -85.62
C VAL Z 904 -232.30 153.79 -84.34
N ASN Z 905 -232.58 152.74 -83.55
CA ASN Z 905 -233.31 152.90 -82.30
C ASN Z 905 -232.39 153.19 -81.12
N VAL Z 906 -231.08 153.21 -81.32
CA VAL Z 906 -230.12 153.49 -80.26
C VAL Z 906 -228.99 154.35 -80.83
N GLY Z 907 -228.23 154.97 -79.92
CA GLY Z 907 -227.12 155.81 -80.31
C GLY Z 907 -225.89 155.07 -80.78
N SER Z 908 -225.78 153.78 -80.44
CA SER Z 908 -224.61 153.00 -80.85
C SER Z 908 -224.56 152.85 -82.36
N CYS Z 909 -225.70 152.54 -82.99
CA CYS Z 909 -225.73 152.40 -84.45
C CYS Z 909 -225.47 153.74 -85.13
N ARG Z 910 -226.01 154.82 -84.58
CA ARG Z 910 -225.77 156.14 -85.16
C ARG Z 910 -224.31 156.56 -85.04
N PHE Z 911 -223.65 156.17 -83.95
CA PHE Z 911 -222.22 156.47 -83.81
C PHE Z 911 -221.38 155.60 -84.74
N MET Z 912 -221.76 154.33 -84.89
CA MET Z 912 -221.02 153.44 -85.78
C MET Z 912 -221.14 153.89 -87.23
N LEU Z 913 -222.34 154.32 -87.65
CA LEU Z 913 -222.51 154.81 -89.01
C LEU Z 913 -221.69 156.08 -89.25
N GLY Z 914 -221.67 156.99 -88.28
CA GLY Z 914 -220.86 158.19 -88.42
C GLY Z 914 -219.37 157.88 -88.48
N ARG Z 915 -218.91 156.92 -87.67
CA ARG Z 915 -217.51 156.54 -87.70
C ARG Z 915 -217.15 155.90 -89.03
N CYS Z 916 -218.03 155.05 -89.56
CA CYS Z 916 -217.77 154.42 -90.85
C CYS Z 916 -217.79 155.44 -91.99
N TYR Z 917 -218.64 156.47 -91.89
CA TYR Z 917 -218.67 157.50 -92.92
C TYR Z 917 -217.45 158.41 -92.84
N LEU Z 918 -216.96 158.67 -91.63
CA LEU Z 918 -215.79 159.53 -91.47
C LEU Z 918 -214.50 158.79 -91.82
N VAL Z 919 -214.44 157.48 -91.59
CA VAL Z 919 -213.24 156.72 -91.91
C VAL Z 919 -213.13 156.41 -93.39
N THR Z 920 -214.24 156.47 -94.14
CA THR Z 920 -214.21 156.18 -95.56
C THR Z 920 -213.95 157.42 -96.42
N GLY Z 921 -214.23 158.61 -95.90
CA GLY Z 921 -214.01 159.85 -96.62
C GLY Z 921 -215.25 160.71 -96.77
N GLU Z 922 -216.44 160.17 -96.47
CA GLU Z 922 -217.68 160.92 -96.59
C GLU Z 922 -217.81 161.84 -95.38
N GLY Z 923 -217.33 163.07 -95.53
CA GLY Z 923 -217.40 164.02 -94.42
C GLY Z 923 -218.79 164.56 -94.21
N GLN Z 924 -219.54 164.78 -95.30
CA GLN Z 924 -220.90 165.30 -95.18
C GLN Z 924 -221.82 164.31 -94.48
N LYS Z 925 -221.71 163.03 -94.82
CA LYS Z 925 -222.53 162.01 -94.16
C LYS Z 925 -222.19 161.91 -92.68
N ALA Z 926 -220.89 161.96 -92.34
CA ALA Z 926 -220.49 161.91 -90.94
C ALA Z 926 -221.00 163.12 -90.18
N LEU Z 927 -220.94 164.31 -90.79
CA LEU Z 927 -221.44 165.51 -90.14
C LEU Z 927 -222.95 165.43 -89.93
N GLU Z 928 -223.68 164.92 -90.93
CA GLU Z 928 -225.13 164.79 -90.80
C GLU Z 928 -225.50 163.75 -89.74
N CYS Z 929 -224.70 162.68 -89.60
CA CYS Z 929 -224.98 161.69 -88.57
C CYS Z 929 -224.63 162.20 -87.19
N PHE Z 930 -223.60 163.03 -87.07
CA PHE Z 930 -223.22 163.57 -85.77
C PHE Z 930 -224.15 164.68 -85.32
N CYS Z 931 -224.65 165.50 -86.26
CA CYS Z 931 -225.55 166.59 -85.90
C CYS Z 931 -226.96 166.11 -85.59
N GLN Z 932 -227.35 164.93 -86.09
CA GLN Z 932 -228.70 164.43 -85.83
C GLN Z 932 -228.80 163.74 -84.48
N ALA Z 933 -227.76 162.99 -84.10
CA ALA Z 933 -227.76 162.29 -82.82
C ALA Z 933 -226.57 162.71 -81.97
N ALA Z 934 -227.28 170.23 -84.69
CA ALA Z 934 -227.51 170.28 -83.26
C ALA Z 934 -226.90 169.07 -82.56
N SER Z 935 -227.40 168.75 -81.37
CA SER Z 935 -226.92 167.62 -80.59
C SER Z 935 -228.10 166.89 -79.98
N GLU Z 936 -227.88 165.60 -79.67
CA GLU Z 936 -228.93 164.77 -79.09
C GLU Z 936 -228.33 163.72 -78.18
N VAL Z 937 -227.45 162.87 -78.72
CA VAL Z 937 -226.83 161.80 -77.95
C VAL Z 937 -225.32 161.81 -78.21
N GLY Z 938 -224.69 160.64 -78.07
CA GLY Z 938 -223.27 160.52 -78.29
C GLY Z 938 -222.49 160.24 -77.02
N LYS Z 939 -221.30 159.67 -77.16
CA LYS Z 939 -220.46 159.34 -76.01
C LYS Z 939 -219.00 159.33 -76.47
N GLU Z 940 -218.14 158.69 -75.68
CA GLU Z 940 -216.72 158.55 -75.98
C GLU Z 940 -216.05 159.92 -76.15
N GLU Z 941 -214.88 159.93 -76.78
CA GLU Z 941 -214.16 161.18 -76.99
C GLU Z 941 -214.81 162.07 -78.04
N PHE Z 942 -215.64 161.51 -78.91
CA PHE Z 942 -216.32 162.31 -79.93
C PHE Z 942 -217.42 163.17 -79.34
N LEU Z 943 -217.83 162.91 -78.10
CA LEU Z 943 -218.87 163.69 -77.45
C LEU Z 943 -218.50 164.15 -76.05
N ASP Z 944 -217.35 163.74 -75.53
CA ASP Z 944 -216.94 164.19 -74.20
C ASP Z 944 -216.70 165.68 -74.16
N ARG Z 945 -216.09 166.23 -75.21
CA ARG Z 945 -215.85 167.67 -75.27
C ARG Z 945 -217.17 168.44 -75.33
N LEU Z 946 -218.13 167.95 -76.11
CA LEU Z 946 -219.44 168.61 -76.18
C LEU Z 946 -220.17 168.53 -74.84
N ILE Z 947 -220.07 167.38 -74.16
CA ILE Z 947 -220.71 167.24 -72.86
C ILE Z 947 -220.09 168.19 -71.84
N ARG Z 948 -218.76 168.32 -71.88
CA ARG Z 948 -218.09 169.24 -70.97
C ARG Z 948 -218.46 170.69 -71.27
N SER Z 949 -218.54 171.05 -72.54
CA SER Z 949 -218.93 172.41 -72.90
C SER Z 949 -220.37 172.71 -72.51
N GLU Z 950 -221.25 171.71 -72.58
CA GLU Z 950 -222.64 171.90 -72.18
C GLU Z 950 -222.78 171.97 -70.66
N ASP Z 951 -221.94 171.22 -69.93
CA ASP Z 951 -222.01 171.24 -68.48
C ASP Z 951 -221.35 172.48 -67.88
N GLY Z 952 -220.37 173.06 -68.58
CA GLY Z 952 -219.72 174.26 -68.08
C GLY Z 952 -220.61 175.47 -68.02
N GLU Z 953 -221.68 175.51 -68.81
CA GLU Z 953 -222.61 176.62 -68.82
C GLU Z 953 -223.71 176.49 -67.76
N ILE Z 954 -223.71 175.41 -66.99
CA ILE Z 954 -224.69 175.15 -65.95
C ILE Z 954 -226.10 175.17 -66.54
N VAL Z 955 -226.25 174.56 -67.72
CA VAL Z 955 -227.54 174.50 -68.39
C VAL Z 955 -227.55 173.32 -69.35
N SER Z 956 -228.39 173.40 -70.39
CA SER Z 956 -228.48 172.34 -71.39
C SER Z 956 -228.95 172.97 -72.70
N THR Z 957 -228.00 173.35 -73.54
CA THR Z 957 -228.33 173.98 -74.81
C THR Z 957 -228.85 172.94 -75.81
N PRO Z 958 -229.73 173.35 -76.71
CA PRO Z 958 -230.27 172.40 -77.69
C PRO Z 958 -229.47 172.40 -78.98
N ARG Z 959 -229.20 173.58 -79.53
CA ARG Z 959 -228.44 173.71 -80.76
C ARG Z 959 -227.32 174.75 -80.65
N LEU Z 960 -227.03 175.24 -79.46
CA LEU Z 960 -225.98 176.23 -79.26
C LEU Z 960 -224.64 175.60 -78.89
N GLN Z 961 -224.67 174.56 -78.05
CA GLN Z 961 -223.42 173.91 -77.64
C GLN Z 961 -222.76 173.20 -78.81
N TYR Z 962 -223.55 172.51 -79.63
CA TYR Z 962 -222.99 171.83 -80.80
C TYR Z 962 -222.42 172.83 -81.79
N TYR Z 963 -223.11 173.95 -82.00
CA TYR Z 963 -222.61 174.98 -82.92
C TYR Z 963 -221.32 175.60 -82.38
N ASP Z 964 -221.25 175.85 -81.07
CA ASP Z 964 -220.03 176.39 -80.48
C ASP Z 964 -218.88 175.40 -80.61
N LYS Z 965 -219.15 174.11 -80.39
CA LYS Z 965 -218.10 173.10 -80.54
C LYS Z 965 -217.62 173.00 -81.99
N VAL Z 966 -218.54 173.09 -82.95
CA VAL Z 966 -218.16 173.05 -84.35
C VAL Z 966 -217.33 174.28 -84.71
N LEU Z 967 -217.71 175.45 -84.20
CA LEU Z 967 -216.93 176.66 -84.46
C LEU Z 967 -215.53 176.56 -83.86
N ARG Z 968 -215.43 176.02 -82.64
CA ARG Z 968 -214.12 175.85 -82.02
C ARG Z 968 -213.26 174.86 -82.79
N LEU Z 969 -213.86 173.77 -83.27
CA LEU Z 969 -213.11 172.79 -84.05
C LEU Z 969 -212.67 173.36 -85.40
N LEU Z 970 -213.49 174.22 -86.00
CA LEU Z 970 -213.12 174.83 -87.27
C LEU Z 970 -212.04 175.90 -87.07
N ASP Z 971 -212.07 176.61 -85.94
CA ASP Z 971 -211.05 177.63 -85.68
C ASP Z 971 -209.72 177.02 -85.25
N VAL Z 972 -209.77 175.86 -84.58
CA VAL Z 972 -208.53 175.20 -84.15
C VAL Z 972 -207.85 174.44 -85.27
N ILE Z 973 -208.51 174.25 -86.40
CA ILE Z 973 -207.92 173.53 -87.53
C ILE Z 973 -207.21 174.47 -88.48
N GLY Z 974 -207.87 175.56 -88.86
CA GLY Z 974 -207.27 176.53 -89.77
C GLY Z 974 -208.29 177.28 -90.60
N LEU Z 975 -209.56 176.93 -90.44
CA LEU Z 975 -210.64 177.57 -91.18
C LEU Z 975 -210.95 178.93 -90.57
N PRO Z 976 -211.71 179.77 -91.29
CA PRO Z 976 -212.05 181.10 -90.76
C PRO Z 976 -213.48 181.50 -91.07
N GLU Z 977 -213.94 181.19 -92.28
CA GLU Z 977 -215.31 181.54 -92.67
C GLU Z 977 -216.33 180.59 -92.04
N LEU Z 978 -216.03 179.30 -92.02
CA LEU Z 978 -216.96 178.34 -91.44
C LEU Z 978 -217.11 178.54 -89.94
N VAL Z 979 -216.00 178.83 -89.25
CA VAL Z 979 -216.06 179.07 -87.81
C VAL Z 979 -216.86 180.33 -87.52
N ILE Z 980 -216.67 181.38 -88.32
CA ILE Z 980 -217.41 182.62 -88.12
C ILE Z 980 -218.89 182.39 -88.38
N GLN Z 981 -219.22 181.61 -89.41
CA GLN Z 981 -220.63 181.33 -89.70
C GLN Z 981 -221.26 180.52 -88.57
N LEU Z 982 -220.54 179.54 -88.03
CA LEU Z 982 -221.06 178.75 -86.92
C LEU Z 982 -221.25 179.61 -85.68
N ALA Z 983 -220.31 180.51 -85.41
CA ALA Z 983 -220.45 181.42 -84.26
C ALA Z 983 -221.64 182.35 -84.43
N THR Z 984 -221.85 182.86 -85.65
CA THR Z 984 -222.99 183.72 -85.90
C THR Z 984 -224.30 182.96 -85.74
N SER Z 985 -224.34 181.71 -86.22
CA SER Z 985 -225.55 180.91 -86.06
C SER Z 985 -225.82 180.60 -84.60
N ALA Z 986 -224.77 180.32 -83.81
CA ALA Z 986 -224.96 180.05 -82.40
C ALA Z 986 -225.41 181.30 -81.65
N ILE Z 987 -224.91 182.48 -82.06
CA ILE Z 987 -225.34 183.71 -81.41
C ILE Z 987 -226.76 184.06 -81.79
N THR Z 988 -227.18 183.72 -83.01
CA THR Z 988 -228.56 184.01 -83.43
C THR Z 988 -229.54 183.05 -82.77
N GLU Z 989 -229.18 181.77 -82.66
CA GLU Z 989 -230.05 180.77 -82.04
C GLU Z 989 -229.60 180.58 -80.59
N ALA Z 990 -230.10 181.45 -79.71
CA ALA Z 990 -229.79 181.43 -78.29
C ALA Z 990 -231.11 181.38 -77.52
N GLY Z 991 -231.70 180.20 -77.44
CA GLY Z 991 -232.95 179.99 -76.75
C GLY Z 991 -232.84 179.75 -75.26
N ASP Z 992 -231.63 179.82 -74.69
CA ASP Z 992 -231.44 179.60 -73.27
C ASP Z 992 -231.66 180.88 -72.45
N ASP Z 993 -231.11 182.00 -72.91
CA ASP Z 993 -231.24 183.30 -72.23
C ASP Z 993 -230.73 183.22 -70.80
N TRP Z 994 -229.54 182.62 -70.64
CA TRP Z 994 -228.92 182.47 -69.34
C TRP Z 994 -227.77 183.46 -69.18
N LYS Z 995 -227.07 183.36 -68.06
CA LYS Z 995 -225.94 184.25 -67.77
C LYS Z 995 -224.65 183.79 -68.41
N SER Z 996 -224.61 182.59 -69.00
CA SER Z 996 -223.42 182.06 -69.64
C SER Z 996 -223.41 182.31 -71.16
N GLN Z 997 -223.95 183.44 -71.59
CA GLN Z 997 -223.99 183.77 -73.02
C GLN Z 997 -222.73 184.47 -73.49
N ALA Z 998 -221.79 184.76 -72.60
CA ALA Z 998 -220.55 185.43 -73.00
C ALA Z 998 -219.59 184.51 -73.73
N THR Z 999 -219.71 183.19 -73.54
CA THR Z 999 -218.82 182.27 -74.22
C THR Z 999 -219.02 182.29 -75.73
N LEU Z 1000 -220.26 182.44 -76.17
CA LEU Z 1000 -220.53 182.53 -77.60
C LEU Z 1000 -220.09 183.87 -78.16
N ARG Z 1001 -220.29 184.95 -77.39
CA ARG Z 1001 -219.88 186.27 -77.85
C ARG Z 1001 -218.36 186.37 -77.99
N THR Z 1002 -217.63 185.78 -77.04
CA THR Z 1002 -216.17 185.80 -77.14
C THR Z 1002 -215.69 184.99 -78.34
N CYS Z 1003 -216.32 183.85 -78.61
CA CYS Z 1003 -215.94 183.06 -79.77
C CYS Z 1003 -216.25 183.80 -81.07
N ILE Z 1004 -217.40 184.48 -81.12
CA ILE Z 1004 -217.76 185.24 -82.32
C ILE Z 1004 -216.77 186.38 -82.53
N PHE Z 1005 -216.37 187.07 -81.45
CA PHE Z 1005 -215.40 188.15 -81.57
C PHE Z 1005 -214.04 187.62 -82.03
N LYS Z 1006 -213.62 186.46 -81.50
CA LYS Z 1006 -212.35 185.89 -81.93
C LYS Z 1006 -212.40 185.49 -83.39
N HIS Z 1007 -213.53 184.91 -83.84
CA HIS Z 1007 -213.65 184.54 -85.24
C HIS Z 1007 -213.65 185.76 -86.15
N HIS Z 1008 -214.32 186.84 -85.73
CA HIS Z 1008 -214.33 188.06 -86.53
C HIS Z 1008 -212.95 188.71 -86.57
N LEU Z 1009 -212.19 188.62 -85.48
CA LEU Z 1009 -210.85 189.18 -85.47
C LEU Z 1009 -209.89 188.34 -86.31
N ASP Z 1010 -210.08 187.02 -86.33
CA ASP Z 1010 -209.21 186.16 -87.12
C ASP Z 1010 -209.52 186.25 -88.61
N LEU Z 1011 -210.80 186.41 -88.96
CA LEU Z 1011 -211.20 186.52 -90.35
C LEU Z 1011 -211.13 187.96 -90.83
N GLY Z 1012 -212.11 188.77 -90.44
CA GLY Z 1012 -212.15 190.16 -90.85
C GLY Z 1012 -212.99 190.40 -92.08
N HIS Z 1013 -212.33 190.58 -93.23
CA HIS Z 1013 -213.00 190.81 -94.50
C HIS Z 1013 -213.92 192.02 -94.44
N ASN Z 1014 -215.16 191.81 -94.01
CA ASN Z 1014 -216.13 192.89 -93.91
C ASN Z 1014 -215.83 193.77 -92.68
N SER Z 1015 -216.56 194.88 -92.59
CA SER Z 1015 -216.41 195.82 -91.50
C SER Z 1015 -217.33 195.52 -90.32
N GLN Z 1016 -217.86 194.30 -90.24
CA GLN Z 1016 -218.75 193.92 -89.16
C GLN Z 1016 -218.01 193.42 -87.93
N ALA Z 1017 -216.68 193.39 -87.95
CA ALA Z 1017 -215.93 192.94 -86.79
C ALA Z 1017 -215.87 194.00 -85.70
N TYR Z 1018 -216.03 195.27 -86.07
CA TYR Z 1018 -215.99 196.35 -85.09
C TYR Z 1018 -217.29 196.48 -84.31
N GLU Z 1019 -218.37 195.87 -84.78
CA GLU Z 1019 -219.65 195.97 -84.08
C GLU Z 1019 -219.67 195.05 -82.85
N ALA Z 1020 -219.06 193.88 -82.95
CA ALA Z 1020 -219.05 192.96 -81.81
C ALA Z 1020 -218.03 193.38 -80.76
N LEU Z 1021 -216.91 193.96 -81.19
CA LEU Z 1021 -215.89 194.39 -80.24
C LEU Z 1021 -216.38 195.59 -79.42
N THR Z 1022 -217.13 196.49 -80.05
CA THR Z 1022 -217.68 197.63 -79.33
C THR Z 1022 -218.87 197.25 -78.46
N GLN Z 1023 -219.47 196.08 -78.70
CA GLN Z 1023 -220.62 195.65 -77.91
C GLN Z 1023 -220.22 194.75 -76.75
N ILE Z 1024 -219.19 193.93 -76.91
CA ILE Z 1024 -218.72 193.06 -75.84
C ILE Z 1024 -217.99 193.89 -74.79
N PRO Z 1025 -217.38 195.01 -75.17
CA PRO Z 1025 -216.67 195.83 -74.18
C PRO Z 1025 -217.60 196.80 -73.47
N ASP Z 1026 -218.79 196.99 -74.01
CA ASP Z 1026 -219.77 197.90 -73.42
C ASP Z 1026 -220.69 197.21 -72.41
N SER Z 1027 -220.72 195.88 -72.40
CA SER Z 1027 -221.57 195.13 -71.47
C SER Z 1027 -220.85 194.85 -70.16
N SER Z 1028 -219.60 194.42 -70.24
CA SER Z 1028 -218.80 194.10 -69.05
C SER Z 1028 -217.42 194.74 -69.22
N ARG Z 1029 -216.46 194.26 -68.43
CA ARG Z 1029 -215.09 194.76 -68.47
C ARG Z 1029 -214.17 193.80 -69.22
N GLN Z 1030 -214.60 193.38 -70.41
CA GLN Z 1030 -213.82 192.47 -71.23
C GLN Z 1030 -213.05 193.26 -72.30
N LEU Z 1031 -212.02 193.95 -71.84
CA LEU Z 1031 -211.17 194.75 -72.71
C LEU Z 1031 -210.07 193.94 -73.39
N ASP Z 1032 -209.75 192.75 -72.87
CA ASP Z 1032 -208.71 191.93 -73.48
C ASP Z 1032 -209.11 191.48 -74.88
N CYS Z 1033 -210.37 191.07 -75.05
CA CYS Z 1033 -210.82 190.64 -76.37
C CYS Z 1033 -210.80 191.80 -77.36
N LEU Z 1034 -211.22 192.99 -76.92
CA LEU Z 1034 -211.18 194.15 -77.80
C LEU Z 1034 -209.75 194.52 -78.17
N ARG Z 1035 -208.83 194.44 -77.21
CA ARG Z 1035 -207.43 194.73 -77.50
C ARG Z 1035 -206.85 193.72 -78.49
N GLN Z 1036 -207.19 192.44 -78.31
CA GLN Z 1036 -206.71 191.42 -79.23
C GLN Z 1036 -207.28 191.62 -80.63
N LEU Z 1037 -208.56 192.00 -80.73
CA LEU Z 1037 -209.15 192.26 -82.03
C LEU Z 1037 -208.51 193.47 -82.70
N VAL Z 1038 -208.23 194.51 -81.92
CA VAL Z 1038 -207.58 195.70 -82.48
C VAL Z 1038 -206.16 195.35 -82.96
N VAL Z 1039 -205.44 194.53 -82.19
CA VAL Z 1039 -204.10 194.13 -82.59
C VAL Z 1039 -204.14 193.30 -83.87
N VAL Z 1040 -205.13 192.41 -83.97
CA VAL Z 1040 -205.25 191.57 -85.17
C VAL Z 1040 -205.60 192.43 -86.38
N LEU Z 1041 -206.49 193.41 -86.20
CA LEU Z 1041 -206.85 194.30 -87.30
C LEU Z 1041 -205.67 195.18 -87.73
N CYS Z 1042 -204.83 195.57 -86.77
CA CYS Z 1042 -203.66 196.39 -87.11
C CYS Z 1042 -202.57 195.55 -87.78
N GLU Z 1043 -202.44 194.28 -87.39
CA GLU Z 1043 -201.43 193.42 -87.99
C GLU Z 1043 -201.87 192.81 -89.31
N ARG Z 1044 -203.18 192.82 -89.60
CA ARG Z 1044 -203.71 192.27 -90.84
C ARG Z 1044 -203.62 193.25 -92.01
N SER Z 1045 -202.80 194.30 -91.90
CA SER Z 1045 -202.61 195.30 -92.95
C SER Z 1045 -203.95 195.94 -93.34
N GLN Z 1046 -204.46 196.73 -92.40
CA GLN Z 1046 -205.74 197.43 -92.60
C GLN Z 1046 -205.80 198.68 -91.74
N LEU Z 1047 -204.89 199.63 -91.98
CA LEU Z 1047 -204.89 200.87 -91.21
C LEU Z 1047 -206.02 201.79 -91.62
N GLN Z 1048 -206.31 201.87 -92.92
CA GLN Z 1048 -207.38 202.74 -93.40
C GLN Z 1048 -208.73 202.26 -92.90
N ASP Z 1049 -208.93 200.94 -92.81
CA ASP Z 1049 -210.19 200.41 -92.29
C ASP Z 1049 -210.27 200.53 -90.78
N LEU Z 1050 -209.15 200.39 -90.08
CA LEU Z 1050 -209.17 200.52 -88.62
C LEU Z 1050 -209.39 201.96 -88.20
N VAL Z 1051 -208.86 202.92 -88.97
CA VAL Z 1051 -209.07 204.33 -88.65
C VAL Z 1051 -210.49 204.79 -88.97
N GLU Z 1052 -211.26 204.00 -89.72
CA GLU Z 1052 -212.63 204.35 -90.07
C GLU Z 1052 -213.67 203.58 -89.27
N PHE Z 1053 -213.37 202.35 -88.86
CA PHE Z 1053 -214.31 201.55 -88.08
C PHE Z 1053 -214.29 201.99 -86.63
N PRO Z 1054 -213.20 202.62 -86.16
CA PRO Z 1054 -213.16 203.05 -84.76
C PRO Z 1054 -213.99 204.29 -84.47
N TYR Z 1055 -214.32 205.08 -85.48
CA TYR Z 1055 -215.13 206.28 -85.26
C TYR Z 1055 -216.60 205.98 -85.02
N VAL Z 1056 -217.08 204.81 -85.45
CA VAL Z 1056 -218.48 204.45 -85.26
C VAL Z 1056 -218.75 203.82 -83.91
N ASN Z 1057 -217.71 203.57 -83.10
CA ASN Z 1057 -217.87 202.97 -81.79
C ASN Z 1057 -218.06 204.06 -80.74
N LEU Z 1058 -218.07 203.68 -79.47
CA LEU Z 1058 -218.24 204.63 -78.39
C LEU Z 1058 -216.93 205.37 -78.11
N HIS Z 1059 -217.02 206.40 -77.26
CA HIS Z 1059 -215.85 207.18 -76.91
C HIS Z 1059 -214.98 206.45 -75.90
N ASN Z 1060 -215.59 205.81 -74.90
CA ASN Z 1060 -214.82 205.09 -73.89
C ASN Z 1060 -214.08 203.90 -74.51
N GLU Z 1061 -214.74 203.17 -75.40
CA GLU Z 1061 -214.07 202.04 -76.05
C GLU Z 1061 -212.92 202.51 -76.93
N VAL Z 1062 -213.10 203.63 -77.65
CA VAL Z 1062 -212.02 204.16 -78.48
C VAL Z 1062 -210.86 204.62 -77.62
N VAL Z 1063 -211.15 205.26 -76.48
CA VAL Z 1063 -210.09 205.71 -75.59
C VAL Z 1063 -209.33 204.51 -75.02
N GLY Z 1064 -210.06 203.46 -74.65
CA GLY Z 1064 -209.40 202.26 -74.15
C GLY Z 1064 -208.54 201.59 -75.19
N ILE Z 1065 -209.03 201.53 -76.43
CA ILE Z 1065 -208.24 200.93 -77.51
C ILE Z 1065 -206.99 201.76 -77.77
N ILE Z 1066 -207.11 203.09 -77.73
CA ILE Z 1066 -205.95 203.95 -77.94
C ILE Z 1066 -204.94 203.77 -76.81
N GLU Z 1067 -205.42 203.66 -75.57
CA GLU Z 1067 -204.51 203.45 -74.44
C GLU Z 1067 -203.84 202.09 -74.51
N SER Z 1068 -204.54 201.07 -75.02
CA SER Z 1068 -203.94 199.75 -75.12
C SER Z 1068 -202.94 199.68 -76.28
N ARG Z 1069 -203.19 200.41 -77.36
CA ARG Z 1069 -202.28 200.40 -78.51
C ARG Z 1069 -201.11 201.34 -78.34
N ALA Z 1070 -201.21 202.34 -77.46
CA ALA Z 1070 -200.11 203.27 -77.26
C ALA Z 1070 -198.98 202.64 -76.45
N ARG Z 1071 -199.33 201.78 -75.49
CA ARG Z 1071 -198.33 201.12 -74.66
C ARG Z 1071 -197.69 199.96 -75.40
N ALA Z 1072 -196.72 200.26 -76.26
CA ALA Z 1072 -196.03 199.24 -77.02
C ALA Z 1072 -194.80 198.75 -76.27
N VAL Z 1073 -194.35 197.55 -76.64
CA VAL Z 1073 -193.18 196.96 -75.99
C VAL Z 1073 -191.89 197.51 -76.58
N ASP Z 1074 -191.80 197.56 -77.91
CA ASP Z 1074 -190.62 198.06 -78.60
C ASP Z 1074 -191.07 198.72 -79.89
N LEU Z 1075 -190.16 198.79 -80.87
CA LEU Z 1075 -190.47 199.39 -82.15
C LEU Z 1075 -189.72 198.64 -83.24
N MET Z 1076 -190.41 198.31 -84.33
CA MET Z 1076 -189.87 197.59 -85.46
C MET Z 1076 -189.87 198.52 -86.68
N THR Z 1077 -190.09 197.95 -87.87
CA THR Z 1077 -190.11 198.75 -89.08
C THR Z 1077 -191.39 199.58 -89.21
N HIS Z 1078 -192.48 199.16 -88.57
CA HIS Z 1078 -193.75 199.89 -88.61
C HIS Z 1078 -193.90 200.89 -87.47
N ASN Z 1079 -192.79 201.44 -86.98
CA ASN Z 1079 -192.87 202.40 -85.88
C ASN Z 1079 -193.58 203.67 -86.32
N TYR Z 1080 -193.30 204.16 -87.53
CA TYR Z 1080 -193.98 205.35 -88.03
C TYR Z 1080 -195.48 205.10 -88.21
N TYR Z 1081 -195.84 203.92 -88.72
CA TYR Z 1081 -197.25 203.59 -88.87
C TYR Z 1081 -197.95 203.50 -87.52
N GLU Z 1082 -197.29 202.91 -86.53
CA GLU Z 1082 -197.87 202.82 -85.20
C GLU Z 1082 -198.04 204.21 -84.58
N LEU Z 1083 -197.05 205.08 -84.76
CA LEU Z 1083 -197.15 206.44 -84.24
C LEU Z 1083 -198.28 207.20 -84.92
N LEU Z 1084 -198.44 207.04 -86.24
CA LEU Z 1084 -199.53 207.70 -86.94
C LEU Z 1084 -200.88 207.18 -86.48
N TYR Z 1085 -201.00 205.87 -86.27
CA TYR Z 1085 -202.25 205.30 -85.78
C TYR Z 1085 -202.57 205.80 -84.39
N ALA Z 1086 -201.56 205.89 -83.52
CA ALA Z 1086 -201.79 206.42 -82.18
C ALA Z 1086 -202.20 207.89 -82.22
N PHE Z 1087 -201.57 208.67 -83.08
CA PHE Z 1087 -201.94 210.08 -83.22
C PHE Z 1087 -203.37 210.23 -83.73
N HIS Z 1088 -203.77 209.38 -84.68
CA HIS Z 1088 -205.13 209.44 -85.20
C HIS Z 1088 -206.14 209.03 -84.13
N ILE Z 1089 -205.83 207.98 -83.35
CA ILE Z 1089 -206.73 207.55 -82.29
C ILE Z 1089 -206.84 208.61 -81.21
N TYR Z 1090 -205.75 209.35 -80.95
CA TYR Z 1090 -205.82 210.42 -79.98
C TYR Z 1090 -206.63 211.59 -80.51
N ARG Z 1091 -206.44 211.96 -81.79
CA ARG Z 1091 -207.21 213.05 -82.38
C ARG Z 1091 -208.70 212.70 -82.44
N HIS Z 1092 -209.03 211.41 -82.56
CA HIS Z 1092 -210.41 210.98 -82.53
C HIS Z 1092 -210.99 210.89 -81.12
N ASN Z 1093 -210.33 211.50 -80.14
CA ASN Z 1093 -210.80 211.45 -78.76
C ASN Z 1093 -210.36 212.69 -77.98
N TYR Z 1094 -209.05 212.86 -77.80
CA TYR Z 1094 -208.52 213.97 -77.02
C TYR Z 1094 -207.42 214.76 -77.72
N ARG Z 1095 -206.68 214.16 -78.66
CA ARG Z 1095 -205.62 214.83 -79.40
C ARG Z 1095 -204.56 215.39 -78.47
N LYS Z 1096 -203.70 214.52 -77.92
CA LYS Z 1096 -202.64 214.95 -77.03
C LYS Z 1096 -201.56 213.89 -76.92
N ALA Z 1097 -201.89 212.65 -77.31
CA ALA Z 1097 -200.91 211.56 -77.23
C ALA Z 1097 -199.89 211.62 -78.36
N GLY Z 1098 -200.17 212.36 -79.43
CA GLY Z 1098 -199.21 212.46 -80.52
C GLY Z 1098 -197.91 213.11 -80.10
N THR Z 1099 -197.99 214.12 -79.24
CA THR Z 1099 -196.78 214.78 -78.74
C THR Z 1099 -195.95 213.81 -77.91
N VAL Z 1100 -196.58 213.04 -77.03
CA VAL Z 1100 -195.86 212.07 -76.22
C VAL Z 1100 -195.24 211.00 -77.10
N MET Z 1101 -195.96 210.57 -78.13
CA MET Z 1101 -195.41 209.57 -79.05
C MET Z 1101 -194.20 210.11 -79.80
N PHE Z 1102 -194.29 211.35 -80.28
CA PHE Z 1102 -193.16 211.96 -80.98
C PHE Z 1102 -191.96 212.14 -80.06
N GLU Z 1103 -192.20 212.54 -78.81
CA GLU Z 1103 -191.11 212.69 -77.84
C GLU Z 1103 -190.46 211.34 -77.53
N TYR Z 1104 -191.27 210.30 -77.37
CA TYR Z 1104 -190.70 208.97 -77.12
C TYR Z 1104 -189.90 208.49 -78.32
N GLY Z 1105 -190.39 208.74 -79.53
CA GLY Z 1105 -189.65 208.35 -80.72
C GLY Z 1105 -188.33 209.10 -80.85
N MET Z 1106 -188.34 210.40 -80.55
CA MET Z 1106 -187.11 211.19 -80.62
C MET Z 1106 -186.12 210.76 -79.54
N ARG Z 1107 -186.61 210.36 -78.36
CA ARG Z 1107 -185.72 209.88 -77.31
C ARG Z 1107 -185.16 208.51 -77.63
N LEU Z 1108 -185.94 207.65 -78.28
CA LEU Z 1108 -185.45 206.33 -78.64
C LEU Z 1108 -184.48 206.38 -79.81
N GLY Z 1109 -184.69 207.31 -80.74
CA GLY Z 1109 -183.82 207.46 -81.88
C GLY Z 1109 -182.85 208.61 -81.74
N ARG Z 1110 -182.34 208.82 -80.53
CA ARG Z 1110 -181.39 209.90 -80.30
C ARG Z 1110 -180.00 209.57 -80.81
N GLU Z 1111 -179.57 208.32 -80.68
CA GLU Z 1111 -178.25 207.90 -81.15
C GLU Z 1111 -178.36 207.10 -82.44
N VAL Z 1112 -178.71 207.77 -83.53
CA VAL Z 1112 -178.86 207.13 -84.83
C VAL Z 1112 -177.59 207.34 -85.64
N ARG Z 1113 -177.77 207.66 -86.92
CA ARG Z 1113 -176.63 207.88 -87.81
C ARG Z 1113 -176.09 209.30 -87.65
N THR Z 1114 -176.10 210.07 -88.73
CA THR Z 1114 -175.59 211.45 -88.69
C THR Z 1114 -176.34 212.34 -89.67
N LEU Z 1115 -176.08 212.16 -90.96
CA LEU Z 1115 -176.72 213.01 -91.97
C LEU Z 1115 -178.23 212.83 -91.98
N ARG Z 1116 -178.68 211.57 -92.05
CA ARG Z 1116 -180.13 211.31 -92.04
C ARG Z 1116 -180.72 211.58 -90.66
N GLY Z 1117 -179.97 211.32 -89.59
CA GLY Z 1117 -180.49 211.57 -88.25
C GLY Z 1117 -180.75 213.03 -87.99
N LEU Z 1118 -179.83 213.90 -88.42
CA LEU Z 1118 -180.03 215.33 -88.24
C LEU Z 1118 -181.22 215.84 -89.03
N GLU Z 1119 -181.39 215.33 -90.25
CA GLU Z 1119 -182.53 215.73 -91.07
C GLU Z 1119 -183.85 215.26 -90.45
N LYS Z 1120 -183.88 214.03 -89.93
CA LYS Z 1120 -185.09 213.54 -89.28
C LYS Z 1120 -185.39 214.35 -88.02
N GLN Z 1121 -184.36 214.69 -87.25
CA GLN Z 1121 -184.57 215.50 -86.05
C GLN Z 1121 -185.10 216.88 -86.40
N GLY Z 1122 -184.55 217.49 -87.45
CA GLY Z 1122 -185.05 218.80 -87.88
C GLY Z 1122 -186.48 218.74 -88.37
N ASN Z 1123 -186.82 217.70 -89.13
CA ASN Z 1123 -188.20 217.55 -89.59
C ASN Z 1123 -189.16 217.36 -88.43
N CYS Z 1124 -188.78 216.52 -87.45
CA CYS Z 1124 -189.64 216.32 -86.28
C CYS Z 1124 -189.78 217.61 -85.48
N TYR Z 1125 -188.69 218.37 -85.36
CA TYR Z 1125 -188.76 219.64 -84.63
C TYR Z 1125 -189.67 220.64 -85.34
N LEU Z 1126 -189.58 220.71 -86.66
CA LEU Z 1126 -190.45 221.60 -87.41
C LEU Z 1126 -191.92 221.17 -87.30
N ALA Z 1127 -192.19 219.87 -87.36
CA ALA Z 1127 -193.55 219.39 -87.22
C ALA Z 1127 -194.10 219.71 -85.83
N ALA Z 1128 -193.30 219.50 -84.79
CA ALA Z 1128 -193.74 219.80 -83.44
C ALA Z 1128 -193.93 221.30 -83.24
N LEU Z 1129 -193.08 222.13 -83.86
CA LEU Z 1129 -193.26 223.57 -83.75
C LEU Z 1129 -194.54 224.03 -84.43
N ASN Z 1130 -194.84 223.48 -85.61
CA ASN Z 1130 -196.10 223.81 -86.27
C ASN Z 1130 -197.29 223.35 -85.44
N CYS Z 1131 -197.20 222.15 -84.85
CA CYS Z 1131 -198.29 221.64 -84.01
C CYS Z 1131 -198.49 222.51 -82.77
N LEU Z 1132 -197.40 223.00 -82.17
CA LEU Z 1132 -197.52 223.90 -81.03
C LEU Z 1132 -198.10 225.25 -81.44
N ARG Z 1133 -197.71 225.77 -82.61
CA ARG Z 1133 -198.30 227.00 -83.11
C ARG Z 1133 -199.78 226.84 -83.40
N LEU Z 1134 -200.21 225.62 -83.74
CA LEU Z 1134 -201.62 225.34 -83.96
C LEU Z 1134 -202.33 225.12 -82.63
N ILE Z 1135 -203.52 225.70 -82.50
CA ILE Z 1135 -204.37 225.58 -81.32
C ILE Z 1135 -203.69 226.21 -80.09
N ARG Z 1136 -204.38 226.18 -78.96
CA ARG Z 1136 -203.89 226.77 -77.73
C ARG Z 1136 -204.68 226.24 -76.53
N PRO Z 1137 -204.02 225.68 -75.52
CA PRO Z 1137 -204.76 225.16 -74.35
C PRO Z 1137 -203.91 225.14 -73.09
N GLU Z 1138 -203.33 223.96 -72.78
CA GLU Z 1138 -202.51 223.80 -71.60
C GLU Z 1138 -201.06 223.70 -72.04
N TYR Z 1139 -200.48 222.51 -72.16
CA TYR Z 1139 -199.09 222.37 -72.58
C TYR Z 1139 -198.95 221.04 -73.31
N ALA Z 1140 -197.72 220.52 -73.35
CA ALA Z 1140 -197.43 219.26 -74.02
C ALA Z 1140 -197.43 218.13 -73.00
N TRP Z 1141 -196.92 216.97 -73.40
CA TRP Z 1141 -196.86 215.78 -72.56
C TRP Z 1141 -195.43 215.24 -72.54
N ILE Z 1142 -195.29 214.02 -72.02
CA ILE Z 1142 -194.00 213.34 -71.92
C ILE Z 1142 -193.01 214.18 -71.13
N VAL Z 1143 -191.73 214.05 -71.46
CA VAL Z 1143 -190.70 214.81 -70.76
C VAL Z 1143 -190.48 216.19 -71.37
N GLN Z 1144 -190.95 216.41 -72.59
CA GLN Z 1144 -190.78 217.70 -73.25
C GLN Z 1144 -191.75 218.72 -72.64
N PRO Z 1145 -191.27 219.86 -72.14
CA PRO Z 1145 -192.19 220.85 -71.57
C PRO Z 1145 -192.92 221.66 -72.63
N GLU Z 1176 -192.52 222.91 -72.80
CA GLU Z 1176 -193.13 223.77 -73.80
C GLU Z 1176 -192.16 224.85 -74.25
N ILE Z 1177 -191.43 225.43 -73.31
CA ILE Z 1177 -190.45 226.47 -73.61
C ILE Z 1177 -189.02 225.96 -73.47
N LEU Z 1178 -188.74 225.21 -72.39
CA LEU Z 1178 -187.39 224.70 -72.17
C LEU Z 1178 -187.03 223.67 -73.24
N GLU Z 1179 -187.95 222.76 -73.54
CA GLU Z 1179 -187.67 221.76 -74.57
C GLU Z 1179 -187.50 222.41 -75.94
N LEU Z 1180 -188.32 223.41 -76.25
CA LEU Z 1180 -188.18 224.11 -77.53
C LEU Z 1180 -186.85 224.85 -77.61
N GLU Z 1181 -186.44 225.50 -76.52
CA GLU Z 1181 -185.17 226.20 -76.52
C GLU Z 1181 -184.01 225.22 -76.67
N ASP Z 1182 -184.09 224.07 -76.00
CA ASP Z 1182 -183.03 223.07 -76.13
C ASP Z 1182 -182.96 222.52 -77.54
N LEU Z 1183 -184.12 222.27 -78.16
CA LEU Z 1183 -184.12 221.78 -79.54
C LEU Z 1183 -183.56 222.82 -80.49
N GLU Z 1184 -183.91 224.10 -80.28
CA GLU Z 1184 -183.37 225.15 -81.14
C GLU Z 1184 -181.86 225.28 -80.98
N LYS Z 1185 -181.37 225.19 -79.74
CA LYS Z 1185 -179.93 225.26 -79.50
C LYS Z 1185 -179.21 224.08 -80.14
N GLU Z 1186 -179.79 222.89 -80.04
CA GLU Z 1186 -179.18 221.71 -80.66
C GLU Z 1186 -179.16 221.84 -82.17
N CYS Z 1187 -180.24 222.34 -82.77
CA CYS Z 1187 -180.28 222.53 -84.21
C CYS Z 1187 -179.25 223.57 -84.66
N SER Z 1188 -179.12 224.67 -83.89
CA SER Z 1188 -178.12 225.68 -84.22
C SER Z 1188 -176.71 225.13 -84.12
N LEU Z 1189 -176.44 224.34 -83.08
CA LEU Z 1189 -175.12 223.73 -82.93
C LEU Z 1189 -174.82 222.76 -84.07
N ALA Z 1190 -175.82 221.97 -84.47
CA ALA Z 1190 -175.62 221.04 -85.58
C ALA Z 1190 -175.39 221.78 -86.89
N ARG Z 1191 -176.11 222.88 -87.11
CA ARG Z 1191 -175.91 223.65 -88.34
C ARG Z 1191 -174.57 224.35 -88.34
N ILE Z 1192 -174.07 224.77 -87.17
CA ILE Z 1192 -172.76 225.41 -87.11
C ILE Z 1192 -171.65 224.39 -87.28
N ARG Z 1193 -171.86 223.16 -86.79
CA ARG Z 1193 -170.84 222.13 -86.93
C ARG Z 1193 -170.80 221.54 -88.34
N LEU Z 1194 -171.95 221.45 -89.01
CA LEU Z 1194 -172.02 220.91 -90.36
C LEU Z 1194 -171.78 221.97 -91.43
N THR Z 1195 -171.36 223.16 -91.04
CA THR Z 1195 -171.11 224.23 -92.01
C THR Z 1195 -169.79 224.01 -92.74
N TYR AA 18 -220.03 171.94 -104.07
CA TYR AA 18 -219.95 171.36 -105.40
C TYR AA 18 -219.80 172.44 -106.45
N VAL AA 19 -219.16 172.09 -107.57
CA VAL AA 19 -218.94 173.01 -108.67
C VAL AA 19 -219.16 172.25 -109.98
N HIS AA 20 -220.10 172.72 -110.80
CA HIS AA 20 -220.40 172.09 -112.07
C HIS AA 20 -220.90 173.14 -113.04
N VAL AA 21 -220.31 173.17 -114.23
CA VAL AA 21 -220.69 174.14 -115.26
C VAL AA 21 -221.91 173.63 -116.00
N VAL AA 22 -222.56 174.52 -116.76
CA VAL AA 22 -223.76 174.15 -117.53
C VAL AA 22 -223.27 173.72 -118.91
N GLU AA 23 -222.77 172.49 -118.97
CA GLU AA 23 -222.26 171.93 -120.21
C GLU AA 23 -223.36 171.31 -121.08
N PHE AA 24 -224.49 170.96 -120.49
CA PHE AA 24 -225.58 170.36 -121.27
C PHE AA 24 -226.36 171.42 -122.05
N ASN AA 25 -226.47 172.63 -121.52
CA ASN AA 25 -227.19 173.71 -122.19
C ASN AA 25 -226.43 174.14 -123.44
N PRO AA 26 -225.10 174.20 -123.39
CA PRO AA 26 -224.34 174.58 -124.59
C PRO AA 26 -224.19 173.45 -125.61
N PHE AA 27 -224.59 172.23 -125.26
CA PHE AA 27 -224.50 171.09 -126.17
C PHE AA 27 -225.83 170.71 -126.78
N GLU AA 28 -226.93 170.87 -126.04
CA GLU AA 28 -228.25 170.52 -126.53
C GLU AA 28 -229.05 171.74 -127.00
N ASN AA 29 -228.60 172.95 -126.67
CA ASN AA 29 -229.31 174.15 -127.09
C ASN AA 29 -228.32 175.24 -127.50
N GLY AA 30 -227.60 175.80 -126.53
CA GLY AA 30 -226.64 176.84 -126.81
C GLY AA 30 -227.12 178.22 -126.39
N ASP AA 31 -227.11 178.48 -125.08
CA ASP AA 31 -227.54 179.77 -124.57
C ASP AA 31 -226.76 180.15 -123.32
N SER AA 32 -226.85 179.34 -122.27
CA SER AA 32 -226.15 179.61 -121.03
C SER AA 32 -224.97 178.64 -120.85
N GLY AA 33 -223.96 178.77 -121.70
CA GLY AA 33 -222.80 177.91 -121.63
C GLY AA 33 -221.71 178.45 -120.72
N ASN AA 34 -221.79 179.74 -120.39
CA ASN AA 34 -220.82 180.39 -119.54
C ASN AA 34 -221.25 180.46 -118.08
N LEU AA 35 -222.37 179.82 -117.74
CA LEU AA 35 -222.88 179.84 -116.37
C LEU AA 35 -222.20 178.75 -115.55
N ILE AA 36 -221.82 179.10 -114.32
CA ILE AA 36 -221.16 178.18 -113.41
C ILE AA 36 -221.84 178.30 -112.06
N ALA AA 37 -222.32 177.16 -111.54
CA ALA AA 37 -222.99 177.12 -110.25
C ALA AA 37 -222.06 176.56 -109.19
N TYR AA 38 -222.05 177.22 -108.02
CA TYR AA 38 -221.21 176.81 -106.90
C TYR AA 38 -222.09 176.74 -105.66
N GLY AA 39 -222.47 175.53 -105.26
CA GLY AA 39 -223.32 175.33 -104.10
C GLY AA 39 -222.53 175.21 -102.80
N GLY AA 40 -222.81 176.10 -101.86
CA GLY AA 40 -222.13 176.07 -100.58
C GLY AA 40 -223.05 175.80 -99.42
N ASN AA 41 -222.71 176.31 -98.23
CA ASN AA 41 -223.55 176.09 -97.06
C ASN AA 41 -224.77 177.00 -97.05
N ASN AA 42 -224.65 178.21 -97.60
CA ASN AA 42 -225.79 179.14 -97.63
C ASN AA 42 -226.78 178.74 -98.72
N TYR AA 43 -226.38 178.88 -99.98
CA TYR AA 43 -227.25 178.54 -101.11
C TYR AA 43 -226.43 178.12 -102.32
N VAL AA 44 -226.58 178.84 -103.42
CA VAL AA 44 -225.85 178.53 -104.65
C VAL AA 44 -225.60 179.81 -105.42
N VAL AA 45 -224.33 180.13 -105.65
CA VAL AA 45 -223.95 181.34 -106.39
C VAL AA 45 -223.85 181.01 -107.86
N ILE AA 46 -223.92 182.05 -108.69
CA ILE AA 46 -223.84 181.93 -110.14
C ILE AA 46 -222.71 182.81 -110.64
N GLY AA 47 -221.94 182.30 -111.60
CA GLY AA 47 -220.83 183.03 -112.15
C GLY AA 47 -220.91 183.06 -113.67
N THR AA 48 -220.15 184.00 -114.25
CA THR AA 48 -220.09 184.18 -115.69
C THR AA 48 -218.64 184.17 -116.14
N CYS AA 49 -218.36 183.41 -117.19
CA CYS AA 49 -217.00 183.30 -117.74
C CYS AA 49 -216.97 184.04 -119.07
N THR AA 50 -216.26 185.16 -119.11
CA THR AA 50 -216.14 185.99 -120.30
C THR AA 50 -214.71 185.91 -120.85
N PHE AA 51 -214.59 186.15 -122.15
CA PHE AA 51 -213.30 186.13 -122.84
C PHE AA 51 -212.86 187.57 -123.06
N GLN AA 52 -212.07 188.08 -122.13
CA GLN AA 52 -211.57 189.44 -122.20
C GLN AA 52 -210.20 189.46 -122.89
N GLU AA 53 -209.50 190.58 -122.82
CA GLU AA 53 -208.19 190.71 -123.44
C GLU AA 53 -207.12 190.06 -122.58
N GLU AA 54 -206.46 190.87 -121.74
CA GLU AA 54 -205.39 190.42 -120.84
C GLU AA 54 -204.30 189.79 -121.69
N GLU AA 55 -203.95 188.52 -121.50
CA GLU AA 55 -202.91 187.85 -122.27
C GLU AA 55 -203.43 186.52 -122.76
N ALA AA 56 -203.20 186.22 -124.04
CA ALA AA 56 -203.65 184.97 -124.62
C ALA AA 56 -202.77 183.80 -124.21
N ASP AA 57 -201.50 184.06 -123.90
CA ASP AA 57 -200.59 182.99 -123.50
C ASP AA 57 -200.77 182.58 -122.05
N VAL AA 58 -201.30 183.45 -121.20
CA VAL AA 58 -201.52 183.14 -119.79
C VAL AA 58 -202.92 182.59 -119.61
N GLU AA 59 -203.92 183.47 -119.66
CA GLU AA 59 -205.31 183.07 -119.49
C GLU AA 59 -206.19 184.00 -120.33
N GLY AA 60 -206.86 183.43 -121.33
CA GLY AA 60 -207.73 184.21 -122.19
C GLY AA 60 -209.18 184.15 -121.79
N ILE AA 61 -209.45 183.74 -120.55
CA ILE AA 61 -210.80 183.64 -120.03
C ILE AA 61 -210.79 184.07 -118.56
N GLN AA 62 -211.65 185.03 -118.23
CA GLN AA 62 -211.75 185.55 -116.87
C GLN AA 62 -213.10 185.19 -116.27
N TYR AA 63 -213.15 185.10 -114.95
CA TYR AA 63 -214.36 184.76 -114.22
C TYR AA 63 -214.97 186.04 -113.63
N LYS AA 64 -216.27 186.21 -113.82
CA LYS AA 64 -217.00 187.36 -113.32
C LYS AA 64 -218.19 186.88 -112.50
N THR AA 65 -218.26 187.32 -111.25
CA THR AA 65 -219.36 186.94 -110.36
C THR AA 65 -220.60 187.76 -110.71
N LEU AA 66 -221.63 187.09 -111.22
CA LEU AA 66 -222.87 187.77 -111.59
C LEU AA 66 -223.71 188.07 -110.36
N ARG AA 67 -224.55 187.12 -109.97
CA ARG AA 67 -225.43 187.26 -108.82
C ARG AA 67 -225.32 186.02 -107.95
N THR AA 68 -226.05 186.02 -106.84
CA THR AA 68 -226.06 184.89 -105.91
C THR AA 68 -227.44 184.75 -105.31
N PHE AA 69 -228.08 183.60 -105.53
CA PHE AA 69 -229.41 183.36 -105.01
C PHE AA 69 -229.34 182.99 -103.53
N HIS AA 70 -230.51 182.95 -102.90
CA HIS AA 70 -230.64 182.61 -101.50
C HIS AA 70 -231.58 181.44 -101.33
N HIS AA 71 -231.33 180.63 -100.29
CA HIS AA 71 -232.15 179.46 -100.01
C HIS AA 71 -232.22 179.21 -98.50
N GLY AA 72 -231.07 178.98 -97.87
CA GLY AA 72 -231.00 178.73 -96.45
C GLY AA 72 -230.61 177.31 -96.07
N VAL AA 73 -230.18 176.48 -97.02
CA VAL AA 73 -229.77 175.12 -96.75
C VAL AA 73 -228.53 174.79 -97.58
N ARG AA 74 -227.78 173.80 -97.11
CA ARG AA 74 -226.56 173.39 -97.79
C ARG AA 74 -226.90 172.57 -99.03
N VAL AA 75 -226.17 172.83 -100.12
CA VAL AA 75 -226.37 172.14 -101.39
C VAL AA 75 -225.15 171.25 -101.63
N ASP AA 76 -225.36 169.94 -101.61
CA ASP AA 76 -224.29 168.98 -101.82
C ASP AA 76 -224.01 168.73 -103.29
N GLY AA 77 -225.00 168.91 -104.16
CA GLY AA 77 -224.82 168.69 -105.58
C GLY AA 77 -225.47 169.78 -106.39
N ILE AA 78 -225.07 169.86 -107.66
CA ILE AA 78 -225.60 170.85 -108.59
C ILE AA 78 -225.67 170.22 -109.97
N ALA AA 79 -226.79 170.42 -110.66
CA ALA AA 79 -226.98 169.88 -112.01
C ALA AA 79 -227.91 170.80 -112.78
N TRP AA 80 -227.39 171.40 -113.84
CA TRP AA 80 -228.17 172.30 -114.67
C TRP AA 80 -228.92 171.52 -115.75
N SER AA 81 -230.07 172.04 -116.13
CA SER AA 81 -230.92 171.45 -117.15
C SER AA 81 -230.80 172.20 -118.47
N PRO AA 82 -231.42 171.70 -119.53
CA PRO AA 82 -231.35 172.37 -120.83
C PRO AA 82 -232.41 173.44 -121.06
N GLU AA 83 -233.21 173.78 -120.06
CA GLU AA 83 -234.25 174.80 -120.20
C GLU AA 83 -233.77 176.18 -119.78
N THR AA 84 -232.47 176.36 -119.54
CA THR AA 84 -231.94 177.66 -119.14
C THR AA 84 -231.77 178.55 -120.36
N ARG AA 85 -232.26 179.78 -120.26
CA ARG AA 85 -232.17 180.74 -121.35
C ARG AA 85 -231.68 182.08 -120.79
N LEU AA 86 -231.31 182.98 -121.70
CA LEU AA 86 -230.82 184.31 -121.34
C LEU AA 86 -231.49 185.35 -122.23
N ASP AA 87 -231.89 186.47 -121.63
CA ASP AA 87 -232.53 187.54 -122.36
C ASP AA 87 -232.21 188.85 -121.66
N SER AA 88 -231.33 189.65 -122.26
CA SER AA 88 -230.91 190.96 -121.73
C SER AA 88 -230.27 190.70 -120.36
N LEU AA 89 -230.72 191.35 -119.29
CA LEU AA 89 -230.15 191.16 -117.97
C LEU AA 89 -230.92 190.07 -117.22
N PRO AA 90 -232.11 189.71 -117.68
CA PRO AA 90 -232.89 188.68 -117.00
C PRO AA 90 -232.42 187.29 -117.39
N PRO AA 91 -232.33 186.36 -116.44
CA PRO AA 91 -231.87 185.00 -116.77
C PRO AA 91 -232.67 183.93 -116.05
N VAL AA 92 -233.41 183.12 -116.80
CA VAL AA 92 -234.21 182.05 -116.23
C VAL AA 92 -233.36 180.79 -116.15
N ILE AA 93 -233.20 180.27 -114.94
CA ILE AA 93 -232.41 179.07 -114.71
C ILE AA 93 -233.30 178.00 -114.10
N LYS AA 94 -232.85 176.75 -114.20
CA LYS AA 94 -233.59 175.61 -113.66
C LYS AA 94 -232.58 174.53 -113.30
N PHE AA 95 -232.18 174.50 -112.03
CA PHE AA 95 -231.21 173.55 -111.52
C PHE AA 95 -231.85 172.71 -110.42
N CYS AA 96 -231.39 171.47 -110.30
CA CYS AA 96 -231.88 170.52 -109.31
C CYS AA 96 -230.76 170.23 -108.31
N THR AA 97 -230.96 170.65 -107.07
CA THR AA 97 -229.97 170.46 -106.01
C THR AA 97 -230.58 169.63 -104.89
N SER AA 98 -229.73 169.28 -103.92
CA SER AA 98 -230.14 168.48 -102.77
C SER AA 98 -229.93 169.29 -101.50
N ALA AA 99 -230.96 169.39 -100.68
CA ALA AA 99 -230.88 170.15 -99.44
C ALA AA 99 -230.23 169.30 -98.35
N ALA AA 100 -230.06 169.90 -97.16
CA ALA AA 100 -229.46 169.20 -96.03
C ALA AA 100 -230.44 168.31 -95.30
N ASP AA 101 -231.74 168.42 -95.58
CA ASP AA 101 -232.75 167.60 -94.93
C ASP AA 101 -233.13 166.37 -95.73
N MET AA 102 -232.22 165.88 -96.58
CA MET AA 102 -232.46 164.70 -97.42
C MET AA 102 -233.69 164.88 -98.30
N LYS AA 103 -233.60 165.85 -99.20
CA LYS AA 103 -234.69 166.15 -100.13
C LYS AA 103 -234.11 166.68 -101.43
N ILE AA 104 -234.69 166.25 -102.54
CA ILE AA 104 -234.27 166.66 -103.88
C ILE AA 104 -235.40 167.46 -104.50
N ARG AA 105 -235.13 168.74 -104.78
CA ARG AA 105 -236.12 169.63 -105.38
C ARG AA 105 -235.46 170.43 -106.50
N LEU AA 106 -236.27 170.77 -107.51
CA LEU AA 106 -235.81 171.54 -108.66
C LEU AA 106 -236.27 172.98 -108.49
N PHE AA 107 -235.32 173.89 -108.27
CA PHE AA 107 -235.62 175.31 -108.09
C PHE AA 107 -235.50 176.02 -109.44
N THR AA 108 -236.61 176.59 -109.89
CA THR AA 108 -236.64 177.31 -111.17
C THR AA 108 -236.68 178.82 -110.93
N SER AA 109 -235.62 179.32 -110.29
CA SER AA 109 -235.52 180.74 -109.99
C SER AA 109 -235.04 181.51 -111.21
N ASP AA 110 -235.26 182.83 -111.18
CA ASP AA 110 -234.87 183.73 -112.25
C ASP AA 110 -233.88 184.75 -111.72
N LEU AA 111 -232.75 184.89 -112.41
CA LEU AA 111 -231.70 185.83 -112.04
C LEU AA 111 -231.23 185.58 -110.60
N GLN AA 112 -231.83 186.28 -109.64
CA GLN AA 112 -231.46 186.12 -108.24
C GLN AA 112 -232.65 186.00 -107.30
N ASP AA 113 -233.88 186.03 -107.82
CA ASP AA 113 -235.08 185.92 -106.99
C ASP AA 113 -235.70 184.55 -107.20
N LYS AA 114 -236.13 183.93 -106.09
CA LYS AA 114 -236.74 182.60 -106.14
C LYS AA 114 -238.20 182.76 -106.56
N ASN AA 115 -238.52 182.29 -107.76
CA ASN AA 115 -239.88 182.36 -108.29
C ASN AA 115 -240.66 181.05 -108.15
N GLU AA 116 -239.98 179.91 -108.32
CA GLU AA 116 -240.63 178.62 -108.20
C GLU AA 116 -239.68 177.64 -107.52
N TYR AA 117 -240.26 176.72 -106.77
CA TYR AA 117 -239.47 175.71 -106.05
C TYR AA 117 -240.24 174.40 -105.92
N LYS AA 118 -239.37 164.28 -100.66
CA LYS AA 118 -238.98 164.47 -99.27
C LYS AA 118 -239.75 163.53 -98.36
N VAL AA 119 -239.33 163.46 -97.09
CA VAL AA 119 -239.94 162.62 -96.08
C VAL AA 119 -239.94 161.16 -96.54
N LEU AA 120 -241.06 160.47 -96.32
CA LEU AA 120 -241.16 159.07 -96.72
C LEU AA 120 -241.42 158.90 -98.21
N GLU AA 121 -241.91 159.95 -98.88
CA GLU AA 121 -242.18 159.86 -100.31
C GLU AA 121 -240.92 159.95 -101.16
N GLY AA 122 -239.86 160.56 -100.64
CA GLY AA 122 -238.62 160.69 -101.39
C GLY AA 122 -237.59 159.65 -101.00
N HIS AA 123 -236.43 160.10 -100.52
CA HIS AA 123 -235.36 159.21 -100.12
C HIS AA 123 -235.44 158.92 -98.63
N THR AA 124 -235.22 157.67 -98.26
CA THR AA 124 -235.26 157.24 -96.86
C THR AA 124 -233.93 157.42 -96.15
N ASP AA 125 -232.87 157.83 -96.86
CA ASP AA 125 -231.57 158.03 -96.25
C ASP AA 125 -230.89 159.27 -96.81
N PHE AA 126 -229.56 159.26 -96.87
CA PHE AA 126 -228.80 160.39 -97.37
C PHE AA 126 -228.63 160.28 -98.89
N ILE AA 127 -228.79 161.40 -99.58
CA ILE AA 127 -228.66 161.43 -101.02
C ILE AA 127 -227.18 161.40 -101.40
N ASN AA 128 -226.88 160.77 -102.54
CA ASN AA 128 -225.52 160.65 -103.03
C ASN AA 128 -225.31 161.38 -104.35
N GLY AA 129 -226.19 161.17 -105.33
CA GLY AA 129 -226.05 161.83 -106.62
C GLY AA 129 -227.41 162.20 -107.17
N LEU AA 130 -227.38 163.12 -108.14
CA LEU AA 130 -228.60 163.59 -108.79
C LEU AA 130 -228.26 164.05 -110.19
N VAL AA 131 -229.25 163.94 -111.09
CA VAL AA 131 -229.09 164.34 -112.49
C VAL AA 131 -230.40 164.97 -112.95
N PHE AA 132 -230.35 165.55 -114.15
CA PHE AA 132 -231.52 166.20 -114.74
C PHE AA 132 -231.41 166.14 -116.25
N ASP AA 133 -232.52 165.83 -116.90
CA ASP AA 133 -232.61 165.73 -118.35
C ASP AA 133 -233.78 166.54 -118.85
N PRO AA 134 -233.94 166.68 -120.17
CA PRO AA 134 -235.05 167.46 -120.70
C PRO AA 134 -235.65 166.85 -121.97
N LYS AA 135 -236.79 166.19 -121.84
CA LYS AA 135 -237.45 165.57 -122.98
C LYS AA 135 -238.87 166.12 -123.16
N GLU AA 136 -239.81 165.72 -122.31
CA GLU AA 136 -241.19 166.19 -122.40
C GLU AA 136 -241.53 167.20 -121.30
N GLY AA 137 -240.62 167.46 -120.38
CA GLY AA 137 -240.87 168.41 -119.31
C GLY AA 137 -239.68 168.64 -118.41
N GLN AA 138 -239.61 167.90 -117.31
CA GLN AA 138 -238.50 168.04 -116.36
C GLN AA 138 -238.29 166.66 -115.71
N GLU AA 139 -237.33 165.91 -116.26
CA GLU AA 139 -237.01 164.58 -115.77
C GLU AA 139 -235.76 164.66 -114.90
N ILE AA 140 -235.86 164.22 -113.66
CA ILE AA 140 -234.75 164.23 -112.70
C ILE AA 140 -234.61 162.84 -112.12
N ALA AA 141 -233.37 162.36 -112.02
CA ALA AA 141 -233.09 161.04 -111.48
C ALA AA 141 -232.03 161.18 -110.38
N SER AA 142 -232.34 160.66 -109.20
CA SER AA 142 -231.44 160.70 -108.06
C SER AA 142 -231.24 159.31 -107.50
N VAL AA 143 -230.22 159.17 -106.67
CA VAL AA 143 -229.87 157.90 -106.03
C VAL AA 143 -229.39 158.18 -104.62
N SER AA 144 -229.94 157.44 -103.65
CA SER AA 144 -229.58 157.59 -102.25
C SER AA 144 -228.93 156.31 -101.75
N ASP AA 145 -228.68 156.25 -100.44
CA ASP AA 145 -228.07 155.09 -99.80
C ASP AA 145 -229.09 154.14 -99.20
N ASP AA 146 -230.37 154.33 -99.49
CA ASP AA 146 -231.43 153.48 -98.96
C ASP AA 146 -231.86 152.39 -99.94
N HIS AA 147 -230.98 152.03 -100.88
CA HIS AA 147 -231.25 151.00 -101.89
C HIS AA 147 -232.51 151.33 -102.68
N THR AA 148 -232.60 152.59 -103.12
CA THR AA 148 -233.74 153.06 -103.91
C THR AA 148 -233.25 154.09 -104.92
N CYS AA 149 -233.82 154.01 -106.13
CA CYS AA 149 -233.48 154.91 -107.23
C CYS AA 149 -234.74 155.68 -107.62
N ARG AA 150 -234.85 156.92 -107.17
CA ARG AA 150 -236.00 157.74 -107.48
C ARG AA 150 -235.89 158.30 -108.90
N ILE AA 151 -237.05 158.48 -109.53
CA ILE AA 151 -237.12 159.01 -110.88
C ILE AA 151 -238.30 159.97 -111.00
N TRP AA 152 -238.08 161.22 -110.61
CA TRP AA 152 -239.13 162.22 -110.67
C TRP AA 152 -239.29 162.74 -112.10
N ASN AA 153 -240.53 162.81 -112.56
CA ASN AA 153 -240.85 163.29 -113.90
C ASN AA 153 -241.95 164.32 -113.81
N LEU AA 154 -241.63 165.57 -114.18
CA LEU AA 154 -242.59 166.68 -114.15
C LEU AA 154 -243.07 166.93 -115.57
N GLU AA 155 -244.24 166.40 -115.90
CA GLU AA 155 -244.83 166.56 -117.22
C GLU AA 155 -245.88 167.68 -117.18
N GLY AA 156 -246.85 167.62 -118.09
CA GLY AA 156 -247.88 168.63 -118.13
C GLY AA 156 -248.99 168.42 -117.13
N VAL AA 157 -249.27 167.17 -116.78
CA VAL AA 157 -250.33 166.85 -115.82
C VAL AA 157 -249.70 166.58 -114.46
N GLN AA 158 -249.41 167.64 -113.72
CA GLN AA 158 -248.80 167.57 -112.39
C GLN AA 158 -247.46 166.85 -112.52
N THR AA 159 -247.15 165.87 -111.68
CA THR AA 159 -245.88 165.14 -111.75
C THR AA 159 -246.15 163.65 -111.58
N ALA AA 160 -245.12 162.85 -111.80
CA ALA AA 160 -245.20 161.40 -111.70
C ALA AA 160 -243.97 160.90 -110.96
N HIS AA 161 -244.19 160.25 -109.81
CA HIS AA 161 -243.11 159.72 -109.00
C HIS AA 161 -242.95 158.22 -109.26
N PHE AA 162 -241.70 157.78 -109.35
CA PHE AA 162 -241.39 156.38 -109.59
C PHE AA 162 -240.16 155.99 -108.79
N VAL AA 163 -240.26 154.89 -108.05
CA VAL AA 163 -239.18 154.39 -107.21
C VAL AA 163 -238.87 152.96 -107.64
N LEU AA 164 -237.59 152.62 -107.65
CA LEU AA 164 -237.13 151.29 -108.02
C LEU AA 164 -236.14 150.78 -106.97
N HIS AA 165 -236.24 149.49 -106.66
CA HIS AA 165 -235.36 148.85 -105.67
C HIS AA 165 -234.00 148.60 -106.33
N SER AA 166 -233.18 149.63 -106.37
CA SER AA 166 -231.84 149.54 -106.96
C SER AA 166 -230.91 150.55 -106.31
N PRO AA 167 -229.85 150.11 -105.65
CA PRO AA 167 -228.93 151.05 -105.02
C PRO AA 167 -227.98 151.67 -106.02
N GLY AA 168 -227.64 152.93 -105.76
CA GLY AA 168 -226.74 153.66 -106.63
C GLY AA 168 -226.10 154.82 -105.90
N MET AA 169 -224.97 155.27 -106.45
CA MET AA 169 -224.22 156.38 -105.87
C MET AA 169 -224.11 157.59 -106.79
N SER AA 170 -224.22 157.41 -108.10
CA SER AA 170 -224.12 158.52 -109.04
C SER AA 170 -224.90 158.17 -110.29
N VAL AA 171 -225.99 158.91 -110.54
CA VAL AA 171 -226.84 158.69 -111.71
C VAL AA 171 -226.55 159.76 -112.74
N CYS AA 172 -226.53 159.37 -114.01
CA CYS AA 172 -226.27 160.30 -115.10
C CYS AA 172 -226.91 159.77 -116.36
N TRP AA 173 -227.65 160.64 -117.05
CA TRP AA 173 -228.33 160.26 -118.28
C TRP AA 173 -227.34 160.20 -119.44
N HIS AA 174 -227.69 159.40 -120.44
CA HIS AA 174 -226.83 159.26 -121.61
C HIS AA 174 -226.99 160.47 -122.53
N PRO AA 175 -225.98 160.78 -123.33
CA PRO AA 175 -226.07 161.93 -124.23
C PRO AA 175 -226.90 161.60 -125.46
N GLU AA 176 -227.82 162.52 -125.79
CA GLU AA 176 -228.73 162.38 -126.93
C GLU AA 176 -229.55 161.10 -126.85
N GLU AA 177 -229.96 160.72 -125.63
CA GLU AA 177 -230.75 159.50 -125.45
C GLU AA 177 -231.56 159.68 -124.15
N THR AA 178 -232.76 160.25 -124.28
CA THR AA 178 -233.61 160.49 -123.12
C THR AA 178 -234.25 159.21 -122.60
N PHE AA 179 -234.33 158.17 -123.42
CA PHE AA 179 -234.93 156.91 -122.99
C PHE AA 179 -233.95 155.98 -122.30
N LYS AA 180 -232.67 156.35 -122.24
CA LYS AA 180 -231.64 155.54 -121.60
C LYS AA 180 -230.98 156.32 -120.48
N LEU AA 181 -230.51 155.61 -119.47
CA LEU AA 181 -229.85 156.22 -118.33
C LEU AA 181 -228.78 155.27 -117.81
N MET AA 182 -228.03 155.74 -116.81
CA MET AA 182 -226.97 154.95 -116.19
C MET AA 182 -227.04 155.11 -114.68
N VAL AA 183 -226.64 154.05 -113.98
CA VAL AA 183 -226.64 154.04 -112.52
C VAL AA 183 -225.53 153.14 -112.02
N ALA AA 184 -224.60 153.70 -111.24
CA ALA AA 184 -223.47 152.98 -110.68
C ALA AA 184 -223.73 152.74 -109.20
N GLU AA 185 -223.76 151.47 -108.80
CA GLU AA 185 -224.00 151.11 -107.42
C GLU AA 185 -222.73 151.30 -106.59
N LYS AA 186 -222.88 151.23 -105.27
CA LYS AA 186 -221.75 151.39 -104.36
C LYS AA 186 -220.87 150.15 -104.29
N ASN AA 187 -221.40 148.98 -104.64
CA ASN AA 187 -220.64 147.74 -104.61
C ASN AA 187 -219.86 147.48 -105.89
N GLY AA 188 -220.06 148.29 -106.92
CA GLY AA 188 -219.38 148.13 -108.18
C GLY AA 188 -220.23 147.67 -109.35
N THR AA 189 -221.55 147.76 -109.24
CA THR AA 189 -222.46 147.35 -110.31
C THR AA 189 -222.91 148.57 -111.09
N ILE AA 190 -222.78 148.52 -112.41
CA ILE AA 190 -223.18 149.61 -113.29
C ILE AA 190 -224.32 149.08 -114.16
N ARG AA 191 -225.54 149.47 -113.82
CA ARG AA 191 -226.72 149.05 -114.56
C ARG AA 191 -227.21 150.19 -115.46
N PHE AA 192 -227.68 149.82 -116.65
CA PHE AA 192 -228.18 150.77 -117.63
C PHE AA 192 -229.68 150.52 -117.80
N TYR AA 193 -230.49 151.18 -116.98
CA TYR AA 193 -231.93 151.04 -117.03
C TYR AA 193 -232.52 151.99 -118.06
N ASP AA 194 -233.79 151.73 -118.40
CA ASP AA 194 -234.52 152.52 -119.37
C ASP AA 194 -235.84 152.99 -118.76
N LEU AA 195 -236.53 153.85 -119.48
CA LEU AA 195 -237.81 154.39 -119.05
C LEU AA 195 -239.00 153.60 -119.54
N LEU AA 196 -238.78 152.52 -120.29
CA LEU AA 196 -239.86 151.70 -120.81
C LEU AA 196 -239.63 150.21 -120.60
N ALA AA 197 -238.41 149.73 -120.83
CA ALA AA 197 -238.07 148.32 -120.65
C ALA AA 197 -237.41 148.04 -119.31
N GLN AA 198 -237.49 148.96 -118.36
CA GLN AA 198 -236.89 148.83 -117.03
C GLN AA 198 -235.39 148.65 -117.23
N GLN AA 199 -234.76 147.66 -116.58
CA GLN AA 199 -233.33 147.45 -116.74
C GLN AA 199 -233.04 146.64 -118.00
N ALA AA 200 -231.89 146.92 -118.61
CA ALA AA 200 -231.47 146.24 -119.83
C ALA AA 200 -230.16 145.48 -119.65
N ILE AA 201 -229.12 146.15 -119.18
CA ILE AA 201 -227.82 145.52 -118.96
C ILE AA 201 -227.29 145.92 -117.59
N LEU AA 202 -226.30 145.15 -117.13
CA LEU AA 202 -225.69 145.40 -115.83
C LEU AA 202 -224.25 144.91 -115.88
N SER AA 203 -223.30 145.82 -115.73
CA SER AA 203 -221.88 145.49 -115.78
C SER AA 203 -221.28 145.53 -114.37
N LEU AA 204 -220.02 145.12 -114.29
CA LEU AA 204 -219.30 145.11 -113.02
C LEU AA 204 -217.83 145.38 -113.28
N GLU AA 205 -217.24 146.27 -112.49
CA GLU AA 205 -215.83 146.62 -112.64
C GLU AA 205 -214.97 145.85 -111.65
N SER AA 206 -214.54 146.52 -110.59
CA SER AA 206 -213.70 145.92 -109.56
C SER AA 206 -214.53 145.77 -108.29
N GLU AA 207 -214.78 144.52 -107.90
CA GLU AA 207 -215.55 144.21 -106.71
C GLU AA 207 -214.71 144.19 -105.44
N GLN AA 208 -213.39 144.33 -105.55
CA GLN AA 208 -212.52 144.31 -104.38
C GLN AA 208 -212.52 145.64 -103.63
N VAL AA 209 -212.93 146.72 -104.28
CA VAL AA 209 -212.96 148.03 -103.64
C VAL AA 209 -214.27 148.73 -104.02
N PRO AA 210 -214.59 149.87 -103.42
CA PRO AA 210 -215.84 150.56 -103.76
C PRO AA 210 -215.70 151.38 -105.04
N LEU AA 211 -216.82 151.47 -105.76
CA LEU AA 211 -216.87 152.21 -107.01
C LEU AA 211 -217.23 153.68 -106.74
N MET AA 212 -216.67 154.57 -107.54
CA MET AA 212 -216.94 156.01 -107.41
C MET AA 212 -218.15 156.41 -108.25
N SER AA 213 -217.96 156.48 -109.57
CA SER AA 213 -219.04 156.85 -110.47
C SER AA 213 -218.78 156.20 -111.82
N ALA AA 214 -219.77 156.32 -112.71
CA ALA AA 214 -219.68 155.75 -114.05
C ALA AA 214 -220.53 156.63 -114.99
N HIS AA 215 -219.89 157.63 -115.58
CA HIS AA 215 -220.54 158.56 -116.48
C HIS AA 215 -220.12 158.26 -117.93
N TRP AA 216 -220.98 158.68 -118.85
CA TRP AA 216 -220.73 158.47 -120.27
C TRP AA 216 -219.72 159.48 -120.79
N CYS AA 217 -219.26 159.26 -122.02
CA CYS AA 217 -218.29 160.13 -122.65
C CYS AA 217 -219.02 161.22 -123.44
N LEU AA 218 -218.27 161.99 -124.23
CA LEU AA 218 -218.86 163.05 -125.04
C LEU AA 218 -219.36 162.58 -126.39
N LYS AA 219 -218.99 161.37 -126.81
CA LYS AA 219 -219.40 160.82 -128.09
C LYS AA 219 -220.74 160.08 -128.03
N ASN AA 220 -221.36 160.02 -126.85
CA ASN AA 220 -222.64 159.34 -126.66
C ASN AA 220 -222.56 157.87 -127.07
N THR AA 221 -221.42 157.23 -126.75
CA THR AA 221 -221.27 155.82 -127.11
C THR AA 221 -220.31 155.06 -126.19
N PHE AA 222 -219.83 155.67 -125.11
CA PHE AA 222 -218.91 155.00 -124.21
C PHE AA 222 -219.49 155.01 -122.79
N LYS AA 223 -218.77 154.38 -121.87
CA LYS AA 223 -219.21 154.30 -120.48
C LYS AA 223 -217.96 154.09 -119.62
N VAL AA 224 -217.36 155.19 -119.18
CA VAL AA 224 -216.15 155.17 -118.36
C VAL AA 224 -216.56 155.12 -116.90
N GLY AA 225 -216.09 154.11 -116.19
CA GLY AA 225 -216.41 153.96 -114.78
C GLY AA 225 -215.18 153.89 -113.90
N ALA AA 226 -215.06 154.82 -112.95
CA ALA AA 226 -213.94 154.89 -112.05
C ALA AA 226 -214.32 154.36 -110.67
N VAL AA 227 -213.30 153.95 -109.90
CA VAL AA 227 -213.51 153.41 -108.57
C VAL AA 227 -212.75 154.27 -107.56
N ALA AA 228 -212.87 153.92 -106.27
CA ALA AA 228 -212.19 154.66 -105.22
C ALA AA 228 -210.74 154.25 -105.05
N GLY AA 229 -210.33 153.11 -105.62
CA GLY AA 229 -208.96 152.66 -105.50
C GLY AA 229 -208.15 152.85 -106.77
N ASN AA 230 -208.42 153.96 -107.47
CA ASN AA 230 -207.72 154.29 -108.72
C ASN AA 230 -207.87 153.18 -109.75
N ASP AA 231 -209.10 152.73 -109.95
CA ASP AA 231 -209.41 151.67 -110.91
C ASP AA 231 -210.44 152.21 -111.90
N TRP AA 232 -210.00 152.49 -113.12
CA TRP AA 232 -210.85 153.03 -114.17
C TRP AA 232 -210.99 152.00 -115.29
N LEU AA 233 -212.22 151.82 -115.76
CA LEU AA 233 -212.53 150.89 -116.84
C LEU AA 233 -213.27 151.63 -117.94
N ILE AA 234 -212.89 151.36 -119.19
CA ILE AA 234 -213.50 151.98 -120.36
C ILE AA 234 -214.17 150.92 -121.21
N TRP AA 235 -215.39 151.21 -121.67
CA TRP AA 235 -216.18 150.28 -122.48
C TRP AA 235 -216.88 151.11 -123.57
N ASP AA 236 -216.16 151.39 -124.65
CA ASP AA 236 -216.70 152.16 -125.76
C ASP AA 236 -217.36 151.24 -126.77
N ILE AA 237 -218.55 151.63 -127.23
CA ILE AA 237 -219.28 150.83 -128.20
C ILE AA 237 -219.01 151.26 -129.64
N THR AA 238 -218.55 152.50 -129.85
CA THR AA 238 -218.27 152.97 -131.21
C THR AA 238 -216.92 152.51 -131.73
N ARG AA 239 -216.05 152.02 -130.85
CA ARG AA 239 -214.72 151.55 -131.23
C ARG AA 239 -214.67 150.03 -131.38
N SER AA 240 -215.72 149.44 -131.95
CA SER AA 240 -215.80 148.00 -132.15
C SER AA 240 -215.64 147.24 -130.83
N SER AA 241 -216.34 147.71 -129.79
CA SER AA 241 -216.32 147.11 -128.46
C SER AA 241 -214.89 147.03 -127.92
N TYR AA 242 -214.34 148.21 -127.63
CA TYR AA 242 -212.99 148.33 -127.12
C TYR AA 242 -213.02 148.32 -125.59
N PRO AA 243 -212.41 147.34 -124.93
CA PRO AA 243 -212.41 147.34 -123.46
C PRO AA 243 -211.04 147.64 -122.88
N GLN AA 244 -210.83 148.89 -122.49
CA GLN AA 244 -209.56 149.33 -121.91
C GLN AA 244 -209.68 149.49 -120.40
N ASN AA 245 -208.56 149.25 -119.72
CA ASN AA 245 -208.52 149.38 -118.27
C ASN AA 245 -207.15 149.90 -117.85
N LYS AA 246 -207.14 150.95 -117.04
CA LYS AA 246 -205.90 151.55 -116.58
C LYS AA 246 -205.95 151.84 -115.09
N ARG AA 247 -204.92 152.51 -114.57
CA ARG AA 247 -204.85 152.87 -113.16
C ARG AA 247 -204.30 154.29 -113.03
N PRO AA 248 -204.82 155.07 -112.08
CA PRO AA 248 -204.33 156.44 -111.92
C PRO AA 248 -203.12 156.51 -110.99
N VAL AA 249 -202.68 157.73 -110.68
CA VAL AA 249 -201.53 157.91 -109.80
C VAL AA 249 -201.94 157.72 -108.34
N HIS AA 250 -202.97 158.45 -107.91
CA HIS AA 250 -203.46 158.38 -106.54
C HIS AA 250 -204.95 158.07 -106.57
N MET AA 251 -205.56 158.04 -105.38
CA MET AA 251 -206.99 157.76 -105.27
C MET AA 251 -207.81 158.97 -105.68
N ASP AA 252 -208.95 158.71 -106.32
CA ASP AA 252 -209.87 159.74 -106.79
C ASP AA 252 -211.09 159.73 -105.89
N ARG AA 253 -211.13 160.66 -104.93
CA ARG AA 253 -212.26 160.73 -104.01
C ARG AA 253 -213.48 161.38 -104.66
N ALA AA 254 -213.28 162.29 -105.60
CA ALA AA 254 -214.36 162.97 -106.30
C ALA AA 254 -214.65 162.35 -107.66
N CYS AA 255 -214.41 161.05 -107.80
CA CYS AA 255 -214.63 160.31 -109.05
C CYS AA 255 -213.79 160.96 -110.15
N LEU AA 256 -214.33 161.15 -111.36
CA LEU AA 256 -213.59 161.76 -112.44
C LEU AA 256 -214.55 162.51 -113.34
N PHE AA 257 -214.01 163.44 -114.12
CA PHE AA 257 -214.80 164.25 -115.05
C PHE AA 257 -214.20 164.11 -116.45
N ARG AA 258 -214.98 163.58 -117.37
CA ARG AA 258 -214.52 163.40 -118.74
C ARG AA 258 -214.58 164.73 -119.51
N TRP AA 259 -213.80 164.79 -120.58
CA TRP AA 259 -213.75 165.99 -121.40
C TRP AA 259 -214.97 166.06 -122.30
N SER AA 260 -215.30 167.29 -122.72
CA SER AA 260 -216.45 167.53 -123.59
C SER AA 260 -216.11 167.34 -125.07
N THR AA 261 -214.85 167.13 -125.41
CA THR AA 261 -214.45 166.94 -126.80
C THR AA 261 -213.66 165.66 -127.02
N ILE AA 262 -212.79 165.29 -126.08
CA ILE AA 262 -211.98 164.09 -126.19
C ILE AA 262 -212.60 163.01 -125.31
N SER AA 263 -213.03 161.92 -125.94
CA SER AA 263 -213.65 160.82 -125.21
C SER AA 263 -212.63 159.94 -124.48
N GLU AA 264 -211.37 159.99 -124.89
CA GLU AA 264 -210.32 159.20 -124.27
C GLU AA 264 -209.53 159.98 -123.22
N ASN AA 265 -210.03 161.14 -122.80
CA ASN AA 265 -209.38 161.97 -121.81
C ASN AA 265 -210.29 162.17 -120.62
N LEU AA 266 -209.73 162.12 -119.41
CA LEU AA 266 -210.49 162.29 -118.19
C LEU AA 266 -209.58 162.90 -117.12
N PHE AA 267 -210.16 163.74 -116.28
CA PHE AA 267 -209.43 164.41 -115.20
C PHE AA 267 -209.97 163.93 -113.86
N ALA AA 268 -209.07 163.57 -112.95
CA ALA AA 268 -209.44 163.10 -111.63
C ALA AA 268 -208.54 163.77 -110.60
N THR AA 269 -209.15 164.42 -109.61
CA THR AA 269 -208.40 165.10 -108.57
C THR AA 269 -207.99 164.11 -107.48
N THR AA 270 -207.03 164.53 -106.67
CA THR AA 270 -206.52 163.71 -105.57
C THR AA 270 -206.14 164.63 -104.43
N GLY AA 271 -205.27 164.15 -103.54
CA GLY AA 271 -204.83 164.93 -102.41
C GLY AA 271 -203.93 164.16 -101.47
N TYR AA 272 -202.70 164.65 -101.27
CA TYR AA 272 -201.74 163.99 -100.39
C TYR AA 272 -201.76 164.67 -99.03
N PRO AA 273 -202.02 163.94 -97.94
CA PRO AA 273 -202.04 164.58 -96.62
C PRO AA 273 -200.66 164.74 -96.00
N GLY AA 274 -199.68 163.94 -96.38
CA GLY AA 274 -198.35 164.06 -95.83
C GLY AA 274 -197.54 165.23 -96.34
N LYS AA 275 -197.88 165.73 -97.53
CA LYS AA 275 -197.16 166.86 -98.13
C LYS AA 275 -198.02 168.11 -98.23
N MET AA 276 -199.30 168.04 -97.86
CA MET AA 276 -200.22 169.18 -97.91
C MET AA 276 -200.28 169.77 -99.32
N ALA AA 277 -200.50 168.90 -100.30
CA ALA AA 277 -200.60 169.31 -101.69
C ALA AA 277 -201.54 168.37 -102.43
N SER AA 278 -202.41 168.94 -103.25
CA SER AA 278 -203.38 168.18 -104.03
C SER AA 278 -203.09 168.37 -105.52
N GLN AA 279 -203.14 167.26 -106.25
CA GLN AA 279 -202.88 167.27 -107.68
C GLN AA 279 -204.06 166.63 -108.41
N PHE AA 280 -204.22 167.01 -109.68
CA PHE AA 280 -205.29 166.50 -110.54
C PHE AA 280 -204.66 165.95 -111.81
N GLN AA 281 -204.45 164.64 -111.85
CA GLN AA 281 -203.85 164.00 -113.01
C GLN AA 281 -204.88 163.85 -114.13
N ILE AA 282 -204.40 163.98 -115.36
CA ILE AA 282 -205.23 163.85 -116.55
C ILE AA 282 -205.01 162.47 -117.14
N HIS AA 283 -206.00 161.60 -117.00
CA HIS AA 283 -205.89 160.25 -117.52
C HIS AA 283 -206.15 160.23 -119.02
N HIS AA 284 -205.27 159.57 -119.77
CA HIS AA 284 -205.40 159.47 -121.22
C HIS AA 284 -204.89 158.12 -121.67
N LEU AA 285 -205.64 157.50 -122.58
CA LEU AA 285 -205.29 156.19 -123.12
C LEU AA 285 -204.19 156.35 -124.17
N GLY AA 286 -202.99 155.89 -123.85
CA GLY AA 286 -201.87 155.99 -124.78
C GLY AA 286 -200.81 156.97 -124.32
N HIS AA 287 -201.23 158.07 -123.69
CA HIS AA 287 -200.31 159.08 -123.21
C HIS AA 287 -199.77 158.69 -121.84
N PRO AA 288 -198.79 159.43 -121.32
CA PRO AA 288 -198.24 159.11 -120.01
C PRO AA 288 -198.99 159.79 -118.87
N GLN AA 289 -198.38 159.85 -117.69
CA GLN AA 289 -199.00 160.50 -116.55
C GLN AA 289 -198.84 162.01 -116.64
N PRO AA 290 -199.93 162.77 -116.77
CA PRO AA 290 -199.79 164.23 -116.87
C PRO AA 290 -200.53 164.95 -115.77
N ILE AA 291 -199.80 165.67 -114.91
CA ILE AA 291 -200.39 166.42 -113.81
C ILE AA 291 -200.25 167.91 -114.07
N LEU AA 292 -201.20 168.49 -114.79
CA LEU AA 292 -201.14 169.92 -115.10
C LEU AA 292 -201.60 170.76 -113.92
N MET AA 293 -202.47 170.24 -113.07
CA MET AA 293 -202.98 170.96 -111.91
C MET AA 293 -202.30 170.45 -110.64
N GLY AA 294 -201.88 171.38 -109.79
CA GLY AA 294 -201.22 171.02 -108.55
C GLY AA 294 -201.19 172.15 -107.55
N SER AA 295 -202.26 172.31 -106.78
CA SER AA 295 -202.35 173.35 -105.78
C SER AA 295 -201.89 172.84 -104.42
N VAL AA 296 -201.71 173.78 -103.49
CA VAL AA 296 -201.27 173.46 -102.14
C VAL AA 296 -202.42 173.30 -101.16
N ALA AA 297 -203.66 173.40 -101.64
CA ALA AA 297 -204.84 173.27 -100.80
C ALA AA 297 -205.71 172.12 -101.29
N VAL AA 298 -206.61 171.68 -100.43
CA VAL AA 298 -207.52 170.57 -100.75
C VAL AA 298 -208.65 171.10 -101.63
N GLY AA 299 -208.98 170.35 -102.68
CA GLY AA 299 -210.03 170.72 -103.60
C GLY AA 299 -211.30 169.94 -103.32
N SER AA 300 -212.42 170.67 -103.28
CA SER AA 300 -213.72 170.06 -103.00
C SER AA 300 -214.37 169.51 -104.28
N GLY AA 301 -214.18 170.18 -105.41
CA GLY AA 301 -214.76 169.72 -106.65
C GLY AA 301 -214.07 170.35 -107.83
N LEU AA 302 -214.33 169.78 -109.01
CA LEU AA 302 -213.74 170.27 -110.25
C LEU AA 302 -214.67 169.93 -111.40
N SER AA 303 -214.67 170.80 -112.42
CA SER AA 303 -215.51 170.61 -113.59
C SER AA 303 -214.83 171.26 -114.79
N TRP AA 304 -214.91 170.59 -115.93
CA TRP AA 304 -214.31 171.09 -117.16
C TRP AA 304 -215.28 172.00 -117.90
N HIS AA 305 -214.74 172.90 -118.71
CA HIS AA 305 -215.53 173.83 -119.48
C HIS AA 305 -216.01 173.18 -120.77
N ARG AA 306 -216.84 173.91 -121.52
CA ARG AA 306 -217.38 173.41 -122.78
C ARG AA 306 -216.39 173.56 -123.94
N THR AA 307 -215.35 174.37 -123.78
CA THR AA 307 -214.35 174.57 -124.84
C THR AA 307 -213.20 173.58 -124.77
N LEU AA 308 -213.22 172.65 -123.79
CA LEU AA 308 -212.19 171.64 -123.61
C LEU AA 308 -210.82 172.30 -123.45
N PRO AA 309 -210.71 173.36 -122.66
CA PRO AA 309 -209.40 174.02 -122.48
C PRO AA 309 -209.22 174.56 -121.08
N LEU AA 310 -210.30 175.07 -120.49
CA LEU AA 310 -210.27 175.62 -119.14
C LEU AA 310 -210.88 174.64 -118.14
N CYS AA 311 -210.34 174.64 -116.93
CA CYS AA 311 -210.80 173.78 -115.86
C CYS AA 311 -211.21 174.64 -114.67
N VAL AA 312 -212.48 174.55 -114.29
CA VAL AA 312 -213.03 175.32 -113.17
C VAL AA 312 -213.00 174.39 -111.96
N ILE AA 313 -211.92 174.46 -111.19
CA ILE AA 313 -211.73 173.65 -110.01
C ILE AA 313 -212.17 174.46 -108.79
N GLY AA 314 -213.15 173.95 -108.05
CA GLY AA 314 -213.67 174.63 -106.88
C GLY AA 314 -212.97 174.21 -105.60
N GLY AA 315 -212.37 175.17 -104.91
CA GLY AA 315 -211.66 174.93 -103.67
C GLY AA 315 -212.58 174.97 -102.46
N ASP AA 316 -211.97 175.19 -101.31
CA ASP AA 316 -212.70 175.26 -100.05
C ASP AA 316 -213.06 176.69 -99.64
N HIS AA 317 -212.52 177.69 -100.33
CA HIS AA 317 -212.81 179.09 -99.99
C HIS AA 317 -212.76 179.96 -101.24
N LYS AA 318 -212.31 179.39 -102.36
CA LYS AA 318 -212.20 180.12 -103.61
C LYS AA 318 -212.48 179.15 -104.76
N LEU AA 319 -212.30 179.63 -105.98
CA LEU AA 319 -212.52 178.80 -107.17
C LEU AA 319 -211.60 179.30 -108.26
N LEU AA 320 -210.60 178.47 -108.61
CA LEU AA 320 -209.64 178.83 -109.65
C LEU AA 320 -210.18 178.46 -111.03
N PHE AA 321 -209.51 178.98 -112.06
CA PHE AA 321 -209.90 178.73 -113.46
C PHE AA 321 -208.61 178.72 -114.29
N TRP AA 322 -207.94 177.57 -114.30
CA TRP AA 322 -206.70 177.40 -115.04
C TRP AA 322 -207.00 176.90 -116.45
N VAL AA 323 -206.17 177.33 -117.40
CA VAL AA 323 -206.30 176.96 -118.81
C VAL AA 323 -205.04 176.20 -119.21
N THR AA 324 -205.23 175.00 -119.75
CA THR AA 324 -204.10 174.17 -120.18
C THR AA 324 -203.81 174.39 -121.66
N LYS BA 518 6.65 203.81 294.89
CA LYS BA 518 6.80 204.62 296.10
C LYS BA 518 8.09 205.41 296.08
N ILE BA 519 8.57 205.79 297.27
CA ILE BA 519 9.81 206.56 297.36
C ILE BA 519 11.03 205.65 297.18
N LYS BA 520 10.89 204.36 297.50
CA LYS BA 520 12.02 203.44 297.36
C LYS BA 520 12.24 203.03 295.91
N LEU BA 521 11.19 203.05 295.09
CA LEU BA 521 11.34 202.67 293.69
C LEU BA 521 11.97 203.78 292.86
N LEU BA 522 11.71 205.04 293.20
CA LEU BA 522 12.29 206.15 292.45
C LEU BA 522 13.74 206.38 292.82
N LYS BA 523 14.14 206.06 294.06
CA LYS BA 523 15.53 206.25 294.47
C LYS BA 523 16.44 205.18 293.90
N ALA BA 524 15.91 203.98 293.63
CA ALA BA 524 16.75 202.91 293.08
C ALA BA 524 17.03 203.13 291.60
N ALA BA 525 16.08 203.72 290.86
CA ALA BA 525 16.29 203.96 289.45
C ALA BA 525 17.21 205.16 289.20
N PHE BA 526 17.22 206.12 290.12
CA PHE BA 526 18.09 207.29 289.93
C PHE BA 526 19.54 206.96 290.24
N LEU BA 527 19.78 205.98 291.12
CA LEU BA 527 21.16 205.62 291.45
C LEU BA 527 21.81 204.79 290.35
N GLN BA 528 21.02 203.99 289.64
CA GLN BA 528 21.56 203.16 288.57
C GLN BA 528 21.84 203.96 287.30
N TYR BA 529 21.18 205.11 287.12
CA TYR BA 529 21.41 205.91 285.92
C TYR BA 529 22.73 206.68 285.99
N CYS BA 530 23.20 207.00 287.20
CA CYS BA 530 24.46 207.73 287.33
C CYS BA 530 25.66 206.82 287.08
N ARG BA 531 25.54 205.53 287.40
CA ARG BA 531 26.62 204.58 287.19
C ARG BA 531 26.62 203.96 285.80
N LYS BA 532 25.61 204.27 284.97
CA LYS BA 532 25.55 203.72 283.62
C LYS BA 532 26.48 204.43 282.64
N ASP BA 533 27.03 205.59 283.01
CA ASP BA 533 27.94 206.29 282.12
C ASP BA 533 29.32 205.66 282.06
N LEU BA 534 29.72 204.92 283.10
CA LEU BA 534 31.01 204.26 283.14
C LEU BA 534 30.93 202.74 283.07
N GLY BA 535 29.84 202.15 283.55
CA GLY BA 535 29.67 200.71 283.52
C GLY BA 535 28.40 200.31 282.79
N HIS BA 536 28.20 198.99 282.69
CA HIS BA 536 27.04 198.43 282.02
C HIS BA 536 26.58 197.15 282.71
N ALA BA 537 27.40 196.64 283.63
CA ALA BA 537 27.05 195.41 284.32
C ALA BA 537 26.03 195.67 285.44
N GLN BA 538 26.26 196.72 286.23
CA GLN BA 538 25.34 197.03 287.31
C GLN BA 538 23.98 197.49 286.78
N MET BA 539 23.99 198.26 285.69
CA MET BA 539 22.73 198.72 285.10
C MET BA 539 21.94 197.57 284.51
N VAL BA 540 22.61 196.54 284.03
CA VAL BA 540 21.90 195.38 283.48
C VAL BA 540 21.47 194.43 284.59
N VAL BA 541 22.21 194.39 285.71
CA VAL BA 541 21.83 193.52 286.80
C VAL BA 541 20.69 194.11 287.61
N ASP BA 542 20.63 195.43 287.74
CA ASP BA 542 19.55 196.07 288.50
C ASP BA 542 18.25 196.11 287.71
N GLU BA 543 18.32 196.20 286.38
CA GLU BA 543 17.12 196.24 285.56
C GLU BA 543 16.52 194.87 285.32
N LEU BA 544 17.28 193.80 285.55
CA LEU BA 544 16.76 192.45 285.35
C LEU BA 544 15.84 192.03 286.48
N PHE BA 545 16.20 192.35 287.72
CA PHE BA 545 15.38 192.00 288.88
C PHE BA 545 14.16 192.89 289.02
N SER BA 546 14.20 194.11 288.48
CA SER BA 546 13.06 195.01 288.59
C SER BA 546 11.88 194.51 287.77
N SER BA 547 12.14 193.93 286.60
CA SER BA 547 11.07 193.40 285.77
C SER BA 547 10.48 192.10 286.30
N HIS BA 548 11.18 191.44 287.22
CA HIS BA 548 10.70 190.18 287.81
C HIS BA 548 10.07 190.36 289.17
N SER BA 549 10.51 191.36 289.95
CA SER BA 549 9.97 191.62 291.27
C SER BA 549 8.76 192.55 291.25
N ASP BA 550 8.33 192.99 290.08
CA ASP BA 550 7.18 193.89 289.97
C ASP BA 550 5.90 193.08 289.75
N LEU BA 551 4.79 193.79 289.60
CA LEU BA 551 3.51 193.13 289.40
C LEU BA 551 3.32 192.70 287.94
N ASP BA 552 3.95 193.41 287.00
CA ASP BA 552 3.86 193.12 285.58
C ASP BA 552 2.41 193.15 285.09
N SER BA 553 1.85 194.37 285.12
CA SER BA 553 0.48 194.60 284.70
C SER BA 553 0.42 195.85 283.84
N ASP BA 554 -0.48 195.82 282.84
CA ASP BA 554 -0.66 196.94 281.92
C ASP BA 554 -1.83 197.84 282.31
N SER BA 555 -2.26 197.78 283.57
CA SER BA 555 -3.36 198.61 284.05
C SER BA 555 -2.92 199.58 285.13
N GLU BA 556 -2.50 199.09 286.29
CA GLU BA 556 -2.04 199.94 287.38
C GLU BA 556 -0.54 199.86 287.62
N LEU BA 557 0.09 198.73 287.31
CA LEU BA 557 1.53 198.60 287.50
C LEU BA 557 2.33 199.34 286.43
N ASP BA 558 1.74 199.52 285.24
CA ASP BA 558 2.45 200.23 284.18
C ASP BA 558 2.51 201.73 284.44
N ARG BA 559 1.54 202.26 285.20
CA ARG BA 559 1.55 203.68 285.48
C ARG BA 559 2.56 204.03 286.58
N ALA BA 560 2.94 203.05 287.40
CA ALA BA 560 3.90 203.33 288.46
C ALA BA 560 5.33 203.40 287.93
N VAL BA 561 5.60 202.74 286.79
CA VAL BA 561 6.94 202.77 286.22
C VAL BA 561 7.18 204.08 285.49
N THR BA 562 6.14 204.67 284.90
CA THR BA 562 6.30 205.93 284.17
C THR BA 562 6.41 207.11 285.13
N GLN BA 563 5.84 207.00 286.33
CA GLN BA 563 5.93 208.10 287.29
C GLN BA 563 7.35 208.32 287.78
N ILE BA 564 8.15 207.25 287.87
CA ILE BA 564 9.53 207.39 288.30
C ILE BA 564 10.37 208.02 287.17
N SER BA 565 10.11 207.62 285.93
CA SER BA 565 10.86 208.18 284.81
C SER BA 565 10.51 209.66 284.60
N VAL BA 566 9.23 210.01 284.79
CA VAL BA 566 8.83 211.41 284.63
C VAL BA 566 9.44 212.28 285.72
N ASP BA 567 9.63 211.72 286.92
CA ASP BA 567 10.26 212.47 288.00
C ASP BA 567 11.76 212.57 287.83
N LEU BA 568 12.39 211.52 287.28
CA LEU BA 568 13.84 211.56 287.06
C LEU BA 568 14.21 212.45 285.89
N MET BA 569 13.35 212.52 284.86
CA MET BA 569 13.64 213.38 283.72
C MET BA 569 13.42 214.85 284.04
N ASP BA 570 12.45 215.16 284.91
CA ASP BA 570 12.20 216.55 285.27
C ASP BA 570 13.22 217.07 286.27
N ASP BA 571 13.80 216.19 287.09
CA ASP BA 571 14.80 216.63 288.06
C ASP BA 571 16.15 216.90 287.42
N TYR BA 572 16.41 216.31 286.26
CA TYR BA 572 17.67 216.51 285.56
C TYR BA 572 17.70 217.88 284.90
N PRO BA 573 16.55 218.38 284.41
CA PRO BA 573 16.53 219.70 283.78
C PRO BA 573 16.52 220.86 284.77
N ALA BA 574 16.29 220.59 286.06
CA ALA BA 574 16.26 221.62 287.08
C ALA BA 574 17.50 221.59 287.98
N SER BA 575 18.56 220.92 287.53
CA SER BA 575 19.81 220.81 288.28
C SER BA 575 19.59 220.25 289.68
N ILE BA 596 27.45 231.18 285.49
CA ILE BA 596 27.52 230.36 284.29
C ILE BA 596 26.12 229.88 283.91
N ILE BA 597 25.28 230.81 283.46
CA ILE BA 597 23.92 230.44 283.08
C ILE BA 597 23.91 229.76 281.71
N LEU BA 598 24.88 230.07 280.85
CA LEU BA 598 24.92 229.45 279.53
C LEU BA 598 25.41 228.00 279.60
N HIS BA 599 26.36 227.73 280.50
CA HIS BA 599 26.88 226.37 280.62
C HIS BA 599 25.90 225.46 281.37
N GLN BA 600 25.14 226.01 282.31
CA GLN BA 600 24.18 225.21 283.06
C GLN BA 600 23.02 224.76 282.17
N LEU BA 601 22.60 225.60 281.22
CA LEU BA 601 21.54 225.20 280.31
C LEU BA 601 22.01 224.19 279.29
N GLU BA 602 23.31 224.18 278.97
CA GLU BA 602 23.83 223.21 278.02
C GLU BA 602 24.12 221.87 278.69
N ASP BA 603 24.63 221.89 279.92
CA ASP BA 603 24.91 220.64 280.62
C ASP BA 603 23.63 219.88 280.94
N LYS BA 604 22.57 220.60 281.33
CA LYS BA 604 21.31 219.95 281.62
C LYS BA 604 20.68 219.34 280.37
N MET BA 605 20.88 219.98 279.21
CA MET BA 605 20.37 219.43 277.97
C MET BA 605 21.19 218.26 277.47
N LYS BA 606 22.51 218.29 277.70
CA LYS BA 606 23.36 217.18 277.27
C LYS BA 606 23.18 215.96 278.19
N ALA BA 607 22.91 216.18 279.46
CA ALA BA 607 22.71 215.06 280.38
C ALA BA 607 21.35 214.40 280.18
N HIS BA 608 20.38 215.15 279.65
CA HIS BA 608 19.05 214.58 279.41
C HIS BA 608 19.06 213.63 278.23
N SER BA 609 19.93 213.85 277.25
CA SER BA 609 19.99 212.95 276.09
C SER BA 609 20.66 211.62 276.45
N PHE BA 610 21.57 211.64 277.42
CA PHE BA 610 22.24 210.39 277.81
C PHE BA 610 21.33 209.51 278.66
N LEU BA 611 20.38 210.12 279.38
CA LEU BA 611 19.46 209.32 280.19
C LEU BA 611 18.41 208.62 279.34
N MET BA 612 18.01 209.23 278.21
CA MET BA 612 17.03 208.60 277.34
C MET BA 612 17.64 207.47 276.52
N ASP BA 613 18.93 207.58 276.17
CA ASP BA 613 19.58 206.54 275.40
C ASP BA 613 19.92 205.33 276.26
N PHE BA 614 20.21 205.54 277.55
CA PHE BA 614 20.53 204.41 278.42
C PHE BA 614 19.29 203.63 278.81
N ILE BA 615 18.12 204.27 278.81
CA ILE BA 615 16.89 203.56 279.15
C ILE BA 615 16.40 202.71 277.99
N HIS BA 616 16.76 203.07 276.75
CA HIS BA 616 16.33 202.30 275.60
C HIS BA 616 17.12 201.00 275.47
N GLN BA 617 18.35 200.98 275.97
CA GLN BA 617 19.17 199.76 275.89
C GLN BA 617 18.76 198.74 276.94
N VAL BA 618 18.14 199.18 278.03
CA VAL BA 618 17.70 198.27 279.09
C VAL BA 618 16.22 197.97 278.90
N GLY BA 619 15.40 199.01 278.88
CA GLY BA 619 13.97 198.84 278.70
C GLY BA 619 13.22 198.52 279.98
N LEU BA 620 12.26 199.34 280.42
CA LEU BA 620 11.77 200.59 279.81
C LEU BA 620 11.32 200.44 278.35
N PHE BA 621 10.49 199.44 278.08
CA PHE BA 621 9.99 199.17 276.74
C PHE BA 621 8.63 199.81 276.50
N GLY BA 622 8.24 200.79 277.30
CA GLY BA 622 6.96 201.46 277.13
C GLY BA 622 6.62 202.40 278.26
N ARG BA 623 5.62 202.05 279.06
CA ARG BA 623 5.16 202.84 280.20
C ARG BA 623 4.75 204.24 279.76
N LEU BA 624 3.58 204.30 279.13
CA LEU BA 624 3.03 205.55 278.63
C LEU BA 624 1.98 206.06 279.62
N GLY BA 625 2.24 207.23 280.19
CA GLY BA 625 1.33 207.82 281.16
C GLY BA 625 1.08 209.29 280.91
N SER BA 626 0.56 209.63 279.73
CA SER BA 626 0.30 211.03 279.40
C SER BA 626 -1.07 211.46 279.93
N PHE BA 627 -2.14 210.89 279.38
CA PHE BA 627 -3.53 211.17 279.76
C PHE BA 627 -3.81 212.67 279.61
N PRO BA 628 -4.07 213.37 280.72
CA PRO BA 628 -4.35 214.80 280.63
C PRO BA 628 -3.42 215.64 281.49
N VAL BA 629 -3.14 216.88 281.06
CA VAL BA 629 -2.27 217.80 281.76
C VAL BA 629 -0.90 217.17 281.96
N ARG BA 630 -0.69 216.55 283.10
CA ARG BA 630 0.59 215.90 283.40
C ARG BA 630 0.55 214.43 283.05
N LEU BA 638 5.69 208.39 276.68
CA LEU BA 638 6.59 208.66 275.57
C LEU BA 638 6.60 210.15 275.23
N LEU BA 639 5.45 210.81 275.45
CA LEU BA 639 5.35 212.24 275.17
C LEU BA 639 5.99 213.11 276.24
N LEU BA 640 6.16 212.57 277.45
CA LEU BA 640 6.77 213.37 278.52
C LEU BA 640 8.22 213.69 278.21
N CYS BA 641 8.98 212.72 277.69
CA CYS BA 641 10.37 212.97 277.35
C CYS BA 641 10.49 213.98 276.22
N GLU BA 642 9.61 213.89 275.21
CA GLU BA 642 9.63 214.85 274.12
C GLU BA 642 9.27 216.26 274.61
N HIS BA 643 8.28 216.35 275.52
CA HIS BA 643 7.92 217.66 276.07
C HIS BA 643 9.07 218.24 276.89
N ALA BA 644 9.75 217.40 277.67
CA ALA BA 644 10.89 217.88 278.46
C ALA BA 644 12.02 218.35 277.56
N GLU BA 645 12.28 217.60 276.49
CA GLU BA 645 13.33 218.01 275.54
C GLU BA 645 12.97 219.32 274.86
N LYS BA 646 11.70 219.48 274.47
CA LYS BA 646 11.29 220.73 273.85
C LYS BA 646 11.40 221.90 274.82
N LEU BA 647 11.03 221.69 276.08
CA LEU BA 647 11.15 222.75 277.08
C LEU BA 647 12.60 223.12 277.33
N SER BA 648 13.49 222.11 277.38
CA SER BA 648 14.91 222.38 277.57
C SER BA 648 15.51 223.09 276.37
N ALA BA 649 15.04 222.78 275.16
CA ALA BA 649 15.55 223.46 273.98
C ALA BA 649 15.03 224.89 273.88
N ALA BA 650 13.80 225.12 274.33
CA ALA BA 650 13.24 226.47 274.30
C ALA BA 650 13.80 227.35 275.41
N ILE BA 651 14.14 226.77 276.56
CA ILE BA 651 14.69 227.57 277.65
C ILE BA 651 16.13 227.94 277.37
N VAL BA 652 16.83 227.18 276.52
CA VAL BA 652 18.21 227.50 276.21
C VAL BA 652 18.30 228.60 275.16
N LEU BA 653 17.24 228.80 274.38
CA LEU BA 653 17.25 229.84 273.35
C LEU BA 653 16.98 231.22 273.94
N LYS BA 654 16.21 231.29 275.02
CA LYS BA 654 15.90 232.57 275.65
C LYS BA 654 17.05 233.10 276.50
N ASN BA 655 17.95 232.22 276.94
CA ASN BA 655 19.08 232.67 277.77
C ASN BA 655 20.19 233.30 276.92
N HIS BA 656 20.25 232.98 275.63
CA HIS BA 656 21.29 233.54 274.78
C HIS BA 656 20.96 234.97 274.37
N HIS BA 657 19.67 235.34 274.34
CA HIS BA 657 19.27 236.68 273.96
C HIS BA 657 18.82 237.47 275.19
N SER BA 658 19.66 237.50 276.22
CA SER BA 658 19.33 238.22 277.44
C SER BA 658 19.53 239.72 277.22
N ARG BA 659 18.46 240.49 277.37
CA ARG BA 659 18.49 241.93 277.21
C ARG BA 659 17.80 242.59 278.40
N LEU BA 660 17.64 243.92 278.32
CA LEU BA 660 17.01 244.67 279.40
C LEU BA 660 15.49 244.52 279.39
N SER BA 661 14.89 244.20 278.24
CA SER BA 661 13.44 244.05 278.19
C SER BA 661 13.00 242.68 278.68
N ASP BA 662 13.79 241.65 278.40
CA ASP BA 662 13.43 240.30 278.84
C ASP BA 662 13.74 240.09 280.32
N LEU BA 663 14.74 240.77 280.87
CA LEU BA 663 15.08 240.61 282.27
C LEU BA 663 13.96 241.12 283.17
N VAL BA 664 13.37 242.28 282.83
CA VAL BA 664 12.28 242.82 283.62
C VAL BA 664 11.07 241.90 283.56
N ASN BA 665 10.77 241.35 282.38
CA ASN BA 665 9.65 240.43 282.26
C ASN BA 665 9.89 239.17 283.07
N THR BA 666 11.12 238.64 283.04
CA THR BA 666 11.42 237.44 283.82
C THR BA 666 11.32 237.72 285.31
N ALA BA 667 11.78 238.90 285.75
CA ALA BA 667 11.68 239.24 287.16
C ALA BA 667 10.24 239.46 287.61
N ILE BA 668 9.40 239.99 286.71
CA ILE BA 668 7.99 240.17 287.05
C ILE BA 668 7.25 238.84 287.06
N LEU BA 669 7.64 237.90 286.19
CA LEU BA 669 6.99 236.60 286.16
C LEU BA 669 7.44 235.72 287.30
N ILE BA 670 8.68 235.85 287.76
CA ILE BA 670 9.17 235.03 288.85
C ILE BA 670 8.64 235.52 290.18
N ALA BA 671 8.28 236.80 290.28
CA ALA BA 671 7.75 237.37 291.52
C ALA BA 671 6.25 237.23 291.64
N LEU BA 672 5.54 237.04 290.53
CA LEU BA 672 4.08 236.90 290.59
C LEU BA 672 3.66 235.50 291.04
N ASN BA 673 4.50 234.49 290.81
CA ASN BA 673 4.16 233.13 291.21
C ASN BA 673 4.51 232.89 292.68
N LYS BA 674 5.75 233.20 293.07
CA LYS BA 674 6.18 233.01 294.44
C LYS BA 674 7.20 234.10 294.77
N ARG BA 675 7.87 233.95 295.91
CA ARG BA 675 8.88 234.90 296.36
C ARG BA 675 10.27 234.36 296.10
N GLU BA 676 11.21 235.28 295.87
CA GLU BA 676 12.59 234.94 295.60
C GLU BA 676 13.44 235.13 296.85
N TYR BA 677 14.61 234.49 296.86
CA TYR BA 677 15.53 234.58 297.98
C TYR BA 677 16.31 235.88 297.93
N GLU BA 678 16.50 236.50 299.10
CA GLU BA 678 17.22 237.75 299.20
C GLU BA 678 18.72 237.57 299.26
N ILE BA 679 19.21 236.35 299.44
CA ILE BA 679 20.64 236.08 299.52
C ILE BA 679 21.19 235.97 298.10
N PRO BA 680 21.59 237.11 297.47
CA PRO BA 680 22.13 237.07 296.10
C PRO BA 680 21.28 236.27 295.13
N SER BA 681 21.93 235.56 294.20
CA SER BA 681 21.26 234.75 293.19
C SER BA 681 20.28 235.58 292.37
N ASN BA 682 20.74 236.76 291.94
CA ASN BA 682 19.92 237.67 291.14
C ASN BA 682 19.88 237.17 289.70
N LEU BA 683 18.92 236.29 289.43
CA LEU BA 683 18.74 235.70 288.10
C LEU BA 683 17.37 235.95 287.50
N THR BA 684 16.26 235.66 288.20
CA THR BA 684 16.20 235.10 289.55
C THR BA 684 15.79 233.63 289.52
N PRO BA 685 15.11 233.22 288.45
CA PRO BA 685 14.68 231.82 288.35
C PRO BA 685 15.12 231.17 287.05
N ALA BA 686 16.11 230.28 287.14
CA ALA BA 686 16.63 229.58 285.97
C ALA BA 686 16.46 228.07 286.05
N ASP BA 687 16.62 227.48 287.24
CA ASP BA 687 16.46 226.03 287.37
C ASP BA 687 15.00 225.64 287.50
N VAL BA 688 14.22 226.38 288.30
CA VAL BA 688 12.81 226.08 288.47
C VAL BA 688 11.99 226.50 287.26
N PHE BA 689 12.49 227.43 286.46
CA PHE BA 689 11.79 227.90 285.27
C PHE BA 689 12.04 227.03 284.04
N PHE BA 690 12.90 226.02 284.16
CA PHE BA 690 13.18 225.15 283.01
C PHE BA 690 12.05 224.15 282.78
N ARG BA 691 11.55 223.54 283.85
CA ARG BA 691 10.47 222.57 283.71
C ARG BA 691 9.13 223.26 283.46
N GLU BA 692 8.97 224.49 283.97
CA GLU BA 692 7.73 225.23 283.78
C GLU BA 692 7.91 226.33 282.75
N VAL BA 693 8.18 225.94 281.49
CA VAL BA 693 8.37 226.91 280.43
C VAL BA 693 7.07 227.52 279.95
N SER BA 694 5.92 226.92 280.28
CA SER BA 694 4.65 227.47 279.85
C SER BA 694 4.25 228.71 280.66
N GLN BA 695 4.75 228.82 281.89
CA GLN BA 695 4.43 229.97 282.72
C GLN BA 695 5.19 231.22 282.30
N VAL BA 696 6.39 231.07 281.76
CA VAL BA 696 7.16 232.23 281.32
C VAL BA 696 6.63 232.78 280.01
N ASP BA 697 6.14 231.91 279.12
CA ASP BA 697 5.62 232.36 277.83
C ASP BA 697 4.26 233.05 277.99
N THR BA 698 3.41 232.55 278.90
CA THR BA 698 2.10 233.16 279.08
C THR BA 698 2.20 234.49 279.82
N ILE BA 699 3.17 234.61 280.74
CA ILE BA 699 3.34 235.86 281.48
C ILE BA 699 4.10 236.91 280.69
N CYS BA 700 4.70 236.54 279.56
CA CYS BA 700 5.43 237.53 278.76
C CYS BA 700 4.50 238.49 278.03
N GLU BA 701 3.27 238.05 277.74
CA GLU BA 701 2.32 238.92 277.06
C GLU BA 701 1.74 239.96 278.00
N CYS BA 702 1.71 239.69 279.30
CA CYS BA 702 1.18 240.66 280.26
C CYS BA 702 2.15 241.81 280.50
N LEU BA 703 3.45 241.56 280.39
CA LEU BA 703 4.42 242.62 280.60
C LEU BA 703 4.46 243.59 279.42
N LEU BA 704 4.30 243.08 278.19
CA LEU BA 704 4.31 243.95 277.02
C LEU BA 704 3.00 244.71 276.87
N GLU BA 705 1.89 244.16 277.37
CA GLU BA 705 0.61 244.84 277.26
C GLU BA 705 0.49 245.98 278.27
N HIS BA 706 1.19 245.89 279.40
CA HIS BA 706 1.13 246.95 280.40
C HIS BA 706 1.92 248.18 279.95
N GLU BA 707 3.05 247.98 279.27
CA GLU BA 707 3.85 249.09 278.79
C GLU BA 707 3.29 249.74 277.54
N GLU BA 708 2.39 249.05 276.82
CA GLU BA 708 1.81 249.60 275.61
C GLU BA 708 0.72 250.63 275.91
N GLN BA 709 0.17 250.64 277.12
CA GLN BA 709 -0.87 251.60 277.46
C GLN BA 709 -0.29 252.99 277.73
N VAL BA 710 0.88 253.06 278.35
CA VAL BA 710 1.52 254.33 278.65
C VAL BA 710 2.54 254.73 277.59
N LEU BA 711 2.59 254.00 276.48
CA LEU BA 711 3.53 254.31 275.41
C LEU BA 711 3.02 255.38 274.46
N ARG BA 712 1.73 255.71 274.53
CA ARG BA 712 1.12 256.73 273.68
C ARG BA 712 1.31 256.39 272.20
N ASP BA 713 0.80 255.23 271.80
CA ASP BA 713 0.91 254.78 270.42
C ASP BA 713 -0.44 254.86 269.70
N SER BA 718 6.11 257.21 269.94
CA SER BA 718 5.31 256.32 269.09
C SER BA 718 6.18 255.55 268.12
N ILE BA 719 7.28 256.18 267.70
CA ILE BA 719 8.19 255.54 266.76
C ILE BA 719 9.01 254.46 267.46
N GLU BA 720 9.72 254.84 268.53
CA GLU BA 720 10.54 253.88 269.27
C GLU BA 720 9.70 252.96 270.15
N TRP BA 721 8.44 253.30 270.41
CA TRP BA 721 7.60 252.44 271.24
C TRP BA 721 7.11 251.21 270.48
N ALA BA 722 7.03 251.31 269.15
CA ALA BA 722 6.57 250.18 268.35
C ALA BA 722 7.64 249.09 268.23
N GLU BA 723 8.91 249.43 268.41
CA GLU BA 723 9.98 248.44 268.32
C GLU BA 723 10.05 247.53 269.54
N VAL BA 724 9.46 247.95 270.68
CA VAL BA 724 9.48 247.10 271.87
C VAL BA 724 8.49 245.97 271.74
N VAL BA 725 7.39 246.19 271.02
CA VAL BA 725 6.40 245.12 270.85
C VAL BA 725 6.88 244.08 269.84
N ILE BA 726 7.70 244.48 268.88
CA ILE BA 726 8.20 243.53 267.90
C ILE BA 726 9.30 242.65 268.49
N ASN BA 727 10.06 243.18 269.46
CA ASN BA 727 11.12 242.40 270.07
C ASN BA 727 10.57 241.22 270.86
N VAL BA 728 9.41 241.39 271.49
CA VAL BA 728 8.80 240.27 272.22
C VAL BA 728 8.22 239.25 271.25
N ASN BA 729 7.63 239.73 270.15
CA ASN BA 729 7.08 238.81 269.16
C ASN BA 729 8.18 237.98 268.50
N ASN BA 730 9.31 238.61 268.19
CA ASN BA 730 10.42 237.88 267.59
C ASN BA 730 10.98 236.84 268.55
N ILE BA 731 11.07 237.19 269.84
CA ILE BA 731 11.58 236.23 270.82
C ILE BA 731 10.60 235.09 271.02
N LEU BA 732 9.30 235.37 270.93
CA LEU BA 732 8.31 234.30 271.07
C LEU BA 732 8.30 233.40 269.85
N LYS BA 733 8.54 233.96 268.67
CA LYS BA 733 8.57 233.15 267.44
C LYS BA 733 9.85 232.33 267.35
N ASP BA 734 10.96 232.86 267.85
CA ASP BA 734 12.22 232.12 267.80
C ASP BA 734 12.23 230.97 268.81
N MET BA 735 11.51 231.11 269.92
CA MET BA 735 11.46 230.03 270.90
C MET BA 735 10.58 228.88 270.43
N LEU BA 736 9.51 229.18 269.70
CA LEU BA 736 8.63 228.12 269.20
C LEU BA 736 9.24 227.38 268.02
N GLN BA 737 10.15 228.02 267.29
CA GLN BA 737 10.79 227.37 266.15
C GLN BA 737 11.84 226.36 266.60
N ALA BA 738 12.39 226.55 267.81
CA ALA BA 738 13.40 225.62 268.30
C ALA BA 738 12.78 224.31 268.76
N ALA BA 739 11.54 224.34 269.23
CA ALA BA 739 10.88 223.12 269.68
C ALA BA 739 10.43 222.24 268.51
N SER BA 740 10.07 222.86 267.38
CA SER BA 740 9.64 222.09 266.21
C SER BA 740 10.82 221.45 265.49
N HIS BA 741 11.99 222.09 265.52
CA HIS BA 741 13.16 221.52 264.86
C HIS BA 741 13.77 220.37 265.65
N TYR BA 742 13.61 220.36 266.97
CA TYR BA 742 14.15 219.28 267.79
C TYR BA 742 13.31 218.01 267.69
N ARG BA 743 12.02 218.15 267.37
CA ARG BA 743 11.17 216.98 267.26
C ARG BA 743 11.40 216.21 265.96
N GLN BA 744 11.90 216.89 264.92
CA GLN BA 744 12.16 216.23 263.65
C GLN BA 744 13.43 215.39 263.67
N ASN BA 745 14.34 215.63 264.61
CA ASN BA 745 15.59 214.90 264.72
C ASN BA 745 15.52 213.80 265.78
N ARG BA 746 14.33 213.45 266.25
CA ARG BA 746 14.18 212.41 267.26
C ARG BA 746 14.25 211.02 266.64
N ARG BA 775 -4.50 225.35 276.67
CA ARG BA 775 -5.42 226.44 276.93
C ARG BA 775 -4.66 227.72 277.29
N THR BA 776 -3.56 227.56 278.03
CA THR BA 776 -2.76 228.72 278.43
C THR BA 776 -1.85 229.19 277.29
N VAL BA 777 -1.22 228.25 276.59
CA VAL BA 777 -0.32 228.61 275.50
C VAL BA 777 -1.08 228.95 274.23
N ILE BA 778 -2.33 228.53 274.10
CA ILE BA 778 -3.11 228.82 272.90
C ILE BA 778 -3.63 230.25 272.92
N ILE BA 779 -3.91 230.79 274.11
CA ILE BA 779 -4.41 232.16 274.20
C ILE BA 779 -3.29 233.18 274.03
N ARG BA 780 -2.06 232.80 274.38
CA ARG BA 780 -0.94 233.72 274.25
C ARG BA 780 -0.66 234.04 272.79
N GLN BA 781 -0.84 233.08 271.90
CA GLN BA 781 -0.63 233.34 270.47
C GLN BA 781 -1.78 234.15 269.90
N HIS BA 782 -3.01 233.85 270.30
CA HIS BA 782 -4.17 234.60 269.80
C HIS BA 782 -4.14 236.06 270.27
N GLU BA 783 -3.66 236.31 271.49
CA GLU BA 783 -3.55 237.68 271.97
C GLU BA 783 -2.42 238.42 271.26
N ILE BA 784 -1.31 237.73 271.01
CA ILE BA 784 -0.18 238.36 270.31
C ILE BA 784 -0.56 238.70 268.88
N VAL BA 785 -1.31 237.82 268.22
CA VAL BA 785 -1.74 238.09 266.85
C VAL BA 785 -2.67 239.30 266.81
N LEU BA 786 -3.59 239.40 267.78
CA LEU BA 786 -4.48 240.55 267.83
C LEU BA 786 -3.73 241.84 268.12
N LYS BA 787 -2.74 241.78 269.02
CA LYS BA 787 -1.94 242.96 269.32
C LYS BA 787 -1.09 243.40 268.13
N VAL BA 788 -0.61 242.45 267.34
CA VAL BA 788 0.17 242.79 266.16
C VAL BA 788 -0.73 243.33 265.05
N ALA BA 789 -1.97 242.84 264.96
CA ALA BA 789 -2.89 243.32 263.94
C ALA BA 789 -3.43 244.71 264.29
N TYR BA 790 -3.63 245.00 265.57
CA TYR BA 790 -4.14 246.30 265.99
C TYR BA 790 -3.06 247.36 265.82
N PRO BA 791 -1.78 246.99 265.94
CA PRO BA 791 -0.70 247.98 265.78
C PRO BA 791 -0.19 248.15 264.36
N GLN BA 792 -0.74 247.41 263.39
CA GLN BA 792 -0.31 247.51 262.01
C GLN BA 792 -1.00 248.65 261.25
N ALA BA 793 -2.00 249.29 261.86
CA ALA BA 793 -2.71 250.39 261.21
C ALA BA 793 -2.11 251.75 261.53
N ASP BA 794 -1.02 251.81 262.28
CA ASP BA 794 -0.37 253.05 262.64
C ASP BA 794 1.14 252.84 262.69
N SER BA 795 1.70 252.38 261.57
CA SER BA 795 3.13 252.12 261.47
C SER BA 795 3.58 252.34 260.03
N ASN BA 796 4.86 252.09 259.77
CA ASN BA 796 5.41 252.25 258.44
C ASN BA 796 5.17 250.99 257.61
N LEU BA 797 5.70 250.99 256.38
CA LEU BA 797 5.53 249.83 255.50
C LEU BA 797 6.45 248.69 255.92
N ARG BA 798 7.71 248.99 256.19
CA ARG BA 798 8.65 247.94 256.60
C ARG BA 798 8.29 247.38 257.98
N ASN BA 799 7.83 248.24 258.89
CA ASN BA 799 7.44 247.77 260.22
C ASN BA 799 6.20 246.88 260.16
N ILE BA 800 5.30 247.12 259.20
CA ILE BA 800 4.12 246.29 259.06
C ILE BA 800 4.44 245.01 258.29
N VAL BA 801 5.43 245.06 257.40
CA VAL BA 801 5.80 243.86 256.65
C VAL BA 801 6.63 242.91 257.50
N THR BA 802 7.46 243.44 258.40
CA THR BA 802 8.27 242.59 259.26
C THR BA 802 7.47 241.99 260.41
N GLU BA 803 6.44 242.69 260.87
CA GLU BA 803 5.63 242.17 261.97
C GLU BA 803 4.68 241.07 261.50
N GLN BA 804 4.31 241.07 260.23
CA GLN BA 804 3.41 240.05 259.70
C GLN BA 804 4.11 238.72 259.47
N LEU BA 805 5.44 238.71 259.43
CA LEU BA 805 6.17 237.45 259.21
C LEU BA 805 6.17 236.59 260.48
N VAL BA 806 6.14 237.21 261.65
CA VAL BA 806 6.14 236.44 262.89
C VAL BA 806 4.76 235.86 263.16
N ALA BA 807 3.71 236.64 262.89
CA ALA BA 807 2.35 236.15 263.11
C ALA BA 807 2.02 234.99 262.18
N LEU BA 808 2.43 235.10 260.90
CA LEU BA 808 2.19 234.02 259.96
C LEU BA 808 2.96 232.76 260.34
N ILE BA 809 4.22 232.93 260.80
CA ILE BA 809 5.01 231.78 261.20
C ILE BA 809 4.43 231.13 262.45
N ASP BA 810 3.84 231.93 263.35
CA ASP BA 810 3.22 231.36 264.53
C ASP BA 810 1.92 230.64 264.17
N CYS BA 811 1.14 231.20 263.24
CA CYS BA 811 -0.10 230.55 262.83
C CYS BA 811 0.18 229.25 262.10
N PHE BA 812 1.22 229.22 261.25
CA PHE BA 812 1.57 227.99 260.55
C PHE BA 812 2.05 226.92 261.50
N LEU BA 813 2.72 227.30 262.59
CA LEU BA 813 3.16 226.33 263.57
C LEU BA 813 1.98 225.82 264.40
N ASP BA 814 1.06 226.72 264.76
CA ASP BA 814 -0.11 226.31 265.52
C ASP BA 814 -0.99 225.37 264.72
N GLY BA 815 -1.19 225.67 263.43
CA GLY BA 815 -1.98 224.78 262.59
C GLY BA 815 -1.33 223.41 262.42
N TYR BA 816 -0.01 223.38 262.27
CA TYR BA 816 0.69 222.11 262.17
C TYR BA 816 0.59 221.31 263.46
N VAL BA 817 0.71 221.98 264.60
CA VAL BA 817 0.58 221.29 265.88
C VAL BA 817 -0.83 220.74 266.06
N SER BA 818 -1.84 221.52 265.64
CA SER BA 818 -3.21 221.04 265.75
C SER BA 818 -3.46 219.85 264.83
N GLN BA 819 -2.90 219.89 263.62
CA GLN BA 819 -3.07 218.77 262.69
C GLN BA 819 -2.35 217.52 263.18
N LEU BA 820 -1.20 217.70 263.85
CA LEU BA 820 -0.47 216.57 264.39
C LEU BA 820 -1.18 215.98 265.61
N LYS BA 821 -1.81 216.83 266.42
CA LYS BA 821 -2.52 216.34 267.60
C LYS BA 821 -3.85 215.70 267.24
N SER BA 822 -4.51 216.19 266.18
CA SER BA 822 -5.79 215.61 265.76
C SER BA 822 -5.63 214.32 264.98
N VAL BA 823 -4.44 214.07 264.41
CA VAL BA 823 -4.21 212.85 263.65
C VAL BA 823 -3.80 211.68 264.53
N ASP BA 824 -3.58 211.91 265.82
CA ASP BA 824 -3.18 210.85 266.74
C ASP BA 824 -4.36 210.17 267.42
N LYS BA 825 -5.58 210.62 267.16
CA LYS BA 825 -6.78 210.03 267.76
C LYS BA 825 -7.85 209.92 266.69
N SER BA 826 -8.20 208.69 266.33
CA SER BA 826 -9.25 208.45 265.34
C SER BA 826 -10.00 207.17 265.65
N SER BA 827 -10.59 206.56 264.61
CA SER BA 827 -11.35 205.31 264.75
C SER BA 827 -12.45 205.44 265.79
N ASN BA 828 -12.17 205.09 267.03
CA ASN BA 828 -13.14 205.17 268.10
C ASN BA 828 -13.34 206.63 268.53
N ARG BA 829 -14.41 206.85 269.30
CA ARG BA 829 -14.78 208.17 269.82
C ARG BA 829 -14.93 209.17 268.68
N GLU BA 830 -16.02 208.99 267.92
CA GLU BA 830 -16.32 209.86 266.80
C GLU BA 830 -16.85 211.22 267.24
N ARG BA 831 -17.37 211.33 268.45
CA ARG BA 831 -17.89 212.61 268.92
C ARG BA 831 -16.77 213.56 269.29
N TYR BA 832 -15.68 213.03 269.86
CA TYR BA 832 -14.55 213.88 270.24
C TYR BA 832 -13.73 214.31 269.04
N ASP BA 833 -13.64 213.45 268.00
CA ASP BA 833 -12.87 213.80 266.82
C ASP BA 833 -13.62 214.81 265.95
N ASN BA 834 -14.94 214.73 265.91
CA ASN BA 834 -15.72 215.66 265.10
C ASN BA 834 -15.81 217.03 265.76
N LEU BA 835 -15.74 217.08 267.10
CA LEU BA 835 -15.81 218.36 267.79
C LEU BA 835 -14.52 219.16 267.65
N GLU BA 836 -13.38 218.47 267.50
CA GLU BA 836 -12.12 219.17 267.34
C GLU BA 836 -11.97 219.78 265.96
N MET BA 837 -12.57 219.15 264.94
CA MET BA 837 -12.47 219.69 263.58
C MET BA 837 -13.20 221.01 263.46
N GLU BA 838 -14.37 221.13 264.11
CA GLU BA 838 -15.12 222.38 264.06
C GLU BA 838 -14.38 223.51 264.77
N TYR BA 839 -13.64 223.18 265.83
CA TYR BA 839 -12.85 224.20 266.53
C TYR BA 839 -11.58 224.56 265.76
N LEU BA 840 -10.98 223.61 265.07
CA LEU BA 840 -9.78 223.91 264.29
C LEU BA 840 -10.11 224.67 263.01
N GLN BA 841 -11.28 224.43 262.42
CA GLN BA 841 -11.66 225.14 261.22
C GLN BA 841 -12.07 226.58 261.52
N LYS BA 842 -12.58 226.84 262.73
CA LYS BA 842 -12.97 228.19 263.08
C LYS BA 842 -11.77 229.07 263.36
N ARG BA 843 -10.67 228.48 263.86
CA ARG BA 843 -9.47 229.28 264.13
C ARG BA 843 -8.75 229.66 262.85
N SER BA 844 -8.78 228.79 261.83
CA SER BA 844 -8.12 229.11 260.57
C SER BA 844 -8.91 230.13 259.76
N ASP BA 845 -10.24 230.14 259.89
CA ASP BA 845 -11.05 231.10 259.16
C ASP BA 845 -10.97 232.49 259.78
N LEU BA 846 -10.77 232.57 261.09
CA LEU BA 846 -10.67 233.87 261.75
C LEU BA 846 -9.32 234.53 261.48
N LEU BA 847 -8.25 233.74 261.38
CA LEU BA 847 -6.93 234.29 261.10
C LEU BA 847 -6.78 234.71 259.64
N SER BA 848 -7.51 234.07 258.73
CA SER BA 848 -7.45 234.41 257.32
C SER BA 848 -8.24 235.68 257.05
N PRO BA 849 -9.22 236.01 257.88
CA PRO BA 849 -10.00 237.24 257.66
C PRO BA 849 -9.22 238.49 258.04
N LEU BA 850 -8.42 238.39 259.10
CA LEU BA 850 -7.61 239.52 259.55
C LEU BA 850 -6.40 239.76 258.68
N LEU BA 851 -5.89 238.72 257.99
CA LEU BA 851 -4.74 238.86 257.12
C LEU BA 851 -5.11 239.16 255.67
N SER BA 852 -6.40 239.17 255.34
CA SER BA 852 -6.82 239.45 253.97
C SER BA 852 -6.73 240.92 253.62
N LEU BA 853 -6.72 241.80 254.63
CA LEU BA 853 -6.64 243.24 254.40
C LEU BA 853 -5.20 243.73 254.25
N GLY BA 854 -4.21 242.85 254.45
CA GLY BA 854 -2.82 243.25 254.32
C GLY BA 854 -2.20 242.81 253.01
N GLN BA 855 -1.08 242.11 253.08
CA GLN BA 855 -0.41 241.64 251.88
C GLN BA 855 -1.03 240.34 251.38
N TYR BA 856 -1.21 240.25 250.07
CA TYR BA 856 -1.80 239.06 249.45
C TYR BA 856 -0.80 237.93 249.27
N LEU BA 857 0.49 238.18 249.44
CA LEU BA 857 1.49 237.14 249.28
C LEU BA 857 1.62 236.25 250.52
N TRP BA 858 1.03 236.65 251.65
CA TRP BA 858 1.11 235.87 252.87
C TRP BA 858 0.12 234.70 252.88
N ALA BA 859 -0.85 234.67 251.96
CA ALA BA 859 -1.81 233.58 251.94
C ALA BA 859 -1.20 232.31 251.34
N ALA BA 860 -0.16 232.45 250.52
CA ALA BA 860 0.48 231.28 249.92
C ALA BA 860 1.14 230.40 250.99
N SER BA 861 1.83 231.03 251.95
CA SER BA 861 2.47 230.26 253.01
C SER BA 861 1.42 229.56 253.89
N LEU BA 862 0.32 230.25 254.18
CA LEU BA 862 -0.73 229.63 254.99
C LEU BA 862 -1.42 228.49 254.24
N ALA BA 863 -1.53 228.60 252.92
CA ALA BA 863 -2.15 227.54 252.13
C ALA BA 863 -1.20 226.35 251.96
N GLU BA 864 0.11 226.60 251.89
CA GLU BA 864 1.07 225.52 251.75
C GLU BA 864 1.41 224.85 253.08
N LYS BA 865 1.21 225.53 254.20
CA LYS BA 865 1.51 224.93 255.50
C LYS BA 865 0.49 223.87 255.86
N TYR BA 866 -0.79 224.24 255.92
CA TYR BA 866 -1.87 223.32 256.23
C TYR BA 866 -2.63 222.94 254.97
N CYS BA 867 -3.00 221.66 254.88
CA CYS BA 867 -3.72 221.15 253.72
C CYS BA 867 -5.23 221.23 253.93
N ASP BA 868 -5.68 222.44 254.25
CA ASP BA 868 -7.09 222.71 254.50
C ASP BA 868 -7.36 224.18 254.23
N PHE BA 869 -8.54 224.65 254.62
CA PHE BA 869 -8.96 226.04 254.46
C PHE BA 869 -8.90 226.47 252.99
N ASP BA 870 -9.88 225.97 252.24
CA ASP BA 870 -9.97 226.28 250.81
C ASP BA 870 -10.84 227.50 250.52
N ILE BA 871 -11.75 227.85 251.44
CA ILE BA 871 -12.61 229.02 251.22
C ILE BA 871 -11.79 230.30 251.24
N LEU BA 872 -10.70 230.34 251.99
CA LEU BA 872 -9.85 231.52 252.01
C LEU BA 872 -9.10 231.68 250.70
N VAL BA 873 -8.55 230.58 250.17
CA VAL BA 873 -7.84 230.64 248.90
C VAL BA 873 -8.80 230.96 247.76
N GLN BA 874 -10.01 230.40 247.80
CA GLN BA 874 -10.99 230.69 246.76
C GLN BA 874 -11.43 232.14 246.80
N MET BA 875 -11.48 232.76 247.98
CA MET BA 875 -11.83 234.17 248.07
C MET BA 875 -10.66 235.05 247.65
N CYS BA 876 -9.43 234.66 247.98
CA CYS BA 876 -8.27 235.44 247.58
C CYS BA 876 -8.04 235.39 246.08
N GLU BA 877 -8.34 234.26 245.44
CA GLU BA 877 -8.20 234.15 243.99
C GLU BA 877 -9.35 234.76 243.22
N GLN BA 878 -10.42 235.19 243.91
CA GLN BA 878 -11.57 235.80 243.27
C GLN BA 878 -11.73 237.29 243.57
N THR BA 879 -11.15 237.77 244.67
CA THR BA 879 -11.28 239.19 245.01
C THR BA 879 -10.44 240.07 244.09
N ASP BA 880 -9.41 239.52 243.46
CA ASP BA 880 -8.54 240.26 242.56
C ASP BA 880 -8.74 239.74 241.12
N ASN BA 881 -7.86 240.20 240.22
CA ASN BA 881 -7.91 239.81 238.82
C ASN BA 881 -6.91 238.71 238.50
N GLN BA 882 -6.59 237.86 239.47
CA GLN BA 882 -5.65 236.76 239.28
C GLN BA 882 -6.43 235.53 238.80
N SER BA 883 -6.63 235.44 237.49
CA SER BA 883 -7.35 234.32 236.91
C SER BA 883 -6.51 233.05 236.81
N ARG BA 884 -5.18 233.19 236.77
CA ARG BA 884 -4.31 232.02 236.68
C ARG BA 884 -4.03 231.37 238.03
N LEU BA 885 -4.41 232.02 239.13
CA LEU BA 885 -4.18 231.44 240.46
C LEU BA 885 -5.19 230.34 240.77
N GLN BA 886 -6.44 230.51 240.33
CA GLN BA 886 -7.46 229.51 240.60
C GLN BA 886 -7.16 228.21 239.86
N ARG BA 887 -6.60 228.29 238.66
CA ARG BA 887 -6.25 227.09 237.92
C ARG BA 887 -5.00 226.43 238.51
N TYR BA 888 -4.05 227.23 238.98
CA TYR BA 888 -2.84 226.67 239.58
C TYR BA 888 -3.14 226.01 240.92
N MET BA 889 -4.09 226.55 241.67
CA MET BA 889 -4.47 225.96 242.95
C MET BA 889 -5.37 224.73 242.79
N THR BA 890 -5.88 224.48 241.58
CA THR BA 890 -6.74 223.33 241.33
C THR BA 890 -6.05 222.22 240.56
N GLN BA 891 -5.06 222.55 239.72
CA GLN BA 891 -4.34 221.54 238.95
C GLN BA 891 -3.34 220.77 239.79
N PHE BA 892 -2.96 221.28 240.96
CA PHE BA 892 -2.01 220.61 241.84
C PHE BA 892 -2.61 220.41 243.22
N ALA BA 893 -3.79 219.78 243.26
CA ALA BA 893 -4.50 219.53 244.51
C ALA BA 893 -5.20 218.19 244.39
N ASP BA 894 -6.13 217.92 245.31
CA ASP BA 894 -6.89 216.69 245.34
C ASP BA 894 -8.37 217.03 245.47
N GLN BA 895 -9.15 216.68 244.45
CA GLN BA 895 -10.60 216.93 244.42
C GLN BA 895 -10.89 218.42 244.60
N ASN BA 896 -10.19 219.25 243.84
CA ASN BA 896 -10.37 220.69 243.90
C ASN BA 896 -11.39 221.21 242.89
N PHE BA 897 -11.80 220.38 241.92
CA PHE BA 897 -12.77 220.83 240.94
C PHE BA 897 -14.18 220.80 241.49
N SER BA 898 -14.48 219.83 242.37
CA SER BA 898 -15.81 219.73 242.95
C SER BA 898 -15.99 220.68 244.13
N ASP BA 899 -14.89 221.09 244.76
CA ASP BA 899 -14.99 222.01 245.90
C ASP BA 899 -15.02 223.46 245.46
N PHE BA 900 -14.51 223.77 244.27
CA PHE BA 900 -14.50 225.14 243.79
C PHE BA 900 -15.86 225.54 243.21
N LEU BA 901 -16.58 224.59 242.61
CA LEU BA 901 -17.89 224.89 242.05
C LEU BA 901 -18.98 224.88 243.11
N PHE BA 902 -18.79 224.17 244.21
CA PHE BA 902 -19.79 224.13 245.26
C PHE BA 902 -19.66 225.31 246.21
N ARG BA 903 -18.44 225.82 246.41
CA ARG BA 903 -18.25 226.97 247.29
C ARG BA 903 -18.64 228.28 246.64
N TRP BA 904 -18.62 228.34 245.30
CA TRP BA 904 -18.98 229.56 244.60
C TRP BA 904 -20.49 229.73 244.49
N TYR BA 905 -21.23 228.63 244.32
CA TYR BA 905 -22.68 228.71 244.21
C TYR BA 905 -23.35 229.00 245.54
N LEU BA 906 -22.69 228.70 246.65
CA LEU BA 906 -23.25 228.96 247.97
C LEU BA 906 -23.00 230.38 248.46
N GLU BA 907 -22.22 231.17 247.74
CA GLU BA 907 -21.93 232.55 248.14
C GLU BA 907 -22.80 233.53 247.36
N GLN BA 921 -14.34 241.93 233.95
CA GLN BA 921 -12.98 241.91 234.48
C GLN BA 921 -12.82 240.84 235.55
N HIS BA 922 -12.68 241.27 236.81
CA HIS BA 922 -12.53 240.33 237.91
C HIS BA 922 -13.85 239.69 238.30
N GLY BA 923 -14.97 240.39 238.12
CA GLY BA 923 -16.27 239.85 238.47
C GLY BA 923 -16.80 238.83 237.48
N GLN BA 924 -16.28 238.84 236.25
CA GLN BA 924 -16.74 237.88 235.24
C GLN BA 924 -16.15 236.50 235.43
N LEU BA 925 -15.04 236.37 236.18
CA LEU BA 925 -14.44 235.06 236.40
C LEU BA 925 -15.24 234.25 237.40
N ALA BA 926 -15.64 234.88 238.52
CA ALA BA 926 -16.40 234.18 239.54
C ALA BA 926 -17.87 234.01 239.16
N ASN BA 927 -18.37 234.82 238.22
CA ASN BA 927 -19.77 234.70 237.82
C ASN BA 927 -20.01 233.43 237.01
N PHE BA 928 -19.00 232.96 236.27
CA PHE BA 928 -19.16 231.74 235.50
C PHE BA 928 -19.12 230.51 236.38
N LEU BA 929 -18.54 230.63 237.58
CA LEU BA 929 -18.47 229.50 238.50
C LEU BA 929 -19.60 229.51 239.53
N GLN BA 930 -20.10 230.69 239.89
CA GLN BA 930 -21.19 230.79 240.85
C GLN BA 930 -22.56 230.51 240.25
N ALA BA 931 -22.66 230.48 238.92
CA ALA BA 931 -23.93 230.21 238.24
C ALA BA 931 -24.11 228.75 237.90
N HIS BA 932 -23.81 227.85 238.83
CA HIS BA 932 -23.96 226.42 238.59
C HIS BA 932 -25.38 225.91 238.82
N GLU BA 933 -26.26 226.74 239.38
CA GLU BA 933 -27.64 226.36 239.64
C GLU BA 933 -28.58 227.42 239.08
N HIS BA 934 -29.83 227.02 238.88
CA HIS BA 934 -30.88 227.89 238.35
C HIS BA 934 -30.48 228.49 237.01
N LEU BA 935 -29.83 229.65 237.03
CA LEU BA 935 -29.39 230.33 235.82
C LEU BA 935 -28.10 229.69 235.34
N SER BA 936 -28.25 228.59 234.60
CA SER BA 936 -27.10 227.86 234.07
C SER BA 936 -27.08 227.79 232.55
N TRP BA 937 -28.13 228.26 231.87
CA TRP BA 937 -28.15 228.19 230.41
C TRP BA 937 -27.07 229.07 229.80
N LEU BA 938 -26.89 230.29 230.33
CA LEU BA 938 -25.85 231.17 229.81
C LEU BA 938 -24.46 230.61 230.09
N HIS BA 939 -24.27 230.03 231.28
CA HIS BA 939 -22.96 229.45 231.61
C HIS BA 939 -22.67 228.22 230.74
N GLU BA 940 -23.70 227.46 230.36
CA GLU BA 940 -23.49 226.31 229.49
C GLU BA 940 -23.26 226.74 228.04
N ILE BA 941 -23.92 227.81 227.60
CA ILE BA 941 -23.73 228.27 226.23
C ILE BA 941 -22.39 228.99 226.07
N ASN BA 942 -21.88 229.60 227.14
CA ASN BA 942 -20.60 230.29 227.07
C ASN BA 942 -19.42 229.32 227.03
N SER BA 943 -19.63 228.06 227.41
CA SER BA 943 -18.58 227.05 227.41
C SER BA 943 -18.73 226.06 226.26
N GLN BA 944 -19.42 226.45 225.20
CA GLN BA 944 -19.64 225.62 224.02
C GLN BA 944 -20.32 224.30 224.40
N GLU BA 945 -21.56 224.43 224.87
CA GLU BA 945 -22.36 223.28 225.28
C GLU BA 945 -23.84 223.68 225.15
N LEU BA 946 -24.41 223.37 223.99
CA LEU BA 946 -25.81 223.71 223.75
C LEU BA 946 -26.76 222.70 224.36
N GLU BA 947 -26.35 221.43 224.46
CA GLU BA 947 -27.23 220.41 225.03
C GLU BA 947 -27.47 220.65 226.51
N LYS BA 948 -26.43 221.02 227.26
CA LYS BA 948 -26.59 221.30 228.68
C LYS BA 948 -27.47 222.52 228.90
N ALA BA 949 -27.30 223.55 228.08
CA ALA BA 949 -28.13 224.75 228.20
C ALA BA 949 -29.59 224.43 227.87
N HIS BA 950 -29.83 223.61 226.84
CA HIS BA 950 -31.19 223.22 226.50
C HIS BA 950 -31.83 222.40 227.62
N ALA BA 951 -31.05 221.49 228.22
CA ALA BA 951 -31.58 220.68 229.32
C ALA BA 951 -31.90 221.56 230.54
N THR BA 952 -31.03 222.52 230.83
CA THR BA 952 -31.29 223.42 231.96
C THR BA 952 -32.53 224.28 231.70
N LEU BA 953 -32.69 224.78 230.46
CA LEU BA 953 -33.87 225.57 230.14
C LEU BA 953 -35.13 224.74 230.23
N LEU BA 954 -35.08 223.48 229.77
CA LEU BA 954 -36.25 222.62 229.87
C LEU BA 954 -36.59 222.32 231.32
N GLY BA 955 -35.59 222.06 232.15
CA GLY BA 955 -35.84 221.81 233.56
C GLY BA 955 -36.37 223.04 234.28
N LEU BA 956 -35.94 224.23 233.88
CA LEU BA 956 -36.45 225.45 234.49
C LEU BA 956 -37.87 225.76 234.03
N ALA BA 957 -38.20 225.44 232.77
CA ALA BA 957 -39.54 225.71 232.27
C ALA BA 957 -40.54 224.66 232.74
N ASN BA 958 -40.08 223.45 233.06
CA ASN BA 958 -40.98 222.40 233.51
C ASN BA 958 -41.49 222.66 234.93
N MET BA 959 -40.77 223.45 235.72
CA MET BA 959 -41.17 223.77 237.09
C MET BA 959 -41.62 225.20 237.26
N GLU BA 960 -41.68 225.99 236.19
CA GLU BA 960 -42.08 227.38 236.28
C GLU BA 960 -43.59 227.49 236.18
N THR BA 961 -44.20 228.20 237.14
CA THR BA 961 -45.64 228.37 237.13
C THR BA 961 -46.09 229.72 237.68
N ARG BA 962 -45.24 230.75 237.62
CA ARG BA 962 -45.59 232.08 238.13
C ARG BA 962 -45.78 233.12 237.05
N TYR BA 963 -45.30 232.86 235.82
CA TYR BA 963 -45.45 233.81 234.73
C TYR BA 963 -45.44 233.05 233.42
N PHE BA 964 -46.41 233.36 232.54
CA PHE BA 964 -46.48 232.70 231.25
C PHE BA 964 -45.43 233.21 230.27
N ALA BA 965 -45.09 234.49 230.35
CA ALA BA 965 -44.08 235.05 229.45
C ALA BA 965 -42.71 234.43 229.70
N LYS BA 966 -42.33 234.26 230.98
CA LYS BA 966 -41.06 233.64 231.30
C LYS BA 966 -41.04 232.17 230.87
N LYS BA 967 -42.16 231.46 231.06
CA LYS BA 967 -42.24 230.07 230.65
C LYS BA 967 -42.15 229.92 229.13
N LYS BA 968 -42.72 230.89 228.40
CA LYS BA 968 -42.60 230.84 226.94
C LYS BA 968 -41.20 231.18 226.47
N THR BA 969 -40.56 232.15 227.13
CA THR BA 969 -39.19 232.52 226.78
C THR BA 969 -38.22 231.37 227.05
N LEU BA 970 -38.41 230.67 228.17
CA LEU BA 970 -37.56 229.53 228.48
C LEU BA 970 -37.73 228.41 227.46
N LEU BA 971 -38.98 228.15 227.05
CA LEU BA 971 -39.23 227.13 226.04
C LEU BA 971 -38.61 227.52 224.70
N GLY BA 972 -38.71 228.80 224.33
CA GLY BA 972 -38.09 229.25 223.10
C GLY BA 972 -36.57 229.14 223.14
N LEU BA 973 -35.96 229.49 224.27
CA LEU BA 973 -34.53 229.36 224.41
C LEU BA 973 -34.10 227.89 224.35
N SER BA 974 -34.87 227.00 224.98
CA SER BA 974 -34.57 225.58 224.91
C SER BA 974 -34.67 225.05 223.49
N LYS BA 975 -35.70 225.48 222.76
CA LYS BA 975 -35.85 225.05 221.37
C LYS BA 975 -34.71 225.57 220.51
N LEU BA 976 -34.29 226.82 220.73
CA LEU BA 976 -33.17 227.37 219.97
C LEU BA 976 -31.88 226.64 220.28
N ALA BA 977 -31.64 226.31 221.56
CA ALA BA 977 -30.43 225.57 221.91
C ALA BA 977 -30.45 224.16 221.38
N ALA BA 978 -31.63 223.53 221.29
CA ALA BA 978 -31.71 222.19 220.72
C ALA BA 978 -31.52 222.22 219.22
N LEU BA 979 -32.00 223.27 218.56
CA LEU BA 979 -31.82 223.37 217.11
C LEU BA 979 -30.39 223.74 216.75
N ALA BA 980 -29.71 224.50 217.61
CA ALA BA 980 -28.33 224.90 217.37
C ALA BA 980 -27.33 223.86 217.85
N SER BA 981 -27.79 222.77 218.46
CA SER BA 981 -26.88 221.74 218.95
C SER BA 981 -26.40 220.86 217.80
N ASP BA 982 -25.40 220.04 218.09
CA ASP BA 982 -24.84 219.13 217.08
C ASP BA 982 -25.05 217.68 217.49
N PHE BA 983 -26.31 217.29 217.69
CA PHE BA 983 -26.64 215.93 218.08
C PHE BA 983 -26.99 215.11 216.84
N SER BA 984 -27.58 213.93 217.04
CA SER BA 984 -27.95 213.06 215.94
C SER BA 984 -29.32 213.47 215.39
N GLU BA 985 -29.80 212.71 214.42
CA GLU BA 985 -31.10 213.01 213.82
C GLU BA 985 -32.26 212.57 214.71
N ASP BA 986 -32.13 211.40 215.33
CA ASP BA 986 -33.20 210.90 216.20
C ASP BA 986 -33.38 211.78 217.42
N MET BA 987 -32.28 212.19 218.05
CA MET BA 987 -32.36 213.07 219.21
C MET BA 987 -32.94 214.42 218.83
N LEU BA 988 -32.55 214.96 217.68
CA LEU BA 988 -33.09 216.24 217.23
C LEU BA 988 -34.58 216.13 216.96
N GLN BA 989 -35.01 215.04 216.34
CA GLN BA 989 -36.44 214.85 216.07
C GLN BA 989 -37.22 214.70 217.38
N GLU BA 990 -36.66 213.98 218.36
CA GLU BA 990 -37.33 213.83 219.64
C GLU BA 990 -37.44 215.17 220.36
N LYS BA 991 -36.38 215.98 220.31
CA LYS BA 991 -36.42 217.30 220.93
C LYS BA 991 -37.44 218.20 220.24
N ILE BA 992 -37.51 218.14 218.90
CA ILE BA 992 -38.48 218.95 218.17
C ILE BA 992 -39.90 218.52 218.52
N GLU BA 993 -40.12 217.21 218.65
CA GLU BA 993 -41.46 216.74 219.01
C GLU BA 993 -41.82 217.15 220.43
N GLU BA 994 -40.87 217.07 221.37
CA GLU BA 994 -41.14 217.49 222.74
C GLU BA 994 -41.40 218.99 222.83
N MET BA 995 -40.72 219.78 221.99
CA MET BA 995 -40.98 221.22 221.98
C MET BA 995 -42.34 221.54 221.37
N ALA BA 996 -42.70 220.83 220.29
CA ALA BA 996 -44.00 221.05 219.66
C ALA BA 996 -45.14 220.64 220.58
N GLU BA 997 -44.96 219.57 221.35
CA GLU BA 997 -45.99 219.16 222.30
C GLU BA 997 -46.21 220.23 223.37
N GLN BA 998 -45.11 220.77 223.90
CA GLN BA 998 -45.24 221.83 224.91
C GLN BA 998 -45.86 223.09 224.31
N GLU BA 999 -45.51 223.42 223.06
CA GLU BA 999 -46.10 224.58 222.41
C GLU BA 999 -47.60 224.39 222.21
N ARG BA 1000 -48.02 223.20 221.77
CA ARG BA 1000 -49.44 222.95 221.60
C ARG BA 1000 -50.18 222.92 222.92
N PHE BA 1001 -49.53 222.48 223.99
CA PHE BA 1001 -50.17 222.49 225.30
C PHE BA 1001 -50.29 223.89 225.87
N LEU BA 1002 -49.32 224.76 225.58
CA LEU BA 1002 -49.36 226.13 226.08
C LEU BA 1002 -50.21 227.05 225.22
N LEU BA 1003 -50.43 226.71 223.95
CA LEU BA 1003 -51.25 227.56 223.09
C LEU BA 1003 -52.70 227.59 223.55
N HIS BA 1004 -53.19 226.51 224.14
CA HIS BA 1004 -54.58 226.48 224.61
C HIS BA 1004 -54.83 227.52 225.68
N GLN BA 1005 -53.80 227.87 226.47
CA GLN BA 1005 -53.92 228.92 227.47
C GLN BA 1005 -53.42 230.26 226.99
N GLU BA 1006 -52.53 230.30 226.00
CA GLU BA 1006 -52.02 231.56 225.49
C GLU BA 1006 -52.98 232.21 224.51
N THR BA 1007 -53.84 231.43 223.86
CA THR BA 1007 -54.80 231.97 222.89
C THR BA 1007 -56.13 232.33 223.55
N LEU BA 1008 -56.05 233.19 224.56
CA LEU BA 1008 -57.25 233.62 225.26
C LEU BA 1008 -57.94 234.76 224.51
N PRO BA 1009 -59.25 234.92 224.70
CA PRO BA 1009 -59.96 235.99 224.01
C PRO BA 1009 -59.67 237.35 224.62
N GLU BA 1010 -59.74 238.38 223.77
CA GLU BA 1010 -59.48 239.74 224.22
C GLU BA 1010 -60.62 240.30 225.07
N GLN BA 1011 -61.84 239.82 224.87
CA GLN BA 1011 -62.96 240.31 225.65
C GLN BA 1011 -63.00 239.71 227.05
N LEU BA 1012 -62.55 238.47 227.21
CA LEU BA 1012 -62.55 237.82 228.52
C LEU BA 1012 -61.38 238.26 229.38
N LEU BA 1013 -60.26 238.67 228.78
CA LEU BA 1013 -59.11 239.10 229.56
C LEU BA 1013 -59.30 240.49 230.15
N ALA BA 1014 -60.04 241.36 229.47
CA ALA BA 1014 -60.26 242.71 229.95
C ALA BA 1014 -61.43 242.81 230.93
N GLU BA 1015 -62.40 241.90 230.85
CA GLU BA 1015 -63.54 241.94 231.76
C GLU BA 1015 -63.19 241.38 233.14
N LYS BA 1016 -62.22 240.47 233.21
CA LYS BA 1016 -61.83 239.87 234.48
C LYS BA 1016 -60.66 240.59 235.14
N GLN BA 1017 -60.23 241.73 234.59
CA GLN BA 1017 -59.12 242.51 235.13
C GLN BA 1017 -57.85 241.67 235.24
N LEU BA 1018 -57.54 240.96 234.16
CA LEU BA 1018 -56.36 240.10 234.10
C LEU BA 1018 -55.23 240.80 233.35
N ASN BA 1019 -54.00 240.47 233.73
CA ASN BA 1019 -52.83 241.06 233.11
C ASN BA 1019 -52.56 240.42 231.75
N LEU BA 1020 -51.77 241.11 230.93
CA LEU BA 1020 -51.43 240.61 229.61
C LEU BA 1020 -50.32 239.56 229.68
N SER BA 1021 -49.15 239.97 230.18
CA SER BA 1021 -48.01 239.08 230.31
C SER BA 1021 -47.60 238.83 231.76
N ALA BA 1022 -48.25 239.48 232.72
CA ALA BA 1022 -47.92 239.31 234.13
C ALA BA 1022 -48.86 238.33 234.83
N MET BA 1023 -49.39 237.36 234.09
CA MET BA 1023 -50.29 236.37 234.65
C MET BA 1023 -49.57 235.04 234.87
N PRO BA 1024 -49.99 234.26 235.86
CA PRO BA 1024 -49.33 232.99 236.12
C PRO BA 1024 -49.75 231.92 235.12
N VAL BA 1025 -48.99 230.82 235.11
CA VAL BA 1025 -49.26 229.72 234.21
C VAL BA 1025 -50.44 228.92 234.74
N LEU BA 1026 -51.58 229.04 234.07
CA LEU BA 1026 -52.78 228.33 234.50
C LEU BA 1026 -52.71 226.86 234.08
N THR BA 1027 -53.50 226.04 234.76
CA THR BA 1027 -53.55 224.61 234.49
C THR BA 1027 -54.62 224.33 233.43
N ALA BA 1028 -55.00 223.06 233.29
CA ALA BA 1028 -56.01 222.66 232.32
C ALA BA 1028 -57.40 222.97 232.86
N PRO BA 1029 -57.63 222.76 234.15
CA PRO BA 1029 -58.98 223.05 234.68
C PRO BA 1029 -59.33 224.53 234.64
N GLN BA 1030 -58.40 225.41 235.01
CA GLN BA 1030 -58.65 226.84 234.95
C GLN BA 1030 -58.85 227.30 233.50
N LEU BA 1031 -58.07 226.75 232.58
CA LEU BA 1031 -58.22 227.13 231.17
C LEU BA 1031 -59.54 226.62 230.60
N ILE BA 1032 -60.02 225.47 231.05
CA ILE BA 1032 -61.31 224.97 230.58
C ILE BA 1032 -62.46 225.74 231.20
N GLY BA 1033 -62.31 226.18 232.45
CA GLY BA 1033 -63.36 226.94 233.09
C GLY BA 1033 -63.47 228.37 232.62
N LEU BA 1034 -62.33 229.00 232.30
CA LEU BA 1034 -62.35 230.38 231.83
C LEU BA 1034 -62.81 230.50 230.39
N TYR BA 1035 -62.65 229.43 229.60
CA TYR BA 1035 -63.06 229.45 228.20
C TYR BA 1035 -64.55 229.20 228.02
N ILE BA 1036 -65.23 228.69 229.05
CA ILE BA 1036 -66.65 228.41 228.96
C ILE BA 1036 -67.39 229.14 230.07
N CYS BA 1037 -66.84 230.27 230.51
CA CYS BA 1037 -67.44 231.07 231.56
C CYS BA 1037 -68.45 232.04 230.98
N GLU BA 1038 -69.06 232.84 231.86
CA GLU BA 1038 -70.04 233.83 231.42
C GLU BA 1038 -69.41 235.12 230.91
N GLU BA 1039 -68.11 235.33 231.15
CA GLU BA 1039 -67.47 236.55 230.68
C GLU BA 1039 -67.13 236.49 229.20
N ASN BA 1040 -66.93 235.29 228.65
CA ASN BA 1040 -66.61 235.13 227.23
C ASN BA 1040 -67.91 235.15 226.44
N ARG BA 1041 -68.26 236.34 225.95
CA ARG BA 1041 -69.49 236.49 225.17
C ARG BA 1041 -69.34 235.96 223.75
N ARG BA 1042 -68.17 236.11 223.15
CA ARG BA 1042 -67.92 235.65 221.79
C ARG BA 1042 -67.24 234.28 221.81
N ALA BA 1043 -67.96 233.30 222.35
CA ALA BA 1043 -67.47 231.93 222.45
C ALA BA 1043 -68.16 231.10 221.37
N ASN BA 1044 -67.44 230.84 220.27
CA ASN BA 1044 -67.99 230.07 219.18
C ASN BA 1044 -67.50 228.62 219.23
N GLU BA 1045 -67.21 228.04 218.06
CA GLU BA 1045 -66.73 226.67 218.03
C GLU BA 1045 -65.27 226.55 218.46
N TYR BA 1046 -64.46 227.59 218.23
CA TYR BA 1046 -63.06 227.54 218.64
C TYR BA 1046 -62.92 227.56 220.15
N ASP BA 1047 -63.82 228.26 220.84
CA ASP BA 1047 -63.78 228.32 222.29
C ASP BA 1047 -64.32 227.05 222.94
N PHE BA 1048 -65.09 226.25 222.19
CA PHE BA 1048 -65.63 225.01 222.72
C PHE BA 1048 -64.78 223.80 222.38
N LYS BA 1049 -64.11 223.81 221.23
CA LYS BA 1049 -63.26 222.68 220.85
C LYS BA 1049 -61.93 222.69 221.59
N LYS BA 1050 -61.47 223.86 222.03
CA LYS BA 1050 -60.20 223.93 222.75
C LYS BA 1050 -60.34 223.51 224.20
N ALA BA 1051 -61.54 223.64 224.78
CA ALA BA 1051 -61.74 223.24 226.16
C ALA BA 1051 -61.86 221.72 226.32
N LEU BA 1052 -62.43 221.04 225.33
CA LEU BA 1052 -62.58 219.59 225.40
C LEU BA 1052 -61.28 218.86 225.12
N ASP BA 1053 -60.36 219.48 224.38
CA ASP BA 1053 -59.08 218.84 224.05
C ASP BA 1053 -58.06 218.95 225.18
N LEU BA 1054 -58.33 219.77 226.20
CA LEU BA 1054 -57.41 219.94 227.32
C LEU BA 1054 -57.71 219.00 228.48
N LEU BA 1055 -58.56 217.99 228.26
CA LEU BA 1055 -58.90 217.05 229.32
C LEU BA 1055 -57.82 216.00 229.54
N GLU BA 1056 -56.89 215.85 228.59
CA GLU BA 1056 -55.82 214.87 228.72
C GLU BA 1056 -54.65 215.36 229.56
N TYR BA 1057 -54.64 216.64 229.95
CA TYR BA 1057 -53.57 217.21 230.76
C TYR BA 1057 -54.04 217.51 232.18
N ILE BA 1058 -55.05 216.78 232.66
CA ILE BA 1058 -55.56 217.01 234.00
C ILE BA 1058 -54.72 216.25 235.03
N ASP BA 1059 -54.41 214.99 234.74
CA ASP BA 1059 -53.62 214.14 235.63
C ASP BA 1059 -54.22 214.05 237.03
N ILE BA 1064 -59.45 215.59 238.42
CA ILE BA 1064 -60.48 215.12 239.35
C ILE BA 1064 -61.48 214.23 238.63
N ASN BA 1065 -62.61 214.82 238.25
CA ASN BA 1065 -63.69 214.10 237.56
C ASN BA 1065 -63.90 214.73 236.20
N ILE BA 1066 -63.63 213.98 235.13
CA ILE BA 1066 -63.84 214.48 233.79
C ILE BA 1066 -65.27 214.28 233.30
N ASN BA 1067 -66.03 213.35 233.90
CA ASN BA 1067 -67.40 213.12 233.46
C ASN BA 1067 -68.29 214.32 233.79
N ASP BA 1068 -68.02 215.00 234.90
CA ASP BA 1068 -68.79 216.19 235.25
C ASP BA 1068 -68.40 217.38 234.38
N LEU BA 1069 -67.10 217.52 234.08
CA LEU BA 1069 -66.64 218.62 233.23
C LEU BA 1069 -67.15 218.47 231.81
N LYS BA 1070 -67.19 217.23 231.30
CA LYS BA 1070 -67.70 217.01 229.95
C LYS BA 1070 -69.18 217.36 229.84
N LEU BA 1071 -69.95 217.14 230.90
CA LEU BA 1071 -71.36 217.52 230.89
C LEU BA 1071 -71.52 219.02 231.07
N GLU BA 1072 -70.69 219.64 231.91
CA GLU BA 1072 -70.78 221.08 232.12
C GLU BA 1072 -70.43 221.84 230.85
N ILE BA 1073 -69.41 221.39 230.13
CA ILE BA 1073 -69.03 222.06 228.89
C ILE BA 1073 -70.13 221.91 227.85
N LEU BA 1074 -70.74 220.72 227.77
CA LEU BA 1074 -71.82 220.51 226.81
C LEU BA 1074 -73.05 221.34 227.17
N CYS BA 1075 -73.32 221.53 228.46
CA CYS BA 1075 -74.44 222.38 228.86
C CYS BA 1075 -74.17 223.84 228.58
N LYS BA 1076 -72.92 224.28 228.79
CA LYS BA 1076 -72.57 225.67 228.52
C LYS BA 1076 -72.58 225.98 227.03
N ALA BA 1077 -72.16 225.01 226.20
CA ALA BA 1077 -72.18 225.22 224.76
C ALA BA 1077 -73.59 225.14 224.17
N LEU BA 1078 -74.55 224.61 224.92
CA LEU BA 1078 -75.93 224.49 224.45
C LEU BA 1078 -76.84 225.57 225.00
N GLN BA 1079 -76.57 226.08 226.20
CA GLN BA 1079 -77.41 227.12 226.78
C GLN BA 1079 -77.17 228.48 226.14
N ARG BA 1080 -76.01 228.69 225.51
CA ARG BA 1080 -75.70 229.95 224.87
C ARG BA 1080 -76.19 230.04 223.44
N ASP BA 1081 -76.73 228.96 222.89
CA ASP BA 1081 -77.23 228.97 221.52
C ASP BA 1081 -78.63 229.53 221.40
N ASN BA 1082 -79.35 229.69 222.51
CA ASN BA 1082 -80.71 230.23 222.53
C ASN BA 1082 -81.64 229.39 221.65
N TRP BA 1083 -81.96 228.21 222.16
CA TRP BA 1083 -82.84 227.29 221.45
C TRP BA 1083 -84.30 227.71 221.57
N VAL BA 1095 -76.67 225.55 216.68
CA VAL BA 1095 -75.66 226.10 215.77
C VAL BA 1095 -74.27 225.74 216.27
N SER BA 1096 -74.02 225.96 217.55
CA SER BA 1096 -72.71 225.64 218.12
C SER BA 1096 -72.56 224.16 218.39
N LYS BA 1097 -73.64 223.49 218.82
CA LYS BA 1097 -73.56 222.06 219.11
C LYS BA 1097 -73.31 221.26 217.84
N ASP BA 1098 -73.99 221.62 216.74
CA ASP BA 1098 -73.78 220.91 215.49
C ASP BA 1098 -72.35 221.11 214.98
N SER BA 1099 -71.82 222.32 215.10
CA SER BA 1099 -70.45 222.58 214.67
C SER BA 1099 -69.45 221.82 215.54
N ILE BA 1100 -69.69 221.75 216.85
CA ILE BA 1100 -68.79 221.02 217.72
C ILE BA 1100 -68.86 219.52 217.45
N PHE BA 1101 -70.03 219.00 217.08
CA PHE BA 1101 -70.15 217.59 216.76
C PHE BA 1101 -69.53 217.26 215.41
N VAL BA 1102 -69.59 218.19 214.45
CA VAL BA 1102 -69.00 217.95 213.15
C VAL BA 1102 -67.49 218.10 213.20
N LYS BA 1103 -66.97 218.98 214.04
CA LYS BA 1103 -65.53 219.19 214.16
C LYS BA 1103 -64.84 218.13 215.01
N ILE BA 1104 -65.60 217.26 215.67
CA ILE BA 1104 -64.98 216.22 216.49
C ILE BA 1104 -64.45 215.08 215.63
N LEU BA 1105 -65.02 214.87 214.45
CA LEU BA 1105 -64.57 213.80 213.57
C LEU BA 1105 -63.54 214.31 212.58
N LEU BA 1119 -67.73 208.53 219.77
CA LEU BA 1119 -68.84 209.46 219.96
C LEU BA 1119 -69.62 209.10 221.22
N PRO BA 1120 -69.12 208.14 221.99
CA PRO BA 1120 -69.81 207.73 223.24
C PRO BA 1120 -69.34 208.45 224.49
N GLU BA 1121 -68.59 209.55 224.36
CA GLU BA 1121 -68.12 210.27 225.55
C GLU BA 1121 -69.20 211.18 226.11
N VAL BA 1122 -70.12 211.65 225.29
CA VAL BA 1122 -71.19 212.54 225.74
C VAL BA 1122 -72.30 211.71 226.36
N LYS BA 1123 -73.03 212.31 227.30
CA LYS BA 1123 -74.12 211.64 227.98
C LYS BA 1123 -75.43 211.87 227.22
N ASP BA 1124 -76.51 211.27 227.74
CA ASP BA 1124 -77.82 211.42 227.12
C ASP BA 1124 -78.89 211.68 228.18
N LEU BA 1125 -79.13 210.70 229.05
CA LEU BA 1125 -80.12 210.86 230.09
C LEU BA 1125 -79.59 211.69 231.27
N LEU BA 1126 -78.27 211.72 231.47
CA LEU BA 1126 -77.69 212.49 232.56
C LEU BA 1126 -77.52 213.95 232.21
N GLN BA 1127 -77.60 214.32 230.92
CA GLN BA 1127 -77.45 215.71 230.53
C GLN BA 1127 -78.71 216.53 230.76
N ALA BA 1128 -79.87 215.89 230.83
CA ALA BA 1128 -81.14 216.58 231.04
C ALA BA 1128 -81.46 216.76 232.52
N ASP BA 1129 -80.70 216.15 233.42
CA ASP BA 1129 -80.96 216.28 234.85
C ASP BA 1129 -80.31 217.54 235.41
N GLU BA 1141 -85.54 220.42 224.95
CA GLU BA 1141 -85.91 219.00 224.91
C GLU BA 1141 -86.27 218.58 223.49
N PHE BA 1142 -86.81 219.52 222.71
CA PHE BA 1142 -87.19 219.22 221.34
C PHE BA 1142 -85.99 219.22 220.41
N VAL BA 1143 -85.08 220.17 220.58
CA VAL BA 1143 -83.89 220.23 219.73
C VAL BA 1143 -82.81 219.27 220.18
N LEU BA 1144 -82.87 218.80 221.44
CA LEU BA 1144 -81.86 217.86 221.93
C LEU BA 1144 -82.16 216.43 221.49
N LYS BA 1145 -83.44 216.09 221.35
CA LYS BA 1145 -83.81 214.74 220.93
C LYS BA 1145 -83.70 214.59 219.42
N ALA BA 1146 -83.85 215.67 218.66
CA ALA BA 1146 -83.75 215.60 217.21
C ALA BA 1146 -82.31 215.58 216.73
N ASN BA 1147 -81.40 216.22 217.47
CA ASN BA 1147 -79.99 216.23 217.09
C ASN BA 1147 -79.27 214.94 217.47
N TYR BA 1148 -79.81 214.16 218.40
CA TYR BA 1148 -79.17 212.92 218.79
C TYR BA 1148 -79.42 211.79 217.79
N GLU BA 1149 -80.47 211.90 216.97
CA GLU BA 1149 -80.74 210.86 215.99
C GLU BA 1149 -79.83 210.97 214.77
N TYR BA 1150 -79.44 212.20 214.42
CA TYR BA 1150 -78.57 212.39 213.27
C TYR BA 1150 -77.11 212.12 213.61
N TYR BA 1151 -76.74 212.21 214.89
CA TYR BA 1151 -75.36 211.94 215.29
C TYR BA 1151 -75.06 210.45 215.38
N VAL BA 1152 -76.09 209.63 215.54
CA VAL BA 1152 -75.87 208.18 215.64
C VAL BA 1152 -75.69 207.57 214.25
N GLN BA 1153 -76.29 208.17 213.22
CA GLN BA 1153 -76.15 207.64 211.87
C GLN BA 1153 -74.84 208.06 211.22
N GLY BA 1154 -74.34 209.25 211.55
CA GLY BA 1154 -73.09 209.72 210.96
C GLY BA 1154 -71.85 209.12 211.59
N GLN BA 1155 -71.95 208.62 212.81
CA GLN BA 1155 -70.82 208.03 213.51
C GLN BA 1155 -70.74 206.52 213.34
N ILE BA 1156 -71.70 205.90 212.66
CA ILE BA 1156 -71.70 204.46 212.45
C ILE BA 1156 -71.48 204.14 210.98
N ALA CA 150 -42.51 269.11 155.86
CA ALA CA 150 -43.78 269.40 155.24
C ALA CA 150 -44.55 268.12 154.87
N SER CA 151 -43.84 267.00 154.65
CA SER CA 151 -44.45 265.73 154.25
C SER CA 151 -44.82 264.81 155.42
N MET CA 152 -44.42 265.14 156.66
CA MET CA 152 -44.64 264.26 157.82
C MET CA 152 -46.12 264.06 158.19
N SER CA 153 -47.00 265.03 157.88
CA SER CA 153 -48.44 264.86 158.12
C SER CA 153 -49.07 263.77 157.25
N MET CA 154 -48.47 263.47 156.09
CA MET CA 154 -49.03 262.50 155.14
C MET CA 154 -49.18 261.10 155.75
N PHE CA 155 -48.32 260.72 156.71
CA PHE CA 155 -48.43 259.42 157.39
C PHE CA 155 -49.74 259.29 158.17
N SER CA 156 -50.17 260.35 158.85
CA SER CA 156 -51.47 260.37 159.53
C SER CA 156 -52.63 260.54 158.56
N ASP CA 157 -52.48 261.38 157.54
CA ASP CA 157 -53.54 261.69 156.58
C ASP CA 157 -53.95 260.43 155.78
N PHE CA 158 -52.97 259.61 155.39
CA PHE CA 158 -53.23 258.34 154.72
C PHE CA 158 -53.98 257.33 155.61
N LEU CA 159 -53.64 257.26 156.91
CA LEU CA 159 -54.37 256.39 157.83
C LEU CA 159 -55.81 256.88 158.03
N GLN CA 160 -56.01 258.18 158.23
CA GLN CA 160 -57.35 258.76 158.39
C GLN CA 160 -58.22 258.51 157.15
N SER CA 161 -57.64 258.68 155.96
CA SER CA 161 -58.32 258.39 154.69
C SER CA 161 -58.67 256.90 154.57
N PHE CA 162 -57.76 255.99 154.96
CA PHE CA 162 -58.03 254.55 155.00
C PHE CA 162 -59.22 254.21 155.91
N LEU CA 163 -59.21 254.70 157.15
CA LEU CA 163 -60.25 254.42 158.15
C LEU CA 163 -61.61 255.00 157.78
N LYS CA 164 -61.64 256.08 157.00
CA LYS CA 164 -62.87 256.73 156.51
C LYS CA 164 -63.59 255.90 155.43
N HIS CA 165 -62.87 255.05 154.71
CA HIS CA 165 -63.41 254.29 153.58
C HIS CA 165 -63.66 252.82 153.94
N SER CA 166 -64.74 252.25 153.40
CA SER CA 166 -65.01 250.82 153.53
C SER CA 166 -64.51 250.07 152.29
N SER CA 167 -64.54 248.74 152.33
CA SER CA 167 -64.17 247.91 151.18
C SER CA 167 -64.96 248.22 149.91
N SER CA 168 -66.21 248.68 150.03
CA SER CA 168 -67.04 249.08 148.87
C SER CA 168 -66.63 250.42 148.23
N THR CA 169 -65.84 251.25 148.92
CA THR CA 169 -65.40 252.58 148.46
C THR CA 169 -63.88 252.66 148.29
N VAL CA 170 -63.24 251.51 148.05
CA VAL CA 170 -61.78 251.40 147.92
C VAL CA 170 -61.18 252.25 146.79
N PHE CA 171 -61.94 252.54 145.72
CA PHE CA 171 -61.46 253.43 144.67
C PHE CA 171 -61.58 254.91 145.03
N ASP CA 172 -62.56 255.29 145.86
CA ASP CA 172 -62.65 256.65 146.40
C ASP CA 172 -61.47 256.91 147.36
N LEU CA 173 -61.05 255.89 148.10
CA LEU CA 173 -59.83 255.91 148.93
C LEU CA 173 -58.58 256.21 148.08
N VAL CA 174 -58.38 255.50 146.97
CA VAL CA 174 -57.21 255.74 146.09
C VAL CA 174 -57.26 257.13 145.46
N GLU CA 175 -58.44 257.63 145.10
CA GLU CA 175 -58.61 259.01 144.65
C GLU CA 175 -58.27 260.02 145.76
N GLU CA 176 -58.63 259.75 147.02
CA GLU CA 176 -58.23 260.60 148.16
C GLU CA 176 -56.70 260.54 148.41
N TYR CA 177 -56.06 259.38 148.26
CA TYR CA 177 -54.59 259.25 148.29
C TYR CA 177 -53.89 260.07 147.20
N GLU CA 178 -54.41 260.02 145.97
CA GLU CA 178 -53.92 260.86 144.88
C GLU CA 178 -54.02 262.36 145.26
N ASN CA 179 -55.15 262.78 145.81
CA ASN CA 179 -55.37 264.18 146.21
C ASN CA 179 -54.46 264.64 147.36
N ILE CA 180 -54.20 263.77 148.34
CA ILE CA 180 -53.25 264.04 149.43
C ILE CA 180 -51.85 264.25 148.85
N CYS CA 181 -51.40 263.33 147.97
CA CYS CA 181 -50.10 263.48 147.30
C CYS CA 181 -50.05 264.75 146.44
N GLY CA 182 -51.09 265.04 145.65
CA GLY CA 182 -51.16 266.23 144.80
C GLY CA 182 -51.11 267.53 145.59
N SER CA 183 -51.80 267.59 146.73
CA SER CA 183 -51.73 268.74 147.64
C SER CA 183 -50.30 268.97 148.14
N GLN CA 184 -49.61 267.89 148.52
CA GLN CA 184 -48.23 267.98 149.00
C GLN CA 184 -47.24 268.33 147.89
N VAL CA 185 -47.39 267.75 146.70
CA VAL CA 185 -46.59 268.06 145.50
C VAL CA 185 -46.70 269.54 145.16
N ASN CA 186 -47.89 270.12 145.23
CA ASN CA 186 -48.10 271.56 145.01
C ASN CA 186 -47.34 272.42 146.04
N ILE CA 187 -47.36 272.03 147.32
CA ILE CA 187 -46.61 272.73 148.38
C ILE CA 187 -45.10 272.63 148.12
N LEU CA 188 -44.58 271.43 147.86
CA LEU CA 188 -43.16 271.21 147.61
C LEU CA 188 -42.68 271.91 146.33
N SER CA 189 -43.49 271.93 145.27
CA SER CA 189 -43.18 272.66 144.03
C SER CA 189 -43.08 274.18 144.26
N LYS CA 190 -43.96 274.76 145.09
CA LYS CA 190 -43.85 276.17 145.53
C LYS CA 190 -42.57 276.41 146.32
N ILE CA 191 -42.15 275.47 147.19
CA ILE CA 191 -40.90 275.59 147.96
C ILE CA 191 -39.68 275.54 147.03
N VAL CA 192 -39.65 274.58 146.10
CA VAL CA 192 -38.54 274.40 145.16
C VAL CA 192 -38.42 275.58 144.19
N SER CA 193 -39.54 276.11 143.67
CA SER CA 193 -39.53 277.26 142.75
C SER CA 193 -39.08 278.58 143.40
N ARG CA 194 -39.29 278.74 144.71
CA ARG CA 194 -38.81 279.91 145.48
C ARG CA 194 -37.36 279.79 145.90
N ALA CA 195 -36.76 278.60 145.83
CA ALA CA 195 -35.37 278.38 146.18
C ALA CA 195 -34.41 279.01 145.16
N THR CA 196 -33.38 279.71 145.63
CA THR CA 196 -32.34 280.24 144.73
C THR CA 196 -31.58 279.08 144.06
N PRO CA 197 -31.45 279.07 142.72
CA PRO CA 197 -30.74 278.01 142.01
C PRO CA 197 -29.30 277.84 142.56
N GLY CA 198 -28.94 276.63 142.99
CA GLY CA 198 -27.58 276.27 143.42
C GLY CA 198 -27.37 276.06 144.92
N LEU CA 199 -28.38 276.29 145.78
CA LEU CA 199 -28.31 275.93 147.19
C LEU CA 199 -28.54 274.41 147.37
N GLN CA 200 -27.49 273.68 147.78
CA GLN CA 200 -27.54 272.23 148.06
C GLN CA 200 -28.65 271.84 149.06
N LYS CA 201 -29.08 272.79 149.93
CA LYS CA 201 -30.15 272.56 150.91
C LYS CA 201 -31.46 272.03 150.30
N PHE CA 202 -31.74 272.34 149.03
CA PHE CA 202 -33.00 271.93 148.38
C PHE CA 202 -32.89 270.66 147.55
N SER CA 203 -31.73 269.99 147.51
CA SER CA 203 -31.59 268.74 146.73
C SER CA 203 -32.50 267.65 147.27
N LYS CA 204 -32.58 267.51 148.60
CA LYS CA 204 -33.47 266.54 149.25
C LYS CA 204 -34.95 266.88 149.04
N THR CA 205 -35.32 268.15 149.18
CA THR CA 205 -36.68 268.63 148.90
C THR CA 205 -37.09 268.36 147.45
N ALA CA 206 -36.17 268.56 146.49
CA ALA CA 206 -36.42 268.23 145.08
C ALA CA 206 -36.56 266.71 144.85
N SER CA 207 -35.73 265.90 145.50
CA SER CA 207 -35.88 264.43 145.48
C SER CA 207 -37.21 263.99 146.08
N MET CA 208 -37.66 264.61 147.18
CA MET CA 208 -38.95 264.35 147.80
C MET CA 208 -40.12 264.74 146.89
N LEU CA 209 -40.03 265.91 146.23
CA LEU CA 209 -41.01 266.36 145.26
C LEU CA 209 -41.17 265.33 144.13
N TRP CA 210 -40.05 264.86 143.57
CA TRP CA 210 -40.09 263.82 142.54
C TRP CA 210 -40.70 262.52 143.06
N LEU CA 211 -40.30 262.06 144.26
CA LEU CA 211 -40.81 260.85 144.89
C LEU CA 211 -42.34 260.89 145.06
N LEU CA 212 -42.88 261.99 145.61
CA LEU CA 212 -44.31 262.14 145.83
C LEU CA 212 -45.10 262.37 144.53
N GLN CA 213 -44.48 263.01 143.53
CA GLN CA 213 -45.08 263.11 142.20
C GLN CA 213 -45.22 261.73 141.55
N GLN CA 214 -44.20 260.88 141.66
CA GLN CA 214 -44.26 259.50 141.19
C GLN CA 214 -45.29 258.66 141.98
N GLU CA 215 -45.42 258.88 143.29
CA GLU CA 215 -46.46 258.25 144.09
C GLU CA 215 -47.87 258.63 143.61
N MET CA 216 -48.12 259.92 143.43
CA MET CA 216 -49.40 260.47 142.98
C MET CA 216 -49.84 259.81 141.66
N VAL CA 217 -48.96 259.80 140.66
CA VAL CA 217 -49.30 259.24 139.34
C VAL CA 217 -49.43 257.72 139.40
N THR CA 218 -48.75 257.04 140.32
CA THR CA 218 -48.90 255.59 140.53
C THR CA 218 -50.27 255.25 141.12
N TRP CA 219 -50.79 256.04 142.06
CA TRP CA 219 -52.16 255.87 142.57
C TRP CA 219 -53.20 256.08 141.46
N ARG CA 220 -53.01 257.09 140.61
CA ARG CA 220 -53.88 257.35 139.43
C ARG CA 220 -53.91 256.16 138.46
N LEU CA 221 -52.75 255.57 138.17
CA LEU CA 221 -52.62 254.38 137.33
C LEU CA 221 -53.35 253.19 137.96
N LEU CA 222 -53.10 252.94 139.26
CA LEU CA 222 -53.71 251.86 140.02
C LEU CA 222 -55.24 251.94 139.97
N ALA CA 223 -55.80 253.12 140.26
CA ALA CA 223 -57.24 253.35 140.24
C ALA CA 223 -57.85 253.04 138.87
N SER CA 224 -57.17 253.45 137.78
CA SER CA 224 -57.66 253.27 136.41
C SER CA 224 -57.65 251.79 136.01
N LEU CA 225 -56.53 251.09 136.19
CA LEU CA 225 -56.37 249.69 135.79
C LEU CA 225 -57.21 248.73 136.64
N TYR CA 226 -57.18 248.86 137.96
CA TYR CA 226 -57.89 247.91 138.83
C TYR CA 226 -59.40 248.11 138.80
N ARG CA 227 -59.88 249.33 138.55
CA ARG CA 227 -61.31 249.57 138.31
C ARG CA 227 -61.77 248.83 137.05
N ASP CA 228 -61.00 248.91 135.98
CA ASP CA 228 -61.28 248.18 134.74
C ASP CA 228 -61.24 246.66 134.92
N ARG CA 229 -60.19 246.14 135.58
CA ARG CA 229 -60.02 244.70 135.81
C ARG CA 229 -61.16 244.11 136.64
N ILE CA 230 -61.56 244.80 137.70
CA ILE CA 230 -62.67 244.37 138.56
C ILE CA 230 -64.00 244.45 137.82
N GLN CA 231 -64.24 245.53 137.06
CA GLN CA 231 -65.46 245.64 136.26
C GLN CA 231 -65.54 244.56 135.19
N SER CA 232 -64.44 244.31 134.48
CA SER CA 232 -64.35 243.30 133.43
C SER CA 232 -64.66 241.90 133.97
N ALA CA 233 -64.08 241.54 135.12
CA ALA CA 233 -64.32 240.25 135.77
C ALA CA 233 -65.79 240.03 136.17
N LEU CA 234 -66.57 241.10 136.36
CA LEU CA 234 -68.01 241.03 136.67
C LEU CA 234 -68.88 240.96 135.41
N GLU CA 235 -68.39 241.41 134.25
CA GLU CA 235 -69.17 241.54 133.00
C GLU CA 235 -69.00 240.35 132.05
N GLU CA 236 -67.91 239.57 132.17
CA GLU CA 236 -67.61 238.38 131.35
C GLU CA 236 -68.75 237.34 131.34
N GLU CA 237 -69.69 237.37 132.30
CA GLU CA 237 -70.85 236.48 132.32
C GLU CA 237 -71.98 236.85 131.34
N SER CA 238 -71.97 238.00 130.66
CA SER CA 238 -73.21 238.56 130.08
C SER CA 238 -73.26 238.92 128.58
N VAL CA 239 -72.20 238.83 127.78
CA VAL CA 239 -72.21 239.47 126.44
C VAL CA 239 -71.99 238.50 125.26
N PHE CA 240 -73.06 238.24 124.51
CA PHE CA 240 -73.01 237.86 123.09
C PHE CA 240 -73.36 239.11 122.25
N ALA CA 241 -72.36 239.73 121.61
CA ALA CA 241 -72.59 240.84 120.68
C ALA CA 241 -72.52 240.35 119.23
N VAL CA 242 -73.60 240.56 118.46
CA VAL CA 242 -73.67 240.27 117.03
C VAL CA 242 -73.10 241.47 116.27
N THR CA 243 -71.99 241.29 115.56
CA THR CA 243 -71.41 242.31 114.66
C THR CA 243 -72.35 242.53 113.47
N ALA CA 244 -72.80 243.78 113.30
CA ALA CA 244 -73.64 244.17 112.18
C ALA CA 244 -72.83 244.16 110.86
N VAL CA 245 -73.41 243.59 109.80
CA VAL CA 245 -72.76 243.36 108.49
C VAL CA 245 -72.31 244.66 107.79
N ASN CA 246 -72.80 245.83 108.21
CA ASN CA 246 -72.46 247.16 107.67
C ASN CA 246 -71.93 248.12 108.76
N ALA CA 247 -71.19 247.61 109.75
CA ALA CA 247 -70.66 248.46 110.82
C ALA CA 247 -69.64 249.47 110.29
N SER CA 248 -69.76 250.73 110.71
CA SER CA 248 -68.75 251.78 110.48
C SER CA 248 -67.46 251.49 111.24
N GLU CA 249 -66.33 252.11 110.84
CA GLU CA 249 -65.06 251.97 111.57
C GLU CA 249 -65.24 252.31 113.06
N LYS CA 250 -65.94 253.40 113.38
CA LYS CA 250 -66.22 253.81 114.77
C LYS CA 250 -66.93 252.71 115.56
N THR CA 251 -67.98 252.11 114.99
CA THR CA 251 -68.75 251.04 115.65
C THR CA 251 -67.91 249.78 115.87
N VAL CA 252 -67.07 249.41 114.89
CA VAL CA 252 -66.14 248.27 115.02
C VAL CA 252 -65.17 248.51 116.16
N VAL CA 253 -64.57 249.70 116.23
CA VAL CA 253 -63.62 250.04 117.29
C VAL CA 253 -64.30 250.11 118.66
N GLU CA 254 -65.49 250.70 118.77
CA GLU CA 254 -66.27 250.69 120.02
C GLU CA 254 -66.54 249.26 120.51
N ALA CA 255 -66.90 248.34 119.60
CA ALA CA 255 -67.09 246.94 119.94
C ALA CA 255 -65.77 246.25 120.37
N LEU CA 256 -64.65 246.59 119.75
CA LEU CA 256 -63.32 246.11 120.16
C LEU CA 256 -63.00 246.53 121.59
N PHE CA 257 -63.17 247.80 121.93
CA PHE CA 257 -62.88 248.31 123.27
C PHE CA 257 -63.79 247.73 124.36
N GLN CA 258 -65.01 247.30 124.02
CA GLN CA 258 -65.88 246.58 124.94
C GLN CA 258 -65.42 245.14 125.14
N ARG CA 259 -65.08 244.45 124.05
CA ARG CA 259 -64.74 243.02 124.05
C ARG CA 259 -63.33 242.72 124.54
N ASP CA 260 -62.35 243.53 124.18
CA ASP CA 260 -60.93 243.25 124.35
C ASP CA 260 -60.33 244.04 125.52
N SER CA 261 -59.99 243.32 126.59
CA SER CA 261 -59.40 243.91 127.80
C SER CA 261 -57.98 244.41 127.59
N LEU CA 262 -57.19 243.78 126.69
CA LEU CA 262 -55.83 244.20 126.39
C LEU CA 262 -55.83 245.58 125.73
N VAL CA 263 -56.66 245.77 124.71
CA VAL CA 263 -56.78 247.06 124.00
C VAL CA 263 -57.25 248.15 124.96
N ARG CA 264 -58.28 247.86 125.75
CA ARG CA 264 -58.85 248.80 126.72
C ARG CA 264 -57.84 249.19 127.81
N GLN CA 265 -57.17 248.22 128.44
CA GLN CA 265 -56.16 248.51 129.47
C GLN CA 265 -54.94 249.23 128.88
N SER CA 266 -54.52 248.89 127.67
CA SER CA 266 -53.43 249.59 126.98
C SER CA 266 -53.78 251.06 126.73
N GLN CA 267 -55.02 251.36 126.35
CA GLN CA 267 -55.49 252.75 126.22
C GLN CA 267 -55.53 253.47 127.57
N LEU CA 268 -55.92 252.81 128.67
CA LEU CA 268 -55.85 253.41 130.00
C LEU CA 268 -54.42 253.81 130.39
N VAL CA 269 -53.42 253.01 129.99
CA VAL CA 269 -52.00 253.36 130.18
C VAL CA 269 -51.60 254.57 129.35
N VAL CA 270 -52.07 254.67 128.09
CA VAL CA 270 -51.88 255.86 127.25
C VAL CA 270 -52.49 257.10 127.90
N ASP CA 271 -53.75 257.02 128.31
CA ASP CA 271 -54.48 258.14 128.94
C ASP CA 271 -53.79 258.59 130.23
N TRP CA 272 -53.30 257.64 131.03
CA TRP CA 272 -52.51 257.91 132.22
C TRP CA 272 -51.23 258.69 131.87
N LEU CA 273 -50.43 258.22 130.91
CA LEU CA 273 -49.19 258.89 130.50
C LEU CA 273 -49.45 260.26 129.86
N GLU CA 274 -50.55 260.42 129.14
CA GLU CA 274 -50.98 261.71 128.59
C GLU CA 274 -51.39 262.67 129.71
N SER CA 275 -52.03 262.17 130.78
CA SER CA 275 -52.37 262.97 131.96
C SER CA 275 -51.13 263.51 132.68
N ILE CA 276 -50.07 262.72 132.79
CA ILE CA 276 -48.81 263.15 133.40
C ILE CA 276 -48.20 264.29 132.58
N ALA CA 277 -48.09 264.11 131.27
CA ALA CA 277 -47.55 265.13 130.37
C ALA CA 277 -48.42 266.42 130.40
N LYS CA 278 -49.74 266.27 130.56
CA LYS CA 278 -50.64 267.42 130.73
C LYS CA 278 -50.38 268.18 132.04
N ASP CA 279 -50.18 267.47 133.14
CA ASP CA 279 -49.86 268.07 134.44
C ASP CA 279 -48.53 268.87 134.37
N GLU CA 280 -47.54 268.37 133.62
CA GLU CA 280 -46.25 269.04 133.42
C GLU CA 280 -46.32 270.30 132.55
N ILE CA 281 -47.22 270.36 131.57
CA ILE CA 281 -47.42 271.55 130.73
C ILE CA 281 -47.98 272.73 131.55
N GLY CA 282 -48.87 272.44 132.50
CA GLY CA 282 -49.54 273.45 133.31
C GLY CA 282 -50.34 274.48 132.50
N GLU CA 283 -50.50 275.70 133.03
CA GLU CA 283 -51.25 276.79 132.38
C GLU CA 283 -50.44 277.54 131.29
N PHE CA 284 -49.22 277.11 130.97
CA PHE CA 284 -48.26 277.93 130.21
C PHE CA 284 -48.51 278.02 128.69
N SER CA 285 -49.59 277.42 128.18
CA SER CA 285 -49.91 277.36 126.73
C SER CA 285 -50.09 278.74 126.06
N ASP CA 286 -50.42 279.78 126.83
CA ASP CA 286 -50.73 281.11 126.29
C ASP CA 286 -49.56 282.09 126.23
N ASN CA 287 -48.40 281.78 126.82
CA ASN CA 287 -47.25 282.69 126.91
C ASN CA 287 -46.20 282.49 125.80
N ILE CA 288 -46.53 281.75 124.74
CA ILE CA 288 -45.55 281.47 123.68
C ILE CA 288 -45.40 282.70 122.78
N GLU CA 289 -44.31 283.45 122.98
CA GLU CA 289 -43.93 284.57 122.11
C GLU CA 289 -43.29 284.05 120.81
N PHE CA 290 -43.95 284.34 119.68
CA PHE CA 290 -43.41 284.14 118.33
C PHE CA 290 -42.89 285.47 117.76
N TYR CA 291 -41.93 285.41 116.84
CA TYR CA 291 -41.47 286.61 116.13
C TYR CA 291 -42.52 287.09 115.12
N ALA CA 292 -43.23 286.17 114.47
CA ALA CA 292 -44.37 286.48 113.62
C ALA CA 292 -45.62 286.82 114.45
N LYS CA 293 -46.27 287.95 114.14
CA LYS CA 293 -47.45 288.43 114.88
C LYS CA 293 -48.75 288.33 114.08
N SER CA 294 -48.66 288.21 112.75
CA SER CA 294 -49.82 288.44 111.87
C SER CA 294 -50.02 287.39 110.80
N VAL CA 295 -48.96 286.85 110.19
CA VAL CA 295 -49.05 285.95 109.04
C VAL CA 295 -48.00 284.85 109.12
N TYR CA 296 -48.33 283.67 108.60
CA TYR CA 296 -47.39 282.56 108.44
C TYR CA 296 -46.17 282.97 107.60
N TRP CA 297 -44.97 282.63 108.06
CA TRP CA 297 -43.67 282.98 107.46
C TRP CA 297 -43.56 284.47 107.09
N GLU CA 298 -43.91 285.34 108.04
CA GLU CA 298 -43.95 286.81 107.85
C GLU CA 298 -42.60 287.36 107.35
N ASN CA 299 -41.47 286.84 107.85
CA ASN CA 299 -40.14 287.33 107.49
C ASN CA 299 -39.71 286.87 106.09
N THR CA 300 -40.01 285.62 105.73
CA THR CA 300 -39.75 285.06 104.40
C THR CA 300 -40.60 285.78 103.36
N LEU CA 301 -41.88 286.02 103.65
CA LEU CA 301 -42.77 286.81 102.82
C LEU CA 301 -42.23 288.23 102.63
N HIS CA 302 -41.77 288.87 103.70
CA HIS CA 302 -41.18 290.21 103.64
C HIS CA 302 -39.94 290.23 102.74
N THR CA 303 -39.01 289.30 102.94
CA THR CA 303 -37.79 289.18 102.13
C THR CA 303 -38.10 288.91 100.66
N PRO CA 318 -41.34 288.55 97.69
CA PRO CA 318 -42.02 287.49 96.95
C PRO CA 318 -41.05 286.48 96.33
N LEU CA 319 -41.11 285.24 96.76
CA LEU CA 319 -40.23 284.20 96.24
C LEU CA 319 -40.93 282.84 96.26
N VAL CA 320 -42.08 282.76 96.91
CA VAL CA 320 -42.85 281.53 97.01
C VAL CA 320 -43.97 281.60 95.99
N THR CA 321 -43.91 280.74 94.97
CA THR CA 321 -44.93 280.71 93.93
C THR CA 321 -46.22 280.05 94.39
N GLU CA 322 -46.16 279.19 95.40
CA GLU CA 322 -47.34 278.50 95.91
C GLU CA 322 -47.41 278.68 97.42
N LEU CA 323 -48.61 278.95 97.91
CA LEU CA 323 -48.84 279.14 99.35
C LEU CA 323 -49.19 277.84 100.07
N ASP CA 324 -49.20 276.71 99.37
CA ASP CA 324 -49.52 275.44 99.99
C ASP CA 324 -48.28 274.84 100.64
N PRO CA 325 -48.44 273.73 101.37
CA PRO CA 325 -47.29 273.11 102.03
C PRO CA 325 -46.41 272.29 101.10
N ASP CA 326 -46.86 271.99 99.89
CA ASP CA 326 -46.07 271.20 98.94
C ASP CA 326 -44.99 272.02 98.24
N ALA CA 327 -45.02 273.34 98.37
CA ALA CA 327 -44.04 274.20 97.71
C ALA CA 327 -42.66 274.00 98.32
N PRO CA 328 -42.56 273.79 99.63
CA PRO CA 328 -41.25 273.57 100.27
C PRO CA 328 -40.68 272.18 100.02
N ILE CA 329 -41.50 271.21 99.65
CA ILE CA 329 -41.04 269.86 99.40
C ILE CA 329 -40.82 269.57 97.92
N ARG CA 330 -41.57 270.21 97.02
CA ARG CA 330 -41.38 269.99 95.59
C ARG CA 330 -40.20 270.79 95.03
N GLN CA 331 -39.88 271.92 95.65
CA GLN CA 331 -38.79 272.77 95.20
C GLN CA 331 -37.61 272.63 96.16
N LYS CA 332 -36.63 273.52 96.01
CA LYS CA 332 -35.45 273.51 96.87
C LYS CA 332 -35.64 274.44 98.06
N MET CA 333 -34.66 275.31 98.31
CA MET CA 333 -34.72 276.25 99.43
C MET CA 333 -35.56 277.46 99.04
N PRO CA 334 -36.79 277.57 99.51
CA PRO CA 334 -37.63 278.73 99.16
C PRO CA 334 -38.12 279.49 100.39
N LEU CA 335 -37.81 278.96 101.56
CA LEU CA 335 -38.21 279.58 102.82
C LEU CA 335 -37.05 280.38 103.42
N ASP CA 336 -37.38 281.18 104.42
CA ASP CA 336 -36.42 282.02 105.11
C ASP CA 336 -36.05 281.38 106.45
N ASP CA 337 -35.51 282.18 107.37
CA ASP CA 337 -35.14 281.68 108.68
C ASP CA 337 -36.23 281.88 109.72
N LEU CA 338 -36.86 283.06 109.74
CA LEU CA 338 -37.92 283.32 110.71
C LEU CA 338 -39.13 282.43 110.46
N ASP CA 339 -39.52 282.26 109.18
CA ASP CA 339 -40.65 281.40 108.86
C ASP CA 339 -40.35 279.94 109.22
N ARG CA 340 -39.12 279.49 108.96
CA ARG CA 340 -38.75 278.12 109.32
C ARG CA 340 -38.76 277.93 110.83
N GLU CA 341 -38.27 278.91 111.57
CA GLU CA 341 -38.29 278.81 113.03
C GLU CA 341 -39.72 278.80 113.57
N ASP CA 342 -40.59 279.63 112.99
CA ASP CA 342 -41.99 279.64 113.41
C ASP CA 342 -42.66 278.31 113.11
N GLU CA 343 -42.38 277.73 111.93
CA GLU CA 343 -42.95 276.44 111.58
C GLU CA 343 -42.45 275.34 112.51
N VAL CA 344 -41.16 275.38 112.86
CA VAL CA 344 -40.60 274.38 113.77
C VAL CA 344 -41.23 274.53 115.16
N ARG CA 345 -41.42 275.77 115.62
CA ARG CA 345 -42.06 275.97 116.92
C ARG CA 345 -43.51 275.50 116.91
N LEU CA 346 -44.24 275.75 115.83
CA LEU CA 346 -45.61 275.28 115.73
C LEU CA 346 -45.67 273.76 115.71
N LEU CA 347 -44.75 273.12 114.98
CA LEU CA 347 -44.72 271.66 114.95
C LEU CA 347 -44.39 271.08 116.33
N LYS CA 348 -43.45 271.72 117.05
CA LYS CA 348 -43.12 271.24 118.39
C LYS CA 348 -44.30 271.41 119.34
N TYR CA 349 -45.01 272.54 119.24
CA TYR CA 349 -46.19 272.75 120.08
C TYR CA 349 -47.28 271.73 119.77
N LEU CA 350 -47.49 271.44 118.48
CA LEU CA 350 -48.49 270.44 118.10
C LEU CA 350 -48.10 269.06 118.62
N PHE CA 351 -46.82 268.71 118.52
CA PHE CA 351 -46.36 267.41 119.02
C PHE CA 351 -46.53 267.32 120.53
N THR CA 352 -46.22 268.41 121.25
CA THR CA 352 -46.39 268.41 122.70
C THR CA 352 -47.86 268.30 123.08
N LEU CA 353 -48.74 268.98 122.36
CA LEU CA 353 -50.18 268.89 122.64
C LEU CA 353 -50.73 267.51 122.32
N ILE CA 354 -50.19 266.85 121.29
CA ILE CA 354 -50.65 265.51 120.96
C ILE CA 354 -50.13 264.50 121.98
N ARG CA 355 -48.92 264.72 122.49
CA ARG CA 355 -48.37 263.80 123.49
C ARG CA 355 -49.03 263.99 124.85
N ALA CA 356 -49.45 265.21 125.17
CA ALA CA 356 -50.10 265.49 126.44
C ALA CA 356 -51.57 265.10 126.47
N GLY CA 357 -52.11 264.59 125.36
CA GLY CA 357 -53.49 264.18 125.32
C GLY CA 357 -54.46 265.35 125.19
N MET CA 358 -54.27 266.18 124.14
CA MET CA 358 -55.12 267.34 123.90
C MET CA 358 -55.23 267.53 122.38
N THR CA 359 -56.10 266.73 121.77
CA THR CA 359 -56.30 266.82 120.32
C THR CA 359 -57.15 268.03 119.94
N GLU CA 360 -58.18 268.32 120.74
CA GLU CA 360 -59.03 269.48 120.44
C GLU CA 360 -58.27 270.79 120.59
N GLU CA 361 -57.45 270.90 121.63
CA GLU CA 361 -56.65 272.11 121.81
C GLU CA 361 -55.64 272.28 120.68
N ALA CA 362 -55.01 271.18 120.25
CA ALA CA 362 -54.06 271.25 119.15
C ALA CA 362 -54.76 271.65 117.85
N GLN CA 363 -55.95 271.11 117.61
CA GLN CA 363 -56.70 271.48 116.42
C GLN CA 363 -57.11 272.95 116.45
N ARG CA 364 -57.53 273.44 117.62
CA ARG CA 364 -57.90 274.85 117.75
C ARG CA 364 -56.69 275.74 117.53
N LEU CA 365 -55.53 275.36 118.07
CA LEU CA 365 -54.33 276.15 117.87
C LEU CA 365 -53.90 276.16 116.41
N CYS CA 366 -54.00 275.02 115.73
CA CYS CA 366 -53.65 274.95 114.31
C CYS CA 366 -54.63 275.76 113.46
N LYS CA 367 -55.91 275.79 113.84
CA LYS CA 367 -56.88 276.59 113.08
C LYS CA 367 -56.70 278.08 113.34
N ARG CA 368 -56.30 278.46 114.55
CA ARG CA 368 -56.09 279.88 114.86
C ARG CA 368 -54.78 280.40 114.30
N CYS CA 369 -53.77 279.53 114.17
CA CYS CA 369 -52.48 279.96 113.63
C CYS CA 369 -52.53 280.21 112.12
N GLY CA 370 -53.49 279.61 111.43
CA GLY CA 370 -53.61 279.78 110.00
C GLY CA 370 -53.16 278.60 109.15
N GLN CA 371 -52.95 277.44 109.76
CA GLN CA 371 -52.51 276.24 109.04
C GLN CA 371 -53.71 275.32 108.89
N ALA CA 372 -54.41 275.44 107.76
CA ALA CA 372 -55.58 274.61 107.52
C ALA CA 372 -55.20 273.19 107.13
N TRP CA 373 -54.08 273.01 106.44
CA TRP CA 373 -53.65 271.68 106.03
C TRP CA 373 -53.31 270.81 107.24
N ARG CA 374 -52.61 271.39 108.23
CA ARG CA 374 -52.28 270.63 109.44
C ARG CA 374 -53.53 270.23 110.19
N ALA CA 375 -54.50 271.14 110.30
CA ALA CA 375 -55.75 270.81 110.99
C ALA CA 375 -56.53 269.74 110.25
N ALA CA 376 -56.57 269.82 108.91
CA ALA CA 376 -57.26 268.80 108.13
C ALA CA 376 -56.57 267.45 108.23
N THR CA 377 -55.25 267.43 108.33
CA THR CA 377 -54.54 266.17 108.49
C THR CA 377 -54.72 265.59 109.89
N LEU CA 378 -54.82 266.46 110.90
CA LEU CA 378 -55.00 265.98 112.27
C LEU CA 378 -56.43 265.52 112.51
N GLU CA 379 -57.42 266.13 111.86
CA GLU CA 379 -58.80 265.72 112.04
C GLU CA 379 -59.12 264.39 111.36
N GLY CA 380 -58.27 263.92 110.46
CA GLY CA 380 -58.49 262.66 109.77
C GLY CA 380 -58.04 261.42 110.51
N TRP CA 381 -57.71 261.53 111.79
CA TRP CA 381 -57.28 260.37 112.55
C TRP CA 381 -58.44 259.48 112.96
N LYS CA 382 -59.63 260.05 113.12
CA LYS CA 382 -60.80 259.28 113.51
C LYS CA 382 -61.38 258.54 112.30
N LEU CA 383 -61.92 257.36 112.54
CA LEU CA 383 -62.51 256.55 111.48
C LEU CA 383 -63.90 257.08 111.13
N TYR CA 384 -64.43 256.59 110.01
CA TYR CA 384 -65.75 257.00 109.54
C TYR CA 384 -66.83 256.32 110.38
N HIS CA 385 -67.81 257.10 110.83
CA HIS CA 385 -68.92 256.60 111.64
C HIS CA 385 -70.21 257.18 111.09
N ASP CA 386 -71.02 256.33 110.47
CA ASP CA 386 -72.29 256.76 109.90
C ASP CA 386 -73.41 256.57 110.91
N PRO CA 387 -74.27 257.57 111.12
CA PRO CA 387 -75.36 257.41 112.09
C PRO CA 387 -76.52 256.58 111.56
N ASN CA 388 -76.70 256.47 110.25
CA ASN CA 388 -77.79 255.69 109.68
C ASN CA 388 -77.44 254.22 109.52
N VAL CA 389 -76.17 253.91 109.26
CA VAL CA 389 -75.78 252.51 109.09
C VAL CA 389 -75.49 251.86 110.44
N ASN CA 390 -74.62 252.48 111.23
CA ASN CA 390 -74.26 251.95 112.54
C ASN CA 390 -75.35 252.34 113.53
N GLY CA 391 -76.15 251.36 113.96
CA GLY CA 391 -77.22 251.61 114.90
C GLY CA 391 -76.79 251.69 116.35
N GLY CA 392 -75.56 251.29 116.67
CA GLY CA 392 -75.09 251.34 118.03
C GLY CA 392 -74.73 252.74 118.50
N THR CA 393 -73.82 253.39 117.78
CA THR CA 393 -73.39 254.75 118.12
C THR CA 393 -74.04 255.74 117.14
N GLU CA 394 -75.36 255.87 117.26
CA GLU CA 394 -76.12 256.77 116.41
C GLU CA 394 -75.95 258.19 116.92
N LEU CA 395 -75.33 259.05 116.10
CA LEU CA 395 -75.10 260.44 116.48
C LEU CA 395 -75.91 261.39 115.61
N GLU CA 396 -75.34 262.52 115.25
CA GLU CA 396 -76.03 263.50 114.41
C GLU CA 396 -75.60 263.35 112.96
N PRO CA 397 -74.36 263.74 112.61
CA PRO CA 397 -73.92 263.60 111.21
C PRO CA 397 -72.77 262.62 111.07
N VAL CA 398 -72.47 262.24 109.84
CA VAL CA 398 -71.38 261.30 109.57
C VAL CA 398 -70.05 262.05 109.61
N GLU CA 399 -69.13 261.57 110.44
CA GLU CA 399 -67.81 262.18 110.57
C GLU CA 399 -66.74 261.11 110.43
N GLY CA 400 -65.58 261.52 109.94
CA GLY CA 400 -64.46 260.63 109.76
C GLY CA 400 -64.25 260.27 108.29
N ASN CA 401 -63.05 259.77 108.00
CA ASN CA 401 -62.73 259.38 106.63
C ASN CA 401 -62.93 257.89 106.43
N PRO CA 402 -63.49 257.48 105.29
CA PRO CA 402 -63.70 256.04 105.05
C PRO CA 402 -62.44 255.31 104.61
N TYR CA 403 -61.38 256.01 104.23
CA TYR CA 403 -60.13 255.40 103.80
C TYR CA 403 -59.08 255.63 104.88
N ARG CA 404 -59.13 254.79 105.92
CA ARG CA 404 -58.18 254.91 107.01
C ARG CA 404 -56.80 254.37 106.63
N ARG CA 405 -56.77 253.28 105.86
CA ARG CA 405 -55.49 252.71 105.45
C ARG CA 405 -54.74 253.65 104.50
N ILE CA 406 -55.46 254.26 103.56
CA ILE CA 406 -54.82 255.19 102.64
C ILE CA 406 -54.30 256.41 103.39
N TRP CA 407 -55.07 256.92 104.36
CA TRP CA 407 -54.62 258.06 105.14
C TRP CA 407 -53.40 257.70 105.98
N LYS CA 408 -53.38 256.51 106.57
CA LYS CA 408 -52.21 256.09 107.34
C LYS CA 408 -50.98 255.94 106.44
N ILE CA 409 -51.17 255.39 105.25
CA ILE CA 409 -50.04 255.25 104.32
C ILE CA 409 -49.52 256.61 103.89
N SER CA 410 -50.43 257.56 103.64
CA SER CA 410 -49.99 258.91 103.27
C SER CA 410 -49.26 259.58 104.42
N CYS CA 411 -49.74 259.41 105.65
CA CYS CA 411 -49.06 259.99 106.80
C CYS CA 411 -47.68 259.37 106.98
N TRP CA 412 -47.55 258.06 106.80
CA TRP CA 412 -46.25 257.41 106.92
C TRP CA 412 -45.31 257.88 105.83
N ARG CA 413 -45.81 258.06 104.61
CA ARG CA 413 -44.95 258.53 103.53
C ARG CA 413 -44.52 259.97 103.75
N MET CA 414 -45.40 260.79 104.34
CA MET CA 414 -45.03 262.17 104.63
C MET CA 414 -44.04 262.25 105.79
N ALA CA 415 -44.15 261.35 106.77
CA ALA CA 415 -43.23 261.36 107.89
C ALA CA 415 -41.88 260.79 107.52
N GLU CA 416 -41.83 259.81 106.62
CA GLU CA 416 -40.57 259.20 106.21
C GLU CA 416 -39.77 260.09 105.27
N ASP CA 417 -40.41 261.07 104.63
CA ASP CA 417 -39.72 261.96 103.71
C ASP CA 417 -38.94 263.02 104.48
N GLU CA 418 -37.92 263.56 103.84
CA GLU CA 418 -37.08 264.58 104.43
C GLU CA 418 -37.58 265.97 104.00
N LEU CA 419 -36.72 266.99 104.12
CA LEU CA 419 -37.05 268.36 103.76
C LEU CA 419 -38.28 268.86 104.52
N PHE CA 420 -38.28 268.62 105.83
CA PHE CA 420 -39.38 269.03 106.70
C PHE CA 420 -38.83 269.32 108.09
N ASN CA 421 -39.73 269.62 109.01
CA ASN CA 421 -39.34 269.92 110.39
C ASN CA 421 -39.03 268.64 111.14
N ARG CA 422 -38.27 268.79 112.23
CA ARG CA 422 -37.89 267.64 113.05
C ARG CA 422 -39.02 267.19 113.97
N TYR CA 423 -40.02 268.03 114.20
CA TYR CA 423 -41.14 267.68 115.06
C TYR CA 423 -42.38 267.26 114.30
N GLU CA 424 -42.63 267.86 113.13
CA GLU CA 424 -43.81 267.49 112.35
C GLU CA 424 -43.73 266.05 111.86
N ARG CA 425 -42.55 265.63 111.41
CA ARG CA 425 -42.39 264.25 110.95
C ARG CA 425 -42.58 263.27 112.10
N ALA CA 426 -42.05 263.60 113.28
CA ALA CA 426 -42.23 262.73 114.44
C ALA CA 426 -43.70 262.65 114.85
N ILE CA 427 -44.41 263.78 114.81
CA ILE CA 427 -45.82 263.78 115.16
C ILE CA 427 -46.61 262.95 114.16
N TYR CA 428 -46.28 263.07 112.87
CA TYR CA 428 -46.98 262.29 111.86
C TYR CA 428 -46.70 260.79 112.03
N ALA CA 429 -45.46 260.44 112.36
CA ALA CA 429 -45.13 259.02 112.56
C ALA CA 429 -45.82 258.47 113.80
N ALA CA 430 -45.96 259.30 114.84
CA ALA CA 430 -46.65 258.85 116.05
C ALA CA 430 -48.15 258.72 115.81
N LEU CA 431 -48.73 259.59 114.99
CA LEU CA 431 -50.16 259.51 114.70
C LEU CA 431 -50.48 258.36 113.76
N SER CA 432 -49.59 258.07 112.81
CA SER CA 432 -49.83 256.97 111.89
C SER CA 432 -49.51 255.61 112.51
N GLY CA 433 -48.51 255.55 113.38
CA GLY CA 433 -48.14 254.30 114.03
C GLY CA 433 -46.72 253.88 113.76
N ASN CA 434 -45.77 254.75 114.11
CA ASN CA 434 -44.35 254.46 113.91
C ASN CA 434 -43.56 255.15 115.01
N LEU CA 435 -42.23 255.05 114.92
CA LEU CA 435 -41.32 255.64 115.88
C LEU CA 435 -40.51 256.74 115.22
N LYS CA 436 -39.83 257.52 116.06
CA LYS CA 436 -38.98 258.62 115.62
C LYS CA 436 -37.54 258.36 116.04
N GLN CA 437 -36.69 259.35 115.81
CA GLN CA 437 -35.27 259.24 116.17
C GLN CA 437 -34.72 260.61 116.54
N LEU CA 438 -35.28 261.67 115.95
CA LEU CA 438 -34.81 263.01 116.25
C LEU CA 438 -35.46 263.57 117.52
N LEU CA 439 -36.75 263.29 117.72
CA LEU CA 439 -37.45 263.74 118.92
C LEU CA 439 -37.35 262.67 120.01
N PRO CA 440 -36.83 261.49 119.68
CA PRO CA 440 -36.70 260.44 120.70
C PRO CA 440 -35.40 260.48 121.48
N VAL CA 441 -34.53 261.46 121.23
CA VAL CA 441 -33.28 261.55 121.98
C VAL CA 441 -33.50 262.25 123.32
N CYS CA 442 -34.39 263.24 123.35
CA CYS CA 442 -34.70 263.97 124.58
C CYS CA 442 -35.91 263.41 125.30
N ASP CA 443 -36.53 262.36 124.78
CA ASP CA 443 -37.70 261.77 125.41
C ASP CA 443 -37.29 260.91 126.60
N THR CA 444 -38.17 260.86 127.60
CA THR CA 444 -37.93 260.09 128.81
C THR CA 444 -38.48 258.67 128.62
N TRP CA 445 -38.61 257.94 129.73
CA TRP CA 445 -39.13 256.58 129.67
C TRP CA 445 -40.64 256.56 129.52
N GLU CA 446 -41.34 257.50 130.16
CA GLU CA 446 -42.80 257.53 130.07
C GLU CA 446 -43.26 257.84 128.64
N ASP CA 447 -42.61 258.80 127.98
CA ASP CA 447 -42.97 259.11 126.61
C ASP CA 447 -42.70 257.95 125.68
N THR CA 448 -41.58 257.25 125.87
CA THR CA 448 -41.28 256.09 125.04
C THR CA 448 -42.28 254.96 125.28
N VAL CA 449 -42.68 254.75 126.53
CA VAL CA 449 -43.67 253.72 126.83
C VAL CA 449 -45.02 254.07 126.21
N TRP CA 450 -45.40 255.35 126.26
CA TRP CA 450 -46.66 255.77 125.66
C TRP CA 450 -46.62 255.60 124.14
N ALA CA 451 -45.49 255.95 123.52
CA ALA CA 451 -45.36 255.77 122.08
C ALA CA 451 -45.43 254.29 121.69
N TYR CA 452 -44.77 253.44 122.48
CA TYR CA 452 -44.82 252.01 122.19
C TYR CA 452 -46.24 251.46 122.36
N PHE CA 453 -46.95 251.91 123.39
CA PHE CA 453 -48.33 251.47 123.58
C PHE CA 453 -49.22 251.94 122.43
N ARG CA 454 -49.03 253.18 121.98
CA ARG CA 454 -49.82 253.68 120.86
C ARG CA 454 -49.52 252.91 119.59
N VAL CA 455 -48.25 252.59 119.34
CA VAL CA 455 -47.88 251.81 118.16
C VAL CA 455 -48.48 250.42 118.23
N MET CA 456 -48.47 249.80 119.41
CA MET CA 456 -49.05 248.47 119.56
C MET CA 456 -50.57 248.51 119.35
N VAL CA 457 -51.23 249.55 119.86
CA VAL CA 457 -52.67 249.68 119.67
C VAL CA 457 -53.00 249.89 118.20
N ASP CA 458 -52.19 250.70 117.50
CA ASP CA 458 -52.41 250.91 116.07
C ASP CA 458 -52.20 249.63 115.28
N SER CA 459 -51.17 248.86 115.63
CA SER CA 459 -50.92 247.59 114.94
C SER CA 459 -52.06 246.61 115.19
N LEU CA 460 -52.57 246.55 116.42
CA LEU CA 460 -53.68 245.67 116.73
C LEU CA 460 -54.94 246.09 115.98
N VAL CA 461 -55.20 247.39 115.88
CA VAL CA 461 -56.37 247.87 115.14
C VAL CA 461 -56.23 247.54 113.67
N GLU CA 462 -55.02 247.70 113.11
CA GLU CA 462 -54.82 247.37 111.70
C GLU CA 462 -54.99 245.87 111.45
N GLN CA 463 -54.49 245.04 112.37
CA GLN CA 463 -54.67 243.60 112.21
C GLN CA 463 -56.14 243.19 112.32
N GLU CA 464 -56.88 243.83 113.24
CA GLU CA 464 -58.30 243.52 113.36
C GLU CA 464 -59.09 244.00 112.15
N ILE CA 465 -58.68 245.11 111.55
CA ILE CA 465 -59.38 245.60 110.36
C ILE CA 465 -59.04 244.73 109.15
N GLN CA 466 -57.81 244.20 109.08
CA GLN CA 466 -57.43 243.36 107.95
C GLN CA 466 -58.01 241.96 108.07
N THR CA 467 -58.17 241.45 109.30
CA THR CA 467 -58.72 240.11 109.48
C THR CA 467 -60.23 240.07 109.29
N SER CA 468 -60.92 241.19 109.55
CA SER CA 468 -62.36 241.27 109.41
C SER CA 468 -62.80 241.69 108.01
N VAL CA 469 -61.86 241.79 107.06
CA VAL CA 469 -62.14 242.18 105.69
C VAL CA 469 -62.82 243.54 105.66
N ALA CA 470 -62.29 244.49 106.42
CA ALA CA 470 -62.83 245.84 106.50
C ALA CA 470 -62.14 246.81 105.56
N THR CA 471 -60.82 246.72 105.42
CA THR CA 471 -60.07 247.59 104.54
C THR CA 471 -59.92 246.97 103.16
N LEU CA 472 -59.83 247.84 102.15
CA LEU CA 472 -59.69 247.38 100.78
C LEU CA 472 -58.26 246.91 100.52
N ASP CA 473 -58.12 246.06 99.50
CA ASP CA 473 -56.80 245.53 99.15
C ASP CA 473 -55.95 246.56 98.41
N GLU CA 474 -56.57 247.56 97.78
CA GLU CA 474 -55.84 248.58 97.05
C GLU CA 474 -55.45 249.78 97.91
N THR CA 475 -55.95 249.85 99.15
CA THR CA 475 -55.62 250.96 100.03
C THR CA 475 -54.24 250.85 100.66
N GLU CA 476 -53.67 249.64 100.68
CA GLU CA 476 -52.34 249.42 101.25
C GLU CA 476 -51.30 249.88 100.26
N GLU CA 477 -50.88 251.14 100.38
CA GLU CA 477 -49.87 251.69 99.48
C GLU CA 477 -48.47 251.22 99.85
N LEU CA 478 -48.04 251.53 101.06
CA LEU CA 478 -46.71 251.14 101.53
C LEU CA 478 -46.81 249.97 102.49
N PRO CA 479 -45.71 249.25 102.73
CA PRO CA 479 -45.75 248.11 103.66
C PRO CA 479 -45.66 248.57 105.10
N ARG CA 480 -46.60 248.12 105.92
CA ARG CA 480 -46.66 248.47 107.33
C ARG CA 480 -46.19 247.30 108.19
N LEU CA 483 -45.75 247.61 109.39
CA LEU CA 483 -45.26 246.62 110.33
C LEU CA 483 -46.45 245.91 110.97
N GLY CA 484 -46.77 244.72 110.47
CA GLY CA 484 -47.90 243.96 110.99
C GLY CA 484 -47.63 243.26 112.29
N ALA CA 485 -46.36 243.10 112.66
CA ALA CA 485 -46.00 242.42 113.90
C ALA CA 485 -46.23 243.35 115.09
N ASN CA 486 -47.06 242.91 116.04
CA ASN CA 486 -47.39 243.68 117.22
C ASN CA 486 -46.83 242.98 118.45
N TRP CA 487 -46.05 243.71 119.25
CA TRP CA 487 -45.46 243.15 120.45
C TRP CA 487 -46.44 243.24 121.62
N THR CA 488 -46.18 242.42 122.64
CA THR CA 488 -47.02 242.38 123.83
C THR CA 488 -46.55 243.45 124.82
N LEU CA 489 -47.12 243.45 126.03
CA LEU CA 489 -46.74 244.42 127.04
C LEU CA 489 -45.40 244.09 127.68
N GLU CA 490 -45.08 242.80 127.85
CA GLU CA 490 -43.82 242.41 128.46
C GLU CA 490 -42.64 242.80 127.58
N LYS CA 491 -42.75 242.59 126.26
CA LYS CA 491 -41.67 242.97 125.36
C LYS CA 491 -41.49 244.49 125.34
N VAL CA 492 -42.59 245.24 125.36
CA VAL CA 492 -42.49 246.69 125.36
C VAL CA 492 -41.85 247.18 126.66
N PHE CA 493 -42.21 246.57 127.79
CA PHE CA 493 -41.60 246.94 129.06
C PHE CA 493 -40.11 246.61 129.07
N GLU CA 494 -39.73 245.45 128.53
CA GLU CA 494 -38.32 245.10 128.47
C GLU CA 494 -37.54 246.05 127.58
N GLU CA 495 -38.13 246.44 126.44
CA GLU CA 495 -37.46 247.38 125.55
C GLU CA 495 -37.31 248.76 126.21
N LEU CA 496 -38.34 249.20 126.94
CA LEU CA 496 -38.27 250.48 127.63
C LEU CA 496 -37.25 250.44 128.76
N GLN CA 497 -37.11 249.31 129.44
CA GLN CA 497 -36.12 249.19 130.51
C GLN CA 497 -34.70 249.12 129.94
N ALA CA 498 -34.54 248.48 128.78
CA ALA CA 498 -33.21 248.38 128.17
C ALA CA 498 -32.76 249.68 127.53
N THR CA 499 -33.71 250.44 126.95
CA THR CA 499 -33.35 251.71 126.31
C THR CA 499 -33.17 252.82 127.33
N ASP CA 500 -33.78 252.70 128.51
CA ASP CA 500 -33.68 253.71 129.57
C ASP CA 500 -33.66 252.98 130.90
N LEU CA 505 -32.46 252.61 131.36
CA LEU CA 505 -32.29 251.90 132.62
C LEU CA 505 -32.19 252.82 133.83
N GLU CA 506 -32.13 254.14 133.61
CA GLU CA 506 -32.03 255.07 134.73
C GLU CA 506 -33.38 255.31 135.39
N GLU CA 507 -34.44 255.38 134.60
CA GLU CA 507 -35.78 255.60 135.14
C GLU CA 507 -36.52 254.31 135.42
N ASN CA 508 -36.13 253.20 134.80
CA ASN CA 508 -36.79 251.92 135.03
C ASN CA 508 -36.30 251.21 136.28
N GLN CA 509 -35.21 251.67 136.88
CA GLN CA 509 -34.67 251.05 138.09
C GLN CA 509 -35.15 251.72 139.36
N GLU CA 510 -36.20 252.54 139.28
CA GLU CA 510 -36.73 253.21 140.45
C GLU CA 510 -37.66 252.28 141.23
N HIS CA 511 -38.05 252.73 142.43
CA HIS CA 511 -38.93 251.94 143.27
C HIS CA 511 -40.39 252.07 142.83
N TYR CA 512 -40.82 253.29 142.49
CA TYR CA 512 -42.19 253.50 142.07
C TYR CA 512 -42.42 253.05 140.63
N HIS CA 513 -41.43 253.23 139.76
CA HIS CA 513 -41.59 252.83 138.36
C HIS CA 513 -41.73 251.31 138.24
N ILE CA 514 -40.96 250.55 139.01
CA ILE CA 514 -41.07 249.10 138.96
C ILE CA 514 -42.44 248.64 139.46
N VAL CA 515 -42.94 249.27 140.52
CA VAL CA 515 -44.26 248.92 141.05
C VAL CA 515 -45.34 249.25 140.03
N GLN CA 516 -45.22 250.41 139.36
CA GLN CA 516 -46.21 250.77 138.34
C GLN CA 516 -46.17 249.80 137.18
N LYS CA 517 -44.97 249.38 136.76
CA LYS CA 517 -44.86 248.42 135.67
C LYS CA 517 -45.44 247.07 136.05
N PHE CA 518 -45.20 246.63 137.29
CA PHE CA 518 -45.75 245.36 137.75
C PHE CA 518 -47.26 245.42 137.87
N LEU CA 519 -47.81 246.58 138.25
CA LEU CA 519 -49.26 246.71 138.35
C LEU CA 519 -49.91 246.80 136.97
N ILE CA 520 -49.23 247.41 136.01
CA ILE CA 520 -49.80 247.52 134.66
C ILE CA 520 -49.67 246.20 133.91
N LEU CA 521 -48.64 245.41 134.23
CA LEU CA 521 -48.48 244.12 133.54
C LEU CA 521 -49.48 243.09 134.04
N GLY CA 522 -49.78 243.11 135.34
CA GLY CA 522 -50.73 242.16 135.90
C GLY CA 522 -50.24 241.51 137.17
N ASP CA 523 -48.95 241.15 137.21
CA ASP CA 523 -48.37 240.51 138.38
C ASP CA 523 -48.10 241.58 139.43
N ILE CA 524 -49.07 241.76 140.33
CA ILE CA 524 -48.96 242.75 141.40
C ILE CA 524 -48.53 242.06 142.68
N ASP CA 525 -48.91 240.80 142.84
CA ASP CA 525 -48.54 240.06 144.04
C ASP CA 525 -47.08 239.62 144.03
N GLY CA 526 -46.52 239.38 142.84
CA GLY CA 526 -45.13 238.95 142.76
C GLY CA 526 -44.16 240.02 143.21
N LEU CA 527 -44.39 241.26 142.80
CA LEU CA 527 -43.52 242.36 143.22
C LEU CA 527 -43.60 242.57 144.73
N MET CA 528 -44.82 242.49 145.30
CA MET CA 528 -44.97 242.64 146.74
C MET CA 528 -44.28 241.52 147.48
N ASP CA 529 -44.40 240.28 146.98
CA ASP CA 529 -43.73 239.16 147.63
C ASP CA 529 -42.22 239.30 147.55
N GLU CA 530 -41.70 239.77 146.42
CA GLU CA 530 -40.25 239.98 146.29
C GLU CA 530 -39.78 241.09 147.22
N PHE CA 531 -40.54 242.17 147.34
CA PHE CA 531 -40.16 243.24 148.25
C PHE CA 531 -40.23 242.81 149.71
N SER CA 532 -41.17 241.93 150.05
CA SER CA 532 -41.26 241.43 151.42
C SER CA 532 -40.14 240.44 151.73
N LYS CA 533 -39.73 239.63 150.74
CA LYS CA 533 -38.67 238.66 150.96
C LYS CA 533 -37.28 239.32 150.94
N TRP CA 534 -37.14 240.45 150.23
CA TRP CA 534 -35.86 241.13 150.18
C TRP CA 534 -35.53 241.84 151.49
N LEU CA 535 -36.51 242.10 152.33
CA LEU CA 535 -36.30 242.77 153.61
C LEU CA 535 -35.93 241.81 154.73
N SER CA 536 -35.81 240.51 154.43
CA SER CA 536 -35.45 239.53 155.45
C SER CA 536 -34.09 238.91 155.17
N ARG CA 539 -31.71 246.45 148.66
CA ARG CA 539 -31.60 247.52 149.63
C ARG CA 539 -32.92 248.27 149.78
N ASN CA 540 -33.89 247.62 150.42
CA ASN CA 540 -35.20 248.24 150.62
C ASN CA 540 -35.27 249.11 151.86
N ASN CA 541 -34.23 249.11 152.69
CA ASN CA 541 -34.21 249.92 153.90
C ASN CA 541 -33.74 251.35 153.65
N LEU CA 542 -33.27 251.66 152.45
CA LEU CA 542 -32.78 253.00 152.14
C LEU CA 542 -33.96 253.94 151.89
N PRO CA 543 -34.92 253.54 151.04
CA PRO CA 543 -36.08 254.40 150.77
C PRO CA 543 -37.13 254.28 151.87
N GLY CA 544 -37.36 255.38 152.58
CA GLY CA 544 -38.32 255.39 153.66
C GLY CA 544 -39.77 255.40 153.21
N HIS CA 545 -40.05 255.95 152.03
CA HIS CA 545 -41.41 256.02 151.52
C HIS CA 545 -41.82 254.76 150.75
N LEU CA 546 -40.85 254.01 150.24
CA LEU CA 546 -41.18 252.80 149.49
C LEU CA 546 -41.81 251.75 150.39
N LEU CA 547 -41.32 251.62 151.63
CA LEU CA 547 -41.90 250.65 152.56
C LEU CA 547 -43.34 251.00 152.91
N ARG CA 548 -43.66 252.29 152.99
CA ARG CA 548 -45.04 252.70 153.26
C ARG CA 548 -45.92 252.53 152.02
N PHE CA 549 -45.37 252.83 150.84
CA PHE CA 549 -46.14 252.67 149.61
C PHE CA 549 -46.48 251.20 149.35
N MET CA 550 -45.52 250.30 149.60
CA MET CA 550 -45.78 248.88 149.41
C MET CA 550 -46.84 248.38 150.40
N THR CA 551 -46.77 248.84 151.64
CA THR CA 551 -47.77 248.45 152.63
C THR CA 551 -49.15 248.97 152.26
N HIS CA 552 -49.23 250.21 151.77
CA HIS CA 552 -50.52 250.76 151.34
C HIS CA 552 -51.07 250.00 150.15
N LEU CA 553 -50.21 249.63 149.20
CA LEU CA 553 -50.66 248.85 148.05
C LEU CA 553 -51.15 247.46 148.47
N ILE CA 554 -50.45 246.83 149.42
CA ILE CA 554 -50.87 245.52 149.89
C ILE CA 554 -52.20 245.63 150.62
N LEU CA 555 -52.39 246.67 151.42
CA LEU CA 555 -53.65 246.86 152.12
C LEU CA 555 -54.79 247.10 151.14
N PHE CA 556 -54.54 247.90 150.09
CA PHE CA 556 -55.56 248.14 149.09
C PHE CA 556 -55.92 246.86 148.34
N PHE CA 557 -54.91 246.05 148.00
CA PHE CA 557 -55.17 244.80 147.30
C PHE CA 557 -55.92 243.81 148.19
N ARG CA 558 -55.65 243.83 149.49
CA ARG CA 558 -56.36 242.95 150.40
C ARG CA 558 -57.81 243.42 150.62
N THR CA 559 -58.02 244.73 150.64
CA THR CA 559 -59.38 245.25 150.81
C THR CA 559 -60.20 245.11 149.54
N LEU CA 560 -59.55 245.09 148.38
CA LEU CA 560 -60.28 244.95 147.13
C LEU CA 560 -60.81 243.53 146.96
N GLY CA 561 -60.04 242.53 147.38
CA GLY CA 561 -60.45 241.15 147.25
C GLY CA 561 -59.41 240.23 147.83
N LEU CA 562 -59.83 238.99 148.04
CA LEU CA 562 -58.96 237.96 148.60
C LEU CA 562 -58.03 237.45 147.51
N GLN CA 563 -56.79 237.92 147.52
CA GLN CA 563 -55.80 237.52 146.52
C GLN CA 563 -54.39 237.63 147.07
N THR CA 564 -54.17 238.54 148.01
CA THR CA 564 -52.86 238.73 148.60
C THR CA 564 -52.56 237.62 149.61
N LYS CA 565 -51.29 237.50 149.96
CA LYS CA 565 -50.85 236.48 150.90
C LYS CA 565 -51.05 236.98 152.34
N GLU CA 566 -50.84 236.07 153.29
CA GLU CA 566 -50.99 236.36 154.71
C GLU CA 566 -49.66 236.67 155.39
N GLU CA 567 -48.61 235.91 155.08
CA GLU CA 567 -47.32 236.16 155.71
C GLU CA 567 -46.72 237.50 155.27
N VAL CA 568 -46.83 237.82 153.98
CA VAL CA 568 -46.32 239.09 153.50
C VAL CA 568 -47.09 240.25 154.10
N SER CA 569 -48.42 240.11 154.22
CA SER CA 569 -49.23 241.15 154.84
C SER CA 569 -48.87 241.33 156.31
N ILE CA 570 -48.66 240.23 157.03
CA ILE CA 570 -48.29 240.33 158.43
C ILE CA 570 -46.93 240.98 158.58
N GLU CA 571 -45.98 240.65 157.70
CA GLU CA 571 -44.66 241.28 157.75
C GLU CA 571 -44.74 242.76 157.45
N VAL CA 572 -45.57 243.16 156.48
CA VAL CA 572 -45.72 244.56 156.15
C VAL CA 572 -46.36 245.31 157.32
N LEU CA 573 -47.36 244.69 157.97
CA LEU CA 573 -47.98 245.33 159.13
C LEU CA 573 -47.00 245.47 160.28
N LYS CA 574 -46.17 244.46 160.52
CA LYS CA 574 -45.17 244.56 161.58
C LYS CA 574 -44.14 245.63 161.27
N THR CA 575 -43.72 245.73 160.01
CA THR CA 575 -42.77 246.78 159.63
C THR CA 575 -43.38 248.16 159.79
N TYR CA 576 -44.65 248.32 159.41
CA TYR CA 576 -45.31 249.61 159.59
C TYR CA 576 -45.46 249.97 161.06
N ILE CA 577 -45.78 248.99 161.90
CA ILE CA 577 -45.90 249.24 163.34
C ILE CA 577 -44.55 249.63 163.92
N GLN CA 578 -43.48 248.95 163.49
CA GLN CA 578 -42.15 249.30 163.98
C GLN CA 578 -41.74 250.70 163.53
N LEU CA 579 -42.05 251.06 162.29
CA LEU CA 579 -41.74 252.40 161.81
C LEU CA 579 -42.52 253.47 162.56
N LEU CA 580 -43.80 253.19 162.85
CA LEU CA 580 -44.60 254.15 163.60
C LEU CA 580 -44.13 254.28 165.04
N ILE CA 581 -43.64 253.18 165.63
CA ILE CA 581 -43.12 253.26 166.99
C ILE CA 581 -41.78 253.98 167.04
N ARG CA 582 -40.96 253.82 165.98
CA ARG CA 582 -39.68 254.51 165.94
C ARG CA 582 -39.82 255.98 165.62
N GLU CA 583 -40.81 256.36 164.82
CA GLU CA 583 -41.05 257.75 164.46
C GLU CA 583 -41.97 258.46 165.44
N LYS CA 584 -42.22 257.88 166.61
CA LYS CA 584 -43.09 258.47 167.63
C LYS CA 584 -44.48 258.75 167.08
N HIS CA 585 -45.16 257.67 166.69
CA HIS CA 585 -46.51 257.77 166.14
C HIS CA 585 -47.25 256.45 166.40
N THR CA 586 -47.27 256.01 167.66
CA THR CA 586 -47.93 254.78 168.05
C THR CA 586 -49.36 255.00 168.54
N ASN CA 587 -50.03 256.05 168.04
CA ASN CA 587 -51.40 256.34 168.43
C ASN CA 587 -52.43 255.97 167.39
N LEU CA 588 -52.02 255.69 166.15
CA LEU CA 588 -52.93 255.32 165.07
C LEU CA 588 -52.59 253.97 164.47
N ILE CA 589 -51.91 253.09 165.24
CA ILE CA 589 -51.53 251.77 164.73
C ILE CA 589 -52.62 250.74 164.95
N ALA CA 590 -53.75 251.10 165.57
CA ALA CA 590 -54.82 250.14 165.80
C ALA CA 590 -55.46 249.71 164.48
N PHE CA 591 -55.59 250.64 163.52
CA PHE CA 591 -56.17 250.28 162.23
C PHE CA 591 -55.30 249.30 161.47
N TYR CA 592 -53.98 249.38 161.64
CA TYR CA 592 -53.09 248.42 160.99
C TYR CA 592 -52.99 247.11 161.77
N THR CA 593 -53.15 247.16 163.09
CA THR CA 593 -53.10 245.95 163.90
C THR CA 593 -54.36 245.12 163.77
N CYS CA 594 -55.51 245.76 163.56
CA CYS CA 594 -56.77 245.05 163.43
C CYS CA 594 -56.95 244.37 162.06
N HIS CA 595 -56.00 244.57 161.14
CA HIS CA 595 -56.11 243.93 159.84
C HIS CA 595 -55.79 242.44 159.90
N LEU CA 596 -55.04 242.02 160.92
CA LEU CA 596 -54.68 240.61 161.07
C LEU CA 596 -55.09 240.13 162.47
N PRO CA 597 -54.75 238.90 162.83
CA PRO CA 597 -55.13 238.39 164.16
C PRO CA 597 -53.97 238.42 165.14
N GLN CA 598 -52.94 239.20 164.82
CA GLN CA 598 -51.75 239.32 165.67
C GLN CA 598 -51.76 240.62 166.49
N ASP CA 599 -52.94 241.14 166.79
CA ASP CA 599 -53.06 242.37 167.56
C ASP CA 599 -53.07 242.13 169.06
N LEU CA 600 -53.15 240.88 169.52
CA LEU CA 600 -53.15 240.59 170.94
C LEU CA 600 -51.77 240.71 171.58
N ALA CA 601 -50.70 240.55 170.79
CA ALA CA 601 -49.35 240.66 171.31
C ALA CA 601 -48.78 242.07 171.26
N VAL CA 602 -49.48 243.00 170.61
CA VAL CA 602 -49.01 244.37 170.53
C VAL CA 602 -49.75 245.25 171.53
N GLU CA 667 -23.65 246.83 184.82
CA GLU CA 667 -24.77 246.14 184.18
C GLU CA 667 -26.10 246.56 184.78
N ASP CA 668 -26.03 247.32 185.87
CA ASP CA 668 -27.25 247.78 186.53
C ASP CA 668 -27.91 248.93 185.79
N ARG CA 669 -27.16 249.68 184.98
CA ARG CA 669 -27.75 250.80 184.25
C ARG CA 669 -28.76 250.30 183.22
N LEU CA 670 -28.44 249.23 182.50
CA LEU CA 670 -29.38 248.68 181.52
C LEU CA 670 -30.62 248.13 182.21
N LYS CA 671 -30.44 247.46 183.35
CA LYS CA 671 -31.59 246.93 184.08
C LYS CA 671 -32.47 248.04 184.63
N ILE CA 672 -31.88 249.17 185.02
CA ILE CA 672 -32.68 250.28 185.52
C ILE CA 672 -33.37 251.01 184.37
N ASP CA 673 -32.74 251.06 183.20
CA ASP CA 673 -33.35 251.74 182.06
C ASP CA 673 -34.46 250.90 181.41
N VAL CA 674 -34.34 249.57 181.49
CA VAL CA 674 -35.37 248.71 180.91
C VAL CA 674 -36.67 248.75 181.69
N ILE CA 675 -36.62 249.17 182.96
CA ILE CA 675 -37.85 249.24 183.75
C ILE CA 675 -38.68 250.45 183.35
N ASP CA 676 -38.03 251.51 182.86
CA ASP CA 676 -38.77 252.70 182.45
C ASP CA 676 -39.62 252.43 181.22
N TRP CA 677 -39.10 251.65 180.28
CA TRP CA 677 -39.86 251.32 179.08
C TRP CA 677 -41.09 250.47 179.40
N LEU CA 678 -41.02 249.66 180.46
CA LEU CA 678 -42.17 248.86 180.86
C LEU CA 678 -43.15 249.65 181.71
N VAL CA 679 -42.65 250.61 182.52
CA VAL CA 679 -43.54 251.41 183.34
C VAL CA 679 -44.21 252.53 182.56
N PHE CA 680 -43.65 252.93 181.41
CA PHE CA 680 -44.24 253.99 180.61
C PHE CA 680 -45.51 253.52 179.91
N ASP CA 681 -45.66 252.21 179.67
CA ASP CA 681 -46.85 251.69 179.01
C ASP CA 681 -47.84 251.18 180.05
N PRO CA 682 -49.12 251.57 179.97
CA PRO CA 682 -50.10 251.11 180.95
C PRO CA 682 -50.71 249.75 180.63
N ALA CA 683 -50.33 249.13 179.51
CA ALA CA 683 -50.90 247.83 179.17
C ALA CA 683 -50.12 246.69 179.81
N GLN CA 684 -48.80 246.84 179.95
CA GLN CA 684 -47.94 245.83 180.55
C GLN CA 684 -47.64 246.15 182.01
N ARG CA 685 -48.70 246.44 182.78
CA ARG CA 685 -48.51 246.77 184.20
C ARG CA 685 -47.98 245.57 184.98
N ALA CA 686 -48.50 244.37 184.70
CA ALA CA 686 -48.02 243.18 185.38
C ALA CA 686 -46.57 242.90 185.03
N GLU CA 687 -46.21 243.08 183.76
CA GLU CA 687 -44.81 242.87 183.35
C GLU CA 687 -43.89 243.88 184.00
N ALA CA 688 -44.32 245.14 184.10
CA ALA CA 688 -43.51 246.16 184.75
C ALA CA 688 -43.35 245.86 186.24
N LEU CA 689 -44.41 245.40 186.90
CA LEU CA 689 -44.32 245.05 188.31
C LEU CA 689 -43.39 243.86 188.51
N LYS CA 690 -43.46 242.87 187.63
CA LYS CA 690 -42.57 241.71 187.74
C LYS CA 690 -41.11 242.12 187.52
N GLN CA 691 -40.86 243.00 186.55
CA GLN CA 691 -39.51 243.47 186.32
C GLN CA 691 -38.98 244.25 187.51
N GLY CA 692 -39.82 245.10 188.10
CA GLY CA 692 -39.41 245.84 189.29
C GLY CA 692 -39.12 244.92 190.46
N ASN CA 693 -39.95 243.91 190.67
CA ASN CA 693 -39.72 242.96 191.74
C ASN CA 693 -38.43 242.17 191.51
N ALA CA 694 -38.16 241.78 190.27
CA ALA CA 694 -36.92 241.07 189.97
C ALA CA 694 -35.71 241.96 190.20
N ILE CA 695 -35.80 243.24 189.81
CA ILE CA 695 -34.69 244.16 190.02
C ILE CA 695 -34.46 244.37 191.52
N MET CA 696 -35.54 244.49 192.30
CA MET CA 696 -35.39 244.66 193.73
C MET CA 696 -34.77 243.42 194.37
N ARG CA 697 -35.18 242.24 193.93
CA ARG CA 697 -34.60 241.01 194.47
C ARG CA 697 -33.12 240.89 194.11
N LYS CA 698 -32.76 241.26 192.87
CA LYS CA 698 -31.35 241.21 192.47
C LYS CA 698 -30.52 242.24 193.24
N PHE CA 699 -31.09 243.40 193.54
CA PHE CA 699 -30.35 244.40 194.32
C PHE CA 699 -30.22 243.98 195.78
N LEU CA 700 -31.23 243.29 196.32
CA LEU CA 700 -31.17 242.84 197.71
C LEU CA 700 -30.24 241.64 197.88
N ALA CA 701 -30.14 240.77 196.87
CA ALA CA 701 -29.26 239.62 196.95
C ALA CA 701 -27.79 240.00 196.91
N SER CA 702 -27.46 241.16 196.33
CA SER CA 702 -26.09 241.63 196.25
C SER CA 702 -25.80 242.77 197.22
N LYS CA 703 -26.69 243.00 198.18
CA LYS CA 703 -26.56 244.05 199.19
C LYS CA 703 -26.41 245.43 198.52
N LYS CA 704 -27.55 245.93 198.07
CA LYS CA 704 -27.59 247.24 197.39
C LYS CA 704 -28.97 247.85 197.68
N HIS CA 705 -29.01 248.79 198.62
CA HIS CA 705 -30.27 249.44 198.97
C HIS CA 705 -30.58 250.61 198.05
N GLU CA 706 -29.55 251.31 197.57
CA GLU CA 706 -29.77 252.47 196.69
C GLU CA 706 -30.39 252.03 195.37
N ALA CA 707 -29.88 250.94 194.79
CA ALA CA 707 -30.43 250.46 193.53
C ALA CA 707 -31.88 250.00 193.71
N ALA CA 708 -32.17 249.32 194.81
CA ALA CA 708 -33.54 248.88 195.06
C ALA CA 708 -34.47 250.07 195.25
N LYS CA 709 -34.01 251.10 195.96
CA LYS CA 709 -34.84 252.29 196.15
C LYS CA 709 -35.08 253.01 194.82
N GLU CA 710 -34.05 253.10 193.98
CA GLU CA 710 -34.21 253.74 192.69
C GLU CA 710 -35.13 252.95 191.77
N VAL CA 711 -35.11 251.61 191.87
CA VAL CA 711 -35.99 250.79 191.06
C VAL CA 711 -37.43 250.89 191.57
N PHE CA 712 -37.61 251.02 192.88
CA PHE CA 712 -38.96 251.13 193.44
C PHE CA 712 -39.56 252.50 193.20
N VAL CA 713 -38.74 253.56 193.19
CA VAL CA 713 -39.26 254.89 192.95
C VAL CA 713 -39.61 255.13 191.49
N LYS CA 714 -39.07 254.30 190.58
CA LYS CA 714 -39.37 254.46 189.17
C LYS CA 714 -40.77 253.98 188.80
N ILE CA 715 -41.36 253.10 189.61
CA ILE CA 715 -42.70 252.59 189.34
C ILE CA 715 -43.73 253.56 189.91
N PRO CA 716 -44.98 253.50 189.47
CA PRO CA 716 -46.00 254.42 190.00
C PRO CA 716 -46.54 253.95 191.34
N GLN CA 717 -47.00 254.93 192.13
CA GLN CA 717 -47.55 254.64 193.44
C GLN CA 717 -48.96 254.06 193.37
N ASP CA 718 -49.70 254.32 192.28
CA ASP CA 718 -51.05 253.81 192.11
C ASP CA 718 -51.11 252.65 191.12
N SER CA 719 -50.04 251.85 191.04
CA SER CA 719 -50.02 250.72 190.13
C SER CA 719 -50.79 249.53 190.69
N ILE CA 720 -50.76 249.33 192.01
CA ILE CA 720 -51.48 248.20 192.60
C ILE CA 720 -52.99 248.43 192.53
N ALA CA 721 -53.42 249.70 192.61
CA ALA CA 721 -54.83 250.02 192.51
C ALA CA 721 -55.33 250.07 191.07
N GLU CA 722 -54.44 250.00 190.08
CA GLU CA 722 -54.81 250.03 188.67
C GLU CA 722 -54.65 248.70 187.97
N ILE CA 723 -53.72 247.86 188.42
CA ILE CA 723 -53.53 246.56 187.77
C ILE CA 723 -54.61 245.56 188.15
N TYR CA 724 -55.33 245.80 189.24
CA TYR CA 724 -56.39 244.89 189.67
C TYR CA 724 -57.65 245.07 188.82
N LEU CA 736 -57.92 238.04 188.68
CA LEU CA 736 -56.47 238.13 188.88
C LEU CA 736 -55.83 236.74 188.86
N PRO CA 737 -54.72 236.60 188.14
CA PRO CA 737 -54.03 235.31 188.05
C PRO CA 737 -53.07 235.14 189.23
N ALA CA 738 -52.34 234.02 189.21
CA ALA CA 738 -51.39 233.73 190.27
C ALA CA 738 -50.10 234.53 190.15
N GLU CA 739 -49.81 235.07 188.96
CA GLU CA 739 -48.60 235.86 188.76
C GLU CA 739 -48.75 237.30 189.21
N ASP CA 740 -49.96 237.74 189.53
CA ASP CA 740 -50.19 239.12 189.97
C ASP CA 740 -50.14 239.25 191.49
N ASP CA 741 -50.81 238.34 192.21
CA ASP CA 741 -50.82 238.40 193.66
C ASP CA 741 -49.43 238.15 194.24
N ASN CA 742 -48.70 237.18 193.66
CA ASN CA 742 -47.34 236.91 194.14
C ASN CA 742 -46.42 238.10 193.88
N ALA CA 743 -46.56 238.74 192.71
CA ALA CA 743 -45.76 239.91 192.41
C ALA CA 743 -46.08 241.07 193.35
N ILE CA 744 -47.36 241.26 193.65
CA ILE CA 744 -47.76 242.32 194.57
C ILE CA 744 -47.22 242.05 195.97
N ARG CA 745 -47.26 240.79 196.41
CA ARG CA 745 -46.72 240.44 197.72
C ARG CA 745 -45.22 240.65 197.77
N GLU CA 746 -44.51 240.29 196.69
CA GLU CA 746 -43.07 240.49 196.65
C GLU CA 746 -42.73 241.98 196.68
N HIS CA 747 -43.50 242.80 195.94
CA HIS CA 747 -43.26 244.24 195.94
C HIS CA 747 -43.52 244.83 197.31
N LEU CA 748 -44.59 244.38 197.99
CA LEU CA 748 -44.88 244.88 199.33
C LEU CA 748 -43.79 244.48 200.31
N CYS CA 749 -43.28 243.25 200.20
CA CYS CA 749 -42.20 242.81 201.08
C CYS CA 749 -40.93 243.61 200.82
N ILE CA 750 -40.63 243.89 199.55
CA ILE CA 750 -39.44 244.68 199.23
C ILE CA 750 -39.58 246.10 199.76
N ARG CA 751 -40.78 246.68 199.64
CA ARG CA 751 -41.00 248.03 200.17
C ARG CA 751 -40.88 248.04 201.69
N ALA CA 752 -41.41 247.03 202.37
CA ALA CA 752 -41.28 246.96 203.82
C ALA CA 752 -39.83 246.81 204.24
N TYR CA 753 -39.06 245.99 203.52
CA TYR CA 753 -37.65 245.82 203.84
C TYR CA 753 -36.88 247.12 203.62
N LEU CA 754 -37.19 247.84 202.53
CA LEU CA 754 -36.53 249.11 202.27
C LEU CA 754 -36.87 250.13 203.35
N GLU CA 755 -38.13 250.16 203.79
CA GLU CA 755 -38.51 251.08 204.86
C GLU CA 755 -37.82 250.74 206.17
N ALA CA 756 -37.74 249.45 206.50
CA ALA CA 756 -37.05 249.03 207.71
C ALA CA 756 -35.56 249.34 207.66
N HIS CA 757 -34.95 249.24 206.47
CA HIS CA 757 -33.54 249.58 206.34
C HIS CA 757 -33.33 251.08 206.45
N GLU CA 758 -34.22 251.88 205.85
CA GLU CA 758 -34.09 253.34 205.94
C GLU CA 758 -34.32 253.82 207.37
N THR CA 759 -35.22 253.16 208.11
CA THR CA 759 -35.43 253.52 209.51
C THR CA 759 -34.23 253.12 210.37
N PHE CA 760 -33.67 251.94 210.11
CA PHE CA 760 -32.50 251.49 210.88
C PHE CA 760 -31.30 252.39 210.63
N ASN CA 761 -31.09 252.79 209.37
CA ASN CA 761 -29.97 253.69 209.07
C ASN CA 761 -30.17 255.04 209.74
N GLU CA 762 -31.40 255.57 209.74
CA GLU CA 762 -31.66 256.84 210.41
C GLU CA 762 -31.45 256.73 211.90
N TRP CA 763 -31.87 255.61 212.51
CA TRP CA 763 -31.66 255.42 213.94
C TRP CA 763 -30.17 255.31 214.27
N PHE CA 764 -29.41 254.62 213.43
CA PHE CA 764 -27.97 254.49 213.67
C PHE CA 764 -27.26 255.83 213.49
N LYS CA 765 -27.73 256.66 212.55
CA LYS CA 765 -27.13 257.97 212.36
C LYS CA 765 -27.50 258.92 213.50
N HIS CA 766 -28.71 258.80 214.05
CA HIS CA 766 -29.12 259.67 215.15
C HIS CA 766 -28.48 259.26 216.46
N MET CA 767 -28.27 257.95 216.68
CA MET CA 767 -27.66 257.48 217.91
C MET CA 767 -26.16 257.73 217.96
N ASN CA 768 -25.52 257.89 216.80
CA ASN CA 768 -24.08 258.14 216.76
C ASN CA 768 -23.72 259.61 216.95
N SER CA 769 -24.69 260.50 216.92
CA SER CA 769 -24.43 261.93 217.10
C SER CA 769 -25.08 262.44 218.39
N VAL CA 770 -24.72 261.84 219.51
CA VAL CA 770 -25.27 262.24 220.82
C VAL CA 770 -24.56 263.50 221.28
N PRO CA 771 -25.09 264.21 222.28
CA PRO CA 771 -24.43 265.44 222.75
C PRO CA 771 -23.27 265.10 223.67
N GLN CA 772 -22.12 265.70 223.39
CA GLN CA 772 -20.93 265.47 224.19
C GLN CA 772 -21.00 266.23 225.51
N LYS CA 773 -20.15 265.85 226.44
CA LYS CA 773 -20.09 266.48 227.75
C LYS CA 773 -19.33 267.80 227.67
N PRO CA 774 -19.35 268.58 228.75
CA PRO CA 774 -18.63 269.86 228.73
C PRO CA 774 -17.13 269.66 228.93
N ALA CA 775 -16.37 270.58 228.35
CA ALA CA 775 -14.91 270.55 228.44
C ALA CA 775 -14.49 271.04 229.82
N LEU CA 776 -14.07 270.11 230.68
CA LEU CA 776 -13.64 270.45 232.03
C LEU CA 776 -12.23 271.05 231.97
N ILE CA 777 -12.07 272.24 232.53
CA ILE CA 777 -10.80 272.95 232.56
C ILE CA 777 -10.36 273.06 234.02
N PRO CA 778 -9.13 272.64 234.36
CA PRO CA 778 -8.69 272.74 235.76
C PRO CA 778 -8.28 274.16 236.10
N GLN CA 779 -8.55 274.54 237.36
CA GLN CA 779 -8.23 275.86 237.90
C GLN CA 779 -8.88 276.95 237.04
N PRO CA 780 -10.20 277.07 237.07
CA PRO CA 780 -10.89 278.09 236.27
C PRO CA 780 -10.86 279.45 236.97
N THR CA 781 -11.46 280.44 236.32
CA THR CA 781 -11.52 281.78 236.87
C THR CA 781 -12.96 282.19 237.16
N PHE CA 782 -13.29 283.45 236.91
CA PHE CA 782 -14.64 283.96 237.15
C PHE CA 782 -15.57 283.67 235.98
N THR CA 783 -15.19 284.11 234.77
CA THR CA 783 -16.03 283.86 233.61
C THR CA 783 -16.00 282.40 233.19
N GLU CA 784 -14.89 281.69 233.47
CA GLU CA 784 -14.81 280.28 233.10
C GLU CA 784 -15.81 279.45 233.89
N LYS CA 785 -16.02 279.77 235.16
CA LYS CA 785 -17.00 279.04 235.95
C LYS CA 785 -18.41 279.27 235.43
N VAL CA 786 -18.74 280.50 235.04
CA VAL CA 786 -20.06 280.79 234.49
C VAL CA 786 -20.24 280.08 233.15
N ALA CA 787 -19.19 280.04 232.33
CA ALA CA 787 -19.28 279.33 231.06
C ALA CA 787 -19.49 277.84 231.27
N HIS CA 788 -18.77 277.25 232.23
CA HIS CA 788 -18.95 275.83 232.52
C HIS CA 788 -20.34 275.55 233.07
N GLU CA 789 -20.87 276.45 233.90
CA GLU CA 789 -22.22 276.27 234.42
C GLU CA 789 -23.26 276.35 233.30
N HIS CA 790 -23.09 277.31 232.38
CA HIS CA 790 -24.00 277.41 231.25
C HIS CA 790 -23.93 276.18 230.35
N LYS CA 791 -22.71 275.66 230.12
CA LYS CA 791 -22.55 274.46 229.31
C LYS CA 791 -23.22 273.26 229.98
N GLU CA 792 -23.05 273.12 231.31
CA GLU CA 792 -23.69 272.02 232.01
C GLU CA 792 -25.21 272.15 232.02
N LYS CA 793 -25.71 273.39 232.08
CA LYS CA 793 -27.16 273.59 232.03
C LYS CA 793 -27.72 273.26 230.65
N LYS CA 794 -27.00 273.63 229.60
CA LYS CA 794 -27.44 273.30 228.25
C LYS CA 794 -27.33 271.80 227.98
N TYR CA 795 -26.34 271.13 228.56
CA TYR CA 795 -26.20 269.70 228.36
C TYR CA 795 -27.34 268.93 229.01
N GLU CA 796 -27.91 269.45 230.10
CA GLU CA 796 -29.02 268.78 230.76
C GLU CA 796 -30.23 268.65 229.84
N MET CA 797 -30.41 269.62 228.94
CA MET CA 797 -31.47 269.54 227.95
C MET CA 797 -31.04 268.84 226.67
N ASP CA 798 -29.76 269.00 226.28
CA ASP CA 798 -29.27 268.34 225.07
C ASP CA 798 -29.30 266.82 225.22
N PHE CA 799 -28.86 266.31 226.36
CA PHE CA 799 -28.89 264.86 226.59
C PHE CA 799 -30.32 264.34 226.64
N GLY CA 800 -31.23 265.11 227.23
CA GLY CA 800 -32.63 264.69 227.25
C GLY CA 800 -33.23 264.64 225.86
N ILE CA 801 -32.94 265.64 225.04
CA ILE CA 801 -33.44 265.65 223.67
C ILE CA 801 -32.85 264.50 222.86
N TRP CA 802 -31.56 264.22 223.06
CA TRP CA 802 -30.93 263.11 222.35
C TRP CA 802 -31.50 261.77 222.80
N LYS CA 803 -31.83 261.64 224.08
CA LYS CA 803 -32.44 260.41 224.56
C LYS CA 803 -33.86 260.25 224.03
N GLY CA 804 -34.63 261.34 223.98
CA GLY CA 804 -35.97 261.27 223.41
C GLY CA 804 -35.96 260.90 221.94
N HIS CA 805 -35.07 261.53 221.16
CA HIS CA 805 -34.97 261.22 219.74
C HIS CA 805 -34.50 259.77 219.54
N LEU CA 806 -33.57 259.31 220.37
CA LEU CA 806 -33.10 257.93 220.26
C LEU CA 806 -34.22 256.95 220.58
N ASP CA 807 -35.02 257.24 221.62
CA ASP CA 807 -36.13 256.36 221.95
C ASP CA 807 -37.18 256.36 220.84
N ALA CA 808 -37.45 257.52 220.25
CA ALA CA 808 -38.40 257.56 219.13
C ALA CA 808 -37.89 256.76 217.94
N LEU CA 809 -36.60 256.90 217.63
CA LEU CA 809 -36.03 256.14 216.51
C LEU CA 809 -36.06 254.64 216.80
N THR CA 810 -35.80 254.24 218.04
CA THR CA 810 -35.84 252.83 218.38
C THR CA 810 -37.27 252.29 218.29
N ALA CA 811 -38.25 253.06 218.77
CA ALA CA 811 -39.64 252.63 218.67
C ALA CA 811 -40.11 252.54 217.22
N ASP CA 812 -39.60 253.42 216.35
CA ASP CA 812 -39.95 253.34 214.94
C ASP CA 812 -39.29 252.14 214.28
N VAL CA 813 -38.02 251.88 214.61
CA VAL CA 813 -37.32 250.75 214.02
C VAL CA 813 -37.91 249.43 214.47
N LYS CA 814 -38.38 249.35 215.73
CA LYS CA 814 -39.01 248.13 216.20
C LYS CA 814 -40.29 247.84 215.43
N GLU CA 815 -41.12 248.88 215.22
CA GLU CA 815 -42.34 248.68 214.45
C GLU CA 815 -42.03 248.33 213.00
N LYS CA 816 -40.99 248.94 212.42
CA LYS CA 816 -40.61 248.61 211.05
C LYS CA 816 -40.16 247.16 210.93
N MET CA 817 -39.36 246.69 211.90
CA MET CA 817 -38.91 245.31 211.88
C MET CA 817 -40.08 244.34 212.10
N TYR CA 818 -41.01 244.70 212.98
CA TYR CA 818 -42.17 243.84 213.21
C TYR CA 818 -43.07 243.77 211.98
N ASN CA 819 -43.16 244.86 211.22
CA ASN CA 819 -43.98 244.86 210.01
C ASN CA 819 -43.27 244.16 208.86
N VAL CA 820 -41.94 244.20 208.83
CA VAL CA 820 -41.19 243.56 207.74
C VAL CA 820 -41.11 242.05 207.97
N LEU CA 821 -40.56 241.64 209.12
CA LEU CA 821 -40.38 240.23 209.41
C LEU CA 821 -41.72 239.54 209.66
N LEU CA 822 -42.38 239.89 210.76
CA LEU CA 822 -43.67 239.30 211.13
C LEU CA 822 -44.75 239.87 210.21
N PHE CA 823 -44.83 239.32 209.00
CA PHE CA 823 -45.80 239.74 208.00
C PHE CA 823 -46.96 238.76 207.96
N VAL CA 824 -48.17 239.30 207.80
CA VAL CA 824 -49.36 238.46 207.75
C VAL CA 824 -49.46 237.79 206.39
N ASP CA 825 -50.30 236.75 206.32
CA ASP CA 825 -50.54 235.98 205.11
C ASP CA 825 -49.22 235.40 204.56
N GLY CA 826 -48.76 234.36 205.25
CA GLY CA 826 -47.53 233.70 204.88
C GLY CA 826 -46.32 234.17 205.66
N GLY CA 827 -45.72 235.27 205.20
CA GLY CA 827 -44.56 235.82 205.86
C GLY CA 827 -43.75 236.64 204.89
N TRP CA 828 -42.49 236.85 205.25
CA TRP CA 828 -41.57 237.62 204.41
C TRP CA 828 -41.08 236.77 203.25
N MET CA 829 -41.29 237.28 202.03
CA MET CA 829 -40.87 236.60 200.80
C MET CA 829 -41.51 235.20 200.71
N VAL CA 830 -42.81 235.15 200.94
CA VAL CA 830 -43.58 233.90 200.89
C VAL CA 830 -44.80 234.13 200.01
N ASP CA 831 -44.90 233.37 198.93
CA ASP CA 831 -46.02 233.49 198.01
C ASP CA 831 -47.27 232.83 198.61
N VAL CA 832 -48.37 233.57 198.63
CA VAL CA 832 -49.60 233.03 199.18
C VAL CA 832 -50.31 232.13 198.17
N ARG CA 833 -50.15 232.40 196.88
CA ARG CA 833 -50.77 231.60 195.83
C ARG CA 833 -49.83 230.47 195.42
N GLU CA 834 -50.37 229.25 195.36
CA GLU CA 834 -49.62 228.06 194.97
C GLU CA 834 -50.15 227.47 193.67
N ASP CA 835 -50.42 228.33 192.69
CA ASP CA 835 -50.92 227.89 191.40
C ASP CA 835 -50.28 228.66 190.25
N ALA CA 836 -49.00 229.01 190.37
CA ALA CA 836 -48.30 229.74 189.35
C ALA CA 836 -47.60 228.77 188.40
N LYS CA 837 -46.67 229.28 187.59
CA LYS CA 837 -45.94 228.46 186.64
C LYS CA 837 -44.71 227.84 187.32
N GLU CA 838 -43.89 227.18 186.51
CA GLU CA 838 -42.67 226.53 187.00
C GLU CA 838 -41.57 227.57 187.09
N ASP CA 839 -41.46 228.22 188.25
CA ASP CA 839 -40.45 229.25 188.51
C ASP CA 839 -39.57 228.76 189.65
N HIS CA 840 -38.59 227.92 189.31
CA HIS CA 840 -37.68 227.40 190.32
C HIS CA 840 -36.58 228.39 190.68
N GLU CA 841 -36.03 229.08 189.67
CA GLU CA 841 -34.97 230.05 189.92
C GLU CA 841 -35.48 231.23 190.74
N ARG CA 842 -36.67 231.73 190.41
CA ARG CA 842 -37.23 232.84 191.17
C ARG CA 842 -37.53 232.45 192.60
N THR CA 843 -38.06 231.23 192.80
CA THR CA 843 -38.33 230.76 194.16
C THR CA 843 -37.04 230.59 194.96
N HIS CA 844 -35.99 230.05 194.31
CA HIS CA 844 -34.71 229.89 195.00
C HIS CA 844 -34.12 231.25 195.37
N GLN CA 845 -34.23 232.23 194.47
CA GLN CA 845 -33.72 233.56 194.76
C GLN CA 845 -34.50 234.21 195.89
N MET CA 846 -35.81 234.06 195.90
CA MET CA 846 -36.63 234.63 196.98
C MET CA 846 -36.34 233.95 198.31
N VAL CA 847 -36.04 232.65 198.29
CA VAL CA 847 -35.71 231.95 199.53
C VAL CA 847 -34.34 232.40 200.04
N LEU CA 848 -33.37 232.55 199.12
CA LEU CA 848 -32.04 232.99 199.54
C LEU CA 848 -32.07 234.42 200.08
N LEU CA 849 -32.83 235.31 199.44
CA LEU CA 849 -32.93 236.68 199.92
C LEU CA 849 -33.60 236.72 201.29
N ARG CA 850 -34.64 235.91 201.49
CA ARG CA 850 -35.31 235.87 202.79
C ARG CA 850 -34.38 235.33 203.87
N LYS CA 851 -33.61 234.28 203.56
CA LYS CA 851 -32.68 233.73 204.53
C LYS CA 851 -31.56 234.70 204.85
N LEU CA 852 -31.12 235.50 203.87
CA LEU CA 852 -30.08 236.49 204.12
C LEU CA 852 -30.61 237.71 204.88
N CYS CA 853 -31.89 238.04 204.71
CA CYS CA 853 -32.47 239.19 205.37
C CYS CA 853 -32.96 238.87 206.78
N LEU CA 854 -33.31 237.62 207.06
CA LEU CA 854 -33.80 237.27 208.39
C LEU CA 854 -32.70 237.41 209.44
N PRO CA 855 -31.49 236.85 209.24
CA PRO CA 855 -30.45 237.01 210.28
C PRO CA 855 -30.00 238.45 210.44
N MET CA 856 -29.89 239.20 209.34
CA MET CA 856 -29.49 240.60 209.43
C MET CA 856 -30.53 241.41 210.18
N LEU CA 857 -31.82 241.18 209.89
CA LEU CA 857 -32.87 241.90 210.60
C LEU CA 857 -32.90 241.52 212.07
N CYS CA 858 -32.68 240.23 212.38
CA CYS CA 858 -32.64 239.81 213.78
C CYS CA 858 -31.49 240.46 214.53
N PHE CA 859 -30.31 240.52 213.90
CA PHE CA 859 -29.17 241.18 214.53
C PHE CA 859 -29.41 242.67 214.71
N LEU CA 860 -30.03 243.32 213.73
CA LEU CA 860 -30.33 244.74 213.85
C LEU CA 860 -31.33 245.00 214.98
N LEU CA 861 -32.35 244.15 215.09
CA LEU CA 861 -33.32 244.30 216.17
C LEU CA 861 -32.67 244.07 217.53
N HIS CA 862 -31.79 243.07 217.62
CA HIS CA 862 -31.09 242.82 218.88
C HIS CA 862 -30.20 244.00 219.26
N THR CA 863 -29.50 244.57 218.28
CA THR CA 863 -28.64 245.72 218.56
C THR CA 863 -29.47 246.94 218.98
N ILE CA 864 -30.61 247.14 218.33
CA ILE CA 864 -31.46 248.28 218.69
C ILE CA 864 -32.06 248.09 220.07
N LEU CA 865 -32.38 246.86 220.45
CA LEU CA 865 -32.92 246.61 221.78
C LEU CA 865 -31.85 246.71 222.86
N HIS CA 866 -30.60 246.35 222.54
CA HIS CA 866 -29.53 246.44 223.51
C HIS CA 866 -29.02 247.86 223.67
N SER CA 867 -29.07 248.67 222.61
CA SER CA 867 -28.60 250.04 222.70
C SER CA 867 -29.57 250.94 223.44
N THR CA 868 -30.87 250.63 223.39
CA THR CA 868 -31.89 251.42 224.08
C THR CA 868 -32.17 250.93 225.49
N GLY CA 869 -31.41 249.95 225.98
CA GLY CA 869 -31.63 249.44 227.32
C GLY CA 869 -32.85 248.57 227.48
N GLN CA 870 -33.39 248.02 226.39
CA GLN CA 870 -34.57 247.18 226.45
C GLN CA 870 -34.12 245.72 226.35
N TYR CA 871 -33.70 245.19 227.51
CA TYR CA 871 -33.24 243.80 227.56
C TYR CA 871 -34.41 242.81 227.51
N GLN CA 872 -35.58 243.23 228.00
CA GLN CA 872 -36.74 242.34 227.97
C GLN CA 872 -37.21 242.08 226.55
N GLU CA 873 -37.12 243.10 225.68
CA GLU CA 873 -37.52 242.94 224.29
C GLU CA 873 -36.50 242.13 223.50
N CYS CA 874 -35.24 242.11 223.95
CA CYS CA 874 -34.21 241.34 223.26
C CYS CA 874 -34.16 239.89 223.72
N LEU CA 875 -34.46 239.64 224.99
CA LEU CA 875 -34.45 238.27 225.51
C LEU CA 875 -35.65 237.46 225.05
N GLN CA 876 -36.70 238.11 224.56
CA GLN CA 876 -37.90 237.43 224.09
C GLN CA 876 -37.84 237.09 222.60
N LEU CA 877 -36.68 237.27 221.97
CA LEU CA 877 -36.55 236.97 220.54
C LEU CA 877 -36.46 235.46 220.28
N ALA CA 878 -36.11 234.67 221.29
CA ALA CA 878 -36.01 233.23 221.10
C ALA CA 878 -37.39 232.60 220.91
N ASP CA 879 -38.40 233.14 221.59
CA ASP CA 879 -39.76 232.63 221.42
C ASP CA 879 -40.40 233.08 220.11
N MET CA 880 -39.84 234.10 219.46
CA MET CA 880 -40.37 234.60 218.21
C MET CA 880 -39.65 234.04 216.99
N VAL CA 881 -38.35 233.77 217.10
CA VAL CA 881 -37.61 233.22 215.97
C VAL CA 881 -37.80 231.71 215.86
N SER CA 882 -38.13 231.04 216.97
CA SER CA 882 -38.34 229.60 216.99
C SER CA 882 -39.82 229.24 217.14
N SER CA 883 -40.71 230.15 216.79
CA SER CA 883 -42.14 229.88 216.90
C SER CA 883 -42.62 229.02 215.74
N GLU CA 884 -43.70 228.28 215.98
CA GLU CA 884 -44.27 227.40 214.97
C GLU CA 884 -45.17 228.15 213.99
N ARG CA 885 -45.59 229.37 214.32
CA ARG CA 885 -46.45 230.13 213.43
C ARG CA 885 -45.66 230.80 212.30
N HIS CA 886 -44.40 231.15 212.55
CA HIS CA 886 -43.56 231.80 211.55
C HIS CA 886 -42.44 230.91 211.02
N LYS CA 887 -41.91 230.01 211.86
CA LYS CA 887 -40.83 229.11 211.45
C LYS CA 887 -39.62 229.88 210.94
N LEU CA 888 -39.19 230.88 211.73
CA LEU CA 888 -38.05 231.70 211.37
C LEU CA 888 -36.71 231.05 211.72
N TYR CA 889 -36.73 229.96 212.48
CA TYR CA 889 -35.49 229.29 212.85
C TYR CA 889 -34.92 228.44 211.72
N LEU CA 890 -35.75 228.06 210.74
CA LEU CA 890 -35.28 227.25 209.62
C LEU CA 890 -34.48 228.06 208.60
N VAL CA 891 -34.68 229.38 208.56
CA VAL CA 891 -33.95 230.22 207.62
C VAL CA 891 -32.54 230.56 208.08
N PHE CA 892 -32.23 230.33 209.36
CA PHE CA 892 -30.91 230.62 209.90
C PHE CA 892 -30.08 229.33 209.98
N SER CA 893 -28.77 229.50 209.88
CA SER CA 893 -27.84 228.38 209.94
C SER CA 893 -27.34 228.22 211.37
N LYS CA 894 -26.13 227.67 211.54
CA LYS CA 894 -25.58 227.49 212.88
C LYS CA 894 -24.89 228.75 213.40
N GLU CA 895 -24.27 229.53 212.51
CA GLU CA 895 -23.59 230.73 212.95
C GLU CA 895 -24.58 231.77 213.46
N GLU CA 896 -25.71 231.95 212.78
CA GLU CA 896 -26.72 232.90 213.23
C GLU CA 896 -27.32 232.46 214.56
N LEU CA 897 -27.57 231.17 214.72
CA LEU CA 897 -28.11 230.67 215.99
C LEU CA 897 -27.10 230.86 217.12
N ARG CA 898 -25.82 230.61 216.86
CA ARG CA 898 -24.80 230.83 217.88
C ARG CA 898 -24.70 232.30 218.25
N LYS CA 899 -24.77 233.18 217.25
CA LYS CA 899 -24.72 234.61 217.55
C LYS CA 899 -25.93 235.05 218.37
N LEU CA 900 -27.11 234.53 218.04
CA LEU CA 900 -28.31 234.87 218.80
C LEU CA 900 -28.21 234.36 220.23
N LEU CA 901 -27.69 233.14 220.42
CA LEU CA 901 -27.53 232.60 221.76
C LEU CA 901 -26.49 233.38 222.56
N GLN CA 902 -25.44 233.87 221.90
CA GLN CA 902 -24.45 234.67 222.60
C GLN CA 902 -24.99 236.05 222.96
N LYS CA 903 -25.84 236.61 222.10
CA LYS CA 903 -26.43 237.92 222.39
C LYS CA 903 -27.48 237.80 223.50
N LEU CA 904 -28.21 236.69 223.55
CA LEU CA 904 -29.21 236.51 224.59
C LEU CA 904 -28.57 236.43 225.97
N ARG CA 905 -27.43 235.75 226.07
CA ARG CA 905 -26.73 235.67 227.35
C ARG CA 905 -26.20 237.04 227.79
N GLU CA 906 -25.66 237.81 226.84
CA GLU CA 906 -25.17 239.14 227.16
C GLU CA 906 -26.31 240.06 227.57
N SER CA 907 -27.49 239.91 226.97
CA SER CA 907 -28.64 240.72 227.37
C SER CA 907 -29.14 240.31 228.74
N SER CA 908 -29.17 239.00 229.03
CA SER CA 908 -29.63 238.53 230.33
C SER CA 908 -28.67 238.97 231.43
N LEU CA 909 -27.36 238.97 231.16
CA LEU CA 909 -26.39 239.41 232.15
C LEU CA 909 -26.57 240.90 232.46
N MET CA 910 -26.79 241.71 231.42
CA MET CA 910 -27.00 243.13 231.65
C MET CA 910 -28.33 243.40 232.35
N LEU CA 911 -29.34 242.58 232.11
CA LEU CA 911 -30.61 242.75 232.79
C LEU CA 911 -30.51 242.35 234.26
N LEU CA 912 -29.76 241.29 234.55
CA LEU CA 912 -29.59 240.84 235.94
C LEU CA 912 -28.61 241.70 236.72
N ASP CA 913 -27.70 242.41 236.04
CA ASP CA 913 -26.75 243.26 236.74
C ASP CA 913 -27.42 244.46 237.39
N GLN CA 914 -28.58 244.88 236.90
CA GLN CA 914 -29.27 246.03 237.49
C GLN CA 914 -30.09 245.64 238.71
N GLY CA 915 -30.53 244.39 238.82
CA GLY CA 915 -31.30 243.96 239.96
C GLY CA 915 -32.40 242.99 239.60
N LEU CA 916 -32.51 242.65 238.32
CA LEU CA 916 -33.52 241.73 237.83
C LEU CA 916 -32.91 240.33 237.69
N ASP CA 917 -33.54 239.48 236.87
CA ASP CA 917 -33.06 238.13 236.66
C ASP CA 917 -32.59 237.96 235.21
N PRO CA 918 -32.63 236.74 234.68
CA PRO CA 918 -32.18 236.54 233.29
C PRO CA 918 -33.24 236.97 232.28
N LEU CA 919 -34.49 236.57 232.51
CA LEU CA 919 -35.58 236.91 231.62
C LEU CA 919 -36.16 238.30 231.88
N GLY CA 920 -35.67 239.01 232.90
CA GLY CA 920 -36.16 240.33 233.22
C GLY CA 920 -37.20 240.39 234.32
N TYR CA 921 -37.63 239.26 234.85
CA TYR CA 921 -38.63 239.25 235.91
C TYR CA 921 -37.99 239.58 237.25
N GLU CA 922 -38.84 239.96 238.20
CA GLU CA 922 -38.38 240.31 239.54
C GLU CA 922 -38.09 239.05 240.35
N ILE CA 923 -36.95 239.06 241.04
CA ILE CA 923 -36.53 237.93 241.87
C ILE CA 923 -37.28 238.03 243.19
N GLN CA 924 -38.29 237.19 243.37
CA GLN CA 924 -39.08 237.19 244.60
C GLN CA 924 -38.43 236.32 245.67
N LYS DA 333 -83.69 232.67 52.97
CA LYS DA 333 -85.00 233.14 52.51
C LYS DA 333 -85.51 232.29 51.35
N LEU DA 334 -84.65 231.39 50.85
CA LEU DA 334 -85.00 230.51 49.76
C LEU DA 334 -85.25 229.07 50.22
N TYR DA 335 -85.69 228.88 51.46
CA TYR DA 335 -85.96 227.56 52.01
C TYR DA 335 -87.36 227.54 52.61
N GLN DA 336 -88.01 226.38 52.50
CA GLN DA 336 -89.35 226.22 53.03
C GLN DA 336 -89.40 226.14 54.55
N THR DA 337 -88.29 225.75 55.19
CA THR DA 337 -88.28 225.64 56.64
C THR DA 337 -88.46 226.99 57.33
N PRO DA 338 -87.79 228.07 56.92
CA PRO DA 338 -88.02 229.36 57.59
C PRO DA 338 -89.43 229.89 57.38
N LEU DA 339 -89.99 229.74 56.18
CA LEU DA 339 -91.35 230.19 55.94
C LEU DA 339 -92.36 229.37 56.75
N GLU DA 340 -92.13 228.06 56.85
CA GLU DA 340 -93.03 227.22 57.65
C GLU DA 340 -92.91 227.53 59.13
N LEU DA 341 -91.71 227.89 59.60
CA LEU DA 341 -91.55 228.24 61.00
C LEU DA 341 -92.17 229.61 61.31
N LYS DA 342 -92.09 230.54 60.36
CA LYS DA 342 -92.69 231.86 60.56
C LYS DA 342 -94.20 231.84 60.42
N LEU DA 343 -94.73 230.91 59.63
CA LEU DA 343 -96.18 230.83 59.45
C LEU DA 343 -96.89 230.28 60.68
N LYS DA 344 -96.19 229.53 61.52
CA LYS DA 344 -96.78 228.96 62.73
C LYS DA 344 -96.76 229.91 63.92
N HIS DA 345 -96.01 231.02 63.82
CA HIS DA 345 -95.91 231.99 64.90
C HIS DA 345 -96.79 233.22 64.65
N SER DA 346 -97.93 233.04 64.00
CA SER DA 346 -98.83 234.14 63.72
C SER DA 346 -100.27 233.63 63.71
N THR DA 347 -101.19 234.52 64.02
CA THR DA 347 -102.62 234.21 64.07
C THR DA 347 -103.33 235.05 63.02
N VAL DA 348 -103.87 234.39 61.99
CA VAL DA 348 -104.57 235.06 60.92
C VAL DA 348 -106.05 234.65 60.96
N HIS DA 349 -106.89 235.51 60.39
CA HIS DA 349 -108.33 235.27 60.35
C HIS DA 349 -108.88 235.77 59.02
N VAL DA 350 -109.87 235.07 58.50
CA VAL DA 350 -110.51 235.44 57.23
C VAL DA 350 -111.48 236.58 57.49
N ASP DA 351 -111.25 237.70 56.80
CA ASP DA 351 -112.11 238.88 56.95
C ASP DA 351 -112.34 239.47 55.55
N GLU DA 352 -113.58 239.38 55.07
CA GLU DA 352 -113.96 239.90 53.75
C GLU DA 352 -113.10 239.28 52.65
N LEU DA 353 -112.91 237.96 52.72
CA LEU DA 353 -112.10 237.22 51.74
C LEU DA 353 -110.68 237.78 51.64
N CYS DA 354 -110.11 238.14 52.79
CA CYS DA 354 -108.76 238.70 52.84
C CYS DA 354 -108.15 238.44 54.21
N PRO DA 355 -107.21 237.49 54.32
CA PRO DA 355 -106.59 237.23 55.62
C PRO DA 355 -105.49 238.24 55.92
N LEU DA 356 -105.53 238.80 57.12
CA LEU DA 356 -104.56 239.79 57.57
C LEU DA 356 -103.81 239.26 58.80
N ILE DA 357 -102.74 239.96 59.15
CA ILE DA 357 -101.93 239.60 60.30
C ILE DA 357 -102.48 240.32 61.52
N VAL DA 358 -103.15 239.58 62.40
CA VAL DA 358 -103.74 240.14 63.61
C VAL DA 358 -102.73 240.03 64.75
N PRO DA 359 -102.48 238.84 65.29
CA PRO DA 359 -101.52 238.72 66.39
C PRO DA 359 -100.19 238.13 65.92
N ASN DA 360 -99.12 238.92 65.99
CA ASN DA 360 -97.80 238.51 65.58
C ASN DA 360 -96.87 238.51 66.79
N LEU DA 361 -96.14 237.42 66.98
CA LEU DA 361 -95.21 237.28 68.10
C LEU DA 361 -93.83 236.80 67.67
N GLY DA 362 -93.58 236.67 66.37
CA GLY DA 362 -92.30 236.22 65.89
C GLY DA 362 -92.30 235.90 64.41
N VAL DA 363 -91.18 236.18 63.74
CA VAL DA 363 -91.03 235.93 62.31
C VAL DA 363 -89.61 235.45 62.05
N ALA DA 364 -89.48 234.48 61.15
CA ALA DA 364 -88.18 233.91 60.79
C ALA DA 364 -87.71 234.40 59.42
N VAL DA 365 -87.83 235.70 59.15
CA VAL DA 365 -87.42 236.27 57.87
C VAL DA 365 -85.98 236.73 57.98
N ILE DA 366 -85.49 237.42 56.95
CA ILE DA 366 -84.12 237.91 56.93
C ILE DA 366 -84.03 239.17 57.78
N HIS DA 367 -83.11 239.18 58.74
CA HIS DA 367 -82.89 240.31 59.64
C HIS DA 367 -84.18 240.69 60.38
N ASP DA 368 -84.67 239.73 61.18
CA ASP DA 368 -85.88 239.93 61.95
C ASP DA 368 -85.55 240.25 63.41
N TYR DA 369 -86.10 239.46 64.33
CA TYR DA 369 -85.87 239.65 65.76
C TYR DA 369 -84.87 238.57 66.23
N ALA DA 370 -85.15 237.80 67.28
CA ALA DA 370 -84.23 236.77 67.73
C ALA DA 370 -84.37 235.46 66.97
N ASP DA 371 -85.40 235.31 66.14
CA ASP DA 371 -85.60 234.10 65.37
C ASP DA 371 -84.75 234.02 64.12
N TRP DA 372 -84.11 235.12 63.73
CA TRP DA 372 -83.26 235.15 62.54
C TRP DA 372 -81.79 234.93 62.85
N VAL DA 373 -81.43 234.76 64.12
CA VAL DA 373 -80.03 234.55 64.48
C VAL DA 373 -79.59 233.12 64.21
N LYS DA 374 -80.52 232.17 64.17
CA LYS DA 374 -80.16 230.77 63.92
C LYS DA 374 -80.09 230.44 62.44
N GLU DA 375 -80.61 231.31 61.57
CA GLU DA 375 -80.58 231.09 60.13
C GLU DA 375 -79.41 231.78 59.44
N ALA DA 376 -78.45 232.29 60.21
CA ALA DA 376 -77.28 232.98 59.68
C ALA DA 376 -76.05 232.20 60.10
N SER DA 377 -75.57 231.32 59.22
CA SER DA 377 -74.39 230.50 59.50
C SER DA 377 -73.43 230.64 58.32
N GLY DA 378 -72.56 229.65 58.16
CA GLY DA 378 -71.59 229.66 57.07
C GLY DA 378 -72.11 229.07 55.79
N ASP DA 379 -73.18 228.27 55.89
CA ASP DA 379 -73.78 227.62 54.73
C ASP DA 379 -75.08 228.30 54.30
N LEU DA 380 -75.38 229.47 54.85
CA LEU DA 380 -76.60 230.19 54.48
C LEU DA 380 -76.26 231.53 53.84
N PRO DA 381 -75.33 232.29 54.42
CA PRO DA 381 -74.97 233.58 53.82
C PRO DA 381 -73.48 233.68 53.50
N GLU DA 382 -72.92 232.59 52.97
CA GLU DA 382 -71.51 232.50 52.59
C GLU DA 382 -70.67 232.77 53.86
N ALA DA 383 -69.61 233.57 53.77
CA ALA DA 383 -68.78 233.87 54.93
C ALA DA 383 -68.22 235.28 54.96
N GLN DA 384 -68.16 235.99 53.83
CA GLN DA 384 -67.64 237.35 53.79
C GLN DA 384 -68.70 238.40 54.10
N ILE DA 385 -69.97 238.01 54.26
CA ILE DA 385 -71.04 238.94 54.56
C ILE DA 385 -72.05 238.25 55.47
N VAL DA 386 -71.60 237.73 56.60
CA VAL DA 386 -72.47 237.04 57.54
C VAL DA 386 -72.28 237.63 58.94
N LYS DA 387 -71.04 238.03 59.25
CA LYS DA 387 -70.76 238.60 60.55
C LYS DA 387 -71.47 239.93 60.75
N HIS DA 388 -71.48 240.77 59.71
CA HIS DA 388 -72.17 242.05 59.80
C HIS DA 388 -73.67 241.86 59.99
N TRP DA 389 -74.26 240.90 59.26
CA TRP DA 389 -75.68 240.63 59.42
C TRP DA 389 -76.00 240.08 60.80
N SER DA 390 -75.13 239.21 61.33
CA SER DA 390 -75.34 238.68 62.67
C SER DA 390 -75.25 239.78 63.72
N LEU DA 391 -74.29 240.70 63.55
CA LEU DA 391 -74.16 241.80 64.49
C LEU DA 391 -75.36 242.74 64.42
N THR DA 392 -75.85 243.02 63.20
CA THR DA 392 -77.02 243.86 63.05
C THR DA 392 -78.27 243.22 63.64
N TRP DA 393 -78.38 241.89 63.53
CA TRP DA 393 -79.52 241.19 64.13
C TRP DA 393 -79.42 241.19 65.65
N THR DA 394 -78.21 240.98 66.19
CA THR DA 394 -78.04 240.99 67.64
C THR DA 394 -78.31 242.37 68.22
N LEU DA 395 -77.88 243.42 67.53
CA LEU DA 395 -78.14 244.79 68.01
C LEU DA 395 -79.63 245.08 68.02
N CYS DA 396 -80.35 244.66 66.99
CA CYS DA 396 -81.79 244.88 66.95
C CYS DA 396 -82.52 244.04 67.99
N GLU DA 397 -82.01 242.84 68.29
CA GLU DA 397 -82.65 242.02 69.31
C GLU DA 397 -82.37 242.53 70.71
N ALA DA 398 -81.22 243.17 70.91
CA ALA DA 398 -80.87 243.70 72.23
C ALA DA 398 -81.42 245.10 72.46
N LEU DA 399 -81.71 245.86 71.41
CA LEU DA 399 -82.23 247.23 71.56
C LEU DA 399 -83.76 247.23 71.47
N TRP DA 400 -84.29 246.86 70.30
CA TRP DA 400 -85.72 246.86 70.07
C TRP DA 400 -86.41 245.60 70.60
N GLY DA 401 -85.67 244.69 71.23
CA GLY DA 401 -86.27 243.47 71.75
C GLY DA 401 -86.83 243.68 73.15
N HIS DA 402 -87.99 243.08 73.39
CA HIS DA 402 -88.65 243.17 74.69
C HIS DA 402 -88.10 242.10 75.61
N LEU DA 403 -87.33 242.51 76.61
CA LEU DA 403 -86.74 241.59 77.55
C LEU DA 403 -87.79 241.12 78.57
N LYS DA 404 -87.71 239.85 78.94
CA LYS DA 404 -88.63 239.24 79.90
C LYS DA 404 -87.84 238.62 81.04
N GLU DA 405 -88.32 238.84 82.26
CA GLU DA 405 -87.67 238.30 83.45
C GLU DA 405 -88.26 236.94 83.82
N LEU DA 406 -87.45 236.12 84.47
CA LEU DA 406 -87.89 234.79 84.88
C LEU DA 406 -88.75 234.86 86.13
N ASP DA 407 -88.14 235.13 87.29
CA ASP DA 407 -88.87 235.23 88.54
C ASP DA 407 -89.46 236.62 88.70
N SER DA 408 -90.75 236.68 89.03
CA SER DA 408 -91.43 237.96 89.21
C SER DA 408 -91.13 238.53 90.58
N GLN DA 409 -91.20 239.86 90.67
CA GLN DA 409 -90.95 240.59 91.90
C GLN DA 409 -92.28 241.08 92.49
N LEU DA 410 -92.17 241.94 93.51
CA LEU DA 410 -93.36 242.48 94.15
C LEU DA 410 -93.96 243.62 93.33
N ASN DA 411 -93.15 244.61 92.99
CA ASN DA 411 -93.61 245.76 92.21
C ASN DA 411 -93.59 245.39 90.73
N GLU DA 412 -94.77 245.32 90.13
CA GLU DA 412 -94.88 244.97 88.71
C GLU DA 412 -95.26 246.21 87.90
N PRO DA 413 -95.39 247.38 88.54
CA PRO DA 413 -95.75 248.59 87.78
C PRO DA 413 -94.59 249.21 87.03
N ARG DA 414 -93.36 249.02 87.48
CA ARG DA 414 -92.17 249.56 86.84
C ARG DA 414 -91.39 248.46 86.16
N GLU DA 415 -90.16 248.78 85.75
CA GLU DA 415 -89.29 247.81 85.08
C GLU DA 415 -87.85 248.15 85.44
N TYR DA 416 -87.36 247.54 86.52
CA TYR DA 416 -86.01 247.76 87.00
C TYR DA 416 -85.04 246.64 86.66
N ILE DA 417 -85.51 245.39 86.64
CA ILE DA 417 -84.62 244.27 86.32
C ILE DA 417 -84.42 244.15 84.82
N GLN DA 418 -85.48 244.34 84.03
CA GLN DA 418 -85.36 244.24 82.59
C GLN DA 418 -84.51 245.37 82.01
N ILE DA 419 -84.67 246.58 82.55
CA ILE DA 419 -83.87 247.71 82.08
C ILE DA 419 -82.40 247.51 82.39
N LEU DA 420 -82.09 246.86 83.52
CA LEU DA 420 -80.69 246.57 83.85
C LEU DA 420 -80.15 245.43 82.99
N GLU DA 421 -80.96 244.42 82.73
CA GLU DA 421 -80.51 243.30 81.90
C GLU DA 421 -80.25 243.75 80.47
N ARG DA 422 -81.11 244.61 79.92
CA ARG DA 422 -80.89 245.12 78.58
C ARG DA 422 -79.62 245.96 78.50
N ARG DA 423 -79.38 246.79 79.51
CA ARG DA 423 -78.17 247.59 79.53
C ARG DA 423 -76.93 246.71 79.64
N ARG DA 424 -76.99 245.65 80.47
CA ARG DA 424 -75.86 244.74 80.59
C ARG DA 424 -75.59 244.01 79.28
N ALA DA 425 -76.66 243.59 78.59
CA ALA DA 425 -76.49 242.92 77.30
C ALA DA 425 -75.91 243.87 76.27
N PHE DA 426 -76.36 245.13 76.25
CA PHE DA 426 -75.82 246.10 75.31
C PHE DA 426 -74.34 246.38 75.60
N SER DA 427 -73.98 246.47 76.88
CA SER DA 427 -72.58 246.69 77.23
C SER DA 427 -71.71 245.49 76.84
N ARG DA 428 -72.22 244.28 77.06
CA ARG DA 428 -71.47 243.07 76.68
C ARG DA 428 -71.32 242.98 75.16
N TRP DA 429 -72.33 243.40 74.40
CA TRP DA 429 -72.21 243.40 72.95
C TRP DA 429 -71.22 244.46 72.49
N LEU DA 430 -71.26 245.66 73.09
CA LEU DA 430 -70.33 246.71 72.71
C LEU DA 430 -68.90 246.32 73.02
N SER DA 431 -68.67 245.67 74.16
CA SER DA 431 -67.33 245.23 74.51
C SER DA 431 -66.82 244.17 73.53
N CYS DA 432 -67.68 243.22 73.17
CA CYS DA 432 -67.28 242.19 72.22
C CYS DA 432 -67.03 242.77 70.83
N THR DA 433 -67.75 243.84 70.47
CA THR DA 433 -67.53 244.47 69.18
C THR DA 433 -66.27 245.33 69.17
N ALA DA 434 -65.93 245.96 70.29
CA ALA DA 434 -64.76 246.82 70.37
C ALA DA 434 -63.48 246.06 70.70
N THR DA 435 -63.59 244.80 71.17
CA THR DA 435 -62.39 244.04 71.46
C THR DA 435 -61.50 243.81 70.24
N PRO DA 436 -62.03 243.66 69.02
CA PRO DA 436 -61.13 243.47 67.87
C PRO DA 436 -60.31 244.70 67.54
N GLN DA 437 -60.78 245.89 67.92
CA GLN DA 437 -60.04 247.13 67.70
C GLN DA 437 -59.25 247.56 68.93
N ILE DA 438 -59.50 246.95 70.08
CA ILE DA 438 -58.78 247.29 71.30
C ILE DA 438 -57.68 246.28 71.63
N GLU DA 439 -57.74 245.07 71.06
CA GLU DA 439 -56.70 244.09 71.33
C GLU DA 439 -55.39 244.45 70.64
N GLU DA 440 -55.46 245.16 69.50
CA GLU DA 440 -54.25 245.54 68.80
C GLU DA 440 -53.70 246.88 69.28
N GLU DA 441 -54.56 247.74 69.82
CA GLU DA 441 -54.12 249.03 70.33
C GLU DA 441 -53.50 248.94 71.72
N VAL DA 442 -53.76 247.86 72.45
CA VAL DA 442 -53.17 247.70 73.77
C VAL DA 442 -51.70 247.33 73.69
N SER DA 443 -51.29 246.68 72.60
CA SER DA 443 -49.88 246.30 72.45
C SER DA 443 -49.01 247.49 72.09
N LEU DA 444 -49.54 248.45 71.33
CA LEU DA 444 -48.75 249.62 70.94
C LEU DA 444 -48.73 250.67 72.05
N THR DA 445 -49.75 250.72 72.89
CA THR DA 445 -49.79 251.69 73.97
C THR DA 445 -48.93 251.30 75.16
N GLN DA 446 -48.58 250.01 75.28
CA GLN DA 446 -47.76 249.57 76.40
C GLN DA 446 -46.29 249.94 76.22
N LYS DA 447 -45.85 250.18 74.99
CA LYS DA 447 -44.47 250.55 74.73
C LYS DA 447 -44.19 252.03 74.91
N ASN DA 448 -45.23 252.83 75.13
CA ASN DA 448 -45.08 254.27 75.31
C ASN DA 448 -45.25 254.70 76.76
N SER DA 449 -46.29 254.20 77.43
CA SER DA 449 -46.55 254.54 78.82
C SER DA 449 -47.31 253.39 79.47
N PRO DA 450 -46.94 252.99 80.68
CA PRO DA 450 -47.64 251.88 81.34
C PRO DA 450 -48.98 252.28 81.96
N VAL DA 451 -49.28 253.56 82.06
CA VAL DA 451 -50.54 253.99 82.66
C VAL DA 451 -51.68 253.95 81.65
N GLU DA 452 -51.39 253.84 80.36
CA GLU DA 452 -52.44 253.79 79.35
C GLU DA 452 -53.08 252.42 79.23
N ALA DA 453 -52.45 251.38 79.78
CA ALA DA 453 -53.02 250.04 79.70
C ALA DA 453 -54.32 249.95 80.49
N VAL DA 454 -54.37 250.55 81.67
CA VAL DA 454 -55.59 250.53 82.47
C VAL DA 454 -56.70 251.30 81.78
N PHE DA 455 -56.36 252.44 81.17
CA PHE DA 455 -57.36 253.24 80.46
C PHE DA 455 -57.87 252.52 79.22
N SER DA 456 -57.01 251.73 78.56
CA SER DA 456 -57.43 250.97 77.40
C SER DA 456 -58.27 249.75 77.77
N TYR DA 457 -57.96 249.13 78.91
CA TYR DA 457 -58.72 247.96 79.35
C TYR DA 457 -60.03 248.33 80.03
N LEU DA 458 -60.14 249.54 80.57
CA LEU DA 458 -61.38 249.96 81.22
C LEU DA 458 -62.51 250.23 80.23
N THR DA 459 -62.17 250.44 78.94
CA THR DA 459 -63.19 250.70 77.93
C THR DA 459 -63.93 249.44 77.50
N GLY DA 460 -63.40 248.25 77.81
CA GLY DA 460 -64.05 247.02 77.43
C GLY DA 460 -64.81 246.36 78.56
N LYS DA 461 -65.29 247.19 79.51
CA LYS DA 461 -66.05 246.72 80.66
C LYS DA 461 -65.25 245.69 81.46
N ARG DA 462 -64.01 246.06 81.81
CA ARG DA 462 -63.11 245.22 82.59
C ARG DA 462 -62.63 246.01 83.79
N ILE DA 463 -63.31 245.82 84.93
CA ILE DA 463 -62.96 246.52 86.16
C ILE DA 463 -61.83 245.82 86.90
N SER DA 464 -61.95 244.49 87.06
CA SER DA 464 -60.91 243.75 87.76
C SER DA 464 -59.61 243.72 86.97
N GLU DA 465 -59.70 243.59 85.64
CA GLU DA 465 -58.50 243.59 84.81
C GLU DA 465 -57.77 244.93 84.88
N ALA DA 466 -58.51 246.03 85.00
CA ALA DA 466 -57.87 247.34 85.13
C ALA DA 466 -57.32 247.54 86.54
N CYS DA 467 -58.03 247.06 87.55
CA CYS DA 467 -57.56 247.20 88.92
C CYS DA 467 -56.28 246.41 89.14
N SER DA 468 -56.20 245.20 88.60
CA SER DA 468 -54.99 244.40 88.74
C SER DA 468 -53.81 245.06 88.03
N LEU DA 469 -54.04 245.62 86.85
CA LEU DA 469 -52.97 246.29 86.12
C LEU DA 469 -52.52 247.56 86.84
N ALA DA 470 -53.45 248.27 87.48
CA ALA DA 470 -53.07 249.47 88.23
C ALA DA 470 -52.34 249.11 89.52
N GLN DA 471 -52.69 247.99 90.15
CA GLN DA 471 -52.01 247.58 91.37
C GLN DA 471 -50.63 246.98 91.10
N GLN DA 472 -50.47 246.31 89.96
CA GLN DA 472 -49.20 245.71 89.59
C GLN DA 472 -48.25 246.67 88.90
N SER DA 473 -48.64 247.94 88.76
CA SER DA 473 -47.81 248.94 88.11
C SER DA 473 -46.99 249.77 89.09
N GLY DA 474 -47.21 249.61 90.40
CA GLY DA 474 -46.47 250.36 91.38
C GLY DA 474 -47.35 251.28 92.21
N ASP DA 475 -48.33 251.91 91.57
CA ASP DA 475 -49.23 252.81 92.26
C ASP DA 475 -50.35 252.03 92.96
N HIS DA 476 -51.01 252.70 93.91
CA HIS DA 476 -52.10 252.09 94.67
C HIS DA 476 -53.37 252.92 94.70
N ARG DA 477 -53.31 254.21 94.36
CA ARG DA 477 -54.51 255.04 94.39
C ARG DA 477 -55.39 254.80 93.18
N LEU DA 478 -54.80 254.50 92.03
CA LEU DA 478 -55.59 254.26 90.81
C LEU DA 478 -56.42 252.99 90.94
N ALA DA 479 -55.86 251.95 91.55
CA ALA DA 479 -56.61 250.70 91.73
C ALA DA 479 -57.79 250.89 92.68
N LEU DA 480 -57.64 251.76 93.68
CA LEU DA 480 -58.76 252.02 94.58
C LEU DA 480 -59.76 252.99 93.98
N LEU DA 481 -59.33 253.86 93.07
CA LEU DA 481 -60.24 254.80 92.43
C LEU DA 481 -61.04 254.15 91.32
N LEU DA 482 -60.46 253.19 90.60
CA LEU DA 482 -61.16 252.52 89.51
C LEU DA 482 -62.16 251.48 90.01
N SER DA 483 -62.11 251.11 91.29
CA SER DA 483 -63.03 250.11 91.81
C SER DA 483 -64.43 250.68 92.03
N GLN DA 484 -64.56 252.00 92.18
CA GLN DA 484 -65.85 252.64 92.40
C GLN DA 484 -66.38 253.26 91.11
N PHE DA 485 -66.35 252.50 90.01
CA PHE DA 485 -66.82 252.94 88.71
C PHE DA 485 -68.25 252.50 88.42
N VAL DA 486 -69.10 252.47 89.44
CA VAL DA 486 -70.49 252.05 89.23
C VAL DA 486 -71.31 253.17 88.61
N GLY DA 487 -71.03 254.42 88.96
CA GLY DA 487 -71.76 255.55 88.41
C GLY DA 487 -72.77 256.13 89.39
N SER DA 488 -72.39 256.22 90.66
CA SER DA 488 -73.25 256.76 91.69
C SER DA 488 -72.79 258.18 92.04
N GLN DA 489 -73.26 258.68 93.18
CA GLN DA 489 -72.90 260.03 93.62
C GLN DA 489 -71.62 260.00 94.44
N SER DA 490 -71.54 260.86 95.46
CA SER DA 490 -70.38 260.94 96.35
C SER DA 490 -69.10 261.21 95.56
N VAL DA 491 -68.57 260.18 94.89
CA VAL DA 491 -67.34 260.34 94.13
C VAL DA 491 -67.54 261.22 92.90
N ARG DA 492 -68.78 261.34 92.41
CA ARG DA 492 -69.02 262.17 91.23
C ARG DA 492 -68.67 263.63 91.49
N GLU DA 493 -69.05 264.15 92.65
CA GLU DA 493 -68.68 265.53 93.00
C GLU DA 493 -67.24 265.62 93.49
N LEU DA 494 -66.73 264.55 94.11
CA LEU DA 494 -65.35 264.57 94.59
C LEU DA 494 -64.36 264.64 93.43
N LEU DA 495 -64.65 263.95 92.32
CA LEU DA 495 -63.77 264.03 91.16
C LEU DA 495 -63.76 265.43 90.57
N THR DA 496 -64.93 266.07 90.48
CA THR DA 496 -64.99 267.43 89.97
C THR DA 496 -64.26 268.41 90.89
N MET DA 497 -64.40 268.22 92.21
CA MET DA 497 -63.69 269.07 93.15
C MET DA 497 -62.18 268.90 93.03
N GLN DA 498 -61.73 267.66 92.89
CA GLN DA 498 -60.30 267.41 92.71
C GLN DA 498 -59.78 268.01 91.42
N LEU DA 499 -60.57 267.92 90.34
CA LEU DA 499 -60.16 268.50 89.07
C LEU DA 499 -60.09 270.02 89.17
N VAL DA 500 -61.06 270.64 89.84
CA VAL DA 500 -61.04 272.09 90.00
C VAL DA 500 -59.89 272.53 90.88
N ASP DA 501 -59.52 271.72 91.87
CA ASP DA 501 -58.39 272.06 92.73
C ASP DA 501 -57.06 271.90 91.99
N TRP DA 502 -56.96 270.89 91.14
CA TRP DA 502 -55.73 270.66 90.38
C TRP DA 502 -55.59 271.60 89.19
N HIS DA 503 -56.70 272.18 88.71
CA HIS DA 503 -56.63 273.09 87.58
C HIS DA 503 -55.93 274.40 87.94
N GLN DA 504 -55.89 274.76 89.22
CA GLN DA 504 -55.24 275.99 89.64
C GLN DA 504 -53.86 275.69 90.22
N LEU DA 505 -53.69 275.93 91.52
CA LEU DA 505 -52.43 275.68 92.22
C LEU DA 505 -51.27 276.42 91.56
N GLN DA 506 -50.51 275.73 90.72
CA GLN DA 506 -49.37 276.33 90.02
C GLN DA 506 -49.26 275.70 88.65
N ALA DA 507 -49.63 276.47 87.61
CA ALA DA 507 -49.58 276.01 86.22
C ALA DA 507 -50.39 274.73 86.03
N ASP DA 508 -51.55 274.67 86.67
CA ASP DA 508 -52.47 273.53 86.59
C ASP DA 508 -51.78 272.22 87.01
N SER DA 509 -50.89 272.31 87.99
CA SER DA 509 -50.15 271.16 88.52
C SER DA 509 -49.37 270.52 87.36
N PHE DA 510 -49.21 269.20 87.40
CA PHE DA 510 -48.49 268.49 86.35
C PHE DA 510 -48.94 267.03 86.26
N ILE DA 511 -50.25 266.82 86.15
CA ILE DA 511 -50.78 265.46 86.07
C ILE DA 511 -50.58 264.91 84.66
N GLN DA 512 -50.63 263.58 84.55
CA GLN DA 512 -50.46 262.92 83.27
C GLN DA 512 -51.78 262.90 82.50
N ASP DA 513 -51.69 262.43 81.26
CA ASP DA 513 -52.86 262.35 80.39
C ASP DA 513 -53.66 261.07 80.58
N GLU DA 514 -53.03 259.99 81.06
CA GLU DA 514 -53.74 258.74 81.26
C GLU DA 514 -54.55 258.76 82.55
N ARG DA 515 -54.01 259.35 83.61
CA ARG DA 515 -54.72 259.42 84.88
C ARG DA 515 -55.84 260.45 84.86
N LEU DA 516 -55.68 261.51 84.08
CA LEU DA 516 -56.73 262.54 84.02
C LEU DA 516 -58.02 261.99 83.44
N ARG DA 517 -57.91 261.18 82.38
CA ARG DA 517 -59.11 260.60 81.79
C ARG DA 517 -59.80 259.64 82.75
N ILE DA 518 -59.01 258.84 83.48
CA ILE DA 518 -59.60 257.91 84.44
C ILE DA 518 -60.24 258.65 85.59
N PHE DA 519 -59.67 259.80 85.99
CA PHE DA 519 -60.28 260.58 87.07
C PHE DA 519 -61.53 261.29 86.61
N ALA DA 520 -61.57 261.75 85.36
CA ALA DA 520 -62.74 262.44 84.84
C ALA DA 520 -63.87 261.49 84.44
N LEU DA 521 -63.54 260.23 84.13
CA LEU DA 521 -64.58 259.26 83.76
C LEU DA 521 -65.44 258.84 84.94
N LEU DA 522 -64.94 259.01 86.17
CA LEU DA 522 -65.68 258.63 87.36
C LEU DA 522 -66.56 259.76 87.90
N ALA DA 523 -66.72 260.84 87.14
CA ALA DA 523 -67.54 261.97 87.55
C ALA DA 523 -68.92 261.99 86.90
N GLY DA 524 -69.22 261.01 86.05
CA GLY DA 524 -70.50 260.94 85.38
C GLY DA 524 -70.55 261.61 84.02
N LYS DA 525 -69.52 262.36 83.64
CA LYS DA 525 -69.50 263.03 82.35
C LYS DA 525 -68.06 263.16 81.86
N PRO DA 526 -67.75 262.67 80.66
CA PRO DA 526 -66.37 262.78 80.15
C PRO DA 526 -66.27 263.68 78.93
N VAL DA 527 -67.38 263.81 78.19
CA VAL DA 527 -67.40 264.64 76.99
C VAL DA 527 -68.24 265.89 77.27
N TRP DA 528 -68.21 266.36 78.52
CA TRP DA 528 -68.97 267.54 78.90
C TRP DA 528 -68.27 268.30 80.03
N GLN DA 529 -68.67 268.03 81.26
CA GLN DA 529 -68.10 268.68 82.43
C GLN DA 529 -66.94 267.83 82.96
N LEU DA 530 -65.77 268.46 83.11
CA LEU DA 530 -65.60 269.88 82.79
C LEU DA 530 -64.84 270.05 81.48
N SER DA 531 -64.68 271.30 81.05
CA SER DA 531 -63.97 271.59 79.81
C SER DA 531 -62.45 271.50 79.96
N GLU DA 532 -61.95 271.56 81.18
CA GLU DA 532 -60.50 271.47 81.40
C GLU DA 532 -59.98 270.05 81.26
N LYS DA 533 -60.84 269.05 81.48
CA LYS DA 533 -60.47 267.65 81.39
C LYS DA 533 -61.50 266.88 80.56
N LYS DA 534 -61.98 267.49 79.48
CA LYS DA 534 -62.96 266.85 78.62
C LYS DA 534 -62.29 265.85 77.69
N GLN DA 535 -63.03 264.79 77.37
CA GLN DA 535 -62.54 263.72 76.49
C GLN DA 535 -63.07 263.89 75.06
N ILE DA 536 -63.19 265.12 74.59
CA ILE DA 536 -63.67 265.37 73.23
C ILE DA 536 -62.59 265.18 72.17
N ASN DA 537 -61.33 265.11 72.57
CA ASN DA 537 -60.22 264.94 71.64
C ASN DA 537 -59.86 263.48 71.44
N VAL DA 538 -60.69 262.55 71.89
CA VAL DA 538 -60.43 261.12 71.73
C VAL DA 538 -61.12 260.54 70.50
N CYS DA 539 -61.66 261.39 69.63
CA CYS DA 539 -62.34 260.92 68.43
C CYS DA 539 -61.39 260.67 67.27
N SER DA 540 -60.11 261.04 67.41
CA SER DA 540 -59.16 260.82 66.32
C SER DA 540 -58.60 259.40 66.35
N GLN DA 541 -58.32 258.86 67.54
CA GLN DA 541 -57.78 257.52 67.68
C GLN DA 541 -58.89 256.48 67.87
N LEU DA 542 -59.82 256.75 68.77
CA LEU DA 542 -60.93 255.83 69.03
C LEU DA 542 -62.11 256.13 68.11
N ASP DA 543 -62.93 255.11 67.90
CA ASP DA 543 -64.10 255.22 67.05
C ASP DA 543 -65.29 255.69 67.88
N TRP DA 544 -66.47 255.73 67.26
CA TRP DA 544 -67.68 256.16 67.96
C TRP DA 544 -68.24 255.09 68.88
N LYS DA 545 -67.97 253.80 68.60
CA LYS DA 545 -68.49 252.74 69.45
C LYS DA 545 -67.89 252.80 70.85
N ARG DA 546 -66.57 252.99 70.94
CA ARG DA 546 -65.93 253.09 72.26
C ARG DA 546 -66.39 254.34 73.00
N SER DA 547 -66.57 255.45 72.28
CA SER DA 547 -67.04 256.67 72.92
C SER DA 547 -68.47 256.53 73.42
N LEU DA 548 -69.30 255.78 72.71
CA LEU DA 548 -70.67 255.54 73.18
C LEU DA 548 -70.69 254.57 74.35
N ALA DA 549 -69.81 253.56 74.33
CA ALA DA 549 -69.77 252.60 75.42
C ALA DA 549 -69.26 253.25 76.71
N ILE DA 550 -68.26 254.12 76.60
CA ILE DA 550 -67.73 254.80 77.79
C ILE DA 550 -68.75 255.75 78.40
N HIS DA 551 -69.72 256.22 77.61
CA HIS DA 551 -70.76 257.09 78.11
C HIS DA 551 -71.99 256.34 78.61
N LEU DA 552 -72.27 255.17 78.04
CA LEU DA 552 -73.42 254.37 78.45
C LEU DA 552 -73.11 253.40 79.58
N TRP DA 553 -71.84 253.11 79.85
CA TRP DA 553 -71.45 252.18 80.90
C TRP DA 553 -70.61 252.84 81.99
N TYR DA 554 -70.50 254.16 81.99
CA TYR DA 554 -69.70 254.86 83.00
C TYR DA 554 -70.25 256.27 83.20
N LEU DA 555 -71.53 256.36 83.56
CA LEU DA 555 -72.18 257.64 83.79
C LEU DA 555 -73.34 257.42 84.75
N LEU DA 556 -74.31 258.33 84.74
CA LEU DA 556 -75.49 258.22 85.59
C LEU DA 556 -76.51 257.29 84.96
N PRO DA 557 -76.49 256.00 85.28
CA PRO DA 557 -77.43 255.07 84.68
C PRO DA 557 -78.68 254.95 85.53
N PRO DA 558 -78.67 255.50 86.74
CA PRO DA 558 -79.86 255.40 87.61
C PRO DA 558 -80.69 256.67 87.58
N THR DA 559 -80.07 257.80 87.29
CA THR DA 559 -80.78 259.07 87.25
C THR DA 559 -81.60 259.21 85.97
N ALA DA 560 -81.19 258.55 84.89
CA ALA DA 560 -81.89 258.61 83.62
C ALA DA 560 -82.02 257.20 83.05
N SER DA 561 -82.86 257.08 82.01
CA SER DA 561 -83.07 255.81 81.36
C SER DA 561 -81.96 255.52 80.35
N ILE DA 562 -82.09 254.38 79.66
CA ILE DA 562 -81.09 254.01 78.67
C ILE DA 562 -81.25 254.83 77.40
N SER DA 563 -82.49 255.11 77.00
CA SER DA 563 -82.74 255.89 75.79
C SER DA 563 -82.25 257.32 75.96
N ARG DA 564 -82.49 257.92 77.12
CA ARG DA 564 -82.02 259.29 77.36
C ARG DA 564 -80.50 259.36 77.35
N ALA DA 565 -79.84 258.37 77.95
CA ALA DA 565 -78.38 258.34 77.95
C ALA DA 565 -77.83 258.14 76.55
N LEU DA 566 -78.46 257.27 75.76
CA LEU DA 566 -78.01 257.05 74.39
C LEU DA 566 -78.22 258.29 73.52
N SER DA 567 -79.30 259.05 73.78
CA SER DA 567 -79.52 260.28 73.04
C SER DA 567 -78.54 261.37 73.44
N MET DA 568 -78.21 261.43 74.73
CA MET DA 568 -77.25 262.43 75.21
C MET DA 568 -75.85 262.12 74.70
N TYR DA 569 -75.49 260.83 74.61
CA TYR DA 569 -74.19 260.46 74.09
C TYR DA 569 -74.10 260.58 72.57
N GLU DA 570 -75.23 260.72 71.88
CA GLU DA 570 -75.25 260.86 70.43
C GLU DA 570 -75.40 262.30 69.97
N GLU DA 571 -76.08 263.14 70.75
CA GLU DA 571 -76.26 264.54 70.38
C GLU DA 571 -75.01 265.38 70.57
N ALA DA 572 -74.01 264.87 71.30
CA ALA DA 572 -72.78 265.60 71.52
C ALA DA 572 -71.79 265.47 70.38
N PHE DA 573 -71.79 264.33 69.69
CA PHE DA 573 -70.88 264.11 68.57
C PHE DA 573 -71.59 263.31 67.50
N GLN DA 574 -71.49 263.78 66.25
CA GLN DA 574 -72.15 263.09 65.14
C GLN DA 574 -71.40 261.81 64.80
N ASN DA 575 -72.16 260.78 64.44
CA ASN DA 575 -71.58 259.50 64.07
C ASN DA 575 -71.55 259.33 62.56
N PRO DA 607 -71.53 258.10 62.05
CA PRO DA 607 -71.51 257.91 60.60
C PRO DA 607 -72.89 258.03 60.00
N LEU DA 608 -72.94 258.55 58.77
CA LEU DA 608 -74.19 258.74 58.06
C LEU DA 608 -74.51 257.61 57.09
N ARG DA 609 -73.62 256.61 56.97
CA ARG DA 609 -73.81 255.48 56.07
C ARG DA 609 -73.39 254.20 56.81
N ASP DA 610 -74.11 253.90 57.90
CA ASP DA 610 -73.82 252.71 58.69
C ASP DA 610 -75.10 252.25 59.36
N VAL DA 611 -75.27 250.93 59.44
CA VAL DA 611 -76.47 250.38 60.08
C VAL DA 611 -76.35 250.44 61.59
N CYS DA 612 -75.14 250.26 62.12
CA CYS DA 612 -74.95 250.31 63.57
C CYS DA 612 -75.09 251.74 64.08
N PHE DA 613 -74.75 252.72 63.26
CA PHE DA 613 -74.90 254.11 63.68
C PHE DA 613 -76.34 254.58 63.59
N HIS DA 614 -77.17 253.87 62.81
CA HIS DA 614 -78.58 254.23 62.66
C HIS DA 614 -79.47 253.47 63.63
N LEU DA 615 -79.11 252.23 63.98
CA LEU DA 615 -79.92 251.47 64.91
C LEU DA 615 -79.85 252.06 66.31
N LEU DA 616 -78.70 252.62 66.69
CA LEU DA 616 -78.57 253.24 68.01
C LEU DA 616 -79.22 254.62 68.06
N LYS DA 617 -79.49 255.23 66.91
CA LYS DA 617 -80.13 256.54 66.87
C LYS DA 617 -81.63 256.46 66.68
N LEU DA 618 -82.12 255.40 66.03
CA LEU DA 618 -83.55 255.24 65.81
C LEU DA 618 -84.28 254.67 67.03
N TYR DA 619 -83.56 254.32 68.09
CA TYR DA 619 -84.16 253.78 69.29
C TYR DA 619 -83.85 254.60 70.53
N SER DA 620 -83.08 255.68 70.41
CA SER DA 620 -82.74 256.51 71.56
C SER DA 620 -83.76 257.63 71.73
N ASP DA 621 -83.58 258.73 71.01
CA ASP DA 621 -84.49 259.87 71.09
C ASP DA 621 -85.73 259.70 70.22
N ARG DA 622 -85.83 258.62 69.44
CA ARG DA 622 -86.97 258.37 68.57
C ARG DA 622 -88.02 257.48 69.24
N HIS DA 623 -88.10 257.49 70.57
CA HIS DA 623 -89.10 256.67 71.25
C HIS DA 623 -90.49 257.24 71.12
N TYR DA 624 -90.61 258.56 71.02
CA TYR DA 624 -91.90 259.23 70.88
C TYR DA 624 -92.15 259.76 69.48
N ASP DA 625 -91.20 259.61 68.57
CA ASP DA 625 -91.34 260.08 67.18
C ASP DA 625 -90.54 259.16 66.27
N LEU DA 626 -90.93 257.89 66.21
CA LEU DA 626 -90.23 256.93 65.36
C LEU DA 626 -90.56 257.13 63.89
N ASN DA 627 -91.80 257.51 63.57
CA ASN DA 627 -92.18 257.72 62.18
C ASN DA 627 -91.47 258.91 61.58
N GLN DA 628 -91.30 259.99 62.35
CA GLN DA 628 -90.61 261.17 61.86
C GLN DA 628 -89.11 260.95 61.72
N LEU DA 629 -88.55 259.98 62.44
CA LEU DA 629 -87.12 259.69 62.37
C LEU DA 629 -86.76 258.63 61.35
N LEU DA 630 -87.65 257.66 61.10
CA LEU DA 630 -87.36 256.61 60.13
C LEU DA 630 -87.49 257.09 58.70
N GLU DA 631 -88.32 258.09 58.43
CA GLU DA 631 -88.52 258.60 57.09
C GLU DA 631 -87.36 259.52 56.70
N PRO DA 632 -86.77 260.24 57.66
CA PRO DA 632 -85.66 261.14 57.31
C PRO DA 632 -84.34 260.42 57.07
N ARG DA 633 -84.13 259.26 57.68
CA ARG DA 633 -82.89 258.52 57.49
C ARG DA 633 -82.86 257.72 56.20
N SER DA 634 -84.01 257.22 55.76
CA SER DA 634 -84.08 256.44 54.53
C SER DA 634 -84.06 257.29 53.27
N ILE DA 635 -84.37 258.58 53.38
CA ILE DA 635 -84.38 259.48 52.22
C ILE DA 635 -83.04 260.18 52.04
N THR DA 636 -82.05 259.86 52.87
CA THR DA 636 -80.73 260.47 52.77
C THR DA 636 -79.64 259.42 52.57
N ALA DA 637 -79.90 258.20 53.05
CA ALA DA 637 -78.94 257.12 52.93
C ALA DA 637 -79.69 255.79 52.87
N ASP DA 638 -79.16 254.86 52.09
CA ASP DA 638 -79.76 253.54 51.93
C ASP DA 638 -78.97 252.51 52.70
N PRO DA 639 -78.76 252.69 54.00
CA PRO DA 639 -77.98 251.72 54.77
C PRO DA 639 -78.80 250.48 55.14
N LEU DA 640 -80.10 250.68 55.35
CA LEU DA 640 -80.98 249.57 55.71
C LEU DA 640 -81.43 248.82 54.47
N ASP DA 641 -81.73 247.54 54.66
CA ASP DA 641 -82.18 246.69 53.56
C ASP DA 641 -83.67 246.89 53.30
N TYR DA 642 -84.18 246.21 52.29
CA TYR DA 642 -85.60 246.32 51.96
C TYR DA 642 -86.46 245.51 52.90
N ARG DA 643 -85.99 244.33 53.31
CA ARG DA 643 -86.74 243.49 54.23
C ARG DA 643 -86.44 243.78 55.69
N LEU DA 644 -85.25 244.29 56.00
CA LEU DA 644 -84.90 244.60 57.38
C LEU DA 644 -85.78 245.71 57.93
N SER DA 645 -86.04 246.75 57.14
CA SER DA 645 -86.90 247.84 57.59
C SER DA 645 -88.33 247.34 57.82
N TRP DA 646 -88.83 246.48 56.93
CA TRP DA 646 -90.18 245.94 57.11
C TRP DA 646 -90.25 245.07 58.37
N HIS DA 647 -89.21 244.26 58.62
CA HIS DA 647 -89.20 243.43 59.82
C HIS DA 647 -89.13 244.28 61.08
N LEU DA 648 -88.34 245.36 61.06
CA LEU DA 648 -88.26 246.24 62.22
C LEU DA 648 -89.58 246.98 62.44
N TRP DA 649 -90.28 247.34 61.36
CA TRP DA 649 -91.56 248.02 61.53
C TRP DA 649 -92.65 247.06 62.01
N GLU DA 650 -92.59 245.79 61.59
CA GLU DA 650 -93.59 244.82 62.02
C GLU DA 650 -93.33 244.34 63.44
N VAL DA 651 -92.07 244.28 63.86
CA VAL DA 651 -91.77 243.83 65.22
C VAL DA 651 -92.07 244.92 66.24
N LEU DA 652 -91.90 246.19 65.86
CA LEU DA 652 -92.17 247.29 66.79
C LEU DA 652 -93.65 247.59 66.93
N ARG DA 653 -94.47 247.22 65.95
CA ARG DA 653 -95.90 247.46 66.01
C ARG DA 653 -96.68 246.32 66.64
N ALA DA 654 -96.12 245.12 66.67
CA ALA DA 654 -96.77 243.96 67.26
C ALA DA 654 -96.34 243.70 68.69
N LEU DA 655 -95.41 244.47 69.23
CA LEU DA 655 -94.93 244.30 70.60
C LEU DA 655 -95.12 245.55 71.45
N ASN DA 656 -95.83 246.56 70.93
CA ASN DA 656 -96.09 247.81 71.65
C ASN DA 656 -94.77 248.48 72.07
N TYR DA 657 -93.86 248.62 71.11
CA TYR DA 657 -92.57 249.25 71.36
C TYR DA 657 -92.60 250.74 71.08
N THR DA 658 -93.02 251.13 69.87
CA THR DA 658 -93.08 252.53 69.49
C THR DA 658 -94.24 252.75 68.54
N HIS DA 659 -94.51 254.01 68.22
CA HIS DA 659 -95.58 254.37 67.32
C HIS DA 659 -95.10 254.30 65.88
N LEU DA 660 -95.87 253.64 65.02
CA LEU DA 660 -95.53 253.49 63.62
C LEU DA 660 -96.75 253.83 62.77
N SER DA 661 -96.50 254.45 61.61
CA SER DA 661 -97.58 254.83 60.72
C SER DA 661 -98.06 253.62 59.92
N ALA DA 662 -99.25 253.76 59.34
CA ALA DA 662 -99.84 252.69 58.55
C ALA DA 662 -99.37 252.73 57.10
N GLN DA 663 -99.23 253.92 56.53
CA GLN DA 663 -98.79 254.03 55.14
C GLN DA 663 -97.36 253.53 54.97
N CYS DA 664 -96.47 253.89 55.89
CA CYS DA 664 -95.09 253.42 55.81
C CYS DA 664 -95.00 251.92 55.98
N GLU DA 665 -95.80 251.36 56.90
CA GLU DA 665 -95.80 249.90 57.08
C GLU DA 665 -96.33 249.20 55.84
N GLY DA 666 -97.38 249.74 55.23
CA GLY DA 666 -97.90 249.15 54.00
C GLY DA 666 -96.90 249.22 52.86
N VAL DA 667 -96.20 250.35 52.74
CA VAL DA 667 -95.19 250.49 51.70
C VAL DA 667 -94.05 249.51 51.93
N LEU DA 668 -93.62 249.34 53.18
CA LEU DA 668 -92.56 248.38 53.47
C LEU DA 668 -93.01 246.95 53.18
N GLN DA 669 -94.26 246.62 53.52
CA GLN DA 669 -94.77 245.27 53.22
C GLN DA 669 -94.84 245.04 51.72
N ALA DA 670 -95.28 246.05 50.96
CA ALA DA 670 -95.34 245.91 49.51
C ALA DA 670 -93.95 245.75 48.91
N SER DA 671 -92.97 246.52 49.41
CA SER DA 671 -91.61 246.38 48.92
C SER DA 671 -91.04 245.01 49.25
N TYR DA 672 -91.31 244.49 50.44
CA TYR DA 672 -90.84 243.15 50.80
C TYR DA 672 -91.48 242.08 49.94
N ALA DA 673 -92.80 242.21 49.68
CA ALA DA 673 -93.47 241.24 48.83
C ALA DA 673 -92.96 241.30 47.39
N GLY DA 674 -92.61 242.50 46.91
CA GLY DA 674 -92.04 242.60 45.58
C GLY DA 674 -90.64 242.03 45.49
N GLN DA 675 -89.82 242.27 46.52
CA GLN DA 675 -88.47 241.72 46.53
C GLN DA 675 -88.48 240.21 46.67
N LEU DA 676 -89.44 239.66 47.41
CA LEU DA 676 -89.52 238.21 47.54
C LEU DA 676 -90.08 237.55 46.28
N GLU DA 677 -90.91 238.27 45.52
CA GLU DA 677 -91.48 237.73 44.30
C GLU DA 677 -90.56 237.91 43.09
N SER DA 678 -89.66 238.89 43.13
CA SER DA 678 -88.76 239.10 42.01
C SER DA 678 -87.70 238.01 41.90
N GLU DA 679 -87.43 237.29 42.99
CA GLU DA 679 -86.44 236.22 42.98
C GLU DA 679 -87.03 234.88 42.58
N GLY DA 680 -88.28 234.60 42.98
CA GLY DA 680 -88.92 233.35 42.64
C GLY DA 680 -89.67 232.73 43.81
N LEU DA 681 -89.62 233.38 44.96
CA LEU DA 681 -90.30 232.90 46.16
C LEU DA 681 -91.74 233.37 46.14
N TRP DA 682 -92.69 232.43 46.13
CA TRP DA 682 -94.11 232.76 46.11
C TRP DA 682 -94.72 232.76 47.50
N GLU DA 683 -94.37 231.77 48.34
CA GLU DA 683 -94.94 231.71 49.68
C GLU DA 683 -94.47 232.88 50.53
N TRP DA 684 -93.19 233.24 50.46
CA TRP DA 684 -92.70 234.38 51.22
C TRP DA 684 -93.32 235.68 50.74
N ALA DA 685 -93.49 235.83 49.43
CA ALA DA 685 -94.13 237.04 48.90
C ALA DA 685 -95.59 237.13 49.36
N ILE DA 686 -96.30 235.99 49.35
CA ILE DA 686 -97.68 236.00 49.80
C ILE DA 686 -97.78 236.32 51.28
N PHE DA 687 -96.86 235.78 52.09
CA PHE DA 687 -96.87 236.06 53.51
C PHE DA 687 -96.52 237.53 53.79
N VAL DA 688 -95.65 238.12 52.98
CA VAL DA 688 -95.32 239.53 53.16
C VAL DA 688 -96.46 240.42 52.72
N LEU DA 689 -97.19 240.02 51.67
CA LEU DA 689 -98.30 240.82 51.19
C LEU DA 689 -99.53 240.70 52.09
N LEU DA 690 -99.69 239.57 52.78
CA LEU DA 690 -100.84 239.40 53.66
C LEU DA 690 -100.75 240.29 54.90
N HIS DA 691 -99.55 240.72 55.28
CA HIS DA 691 -99.38 241.58 56.45
C HIS DA 691 -99.39 243.06 56.03
N ILE DA 692 -100.53 243.48 55.48
CA ILE DA 692 -100.72 244.85 55.02
C ILE DA 692 -101.80 245.52 55.86
N ASP DA 693 -102.13 246.76 55.51
CA ASP DA 693 -103.15 247.53 56.23
C ASP DA 693 -104.47 247.60 55.47
N ASN DA 694 -104.43 248.07 54.22
CA ASN DA 694 -105.65 248.18 53.42
C ASN DA 694 -106.07 246.80 52.91
N SER DA 695 -107.36 246.49 53.04
CA SER DA 695 -107.86 245.19 52.61
C SER DA 695 -107.96 245.12 51.09
N GLY DA 696 -108.38 246.21 50.44
CA GLY DA 696 -108.50 246.22 49.00
C GLY DA 696 -107.18 246.05 48.28
N ILE DA 697 -106.11 246.66 48.80
CA ILE DA 697 -104.80 246.52 48.20
C ILE DA 697 -104.22 245.14 48.49
N ARG DA 698 -104.45 244.62 49.70
CA ARG DA 698 -103.94 243.30 50.04
C ARG DA 698 -104.60 242.21 49.21
N GLU DA 699 -105.91 242.32 48.98
CA GLU DA 699 -106.60 241.34 48.16
C GLU DA 699 -106.10 241.37 46.72
N LYS DA 700 -105.86 242.58 46.18
CA LYS DA 700 -105.32 242.69 44.83
C LYS DA 700 -103.93 242.11 44.74
N ALA DA 701 -103.10 242.36 45.75
CA ALA DA 701 -101.74 241.81 45.76
C ALA DA 701 -101.76 240.29 45.84
N VAL DA 702 -102.68 239.73 46.66
CA VAL DA 702 -102.79 238.29 46.76
C VAL DA 702 -103.27 237.69 45.45
N ARG DA 703 -104.22 238.34 44.79
CA ARG DA 703 -104.70 237.84 43.50
C ARG DA 703 -103.60 237.90 42.45
N GLU DA 704 -102.81 238.97 42.45
CA GLU DA 704 -101.70 239.06 41.50
C GLU DA 704 -100.65 238.00 41.76
N LEU DA 705 -100.33 237.75 43.04
CA LEU DA 705 -99.36 236.71 43.36
C LEU DA 705 -99.87 235.32 43.01
N LEU DA 706 -101.18 235.10 43.14
CA LEU DA 706 -101.74 233.79 42.77
C LEU DA 706 -101.77 233.63 41.26
N THR DA 707 -102.06 234.70 40.52
CA THR DA 707 -102.10 234.60 39.06
C THR DA 707 -100.70 234.50 38.47
N ARG DA 708 -99.69 235.06 39.15
CA ARG DA 708 -98.33 234.99 38.63
C ARG DA 708 -97.75 233.59 38.80
N HIS DA 709 -98.03 232.92 39.91
CA HIS DA 709 -97.54 231.58 40.15
C HIS DA 709 -98.49 230.86 41.10
N CYS DA 710 -98.92 229.66 40.71
CA CYS DA 710 -99.84 228.88 41.53
C CYS DA 710 -99.67 227.37 41.40
N GLN DA 711 -98.79 226.89 40.52
CA GLN DA 711 -98.60 225.45 40.35
C GLN DA 711 -97.77 224.83 41.48
N LEU DA 712 -97.01 225.65 42.22
CA LEU DA 712 -96.18 225.18 43.32
C LEU DA 712 -96.41 226.04 44.56
N LEU DA 713 -97.67 226.23 44.91
CA LEU DA 713 -98.04 227.02 46.08
C LEU DA 713 -98.83 226.24 47.13
N GLU DA 714 -99.41 225.11 46.77
CA GLU DA 714 -100.17 224.30 47.71
C GLU DA 714 -99.84 222.83 47.51
N THR DA 715 -100.33 221.99 48.41
CA THR DA 715 -100.09 220.56 48.34
C THR DA 715 -101.38 219.82 48.06
N PRO DA 716 -102.44 220.51 47.64
CA PRO DA 716 -103.70 219.84 47.36
C PRO DA 716 -103.80 219.34 45.92
N GLU DA 717 -104.54 218.24 45.77
CA GLU DA 717 -104.78 217.61 44.47
C GLU DA 717 -103.45 217.22 43.79
N SER DA 718 -102.79 216.23 44.39
CA SER DA 718 -101.52 215.71 43.88
C SER DA 718 -100.48 216.81 43.76
N TRP DA 719 -99.98 217.31 44.88
CA TRP DA 719 -98.98 218.36 44.88
C TRP DA 719 -98.25 218.34 46.22
N ALA DA 720 -97.23 219.19 46.32
CA ALA DA 720 -96.43 219.27 47.54
C ALA DA 720 -95.79 220.65 47.61
N LYS DA 721 -96.13 221.42 48.65
CA LYS DA 721 -95.59 222.75 48.81
C LYS DA 721 -95.53 223.15 50.28
N GLU DA 722 -94.63 222.51 51.03
CA GLU DA 722 -94.45 222.76 52.47
C GLU DA 722 -95.75 222.57 53.23
N THR DA 723 -96.43 221.46 52.94
CA THR DA 723 -97.69 221.09 53.57
C THR DA 723 -98.73 222.21 53.41
N PHE DA 724 -99.11 222.44 52.16
CA PHE DA 724 -100.09 223.47 51.80
C PHE DA 724 -99.67 224.84 52.30
N LEU DA 725 -98.74 225.49 51.59
CA LEU DA 725 -98.28 226.81 52.00
C LEU DA 725 -99.33 227.89 51.75
N THR DA 726 -100.26 227.66 50.82
CA THR DA 726 -101.29 228.64 50.51
C THR DA 726 -102.57 228.40 51.32
N GLN DA 727 -102.87 227.14 51.64
CA GLN DA 727 -104.07 226.84 52.40
C GLN DA 727 -103.90 227.12 53.88
N LYS DA 728 -102.66 227.17 54.38
CA LYS DA 728 -102.41 227.44 55.79
C LYS DA 728 -102.50 228.92 56.14
N LEU DA 729 -102.54 229.80 55.14
CA LEU DA 729 -102.63 231.24 55.37
C LEU DA 729 -104.05 231.75 55.34
N ARG DA 730 -105.04 230.86 55.44
CA ARG DA 730 -106.46 231.22 55.42
C ARG DA 730 -106.82 231.98 54.15
N VAL DA 731 -106.39 231.44 53.01
CA VAL DA 731 -106.65 232.05 51.71
C VAL DA 731 -108.05 231.66 51.27
N PRO DA 732 -108.74 232.52 50.49
CA PRO DA 732 -110.11 232.23 50.02
C PRO DA 732 -110.12 231.25 48.86
N ALA DA 733 -108.50 228.07 49.35
CA ALA DA 733 -108.31 227.01 48.37
C ALA DA 733 -109.20 227.22 47.15
N LYS DA 734 -109.97 228.32 47.17
CA LYS DA 734 -110.87 228.64 46.07
C LYS DA 734 -110.22 229.55 45.04
N TRP DA 735 -109.43 230.53 45.50
CA TRP DA 735 -108.77 231.46 44.59
C TRP DA 735 -107.47 230.89 44.02
N ILE DA 736 -106.71 230.16 44.83
CA ILE DA 736 -105.45 229.58 44.37
C ILE DA 736 -105.72 228.53 43.30
N HIS DA 737 -106.74 227.69 43.51
CA HIS DA 737 -107.07 226.67 42.52
C HIS DA 737 -107.55 227.30 41.22
N GLU DA 738 -108.36 228.37 41.31
CA GLU DA 738 -108.82 229.05 40.12
C GLU DA 738 -107.66 229.69 39.37
N ALA DA 739 -106.72 230.29 40.10
CA ALA DA 739 -105.56 230.88 39.45
C ALA DA 739 -104.69 229.82 38.78
N LYS DA 740 -104.51 228.68 39.44
CA LYS DA 740 -103.74 227.59 38.83
C LYS DA 740 -104.42 227.06 37.58
N ALA DA 741 -105.75 226.94 37.61
CA ALA DA 741 -106.47 226.47 36.44
C ALA DA 741 -106.37 227.48 35.29
N VAL DA 742 -106.48 228.77 35.61
CA VAL DA 742 -106.36 229.80 34.57
C VAL DA 742 -104.96 229.83 33.99
N ARG DA 743 -103.94 229.56 34.81
CA ARG DA 743 -102.57 229.52 34.29
C ARG DA 743 -102.33 228.29 33.44
N ALA DA 744 -102.91 227.15 33.84
CA ALA DA 744 -102.75 225.93 33.05
C ALA DA 744 -103.52 225.99 31.74
N HIS DA 745 -104.64 226.71 31.71
CA HIS DA 745 -105.40 226.85 30.47
C HIS DA 745 -104.67 227.71 29.45
N MET DA 746 -103.71 228.54 29.88
CA MET DA 746 -102.94 229.38 28.97
C MET DA 746 -101.55 228.83 28.68
N GLU DA 747 -100.95 228.09 29.61
CA GLU DA 747 -99.63 227.52 29.43
C GLU DA 747 -99.67 226.10 28.91
N SER DA 748 -100.45 225.23 29.55
CA SER DA 748 -100.56 223.84 29.14
C SER DA 748 -101.66 223.70 28.09
N ASP DA 749 -102.03 222.46 27.77
CA ASP DA 749 -103.06 222.21 26.77
C ASP DA 749 -104.45 222.40 27.39
N LYS DA 750 -105.44 222.56 26.51
CA LYS DA 750 -106.81 222.74 26.96
C LYS DA 750 -107.50 221.44 27.35
N HIS DA 751 -107.01 220.30 26.85
CA HIS DA 751 -107.62 219.01 27.19
C HIS DA 751 -107.24 218.56 28.60
N LEU DA 752 -106.07 218.98 29.10
CA LEU DA 752 -105.62 218.60 30.43
C LEU DA 752 -105.96 219.64 31.49
N GLU DA 753 -106.09 220.90 31.11
CA GLU DA 753 -106.42 221.95 32.09
C GLU DA 753 -107.91 222.05 32.36
N ALA DA 754 -108.75 221.39 31.54
CA ALA DA 754 -110.19 221.46 31.77
C ALA DA 754 -110.61 220.59 32.95
N LEU DA 755 -109.88 219.52 33.23
CA LEU DA 755 -110.23 218.65 34.34
C LEU DA 755 -109.82 219.24 35.68
N CYS DA 756 -108.80 220.11 35.70
CA CYS DA 756 -108.34 220.71 36.94
C CYS DA 756 -109.21 221.88 37.38
N LEU DA 757 -110.01 222.44 36.48
CA LEU DA 757 -110.88 223.56 36.81
C LEU DA 757 -112.24 223.11 37.32
N PHE DA 758 -112.77 222.00 36.80
CA PHE DA 758 -114.07 221.50 37.23
C PHE DA 758 -113.97 220.72 38.54
N LYS DA 759 -112.83 220.08 38.79
CA LYS DA 759 -112.62 219.29 40.00
C LYS DA 759 -112.01 220.11 41.14
N ALA DA 760 -111.95 221.43 40.99
CA ALA DA 760 -111.39 222.29 42.03
C ALA DA 760 -112.43 222.85 42.97
N GLU DA 761 -113.72 222.60 42.71
CA GLU DA 761 -114.82 223.10 43.55
C GLU DA 761 -114.77 224.62 43.69
N HIS DA 762 -114.47 225.30 42.57
CA HIS DA 762 -114.39 226.75 42.57
C HIS DA 762 -114.66 227.29 41.17
N TRP DA 763 -115.49 226.60 40.40
CA TRP DA 763 -115.79 227.04 39.04
C TRP DA 763 -116.76 228.22 39.05
N ASN DA 764 -117.86 228.09 39.79
CA ASN DA 764 -118.89 229.14 39.90
C ASN DA 764 -119.43 229.51 38.51
N ARG DA 765 -120.26 228.60 37.99
CA ARG DA 765 -120.89 228.75 36.68
C ARG DA 765 -119.85 228.96 35.59
N CYS DA 766 -118.95 227.98 35.47
CA CYS DA 766 -117.87 228.00 34.49
C CYS DA 766 -117.91 226.74 33.62
N HIS DA 767 -119.10 226.39 33.14
CA HIS DA 767 -119.25 225.21 32.29
C HIS DA 767 -118.98 225.50 30.82
N LYS DA 768 -119.10 226.76 30.39
CA LYS DA 768 -118.85 227.08 29.00
C LYS DA 768 -117.40 226.86 28.62
N LEU DA 769 -116.46 227.28 29.49
CA LEU DA 769 -115.05 227.07 29.21
C LEU DA 769 -114.71 225.58 29.17
N ILE DA 770 -115.29 224.79 30.07
CA ILE DA 770 -115.04 223.35 30.08
C ILE DA 770 -115.60 222.70 28.82
N ILE DA 771 -116.79 223.14 28.38
CA ILE DA 771 -117.37 222.58 27.17
C ILE DA 771 -116.56 222.97 25.94
N ARG DA 772 -115.99 224.17 25.94
CA ARG DA 772 -115.17 224.59 24.81
C ARG DA 772 -113.83 223.88 24.78
N HIS DA 773 -113.25 223.59 25.96
CA HIS DA 773 -111.98 222.90 26.02
C HIS DA 773 -112.13 221.40 25.76
N LEU DA 774 -113.28 220.82 26.09
CA LEU DA 774 -113.48 219.40 25.87
C LEU DA 774 -113.68 219.08 24.39
N ALA DA 775 -114.13 220.05 23.60
CA ALA DA 775 -114.33 219.85 22.18
C ALA DA 775 -113.04 219.87 21.37
N SER DA 776 -111.94 220.33 21.96
CA SER DA 776 -110.68 220.36 21.23
C SER DA 776 -110.07 218.97 21.09
N ASP DA 777 -110.38 218.06 22.01
CA ASP DA 777 -109.87 216.70 21.98
C ASP DA 777 -110.88 215.72 21.41
N ALA DA 778 -111.52 216.08 20.29
CA ALA DA 778 -112.51 215.21 19.67
C ALA DA 778 -111.90 214.14 18.79
N ILE DA 779 -110.58 214.15 18.59
CA ILE DA 779 -109.91 213.15 17.77
C ILE DA 779 -109.76 211.87 18.57
N ILE DA 780 -109.28 210.81 17.90
CA ILE DA 780 -109.07 209.50 18.51
C ILE DA 780 -110.39 208.98 19.07
N ASN DA 781 -111.20 208.35 18.22
CA ASN DA 781 -112.49 207.83 18.66
C ASN DA 781 -112.35 206.65 19.62
N GLU DA 782 -111.18 205.99 19.64
CA GLU DA 782 -110.96 204.87 20.54
C GLU DA 782 -110.72 205.30 21.98
N ASN DA 783 -110.52 206.59 22.23
CA ASN DA 783 -110.28 207.08 23.58
C ASN DA 783 -111.47 207.90 24.08
N TYR DA 784 -112.66 207.30 24.08
CA TYR DA 784 -113.86 207.98 24.53
C TYR DA 784 -114.03 207.93 26.04
N ASP DA 785 -113.14 207.25 26.76
CA ASP DA 785 -113.25 207.18 28.21
C ASP DA 785 -113.06 208.55 28.86
N TYR DA 786 -112.09 209.32 28.37
CA TYR DA 786 -111.87 210.66 28.90
C TYR DA 786 -113.06 211.57 28.64
N LEU DA 787 -113.64 211.47 27.44
CA LEU DA 787 -114.82 212.28 27.12
C LEU DA 787 -116.01 211.88 27.99
N LYS DA 788 -116.19 210.58 28.22
CA LYS DA 788 -117.27 210.13 29.09
C LYS DA 788 -117.07 210.62 30.52
N GLY DA 789 -115.83 210.54 31.02
CA GLY DA 789 -115.55 211.04 32.36
C GLY DA 789 -115.78 212.53 32.49
N PHE DA 790 -115.38 213.29 31.47
CA PHE DA 790 -115.62 214.74 31.49
C PHE DA 790 -117.10 215.06 31.45
N LEU DA 791 -117.87 214.33 30.63
CA LEU DA 791 -119.31 214.55 30.58
C LEU DA 791 -119.99 214.17 31.89
N GLU DA 792 -119.48 213.14 32.56
CA GLU DA 792 -120.06 212.76 33.86
C GLU DA 792 -119.68 213.74 34.96
N ASP DA 793 -118.48 214.31 34.89
CA ASP DA 793 -118.06 215.27 35.90
C ASP DA 793 -118.64 216.66 35.69
N LEU DA 794 -119.02 217.00 34.45
CA LEU DA 794 -119.60 218.31 34.20
C LEU DA 794 -120.97 218.48 34.87
N ALA DA 795 -121.67 217.39 35.15
CA ALA DA 795 -122.97 217.47 35.80
C ALA DA 795 -122.80 217.83 37.27
N PRO DA 796 -121.75 217.36 37.92
CA PRO DA 796 -121.53 217.69 39.34
C PRO DA 796 -121.25 219.17 39.50
N PRO DA 797 -120.44 219.77 38.63
CA PRO DA 797 -120.20 221.21 38.74
C PRO DA 797 -121.45 222.03 38.46
N GLU DA 798 -122.26 221.64 37.48
CA GLU DA 798 -123.50 222.35 37.21
C GLU DA 798 -124.50 222.20 38.35
N ARG DA 799 -124.49 221.06 39.03
CA ARG DA 799 -125.38 220.87 40.18
C ARG DA 799 -124.90 221.64 41.40
N SER DA 800 -123.58 221.77 41.57
CA SER DA 800 -123.05 222.51 42.72
C SER DA 800 -123.13 224.01 42.51
N SER DA 801 -123.06 224.48 41.26
CA SER DA 801 -123.14 225.90 40.95
C SER DA 801 -124.57 226.41 40.82
N LEU DA 802 -125.56 225.56 41.13
CA LEU DA 802 -126.97 225.92 41.06
C LEU DA 802 -127.34 226.39 39.64
N ILE DA 803 -127.27 225.46 38.71
CA ILE DA 803 -127.59 225.70 37.31
C ILE DA 803 -128.75 224.80 36.91
N GLN DA 804 -129.82 225.39 36.39
CA GLN DA 804 -131.00 224.62 35.98
C GLN DA 804 -131.67 225.30 34.79
N ASP DA 805 -130.87 225.72 33.81
CA ASP DA 805 -131.40 226.37 32.62
C ASP DA 805 -130.61 225.96 31.38
N TRP DA 806 -129.45 226.60 31.19
CA TRP DA 806 -128.59 226.30 30.04
C TRP DA 806 -127.82 225.02 30.33
N GLU DA 807 -128.31 223.90 29.78
CA GLU DA 807 -127.68 222.60 29.96
C GLU DA 807 -127.76 221.80 28.66
N THR DA 808 -127.44 222.45 27.55
CA THR DA 808 -127.48 221.80 26.24
C THR DA 808 -126.14 221.18 25.87
N SER DA 809 -125.04 221.91 26.11
CA SER DA 809 -123.72 221.38 25.77
C SER DA 809 -123.39 220.16 26.61
N GLY DA 810 -123.70 220.20 27.91
CA GLY DA 810 -123.45 219.05 28.75
C GLY DA 810 -124.28 217.84 28.35
N LEU DA 811 -125.54 218.06 28.01
CA LEU DA 811 -126.40 216.96 27.56
C LEU DA 811 -125.89 216.38 26.25
N VAL DA 812 -125.42 217.23 25.34
CA VAL DA 812 -124.89 216.74 24.07
C VAL DA 812 -123.61 215.94 24.31
N TYR DA 813 -122.74 216.42 25.20
CA TYR DA 813 -121.51 215.68 25.49
C TYR DA 813 -121.81 214.36 26.19
N LEU DA 814 -122.86 214.30 26.99
CA LEU DA 814 -123.22 213.05 27.66
C LEU DA 814 -123.85 212.06 26.68
N ASP DA 815 -124.63 212.56 25.73
CA ASP DA 815 -125.27 211.69 24.75
C ASP DA 815 -124.33 211.27 23.64
N TYR DA 816 -123.23 211.99 23.43
CA TYR DA 816 -122.27 211.62 22.39
C TYR DA 816 -121.64 210.27 22.69
N ILE DA 817 -121.23 210.05 23.93
CA ILE DA 817 -120.59 208.79 24.30
C ILE DA 817 -121.58 207.63 24.16
N ARG DA 818 -122.82 207.83 24.59
CA ARG DA 818 -123.83 206.78 24.48
C ARG DA 818 -124.13 206.47 23.01
N VAL DA 819 -124.21 207.51 22.17
CA VAL DA 819 -124.46 207.29 20.76
C VAL DA 819 -123.31 206.55 20.11
N ILE DA 820 -122.07 206.90 20.47
CA ILE DA 820 -120.90 206.20 19.92
C ILE DA 820 -120.90 204.75 20.35
N GLU DA 821 -121.23 204.49 21.62
CA GLU DA 821 -121.27 203.11 22.10
C GLU DA 821 -122.37 202.31 21.40
N MET DA 822 -123.53 202.92 21.18
CA MET DA 822 -124.61 202.23 20.48
C MET DA 822 -124.27 201.97 19.02
N LEU DA 823 -123.52 202.89 18.39
CA LEU DA 823 -123.12 202.69 17.00
C LEU DA 823 -122.03 201.63 16.89
N ARG DA 824 -121.14 201.55 17.88
CA ARG DA 824 -120.07 200.55 17.84
C ARG DA 824 -120.56 199.17 18.20
N HIS DA 825 -121.53 199.07 19.11
CA HIS DA 825 -122.06 197.77 19.52
C HIS DA 825 -123.17 197.29 18.58
N ILE DA 826 -124.31 197.97 18.60
CA ILE DA 826 -125.44 197.62 17.77
C ILE DA 826 -125.16 198.07 16.35
N GLN DA 827 -125.22 197.13 15.40
CA GLN DA 827 -124.98 197.41 13.99
C GLN DA 827 -126.21 197.27 13.12
N GLN DA 828 -127.31 196.75 13.66
CA GLN DA 828 -128.54 196.56 12.90
C GLN DA 828 -129.71 197.37 13.45
N VAL DA 829 -129.50 198.13 14.52
CA VAL DA 829 -130.56 198.94 15.10
C VAL DA 829 -130.75 200.20 14.28
N ASP DA 830 -132.01 200.65 14.16
CA ASP DA 830 -132.29 201.85 13.39
C ASP DA 830 -133.51 202.62 13.91
N CYS DA 831 -133.84 202.49 15.19
CA CYS DA 831 -134.98 203.18 15.78
C CYS DA 831 -134.53 204.48 16.44
N SER DA 832 -135.53 205.25 16.89
CA SER DA 832 -135.25 206.52 17.55
C SER DA 832 -134.71 206.28 18.95
N GLY DA 833 -133.97 207.27 19.46
CA GLY DA 833 -133.38 207.18 20.78
C GLY DA 833 -133.96 208.18 21.76
N ASN DA 834 -135.23 208.53 21.58
CA ASN DA 834 -135.93 209.48 22.44
C ASN DA 834 -135.20 210.81 22.51
N ASP DA 835 -134.11 210.86 23.27
CA ASP DA 835 -133.35 212.10 23.42
C ASP DA 835 -132.48 212.41 22.20
N LEU DA 836 -132.51 211.57 21.17
CA LEU DA 836 -131.70 211.83 19.98
C LEU DA 836 -132.18 213.09 19.26
N GLU DA 837 -133.50 213.30 19.19
CA GLU DA 837 -134.02 214.51 18.56
C GLU DA 837 -133.63 215.75 19.34
N GLN DA 838 -133.69 215.68 20.66
CA GLN DA 838 -133.28 216.82 21.48
C GLN DA 838 -131.79 217.10 21.33
N LEU DA 839 -130.97 216.05 21.26
CA LEU DA 839 -129.54 216.24 21.06
C LEU DA 839 -129.25 216.86 19.71
N HIS DA 840 -129.96 216.42 18.66
CA HIS DA 840 -129.77 217.00 17.33
C HIS DA 840 -130.21 218.47 17.31
N ILE DA 841 -131.31 218.79 17.99
CA ILE DA 841 -131.77 220.17 18.04
C ILE DA 841 -130.76 221.04 18.79
N LYS DA 842 -130.19 220.52 19.89
CA LYS DA 842 -129.18 221.28 20.62
C LYS DA 842 -127.92 221.48 19.77
N VAL DA 843 -127.52 220.45 19.03
CA VAL DA 843 -126.35 220.58 18.16
C VAL DA 843 -126.60 221.61 17.08
N THR DA 844 -127.80 221.62 16.50
CA THR DA 844 -128.13 222.61 15.47
C THR DA 844 -128.15 224.01 16.06
N SER DA 845 -128.71 224.18 17.26
CA SER DA 845 -128.74 225.50 17.89
C SER DA 845 -127.33 225.98 18.25
N LEU DA 846 -126.44 225.06 18.63
CA LEU DA 846 -125.07 225.45 18.94
C LEU DA 846 -124.28 225.76 17.67
N CYS DA 847 -124.57 225.07 16.57
CA CYS DA 847 -123.87 225.34 15.32
C CYS DA 847 -124.37 226.60 14.63
N SER DA 848 -125.63 226.97 14.86
CA SER DA 848 -126.19 228.18 14.26
C SER DA 848 -125.82 229.45 15.02
N ARG DA 849 -124.73 229.43 15.79
CA ARG DA 849 -124.31 230.63 16.51
C ARG DA 849 -123.82 231.72 15.56
N ILE DA 850 -123.17 231.33 14.46
CA ILE DA 850 -122.69 232.32 13.50
C ILE DA 850 -123.83 233.06 12.82
N GLU DA 851 -125.02 232.46 12.78
CA GLU DA 851 -126.19 233.12 12.23
C GLU DA 851 -127.05 233.79 13.31
N GLN DA 852 -126.98 233.31 14.55
CA GLN DA 852 -127.76 233.91 15.63
C GLN DA 852 -127.09 235.17 16.16
N ILE DA 853 -125.85 235.05 16.64
CA ILE DA 853 -125.13 236.15 17.24
C ILE DA 853 -123.75 236.35 16.61
N GLN DA 854 -123.49 235.69 15.48
CA GLN DA 854 -122.21 235.80 14.78
C GLN DA 854 -121.04 235.44 15.68
N CYS DA 855 -120.80 234.15 15.88
CA CYS DA 855 -119.72 233.68 16.73
C CYS DA 855 -118.44 233.51 15.92
N TYR DA 856 -117.30 233.54 16.62
CA TYR DA 856 -116.00 233.39 16.00
C TYR DA 856 -115.43 231.98 16.17
N SER DA 857 -116.18 231.09 16.81
CA SER DA 857 -115.72 229.71 16.98
C SER DA 857 -115.73 228.98 15.65
N ALA DA 858 -114.80 228.05 15.48
CA ALA DA 858 -114.68 227.31 14.23
C ALA DA 858 -114.34 225.85 14.49
N LYS DA 859 -113.09 225.58 14.89
CA LYS DA 859 -112.64 224.21 15.06
C LYS DA 859 -113.38 223.52 16.20
N ASP DA 860 -113.42 224.15 17.37
CA ASP DA 860 -114.07 223.54 18.52
C ASP DA 860 -115.57 223.39 18.30
N ARG DA 861 -116.21 224.42 17.71
CA ARG DA 861 -117.64 224.34 17.46
C ARG DA 861 -117.97 223.24 16.45
N LEU DA 862 -117.15 223.12 15.39
CA LEU DA 862 -117.37 222.08 14.40
C LEU DA 862 -117.18 220.70 15.00
N ALA DA 863 -116.15 220.53 15.83
CA ALA DA 863 -115.91 219.24 16.46
C ALA DA 863 -117.05 218.87 17.41
N GLN DA 864 -117.56 219.85 18.15
CA GLN DA 864 -118.68 219.60 19.05
C GLN DA 864 -119.93 219.22 18.27
N SER DA 865 -120.23 219.96 17.20
CA SER DA 865 -121.40 219.63 16.38
C SER DA 865 -121.27 218.24 15.77
N ASP DA 866 -120.07 217.88 15.32
CA ASP DA 866 -119.84 216.56 14.78
C ASP DA 866 -120.09 215.48 15.83
N MET DA 867 -119.38 215.56 16.95
CA MET DA 867 -119.53 214.58 18.02
C MET DA 867 -120.95 214.53 18.56
N ALA DA 868 -121.73 215.59 18.37
CA ALA DA 868 -123.11 215.61 18.87
C ALA DA 868 -124.10 215.01 17.88
N LYS DA 869 -123.99 215.33 16.59
CA LYS DA 869 -124.99 214.91 15.62
C LYS DA 869 -124.34 214.52 14.29
N ARG DA 870 -123.33 213.65 14.35
CA ARG DA 870 -122.77 213.04 13.15
C ARG DA 870 -122.77 211.52 13.28
N VAL DA 871 -123.88 210.97 13.78
CA VAL DA 871 -124.01 209.54 13.95
C VAL DA 871 -125.07 209.01 13.00
N ALA DA 872 -124.96 209.39 11.72
CA ALA DA 872 -125.91 208.95 10.72
C ALA DA 872 -125.62 207.56 10.19
N ASN DA 873 -124.49 206.95 10.57
CA ASN DA 873 -124.14 205.60 10.13
C ASN DA 873 -124.87 204.52 10.90
N LEU DA 874 -125.72 204.88 11.87
CA LEU DA 874 -126.46 203.89 12.65
C LEU DA 874 -127.76 204.49 13.17
N SER DA 891 -128.04 205.73 12.80
CA SER DA 891 -129.27 206.40 13.23
C SER DA 891 -129.94 207.12 12.06
N THR DA 892 -130.39 208.35 12.28
CA THR DA 892 -131.06 209.12 11.25
C THR DA 892 -130.16 210.24 10.75
N PRO DA 893 -130.35 211.48 11.24
CA PRO DA 893 -129.51 212.61 10.80
C PRO DA 893 -129.39 212.74 9.30
N ASP DA 894 -130.46 213.22 8.66
CA ASP DA 894 -130.47 213.39 7.20
C ASP DA 894 -129.79 214.71 6.83
N PRO DA 895 -129.46 215.55 7.80
CA PRO DA 895 -128.79 216.82 7.48
C PRO DA 895 -127.30 216.65 7.24
N GLN DA 896 -126.48 217.16 8.16
CA GLN DA 896 -125.03 217.03 8.12
C GLN DA 896 -124.45 217.61 6.84
N ARG DA 897 -124.17 218.91 6.83
CA ARG DA 897 -123.56 219.56 5.68
C ARG DA 897 -122.92 220.87 6.13
N VAL DA 898 -121.96 221.34 5.36
CA VAL DA 898 -121.20 222.54 5.70
C VAL DA 898 -122.02 223.78 5.32
N PRO DA 899 -121.54 224.61 4.40
CA PRO DA 899 -122.31 225.81 4.02
C PRO DA 899 -122.54 225.90 2.52
N LEU DA 900 -123.29 226.91 2.09
CA LEU DA 900 -123.61 227.09 0.69
C LEU DA 900 -122.39 227.65 -0.05
N ARG DA 901 -122.58 228.04 -1.32
CA ARG DA 901 -121.47 228.56 -2.12
C ARG DA 901 -121.02 229.95 -1.69
N LEU DA 902 -121.66 230.56 -0.70
CA LEU DA 902 -121.30 231.88 -0.22
C LEU DA 902 -120.41 231.83 1.03
N LEU DA 903 -119.75 230.70 1.26
CA LEU DA 903 -118.88 230.55 2.43
C LEU DA 903 -117.75 229.58 2.15
N ALA DA 904 -118.09 228.33 1.83
CA ALA DA 904 -117.09 227.31 1.55
C ALA DA 904 -116.47 227.54 0.18
N PRO DA 905 -117.25 227.94 -0.82
CA PRO DA 905 -116.70 228.17 -2.16
C PRO DA 905 -116.15 229.57 -2.37
N HIS DA 906 -116.20 230.44 -1.36
CA HIS DA 906 -115.70 231.80 -1.48
C HIS DA 906 -114.52 232.07 -0.55
N ILE DA 907 -114.04 231.07 0.17
CA ILE DA 907 -112.92 231.25 1.10
C ILE DA 907 -111.70 230.52 0.55
N GLY DA 908 -111.62 229.22 0.80
CA GLY DA 908 -110.50 228.43 0.33
C GLY DA 908 -110.85 226.97 0.08
N ARG DA 909 -112.07 226.73 -0.39
CA ARG DA 909 -112.57 225.39 -0.70
C ARG DA 909 -112.49 224.49 0.52
N LEU DA 910 -113.35 224.79 1.49
CA LEU DA 910 -113.40 224.02 2.73
C LEU DA 910 -114.03 222.65 2.48
N PRO DA 911 -113.52 221.59 3.12
CA PRO DA 911 -114.09 220.26 2.90
C PRO DA 911 -114.75 219.69 4.15
N MET DA 912 -115.86 218.97 3.99
CA MET DA 912 -116.59 218.44 5.13
C MET DA 912 -117.52 217.31 4.72
N PRO DA 913 -118.74 217.61 4.28
CA PRO DA 913 -119.73 216.55 4.05
C PRO DA 913 -119.53 215.80 2.74
N GLU DA 914 -120.58 215.11 2.28
CA GLU DA 914 -120.54 214.33 1.05
C GLU DA 914 -121.74 214.64 0.16
N ASP DA 915 -122.10 215.92 0.04
CA ASP DA 915 -123.24 216.29 -0.78
C ASP DA 915 -122.98 216.03 -2.26
N TYR DA 916 -121.71 216.12 -2.69
CA TYR DA 916 -121.39 215.81 -4.08
C TYR DA 916 -121.69 214.35 -4.40
N ALA DA 917 -121.25 213.43 -3.51
CA ALA DA 917 -121.57 212.02 -3.70
C ALA DA 917 -123.05 211.76 -3.56
N MET DA 918 -123.73 212.49 -2.67
CA MET DA 918 -125.17 212.32 -2.51
C MET DA 918 -125.91 212.70 -3.79
N ASP DA 919 -125.49 213.79 -4.44
CA ASP DA 919 -126.10 214.20 -5.70
C ASP DA 919 -125.72 213.27 -6.84
N GLU DA 920 -124.49 212.73 -6.82
CA GLU DA 920 -124.08 211.79 -7.87
C GLU DA 920 -124.82 210.46 -7.75
N LEU DA 921 -125.18 210.06 -6.54
CA LEU DA 921 -125.91 208.82 -6.34
C LEU DA 921 -127.41 209.04 -6.57
N ARG DA 922 -128.11 207.94 -6.81
CA ARG DA 922 -129.55 207.99 -7.05
C ARG DA 922 -130.24 206.72 -6.56
N ASP EA 14 -85.43 239.44 10.09
CA ASP EA 14 -84.25 240.29 10.21
C ASP EA 14 -84.27 241.06 11.53
N MET EA 15 -85.09 242.11 11.57
CA MET EA 15 -85.23 242.96 12.75
C MET EA 15 -86.66 242.86 13.27
N ILE EA 16 -86.79 242.53 14.55
CA ILE EA 16 -88.10 242.40 15.17
C ILE EA 16 -88.57 243.77 15.65
N HIS EA 17 -89.89 243.90 15.83
CA HIS EA 17 -90.48 245.16 16.28
C HIS EA 17 -90.85 245.07 17.76
N ASP EA 18 -91.94 244.35 18.06
CA ASP EA 18 -92.42 244.19 19.42
C ASP EA 18 -92.71 242.72 19.67
N ALA EA 19 -92.29 242.22 20.83
CA ALA EA 19 -92.49 240.82 21.21
C ALA EA 19 -92.90 240.78 22.67
N GLN EA 20 -94.17 240.50 22.93
CA GLN EA 20 -94.71 240.42 24.28
C GLN EA 20 -94.97 238.96 24.66
N MET EA 21 -94.94 238.69 25.96
CA MET EA 21 -95.18 237.35 26.45
C MET EA 21 -96.67 237.06 26.53
N ASP EA 22 -97.00 235.82 26.91
CA ASP EA 22 -98.39 235.40 27.03
C ASP EA 22 -98.91 235.61 28.44
N TYR EA 23 -99.47 234.57 29.04
CA TYR EA 23 -100.03 234.65 30.39
C TYR EA 23 -99.21 233.78 31.32
N TYR EA 24 -98.71 234.39 32.40
CA TYR EA 24 -97.91 233.70 33.42
C TYR EA 24 -96.68 233.03 32.82
N GLY EA 25 -96.08 233.67 31.81
CA GLY EA 25 -94.89 233.14 31.18
C GLY EA 25 -95.15 231.89 30.37
N THR EA 26 -95.98 232.01 29.32
CA THR EA 26 -96.30 230.88 28.47
C THR EA 26 -95.59 231.09 27.14
N ARG EA 27 -96.31 231.37 26.06
CA ARG EA 27 -95.70 231.59 24.77
C ARG EA 27 -95.15 233.01 24.66
N LEU EA 28 -94.53 233.30 23.52
CA LEU EA 28 -93.94 234.63 23.25
C LEU EA 28 -94.25 234.98 21.80
N ALA EA 29 -95.27 235.79 21.60
CA ALA EA 29 -95.67 236.20 20.25
C ALA EA 29 -94.75 237.31 19.76
N THR EA 30 -93.93 237.00 18.76
CA THR EA 30 -92.99 237.94 18.18
C THR EA 30 -93.55 238.50 16.87
N CYS EA 31 -93.04 239.66 16.48
CA CYS EA 31 -93.48 240.32 15.25
C CYS EA 31 -92.30 241.08 14.66
N SER EA 32 -91.97 240.78 13.41
CA SER EA 32 -90.88 241.43 12.69
C SER EA 32 -91.44 242.27 11.56
N SER EA 33 -90.56 242.76 10.69
CA SER EA 33 -90.93 243.58 9.55
C SER EA 33 -91.20 242.78 8.29
N ASP EA 34 -91.17 241.44 8.37
CA ASP EA 34 -91.41 240.58 7.23
C ASP EA 34 -92.85 240.06 7.17
N ARG EA 35 -93.77 240.73 7.88
CA ARG EA 35 -95.18 240.35 7.90
C ARG EA 35 -95.35 238.90 8.37
N SER EA 36 -94.70 238.57 9.48
CA SER EA 36 -94.76 237.23 10.06
C SER EA 36 -94.97 237.36 11.56
N VAL EA 37 -96.10 236.85 12.05
CA VAL EA 37 -96.44 236.90 13.46
C VAL EA 37 -96.15 235.50 14.02
N LYS EA 38 -94.91 235.29 14.43
CA LYS EA 38 -94.50 234.01 14.99
C LYS EA 38 -94.85 233.93 16.47
N ILE EA 39 -95.33 232.76 16.88
CA ILE EA 39 -95.72 232.53 18.28
C ILE EA 39 -94.79 231.44 18.81
N PHE EA 40 -93.69 231.86 19.43
CA PHE EA 40 -92.72 230.93 19.98
C PHE EA 40 -93.05 230.60 21.43
N ASP EA 41 -92.81 229.36 21.81
CA ASP EA 41 -93.07 228.89 23.16
C ASP EA 41 -91.78 228.90 23.97
N VAL EA 42 -91.89 229.31 25.24
CA VAL EA 42 -90.76 229.39 26.15
C VAL EA 42 -91.02 228.38 27.26
N ARG EA 43 -90.36 227.22 27.16
CA ARG EA 43 -90.50 226.14 28.14
C ARG EA 43 -89.17 225.98 28.87
N ASN EA 44 -89.12 226.44 30.12
CA ASN EA 44 -87.92 226.36 30.95
C ASN EA 44 -86.74 227.06 30.29
N GLY EA 45 -87.00 228.24 29.71
CA GLY EA 45 -85.97 229.01 29.05
C GLY EA 45 -85.62 228.56 27.65
N GLY EA 46 -86.33 227.57 27.11
CA GLY EA 46 -86.07 227.08 25.77
C GLY EA 46 -87.06 227.64 24.77
N GLN EA 47 -86.55 228.36 23.78
CA GLN EA 47 -87.38 228.96 22.75
C GLN EA 47 -87.69 227.93 21.68
N ILE EA 48 -88.99 227.79 21.37
CA ILE EA 48 -89.43 226.84 20.36
C ILE EA 48 -90.67 227.39 19.65
N LEU EA 49 -90.59 227.51 18.33
CA LEU EA 49 -91.69 228.04 17.55
C LEU EA 49 -92.79 227.00 17.41
N ILE EA 50 -94.03 227.48 17.32
CA ILE EA 50 -95.21 226.63 17.18
C ILE EA 50 -95.92 226.88 15.85
N ALA EA 51 -96.22 228.14 15.55
CA ALA EA 51 -96.89 228.49 14.30
C ALA EA 51 -96.40 229.85 13.84
N ASP EA 52 -96.60 230.12 12.55
CA ASP EA 52 -96.20 231.38 11.92
C ASP EA 52 -97.43 231.95 11.22
N LEU EA 53 -98.14 232.85 11.90
CA LEU EA 53 -99.33 233.48 11.34
C LEU EA 53 -98.92 234.57 10.36
N ARG EA 54 -99.25 234.37 9.09
CA ARG EA 54 -98.93 235.33 8.04
C ARG EA 54 -100.20 235.66 7.26
N GLY EA 55 -100.42 236.95 7.02
CA GLY EA 55 -101.60 237.38 6.29
C GLY EA 55 -101.75 238.90 6.27
N HIS EA 56 -100.64 239.61 6.15
CA HIS EA 56 -100.64 241.06 6.12
C HIS EA 56 -99.76 241.55 4.97
N GLU EA 57 -100.15 242.69 4.39
CA GLU EA 57 -99.41 243.27 3.28
C GLU EA 57 -98.30 244.20 3.73
N GLY EA 58 -98.31 244.65 4.98
CA GLY EA 58 -97.30 245.55 5.49
C GLY EA 58 -96.54 244.94 6.65
N PRO EA 59 -95.64 245.73 7.24
CA PRO EA 59 -94.87 245.23 8.38
C PRO EA 59 -95.67 245.27 9.67
N VAL EA 60 -95.48 244.25 10.50
CA VAL EA 60 -96.18 244.16 11.78
C VAL EA 60 -95.56 245.13 12.76
N TRP EA 61 -96.41 245.78 13.55
CA TRP EA 61 -95.94 246.74 14.55
C TRP EA 61 -95.92 246.13 15.94
N GLN EA 62 -96.96 246.40 16.73
CA GLN EA 62 -97.07 245.88 18.09
C GLN EA 62 -98.02 244.68 18.12
N VAL EA 63 -97.98 243.97 19.25
CA VAL EA 63 -98.83 242.79 19.44
C VAL EA 63 -99.14 242.66 20.92
N ALA EA 64 -100.39 242.36 21.23
CA ALA EA 64 -100.84 242.21 22.62
C ALA EA 64 -101.72 240.98 22.73
N TRP EA 65 -101.51 240.19 23.77
CA TRP EA 65 -102.29 238.99 24.01
C TRP EA 65 -103.49 239.30 24.89
N ALA EA 66 -104.55 238.50 24.71
CA ALA EA 66 -105.77 238.68 25.48
C ALA EA 66 -105.65 237.95 26.82
N HIS EA 67 -106.71 238.04 27.62
CA HIS EA 67 -106.73 237.40 28.92
C HIS EA 67 -107.04 235.91 28.78
N PRO EA 68 -106.79 235.12 29.83
CA PRO EA 68 -107.06 233.68 29.77
C PRO EA 68 -108.51 233.30 30.03
N MET EA 69 -109.36 234.26 30.41
CA MET EA 69 -110.76 233.96 30.69
C MET EA 69 -111.59 233.81 29.42
N TYR EA 70 -111.15 234.40 28.31
CA TYR EA 70 -111.86 234.32 27.03
C TYR EA 70 -111.14 233.41 26.05
N GLY EA 71 -110.59 232.31 26.55
CA GLY EA 71 -109.87 231.37 25.69
C GLY EA 71 -108.41 231.72 25.59
N ASN EA 72 -107.90 231.80 24.36
CA ASN EA 72 -106.50 232.13 24.09
C ASN EA 72 -106.44 232.90 22.78
N ILE EA 73 -106.70 234.21 22.86
CA ILE EA 73 -106.69 235.09 21.71
C ILE EA 73 -105.42 235.94 21.75
N LEU EA 74 -104.99 236.39 20.58
CA LEU EA 74 -103.79 237.22 20.46
C LEU EA 74 -103.96 238.12 19.25
N ALA EA 75 -104.07 239.43 19.48
CA ALA EA 75 -104.23 240.40 18.43
C ALA EA 75 -102.89 241.05 18.10
N SER EA 76 -102.66 241.30 16.81
CA SER EA 76 -101.43 241.91 16.34
C SER EA 76 -101.74 242.88 15.21
N CYS EA 77 -101.18 244.08 15.29
CA CYS EA 77 -101.39 245.09 14.27
C CYS EA 77 -100.28 245.05 13.22
N SER EA 78 -100.59 245.57 12.04
CA SER EA 78 -99.65 245.61 10.93
C SER EA 78 -99.76 246.96 10.24
N TYR EA 79 -99.01 247.12 9.15
CA TYR EA 79 -99.00 248.36 8.37
C TYR EA 79 -99.89 248.28 7.14
N ASP EA 80 -100.75 247.26 7.05
CA ASP EA 80 -101.65 247.09 5.91
C ASP EA 80 -103.05 247.62 6.19
N ARG EA 81 -103.18 248.53 7.16
CA ARG EA 81 -104.47 249.12 7.53
C ARG EA 81 -105.50 248.05 7.90
N LYS EA 82 -105.05 247.05 8.67
CA LYS EA 82 -105.91 245.97 9.10
C LYS EA 82 -105.38 245.38 10.40
N VAL EA 83 -106.29 244.90 11.23
CA VAL EA 83 -105.95 244.31 12.52
C VAL EA 83 -106.50 242.89 12.54
N ILE EA 84 -105.61 241.92 12.75
CA ILE EA 84 -105.98 240.50 12.78
C ILE EA 84 -106.02 240.03 14.23
N ILE EA 85 -107.00 239.19 14.54
CA ILE EA 85 -107.18 238.65 15.89
C ILE EA 85 -107.33 237.14 15.73
N TRP EA 86 -106.24 236.41 15.93
CA TRP EA 86 -106.25 234.96 15.82
C TRP EA 86 -106.49 234.32 17.18
N ARG EA 87 -107.19 233.18 17.17
CA ARG EA 87 -107.50 232.42 18.36
C ARG EA 87 -106.63 231.17 18.42
N GLU EA 88 -106.98 230.27 19.34
CA GLU EA 88 -106.24 229.02 19.51
C GLU EA 88 -107.21 227.94 19.98
N GLU EA 89 -107.32 226.87 19.19
CA GLU EA 89 -108.22 225.77 19.54
C GLU EA 89 -107.63 224.49 18.95
N ASN EA 90 -107.13 223.62 19.82
CA ASN EA 90 -106.53 222.33 19.41
C ASN EA 90 -105.38 222.55 18.44
N GLY EA 91 -104.58 223.58 18.68
CA GLY EA 91 -103.45 223.88 17.83
C GLY EA 91 -103.77 224.59 16.53
N THR EA 92 -105.04 224.89 16.27
CA THR EA 92 -105.45 225.58 15.06
C THR EA 92 -105.47 227.08 15.32
N TRP EA 93 -104.40 227.76 14.91
CA TRP EA 93 -104.31 229.21 15.11
C TRP EA 93 -104.86 229.94 13.89
N GLU EA 94 -106.19 229.87 13.76
CA GLU EA 94 -106.89 230.51 12.67
C GLU EA 94 -107.35 231.91 13.06
N LYS EA 95 -107.55 232.75 12.06
CA LYS EA 95 -107.99 234.12 12.28
C LYS EA 95 -109.48 234.15 12.61
N SER EA 96 -109.82 234.80 13.72
CA SER EA 96 -111.20 234.92 14.18
C SER EA 96 -111.85 236.20 13.68
N HIS EA 97 -111.31 237.35 14.05
CA HIS EA 97 -111.83 238.64 13.63
C HIS EA 97 -110.79 239.38 12.81
N GLU EA 98 -111.28 240.22 11.89
CA GLU EA 98 -110.41 241.01 11.01
C GLU EA 98 -111.04 242.40 10.87
N HIS EA 99 -110.48 243.37 11.58
CA HIS EA 99 -110.96 244.74 11.56
C HIS EA 99 -110.04 245.57 10.66
N ALA EA 100 -110.63 246.21 9.65
CA ALA EA 100 -109.89 247.04 8.71
C ALA EA 100 -110.61 248.37 8.50
N GLY EA 101 -111.04 248.98 9.60
CA GLY EA 101 -111.73 250.25 9.57
C GLY EA 101 -110.84 251.47 9.58
N HIS EA 102 -109.53 251.30 9.56
CA HIS EA 102 -108.59 252.42 9.58
C HIS EA 102 -108.10 252.71 8.17
N ASP EA 103 -107.85 254.00 7.91
CA ASP EA 103 -107.39 254.43 6.59
C ASP EA 103 -105.87 254.35 6.46
N SER EA 104 -105.15 254.65 7.53
CA SER EA 104 -103.69 254.62 7.52
C SER EA 104 -103.20 253.35 8.23
N SER EA 105 -101.89 253.29 8.48
CA SER EA 105 -101.31 252.14 9.14
C SER EA 105 -101.52 252.21 10.65
N VAL EA 106 -101.64 251.04 11.27
CA VAL EA 106 -101.84 250.94 12.71
C VAL EA 106 -100.48 250.99 13.40
N ASN EA 107 -100.39 251.82 14.45
CA ASN EA 107 -99.14 251.96 15.20
C ASN EA 107 -99.13 251.08 16.44
N SER EA 108 -100.11 251.27 17.32
CA SER EA 108 -100.22 250.50 18.55
C SER EA 108 -101.60 249.87 18.64
N VAL EA 109 -101.67 248.72 19.32
CA VAL EA 109 -102.92 247.99 19.49
C VAL EA 109 -102.86 247.21 20.80
N CYS EA 110 -103.60 247.68 21.80
CA CYS EA 110 -103.66 247.03 23.11
C CYS EA 110 -105.09 246.63 23.42
N TRP EA 111 -105.26 245.88 24.51
CA TRP EA 111 -106.54 245.40 24.96
C TRP EA 111 -106.93 246.06 26.28
N ALA EA 112 -108.19 245.91 26.65
CA ALA EA 112 -108.70 246.47 27.89
C ALA EA 112 -108.57 245.47 29.03
N PRO EA 113 -109.12 245.76 30.20
CA PRO EA 113 -109.00 244.83 31.33
C PRO EA 113 -110.02 243.69 31.21
N HIS EA 114 -109.84 242.70 32.08
CA HIS EA 114 -110.73 241.54 32.09
C HIS EA 114 -112.06 241.84 32.75
N ASP EA 115 -112.13 242.85 33.62
CA ASP EA 115 -113.38 243.20 34.29
C ASP EA 115 -114.34 243.96 33.39
N TYR EA 116 -113.84 244.61 32.35
CA TYR EA 116 -114.69 245.37 31.43
C TYR EA 116 -115.16 244.55 30.24
N GLY EA 117 -114.58 243.38 30.02
CA GLY EA 117 -114.95 242.53 28.90
C GLY EA 117 -113.76 242.21 28.02
N LEU EA 118 -114.00 242.17 26.71
CA LEU EA 118 -112.94 241.88 25.74
C LEU EA 118 -112.83 243.00 24.71
N ILE EA 119 -112.50 244.20 25.16
CA ILE EA 119 -112.36 245.36 24.29
C ILE EA 119 -110.90 245.50 23.89
N LEU EA 120 -110.66 245.95 22.66
CA LEU EA 120 -109.31 246.14 22.13
C LEU EA 120 -109.25 247.52 21.48
N ALA EA 121 -108.29 248.33 21.91
CA ALA EA 121 -108.10 249.67 21.38
C ALA EA 121 -106.90 249.68 20.44
N CYS EA 122 -107.11 250.16 19.22
CA CYS EA 122 -106.05 250.22 18.21
C CYS EA 122 -105.98 251.64 17.68
N GLY EA 123 -104.76 252.18 17.63
CA GLY EA 123 -104.51 253.53 17.14
C GLY EA 123 -103.89 253.49 15.75
N SER EA 124 -104.44 254.32 14.86
CA SER EA 124 -103.97 254.41 13.48
C SER EA 124 -103.11 255.66 13.31
N SER EA 125 -102.61 255.85 12.09
CA SER EA 125 -101.76 256.98 11.75
C SER EA 125 -102.53 258.10 11.05
N ASP EA 126 -103.87 258.04 11.05
CA ASP EA 126 -104.69 259.05 10.41
C ASP EA 126 -105.48 259.88 11.41
N GLY EA 127 -105.22 259.72 12.70
CA GLY EA 127 -105.93 260.48 13.71
C GLY EA 127 -107.20 259.83 14.23
N ALA EA 128 -107.26 258.50 14.24
CA ALA EA 128 -108.43 257.78 14.71
C ALA EA 128 -108.01 256.72 15.72
N ILE EA 129 -108.99 256.23 16.48
CA ILE EA 129 -108.75 255.21 17.49
C ILE EA 129 -109.93 254.26 17.53
N SER EA 130 -109.78 253.08 16.93
CA SER EA 130 -110.84 252.09 16.90
C SER EA 130 -110.92 251.35 18.23
N LEU EA 131 -112.13 250.91 18.58
CA LEU EA 131 -112.39 250.19 19.83
C LEU EA 131 -113.27 248.99 19.49
N LEU EA 132 -112.64 247.85 19.22
CA LEU EA 132 -113.35 246.62 18.88
C LEU EA 132 -113.80 245.95 20.18
N THR EA 133 -115.06 246.12 20.52
CA THR EA 133 -115.64 245.54 21.73
C THR EA 133 -116.44 244.30 21.35
N TYR EA 134 -116.02 243.15 21.89
CA TYR EA 134 -116.71 241.89 21.60
C TYR EA 134 -117.99 241.82 22.40
N THR EA 135 -119.09 241.43 21.73
CA THR EA 135 -120.38 241.32 22.38
C THR EA 135 -120.54 239.95 23.04
N GLY EA 136 -121.68 239.29 22.79
CA GLY EA 136 -121.93 237.98 23.36
C GLY EA 136 -121.27 236.83 22.63
N GLU EA 137 -120.58 237.11 21.53
CA GLU EA 137 -119.91 236.05 20.77
C GLU EA 137 -118.72 236.62 20.01
N GLY EA 138 -118.58 236.22 18.74
CA GLY EA 138 -117.49 236.68 17.91
C GLY EA 138 -117.71 238.00 17.20
N GLN EA 139 -118.91 238.57 17.31
CA GLN EA 139 -119.21 239.84 16.67
C GLN EA 139 -118.61 240.99 17.49
N TRP EA 140 -117.83 241.83 16.84
CA TRP EA 140 -117.18 242.97 17.48
C TRP EA 140 -117.77 244.26 16.92
N GLU EA 141 -118.13 245.18 17.81
CA GLU EA 141 -118.70 246.46 17.42
C GLU EA 141 -117.59 247.46 17.16
N VAL EA 142 -117.59 248.06 15.98
CA VAL EA 142 -116.58 249.05 15.60
C VAL EA 142 -117.01 250.38 16.17
N LYS EA 143 -116.34 250.82 17.24
CA LYS EA 143 -116.64 252.09 17.90
C LYS EA 143 -115.41 252.98 17.82
N LYS EA 144 -115.10 253.46 16.61
CA LYS EA 144 -113.96 254.33 16.40
C LYS EA 144 -114.34 255.79 16.62
N ILE EA 145 -113.33 256.60 16.96
CA ILE EA 145 -113.51 258.03 17.21
C ILE EA 145 -112.52 258.77 16.32
N ASN EA 146 -113.05 259.49 15.33
CA ASN EA 146 -112.20 260.25 14.42
C ASN EA 146 -111.75 261.55 15.07
N ASN EA 147 -110.82 262.23 14.39
CA ASN EA 147 -110.27 263.51 14.85
C ASN EA 147 -109.66 263.37 16.25
N ALA EA 148 -108.87 262.32 16.45
CA ALA EA 148 -108.22 262.08 17.73
C ALA EA 148 -106.81 262.65 17.80
N HIS EA 149 -106.16 262.87 16.66
CA HIS EA 149 -104.81 263.42 16.64
C HIS EA 149 -104.62 264.21 15.37
N THR EA 150 -103.55 265.02 15.35
CA THR EA 150 -103.25 265.85 14.18
C THR EA 150 -102.62 265.01 13.07
N ILE EA 151 -101.38 264.54 13.28
CA ILE EA 151 -100.70 263.73 12.28
C ILE EA 151 -100.95 262.25 12.45
N GLY EA 152 -101.68 261.85 13.49
CA GLY EA 152 -101.97 260.45 13.72
C GLY EA 152 -101.51 259.96 15.08
N CYS EA 153 -102.15 258.89 15.58
CA CYS EA 153 -101.80 258.33 16.87
C CYS EA 153 -100.58 257.43 16.75
N ASN EA 154 -99.86 257.28 17.86
CA ASN EA 154 -98.66 256.45 17.91
C ASN EA 154 -98.57 255.56 19.14
N ALA EA 155 -99.49 255.68 20.09
CA ALA EA 155 -99.46 254.85 21.29
C ALA EA 155 -100.88 254.65 21.79
N VAL EA 156 -101.12 253.49 22.40
CA VAL EA 156 -102.43 253.15 22.93
C VAL EA 156 -102.27 252.24 24.13
N SER EA 157 -102.72 252.69 25.30
CA SER EA 157 -102.62 251.92 26.52
C SER EA 157 -103.77 252.30 27.44
N TRP EA 158 -104.39 251.29 28.06
CA TRP EA 158 -105.49 251.51 28.97
C TRP EA 158 -105.00 251.63 30.41
N ALA EA 159 -105.87 252.18 31.26
CA ALA EA 159 -105.55 252.37 32.67
C ALA EA 159 -105.87 251.10 33.44
N PRO EA 160 -105.64 251.10 34.75
CA PRO EA 160 -105.93 249.90 35.54
C PRO EA 160 -107.41 249.78 35.87
N ALA EA 161 -107.82 248.55 36.20
CA ALA EA 161 -109.21 248.25 36.55
C ALA EA 161 -109.44 248.66 38.00
N VAL EA 162 -109.74 249.94 38.19
CA VAL EA 162 -109.99 250.50 39.51
C VAL EA 162 -111.50 250.48 39.76
N VAL EA 163 -111.90 249.77 40.81
CA VAL EA 163 -113.33 249.69 41.15
C VAL EA 163 -113.75 250.97 41.85
N PRO EA 164 -114.98 251.47 41.62
CA PRO EA 164 -115.46 252.69 42.25
C PRO EA 164 -115.83 252.48 43.72
N PRO EA 171 -121.78 247.79 46.72
CA PRO EA 171 -122.89 247.02 47.30
C PRO EA 171 -124.07 246.90 46.35
N SER EA 172 -123.96 245.98 45.38
CA SER EA 172 -125.02 245.76 44.40
C SER EA 172 -124.98 244.30 43.97
N GLY EA 173 -125.77 243.97 42.95
CA GLY EA 173 -125.82 242.62 42.43
C GLY EA 173 -125.42 242.52 40.98
N GLN EA 174 -124.40 243.27 40.58
CA GLN EA 174 -123.92 243.26 39.19
C GLN EA 174 -122.40 243.11 39.22
N LYS EA 175 -121.76 243.45 38.11
CA LYS EA 175 -120.31 243.36 37.99
C LYS EA 175 -119.68 244.70 38.31
N PRO EA 176 -118.45 244.95 37.84
CA PRO EA 176 -117.80 246.23 38.14
C PRO EA 176 -117.83 247.19 36.95
N ASN EA 177 -118.22 248.44 37.21
CA ASN EA 177 -118.30 249.47 36.18
C ASN EA 177 -117.25 250.54 36.52
N TYR EA 178 -116.07 250.40 35.94
CA TYR EA 178 -114.97 251.33 36.17
C TYR EA 178 -115.10 252.52 35.21
N ILE EA 179 -114.08 253.39 35.24
CA ILE EA 179 -114.09 254.56 34.37
C ILE EA 179 -113.64 254.22 32.95
N LYS EA 180 -112.95 253.11 32.76
CA LYS EA 180 -112.47 252.67 31.45
C LYS EA 180 -111.59 253.74 30.79
N ARG EA 181 -110.63 254.25 31.57
CA ARG EA 181 -109.72 255.27 31.08
C ARG EA 181 -108.65 254.64 30.19
N PHE EA 182 -108.23 255.40 29.17
CA PHE EA 182 -107.22 254.94 28.23
C PHE EA 182 -106.45 256.15 27.72
N ALA EA 183 -105.16 256.20 28.02
CA ALA EA 183 -104.30 257.30 27.59
C ALA EA 183 -103.62 256.91 26.28
N SER EA 184 -103.85 257.72 25.24
CA SER EA 184 -103.27 257.48 23.92
C SER EA 184 -102.34 258.64 23.56
N GLY EA 185 -101.23 258.32 22.91
CA GLY EA 185 -100.25 259.31 22.49
C GLY EA 185 -100.20 259.40 20.97
N GLY EA 186 -100.01 260.62 20.47
CA GLY EA 186 -99.94 260.85 19.05
C GLY EA 186 -98.72 261.62 18.62
N CYS EA 187 -98.70 262.07 17.37
CA CYS EA 187 -97.58 262.83 16.82
C CYS EA 187 -97.73 264.34 17.01
N ASP EA 188 -98.77 264.78 17.73
CA ASP EA 188 -99.02 266.19 17.96
C ASP EA 188 -98.46 266.67 19.30
N ASN EA 189 -97.57 265.88 19.93
CA ASN EA 189 -96.97 266.23 21.21
C ASN EA 189 -98.04 266.47 22.27
N LEU EA 190 -99.01 265.57 22.35
CA LEU EA 190 -100.09 265.68 23.32
C LEU EA 190 -100.64 264.28 23.60
N ILE EA 191 -100.59 263.87 24.86
CA ILE EA 191 -101.08 262.56 25.28
C ILE EA 191 -102.44 262.81 25.93
N LYS EA 192 -103.49 262.65 25.14
CA LYS EA 192 -104.86 262.85 25.61
C LYS EA 192 -105.43 261.56 26.18
N LEU EA 193 -106.38 261.71 27.10
CA LEU EA 193 -107.04 260.59 27.73
C LEU EA 193 -108.48 260.49 27.24
N TRP EA 194 -109.26 259.61 27.87
CA TRP EA 194 -110.65 259.40 27.48
C TRP EA 194 -111.42 258.89 28.69
N LYS EA 195 -112.73 259.15 28.68
CA LYS EA 195 -113.63 258.73 29.74
C LYS EA 195 -114.69 257.79 29.17
N GLU EA 196 -115.56 257.30 30.04
CA GLU EA 196 -116.62 256.38 29.64
C GLU EA 196 -117.76 256.46 30.64
N GLU EA 197 -118.98 256.26 30.13
CA GLU EA 197 -120.17 256.28 30.98
C GLU EA 197 -121.30 255.49 30.32
N GLU EA 198 -122.33 256.19 29.83
CA GLU EA 198 -123.48 255.52 29.23
C GLU EA 198 -124.26 256.55 28.40
N ASP EA 199 -124.03 256.54 27.09
CA ASP EA 199 -124.75 257.43 26.18
C ASP EA 199 -124.74 256.89 24.76
N GLY EA 200 -123.65 257.12 24.05
CA GLY EA 200 -123.53 256.66 22.67
C GLY EA 200 -122.12 256.23 22.29
N GLN EA 201 -121.31 257.19 21.86
CA GLN EA 201 -119.93 256.90 21.46
C GLN EA 201 -118.97 257.21 22.60
N TRP EA 202 -117.77 257.67 22.26
CA TRP EA 202 -116.74 258.01 23.23
C TRP EA 202 -116.38 259.48 23.13
N LYS EA 203 -115.60 259.95 24.10
CA LYS EA 203 -115.17 261.33 24.13
C LYS EA 203 -113.79 261.40 24.77
N GLU EA 204 -113.23 262.61 24.83
CA GLU EA 204 -111.93 262.85 25.41
C GLU EA 204 -112.06 263.58 26.73
N GLU EA 205 -111.11 263.33 27.63
CA GLU EA 205 -111.11 263.96 28.95
C GLU EA 205 -110.24 265.21 28.96
N GLN EA 206 -108.94 265.04 29.17
CA GLN EA 206 -107.98 266.13 29.22
C GLN EA 206 -106.80 265.79 28.32
N LYS EA 207 -105.89 266.74 28.17
CA LYS EA 207 -104.70 266.59 27.35
C LYS EA 207 -103.47 266.88 28.18
N LEU EA 208 -102.32 266.43 27.67
CA LEU EA 208 -101.02 266.62 28.34
C LEU EA 208 -100.00 266.99 27.26
N GLU EA 209 -99.82 268.30 27.06
CA GLU EA 209 -98.87 268.81 26.06
C GLU EA 209 -97.60 269.21 26.79
N ALA EA 210 -96.68 268.26 26.92
CA ALA EA 210 -95.41 268.48 27.59
C ALA EA 210 -94.20 268.07 26.76
N HIS EA 211 -94.40 267.52 25.58
CA HIS EA 211 -93.31 267.08 24.72
C HIS EA 211 -93.07 268.10 23.60
N SER EA 212 -91.89 268.01 23.00
CA SER EA 212 -91.50 268.90 21.91
C SER EA 212 -91.52 268.25 20.54
N ASP EA 213 -91.52 266.92 20.47
CA ASP EA 213 -91.54 266.20 19.20
C ASP EA 213 -92.70 265.21 19.24
N TRP EA 214 -92.64 264.22 18.34
CA TRP EA 214 -93.69 263.21 18.26
C TRP EA 214 -93.50 262.19 19.38
N VAL EA 215 -94.60 261.86 20.06
CA VAL EA 215 -94.56 260.89 21.16
C VAL EA 215 -94.47 259.49 20.58
N ARG EA 216 -93.46 258.73 21.02
CA ARG EA 216 -93.28 257.37 20.54
C ARG EA 216 -94.26 256.41 21.22
N ASP EA 217 -93.94 256.00 22.44
CA ASP EA 217 -94.77 255.09 23.21
C ASP EA 217 -95.19 255.76 24.52
N VAL EA 218 -96.36 255.33 25.02
CA VAL EA 218 -96.89 255.88 26.27
C VAL EA 218 -97.72 254.80 26.97
N ALA EA 219 -97.09 254.03 27.85
CA ALA EA 219 -97.77 252.97 28.58
C ALA EA 219 -98.11 253.45 29.99
N TRP EA 220 -99.31 253.09 30.45
CA TRP EA 220 -99.76 253.48 31.77
C TRP EA 220 -99.23 252.50 32.81
N ALA EA 221 -98.86 253.04 33.97
CA ALA EA 221 -98.34 252.21 35.05
C ALA EA 221 -99.48 251.51 35.77
N PRO EA 222 -99.34 250.21 36.08
CA PRO EA 222 -100.44 249.51 36.77
C PRO EA 222 -100.41 249.80 38.26
N SER EA 223 -101.58 250.18 38.80
CA SER EA 223 -101.69 250.49 40.21
C SER EA 223 -101.74 249.21 41.04
N ILE EA 224 -100.99 249.18 42.13
CA ILE EA 224 -100.94 248.01 43.01
C ILE EA 224 -101.76 248.29 44.26
N GLY EA 225 -102.97 248.83 44.06
CA GLY EA 225 -103.87 249.15 45.16
C GLY EA 225 -103.85 250.60 45.58
N LEU EA 226 -102.78 251.33 45.28
CA LEU EA 226 -102.70 252.73 45.66
C LEU EA 226 -103.50 253.60 44.68
N PRO EA 227 -104.05 254.72 45.16
CA PRO EA 227 -104.83 255.59 44.27
C PRO EA 227 -103.98 256.52 43.41
N THR EA 228 -102.69 256.64 43.69
CA THR EA 228 -101.80 257.52 42.91
C THR EA 228 -101.43 256.79 41.63
N SER EA 229 -102.25 256.99 40.60
CA SER EA 229 -102.01 256.36 39.31
C SER EA 229 -101.02 257.19 38.49
N THR EA 230 -99.99 256.55 37.97
CA THR EA 230 -98.97 257.20 37.16
C THR EA 230 -99.04 256.71 35.72
N ILE EA 231 -98.42 257.48 34.83
CA ILE EA 231 -98.39 257.14 33.41
C ILE EA 231 -97.10 257.68 32.79
N ALA EA 232 -96.30 256.79 32.22
CA ALA EA 232 -95.05 257.17 31.58
C ALA EA 232 -95.26 257.42 30.10
N SER EA 233 -94.41 258.28 29.54
CA SER EA 233 -94.48 258.62 28.13
C SER EA 233 -93.08 258.91 27.61
N CYS EA 234 -92.86 258.62 26.33
CA CYS EA 234 -91.58 258.84 25.68
C CYS EA 234 -91.80 259.49 24.33
N SER EA 235 -91.05 260.55 24.05
CA SER EA 235 -91.14 261.28 22.79
C SER EA 235 -89.84 261.10 21.99
N GLN EA 236 -89.80 261.76 20.84
CA GLN EA 236 -88.63 261.67 19.97
C GLN EA 236 -87.54 262.67 20.33
N ASP EA 237 -87.81 263.58 21.28
CA ASP EA 237 -86.82 264.56 21.69
C ASP EA 237 -85.81 264.01 22.69
N GLY EA 238 -86.07 262.84 23.28
CA GLY EA 238 -85.17 262.24 24.24
C GLY EA 238 -85.60 262.36 25.68
N ARG EA 239 -86.68 263.06 25.97
CA ARG EA 239 -87.16 263.23 27.33
C ARG EA 239 -88.19 262.16 27.66
N VAL EA 240 -88.21 261.74 28.93
CA VAL EA 240 -89.13 260.73 29.42
C VAL EA 240 -89.94 261.35 30.55
N PHE EA 241 -91.20 261.66 30.27
CA PHE EA 241 -92.08 262.26 31.26
C PHE EA 241 -92.85 261.19 32.01
N ILE EA 242 -93.09 261.44 33.30
CA ILE EA 242 -93.82 260.51 34.16
C ILE EA 242 -94.94 261.32 34.82
N TRP EA 243 -96.09 261.38 34.15
CA TRP EA 243 -97.23 262.12 34.66
C TRP EA 243 -97.96 261.29 35.72
N THR EA 244 -98.15 261.87 36.90
CA THR EA 244 -98.83 261.21 38.00
C THR EA 244 -99.92 262.12 38.55
N CYS EA 245 -100.91 261.50 39.19
CA CYS EA 245 -102.03 262.22 39.78
C CYS EA 245 -101.87 262.31 41.30
N ASP EA 246 -102.36 263.41 41.86
CA ASP EA 246 -102.26 263.62 43.30
C ASP EA 246 -103.33 262.82 44.03
N ASP EA 247 -104.57 262.86 43.56
CA ASP EA 247 -105.67 262.14 44.18
C ASP EA 247 -106.67 261.74 43.10
N ALA EA 248 -107.69 261.00 43.51
CA ALA EA 248 -108.71 260.55 42.58
C ALA EA 248 -109.74 261.64 42.34
N SER EA 249 -110.38 261.57 41.16
CA SER EA 249 -111.41 262.54 40.75
C SER EA 249 -110.86 263.97 40.78
N SER EA 250 -109.68 264.14 40.18
CA SER EA 250 -109.04 265.45 40.11
C SER EA 250 -108.21 265.52 38.85
N ASN EA 251 -108.59 266.43 37.94
CA ASN EA 251 -107.89 266.61 36.67
C ASN EA 251 -106.64 267.45 36.92
N THR EA 252 -105.58 266.76 37.33
CA THR EA 252 -104.29 267.41 37.60
C THR EA 252 -103.18 266.41 37.29
N TRP EA 253 -102.67 266.49 36.06
CA TRP EA 253 -101.62 265.60 35.59
C TRP EA 253 -100.31 266.39 35.60
N SER EA 254 -99.60 266.31 36.73
CA SER EA 254 -98.33 267.01 36.88
C SER EA 254 -97.22 266.16 36.28
N PRO EA 255 -96.60 266.57 35.19
CA PRO EA 255 -95.53 265.76 34.59
C PRO EA 255 -94.19 266.00 35.26
N LYS EA 256 -93.39 264.94 35.30
CA LYS EA 256 -92.06 264.98 35.90
C LYS EA 256 -91.06 264.37 34.94
N LEU EA 257 -89.96 265.08 34.68
CA LEU EA 257 -88.93 264.60 33.77
C LEU EA 257 -88.04 263.59 34.48
N LEU EA 258 -87.90 262.41 33.88
CA LEU EA 258 -87.06 261.36 34.44
C LEU EA 258 -85.63 261.44 33.93
N HIS EA 259 -85.45 261.37 32.61
CA HIS EA 259 -84.13 261.43 32.01
C HIS EA 259 -84.24 262.11 30.65
N LYS EA 260 -83.10 262.66 30.20
CA LYS EA 260 -83.02 263.36 28.92
C LYS EA 260 -81.82 262.81 28.15
N PHE EA 261 -82.08 262.10 27.06
CA PHE EA 261 -81.04 261.53 26.22
C PHE EA 261 -80.89 262.32 24.94
N ASN EA 262 -79.78 262.08 24.25
CA ASN EA 262 -79.51 262.78 22.99
C ASN EA 262 -80.29 262.17 21.82
N ASP EA 263 -80.53 260.86 21.85
CA ASP EA 263 -81.25 260.18 20.80
C ASP EA 263 -82.71 260.01 21.18
N VAL EA 264 -83.50 259.48 20.24
CA VAL EA 264 -84.92 259.25 20.48
C VAL EA 264 -85.12 257.93 21.21
N VAL EA 265 -86.29 257.80 21.85
CA VAL EA 265 -86.64 256.61 22.59
C VAL EA 265 -87.63 255.78 21.78
N TRP EA 266 -87.62 254.48 22.00
CA TRP EA 266 -88.51 253.57 21.29
C TRP EA 266 -89.75 253.27 22.13
N HIS EA 267 -89.67 252.23 22.95
CA HIS EA 267 -90.78 251.82 23.82
C HIS EA 267 -90.43 252.10 25.27
N VAL EA 268 -91.44 252.01 26.13
CA VAL EA 268 -91.28 252.25 27.56
C VAL EA 268 -92.27 251.39 28.33
N SER EA 269 -91.78 250.33 28.96
CA SER EA 269 -92.61 249.42 29.74
C SER EA 269 -92.39 249.65 31.22
N TRP EA 270 -93.32 249.15 32.02
CA TRP EA 270 -93.27 249.28 33.48
C TRP EA 270 -93.52 247.93 34.12
N SER EA 271 -92.94 247.74 35.31
CA SER EA 271 -93.09 246.50 36.04
C SER EA 271 -94.39 246.50 36.83
N ILE EA 272 -94.70 245.36 37.45
CA ILE EA 272 -95.91 245.23 38.25
C ILE EA 272 -95.62 245.24 39.75
N THR EA 273 -94.42 244.83 40.17
CA THR EA 273 -94.09 244.81 41.59
C THR EA 273 -93.66 246.19 42.07
N ALA EA 274 -92.44 246.58 41.74
CA ALA EA 274 -91.90 247.88 42.13
C ALA EA 274 -92.18 248.97 41.11
N ASN EA 275 -92.88 248.66 40.02
CA ASN EA 275 -93.21 249.63 38.96
C ASN EA 275 -91.96 250.28 38.40
N ILE EA 276 -90.98 249.44 38.06
CA ILE EA 276 -89.72 249.92 37.50
C ILE EA 276 -89.92 250.23 36.02
N LEU EA 277 -89.61 251.47 35.64
CA LEU EA 277 -89.76 251.88 34.25
C LEU EA 277 -88.60 251.35 33.41
N ALA EA 278 -88.94 250.66 32.32
CA ALA EA 278 -87.94 250.10 31.41
C ALA EA 278 -87.83 251.00 30.20
N VAL EA 279 -86.89 251.94 30.25
CA VAL EA 279 -86.67 252.88 29.16
C VAL EA 279 -85.88 252.17 28.06
N SER EA 280 -86.53 251.92 26.93
CA SER EA 280 -85.92 251.25 25.79
C SER EA 280 -85.75 252.26 24.67
N GLY EA 281 -84.51 252.58 24.35
CA GLY EA 281 -84.22 253.54 23.30
C GLY EA 281 -82.91 254.25 23.55
N GLY EA 282 -82.52 255.05 22.57
CA GLY EA 282 -81.28 255.81 22.67
C GLY EA 282 -80.16 255.24 21.81
N ASP EA 283 -79.19 254.58 22.43
CA ASP EA 283 -78.07 254.00 21.69
C ASP EA 283 -78.20 252.48 21.64
N ASN EA 284 -79.38 251.99 21.28
CA ASN EA 284 -79.66 250.56 21.19
C ASN EA 284 -79.37 249.85 22.51
N LYS EA 285 -79.89 250.42 23.59
CA LYS EA 285 -79.69 249.86 24.92
C LYS EA 285 -80.91 250.18 25.78
N VAL EA 286 -81.25 249.25 26.67
CA VAL EA 286 -82.38 249.38 27.57
C VAL EA 286 -81.87 249.74 28.95
N THR EA 287 -82.59 250.63 29.64
CA THR EA 287 -82.23 251.08 30.98
C THR EA 287 -83.41 250.92 31.90
N LEU EA 288 -83.14 250.53 33.15
CA LEU EA 288 -84.16 250.33 34.16
C LEU EA 288 -84.16 251.52 35.12
N TRP EA 289 -85.28 252.23 35.18
CA TRP EA 289 -85.44 253.39 36.04
C TRP EA 289 -86.39 253.05 37.18
N LYS EA 290 -86.01 253.41 38.40
CA LYS EA 290 -86.83 253.16 39.58
C LYS EA 290 -86.86 254.41 40.44
N GLU EA 291 -88.03 254.67 41.03
CA GLU EA 291 -88.19 255.84 41.89
C GLU EA 291 -87.58 255.58 43.26
N SER EA 292 -86.78 256.53 43.73
CA SER EA 292 -86.13 256.41 45.03
C SER EA 292 -87.02 257.00 46.12
N VAL EA 293 -86.50 257.10 47.34
CA VAL EA 293 -87.29 257.65 48.44
C VAL EA 293 -87.36 259.17 48.40
N ASP EA 294 -86.42 259.83 47.71
CA ASP EA 294 -86.43 261.28 47.65
C ASP EA 294 -87.40 261.81 46.60
N GLY EA 295 -87.84 260.97 45.67
CA GLY EA 295 -88.76 261.37 44.63
C GLY EA 295 -88.16 261.44 43.24
N GLN EA 296 -86.84 261.49 43.14
CA GLN EA 296 -86.17 261.57 41.85
C GLN EA 296 -85.92 260.16 41.31
N TRP EA 297 -86.04 260.02 39.99
CA TRP EA 297 -85.83 258.75 39.32
C TRP EA 297 -84.35 258.56 39.00
N VAL EA 298 -83.83 257.38 39.31
CA VAL EA 298 -82.43 257.05 39.06
C VAL EA 298 -82.36 255.74 38.30
N CYS EA 299 -81.29 255.57 37.53
CA CYS EA 299 -81.09 254.36 36.75
C CYS EA 299 -80.58 253.24 37.64
N ILE EA 300 -81.19 252.07 37.53
CA ILE EA 300 -80.81 250.91 38.32
C ILE EA 300 -79.56 250.27 37.72
N SER EA 301 -79.70 249.69 36.53
CA SER EA 301 -78.59 249.06 35.85
C SER EA 301 -78.79 249.18 34.35
N ASP EA 302 -77.86 248.62 33.58
CA ASP EA 302 -77.90 248.65 32.13
C ASP EA 302 -78.12 247.24 31.60
N VAL EA 303 -79.01 247.10 30.64
CA VAL EA 303 -79.32 245.80 30.04
C VAL EA 303 -78.29 245.48 28.97
N ASN EA 304 -78.25 244.23 28.53
CA ASN EA 304 -77.32 243.76 27.51
C ASN EA 304 -75.87 244.05 27.89
N ARG FA 5 -104.21 281.27 -53.91
CA ARG FA 5 -104.60 282.63 -53.56
C ARG FA 5 -104.96 282.74 -52.08
N SER FA 6 -105.18 283.98 -51.62
CA SER FA 6 -105.53 284.21 -50.23
C SER FA 6 -107.02 283.93 -50.00
N ILE FA 7 -107.35 283.60 -48.76
CA ILE FA 7 -108.72 283.30 -48.36
C ILE FA 7 -108.96 283.86 -46.97
N ALA FA 8 -110.24 284.09 -46.66
CA ALA FA 8 -110.64 284.62 -45.37
C ALA FA 8 -110.81 283.49 -44.36
N ALA FA 9 -110.45 283.78 -43.11
CA ALA FA 9 -110.54 282.80 -42.03
C ALA FA 9 -111.89 282.84 -41.31
N ASP FA 10 -112.81 283.70 -41.74
CA ASP FA 10 -114.13 283.83 -41.13
C ASP FA 10 -114.03 284.17 -39.64
N HIS FA 11 -113.19 285.15 -39.34
CA HIS FA 11 -112.96 285.60 -37.97
C HIS FA 11 -113.24 287.08 -37.88
N LYS FA 12 -114.03 287.48 -36.88
CA LYS FA 12 -114.37 288.89 -36.70
C LYS FA 12 -113.22 289.67 -36.09
N ASP FA 13 -112.49 289.05 -35.16
CA ASP FA 13 -111.38 289.70 -34.49
C ASP FA 13 -110.08 289.39 -35.25
N LEU FA 14 -108.94 289.73 -34.65
CA LEU FA 14 -107.64 289.50 -35.26
C LEU FA 14 -107.14 288.10 -34.91
N ILE FA 15 -106.46 287.48 -35.88
CA ILE FA 15 -105.92 286.14 -35.67
C ILE FA 15 -104.66 286.22 -34.83
N HIS FA 16 -104.42 285.17 -34.04
CA HIS FA 16 -103.25 285.09 -33.17
C HIS FA 16 -102.27 284.03 -33.68
N ASP FA 17 -102.64 282.75 -33.59
CA ASP FA 17 -101.78 281.66 -34.03
C ASP FA 17 -102.51 280.85 -35.09
N VAL FA 18 -101.72 280.15 -35.91
CA VAL FA 18 -102.26 279.31 -36.98
C VAL FA 18 -101.34 278.13 -37.21
N SER FA 19 -101.48 277.10 -36.37
CA SER FA 19 -100.66 275.91 -36.49
C SER FA 19 -101.36 274.87 -37.36
N PHE FA 20 -100.57 273.96 -37.92
CA PHE FA 20 -101.05 272.90 -38.78
C PHE FA 20 -100.97 271.56 -38.06
N ASP FA 21 -101.44 270.51 -38.73
CA ASP FA 21 -101.43 269.17 -38.16
C ASP FA 21 -100.17 268.41 -38.57
N PHE FA 22 -100.30 267.12 -38.86
CA PHE FA 22 -99.18 266.29 -39.26
C PHE FA 22 -99.47 265.50 -40.52
N HIS FA 23 -100.52 265.83 -41.26
CA HIS FA 23 -100.88 265.13 -42.49
C HIS FA 23 -100.62 265.98 -43.73
N GLY FA 24 -101.26 267.14 -43.82
CA GLY FA 24 -101.08 268.01 -44.96
C GLY FA 24 -102.36 268.62 -45.48
N ARG FA 25 -103.49 268.15 -44.96
CA ARG FA 25 -104.82 268.63 -45.35
C ARG FA 25 -105.60 269.09 -44.13
N ARG FA 26 -104.90 269.66 -43.15
CA ARG FA 26 -105.54 270.14 -41.94
C ARG FA 26 -104.75 271.32 -41.39
N MET FA 27 -105.46 272.35 -40.95
CA MET FA 27 -104.83 273.55 -40.40
C MET FA 27 -105.78 274.19 -39.41
N ALA FA 28 -105.31 274.42 -38.20
CA ALA FA 28 -106.12 275.02 -37.14
C ALA FA 28 -105.83 276.52 -37.05
N THR FA 29 -106.86 277.28 -36.66
CA THR FA 29 -106.75 278.72 -36.51
C THR FA 29 -107.50 279.15 -35.27
N CYS FA 30 -106.98 280.17 -34.60
CA CYS FA 30 -107.58 280.71 -33.38
C CYS FA 30 -107.41 282.21 -33.35
N SER FA 31 -108.52 282.94 -33.28
CA SER FA 31 -108.54 284.39 -33.24
C SER FA 31 -108.93 284.86 -31.85
N SER FA 32 -109.16 286.16 -31.71
CA SER FA 32 -109.54 286.77 -30.45
C SER FA 32 -111.05 286.88 -30.27
N ASP FA 33 -111.83 286.25 -31.16
CA ASP FA 33 -113.28 286.29 -31.09
C ASP FA 33 -113.88 285.02 -30.47
N GLN FA 34 -113.07 284.26 -29.72
CA GLN FA 34 -113.50 283.02 -29.07
C GLN FA 34 -114.05 282.02 -30.10
N SER FA 35 -113.19 281.67 -31.05
CA SER FA 35 -113.56 280.74 -32.10
C SER FA 35 -112.33 279.94 -32.52
N VAL FA 36 -112.53 278.67 -32.80
CA VAL FA 36 -111.45 277.76 -33.21
C VAL FA 36 -111.85 277.19 -34.56
N LYS FA 37 -111.33 277.77 -35.65
CA LYS FA 37 -111.64 277.32 -36.99
C LYS FA 37 -110.61 276.30 -37.45
N VAL FA 38 -111.07 275.30 -38.17
CA VAL FA 38 -110.22 274.23 -38.70
C VAL FA 38 -110.38 274.20 -40.21
N TRP FA 39 -109.26 274.31 -40.92
CA TRP FA 39 -109.25 274.31 -42.37
C TRP FA 39 -108.93 272.91 -42.90
N ASP FA 40 -109.34 272.67 -44.14
CA ASP FA 40 -109.11 271.38 -44.80
C ASP FA 40 -108.75 271.63 -46.25
N LYS FA 41 -107.63 271.05 -46.69
CA LYS FA 41 -107.17 271.20 -48.07
C LYS FA 41 -107.76 270.09 -48.94
N SER FA 42 -108.17 270.48 -50.14
CA SER FA 42 -108.76 269.55 -51.10
C SER FA 42 -107.66 268.96 -51.99
N GLU FA 43 -108.07 268.31 -53.08
CA GLU FA 43 -107.10 267.72 -54.00
C GLU FA 43 -106.48 268.75 -54.93
N SER FA 44 -107.14 269.88 -55.17
CA SER FA 44 -106.63 270.91 -56.04
C SER FA 44 -105.79 271.95 -55.31
N GLY FA 45 -105.59 271.79 -54.00
CA GLY FA 45 -104.81 272.72 -53.23
C GLY FA 45 -105.59 273.84 -52.56
N ASP FA 46 -106.90 273.91 -52.78
CA ASP FA 46 -107.72 274.95 -52.17
C ASP FA 46 -108.03 274.60 -50.72
N TRP FA 47 -108.00 275.62 -49.87
CA TRP FA 47 -108.28 275.46 -48.45
C TRP FA 47 -109.76 275.73 -48.18
N HIS FA 48 -110.45 274.78 -47.58
CA HIS FA 48 -111.86 274.90 -47.26
C HIS FA 48 -112.07 274.76 -45.76
N CYS FA 49 -113.08 275.44 -45.25
CA CYS FA 49 -113.39 275.39 -43.82
C CYS FA 49 -114.10 274.09 -43.48
N THR FA 50 -113.59 273.40 -42.47
CA THR FA 50 -114.15 272.13 -42.01
C THR FA 50 -115.09 272.29 -40.82
N ALA FA 51 -114.60 272.92 -39.75
CA ALA FA 51 -115.41 273.13 -38.56
C ALA FA 51 -114.97 274.42 -37.88
N SER FA 52 -115.94 275.13 -37.31
CA SER FA 52 -115.66 276.40 -36.62
C SER FA 52 -116.72 276.62 -35.56
N TRP FA 53 -116.29 276.62 -34.29
CA TRP FA 53 -117.20 276.82 -33.18
C TRP FA 53 -116.44 277.50 -32.04
N LYS FA 54 -117.16 277.82 -30.97
CA LYS FA 54 -116.58 278.46 -29.81
C LYS FA 54 -116.01 277.43 -28.85
N THR FA 55 -114.84 277.72 -28.30
CA THR FA 55 -114.17 276.83 -27.36
C THR FA 55 -113.98 277.42 -25.97
N HIS FA 56 -113.94 278.75 -25.86
CA HIS FA 56 -113.75 279.41 -24.56
C HIS FA 56 -114.54 280.72 -24.57
N SER FA 57 -114.38 281.50 -23.50
CA SER FA 57 -115.06 282.77 -23.36
C SER FA 57 -114.14 283.97 -23.57
N GLY FA 58 -112.84 283.77 -23.59
CA GLY FA 58 -111.88 284.84 -23.78
C GLY FA 58 -111.29 284.85 -25.18
N SER FA 59 -110.16 285.53 -25.31
CA SER FA 59 -109.44 285.65 -26.58
C SER FA 59 -108.42 284.53 -26.68
N VAL FA 60 -108.57 283.67 -27.69
CA VAL FA 60 -107.65 282.56 -27.89
C VAL FA 60 -106.35 283.08 -28.49
N TRP FA 61 -105.22 282.69 -27.89
CA TRP FA 61 -103.91 283.10 -28.35
C TRP FA 61 -103.04 281.93 -28.78
N ARG FA 62 -102.98 280.87 -27.97
CA ARG FA 62 -102.18 279.70 -28.28
C ARG FA 62 -103.07 278.59 -28.82
N VAL FA 63 -102.59 277.92 -29.87
CA VAL FA 63 -103.34 276.82 -30.50
C VAL FA 63 -102.37 275.84 -31.12
N THR FA 64 -102.37 274.60 -30.64
CA THR FA 64 -101.48 273.57 -31.15
C THR FA 64 -102.24 272.26 -31.26
N TRP FA 65 -101.94 271.49 -32.30
CA TRP FA 65 -102.59 270.21 -32.55
C TRP FA 65 -101.67 269.08 -32.13
N ALA FA 66 -102.27 268.01 -31.60
CA ALA FA 66 -101.50 266.85 -31.15
C ALA FA 66 -101.15 265.96 -32.34
N HIS FA 67 -100.36 264.93 -32.06
CA HIS FA 67 -99.92 263.98 -33.08
C HIS FA 67 -101.01 262.93 -33.29
N PRO FA 68 -100.80 262.01 -34.23
CA PRO FA 68 -101.80 260.96 -34.50
C PRO FA 68 -101.67 259.72 -33.62
N GLU FA 69 -100.87 259.76 -32.56
CA GLU FA 69 -100.71 258.60 -31.69
C GLU FA 69 -101.92 258.37 -30.79
N PHE FA 70 -102.69 259.42 -30.50
CA PHE FA 70 -103.87 259.29 -29.64
C PHE FA 70 -105.13 259.82 -30.33
N GLY FA 71 -105.13 259.91 -31.65
CA GLY FA 71 -106.27 260.41 -32.39
C GLY FA 71 -106.08 261.82 -32.88
N GLN FA 72 -107.19 262.40 -33.34
CA GLN FA 72 -107.20 263.77 -33.86
C GLN FA 72 -107.58 264.71 -32.73
N VAL FA 73 -106.61 265.00 -31.86
CA VAL FA 73 -106.79 265.89 -30.73
C VAL FA 73 -106.17 267.24 -31.04
N LEU FA 74 -106.69 268.28 -30.40
CA LEU FA 74 -106.21 269.64 -30.61
C LEU FA 74 -106.37 270.42 -29.32
N ALA FA 75 -105.31 271.07 -28.88
CA ALA FA 75 -105.32 271.87 -27.66
C ALA FA 75 -105.45 273.35 -28.01
N SER FA 76 -106.11 274.09 -27.12
CA SER FA 76 -106.32 275.52 -27.31
C SER FA 76 -106.23 276.23 -25.96
N CYS FA 77 -105.65 277.42 -25.98
CA CYS FA 77 -105.49 278.23 -24.78
C CYS FA 77 -106.01 279.63 -25.05
N SER FA 78 -106.81 280.15 -24.12
CA SER FA 78 -107.40 281.48 -24.24
C SER FA 78 -106.97 282.33 -23.04
N PHE FA 79 -107.47 283.56 -23.00
CA PHE FA 79 -107.16 284.50 -21.94
C PHE FA 79 -108.16 284.44 -20.79
N ASP FA 80 -109.07 283.46 -20.80
CA ASP FA 80 -110.06 283.31 -19.75
C ASP FA 80 -109.65 282.31 -18.68
N ARG FA 81 -108.34 282.06 -18.53
CA ARG FA 81 -107.81 281.12 -17.55
C ARG FA 81 -108.39 279.72 -17.74
N THR FA 82 -108.20 279.21 -18.95
CA THR FA 82 -108.71 277.88 -19.30
C THR FA 82 -107.79 277.26 -20.36
N ALA FA 83 -107.81 275.93 -20.41
CA ALA FA 83 -106.99 275.18 -21.37
C ALA FA 83 -107.71 273.86 -21.66
N ALA FA 84 -108.69 273.93 -22.56
CA ALA FA 84 -109.47 272.76 -22.94
C ALA FA 84 -108.85 272.09 -24.16
N VAL FA 85 -109.20 270.81 -24.34
CA VAL FA 85 -108.71 270.00 -25.45
C VAL FA 85 -109.91 269.46 -26.20
N TRP FA 86 -109.97 269.72 -27.50
CA TRP FA 86 -111.05 269.26 -28.36
C TRP FA 86 -110.66 267.99 -29.09
N GLU FA 87 -111.66 267.18 -29.42
CA GLU FA 87 -111.46 265.92 -30.13
C GLU FA 87 -112.33 265.91 -31.37
N GLU FA 88 -111.73 265.62 -32.52
CA GLU FA 88 -112.46 265.57 -33.78
C GLU FA 88 -113.25 264.27 -33.87
N ILE FA 89 -114.52 264.37 -34.27
CA ILE FA 89 -115.41 263.23 -34.41
C ILE FA 89 -115.77 263.08 -35.88
N VAL FA 90 -115.73 261.85 -36.37
CA VAL FA 90 -116.06 261.57 -37.77
C VAL FA 90 -117.55 261.32 -37.98
N GLY FA 91 -118.35 261.34 -36.92
CA GLY FA 91 -119.77 261.10 -37.05
C GLY FA 91 -120.59 262.38 -37.02
N GLU FA 92 -119.99 263.47 -37.48
CA GLU FA 92 -120.66 264.77 -37.52
C GLU FA 92 -120.45 265.41 -38.88
N SER FA 93 -121.35 266.33 -39.23
CA SER FA 93 -121.27 267.02 -40.50
C SER FA 93 -120.25 268.16 -40.43
N ASN FA 94 -119.82 268.60 -41.61
CA ASN FA 94 -118.84 269.67 -41.70
C ASN FA 94 -119.52 271.03 -41.56
N ASP FA 95 -118.83 271.95 -40.88
CA ASP FA 95 -119.34 273.31 -40.64
C ASP FA 95 -120.69 273.28 -39.93
N LYS FA 96 -120.77 272.49 -38.86
CA LYS FA 96 -121.99 272.36 -38.08
C LYS FA 96 -121.79 272.72 -36.61
N LEU FA 97 -120.60 273.16 -36.22
CA LEU FA 97 -120.31 273.53 -34.83
C LEU FA 97 -120.57 272.36 -33.87
N ARG FA 98 -120.21 271.16 -34.30
CA ARG FA 98 -120.43 269.98 -33.47
C ARG FA 98 -119.42 268.87 -33.70
N GLY FA 99 -118.49 269.02 -34.65
CA GLY FA 99 -117.51 267.99 -34.91
C GLY FA 99 -116.33 267.95 -33.96
N GLN FA 100 -116.18 268.98 -33.12
CA GLN FA 100 -115.09 269.06 -32.15
C GLN FA 100 -115.69 269.07 -30.75
N SER FA 101 -115.69 267.91 -30.11
CA SER FA 101 -116.22 267.77 -28.76
C SER FA 101 -115.13 268.02 -27.72
N HIS FA 102 -115.50 268.66 -26.63
CA HIS FA 102 -114.56 268.96 -25.57
C HIS FA 102 -114.30 267.73 -24.72
N TRP FA 103 -113.02 267.38 -24.57
CA TRP FA 103 -112.64 266.21 -23.78
C TRP FA 103 -112.44 266.56 -22.31
N VAL FA 104 -111.60 267.54 -22.02
CA VAL FA 104 -111.32 267.98 -20.66
C VAL FA 104 -111.14 269.49 -20.66
N LYS FA 105 -110.85 270.05 -19.49
CA LYS FA 105 -110.65 271.49 -19.34
C LYS FA 105 -109.71 271.73 -18.18
N ARG FA 106 -108.56 272.36 -18.47
CA ARG FA 106 -107.56 272.65 -17.44
C ARG FA 106 -107.73 274.11 -17.02
N THR FA 107 -108.65 274.31 -16.06
CA THR FA 107 -108.93 275.64 -15.54
C THR FA 107 -108.87 275.75 -14.02
N THR FA 108 -108.94 274.64 -13.29
CA THR FA 108 -108.88 274.65 -11.84
C THR FA 108 -107.51 274.30 -11.30
N LEU FA 109 -106.48 274.33 -12.15
CA LEU FA 109 -105.13 274.02 -11.71
C LEU FA 109 -104.47 275.23 -11.07
N VAL FA 110 -103.25 275.02 -10.56
CA VAL FA 110 -102.53 276.11 -9.93
C VAL FA 110 -101.90 277.04 -10.97
N ASP FA 111 -101.47 276.49 -12.11
CA ASP FA 111 -100.87 277.31 -13.16
C ASP FA 111 -101.90 277.93 -14.09
N SER FA 112 -103.16 277.52 -14.00
CA SER FA 112 -104.23 278.05 -14.85
C SER FA 112 -105.03 279.15 -14.15
N ARG FA 113 -104.40 279.88 -13.23
CA ARG FA 113 -105.08 280.95 -12.52
C ARG FA 113 -105.02 282.28 -13.25
N THR FA 114 -104.15 282.42 -14.25
CA THR FA 114 -104.01 283.64 -15.02
C THR FA 114 -104.30 283.35 -16.50
N SER FA 115 -104.12 284.36 -17.33
CA SER FA 115 -104.35 284.23 -18.76
C SER FA 115 -103.21 283.47 -19.42
N VAL FA 116 -103.57 282.51 -20.28
CA VAL FA 116 -102.58 281.72 -20.99
C VAL FA 116 -102.20 282.42 -22.28
N THR FA 117 -101.04 282.06 -22.80
CA THR FA 117 -100.54 282.65 -24.05
C THR FA 117 -99.66 281.67 -24.81
N ASP FA 118 -99.14 280.66 -24.12
CA ASP FA 118 -98.28 279.65 -24.71
C ASP FA 118 -98.80 278.27 -24.34
N VAL FA 119 -99.01 277.42 -25.34
CA VAL FA 119 -99.50 276.07 -25.12
C VAL FA 119 -99.06 275.18 -26.28
N LYS FA 120 -98.15 274.25 -26.00
CA LYS FA 120 -97.64 273.34 -27.02
C LYS FA 120 -97.59 271.93 -26.45
N PHE FA 121 -97.74 270.95 -27.33
CA PHE FA 121 -97.71 269.55 -26.94
C PHE FA 121 -96.30 268.98 -27.07
N ALA FA 122 -96.07 267.86 -26.37
CA ALA FA 122 -94.77 267.20 -26.40
C ALA FA 122 -94.73 266.18 -27.54
N PRO FA 123 -93.67 265.40 -27.64
CA PRO FA 123 -93.57 264.40 -28.72
C PRO FA 123 -94.38 263.16 -28.39
N LYS FA 124 -94.50 262.28 -29.39
CA LYS FA 124 -95.23 261.04 -29.25
C LYS FA 124 -94.42 259.94 -28.57
N HIS FA 125 -93.12 260.13 -28.39
CA HIS FA 125 -92.28 259.13 -27.75
C HIS FA 125 -92.41 259.13 -26.24
N MET FA 126 -92.94 260.20 -25.65
CA MET FA 126 -93.11 260.32 -24.21
C MET FA 126 -94.58 260.29 -23.79
N GLY FA 127 -95.46 259.85 -24.68
CA GLY FA 127 -96.88 259.79 -24.37
C GLY FA 127 -97.62 261.05 -24.78
N LEU FA 128 -98.86 261.14 -24.29
CA LEU FA 128 -99.73 262.28 -24.58
C LEU FA 128 -99.49 263.34 -23.52
N MET FA 129 -98.39 264.06 -23.67
CA MET FA 129 -98.00 265.13 -22.76
C MET FA 129 -98.08 266.48 -23.47
N LEU FA 130 -98.34 267.52 -22.68
CA LEU FA 130 -98.44 268.88 -23.20
C LEU FA 130 -98.05 269.86 -22.13
N ALA FA 131 -97.45 270.98 -22.55
CA ALA FA 131 -97.00 272.03 -21.65
C ALA FA 131 -97.81 273.29 -21.91
N THR FA 132 -97.97 274.10 -20.85
CA THR FA 132 -98.70 275.35 -20.93
C THR FA 132 -98.04 276.38 -20.04
N CYS FA 133 -97.92 277.60 -20.54
CA CYS FA 133 -97.31 278.71 -19.81
C CYS FA 133 -98.28 279.88 -19.80
N SER FA 134 -98.84 280.19 -18.64
CA SER FA 134 -99.78 281.27 -18.48
C SER FA 134 -99.06 282.54 -18.01
N ALA FA 135 -99.82 283.54 -17.59
CA ALA FA 135 -99.26 284.79 -17.12
C ALA FA 135 -98.84 284.74 -15.65
N ASP FA 136 -99.11 283.63 -14.96
CA ASP FA 136 -98.73 283.51 -13.56
C ASP FA 136 -97.28 283.11 -13.36
N GLY FA 137 -96.58 282.72 -14.42
CA GLY FA 137 -95.19 282.33 -14.31
C GLY FA 137 -94.96 280.88 -13.92
N ILE FA 138 -95.98 280.03 -13.99
CA ILE FA 138 -95.86 278.62 -13.64
C ILE FA 138 -96.11 277.81 -14.90
N VAL FA 139 -95.12 277.03 -15.30
CA VAL FA 139 -95.20 276.19 -16.49
C VAL FA 139 -95.58 274.78 -16.03
N ARG FA 140 -96.83 274.40 -16.29
CA ARG FA 140 -97.33 273.09 -15.92
C ARG FA 140 -97.18 272.10 -17.07
N ILE FA 141 -97.22 270.82 -16.73
CA ILE FA 141 -97.10 269.73 -17.70
C ILE FA 141 -98.29 268.81 -17.51
N TYR FA 142 -99.18 268.77 -18.50
CA TYR FA 142 -100.38 267.93 -18.46
C TYR FA 142 -100.12 266.67 -19.28
N GLU FA 143 -100.02 265.53 -18.60
CA GLU FA 143 -99.78 264.25 -19.25
C GLU FA 143 -100.89 263.29 -18.87
N ALA FA 144 -101.45 262.61 -19.87
CA ALA FA 144 -102.52 261.65 -19.63
C ALA FA 144 -101.94 260.27 -19.39
N PRO FA 145 -102.32 259.59 -18.30
CA PRO FA 145 -101.76 258.26 -18.03
C PRO FA 145 -102.46 257.18 -18.85
N ASP FA 146 -103.77 257.31 -19.02
CA ASP FA 146 -104.55 256.34 -19.79
C ASP FA 146 -104.67 256.81 -21.23
N VAL FA 147 -104.30 255.92 -22.17
CA VAL FA 147 -104.36 256.27 -23.58
C VAL FA 147 -105.79 256.15 -24.10
N MET FA 148 -106.61 255.29 -23.49
CA MET FA 148 -107.99 255.13 -23.95
C MET FA 148 -108.89 256.23 -23.42
N ASN FA 149 -108.55 256.82 -22.27
CA ASN FA 149 -109.34 257.89 -21.67
C ASN FA 149 -108.72 259.23 -22.04
N LEU FA 150 -109.43 260.02 -22.85
CA LEU FA 150 -108.95 261.32 -23.29
C LEU FA 150 -109.29 262.44 -22.31
N SER FA 151 -110.04 262.15 -21.26
CA SER FA 151 -110.41 263.15 -20.26
C SER FA 151 -109.63 263.01 -18.96
N GLN FA 152 -108.77 262.00 -18.84
CA GLN FA 152 -107.98 261.79 -17.63
C GLN FA 152 -106.64 262.50 -17.77
N TRP FA 153 -106.68 263.82 -17.65
CA TRP FA 153 -105.51 264.67 -17.76
C TRP FA 153 -105.11 265.13 -16.36
N SER FA 154 -103.96 264.65 -15.89
CA SER FA 154 -103.45 264.99 -14.56
C SER FA 154 -102.16 265.81 -14.71
N LEU FA 155 -101.89 266.60 -13.68
CA LEU FA 155 -100.69 267.43 -13.66
C LEU FA 155 -99.46 266.59 -13.31
N GLN FA 156 -98.40 266.75 -14.10
CA GLN FA 156 -97.16 266.01 -13.89
C GLN FA 156 -96.14 266.80 -13.08
N HIS FA 157 -95.85 268.04 -13.49
CA HIS FA 157 -94.89 268.87 -12.78
C HIS FA 157 -95.27 270.33 -12.96
N GLU FA 158 -94.76 271.17 -12.06
CA GLU FA 158 -95.03 272.60 -12.10
C GLU FA 158 -93.86 273.34 -11.47
N ILE FA 159 -93.18 274.16 -12.27
CA ILE FA 159 -92.04 274.93 -11.81
C ILE FA 159 -92.27 276.40 -12.16
N SER FA 160 -91.59 277.27 -11.42
CA SER FA 160 -91.70 278.70 -11.64
C SER FA 160 -90.78 279.14 -12.76
N CYS FA 161 -91.15 280.26 -13.40
CA CYS FA 161 -90.37 280.80 -14.51
C CYS FA 161 -89.54 282.00 -14.04
N LYS FA 162 -90.21 283.08 -13.67
CA LYS FA 162 -89.54 284.30 -13.21
C LYS FA 162 -89.80 284.62 -11.74
N LEU FA 163 -91.06 284.67 -11.26
CA LEU FA 163 -92.29 284.42 -12.01
C LEU FA 163 -93.16 285.67 -12.05
N SER FA 164 -93.19 286.35 -13.19
CA SER FA 164 -93.99 287.56 -13.35
C SER FA 164 -95.02 287.39 -14.46
N CYS FA 165 -95.52 288.49 -14.99
CA CYS FA 165 -96.52 288.49 -16.05
C CYS FA 165 -95.94 289.17 -17.27
N SER FA 166 -95.55 288.39 -18.26
CA SER FA 166 -94.96 288.92 -19.49
C SER FA 166 -95.31 287.97 -20.63
N CYS FA 167 -94.54 288.01 -21.70
CA CYS FA 167 -94.77 287.14 -22.85
C CYS FA 167 -94.26 285.74 -22.58
N ILE FA 168 -95.05 284.75 -22.97
CA ILE FA 168 -94.71 283.34 -22.79
C ILE FA 168 -94.58 282.68 -24.16
N SER FA 169 -93.65 281.73 -24.26
CA SER FA 169 -93.42 281.02 -25.51
C SER FA 169 -92.89 279.64 -25.18
N TRP FA 170 -93.69 278.60 -25.44
CA TRP FA 170 -93.31 277.23 -25.17
C TRP FA 170 -92.74 276.59 -26.43
N ASN FA 171 -91.70 275.77 -26.25
CA ASN FA 171 -91.06 275.09 -27.36
C ASN FA 171 -90.43 273.79 -26.89
N PRO FA 172 -91.00 272.64 -27.26
CA PRO FA 172 -90.40 271.37 -26.83
C PRO FA 172 -89.47 270.78 -27.87
N SER FA 173 -88.56 269.91 -27.43
CA SER FA 173 -87.60 269.29 -28.34
C SER FA 173 -88.26 268.13 -29.08
N SER FA 174 -88.12 268.11 -30.40
CA SER FA 174 -88.71 267.07 -31.23
C SER FA 174 -87.74 265.92 -31.50
N SER FA 175 -86.58 265.92 -30.85
CA SER FA 175 -85.60 264.85 -31.04
C SER FA 175 -86.00 263.62 -30.24
N ARG FA 176 -86.20 262.49 -30.93
CA ARG FA 176 -86.59 261.26 -30.28
C ARG FA 176 -85.41 260.50 -29.69
N ALA FA 177 -84.20 260.75 -30.18
CA ALA FA 177 -83.00 260.07 -29.71
C ALA FA 177 -82.23 260.91 -28.69
N HIS FA 178 -82.90 261.84 -28.01
CA HIS FA 178 -82.28 262.70 -27.02
C HIS FA 178 -83.10 262.65 -25.74
N SER FA 179 -82.67 263.44 -24.76
CA SER FA 179 -83.36 263.51 -23.47
C SER FA 179 -84.59 264.41 -23.57
N PRO FA 180 -85.47 264.36 -22.58
CA PRO FA 180 -86.68 265.19 -22.61
C PRO FA 180 -86.36 266.61 -22.16
N MET FA 181 -86.32 267.53 -23.12
CA MET FA 181 -86.03 268.93 -22.86
C MET FA 181 -87.09 269.80 -23.52
N ILE FA 182 -87.27 270.99 -22.97
CA ILE FA 182 -88.24 271.95 -23.49
C ILE FA 182 -87.74 273.36 -23.19
N ALA FA 183 -87.96 274.27 -24.13
CA ALA FA 183 -87.53 275.65 -24.00
C ALA FA 183 -88.73 276.53 -23.64
N VAL FA 184 -88.50 277.50 -22.76
CA VAL FA 184 -89.53 278.43 -22.32
C VAL FA 184 -88.94 279.83 -22.27
N GLY FA 185 -89.69 280.79 -22.79
CA GLY FA 185 -89.27 282.19 -22.81
C GLY FA 185 -90.17 283.05 -21.95
N SER FA 186 -89.56 283.98 -21.22
CA SER FA 186 -90.29 284.88 -20.33
C SER FA 186 -89.60 286.24 -20.37
N ASP FA 187 -90.21 287.20 -21.06
CA ASP FA 187 -89.69 288.56 -21.20
C ASP FA 187 -88.30 288.46 -21.86
N ASP FA 188 -87.25 289.04 -21.29
CA ASP FA 188 -85.92 288.97 -21.87
C ASP FA 188 -85.20 287.66 -21.57
N SER FA 189 -85.70 286.87 -20.62
CA SER FA 189 -85.08 285.60 -20.26
C SER FA 189 -85.58 284.49 -21.17
N SER FA 190 -84.71 283.51 -21.41
CA SER FA 190 -85.04 282.37 -22.27
C SER FA 190 -84.33 281.13 -21.74
N PRO FA 191 -84.87 280.53 -20.69
CA PRO FA 191 -84.26 279.32 -20.13
C PRO FA 191 -84.66 278.07 -20.89
N ASN FA 192 -83.96 276.98 -20.59
CA ASN FA 192 -84.19 275.68 -21.22
C ASN FA 192 -84.20 274.62 -20.13
N ALA FA 193 -85.38 274.09 -19.81
CA ALA FA 193 -85.53 273.07 -18.80
C ALA FA 193 -85.32 271.68 -19.40
N MET FA 194 -84.70 270.80 -18.63
CA MET FA 194 -84.42 269.45 -19.07
C MET FA 194 -84.77 268.47 -17.95
N ALA FA 195 -85.27 267.30 -18.31
CA ALA FA 195 -85.63 266.28 -17.34
C ALA FA 195 -84.38 265.59 -16.81
N LYS FA 196 -84.32 265.40 -15.50
CA LYS FA 196 -83.19 264.75 -14.86
C LYS FA 196 -83.44 263.24 -14.77
N VAL FA 197 -82.77 262.59 -13.83
CA VAL FA 197 -82.91 261.15 -13.64
C VAL FA 197 -83.83 260.87 -12.47
N GLN FA 198 -84.46 261.93 -11.94
CA GLN FA 198 -85.36 261.81 -10.81
C GLN FA 198 -86.82 261.97 -11.24
N ILE FA 199 -87.25 261.17 -12.22
CA ILE FA 199 -88.62 261.28 -12.69
C ILE FA 199 -89.61 260.84 -11.62
N PHE FA 200 -89.28 259.79 -10.87
CA PHE FA 200 -90.16 259.32 -9.81
C PHE FA 200 -90.26 260.35 -8.68
N GLU FA 201 -89.20 261.11 -8.44
CA GLU FA 201 -89.24 262.14 -7.41
C GLU FA 201 -89.95 263.40 -7.90
N TYR FA 202 -89.85 263.71 -9.18
CA TYR FA 202 -90.53 264.88 -9.73
C TYR FA 202 -92.03 264.63 -9.89
N ASN FA 203 -92.41 263.38 -10.13
CA ASN FA 203 -93.82 263.03 -10.30
C ASN FA 203 -94.54 262.81 -8.97
N GLU FA 204 -93.81 262.82 -7.85
CA GLU FA 204 -94.41 262.61 -6.53
C GLU FA 204 -94.43 263.89 -5.70
N ASN FA 205 -94.38 265.06 -6.36
CA ASN FA 205 -94.41 266.36 -5.71
C ASN FA 205 -93.26 266.48 -4.69
N THR FA 206 -92.06 266.59 -5.24
CA THR FA 206 -90.88 266.71 -4.40
C THR FA 206 -89.75 267.51 -5.05
N ARG FA 207 -89.88 267.93 -6.31
CA ARG FA 207 -88.86 268.69 -7.00
C ARG FA 207 -89.31 270.13 -7.17
N LYS FA 208 -88.45 271.07 -6.80
CA LYS FA 208 -88.77 272.49 -6.91
C LYS FA 208 -88.62 272.97 -8.36
N TYR FA 209 -87.48 273.57 -8.66
CA TYR FA 209 -87.19 274.08 -10.00
C TYR FA 209 -86.19 273.18 -10.70
N ALA FA 210 -86.12 273.33 -12.02
CA ALA FA 210 -85.20 272.53 -12.84
C ALA FA 210 -84.82 273.35 -14.05
N LYS FA 211 -83.53 273.67 -14.18
CA LYS FA 211 -83.02 274.44 -15.30
C LYS FA 211 -81.66 273.87 -15.72
N ALA FA 212 -81.47 273.77 -17.04
CA ALA FA 212 -80.24 273.24 -17.60
C ALA FA 212 -79.37 274.34 -18.21
N GLU FA 213 -79.91 275.08 -19.17
CA GLU FA 213 -79.18 276.17 -19.83
C GLU FA 213 -80.11 277.35 -20.00
N THR FA 214 -79.57 278.46 -20.51
CA THR FA 214 -80.34 279.66 -20.73
C THR FA 214 -79.76 280.40 -21.93
N LEU FA 215 -80.64 280.89 -22.80
CA LEU FA 215 -80.23 281.64 -23.99
C LEU FA 215 -80.17 283.12 -23.66
N MET FA 216 -78.96 283.68 -23.66
CA MET FA 216 -78.77 285.09 -23.35
C MET FA 216 -78.78 285.92 -24.62
N THR FA 217 -78.08 287.07 -24.58
CA THR FA 217 -77.99 287.98 -25.72
C THR FA 217 -79.37 288.40 -26.22
N VAL FA 218 -80.20 288.83 -25.28
CA VAL FA 218 -81.56 289.27 -25.57
C VAL FA 218 -81.79 290.57 -24.81
N THR FA 219 -81.93 291.68 -25.53
CA THR FA 219 -82.15 292.98 -24.94
C THR FA 219 -83.61 293.41 -24.98
N ASP FA 220 -84.51 292.52 -25.40
CA ASP FA 220 -85.93 292.83 -25.46
C ASP FA 220 -86.76 291.58 -25.17
N PRO FA 221 -88.08 291.67 -25.22
CA PRO FA 221 -88.91 290.49 -24.95
C PRO FA 221 -89.00 289.58 -26.17
N VAL FA 222 -88.95 288.28 -25.90
CA VAL FA 222 -89.03 287.28 -26.95
C VAL FA 222 -90.49 287.10 -27.37
N HIS FA 223 -90.75 287.22 -28.67
CA HIS FA 223 -92.10 287.06 -29.18
C HIS FA 223 -92.42 285.63 -29.59
N ASP FA 224 -91.43 284.91 -30.14
CA ASP FA 224 -91.64 283.53 -30.56
C ASP FA 224 -90.33 282.76 -30.35
N ILE FA 225 -90.48 281.46 -30.12
CA ILE FA 225 -89.34 280.58 -29.90
C ILE FA 225 -89.72 279.17 -30.33
N ALA FA 226 -88.86 278.55 -31.13
CA ALA FA 226 -89.11 277.20 -31.61
C ALA FA 226 -87.79 276.46 -31.74
N PHE FA 227 -87.82 275.16 -31.47
CA PHE FA 227 -86.65 274.31 -31.54
C PHE FA 227 -86.68 273.49 -32.83
N ALA FA 228 -85.58 273.52 -33.58
CA ALA FA 228 -85.50 272.78 -34.82
C ALA FA 228 -85.29 271.29 -34.57
N PRO FA 229 -85.76 270.43 -35.46
CA PRO FA 229 -85.58 268.98 -35.27
C PRO FA 229 -84.17 268.55 -35.66
N ASN FA 230 -83.51 267.82 -34.75
CA ASN FA 230 -82.15 267.34 -34.99
C ASN FA 230 -82.23 266.02 -35.75
N LEU FA 231 -82.42 266.13 -37.06
CA LEU FA 231 -82.51 264.97 -37.95
C LEU FA 231 -81.14 264.73 -38.57
N GLY FA 232 -80.39 263.79 -38.01
CA GLY FA 232 -79.08 263.45 -38.48
C GLY FA 232 -77.94 264.12 -37.74
N ARG FA 233 -78.20 265.27 -37.11
CA ARG FA 233 -77.19 266.00 -36.38
C ARG FA 233 -77.23 265.63 -34.90
N SER FA 234 -76.06 265.68 -34.25
CA SER FA 234 -75.93 265.35 -32.84
C SER FA 234 -76.12 266.57 -31.93
N PHE FA 235 -76.39 267.74 -32.50
CA PHE FA 235 -76.57 268.96 -31.72
C PHE FA 235 -77.99 269.48 -31.92
N HIS FA 236 -78.40 270.35 -31.00
CA HIS FA 236 -79.73 270.96 -31.04
C HIS FA 236 -79.66 272.36 -31.61
N ILE FA 237 -80.81 272.83 -32.10
CA ILE FA 237 -80.93 274.16 -32.69
C ILE FA 237 -82.26 274.76 -32.27
N LEU FA 238 -82.23 275.94 -31.68
CA LEU FA 238 -83.43 276.64 -31.22
C LEU FA 238 -83.35 278.09 -31.67
N ALA FA 239 -84.30 278.51 -32.49
CA ALA FA 239 -84.34 279.88 -32.99
C ALA FA 239 -85.19 280.75 -32.07
N ILE FA 240 -84.74 281.98 -31.86
CA ILE FA 240 -85.43 282.94 -31.00
C ILE FA 240 -85.84 284.14 -31.85
N ALA FA 241 -86.95 284.76 -31.44
CA ALA FA 241 -87.50 285.94 -32.13
C ALA FA 241 -87.72 287.03 -31.08
N THR FA 242 -86.70 287.85 -30.87
CA THR FA 242 -86.77 288.93 -29.90
C THR FA 242 -87.31 290.20 -30.56
N LYS FA 243 -87.66 291.18 -29.72
CA LYS FA 243 -88.19 292.45 -30.17
C LYS FA 243 -87.10 293.50 -30.40
N ASP FA 244 -85.83 293.12 -30.32
CA ASP FA 244 -84.72 294.04 -30.51
C ASP FA 244 -84.15 293.96 -31.93
N VAL FA 245 -84.96 293.49 -32.89
CA VAL FA 245 -84.55 293.37 -34.29
C VAL FA 245 -83.30 292.51 -34.40
N ARG FA 246 -83.36 291.30 -33.86
CA ARG FA 246 -82.22 290.38 -33.89
C ARG FA 246 -82.74 288.96 -33.80
N ILE FA 247 -82.42 288.15 -34.80
CA ILE FA 247 -82.86 286.75 -34.85
C ILE FA 247 -81.70 285.84 -34.49
N PHE FA 248 -81.50 285.60 -33.21
CA PHE FA 248 -80.43 284.73 -32.74
C PHE FA 248 -80.82 283.26 -32.91
N THR FA 249 -79.81 282.40 -32.88
CA THR FA 249 -80.00 280.97 -33.04
C THR FA 249 -79.03 280.23 -32.14
N LEU FA 250 -79.54 279.60 -31.10
CA LEU FA 250 -78.72 278.84 -30.16
C LEU FA 250 -78.30 277.51 -30.77
N LYS FA 251 -77.23 276.94 -30.24
CA LYS FA 251 -76.69 275.67 -30.70
C LYS FA 251 -76.20 274.87 -29.49
N PRO FA 252 -76.98 273.91 -29.01
CA PRO FA 252 -76.54 273.13 -27.85
C PRO FA 252 -76.06 271.73 -28.24
N VAL FA 253 -74.95 271.30 -27.64
CA VAL FA 253 -74.39 269.98 -27.92
C VAL FA 253 -73.79 269.40 -26.65
N ARG FA 254 -74.60 268.63 -25.90
CA ARG FA 254 -74.14 268.02 -24.66
C ARG FA 254 -74.81 266.68 -24.43
N LYS FA 255 -75.80 266.36 -25.24
CA LYS FA 255 -76.53 265.10 -25.12
C LYS FA 255 -75.68 263.97 -25.70
N GLU FA 256 -75.35 262.98 -24.87
CA GLU FA 256 -74.56 261.85 -25.32
C GLU FA 256 -74.91 260.59 -24.54
N LEU FA 257 -73.92 259.74 -24.29
CA LEU FA 257 -74.11 258.49 -23.56
C LEU FA 257 -73.37 258.56 -22.23
N THR FA 258 -74.09 258.33 -21.14
CA THR FA 258 -73.51 258.37 -19.80
C THR FA 258 -74.01 257.18 -19.00
N SER FA 259 -73.32 256.90 -17.91
CA SER FA 259 -73.67 255.78 -17.04
C SER FA 259 -74.75 256.21 -16.05
N SER FA 260 -75.22 255.26 -15.25
CA SER FA 260 -76.24 255.53 -14.25
C SER FA 260 -75.62 256.20 -13.03
N GLY FA 261 -76.13 257.37 -12.66
CA GLY FA 261 -75.64 258.12 -11.53
C GLY FA 261 -74.74 259.29 -11.88
N GLY FA 262 -74.41 259.47 -13.15
CA GLY FA 262 -73.56 260.56 -13.57
C GLY FA 262 -74.36 261.81 -13.91
N PRO FA 263 -73.68 262.82 -14.46
CA PRO FA 263 -74.37 264.06 -14.81
C PRO FA 263 -73.90 264.64 -16.14
N THR FA 264 -74.53 265.72 -16.57
CA THR FA 264 -74.16 266.36 -17.83
C THR FA 264 -74.47 267.85 -17.73
N LYS FA 265 -73.59 268.67 -18.29
CA LYS FA 265 -73.72 270.13 -18.29
C LYS FA 265 -74.04 270.60 -19.70
N PHE FA 266 -75.18 271.25 -19.85
CA PHE FA 266 -75.60 271.77 -21.15
C PHE FA 266 -74.81 273.02 -21.50
N GLU FA 267 -74.35 273.11 -22.74
CA GLU FA 267 -73.58 274.24 -23.22
C GLU FA 267 -74.40 275.03 -24.24
N ILE FA 268 -74.15 276.34 -24.27
CA ILE FA 268 -74.83 277.26 -25.17
C ILE FA 268 -73.80 277.90 -26.08
N HIS FA 269 -74.18 278.12 -27.34
CA HIS FA 269 -73.27 278.73 -28.32
C HIS FA 269 -74.11 279.46 -29.36
N ILE FA 270 -73.79 280.73 -29.59
CA ILE FA 270 -74.51 281.53 -30.57
C ILE FA 270 -73.99 281.19 -31.96
N VAL FA 271 -74.90 280.82 -32.86
CA VAL FA 271 -74.54 280.45 -34.22
C VAL FA 271 -74.44 281.72 -35.07
N ALA FA 272 -75.56 282.39 -35.27
CA ALA FA 272 -75.60 283.61 -36.06
C ALA FA 272 -76.70 284.51 -35.54
N GLN FA 273 -76.70 285.76 -36.00
CA GLN FA 273 -77.70 286.75 -35.60
C GLN FA 273 -78.05 287.58 -36.83
N PHE FA 274 -79.27 287.42 -37.32
CA PHE FA 274 -79.74 288.14 -38.50
C PHE FA 274 -80.51 289.39 -38.08
N ASP FA 275 -80.39 290.44 -38.89
CA ASP FA 275 -81.08 291.70 -38.62
C ASP FA 275 -81.37 292.43 -39.93
N ASN FA 276 -81.79 291.69 -40.95
CA ASN FA 276 -82.11 292.30 -42.24
C ASN FA 276 -83.50 292.89 -42.30
N HIS FA 277 -84.39 292.48 -41.39
CA HIS FA 277 -85.75 293.00 -41.40
C HIS FA 277 -85.83 294.38 -40.76
N ASN FA 278 -84.93 294.68 -39.82
CA ASN FA 278 -84.90 295.98 -39.13
C ASN FA 278 -86.23 296.29 -38.45
N SER FA 279 -86.83 295.26 -37.87
CA SER FA 279 -88.11 295.42 -37.17
C SER FA 279 -88.24 294.30 -36.15
N GLN FA 280 -89.28 294.39 -35.33
CA GLN FA 280 -89.54 293.40 -34.30
C GLN FA 280 -90.12 292.13 -34.93
N VAL FA 281 -89.47 290.99 -34.65
CA VAL FA 281 -89.94 289.73 -35.20
C VAL FA 281 -91.17 289.26 -34.45
N TRP FA 282 -92.07 288.58 -35.16
CA TRP FA 282 -93.31 288.07 -34.59
C TRP FA 282 -93.37 286.54 -34.60
N ARG FA 283 -93.05 285.92 -35.73
CA ARG FA 283 -93.09 284.47 -35.87
C ARG FA 283 -91.74 283.97 -36.36
N VAL FA 284 -91.35 282.79 -35.86
CA VAL FA 284 -90.08 282.17 -36.24
C VAL FA 284 -90.21 280.66 -36.14
N SER FA 285 -90.53 280.01 -37.24
CA SER FA 285 -90.68 278.57 -37.30
C SER FA 285 -89.47 277.93 -37.98
N TRP FA 286 -89.41 276.60 -37.89
CA TRP FA 286 -88.32 275.85 -38.48
C TRP FA 286 -88.84 274.86 -39.53
N ASN FA 287 -88.06 273.83 -39.81
CA ASN FA 287 -88.43 272.81 -40.79
C ASN FA 287 -88.69 271.48 -40.07
N ILE FA 288 -89.09 270.48 -40.85
CA ILE FA 288 -89.38 269.17 -40.29
C ILE FA 288 -88.10 268.38 -40.01
N THR FA 289 -87.00 268.69 -40.67
CA THR FA 289 -85.73 268.00 -40.47
C THR FA 289 -84.61 268.93 -40.03
N GLY FA 290 -84.89 270.21 -39.80
CA GLY FA 290 -83.85 271.13 -39.37
C GLY FA 290 -82.99 271.66 -40.50
N THR FA 291 -83.58 271.92 -41.67
CA THR FA 291 -82.84 272.44 -42.81
C THR FA 291 -83.28 273.81 -43.25
N VAL FA 292 -84.42 274.31 -42.78
CA VAL FA 292 -84.92 275.63 -43.17
C VAL FA 292 -85.49 276.30 -41.93
N LEU FA 293 -85.40 277.64 -41.91
CA LEU FA 293 -85.89 278.44 -40.80
C LEU FA 293 -86.41 279.77 -41.34
N ALA FA 294 -87.66 280.09 -41.01
CA ALA FA 294 -88.28 281.33 -41.44
C ALA FA 294 -88.33 282.33 -40.29
N SER FA 295 -88.45 283.61 -40.67
CA SER FA 295 -88.50 284.69 -39.69
C SER FA 295 -89.30 285.84 -40.29
N SER FA 296 -90.42 286.18 -39.66
CA SER FA 296 -91.29 287.25 -40.11
C SER FA 296 -91.29 288.38 -39.09
N GLY FA 297 -91.17 289.62 -39.57
CA GLY FA 297 -91.16 290.77 -38.69
C GLY FA 297 -92.27 291.75 -38.99
N ASP FA 298 -92.08 293.00 -38.60
CA ASP FA 298 -93.07 294.05 -38.83
C ASP FA 298 -92.86 294.78 -40.15
N ASP FA 299 -91.87 294.38 -40.95
CA ASP FA 299 -91.60 295.02 -42.23
C ASP FA 299 -92.41 294.43 -43.38
N GLY FA 300 -93.18 293.37 -43.13
CA GLY FA 300 -93.97 292.76 -44.17
C GLY FA 300 -93.20 291.86 -45.11
N CYS FA 301 -92.19 291.16 -44.60
CA CYS FA 301 -91.38 290.26 -45.41
C CYS FA 301 -91.03 289.03 -44.60
N VAL FA 302 -90.97 287.87 -45.27
CA VAL FA 302 -90.64 286.60 -44.65
C VAL FA 302 -89.36 286.09 -45.28
N ARG FA 303 -88.28 286.07 -44.49
CA ARG FA 303 -86.98 285.62 -44.96
C ARG FA 303 -86.77 284.16 -44.54
N LEU FA 304 -86.39 283.32 -45.49
CA LEU FA 304 -86.15 281.91 -45.25
C LEU FA 304 -84.64 281.68 -45.14
N TRP FA 305 -84.17 281.31 -43.96
CA TRP FA 305 -82.76 281.06 -43.71
C TRP FA 305 -82.46 279.57 -43.80
N LYS FA 306 -81.27 279.25 -44.28
CA LYS FA 306 -80.83 277.88 -44.43
C LYS FA 306 -79.41 277.73 -43.88
N ALA FA 307 -79.06 276.50 -43.49
CA ALA FA 307 -77.75 276.22 -42.94
C ALA FA 307 -76.71 276.15 -44.06
N ASN FA 308 -75.55 276.76 -43.82
CA ASN FA 308 -74.47 276.76 -44.80
C ASN FA 308 -73.56 275.56 -44.60
N TYR FA 309 -72.25 275.79 -44.71
CA TYR FA 309 -71.26 274.73 -44.54
C TYR FA 309 -70.66 274.69 -43.13
N MET FA 310 -70.24 275.84 -42.61
CA MET FA 310 -69.66 275.94 -41.27
C MET FA 310 -70.69 276.37 -40.23
N ASP FA 311 -71.89 275.79 -40.29
CA ASP FA 311 -72.98 276.10 -39.36
C ASP FA 311 -73.31 277.59 -39.37
N ASN FA 312 -73.47 278.13 -40.57
CA ASN FA 312 -73.79 279.55 -40.77
C ASN FA 312 -75.21 279.69 -41.30
N TRP FA 313 -75.87 280.77 -40.89
CA TRP FA 313 -77.23 281.07 -41.31
C TRP FA 313 -77.19 282.04 -42.48
N LYS FA 314 -77.68 281.61 -43.63
CA LYS FA 314 -77.72 282.42 -44.84
C LYS FA 314 -79.15 282.51 -45.35
N CYS FA 315 -79.58 283.71 -45.70
CA CYS FA 315 -80.93 283.93 -46.22
C CYS FA 315 -81.00 283.46 -47.67
N THR FA 316 -81.72 282.37 -47.91
CA THR FA 316 -81.85 281.82 -49.25
C THR FA 316 -83.05 282.40 -50.01
N GLY FA 317 -83.86 283.23 -49.37
CA GLY FA 317 -85.01 283.81 -50.03
C GLY FA 317 -85.66 284.85 -49.15
N ILE FA 318 -86.49 285.68 -49.79
CA ILE FA 318 -87.21 286.74 -49.10
C ILE FA 318 -88.54 286.98 -49.78
N LEU FA 319 -89.61 286.40 -49.25
CA LEU FA 319 -90.95 286.54 -49.80
C LEU FA 319 -91.69 287.66 -49.07
N LYS FA 320 -92.48 288.41 -49.84
CA LYS FA 320 -93.25 289.52 -49.28
C LYS FA 320 -94.74 289.37 -49.60
N LYS GA 20 -96.46 299.92 -39.27
CA LYS GA 20 -95.92 298.57 -39.29
C LYS GA 20 -96.84 297.60 -38.56
N ASN GA 21 -97.34 296.60 -39.28
CA ASN GA 21 -98.24 295.60 -38.73
C ASN GA 21 -97.46 294.33 -38.38
N GLN GA 22 -97.94 293.64 -37.36
CA GLN GA 22 -97.31 292.39 -36.90
C GLN GA 22 -97.68 291.28 -37.86
N MET GA 23 -96.75 290.90 -38.72
CA MET GA 23 -96.95 289.84 -39.70
C MET GA 23 -96.38 288.53 -39.15
N TYR GA 24 -97.20 287.50 -39.12
CA TYR GA 24 -96.81 286.19 -38.62
C TYR GA 24 -96.88 285.18 -39.77
N PHE GA 25 -95.75 284.56 -40.08
CA PHE GA 25 -95.65 283.56 -41.15
C PHE GA 25 -95.34 282.21 -40.52
N ASP GA 26 -96.24 281.26 -40.67
CA ASP GA 26 -96.07 279.91 -40.13
C ASP GA 26 -95.46 279.03 -41.20
N TRP GA 27 -94.17 278.70 -41.05
CA TRP GA 27 -93.46 277.85 -42.00
C TRP GA 27 -93.89 276.41 -41.77
N GLY GA 28 -94.79 275.92 -42.61
CA GLY GA 28 -95.26 274.56 -42.49
C GLY GA 28 -94.37 273.57 -43.19
N PRO GA 29 -93.90 272.55 -42.46
CA PRO GA 29 -93.04 271.54 -43.08
C PRO GA 29 -93.33 270.14 -42.56
N GLY GA 30 -93.93 270.06 -41.36
CA GLY GA 30 -94.25 268.77 -40.80
C GLY GA 30 -95.44 268.07 -41.43
N GLU GA 31 -96.34 268.84 -42.05
CA GLU GA 31 -97.51 268.29 -42.71
C GLU GA 31 -97.52 268.57 -44.21
N MET GA 32 -97.32 269.82 -44.62
CA MET GA 32 -97.30 270.22 -46.02
C MET GA 32 -96.18 271.22 -46.22
N LEU GA 33 -95.11 270.79 -46.88
CA LEU GA 33 -93.96 271.66 -47.12
C LEU GA 33 -94.19 272.65 -48.26
N VAL GA 34 -95.15 272.40 -49.13
CA VAL GA 34 -95.45 273.29 -50.25
C VAL GA 34 -96.56 274.28 -49.89
N CYS GA 35 -96.90 274.41 -48.61
CA CYS GA 35 -97.95 275.31 -48.15
C CYS GA 35 -97.46 276.01 -46.90
N GLU GA 36 -97.14 277.30 -47.01
CA GLU GA 36 -96.67 278.11 -45.90
C GLU GA 36 -97.73 279.16 -45.59
N THR GA 37 -98.33 279.06 -44.41
CA THR GA 37 -99.37 280.00 -44.00
C THR GA 37 -98.75 281.29 -43.50
N SER GA 38 -99.40 282.41 -43.82
CA SER GA 38 -98.92 283.73 -43.40
C SER GA 38 -100.14 284.60 -43.10
N PHE GA 39 -100.19 285.12 -41.86
CA PHE GA 39 -101.30 285.97 -41.45
C PHE GA 39 -100.79 287.26 -40.83
N ASN GA 40 -101.71 288.07 -40.30
CA ASN GA 40 -101.35 289.34 -39.67
C ASN GA 40 -102.24 289.55 -38.46
N LYS GA 41 -101.62 289.91 -37.32
CA LYS GA 41 -102.36 290.15 -36.08
C LYS GA 41 -102.65 291.64 -35.97
N LYS GA 42 -103.63 292.09 -36.77
CA LYS GA 42 -104.02 293.49 -36.78
C LYS GA 42 -105.52 293.57 -37.09
N GLU GA 43 -106.06 294.78 -36.94
CA GLU GA 43 -107.48 295.00 -37.19
C GLU GA 43 -107.74 295.06 -38.69
N LYS GA 44 -108.89 294.52 -39.10
CA LYS GA 44 -109.31 294.48 -40.50
C LYS GA 44 -108.26 293.79 -41.37
N SER GA 45 -107.77 292.65 -40.89
CA SER GA 45 -106.77 291.86 -41.59
C SER GA 45 -106.94 290.39 -41.21
N GLU GA 46 -108.10 289.82 -41.54
CA GLU GA 46 -108.41 288.43 -41.25
C GLU GA 46 -108.26 287.52 -42.46
N MET GA 47 -107.30 287.82 -43.33
CA MET GA 47 -107.06 287.04 -44.53
C MET GA 47 -105.87 286.11 -44.33
N VAL GA 48 -106.01 284.86 -44.76
CA VAL GA 48 -104.97 283.85 -44.65
C VAL GA 48 -104.31 283.69 -46.00
N PRO GA 49 -103.03 284.02 -46.14
CA PRO GA 49 -102.37 283.88 -47.46
C PRO GA 49 -101.46 282.67 -47.52
N SER GA 50 -101.89 281.62 -48.24
CA SER GA 50 -101.10 280.40 -48.37
C SER GA 50 -100.08 280.59 -49.48
N CYS GA 51 -98.82 280.68 -49.10
CA CYS GA 51 -97.71 280.86 -50.01
C CYS GA 51 -96.82 279.61 -50.06
N PRO GA 52 -95.83 279.58 -50.95
CA PRO GA 52 -94.96 278.41 -51.04
C PRO GA 52 -93.49 278.77 -50.83
N PHE GA 53 -92.60 277.82 -51.14
CA PHE GA 53 -91.17 278.05 -50.97
C PHE GA 53 -90.55 278.56 -52.27
N ILE GA 54 -89.28 278.24 -52.49
CA ILE GA 54 -88.60 278.67 -53.70
C ILE GA 54 -89.01 277.78 -54.88
N TYR GA 55 -88.83 278.32 -56.09
CA TYR GA 55 -89.18 277.57 -57.30
C TYR GA 55 -88.15 276.51 -57.65
N ILE GA 56 -86.91 276.65 -57.19
CA ILE GA 56 -85.87 275.67 -57.49
C ILE GA 56 -85.73 274.61 -56.39
N ILE GA 57 -86.58 274.65 -55.36
CA ILE GA 57 -86.53 273.70 -54.27
C ILE GA 57 -87.87 273.00 -54.06
N ARG GA 58 -88.97 273.69 -54.32
CA ARG GA 58 -90.30 273.11 -54.16
C ARG GA 58 -90.90 272.76 -55.52
N LYS GA 59 -90.17 271.91 -56.25
CA LYS GA 59 -90.59 271.47 -57.58
C LYS GA 59 -91.63 270.36 -57.42
N ASP GA 60 -92.90 270.70 -57.60
CA ASP GA 60 -93.99 269.75 -57.48
C ASP GA 60 -94.37 269.11 -58.81
N VAL GA 61 -93.54 269.27 -59.84
CA VAL GA 61 -93.82 268.70 -61.15
C VAL GA 61 -93.45 267.22 -61.14
N ASP GA 62 -94.17 266.43 -61.95
CA ASP GA 62 -93.90 265.00 -62.02
C ASP GA 62 -92.66 264.70 -62.84
N VAL GA 63 -92.39 265.47 -63.89
CA VAL GA 63 -91.22 265.24 -64.73
C VAL GA 63 -89.93 265.49 -63.95
N TYR GA 64 -89.91 266.55 -63.14
CA TYR GA 64 -88.74 266.85 -62.34
C TYR GA 64 -88.50 265.77 -61.29
N SER GA 65 -89.57 265.29 -60.65
CA SER GA 65 -89.43 264.22 -59.67
C SER GA 65 -88.94 262.94 -60.33
N GLN GA 66 -89.45 262.63 -61.53
CA GLN GA 66 -88.98 261.43 -62.23
C GLN GA 66 -87.52 261.56 -62.62
N ILE GA 67 -87.10 262.75 -63.07
CA ILE GA 67 -85.69 262.95 -63.43
C ILE GA 67 -84.80 262.82 -62.20
N LEU GA 68 -85.25 263.36 -61.07
CA LEU GA 68 -84.47 263.24 -59.83
C LEU GA 68 -84.38 261.79 -59.38
N ARG GA 69 -85.47 261.04 -59.49
CA ARG GA 69 -85.43 259.62 -59.12
C ARG GA 69 -84.51 258.83 -60.04
N LYS GA 70 -84.54 259.15 -61.35
CA LYS GA 70 -83.64 258.47 -62.28
C LYS GA 70 -82.19 258.80 -61.98
N LEU GA 71 -81.90 260.05 -61.65
CA LEU GA 71 -80.53 260.44 -61.30
C LEU GA 71 -80.07 259.73 -60.03
N PHE GA 72 -80.95 259.63 -59.04
CA PHE GA 72 -80.60 258.94 -57.80
C PHE GA 72 -80.36 257.45 -58.06
N ASN GA 73 -81.19 256.83 -58.91
CA ASN GA 73 -81.01 255.42 -59.22
C ASN GA 73 -79.74 255.18 -60.03
N GLU GA 74 -79.35 256.13 -60.88
CA GLU GA 74 -78.10 256.01 -61.63
C GLU GA 74 -76.89 256.27 -60.76
N SER GA 75 -77.02 257.10 -59.72
CA SER GA 75 -75.90 257.40 -58.83
C SER GA 75 -75.72 256.38 -57.71
N HIS GA 76 -76.78 255.70 -57.29
CA HIS GA 76 -76.64 254.75 -56.19
C HIS GA 76 -77.06 253.34 -56.56
N GLY GA 77 -78.08 253.19 -57.41
CA GLY GA 77 -78.56 251.85 -57.73
C GLY GA 77 -77.65 251.11 -58.70
N ILE GA 78 -77.03 251.84 -59.63
CA ILE GA 78 -76.17 251.23 -60.63
C ILE GA 78 -74.69 251.41 -60.33
N PHE GA 79 -74.35 252.04 -59.21
CA PHE GA 79 -72.95 252.26 -58.87
C PHE GA 79 -72.44 251.22 -57.88
N LEU GA 80 -73.21 250.96 -56.82
CA LEU GA 80 -72.86 250.00 -55.78
C LEU GA 80 -71.52 250.33 -55.15
N GLY GA 81 -70.45 249.68 -55.63
CA GLY GA 81 -69.12 249.89 -55.11
C GLY GA 81 -68.32 251.00 -55.74
N LEU GA 82 -68.79 251.56 -56.85
CA LEU GA 82 -68.08 252.61 -57.56
C LEU GA 82 -68.43 254.01 -57.06
N GLN GA 83 -69.34 254.12 -56.10
CA GLN GA 83 -69.74 255.43 -55.58
C GLN GA 83 -68.74 256.01 -54.59
N ARG GA 84 -67.78 255.21 -54.10
CA ARG GA 84 -66.79 255.67 -53.14
C ARG GA 84 -65.41 255.62 -53.77
N ILE GA 85 -64.52 256.46 -53.24
CA ILE GA 85 -63.14 256.51 -53.74
C ILE GA 85 -62.36 255.35 -53.16
N ASP GA 86 -61.73 254.56 -54.04
CA ASP GA 86 -60.95 253.40 -53.64
C ASP GA 86 -59.54 253.55 -54.18
N GLU GA 87 -58.55 253.48 -53.28
CA GLU GA 87 -57.15 253.60 -53.63
C GLU GA 87 -56.58 252.21 -53.85
N GLU GA 88 -56.01 251.98 -55.03
CA GLU GA 88 -55.41 250.71 -55.40
C GLU GA 88 -53.90 250.80 -55.38
N LEU GA 89 -53.26 249.63 -55.29
CA LEU GA 89 -51.81 249.56 -55.27
C LEU GA 89 -51.24 249.73 -56.68
N THR GA 90 -50.09 250.40 -56.77
CA THR GA 90 -49.45 250.62 -58.05
C THR GA 90 -48.67 249.40 -58.51
N GLY GA 91 -47.91 248.79 -57.61
CA GLY GA 91 -47.12 247.62 -57.96
C GLY GA 91 -47.77 246.32 -57.53
N LYS GA 92 -48.93 246.01 -58.09
CA LYS GA 92 -49.66 244.80 -57.78
C LYS GA 92 -50.34 244.29 -59.04
N SER GA 93 -51.00 243.14 -58.93
CA SER GA 93 -51.70 242.54 -60.06
C SER GA 93 -53.08 243.14 -60.29
N ARG GA 94 -53.59 243.94 -59.37
CA ARG GA 94 -54.90 244.56 -59.51
C ARG GA 94 -54.79 245.97 -60.07
N LYS GA 95 -54.09 246.13 -61.18
CA LYS GA 95 -53.92 247.44 -61.79
C LYS GA 95 -55.14 247.86 -62.61
N SER GA 96 -56.05 246.93 -62.92
CA SER GA 96 -57.24 247.26 -63.69
C SER GA 96 -58.36 247.83 -62.83
N GLN GA 97 -58.22 247.82 -61.50
CA GLN GA 97 -59.26 248.35 -60.64
C GLN GA 97 -59.44 249.85 -60.84
N LEU GA 98 -58.34 250.59 -60.97
CA LEU GA 98 -58.44 252.02 -61.22
C LEU GA 98 -59.09 252.31 -62.56
N VAL GA 99 -58.75 251.55 -63.59
CA VAL GA 99 -59.35 251.74 -64.90
C VAL GA 99 -60.84 251.44 -64.85
N ARG GA 100 -61.23 250.38 -64.13
CA ARG GA 100 -62.65 250.05 -64.01
C ARG GA 100 -63.40 251.13 -63.24
N VAL GA 101 -62.79 251.68 -62.19
CA VAL GA 101 -63.43 252.75 -61.43
C VAL GA 101 -63.59 254.00 -62.29
N SER GA 102 -62.57 254.32 -63.10
CA SER GA 102 -62.65 255.48 -63.98
C SER GA 102 -63.73 255.27 -65.04
N LYS GA 103 -63.83 254.07 -65.60
CA LYS GA 103 -64.87 253.79 -66.58
C LYS GA 103 -66.26 253.89 -65.97
N ASN GA 104 -66.42 253.38 -64.74
CA ASN GA 104 -67.71 253.48 -64.06
C ASN GA 104 -68.07 254.93 -63.77
N TYR GA 105 -67.08 255.73 -63.36
CA TYR GA 105 -67.34 257.15 -63.11
C TYR GA 105 -67.72 257.88 -64.39
N ARG GA 106 -67.04 257.56 -65.50
CA ARG GA 106 -67.37 258.18 -66.77
C ARG GA 106 -68.77 257.78 -67.23
N SER GA 107 -69.15 256.52 -67.03
CA SER GA 107 -70.49 256.07 -67.41
C SER GA 107 -71.55 256.75 -66.55
N VAL GA 108 -71.27 256.91 -65.24
CA VAL GA 108 -72.22 257.60 -64.37
C VAL GA 108 -72.36 259.06 -64.77
N ILE GA 109 -71.25 259.70 -65.13
CA ILE GA 109 -71.31 261.10 -65.55
C ILE GA 109 -72.09 261.23 -66.85
N ARG GA 110 -71.89 260.31 -67.78
CA ARG GA 110 -72.64 260.34 -69.03
C ARG GA 110 -74.13 260.12 -68.80
N ALA GA 111 -74.48 259.19 -67.90
CA ALA GA 111 -75.89 258.96 -67.58
C ALA GA 111 -76.51 260.18 -66.93
N CYS GA 112 -75.77 260.84 -66.02
CA CYS GA 112 -76.28 262.05 -65.39
C CYS GA 112 -76.47 263.17 -66.41
N MET GA 113 -75.54 263.32 -67.34
CA MET GA 113 -75.67 264.33 -68.38
C MET GA 113 -76.86 264.05 -69.28
N GLU GA 114 -77.07 262.77 -69.63
CA GLU GA 114 -78.23 262.42 -70.45
C GLU GA 114 -79.54 262.68 -69.71
N GLU GA 115 -79.57 262.37 -68.41
CA GLU GA 115 -80.78 262.63 -67.63
C GLU GA 115 -81.05 264.12 -67.52
N MET GA 116 -80.00 264.93 -67.34
CA MET GA 116 -80.17 266.37 -67.27
C MET GA 116 -80.65 266.93 -68.60
N HIS GA 117 -80.12 266.42 -69.71
CA HIS GA 117 -80.57 266.87 -71.03
C HIS GA 117 -82.03 266.49 -71.27
N GLN GA 118 -82.42 265.28 -70.86
CA GLN GA 118 -83.81 264.88 -71.01
C GLN GA 118 -84.74 265.73 -70.15
N VAL GA 119 -84.32 266.05 -68.93
CA VAL GA 119 -85.12 266.90 -68.05
C VAL GA 119 -85.27 268.30 -68.65
N ALA GA 120 -84.18 268.82 -69.22
CA ALA GA 120 -84.24 270.15 -69.84
C ALA GA 120 -85.15 270.13 -71.05
N ILE GA 121 -85.07 269.08 -71.87
CA ILE GA 121 -85.93 269.00 -73.05
C ILE GA 121 -87.40 268.86 -72.65
N ALA GA 122 -87.67 268.16 -71.53
CA ALA GA 122 -89.04 268.02 -71.07
C ALA GA 122 -89.57 269.32 -70.46
N ALA GA 123 -88.70 270.08 -69.79
CA ALA GA 123 -89.12 271.34 -69.18
C ALA GA 123 -89.24 272.48 -70.18
N LYS GA 124 -88.50 272.41 -71.30
CA LYS GA 124 -88.59 273.47 -72.30
C LYS GA 124 -89.93 273.48 -73.03
N ASP GA 125 -90.68 272.38 -72.97
CA ASP GA 125 -91.98 272.30 -73.63
C ASP GA 125 -93.04 272.94 -72.76
N PRO GA 126 -92.74 273.26 -71.50
CA PRO GA 126 -93.73 273.89 -70.61
C PRO GA 126 -93.75 275.41 -70.63
N ALA GA 127 -93.18 276.04 -71.65
CA ALA GA 127 -93.14 277.50 -71.78
C ALA GA 127 -92.50 278.15 -70.55
N ASN GA 128 -91.35 277.62 -70.14
CA ASN GA 128 -90.61 278.11 -68.99
C ASN GA 128 -89.36 278.83 -69.45
N GLY GA 129 -88.98 279.88 -68.72
CA GLY GA 129 -87.80 280.64 -69.05
C GLY GA 129 -86.69 280.52 -68.03
N ARG GA 130 -87.00 280.83 -66.77
CA ARG GA 130 -85.99 280.73 -65.72
C ARG GA 130 -85.58 279.28 -65.48
N GLN GA 131 -86.55 278.37 -65.45
CA GLN GA 131 -86.23 276.95 -65.27
C GLN GA 131 -85.41 276.42 -66.44
N PHE GA 132 -85.76 276.82 -67.66
CA PHE GA 132 -84.99 276.37 -68.82
C PHE GA 132 -83.57 276.92 -68.78
N SER GA 133 -83.41 278.18 -68.40
CA SER GA 133 -82.07 278.75 -68.29
C SER GA 133 -81.25 278.06 -67.21
N SER GA 134 -81.88 277.74 -66.08
CA SER GA 134 -81.17 277.02 -65.01
C SER GA 134 -80.77 275.63 -65.47
N GLN GA 135 -81.65 274.94 -66.19
CA GLN GA 135 -81.31 273.61 -66.70
C GLN GA 135 -80.17 273.67 -67.71
N VAL GA 136 -80.20 274.69 -68.59
CA VAL GA 136 -79.12 274.84 -69.57
C VAL GA 136 -77.80 275.14 -68.87
N SER GA 137 -77.83 275.98 -67.84
CA SER GA 137 -76.61 276.29 -67.11
C SER GA 137 -76.08 275.06 -66.38
N ILE GA 138 -76.97 274.26 -65.80
CA ILE GA 138 -76.55 273.04 -65.12
C ILE GA 138 -75.94 272.05 -66.11
N LEU GA 139 -76.55 271.94 -67.30
CA LEU GA 139 -76.01 271.04 -68.32
C LEU GA 139 -74.64 271.51 -68.80
N SER GA 140 -74.48 272.83 -68.99
CA SER GA 140 -73.18 273.36 -69.40
C SER GA 140 -72.12 273.13 -68.33
N ALA GA 141 -72.48 273.32 -67.06
CA ALA GA 141 -71.54 273.09 -65.98
C ALA GA 141 -71.15 271.61 -65.89
N MET GA 142 -72.13 270.71 -66.08
CA MET GA 142 -71.82 269.28 -66.07
C MET GA 142 -70.92 268.90 -67.22
N GLU GA 143 -71.17 269.46 -68.41
CA GLU GA 143 -70.31 269.18 -69.56
C GLU GA 143 -68.90 269.70 -69.33
N LEU GA 144 -68.77 270.90 -68.76
CA LEU GA 144 -67.45 271.43 -68.47
C LEU GA 144 -66.71 270.58 -67.44
N ILE GA 145 -67.42 270.11 -66.41
CA ILE GA 145 -66.81 269.28 -65.40
C ILE GA 145 -66.37 267.95 -65.99
N TRP GA 146 -67.19 267.37 -66.88
CA TRP GA 146 -66.82 266.11 -67.52
C TRP GA 146 -65.63 266.30 -68.45
N ASN GA 147 -65.54 267.45 -69.13
CA ASN GA 147 -64.42 267.69 -70.01
C ASN GA 147 -63.14 267.98 -69.25
N LEU GA 148 -63.24 268.58 -68.07
CA LEU GA 148 -62.07 268.91 -67.27
C LEU GA 148 -61.63 267.79 -66.34
N CYS GA 149 -62.50 266.80 -66.08
CA CYS GA 149 -62.14 265.71 -65.19
C CYS GA 149 -62.22 264.36 -65.89
N GLU GA 150 -63.41 263.76 -65.90
CA GLU GA 150 -63.61 262.43 -66.50
C GLU GA 150 -63.56 262.55 -68.01
N ILE GA 151 -62.33 262.65 -68.54
CA ILE GA 151 -62.12 262.75 -69.98
C ILE GA 151 -60.75 262.20 -70.32
N LEU GA 152 -59.76 262.47 -69.47
CA LEU GA 152 -58.40 261.98 -69.67
C LEU GA 152 -57.87 261.25 -68.44
N PHE GA 153 -58.74 260.85 -67.52
CA PHE GA 153 -58.29 260.15 -66.33
C PHE GA 153 -57.96 258.69 -66.64
N ILE GA 154 -58.83 258.01 -67.37
CA ILE GA 154 -58.59 256.61 -67.72
C ILE GA 154 -57.57 256.49 -68.85
N GLU GA 155 -57.65 257.37 -69.85
CA GLU GA 155 -56.72 257.34 -70.98
C GLU GA 155 -56.57 258.77 -71.49
N VAL GA 156 -55.36 259.33 -71.36
CA VAL GA 156 -55.09 260.69 -71.82
C VAL GA 156 -54.75 260.75 -73.31
N ALA GA 157 -54.82 259.64 -74.02
CA ALA GA 157 -54.51 259.62 -75.45
C ALA GA 157 -55.77 259.89 -76.25
N PRO GA 158 -56.95 259.87 -75.63
CA PRO GA 158 -58.17 260.14 -76.39
C PRO GA 158 -58.39 261.62 -76.65
N ALA GA 159 -57.88 262.10 -77.79
CA ALA GA 159 -58.01 263.51 -78.14
C ALA GA 159 -59.35 263.80 -78.81
N GLY GA 160 -59.88 262.86 -79.58
CA GLY GA 160 -61.14 263.05 -80.26
C GLY GA 160 -62.30 263.22 -79.30
N PRO GA 161 -62.35 262.37 -78.27
CA PRO GA 161 -63.42 262.53 -77.28
C PRO GA 161 -63.33 263.84 -76.51
N LEU GA 162 -62.12 264.26 -76.13
CA LEU GA 162 -61.97 265.52 -75.44
C LEU GA 162 -62.37 266.69 -76.34
N LEU GA 163 -62.01 266.64 -77.62
CA LEU GA 163 -62.39 267.69 -78.55
C LEU GA 163 -63.91 267.73 -78.74
N LEU GA 164 -64.54 266.56 -78.83
CA LEU GA 164 -65.99 266.53 -78.96
C LEU GA 164 -66.68 267.07 -77.72
N HIS GA 165 -66.16 266.73 -76.54
CA HIS GA 165 -66.73 267.27 -75.30
C HIS GA 165 -66.56 268.77 -75.21
N LEU GA 166 -65.40 269.29 -75.61
CA LEU GA 166 -65.17 270.73 -75.60
C LEU GA 166 -66.11 271.44 -76.59
N LEU GA 167 -66.31 270.85 -77.77
CA LEU GA 167 -67.22 271.44 -78.74
C LEU GA 167 -68.65 271.44 -78.22
N ASP GA 168 -69.08 270.34 -77.59
CA ASP GA 168 -70.41 270.28 -77.03
C ASP GA 168 -70.59 271.30 -75.92
N TRP GA 169 -69.57 271.47 -75.07
CA TRP GA 169 -69.66 272.46 -74.00
C TRP GA 169 -69.72 273.88 -74.56
N VAL GA 170 -68.93 274.16 -75.60
CA VAL GA 170 -68.95 275.50 -76.20
C VAL GA 170 -70.29 275.75 -76.90
N ARG GA 171 -70.91 274.71 -77.45
CA ARG GA 171 -72.21 274.88 -78.09
C ARG GA 171 -73.33 275.04 -77.08
N LEU GA 172 -73.25 274.36 -75.94
CA LEU GA 172 -74.27 274.45 -74.91
C LEU GA 172 -74.09 275.64 -73.99
N HIS GA 173 -72.93 276.28 -73.99
CA HIS GA 173 -72.69 277.44 -73.13
C HIS GA 173 -73.53 278.63 -73.59
N VAL GA 174 -73.07 279.34 -74.61
CA VAL GA 174 -73.76 280.51 -75.14
C VAL GA 174 -74.28 280.18 -76.52
N CYS GA 175 -75.24 280.98 -76.98
CA CYS GA 175 -75.84 280.82 -78.30
C CYS GA 175 -75.12 281.59 -79.39
N GLU GA 176 -73.99 282.21 -79.08
CA GLU GA 176 -73.23 282.97 -80.06
C GLU GA 176 -72.43 282.02 -80.96
N VAL GA 177 -72.55 282.19 -82.27
CA VAL GA 177 -73.40 283.23 -82.84
C VAL GA 177 -74.69 282.63 -83.39
N ASP GA 178 -75.80 283.33 -83.20
CA ASP GA 178 -77.09 282.86 -83.67
C ASP GA 178 -77.39 283.40 -85.08
N SER GA 179 -78.04 284.56 -85.14
CA SER GA 179 -78.40 285.18 -86.41
C SER GA 179 -77.41 286.28 -86.79
N LEU GA 180 -76.12 285.93 -86.82
CA LEU GA 180 -75.10 286.92 -87.16
C LEU GA 180 -74.90 287.01 -88.68
N SER GA 181 -75.04 285.88 -89.39
CA SER GA 181 -74.87 285.88 -90.83
C SER GA 181 -76.01 286.63 -91.52
N ALA GA 182 -77.22 286.54 -90.99
CA ALA GA 182 -78.36 287.24 -91.57
C ALA GA 182 -78.36 288.72 -91.23
N ASP GA 183 -77.54 289.15 -90.26
CA ASP GA 183 -77.47 290.55 -89.88
C ASP GA 183 -76.25 291.27 -90.43
N VAL GA 184 -75.13 290.56 -90.62
CA VAL GA 184 -73.93 291.17 -91.16
C VAL GA 184 -73.99 291.17 -92.68
N LEU GA 185 -74.17 289.99 -93.27
CA LEU GA 185 -74.25 289.85 -94.72
C LEU GA 185 -75.64 290.25 -95.19
N GLY GA 186 -75.69 291.22 -96.10
CA GLY GA 186 -76.96 291.69 -96.62
C GLY GA 186 -77.03 291.65 -98.14
N SER GA 187 -76.26 290.75 -98.75
CA SER GA 187 -76.21 290.56 -100.20
C SER GA 187 -75.81 291.88 -100.89
N GLU GA 188 -74.56 292.26 -100.67
CA GLU GA 188 -74.03 293.49 -101.25
C GLU GA 188 -72.78 293.20 -102.06
N ASN GA 189 -71.98 294.23 -102.33
CA ASN GA 189 -70.74 294.09 -103.10
C ASN GA 189 -69.68 294.98 -102.46
N PRO GA 190 -68.83 294.42 -101.59
CA PRO GA 190 -68.86 293.01 -101.19
C PRO GA 190 -68.88 292.83 -99.67
N SER GA 191 -68.27 291.75 -99.19
CA SER GA 191 -68.21 291.43 -97.77
C SER GA 191 -66.75 291.43 -97.34
N LYS GA 192 -66.11 292.59 -97.43
CA LYS GA 192 -64.70 292.75 -97.04
C LYS GA 192 -64.54 293.61 -95.79
N HIS GA 193 -65.60 293.74 -95.00
CA HIS GA 193 -65.55 294.54 -93.78
C HIS GA 193 -65.04 293.69 -92.61
N ASP GA 194 -64.92 294.33 -91.44
CA ASP GA 194 -64.44 293.63 -90.26
C ASP GA 194 -65.50 292.74 -89.63
N SER GA 195 -66.79 293.01 -89.90
CA SER GA 195 -67.84 292.19 -89.32
C SER GA 195 -67.80 290.76 -89.87
N PHE GA 196 -67.59 290.61 -91.18
CA PHE GA 196 -67.49 289.27 -91.76
C PHE GA 196 -66.28 288.53 -91.22
N TRP GA 197 -65.15 289.21 -91.08
CA TRP GA 197 -63.96 288.58 -90.53
C TRP GA 197 -64.17 288.14 -89.08
N ASN GA 198 -64.84 288.99 -88.29
CA ASN GA 198 -65.12 288.64 -86.90
C ASN GA 198 -66.08 287.45 -86.82
N LEU GA 199 -67.09 287.42 -87.68
CA LEU GA 199 -68.03 286.30 -87.69
C LEU GA 199 -67.37 285.01 -88.14
N VAL GA 200 -66.40 285.10 -89.07
CA VAL GA 200 -65.68 283.91 -89.49
C VAL GA 200 -64.75 283.42 -88.39
N THR GA 201 -64.11 284.35 -87.68
CA THR GA 201 -63.21 283.96 -86.60
C THR GA 201 -63.98 283.35 -85.44
N ILE GA 202 -65.15 283.88 -85.12
CA ILE GA 202 -65.95 283.33 -84.03
C ILE GA 202 -66.49 281.95 -84.40
N LEU GA 203 -66.70 281.69 -85.69
CA LEU GA 203 -67.17 280.37 -86.12
C LEU GA 203 -66.03 279.37 -86.16
N VAL GA 204 -64.83 279.81 -86.55
CA VAL GA 204 -63.69 278.91 -86.61
C VAL GA 204 -63.09 278.64 -85.24
N LEU GA 205 -63.32 279.53 -84.27
CA LEU GA 205 -62.77 279.33 -82.93
C LEU GA 205 -63.55 278.29 -82.13
N GLN GA 206 -64.85 278.16 -82.37
CA GLN GA 206 -65.68 277.20 -81.67
C GLN GA 206 -65.70 275.83 -82.34
N GLY GA 207 -64.84 275.60 -83.34
CA GLY GA 207 -64.78 274.33 -84.02
C GLY GA 207 -65.84 274.12 -85.08
N ARG GA 208 -66.69 275.12 -85.35
CA ARG GA 208 -67.75 275.00 -86.34
C ARG GA 208 -67.14 275.22 -87.72
N LEU GA 209 -66.62 274.14 -88.29
CA LEU GA 209 -66.00 274.22 -89.61
C LEU GA 209 -67.04 274.32 -90.72
N ASP GA 210 -68.21 273.69 -90.54
CA ASP GA 210 -69.25 273.75 -91.56
C ASP GA 210 -69.79 275.16 -91.71
N GLU GA 211 -70.03 275.86 -90.59
CA GLU GA 211 -70.52 277.23 -90.67
C GLU GA 211 -69.48 278.16 -91.29
N ALA GA 212 -68.20 277.96 -90.95
CA ALA GA 212 -67.15 278.78 -91.53
C ALA GA 212 -66.99 278.52 -93.02
N ARG GA 213 -67.21 277.28 -93.47
CA ARG GA 213 -67.12 276.99 -94.89
C ARG GA 213 -68.34 277.50 -95.65
N GLN GA 214 -69.51 277.51 -95.00
CA GLN GA 214 -70.71 278.01 -95.65
C GLN GA 214 -70.73 279.54 -95.72
N MET GA 215 -70.17 280.21 -94.71
CA MET GA 215 -70.15 281.68 -94.74
C MET GA 215 -69.12 282.21 -95.73
N LEU GA 216 -68.08 281.43 -96.03
CA LEU GA 216 -67.06 281.86 -96.96
C LEU GA 216 -67.43 281.59 -98.42
N SER GA 217 -68.42 280.74 -98.67
CA SER GA 217 -68.86 280.42 -100.02
C SER GA 217 -70.08 281.21 -100.46
N LYS GA 218 -70.56 282.14 -99.62
CA LYS GA 218 -71.72 282.95 -99.97
C LYS GA 218 -71.34 284.17 -100.80
N GLU GA 219 -70.37 284.95 -100.32
CA GLU GA 219 -69.93 286.15 -101.04
C GLU GA 219 -68.47 286.40 -100.69
N ALA GA 220 -67.57 286.12 -101.63
CA ALA GA 220 -66.15 286.30 -101.42
C ALA GA 220 -65.48 286.57 -102.75
N ASP GA 221 -64.73 287.67 -102.84
CA ASP GA 221 -64.03 288.04 -104.06
C ASP GA 221 -62.80 287.16 -104.20
N ALA GA 222 -62.87 286.18 -105.09
CA ALA GA 222 -61.77 285.24 -105.33
C ALA GA 222 -60.91 285.79 -106.47
N SER GA 223 -59.84 286.49 -106.11
CA SER GA 223 -58.93 287.06 -107.10
C SER GA 223 -57.82 286.06 -107.41
N PRO GA 224 -56.66 286.53 -107.84
CA PRO GA 224 -55.55 285.61 -108.15
C PRO GA 224 -54.63 285.44 -106.96
N ALA GA 225 -53.59 284.62 -107.16
CA ALA GA 225 -52.56 284.35 -106.16
C ALA GA 225 -53.15 283.78 -104.88
N SER GA 226 -53.90 284.59 -104.14
CA SER GA 226 -54.47 284.17 -102.87
C SER GA 226 -55.59 283.14 -103.04
N ALA GA 227 -56.02 282.86 -104.26
CA ALA GA 227 -57.08 281.88 -104.47
C ALA GA 227 -56.63 280.48 -104.03
N GLY GA 228 -55.40 280.10 -104.39
CA GLY GA 228 -54.89 278.80 -103.97
C GLY GA 228 -54.76 278.68 -102.47
N ILE GA 229 -54.30 279.74 -101.81
CA ILE GA 229 -54.17 279.72 -100.36
C ILE GA 229 -55.55 279.63 -99.70
N CYS GA 230 -56.52 280.37 -100.24
CA CYS GA 230 -57.88 280.31 -99.68
C CYS GA 230 -58.51 278.94 -99.90
N ARG GA 231 -58.21 278.29 -101.02
CA ARG GA 231 -58.73 276.95 -101.25
C ARG GA 231 -58.06 275.93 -100.33
N ILE GA 232 -56.75 276.06 -100.12
CA ILE GA 232 -56.04 275.15 -99.24
C ILE GA 232 -56.52 275.30 -97.80
N MET GA 233 -56.77 276.54 -97.37
CA MET GA 233 -57.27 276.76 -96.02
C MET GA 233 -58.66 276.15 -95.84
N GLY GA 234 -59.52 276.32 -96.84
CA GLY GA 234 -60.85 275.72 -96.77
C GLY GA 234 -60.79 274.20 -96.75
N ASP GA 235 -59.89 273.62 -97.55
CA ASP GA 235 -59.75 272.16 -97.56
C ASP GA 235 -59.23 271.65 -96.22
N LEU GA 236 -58.27 272.36 -95.62
CA LEU GA 236 -57.75 271.96 -94.33
C LEU GA 236 -58.79 272.12 -93.22
N MET GA 237 -59.65 273.14 -93.33
CA MET GA 237 -60.71 273.31 -92.34
C MET GA 237 -61.80 272.25 -92.50
N ARG GA 238 -62.09 271.84 -93.73
CA ARG GA 238 -63.10 270.81 -93.96
C ARG GA 238 -62.60 269.43 -93.55
N THR GA 239 -61.33 269.13 -93.83
CA THR GA 239 -60.75 267.84 -93.49
C THR GA 239 -59.83 267.97 -92.27
N MET GA 240 -60.42 268.36 -91.15
CA MET GA 240 -59.68 268.53 -89.92
C MET GA 240 -59.56 267.19 -89.18
N PRO GA 241 -58.47 267.00 -88.44
CA PRO GA 241 -58.30 265.73 -87.71
C PRO GA 241 -58.99 265.75 -86.35
N ILE GA 242 -59.78 264.71 -86.07
CA ILE GA 242 -60.50 264.61 -84.80
C ILE GA 242 -60.40 263.19 -84.27
N LEU GA 243 -59.28 262.52 -84.57
CA LEU GA 243 -59.07 261.15 -84.12
C LEU GA 243 -57.57 260.92 -84.02
N SER GA 244 -57.09 260.71 -82.79
CA SER GA 244 -55.68 260.48 -82.53
C SER GA 244 -55.54 259.42 -81.45
N PRO GA 245 -54.43 258.66 -81.48
CA PRO GA 245 -54.24 257.62 -80.46
C PRO GA 245 -52.78 257.47 -80.05
N GLY GA 246 -52.55 257.19 -78.77
CA GLY GA 246 -51.20 257.03 -78.25
C GLY GA 246 -50.59 255.66 -78.43
N ASN GA 247 -51.34 254.70 -78.97
CA ASN GA 247 -50.83 253.35 -79.18
C ASN GA 247 -49.85 253.26 -80.35
N THR GA 248 -49.85 254.24 -81.24
CA THR GA 248 -48.93 254.22 -82.39
C THR GA 248 -48.61 255.66 -82.78
N GLN GA 249 -47.45 255.82 -83.40
CA GLN GA 249 -47.01 257.15 -83.84
C GLN GA 249 -47.64 257.58 -85.17
N THR GA 250 -48.37 256.69 -85.84
CA THR GA 250 -49.00 257.06 -87.11
C THR GA 250 -50.07 258.12 -86.90
N LEU GA 251 -50.87 257.99 -85.85
CA LEU GA 251 -51.89 258.99 -85.56
C LEU GA 251 -51.28 260.34 -85.23
N THR GA 252 -50.20 260.36 -84.44
CA THR GA 252 -49.52 261.61 -84.13
C THR GA 252 -48.92 262.24 -85.38
N GLU GA 253 -48.35 261.41 -86.26
CA GLU GA 253 -47.78 261.94 -87.50
C GLU GA 253 -48.87 262.53 -88.39
N LEU GA 254 -50.01 261.84 -88.49
CA LEU GA 254 -51.11 262.36 -89.30
C LEU GA 254 -51.70 263.63 -88.70
N GLU GA 255 -51.69 263.75 -87.38
CA GLU GA 255 -52.20 264.98 -86.75
C GLU GA 255 -51.22 266.13 -86.94
N LEU GA 256 -49.92 265.86 -86.89
CA LEU GA 256 -48.92 266.91 -87.09
C LEU GA 256 -48.79 267.30 -88.54
N LYS GA 257 -49.14 266.42 -89.48
CA LYS GA 257 -49.06 266.76 -90.89
C LYS GA 257 -50.02 267.88 -91.24
N TRP GA 258 -51.20 267.89 -90.62
CA TRP GA 258 -52.16 268.96 -90.88
C TRP GA 258 -51.62 270.31 -90.41
N GLN GA 259 -51.02 270.34 -89.21
CA GLN GA 259 -50.44 271.58 -88.70
C GLN GA 259 -49.27 272.02 -89.56
N HIS GA 260 -48.45 271.08 -90.04
CA HIS GA 260 -47.34 271.43 -90.90
C HIS GA 260 -47.83 272.02 -92.22
N TRP GA 261 -48.87 271.42 -92.81
CA TRP GA 261 -49.43 271.95 -94.05
C TRP GA 261 -50.05 273.33 -93.83
N HIS GA 262 -50.72 273.53 -92.69
CA HIS GA 262 -51.28 274.85 -92.39
C HIS GA 262 -50.19 275.89 -92.24
N GLU GA 263 -49.10 275.54 -91.55
CA GLU GA 263 -47.98 276.48 -91.40
C GLU GA 263 -47.33 276.79 -92.75
N GLU GA 264 -47.19 275.77 -93.61
CA GLU GA 264 -46.62 276.00 -94.93
C GLU GA 264 -47.51 276.90 -95.76
N CYS GA 265 -48.83 276.69 -95.70
CA CYS GA 265 -49.75 277.55 -96.43
C CYS GA 265 -49.71 278.98 -95.91
N GLU GA 266 -49.62 279.14 -94.58
CA GLU GA 266 -49.53 280.48 -94.01
C GLU GA 266 -48.25 281.18 -94.45
N ARG GA 267 -47.13 280.45 -94.46
CA ARG GA 267 -45.87 281.04 -94.90
C ARG GA 267 -45.91 281.41 -96.38
N TYR GA 268 -46.54 280.57 -97.21
CA TYR GA 268 -46.65 280.87 -98.63
C TYR GA 268 -47.56 282.07 -98.87
N LEU GA 269 -48.61 282.22 -98.08
CA LEU GA 269 -49.49 283.37 -98.22
C LEU GA 269 -48.83 284.64 -97.72
N GLN GA 270 -48.00 284.54 -96.69
CA GLN GA 270 -47.31 285.72 -96.17
C GLN GA 270 -46.17 286.15 -97.09
N ASP GA 271 -45.49 285.21 -97.73
CA ASP GA 271 -44.39 285.50 -98.65
C ASP GA 271 -44.89 285.27 -100.07
N SER GA 272 -45.66 286.24 -100.57
CA SER GA 272 -46.20 286.15 -101.92
C SER GA 272 -46.43 287.55 -102.50
N THR GA 273 -47.51 287.73 -103.24
CA THR GA 273 -47.85 289.01 -103.85
C THR GA 273 -49.38 289.14 -103.95
N PHE GA 274 -50.03 289.29 -102.80
CA PHE GA 274 -51.47 289.43 -102.71
C PHE GA 274 -51.82 290.80 -102.16
N ALA GA 275 -52.98 291.33 -102.58
CA ALA GA 275 -53.43 292.63 -102.12
C ALA GA 275 -53.90 292.57 -100.67
N THR GA 276 -55.04 291.92 -100.43
CA THR GA 276 -55.58 291.78 -99.09
C THR GA 276 -54.73 290.81 -98.28
N SER GA 277 -53.91 291.33 -97.39
CA SER GA 277 -53.02 290.50 -96.59
C SER GA 277 -53.39 290.58 -95.12
N PRO GA 278 -53.96 291.71 -94.66
CA PRO GA 278 -54.29 291.83 -93.23
C PRO GA 278 -55.34 290.83 -92.77
N HIS GA 279 -56.26 290.43 -93.65
CA HIS GA 279 -57.26 289.42 -93.30
C HIS GA 279 -56.77 288.01 -93.60
N LEU GA 280 -56.02 287.83 -94.69
CA LEU GA 280 -55.53 286.50 -95.05
C LEU GA 280 -54.53 285.99 -94.02
N GLU GA 281 -53.60 286.85 -93.59
CA GLU GA 281 -52.64 286.44 -92.58
C GLU GA 281 -53.32 286.14 -91.25
N SER GA 282 -54.33 286.93 -90.89
CA SER GA 282 -55.06 286.68 -89.65
C SER GA 282 -55.80 285.35 -89.70
N LEU GA 283 -56.45 285.07 -90.84
CA LEU GA 283 -57.16 283.80 -90.98
C LEU GA 283 -56.18 282.62 -90.95
N LEU GA 284 -55.02 282.78 -91.60
CA LEU GA 284 -54.02 281.71 -91.58
C LEU GA 284 -53.49 281.47 -90.17
N LYS GA 285 -53.25 282.53 -89.42
CA LYS GA 285 -52.76 282.37 -88.05
C LYS GA 285 -53.83 281.79 -87.13
N ILE GA 286 -55.11 282.10 -87.39
CA ILE GA 286 -56.17 281.53 -86.57
C ILE GA 286 -56.39 280.06 -86.91
N MET GA 287 -56.18 279.68 -88.18
CA MET GA 287 -56.36 278.28 -88.57
C MET GA 287 -55.17 277.41 -88.16
N LEU GA 288 -53.96 277.95 -88.22
CA LEU GA 288 -52.78 277.18 -87.87
C LEU GA 288 -52.63 277.08 -86.36
N GLY GA 289 -51.79 277.94 -85.77
CA GLY GA 289 -51.57 277.93 -84.34
C GLY GA 289 -50.74 279.10 -83.86
N ASP GA 290 -51.36 280.27 -83.73
CA ASP GA 290 -50.69 281.47 -83.27
C ASP GA 290 -51.32 282.05 -82.00
N GLU GA 291 -52.18 281.29 -81.34
CA GLU GA 291 -52.82 281.77 -80.11
C GLU GA 291 -51.93 281.65 -78.89
N ALA GA 292 -50.78 280.98 -78.99
CA ALA GA 292 -49.89 280.85 -77.85
C ALA GA 292 -49.15 282.15 -77.57
N ALA GA 293 -48.99 283.00 -78.58
CA ALA GA 293 -48.30 284.28 -78.42
C ALA GA 293 -49.26 285.44 -78.17
N LEU GA 294 -50.57 285.19 -78.21
CA LEU GA 294 -51.59 286.21 -77.98
C LEU GA 294 -51.42 287.38 -78.94
N LEU GA 295 -51.81 287.19 -80.21
CA LEU GA 295 -51.69 288.25 -81.21
C LEU GA 295 -52.72 288.04 -82.32
N GLU GA 296 -53.18 286.80 -82.49
CA GLU GA 296 -54.15 286.48 -83.53
C GLU GA 296 -55.51 286.13 -82.92
N GLN GA 297 -55.61 284.99 -82.24
CA GLN GA 297 -56.87 284.58 -81.64
C GLN GA 297 -57.20 285.34 -80.35
N LYS GA 298 -56.24 286.08 -79.79
CA LYS GA 298 -56.51 286.82 -78.57
C LYS GA 298 -57.34 288.06 -78.83
N GLU GA 299 -57.25 288.64 -80.03
CA GLU GA 299 -58.01 289.82 -80.39
C GLU GA 299 -59.27 289.52 -81.17
N LEU GA 300 -59.42 288.28 -81.68
CA LEU GA 300 -60.59 287.89 -82.44
C LEU GA 300 -61.58 287.07 -81.62
N LEU GA 301 -61.45 287.09 -80.29
CA LEU GA 301 -62.33 286.36 -79.41
C LEU GA 301 -63.17 287.32 -78.58
N SER GA 302 -64.33 286.84 -78.13
CA SER GA 302 -65.24 287.64 -77.33
C SER GA 302 -65.36 287.18 -75.88
N ASN GA 303 -64.78 286.03 -75.54
CA ASN GA 303 -64.83 285.49 -74.19
C ASN GA 303 -63.52 284.77 -73.89
N TRP GA 304 -63.41 284.25 -72.67
CA TRP GA 304 -62.21 283.53 -72.26
C TRP GA 304 -62.29 282.05 -72.58
N TYR GA 305 -63.45 281.43 -72.40
CA TYR GA 305 -63.60 280.01 -72.71
C TYR GA 305 -63.44 279.73 -74.19
N HIS GA 306 -64.05 280.57 -75.03
CA HIS GA 306 -63.91 280.40 -76.48
C HIS GA 306 -62.45 280.59 -76.92
N PHE GA 307 -61.77 281.58 -76.35
CA PHE GA 307 -60.37 281.81 -76.68
C PHE GA 307 -59.50 280.63 -76.24
N LEU GA 308 -59.77 280.08 -75.06
CA LEU GA 308 -59.02 278.91 -74.59
C LEU GA 308 -59.28 277.70 -75.47
N VAL GA 309 -60.52 277.50 -75.90
CA VAL GA 309 -60.84 276.38 -76.77
C VAL GA 309 -60.14 276.54 -78.12
N THR GA 310 -60.14 277.76 -78.65
CA THR GA 310 -59.46 278.01 -79.92
C THR GA 310 -57.96 277.78 -79.80
N ARG GA 311 -57.37 278.21 -78.69
CA ARG GA 311 -55.93 277.99 -78.48
C ARG GA 311 -55.62 276.51 -78.36
N LEU GA 312 -56.46 275.76 -77.64
CA LEU GA 312 -56.23 274.32 -77.50
C LEU GA 312 -56.42 273.58 -78.82
N LEU GA 313 -57.33 274.08 -79.67
CA LEU GA 313 -57.55 273.44 -80.97
C LEU GA 313 -56.45 273.80 -81.98
N TYR GA 314 -55.87 274.99 -81.86
CA TYR GA 314 -54.84 275.43 -82.80
C TYR GA 314 -53.46 274.94 -82.37
N SER GA 315 -52.97 275.41 -81.22
CA SER GA 315 -51.63 275.05 -80.75
C SER GA 315 -51.63 273.68 -80.09
N ASN GA 316 -51.10 273.61 -78.88
CA ASN GA 316 -51.03 272.33 -78.17
C ASN GA 316 -52.42 271.95 -77.66
N PRO GA 317 -52.80 270.68 -77.75
CA PRO GA 317 -54.12 270.28 -77.26
C PRO GA 317 -54.05 269.52 -75.94
N THR GA 318 -52.97 269.73 -75.20
CA THR GA 318 -52.77 269.07 -73.92
C THR GA 318 -53.34 269.92 -72.78
N VAL GA 319 -53.49 269.30 -71.62
CA VAL GA 319 -54.02 269.97 -70.45
C VAL GA 319 -52.93 270.61 -69.59
N LYS GA 320 -51.67 270.57 -70.03
CA LYS GA 320 -50.58 271.14 -69.26
C LYS GA 320 -50.52 272.64 -69.49
N PRO GA 321 -51.05 273.14 -70.60
CA PRO GA 321 -51.00 274.59 -70.86
C PRO GA 321 -52.33 275.27 -70.54
N ILE GA 322 -53.19 274.58 -69.76
CA ILE GA 322 -54.47 275.15 -69.42
C ILE GA 322 -54.30 276.36 -68.49
N ASP GA 323 -53.36 276.27 -67.56
CA ASP GA 323 -53.12 277.39 -66.65
C ASP GA 323 -52.56 278.61 -67.39
N LEU GA 324 -51.81 278.38 -68.47
CA LEU GA 324 -51.29 279.50 -69.25
C LEU GA 324 -52.33 280.07 -70.21
N HIS GA 325 -53.22 279.21 -70.73
CA HIS GA 325 -54.25 279.70 -71.64
C HIS GA 325 -55.39 280.38 -70.90
N TYR GA 326 -55.62 280.02 -69.64
CA TYR GA 326 -56.69 280.65 -68.88
C TYR GA 326 -56.32 282.06 -68.45
N TYR GA 327 -55.03 282.31 -68.21
CA TYR GA 327 -54.56 283.63 -67.80
C TYR GA 327 -54.30 284.48 -69.03
N ALA GA 328 -54.98 285.63 -69.12
CA ALA GA 328 -54.86 286.55 -70.23
C ALA GA 328 -54.29 287.88 -69.71
N GLN GA 329 -54.69 289.00 -70.32
CA GLN GA 329 -54.22 290.31 -69.91
C GLN GA 329 -55.20 290.96 -68.94
N SER GA 330 -55.42 292.26 -69.09
CA SER GA 330 -56.33 293.00 -68.22
C SER GA 330 -57.71 293.21 -68.84
N SER GA 331 -57.76 293.64 -70.11
CA SER GA 331 -59.04 293.86 -70.77
C SER GA 331 -59.78 292.54 -70.98
N LEU GA 332 -59.06 291.49 -71.37
CA LEU GA 332 -59.69 290.18 -71.56
C LEU GA 332 -60.21 289.63 -70.23
N ASP GA 333 -59.44 289.80 -69.15
CA ASP GA 333 -59.90 289.34 -67.84
C ASP GA 333 -61.12 290.13 -67.37
N LEU GA 334 -61.14 291.45 -67.61
CA LEU GA 334 -62.30 292.25 -67.25
C LEU GA 334 -63.52 291.84 -68.05
N PHE GA 335 -63.36 291.56 -69.34
CA PHE GA 335 -64.48 291.12 -70.16
C PHE GA 335 -64.99 289.76 -69.70
N LEU GA 336 -64.08 288.84 -69.36
CA LEU GA 336 -64.50 287.54 -68.87
C LEU GA 336 -65.25 287.66 -67.54
N GLY GA 337 -64.77 288.53 -66.65
CA GLY GA 337 -65.48 288.75 -65.39
C GLY GA 337 -66.84 289.36 -65.59
N GLY GA 338 -66.95 290.33 -66.49
CA GLY GA 338 -68.25 290.92 -66.78
C GLY GA 338 -69.22 289.95 -67.43
N GLU GA 339 -68.71 289.03 -68.25
CA GLU GA 339 -69.56 288.02 -68.85
C GLU GA 339 -69.98 286.95 -67.85
N SER GA 340 -69.11 286.63 -66.89
CA SER GA 340 -69.43 285.63 -65.88
C SER GA 340 -70.35 286.19 -64.80
N SER GA 341 -70.31 287.50 -64.56
CA SER GA 341 -71.17 288.12 -63.57
C SER GA 341 -72.62 288.12 -64.05
N PRO GA 342 -72.86 288.04 -65.36
CA PRO GA 342 -74.24 288.03 -65.86
C PRO GA 342 -74.89 286.66 -65.69
N GLU GA 343 -74.31 285.64 -66.30
CA GLU GA 343 -74.85 284.28 -66.20
C GLU GA 343 -73.98 283.44 -65.29
N PRO GA 344 -74.55 282.76 -64.30
CA PRO GA 344 -73.73 281.92 -63.39
C PRO GA 344 -73.35 280.58 -64.00
N LEU GA 345 -72.36 280.63 -64.90
CA LEU GA 345 -71.89 279.42 -65.56
C LEU GA 345 -70.43 279.58 -65.99
N ASP GA 346 -70.09 280.75 -66.54
CA ASP GA 346 -68.72 280.99 -66.97
C ASP GA 346 -67.75 281.00 -65.78
N ASN GA 347 -68.15 281.62 -64.67
CA ASN GA 347 -67.30 281.63 -63.49
C ASN GA 347 -67.11 280.24 -62.92
N ILE GA 348 -68.18 279.44 -62.90
CA ILE GA 348 -68.08 278.06 -62.41
C ILE GA 348 -67.17 277.23 -63.31
N LEU GA 349 -67.28 277.43 -64.63
CA LEU GA 349 -66.43 276.70 -65.55
C LEU GA 349 -64.96 277.10 -65.38
N LEU GA 350 -64.71 278.40 -65.20
CA LEU GA 350 -63.34 278.86 -65.00
C LEU GA 350 -62.76 278.36 -63.68
N ALA GA 351 -63.61 278.24 -62.65
CA ALA GA 351 -63.13 277.72 -61.37
C ALA GA 351 -62.87 276.23 -61.45
N ALA GA 352 -63.70 275.49 -62.18
CA ALA GA 352 -63.49 274.05 -62.32
C ALA GA 352 -62.30 273.74 -63.22
N PHE GA 353 -62.02 274.59 -64.21
CA PHE GA 353 -60.90 274.37 -65.10
C PHE GA 353 -59.56 274.79 -64.49
N GLU GA 354 -59.58 275.47 -63.34
CA GLU GA 354 -58.37 275.90 -62.66
C GLU GA 354 -58.02 275.02 -61.48
N PHE GA 355 -58.34 273.72 -61.56
CA PHE GA 355 -58.07 272.75 -60.50
C PHE GA 355 -58.69 273.19 -59.17
N ASP GA 356 -59.95 273.60 -59.24
CA ASP GA 356 -60.67 274.03 -58.05
C ASP GA 356 -62.16 273.77 -58.20
N ILE GA 357 -62.55 272.48 -58.20
CA ILE GA 357 -63.95 272.10 -58.35
C ILE GA 357 -64.73 272.19 -57.05
N HIS GA 358 -64.06 272.42 -55.92
CA HIS GA 358 -64.75 272.51 -54.64
C HIS GA 358 -65.47 273.84 -54.45
N GLN GA 359 -65.09 274.87 -55.21
CA GLN GA 359 -65.73 276.17 -55.11
C GLN GA 359 -67.00 276.29 -55.94
N VAL GA 360 -67.23 275.34 -56.87
CA VAL GA 360 -68.42 275.39 -57.71
C VAL GA 360 -69.66 274.81 -57.03
N ILE GA 361 -69.48 274.15 -55.88
CA ILE GA 361 -70.63 273.57 -55.19
C ILE GA 361 -71.54 274.67 -54.64
N LYS GA 362 -70.94 275.76 -54.14
CA LYS GA 362 -71.75 276.86 -53.62
C LYS GA 362 -72.53 277.55 -54.73
N GLU GA 363 -72.01 277.56 -55.96
CA GLU GA 363 -72.72 278.16 -57.08
C GLU GA 363 -73.77 277.21 -57.65
N CYS GA 364 -73.51 275.90 -57.61
CA CYS GA 364 -74.47 274.93 -58.13
C CYS GA 364 -75.61 274.65 -57.16
N SER GA 365 -75.40 274.88 -55.85
CA SER GA 365 -76.42 274.64 -54.86
C SER GA 365 -77.42 275.79 -54.72
N ILE GA 366 -77.30 276.82 -55.57
CA ILE GA 366 -78.20 277.96 -55.52
C ILE GA 366 -79.40 277.71 -56.43
N ALA GA 367 -79.93 278.77 -57.02
CA ALA GA 367 -81.08 278.67 -57.91
C ALA GA 367 -80.69 278.46 -59.37
N LEU GA 368 -79.39 278.31 -59.65
CA LEU GA 368 -78.94 278.10 -61.03
C LEU GA 368 -78.93 276.64 -61.44
N SER GA 369 -78.97 275.71 -60.48
CA SER GA 369 -78.98 274.29 -60.83
C SER GA 369 -79.84 273.45 -59.87
N ASN GA 370 -80.83 274.05 -59.23
CA ASN GA 370 -81.74 273.36 -58.27
C ASN GA 370 -80.86 272.79 -57.15
N TRP GA 371 -81.07 271.54 -56.74
CA TRP GA 371 -80.29 270.95 -55.66
C TRP GA 371 -79.88 269.52 -56.01
N TRP GA 372 -80.75 268.80 -56.72
CA TRP GA 372 -80.42 267.42 -57.10
C TRP GA 372 -79.25 267.37 -58.06
N PHE GA 373 -79.16 268.34 -58.98
CA PHE GA 373 -78.03 268.39 -59.91
C PHE GA 373 -76.73 268.65 -59.17
N VAL GA 374 -76.75 269.58 -58.20
CA VAL GA 374 -75.55 269.87 -57.43
C VAL GA 374 -75.14 268.66 -56.60
N ALA GA 375 -76.13 267.96 -56.02
CA ALA GA 375 -75.83 266.76 -55.25
C ALA GA 375 -75.22 265.68 -56.11
N HIS GA 376 -75.76 265.48 -57.31
CA HIS GA 376 -75.20 264.48 -58.23
C HIS GA 376 -73.79 264.86 -58.67
N LEU GA 377 -73.55 266.15 -58.91
CA LEU GA 377 -72.23 266.60 -59.29
C LEU GA 377 -71.22 266.37 -58.16
N THR GA 378 -71.63 266.67 -56.92
CA THR GA 378 -70.75 266.44 -55.77
C THR GA 378 -70.47 264.96 -55.58
N ASP GA 379 -71.49 264.11 -55.76
CA ASP GA 379 -71.29 262.68 -55.65
C ASP GA 379 -70.34 262.16 -56.72
N LEU GA 380 -70.49 262.65 -57.95
CA LEU GA 380 -69.59 262.23 -59.02
C LEU GA 380 -68.16 262.70 -58.77
N LEU GA 381 -68.00 263.91 -58.26
CA LEU GA 381 -66.66 264.40 -57.94
C LEU GA 381 -66.03 263.62 -56.80
N ASP GA 382 -66.83 263.19 -55.82
CA ASP GA 382 -66.29 262.40 -54.72
C ASP GA 382 -65.95 260.98 -55.18
N HIS GA 383 -66.73 260.43 -56.10
CA HIS GA 383 -66.47 259.09 -56.61
C HIS GA 383 -65.34 259.05 -57.62
N CYS GA 384 -65.06 260.16 -58.30
CA CYS GA 384 -63.98 260.22 -59.28
C CYS GA 384 -62.64 260.60 -58.67
N LYS GA 385 -62.48 260.42 -57.36
CA LYS GA 385 -61.24 260.72 -56.64
C LYS GA 385 -60.83 262.19 -56.84
N LEU GA 386 -61.74 263.09 -56.49
CA LEU GA 386 -61.50 264.52 -56.61
C LEU GA 386 -61.93 265.33 -55.39
N LEU GA 387 -62.76 264.76 -54.50
CA LEU GA 387 -63.22 265.47 -53.30
C LEU GA 387 -63.58 264.41 -52.26
N GLN GA 388 -62.54 263.85 -51.64
CA GLN GA 388 -62.71 262.82 -50.62
C GLN GA 388 -62.82 263.48 -49.25
N SER GA 389 -62.47 262.74 -48.20
CA SER GA 389 -62.54 263.27 -46.85
C SER GA 389 -61.35 264.20 -46.58
N HIS GA 390 -61.45 264.96 -45.48
CA HIS GA 390 -60.39 265.90 -45.10
C HIS GA 390 -60.24 266.06 -43.59
N ASN GA 391 -61.30 266.34 -42.83
CA ASN GA 391 -62.68 266.53 -43.29
C ASN GA 391 -63.07 268.01 -43.27
N LEU GA 392 -64.30 268.30 -43.67
CA LEU GA 392 -64.79 269.68 -43.70
C LEU GA 392 -65.37 270.08 -42.34
N TYR GA 393 -66.64 270.50 -42.32
CA TYR GA 393 -67.30 270.90 -41.10
C TYR GA 393 -68.52 270.06 -40.75
N PHE GA 394 -68.99 269.21 -41.66
CA PHE GA 394 -70.16 268.38 -41.39
C PHE GA 394 -69.80 267.10 -40.65
N GLY GA 395 -68.56 266.63 -40.77
CA GLY GA 395 -68.14 265.41 -40.11
C GLY GA 395 -67.70 264.33 -41.07
N SER GA 396 -68.41 264.19 -42.19
CA SER GA 396 -68.09 263.18 -43.18
C SER GA 396 -67.45 263.87 -44.37
N ASN GA 397 -68.20 264.27 -45.38
CA ASN GA 397 -67.64 264.94 -46.54
C ASN GA 397 -68.67 265.92 -47.09
N MET GA 398 -68.32 266.58 -48.20
CA MET GA 398 -69.23 267.54 -48.81
C MET GA 398 -70.34 266.85 -49.59
N ARG GA 399 -70.01 265.77 -50.31
CA ARG GA 399 -71.01 265.06 -51.10
C ARG GA 399 -72.05 264.40 -50.21
N GLU GA 400 -71.62 263.79 -49.10
CA GLU GA 400 -72.56 263.17 -48.18
C GLU GA 400 -73.47 264.21 -47.53
N PHE GA 401 -72.90 265.36 -47.16
CA PHE GA 401 -73.71 266.43 -46.57
C PHE GA 401 -74.72 266.97 -47.58
N LEU GA 402 -74.30 267.13 -48.84
CA LEU GA 402 -75.22 267.61 -49.87
C LEU GA 402 -76.34 266.60 -50.11
N LEU GA 403 -76.00 265.30 -50.13
CA LEU GA 403 -77.02 264.28 -50.33
C LEU GA 403 -77.99 264.26 -49.15
N LEU GA 404 -77.49 264.41 -47.93
CA LEU GA 404 -78.37 264.44 -46.76
C LEU GA 404 -79.28 265.66 -46.80
N GLU GA 405 -78.74 266.82 -47.20
CA GLU GA 405 -79.57 268.02 -47.30
C GLU GA 405 -80.64 267.87 -48.37
N TYR GA 406 -80.28 267.26 -49.51
CA TYR GA 406 -81.27 267.04 -50.57
C TYR GA 406 -82.35 266.07 -50.12
N ALA GA 407 -81.97 265.01 -49.39
CA ALA GA 407 -82.96 264.06 -48.91
C ALA GA 407 -83.87 264.69 -47.86
N SER GA 408 -83.33 265.59 -47.04
CA SER GA 408 -84.15 266.27 -46.05
C SER GA 408 -85.08 267.28 -46.70
N GLY GA 409 -84.64 267.94 -47.76
CA GLY GA 409 -85.47 268.90 -48.46
C GLY GA 409 -86.58 268.24 -49.27
N LEU GA 410 -86.26 267.14 -49.94
CA LEU GA 410 -87.22 266.40 -50.75
C LEU GA 410 -87.73 265.16 -50.02
N PHE GA 411 -88.02 265.27 -48.73
CA PHE GA 411 -88.50 264.14 -47.95
C PHE GA 411 -90.00 263.93 -48.16
N ALA GA 412 -93.66 266.81 -47.78
CA ALA GA 412 -94.76 267.59 -48.32
C ALA GA 412 -96.03 266.76 -48.40
N HIS GA 413 -97.15 267.43 -48.69
CA HIS GA 413 -98.44 266.76 -48.80
C HIS GA 413 -98.53 266.02 -50.13
N PRO GA 414 -98.12 266.64 -51.24
CA PRO GA 414 -98.19 265.98 -52.54
C PRO GA 414 -96.96 265.15 -52.89
N SER GA 415 -95.91 265.18 -52.09
CA SER GA 415 -94.71 264.42 -52.36
C SER GA 415 -94.78 263.05 -51.70
N LEU GA 416 -94.12 262.07 -52.31
CA LEU GA 416 -94.10 260.71 -51.80
C LEU GA 416 -92.88 260.50 -50.91
N TRP GA 417 -93.05 259.63 -49.91
CA TRP GA 417 -91.97 259.31 -48.98
C TRP GA 417 -90.99 258.30 -49.53
N GLN GA 418 -91.34 257.59 -50.62
CA GLN GA 418 -90.44 256.60 -51.19
C GLN GA 418 -89.18 257.25 -51.75
N LEU GA 419 -89.33 258.38 -52.45
CA LEU GA 419 -88.16 259.08 -52.98
C LEU GA 419 -87.26 259.57 -51.86
N GLY GA 420 -87.84 260.11 -50.78
CA GLY GA 420 -87.04 260.56 -49.65
C GLY GA 420 -86.33 259.41 -48.96
N VAL GA 421 -87.00 258.27 -48.80
CA VAL GA 421 -86.39 257.12 -48.18
C VAL GA 421 -85.26 256.56 -49.04
N ASP GA 422 -85.42 256.63 -50.37
CA ASP GA 422 -84.37 256.15 -51.26
C ASP GA 422 -83.18 257.11 -51.28
N TYR GA 423 -83.44 258.42 -51.18
CA TYR GA 423 -82.35 259.39 -51.17
C TYR GA 423 -81.61 259.42 -49.85
N PHE GA 424 -82.30 259.14 -48.75
CA PHE GA 424 -81.68 259.15 -47.42
C PHE GA 424 -80.94 257.85 -47.12
N ASP GA 425 -80.98 256.86 -48.01
CA ASP GA 425 -80.31 255.59 -47.80
C ASP GA 425 -78.93 255.55 -48.44
N TYR GA 426 -78.29 256.71 -48.62
CA TYR GA 426 -76.97 256.74 -49.23
C TYR GA 426 -75.86 256.47 -48.21
N CYS GA 427 -76.09 256.81 -46.95
CA CYS GA 427 -75.09 256.59 -45.91
C CYS GA 427 -75.70 255.79 -44.76
N PRO GA 428 -75.55 256.26 -43.51
CA PRO GA 428 -76.12 255.51 -42.39
C PRO GA 428 -76.91 256.40 -41.44
N GLU GA 429 -76.51 257.67 -41.34
CA GLU GA 429 -77.18 258.62 -40.47
C GLU GA 429 -78.35 259.26 -41.21
N LEU GA 430 -79.04 260.17 -40.51
CA LEU GA 430 -80.20 260.88 -41.06
C LEU GA 430 -81.28 259.91 -41.53
N GLY GA 431 -81.58 258.93 -40.70
CA GLY GA 431 -82.58 257.94 -41.03
C GLY GA 431 -83.45 257.54 -39.85
N ARG GA 432 -82.83 257.37 -38.67
CA ARG GA 432 -83.58 256.99 -37.49
C ARG GA 432 -84.54 258.08 -37.06
N VAL GA 433 -84.09 259.34 -37.10
CA VAL GA 433 -84.97 260.45 -36.72
C VAL GA 433 -86.12 260.58 -37.70
N SER GA 434 -85.86 260.39 -38.99
CA SER GA 434 -86.93 260.46 -39.98
C SER GA 434 -87.92 259.33 -39.79
N LEU GA 435 -87.43 258.12 -39.51
CA LEU GA 435 -88.33 257.00 -39.25
C LEU GA 435 -89.18 257.23 -38.02
N GLU GA 436 -88.58 257.78 -36.96
CA GLU GA 436 -89.34 258.07 -35.74
C GLU GA 436 -90.40 259.14 -36.00
N LEU GA 437 -90.04 260.18 -36.76
CA LEU GA 437 -91.01 261.23 -37.07
C LEU GA 437 -92.13 260.71 -37.96
N HIS GA 438 -91.83 259.75 -38.85
CA HIS GA 438 -92.88 259.19 -39.69
C HIS GA 438 -93.78 258.24 -38.91
N ILE GA 439 -93.21 257.50 -37.95
CA ILE GA 439 -94.01 256.58 -37.16
C ILE GA 439 -94.82 257.30 -36.07
N GLU GA 440 -94.37 258.48 -35.65
CA GLU GA 440 -95.10 259.21 -34.61
C GLU GA 440 -96.42 259.78 -35.12
N ARG GA 441 -96.58 259.90 -36.43
CA ARG GA 441 -97.80 260.43 -37.04
C ARG GA 441 -98.32 259.46 -38.10
N ILE GA 442 -98.56 258.23 -37.69
CA ILE GA 442 -99.06 257.20 -38.59
C ILE GA 442 -99.84 256.16 -37.80
N PRO GA 443 -100.22 256.46 -36.55
CA PRO GA 443 -100.97 255.48 -35.73
C PRO GA 443 -102.47 255.59 -35.97
N LEU GA 444 -102.90 255.21 -37.17
CA LEU GA 444 -104.30 255.25 -37.55
C LEU GA 444 -104.60 254.01 -38.39
N ASN GA 445 -105.76 254.00 -39.06
CA ASN GA 445 -106.18 252.89 -39.89
C ASN GA 445 -105.66 253.12 -41.31
N THR GA 446 -104.37 252.85 -41.48
CA THR GA 446 -103.71 253.02 -42.78
C THR GA 446 -102.61 251.97 -42.89
N GLU GA 447 -102.85 250.95 -43.71
CA GLU GA 447 -101.88 249.88 -43.91
C GLU GA 447 -100.99 250.08 -45.13
N GLN GA 448 -101.44 250.87 -46.12
CA GLN GA 448 -100.62 251.10 -47.30
C GLN GA 448 -99.36 251.87 -46.98
N LYS GA 449 -99.47 252.90 -46.14
CA LYS GA 449 -98.28 253.66 -45.74
C LYS GA 449 -97.31 252.81 -44.96
N ALA GA 450 -97.83 251.96 -44.06
CA ALA GA 450 -96.95 251.08 -43.29
C ALA GA 450 -96.25 250.07 -44.20
N LEU GA 451 -96.99 249.52 -45.17
CA LEU GA 451 -96.37 248.58 -46.10
C LEU GA 451 -95.31 249.26 -46.95
N LYS GA 452 -95.57 250.49 -47.39
CA LYS GA 452 -94.57 251.23 -48.17
C LYS GA 452 -93.34 251.53 -47.34
N VAL GA 453 -93.52 251.89 -46.07
CA VAL GA 453 -92.39 252.17 -45.20
C VAL GA 453 -91.57 250.90 -44.95
N LEU GA 454 -92.25 249.78 -44.76
CA LEU GA 454 -91.56 248.51 -44.55
C LEU GA 454 -90.81 248.07 -45.80
N ARG GA 455 -91.37 248.34 -46.99
CA ARG GA 455 -90.68 247.97 -48.22
C ARG GA 455 -89.50 248.89 -48.50
N ILE GA 456 -89.60 250.16 -48.11
CA ILE GA 456 -88.50 251.08 -48.33
C ILE GA 456 -87.38 250.86 -47.32
N CYS GA 457 -87.72 250.46 -46.09
CA CYS GA 457 -86.70 250.23 -45.08
C CYS GA 457 -85.99 248.89 -45.26
N GLU GA 458 -86.54 247.98 -46.04
CA GLU GA 458 -85.95 246.68 -46.28
C GLU GA 458 -85.03 246.67 -47.50
N GLN GA 459 -84.78 247.82 -48.10
CA GLN GA 459 -83.91 247.91 -49.27
C GLN GA 459 -82.44 248.07 -48.91
N ARG GA 460 -82.12 248.15 -47.62
CA ARG GA 460 -80.72 248.30 -47.20
C ARG GA 460 -80.43 247.42 -45.99
N GLN GA 461 -79.50 247.86 -45.13
CA GLN GA 461 -79.12 247.11 -43.93
C GLN GA 461 -79.71 247.74 -42.67
N MET GA 462 -80.97 248.15 -42.73
CA MET GA 462 -81.66 248.78 -41.58
C MET GA 462 -82.87 247.91 -41.25
N THR GA 463 -82.63 246.85 -40.48
CA THR GA 463 -83.69 245.93 -40.08
C THR GA 463 -84.31 246.29 -38.73
N GLU GA 464 -83.69 247.20 -37.98
CA GLU GA 464 -84.24 247.58 -36.68
C GLU GA 464 -85.34 248.63 -36.82
N GLN GA 465 -85.17 249.58 -37.74
CA GLN GA 465 -86.18 250.61 -37.93
C GLN GA 465 -87.48 250.03 -38.46
N VAL GA 466 -87.39 249.10 -39.41
CA VAL GA 466 -88.60 248.47 -39.94
C VAL GA 466 -89.31 247.66 -38.86
N ARG GA 467 -88.54 246.94 -38.03
CA ARG GA 467 -89.14 246.18 -36.95
C ARG GA 467 -89.81 247.09 -35.93
N SER GA 468 -89.17 248.22 -35.61
CA SER GA 468 -89.78 249.15 -34.67
C SER GA 468 -91.06 249.77 -35.25
N ILE GA 469 -91.04 250.09 -36.54
CA ILE GA 469 -92.24 250.64 -37.17
C ILE GA 469 -93.37 249.61 -37.17
N CYS GA 470 -93.05 248.35 -37.46
CA CYS GA 470 -94.06 247.30 -37.44
C CYS GA 470 -94.61 247.09 -36.04
N LYS GA 471 -93.75 247.13 -35.02
CA LYS GA 471 -94.21 246.99 -33.64
C LYS GA 471 -95.11 248.15 -33.24
N ILE GA 472 -94.75 249.37 -33.65
CA ILE GA 472 -95.58 250.53 -33.34
C ILE GA 472 -96.93 250.43 -34.04
N LEU GA 473 -96.94 249.99 -35.30
CA LEU GA 473 -98.19 249.82 -36.02
C LEU GA 473 -99.07 248.75 -35.36
N ALA GA 474 -98.46 247.65 -34.93
CA ALA GA 474 -99.23 246.60 -34.26
C ALA GA 474 -99.80 247.09 -32.93
N MET GA 475 -99.00 247.86 -32.16
CA MET GA 475 -99.49 248.39 -30.90
C MET GA 475 -100.60 249.41 -31.12
N LYS GA 476 -100.54 250.18 -32.21
CA LYS GA 476 -101.59 251.14 -32.49
C LYS GA 476 -102.86 250.45 -32.98
N ALA GA 477 -102.72 249.34 -33.72
CA ALA GA 477 -103.88 248.63 -34.23
C ALA GA 477 -104.53 247.74 -33.18
N VAL GA 478 -103.77 247.30 -32.17
CA VAL GA 478 -104.35 246.46 -31.13
C VAL GA 478 -105.30 247.24 -30.22
N ARG GA 479 -105.23 248.57 -30.24
CA ARG GA 479 -106.12 249.37 -29.42
C ARG GA 479 -107.55 249.37 -29.92
N ASN GA 480 -107.77 249.03 -31.19
CA ASN GA 480 -109.11 249.00 -31.78
C ASN GA 480 -109.73 247.62 -31.75
N ASN GA 481 -109.03 246.62 -31.22
CA ASN GA 481 -109.52 245.24 -31.15
C ASN GA 481 -109.92 244.72 -32.52
N ARG GA 482 -108.93 244.41 -33.36
CA ARG GA 482 -109.16 243.90 -34.71
C ARG GA 482 -108.31 242.64 -34.89
N LEU GA 483 -108.93 241.48 -34.73
CA LEU GA 483 -108.23 240.22 -34.87
C LEU GA 483 -108.01 239.89 -36.35
N GLY GA 484 -107.06 239.01 -36.60
CA GLY GA 484 -106.72 238.59 -37.95
C GLY GA 484 -105.66 239.42 -38.64
N SER GA 485 -105.84 240.75 -38.65
CA SER GA 485 -104.87 241.65 -39.28
C SER GA 485 -103.79 242.10 -38.31
N ALA GA 486 -104.10 242.20 -37.02
CA ALA GA 486 -103.10 242.62 -36.04
C ALA GA 486 -102.14 241.50 -35.66
N LEU GA 487 -102.60 240.25 -35.72
CA LEU GA 487 -101.73 239.13 -35.37
C LEU GA 487 -100.60 238.96 -36.39
N SER GA 488 -100.91 239.14 -37.67
CA SER GA 488 -99.88 239.01 -38.70
C SER GA 488 -98.86 240.14 -38.61
N TRP GA 489 -99.28 241.32 -38.14
CA TRP GA 489 -98.36 242.43 -37.98
C TRP GA 489 -97.54 242.32 -36.69
N SER GA 490 -98.10 241.70 -35.66
CA SER GA 490 -97.38 241.54 -34.40
C SER GA 490 -96.46 240.32 -34.40
N ILE GA 491 -96.73 239.32 -35.23
CA ILE GA 491 -95.87 238.14 -35.28
C ILE GA 491 -94.57 238.45 -36.00
N ARG GA 492 -94.59 239.41 -36.93
CA ARG GA 492 -93.38 239.77 -37.68
C ARG GA 492 -92.90 241.15 -37.26
N ALA GA 493 -92.76 241.37 -35.94
CA ALA GA 493 -92.31 242.66 -35.43
C ALA GA 493 -91.42 242.47 -34.21
N LYS GA 494 -92.03 242.21 -33.05
CA LYS GA 494 -91.30 242.01 -31.81
C LYS GA 494 -91.02 240.53 -31.56
N ASP GA 495 -90.37 239.88 -32.53
CA ASP GA 495 -90.02 238.45 -32.47
C ASP GA 495 -91.32 237.66 -32.31
N ALA GA 496 -91.36 236.67 -31.41
CA ALA GA 496 -92.56 235.87 -31.20
C ALA GA 496 -93.21 236.12 -29.85
N ALA GA 497 -92.66 237.04 -29.04
CA ALA GA 497 -93.25 237.32 -27.73
C ALA GA 497 -94.63 237.95 -27.86
N PHE GA 498 -94.82 238.81 -28.87
CA PHE GA 498 -96.12 239.41 -29.08
C PHE GA 498 -97.10 238.40 -29.67
N ALA GA 499 -96.63 237.54 -30.57
CA ALA GA 499 -97.51 236.54 -31.16
C ALA GA 499 -97.98 235.53 -30.12
N THR GA 500 -97.08 235.10 -29.22
CA THR GA 500 -97.48 234.17 -28.17
C THR GA 500 -98.49 234.81 -27.23
N LEU GA 501 -98.30 236.09 -26.89
CA LEU GA 501 -99.24 236.78 -26.03
C LEU GA 501 -100.60 236.92 -26.70
N VAL GA 502 -100.61 237.23 -28.00
CA VAL GA 502 -101.87 237.35 -28.73
C VAL GA 502 -102.58 236.00 -28.79
N SER GA 503 -101.83 234.92 -29.01
CA SER GA 503 -102.43 233.60 -29.04
C SER GA 503 -103.01 233.22 -27.68
N ASP GA 504 -102.29 233.55 -26.60
CA ASP GA 504 -102.78 233.26 -25.27
C ASP GA 504 -104.05 234.06 -24.96
N ARG GA 505 -104.07 235.33 -25.38
CA ARG GA 505 -105.26 236.14 -25.15
C ARG GA 505 -106.45 235.60 -25.95
N PHE GA 506 -106.21 235.16 -27.19
CA PHE GA 506 -107.28 234.61 -27.99
C PHE GA 506 -107.80 233.31 -27.38
N LEU GA 507 -106.90 232.45 -26.89
CA LEU GA 507 -107.32 231.20 -26.25
C LEU GA 507 -108.08 231.46 -24.96
N ARG GA 508 -107.70 232.51 -24.22
CA ARG GA 508 -108.42 232.83 -22.99
C ARG GA 508 -109.78 233.44 -23.28
N ASP GA 509 -109.90 234.23 -24.35
CA ASP GA 509 -111.18 234.82 -24.70
C ASP GA 509 -112.13 233.82 -25.35
N TYR GA 510 -111.58 232.82 -26.03
CA TYR GA 510 -112.44 231.82 -26.67
C TYR GA 510 -113.02 230.85 -25.65
N CYS GA 511 -112.19 230.38 -24.71
CA CYS GA 511 -112.63 229.45 -23.68
C CYS GA 511 -113.39 230.23 -22.61
N GLU GA 512 -114.71 230.32 -22.78
CA GLU GA 512 -115.55 231.04 -21.84
C GLU GA 512 -116.93 230.42 -21.75
N ARG GA 513 -117.26 229.56 -22.71
CA ARG GA 513 -118.57 228.90 -22.74
C ARG GA 513 -118.39 227.53 -23.39
N GLY GA 514 -119.51 226.91 -23.77
CA GLY GA 514 -119.44 225.60 -24.40
C GLY GA 514 -119.01 225.67 -25.85
N CYS GA 515 -119.44 226.72 -26.56
CA CYS GA 515 -119.08 226.91 -27.97
C CYS GA 515 -118.10 228.08 -28.05
N PHE GA 516 -116.85 227.78 -28.40
CA PHE GA 516 -115.82 228.80 -28.52
C PHE GA 516 -116.00 229.59 -29.81
N SER GA 517 -116.81 230.65 -29.76
CA SER GA 517 -117.02 231.48 -30.94
C SER GA 517 -115.81 232.37 -31.20
N ASP GA 518 -115.57 233.34 -30.31
CA ASP GA 518 -114.43 234.24 -30.39
C ASP GA 518 -114.43 234.99 -31.72
N LEU GA 519 -113.86 234.37 -32.76
CA LEU GA 519 -113.78 235.00 -34.07
C LEU GA 519 -115.15 235.07 -34.72
N ASP GA 520 -115.96 236.06 -34.33
CA ASP GA 520 -117.29 236.25 -34.87
C ASP GA 520 -117.36 237.57 -35.63
N LEU GA 521 -118.42 237.71 -36.43
CA LEU GA 521 -118.65 238.90 -37.24
C LEU GA 521 -117.45 239.20 -38.14
N ILE GA 522 -116.43 239.87 -37.59
CA ILE GA 522 -115.23 240.20 -38.34
C ILE GA 522 -114.05 240.25 -37.39
N ASP GA 523 -113.48 239.10 -37.08
CA ASP GA 523 -112.33 239.02 -36.18
C ASP GA 523 -111.47 237.81 -36.55
N ASN GA 524 -111.15 237.68 -37.83
CA ASN GA 524 -110.33 236.57 -38.31
C ASN GA 524 -109.58 236.97 -39.58
N LEU GA 525 -110.14 237.90 -40.34
CA LEU GA 525 -109.51 238.34 -41.58
C LEU GA 525 -109.53 239.87 -41.68
N GLY GA 526 -88.07 232.87 -43.90
CA GLY GA 526 -87.53 232.50 -42.60
C GLY GA 526 -88.30 233.09 -41.44
N PRO GA 527 -88.93 234.24 -41.65
CA PRO GA 527 -89.70 234.87 -40.57
C PRO GA 527 -91.20 234.76 -40.80
N ALA GA 528 -91.60 234.32 -41.98
CA ALA GA 528 -93.00 234.17 -42.31
C ALA GA 528 -93.53 232.77 -41.98
N MET GA 529 -92.80 231.73 -42.38
CA MET GA 529 -93.24 230.37 -42.10
C MET GA 529 -93.18 230.06 -40.61
N MET GA 530 -92.15 230.55 -39.92
CA MET GA 530 -92.05 230.31 -38.49
C MET GA 530 -93.16 231.01 -37.72
N LEU GA 531 -93.63 232.16 -38.21
CA LEU GA 531 -94.75 232.84 -37.56
C LEU GA 531 -96.09 232.27 -37.95
N SER GA 532 -96.18 231.66 -39.14
CA SER GA 532 -97.44 231.06 -39.58
C SER GA 532 -97.66 229.68 -38.97
N ASP GA 533 -96.58 228.94 -38.70
CA ASP GA 533 -96.73 227.60 -38.13
C ASP GA 533 -97.11 227.65 -36.64
N ARG GA 534 -96.87 228.78 -35.97
CA ARG GA 534 -97.22 228.90 -34.57
C ARG GA 534 -98.71 229.14 -34.33
N LEU GA 535 -99.46 229.52 -35.37
CA LEU GA 535 -100.89 229.78 -35.25
C LEU GA 535 -101.74 228.60 -35.71
N THR GA 536 -101.16 227.40 -35.74
CA THR GA 536 -101.90 226.22 -36.17
C THR GA 536 -102.79 225.67 -35.05
N PHE GA 537 -102.37 225.79 -33.80
CA PHE GA 537 -103.16 225.28 -32.69
C PHE GA 537 -104.48 226.05 -32.55
N LEU GA 538 -104.42 227.39 -32.68
CA LEU GA 538 -105.63 228.18 -32.59
C LEU GA 538 -106.59 227.86 -33.73
N GLY GA 539 -106.05 227.69 -34.94
CA GLY GA 539 -106.90 227.32 -36.06
C GLY GA 539 -107.54 225.95 -35.89
N LYS GA 540 -106.77 224.99 -35.38
CA LYS GA 540 -107.33 223.66 -35.13
C LYS GA 540 -108.41 223.71 -34.06
N TYR GA 541 -108.18 224.49 -33.00
CA TYR GA 541 -109.20 224.63 -31.96
C TYR GA 541 -110.46 225.28 -32.50
N ARG GA 542 -110.31 226.30 -33.34
CA ARG GA 542 -111.47 226.96 -33.93
C ARG GA 542 -112.23 226.01 -34.85
N GLU GA 543 -111.51 225.21 -35.64
CA GLU GA 543 -112.17 224.26 -36.52
C GLU GA 543 -112.87 223.15 -35.74
N PHE GA 544 -112.30 222.75 -34.61
CA PHE GA 544 -112.94 221.73 -33.79
C PHE GA 544 -114.16 222.28 -33.06
N HIS GA 545 -114.12 223.56 -32.65
CA HIS GA 545 -115.26 224.16 -31.97
C HIS GA 545 -116.39 224.52 -32.92
N ARG GA 546 -116.06 224.89 -34.16
CA ARG GA 546 -117.08 225.23 -35.15
C ARG GA 546 -117.77 223.98 -35.67
N MET GA 547 -117.11 223.27 -36.59
CA MET GA 547 -117.67 222.06 -37.16
C MET GA 547 -117.20 220.83 -36.39
N TYR GA 548 -117.85 219.70 -36.65
CA TYR GA 548 -117.53 218.44 -36.01
C TYR GA 548 -117.73 217.30 -36.99
N GLY GA 549 -116.78 216.37 -37.01
CA GLY GA 549 -116.86 215.23 -37.90
C GLY GA 549 -116.55 213.91 -37.22
N GLU GA 550 -117.55 213.32 -36.59
CA GLU GA 550 -117.43 212.03 -35.88
C GLU GA 550 -116.36 212.21 -34.79
N LYS GA 551 -115.44 211.27 -34.63
CA LYS GA 551 -114.40 211.35 -33.62
C LYS GA 551 -113.15 212.08 -34.11
N ARG GA 552 -113.12 212.50 -35.38
CA ARG GA 552 -111.95 213.21 -35.90
C ARG GA 552 -111.79 214.56 -35.23
N PHE GA 553 -112.90 215.29 -35.02
CA PHE GA 553 -112.82 216.58 -34.36
C PHE GA 553 -112.37 216.43 -32.91
N ALA GA 554 -112.87 215.40 -32.22
CA ALA GA 554 -112.44 215.16 -30.84
C ALA GA 554 -110.97 214.79 -30.78
N ASP GA 555 -110.50 213.97 -31.71
CA ASP GA 555 -109.08 213.61 -31.74
C ASP GA 555 -108.21 214.83 -32.02
N ALA GA 556 -108.64 215.70 -32.94
CA ALA GA 556 -107.89 216.91 -33.23
C ALA GA 556 -107.85 217.84 -32.03
N ALA GA 557 -108.97 217.96 -31.32
CA ALA GA 557 -109.01 218.80 -30.12
C ALA GA 557 -108.10 218.24 -29.03
N SER GA 558 -108.10 216.91 -28.86
CA SER GA 558 -107.22 216.30 -27.86
C SER GA 558 -105.76 216.50 -28.23
N LEU GA 559 -105.42 216.37 -29.51
CA LEU GA 559 -104.05 216.58 -29.94
C LEU GA 559 -103.63 218.04 -29.73
N LEU GA 560 -104.52 218.98 -30.03
CA LEU GA 560 -104.21 220.39 -29.80
C LEU GA 560 -104.02 220.68 -28.32
N LEU GA 561 -104.86 220.10 -27.47
CA LEU GA 561 -104.71 220.30 -26.03
C LEU GA 561 -103.41 219.70 -25.52
N SER GA 562 -103.04 218.51 -26.00
CA SER GA 562 -101.79 217.89 -25.59
C SER GA 562 -100.58 218.68 -26.09
N LEU GA 563 -100.69 219.30 -27.26
CA LEU GA 563 -99.58 220.12 -27.77
C LEU GA 563 -99.47 221.44 -27.02
N MET GA 564 -100.61 222.02 -26.62
CA MET GA 564 -100.58 223.28 -25.88
C MET GA 564 -100.17 223.08 -24.43
N THR GA 565 -100.44 221.92 -23.86
CA THR GA 565 -100.08 221.62 -22.48
C THR GA 565 -98.61 221.24 -22.32
N SER GA 566 -97.85 221.14 -23.41
CA SER GA 566 -96.44 220.77 -23.36
C SER GA 566 -95.53 221.99 -23.36
N ARG GA 567 -95.86 223.01 -22.56
CA ARG GA 567 -95.07 224.24 -22.45
C ARG GA 567 -94.91 224.90 -23.82
N ILE GA 568 -96.03 225.06 -24.52
CA ILE GA 568 -96.03 225.69 -25.84
C ILE GA 568 -96.83 226.98 -25.77
N ALA GA 569 -98.16 226.88 -25.83
CA ALA GA 569 -99.03 228.03 -25.76
C ALA GA 569 -99.29 228.41 -24.30
N PRO GA 570 -98.27 228.92 -23.59
CA PRO GA 570 -98.44 229.30 -22.18
C PRO GA 570 -99.07 228.21 -21.32
N ARG GA 571 -99.75 228.61 -20.24
CA ARG GA 571 -100.39 227.62 -19.38
C ARG GA 571 -101.55 228.19 -18.58
N SER GA 572 -102.17 229.29 -19.00
CA SER GA 572 -103.28 229.86 -18.25
C SER GA 572 -104.59 229.17 -18.60
N PHE GA 573 -104.95 229.16 -19.88
CA PHE GA 573 -106.18 228.55 -20.35
C PHE GA 573 -106.05 227.07 -20.65
N TRP GA 574 -104.85 226.49 -20.45
CA TRP GA 574 -104.67 225.07 -20.74
C TRP GA 574 -105.51 224.20 -19.80
N MET GA 575 -105.55 224.54 -18.52
CA MET GA 575 -106.36 223.77 -17.58
C MET GA 575 -107.85 223.89 -17.91
N THR GA 576 -108.30 225.07 -18.30
CA THR GA 576 -109.70 225.25 -18.69
C THR GA 576 -110.03 224.45 -19.94
N LEU GA 577 -109.12 224.45 -20.93
CA LEU GA 577 -109.35 223.67 -22.13
C LEU GA 577 -109.39 222.17 -21.83
N LEU GA 578 -108.49 221.71 -20.95
CA LEU GA 578 -108.50 220.30 -20.57
C LEU GA 578 -109.79 219.93 -19.84
N THR GA 579 -110.26 220.79 -18.94
CA THR GA 579 -111.49 220.51 -18.23
C THR GA 579 -112.70 220.53 -19.15
N ASP GA 580 -112.68 221.40 -20.18
CA ASP GA 580 -113.77 221.43 -21.13
C ASP GA 580 -113.75 220.22 -22.06
N ALA GA 581 -112.55 219.73 -22.40
CA ALA GA 581 -112.44 218.56 -23.26
C ALA GA 581 -112.76 217.27 -22.52
N LEU GA 582 -112.47 217.21 -21.22
CA LEU GA 582 -112.76 216.02 -20.43
C LEU GA 582 -114.25 215.87 -20.22
N PRO GA 583 -115.00 216.97 -20.20
CA PRO GA 583 -116.46 216.86 -20.00
C PRO GA 583 -117.22 216.39 -21.23
N LEU GA 584 -116.60 216.42 -22.42
CA LEU GA 584 -117.26 215.98 -23.63
C LEU GA 584 -116.93 214.55 -24.02
N LEU GA 585 -115.87 213.97 -23.45
CA LEU GA 585 -115.50 212.60 -23.79
C LEU GA 585 -116.41 211.59 -23.08
N GLU GA 586 -116.39 211.59 -21.75
CA GLU GA 586 -117.22 210.66 -20.98
C GLU GA 586 -117.59 211.35 -19.68
N GLN GA 587 -118.86 211.74 -19.54
CA GLN GA 587 -119.34 212.40 -18.34
C GLN GA 587 -120.22 211.50 -17.48
N LYS GA 588 -120.81 210.45 -18.05
CA LYS GA 588 -121.65 209.54 -17.29
C LYS GA 588 -121.45 208.08 -17.64
N GLN GA 589 -120.54 207.75 -18.56
CA GLN GA 589 -120.29 206.37 -18.94
C GLN GA 589 -118.84 206.17 -19.35
N VAL GA 590 -118.63 205.58 -20.53
CA VAL GA 590 -117.29 205.33 -21.05
C VAL GA 590 -117.23 205.84 -22.49
N ILE GA 591 -116.02 205.80 -23.05
CA ILE GA 591 -115.79 206.25 -24.42
C ILE GA 591 -114.65 205.45 -25.03
N PHE GA 592 -114.03 205.98 -26.08
CA PHE GA 592 -112.93 205.31 -26.76
C PHE GA 592 -112.06 206.36 -27.43
N SER GA 593 -110.74 206.19 -27.28
CA SER GA 593 -109.78 207.11 -27.87
C SER GA 593 -108.48 206.37 -28.16
N ALA GA 594 -107.99 206.51 -29.38
CA ALA GA 594 -106.75 205.86 -29.81
C ALA GA 594 -105.60 206.85 -29.70
N GLU GA 595 -104.56 206.48 -28.96
CA GLU GA 595 -103.38 207.32 -28.76
C GLU GA 595 -103.75 208.68 -28.19
N GLN GA 596 -104.64 208.68 -27.20
CA GLN GA 596 -105.09 209.92 -26.57
C GLN GA 596 -105.36 209.80 -25.08
N THR GA 597 -105.85 208.66 -24.59
CA THR GA 597 -106.12 208.52 -23.16
C THR GA 597 -104.83 208.55 -22.35
N TYR GA 598 -103.78 207.88 -22.84
CA TYR GA 598 -102.50 207.90 -22.13
C TYR GA 598 -101.90 209.31 -22.11
N GLU GA 599 -102.01 210.03 -23.23
CA GLU GA 599 -101.51 211.40 -23.27
C GLU GA 599 -102.29 212.31 -22.33
N LEU GA 600 -103.62 212.14 -22.28
CA LEU GA 600 -104.43 212.93 -21.36
C LEU GA 600 -104.08 212.62 -19.91
N MET GA 601 -103.86 211.34 -19.58
CA MET GA 601 -103.47 210.97 -18.23
C MET GA 601 -102.11 211.55 -17.86
N ARG GA 602 -101.16 211.51 -18.81
CA ARG GA 602 -99.85 212.08 -18.54
C ARG GA 602 -99.93 213.59 -18.34
N CYS GA 603 -100.75 214.27 -19.14
CA CYS GA 603 -100.92 215.71 -18.98
C CYS GA 603 -101.57 216.05 -17.64
N LEU GA 604 -102.57 215.25 -17.23
CA LEU GA 604 -103.21 215.50 -15.95
C LEU GA 604 -102.27 215.22 -14.78
N GLU GA 605 -101.39 214.23 -14.92
CA GLU GA 605 -100.43 213.94 -13.86
C GLU GA 605 -99.34 215.00 -13.79
N ASP GA 606 -98.94 215.55 -14.94
CA ASP GA 606 -97.91 216.60 -14.95
C ASP GA 606 -98.45 217.94 -14.50
N LEU GA 607 -99.73 218.23 -14.78
CA LEU GA 607 -100.30 219.51 -14.37
C LEU GA 607 -100.61 219.55 -12.88
N THR GA 608 -100.85 218.39 -12.27
CA THR GA 608 -101.15 218.33 -10.84
C THR GA 608 -99.91 218.25 -9.97
N SER GA 609 -98.81 217.72 -10.50
CA SER GA 609 -97.56 217.60 -9.77
C SER GA 609 -96.56 218.68 -10.14
N ARG GA 610 -97.04 219.83 -10.62
CA ARG GA 610 -96.16 220.92 -11.00
C ARG GA 610 -95.74 221.73 -9.79
N ARG GA 611 -96.32 222.90 -9.61
CA ARG GA 611 -96.01 223.77 -8.48
C ARG GA 611 -97.23 224.61 -8.10
N PRO GA 612 -97.05 225.66 -7.30
CA PRO GA 612 -98.20 226.50 -6.93
C PRO GA 612 -98.34 227.72 -7.82
N VAL GA 613 -98.83 228.82 -7.25
CA VAL GA 613 -99.03 230.08 -7.98
C VAL GA 613 -99.91 229.87 -9.20
N HIS GA 614 -119.45 238.48 -21.87
CA HIS GA 614 -119.49 238.76 -23.30
C HIS GA 614 -120.31 237.71 -24.05
N GLY GA 615 -121.49 237.40 -23.51
CA GLY GA 615 -122.36 236.42 -24.14
C GLY GA 615 -121.92 234.99 -23.93
N GLU GA 616 -121.48 234.65 -22.72
CA GLU GA 616 -121.02 233.31 -22.39
C GLU GA 616 -122.05 232.60 -21.51
N SER GA 617 -122.03 231.27 -21.58
CA SER GA 617 -122.95 230.44 -20.80
C SER GA 617 -122.20 229.19 -20.37
N ASP GA 618 -122.00 229.02 -19.07
CA ASP GA 618 -121.30 227.86 -18.54
C ASP GA 618 -122.21 226.64 -18.56
N THR GA 619 -121.58 225.46 -18.60
CA THR GA 619 -122.31 224.21 -18.62
C THR GA 619 -122.79 223.85 -17.22
N GLU GA 620 -123.68 222.85 -17.15
CA GLU GA 620 -124.21 222.41 -15.88
C GLU GA 620 -123.22 221.58 -15.08
N GLN GA 621 -122.28 220.91 -15.76
CA GLN GA 621 -121.29 220.09 -15.08
C GLN GA 621 -120.17 220.93 -14.47
N LEU GA 622 -119.82 222.05 -15.10
CA LEU GA 622 -118.76 222.90 -14.58
C LEU GA 622 -119.23 223.74 -13.40
N GLN GA 623 -120.52 224.05 -13.33
CA GLN GA 623 -121.05 224.85 -12.24
C GLN GA 623 -121.23 224.05 -10.95
N ASP GA 624 -121.24 222.72 -11.04
CA ASP GA 624 -121.41 221.88 -9.86
C ASP GA 624 -120.09 221.60 -9.14
N ASP GA 625 -118.95 221.98 -9.72
CA ASP GA 625 -117.66 221.75 -9.11
C ASP GA 625 -117.33 222.92 -8.18
N ASP GA 626 -116.10 222.94 -7.66
CA ASP GA 626 -115.67 223.99 -6.75
C ASP GA 626 -114.17 224.22 -6.86
N ILE GA 627 -113.39 223.14 -6.70
CA ILE GA 627 -111.94 223.24 -6.76
C ILE GA 627 -111.47 222.99 -8.20
N GLU GA 628 -110.23 222.56 -8.36
CA GLU GA 628 -109.64 222.30 -9.67
C GLU GA 628 -109.27 220.85 -9.91
N THR GA 629 -108.93 220.11 -8.86
CA THR GA 629 -108.55 218.70 -9.02
C THR GA 629 -109.75 217.81 -9.28
N THR GA 630 -110.97 218.30 -9.08
CA THR GA 630 -112.14 217.47 -9.34
C THR GA 630 -112.26 217.14 -10.83
N LYS GA 631 -111.96 218.10 -11.70
CA LYS GA 631 -111.99 217.84 -13.13
C LYS GA 631 -110.93 216.82 -13.54
N VAL GA 632 -109.74 216.91 -12.94
CA VAL GA 632 -108.69 215.95 -13.25
C VAL GA 632 -109.08 214.55 -12.77
N GLU GA 633 -109.71 214.48 -11.59
CA GLU GA 633 -110.16 213.18 -11.08
C GLU GA 633 -111.25 212.60 -11.97
N MET GA 634 -112.19 213.43 -12.43
CA MET GA 634 -113.22 212.94 -13.34
C MET GA 634 -112.63 212.47 -14.66
N LEU GA 635 -111.65 213.20 -15.18
CA LEU GA 635 -110.99 212.78 -16.42
C LEU GA 635 -110.26 211.46 -16.24
N ARG GA 636 -109.58 211.29 -15.10
CA ARG GA 636 -108.89 210.04 -14.84
C ARG GA 636 -109.87 208.88 -14.71
N LEU GA 637 -110.99 209.11 -14.04
CA LEU GA 637 -112.01 208.06 -13.91
C LEU GA 637 -112.60 207.70 -15.27
N SER GA 638 -112.85 208.70 -16.12
CA SER GA 638 -113.36 208.43 -17.45
C SER GA 638 -112.35 207.66 -18.29
N LEU GA 639 -111.07 208.02 -18.20
CA LEU GA 639 -110.04 207.31 -18.93
C LEU GA 639 -109.92 205.86 -18.45
N ALA GA 640 -110.02 205.64 -17.14
CA ALA GA 640 -109.97 204.29 -16.61
C ALA GA 640 -111.17 203.47 -17.07
N ARG GA 641 -112.35 204.07 -17.06
CA ARG GA 641 -113.54 203.36 -17.53
C ARG GA 641 -113.43 203.03 -19.01
N ASN GA 642 -112.88 203.95 -19.81
CA ASN GA 642 -112.69 203.69 -21.23
C ASN GA 642 -111.69 202.56 -21.46
N LEU GA 643 -110.57 202.60 -20.75
CA LEU GA 643 -109.57 201.53 -20.89
C LEU GA 643 -110.08 200.19 -20.38
N ALA GA 644 -111.04 200.19 -19.46
CA ALA GA 644 -111.59 198.95 -18.94
C ALA GA 644 -112.71 198.37 -19.80
N ARG GA 645 -113.52 199.23 -20.43
CA ARG GA 645 -114.67 198.77 -21.21
C ARG GA 645 -114.57 199.20 -22.67
N ALA GA 646 -113.35 199.33 -23.20
CA ALA GA 646 -113.19 199.68 -24.61
C ALA GA 646 -111.92 199.04 -25.18
N ILE GA 647 -110.90 198.86 -24.33
CA ILE GA 647 -109.65 198.27 -24.78
C ILE GA 647 -109.66 196.75 -24.76
N ILE GA 648 -110.82 196.13 -24.57
CA ILE GA 648 -110.94 194.68 -24.56
C ILE GA 648 -111.53 194.20 -25.87
N ARG GA 649 -111.37 195.01 -26.92
CA ARG GA 649 -111.89 194.69 -28.24
C ARG GA 649 -110.77 194.05 -29.06
N GLU GA 650 -110.64 192.74 -28.91
CA GLU GA 650 -109.61 191.99 -29.63
C GLU GA 650 -110.15 191.49 -30.96
N GLY GA 651 -109.25 191.32 -31.92
CA GLY GA 651 -109.61 190.86 -33.24
C GLY GA 651 -109.36 189.37 -33.45
N ILE HA 4 -97.01 226.23 -61.30
CA ILE HA 4 -98.35 226.74 -61.59
C ILE HA 4 -99.33 225.58 -61.72
N TYR HA 5 -100.59 225.82 -61.36
CA TYR HA 5 -101.62 224.80 -61.44
C TYR HA 5 -102.95 225.47 -61.73
N ALA HA 6 -103.81 224.75 -62.45
CA ALA HA 6 -105.13 225.23 -62.83
C ALA HA 6 -106.20 224.51 -62.02
N LYS HA 7 -107.35 225.17 -61.86
CA LYS HA 7 -108.48 224.63 -61.14
C LYS HA 7 -109.76 224.93 -61.88
N PHE HA 8 -110.64 223.93 -61.98
CA PHE HA 8 -111.91 224.08 -62.68
C PHE HA 8 -112.99 224.52 -61.70
N VAL HA 9 -113.87 225.41 -62.17
CA VAL HA 9 -114.97 225.92 -61.36
C VAL HA 9 -116.28 225.95 -62.11
N SER HA 10 -116.31 225.56 -63.39
CA SER HA 10 -117.52 225.55 -64.20
C SER HA 10 -118.17 226.93 -64.27
N GLN HA 11 -117.33 227.97 -64.37
CA GLN HA 11 -117.82 229.33 -64.44
CA GLN HA 11 -117.82 229.33 -64.44
C GLN HA 11 -116.78 230.19 -65.15
N LYS HA 12 -117.24 231.03 -66.07
CA LYS HA 12 -116.36 231.91 -66.82
C LYS HA 12 -115.92 233.06 -65.93
N ILE HA 13 -114.69 233.00 -65.44
CA ILE HA 13 -114.17 234.04 -64.56
C ILE HA 13 -113.85 235.28 -65.38
N SER HA 14 -114.39 236.41 -64.95
CA SER HA 14 -114.17 237.69 -65.65
C SER HA 14 -113.20 238.60 -64.93
N LYS HA 15 -112.90 238.34 -63.66
CA LYS HA 15 -111.98 239.18 -62.90
C LYS HA 15 -111.30 238.31 -61.85
N THR HA 16 -110.09 238.73 -61.45
CA THR HA 16 -109.33 238.01 -60.44
C THR HA 16 -108.43 239.03 -59.73
N ARG HA 17 -108.68 239.25 -58.45
CA ARG HA 17 -107.92 240.18 -57.64
C ARG HA 17 -107.58 239.54 -56.31
N TRP HA 18 -106.30 239.54 -55.96
CA TRP HA 18 -105.86 238.96 -54.70
C TRP HA 18 -106.18 239.87 -53.53
N ARG HA 19 -106.35 239.27 -52.36
CA ARG HA 19 -106.66 240.03 -51.16
C ARG HA 19 -105.42 240.73 -50.62
N PRO HA 20 -105.57 241.90 -50.02
CA PRO HA 20 -104.41 242.61 -49.47
C PRO HA 20 -103.95 242.03 -48.15
N LEU HA 21 -102.65 242.12 -47.92
CA LEU HA 21 -102.03 241.62 -46.71
C LEU HA 21 -102.14 242.66 -45.60
N PRO HA 22 -101.64 242.36 -44.41
CA PRO HA 22 -101.71 243.32 -43.31
C PRO HA 22 -100.58 244.32 -43.38
N PRO HA 23 -100.51 245.27 -42.44
CA PRO HA 23 -99.43 246.26 -42.46
C PRO HA 23 -98.14 245.68 -41.92
N GLY HA 24 -97.18 245.46 -42.82
CA GLY HA 24 -95.91 244.89 -42.43
C GLY HA 24 -95.87 243.39 -42.32
N SER HA 25 -96.78 242.69 -43.00
CA SER HA 25 -96.81 241.23 -42.94
C SER HA 25 -95.80 240.64 -43.91
N LEU HA 26 -95.10 239.60 -43.45
CA LEU HA 26 -94.10 238.92 -44.26
C LEU HA 26 -94.66 237.73 -45.04
N GLN HA 27 -95.91 237.37 -44.81
CA GLN HA 27 -96.51 236.25 -45.51
C GLN HA 27 -96.95 236.65 -46.92
N THR HA 28 -97.11 235.65 -47.78
CA THR HA 28 -97.52 235.88 -49.15
C THR HA 28 -99.04 235.96 -49.24
N ALA HA 29 -99.55 236.17 -50.46
CA ALA HA 29 -100.98 236.26 -50.68
C ALA HA 29 -101.59 234.86 -50.73
N GLU HA 30 -102.59 234.62 -49.88
CA GLU HA 30 -103.26 233.34 -49.81
C GLU HA 30 -104.71 233.38 -50.28
N THR HA 31 -105.41 234.48 -50.05
CA THR HA 31 -106.80 234.63 -50.44
C THR HA 31 -106.91 235.50 -51.68
N PHE HA 32 -107.88 235.17 -52.54
CA PHE HA 32 -108.10 235.91 -53.77
C PHE HA 32 -109.58 235.81 -54.15
N ALA HA 33 -110.10 236.89 -54.72
CA ALA HA 33 -111.49 236.96 -55.14
C ALA HA 33 -111.61 236.70 -56.64
N THR HA 34 -112.81 236.33 -57.07
CA THR HA 34 -113.08 236.05 -58.47
C THR HA 34 -114.47 236.56 -58.82
N GLY HA 35 -114.72 236.69 -60.11
CA GLY HA 35 -116.00 237.17 -60.60
C GLY HA 35 -116.48 236.46 -61.83
N SER HA 36 -117.62 235.78 -61.74
CA SER HA 36 -118.18 235.05 -62.86
C SER HA 36 -119.04 235.97 -63.72
N TRP HA 37 -119.11 235.64 -65.01
CA TRP HA 37 -119.89 236.43 -65.96
C TRP HA 37 -120.28 235.52 -67.12
N ASP HA 38 -121.01 236.10 -68.08
CA ASP HA 38 -121.49 235.38 -69.27
C ASP HA 38 -122.32 234.16 -68.89
N ASN HA 39 -123.21 234.34 -67.90
CA ASN HA 39 -124.08 233.27 -67.45
CA ASN HA 39 -124.08 233.27 -67.45
C ASN HA 39 -125.37 233.87 -66.93
N GLU HA 40 -126.34 232.99 -66.65
CA GLU HA 40 -127.64 233.42 -66.14
C GLU HA 40 -127.64 233.67 -64.63
N GLU HA 41 -126.59 233.25 -63.93
CA GLU HA 41 -126.51 233.45 -62.47
C GLU HA 41 -125.03 233.67 -62.13
N ASN HA 42 -124.60 234.93 -62.20
CA ASN HA 42 -123.23 235.29 -61.90
C ASN HA 42 -122.99 235.27 -60.39
N TYR HA 43 -121.82 234.79 -59.99
CA TYR HA 43 -121.44 234.70 -58.58
C TYR HA 43 -120.04 235.26 -58.39
N ILE HA 44 -119.82 235.88 -57.23
CA ILE HA 44 -118.53 236.47 -56.91
C ILE HA 44 -117.94 235.72 -55.72
N SER HA 45 -117.39 234.55 -55.95
CA SER HA 45 -116.79 233.75 -54.90
C SER HA 45 -115.38 234.23 -54.61
N LEU HA 46 -114.80 233.69 -53.53
CA LEU HA 46 -113.44 234.03 -53.11
C LEU HA 46 -112.75 232.76 -52.63
N TRP HA 47 -111.65 232.41 -53.29
CA TRP HA 47 -110.89 231.21 -52.93
C TRP HA 47 -109.85 231.55 -51.87
N SER HA 48 -109.27 230.49 -51.30
CA SER HA 48 -108.26 230.65 -50.26
C SER HA 48 -107.33 229.45 -50.32
N ILE HA 49 -106.03 229.72 -50.49
CA ILE HA 49 -105.03 228.65 -50.56
C ILE HA 49 -104.72 228.12 -49.17
N GLU HA 62 -98.25 219.62 -55.90
CA GLU HA 62 -99.17 220.48 -56.63
C GLU HA 62 -100.03 221.30 -55.67
N GLY HA 63 -100.21 222.58 -56.01
CA GLY HA 63 -101.01 223.45 -55.16
C GLY HA 63 -102.51 223.26 -55.37
N ASP HA 64 -103.28 223.71 -54.39
CA ASP HA 64 -104.72 223.60 -54.43
C ASP HA 64 -105.34 224.79 -53.70
N HIS HA 65 -106.62 225.00 -53.92
CA HIS HA 65 -107.35 226.09 -53.30
C HIS HA 65 -108.80 225.69 -53.14
N GLN HA 66 -109.39 226.06 -52.01
CA GLN HA 66 -110.78 225.76 -51.70
C GLN HA 66 -111.59 227.04 -51.60
N LEU HA 67 -112.89 226.93 -51.86
CA LEU HA 67 -113.78 228.08 -51.81
C LEU HA 67 -114.17 228.39 -50.36
N LEU HA 68 -114.19 229.68 -50.04
CA LEU HA 68 -114.54 230.15 -48.70
C LEU HA 68 -115.94 230.72 -48.62
N CYS HA 69 -116.26 231.72 -49.46
CA CYS HA 69 -117.57 232.33 -49.47
C CYS HA 69 -118.06 232.44 -50.91
N ASP HA 70 -119.37 232.62 -51.06
CA ASP HA 70 -119.99 232.74 -52.37
C ASP HA 70 -121.27 233.53 -52.23
N ILE HA 71 -121.53 234.39 -53.21
CA ILE HA 71 -122.72 235.23 -53.23
C ILE HA 71 -123.08 235.54 -54.67
N ARG HA 72 -124.38 235.48 -54.97
CA ARG HA 72 -124.84 235.75 -56.32
C ARG HA 72 -124.81 237.25 -56.61
N HIS HA 73 -124.39 237.60 -57.82
CA HIS HA 73 -124.30 238.98 -58.26
C HIS HA 73 -125.12 239.17 -59.52
N HIS HA 74 -125.99 240.18 -59.52
CA HIS HA 74 -126.84 240.47 -60.67
CA HIS HA 74 -126.84 240.47 -60.67
C HIS HA 74 -126.02 241.20 -61.74
N GLY HA 75 -125.93 240.60 -62.92
CA GLY HA 75 -125.20 241.17 -64.02
C GLY HA 75 -123.78 240.64 -64.11
N ASP HA 76 -123.15 240.89 -65.25
CA ASP HA 76 -121.79 240.46 -65.49
C ASP HA 76 -120.81 241.36 -64.76
N VAL HA 77 -119.94 240.75 -63.95
CA VAL HA 77 -118.93 241.48 -63.19
C VAL HA 77 -117.84 241.92 -64.17
N MET HA 78 -117.94 243.15 -64.68
CA MET HA 78 -116.96 243.64 -65.63
C MET HA 78 -115.66 244.06 -64.96
N ASP HA 79 -115.70 244.39 -63.66
CA ASP HA 79 -114.51 244.80 -62.93
C ASP HA 79 -114.68 244.47 -61.46
N LEU HA 80 -113.57 244.15 -60.81
CA LEU HA 80 -113.58 243.83 -59.38
C LEU HA 80 -112.29 244.32 -58.75
N GLN HA 81 -112.40 244.98 -57.60
CA GLN HA 81 -111.24 245.51 -56.91
C GLN HA 81 -111.52 245.50 -55.41
N PHE HA 82 -110.47 245.22 -54.64
CA PHE HA 82 -110.56 245.18 -53.18
C PHE HA 82 -110.18 246.54 -52.62
N PHE HA 83 -111.12 247.18 -51.93
CA PHE HA 83 -110.85 248.50 -51.36
C PHE HA 83 -110.10 248.40 -50.03
N ASP HA 84 -110.29 247.33 -49.28
CA ASP HA 84 -109.61 247.14 -48.01
C ASP HA 84 -109.38 245.65 -47.80
N GLN HA 85 -109.22 245.23 -46.55
CA GLN HA 85 -109.00 243.83 -46.23
C GLN HA 85 -110.31 243.03 -46.19
N GLU HA 86 -111.44 243.69 -45.99
CA GLU HA 86 -112.73 243.01 -45.93
C GLU HA 86 -113.74 243.54 -46.94
N ARG HA 87 -113.47 244.66 -47.59
CA ARG HA 87 -114.38 245.24 -48.58
C ARG HA 87 -113.85 244.99 -49.98
N ILE HA 88 -114.77 244.75 -50.91
CA ILE HA 88 -114.43 244.49 -52.31
CA ILE HA 88 -114.43 244.49 -52.31
C ILE HA 88 -115.49 245.14 -53.19
N VAL HA 89 -115.08 246.05 -54.05
CA VAL HA 89 -115.99 246.76 -54.95
C VAL HA 89 -116.05 246.00 -56.27
N ALA HA 90 -117.26 245.84 -56.79
CA ALA HA 90 -117.49 245.15 -58.04
C ALA HA 90 -118.35 246.01 -58.96
N ALA HA 91 -118.09 245.92 -60.26
CA ALA HA 91 -118.81 246.66 -61.27
C ALA HA 91 -119.66 245.70 -62.09
N SER HA 92 -120.97 245.82 -61.97
CA SER HA 92 -121.90 244.96 -62.69
C SER HA 92 -122.13 245.48 -64.11
N SER HA 93 -122.86 244.70 -64.90
CA SER HA 93 -123.17 245.06 -66.28
C SER HA 93 -124.41 245.93 -66.40
N THR HA 94 -125.09 246.21 -65.30
CA THR HA 94 -126.29 247.05 -65.30
C THR HA 94 -126.05 248.43 -64.69
N GLY HA 95 -124.80 248.76 -64.38
CA GLY HA 95 -124.49 250.05 -63.80
C GLY HA 95 -124.71 250.13 -62.31
N CYS HA 96 -124.48 249.05 -61.58
CA CYS HA 96 -124.65 249.00 -60.13
C CYS HA 96 -123.29 248.72 -59.50
N VAL HA 97 -122.66 249.78 -58.98
CA VAL HA 97 -121.34 249.63 -58.34
C VAL HA 97 -121.62 249.32 -56.87
N THR HA 98 -121.82 248.03 -56.59
CA THR HA 98 -122.10 247.57 -55.23
C THR HA 98 -120.80 247.18 -54.54
N VAL HA 99 -120.70 247.55 -53.27
CA VAL HA 99 -119.52 247.26 -52.45
C VAL HA 99 -119.83 245.97 -51.68
N PHE HA 100 -119.23 244.87 -52.11
CA PHE HA 100 -119.43 243.58 -51.49
C PHE HA 100 -118.63 243.53 -50.19
N LEU HA 101 -119.28 243.86 -49.08
CA LEU HA 101 -118.63 243.86 -47.76
C LEU HA 101 -118.77 242.47 -47.16
N HIS HA 102 -117.80 241.60 -47.46
CA HIS HA 102 -117.82 240.24 -46.96
C HIS HA 102 -117.41 240.20 -45.50
N HIS HA 103 -117.90 239.18 -44.79
CA HIS HA 103 -117.57 239.02 -43.38
C HIS HA 103 -116.14 238.51 -43.22
N PRO HA 104 -115.39 239.03 -42.26
CA PRO HA 104 -114.01 238.57 -42.08
C PRO HA 104 -113.86 237.62 -40.90
N ASN HA 105 -114.83 236.72 -40.73
CA ASN HA 105 -114.79 235.76 -39.64
C ASN HA 105 -115.62 234.52 -39.98
N ASN HA 106 -116.88 234.72 -40.35
CA ASN HA 106 -117.77 233.62 -40.70
C ASN HA 106 -117.62 233.15 -42.14
N GLN HA 107 -116.74 233.79 -42.92
CA GLN HA 107 -116.50 233.44 -44.32
C GLN HA 107 -117.80 233.51 -45.12
N THR HA 108 -118.41 234.69 -45.11
CA THR HA 108 -119.65 234.94 -45.83
C THR HA 108 -119.58 236.30 -46.50
N LEU HA 109 -120.12 236.38 -47.71
CA LEU HA 109 -120.14 237.61 -48.49
C LEU HA 109 -121.51 238.27 -48.39
N SER HA 110 -121.52 239.56 -48.06
CA SER HA 110 -122.74 240.33 -47.92
C SER HA 110 -122.60 241.65 -48.66
N VAL HA 111 -123.72 242.37 -48.77
CA VAL HA 111 -123.77 243.66 -49.45
C VAL HA 111 -124.15 244.72 -48.43
N ASN HA 112 -123.33 245.77 -48.34
CA ASN HA 112 -123.57 246.86 -47.41
C ASN HA 112 -123.96 248.15 -48.12
N GLN HA 113 -123.11 248.65 -49.01
CA GLN HA 113 -123.39 249.88 -49.76
C GLN HA 113 -123.44 249.56 -51.25
N GLN HA 114 -124.42 250.13 -51.93
CA GLN HA 114 -124.59 249.91 -53.36
C GLN HA 114 -125.10 251.19 -54.01
N TRP HA 115 -124.74 251.39 -55.27
CA TRP HA 115 -125.13 252.57 -56.04
C TRP HA 115 -125.66 252.10 -57.39
N THR HA 116 -126.99 251.94 -57.49
CA THR HA 116 -127.60 251.50 -58.74
C THR HA 116 -127.64 252.59 -59.80
N THR HA 117 -127.56 253.86 -59.40
CA THR HA 117 -127.58 254.99 -60.33
C THR HA 117 -126.18 255.50 -60.63
N ALA HA 118 -125.20 254.60 -60.73
CA ALA HA 118 -123.83 255.02 -61.03
C ALA HA 118 -123.60 255.18 -62.52
N HIS HA 119 -124.18 254.30 -63.33
CA HIS HA 119 -124.02 254.34 -64.78
C HIS HA 119 -125.36 253.96 -65.42
N TYR HA 120 -126.02 254.93 -66.04
CA TYR HA 120 -127.30 254.69 -66.68
C TYR HA 120 -127.46 255.65 -67.86
N HIS HA 121 -128.33 255.27 -68.79
CA HIS HA 121 -128.59 256.06 -69.99
C HIS HA 121 -130.00 256.66 -69.88
N THR HA 122 -130.08 257.98 -70.07
CA THR HA 122 -131.36 258.68 -70.00
C THR HA 122 -131.62 259.46 -71.27
N SER HA 130 -132.27 253.53 -70.63
CA SER HA 130 -131.55 252.27 -70.77
C SER HA 130 -130.62 252.04 -69.58
N SER HA 131 -129.81 250.97 -69.66
CA SER HA 131 -128.87 250.62 -68.62
C SER HA 131 -127.47 250.59 -69.20
N ALA HA 132 -126.61 251.47 -68.71
CA ALA HA 132 -125.23 251.53 -69.20
C ALA HA 132 -124.34 250.62 -68.37
N PRO HA 133 -123.50 249.81 -69.01
CA PRO HA 133 -122.63 248.90 -68.23
C PRO HA 133 -121.41 249.63 -67.70
N CYS HA 134 -121.06 249.32 -66.45
CA CYS HA 134 -119.91 249.94 -65.81
C CYS HA 134 -118.62 249.32 -66.35
N THR HA 135 -117.68 250.19 -66.74
CA THR HA 135 -116.41 249.73 -67.28
C THR HA 135 -115.46 249.33 -66.16
N GLY HA 136 -114.52 250.21 -65.82
CA GLY HA 136 -113.56 249.94 -64.77
C GLY HA 136 -113.94 250.59 -63.46
N VAL HA 137 -113.23 250.19 -62.41
CA VAL HA 137 -113.46 250.71 -61.06
CA VAL HA 137 -113.46 250.71 -61.06
C VAL HA 137 -112.14 250.73 -60.30
N VAL HA 138 -111.77 251.91 -59.80
CA VAL HA 138 -110.53 252.07 -59.05
C VAL HA 138 -110.80 251.78 -57.58
N CYS HA 139 -109.72 251.50 -56.84
CA CYS HA 139 -109.80 251.19 -55.41
C CYS HA 139 -108.78 252.06 -54.69
N ASN HA 140 -109.27 253.04 -53.93
CA ASN HA 140 -108.40 253.94 -53.18
CA ASN HA 140 -108.40 253.94 -53.18
C ASN HA 140 -109.12 254.36 -51.92
N ASN HA 141 -108.52 254.08 -50.77
CA ASN HA 141 -109.12 254.43 -49.49
C ASN HA 141 -108.93 255.94 -49.23
N PRO HA 142 -109.99 256.68 -48.92
CA PRO HA 142 -111.36 256.14 -48.82
C PRO HA 142 -112.31 256.76 -49.83
N GLU HA 143 -112.21 256.34 -51.09
CA GLU HA 143 -113.04 256.83 -52.16
C GLU HA 143 -113.41 255.67 -53.08
N ILE HA 144 -114.16 255.99 -54.14
CA ILE HA 144 -114.59 254.99 -55.11
C ILE HA 144 -114.74 255.64 -56.48
N VAL HA 145 -113.73 255.47 -57.34
CA VAL HA 145 -113.74 256.04 -58.68
C VAL HA 145 -114.09 254.93 -59.67
N THR HA 146 -115.10 255.19 -60.49
CA THR HA 146 -115.55 254.22 -61.48
C THR HA 146 -115.96 254.96 -62.75
N VAL HA 147 -116.18 254.19 -63.81
CA VAL HA 147 -116.58 254.75 -65.11
C VAL HA 147 -117.47 253.74 -65.81
N GLY HA 148 -118.34 254.25 -66.68
CA GLY HA 148 -119.25 253.40 -67.41
C GLY HA 148 -119.24 253.67 -68.91
N GLU HA 149 -120.20 253.08 -69.63
CA GLU HA 149 -120.29 253.28 -71.07
C GLU HA 149 -121.03 254.56 -71.45
N ASP HA 150 -121.67 255.23 -70.50
CA ASP HA 150 -122.41 256.45 -70.77
C ASP HA 150 -121.54 257.71 -70.64
N GLY HA 151 -120.26 257.56 -70.32
CA GLY HA 151 -119.38 258.70 -70.18
C GLY HA 151 -119.53 259.46 -68.89
N ARG HA 152 -119.80 258.77 -67.78
CA ARG HA 152 -119.96 259.38 -66.48
C ARG HA 152 -118.86 258.89 -65.55
N ILE HA 153 -118.06 259.83 -65.03
CA ILE HA 153 -116.97 259.49 -64.14
C ILE HA 153 -117.35 259.87 -62.71
N ASN HA 154 -118.04 258.95 -62.03
CA ASN HA 154 -118.46 259.20 -60.65
C ASN HA 154 -117.30 258.99 -59.69
N LEU HA 155 -117.38 259.65 -58.54
CA LEU HA 155 -116.36 259.58 -57.48
C LEU HA 155 -117.09 259.40 -56.15
N PHE HA 156 -117.48 258.16 -55.86
CA PHE HA 156 -118.18 257.86 -54.62
C PHE HA 156 -117.18 257.72 -53.47
N ARG HA 157 -117.72 257.53 -52.26
CA ARG HA 157 -116.91 257.38 -51.06
C ARG HA 157 -117.58 256.35 -50.16
N ALA HA 158 -116.94 256.09 -49.02
CA ALA HA 158 -117.47 255.12 -48.06
C ALA HA 158 -118.55 255.76 -47.20
N ASP HA 159 -119.61 254.99 -46.93
CA ASP HA 159 -120.73 255.43 -46.11
C ASP HA 159 -121.35 256.71 -46.69
N HIS HA 160 -121.62 256.68 -47.99
CA HIS HA 160 -122.21 257.81 -48.69
C HIS HA 160 -123.29 257.30 -49.65
N LYS HA 161 -124.46 257.94 -49.61
CA LYS HA 161 -125.54 257.53 -50.49
C LYS HA 161 -125.34 258.04 -51.91
N GLU HA 162 -124.97 259.31 -52.04
CA GLU HA 162 -124.74 259.94 -53.33
C GLU HA 162 -123.24 260.11 -53.58
N ALA HA 163 -122.90 260.34 -54.84
CA ALA HA 163 -121.51 260.53 -55.22
C ALA HA 163 -121.02 261.94 -54.87
N VAL HA 164 -119.73 262.05 -54.60
CA VAL HA 164 -119.15 263.35 -54.25
C VAL HA 164 -118.94 264.19 -55.50
N ARG HA 165 -118.53 263.56 -56.59
CA ARG HA 165 -118.27 264.28 -57.84
C ARG HA 165 -118.59 263.36 -59.01
N THR HA 166 -119.33 263.88 -60.00
CA THR HA 166 -119.70 263.13 -61.19
C THR HA 166 -119.39 263.97 -62.42
N ILE HA 167 -118.44 263.51 -63.23
CA ILE HA 167 -118.03 264.21 -64.44
C ILE HA 167 -118.75 263.57 -65.62
N ASP HA 168 -119.72 264.29 -66.18
CA ASP HA 168 -120.50 263.81 -67.32
C ASP HA 168 -119.77 264.20 -68.60
N ASN HA 169 -118.98 263.28 -69.13
CA ASN HA 169 -118.23 263.55 -70.35
C ASN HA 169 -119.14 263.44 -71.57
N ALA HA 170 -119.00 264.39 -72.50
CA ALA HA 170 -119.80 264.43 -73.71
C ALA HA 170 -119.08 263.79 -74.90
N ASP HA 171 -118.23 262.81 -74.65
CA ASP HA 171 -117.49 262.15 -75.71
C ASP HA 171 -118.37 261.13 -76.44
N SER HA 172 -118.07 260.92 -77.72
CA SER HA 172 -118.83 259.97 -78.53
C SER HA 172 -118.37 258.54 -78.33
N SER HA 173 -117.20 258.34 -77.74
CA SER HA 173 -116.68 257.00 -77.50
C SER HA 173 -117.09 256.51 -76.11
N THR HA 174 -116.77 255.25 -75.81
CA THR HA 174 -117.10 254.63 -74.54
C THR HA 174 -115.81 254.30 -73.79
N LEU HA 175 -115.82 254.56 -72.49
CA LEU HA 175 -114.66 254.25 -71.66
C LEU HA 175 -114.58 252.76 -71.38
N HIS HA 176 -113.35 252.28 -71.19
CA HIS HA 176 -113.11 250.87 -70.92
C HIS HA 176 -112.30 250.63 -69.65
N ALA HA 177 -111.41 251.55 -69.29
CA ALA HA 177 -110.59 251.41 -68.10
C ALA HA 177 -110.37 252.78 -67.47
N VAL HA 178 -109.94 252.76 -66.21
CA VAL HA 178 -109.67 253.98 -65.45
C VAL HA 178 -108.51 253.74 -64.50
N THR HA 179 -107.47 254.57 -64.60
CA THR HA 179 -106.28 254.45 -63.77
C THR HA 179 -106.08 255.73 -62.96
N PHE HA 180 -105.85 255.58 -61.66
CA PHE HA 180 -105.62 256.69 -60.76
C PHE HA 180 -104.13 256.84 -60.52
N LEU HA 181 -103.59 258.01 -60.87
CA LEU HA 181 -102.16 258.28 -60.69
C LEU HA 181 -101.89 259.02 -59.40
N ARG HA 182 -102.55 260.16 -59.19
CA ARG HA 182 -102.39 260.97 -58.00
C ARG HA 182 -103.75 261.32 -57.42
N THR HA 183 -103.78 261.50 -56.10
CA THR HA 183 -105.02 261.85 -55.41
C THR HA 183 -105.31 263.33 -55.59
N PRO HA 184 -106.44 263.72 -56.19
CA PRO HA 184 -107.43 262.78 -56.71
C PRO HA 184 -107.70 262.97 -58.21
N GLU HA 185 -106.65 262.84 -59.02
CA GLU HA 185 -106.74 263.00 -60.47
C GLU HA 185 -106.50 261.64 -61.11
N ILE HA 186 -107.53 261.09 -61.73
CA ILE HA 186 -107.43 259.80 -62.39
C ILE HA 186 -107.35 260.01 -63.90
N LEU HA 187 -107.02 258.95 -64.63
CA LEU HA 187 -106.91 258.99 -66.08
C LEU HA 187 -107.63 257.79 -66.66
N THR HA 188 -108.61 258.04 -67.52
CA THR HA 188 -109.40 256.99 -68.15
C THR HA 188 -109.01 256.87 -69.62
N VAL HA 189 -109.39 255.73 -70.22
CA VAL HA 189 -109.13 255.44 -71.62
C VAL HA 189 -110.44 255.17 -72.32
N ASN HA 190 -110.66 255.81 -73.46
CA ASN HA 190 -111.88 255.64 -74.23
C ASN HA 190 -111.70 254.49 -75.23
N SER HA 191 -112.67 254.33 -76.13
CA SER HA 191 -112.63 253.30 -77.14
C SER HA 191 -111.97 253.77 -78.44
N ILE HA 192 -111.40 254.96 -78.46
CA ILE HA 192 -110.73 255.50 -79.64
C ILE HA 192 -109.23 255.56 -79.47
N GLY HA 193 -108.69 254.93 -78.43
CA GLY HA 193 -107.25 254.95 -78.21
C GLY HA 193 -106.72 256.21 -77.58
N GLN HA 194 -107.59 257.02 -76.97
CA GLN HA 194 -107.18 258.27 -76.33
C GLN HA 194 -107.23 258.12 -74.82
N LEU HA 195 -106.33 258.82 -74.14
CA LEU HA 195 -106.22 258.80 -72.68
C LEU HA 195 -106.42 260.21 -72.16
N LYS HA 196 -107.57 260.46 -71.52
CA LYS HA 196 -107.89 261.76 -70.97
C LYS HA 196 -107.70 261.75 -69.46
N ILE HA 197 -107.16 262.85 -68.93
CA ILE HA 197 -106.92 263.01 -67.50
C ILE HA 197 -107.87 264.07 -66.96
N TRP HA 198 -108.62 263.70 -65.93
CA TRP HA 198 -109.58 264.60 -65.30
C TRP HA 198 -109.29 264.70 -63.82
N ASP HA 199 -109.99 265.61 -63.14
CA ASP HA 199 -109.83 265.82 -61.72
C ASP HA 199 -111.20 265.95 -61.06
N PHE HA 200 -111.30 265.48 -59.82
CA PHE HA 200 -112.56 265.54 -59.09
C PHE HA 200 -112.84 266.92 -58.53
N ARG HA 201 -111.81 267.74 -58.32
CA ARG HA 201 -111.97 269.09 -57.78
C ARG HA 201 -111.88 270.15 -58.86
N GLN HA 202 -111.99 269.77 -60.13
CA GLN HA 202 -111.91 270.70 -61.24
C GLN HA 202 -113.31 271.12 -61.68
N GLN HA 203 -113.41 272.30 -62.27
CA GLN HA 203 -114.67 272.84 -62.74
C GLN HA 203 -114.91 272.41 -64.19
N GLY HA 204 -116.18 272.17 -64.53
CA GLY HA 204 -116.54 271.76 -65.87
C GLY HA 204 -116.52 270.26 -66.05
N ASN HA 205 -116.70 269.85 -67.31
CA ASN HA 205 -116.72 268.45 -67.68
C ASN HA 205 -115.68 268.12 -68.74
N GLU HA 206 -114.64 268.96 -68.88
CA GLU HA 206 -113.60 268.75 -69.87
C GLU HA 206 -112.33 268.24 -69.20
N PRO HA 207 -111.48 267.51 -69.93
CA PRO HA 207 -110.24 267.00 -69.36
C PRO HA 207 -109.10 268.00 -69.47
N SER HA 208 -108.12 267.84 -68.58
CA SER HA 208 -106.98 268.73 -68.57
C SER HA 208 -105.98 268.37 -69.68
N GLN HA 209 -105.75 267.08 -69.89
CA GLN HA 209 -104.82 266.61 -70.91
C GLN HA 209 -105.47 265.51 -71.73
N ILE HA 210 -105.01 265.37 -72.97
CA ILE HA 210 -105.51 264.37 -73.90
C ILE HA 210 -104.33 263.77 -74.65
N LEU HA 211 -104.15 262.45 -74.53
CA LEU HA 211 -103.06 261.74 -75.18
C LEU HA 211 -103.63 260.56 -75.95
N SER HA 212 -103.53 260.61 -77.28
CA SER HA 212 -104.03 259.56 -78.15
C SER HA 212 -102.88 258.93 -78.92
N LEU HA 213 -103.21 257.90 -79.71
CA LEU HA 213 -102.20 257.20 -80.50
C LEU HA 213 -102.18 257.74 -81.93
N THR HA 214 -102.11 256.83 -82.91
CA THR HA 214 -102.07 257.25 -84.31
C THR HA 214 -103.46 257.64 -84.81
N GLY HA 215 -104.38 256.69 -84.84
CA GLY HA 215 -105.73 256.95 -85.29
C GLY HA 215 -106.79 256.60 -84.28
N ASP HA 216 -108.05 256.56 -84.70
CA ASP HA 216 -109.17 256.24 -83.82
C ASP HA 216 -109.69 254.83 -84.04
N ARG HA 217 -108.95 253.98 -84.74
CA ARG HA 217 -109.38 252.62 -85.00
C ARG HA 217 -108.99 251.65 -83.89
N VAL HA 218 -107.90 251.93 -83.19
CA VAL HA 218 -107.44 251.07 -82.10
C VAL HA 218 -108.25 251.38 -80.85
N PRO HA 219 -108.60 250.37 -80.05
CA PRO HA 219 -109.39 250.65 -78.84
C PRO HA 219 -108.72 250.14 -77.58
N LEU HA 220 -108.42 251.05 -76.66
CA LEU HA 220 -107.76 250.68 -75.41
C LEU HA 220 -108.76 250.03 -74.45
N HIS HA 221 -108.31 248.98 -73.76
CA HIS HA 221 -109.15 248.26 -72.82
C HIS HA 221 -108.58 248.20 -71.41
N CYS HA 222 -107.28 248.36 -71.24
CA CYS HA 222 -106.64 248.32 -69.93
C CYS HA 222 -105.81 249.58 -69.73
N VAL HA 223 -105.70 250.00 -68.47
CA VAL HA 223 -104.95 251.19 -68.10
C VAL HA 223 -104.45 251.03 -66.67
N ASP HA 224 -103.15 251.18 -66.47
CA ASP HA 224 -102.56 251.05 -65.15
C ASP HA 224 -101.28 251.90 -65.10
N ARG HA 225 -101.06 252.53 -63.95
CA ARG HA 225 -99.88 253.37 -63.74
C ARG HA 225 -98.84 252.64 -62.91
N HIS HA 226 -97.65 253.22 -62.86
CA HIS HA 226 -96.55 252.64 -62.09
C HIS HA 226 -96.72 252.95 -60.61
N PRO HA 227 -96.07 252.18 -59.74
CA PRO HA 227 -96.19 252.43 -58.30
C PRO HA 227 -95.22 253.49 -57.83
N ASN HA 228 -94.07 253.60 -58.48
CA ASN HA 228 -93.04 254.57 -58.13
C ASN HA 228 -93.14 255.86 -58.94
N GLN HA 229 -93.46 255.77 -60.22
CA GLN HA 229 -93.58 256.92 -61.09
C GLN HA 229 -95.06 257.25 -61.28
N GLN HA 230 -95.46 258.46 -60.90
CA GLN HA 230 -96.83 258.90 -61.03
C GLN HA 230 -97.16 259.43 -62.42
N HIS HA 231 -96.15 259.65 -63.27
CA HIS HA 231 -96.37 260.15 -64.62
CA HIS HA 231 -96.37 260.15 -64.62
C HIS HA 231 -96.35 259.06 -65.68
N VAL HA 232 -95.73 257.92 -65.40
CA VAL HA 232 -95.64 256.82 -66.35
C VAL HA 232 -96.84 255.90 -66.15
N VAL HA 233 -97.43 255.45 -67.25
CA VAL HA 233 -98.59 254.57 -67.21
C VAL HA 233 -98.58 253.70 -68.46
N ALA HA 234 -98.94 252.43 -68.30
CA ALA HA 234 -98.99 251.48 -69.39
C ALA HA 234 -100.43 251.18 -69.75
N THR HA 235 -100.69 251.03 -71.05
CA THR HA 235 -102.03 250.74 -71.54
C THR HA 235 -101.94 249.73 -72.68
N GLY HA 236 -103.07 249.09 -72.97
CA GLY HA 236 -103.14 248.10 -74.03
C GLY HA 236 -104.30 248.30 -74.97
N GLY HA 237 -104.02 248.40 -76.26
CA GLY HA 237 -105.06 248.60 -77.26
C GLY HA 237 -105.72 247.30 -77.65
N GLN HA 238 -106.44 247.37 -78.78
CA GLN HA 238 -107.16 246.22 -79.31
CA GLN HA 238 -107.16 246.22 -79.31
C GLN HA 238 -106.32 245.40 -80.28
N ASP HA 239 -105.03 245.73 -80.42
CA ASP HA 239 -104.15 245.00 -81.32
C ASP HA 239 -103.09 244.18 -80.60
N GLY HA 240 -102.97 244.31 -79.28
CA GLY HA 240 -102.00 243.56 -78.51
C GLY HA 240 -100.65 244.23 -78.35
N MET HA 241 -100.55 245.52 -78.64
CA MET HA 241 -99.30 246.27 -78.51
C MET HA 241 -99.33 247.04 -77.19
N LEU HA 242 -98.35 246.77 -76.33
CA LEU HA 242 -98.26 247.44 -75.03
C LEU HA 242 -97.67 248.83 -75.24
N SER HA 243 -98.48 249.86 -75.00
CA SER HA 243 -98.06 251.25 -75.16
C SER HA 243 -97.78 251.85 -73.79
N ILE HA 244 -96.57 252.41 -73.63
CA ILE HA 244 -96.15 253.04 -72.39
C ILE HA 244 -95.98 254.53 -72.68
N TRP HA 245 -96.95 255.33 -72.26
CA TRP HA 245 -96.93 256.77 -72.47
C TRP HA 245 -96.72 257.49 -71.15
N ASP HA 246 -96.42 258.78 -71.24
CA ASP HA 246 -96.20 259.63 -70.09
C ASP HA 246 -97.17 260.79 -70.10
N VAL HA 247 -97.37 261.38 -68.90
CA VAL HA 247 -98.30 262.50 -68.76
C VAL HA 247 -97.62 263.85 -68.98
N ARG HA 248 -96.30 263.88 -69.14
CA ARG HA 248 -95.57 265.12 -69.35
C ARG HA 248 -94.50 264.92 -70.43
N GLN HA 249 -94.91 264.30 -71.53
CA GLN HA 249 -94.01 264.05 -72.66
C GLN HA 249 -94.83 264.08 -73.96
N GLY HA 250 -95.45 265.22 -74.24
CA GLY HA 250 -96.25 265.35 -75.43
C GLY HA 250 -97.65 264.75 -75.27
N THR HA 251 -98.22 264.30 -76.39
CA THR HA 251 -99.54 263.69 -76.39
C THR HA 251 -99.55 262.36 -77.14
N MET HA 252 -98.41 261.70 -77.25
CA MET HA 252 -98.33 260.42 -77.94
C MET HA 252 -97.64 259.38 -77.05
N PRO HA 253 -97.44 258.16 -77.53
CA PRO HA 253 -96.78 257.14 -76.71
C PRO HA 253 -95.27 257.18 -76.84
N VAL HA 254 -94.60 256.97 -75.70
CA VAL HA 254 -93.14 256.99 -75.70
C VAL HA 254 -92.57 255.68 -76.23
N SER HA 255 -93.29 254.57 -76.09
CA SER HA 255 -92.82 253.29 -76.57
C SER HA 255 -94.03 252.43 -76.95
N LEU HA 256 -94.03 251.92 -78.18
CA LEU HA 256 -95.11 251.09 -78.69
C LEU HA 256 -94.50 249.78 -79.21
N LEU HA 257 -94.54 248.74 -78.39
CA LEU HA 257 -94.00 247.44 -78.75
C LEU HA 257 -95.12 246.41 -78.80
N LYS HA 258 -95.13 245.63 -79.87
CA LYS HA 258 -96.16 244.60 -80.04
C LYS HA 258 -95.84 243.39 -79.16
N ALA HA 259 -96.87 242.59 -78.91
CA ALA HA 259 -96.73 241.40 -78.08
C ALA HA 259 -97.58 240.26 -78.62
N HIS HA 260 -98.89 240.31 -78.37
CA HIS HA 260 -99.81 239.28 -78.84
C HIS HA 260 -100.44 239.71 -80.16
N GLU HA 261 -101.46 238.97 -80.60
CA GLU HA 261 -102.15 239.27 -81.85
C GLU HA 261 -103.60 239.70 -81.66
N ALA HA 262 -104.22 239.34 -80.54
CA ALA HA 262 -105.61 239.71 -80.28
C ALA HA 262 -105.65 241.00 -79.46
N GLU HA 263 -106.82 241.30 -78.88
CA GLU HA 263 -106.97 242.49 -78.08
C GLU HA 263 -106.42 242.27 -76.67
N MET HA 264 -105.85 243.33 -76.11
CA MET HA 264 -105.26 243.26 -74.77
C MET HA 264 -106.38 243.32 -73.73
N TRP HA 265 -106.46 242.29 -72.89
CA TRP HA 265 -107.48 242.23 -71.84
C TRP HA 265 -107.10 243.12 -70.67
N GLU HA 266 -106.29 242.60 -69.76
CA GLU HA 266 -105.84 243.33 -68.59
C GLU HA 266 -104.32 243.44 -68.58
N VAL HA 267 -103.82 244.52 -67.99
CA VAL HA 267 -102.39 244.76 -67.91
C VAL HA 267 -102.08 245.58 -66.66
N HIS HA 268 -101.27 245.02 -65.77
CA HIS HA 268 -100.90 245.69 -64.53
C HIS HA 268 -99.51 245.23 -64.11
N PHE HA 269 -98.74 246.15 -63.56
CA PHE HA 269 -97.39 245.85 -63.09
C PHE HA 269 -97.40 245.41 -61.63
N HIS HA 270 -96.23 245.01 -61.15
CA HIS HA 270 -96.10 244.57 -59.76
C HIS HA 270 -95.91 245.76 -58.84
N PRO HA 271 -96.46 245.70 -57.62
CA PRO HA 271 -96.28 246.82 -56.68
C PRO HA 271 -94.95 246.82 -55.96
N SER HA 272 -94.31 245.67 -55.79
CA SER HA 272 -93.02 245.62 -55.11
C SER HA 272 -91.89 246.06 -56.02
N ASN HA 273 -91.80 245.47 -57.21
CA ASN HA 273 -90.77 245.80 -58.18
C ASN HA 273 -91.41 246.39 -59.43
N PRO HA 274 -90.94 247.55 -59.90
CA PRO HA 274 -91.53 248.16 -61.11
C PRO HA 274 -90.95 247.63 -62.41
N GLU HA 275 -89.94 246.77 -62.35
CA GLU HA 275 -89.35 246.23 -63.58
C GLU HA 275 -90.19 245.12 -64.18
N HIS HA 276 -90.80 244.29 -63.33
CA HIS HA 276 -91.64 243.20 -63.79
C HIS HA 276 -93.07 243.66 -63.98
N LEU HA 277 -93.68 243.24 -65.10
CA LEU HA 277 -95.05 243.63 -65.40
C LEU HA 277 -95.70 242.52 -66.22
N PHE HA 278 -96.94 242.20 -65.88
CA PHE HA 278 -97.71 241.17 -66.57
C PHE HA 278 -98.84 241.79 -67.37
N THR HA 279 -99.26 241.10 -68.42
CA THR HA 279 -100.33 241.58 -69.27
C THR HA 279 -101.07 240.39 -69.85
N CYS HA 280 -102.40 240.52 -69.96
CA CYS HA 280 -103.26 239.48 -70.49
C CYS HA 280 -103.91 239.95 -71.78
N SER HA 281 -104.03 239.04 -72.74
CA SER HA 281 -104.62 239.33 -74.04
C SER HA 281 -105.81 238.40 -74.28
N GLU HA 282 -106.44 238.56 -75.45
CA GLU HA 282 -107.59 237.76 -75.83
C GLU HA 282 -107.20 236.57 -76.71
N ASP HA 283 -105.93 236.18 -76.70
CA ASP HA 283 -105.46 235.05 -77.49
C ASP HA 283 -105.09 233.83 -76.66
N GLY HA 284 -104.99 233.97 -75.33
CA GLY HA 284 -104.64 232.86 -74.49
C GLY HA 284 -103.15 232.78 -74.18
N SER HA 285 -102.57 233.89 -73.73
CA SER HA 285 -101.16 233.95 -73.40
CA SER HA 285 -101.16 233.95 -73.40
C SER HA 285 -100.95 234.98 -72.31
N LEU HA 286 -100.38 234.56 -71.19
CA LEU HA 286 -100.12 235.42 -70.04
CA LEU HA 286 -100.12 235.42 -70.04
C LEU HA 286 -98.62 235.71 -70.01
N TRP HA 287 -98.19 236.67 -70.82
CA TRP HA 287 -96.78 237.05 -70.88
C TRP HA 287 -96.41 237.92 -69.69
N HIS HA 288 -95.20 237.70 -69.18
CA HIS HA 288 -94.68 238.44 -68.03
C HIS HA 288 -93.38 239.12 -68.45
N TRP HA 289 -93.45 240.41 -68.77
CA TRP HA 289 -92.27 241.15 -69.19
C TRP HA 289 -91.39 241.49 -67.99
N ASP HA 290 -90.07 241.43 -68.20
CA ASP HA 290 -89.09 241.73 -67.15
C ASP HA 290 -88.06 242.68 -67.74
N ALA HA 291 -88.11 243.95 -67.34
CA ALA HA 291 -87.19 244.96 -67.81
C ALA HA 291 -86.01 245.18 -66.87
N SER HA 292 -85.76 244.23 -65.97
CA SER HA 292 -84.66 244.36 -65.02
C SER HA 292 -83.33 244.00 -65.67
N SER HA 329 -85.82 250.27 -67.40
CA SER HA 329 -86.87 251.28 -67.37
C SER HA 329 -87.78 251.15 -68.59
N TRP HA 330 -89.07 251.46 -68.39
CA TRP HA 330 -90.04 251.37 -69.46
C TRP HA 330 -90.05 252.60 -70.36
N LEU HA 331 -89.41 253.69 -69.94
CA LEU HA 331 -89.38 254.92 -70.74
C LEU HA 331 -88.15 255.01 -71.62
N SER HA 332 -87.25 254.03 -71.57
CA SER HA 332 -86.05 254.04 -72.39
C SER HA 332 -86.36 253.60 -73.82
N ARG HA 339 -83.22 245.58 -73.53
CA ARG HA 339 -83.63 244.22 -73.88
C ARG HA 339 -84.58 243.64 -72.83
N ILE HA 340 -85.88 243.73 -73.11
CA ILE HA 340 -86.90 243.23 -72.19
C ILE HA 340 -87.08 241.75 -72.44
N GLU HA 341 -87.15 240.97 -71.37
CA GLU HA 341 -87.34 239.52 -71.44
C GLU HA 341 -88.80 239.19 -71.16
N ILE HA 342 -89.44 238.51 -72.10
CA ILE HA 342 -90.84 238.12 -71.99
C ILE HA 342 -90.91 236.61 -71.83
N THR HA 343 -91.79 236.15 -70.93
CA THR HA 343 -91.98 234.74 -70.68
C THR HA 343 -93.46 234.47 -70.45
N SER HA 344 -94.03 233.56 -71.23
CA SER HA 344 -95.44 233.23 -71.12
C SER HA 344 -95.65 232.22 -70.00
N LEU HA 345 -96.49 232.56 -69.03
CA LEU HA 345 -96.76 231.65 -67.92
C LEU HA 345 -97.69 230.53 -68.34
N LEU HA 346 -98.63 230.80 -69.23
CA LEU HA 346 -99.57 229.80 -69.71
C LEU HA 346 -99.28 229.44 -71.17
N PRO HA 347 -99.67 228.26 -71.62
CA PRO HA 347 -99.41 227.87 -73.01
C PRO HA 347 -100.60 228.18 -73.91
N SER HA 348 -100.79 227.36 -74.94
CA SER HA 348 -101.89 227.55 -75.88
C SER HA 348 -103.10 226.77 -75.39
C SER HA 348 -103.15 226.79 -75.50
N ARG HA 349 -103.81 226.08 -76.30
N ARG HA 349 -103.02 225.60 -74.93
CA ARG HA 349 -104.92 225.21 -75.96
CA ARG HA 349 -104.16 224.73 -74.67
C ARG HA 349 -106.03 225.94 -75.19
C ARG HA 349 -105.16 225.34 -73.70
N SER HA 350 -105.71 226.46 -74.01
N SER HA 350 -105.72 226.49 -74.05
CA SER HA 350 -106.69 227.18 -73.21
CA SER HA 350 -106.69 227.19 -73.22
C SER HA 350 -107.24 228.37 -73.99
N LEU HA 351 -108.43 228.82 -73.58
CA LEU HA 351 -109.10 229.93 -74.23
C LEU HA 351 -108.48 231.26 -73.81
N SER HA 352 -109.16 232.36 -74.11
CA SER HA 352 -108.64 233.68 -73.77
C SER HA 352 -108.73 233.92 -72.26
N VAL HA 353 -107.90 234.85 -71.79
CA VAL HA 353 -107.86 235.21 -70.37
C VAL HA 353 -108.63 236.51 -70.18
N ASN HA 354 -109.09 236.72 -68.95
CA ASN HA 354 -109.87 237.91 -68.61
C ASN HA 354 -109.01 238.91 -67.84
N THR HA 355 -108.53 238.53 -66.66
CA THR HA 355 -107.72 239.39 -65.83
C THR HA 355 -106.63 238.56 -65.17
N LEU HA 356 -105.66 239.25 -64.55
CA LEU HA 356 -104.55 238.60 -63.88
C LEU HA 356 -104.10 239.46 -62.71
N ASP HA 357 -103.87 238.84 -61.56
CA ASP HA 357 -103.44 239.51 -60.36
C ASP HA 357 -102.00 239.12 -60.02
N VAL HA 358 -101.31 240.03 -59.33
CA VAL HA 358 -99.93 239.82 -58.94
CA VAL HA 358 -99.93 239.82 -58.94
C VAL HA 358 -99.65 240.55 -57.63
N LEU HA 359 -99.24 239.81 -56.61
CA LEU HA 359 -98.92 240.38 -55.30
C LEU HA 359 -97.66 239.71 -54.79
N GLY HA 360 -96.51 240.28 -55.14
CA GLY HA 360 -95.23 239.74 -54.73
C GLY HA 360 -94.87 238.49 -55.49
N PRO HA 361 -94.90 237.33 -54.82
CA PRO HA 361 -94.57 236.08 -55.50
C PRO HA 361 -95.80 235.34 -55.96
N CYS HA 362 -96.98 235.79 -55.54
CA CYS HA 362 -98.23 235.17 -55.91
C CYS HA 362 -98.74 235.71 -57.24
N LEU HA 363 -99.41 234.85 -58.00
CA LEU HA 363 -99.96 235.22 -59.29
CA LEU HA 363 -99.96 235.22 -59.29
C LEU HA 363 -101.22 234.41 -59.54
N VAL HA 364 -102.34 235.11 -59.70
CA VAL HA 364 -103.64 234.48 -59.95
C VAL HA 364 -104.25 235.11 -61.19
N CYS HA 365 -104.84 234.28 -62.05
CA CYS HA 365 -105.47 234.75 -63.26
C CYS HA 365 -106.69 233.89 -63.56
N GLY HA 366 -107.54 234.39 -64.45
CA GLY HA 366 -108.74 233.68 -64.83
C GLY HA 366 -108.89 233.60 -66.34
N THR HA 367 -109.27 232.42 -66.81
CA THR HA 367 -109.47 232.18 -68.23
C THR HA 367 -110.96 232.05 -68.55
N ASP HA 368 -111.26 232.02 -69.84
CA ASP HA 368 -112.64 231.91 -70.31
C ASP HA 368 -113.11 230.46 -70.42
N ALA HA 369 -112.22 229.48 -70.21
CA ALA HA 369 -112.57 228.08 -70.29
C ALA HA 369 -112.86 227.47 -68.92
N GLU HA 370 -113.45 228.25 -68.01
CA GLU HA 370 -113.78 227.80 -66.66
C GLU HA 370 -112.54 227.29 -65.93
N ALA HA 371 -111.46 228.07 -65.99
CA ALA HA 371 -110.21 227.73 -65.35
C ALA HA 371 -109.68 228.93 -64.59
N ILE HA 372 -108.85 228.65 -63.58
CA ILE HA 372 -108.25 229.68 -62.74
C ILE HA 372 -106.84 229.21 -62.38
N TYR HA 373 -105.84 229.82 -63.00
CA TYR HA 373 -104.45 229.47 -62.75
C TYR HA 373 -103.93 230.23 -61.54
N VAL HA 374 -103.20 229.51 -60.67
CA VAL HA 374 -102.63 230.08 -59.46
C VAL HA 374 -101.20 229.60 -59.33
N THR HA 375 -100.30 230.50 -58.94
CA THR HA 375 -98.89 230.17 -58.77
C THR HA 375 -98.33 231.05 -57.66
N ARG HA 376 -97.96 230.42 -56.54
CA ARG HA 376 -97.41 231.14 -55.40
C ARG HA 376 -95.89 231.15 -55.39
N HIS HA 377 -95.25 230.77 -56.50
CA HIS HA 377 -93.78 230.75 -56.60
C HIS HA 377 -93.40 231.23 -58.01
N LEU HA 378 -93.51 232.54 -58.22
CA LEU HA 378 -93.18 233.11 -59.51
CA LEU HA 378 -93.18 233.11 -59.51
C LEU HA 378 -91.68 233.35 -59.67
N PHE HA 379 -90.96 233.55 -58.57
CA PHE HA 379 -89.53 233.78 -58.59
C PHE HA 379 -88.77 232.70 -57.82
N SER HA 380 -89.35 231.52 -57.70
CA SER HA 380 -88.72 230.41 -56.99
C SER HA 380 -89.09 229.07 -57.61
N LYS IA 78 -170.13 101.72 -34.03
CA LYS IA 78 -169.60 101.89 -32.67
C LYS IA 78 -169.98 103.27 -32.13
N TYR IA 79 -170.39 104.17 -33.02
CA TYR IA 79 -170.77 105.52 -32.60
C TYR IA 79 -172.17 105.54 -31.99
N SER IA 80 -173.10 104.75 -32.55
CA SER IA 80 -174.46 104.72 -32.04
C SER IA 80 -174.59 103.85 -30.79
N GLU IA 81 -173.66 102.92 -30.57
CA GLU IA 81 -173.70 102.04 -29.41
C GLU IA 81 -172.71 102.46 -28.32
N SER IA 82 -172.15 103.67 -28.43
CA SER IA 82 -171.20 104.13 -27.42
C SER IA 82 -171.91 104.64 -26.18
N ALA IA 83 -172.84 105.57 -26.34
CA ALA IA 83 -173.59 106.14 -25.24
C ALA IA 83 -175.09 105.95 -25.49
N GLY IA 84 -175.84 105.80 -24.40
CA GLY IA 84 -177.27 105.62 -24.48
C GLY IA 84 -177.91 105.29 -23.15
N GLY IA 85 -177.43 104.25 -22.49
CA GLY IA 85 -177.96 103.85 -21.20
C GLY IA 85 -179.14 102.92 -21.31
N PHE IA 86 -179.11 101.81 -20.57
CA PHE IA 86 -180.21 100.85 -20.61
C PHE IA 86 -181.40 101.33 -19.79
N TYR IA 87 -181.15 101.94 -18.64
CA TYR IA 87 -182.21 102.43 -17.77
C TYR IA 87 -181.69 103.64 -17.01
N TYR IA 88 -182.48 104.12 -16.05
CA TYR IA 88 -182.09 105.27 -15.24
C TYR IA 88 -182.76 105.16 -13.88
N VAL IA 89 -181.98 105.33 -12.82
CA VAL IA 89 -182.47 105.25 -11.45
C VAL IA 89 -182.01 106.49 -10.70
N GLU IA 90 -182.89 107.04 -9.87
CA GLU IA 90 -182.59 108.23 -9.08
C GLU IA 90 -183.17 108.04 -7.68
N SER IA 91 -182.28 107.95 -6.69
CA SER IA 91 -182.71 107.76 -5.31
C SER IA 91 -182.86 109.12 -4.61
N GLY IA 92 -183.23 109.08 -3.34
CA GLY IA 92 -183.41 110.29 -2.56
C GLY IA 92 -184.16 110.07 -1.27
N LYS IA 93 -183.45 110.06 -0.15
CA LYS IA 93 -184.04 109.85 1.16
C LYS IA 93 -183.96 111.14 1.98
N LEU IA 94 -184.85 111.24 2.96
CA LEU IA 94 -184.91 112.40 3.83
C LEU IA 94 -185.43 111.97 5.20
N PHE IA 95 -184.90 112.59 6.25
CA PHE IA 95 -185.31 112.29 7.60
C PHE IA 95 -186.47 113.19 8.03
N SER IA 96 -187.20 112.73 9.05
CA SER IA 96 -188.35 113.46 9.59
C SER IA 96 -188.04 114.02 10.97
N VAL IA 97 -186.82 114.52 11.16
CA VAL IA 97 -186.43 115.10 12.44
C VAL IA 97 -185.45 116.24 12.19
N THR IA 98 -184.57 116.07 11.20
CA THR IA 98 -183.58 117.08 10.86
C THR IA 98 -183.66 117.56 9.42
N ARG IA 99 -184.47 116.91 8.57
CA ARG IA 99 -184.63 117.28 7.16
C ARG IA 99 -183.28 117.26 6.43
N ASN IA 100 -182.64 116.10 6.48
CA ASN IA 100 -181.34 115.89 5.84
C ASN IA 100 -181.57 115.43 4.41
N ARG IA 101 -181.22 116.28 3.45
CA ARG IA 101 -181.39 115.96 2.03
C ARG IA 101 -180.12 115.34 1.50
N PHE IA 102 -180.26 114.20 0.80
CA PHE IA 102 -179.11 113.49 0.22
C PHE IA 102 -179.62 112.75 -1.02
N ILE IA 103 -179.65 113.47 -2.15
CA ILE IA 103 -180.10 112.91 -3.41
C ILE IA 103 -178.89 112.73 -4.33
N HIS IA 104 -178.97 111.71 -5.18
CA HIS IA 104 -177.90 111.41 -6.12
C HIS IA 104 -178.48 110.75 -7.34
N TRP IA 105 -177.87 111.02 -8.49
CA TRP IA 105 -178.29 110.46 -9.76
C TRP IA 105 -177.37 109.34 -10.21
N LYS IA 106 -177.89 108.47 -11.07
CA LYS IA 106 -177.13 107.33 -11.58
C LYS IA 106 -177.52 107.09 -13.02
N THR IA 107 -176.56 106.60 -13.81
CA THR IA 107 -176.76 106.30 -15.22
C THR IA 107 -176.28 104.90 -15.52
N SER IA 108 -176.87 104.29 -16.54
CA SER IA 108 -176.54 102.94 -16.97
C SER IA 108 -175.63 103.00 -18.19
N GLY IA 109 -175.53 101.90 -18.93
CA GLY IA 109 -174.71 101.82 -20.12
C GLY IA 109 -173.59 100.79 -19.95
N ASP IA 110 -172.39 101.17 -20.39
CA ASP IA 110 -171.24 100.28 -20.28
C ASP IA 110 -170.68 100.28 -18.86
N THR IA 111 -170.51 101.45 -18.26
CA THR IA 111 -169.99 101.57 -16.91
C THR IA 111 -171.05 102.18 -16.00
N LEU IA 112 -170.99 101.82 -14.72
CA LEU IA 112 -171.93 102.31 -13.73
C LEU IA 112 -171.55 103.73 -13.34
N GLU IA 113 -172.18 104.71 -13.98
CA GLU IA 113 -171.91 106.12 -13.71
C GLU IA 113 -172.84 106.64 -12.63
N LEU IA 114 -172.32 107.53 -11.79
CA LEU IA 114 -173.11 108.11 -10.71
C LEU IA 114 -172.61 109.53 -10.45
N MET IA 115 -173.53 110.48 -10.40
CA MET IA 115 -173.22 111.88 -10.15
C MET IA 115 -174.17 112.45 -9.11
N GLU IA 116 -173.66 113.38 -8.31
CA GLU IA 116 -174.45 114.03 -7.28
C GLU IA 116 -175.26 115.17 -7.89
N GLU IA 117 -176.57 115.13 -7.70
CA GLU IA 117 -177.47 116.15 -8.22
C GLU IA 117 -178.62 116.38 -7.23
N SER IA 118 -178.27 116.83 -6.03
CA SER IA 118 -179.25 117.09 -4.98
C SER IA 118 -179.71 118.54 -5.06
N LEU IA 119 -180.30 119.04 -3.98
CA LEU IA 119 -180.79 120.41 -3.93
C LEU IA 119 -180.75 120.94 -2.51
N ASP IA 120 -179.69 120.63 -1.77
CA ASP IA 120 -179.55 121.08 -0.39
C ASP IA 120 -178.91 122.46 -0.32
N ASN IA 122 -172.62 118.57 0.22
CA ASN IA 122 -173.51 118.93 -0.88
C ASN IA 122 -173.05 120.22 -1.56
N LEU IA 123 -171.84 120.19 -2.12
CA LEU IA 123 -171.29 121.36 -2.80
C LEU IA 123 -170.39 120.94 -3.95
N LEU IA 124 -169.10 120.79 -3.69
CA LEU IA 124 -168.13 120.39 -4.71
C LEU IA 124 -168.23 118.89 -4.90
N ASN IA 125 -168.90 118.47 -5.98
CA ASN IA 125 -169.07 117.06 -6.29
C ASN IA 125 -168.13 116.66 -7.43
N ASN IA 126 -168.13 115.37 -7.75
CA ASN IA 126 -167.29 114.84 -8.82
C ASN IA 126 -168.00 113.66 -9.47
N ALA IA 127 -167.69 113.44 -10.74
CA ALA IA 127 -168.29 112.35 -11.50
C ALA IA 127 -167.60 111.04 -11.15
N ILE IA 128 -168.40 110.04 -10.78
CA ILE IA 128 -167.89 108.71 -10.41
C ILE IA 128 -168.28 107.74 -11.50
N ARG IA 129 -167.32 106.93 -11.94
CA ARG IA 129 -167.53 105.93 -12.99
C ARG IA 129 -167.04 104.59 -12.48
N LEU IA 130 -167.97 103.69 -12.14
CA LEU IA 130 -167.63 102.37 -11.64
C LEU IA 130 -167.65 101.37 -12.78
N LYS IA 131 -166.50 100.76 -13.05
CA LYS IA 131 -166.38 99.79 -14.13
C LYS IA 131 -166.69 98.39 -13.61
N PHE IA 132 -167.12 97.51 -14.54
CA PHE IA 132 -167.47 96.15 -14.21
C PHE IA 132 -167.04 95.24 -15.35
N GLN IA 133 -167.10 93.93 -15.10
CA GLN IA 133 -166.72 92.96 -16.12
C GLN IA 133 -167.82 92.80 -17.17
N ASN IA 134 -169.05 92.58 -16.74
CA ASN IA 134 -170.18 92.40 -17.64
C ASN IA 134 -170.78 93.77 -17.94
N CYS IA 135 -170.52 94.28 -19.15
CA CYS IA 135 -171.03 95.59 -19.55
C CYS IA 135 -172.50 95.50 -19.96
N SER IA 136 -172.75 95.17 -21.23
CA SER IA 136 -174.10 95.04 -21.77
C SER IA 136 -174.57 93.60 -21.77
N VAL IA 137 -174.31 92.86 -20.69
CA VAL IA 137 -174.73 91.46 -20.62
C VAL IA 137 -176.15 91.35 -20.07
N LEU IA 138 -176.51 92.20 -19.11
CA LEU IA 138 -177.83 92.21 -18.49
C LEU IA 138 -178.39 93.62 -18.60
N PRO IA 139 -178.88 94.02 -19.78
CA PRO IA 139 -179.45 95.36 -19.97
C PRO IA 139 -180.95 95.41 -19.74
N GLY IA 140 -181.40 94.87 -18.61
CA GLY IA 140 -182.81 94.85 -18.27
C GLY IA 140 -183.20 95.98 -17.33
N GLY IA 141 -184.45 95.90 -16.86
CA GLY IA 141 -184.97 96.91 -15.95
C GLY IA 141 -184.61 96.72 -14.49
N VAL IA 142 -184.00 95.59 -14.15
CA VAL IA 142 -183.61 95.31 -12.77
C VAL IA 142 -182.19 95.79 -12.53
N TYR IA 143 -181.55 95.26 -11.49
CA TYR IA 143 -180.17 95.62 -11.13
C TYR IA 143 -180.04 97.12 -10.89
N VAL IA 144 -181.01 97.70 -10.19
CA VAL IA 144 -181.01 99.13 -9.89
C VAL IA 144 -181.75 99.36 -8.57
N SER IA 145 -181.03 99.24 -7.46
CA SER IA 145 -181.61 99.44 -6.14
C SER IA 145 -180.67 100.28 -5.29
N GLU IA 146 -181.23 101.15 -4.45
CA GLU IA 146 -180.45 102.01 -3.58
C GLU IA 146 -181.17 102.14 -2.25
N THR IA 147 -180.41 102.06 -1.16
CA THR IA 147 -180.98 102.17 0.18
C THR IA 147 -181.11 103.64 0.58
N GLN IA 148 -181.61 103.86 1.79
CA GLN IA 148 -181.78 105.22 2.28
C GLN IA 148 -180.46 105.86 2.71
N ASN IA 149 -179.45 105.06 3.05
CA ASN IA 149 -178.17 105.59 3.47
C ASN IA 149 -177.34 106.02 2.25
N ARG IA 150 -176.24 106.72 2.53
CA ARG IA 150 -175.34 107.21 1.49
C ARG IA 150 -173.93 106.75 1.83
N VAL IA 151 -173.39 105.85 1.02
CA VAL IA 151 -174.11 105.31 -0.14
C VAL IA 151 -174.22 103.79 -0.04
N ILE IA 152 -175.33 103.25 -0.50
CA ILE IA 152 -175.56 101.81 -0.47
C ILE IA 152 -176.37 101.40 -1.69
N ILE IA 153 -175.68 100.97 -2.74
CA ILE IA 153 -176.33 100.56 -3.98
C ILE IA 153 -176.18 99.05 -4.14
N LEU IA 154 -177.07 98.48 -4.94
CA LEU IA 154 -177.07 97.04 -5.20
C LEU IA 154 -177.39 96.82 -6.67
N MET IA 155 -176.45 96.20 -7.39
CA MET IA 155 -176.61 95.92 -8.81
C MET IA 155 -176.37 94.43 -9.05
N LEU IA 156 -176.55 94.02 -10.30
CA LEU IA 156 -176.36 92.63 -10.69
C LEU IA 156 -175.94 92.58 -12.15
N THR IA 157 -174.95 91.72 -12.44
CA THR IA 157 -174.44 91.57 -13.80
C THR IA 157 -173.91 90.16 -13.97
N ASN IA 158 -174.42 89.47 -15.00
CA ASN IA 158 -174.01 88.09 -15.32
C ASN IA 158 -174.23 87.16 -14.13
N GLN IA 159 -175.41 87.25 -13.52
CA GLN IA 159 -175.79 86.42 -12.38
C GLN IA 159 -174.80 86.58 -11.24
N THR IA 160 -174.55 87.83 -10.85
CA THR IA 160 -173.62 88.13 -9.76
C THR IA 160 -174.06 89.44 -9.12
N VAL IA 161 -174.60 89.36 -7.90
CA VAL IA 161 -175.04 90.55 -7.20
C VAL IA 161 -173.86 91.28 -6.61
N HIS IA 162 -173.92 92.61 -6.63
CA HIS IA 162 -172.86 93.46 -6.10
C HIS IA 162 -173.41 94.34 -4.98
N ARG IA 163 -172.52 94.73 -4.07
CA ARG IA 163 -172.88 95.58 -2.94
C ARG IA 163 -171.78 96.60 -2.74
N LEU IA 164 -172.05 97.85 -3.15
CA LEU IA 164 -171.10 98.93 -3.03
C LEU IA 164 -171.45 99.79 -1.82
N LEU IA 165 -170.48 100.00 -0.94
CA LEU IA 165 -170.65 100.79 0.28
C LEU IA 165 -169.65 101.94 0.24
N LEU IA 166 -170.03 103.02 -0.42
CA LEU IA 166 -169.21 104.21 -0.56
C LEU IA 166 -169.75 105.34 0.30
N PRO IA 167 -169.00 106.45 0.41
CA PRO IA 167 -169.48 107.57 1.23
C PRO IA 167 -169.83 108.80 0.41
N HIS IA 168 -170.69 108.60 -0.61
CA HIS IA 168 -171.10 109.68 -1.48
C HIS IA 168 -172.57 110.03 -1.22
N PRO IA 169 -172.88 111.29 -0.91
CA PRO IA 169 -171.91 112.38 -0.81
C PRO IA 169 -171.59 112.75 0.65
N SER IA 170 -171.16 111.77 1.43
CA SER IA 170 -170.84 112.02 2.84
C SER IA 170 -169.43 112.58 2.98
N ARG IA 171 -168.45 111.94 2.35
CA ARG IA 171 -167.07 112.41 2.43
C ARG IA 171 -166.30 112.04 1.17
N MET IA 172 -166.83 111.09 0.40
CA MET IA 172 -166.16 110.66 -0.82
C MET IA 172 -166.41 111.64 -1.97
N TYR IA 173 -167.68 111.95 -2.24
CA TYR IA 173 -168.03 112.88 -3.31
C TYR IA 173 -167.78 114.34 -2.93
N ARG IA 174 -167.75 114.65 -1.63
CA ARG IA 174 -167.52 116.02 -1.21
C ARG IA 174 -166.06 116.42 -1.32
N SER IA 175 -165.15 115.45 -1.28
CA SER IA 175 -163.72 115.72 -1.39
C SER IA 175 -163.24 115.46 -2.81
N GLU IA 176 -162.14 116.14 -3.17
CA GLU IA 176 -161.56 116.00 -4.50
C GLU IA 176 -160.52 114.90 -4.59
N LEU IA 177 -160.29 114.17 -3.50
CA LEU IA 177 -159.30 113.10 -3.50
C LEU IA 177 -159.88 111.84 -4.15
N VAL IA 178 -158.99 111.02 -4.71
CA VAL IA 178 -159.39 109.79 -5.37
C VAL IA 178 -158.72 108.62 -4.69
N VAL IA 193 -158.55 108.72 -3.37
CA VAL IA 193 -157.93 107.66 -2.57
C VAL IA 193 -158.96 107.12 -1.59
N ASP IA 194 -158.98 105.80 -1.44
CA ASP IA 194 -159.92 105.14 -0.54
C ASP IA 194 -159.21 103.97 0.14
N PHE IA 195 -159.18 103.99 1.46
CA PHE IA 195 -158.53 102.94 2.25
C PHE IA 195 -159.55 102.10 3.01
N THR IA 196 -160.64 101.72 2.32
CA THR IA 196 -161.68 100.92 2.93
C THR IA 196 -162.30 100.02 1.87
N ASP IA 197 -162.83 98.89 2.31
CA ASP IA 197 -163.47 97.93 1.41
C ASP IA 197 -164.86 98.41 1.03
N PRO IA 198 -165.02 99.05 -0.14
CA PRO IA 198 -166.36 99.52 -0.53
C PRO IA 198 -167.14 98.46 -1.29
N CYS IA 199 -166.49 97.77 -2.22
CA CYS IA 199 -167.12 96.74 -3.01
C CYS IA 199 -167.12 95.42 -2.25
N ASN IA 200 -168.25 94.69 -2.33
CA ASN IA 200 -168.39 93.40 -1.66
C ASN IA 200 -169.38 92.56 -2.48
N TYR IA 201 -168.84 91.92 -3.52
CA TYR IA 201 -169.66 91.08 -4.39
C TYR IA 201 -169.91 89.73 -3.75
N GLN IA 202 -171.17 89.32 -3.70
CA GLN IA 202 -171.55 88.04 -3.11
C GLN IA 202 -172.70 87.45 -3.90
N LEU IA 203 -172.89 86.15 -3.73
CA LEU IA 203 -173.96 85.40 -4.41
C LEU IA 203 -174.69 84.57 -3.36
N ILE IA 204 -175.82 85.07 -2.88
CA ILE IA 204 -176.62 84.38 -1.88
C ILE IA 204 -177.39 83.26 -2.56
N PRO IA 205 -178.33 83.58 -3.46
CA PRO IA 205 -179.10 82.51 -4.13
C PRO IA 205 -178.53 82.17 -5.50
N ALA IA 206 -178.78 80.96 -5.97
CA ALA IA 206 -178.29 80.53 -7.27
C ALA IA 206 -179.15 81.12 -8.39
N VAL IA 207 -178.50 81.55 -9.46
CA VAL IA 207 -179.18 82.13 -10.60
C VAL IA 207 -178.59 81.55 -11.88
N PRO IA 208 -178.64 80.23 -12.09
CA PRO IA 208 -178.09 79.66 -13.31
C PRO IA 208 -179.15 78.99 -14.17
N GLY IA 209 -178.83 77.81 -14.69
CA GLY IA 209 -179.77 77.08 -15.53
C GLY IA 209 -180.88 76.41 -14.75
N ILE IA 210 -180.51 75.58 -13.78
CA ILE IA 210 -181.49 74.87 -12.95
C ILE IA 210 -181.65 75.60 -11.62
N SER IA 211 -182.02 76.88 -11.69
CA SER IA 211 -182.21 77.69 -10.49
C SER IA 211 -183.26 78.75 -10.74
N PRO IA 212 -182.94 80.03 -10.54
CA PRO IA 212 -183.93 81.09 -10.77
C PRO IA 212 -183.32 82.35 -11.34
N ASN IA 213 -183.72 82.71 -12.56
CA ASN IA 213 -183.20 83.91 -13.21
C ASN IA 213 -183.85 85.15 -12.62
N SER IA 214 -183.03 86.17 -12.38
CA SER IA 214 -183.51 87.42 -11.81
C SER IA 214 -184.22 88.25 -12.88
N THR IA 215 -185.23 89.00 -12.45
CA THR IA 215 -186.00 89.86 -13.35
C THR IA 215 -186.42 91.19 -12.75
N ALA IA 216 -186.60 91.30 -11.44
CA ALA IA 216 -187.00 92.55 -10.81
C ALA IA 216 -186.40 92.59 -9.41
N SER IA 217 -185.51 93.55 -9.18
CA SER IA 217 -184.86 93.70 -7.88
C SER IA 217 -185.58 94.75 -7.04
N THR IA 218 -185.73 94.46 -5.75
CA THR IA 218 -186.40 95.36 -4.82
C THR IA 218 -185.73 95.19 -3.44
N ALA IA 219 -184.65 95.95 -3.23
CA ALA IA 219 -183.92 95.88 -1.98
C ALA IA 219 -184.53 96.74 -0.89
N TRP IA 220 -185.37 97.70 -1.24
CA TRP IA 220 -186.02 98.58 -0.26
C TRP IA 220 -187.34 98.03 0.25
N LEU IA 221 -187.79 96.89 -0.27
CA LEU IA 221 -189.05 96.28 0.16
C LEU IA 221 -188.88 95.31 1.31
N SER IA 222 -187.66 95.12 1.81
CA SER IA 222 -187.40 94.21 2.91
C SER IA 222 -187.50 94.97 4.23
N SER IA 223 -187.08 94.32 5.33
CA SER IA 223 -187.13 94.96 6.63
C SER IA 223 -186.03 95.99 6.81
N ASP IA 224 -184.84 95.70 6.29
CA ASP IA 224 -183.69 96.60 6.38
C ASP IA 224 -183.13 96.82 5.00
N GLY IA 225 -183.07 98.09 4.58
CA GLY IA 225 -182.54 98.39 3.26
C GLY IA 225 -181.03 98.33 3.18
N GLU IA 226 -180.35 98.49 4.32
CA GLU IA 226 -178.89 98.44 4.37
C GLU IA 226 -178.37 97.09 4.82
N ALA IA 227 -179.22 96.07 4.87
CA ALA IA 227 -178.80 94.74 5.29
C ALA IA 227 -179.42 93.66 4.41
N LEU IA 228 -180.74 93.66 4.32
CA LEU IA 228 -181.47 92.69 3.51
C LEU IA 228 -181.76 93.25 2.13
N PHE IA 229 -182.01 92.34 1.19
CA PHE IA 229 -182.32 92.71 -0.19
C PHE IA 229 -183.14 91.60 -0.82
N ALA IA 230 -184.36 91.93 -1.23
CA ALA IA 230 -185.25 90.96 -1.85
C ALA IA 230 -185.11 90.99 -3.37
N LEU IA 231 -185.17 89.80 -3.97
CA LEU IA 231 -185.05 89.65 -5.41
C LEU IA 231 -186.19 88.79 -5.92
N PRO IA 232 -186.78 89.13 -7.07
CA PRO IA 232 -187.88 88.32 -7.59
C PRO IA 232 -187.49 87.55 -8.84
N CYS IA 233 -187.77 86.25 -8.85
CA CYS IA 233 -187.46 85.40 -9.99
C CYS IA 233 -188.58 85.44 -11.01
N ALA IA 234 -188.30 84.89 -12.20
CA ALA IA 234 -189.28 84.85 -13.27
C ALA IA 234 -190.23 83.67 -13.17
N SER IA 235 -189.99 82.73 -12.26
CA SER IA 235 -190.84 81.55 -12.09
C SER IA 235 -191.67 81.63 -10.83
N GLY IA 236 -191.87 82.84 -10.28
CA GLY IA 236 -192.66 83.00 -9.07
C GLY IA 236 -191.88 82.81 -7.79
N GLY IA 237 -190.60 83.18 -7.77
CA GLY IA 237 -189.79 83.03 -6.58
C GLY IA 237 -189.38 84.36 -5.98
N ILE IA 238 -189.87 84.65 -4.79
CA ILE IA 238 -189.54 85.89 -4.08
C ILE IA 238 -188.56 85.51 -2.98
N PHE IA 239 -187.28 85.59 -3.30
CA PHE IA 239 -186.21 85.25 -2.37
C PHE IA 239 -185.59 86.51 -1.78
N VAL IA 240 -185.10 86.38 -0.55
CA VAL IA 240 -184.46 87.50 0.15
C VAL IA 240 -182.98 87.20 0.32
N LEU IA 241 -182.22 88.18 0.84
CA LEU IA 241 -180.79 88.01 1.05
C LEU IA 241 -180.38 88.93 2.22
N LYS IA 242 -180.62 88.46 3.43
CA LYS IA 242 -180.29 89.22 4.63
C LYS IA 242 -178.80 89.09 4.92
N LEU IA 243 -178.12 90.23 5.04
CA LEU IA 243 -176.68 90.26 5.31
C LEU IA 243 -176.42 91.19 6.49
N PRO IA 244 -176.17 90.67 7.68
CA PRO IA 244 -175.92 91.54 8.83
C PRO IA 244 -174.43 91.64 9.12
N PRO IA 245 -173.93 92.84 9.40
CA PRO IA 245 -172.50 92.99 9.70
C PRO IA 245 -172.17 92.54 11.12
N TYR IA 246 -170.94 92.03 11.27
CA TYR IA 246 -170.47 91.56 12.57
C TYR IA 246 -169.71 92.66 13.29
N ASP IA 247 -168.71 92.28 14.08
CA ASP IA 247 -167.90 93.24 14.82
C ASP IA 247 -166.75 93.80 14.00
N ILE IA 248 -166.24 93.04 13.03
CA ILE IA 248 -165.15 93.49 12.18
C ILE IA 248 -165.71 94.10 10.91
N PRO IA 249 -165.09 95.15 10.36
CA PRO IA 249 -165.61 95.76 9.13
C PRO IA 249 -165.16 94.98 7.91
N GLY IA 250 -166.14 94.50 7.13
CA GLY IA 250 -165.84 93.73 5.94
C GLY IA 250 -166.66 92.46 5.83
N MET IA 251 -166.52 91.57 6.82
CA MET IA 251 -167.27 90.33 6.81
C MET IA 251 -168.69 90.54 7.31
N VAL IA 252 -169.60 89.74 6.78
CA VAL IA 252 -171.01 89.82 7.15
C VAL IA 252 -171.63 88.44 7.01
N SER IA 253 -172.50 88.09 7.96
CA SER IA 253 -173.17 86.80 7.94
C SER IA 253 -174.29 86.80 6.92
N VAL IA 254 -174.26 85.84 5.99
CA VAL IA 254 -175.28 85.71 4.96
C VAL IA 254 -176.40 84.83 5.48
N VAL IA 255 -177.61 85.39 5.54
CA VAL IA 255 -178.78 84.65 6.01
C VAL IA 255 -179.92 84.83 5.01
N GLU IA 256 -179.75 84.32 3.80
CA GLU IA 256 -180.77 84.42 2.78
C GLU IA 256 -181.90 83.43 3.04
N LEU IA 257 -183.04 83.69 2.42
CA LEU IA 257 -184.22 82.86 2.54
C LEU IA 257 -184.85 82.63 1.18
N LYS IA 258 -185.58 81.53 1.06
CA LYS IA 258 -186.24 81.15 -0.18
C LYS IA 258 -187.74 81.03 0.06
N ARG IA 276 -188.52 81.47 -0.91
CA ARG IA 276 -189.98 81.43 -0.84
C ARG IA 276 -190.55 81.36 -2.25
N GLY IA 277 -190.14 80.32 -2.99
CA GLY IA 277 -190.62 80.14 -4.36
C GLY IA 277 -191.91 79.34 -4.42
N ASP IA 278 -192.48 79.29 -5.63
CA ASP IA 278 -193.71 78.55 -5.86
C ASP IA 278 -193.45 77.32 -6.71
N GLN IA 279 -194.38 77.01 -7.62
CA GLN IA 279 -194.20 75.85 -8.48
C GLN IA 279 -194.81 76.03 -9.87
N SER IA 280 -195.11 77.26 -10.28
CA SER IA 280 -195.70 77.52 -11.59
C SER IA 280 -195.27 78.92 -12.03
N PRO IA 281 -195.33 79.20 -13.33
CA PRO IA 281 -194.94 80.53 -13.82
C PRO IA 281 -196.04 81.57 -13.80
N SER IA 282 -197.23 81.23 -13.30
CA SER IA 282 -198.33 82.18 -13.25
C SER IA 282 -198.23 83.14 -12.07
N ASP IA 283 -197.38 82.85 -11.09
CA ASP IA 283 -197.20 83.71 -9.93
C ASP IA 283 -195.95 84.57 -10.02
N ARG IA 284 -195.50 84.89 -11.23
CA ARG IA 284 -194.31 85.71 -11.39
C ARG IA 284 -194.63 87.17 -11.14
N PRO IA 285 -193.87 87.87 -10.30
CA PRO IA 285 -194.16 89.29 -10.04
C PRO IA 285 -193.68 90.17 -11.19
N LEU IA 286 -194.57 91.04 -11.67
CA LEU IA 286 -194.22 91.93 -12.77
C LEU IA 286 -193.46 93.15 -12.27
N SER IA 287 -193.98 93.81 -11.24
CA SER IA 287 -193.33 95.00 -10.67
C SER IA 287 -193.69 95.08 -9.20
N LEU IA 288 -192.67 95.07 -8.35
CA LEU IA 288 -192.86 95.15 -6.90
C LEU IA 288 -192.68 96.59 -6.42
N ALA IA 289 -193.36 96.92 -5.33
CA ALA IA 289 -193.31 98.24 -4.73
C ALA IA 289 -192.68 98.16 -3.35
N VAL IA 290 -192.33 99.32 -2.81
CA VAL IA 290 -191.72 99.43 -1.49
C VAL IA 290 -192.28 100.66 -0.80
N HIS IA 291 -192.79 100.48 0.42
CA HIS IA 291 -193.35 101.58 1.19
C HIS IA 291 -193.20 101.29 2.67
N CYS IA 292 -193.18 102.35 3.47
CA CYS IA 292 -193.04 102.25 4.92
C CYS IA 292 -194.15 103.04 5.57
N VAL IA 293 -194.94 102.38 6.42
CA VAL IA 293 -196.06 103.01 7.12
C VAL IA 293 -195.87 102.75 8.61
N GLU IA 294 -195.77 103.83 9.39
CA GLU IA 294 -195.61 103.74 10.85
C GLU IA 294 -194.36 102.93 11.21
N HIS IA 295 -193.27 103.15 10.47
CA HIS IA 295 -192.00 102.46 10.69
C HIS IA 295 -192.18 100.95 10.61
N ASP IA 296 -192.76 100.48 9.51
CA ASP IA 296 -192.99 99.07 9.29
C ASP IA 296 -192.83 98.76 7.81
N ALA IA 297 -192.18 97.64 7.51
CA ALA IA 297 -191.95 97.22 6.14
C ALA IA 297 -193.23 96.63 5.56
N PHE IA 298 -193.74 97.23 4.48
CA PHE IA 298 -194.95 96.78 3.82
C PHE IA 298 -194.69 96.73 2.32
N ILE IA 299 -194.53 95.53 1.78
CA ILE IA 299 -194.27 95.34 0.36
C ILE IA 299 -195.57 94.93 -0.32
N PHE IA 300 -195.74 95.37 -1.57
CA PHE IA 300 -196.93 95.06 -2.35
C PHE IA 300 -196.50 94.81 -3.79
N ALA IA 301 -196.73 93.58 -4.27
CA ALA IA 301 -196.38 93.20 -5.63
C ALA IA 301 -197.58 92.56 -6.30
N LEU IA 302 -197.57 92.62 -7.64
CA LEU IA 302 -198.64 92.06 -8.46
C LEU IA 302 -198.08 90.89 -9.24
N CYS IA 303 -198.73 89.72 -9.12
CA CYS IA 303 -198.30 88.53 -9.82
C CYS IA 303 -198.78 88.56 -11.27
N GLN IA 304 -198.37 87.54 -12.03
CA GLN IA 304 -198.76 87.45 -13.43
C GLN IA 304 -200.20 86.98 -13.61
N ASP IA 305 -200.80 86.40 -12.58
CA ASP IA 305 -202.17 85.91 -12.64
C ASP IA 305 -203.19 86.93 -12.15
N HIS IA 306 -202.84 88.22 -12.18
CA HIS IA 306 -203.71 89.31 -11.74
C HIS IA 306 -204.16 89.09 -10.29
N LYS IA 307 -203.19 89.06 -9.39
CA LYS IA 307 -203.43 88.86 -7.97
C LYS IA 307 -202.52 89.78 -7.19
N LEU IA 308 -203.09 90.75 -6.49
CA LEU IA 308 -202.32 91.71 -5.70
C LEU IA 308 -202.10 91.11 -4.31
N ARG IA 309 -200.90 90.57 -4.09
CA ARG IA 309 -200.54 89.95 -2.82
C ARG IA 309 -199.65 90.90 -2.02
N MET IA 310 -199.96 91.07 -0.74
CA MET IA 310 -199.21 91.94 0.16
C MET IA 310 -198.36 91.05 1.07
N TRP IA 311 -197.05 91.07 0.83
CA TRP IA 311 -196.12 90.28 1.62
C TRP IA 311 -195.51 91.11 2.74
N SER IA 312 -195.14 90.44 3.82
CA SER IA 312 -194.54 91.08 4.98
C SER IA 312 -193.10 90.63 5.14
N TYR IA 313 -192.27 91.52 5.67
CA TYR IA 313 -190.85 91.23 5.87
C TYR IA 313 -190.58 90.54 7.20
N LYS IA 314 -191.56 90.45 8.09
CA LYS IA 314 -191.38 89.81 9.39
C LYS IA 314 -191.56 88.30 9.30
N GLU IA 315 -192.71 87.86 8.80
CA GLU IA 315 -193.00 86.44 8.66
C GLU IA 315 -192.53 85.85 7.34
N GLN IA 316 -192.09 86.69 6.40
CA GLN IA 316 -191.61 86.26 5.09
C GLN IA 316 -192.67 85.44 4.36
N MET IA 317 -193.90 85.95 4.38
CA MET IA 317 -195.02 85.29 3.73
C MET IA 317 -196.02 86.33 3.28
N CYS IA 318 -197.00 85.89 2.49
CA CYS IA 318 -198.04 86.78 1.99
C CYS IA 318 -199.11 86.97 3.06
N LEU IA 319 -199.27 88.22 3.51
CA LEU IA 319 -200.26 88.53 4.54
C LEU IA 319 -201.66 88.73 3.96
N MET IA 320 -201.78 89.46 2.86
CA MET IA 320 -203.05 89.72 2.21
C MET IA 320 -203.01 89.24 0.76
N VAL IA 321 -204.20 89.08 0.18
CA VAL IA 321 -204.34 88.63 -1.19
C VAL IA 321 -205.62 89.21 -1.76
N ALA IA 322 -205.53 89.83 -2.94
CA ALA IA 322 -206.67 90.44 -3.60
C ALA IA 322 -206.86 89.83 -4.98
N ASP IA 323 -208.11 89.58 -5.34
CA ASP IA 323 -208.46 89.00 -6.64
C ASP IA 323 -208.89 90.10 -7.60
N MET IA 324 -208.42 89.99 -8.84
CA MET IA 324 -208.73 90.96 -9.90
C MET IA 324 -209.04 90.19 -11.17
N LEU IA 325 -210.32 90.17 -11.56
CA LEU IA 325 -210.75 89.47 -12.76
C LEU IA 325 -210.44 90.35 -13.97
N GLU IA 326 -209.31 90.08 -14.62
CA GLU IA 326 -208.88 90.84 -15.78
C GLU IA 326 -208.08 89.94 -16.72
N TYR IA 327 -208.64 88.78 -17.07
CA TYR IA 327 -207.98 87.84 -17.95
C TYR IA 327 -208.86 87.30 -19.07
N VAL IA 328 -210.18 87.46 -19.00
CA VAL IA 328 -211.08 86.97 -20.04
C VAL IA 328 -211.08 87.97 -21.20
N PRO IA 329 -211.46 87.55 -22.39
CA PRO IA 329 -211.48 88.48 -23.53
C PRO IA 329 -212.72 89.34 -23.54
N VAL IA 330 -212.60 90.50 -24.17
CA VAL IA 330 -213.69 91.46 -24.29
C VAL IA 330 -213.92 91.78 -25.75
N LYS IA 331 -215.15 92.16 -26.08
CA LYS IA 331 -215.54 92.51 -27.44
C LYS IA 331 -215.97 93.96 -27.48
N LYS IA 332 -215.34 94.74 -28.36
CA LYS IA 332 -215.64 96.16 -28.52
C LYS IA 332 -215.93 96.44 -29.98
N ASP IA 333 -217.18 96.78 -30.28
CA ASP IA 333 -217.63 97.08 -31.64
C ASP IA 333 -217.36 95.90 -32.58
N LEU IA 334 -217.73 94.70 -32.12
CA LEU IA 334 -217.56 93.46 -32.88
C LEU IA 334 -216.09 93.25 -33.25
N ARG IA 335 -215.24 93.24 -32.23
CA ARG IA 335 -213.80 93.05 -32.43
C ARG IA 335 -213.25 92.41 -31.15
N LEU IA 336 -213.09 91.09 -31.17
CA LEU IA 336 -212.58 90.36 -30.02
C LEU IA 336 -211.06 90.52 -29.95
N THR IA 337 -210.57 91.03 -28.82
CA THR IA 337 -209.15 91.24 -28.61
C THR IA 337 -208.73 90.58 -27.30
N ALA IA 338 -207.70 89.75 -27.35
CA ALA IA 338 -207.22 89.06 -26.17
C ALA IA 338 -206.31 89.98 -25.37
N GLY IA 339 -206.73 90.32 -24.15
CA GLY IA 339 -205.95 91.20 -23.30
C GLY IA 339 -204.75 90.54 -22.68
N THR IA 340 -203.63 90.50 -23.40
CA THR IA 340 -202.39 89.89 -22.94
C THR IA 340 -201.24 90.89 -23.10
N GLY IA 341 -201.42 92.08 -22.51
CA GLY IA 341 -200.42 93.11 -22.60
C GLY IA 341 -199.26 92.91 -21.64
N HIS IA 342 -198.08 92.60 -22.18
CA HIS IA 342 -196.88 92.38 -21.40
C HIS IA 342 -195.91 93.53 -21.66
N LYS IA 343 -195.68 94.36 -20.64
CA LYS IA 343 -194.79 95.49 -20.76
C LYS IA 343 -193.37 95.08 -20.37
N LEU IA 344 -192.39 95.73 -21.00
CA LEU IA 344 -190.98 95.47 -20.76
C LEU IA 344 -190.46 96.43 -19.71
N ARG IA 345 -190.08 95.88 -18.55
CA ARG IA 345 -189.54 96.64 -17.42
C ARG IA 345 -190.59 97.67 -17.01
N LEU IA 346 -190.32 98.97 -17.10
CA LEU IA 346 -191.27 100.04 -16.75
C LEU IA 346 -191.65 99.88 -15.27
N ALA IA 347 -192.87 100.27 -14.91
CA ALA IA 347 -193.34 100.15 -13.54
C ALA IA 347 -194.86 100.04 -13.54
N TYR IA 348 -195.38 99.24 -12.60
CA TYR IA 348 -196.82 99.03 -12.49
C TYR IA 348 -197.33 99.30 -11.07
N SER IA 349 -196.50 99.81 -10.17
CA SER IA 349 -196.91 100.08 -8.80
C SER IA 349 -196.11 101.26 -8.24
N PRO IA 350 -196.79 102.31 -7.76
CA PRO IA 350 -196.06 103.45 -7.20
C PRO IA 350 -196.37 103.69 -5.74
N THR IA 351 -195.67 104.64 -5.12
CA THR IA 351 -195.88 104.95 -3.72
C THR IA 351 -195.63 106.44 -3.50
N MET IA 352 -196.17 106.95 -2.39
CA MET IA 352 -196.01 108.36 -2.05
C MET IA 352 -195.57 108.52 -0.60
N GLY IA 353 -196.43 108.12 0.34
CA GLY IA 353 -196.11 108.22 1.75
C GLY IA 353 -196.58 107.03 2.56
N LEU IA 354 -197.89 106.93 2.78
CA LEU IA 354 -198.47 105.84 3.55
C LEU IA 354 -199.33 104.90 2.71
N TYR IA 355 -199.68 105.29 1.49
CA TYR IA 355 -200.51 104.47 0.61
C TYR IA 355 -199.76 104.21 -0.70
N LEU IA 356 -200.30 103.30 -1.50
CA LEU IA 356 -199.73 102.92 -2.77
C LEU IA 356 -200.79 103.00 -3.86
N GLY IA 357 -200.32 103.05 -5.11
CA GLY IA 357 -201.21 103.13 -6.24
C GLY IA 357 -200.86 102.09 -7.29
N ILE IA 358 -201.85 101.77 -8.12
CA ILE IA 358 -201.68 100.80 -9.19
C ILE IA 358 -202.59 101.18 -10.34
N TYR IA 359 -202.21 100.76 -11.55
CA TYR IA 359 -202.99 101.06 -12.74
C TYR IA 359 -202.76 99.96 -13.77
N MET IA 360 -203.75 99.78 -14.65
CA MET IA 360 -203.70 98.78 -15.70
C MET IA 360 -203.89 99.45 -17.05
N HIS IA 361 -203.12 98.99 -18.04
CA HIS IA 361 -203.22 99.57 -19.37
C HIS IA 361 -204.50 99.13 -20.09
N ALA IA 362 -205.01 97.94 -19.76
CA ALA IA 362 -206.22 97.38 -20.36
C ALA IA 362 -206.11 97.33 -21.88
N PRO IA 363 -205.34 96.38 -22.43
CA PRO IA 363 -205.18 96.26 -23.88
C PRO IA 363 -204.83 97.57 -24.57
N LYS IA 364 -205.49 97.87 -25.69
CA LYS IA 364 -205.26 99.09 -26.45
C LYS IA 364 -206.33 100.14 -26.20
N ARG IA 365 -206.81 100.25 -24.96
CA ARG IA 365 -207.84 101.24 -24.65
C ARG IA 365 -207.24 102.63 -24.43
N GLY IA 366 -206.25 102.73 -23.55
CA GLY IA 366 -205.62 104.00 -23.28
C GLY IA 366 -206.23 104.81 -22.16
N GLN IA 367 -207.18 104.24 -21.42
CA GLN IA 367 -207.82 104.95 -20.32
C GLN IA 367 -207.07 104.82 -19.00
N PHE IA 368 -206.17 103.84 -18.89
CA PHE IA 368 -205.38 103.61 -17.68
C PHE IA 368 -206.27 103.40 -16.46
N CYS IA 369 -205.76 103.72 -15.28
CA CYS IA 369 -206.50 103.57 -14.04
C CYS IA 369 -205.87 104.47 -12.99
N ILE IA 370 -206.48 104.49 -11.80
CA ILE IA 370 -205.99 105.30 -10.69
C ILE IA 370 -206.41 104.65 -9.38
N PHE IA 371 -206.18 103.35 -9.26
CA PHE IA 371 -206.55 102.61 -8.05
C PHE IA 371 -205.50 102.89 -6.98
N GLN IA 372 -205.83 103.78 -6.05
CA GLN IA 372 -204.95 104.15 -4.95
C GLN IA 372 -205.45 103.47 -3.69
N LEU IA 373 -204.89 102.30 -3.39
CA LEU IA 373 -205.30 101.54 -2.22
C LEU IA 373 -204.66 102.11 -0.96
N VAL IA 374 -205.46 102.26 0.09
CA VAL IA 374 -205.02 102.79 1.37
C VAL IA 374 -204.91 101.61 2.34
N SER IA 375 -203.68 101.24 2.67
CA SER IA 375 -203.43 100.12 3.58
C SER IA 375 -203.29 100.64 5.00
N THR IA 376 -204.26 100.32 5.85
CA THR IA 376 -204.25 100.73 7.24
C THR IA 376 -203.43 99.76 8.09
N GLU IA 377 -203.01 100.24 9.26
CA GLU IA 377 -202.22 99.45 10.19
C GLU IA 377 -203.06 98.83 11.30
N SER IA 378 -204.37 98.76 11.11
CA SER IA 378 -205.26 98.18 12.12
C SER IA 378 -205.43 96.68 11.90
N ASN IA 379 -206.11 96.04 12.84
CA ASN IA 379 -206.35 94.60 12.79
C ASN IA 379 -207.70 94.26 12.18
N ARG IA 380 -208.38 95.23 11.56
CA ARG IA 380 -209.68 94.99 10.94
C ARG IA 380 -209.76 95.46 9.50
N TYR IA 381 -208.70 96.07 8.96
CA TYR IA 381 -208.71 96.56 7.58
C TYR IA 381 -207.26 96.49 7.07
N SER IA 382 -206.91 95.34 6.49
CA SER IA 382 -205.56 95.15 5.96
C SER IA 382 -205.39 95.77 4.57
N LEU IA 383 -206.45 95.76 3.76
CA LEU IA 383 -206.37 96.32 2.42
C LEU IA 383 -207.74 96.89 2.05
N ASP IA 384 -207.77 98.16 1.65
CA ASP IA 384 -209.00 98.82 1.27
C ASP IA 384 -208.71 99.78 0.12
N HIS IA 385 -209.51 99.70 -0.93
CA HIS IA 385 -209.37 100.55 -2.10
C HIS IA 385 -210.66 101.32 -2.32
N ILE IA 386 -210.56 102.65 -2.31
CA ILE IA 386 -211.72 103.51 -2.51
C ILE IA 386 -211.51 104.37 -3.74
N SER IA 387 -210.97 103.77 -4.80
CA SER IA 387 -210.71 104.48 -6.05
C SER IA 387 -210.95 103.54 -7.22
N SER IA 388 -211.57 104.07 -8.27
CA SER IA 388 -211.86 103.27 -9.46
C SER IA 388 -210.79 103.49 -10.53
N LEU IA 389 -211.06 104.36 -11.49
CA LEU IA 389 -210.13 104.64 -12.57
C LEU IA 389 -210.38 106.05 -13.08
N PHE IA 390 -209.29 106.76 -13.41
CA PHE IA 390 -209.36 108.11 -13.92
C PHE IA 390 -209.25 108.11 -15.44
N THR IA 391 -209.48 109.29 -16.02
CA THR IA 391 -209.41 109.47 -17.47
C THR IA 391 -208.07 110.12 -17.81
N SER IA 392 -207.03 109.29 -17.87
CA SER IA 392 -205.69 109.74 -18.18
C SER IA 392 -205.02 108.72 -19.10
N GLN IA 393 -203.81 109.06 -19.53
CA GLN IA 393 -203.05 108.19 -20.42
C GLN IA 393 -202.23 107.19 -19.62
N GLU IA 394 -201.81 106.13 -20.29
CA GLU IA 394 -201.01 105.10 -19.65
C GLU IA 394 -199.56 105.54 -19.52
N THR IA 395 -198.92 105.11 -18.44
CA THR IA 395 -197.52 105.44 -18.17
C THR IA 395 -196.66 104.30 -18.66
N LEU IA 396 -196.18 104.43 -19.90
CA LEU IA 396 -195.33 103.39 -20.50
C LEU IA 396 -193.89 103.46 -20.03
N ILE IA 397 -193.50 104.56 -19.38
CA ILE IA 397 -192.13 104.71 -18.89
C ILE IA 397 -192.12 104.52 -17.37
N ASP IA 398 -192.65 105.50 -16.64
CA ASP IA 398 -192.70 105.43 -15.19
C ASP IA 398 -193.86 106.27 -14.70
N PHE IA 399 -194.19 106.10 -13.42
CA PHE IA 399 -195.28 106.82 -12.80
C PHE IA 399 -194.94 107.09 -11.34
N ALA IA 400 -194.86 108.36 -10.96
CA ALA IA 400 -194.52 108.76 -9.60
C ALA IA 400 -195.73 109.47 -9.00
N LEU IA 401 -196.29 108.86 -7.96
CA LEU IA 401 -197.45 109.41 -7.26
C LEU IA 401 -197.02 110.23 -6.06
N THR IA 402 -197.74 111.31 -5.80
CA THR IA 402 -197.45 112.19 -4.66
C THR IA 402 -198.77 112.76 -4.16
N SER IA 403 -199.25 112.22 -3.05
CA SER IA 403 -200.50 112.66 -2.43
C SER IA 403 -201.66 112.56 -3.42
N THR IA 404 -201.92 113.65 -4.15
CA THR IA 404 -203.00 113.68 -5.13
C THR IA 404 -202.53 113.90 -6.56
N ASP IA 405 -201.31 114.36 -6.77
CA ASP IA 405 -200.79 114.60 -8.11
C ASP IA 405 -199.98 113.38 -8.56
N ILE IA 406 -200.35 112.83 -9.71
CA ILE IA 406 -199.69 111.66 -10.28
C ILE IA 406 -198.97 112.10 -11.55
N TRP IA 407 -197.64 112.03 -11.54
CA TRP IA 407 -196.83 112.41 -12.68
C TRP IA 407 -196.55 111.17 -13.52
N ALA IA 408 -197.09 111.14 -14.73
CA ALA IA 408 -196.91 110.02 -15.65
C ALA IA 408 -196.01 110.42 -16.81
N LEU IA 409 -195.25 109.45 -17.32
CA LEU IA 409 -194.34 109.67 -18.43
C LEU IA 409 -194.61 108.63 -19.50
N TRP IA 410 -194.75 109.08 -20.74
CA TRP IA 410 -195.01 108.21 -21.87
C TRP IA 410 -193.90 108.35 -22.90
N HIS IA 411 -193.76 107.31 -23.73
CA HIS IA 411 -192.74 107.30 -24.78
C HIS IA 411 -193.23 106.46 -25.94
N ASP IA 412 -193.20 107.05 -27.14
CA ASP IA 412 -193.65 106.36 -28.34
C ASP IA 412 -192.49 105.56 -28.95
N ALA IA 413 -192.76 104.94 -30.10
CA ALA IA 413 -191.74 104.15 -30.79
C ALA IA 413 -190.84 104.99 -31.69
N GLU IA 414 -191.16 106.28 -31.88
CA GLU IA 414 -190.36 107.16 -32.73
C GLU IA 414 -189.42 108.05 -31.91
N ASN IA 415 -188.99 107.57 -30.74
CA ASN IA 415 -188.09 108.31 -29.86
C ASN IA 415 -188.68 109.67 -29.49
N GLN IA 416 -189.94 109.67 -29.08
CA GLN IA 416 -190.66 110.88 -28.70
C GLN IA 416 -191.28 110.66 -27.33
N THR IA 417 -190.97 111.54 -26.39
CA THR IA 417 -191.50 111.48 -25.04
C THR IA 417 -192.65 112.44 -24.85
N VAL IA 418 -193.50 112.14 -23.87
CA VAL IA 418 -194.66 112.98 -23.57
C VAL IA 418 -194.94 112.93 -22.08
N VAL IA 419 -194.67 114.03 -21.38
CA VAL IA 419 -194.90 114.12 -19.95
C VAL IA 419 -196.28 114.70 -19.69
N LYS IA 420 -196.95 114.20 -18.67
CA LYS IA 420 -198.28 114.67 -18.32
C LYS IA 420 -198.50 114.50 -16.82
N TYR IA 421 -199.20 115.46 -16.23
CA TYR IA 421 -199.51 115.46 -14.80
C TYR IA 421 -201.01 115.57 -14.61
N ILE IA 422 -201.54 114.76 -13.70
CA ILE IA 422 -202.97 114.73 -13.40
C ILE IA 422 -203.13 115.02 -11.91
N ASN IA 423 -203.87 116.09 -11.59
CA ASN IA 423 -204.14 116.48 -10.22
C ASN IA 423 -205.62 116.40 -9.95
N PHE IA 424 -205.99 115.82 -8.81
CA PHE IA 424 -207.38 115.66 -8.41
C PHE IA 424 -207.61 116.31 -7.05
N GLU IA 425 -208.81 116.87 -6.88
CA GLU IA 425 -209.15 117.53 -5.62
C GLU IA 425 -210.64 117.38 -5.26
N HIS IA 426 -211.58 117.70 -6.15
CA HIS IA 426 -211.38 118.21 -7.51
C HIS IA 426 -211.68 119.70 -7.60
N ASN IA 427 -210.80 120.43 -8.28
CA ASN IA 427 -210.97 121.88 -8.44
C ASN IA 427 -210.44 122.34 -9.78
N VAL IA 428 -209.81 123.51 -9.81
CA VAL IA 428 -209.25 124.06 -11.05
C VAL IA 428 -207.92 123.38 -11.33
N ALA IA 429 -207.79 122.78 -12.50
CA ALA IA 429 -206.58 122.08 -12.92
C ALA IA 429 -206.04 122.71 -14.19
N GLY IA 430 -204.78 122.36 -14.50
CA GLY IA 430 -204.12 122.86 -15.68
C GLY IA 430 -203.52 121.73 -16.50
N GLN IA 431 -202.87 122.13 -17.60
CA GLN IA 431 -202.24 121.18 -18.51
C GLN IA 431 -201.03 121.83 -19.14
N TRP IA 432 -200.06 121.00 -19.52
CA TRP IA 432 -198.83 121.48 -20.14
C TRP IA 432 -198.43 120.50 -21.25
N ASN IA 433 -197.87 121.04 -22.32
CA ASN IA 433 -197.43 120.26 -23.47
C ASN IA 433 -196.12 120.82 -23.96
N PRO IA 434 -195.38 120.05 -24.77
CA PRO IA 434 -194.10 120.55 -25.28
C PRO IA 434 -194.00 120.47 -26.80
N VAL IA 435 -193.13 121.29 -27.39
CA VAL IA 435 -192.96 121.30 -28.84
C VAL IA 435 -191.98 120.21 -29.24
N PHE IA 436 -191.85 119.97 -30.54
CA PHE IA 436 -190.94 118.95 -31.05
C PHE IA 436 -189.59 119.55 -31.39
N MET IA 437 -188.88 118.95 -32.33
CA MET IA 437 -187.56 119.43 -32.74
C MET IA 437 -187.73 120.51 -33.80
N GLN IA 438 -187.31 121.74 -33.47
CA GLN IA 438 -187.42 122.86 -34.38
C GLN IA 438 -186.08 123.07 -35.07
N PRO IA 439 -185.95 122.78 -36.37
CA PRO IA 439 -184.67 122.98 -37.06
C PRO IA 439 -184.49 124.44 -37.45
N LEU IA 440 -183.43 125.07 -36.91
CA LEU IA 440 -183.14 126.47 -37.21
C LEU IA 440 -181.69 126.64 -37.63
N PRO IA 441 -181.21 125.79 -38.54
CA PRO IA 441 -179.81 125.90 -38.98
C PRO IA 441 -179.68 125.86 -40.50
N GLU IA 442 -180.81 125.87 -41.19
CA GLU IA 442 -180.84 125.84 -42.65
C GLU IA 442 -180.97 127.21 -43.27
N GLU IA 443 -180.84 128.28 -42.47
CA GLU IA 443 -180.95 129.65 -42.95
C GLU IA 443 -179.57 130.27 -43.03
N GLU IA 444 -179.23 130.80 -44.20
CA GLU IA 444 -177.93 131.43 -44.40
C GLU IA 444 -177.96 132.87 -43.93
N ILE IA 445 -176.84 133.33 -43.37
CA ILE IA 445 -176.71 134.70 -42.86
C ILE IA 445 -175.31 135.20 -43.21
N VAL IA 446 -175.24 136.43 -43.74
CA VAL IA 446 -173.97 137.03 -44.11
C VAL IA 446 -174.09 138.55 -43.98
N ILE IA 447 -173.88 139.05 -42.77
CA ILE IA 447 -173.96 140.49 -42.51
C ILE IA 447 -172.73 140.92 -41.72
N ARG IA 448 -172.89 141.92 -40.86
CA ARG IA 448 -171.79 142.43 -40.05
C ARG IA 448 -171.75 141.72 -38.70
N ASP IA 449 -171.25 142.41 -37.68
CA ASP IA 449 -171.14 141.87 -36.32
C ASP IA 449 -170.34 140.56 -36.31
N ASP IA 450 -171.02 139.43 -36.45
CA ASP IA 450 -170.37 138.12 -36.46
C ASP IA 450 -169.91 137.83 -37.88
N GLN IA 451 -168.62 138.04 -38.14
CA GLN IA 451 -168.06 137.79 -39.46
C GLN IA 451 -167.50 136.38 -39.55
N ASP IA 452 -166.47 136.21 -40.39
CA ASP IA 452 -165.80 134.92 -40.61
C ASP IA 452 -166.81 133.87 -41.06
N PRO IA 453 -166.66 132.62 -40.62
CA PRO IA 453 -167.60 131.58 -41.04
C PRO IA 453 -167.83 130.53 -39.96
N ARG IA 454 -166.74 129.96 -39.44
CA ARG IA 454 -166.84 128.95 -38.40
C ARG IA 454 -167.22 129.54 -37.05
N GLU IA 455 -166.95 130.83 -36.82
CA GLU IA 455 -167.30 131.45 -35.55
C GLU IA 455 -168.80 131.50 -35.33
N MET IA 456 -169.55 131.83 -36.39
CA MET IA 456 -171.00 131.86 -36.26
C MET IA 456 -171.57 130.48 -35.99
N TYR IA 457 -171.04 129.45 -36.66
CA TYR IA 457 -171.50 128.09 -36.40
C TYR IA 457 -171.16 127.65 -34.99
N LEU IA 458 -169.96 127.99 -34.50
CA LEU IA 458 -169.59 127.64 -33.14
C LEU IA 458 -170.49 128.35 -32.12
N GLN IA 459 -170.80 129.62 -32.38
CA GLN IA 459 -171.69 130.34 -31.47
C GLN IA 459 -173.09 129.75 -31.48
N SER IA 460 -173.60 129.38 -32.65
CA SER IA 460 -174.93 128.76 -32.74
C SER IA 460 -174.95 127.40 -32.07
N LEU IA 461 -173.85 126.66 -32.14
CA LEU IA 461 -173.81 125.36 -31.47
C LEU IA 461 -173.68 125.51 -29.96
N PHE IA 462 -172.98 126.55 -29.50
CA PHE IA 462 -172.82 126.76 -28.06
C PHE IA 462 -174.07 127.37 -27.44
N THR IA 463 -174.85 128.12 -28.21
CA THR IA 463 -176.08 128.73 -27.68
C THR IA 463 -177.16 127.67 -27.49
N PRO IA 464 -177.00 126.48 -28.08
CA PRO IA 464 -178.01 125.44 -27.91
C PRO IA 464 -178.00 124.84 -26.52
N GLY IA 465 -176.90 124.18 -26.16
CA GLY IA 465 -176.76 123.57 -24.85
C GLY IA 465 -177.60 122.33 -24.68
N GLN IA 466 -177.51 121.41 -25.65
CA GLN IA 466 -178.26 120.16 -25.61
C GLN IA 466 -177.36 118.94 -25.73
N PHE IA 467 -176.49 118.90 -26.73
CA PHE IA 467 -175.59 117.78 -26.93
C PHE IA 467 -174.26 118.02 -26.20
N THR IA 468 -173.60 116.91 -25.88
CA THR IA 468 -172.32 116.97 -25.19
C THR IA 468 -171.32 116.01 -25.82
N ASN IA 469 -171.60 114.71 -25.77
CA ASN IA 469 -170.70 113.72 -26.35
C ASN IA 469 -170.96 113.50 -27.83
N GLU IA 470 -172.11 113.93 -28.35
CA GLU IA 470 -172.41 113.75 -29.76
C GLU IA 470 -171.48 114.56 -30.64
N ALA IA 471 -171.19 115.81 -30.25
CA ALA IA 471 -170.28 116.64 -31.02
C ALA IA 471 -168.87 116.05 -31.01
N LEU IA 472 -168.43 115.55 -29.85
CA LEU IA 472 -167.11 114.93 -29.77
C LEU IA 472 -167.03 113.67 -30.63
N CYS IA 473 -168.09 112.86 -30.62
CA CYS IA 473 -168.11 111.65 -31.45
C CYS IA 473 -168.09 112.02 -32.93
N LYS IA 474 -168.84 113.05 -33.32
CA LYS IA 474 -168.84 113.47 -34.72
C LYS IA 474 -167.48 114.01 -35.14
N ALA IA 475 -166.82 114.78 -34.26
CA ALA IA 475 -165.50 115.29 -34.58
C ALA IA 475 -164.46 114.17 -34.66
N LEU IA 476 -164.61 113.13 -33.83
CA LEU IA 476 -163.68 112.01 -33.88
C LEU IA 476 -163.91 111.15 -35.12
N GLN IA 477 -165.17 111.01 -35.55
CA GLN IA 477 -165.48 110.22 -36.74
C GLN IA 477 -165.13 110.96 -38.02
N ILE IA 478 -165.22 112.28 -38.02
CA ILE IA 478 -164.90 113.04 -39.23
C ILE IA 478 -163.41 113.14 -39.47
N PHE IA 479 -162.58 112.89 -38.45
CA PHE IA 479 -161.12 112.96 -38.60
C PHE IA 479 -160.60 111.61 -39.07
N CYS IA 480 -160.83 111.34 -40.36
CA CYS IA 480 -160.40 110.10 -40.97
C CYS IA 480 -158.94 110.21 -41.40
N ARG IA 481 -158.11 109.28 -40.94
CA ARG IA 481 -158.57 108.19 -40.07
C ARG IA 481 -157.87 108.23 -38.73
N GLY IA 482 -157.78 109.42 -38.15
CA GLY IA 482 -157.13 109.59 -36.87
C GLY IA 482 -158.08 109.45 -35.69
N THR IA 483 -158.72 108.30 -35.57
CA THR IA 483 -159.65 108.06 -34.48
C THR IA 483 -158.91 107.72 -33.19
N GLU IA 484 -159.54 108.03 -32.07
CA GLU IA 484 -158.97 107.77 -30.75
C GLU IA 484 -160.10 107.52 -29.77
N ARG IA 485 -159.76 107.45 -28.48
CA ARG IA 485 -160.75 107.22 -27.44
C ARG IA 485 -161.28 108.53 -26.89
N ASN IA 486 -161.63 108.55 -25.61
CA ASN IA 486 -162.15 109.75 -24.96
C ASN IA 486 -161.02 110.53 -24.29
N LEU IA 487 -160.08 110.97 -25.12
CA LEU IA 487 -158.92 111.73 -24.66
C LEU IA 487 -159.14 113.23 -24.71
N ASP IA 488 -160.39 113.68 -24.87
CA ASP IA 488 -160.67 115.11 -24.92
C ASP IA 488 -160.58 115.74 -23.54
N LEU IA 489 -161.34 115.19 -22.58
CA LEU IA 489 -161.36 115.68 -21.20
C LEU IA 489 -161.71 117.17 -21.14
N SER IA 490 -160.72 118.02 -21.37
CA SER IA 490 -160.94 119.46 -21.32
C SER IA 490 -161.77 119.91 -22.52
N TRP IA 491 -162.76 120.77 -22.27
CA TRP IA 491 -163.63 121.27 -23.31
C TRP IA 491 -163.19 122.64 -23.85
N SER IA 492 -162.10 123.20 -23.31
CA SER IA 492 -161.63 124.49 -23.79
C SER IA 492 -160.96 124.37 -25.15
N GLU IA 493 -160.16 123.31 -25.35
CA GLU IA 493 -159.47 123.08 -26.61
C GLU IA 493 -160.30 122.28 -27.60
N LEU IA 494 -161.50 121.85 -27.22
CA LEU IA 494 -162.33 121.07 -28.12
C LEU IA 494 -162.77 121.91 -29.32
N LYS IA 495 -163.13 123.17 -29.08
CA LYS IA 495 -163.54 124.04 -30.19
C LYS IA 495 -162.36 124.31 -31.12
N LYS IA 496 -161.16 124.51 -30.57
CA LYS IA 496 -159.99 124.72 -31.41
C LYS IA 496 -159.67 123.48 -32.23
N GLU IA 497 -159.80 122.30 -31.63
CA GLU IA 497 -159.55 121.06 -32.36
C GLU IA 497 -160.57 120.87 -33.47
N VAL IA 498 -161.84 121.18 -33.19
CA VAL IA 498 -162.88 121.05 -34.22
C VAL IA 498 -162.62 122.02 -35.35
N THR IA 499 -162.20 123.25 -35.04
CA THR IA 499 -161.90 124.23 -36.08
C THR IA 499 -160.70 123.79 -36.91
N LEU IA 500 -159.67 123.24 -36.27
CA LEU IA 500 -158.51 122.77 -37.01
C LEU IA 500 -158.84 121.57 -37.89
N ALA IA 501 -159.75 120.70 -37.42
CA ALA IA 501 -160.15 119.56 -38.23
C ALA IA 501 -161.04 119.97 -39.40
N VAL IA 502 -161.88 121.01 -39.21
CA VAL IA 502 -162.73 121.47 -40.28
C VAL IA 502 -161.95 122.27 -41.31
N GLU IA 503 -160.93 123.01 -40.88
CA GLU IA 503 -160.13 123.80 -41.80
C GLU IA 503 -159.16 122.95 -42.62
N ASN IA 504 -158.83 121.76 -42.15
CA ASN IA 504 -157.91 120.87 -42.85
C ASN IA 504 -158.63 119.87 -43.74
N GLU IA 505 -159.96 119.97 -43.86
CA GLU IA 505 -160.73 119.07 -44.70
C GLU IA 505 -161.34 119.73 -45.92
N LEU IA 506 -161.53 121.05 -45.91
CA LEU IA 506 -162.09 121.79 -47.03
C LEU IA 506 -160.96 122.46 -47.80
N GLN IA 507 -160.64 121.92 -48.97
CA GLN IA 507 -159.57 122.47 -49.80
C GLN IA 507 -160.06 123.72 -50.53
N GLY IA 508 -159.27 124.78 -50.47
CA GLY IA 508 -159.62 126.02 -51.12
C GLY IA 508 -159.22 126.08 -52.58
N SER IA 509 -160.19 126.10 -53.48
CA SER IA 509 -159.91 126.15 -54.91
C SER IA 509 -159.52 127.56 -55.33
N VAL IA 510 -158.54 127.65 -56.23
CA VAL IA 510 -158.07 128.94 -56.71
C VAL IA 510 -159.04 129.47 -57.76
N THR IA 511 -159.09 130.78 -57.89
CA THR IA 511 -159.97 131.43 -58.85
C THR IA 511 -159.36 131.44 -60.25
N GLU IA 512 -155.07 135.52 -61.46
CA GLU IA 512 -153.67 135.86 -61.22
C GLU IA 512 -153.29 135.63 -59.76
N TYR IA 513 -153.05 134.37 -59.41
CA TYR IA 513 -152.67 133.96 -58.05
C TYR IA 513 -153.72 134.41 -57.04
N GLU IA 514 -154.99 134.15 -57.36
CA GLU IA 514 -156.10 134.50 -56.50
C GLU IA 514 -156.88 133.25 -56.10
N PHE IA 515 -157.66 133.37 -55.04
CA PHE IA 515 -158.46 132.29 -54.51
C PHE IA 515 -159.94 132.60 -54.67
N SER IA 516 -160.74 131.58 -54.97
CA SER IA 516 -162.17 131.73 -55.15
C SER IA 516 -162.85 131.68 -53.78
N GLN IA 517 -163.35 132.83 -53.33
CA GLN IA 517 -164.01 132.88 -52.03
C GLN IA 517 -165.45 132.39 -52.09
N GLU IA 518 -166.10 132.51 -53.26
CA GLU IA 518 -167.48 132.06 -53.39
C GLU IA 518 -167.58 130.55 -53.24
N GLU IA 519 -166.60 129.81 -53.76
CA GLU IA 519 -166.61 128.36 -53.60
C GLU IA 519 -166.24 127.95 -52.19
N PHE IA 520 -165.30 128.66 -51.57
CA PHE IA 520 -164.89 128.34 -50.20
C PHE IA 520 -166.04 128.58 -49.22
N ARG IA 521 -166.78 129.67 -49.40
CA ARG IA 521 -167.91 129.94 -48.52
C ARG IA 521 -169.00 128.88 -48.67
N ASN IA 522 -169.26 128.46 -49.91
CA ASN IA 522 -170.25 127.41 -50.14
C ASN IA 522 -169.80 126.08 -49.53
N LEU IA 523 -168.52 125.75 -49.64
CA LEU IA 523 -168.01 124.53 -49.04
C LEU IA 523 -168.10 124.58 -47.52
N GLN IA 524 -167.79 125.74 -46.93
CA GLN IA 524 -167.89 125.88 -45.48
C GLN IA 524 -169.33 125.76 -45.03
N GLN IA 525 -170.27 126.36 -45.78
CA GLN IA 525 -171.68 126.25 -45.42
C GLN IA 525 -172.17 124.82 -45.53
N GLU IA 526 -171.74 124.10 -46.58
CA GLU IA 526 -172.13 122.70 -46.72
C GLU IA 526 -171.57 121.86 -45.58
N PHE IA 527 -170.31 122.11 -45.20
CA PHE IA 527 -169.72 121.37 -44.09
C PHE IA 527 -170.44 121.66 -42.78
N TRP IA 528 -170.80 122.92 -42.55
CA TRP IA 528 -171.54 123.27 -41.33
C TRP IA 528 -172.92 122.60 -41.33
N CYS IA 529 -173.59 122.58 -42.48
CA CYS IA 529 -174.90 121.93 -42.55
C CYS IA 529 -174.78 120.43 -42.31
N LYS IA 530 -173.74 119.80 -42.86
CA LYS IA 530 -173.53 118.37 -42.64
C LYS IA 530 -173.24 118.09 -41.18
N PHE IA 531 -172.42 118.94 -40.54
CA PHE IA 531 -172.13 118.75 -39.12
C PHE IA 531 -173.37 118.92 -38.26
N TYR IA 532 -174.21 119.91 -38.60
CA TYR IA 532 -175.45 120.11 -37.86
C TYR IA 532 -176.39 118.92 -38.03
N ALA IA 533 -176.48 118.39 -39.25
CA ALA IA 533 -177.33 117.22 -39.49
C ALA IA 533 -176.82 116.00 -38.73
N CYS IA 534 -175.50 115.81 -38.71
CA CYS IA 534 -174.93 114.69 -37.96
C CYS IA 534 -175.17 114.84 -36.46
N CYS IA 535 -175.05 116.06 -35.93
CA CYS IA 535 -175.29 116.28 -34.52
C CYS IA 535 -176.77 116.09 -34.17
N LEU IA 536 -177.67 116.46 -35.08
CA LEU IA 536 -179.09 116.25 -34.84
C LEU IA 536 -179.48 114.79 -34.94
N GLN IA 537 -178.83 114.04 -35.83
CA GLN IA 537 -179.14 112.62 -35.96
C GLN IA 537 -178.53 111.78 -34.83
N TYR IA 538 -177.36 112.19 -34.32
CA TYR IA 538 -176.74 111.45 -33.23
C TYR IA 538 -177.41 111.71 -31.89
N GLN IA 539 -178.12 112.82 -31.76
CA GLN IA 539 -178.80 113.16 -30.51
C GLN IA 539 -180.26 112.76 -30.50
N GLU IA 540 -180.86 112.47 -31.66
CA GLU IA 540 -182.26 112.08 -31.71
C GLU IA 540 -182.48 110.64 -31.24
N ALA IA 541 -181.47 109.79 -31.42
CA ALA IA 541 -181.56 108.39 -31.00
C ALA IA 541 -180.89 108.12 -29.67
N LEU IA 542 -180.42 109.16 -28.97
CA LEU IA 542 -179.77 108.99 -27.69
C LEU IA 542 -180.42 109.80 -26.57
N SER IA 543 -181.31 110.73 -26.88
CA SER IA 543 -182.00 111.54 -25.88
C SER IA 543 -183.47 111.13 -25.86
N HIS IA 544 -183.82 110.29 -24.90
CA HIS IA 544 -185.18 109.80 -24.76
C HIS IA 544 -185.46 109.60 -23.27
N PRO IA 545 -186.73 109.47 -22.88
CA PRO IA 545 -187.06 109.27 -21.48
C PRO IA 545 -186.81 107.83 -21.04
N LEU IA 546 -186.71 107.66 -19.72
CA LEU IA 546 -186.46 106.34 -19.14
C LEU IA 546 -187.36 106.12 -17.92
N ALA IA 547 -187.08 106.84 -16.84
CA ALA IA 547 -187.85 106.72 -15.61
C ALA IA 547 -188.05 108.11 -15.01
N LEU IA 548 -188.79 108.17 -13.91
CA LEU IA 548 -189.06 109.44 -13.24
C LEU IA 548 -189.27 109.15 -11.75
N HIS IA 549 -188.47 109.81 -10.91
CA HIS IA 549 -188.56 109.64 -9.46
C HIS IA 549 -188.64 111.01 -8.80
N LEU IA 550 -189.41 111.09 -7.73
CA LEU IA 550 -189.59 112.33 -6.98
C LEU IA 550 -188.88 112.24 -5.64
N ASN IA 551 -188.46 113.40 -5.12
CA ASN IA 551 -187.77 113.47 -3.85
C ASN IA 551 -188.65 114.12 -2.79
N PRO IA 552 -188.68 113.57 -1.57
CA PRO IA 552 -189.52 114.17 -0.53
C PRO IA 552 -188.90 115.38 0.15
N HIS IA 553 -187.59 115.58 0.01
CA HIS IA 553 -186.95 116.73 0.63
C HIS IA 553 -187.12 118.00 -0.19
N THR IA 554 -186.78 117.93 -1.48
CA THR IA 554 -186.92 119.10 -2.35
C THR IA 554 -188.37 119.32 -2.79
N ASN IA 555 -189.17 118.25 -2.88
CA ASN IA 555 -190.57 118.31 -3.29
C ASN IA 555 -190.70 118.97 -4.67
N MET IA 556 -189.98 118.44 -5.64
CA MET IA 556 -190.00 118.94 -7.01
C MET IA 556 -190.12 117.78 -7.99
N VAL IA 557 -190.81 118.03 -9.10
CA VAL IA 557 -191.00 117.01 -10.13
C VAL IA 557 -189.73 116.89 -10.96
N CYS IA 558 -188.87 115.96 -10.59
CA CYS IA 558 -187.62 115.73 -11.29
C CYS IA 558 -187.80 114.67 -12.38
N LEU IA 559 -187.07 114.84 -13.48
CA LEU IA 559 -187.12 113.92 -14.60
C LEU IA 559 -185.73 113.35 -14.86
N LEU IA 560 -185.70 112.13 -15.39
CA LEU IA 560 -184.45 111.43 -15.70
C LEU IA 560 -184.56 110.86 -17.10
N LYS IA 561 -183.82 111.45 -18.05
CA LYS IA 561 -183.84 110.98 -19.42
C LYS IA 561 -182.68 110.02 -19.68
N LYS IA 562 -182.06 110.12 -20.85
CA LYS IA 562 -180.94 109.28 -21.25
C LYS IA 562 -179.75 110.18 -21.51
N GLY IA 563 -178.97 110.47 -20.47
CA GLY IA 563 -177.81 111.31 -20.61
C GLY IA 563 -178.09 112.79 -20.62
N TYR IA 564 -179.27 113.22 -20.18
CA TYR IA 564 -179.63 114.63 -20.14
C TYR IA 564 -180.58 114.84 -18.97
N LEU IA 565 -180.05 115.34 -17.86
CA LEU IA 565 -180.84 115.59 -16.67
C LEU IA 565 -181.65 116.86 -16.85
N SER IA 566 -182.97 116.74 -16.86
CA SER IA 566 -183.88 117.86 -17.02
C SER IA 566 -184.83 117.93 -15.82
N PHE IA 567 -185.74 118.89 -15.88
CA PHE IA 567 -186.72 119.08 -14.80
C PHE IA 567 -188.00 119.64 -15.40
N LEU IA 568 -189.09 119.49 -14.66
CA LEU IA 568 -190.41 119.96 -15.07
C LEU IA 568 -190.75 121.24 -14.32
N ILE IA 569 -191.29 122.21 -15.06
CA ILE IA 569 -191.67 123.50 -14.48
C ILE IA 569 -192.93 123.99 -15.16
N PRO IA 570 -193.68 124.88 -14.50
CA PRO IA 570 -194.90 125.41 -15.10
C PRO IA 570 -194.62 126.51 -16.10
N SER IA 571 -195.64 126.81 -16.90
CA SER IA 571 -195.53 127.85 -17.91
C SER IA 571 -195.65 129.23 -17.27
N SER IA 572 -194.74 130.13 -17.64
CA SER IA 572 -194.73 131.48 -17.11
C SER IA 572 -195.57 132.39 -18.01
N LEU IA 573 -195.44 133.71 -17.81
CA LEU IA 573 -196.19 134.65 -18.63
C LEU IA 573 -195.55 134.85 -20.00
N VAL IA 574 -194.23 134.93 -20.05
CA VAL IA 574 -193.54 135.12 -21.33
C VAL IA 574 -193.68 133.89 -22.20
N ASP IA 575 -193.60 132.71 -21.58
CA ASP IA 575 -193.74 131.46 -22.35
C ASP IA 575 -195.15 131.30 -22.90
N HIS IA 576 -196.15 131.82 -22.19
CA HIS IA 576 -197.53 131.73 -22.67
C HIS IA 576 -197.84 132.83 -23.69
N LEU IA 577 -197.15 133.97 -23.60
CA LEU IA 577 -197.39 135.06 -24.55
C LEU IA 577 -196.64 134.85 -25.86
N TYR IA 578 -195.49 134.17 -25.82
CA TYR IA 578 -194.71 133.92 -27.02
C TYR IA 578 -195.21 132.72 -27.82
N LEU IA 579 -196.20 131.99 -27.31
CA LEU IA 579 -196.74 130.83 -28.02
C LEU IA 579 -197.78 131.20 -29.06
N LEU IA 580 -198.18 132.47 -29.13
CA LEU IA 580 -199.18 132.96 -30.08
C LEU IA 580 -200.48 132.18 -29.94
N PRO IA 581 -201.03 132.08 -28.73
CA PRO IA 581 -202.29 131.36 -28.50
C PRO IA 581 -203.52 132.20 -28.78
N ALA IA 600 -212.41 146.00 -20.77
CA ALA IA 600 -211.17 146.11 -20.03
C ALA IA 600 -210.24 144.93 -20.31
N ARG IA 601 -210.50 144.25 -21.42
CA ARG IA 601 -209.71 143.09 -21.85
C ARG IA 601 -209.19 143.37 -23.26
N ASP IA 602 -207.97 143.90 -23.33
CA ASP IA 602 -207.34 144.22 -24.61
C ASP IA 602 -205.85 143.95 -24.47
N VAL IA 603 -205.05 144.60 -25.33
CA VAL IA 603 -203.60 144.46 -25.34
C VAL IA 603 -203.22 142.99 -25.53
N ILE IA 604 -203.84 142.33 -26.50
CA ILE IA 604 -203.56 140.93 -26.78
C ILE IA 604 -203.42 140.73 -28.28
N CYS IA 605 -204.42 141.18 -29.04
CA CYS IA 605 -204.37 141.03 -30.50
C CYS IA 605 -203.24 141.86 -31.09
N LEU IA 606 -203.07 143.09 -30.60
CA LEU IA 606 -201.98 143.94 -31.10
C LEU IA 606 -200.62 143.34 -30.77
N ILE IA 607 -200.46 142.79 -29.57
CA ILE IA 607 -199.20 142.17 -29.19
C ILE IA 607 -198.94 140.94 -30.04
N LYS IA 608 -199.96 140.15 -30.31
CA LYS IA 608 -199.80 138.97 -31.16
C LYS IA 608 -199.42 139.37 -32.59
N CYS IA 609 -200.05 140.42 -33.11
CA CYS IA 609 -199.71 140.89 -34.46
C CYS IA 609 -198.28 141.41 -34.51
N LEU IA 610 -197.86 142.14 -33.47
CA LEU IA 610 -196.48 142.63 -33.42
C LEU IA 610 -195.48 141.48 -33.35
N ARG IA 611 -195.79 140.46 -32.55
CA ARG IA 611 -194.90 139.31 -32.46
C ARG IA 611 -194.83 138.55 -33.78
N LEU IA 612 -195.97 138.41 -34.47
CA LEU IA 612 -195.96 137.73 -35.76
C LEU IA 612 -195.23 138.53 -36.82
N ILE IA 613 -195.28 139.86 -36.74
CA ILE IA 613 -194.56 140.69 -37.71
C ILE IA 613 -193.07 140.68 -37.42
N GLU IA 614 -192.69 140.60 -36.14
CA GLU IA 614 -191.27 140.58 -35.79
C GLU IA 614 -190.65 139.21 -36.03
N GLU IA 615 -191.44 138.14 -35.95
CA GLU IA 615 -190.91 136.79 -36.17
C GLU IA 615 -190.67 136.50 -37.64
N SER IA 616 -191.25 137.30 -38.55
CA SER IA 616 -191.08 137.10 -39.98
C SER IA 616 -189.87 137.83 -40.54
N VAL IA 617 -189.02 138.40 -39.68
CA VAL IA 617 -187.84 139.11 -40.16
C VAL IA 617 -186.75 138.11 -40.53
N THR IA 618 -185.80 138.57 -41.35
CA THR IA 618 -184.69 137.74 -41.78
C THR IA 618 -183.58 137.76 -40.75
N VAL IA 619 -182.50 137.04 -41.05
CA VAL IA 619 -181.36 137.00 -40.13
C VAL IA 619 -180.51 138.26 -40.25
N ASP IA 620 -180.42 138.85 -41.45
CA ASP IA 620 -179.62 140.05 -41.63
C ASP IA 620 -180.22 141.23 -40.86
N MET IA 621 -181.55 141.38 -40.90
CA MET IA 621 -182.19 142.46 -40.16
C MET IA 621 -182.01 142.29 -38.65
N SER IA 622 -182.12 141.05 -38.17
CA SER IA 622 -181.91 140.80 -36.75
C SER IA 622 -180.47 141.09 -36.34
N VAL IA 623 -179.50 140.71 -37.18
CA VAL IA 623 -178.10 140.99 -36.88
C VAL IA 623 -177.84 142.48 -36.86
N ILE IA 624 -178.44 143.22 -37.81
CA ILE IA 624 -178.26 144.66 -37.84
C ILE IA 624 -178.88 145.31 -36.61
N MET IA 625 -180.05 144.83 -36.19
CA MET IA 625 -180.69 145.37 -34.99
C MET IA 625 -179.85 145.08 -33.75
N GLU IA 626 -179.28 143.88 -33.66
CA GLU IA 626 -178.44 143.54 -32.53
C GLU IA 626 -177.18 144.39 -32.51
N MET IA 627 -176.57 144.62 -33.68
CA MET IA 627 -175.38 145.45 -33.74
C MET IA 627 -175.68 146.90 -33.41
N SER IA 628 -176.88 147.39 -33.78
CA SER IA 628 -177.25 148.76 -33.44
C SER IA 628 -177.59 148.91 -31.96
N CYS IA 629 -178.18 147.87 -31.35
CA CYS IA 629 -178.51 147.94 -29.93
C CYS IA 629 -177.29 147.72 -29.05
N TYR IA 630 -176.29 146.99 -29.54
CA TYR IA 630 -175.08 146.75 -28.74
C TYR IA 630 -174.22 147.99 -28.62
N ASN IA 631 -174.31 148.91 -29.60
CA ASN IA 631 -173.54 150.14 -29.59
C ASN IA 631 -174.28 151.31 -28.96
N LEU IA 632 -175.52 151.10 -28.50
CA LEU IA 632 -176.32 152.15 -27.87
C LEU IA 632 -176.28 152.07 -26.35
N GLN IA 633 -175.17 151.59 -25.77
CA GLN IA 633 -175.04 151.49 -24.32
C GLN IA 633 -174.55 152.81 -23.73
N SER IA 634 -173.33 153.20 -24.07
CA SER IA 634 -172.77 154.45 -23.58
C SER IA 634 -173.32 155.62 -24.36
N PRO IA 635 -173.03 155.73 -25.66
CA PRO IA 635 -173.54 156.85 -26.47
C PRO IA 635 -174.84 156.50 -27.20
N GLU IA 636 -175.93 156.47 -26.43
CA GLU IA 636 -177.23 156.15 -26.99
C GLU IA 636 -177.82 157.35 -27.71
N LYS IA 637 -178.76 157.06 -28.62
CA LYS IA 637 -179.44 158.09 -29.40
C LYS IA 637 -180.85 157.63 -29.71
N ALA IA 638 -181.67 157.48 -28.68
CA ALA IA 638 -183.06 157.04 -28.83
C ALA IA 638 -183.90 158.21 -29.31
N ALA IA 639 -184.21 158.23 -30.60
CA ALA IA 639 -185.01 159.30 -31.18
C ALA IA 639 -185.87 158.78 -32.33
N GLU IA 640 -186.07 159.61 -33.34
CA GLU IA 640 -186.87 159.23 -34.50
C GLU IA 640 -185.97 158.76 -35.64
N GLN IA 641 -185.21 157.69 -35.36
CA GLN IA 641 -184.30 157.11 -36.34
C GLN IA 641 -184.52 155.62 -36.57
N ILE IA 642 -185.42 154.98 -35.81
CA ILE IA 642 -185.66 153.56 -36.02
C ILE IA 642 -186.60 153.32 -37.19
N LEU IA 643 -187.53 154.25 -37.44
CA LEU IA 643 -188.45 154.09 -38.56
C LEU IA 643 -187.72 154.25 -39.90
N GLU IA 644 -186.69 155.09 -39.94
CA GLU IA 644 -185.91 155.27 -41.17
C GLU IA 644 -184.89 154.17 -41.37
N ASP IA 645 -184.63 153.34 -40.35
CA ASP IA 645 -183.68 152.25 -40.45
C ASP IA 645 -184.33 150.89 -40.63
N MET IA 646 -185.56 150.71 -40.13
CA MET IA 646 -186.27 149.46 -40.26
C MET IA 646 -187.11 149.39 -41.53
N ILE IA 647 -187.01 150.39 -42.40
CA ILE IA 647 -187.77 150.42 -43.64
C ILE IA 647 -186.92 149.90 -44.82
N THR IA 648 -185.83 149.21 -44.53
CA THR IA 648 -184.95 148.66 -45.55
C THR IA 648 -185.28 147.21 -45.89
N ILE IA 649 -186.41 146.70 -45.41
CA ILE IA 649 -186.82 145.33 -45.69
C ILE IA 649 -187.74 145.23 -46.90
N ASP IA 650 -187.92 146.34 -47.63
CA ASP IA 650 -188.78 146.40 -48.81
C ASP IA 650 -190.21 145.95 -48.48
N VAL IA 651 -190.85 146.73 -47.61
CA VAL IA 651 -192.21 146.46 -47.17
C VAL IA 651 -193.16 147.42 -47.87
N GLU IA 652 -194.31 146.91 -48.29
CA GLU IA 652 -195.30 147.73 -48.99
C GLU IA 652 -196.63 147.68 -48.26
N ASN IA 653 -197.40 146.61 -48.49
CA ASN IA 653 -198.72 146.46 -47.85
C ASN IA 653 -198.55 145.71 -46.53
N VAL IA 654 -198.02 146.43 -45.55
CA VAL IA 654 -197.80 145.88 -44.21
C VAL IA 654 -197.90 146.99 -43.18
N MET IA 655 -197.61 148.23 -43.60
CA MET IA 655 -197.68 149.38 -42.70
C MET IA 655 -199.07 149.98 -42.65
N GLU IA 656 -199.80 150.00 -43.77
CA GLU IA 656 -201.14 150.57 -43.78
C GLU IA 656 -202.10 149.72 -42.96
N ASP IA 657 -201.97 148.39 -43.03
CA ASP IA 657 -202.83 147.52 -42.25
C ASP IA 657 -202.60 147.68 -40.75
N ILE IA 658 -201.37 147.98 -40.34
CA ILE IA 658 -201.10 148.22 -38.93
C ILE IA 658 -201.55 149.61 -38.50
N CYS IA 659 -201.42 150.59 -39.39
CA CYS IA 659 -201.85 151.95 -39.07
C CYS IA 659 -203.37 152.02 -38.94
N SER IA 660 -204.09 151.31 -39.80
CA SER IA 660 -205.55 151.31 -39.71
C SER IA 660 -206.04 150.67 -38.43
N LYS IA 661 -205.29 149.71 -37.88
CA LYS IA 661 -205.67 149.08 -36.62
C LYS IA 661 -205.23 149.92 -35.42
N LEU IA 662 -204.11 150.63 -35.53
CA LEU IA 662 -203.64 151.46 -34.43
C LEU IA 662 -204.44 152.75 -34.32
N GLN IA 663 -204.96 153.27 -35.43
CA GLN IA 663 -205.73 154.50 -35.40
C GLN IA 663 -207.16 154.30 -34.92
N GLU IA 664 -207.64 153.05 -34.83
CA GLU IA 664 -208.99 152.74 -34.38
C GLU IA 664 -208.98 152.17 -32.96
N ILE IA 665 -208.25 152.83 -32.05
CA ILE IA 665 -208.16 152.40 -30.66
C ILE IA 665 -208.11 153.64 -29.78
N ARG IA 666 -208.87 153.61 -28.69
CA ARG IA 666 -208.92 154.73 -27.76
C ARG IA 666 -207.70 154.74 -26.85
N ASN IA 667 -207.84 154.21 -25.64
CA ASN IA 667 -206.74 154.16 -24.69
C ASN IA 667 -205.77 153.04 -25.06
N PRO IA 668 -204.57 153.37 -25.55
CA PRO IA 668 -203.62 152.32 -25.91
C PRO IA 668 -202.36 152.35 -25.06
N ILE IA 669 -201.75 153.53 -24.95
CA ILE IA 669 -200.53 153.66 -24.15
C ILE IA 669 -200.84 153.46 -22.67
N HIS IA 670 -201.99 153.98 -22.21
CA HIS IA 670 -202.37 153.82 -20.81
C HIS IA 670 -202.62 152.35 -20.46
N ALA IA 671 -203.16 151.58 -21.41
CA ALA IA 671 -203.37 150.15 -21.17
C ALA IA 671 -202.05 149.38 -21.25
N ILE IA 672 -201.18 149.77 -22.19
CA ILE IA 672 -199.89 149.09 -22.32
C ILE IA 672 -199.04 149.31 -21.07
N GLY IA 673 -199.06 150.52 -20.53
CA GLY IA 673 -198.31 150.78 -19.30
C GLY IA 673 -198.82 149.97 -18.13
N LEU IA 674 -200.15 149.86 -17.99
CA LEU IA 674 -200.72 149.05 -16.92
C LEU IA 674 -200.38 147.58 -17.09
N LEU IA 675 -200.44 147.08 -18.33
CA LEU IA 675 -200.09 145.69 -18.57
C LEU IA 675 -198.63 145.40 -18.31
N ILE IA 676 -197.75 146.38 -18.59
CA ILE IA 676 -196.33 146.18 -18.31
C ILE IA 676 -196.05 146.28 -16.82
N ARG IA 677 -196.81 147.10 -16.10
CA ARG IA 677 -196.60 147.23 -14.66
C ARG IA 677 -197.14 146.00 -13.92
N GLU IA 678 -198.25 145.43 -14.40
CA GLU IA 678 -198.82 144.25 -13.77
C GLU IA 678 -198.05 142.97 -14.08
N MET IA 679 -197.16 142.99 -15.07
CA MET IA 679 -196.38 141.81 -15.42
C MET IA 679 -195.23 141.55 -14.46
N ASN IA 698 -194.86 142.52 -13.63
CA ASN IA 698 -193.77 142.34 -12.68
C ASN IA 698 -194.24 141.53 -11.48
N ILE IA 699 -193.52 140.47 -11.16
CA ILE IA 699 -193.85 139.59 -10.05
C ILE IA 699 -193.17 140.12 -8.79
N ARG IA 700 -193.92 140.12 -7.69
CA ARG IA 700 -193.40 140.60 -6.43
C ARG IA 700 -192.57 139.52 -5.74
N MET IA 701 -191.75 139.95 -4.78
CA MET IA 701 -190.88 139.05 -4.03
C MET IA 701 -191.61 138.60 -2.77
N ASN IA 702 -192.48 137.61 -2.94
CA ASN IA 702 -193.25 137.10 -1.81
C ASN IA 702 -192.43 136.14 -0.96
N LEU IA 703 -191.69 135.23 -1.59
CA LEU IA 703 -190.86 134.27 -0.90
C LEU IA 703 -189.38 134.59 -1.12
N THR IA 704 -188.54 133.94 -0.33
CA THR IA 704 -187.09 134.13 -0.39
C THR IA 704 -186.43 132.77 -0.18
N GLN IA 705 -185.97 132.16 -1.28
CA GLN IA 705 -185.33 130.86 -1.23
C GLN IA 705 -184.35 130.75 -2.38
N LEU IA 706 -183.25 130.03 -2.16
CA LEU IA 706 -182.23 129.83 -3.17
C LEU IA 706 -181.64 128.43 -3.02
N TYR IA 707 -181.21 127.86 -4.15
CA TYR IA 707 -180.63 126.54 -4.19
C TYR IA 707 -179.10 126.64 -4.25
N GLY IA 708 -178.45 125.55 -4.64
CA GLY IA 708 -177.01 125.52 -4.74
C GLY IA 708 -176.46 124.13 -5.00
N SER IA 709 -176.35 123.76 -6.26
CA SER IA 709 -175.83 122.45 -6.64
C SER IA 709 -175.18 122.57 -8.02
N ASN IA 710 -174.97 121.44 -8.69
CA ASN IA 710 -174.38 121.41 -10.01
C ASN IA 710 -175.43 121.33 -11.11
N THR IA 711 -176.17 120.21 -11.17
CA THR IA 711 -177.20 120.07 -12.19
C THR IA 711 -178.34 121.07 -11.96
N ALA IA 712 -178.75 121.25 -10.70
CA ALA IA 712 -179.79 122.23 -10.41
C ALA IA 712 -179.34 123.64 -10.76
N GLY IA 713 -178.09 123.98 -10.44
CA GLY IA 713 -177.58 125.29 -10.80
C GLY IA 713 -177.51 125.50 -12.30
N TYR IA 714 -177.09 124.47 -13.04
CA TYR IA 714 -177.06 124.58 -14.50
C TYR IA 714 -178.45 124.73 -15.07
N ILE IA 715 -179.43 124.01 -14.53
CA ILE IA 715 -180.80 124.14 -15.01
C ILE IA 715 -181.34 125.52 -14.70
N VAL IA 716 -181.03 126.06 -13.52
CA VAL IA 716 -181.50 127.40 -13.17
C VAL IA 716 -180.85 128.44 -14.08
N CYS IA 717 -179.57 128.28 -14.40
CA CYS IA 717 -178.89 129.21 -15.30
C CYS IA 717 -179.49 129.14 -16.70
N ARG IA 718 -179.79 127.92 -17.18
CA ARG IA 718 -180.40 127.78 -18.50
C ARG IA 718 -181.79 128.42 -18.53
N GLY IA 719 -182.57 128.22 -17.47
CA GLY IA 719 -183.89 128.85 -17.41
C GLY IA 719 -183.80 130.37 -17.36
N VAL IA 720 -182.83 130.90 -16.61
CA VAL IA 720 -182.66 132.35 -16.54
C VAL IA 720 -182.24 132.90 -17.91
N HIS IA 721 -181.36 132.18 -18.60
CA HIS IA 721 -180.95 132.61 -19.94
C HIS IA 721 -182.11 132.58 -20.92
N LYS IA 722 -182.95 131.54 -20.84
CA LYS IA 722 -184.11 131.46 -21.72
C LYS IA 722 -185.10 132.59 -21.42
N ILE IA 723 -185.31 132.88 -20.13
CA ILE IA 723 -186.22 133.97 -19.77
C ILE IA 723 -185.68 135.30 -20.25
N ALA IA 724 -184.36 135.51 -20.13
CA ALA IA 724 -183.76 136.76 -20.61
C ALA IA 724 -183.87 136.88 -22.12
N SER IA 725 -183.68 135.78 -22.84
CA SER IA 725 -183.82 135.82 -24.29
C SER IA 725 -185.26 136.10 -24.70
N THR IA 726 -186.23 135.51 -24.00
CA THR IA 726 -187.63 135.78 -24.29
C THR IA 726 -187.98 137.23 -24.01
N ARG IA 727 -187.47 137.78 -22.90
CA ARG IA 727 -187.74 139.17 -22.58
C ARG IA 727 -187.11 140.11 -23.61
N PHE IA 728 -185.90 139.79 -24.06
CA PHE IA 728 -185.26 140.60 -25.09
C PHE IA 728 -186.03 140.55 -26.40
N LEU IA 729 -186.52 139.36 -26.77
CA LEU IA 729 -187.31 139.24 -27.99
C LEU IA 729 -188.61 140.02 -27.88
N ILE IA 730 -189.26 139.98 -26.71
CA ILE IA 730 -190.50 140.71 -26.51
C ILE IA 730 -190.24 142.21 -26.58
N CYS IA 731 -189.13 142.67 -25.99
CA CYS IA 731 -188.79 144.08 -26.03
C CYS IA 731 -188.48 144.53 -27.46
N ARG IA 732 -187.77 143.69 -28.22
CA ARG IA 732 -187.48 144.03 -29.62
C ARG IA 732 -188.77 144.11 -30.43
N ASP IA 733 -189.70 143.18 -30.20
CA ASP IA 733 -190.97 143.21 -30.91
C ASP IA 733 -191.76 144.46 -30.55
N LEU IA 734 -191.77 144.83 -29.26
CA LEU IA 734 -192.48 146.04 -28.84
C LEU IA 734 -191.85 147.29 -29.46
N LEU IA 735 -190.51 147.33 -29.52
CA LEU IA 735 -189.84 148.47 -30.14
C LEU IA 735 -190.15 148.55 -31.63
N ILE IA 736 -190.17 147.40 -32.31
CA ILE IA 736 -190.50 147.39 -33.74
C ILE IA 736 -191.95 147.86 -33.96
N LEU IA 737 -192.86 147.42 -33.09
CA LEU IA 737 -194.25 147.85 -33.21
C LEU IA 737 -194.39 149.35 -32.96
N GLN IA 738 -193.66 149.88 -31.97
CA GLN IA 738 -193.72 151.31 -31.70
C GLN IA 738 -193.12 152.13 -32.83
N GLN IA 739 -192.06 151.60 -33.47
CA GLN IA 739 -191.47 152.30 -34.61
C GLN IA 739 -192.37 152.24 -35.83
N LEU IA 740 -193.08 151.13 -36.03
CA LEU IA 740 -193.99 151.03 -37.16
C LEU IA 740 -195.26 151.84 -36.97
N LEU IA 741 -195.74 151.96 -35.74
CA LEU IA 741 -196.96 152.74 -35.48
C LEU IA 741 -196.65 154.23 -35.38
N MET IA 742 -195.73 154.61 -34.48
CA MET IA 742 -195.36 156.01 -34.30
C MET IA 742 -194.24 156.38 -35.27
N ARG IA 743 -194.64 156.56 -36.53
CA ARG IA 743 -193.73 156.92 -37.61
C ARG IA 743 -194.09 158.29 -38.15
N LEU IA 744 -193.30 158.76 -39.11
CA LEU IA 744 -193.52 160.06 -39.73
C LEU IA 744 -193.06 160.05 -41.19
N GLY IA 745 -191.94 159.39 -41.47
CA GLY IA 745 -191.43 159.32 -42.82
C GLY IA 745 -190.77 160.59 -43.30
N ASP IA 746 -190.01 161.26 -42.43
CA ASP IA 746 -189.31 162.50 -42.77
C ASP IA 746 -190.29 163.57 -43.27
N ALA IA 747 -191.36 163.77 -42.52
CA ALA IA 747 -192.38 164.75 -42.87
C ALA IA 747 -192.92 165.39 -41.60
N VAL IA 748 -193.17 166.69 -41.67
CA VAL IA 748 -193.69 167.41 -40.51
C VAL IA 748 -195.20 167.25 -40.41
N ILE IA 749 -195.90 167.26 -41.55
CA ILE IA 749 -197.34 167.12 -41.54
C ILE IA 749 -197.74 165.72 -41.13
N TRP IA 750 -196.92 164.72 -41.46
CA TRP IA 750 -197.18 163.33 -41.09
C TRP IA 750 -196.66 162.99 -39.70
N GLY IA 751 -196.00 163.92 -39.02
CA GLY IA 751 -195.48 163.67 -37.69
C GLY IA 751 -196.13 164.52 -36.62
N THR IA 752 -196.75 165.63 -37.03
CA THR IA 752 -197.41 166.52 -36.08
C THR IA 752 -198.71 165.94 -35.53
N GLY IA 753 -199.24 164.88 -36.15
CA GLY IA 753 -200.48 164.30 -35.65
C GLY IA 753 -200.30 163.51 -34.37
N GLN IA 754 -199.09 163.03 -34.11
CA GLN IA 754 -198.79 162.27 -32.90
C GLN IA 754 -198.21 163.12 -31.78
N LEU IA 755 -197.90 164.39 -32.06
CA LEU IA 755 -197.33 165.29 -31.06
C LEU IA 755 -198.23 166.48 -30.77
N PHE IA 756 -199.50 166.43 -31.18
CA PHE IA 756 -200.45 167.52 -30.95
C PHE IA 756 -201.31 167.29 -29.72
N GLN IA 757 -200.72 166.76 -28.64
CA GLN IA 757 -201.44 166.49 -27.40
C GLN IA 757 -202.63 165.56 -27.63
N ALA IA 758 -202.42 164.53 -28.44
CA ALA IA 758 -203.47 163.57 -28.75
C ALA IA 758 -203.52 162.44 -27.72
N GLN IA 759 -202.37 162.07 -27.16
CA GLN IA 759 -202.32 160.99 -26.17
C GLN IA 759 -201.31 161.31 -25.08
N GLN IA 760 -200.92 160.29 -24.31
CA GLN IA 760 -199.95 160.46 -23.23
C GLN IA 760 -198.52 160.23 -23.69
N ASP IA 761 -198.28 160.20 -25.01
CA ASP IA 761 -196.95 160.02 -25.58
C ASP IA 761 -196.31 158.71 -25.10
N LEU IA 762 -194.99 158.60 -25.26
CA LEU IA 762 -194.27 157.40 -24.85
C LEU IA 762 -192.79 157.70 -24.65
N LEU IA 763 -192.46 158.51 -23.64
CA LEU IA 763 -191.07 158.83 -23.36
C LEU IA 763 -190.51 157.94 -22.26
N HIS IA 764 -191.11 158.01 -21.06
CA HIS IA 764 -190.66 157.16 -19.97
C HIS IA 764 -191.00 155.69 -20.21
N ARG IA 765 -192.07 155.43 -20.98
CA ARG IA 765 -192.41 154.05 -21.30
C ARG IA 765 -191.42 153.44 -22.28
N THR IA 766 -190.81 154.28 -23.13
CA THR IA 766 -189.81 153.78 -24.07
C THR IA 766 -188.42 153.74 -23.46
N ALA IA 767 -188.12 154.67 -22.55
CA ALA IA 767 -186.80 154.64 -21.90
C ALA IA 767 -186.67 153.45 -20.97
N PRO IA 768 -187.63 153.15 -20.09
CA PRO IA 768 -187.50 151.95 -19.25
C PRO IA 768 -187.52 150.66 -20.07
N LEU IA 769 -188.32 150.60 -21.13
CA LEU IA 769 -188.30 149.42 -21.99
C LEU IA 769 -186.95 149.25 -22.66
N LEU IA 770 -186.36 150.34 -23.13
CA LEU IA 770 -185.03 150.26 -23.74
C LEU IA 770 -183.98 149.84 -22.72
N LEU IA 771 -184.08 150.33 -21.49
CA LEU IA 771 -183.14 149.93 -20.46
C LEU IA 771 -183.28 148.45 -20.13
N SER IA 772 -184.52 147.96 -20.05
CA SER IA 772 -184.74 146.54 -19.80
C SER IA 772 -184.22 145.69 -20.95
N TYR IA 773 -184.41 146.15 -22.19
CA TYR IA 773 -183.90 145.41 -23.34
C TYR IA 773 -182.37 145.36 -23.32
N TYR IA 774 -181.73 146.49 -22.98
CA TYR IA 774 -180.27 146.49 -22.90
C TYR IA 774 -179.77 145.58 -21.79
N LEU IA 775 -180.47 145.56 -20.65
CA LEU IA 775 -180.07 144.68 -19.56
C LEU IA 775 -180.24 143.22 -19.96
N ILE IA 776 -181.32 142.89 -20.66
CA ILE IA 776 -181.54 141.51 -21.10
C ILE IA 776 -180.48 141.11 -22.11
N LYS IA 777 -180.11 142.02 -23.02
CA LYS IA 777 -179.07 141.72 -23.99
C LYS IA 777 -177.73 141.50 -23.32
N TRP IA 778 -177.42 142.33 -22.31
CA TRP IA 778 -176.16 142.16 -21.57
C TRP IA 778 -176.16 140.83 -20.82
N GLY IA 779 -177.28 140.46 -20.20
CA GLY IA 779 -177.36 139.20 -19.50
C GLY IA 779 -177.26 138.00 -20.42
N SER IA 780 -177.81 138.12 -21.63
CA SER IA 780 -177.70 137.02 -22.61
C SER IA 780 -176.29 136.93 -23.17
N GLU IA 781 -175.61 138.05 -23.35
CA GLU IA 781 -174.24 138.02 -23.86
C GLU IA 781 -173.25 137.55 -22.79
N CYS IA 782 -173.57 137.78 -21.52
CA CYS IA 782 -172.71 137.35 -20.41
C CYS IA 782 -173.08 135.97 -19.90
N LEU IA 783 -173.51 135.08 -20.79
CA LEU IA 783 -173.89 133.72 -20.38
C LEU IA 783 -173.29 132.65 -21.28
N ALA IA 784 -172.38 133.00 -22.17
CA ALA IA 784 -171.76 132.01 -23.06
C ALA IA 784 -170.29 132.34 -23.31
N THR IA 785 -167.96 126.91 1.53
CA THR IA 785 -168.52 128.21 1.91
C THR IA 785 -169.26 128.85 0.74
N ASP IA 786 -169.47 130.16 0.82
CA ASP IA 786 -170.15 130.91 -0.22
C ASP IA 786 -169.20 131.49 -1.26
N VAL IA 787 -167.95 131.06 -1.27
CA VAL IA 787 -166.97 131.54 -2.23
C VAL IA 787 -166.35 130.35 -2.97
N PRO IA 788 -166.93 129.15 -2.83
CA PRO IA 788 -166.36 127.99 -3.53
C PRO IA 788 -167.35 127.35 -4.48
N LEU IA 789 -168.07 126.33 -4.00
CA LEU IA 789 -169.06 125.63 -4.81
C LEU IA 789 -170.47 125.95 -4.33
N ASP IA 790 -170.85 125.49 -3.14
CA ASP IA 790 -172.18 125.75 -2.61
C ASP IA 790 -172.11 125.78 -1.09
N THR IA 791 -173.14 126.36 -0.48
CA THR IA 791 -173.21 126.46 0.96
C THR IA 791 -174.68 126.36 1.39
N LEU IA 792 -174.88 126.26 2.71
CA LEU IA 792 -176.22 126.16 3.27
C LEU IA 792 -176.18 126.68 4.69
N GLU IA 793 -176.85 127.81 4.94
CA GLU IA 793 -176.87 128.39 6.28
C GLU IA 793 -177.81 127.62 7.20
N SER IA 794 -178.90 127.09 6.66
CA SER IA 794 -179.86 126.33 7.46
C SER IA 794 -180.57 125.28 6.62
N ASN IA 795 -181.87 125.16 6.78
CA ASN IA 795 -182.67 124.20 6.03
C ASN IA 795 -183.42 124.89 4.89
N LEU IA 796 -184.06 124.07 4.05
CA LEU IA 796 -184.83 124.55 2.91
C LEU IA 796 -183.96 125.39 1.97
N GLN IA 797 -183.85 126.68 2.26
CA GLN IA 797 -183.06 127.57 1.43
C GLN IA 797 -181.56 127.34 1.66
N HIS IA 798 -180.76 127.68 0.65
CA HIS IA 798 -179.32 127.51 0.73
C HIS IA 798 -178.67 128.63 -0.08
N LEU IA 799 -177.43 128.43 -0.48
CA LEU IA 799 -176.70 129.41 -1.26
C LEU IA 799 -175.75 128.69 -2.22
N SER IA 800 -175.12 129.46 -3.10
CA SER IA 800 -174.19 128.92 -4.08
C SER IA 800 -173.06 129.92 -4.27
N VAL IA 801 -172.14 129.58 -5.17
CA VAL IA 801 -170.99 130.44 -5.46
C VAL IA 801 -170.65 130.34 -6.94
N LEU IA 802 -169.43 130.72 -7.30
CA LEU IA 802 -168.98 130.68 -8.68
C LEU IA 802 -167.46 130.45 -8.70
N GLU IA 803 -167.03 129.31 -8.18
CA GLU IA 803 -165.61 128.97 -8.16
C GLU IA 803 -165.41 127.47 -8.23
N LEU IA 804 -164.60 126.93 -7.30
CA LEU IA 804 -164.31 125.50 -7.24
C LEU IA 804 -163.72 124.99 -8.56
N THR IA 805 -162.53 125.48 -8.87
CA THR IA 805 -161.81 125.11 -10.09
C THR IA 805 -160.60 124.27 -9.70
N ASP IA 806 -160.69 122.96 -9.95
CA ASP IA 806 -159.60 122.04 -9.63
C ASP IA 806 -158.56 121.93 -10.74
N SER IA 807 -159.00 122.08 -12.00
CA SER IA 807 -158.10 121.99 -13.14
C SER IA 807 -158.29 123.21 -14.02
N GLY IA 808 -157.17 123.78 -14.48
CA GLY IA 808 -157.21 124.96 -15.33
C GLY IA 808 -157.60 124.69 -16.77
N ALA IA 809 -157.61 123.43 -17.20
CA ALA IA 809 -157.96 123.08 -18.56
C ALA IA 809 -159.41 122.60 -18.67
N LEU IA 810 -159.79 121.60 -17.88
CA LEU IA 810 -161.14 121.08 -17.89
C LEU IA 810 -162.05 121.90 -17.00
N MET IA 811 -163.35 121.74 -17.20
CA MET IA 811 -164.38 122.45 -16.43
C MET IA 811 -164.90 121.56 -15.31
N ALA IA 812 -165.40 122.22 -14.26
CA ALA IA 812 -165.94 121.52 -13.10
C ALA IA 812 -167.43 121.79 -12.96
N ASN IA 813 -167.92 121.85 -11.72
CA ASN IA 813 -169.34 122.10 -11.47
C ASN IA 813 -169.65 123.59 -11.62
N ARG IA 814 -169.10 124.42 -10.74
CA ARG IA 814 -169.32 125.85 -10.76
C ARG IA 814 -168.17 126.61 -11.44
N PHE IA 815 -167.46 125.94 -12.34
CA PHE IA 815 -166.33 126.54 -13.05
C PHE IA 815 -166.75 127.13 -14.39
N VAL IA 816 -167.93 127.75 -14.45
CA VAL IA 816 -168.43 128.35 -15.68
C VAL IA 816 -168.11 129.84 -15.76
N SER IA 817 -167.19 130.33 -14.92
CA SER IA 817 -166.84 131.75 -14.93
C SER IA 817 -165.94 132.12 -16.09
N SER IA 818 -165.16 131.18 -16.62
CA SER IA 818 -164.26 131.45 -17.73
C SER IA 818 -164.86 130.92 -19.03
N PRO IA 819 -166.04 130.31 -18.99
CA PRO IA 819 -166.64 129.79 -20.22
C PRO IA 819 -168.02 130.35 -20.48
N GLN IA 820 -168.59 131.02 -19.47
CA GLN IA 820 -169.93 131.60 -19.60
C GLN IA 820 -170.09 132.79 -18.69
N THR IA 821 -169.55 132.70 -17.47
CA THR IA 821 -169.63 133.78 -16.48
C THR IA 821 -171.08 134.17 -16.19
N ILE IA 822 -171.90 133.15 -15.92
CA ILE IA 822 -173.31 133.36 -15.61
C ILE IA 822 -173.71 132.76 -14.28
N VAL IA 823 -172.81 132.07 -13.58
CA VAL IA 823 -173.16 131.48 -12.30
C VAL IA 823 -173.11 132.52 -11.18
N GLU IA 824 -172.34 133.60 -11.37
CA GLU IA 824 -172.27 134.63 -10.34
C GLU IA 824 -173.58 135.37 -10.19
N LEU IA 825 -174.28 135.62 -11.30
CA LEU IA 825 -175.57 136.30 -11.23
C LEU IA 825 -176.62 135.43 -10.55
N PHE IA 826 -176.53 134.11 -10.70
CA PHE IA 826 -177.47 133.22 -10.04
C PHE IA 826 -177.10 132.97 -8.58
N PHE IA 827 -175.83 133.07 -8.24
CA PHE IA 827 -175.41 132.87 -6.86
C PHE IA 827 -175.59 134.13 -6.01
N GLN IA 828 -175.51 135.32 -6.62
CA GLN IA 828 -175.67 136.56 -5.88
C GLN IA 828 -177.13 136.88 -5.59
N GLU IA 829 -178.06 136.32 -6.36
CA GLU IA 829 -179.48 136.57 -6.15
C GLU IA 829 -180.19 135.33 -5.61
N LYS IA 844 -191.00 123.54 -4.65
CA LYS IA 844 -189.76 123.39 -5.40
C LYS IA 844 -188.79 124.52 -5.11
N PRO IA 855 -187.58 124.19 -4.70
CA PRO IA 855 -186.57 125.21 -4.39
C PRO IA 855 -185.74 125.68 -5.58
N GLU IA 856 -185.98 125.13 -6.78
CA GLU IA 856 -185.22 125.53 -7.95
C GLU IA 856 -185.73 126.86 -8.51
N MET IA 857 -187.02 126.91 -8.84
CA MET IA 857 -187.60 128.15 -9.39
C MET IA 857 -187.95 129.12 -8.27
N ILE IA 858 -188.90 128.75 -7.42
CA ILE IA 858 -189.31 129.60 -6.31
C ILE IA 858 -188.27 129.49 -5.19
N THR IA 859 -187.71 130.63 -4.79
CA THR IA 859 -188.06 131.92 -5.38
C THR IA 859 -186.83 132.61 -5.97
N ALA IA 860 -185.82 131.81 -6.31
CA ALA IA 860 -184.59 132.37 -6.87
C ALA IA 860 -184.85 133.01 -8.23
N ILE IA 861 -185.64 132.36 -9.07
CA ILE IA 861 -185.96 132.92 -10.38
C ILE IA 861 -186.76 134.20 -10.25
N THR IA 862 -187.69 134.23 -9.30
CA THR IA 862 -188.48 135.44 -9.07
C THR IA 862 -187.61 136.58 -8.56
N SER IA 863 -186.68 136.28 -7.66
CA SER IA 863 -185.77 137.31 -7.16
C SER IA 863 -184.86 137.82 -8.28
N TYR IA 864 -184.38 136.93 -9.13
CA TYR IA 864 -183.54 137.36 -10.26
C TYR IA 864 -184.32 138.23 -11.22
N LEU IA 865 -185.58 137.86 -11.50
CA LEU IA 865 -186.41 138.67 -12.39
C LEU IA 865 -186.70 140.05 -11.79
N LEU IA 866 -186.96 140.10 -10.47
CA LEU IA 866 -187.22 141.36 -9.82
C LEU IA 866 -185.97 142.24 -9.78
N GLN IA 867 -184.79 141.64 -9.64
CA GLN IA 867 -183.55 142.41 -9.66
C GLN IA 867 -183.21 142.90 -11.06
N LEU IA 868 -183.54 142.11 -12.09
CA LEU IA 868 -183.27 142.52 -13.46
C LEU IA 868 -184.25 143.57 -13.96
N LEU IA 869 -185.50 143.49 -13.53
CA LEU IA 869 -186.52 144.46 -13.94
C LEU IA 869 -186.51 145.72 -13.10
N TRP IA 870 -185.68 145.80 -12.07
CA TRP IA 870 -185.63 146.98 -11.23
C TRP IA 870 -184.79 148.08 -11.91
N PRO IA 871 -185.23 149.34 -11.82
CA PRO IA 871 -184.46 150.42 -12.46
C PRO IA 871 -184.14 151.54 -11.49
N SER IA 872 -185.16 152.22 -10.99
CA SER IA 872 -184.99 153.32 -10.05
C SER IA 872 -185.18 152.91 -8.60
N ASN IA 873 -185.64 151.68 -8.34
CA ASN IA 873 -185.85 151.22 -6.98
C ASN IA 873 -184.52 150.80 -6.36
N PRO IA 874 -183.61 150.20 -7.13
CA PRO IA 874 -182.32 149.78 -6.56
C PRO IA 874 -181.33 150.94 -6.47
N GLY IA 875 -181.47 151.92 -7.37
CA GLY IA 875 -180.59 153.07 -7.39
C GLY IA 875 -179.35 152.92 -8.25
N CYS IA 876 -179.04 151.71 -8.71
CA CYS IA 876 -177.86 151.48 -9.53
C CYS IA 876 -178.13 150.34 -10.49
N LEU IA 877 -177.29 150.23 -11.51
CA LEU IA 877 -177.43 149.19 -12.51
C LEU IA 877 -176.94 147.85 -11.96
N PHE IA 878 -177.64 146.78 -12.30
CA PHE IA 878 -177.26 145.45 -11.83
C PHE IA 878 -176.06 144.90 -12.58
N LEU IA 879 -175.88 145.32 -13.84
CA LEU IA 879 -174.75 144.84 -14.63
C LEU IA 879 -173.43 145.32 -14.06
N GLU IA 880 -173.36 146.58 -13.62
CA GLU IA 880 -172.13 147.09 -13.03
C GLU IA 880 -171.81 146.37 -11.72
N CYS IA 881 -172.82 146.10 -10.89
CA CYS IA 881 -172.60 145.38 -9.65
C CYS IA 881 -172.14 143.95 -9.93
N LEU IA 882 -172.74 143.29 -10.93
CA LEU IA 882 -172.32 141.94 -11.28
C LEU IA 882 -170.89 141.92 -11.79
N MET IA 883 -170.51 142.91 -12.60
CA MET IA 883 -169.14 142.97 -13.10
C MET IA 883 -168.16 143.23 -11.96
N GLY IA 884 -168.51 144.11 -11.03
CA GLY IA 884 -167.65 144.37 -9.89
C GLY IA 884 -167.51 143.17 -8.97
N ASN IA 885 -168.58 142.38 -8.83
CA ASN IA 885 -168.49 141.17 -8.01
C ASN IA 885 -167.72 140.07 -8.70
N CYS IA 886 -167.78 140.00 -10.03
CA CYS IA 886 -167.05 138.98 -10.77
C CYS IA 886 -165.57 139.33 -10.91
N GLN IA 887 -165.23 140.61 -10.93
CA GLN IA 887 -163.83 141.00 -11.06
C GLN IA 887 -163.03 140.69 -9.80
N TYR IA 888 -163.69 140.51 -8.66
CA TYR IA 888 -163.00 140.20 -7.41
C TYR IA 888 -162.55 138.75 -7.33
N VAL IA 889 -163.03 137.88 -8.22
CA VAL IA 889 -162.65 136.47 -8.21
C VAL IA 889 -161.75 136.19 -9.40
N GLN IA 890 -162.35 135.95 -10.57
CA GLN IA 890 -161.59 135.66 -11.77
C GLN IA 890 -162.26 136.27 -12.99
N LEU IA 891 -162.22 135.57 -14.12
CA LEU IA 891 -162.81 136.03 -15.38
C LEU IA 891 -162.26 137.39 -15.79
N GLN IA 892 -160.94 137.50 -15.81
CA GLN IA 892 -160.28 138.75 -16.19
C GLN IA 892 -160.24 138.96 -17.69
N ASP IA 893 -160.45 137.91 -18.49
CA ASP IA 893 -160.43 138.06 -19.93
C ASP IA 893 -161.73 138.65 -20.46
N TYR IA 894 -162.87 138.22 -19.93
CA TYR IA 894 -164.16 138.72 -20.35
C TYR IA 894 -164.54 140.03 -19.69
N ILE IA 895 -163.81 140.46 -18.65
CA ILE IA 895 -164.14 141.70 -17.97
C ILE IA 895 -163.87 142.89 -18.89
N GLN IA 896 -162.80 142.82 -19.67
CA GLN IA 896 -162.49 143.92 -20.59
C GLN IA 896 -163.54 144.05 -21.68
N LEU IA 897 -164.13 142.93 -22.12
CA LEU IA 897 -165.17 142.99 -23.13
C LEU IA 897 -166.52 143.36 -22.52
N LEU IA 898 -166.73 143.06 -21.23
CA LEU IA 898 -167.98 143.40 -20.58
C LEU IA 898 -168.04 144.87 -20.17
N HIS IA 899 -166.90 145.44 -19.78
CA HIS IA 899 -166.87 146.84 -19.37
C HIS IA 899 -166.96 147.74 -20.60
N PRO IA 900 -166.54 147.27 -21.77
CA PRO IA 900 -166.62 148.12 -22.97
C PRO IA 900 -168.01 148.23 -23.55
N TRP IA 901 -168.90 147.27 -23.27
CA TRP IA 901 -170.26 147.27 -23.79
C TRP IA 901 -171.29 147.68 -22.73
N CYS IA 902 -170.84 148.17 -21.58
CA CYS IA 902 -171.73 148.58 -20.51
C CYS IA 902 -171.92 150.10 -20.52
N GLN IA 903 -172.93 150.55 -19.78
CA GLN IA 903 -173.22 151.97 -19.69
C GLN IA 903 -172.26 152.66 -18.73
N VAL IA 904 -171.89 153.90 -19.07
CA VAL IA 904 -170.97 154.68 -18.26
C VAL IA 904 -171.75 155.75 -17.50
N ASN IA 905 -172.91 155.38 -16.96
CA ASN IA 905 -173.76 156.30 -16.22
C ASN IA 905 -173.47 156.29 -14.72
N VAL IA 906 -172.44 155.58 -14.28
CA VAL IA 906 -172.08 155.52 -12.87
C VAL IA 906 -170.58 155.34 -12.76
N GLY IA 907 -170.04 155.61 -11.57
CA GLY IA 907 -168.61 155.48 -11.34
C GLY IA 907 -168.12 154.05 -11.19
N SER IA 908 -169.03 153.11 -10.89
CA SER IA 908 -168.62 151.73 -10.71
C SER IA 908 -168.11 151.13 -12.03
N CYS IA 909 -168.82 151.39 -13.13
CA CYS IA 909 -168.38 150.88 -14.43
C CYS IA 909 -167.07 151.54 -14.86
N ARG IA 910 -166.93 152.84 -14.60
CA ARG IA 910 -165.68 153.52 -14.95
C ARG IA 910 -164.51 153.01 -14.14
N PHE IA 911 -164.73 152.64 -12.87
CA PHE IA 911 -163.66 152.07 -12.07
C PHE IA 911 -163.33 150.66 -12.51
N MET IA 912 -164.36 149.86 -12.86
CA MET IA 912 -164.11 148.50 -13.32
C MET IA 912 -163.36 148.48 -14.63
N LEU IA 913 -163.70 149.38 -15.56
CA LEU IA 913 -162.98 149.46 -16.82
C LEU IA 913 -161.52 149.85 -16.61
N GLY IA 914 -161.28 150.82 -15.72
CA GLY IA 914 -159.92 151.20 -15.42
C GLY IA 914 -159.12 150.08 -14.78
N ARG IA 915 -159.74 149.34 -13.86
CA ARG IA 915 -159.07 148.22 -13.23
C ARG IA 915 -158.75 147.12 -14.25
N CYS IA 916 -159.68 146.85 -15.17
CA CYS IA 916 -159.44 145.84 -16.19
C CYS IA 916 -158.36 146.28 -17.17
N TYR IA 917 -158.28 147.58 -17.46
CA TYR IA 917 -157.24 148.07 -18.35
C TYR IA 917 -155.88 148.06 -17.67
N LEU IA 918 -155.84 148.32 -16.36
CA LEU IA 918 -154.57 148.31 -15.64
C LEU IA 918 -154.08 146.89 -15.38
N VAL IA 919 -154.99 145.94 -15.17
CA VAL IA 919 -154.58 144.56 -14.91
C VAL IA 919 -154.18 143.84 -16.20
N THR IA 920 -154.57 144.36 -17.37
CA THR IA 920 -154.22 143.72 -18.63
C THR IA 920 -152.88 144.20 -19.18
N GLY IA 921 -152.57 145.48 -19.02
CA GLY IA 921 -151.31 146.02 -19.52
C GLY IA 921 -151.46 147.38 -20.16
N GLU IA 922 -152.69 147.73 -20.54
CA GLU IA 922 -152.97 149.02 -21.17
C GLU IA 922 -153.00 150.09 -20.09
N GLY IA 923 -151.83 150.66 -19.80
CA GLY IA 923 -151.75 151.70 -18.79
C GLY IA 923 -152.30 153.02 -19.24
N GLN IA 924 -152.23 153.32 -20.54
CA GLN IA 924 -152.75 154.59 -21.04
C GLN IA 924 -154.26 154.67 -20.89
N LYS IA 925 -154.97 153.58 -21.21
CA LYS IA 925 -156.42 153.57 -21.05
C LYS IA 925 -156.82 153.70 -19.60
N ALA IA 926 -156.10 153.03 -18.69
CA ALA IA 926 -156.40 153.15 -17.27
C ALA IA 926 -156.15 154.56 -16.78
N LEU IA 927 -155.06 155.19 -17.23
CA LEU IA 927 -154.78 156.56 -16.81
C LEU IA 927 -155.84 157.52 -17.35
N GLU IA 928 -156.28 157.33 -18.60
CA GLU IA 928 -157.31 158.19 -19.16
C GLU IA 928 -158.65 158.00 -18.45
N CYS IA 929 -158.95 156.76 -18.02
CA CYS IA 929 -160.19 156.53 -17.29
C CYS IA 929 -160.12 157.09 -15.87
N PHE IA 930 -158.96 157.05 -15.25
CA PHE IA 930 -158.81 157.59 -13.89
C PHE IA 930 -158.77 159.11 -13.88
N CYS IA 931 -158.19 159.73 -14.91
CA CYS IA 931 -158.12 161.18 -14.97
C CYS IA 931 -159.45 161.83 -15.35
N GLN IA 932 -160.34 161.09 -16.00
CA GLN IA 932 -161.63 161.61 -16.41
C GLN IA 932 -162.69 161.52 -15.32
N ALA IA 933 -162.39 160.84 -14.21
CA ALA IA 933 -163.34 160.70 -13.12
C ALA IA 933 -162.67 160.95 -11.77
N ALA IA 934 -145.20 163.09 -2.83
CA ALA IA 934 -145.24 163.53 -1.45
C ALA IA 934 -144.50 162.56 -0.54
N SER IA 935 -144.75 162.69 0.77
CA SER IA 935 -144.11 161.83 1.76
C SER IA 935 -145.11 161.54 2.87
N GLU IA 936 -145.28 160.25 3.18
CA GLU IA 936 -146.23 159.85 4.21
C GLU IA 936 -145.69 158.80 5.18
N VAL IA 937 -144.58 158.14 4.88
CA VAL IA 937 -144.00 157.11 5.75
C VAL IA 937 -142.50 157.34 5.85
N GLY IA 938 -141.86 156.58 6.73
CA GLY IA 938 -140.43 156.66 6.94
C GLY IA 938 -139.75 155.31 6.78
N LYS IA 939 -138.42 155.37 6.69
CA LYS IA 939 -137.60 154.18 6.52
C LYS IA 939 -136.25 154.40 7.19
N GLU IA 940 -136.28 154.59 8.52
CA GLU IA 940 -135.08 154.78 9.35
C GLU IA 940 -134.34 156.00 8.84
N GLU IA 941 -133.08 155.89 8.43
CA GLU IA 941 -132.31 157.05 7.99
C GLU IA 941 -132.83 157.65 6.69
N PHE IA 942 -133.69 156.94 5.95
CA PHE IA 942 -134.25 157.50 4.72
C PHE IA 942 -135.23 158.63 5.00
N LEU IA 943 -135.71 158.77 6.24
CA LEU IA 943 -136.62 159.86 6.56
C LEU IA 943 -136.49 160.34 8.00
N ASP IA 944 -135.42 159.96 8.70
CA ASP IA 944 -135.24 160.41 10.09
C ASP IA 944 -135.04 161.92 10.14
N ARG IA 945 -134.29 162.48 9.19
CA ARG IA 945 -134.09 163.93 9.16
C ARG IA 945 -135.40 164.65 8.92
N LEU IA 946 -136.23 164.15 8.00
CA LEU IA 946 -137.52 164.77 7.74
C LEU IA 946 -138.44 164.66 8.96
N ILE IA 947 -138.41 163.52 9.65
CA ILE IA 947 -139.23 163.34 10.85
C ILE IA 947 -138.78 164.32 11.93
N ARG IA 948 -137.47 164.49 12.09
CA ARG IA 948 -136.97 165.42 13.10
C ARG IA 948 -137.34 166.86 12.73
N SER IA 949 -137.24 167.22 11.45
CA SER IA 949 -137.61 168.57 11.03
C SER IA 949 -139.11 168.82 11.22
N GLU IA 950 -139.94 167.79 11.02
CA GLU IA 950 -141.37 167.95 11.23
C GLU IA 950 -141.73 168.00 12.71
N ASP IA 951 -141.00 167.29 13.55
CA ASP IA 951 -141.28 167.30 14.99
C ASP IA 951 -140.73 168.56 15.66
N GLY IA 952 -139.69 169.17 15.10
CA GLY IA 952 -139.16 170.38 15.69
C GLY IA 952 -140.09 171.58 15.62
N GLU IA 953 -141.04 171.56 14.70
CA GLU IA 953 -142.00 172.65 14.56
C GLU IA 953 -143.21 172.49 15.47
N ILE IA 954 -143.25 171.45 16.29
CA ILE IA 954 -144.35 171.19 17.22
C ILE IA 954 -145.66 171.09 16.46
N VAL IA 955 -145.63 170.41 15.30
CA VAL IA 955 -146.81 170.24 14.48
C VAL IA 955 -146.65 169.00 13.61
N SER IA 956 -147.41 168.93 12.52
CA SER IA 956 -147.35 167.79 11.60
C SER IA 956 -147.75 168.30 10.22
N THR IA 957 -146.76 168.73 9.43
CA THR IA 957 -147.04 169.23 8.10
C THR IA 957 -147.35 168.08 7.14
N PRO IA 958 -148.26 168.31 6.19
CA PRO IA 958 -148.59 167.23 5.24
C PRO IA 958 -147.68 167.24 4.02
N ARG IA 959 -147.45 168.42 3.45
CA ARG IA 959 -146.60 168.55 2.28
C ARG IA 959 -145.56 169.66 2.41
N LEU IA 960 -145.43 170.27 3.59
CA LEU IA 960 -144.46 171.35 3.77
C LEU IA 960 -143.13 170.83 4.30
N GLN IA 961 -143.15 169.86 5.20
CA GLN IA 961 -141.91 169.32 5.76
C GLN IA 961 -141.10 168.59 4.69
N TYR IA 962 -141.76 167.80 3.85
CA TYR IA 962 -141.06 167.10 2.78
C TYR IA 962 -140.47 168.08 1.77
N TYR IA 963 -141.22 169.13 1.44
CA TYR IA 963 -140.70 170.14 0.51
C TYR IA 963 -139.51 170.88 1.11
N ASP IA 964 -139.58 171.20 2.40
CA ASP IA 964 -138.45 171.87 3.04
C ASP IA 964 -137.22 170.96 3.09
N LYS IA 965 -137.42 169.67 3.37
CA LYS IA 965 -136.31 168.74 3.36
C LYS IA 965 -135.70 168.59 1.97
N VAL IA 966 -136.53 168.55 0.94
CA VAL IA 966 -136.02 168.46 -0.42
C VAL IA 966 -135.25 169.72 -0.79
N LEU IA 967 -135.75 170.89 -0.38
CA LEU IA 967 -135.04 172.13 -0.66
C LEU IA 967 -133.70 172.17 0.06
N ARG IA 968 -133.67 171.71 1.31
CA ARG IA 968 -132.40 171.68 2.05
C ARG IA 968 -131.42 170.71 1.42
N LEU IA 969 -131.90 169.56 0.97
CA LEU IA 969 -131.01 168.59 0.32
C LEU IA 969 -130.50 169.11 -1.02
N LEU IA 970 -131.32 169.87 -1.75
CA LEU IA 970 -130.87 170.43 -3.02
C LEU IA 970 -129.90 171.59 -2.80
N ASP IA 971 -130.08 172.35 -1.72
CA ASP IA 971 -129.16 173.46 -1.45
C ASP IA 971 -127.84 172.96 -0.88
N VAL IA 972 -127.86 171.85 -0.14
CA VAL IA 972 -126.63 171.30 0.43
C VAL IA 972 -125.80 170.52 -0.57
N ILE IA 973 -126.35 170.22 -1.75
CA ILE IA 973 -125.62 169.48 -2.77
C ILE IA 973 -124.87 170.42 -3.71
N GLY IA 974 -125.55 171.44 -4.22
CA GLY IA 974 -124.92 172.38 -5.12
C GLY IA 974 -125.90 173.03 -6.09
N LEU IA 975 -127.15 172.61 -6.03
CA LEU IA 975 -128.18 173.15 -6.91
C LEU IA 975 -128.64 174.52 -6.41
N PRO IA 976 -129.37 175.26 -7.24
CA PRO IA 976 -129.83 176.59 -6.82
C PRO IA 976 -131.26 176.88 -7.27
N GLU IA 977 -131.59 176.48 -8.51
CA GLU IA 977 -132.92 176.72 -9.03
C GLU IA 977 -133.94 175.74 -8.44
N LEU IA 978 -133.57 174.46 -8.33
CA LEU IA 978 -134.49 173.47 -7.77
C LEU IA 978 -134.77 173.74 -6.30
N VAL IA 979 -133.75 174.13 -5.53
CA VAL IA 979 -133.96 174.43 -4.13
C VAL IA 979 -134.85 175.66 -3.96
N ILE IA 980 -134.64 176.67 -4.80
CA ILE IA 980 -135.49 177.87 -4.74
C ILE IA 980 -136.93 177.54 -5.11
N GLN IA 981 -137.12 176.69 -6.13
CA GLN IA 981 -138.47 176.29 -6.51
C GLN IA 981 -139.15 175.50 -5.40
N LEU IA 982 -138.41 174.60 -4.75
CA LEU IA 982 -138.99 173.83 -3.65
C LEU IA 982 -139.34 174.73 -2.48
N ALA IA 983 -138.48 175.72 -2.17
CA ALA IA 983 -138.78 176.64 -1.10
C ALA IA 983 -140.01 177.49 -1.42
N THR IA 984 -140.13 177.94 -2.67
CA THR IA 984 -141.31 178.71 -3.07
C THR IA 984 -142.57 177.87 -2.98
N SER IA 985 -142.50 176.60 -3.40
CA SER IA 985 -143.66 175.72 -3.29
C SER IA 985 -144.04 175.47 -1.84
N ALA IA 986 -143.05 175.31 -0.96
CA ALA IA 986 -143.34 175.09 0.45
C ALA IA 986 -143.93 176.34 1.08
N ILE IA 987 -143.48 177.52 0.66
CA ILE IA 987 -144.03 178.76 1.20
C ILE IA 987 -145.45 178.99 0.68
N THR IA 988 -145.73 178.57 -0.56
CA THR IA 988 -147.07 178.73 -1.10
C THR IA 988 -148.05 177.76 -0.48
N GLU IA 989 -147.63 176.51 -0.27
CA GLU IA 989 -148.48 175.49 0.34
C GLU IA 989 -148.15 175.40 1.82
N ALA IA 990 -148.78 176.28 2.59
CA ALA IA 990 -148.61 176.36 4.04
C ALA IA 990 -149.99 176.28 4.69
N GLY IA 991 -150.50 175.05 4.80
CA GLY IA 991 -151.80 174.81 5.39
C GLY IA 991 -151.81 174.66 6.89
N ASP IA 992 -150.67 174.85 7.56
CA ASP IA 992 -150.60 174.72 9.01
C ASP IA 992 -150.97 176.02 9.72
N ASP IA 993 -150.45 177.15 9.25
CA ASP IA 993 -150.72 178.47 9.83
C ASP IA 993 -150.33 178.50 11.30
N TRP IA 994 -149.13 178.00 11.60
CA TRP IA 994 -148.62 177.96 12.95
C TRP IA 994 -147.57 179.06 13.15
N LYS IA 995 -146.97 179.08 14.35
CA LYS IA 995 -145.95 180.06 14.67
C LYS IA 995 -144.56 179.68 14.19
N SER IA 996 -144.39 178.46 13.68
CA SER IA 996 -143.10 177.98 13.19
C SER IA 996 -142.97 178.12 11.68
N GLN IA 997 -143.55 179.17 11.11
CA GLN IA 997 -143.48 179.39 9.67
C GLN IA 997 -142.24 180.16 9.24
N ALA IA 998 -141.39 180.57 10.19
CA ALA IA 998 -140.17 181.30 9.85
C ALA IA 998 -139.09 180.40 9.26
N THR IA 999 -139.15 179.10 9.53
CA THR IA 999 -138.13 178.19 9.00
C THR IA 999 -138.20 178.11 7.48
N LEU IA 1000 -139.41 178.14 6.91
CA LEU IA 1000 -139.54 178.12 5.47
C LEU IA 1000 -139.15 179.46 4.86
N ARG IA 1001 -139.48 180.57 5.53
CA ARG IA 1001 -139.12 181.89 5.02
C ARG IA 1001 -137.61 182.08 5.01
N THR IA 1002 -136.92 181.62 6.06
CA THR IA 1002 -135.47 181.73 6.09
C THR IA 1002 -134.82 180.90 4.99
N CYS IA 1003 -135.35 179.70 4.74
CA CYS IA 1003 -134.81 178.87 3.67
C CYS IA 1003 -135.06 179.50 2.30
N ILE IA 1004 -136.23 180.10 2.11
CA ILE IA 1004 -136.53 180.76 0.84
C ILE IA 1004 -135.61 181.96 0.63
N PHE IA 1005 -135.37 182.73 1.70
CA PHE IA 1005 -134.47 183.87 1.60
C PHE IA 1005 -133.04 183.42 1.29
N LYS IA 1006 -132.59 182.34 1.94
CA LYS IA 1006 -131.25 181.83 1.66
C LYS IA 1006 -131.13 181.34 0.23
N HIS IA 1007 -132.16 180.66 -0.27
CA HIS IA 1007 -132.14 180.19 -1.66
C HIS IA 1007 -132.13 181.36 -2.64
N HIS IA 1008 -132.91 182.41 -2.35
CA HIS IA 1008 -132.94 183.57 -3.23
C HIS IA 1008 -131.61 184.32 -3.19
N LEU IA 1009 -130.95 184.36 -2.04
CA LEU IA 1009 -129.65 185.01 -1.95
C LEU IA 1009 -128.56 184.19 -2.64
N ASP IA 1010 -128.66 182.87 -2.59
CA ASP IA 1010 -127.65 182.03 -3.25
C ASP IA 1010 -127.84 182.01 -4.76
N LEU IA 1011 -129.10 182.05 -5.23
CA LEU IA 1011 -129.37 182.05 -6.67
C LEU IA 1011 -129.36 183.47 -7.22
N GLY IA 1012 -130.43 184.21 -6.98
CA GLY IA 1012 -130.52 185.58 -7.46
C GLY IA 1012 -131.25 185.70 -8.77
N HIS IA 1013 -130.51 185.87 -9.86
CA HIS IA 1013 -131.07 186.00 -11.20
C HIS IA 1013 -132.07 187.14 -11.29
N ASN IA 1014 -133.33 186.87 -10.96
CA ASN IA 1014 -134.36 187.88 -11.00
C ASN IA 1014 -134.23 188.84 -9.81
N SER IA 1015 -135.04 189.90 -9.85
CA SER IA 1015 -135.05 190.91 -8.80
C SER IA 1015 -136.05 190.61 -7.69
N GLN IA 1016 -136.50 189.36 -7.59
CA GLN IA 1016 -137.48 188.98 -6.56
C GLN IA 1016 -136.82 188.61 -5.24
N ALA IA 1017 -135.48 188.66 -5.15
CA ALA IA 1017 -134.82 188.32 -3.90
C ALA IA 1017 -134.92 189.45 -2.89
N TYR IA 1018 -135.12 190.68 -3.34
CA TYR IA 1018 -135.24 191.82 -2.43
C TYR IA 1018 -136.60 191.90 -1.77
N GLU IA 1019 -137.61 191.20 -2.30
CA GLU IA 1019 -138.94 191.24 -1.72
C GLU IA 1019 -139.02 190.40 -0.44
N ALA IA 1020 -138.33 189.26 -0.41
CA ALA IA 1020 -138.36 188.41 0.77
C ALA IA 1020 -137.47 188.96 1.89
N LEU IA 1021 -136.34 189.58 1.51
CA LEU IA 1021 -135.45 190.14 2.52
C LEU IA 1021 -136.08 191.34 3.22
N THR IA 1022 -136.83 192.15 2.48
CA THR IA 1022 -137.52 193.30 3.08
C THR IA 1022 -138.76 192.89 3.85
N GLN IA 1023 -139.26 191.67 3.65
CA GLN IA 1023 -140.44 191.19 4.35
C GLN IA 1023 -140.09 190.39 5.60
N ILE IA 1024 -139.00 189.65 5.58
CA ILE IA 1024 -138.57 188.85 6.74
C ILE IA 1024 -137.99 189.79 7.79
N PRO IA 1025 -137.42 190.93 7.39
CA PRO IA 1025 -136.85 191.85 8.39
C PRO IA 1025 -137.91 192.79 8.96
N ASP IA 1026 -139.06 192.87 8.31
CA ASP IA 1026 -140.14 193.73 8.77
C ASP IA 1026 -141.10 193.04 9.72
N SER IA 1027 -141.05 191.71 9.81
CA SER IA 1027 -141.93 190.98 10.71
C SER IA 1027 -141.31 190.80 12.09
N SER IA 1028 -140.03 190.46 12.15
CA SER IA 1028 -139.33 190.26 13.41
C SER IA 1028 -137.98 190.98 13.33
N ARG IA 1029 -137.06 190.61 14.22
CA ARG IA 1029 -135.73 191.21 14.28
C ARG IA 1029 -134.70 190.28 13.66
N GLN IA 1030 -134.99 189.76 12.47
CA GLN IA 1030 -134.08 188.86 11.77
C GLN IA 1030 -133.27 189.64 10.73
N LEU IA 1031 -132.33 190.42 11.24
CA LEU IA 1031 -131.46 191.23 10.39
C LEU IA 1031 -130.25 190.47 9.86
N ASP IA 1032 -129.91 189.33 10.47
CA ASP IA 1032 -128.76 188.56 10.00
C ASP IA 1032 -129.00 187.99 8.61
N CYS IA 1033 -130.21 187.49 8.35
CA CYS IA 1033 -130.53 186.97 7.03
C CYS IA 1033 -130.49 188.07 5.97
N LEU IA 1034 -131.02 189.25 6.31
CA LEU IA 1034 -130.98 190.36 5.37
C LEU IA 1034 -129.54 190.81 5.10
N ARG IA 1035 -128.71 190.84 6.14
CA ARG IA 1035 -127.31 191.22 5.95
C ARG IA 1035 -126.58 190.19 5.08
N GLN IA 1036 -126.86 188.90 5.31
CA GLN IA 1036 -126.23 187.86 4.49
C GLN IA 1036 -126.68 187.96 3.04
N LEU IA 1037 -127.96 188.23 2.82
CA LEU IA 1037 -128.47 188.38 1.45
C LEU IA 1037 -127.85 189.59 0.76
N VAL IA 1038 -127.69 190.70 1.50
CA VAL IA 1038 -127.06 191.88 0.93
C VAL IA 1038 -125.60 191.62 0.60
N VAL IA 1039 -124.90 190.90 1.46
CA VAL IA 1039 -123.50 190.57 1.20
C VAL IA 1039 -123.38 189.66 -0.01
N VAL IA 1040 -124.29 188.69 -0.14
CA VAL IA 1040 -124.26 187.80 -1.30
C VAL IA 1040 -124.55 188.56 -2.58
N LEU IA 1041 -125.51 189.49 -2.54
CA LEU IA 1041 -125.82 190.28 -3.72
C LEU IA 1041 -124.68 191.22 -4.09
N CYS IA 1042 -123.94 191.72 -3.09
CA CYS IA 1042 -122.81 192.59 -3.38
C CYS IA 1042 -121.61 191.79 -3.91
N GLU IA 1043 -121.43 190.56 -3.44
CA GLU IA 1043 -120.31 189.75 -3.89
C GLU IA 1043 -120.61 189.03 -5.21
N ARG IA 1044 -121.88 188.94 -5.60
CA ARG IA 1044 -122.26 188.29 -6.85
C ARG IA 1044 -122.13 189.20 -8.07
N SER IA 1045 -121.40 190.30 -7.95
CA SER IA 1045 -121.18 191.26 -9.04
C SER IA 1045 -122.51 191.78 -9.58
N GLN IA 1046 -123.16 192.59 -8.73
CA GLN IA 1046 -124.44 193.18 -9.08
C GLN IA 1046 -124.67 194.48 -8.31
N LEU IA 1047 -123.80 195.47 -8.53
CA LEU IA 1047 -123.95 196.75 -7.83
C LEU IA 1047 -125.10 197.56 -8.40
N GLN IA 1048 -125.26 197.55 -9.72
CA GLN IA 1048 -126.35 198.32 -10.34
C GLN IA 1048 -127.71 197.78 -9.93
N ASP IA 1049 -127.82 196.45 -9.78
CA ASP IA 1049 -129.08 195.86 -9.34
C ASP IA 1049 -129.32 196.06 -7.85
N LEU IA 1050 -128.25 196.03 -7.05
CA LEU IA 1050 -128.40 196.24 -5.61
C LEU IA 1050 -128.75 197.69 -5.28
N VAL IA 1051 -128.23 198.64 -6.07
CA VAL IA 1051 -128.56 200.04 -5.87
C VAL IA 1051 -129.97 200.40 -6.34
N GLU IA 1052 -130.61 199.51 -7.09
CA GLU IA 1052 -131.96 199.75 -7.58
C GLU IA 1052 -133.02 198.95 -6.82
N PHE IA 1053 -132.67 197.76 -6.32
CA PHE IA 1053 -133.64 196.95 -5.58
C PHE IA 1053 -133.77 197.47 -4.15
N PRO IA 1054 -132.78 198.20 -3.64
CA PRO IA 1054 -132.88 198.70 -2.27
C PRO IA 1054 -133.81 199.90 -2.12
N TYR IA 1055 -134.11 200.61 -3.21
CA TYR IA 1055 -135.00 201.76 -3.13
C TYR IA 1055 -136.46 201.37 -3.00
N VAL IA 1056 -136.83 200.15 -3.40
CA VAL IA 1056 -138.22 199.70 -3.30
C VAL IA 1056 -138.56 199.13 -1.93
N ASN IA 1057 -137.59 199.00 -1.04
CA ASN IA 1057 -137.82 198.46 0.29
C ASN IA 1057 -138.17 199.60 1.25
N LEU IA 1058 -138.27 199.28 2.54
CA LEU IA 1058 -138.61 200.28 3.53
C LEU IA 1058 -137.38 201.12 3.88
N HIS IA 1059 -137.62 202.19 4.65
CA HIS IA 1059 -136.52 203.07 5.06
C HIS IA 1059 -135.71 202.46 6.19
N ASN IA 1060 -136.36 201.82 7.16
CA ASN IA 1060 -135.64 201.21 8.27
C ASN IA 1060 -134.77 200.06 7.80
N GLU IA 1061 -135.29 199.23 6.90
CA GLU IA 1061 -134.51 198.12 6.37
C GLU IA 1061 -133.31 198.62 5.57
N VAL IA 1062 -133.50 199.67 4.78
CA VAL IA 1062 -132.39 200.23 4.01
C VAL IA 1062 -131.34 200.82 4.94
N VAL IA 1063 -131.77 201.50 6.01
CA VAL IA 1063 -130.82 202.07 6.96
C VAL IA 1063 -130.05 200.96 7.67
N GLY IA 1064 -130.74 199.88 8.03
CA GLY IA 1064 -130.05 198.76 8.66
C GLY IA 1064 -129.06 198.09 7.73
N ILE IA 1065 -129.43 197.93 6.46
CA ILE IA 1065 -128.51 197.34 5.50
C ILE IA 1065 -127.30 198.23 5.29
N ILE IA 1066 -127.50 199.55 5.24
CA ILE IA 1066 -126.39 200.48 5.09
C ILE IA 1066 -125.48 200.43 6.30
N GLU IA 1067 -126.05 200.35 7.50
CA GLU IA 1067 -125.24 200.27 8.72
C GLU IA 1067 -124.48 198.95 8.79
N SER IA 1068 -125.06 197.86 8.28
CA SER IA 1068 -124.37 196.58 8.31
C SER IA 1068 -123.27 196.51 7.25
N ARG IA 1069 -123.47 197.17 6.10
CA ARG IA 1069 -122.46 197.16 5.05
C ARG IA 1069 -121.37 198.19 5.26
N ALA IA 1070 -121.62 199.22 6.07
CA ALA IA 1070 -120.60 200.24 6.30
C ALA IA 1070 -119.51 199.73 7.24
N ARG IA 1071 -119.88 198.90 8.22
CA ARG IA 1071 -118.93 198.36 9.18
C ARG IA 1071 -118.14 197.21 8.56
N ALA IA 1072 -117.13 197.53 7.77
CA ALA IA 1072 -116.31 196.52 7.13
C ALA IA 1072 -115.12 196.14 8.02
N VAL IA 1073 -114.56 194.96 7.75
CA VAL IA 1073 -113.43 194.48 8.54
C VAL IA 1073 -112.13 195.09 8.03
N ASP IA 1074 -111.92 195.07 6.71
CA ASP IA 1074 -110.71 195.61 6.10
C ASP IA 1074 -111.08 196.17 4.73
N LEU IA 1075 -110.10 196.25 3.85
CA LEU IA 1075 -110.32 196.77 2.50
C LEU IA 1075 -109.44 196.00 1.52
N MET IA 1076 -110.02 195.58 0.41
CA MET IA 1076 -109.34 194.83 -0.63
C MET IA 1076 -109.28 195.68 -1.90
N THR IA 1077 -109.37 195.05 -3.06
CA THR IA 1077 -109.32 195.78 -4.32
C THR IA 1077 -110.63 196.50 -4.61
N HIS IA 1078 -111.73 196.04 -4.01
CA HIS IA 1078 -113.04 196.66 -4.20
C HIS IA 1078 -113.36 197.69 -3.14
N ASN IA 1079 -112.34 198.35 -2.57
CA ASN IA 1079 -112.59 199.37 -1.55
C ASN IA 1079 -113.34 200.56 -2.13
N TYR IA 1080 -112.98 200.99 -3.34
CA TYR IA 1080 -113.68 202.09 -3.97
C TYR IA 1080 -115.14 201.74 -4.27
N TYR IA 1081 -115.38 200.51 -4.72
CA TYR IA 1081 -116.75 200.07 -4.98
C TYR IA 1081 -117.56 200.01 -3.70
N GLU IA 1082 -116.96 199.52 -2.61
CA GLU IA 1082 -117.65 199.48 -1.33
C GLU IA 1082 -117.96 200.87 -0.81
N LEU IA 1083 -117.01 201.80 -0.97
CA LEU IA 1083 -117.26 203.18 -0.55
C LEU IA 1083 -118.37 203.82 -1.37
N LEU IA 1084 -118.38 203.56 -2.68
CA LEU IA 1084 -119.44 204.11 -3.52
C LEU IA 1084 -120.80 203.52 -3.15
N TYR IA 1085 -120.84 202.22 -2.86
CA TYR IA 1085 -122.11 201.60 -2.47
C TYR IA 1085 -122.59 202.16 -1.13
N ALA IA 1086 -121.66 202.37 -0.19
CA ALA IA 1086 -122.05 202.96 1.10
C ALA IA 1086 -122.55 204.39 0.93
N PHE IA 1087 -121.88 205.18 0.07
CA PHE IA 1087 -122.33 206.54 -0.18
C PHE IA 1087 -123.71 206.56 -0.83
N HIS IA 1088 -123.96 205.64 -1.76
CA HIS IA 1088 -125.28 205.57 -2.40
C HIS IA 1088 -126.35 205.17 -1.40
N ILE IA 1089 -126.06 204.18 -0.55
CA ILE IA 1089 -127.03 203.75 0.45
C ILE IA 1089 -127.30 204.86 1.46
N TYR IA 1090 -126.29 205.68 1.76
CA TYR IA 1090 -126.52 206.80 2.66
C TYR IA 1090 -127.35 207.89 1.98
N ARG IA 1091 -127.04 208.19 0.72
CA ARG IA 1091 -127.81 209.19 -0.02
C ARG IA 1091 -129.26 208.77 -0.21
N HIS IA 1092 -129.51 207.47 -0.29
CA HIS IA 1092 -130.87 206.95 -0.38
C HIS IA 1092 -131.57 206.89 0.98
N ASN IA 1093 -131.07 207.59 1.98
CA ASN IA 1093 -131.67 207.57 3.31
C ASN IA 1093 -131.38 208.87 4.06
N TYR IA 1094 -130.11 209.15 4.34
CA TYR IA 1094 -129.71 210.32 5.10
C TYR IA 1094 -128.62 211.15 4.45
N ARG IA 1095 -127.75 210.56 3.62
CA ARG IA 1095 -126.66 211.27 2.95
C ARG IA 1095 -125.73 211.95 3.95
N LYS IA 1096 -124.88 211.18 4.61
CA LYS IA 1096 -123.94 211.73 5.58
C LYS IA 1096 -122.80 210.76 5.84
N ALA IA 1097 -123.01 209.48 5.54
CA ALA IA 1097 -121.97 208.47 5.77
C ALA IA 1097 -120.86 208.54 4.73
N GLY IA 1098 -121.09 209.21 3.60
CA GLY IA 1098 -120.06 209.32 2.59
C GLY IA 1098 -118.84 210.09 3.08
N THR IA 1099 -119.06 211.14 3.87
CA THR IA 1099 -117.94 211.89 4.42
C THR IA 1099 -117.12 211.04 5.39
N VAL IA 1100 -117.79 210.26 6.24
CA VAL IA 1100 -117.08 209.38 7.17
C VAL IA 1100 -116.31 208.31 6.40
N MET IA 1101 -116.91 207.77 5.34
CA MET IA 1101 -116.22 206.77 4.54
C MET IA 1101 -114.99 207.36 3.86
N PHE IA 1102 -115.11 208.57 3.32
CA PHE IA 1102 -113.96 209.22 2.68
C PHE IA 1102 -112.87 209.52 3.70
N GLU IA 1103 -113.25 209.96 4.90
CA GLU IA 1103 -112.26 210.22 5.93
C GLU IA 1103 -111.55 208.95 6.36
N TYR IA 1104 -112.29 207.86 6.52
CA TYR IA 1104 -111.66 206.58 6.87
C TYR IA 1104 -110.73 206.10 5.77
N GLY IA 1105 -111.13 206.26 4.50
CA GLY IA 1105 -110.26 205.88 3.41
C GLY IA 1105 -108.99 206.71 3.35
N MET IA 1106 -109.11 208.02 3.59
CA MET IA 1106 -107.94 208.88 3.60
C MET IA 1106 -107.02 208.58 4.78
N ARG IA 1107 -107.59 208.20 5.93
CA ARG IA 1107 -106.77 207.84 7.07
C ARG IA 1107 -106.08 206.49 6.87
N LEU IA 1108 -106.75 205.56 6.18
CA LEU IA 1108 -106.13 204.26 5.93
C LEU IA 1108 -105.07 204.34 4.83
N GLY IA 1109 -105.26 205.22 3.86
CA GLY IA 1109 -104.30 205.37 2.78
C GLY IA 1109 -103.40 206.57 2.95
N ARG IA 1110 -103.02 206.87 4.19
CA ARG IA 1110 -102.14 208.01 4.45
C ARG IA 1110 -100.70 207.73 4.07
N GLU IA 1111 -100.23 206.50 4.33
CA GLU IA 1111 -98.85 206.14 4.01
C GLU IA 1111 -98.81 205.27 2.76
N VAL IA 1112 -99.08 205.87 1.60
CA VAL IA 1112 -99.08 205.13 0.34
C VAL IA 1112 -97.75 205.37 -0.38
N ARG IA 1113 -97.82 205.61 -1.69
CA ARG IA 1113 -96.62 205.83 -2.48
C ARG IA 1113 -96.15 207.28 -2.36
N THR IA 1114 -96.13 208.00 -3.48
CA THR IA 1114 -95.69 209.39 -3.49
C THR IA 1114 -96.41 210.19 -4.56
N LEU IA 1115 -96.03 209.98 -5.83
CA LEU IA 1115 -96.63 210.73 -6.92
C LEU IA 1115 -98.11 210.44 -7.05
N ARG IA 1116 -98.48 209.15 -7.07
CA ARG IA 1116 -99.89 208.79 -7.17
C ARG IA 1116 -100.62 209.09 -5.86
N GLY IA 1117 -99.96 208.94 -4.72
CA GLY IA 1117 -100.60 209.22 -3.45
C GLY IA 1117 -100.98 210.68 -3.29
N LEU IA 1118 -100.08 211.59 -3.69
CA LEU IA 1118 -100.39 213.00 -3.60
C LEU IA 1118 -101.53 213.38 -4.53
N GLU IA 1119 -101.56 212.80 -5.73
CA GLU IA 1119 -102.64 213.07 -6.66
C GLU IA 1119 -103.97 212.57 -6.13
N LYS IA 1120 -103.98 211.36 -5.55
CA LYS IA 1120 -105.21 210.83 -4.97
C LYS IA 1120 -105.68 211.68 -3.79
N GLN IA 1121 -104.74 212.13 -2.95
CA GLN IA 1121 -105.10 212.98 -1.83
C GLN IA 1121 -105.69 214.30 -2.31
N GLY IA 1122 -105.08 214.90 -3.35
CA GLY IA 1122 -105.61 216.14 -3.88
C GLY IA 1122 -106.99 215.96 -4.50
N ASN IA 1123 -107.20 214.86 -5.21
CA ASN IA 1123 -108.52 214.58 -5.80
C ASN IA 1123 -109.56 214.39 -4.71
N CYS IA 1124 -109.22 213.66 -3.65
CA CYS IA 1124 -110.17 213.46 -2.55
C CYS IA 1124 -110.46 214.77 -1.85
N TYR IA 1125 -109.45 215.61 -1.67
CA TYR IA 1125 -109.66 216.91 -1.04
C TYR IA 1125 -110.57 217.80 -1.88
N LEU IA 1126 -110.36 217.79 -3.20
CA LEU IA 1126 -111.22 218.59 -4.09
C LEU IA 1126 -112.66 218.07 -4.07
N ALA IA 1127 -112.83 216.75 -4.08
CA ALA IA 1127 -114.18 216.18 -4.02
C ALA IA 1127 -114.88 216.54 -2.72
N ALA IA 1128 -114.16 216.44 -1.60
CA ALA IA 1128 -114.74 216.79 -0.31
C ALA IA 1128 -115.05 218.28 -0.22
N LEU IA 1129 -114.20 219.12 -0.82
CA LEU IA 1129 -114.47 220.56 -0.82
C LEU IA 1129 -115.72 220.89 -1.64
N ASN IA 1130 -115.87 220.26 -2.80
CA ASN IA 1130 -117.08 220.47 -3.59
C ASN IA 1130 -118.31 219.98 -2.85
N CYS IA 1131 -118.20 218.82 -2.18
CA CYS IA 1131 -119.32 218.30 -1.42
C CYS IA 1131 -119.71 219.22 -0.27
N LEU IA 1132 -118.73 219.78 0.44
CA LEU IA 1132 -119.02 220.73 1.50
C LEU IA 1132 -119.61 222.01 0.97
N ARG IA 1133 -119.15 222.48 -0.21
CA ARG IA 1133 -119.74 223.66 -0.82
C ARG IA 1133 -121.19 223.40 -1.23
N LEU IA 1134 -121.52 222.17 -1.59
CA LEU IA 1134 -122.89 221.81 -1.92
C LEU IA 1134 -123.71 221.62 -0.65
N ILE IA 1135 -124.97 222.06 -0.69
CA ILE IA 1135 -125.91 221.96 0.42
C ILE IA 1135 -125.39 222.72 1.62
N ARG IA 1136 -126.07 222.55 2.77
CA ARG IA 1136 -125.71 223.20 4.02
C ARG IA 1136 -126.60 222.67 5.14
N PRO IA 1137 -126.04 222.26 6.27
CA PRO IA 1137 -126.89 221.78 7.38
C PRO IA 1137 -126.20 221.88 8.73
N GLU IA 1138 -125.54 220.79 9.15
CA GLU IA 1138 -124.87 220.75 10.43
C GLU IA 1138 -123.37 220.74 10.18
N TYR IA 1139 -122.71 219.58 10.16
CA TYR IA 1139 -121.28 219.51 9.92
C TYR IA 1139 -120.96 218.15 9.31
N ALA IA 1140 -119.69 217.77 9.36
CA ALA IA 1140 -119.24 216.50 8.81
C ALA IA 1140 -119.22 215.44 9.92
N TRP IA 1141 -118.67 214.27 9.60
CA TRP IA 1141 -118.58 213.16 10.53
C TRP IA 1141 -117.13 212.72 10.69
N ILE IA 1142 -116.94 211.55 11.31
CA ILE IA 1142 -115.63 210.97 11.55
C ILE IA 1142 -114.76 211.93 12.34
N VAL IA 1143 -113.44 211.88 12.13
CA VAL IA 1143 -112.53 212.75 12.86
C VAL IA 1143 -112.36 214.10 12.17
N GLN IA 1144 -112.79 214.22 10.92
CA GLN IA 1144 -112.66 215.49 10.21
C GLN IA 1144 -113.73 216.46 10.68
N PRO IA 1145 -113.37 217.66 11.14
CA PRO IA 1145 -114.39 218.60 11.60
C PRO IA 1145 -115.08 219.30 10.44
N GLU IA 1176 -114.71 220.56 10.20
CA GLU IA 1176 -115.31 221.33 9.11
C GLU IA 1176 -114.35 222.43 8.64
N ILE IA 1177 -113.77 223.15 9.60
CA ILE IA 1177 -112.84 224.23 9.29
C ILE IA 1177 -111.40 223.83 9.60
N LEU IA 1178 -111.18 223.17 10.75
CA LEU IA 1178 -109.83 222.76 11.12
C LEU IA 1178 -109.29 221.70 10.16
N GLU IA 1179 -110.10 220.70 9.83
CA GLU IA 1179 -109.67 219.66 8.89
C GLU IA 1179 -109.42 220.25 7.51
N LEU IA 1180 -110.28 221.18 7.07
CA LEU IA 1180 -110.08 221.81 5.77
C LEU IA 1180 -108.80 222.63 5.75
N GLU IA 1181 -108.52 223.38 6.83
CA GLU IA 1181 -107.29 224.17 6.88
C GLU IA 1181 -106.07 223.27 6.91
N ASP IA 1182 -106.14 222.14 7.63
CA ASP IA 1182 -105.01 221.21 7.67
C ASP IA 1182 -104.78 220.60 6.30
N LEU IA 1183 -105.85 220.22 5.60
CA LEU IA 1183 -105.70 219.66 4.26
C LEU IA 1183 -105.12 220.68 3.29
N GLU IA 1184 -105.57 221.94 3.39
CA GLU IA 1184 -105.03 222.98 2.53
C GLU IA 1184 -103.55 223.23 2.81
N LYS IA 1185 -103.16 223.24 4.08
CA LYS IA 1185 -101.76 223.42 4.44
C LYS IA 1185 -100.91 222.26 3.95
N GLU IA 1186 -101.43 221.03 4.06
CA GLU IA 1186 -100.69 219.87 3.58
C GLU IA 1186 -100.53 219.91 2.07
N CYS IA 1187 -101.59 220.31 1.35
CA CYS IA 1187 -101.50 220.41 -0.10
C CYS IA 1187 -100.51 221.50 -0.51
N SER IA 1188 -100.51 222.63 0.19
CA SER IA 1188 -99.56 223.70 -0.12
C SER IA 1188 -98.13 223.25 0.14
N LEU IA 1189 -97.91 222.53 1.25
CA LEU IA 1189 -96.57 222.03 1.55
C LEU IA 1189 -96.11 221.03 0.51
N ALA IA 1190 -97.01 220.14 0.07
CA ALA IA 1190 -96.66 219.17 -0.95
C ALA IA 1190 -96.35 219.84 -2.28
N ARG IA 1191 -97.12 220.88 -2.64
CA ARG IA 1191 -96.86 221.60 -3.88
C ARG IA 1191 -95.55 222.38 -3.82
N ILE IA 1192 -95.21 222.90 -2.63
CA ILE IA 1192 -93.95 223.63 -2.49
C ILE IA 1192 -92.76 222.67 -2.50
N ARG IA 1193 -92.93 221.47 -1.96
CA ARG IA 1193 -91.84 220.50 -1.94
C ARG IA 1193 -91.64 219.84 -3.30
N LEU IA 1194 -92.71 219.63 -4.05
CA LEU IA 1194 -92.63 219.01 -5.37
C LEU IA 1194 -92.37 220.01 -6.48
N THR IA 1195 -92.07 221.26 -6.15
CA THR IA 1195 -91.79 222.29 -7.14
C THR IA 1195 -90.40 222.11 -7.74
N TYR JA 18 -144.41 156.36 -28.43
CA TYR JA 18 -144.23 155.47 -29.58
C TYR JA 18 -143.02 155.88 -30.40
N VAL JA 19 -142.41 154.91 -31.08
CA VAL JA 19 -141.24 155.14 -31.92
C VAL JA 19 -141.39 154.32 -33.18
N HIS JA 20 -141.39 154.98 -34.34
CA HIS JA 20 -141.52 154.29 -35.62
C HIS JA 20 -140.78 155.09 -36.68
N VAL JA 21 -139.93 154.41 -37.44
CA VAL JA 21 -139.15 155.07 -38.49
C VAL JA 21 -139.99 155.17 -39.75
N VAL JA 22 -139.55 156.00 -40.70
CA VAL JA 22 -140.29 156.19 -41.97
C VAL JA 22 -139.73 155.16 -42.94
N GLU JA 23 -140.19 153.93 -42.79
CA GLU JA 23 -139.76 152.84 -43.66
C GLU JA 23 -140.55 152.76 -44.95
N PHE JA 24 -141.75 153.32 -45.00
CA PHE JA 24 -142.55 153.29 -46.21
C PHE JA 24 -142.06 154.30 -47.25
N ASN JA 25 -141.54 155.44 -46.80
CA ASN JA 25 -141.05 156.47 -47.71
C ASN JA 25 -139.79 155.98 -48.43
N PRO JA 26 -138.91 155.27 -47.74
CA PRO JA 26 -137.71 154.74 -48.42
C PRO JA 26 -137.98 153.50 -49.26
N PHE JA 27 -139.17 152.92 -49.18
CA PHE JA 27 -139.51 151.74 -49.97
C PHE JA 27 -140.41 152.04 -51.15
N GLU JA 28 -141.30 153.03 -51.03
CA GLU JA 28 -142.20 153.39 -52.11
C GLU JA 28 -141.74 154.64 -52.87
N ASN JA 29 -140.78 155.39 -52.34
CA ASN JA 29 -140.29 156.59 -53.01
C ASN JA 29 -138.78 156.71 -52.86
N GLY JA 30 -138.31 157.00 -51.66
CA GLY JA 30 -136.88 157.13 -51.41
C GLY JA 30 -136.46 158.57 -51.23
N ASP JA 31 -136.77 159.16 -50.08
CA ASP JA 31 -136.40 160.54 -49.79
C ASP JA 31 -136.11 160.74 -48.31
N SER JA 32 -137.11 160.49 -47.46
CA SER JA 32 -136.93 160.65 -46.02
C SER JA 32 -136.87 159.29 -45.33
N GLY JA 33 -135.81 158.54 -45.59
CA GLY JA 33 -135.64 157.23 -44.98
C GLY JA 33 -134.91 157.27 -43.66
N ASN JA 34 -134.24 158.39 -43.37
CA ASN JA 34 -133.50 158.57 -42.14
C ASN JA 34 -134.30 159.32 -41.08
N LEU JA 35 -135.57 159.59 -41.33
CA LEU JA 35 -136.42 160.30 -40.38
C LEU JA 35 -136.99 159.33 -39.35
N ILE JA 36 -136.98 159.74 -38.09
CA ILE JA 36 -137.50 158.93 -36.99
C ILE JA 36 -138.38 159.83 -36.13
N ALA JA 37 -139.63 159.40 -35.93
CA ALA JA 37 -140.59 160.15 -35.14
C ALA JA 37 -140.74 159.50 -33.77
N TYR JA 38 -140.75 160.33 -32.72
CA TYR JA 38 -140.90 159.87 -31.34
C TYR JA 38 -141.99 160.70 -30.68
N GLY JA 39 -143.19 160.13 -30.55
CA GLY JA 39 -144.30 160.83 -29.95
C GLY JA 39 -144.36 160.67 -28.44
N GLY JA 40 -144.31 161.78 -27.71
CA GLY JA 40 -144.37 161.75 -26.27
C GLY JA 40 -145.60 162.43 -25.71
N ASN JA 41 -145.48 162.96 -24.49
CA ASN JA 41 -146.61 163.64 -23.86
C ASN JA 41 -146.82 165.04 -24.43
N ASN JA 42 -145.74 165.72 -24.82
CA ASN JA 42 -145.86 167.07 -25.37
C ASN JA 42 -146.36 167.02 -26.82
N TYR JA 43 -145.52 166.53 -27.72
CA TYR JA 43 -145.89 166.44 -29.13
C TYR JA 43 -145.18 165.28 -29.81
N VAL JA 44 -144.38 165.58 -30.83
CA VAL JA 44 -143.64 164.56 -31.56
C VAL JA 44 -142.34 165.14 -32.08
N VAL JA 45 -141.22 164.58 -31.67
CA VAL JA 45 -139.91 165.05 -32.10
C VAL JA 45 -139.49 164.29 -33.35
N ILE JA 46 -138.55 164.88 -34.08
CA ILE JA 46 -138.02 164.30 -35.31
C ILE JA 46 -136.52 164.16 -35.19
N GLY JA 47 -135.99 163.03 -35.66
CA GLY JA 47 -134.57 162.77 -35.61
C GLY JA 47 -134.03 162.39 -36.97
N THR JA 48 -132.71 162.47 -37.09
CA THR JA 48 -132.00 162.15 -38.32
C THR JA 48 -130.89 161.15 -38.01
N CYS JA 49 -130.80 160.09 -38.82
CA CYS JA 49 -129.79 159.06 -38.66
C CYS JA 49 -128.78 159.20 -39.79
N THR JA 50 -127.57 159.62 -39.44
CA THR JA 50 -126.49 159.81 -40.41
C THR JA 50 -125.41 158.75 -40.20
N PHE JA 51 -124.67 158.48 -41.27
CA PHE JA 51 -123.59 157.50 -41.26
C PHE JA 51 -122.27 158.26 -41.21
N GLN JA 52 -121.77 158.46 -39.99
CA GLN JA 52 -120.52 159.18 -39.78
C GLN JA 52 -119.37 158.17 -39.73
N GLU JA 53 -118.20 158.64 -39.30
CA GLU JA 53 -117.02 157.78 -39.20
C GLU JA 53 -117.07 156.92 -37.95
N GLU JA 54 -116.43 157.39 -36.87
CA GLU JA 54 -116.38 156.69 -35.59
C GLU JA 54 -115.75 155.32 -35.82
N GLU JA 55 -116.43 154.22 -35.52
CA GLU JA 55 -115.89 152.88 -35.72
C GLU JA 55 -116.92 152.03 -36.44
N ALA JA 56 -116.48 151.29 -37.45
CA ALA JA 56 -117.39 150.44 -38.21
C ALA JA 56 -117.73 149.16 -37.47
N ASP JA 57 -116.85 148.71 -36.57
CA ASP JA 57 -117.11 147.49 -35.80
C ASP JA 57 -118.06 147.72 -34.63
N VAL JA 58 -118.14 148.94 -34.12
CA VAL JA 58 -119.03 149.25 -33.00
C VAL JA 58 -120.37 149.72 -33.53
N GLU JA 59 -120.42 150.95 -34.04
CA GLU JA 59 -121.66 151.51 -34.57
C GLU JA 59 -121.30 152.47 -35.69
N GLY JA 60 -121.73 152.15 -36.91
CA GLY JA 60 -121.46 152.98 -38.07
C GLY JA 60 -122.60 153.92 -38.42
N ILE JA 61 -123.51 154.13 -37.47
CA ILE JA 61 -124.66 155.00 -37.66
C ILE JA 61 -124.92 155.75 -36.37
N GLN JA 62 -124.99 157.08 -36.46
CA GLN JA 62 -125.22 157.94 -35.31
C GLN JA 62 -126.56 158.64 -35.44
N TYR JA 63 -127.15 158.98 -34.30
CA TYR JA 63 -128.43 159.67 -34.25
C TYR JA 63 -128.22 161.15 -34.00
N LYS JA 64 -128.89 161.99 -34.79
CA LYS JA 64 -128.79 163.44 -34.67
C LYS JA 64 -130.19 164.02 -34.54
N THR JA 65 -130.43 164.76 -33.47
CA THR JA 65 -131.73 165.39 -33.22
C THR JA 65 -131.86 166.62 -34.10
N LEU JA 66 -132.78 166.57 -35.07
CA LEU JA 66 -133.00 167.69 -35.97
C LEU JA 66 -133.82 168.79 -35.28
N ARG JA 67 -135.14 168.69 -35.37
CA ARG JA 67 -136.05 169.65 -34.78
C ARG JA 67 -137.13 168.90 -34.00
N THR JA 68 -138.03 169.66 -33.37
CA THR JA 68 -139.12 169.09 -32.59
C THR JA 68 -140.34 169.98 -32.75
N PHE JA 69 -141.43 169.41 -33.27
CA PHE JA 69 -142.65 170.17 -33.46
C PHE JA 69 -143.41 170.30 -32.14
N HIS JA 70 -144.44 171.14 -32.17
CA HIS JA 70 -145.28 171.38 -31.00
C HIS JA 70 -146.73 171.09 -31.33
N HIS JA 71 -147.48 170.65 -30.31
CA HIS JA 71 -148.89 170.34 -30.50
C HIS JA 71 -149.68 170.62 -29.22
N GLY JA 72 -149.31 169.98 -28.12
CA GLY JA 72 -149.98 170.17 -26.86
C GLY JA 72 -150.80 168.99 -26.37
N VAL JA 73 -150.70 167.83 -27.02
CA VAL JA 73 -151.44 166.64 -26.62
C VAL JA 73 -150.53 165.42 -26.76
N ARG JA 74 -150.86 164.38 -26.01
CA ARG JA 74 -150.08 163.15 -26.04
C ARG JA 74 -150.37 162.36 -27.31
N VAL JA 75 -149.31 161.81 -27.90
CA VAL JA 75 -149.41 161.02 -29.13
C VAL JA 75 -149.11 159.57 -28.78
N ASP JA 76 -150.13 158.71 -28.90
CA ASP JA 76 -149.96 157.30 -28.59
C ASP JA 76 -149.39 156.50 -29.75
N GLY JA 77 -149.59 156.96 -30.98
CA GLY JA 77 -149.09 156.26 -32.14
C GLY JA 77 -148.49 157.23 -33.15
N ILE JA 78 -147.70 156.67 -34.06
CA ILE JA 78 -147.04 157.44 -35.11
C ILE JA 78 -146.97 156.60 -36.37
N ALA JA 79 -147.31 157.20 -37.51
CA ALA JA 79 -147.29 156.50 -38.79
C ALA JA 79 -147.00 157.51 -39.89
N TRP JA 80 -145.86 157.35 -40.55
CA TRP JA 80 -145.46 158.23 -41.64
C TRP JA 80 -146.05 157.76 -42.95
N SER JA 81 -146.31 158.72 -43.83
CA SER JA 81 -146.88 158.46 -45.15
C SER JA 81 -145.80 158.56 -46.22
N PRO JA 82 -146.14 158.24 -47.46
CA PRO JA 82 -145.16 158.30 -48.56
C PRO JA 82 -145.05 159.67 -49.24
N GLU JA 83 -145.73 160.68 -48.74
CA GLU JA 83 -145.69 162.02 -49.32
C GLU JA 83 -144.62 162.91 -48.69
N THR JA 84 -143.76 162.36 -47.86
CA THR JA 84 -142.71 163.14 -47.22
C THR JA 84 -141.54 163.35 -48.18
N ARG JA 85 -141.10 164.59 -48.30
CA ARG JA 85 -139.99 164.94 -49.18
C ARG JA 85 -139.02 165.83 -48.42
N LEU JA 86 -137.84 166.02 -49.01
CA LEU JA 86 -136.79 166.83 -48.43
C LEU JA 86 -136.19 167.74 -49.50
N ASP JA 87 -135.95 169.00 -49.13
CA ASP JA 87 -135.38 169.97 -50.05
C ASP JA 87 -134.58 170.99 -49.25
N SER JA 88 -133.25 170.89 -49.34
CA SER JA 88 -132.32 171.78 -48.63
C SER JA 88 -132.60 171.62 -47.13
N LEU JA 89 -132.85 172.70 -46.39
CA LEU JA 89 -133.12 172.61 -44.97
C LEU JA 89 -134.62 172.47 -44.71
N PRO JA 90 -135.46 172.76 -45.69
CA PRO JA 90 -136.90 172.64 -45.50
C PRO JA 90 -137.35 171.19 -45.66
N PRO JA 91 -138.26 170.73 -44.80
CA PRO JA 91 -138.73 169.34 -44.92
C PRO JA 91 -140.23 169.22 -44.69
N VAL JA 92 -140.96 168.82 -45.73
CA VAL JA 92 -142.41 168.65 -45.64
C VAL JA 92 -142.71 167.23 -45.20
N ILE JA 93 -143.40 167.11 -44.07
CA ILE JA 93 -143.77 165.80 -43.52
C ILE JA 93 -145.28 165.70 -43.44
N LYS JA 94 -145.76 164.46 -43.35
CA LYS JA 94 -147.20 164.20 -43.26
C LYS JA 94 -147.39 162.90 -42.49
N PHE JA 95 -147.62 163.03 -41.19
CA PHE JA 95 -147.82 161.89 -40.30
C PHE JA 95 -149.20 161.96 -39.66
N CYS JA 96 -149.76 160.79 -39.38
CA CYS JA 96 -151.08 160.67 -38.76
C CYS JA 96 -150.91 160.09 -37.36
N THR JA 97 -151.23 160.89 -36.35
CA THR JA 97 -151.12 160.49 -34.96
C THR JA 97 -152.49 160.56 -34.29
N SER JA 98 -152.54 160.08 -33.05
CA SER JA 98 -153.76 160.06 -32.25
C SER JA 98 -153.56 160.93 -31.01
N ALA JA 99 -154.48 161.85 -30.79
CA ALA JA 99 -154.40 162.75 -29.65
C ALA JA 99 -154.95 162.05 -28.40
N ALA JA 100 -154.89 162.76 -27.26
CA ALA JA 100 -155.38 162.22 -26.01
C ALA JA 100 -156.89 162.34 -25.85
N ASP JA 101 -157.56 163.09 -26.73
CA ASP JA 101 -159.00 163.27 -26.66
C ASP JA 101 -159.76 162.32 -27.58
N MET JA 102 -159.17 161.17 -27.90
CA MET JA 102 -159.78 160.16 -28.78
C MET JA 102 -160.13 160.77 -30.14
N LYS JA 103 -159.09 161.17 -30.86
CA LYS JA 103 -159.25 161.76 -32.18
C LYS JA 103 -158.04 161.44 -33.03
N ILE JA 104 -158.28 161.12 -34.30
CA ILE JA 104 -157.23 160.78 -35.25
C ILE JA 104 -157.20 161.86 -36.33
N ARG JA 105 -156.08 162.59 -36.41
CA ARG JA 105 -155.91 163.65 -37.38
C ARG JA 105 -154.54 163.54 -38.03
N LEU JA 106 -154.45 163.97 -39.28
CA LEU JA 106 -153.21 163.93 -40.06
C LEU JA 106 -152.63 165.34 -40.10
N PHE JA 107 -151.50 165.53 -39.42
CA PHE JA 107 -150.83 166.83 -39.37
C PHE JA 107 -149.78 166.89 -40.47
N THR JA 108 -149.95 167.84 -41.39
CA THR JA 108 -149.01 168.02 -42.50
C THR JA 108 -148.14 169.25 -42.27
N SER JA 109 -147.37 169.19 -41.19
CA SER JA 109 -146.48 170.28 -40.83
C SER JA 109 -145.19 170.23 -41.66
N ASP JA 110 -144.49 171.35 -41.69
CA ASP JA 110 -143.24 171.49 -42.43
C ASP JA 110 -142.12 171.84 -41.45
N LEU JA 111 -141.03 171.08 -41.52
CA LEU JA 111 -139.87 171.28 -40.65
C LEU JA 111 -140.26 171.24 -39.18
N GLN JA 112 -140.56 172.41 -38.60
CA GLN JA 112 -140.95 172.49 -37.20
C GLN JA 112 -142.16 173.38 -36.96
N ASP JA 113 -142.76 173.96 -38.00
CA ASP JA 113 -143.92 174.83 -37.86
C ASP JA 113 -145.15 174.11 -38.38
N LYS JA 114 -146.25 174.21 -37.63
CA LYS JA 114 -147.51 173.57 -38.00
C LYS JA 114 -148.19 174.40 -39.07
N ASN JA 115 -148.27 173.88 -40.29
CA ASN JA 115 -148.90 174.57 -41.40
C ASN JA 115 -150.32 174.08 -41.68
N GLU JA 116 -150.57 172.78 -41.54
CA GLU JA 116 -151.88 172.22 -41.78
C GLU JA 116 -152.16 171.13 -40.75
N TYR JA 117 -153.43 170.99 -40.39
CA TYR JA 117 -153.85 169.99 -39.42
C TYR JA 117 -155.25 169.50 -39.71
N LYS JA 118 -163.33 162.93 -34.96
CA LYS JA 118 -163.48 163.26 -33.54
C LYS JA 118 -164.94 163.28 -33.14
N VAL JA 119 -165.19 163.36 -31.83
CA VAL JA 119 -166.53 163.39 -31.26
C VAL JA 119 -167.31 162.16 -31.71
N LEU JA 120 -168.59 162.34 -32.06
CA LEU JA 120 -169.42 161.24 -32.50
C LEU JA 120 -169.13 160.82 -33.95
N GLU JA 121 -168.50 161.69 -34.74
CA GLU JA 121 -168.20 161.36 -36.13
C GLU JA 121 -167.00 160.43 -36.26
N GLY JA 122 -166.10 160.42 -35.28
CA GLY JA 122 -164.93 159.57 -35.33
C GLY JA 122 -165.08 158.30 -34.53
N HIS JA 123 -164.22 158.10 -33.54
CA HIS JA 123 -164.25 156.92 -32.69
C HIS JA 123 -165.05 157.20 -31.43
N THR JA 124 -165.88 156.24 -31.03
CA THR JA 124 -166.71 156.36 -29.85
C THR JA 124 -165.99 155.93 -28.57
N ASP JA 125 -164.77 155.40 -28.68
CA ASP JA 125 -164.02 154.97 -27.50
C ASP JA 125 -162.55 155.34 -27.63
N PHE JA 126 -161.67 154.54 -27.05
CA PHE JA 126 -160.24 154.79 -27.10
C PHE JA 126 -159.64 154.15 -28.34
N ILE JA 127 -158.74 154.88 -28.99
CA ILE JA 127 -158.09 154.39 -30.20
C ILE JA 127 -157.00 153.40 -29.82
N ASN JA 128 -156.79 152.42 -30.69
CA ASN JA 128 -155.79 151.37 -30.47
C ASN JA 128 -154.66 151.41 -31.51
N GLY JA 129 -155.01 151.47 -32.79
CA GLY JA 129 -154.01 151.50 -33.83
C GLY JA 129 -154.43 152.41 -34.97
N LEU JA 130 -153.45 152.80 -35.78
CA LEU JA 130 -153.69 153.67 -36.92
C LEU JA 130 -152.63 153.41 -37.97
N VAL JA 131 -153.01 153.62 -39.23
CA VAL JA 131 -152.13 153.42 -40.38
C VAL JA 131 -152.38 154.52 -41.39
N PHE JA 132 -151.51 154.58 -42.40
CA PHE JA 132 -151.63 155.58 -43.46
C PHE JA 132 -151.03 155.01 -44.74
N ASP JA 133 -151.70 155.25 -45.86
CA ASP JA 133 -151.28 154.78 -47.16
C ASP JA 133 -151.33 155.94 -48.14
N PRO JA 134 -150.84 155.73 -49.37
CA PRO JA 134 -150.85 156.82 -50.36
C PRO JA 134 -151.15 156.33 -51.76
N LYS JA 135 -152.39 156.54 -52.23
CA LYS JA 135 -152.79 156.12 -53.57
C LYS JA 135 -153.30 157.31 -54.38
N GLU JA 136 -154.49 157.81 -54.10
CA GLU JA 136 -155.04 158.96 -54.83
C GLU JA 136 -155.02 160.24 -54.00
N GLY JA 137 -154.59 160.18 -52.75
CA GLY JA 137 -154.55 161.36 -51.91
C GLY JA 137 -153.96 161.10 -50.54
N GLN JA 138 -154.81 160.84 -49.56
CA GLN JA 138 -154.36 160.56 -48.19
C GLN JA 138 -155.36 159.60 -47.56
N GLU JA 139 -155.05 158.31 -47.60
CA GLU JA 139 -155.88 157.26 -47.04
C GLU JA 139 -155.33 156.85 -45.69
N ILE JA 140 -156.17 156.96 -44.65
CA ILE JA 140 -155.80 156.60 -43.29
C ILE JA 140 -156.85 155.64 -42.74
N ALA JA 141 -156.39 154.58 -42.08
CA ALA JA 141 -157.26 153.58 -41.49
C ALA JA 141 -156.91 153.39 -40.03
N SER JA 142 -157.90 153.53 -39.16
CA SER JA 142 -157.71 153.39 -37.72
C SER JA 142 -158.71 152.39 -37.18
N VAL JA 143 -158.45 151.92 -35.95
CA VAL JA 143 -159.31 150.96 -35.27
C VAL JA 143 -159.34 151.32 -33.79
N SER JA 144 -160.54 151.36 -33.22
CA SER JA 144 -160.75 151.68 -31.82
C SER JA 144 -161.35 150.48 -31.10
N ASP JA 145 -161.72 150.68 -29.84
CA ASP JA 145 -162.32 149.64 -29.01
C ASP JA 145 -163.84 149.72 -28.99
N ASP JA 146 -164.45 150.52 -29.87
CA ASP JA 146 -165.89 150.66 -29.94
C ASP JA 146 -166.52 149.79 -31.03
N HIS JA 147 -165.82 148.72 -31.44
CA HIS JA 147 -166.30 147.82 -32.48
C HIS JA 147 -166.61 148.56 -33.78
N THR JA 148 -165.67 149.43 -34.18
CA THR JA 148 -165.80 150.22 -35.38
C THR JA 148 -164.44 150.39 -36.03
N CYS JA 149 -164.40 150.32 -37.35
CA CYS JA 149 -163.16 150.46 -38.12
C CYS JA 149 -163.34 151.65 -39.06
N ARG JA 150 -162.76 152.79 -38.68
CA ARG JA 150 -162.86 154.00 -39.49
C ARG JA 150 -161.88 153.93 -40.66
N ILE JA 151 -162.28 154.56 -41.77
CA ILE JA 151 -161.46 154.59 -42.98
C ILE JA 151 -161.56 155.97 -43.61
N TRP JA 152 -160.74 156.90 -43.13
CA TRP JA 152 -160.75 158.26 -43.66
C TRP JA 152 -159.97 158.31 -44.98
N ASN JA 153 -160.56 158.96 -45.98
CA ASN JA 153 -159.94 159.10 -47.30
C ASN JA 153 -160.01 160.56 -47.71
N LEU JA 154 -158.85 161.19 -47.86
CA LEU JA 154 -158.75 162.59 -48.26
C LEU JA 154 -158.36 162.64 -49.73
N GLU JA 155 -159.35 162.84 -50.59
CA GLU JA 155 -159.13 162.91 -52.03
C GLU JA 155 -159.10 164.37 -52.48
N GLY JA 156 -159.42 164.63 -53.75
CA GLY JA 156 -159.41 165.99 -54.24
C GLY JA 156 -160.65 166.78 -53.90
N VAL JA 157 -161.80 166.09 -53.77
CA VAL JA 157 -163.05 166.76 -53.44
C VAL JA 157 -163.35 166.59 -51.96
N GLN JA 158 -162.74 167.45 -51.14
CA GLN JA 158 -162.89 167.43 -49.67
C GLN JA 158 -162.43 166.07 -49.17
N THR JA 159 -163.19 165.39 -48.31
CA THR JA 159 -162.82 164.09 -47.79
C THR JA 159 -164.04 163.17 -47.81
N ALA JA 160 -163.81 161.90 -47.52
CA ALA JA 160 -164.86 160.89 -47.50
C ALA JA 160 -164.66 160.00 -46.29
N HIS JA 161 -165.66 159.99 -45.40
CA HIS JA 161 -165.62 159.20 -44.18
C HIS JA 161 -166.39 157.91 -44.38
N PHE JA 162 -165.84 156.81 -43.86
CA PHE JA 162 -166.46 155.49 -43.97
C PHE JA 162 -166.22 154.73 -42.68
N VAL JA 163 -167.29 154.18 -42.11
CA VAL JA 163 -167.23 153.41 -40.88
C VAL JA 163 -167.81 152.03 -41.13
N LEU JA 164 -167.19 151.01 -40.53
CA LEU JA 164 -167.63 149.63 -40.68
C LEU JA 164 -167.70 148.99 -39.30
N HIS JA 165 -168.74 148.16 -39.10
CA HIS JA 165 -168.95 147.47 -37.83
C HIS JA 165 -168.00 146.28 -37.77
N SER JA 166 -166.76 146.56 -37.37
CA SER JA 166 -165.73 145.54 -37.25
C SER JA 166 -164.70 145.95 -36.21
N PRO JA 167 -164.55 145.19 -35.12
CA PRO JA 167 -163.58 145.55 -34.10
C PRO JA 167 -162.16 145.17 -34.51
N GLY JA 168 -161.21 145.99 -34.08
CA GLY JA 168 -159.82 145.76 -34.40
C GLY JA 168 -158.91 146.48 -33.42
N MET JA 169 -157.68 145.98 -33.34
CA MET JA 169 -156.67 146.55 -32.44
C MET JA 169 -155.46 147.12 -33.16
N SER JA 170 -155.15 146.66 -34.37
CA SER JA 170 -154.00 147.16 -35.12
C SER JA 170 -154.27 146.98 -36.60
N VAL JA 171 -154.41 148.09 -37.32
CA VAL JA 171 -154.66 148.09 -38.75
C VAL JA 171 -153.37 148.41 -39.50
N CYS JA 172 -153.13 147.73 -40.61
CA CYS JA 172 -151.94 147.95 -41.40
C CYS JA 172 -152.23 147.55 -42.84
N TRP JA 173 -151.88 148.44 -43.78
CA TRP JA 173 -152.11 148.18 -45.19
C TRP JA 173 -151.07 147.22 -45.74
N HIS JA 174 -151.44 146.51 -46.80
CA HIS JA 174 -150.53 145.55 -47.42
C HIS JA 174 -149.49 146.27 -48.26
N PRO JA 175 -148.32 145.67 -48.47
CA PRO JA 175 -147.29 146.31 -49.28
C PRO JA 175 -147.59 146.19 -50.77
N GLU JA 176 -147.46 147.33 -51.46
CA GLU JA 176 -147.71 147.42 -52.90
C GLU JA 176 -149.12 146.96 -53.26
N GLU JA 177 -150.10 147.28 -52.41
CA GLU JA 177 -151.48 146.89 -52.65
C GLU JA 177 -152.38 147.89 -51.90
N THR JA 178 -152.73 148.98 -52.58
CA THR JA 178 -153.58 150.00 -51.97
C THR JA 178 -155.03 149.56 -51.85
N PHE JA 179 -155.46 148.58 -52.64
CA PHE JA 179 -156.84 148.11 -52.59
C PHE JA 179 -157.07 147.04 -51.53
N LYS JA 180 -156.01 146.59 -50.85
CA LYS JA 180 -156.12 145.57 -49.83
C LYS JA 180 -155.58 146.10 -48.50
N LEU JA 181 -156.14 145.60 -47.41
CA LEU JA 181 -155.74 146.01 -46.07
C LEU JA 181 -155.87 144.83 -45.13
N MET JA 182 -155.45 145.03 -43.88
CA MET JA 182 -155.51 144.01 -42.86
C MET JA 182 -156.02 144.62 -41.56
N VAL JA 183 -156.72 143.79 -40.77
CA VAL JA 183 -157.27 144.23 -39.50
C VAL JA 183 -157.33 143.04 -38.55
N ALA JA 184 -156.64 143.16 -37.41
CA ALA JA 184 -156.61 142.11 -36.40
C ALA JA 184 -157.49 142.53 -35.22
N GLU JA 185 -158.49 141.70 -34.92
CA GLU JA 185 -159.40 142.00 -33.83
C GLU JA 185 -158.76 141.64 -32.49
N LYS JA 186 -159.42 142.07 -31.41
CA LYS JA 186 -158.91 141.80 -30.07
C LYS JA 186 -159.18 140.37 -29.61
N ASN JA 187 -160.17 139.69 -30.21
CA ASN JA 187 -160.49 138.33 -29.84
C ASN JA 187 -159.67 137.29 -30.60
N GLY JA 188 -158.88 137.71 -31.58
CA GLY JA 188 -158.06 136.81 -32.36
C GLY JA 188 -158.48 136.62 -33.81
N THR JA 189 -159.32 137.49 -34.35
CA THR JA 189 -159.78 137.39 -35.73
C THR JA 189 -158.98 138.35 -36.60
N ILE JA 190 -158.42 137.84 -37.69
CA ILE JA 190 -157.64 138.63 -38.63
C ILE JA 190 -158.39 138.64 -39.95
N ARG JA 191 -159.07 139.75 -40.24
CA ARG JA 191 -159.84 139.91 -41.45
C ARG JA 191 -159.07 140.78 -42.45
N PHE JA 192 -159.17 140.42 -43.73
CA PHE JA 192 -158.49 141.13 -44.81
C PHE JA 192 -159.58 141.77 -45.69
N TYR JA 193 -159.97 142.99 -45.34
CA TYR JA 193 -160.99 143.72 -46.07
C TYR JA 193 -160.37 144.47 -47.24
N ASP JA 194 -161.23 144.91 -48.15
CA ASP JA 194 -160.81 145.65 -49.34
C ASP JA 194 -161.60 146.96 -49.41
N LEU JA 195 -161.22 147.80 -50.36
CA LEU JA 195 -161.86 149.09 -50.58
C LEU JA 195 -162.98 149.03 -51.61
N LEU JA 196 -163.25 147.87 -52.19
CA LEU JA 196 -164.30 147.73 -53.18
C LEU JA 196 -165.21 146.53 -52.92
N ALA JA 197 -164.64 145.38 -52.56
CA ALA JA 197 -165.42 144.19 -52.28
C ALA JA 197 -165.67 143.98 -50.80
N GLN JA 198 -165.47 145.01 -49.98
CA GLN JA 198 -165.68 144.96 -48.52
C GLN JA 198 -164.75 143.88 -47.97
N GLN JA 199 -165.22 142.96 -47.13
CA GLN JA 199 -164.38 141.91 -46.59
C GLN JA 199 -164.24 140.76 -47.57
N ALA JA 200 -163.07 140.12 -47.56
CA ALA JA 200 -162.79 138.99 -48.44
C ALA JA 200 -162.50 137.71 -47.67
N ILE JA 201 -161.55 137.74 -46.73
CA ILE JA 201 -161.20 136.57 -45.94
C ILE JA 201 -161.12 136.97 -44.48
N LEU JA 202 -161.15 135.95 -43.61
CA LEU JA 202 -161.07 136.17 -42.17
C LEU JA 202 -160.45 134.94 -41.54
N SER JA 203 -159.28 135.12 -40.93
CA SER JA 203 -158.56 134.03 -40.29
C SER JA 203 -158.67 134.12 -38.77
N LEU JA 204 -158.14 133.10 -38.10
CA LEU JA 204 -158.17 133.04 -36.65
C LEU JA 204 -156.93 132.31 -36.16
N GLU JA 205 -156.25 132.87 -35.15
CA GLU JA 205 -155.05 132.26 -34.61
C GLU JA 205 -155.37 131.47 -33.34
N SER JA 206 -155.05 132.04 -32.19
CA SER JA 206 -155.29 131.41 -30.89
C SER JA 206 -156.42 132.15 -30.19
N GLU JA 207 -157.55 131.47 -30.00
CA GLU JA 207 -158.70 132.05 -29.33
C GLU JA 207 -158.64 131.93 -27.82
N GLN JA 208 -157.65 131.22 -27.28
CA GLN JA 208 -157.55 131.05 -25.83
C GLN JA 208 -156.96 132.28 -25.15
N VAL JA 209 -156.26 133.13 -25.88
CA VAL JA 209 -155.66 134.33 -25.31
C VAL JA 209 -155.91 135.51 -26.24
N PRO JA 210 -155.60 136.74 -25.84
CA PRO JA 210 -155.83 137.88 -26.72
C PRO JA 210 -154.72 138.04 -27.75
N LEU JA 211 -155.11 138.55 -28.91
CA LEU JA 211 -154.18 138.76 -30.01
C LEU JA 211 -153.57 140.16 -29.91
N MET JA 212 -152.31 140.26 -30.33
CA MET JA 212 -151.59 141.55 -30.29
C MET JA 212 -151.80 142.31 -31.61
N SER JA 213 -151.12 141.85 -32.67
CA SER JA 213 -151.24 142.49 -33.97
C SER JA 213 -151.00 141.45 -35.05
N ALA JA 214 -151.22 141.86 -36.30
CA ALA JA 214 -151.03 140.97 -37.45
C ALA JA 214 -150.65 141.85 -38.65
N HIS JA 215 -149.36 142.05 -38.83
CA HIS JA 215 -148.83 142.86 -39.91
C HIS JA 215 -148.21 141.97 -40.98
N TRP JA 216 -148.14 142.51 -42.21
CA TRP JA 216 -147.58 141.78 -43.33
C TRP JA 216 -146.05 141.80 -43.27
N CYS JA 217 -145.44 141.00 -44.13
CA CYS JA 217 -143.99 140.90 -44.20
C CYS JA 217 -143.46 141.91 -45.20
N LEU JA 218 -142.16 141.82 -45.52
CA LEU JA 218 -141.54 142.73 -46.48
C LEU JA 218 -141.66 142.26 -47.92
N LYS JA 219 -142.06 141.01 -48.14
CA LYS JA 219 -142.19 140.47 -49.49
C LYS JA 219 -143.57 140.69 -50.08
N ASN JA 220 -144.47 141.37 -49.37
CA ASN JA 220 -145.82 141.65 -49.84
C ASN JA 220 -146.60 140.37 -50.18
N THR JA 221 -146.40 139.32 -49.37
CA THR JA 221 -147.11 138.07 -49.66
C THR JA 221 -147.32 137.22 -48.41
N PHE JA 222 -147.01 137.70 -47.21
CA PHE JA 222 -147.19 136.93 -45.98
C PHE JA 222 -148.10 137.69 -45.04
N LYS JA 223 -148.39 137.07 -43.90
CA LYS JA 223 -149.26 137.67 -42.88
C LYS JA 223 -148.90 137.05 -41.54
N VAL JA 224 -147.95 137.67 -40.84
CA VAL JA 224 -147.48 137.19 -39.54
C VAL JA 224 -148.33 137.83 -38.45
N GLY JA 225 -148.97 136.99 -37.64
CA GLY JA 225 -149.80 137.48 -36.56
C GLY JA 225 -149.37 136.97 -35.20
N ALA JA 226 -149.04 137.89 -34.29
CA ALA JA 226 -148.61 137.55 -32.95
C ALA JA 226 -149.74 137.80 -31.94
N VAL JA 227 -149.63 137.12 -30.80
CA VAL JA 227 -150.62 137.24 -29.74
C VAL JA 227 -149.95 137.74 -28.47
N ALA JA 228 -150.74 137.93 -27.41
CA ALA JA 228 -150.20 138.39 -26.14
C ALA JA 228 -149.59 137.28 -25.29
N GLY JA 229 -149.86 136.02 -25.63
CA GLY JA 229 -149.31 134.92 -24.88
C GLY JA 229 -148.18 134.21 -25.59
N ASN JA 230 -147.35 134.99 -26.32
CA ASN JA 230 -146.21 134.46 -27.06
C ASN JA 230 -146.64 133.39 -28.07
N ASP JA 231 -147.67 133.72 -28.84
CA ASP JA 231 -148.21 132.84 -29.87
C ASP JA 231 -148.15 133.54 -31.20
N TRP JA 232 -147.21 133.12 -32.06
CA TRP JA 232 -147.02 133.71 -33.38
C TRP JA 232 -147.37 132.69 -34.45
N LEU JA 233 -148.11 133.14 -35.47
CA LEU JA 233 -148.51 132.30 -36.58
C LEU JA 233 -148.08 132.95 -37.89
N ILE JA 234 -147.55 132.15 -38.80
CA ILE JA 234 -147.09 132.62 -40.10
C ILE JA 234 -147.91 131.97 -41.19
N TRP JA 235 -148.34 132.78 -42.17
CA TRP JA 235 -149.14 132.29 -43.29
C TRP JA 235 -148.66 133.00 -44.56
N ASP JA 236 -147.59 132.48 -45.14
CA ASP JA 236 -147.02 133.04 -46.35
C ASP JA 236 -147.67 132.42 -47.59
N ILE JA 237 -148.02 133.28 -48.55
CA ILE JA 237 -148.66 132.81 -49.77
C ILE JA 237 -147.66 132.55 -50.89
N THR JA 238 -146.47 133.14 -50.83
CA THR JA 238 -145.47 132.94 -51.88
C THR JA 238 -144.69 131.64 -51.70
N ARG JA 239 -144.76 131.02 -50.52
CA ARG JA 239 -144.06 129.78 -50.23
C ARG JA 239 -144.97 128.56 -50.37
N SER JA 240 -145.83 128.55 -51.39
CA SER JA 240 -146.76 127.45 -51.65
C SER JA 240 -147.65 127.18 -50.44
N SER JA 241 -148.18 128.26 -49.86
CA SER JA 241 -149.06 128.20 -48.68
C SER JA 241 -148.39 127.46 -47.53
N TYR JA 242 -147.37 128.12 -46.98
CA TYR JA 242 -146.60 127.56 -45.87
C TYR JA 242 -147.20 128.03 -44.55
N PRO JA 243 -147.70 127.13 -43.70
CA PRO JA 243 -148.26 127.57 -42.42
C PRO JA 243 -147.39 127.17 -41.25
N GLN JA 244 -146.58 128.10 -40.76
CA GLN JA 244 -145.68 127.86 -39.64
C GLN JA 244 -146.22 128.50 -38.37
N ASN JA 245 -145.91 127.87 -37.24
CA ASN JA 245 -146.35 128.37 -35.94
C ASN JA 245 -145.27 128.09 -34.91
N LYS JA 246 -144.88 129.12 -34.16
CA LYS JA 246 -143.84 128.97 -33.14
C LYS JA 246 -144.25 129.68 -31.85
N ARG JA 247 -143.34 129.74 -30.88
CA ARG JA 247 -143.59 130.38 -29.61
C ARG JA 247 -142.35 131.16 -29.19
N PRO JA 248 -142.54 132.34 -28.59
CA PRO JA 248 -141.37 133.13 -28.17
C PRO JA 248 -140.88 132.76 -26.78
N VAL JA 249 -139.91 133.51 -26.26
CA VAL JA 249 -139.38 133.23 -24.93
C VAL JA 249 -140.32 133.77 -23.86
N HIS JA 250 -140.68 135.05 -23.95
CA HIS JA 250 -141.57 135.69 -22.99
C HIS JA 250 -142.73 136.33 -23.74
N MET JA 251 -143.60 137.01 -23.00
CA MET JA 251 -144.75 137.67 -23.59
C MET JA 251 -144.34 138.95 -24.31
N ASP JA 252 -145.02 139.22 -25.42
CA ASP JA 252 -144.75 140.40 -26.25
C ASP JA 252 -145.90 141.38 -26.06
N ARG JA 253 -145.69 142.38 -25.20
CA ARG JA 253 -146.71 143.38 -24.94
C ARG JA 253 -146.84 144.39 -26.08
N ALA JA 254 -145.75 144.67 -26.78
CA ALA JA 254 -145.75 145.62 -27.89
C ALA JA 254 -145.84 144.91 -29.25
N CYS JA 255 -146.47 143.75 -29.29
CA CYS JA 255 -146.64 142.94 -30.52
C CYS JA 255 -145.24 142.62 -31.06
N LEU JA 256 -145.03 142.71 -32.36
CA LEU JA 256 -143.72 142.41 -32.94
C LEU JA 256 -143.52 143.28 -34.18
N PHE JA 257 -142.26 143.42 -34.57
CA PHE JA 257 -141.89 144.22 -35.74
C PHE JA 257 -141.06 143.35 -36.68
N ARG JA 258 -141.57 143.13 -37.89
CA ARG JA 258 -140.87 142.32 -38.86
C ARG JA 258 -139.75 143.12 -39.53
N TRP JA 259 -138.79 142.39 -40.09
CA TRP JA 259 -137.66 143.01 -40.76
C TRP JA 259 -138.07 143.52 -42.14
N SER JA 260 -137.31 144.52 -42.62
CA SER JA 260 -137.58 145.10 -43.92
C SER JA 260 -136.93 144.34 -45.07
N THR JA 261 -136.12 143.34 -44.77
CA THR JA 261 -135.46 142.54 -45.80
C THR JA 261 -135.69 141.04 -45.65
N ILE JA 262 -135.72 140.54 -44.41
CA ILE JA 262 -135.94 139.12 -44.15
C ILE JA 262 -137.39 138.93 -43.71
N SER JA 263 -138.14 138.17 -44.50
CA SER JA 263 -139.55 137.93 -44.18
C SER JA 263 -139.73 136.89 -43.08
N GLU JA 264 -138.72 136.06 -42.83
CA GLU JA 264 -138.80 135.03 -41.80
C GLU JA 264 -138.17 135.48 -40.48
N ASN JA 265 -137.89 136.77 -40.33
CA ASN JA 265 -137.29 137.31 -39.12
C ASN JA 265 -138.21 138.35 -38.52
N LEU JA 266 -138.33 138.34 -37.18
CA LEU JA 266 -139.17 139.28 -36.47
C LEU JA 266 -138.59 139.52 -35.09
N PHE JA 267 -138.73 140.75 -34.60
CA PHE JA 267 -138.23 141.15 -33.29
C PHE JA 267 -139.40 141.51 -32.39
N ALA JA 268 -139.39 140.98 -31.17
CA ALA JA 268 -140.44 141.23 -30.20
C ALA JA 268 -139.81 141.52 -28.85
N THR JA 269 -140.15 142.66 -28.26
CA THR JA 269 -139.61 143.04 -26.96
C THR JA 269 -140.40 142.39 -25.84
N THR JA 270 -139.80 142.38 -24.65
CA THR JA 270 -140.42 141.78 -23.47
C THR JA 270 -140.01 142.60 -22.26
N GLY JA 271 -140.09 141.99 -21.08
CA GLY JA 271 -139.72 142.67 -19.85
C GLY JA 271 -139.99 141.84 -18.61
N TYR JA 272 -138.95 141.54 -17.84
CA TYR JA 272 -139.08 140.75 -16.63
C TYR JA 272 -139.17 141.67 -15.43
N PRO JA 273 -140.22 141.60 -14.61
CA PRO JA 273 -140.32 142.49 -13.45
C PRO JA 273 -139.55 142.01 -12.24
N GLY JA 274 -139.29 140.70 -12.12
CA GLY JA 274 -138.56 140.18 -10.99
C GLY JA 274 -137.06 140.43 -11.03
N LYS JA 275 -136.49 140.65 -12.21
CA LYS JA 275 -135.07 140.90 -12.37
C LYS JA 275 -134.76 142.32 -12.83
N MET JA 276 -135.79 143.12 -13.13
CA MET JA 276 -135.61 144.51 -13.58
C MET JA 276 -134.74 144.57 -14.83
N ALA JA 277 -135.09 143.75 -15.81
CA ALA JA 277 -134.35 143.70 -17.07
C ALA JA 277 -135.30 143.32 -18.20
N SER JA 278 -135.19 144.02 -19.32
CA SER JA 278 -136.02 143.78 -20.49
C SER JA 278 -135.15 143.31 -21.64
N GLN JA 279 -135.63 142.28 -22.35
CA GLN JA 279 -134.92 141.71 -23.48
C GLN JA 279 -135.83 141.70 -24.71
N PHE JA 280 -135.21 141.70 -25.88
CA PHE JA 280 -135.91 141.69 -27.15
C PHE JA 280 -135.39 140.53 -27.98
N GLN JA 281 -136.10 139.41 -27.95
CA GLN JA 281 -135.67 138.23 -28.70
C GLN JA 281 -136.03 138.38 -30.18
N ILE JA 282 -135.17 137.83 -31.02
CA ILE JA 282 -135.34 137.87 -32.47
C ILE JA 282 -135.88 136.52 -32.92
N HIS JA 283 -137.15 136.49 -33.29
CA HIS JA 283 -137.78 135.24 -33.73
C HIS JA 283 -137.39 134.95 -35.17
N HIS JA 284 -136.97 133.70 -35.42
CA HIS JA 284 -136.56 133.28 -36.75
C HIS JA 284 -136.96 131.82 -36.95
N LEU JA 285 -137.50 131.52 -38.12
CA LEU JA 285 -137.93 130.16 -38.44
C LEU JA 285 -136.71 129.34 -38.83
N GLY JA 286 -136.34 128.37 -38.00
CA GLY JA 286 -135.21 127.52 -38.27
C GLY JA 286 -134.04 127.77 -37.33
N HIS JA 287 -133.84 129.03 -36.95
CA HIS JA 287 -132.75 129.39 -36.06
C HIS JA 287 -133.17 129.20 -34.61
N PRO JA 288 -132.24 129.34 -33.67
CA PRO JA 288 -132.59 129.16 -32.25
C PRO JA 288 -133.06 130.46 -31.61
N GLN JA 289 -133.07 130.50 -30.28
CA GLN JA 289 -133.48 131.68 -29.56
C GLN JA 289 -132.35 132.70 -29.53
N PRO JA 290 -132.51 133.87 -30.15
CA PRO JA 290 -131.42 134.87 -30.12
C PRO JA 290 -131.85 136.17 -29.49
N ILE JA 291 -131.22 136.53 -28.37
CA ILE JA 291 -131.54 137.78 -27.67
C ILE JA 291 -130.37 138.74 -27.79
N LEU JA 292 -130.33 139.52 -28.87
CA LEU JA 292 -129.25 140.47 -29.06
C LEU JA 292 -129.44 141.73 -28.23
N MET JA 293 -130.66 142.10 -27.92
CA MET JA 293 -130.96 143.28 -27.13
C MET JA 293 -131.34 142.88 -25.71
N GLY JA 294 -130.77 143.59 -24.73
CA GLY JA 294 -131.04 143.30 -23.33
C GLY JA 294 -130.66 144.44 -22.42
N SER JA 295 -131.55 145.41 -22.26
CA SER JA 295 -131.30 146.56 -21.39
C SER JA 295 -131.84 146.31 -19.99
N VAL JA 296 -131.46 147.19 -19.06
CA VAL JA 296 -131.89 147.08 -17.68
C VAL JA 296 -133.11 147.94 -17.38
N ALA JA 297 -133.69 148.58 -18.40
CA ALA JA 297 -134.86 149.43 -18.22
C ALA JA 297 -135.99 148.93 -19.11
N VAL JA 298 -137.21 149.38 -18.79
CA VAL JA 298 -138.40 148.99 -19.55
C VAL JA 298 -138.45 149.78 -20.85
N GLY JA 299 -138.75 149.10 -21.94
CA GLY JA 299 -138.85 149.72 -23.25
C GLY JA 299 -140.30 149.97 -23.63
N SER JA 300 -140.57 151.17 -24.11
CA SER JA 300 -141.91 151.55 -24.52
C SER JA 300 -142.23 151.14 -25.95
N GLY JA 301 -141.23 151.20 -26.83
CA GLY JA 301 -141.44 150.83 -28.23
C GLY JA 301 -140.13 150.54 -28.91
N LEU JA 302 -140.23 149.91 -30.07
CA LEU JA 302 -139.06 149.56 -30.87
C LEU JA 302 -139.45 149.51 -32.34
N SER JA 303 -138.50 149.86 -33.20
CA SER JA 303 -138.72 149.86 -34.64
C SER JA 303 -137.40 149.60 -35.35
N TRP JA 304 -137.46 148.80 -36.40
CA TRP JA 304 -136.28 148.45 -37.18
C TRP JA 304 -136.04 149.49 -38.27
N HIS JA 305 -134.77 149.60 -38.69
CA HIS JA 305 -134.40 150.55 -39.72
C HIS JA 305 -134.65 149.96 -41.11
N ARG JA 306 -134.42 150.77 -42.14
CA ARG JA 306 -134.62 150.33 -43.51
C ARG JA 306 -133.45 149.52 -44.06
N THR JA 307 -132.29 149.55 -43.39
CA THR JA 307 -131.12 148.82 -43.83
C THR JA 307 -131.04 147.41 -43.24
N LEU JA 308 -132.03 147.02 -42.42
CA LEU JA 308 -132.09 145.70 -41.79
C LEU JA 308 -130.83 145.44 -40.97
N PRO JA 309 -130.36 146.42 -40.20
CA PRO JA 309 -129.14 146.20 -39.40
C PRO JA 309 -129.19 146.92 -38.07
N LEU JA 310 -129.80 148.10 -38.05
CA LEU JA 310 -129.91 148.91 -36.84
C LEU JA 310 -131.33 148.83 -36.30
N CYS JA 311 -131.44 148.87 -34.97
CA CYS JA 311 -132.72 148.81 -34.27
C CYS JA 311 -132.86 150.05 -33.41
N VAL JA 312 -133.89 150.85 -33.69
CA VAL JA 312 -134.17 152.07 -32.95
C VAL JA 312 -135.22 151.72 -31.90
N ILE JA 313 -134.76 151.38 -30.70
CA ILE JA 313 -135.62 151.01 -29.60
C ILE JA 313 -135.83 152.24 -28.72
N GLY JA 314 -137.09 152.65 -28.56
CA GLY JA 314 -137.41 153.81 -27.76
C GLY JA 314 -137.72 153.47 -26.31
N GLY JA 315 -136.95 154.05 -25.40
CA GLY JA 315 -137.13 153.82 -23.98
C GLY JA 315 -138.15 154.75 -23.37
N ASP JA 316 -138.05 154.91 -22.05
CA ASP JA 316 -138.96 155.77 -21.29
C ASP JA 316 -138.41 157.17 -21.06
N HIS JA 317 -137.14 157.41 -21.39
CA HIS JA 317 -136.54 158.72 -21.20
C HIS JA 317 -135.46 158.98 -22.23
N LYS JA 318 -135.12 157.96 -23.02
CA LYS JA 318 -134.10 158.08 -24.04
C LYS JA 318 -134.48 157.16 -25.21
N LEU JA 319 -133.58 157.05 -26.18
CA LEU JA 319 -133.82 156.20 -27.36
C LEU JA 319 -132.48 155.70 -27.85
N LEU JA 320 -132.24 154.41 -27.71
CA LEU JA 320 -130.99 153.80 -28.15
C LEU JA 320 -131.06 153.41 -29.62
N PHE JA 321 -129.89 153.12 -30.19
CA PHE JA 321 -129.78 152.72 -31.60
C PHE JA 321 -128.63 151.72 -31.72
N TRP JA 322 -128.95 150.46 -31.42
CA TRP JA 322 -127.97 149.38 -31.50
C TRP JA 322 -127.95 148.76 -32.88
N VAL JA 323 -126.78 148.31 -33.30
CA VAL JA 323 -126.57 147.68 -34.60
C VAL JA 323 -126.10 146.26 -34.37
N THR JA 324 -126.80 145.30 -34.97
CA THR JA 324 -126.45 143.89 -34.83
C THR JA 324 -125.56 143.44 -35.99
#